data_5TAU
#
_entry.id   5TAU
#
_cell.length_a   1
_cell.length_b   1
_cell.length_c   1
_cell.angle_alpha   90.000
_cell.angle_beta   90.000
_cell.angle_gamma   90.000
#
_symmetry.space_group_name_H-M   'P 1'
#
loop_
_entity.id
_entity.type
_entity.pdbx_description
1 polymer 'Peptidyl-prolyl cis-trans isomerase FKBP1B'
2 polymer 'Ryanodine receptor 1'
3 non-polymer "ADENOSINE-5'-TRIPHOSPHATE"
4 non-polymer CAFFEINE
5 non-polymer 'ZINC ION'
#
loop_
_entity_poly.entity_id
_entity_poly.type
_entity_poly.pdbx_seq_one_letter_code
_entity_poly.pdbx_strand_id
1 'polypeptide(L)'
;MGVEIETISPGDGRTFPKKGQTCVVHYTGMLQNGKKFDSSRDRNKPFKFRIGKQEVIKGFEEGAAQMSLGQRAKLTCTPD
VAYGATGHPGVIPPNATLIFDVELLNLE
;
F,A,H,J
2 'polypeptide(L)'
;QFLRTDDEVVLQCSATVLKEQLKLCLAAEGFGNRLCFLEPTSNAQNVPPDLAICCFTLEQSLSVRALQEMLANTVEAGVE
SSQGGGHRTLLYGHAILLRHAHSRMYLSCLTTSRSMTDKLAFDVGLQEDATGEACWWTMHPASKQRSEGEKVRVGDDLIL
VSVSSERYLHLSTASGELQVDASFMQTLWNMNPICSCCEEGYVTGGHVLRLFHGHMDECLTISAADSDDQRRLVYYEGGA
VCTHARSLWRLEPLRISWSGSHLRWGQPLRIRHVTTGRYLALTEDQGLVVVDACKAHTKATSFCFRVSKEKLDTAPKRDV
EGMGPPEIKYGESLCFVQHVASGLWLTYAAPDPKALRLGVLKKKAILHQEGHMDDALFLTRCQQEESQAARMIHSTAGLY
NQFIKGLDSFSGKPRGSGPPAGPALPIEAVILSLQDLIGYFEPPSEELQHEEKQSKLRSLRNRQSLFQEEGMLSLVLNCI
DRLNVYTTAAHFAEYAGEEAAESWKEIVNLLYELLASLIRGNRANCALFSTNLDWVVSKLDRLEASSGILEVLYCVLIES
PEVLNIIQENHIKSIISLLDKHGRNHKVLDVLCSLCVCNGVAVRSNQDLITENLLPGRELLLQTNLINYVTSIRPNIFVG
RAEGSTQYGKWYFEVMVDEVVPFLTAQATHLRVGWALTEGYSPYPGGGEGWGGNGVGDDLYSYGFDGLHLWTGHVARPVT
SPGQHLLAPEDVVSCCLDLSVPSISFRINGCPVQGVFEAFNLDGLFFPVVSFSAGVKVRFLLGGRHGEFKFLPPPGYAPC
HEAVLPRERLRLEPIKEYRREGPRGPHLVGPSRCLSHTDFVPCPVDTVQIVLPPHLERIREKLAENIHELWALTRIEQGW
TYGPVRDDNKRLHPCLVNFHSLPEPERNYNLQMSGETLKTLLALGCHVGMADEKAEDNLKKTKLPKTYMMSNGYKPAPLD
LSHVRLTPAQTTLVDRLAENGHNVWARDRVAQGWSYSAVQDIPARRNPRLVPYRLLDEATKRSNRDSLCQAVRTLLGYGY
NIEPPDQEPSQVENQSRWDRVRIFRAEKSYTVQSGRWYFEFEAVTTGEMRVGWARPELRPDVELGADELAYVFNGHRGQR
WHLGSEPFGRPWQSGDVVGCMIDLTENTIIFTLNGEVLMSDSGSETAFREIEIGDGFLPVCSLGPGQVGHLNLGQDVSSL
RFFAICGLQEGFEPFAINMQRPVTTWFSKSLPQFEPVPPEHPHYEVARMDGTVDTPPCLRLAHR(UNK)(UNK)(UNK)
(UNK)(UNK)(UNK)(UNK)(UNK)(UNK)(UNK)(UNK)(UNK)(UNK)(UNK)(UNK)(UNK)(UNK)(UNK)(UNK)
(UNK)(UNK)(UNK)(UNK)(UNK)(UNK)(UNK)(UNK)(UNK)(UNK)(UNK)(UNK)(UNK)(UNK)(UNK)(UNK)
(UNK)(UNK)(UNK)(UNK)(UNK)(UNK)(UNK)(UNK)(UNK)(UNK)(UNK)(UNK)(UNK)(UNK)(UNK)(UNK)
(UNK)(UNK)(UNK)(UNK)(UNK)(UNK)(UNK)(UNK)(UNK)(UNK)(UNK)(UNK)(UNK)(UNK)(UNK)(UNK)
(UNK)(UNK)(UNK)(UNK)(UNK)(UNK)(UNK)(UNK)(UNK)(UNK)(UNK)(UNK)(UNK)(UNK)(UNK)(UNK)
(UNK)(UNK)(UNK)(UNK)(UNK)(UNK)(UNK)(UNK)(UNK)(UNK)(UNK)(UNK)(UNK)(UNK)(UNK)(UNK)
(UNK)(UNK)(UNK)(UNK)(UNK)(UNK)(UNK)(UNK)(UNK)(UNK)(UNK)(UNK)(UNK)(UNK)(UNK)(UNK)
(UNK)(UNK)(UNK)(UNK)(UNK)(UNK)(UNK)(UNK)(UNK)(UNK)(UNK)(UNK)(UNK)(UNK)(UNK)(UNK)
(UNK)(UNK)(UNK)(UNK)(UNK)(UNK)(UNK)(UNK)(UNK)(UNK)(UNK)(UNK)(UNK)(UNK)(UNK)(UNK)
(UNK)(UNK)(UNK)(UNK)(UNK)(UNK)(UNK)(UNK)(UNK)(UNK)MPLSAAMFLSERKNPAPQCPPRLEVQMLMP
VSWSRMPNHFLQVETRRAGERLGWAVQCQDPLTMMALHIPEENRCMDILELSERLDLQRFHSHTLRLYRAVCALGNNRVA
HALCSHVDQAQLLHALEDAHLPGPLRAGYYDLLISIHLESACRSRRSMLSEYIVPLTPETRAITLFPPGRKGGNARRHGL
PGVGVTTSLRPPHHFSPPCFVAALPAAGVAEAPARLSPAIPLEALRDKALRMLGEAVRDGGQHARDPVGGSVEFQFVPVL
KLVSTLLVMGIFGDEDVKQILKMIEPEVFTEEEEEEEEEEEEEEEEEEDEEEKEEDEEEEEKEDAEKEEEEAPEGEKEDL
EEGLLQMKLPESVKLQMCNLLEYFCDQELQHRVESLAAFAERYVDKLQANQRSRYALLMRAFTMSAAETARRTREFRSPP
QEQINMLLHFKDEADEEDCPLPEDIRQDLQDFHQDLLAHCGIQLEGEEEEPEEETSLSSRLRSLLETVRLVKKKEEKPEE
ELPAEEKKPQSLQELVSHMVVRWAQEDYVQSPELVRAMFSLLHRQYDGLGELLRALPRAYTISPSSVEDTMSLLECLGQI
RSLLIVQMGPQEENLMIQSIGNIMNNKVFYQHPNLMRALGMHETVMEVMVNVLGGGETKEIRFPKMVTSCCRFLCYFCRI
SRQNQRSMFDHLSYLLENSGIGLGMQGSTPLDVAAASVIDNNELALALQEQDLEKVVSYLAGCGLQSCPMLLAKGYPDIG
WNPCGGERYLDFLRFAVFVNGESVEENANVVVRLLIRKPECFGPALRGEGGSGLLAAIEEAIRISEDPARDGPGVRRDRR
REHFGEEPPEENRVHLGHAIMSFYAALIDLLGRCAPEMHLIQAGKGEALRIRAILRSLVPLDDLVGIISLPLQIPTL
(UNK)(UNK)(UNK)(UNK)(UNK)(UNK)(UNK)(UNK)(UNK)(UNK)(UNK)(UNK)(UNK)(UNK)(UNK)(UNK)
(UNK)(UNK)(UNK)(UNK)(UNK)(UNK)(UNK)(UNK)(UNK)(UNK)(UNK)(UNK)(UNK)(UNK)(UNK)(UNK)
(UNK)(UNK)(UNK)(UNK)(UNK)(UNK)(UNK)(UNK)(UNK)(UNK)(UNK)(UNK)(UNK)(UNK)(UNK)(UNK)
(UNK)(UNK)(UNK)(UNK)(UNK)(UNK)(UNK)(UNK)(UNK)(UNK)(UNK)(UNK)(UNK)(UNK)(UNK)(UNK)
(UNK)(UNK)(UNK)(UNK)(UNK)(UNK)(UNK)(UNK)(UNK)(UNK)(UNK)(UNK)(UNK)(UNK)(UNK)(UNK)
(UNK)(UNK)(UNK)(UNK)(UNK)(UNK)(UNK)(UNK)(UNK)(UNK)(UNK)(UNK)(UNK)(UNK)(UNK)(UNK)
(UNK)(UNK)(UNK)(UNK)(UNK)(UNK)(UNK)(UNK)(UNK)(UNK)(UNK)(UNK)(UNK)(UNK)(UNK)(UNK)
(UNK)(UNK)(UNK)(UNK)(UNK)(UNK)(UNK)(UNK)(UNK)(UNK)(UNK)(UNK)(UNK)(UNK)(UNK)(UNK)
(UNK)(UNK)(UNK)(UNK)(UNK)(UNK)(UNK)(UNK)(UNK)(UNK)(UNK)(UNK)(UNK)(UNK)(UNK)(UNK)
(UNK)(UNK)(UNK)(UNK)(UNK)(UNK)(UNK)(UNK)(UNK)(UNK)(UNK)(UNK)(UNK)(UNK)(UNK)(UNK)
(UNK)(UNK)(UNK)(UNK)(UNK)(UNK)(UNK)(UNK)(UNK)(UNK)(UNK)(UNK)(UNK)(UNK)(UNK)(UNK)
(UNK)(UNK)(UNK)(UNK)(UNK)(UNK)(UNK)(UNK)(UNK)(UNK)(UNK)(UNK)(UNK)(UNK)(UNK)(UNK)
(UNK)(UNK)(UNK)(UNK)(UNK)(UNK)(UNK)(UNK)(UNK)(UNK)(UNK)(UNK)(UNK)(UNK)(UNK)(UNK)
(UNK)(UNK)(UNK)(UNK)(UNK)(UNK)(UNK)(UNK)(UNK)NFDPRPVETLNVIIPEKLDSFINKFAEYTHEKWAF
DKIQNNWSYGENVDEELKTHPMLRPYKTFSEKDKEIYRWPIKESLKAMIAWEWTIEKAREGEEERTEKKKTRKISQTAQT
YDPREGYNPQPPDLSGVTLSRELQAMAEQLAENYHNTWGRKKKQELEAKGGGTHPLLVPYDTLTAKEKARDREKAQELLK
FLQMNGYAVTR(UNK)(UNK)(UNK)(UNK)(UNK)(UNK)(UNK)(UNK)(UNK)(UNK)(UNK)(UNK)(UNK)
(UNK)(UNK)(UNK)(UNK)(UNK)(UNK)(UNK)(UNK)(UNK)(UNK)(UNK)(UNK)(UNK)(UNK)(UNK)(UNK)
(UNK)(UNK)(UNK)(UNK)(UNK)(UNK)(UNK)(UNK)(UNK)(UNK)(UNK)(UNK)(UNK)(UNK)(UNK)(UNK)
(UNK)(UNK)(UNK)(UNK)(UNK)(UNK)(UNK)(UNK)(UNK)(UNK)(UNK)(UNK)(UNK)(UNK)(UNK)(UNK)
(UNK)(UNK)(UNK)(UNK)(UNK)(UNK)(UNK)(UNK)(UNK)(UNK)(UNK)(UNK)(UNK)(UNK)(UNK)(UNK)
(UNK)(UNK)(UNK)(UNK)(UNK)(UNK)(UNK)(UNK)(UNK)(UNK)(UNK)(UNK)(UNK)(UNK)(UNK)(UNK)
(UNK)(UNK)(UNK)(UNK)(UNK)(UNK)(UNK)(UNK)(UNK)(UNK)(UNK)(UNK)(UNK)(UNK)(UNK)(UNK)
(UNK)(UNK)(UNK)(UNK)(UNK)(UNK)(UNK)(UNK)(UNK)(UNK)(UNK)(UNK)(UNK)(UNK)(UNK)(UNK)
(UNK)(UNK)(UNK)(UNK)(UNK)(UNK)(UNK)(UNK)(UNK)(UNK)(UNK)(UNK)(UNK)(UNK)(UNK)(UNK)
(UNK)(UNK)(UNK)(UNK)(UNK)(UNK)(UNK)(UNK)(UNK)(UNK)(UNK)(UNK)(UNK)(UNK)(UNK)(UNK)
(UNK)(UNK)(UNK)(UNK)(UNK)(UNK)(UNK)(UNK)(UNK)(UNK)(UNK)(UNK)(UNK)(UNK)(UNK)(UNK)
(UNK)(UNK)(UNK)(UNK)(UNK)(UNK)(UNK)(UNK)(UNK)(UNK)(UNK)(UNK)(UNK)(UNK)(UNK)(UNK)
(UNK)(UNK)(UNK)(UNK)(UNK)(UNK)(UNK)(UNK)(UNK)(UNK)(UNK)(UNK)(UNK)(UNK)(UNK)(UNK)
(UNK)(UNK)(UNK)(UNK)(UNK)(UNK)(UNK)(UNK)(UNK)(UNK)(UNK)(UNK)(UNK)(UNK)(UNK)(UNK)
(UNK)(UNK)(UNK)(UNK)(UNK)(UNK)(UNK)(UNK)(UNK)(UNK)(UNK)(UNK)(UNK)(UNK)(UNK)(UNK)
(UNK)(UNK)(UNK)(UNK)(UNK)(UNK)(UNK)(UNK)(UNK)(UNK)(UNK)(UNK)(UNK)(UNK)(UNK)(UNK)
(UNK)(UNK)(UNK)(UNK)(UNK)(UNK)(UNK)(UNK)(UNK)(UNK)(UNK)(UNK)(UNK)(UNK)(UNK)(UNK)
(UNK)(UNK)(UNK)(UNK)(UNK)(UNK)(UNK)(UNK)(UNK)(UNK)(UNK)(UNK)(UNK)(UNK)(UNK)(UNK)
(UNK)(UNK)(UNK)(UNK)(UNK)(UNK)(UNK)(UNK)(UNK)(UNK)(UNK)(UNK)(UNK)(UNK)(UNK)(UNK)
(UNK)(UNK)(UNK)(UNK)(UNK)(UNK)(UNK)(UNK)(UNK)(UNK)(UNK)(UNK)(UNK)(UNK)(UNK)(UNK)
(UNK)(UNK)(UNK)(UNK)(UNK)(UNK)(UNK)(UNK)(UNK)(UNK)(UNK)(UNK)(UNK)(UNK)(UNK)(UNK)
(UNK)(UNK)(UNK)(UNK)(UNK)(UNK)(UNK)(UNK)(UNK)(UNK)(UNK)(UNK)(UNK)(UNK)(UNK)(UNK)
(UNK)(UNK)(UNK)(UNK)(UNK)(UNK)(UNK)(UNK)(UNK)(UNK)(UNK)(UNK)(UNK)(UNK)(UNK)(UNK)
(UNK)(UNK)(UNK)(UNK)(UNK)(UNK)(UNK)(UNK)(UNK)(UNK)(UNK)(UNK)(UNK)(UNK)(UNK)(UNK)
(UNK)(UNK)(UNK)(UNK)(UNK)(UNK)(UNK)(UNK)(UNK)(UNK)(UNK)(UNK)(UNK)(UNK)(UNK)(UNK)
(UNK)(UNK)(UNK)(UNK)(UNK)(UNK)(UNK)(UNK)(UNK)(UNK)(UNK)(UNK)(UNK)(UNK)(UNK)(UNK)
(UNK)(UNK)(UNK)(UNK)(UNK)(UNK)(UNK)(UNK)(UNK)(UNK)(UNK)(UNK)(UNK)(UNK)(UNK)(UNK)
(UNK)(UNK)(UNK)(UNK)(UNK)(UNK)(UNK)(UNK)(UNK)(UNK)(UNK)(UNK)(UNK)(UNK)(UNK)(UNK)
(UNK)(UNK)(UNK)(UNK)(UNK)(UNK)(UNK)(UNK)(UNK)(UNK)(UNK)(UNK)(UNK)(UNK)(UNK)(UNK)
(UNK)(UNK)(UNK)(UNK)(UNK)(UNK)(UNK)(UNK)(UNK)(UNK)(UNK)(UNK)(UNK)(UNK)(UNK)(UNK)
(UNK)(UNK)(UNK)(UNK)(UNK)(UNK)(UNK)(UNK)(UNK)(UNK)(UNK)(UNK)(UNK)(UNK)(UNK)(UNK)
(UNK)(UNK)(UNK)(UNK)(UNK)(UNK)(UNK)(UNK)(UNK)(UNK)(UNK)(UNK)(UNK)(UNK)(UNK)(UNK)
(UNK)(UNK)(UNK)(UNK)(UNK)(UNK)(UNK)(UNK)(UNK)(UNK)(UNK)(UNK)(UNK)(UNK)(UNK)(UNK)
(UNK)TPLYNLPTHRACNMFLESYKAAWILTEDHSFEDRMIDDLSKAGEQEEEEEEVEEKKPDPLHQLVLHFSRTALTEK
SKLDEDYLYMAYADIMAKSCHLEEGGENGEAEEEEVEVSFEEKEMEKQRLLYQQSRLHTRGAAEMVLQMISACKGETGAM
VSSTLKLGISILNGGNAEVQQKMLDYLKDKKEVGFFQSIQALMQTCSVLDLNAFERQNKAEGLGMVNEDGTVINRQNGEK
VMADDEFTQDLFRFLQLLCEGHNNDFQNYLRTQTGNTTTINIIICTVDYLLRLQESISDFYWYYSGKDVIEEQGKRNFSK
AMSVAKQVFNSLTEYIQGPCTGNQQSLAHSRLWDAVVGFLHVFAHMMMKLAQDSSQIELLKELLDLQKDMVVMLLSLLEG
NVVNGMIARQMVDMLVESSSNVEMILKFFDMFLKLKDIVGSEAFQDYVTDPRGLISKKDFQKAMDSQKQFTGPEIQFLLS
CSEADENEMINFEEFANRFQEPARDIGFNVAVLLTNLSEHVPHDPRLRNFLELAESILEYFRPYLGRIEIMGASRRIERI
YFEISETNRAQWEMPQVKESKRQFIFDVVNEGGEAEKMELFVSFCEDTIFEMQIAAQISE(UNK)(UNK)(UNK)(UNK)
(UNK)(UNK)(UNK)(UNK)(UNK)(UNK)(UNK)(UNK)(UNK)(UNK)(UNK)(UNK)(UNK)(UNK)(UNK)(UNK)
(UNK)(UNK)(UNK)(UNK)(UNK)(UNK)FWGELEVQRVKFLNYLSRNFYTLRFLALFLAFAINFILLFYKVSDSPPGE
DDMEGSAAGDLAGAGSGGGSGWGSGAGEEAEGDEDENMVYYFLEESTGYMEPALWCLSLLHTLVAFLCIIGYNCLKVPLV
IFKREKELARKLEFDGLYITEQPGDDDVKGQWDRLVLNTPSFPSNYWDKFVKRKVLDKHGDIFGRERIAELLGMDLASLE
ITAHNERKPDPPPGLLTWLMSIDVKYQIWKFGVIFTDNSFLYLGWYMVMSLLGHYNNFFFAAHLLDIAMGVKTLRTILSS
VTHNGKQLVMTVGLLAVVVYLYTVVAFNFFRKFYNKSEDEDEPDMKCDDMMTCYLFHMYVGVRAGGGIGDEIEDPAGDEY
ELYRVVFDITFFFFVIVILLAIIQGLIIDAFGELRDQQEQVKEDMETKCFICGIGSDYFDTTPHGFETHTLEEHNLANYM
FFLMYLINKDETEHTGQESYVWKMYQERCWDFFPAGDCFRKQYEDQLS
;
B,I,E,G
#
loop_
_chem_comp.id
_chem_comp.type
_chem_comp.name
_chem_comp.formula
ATP non-polymer ADENOSINE-5'-TRIPHOSPHATE 'C10 H16 N5 O13 P3'
CFF non-polymer CAFFEINE 'C8 H10 N4 O2'
ZN non-polymer 'ZINC ION' 'Zn 2'
#
# COMPACT_ATOMS: atom_id res chain seq x y z
N GLY A 2 -80.41 95.87 30.79
CA GLY A 2 -80.70 96.62 32.00
C GLY A 2 -79.47 97.18 32.66
N VAL A 3 -79.39 98.51 32.73
CA VAL A 3 -78.27 99.21 33.35
C VAL A 3 -78.76 99.84 34.64
N GLU A 4 -78.12 99.47 35.75
CA GLU A 4 -78.49 99.98 37.07
C GLU A 4 -77.39 100.93 37.56
N ILE A 5 -77.79 102.13 37.94
CA ILE A 5 -76.87 103.19 38.30
C ILE A 5 -76.97 103.42 39.81
N GLU A 6 -75.86 103.18 40.51
CA GLU A 6 -75.75 103.45 41.94
C GLU A 6 -74.51 104.30 42.15
N THR A 7 -74.70 105.60 42.32
CA THR A 7 -73.65 106.59 42.22
C THR A 7 -73.14 106.99 43.60
N ILE A 8 -71.84 106.84 43.81
CA ILE A 8 -71.17 107.55 44.89
C ILE A 8 -71.22 109.03 44.55
N SER A 9 -71.80 109.83 45.46
CA SER A 9 -72.44 111.11 45.14
C SER A 9 -71.65 112.14 44.32
N PRO A 10 -70.40 112.55 44.66
CA PRO A 10 -69.92 113.84 44.19
C PRO A 10 -69.60 113.88 42.70
N GLY A 11 -69.70 115.07 42.14
CA GLY A 11 -69.56 115.30 40.71
C GLY A 11 -70.13 116.66 40.34
N ASP A 12 -70.80 116.75 39.20
CA ASP A 12 -71.50 117.99 38.86
C ASP A 12 -72.94 117.72 38.44
N GLY A 13 -73.19 116.56 37.83
CA GLY A 13 -74.53 116.18 37.45
C GLY A 13 -75.06 116.82 36.19
N ARG A 14 -74.23 117.52 35.42
CA ARG A 14 -74.68 118.19 34.21
C ARG A 14 -73.83 117.94 32.98
N THR A 15 -72.54 117.63 33.13
CA THR A 15 -71.66 117.43 31.98
C THR A 15 -71.91 116.02 31.45
N PHE A 16 -72.88 115.90 30.61
CA PHE A 16 -73.22 114.55 30.18
C PHE A 16 -72.46 114.21 28.90
N PRO A 17 -72.03 112.96 28.77
CA PRO A 17 -71.32 112.55 27.54
C PRO A 17 -72.26 112.51 26.36
N LYS A 18 -71.80 113.05 25.23
CA LYS A 18 -72.62 113.12 24.03
C LYS A 18 -71.91 112.50 22.83
N LYS A 19 -72.49 112.66 21.66
CA LYS A 19 -71.92 112.07 20.45
C LYS A 19 -70.65 112.80 20.03
N GLY A 20 -69.71 112.04 19.47
CA GLY A 20 -68.45 112.61 19.06
C GLY A 20 -67.54 113.03 20.18
N GLN A 21 -67.79 112.54 21.39
CA GLN A 21 -67.02 112.93 22.57
C GLN A 21 -66.20 111.76 23.06
N THR A 22 -64.89 111.96 23.17
CA THR A 22 -63.99 110.94 23.70
C THR A 22 -63.85 111.16 25.20
N CYS A 23 -64.16 110.12 25.97
CA CYS A 23 -64.27 110.24 27.42
C CYS A 23 -63.31 109.26 28.11
N VAL A 24 -62.94 109.63 29.33
CA VAL A 24 -61.91 108.95 30.10
C VAL A 24 -62.54 108.40 31.37
N VAL A 25 -62.34 107.11 31.62
CA VAL A 25 -63.04 106.38 32.68
C VAL A 25 -62.03 105.57 33.49
N HIS A 26 -62.07 105.73 34.80
CA HIS A 26 -61.37 104.83 35.72
C HIS A 26 -62.29 103.64 36.02
N TYR A 27 -62.32 102.70 35.08
CA TYR A 27 -63.18 101.55 35.25
C TYR A 27 -62.51 100.51 36.13
N THR A 28 -63.33 99.58 36.63
CA THR A 28 -62.84 98.47 37.43
C THR A 28 -63.85 97.33 37.32
N GLY A 29 -63.41 96.19 36.78
CA GLY A 29 -64.30 95.07 36.58
C GLY A 29 -64.42 94.18 37.81
N MET A 30 -65.63 93.68 38.03
CA MET A 30 -65.92 92.84 39.18
C MET A 30 -66.93 91.77 38.77
N LEU A 31 -66.68 90.53 39.16
CA LEU A 31 -67.63 89.44 38.93
C LEU A 31 -68.56 89.32 40.13
N GLN A 32 -69.86 89.19 39.84
CA GLN A 32 -70.83 88.86 40.88
C GLN A 32 -70.55 87.45 41.40
N ASN A 33 -70.44 87.35 42.73
CA ASN A 33 -69.98 86.14 43.43
C ASN A 33 -68.64 85.66 42.89
N GLY A 34 -67.74 86.61 42.64
CA GLY A 34 -66.46 86.30 42.07
C GLY A 34 -65.48 87.43 42.30
N LYS A 35 -64.27 87.22 41.82
CA LYS A 35 -63.18 88.17 42.01
C LYS A 35 -63.20 89.20 40.88
N LYS A 36 -62.15 90.01 40.81
CA LYS A 36 -62.00 90.95 39.70
C LYS A 36 -61.57 90.22 38.44
N PHE A 37 -61.74 90.90 37.32
CA PHE A 37 -61.23 90.42 36.05
C PHE A 37 -60.58 91.52 35.22
N ASP A 38 -60.77 92.78 35.55
CA ASP A 38 -60.25 93.88 34.75
C ASP A 38 -60.18 95.12 35.63
N SER A 39 -59.18 95.96 35.36
CA SER A 39 -58.98 97.17 36.16
C SER A 39 -58.11 98.15 35.39
N SER A 40 -58.59 99.38 35.24
CA SER A 40 -57.75 100.47 34.76
C SER A 40 -56.79 100.98 35.81
N ARG A 41 -57.01 100.65 37.08
CA ARG A 41 -56.13 101.09 38.15
C ARG A 41 -54.78 100.40 38.09
N ASP A 42 -54.73 99.21 37.48
CA ASP A 42 -53.47 98.47 37.40
C ASP A 42 -52.57 99.05 36.32
N ARG A 43 -53.09 99.19 35.11
CA ARG A 43 -52.29 99.74 34.02
C ARG A 43 -52.08 101.24 34.14
N ASN A 44 -52.99 101.92 34.84
CA ASN A 44 -52.94 103.36 35.14
C ASN A 44 -52.96 104.24 33.89
N LYS A 45 -53.38 103.70 32.76
CA LYS A 45 -53.68 104.50 31.58
C LYS A 45 -55.19 104.47 31.41
N PRO A 46 -55.91 105.53 31.77
CA PRO A 46 -57.35 105.36 32.03
C PRO A 46 -58.25 105.35 30.80
N PHE A 47 -57.83 104.65 29.73
CA PHE A 47 -58.69 104.10 28.68
C PHE A 47 -59.52 105.18 27.98
N LYS A 48 -58.82 106.01 27.21
CA LYS A 48 -59.48 107.02 26.40
C LYS A 48 -60.31 106.35 25.31
N PHE A 49 -61.63 106.52 25.37
CA PHE A 49 -62.52 105.94 24.37
C PHE A 49 -63.62 106.94 24.06
N ARG A 50 -64.24 106.75 22.89
CA ARG A 50 -65.27 107.65 22.39
C ARG A 50 -66.64 107.02 22.53
N ILE A 51 -67.66 107.77 22.09
CA ILE A 51 -69.06 107.40 22.26
C ILE A 51 -69.72 107.35 20.89
N GLY A 52 -70.41 106.24 20.62
CA GLY A 52 -71.23 106.12 19.43
C GLY A 52 -70.68 105.19 18.36
N LYS A 53 -69.68 104.37 18.67
CA LYS A 53 -69.08 103.49 17.69
C LYS A 53 -69.19 102.02 18.08
N GLN A 54 -69.90 101.71 19.18
CA GLN A 54 -70.08 100.36 19.72
C GLN A 54 -68.73 99.68 20.00
N GLU A 55 -67.77 100.46 20.49
CA GLU A 55 -66.48 99.91 20.89
C GLU A 55 -66.63 99.02 22.12
N VAL A 56 -67.20 99.58 23.17
CA VAL A 56 -67.44 98.87 24.43
C VAL A 56 -68.72 98.05 24.33
N ILE A 57 -68.96 97.21 25.33
CA ILE A 57 -70.19 96.41 25.44
C ILE A 57 -71.39 97.32 25.69
N LYS A 58 -72.59 96.76 25.50
CA LYS A 58 -73.80 97.57 25.54
C LYS A 58 -74.16 98.00 26.95
N GLY A 59 -73.86 97.18 27.96
CA GLY A 59 -74.13 97.56 29.33
C GLY A 59 -73.26 98.69 29.82
N PHE A 60 -72.01 98.74 29.35
CA PHE A 60 -71.12 99.85 29.69
C PHE A 60 -71.35 101.06 28.79
N GLU A 61 -71.90 100.86 27.59
CA GLU A 61 -72.17 101.96 26.69
C GLU A 61 -73.28 102.85 27.20
N GLU A 62 -74.39 102.25 27.65
CA GLU A 62 -75.51 103.03 28.15
C GLU A 62 -75.21 103.65 29.50
N GLY A 63 -74.45 102.94 30.33
CA GLY A 63 -74.05 103.48 31.62
C GLY A 63 -73.05 104.61 31.52
N ALA A 64 -72.31 104.71 30.41
CA ALA A 64 -71.38 105.81 30.23
C ALA A 64 -72.12 107.13 30.00
N ALA A 65 -73.18 107.10 29.21
CA ALA A 65 -73.94 108.31 28.92
C ALA A 65 -74.80 108.74 30.10
N GLN A 66 -75.11 107.85 31.02
CA GLN A 66 -75.97 108.16 32.16
C GLN A 66 -75.20 108.65 33.38
N MET A 67 -74.00 109.19 33.17
CA MET A 67 -73.20 109.76 34.24
C MET A 67 -72.81 111.19 33.88
N SER A 68 -72.02 111.80 34.75
CA SER A 68 -71.50 113.14 34.53
C SER A 68 -70.09 113.22 35.07
N LEU A 69 -69.47 114.38 34.92
CA LEU A 69 -68.07 114.56 35.29
C LEU A 69 -67.89 114.53 36.80
N GLY A 70 -66.95 113.70 37.25
CA GLY A 70 -66.67 113.54 38.67
C GLY A 70 -67.46 112.46 39.36
N GLN A 71 -68.53 111.97 38.74
CA GLN A 71 -69.39 110.99 39.38
C GLN A 71 -68.71 109.63 39.44
N ARG A 72 -69.15 108.80 40.38
CA ARG A 72 -68.60 107.47 40.62
C ARG A 72 -69.78 106.52 40.79
N ALA A 73 -70.18 105.87 39.70
CA ALA A 73 -71.35 105.01 39.73
C ALA A 73 -70.92 103.58 40.05
N LYS A 74 -71.87 102.65 39.92
CA LYS A 74 -71.60 101.22 40.14
C LYS A 74 -72.52 100.46 39.21
N LEU A 75 -71.96 99.92 38.13
CA LEU A 75 -72.78 99.28 37.11
C LEU A 75 -73.19 97.88 37.52
N THR A 76 -74.30 97.44 36.94
CA THR A 76 -74.79 96.07 37.08
C THR A 76 -75.24 95.64 35.69
N CYS A 77 -74.36 94.99 34.94
CA CYS A 77 -74.62 94.68 33.55
C CYS A 77 -75.29 93.31 33.43
N THR A 78 -76.37 93.26 32.67
CA THR A 78 -77.07 92.01 32.43
C THR A 78 -76.23 91.11 31.53
N PRO A 79 -76.42 89.79 31.60
CA PRO A 79 -75.64 88.90 30.73
C PRO A 79 -75.96 89.04 29.25
N ASP A 80 -77.21 89.35 28.89
CA ASP A 80 -77.61 89.34 27.49
C ASP A 80 -77.01 90.48 26.67
N VAL A 81 -76.54 91.54 27.32
CA VAL A 81 -76.00 92.68 26.57
C VAL A 81 -74.50 92.57 26.34
N ALA A 82 -73.79 91.76 27.11
CA ALA A 82 -72.34 91.68 26.95
C ALA A 82 -71.84 90.30 26.53
N TYR A 83 -72.01 89.28 27.38
CA TYR A 83 -71.36 88.00 27.10
C TYR A 83 -72.15 86.77 27.50
N GLY A 84 -73.41 86.89 27.97
CA GLY A 84 -74.06 85.78 28.64
C GLY A 84 -74.38 84.60 27.75
N ALA A 85 -74.55 84.84 26.45
CA ALA A 85 -74.67 83.72 25.51
C ALA A 85 -73.30 83.16 25.15
N THR A 86 -72.36 84.04 24.78
CA THR A 86 -71.07 83.58 24.32
C THR A 86 -70.11 83.29 25.47
N GLY A 87 -69.78 84.30 26.26
CA GLY A 87 -68.73 84.18 27.25
C GLY A 87 -67.38 84.47 26.64
N HIS A 88 -66.64 85.42 27.22
CA HIS A 88 -65.34 85.76 26.67
C HIS A 88 -64.35 84.65 27.04
N PRO A 89 -63.62 84.11 26.07
CA PRO A 89 -62.95 82.81 26.25
C PRO A 89 -61.82 82.86 27.28
N GLY A 90 -61.96 82.06 28.33
CA GLY A 90 -61.02 82.01 29.42
C GLY A 90 -61.21 83.05 30.50
N VAL A 91 -61.87 84.17 30.19
CA VAL A 91 -62.00 85.29 31.10
C VAL A 91 -63.42 85.42 31.63
N ILE A 92 -64.42 85.26 30.78
CA ILE A 92 -65.81 85.39 31.16
C ILE A 92 -66.53 84.09 30.82
N PRO A 93 -67.13 83.41 31.80
CA PRO A 93 -67.96 82.25 31.47
C PRO A 93 -69.28 82.69 30.88
N PRO A 94 -69.97 81.82 30.16
CA PRO A 94 -71.32 82.15 29.70
C PRO A 94 -72.29 82.28 30.86
N ASN A 95 -73.32 83.11 30.65
CA ASN A 95 -74.33 83.46 31.64
C ASN A 95 -73.69 84.07 32.88
N ALA A 96 -73.07 85.23 32.69
CA ALA A 96 -72.39 85.96 33.76
C ALA A 96 -72.96 87.37 33.87
N THR A 97 -73.23 87.79 35.11
CA THR A 97 -73.73 89.13 35.40
C THR A 97 -72.59 89.98 35.93
N LEU A 98 -72.38 91.14 35.33
CA LEU A 98 -71.16 91.91 35.51
C LEU A 98 -71.37 93.10 36.43
N ILE A 99 -70.34 93.42 37.21
CA ILE A 99 -70.33 94.54 38.13
C ILE A 99 -69.14 95.42 37.78
N PHE A 100 -69.36 96.73 37.71
CA PHE A 100 -68.29 97.65 37.36
C PHE A 100 -68.24 98.83 38.32
N ASP A 101 -67.05 99.15 38.80
CA ASP A 101 -66.79 100.42 39.47
C ASP A 101 -66.33 101.40 38.40
N VAL A 102 -67.12 102.43 38.17
CA VAL A 102 -66.91 103.37 37.06
C VAL A 102 -66.87 104.78 37.63
N GLU A 103 -65.79 105.50 37.38
CA GLU A 103 -65.70 106.92 37.68
C GLU A 103 -65.45 107.67 36.38
N LEU A 104 -66.22 108.73 36.16
CA LEU A 104 -66.16 109.51 34.92
C LEU A 104 -65.37 110.78 35.17
N LEU A 105 -64.07 110.73 34.91
CA LEU A 105 -63.20 111.90 34.91
C LEU A 105 -62.70 112.05 33.48
N ASN A 106 -63.48 112.72 32.66
CA ASN A 106 -63.34 112.64 31.21
C ASN A 106 -62.87 113.96 30.62
N LEU A 107 -62.81 113.97 29.29
CA LEU A 107 -62.60 115.16 28.47
C LEU A 107 -63.73 115.24 27.45
N GLU A 108 -63.72 116.34 26.69
CA GLU A 108 -64.70 116.64 25.62
C GLU A 108 -66.15 116.61 26.10
N GLY B 2 -47.52 14.87 -118.85
CA GLY B 2 -47.94 16.00 -119.66
C GLY B 2 -46.91 17.10 -119.72
N VAL B 3 -46.40 17.35 -120.93
CA VAL B 3 -45.41 18.39 -121.16
C VAL B 3 -46.08 19.52 -121.94
N GLU B 4 -46.05 20.72 -121.37
CA GLU B 4 -46.65 21.90 -121.99
C GLU B 4 -45.55 22.84 -122.46
N ILE B 5 -45.61 23.21 -123.73
CA ILE B 5 -44.57 24.00 -124.38
C ILE B 5 -45.11 25.39 -124.63
N GLU B 6 -44.48 26.39 -124.00
CA GLU B 6 -44.81 27.80 -124.22
C GLU B 6 -43.50 28.51 -124.56
N THR B 7 -43.29 28.78 -125.83
CA THR B 7 -41.99 29.16 -126.36
C THR B 7 -41.90 30.66 -126.56
N ILE B 8 -40.90 31.28 -125.93
CA ILE B 8 -40.46 32.61 -126.36
C ILE B 8 -39.86 32.46 -127.75
N SER B 9 -40.40 33.21 -128.71
CA SER B 9 -40.40 32.86 -130.14
C SER B 9 -39.07 32.48 -130.79
N PRO B 10 -37.97 33.28 -130.71
CA PRO B 10 -36.92 33.16 -131.73
C PRO B 10 -36.11 31.87 -131.63
N GLY B 11 -35.58 31.46 -132.79
CA GLY B 11 -34.87 30.21 -132.93
C GLY B 11 -34.76 29.84 -134.40
N ASP B 12 -34.90 28.56 -134.74
CA ASP B 12 -34.96 28.17 -136.14
C ASP B 12 -36.16 27.26 -136.43
N GLY B 13 -36.55 26.46 -135.43
CA GLY B 13 -37.71 25.61 -135.57
C GLY B 13 -37.51 24.34 -136.36
N ARG B 14 -36.27 23.99 -136.69
CA ARG B 14 -36.01 22.79 -137.47
C ARG B 14 -34.90 21.90 -136.93
N THR B 15 -33.95 22.43 -136.15
CA THR B 15 -32.86 21.61 -135.64
C THR B 15 -33.37 20.87 -134.42
N PHE B 16 -33.95 19.74 -134.66
CA PHE B 16 -34.57 19.05 -133.54
C PHE B 16 -33.58 18.06 -132.92
N PRO B 17 -33.58 17.92 -131.60
CA PRO B 17 -32.67 16.97 -130.95
C PRO B 17 -33.09 15.54 -131.26
N LYS B 18 -32.09 14.71 -131.58
CA LYS B 18 -32.35 13.33 -131.94
C LYS B 18 -31.52 12.37 -131.10
N LYS B 19 -31.56 11.08 -131.45
CA LYS B 19 -30.85 10.08 -130.69
C LYS B 19 -29.34 10.20 -130.89
N GLY B 20 -28.59 9.89 -129.83
CA GLY B 20 -27.15 9.99 -129.90
C GLY B 20 -26.61 11.40 -129.95
N GLN B 21 -27.43 12.39 -129.60
CA GLN B 21 -27.05 13.79 -129.69
C GLN B 21 -26.92 14.37 -128.29
N THR B 22 -25.76 14.93 -127.99
CA THR B 22 -25.51 15.60 -126.72
C THR B 22 -25.84 17.08 -126.88
N CYS B 23 -26.76 17.57 -126.05
CA CYS B 23 -27.31 18.89 -126.19
C CYS B 23 -27.08 19.73 -124.94
N VAL B 24 -27.06 21.05 -125.14
CA VAL B 24 -26.68 22.02 -124.13
C VAL B 24 -27.86 22.93 -123.87
N VAL B 25 -28.23 23.06 -122.60
CA VAL B 25 -29.46 23.73 -122.19
C VAL B 25 -29.16 24.71 -121.06
N HIS B 26 -29.61 25.96 -121.23
CA HIS B 26 -29.63 26.94 -120.14
C HIS B 26 -30.94 26.75 -119.38
N TYR B 27 -30.98 25.75 -118.51
CA TYR B 27 -32.19 25.48 -117.77
C TYR B 27 -32.28 26.38 -116.55
N THR B 28 -33.49 26.47 -116.00
CA THR B 28 -33.75 27.24 -114.79
C THR B 28 -34.97 26.66 -114.10
N GLY B 29 -34.79 26.16 -112.88
CA GLY B 29 -35.88 25.53 -112.16
C GLY B 29 -36.73 26.53 -111.39
N MET B 30 -38.04 26.28 -111.38
CA MET B 30 -39.00 27.14 -110.70
C MET B 30 -40.09 26.28 -110.09
N LEU B 31 -40.45 26.58 -108.85
CA LEU B 31 -41.56 25.91 -108.18
C LEU B 31 -42.84 26.70 -108.43
N GLN B 32 -43.91 25.98 -108.78
CA GLN B 32 -45.24 26.60 -108.84
C GLN B 32 -45.67 27.00 -107.44
N ASN B 33 -46.08 28.26 -107.30
CA ASN B 33 -46.36 28.92 -106.02
C ASN B 33 -45.17 28.79 -105.08
N GLY B 34 -43.97 28.97 -105.62
CA GLY B 34 -42.76 28.83 -104.85
C GLY B 34 -41.60 29.51 -105.54
N LYS B 35 -40.46 29.45 -104.90
CA LYS B 35 -39.25 30.10 -105.37
C LYS B 35 -38.50 29.17 -106.33
N LYS B 36 -37.28 29.56 -106.70
CA LYS B 36 -36.44 28.70 -107.50
C LYS B 36 -35.87 27.57 -106.66
N PHE B 37 -35.37 26.54 -107.36
CA PHE B 37 -34.65 25.47 -106.71
C PHE B 37 -33.41 25.05 -107.48
N ASP B 38 -33.25 25.45 -108.74
CA ASP B 38 -32.13 25.01 -109.55
C ASP B 38 -31.95 26.02 -110.69
N SER B 39 -30.70 26.21 -111.10
CA SER B 39 -30.38 27.18 -112.14
C SER B 39 -29.01 26.86 -112.72
N SER B 40 -28.96 26.73 -114.05
CA SER B 40 -27.68 26.68 -114.75
C SER B 40 -27.03 28.05 -114.87
N ARG B 41 -27.80 29.11 -114.66
CA ARG B 41 -27.27 30.47 -114.74
C ARG B 41 -26.31 30.77 -113.60
N ASP B 42 -26.46 30.08 -112.47
CA ASP B 42 -25.60 30.32 -111.32
C ASP B 42 -24.23 29.69 -111.51
N ARG B 43 -24.20 28.40 -111.85
CA ARG B 43 -22.93 27.71 -112.03
C ARG B 43 -22.27 28.09 -113.36
N ASN B 44 -23.07 28.53 -114.34
CA ASN B 44 -22.63 29.01 -115.65
C ASN B 44 -21.89 27.95 -116.47
N LYS B 45 -22.04 26.68 -116.12
CA LYS B 45 -21.62 25.58 -116.96
C LYS B 45 -22.88 24.91 -117.49
N PRO B 46 -23.26 25.14 -118.75
CA PRO B 46 -24.65 24.88 -119.13
C PRO B 46 -25.00 23.44 -119.44
N PHE B 47 -24.50 22.49 -118.63
CA PHE B 47 -25.07 21.15 -118.42
C PHE B 47 -25.16 20.36 -119.74
N LYS B 48 -24.00 19.98 -120.24
CA LYS B 48 -23.94 19.13 -121.43
C LYS B 48 -24.49 17.75 -121.10
N PHE B 49 -25.59 17.38 -121.75
CA PHE B 49 -26.23 16.08 -121.54
C PHE B 49 -26.71 15.55 -122.88
N ARG B 50 -26.91 14.24 -122.92
CA ARG B 50 -27.31 13.54 -124.13
C ARG B 50 -28.77 13.13 -124.05
N ILE B 51 -29.23 12.48 -125.12
CA ILE B 51 -30.63 12.13 -125.30
C ILE B 51 -30.73 10.63 -125.48
N GLY B 52 -31.63 10.00 -124.72
CA GLY B 52 -31.95 8.60 -124.90
C GLY B 52 -31.42 7.66 -123.83
N LYS B 53 -30.95 8.18 -122.70
CA LYS B 53 -30.39 7.35 -121.64
C LYS B 53 -31.13 7.49 -120.32
N GLN B 54 -32.24 8.24 -120.30
CA GLN B 54 -33.06 8.52 -119.11
C GLN B 54 -32.23 9.14 -117.99
N GLU B 55 -31.30 10.02 -118.37
CA GLU B 55 -30.52 10.75 -117.38
C GLU B 55 -31.40 11.73 -116.62
N VAL B 56 -32.07 12.61 -117.35
CA VAL B 56 -32.97 13.61 -116.78
C VAL B 56 -34.32 12.98 -116.51
N ILE B 57 -35.18 13.73 -115.82
CA ILE B 57 -36.56 13.34 -115.53
C ILE B 57 -37.38 13.28 -116.82
N LYS B 58 -38.54 12.63 -116.75
CA LYS B 58 -39.34 12.37 -117.95
C LYS B 58 -39.99 13.64 -118.49
N GLY B 59 -40.37 14.56 -117.61
CA GLY B 59 -40.97 15.81 -118.08
C GLY B 59 -39.99 16.69 -118.81
N PHE B 60 -38.72 16.68 -118.39
CA PHE B 60 -37.68 17.42 -119.09
C PHE B 60 -37.14 16.67 -120.30
N GLU B 61 -37.28 15.34 -120.31
CA GLU B 61 -36.79 14.55 -121.43
C GLU B 61 -37.64 14.76 -122.68
N GLU B 62 -38.96 14.74 -122.52
CA GLU B 62 -39.84 14.93 -123.66
C GLU B 62 -39.84 16.37 -124.13
N GLY B 63 -39.73 17.32 -123.20
CA GLY B 63 -39.65 18.73 -123.56
C GLY B 63 -38.35 19.11 -124.24
N ALA B 64 -37.29 18.32 -124.05
CA ALA B 64 -36.03 18.60 -124.73
C ALA B 64 -36.13 18.31 -126.22
N ALA B 65 -36.79 17.21 -126.58
CA ALA B 65 -36.92 16.84 -127.99
C ALA B 65 -37.92 17.72 -128.73
N GLN B 66 -38.84 18.37 -128.01
CA GLN B 66 -39.88 19.18 -128.62
C GLN B 66 -39.47 20.64 -128.81
N MET B 67 -38.17 20.91 -128.85
CA MET B 67 -37.66 22.26 -129.09
C MET B 67 -36.69 22.22 -130.27
N SER B 68 -36.11 23.38 -130.55
CA SER B 68 -35.11 23.51 -131.61
C SER B 68 -34.05 24.49 -131.16
N LEU B 69 -33.05 24.70 -132.02
CA LEU B 69 -31.91 25.54 -131.67
C LEU B 69 -32.30 27.01 -131.58
N GLY B 70 -31.94 27.64 -130.46
CA GLY B 70 -32.24 29.03 -130.22
C GLY B 70 -33.56 29.28 -129.50
N GLN B 71 -34.44 28.29 -129.45
CA GLN B 71 -35.75 28.48 -128.85
C GLN B 71 -35.65 28.58 -127.34
N ARG B 72 -36.67 29.21 -126.74
CA ARG B 72 -36.73 29.44 -125.30
C ARG B 72 -38.15 29.10 -124.86
N ALA B 73 -38.33 27.86 -124.40
CA ALA B 73 -39.65 27.39 -124.03
C ALA B 73 -39.90 27.65 -122.54
N LYS B 74 -41.01 27.10 -122.03
CA LYS B 74 -41.33 27.21 -120.61
C LYS B 74 -42.08 25.93 -120.23
N LEU B 75 -41.39 25.05 -119.52
CA LEU B 75 -41.95 23.75 -119.22
C LEU B 75 -42.95 23.81 -118.08
N THR B 76 -43.87 22.85 -118.08
CA THR B 76 -44.81 22.64 -116.98
C THR B 76 -44.86 21.13 -116.75
N CYS B 77 -44.05 20.65 -115.81
CA CYS B 77 -43.89 19.22 -115.61
C CYS B 77 -44.91 18.72 -114.58
N THR B 78 -45.60 17.64 -114.93
CA THR B 78 -46.56 17.02 -114.03
C THR B 78 -45.82 16.34 -112.87
N PRO B 79 -46.47 16.18 -111.72
CA PRO B 79 -45.79 15.51 -110.60
C PRO B 79 -45.50 14.04 -110.84
N ASP B 80 -46.33 13.33 -111.60
CA ASP B 80 -46.19 11.88 -111.72
C ASP B 80 -44.98 11.47 -112.56
N VAL B 81 -44.43 12.36 -113.37
CA VAL B 81 -43.32 11.99 -114.22
C VAL B 81 -41.96 12.25 -113.56
N ALA B 82 -41.89 13.11 -112.55
CA ALA B 82 -40.61 13.43 -111.94
C ALA B 82 -40.51 13.03 -110.47
N TYR B 83 -41.32 13.64 -109.59
CA TYR B 83 -41.10 13.43 -108.17
C TYR B 83 -42.36 13.39 -107.31
N GLY B 84 -43.57 13.42 -107.90
CA GLY B 84 -44.77 13.68 -107.11
C GLY B 84 -45.13 12.60 -106.12
N ALA B 85 -44.73 11.36 -106.40
CA ALA B 85 -44.90 10.30 -105.40
C ALA B 85 -43.78 10.36 -104.37
N THR B 86 -42.53 10.43 -104.84
CA THR B 86 -41.39 10.36 -103.94
C THR B 86 -41.08 11.71 -103.31
N GLY B 87 -40.72 12.70 -104.15
CA GLY B 87 -40.20 13.96 -103.64
C GLY B 87 -38.71 13.87 -103.41
N HIS B 88 -37.95 14.77 -104.01
CA HIS B 88 -36.50 14.75 -103.84
C HIS B 88 -36.15 15.28 -102.46
N PRO B 89 -35.38 14.54 -101.67
CA PRO B 89 -35.30 14.77 -100.21
C PRO B 89 -34.68 16.11 -99.85
N GLY B 90 -35.46 16.95 -99.18
CA GLY B 90 -35.03 18.27 -98.78
C GLY B 90 -35.22 19.35 -99.83
N VAL B 91 -35.30 18.98 -101.10
CA VAL B 91 -35.34 19.94 -102.20
C VAL B 91 -36.72 19.98 -102.85
N ILE B 92 -37.34 18.82 -103.06
CA ILE B 92 -38.64 18.74 -103.71
C ILE B 92 -39.60 18.02 -102.77
N PRO B 93 -40.70 18.64 -102.36
CA PRO B 93 -41.70 17.92 -101.59
C PRO B 93 -42.48 16.98 -102.48
N PRO B 94 -43.13 15.96 -101.93
CA PRO B 94 -44.02 15.13 -102.72
C PRO B 94 -45.23 15.92 -103.21
N ASN B 95 -45.76 15.47 -104.36
CA ASN B 95 -46.87 16.11 -105.08
C ASN B 95 -46.54 17.57 -105.41
N ALA B 96 -45.54 17.73 -106.26
CA ALA B 96 -45.08 19.05 -106.69
C ALA B 96 -45.12 19.14 -108.21
N THR B 97 -45.63 20.26 -108.70
CA THR B 97 -45.71 20.55 -110.14
C THR B 97 -44.61 21.53 -110.51
N LEU B 98 -43.81 21.18 -111.50
CA LEU B 98 -42.55 21.85 -111.76
C LEU B 98 -42.65 22.80 -112.95
N ILE B 99 -41.92 23.90 -112.88
CA ILE B 99 -41.85 24.92 -113.92
C ILE B 99 -40.39 25.10 -114.29
N PHE B 100 -40.09 25.12 -115.60
CA PHE B 100 -38.72 25.26 -116.05
C PHE B 100 -38.62 26.33 -117.14
N ASP B 101 -37.64 27.22 -116.99
CA ASP B 101 -37.20 28.08 -118.08
C ASP B 101 -36.08 27.37 -118.81
N VAL B 102 -36.34 27.00 -120.07
CA VAL B 102 -35.43 26.17 -120.84
C VAL B 102 -35.11 26.89 -122.14
N GLU B 103 -33.83 27.10 -122.41
CA GLU B 103 -33.36 27.60 -123.70
C GLU B 103 -32.42 26.56 -124.30
N LEU B 104 -32.65 26.22 -125.57
CA LEU B 104 -31.89 25.18 -126.26
C LEU B 104 -30.85 25.85 -127.15
N LEU B 105 -29.64 26.03 -126.62
CA LEU B 105 -28.48 26.47 -127.38
C LEU B 105 -27.48 25.32 -127.32
N ASN B 106 -27.63 24.37 -128.24
CA ASN B 106 -27.02 23.06 -128.11
C ASN B 106 -25.95 22.82 -129.15
N LEU B 107 -25.42 21.60 -129.13
CA LEU B 107 -24.54 21.06 -130.15
C LEU B 107 -25.13 19.74 -130.64
N GLU B 108 -24.47 19.17 -131.65
CA GLU B 108 -24.82 17.89 -132.29
C GLU B 108 -26.27 17.85 -132.80
N GLY C 2 -26.74 -43.79 118.20
CA GLY C 2 -26.31 -44.91 119.01
C GLY C 2 -24.80 -45.02 119.10
N VAL C 3 -24.28 -44.88 120.31
CA VAL C 3 -22.85 -44.97 120.57
C VAL C 3 -22.59 -46.25 121.34
N GLU C 4 -21.74 -47.12 120.79
CA GLU C 4 -21.41 -48.40 121.40
C GLU C 4 -19.97 -48.34 121.90
N ILE C 5 -19.77 -48.67 123.16
CA ILE C 5 -18.48 -48.55 123.84
C ILE C 5 -17.94 -49.94 124.09
N GLU C 6 -16.80 -50.25 123.49
CA GLU C 6 -16.09 -51.52 123.70
C GLU C 6 -14.65 -51.15 124.06
N THR C 7 -14.34 -51.21 125.35
CA THR C 7 -13.12 -50.62 125.88
C THR C 7 -12.05 -51.67 126.09
N ILE C 8 -10.88 -51.44 125.50
CA ILE C 8 -9.67 -52.12 125.93
C ILE C 8 -9.36 -51.61 127.33
N SER C 9 -9.26 -52.54 128.29
CA SER C 9 -9.52 -52.30 129.72
C SER C 9 -8.80 -51.12 130.38
N PRO C 10 -7.46 -50.95 130.32
CA PRO C 10 -6.79 -50.17 131.37
C PRO C 10 -7.05 -48.67 131.27
N GLY C 11 -6.96 -48.02 132.43
CA GLY C 11 -7.28 -46.62 132.58
C GLY C 11 -7.48 -46.28 134.05
N ASP C 12 -8.45 -45.44 134.37
CA ASP C 12 -8.78 -45.20 135.78
C ASP C 12 -10.28 -45.33 136.03
N GLY C 13 -11.09 -45.02 135.03
CA GLY C 13 -12.53 -45.18 135.15
C GLY C 13 -13.25 -44.11 135.93
N ARG C 14 -12.57 -43.00 136.28
CA ARG C 14 -13.20 -41.95 137.07
C ARG C 14 -12.99 -40.55 136.52
N THR C 15 -11.92 -40.29 135.77
CA THR C 15 -11.66 -38.94 135.26
C THR C 15 -12.53 -38.73 134.03
N PHE C 16 -13.71 -38.30 134.26
CA PHE C 16 -14.61 -38.20 133.12
C PHE C 16 -14.54 -36.80 132.52
N PRO C 17 -14.61 -36.69 131.19
CA PRO C 17 -14.59 -35.37 130.55
C PRO C 17 -15.86 -34.60 130.84
N LYS C 18 -15.69 -33.32 131.17
CA LYS C 18 -16.83 -32.48 131.53
C LYS C 18 -16.86 -31.21 130.69
N LYS C 19 -17.75 -30.28 131.03
CA LYS C 19 -17.90 -29.05 130.28
C LYS C 19 -16.71 -28.13 130.51
N GLY C 20 -16.35 -27.39 129.46
CA GLY C 20 -15.22 -26.49 129.54
C GLY C 20 -13.87 -27.17 129.62
N GLN C 21 -13.80 -28.44 129.26
CA GLN C 21 -12.57 -29.21 129.36
C GLN C 21 -12.06 -29.55 127.96
N THR C 22 -10.82 -29.17 127.70
CA THR C 22 -10.16 -29.49 126.43
C THR C 22 -9.41 -30.81 126.59
N CYS C 23 -9.73 -31.77 125.74
CA CYS C 23 -9.26 -33.13 125.89
C CYS C 23 -8.50 -33.59 124.65
N VAL C 24 -7.60 -34.54 124.87
CA VAL C 24 -6.64 -34.99 123.86
C VAL C 24 -6.89 -36.46 123.59
N VAL C 25 -7.06 -36.80 122.30
CA VAL C 25 -7.51 -38.12 121.89
C VAL C 25 -6.60 -38.63 120.78
N HIS C 26 -6.09 -39.86 120.94
CA HIS C 26 -5.43 -40.59 119.86
C HIS C 26 -6.51 -41.34 119.07
N TYR C 27 -7.19 -40.61 118.21
CA TYR C 27 -8.26 -41.23 117.43
C TYR C 27 -7.69 -41.96 116.22
N THR C 28 -8.52 -42.83 115.65
CA THR C 28 -8.17 -43.56 114.44
C THR C 28 -9.46 -43.95 113.73
N GLY C 29 -9.64 -43.47 112.51
CA GLY C 29 -10.86 -43.74 111.76
C GLY C 29 -10.79 -45.04 110.99
N MET C 30 -11.93 -45.73 110.95
CA MET C 30 -12.04 -47.01 110.28
C MET C 30 -13.42 -47.12 109.64
N LEU C 31 -13.45 -47.57 108.39
CA LEU C 31 -14.71 -47.83 107.71
C LEU C 31 -15.13 -49.27 107.93
N GLN C 32 -16.40 -49.47 108.27
CA GLN C 32 -16.96 -50.81 108.30
C GLN C 32 -17.00 -51.40 106.90
N ASN C 33 -16.43 -52.61 106.77
CA ASN C 33 -16.18 -53.26 105.48
C ASN C 33 -15.37 -52.37 104.56
N GLY C 34 -14.37 -51.70 105.12
CA GLY C 34 -13.57 -50.76 104.37
C GLY C 34 -12.26 -50.50 105.09
N LYS C 35 -11.46 -49.66 104.45
CA LYS C 35 -10.13 -49.33 104.96
C LYS C 35 -10.22 -48.15 105.93
N LYS C 36 -9.07 -47.61 106.31
CA LYS C 36 -9.05 -46.41 107.13
C LYS C 36 -9.38 -45.18 106.29
N PHE C 37 -9.72 -44.10 106.98
CA PHE C 37 -9.90 -42.82 106.34
C PHE C 37 -9.28 -41.67 107.13
N ASP C 38 -8.92 -41.87 108.39
CA ASP C 38 -8.39 -40.80 109.22
C ASP C 38 -7.61 -41.41 110.36
N SER C 39 -6.56 -40.72 110.79
CA SER C 39 -5.69 -41.22 111.85
C SER C 39 -4.91 -40.07 112.45
N SER C 40 -4.97 -39.93 113.77
CA SER C 40 -4.08 -39.04 114.50
C SER C 40 -2.68 -39.62 114.64
N ARG C 41 -2.52 -40.92 114.41
CA ARG C 41 -1.21 -41.56 114.52
C ARG C 41 -0.29 -41.12 113.39
N ASP C 42 -0.85 -40.71 112.25
CA ASP C 42 -0.03 -40.30 111.13
C ASP C 42 0.55 -38.90 111.34
N ARG C 43 -0.31 -37.94 111.66
CA ARG C 43 0.17 -36.58 111.87
C ARG C 43 0.88 -36.42 113.20
N ASN C 44 0.57 -37.28 114.17
CA ASN C 44 1.20 -37.35 115.50
C ASN C 44 1.01 -36.08 116.32
N LYS C 45 0.05 -35.24 115.96
CA LYS C 45 -0.39 -34.15 116.80
C LYS C 45 -1.78 -34.51 117.31
N PRO C 46 -1.93 -34.94 118.55
CA PRO C 46 -3.13 -35.70 118.92
C PRO C 46 -4.37 -34.87 119.21
N PHE C 47 -4.63 -33.84 118.40
CA PHE C 47 -5.96 -33.23 118.18
C PHE C 47 -6.58 -32.72 119.49
N LYS C 48 -5.99 -31.65 120.01
CA LYS C 48 -6.53 -31.00 121.18
C LYS C 48 -7.87 -30.34 120.84
N PHE C 49 -8.94 -30.83 121.46
CA PHE C 49 -10.28 -30.30 121.23
C PHE C 49 -11.03 -30.24 122.56
N ARG C 50 -12.06 -29.40 122.60
CA ARG C 50 -12.84 -29.16 123.80
C ARG C 50 -14.19 -29.86 123.69
N ILE C 51 -14.99 -29.70 124.75
CA ILE C 51 -16.26 -30.39 124.90
C ILE C 51 -17.36 -29.35 125.07
N GLY C 52 -18.43 -29.48 124.30
CA GLY C 52 -19.62 -28.68 124.45
C GLY C 52 -19.84 -27.63 123.39
N LYS C 53 -19.13 -27.68 122.27
CA LYS C 53 -19.25 -26.68 121.22
C LYS C 53 -19.68 -27.27 119.89
N GLN C 54 -20.00 -28.58 119.87
CA GLN C 54 -20.39 -29.33 118.66
C GLN C 54 -19.34 -29.22 117.55
N GLU C 55 -18.07 -29.24 117.95
CA GLU C 55 -16.98 -29.25 116.99
C GLU C 55 -16.95 -30.56 116.21
N VAL C 56 -16.86 -31.67 116.94
CA VAL C 56 -16.84 -33.01 116.36
C VAL C 56 -18.27 -33.46 116.06
N ILE C 57 -18.38 -34.59 115.36
CA ILE C 57 -19.65 -35.23 115.05
C ILE C 57 -20.32 -35.75 116.32
N LYS C 58 -21.62 -36.06 116.23
CA LYS C 58 -22.39 -36.41 117.41
C LYS C 58 -22.03 -37.79 117.95
N GLY C 59 -21.66 -38.72 117.08
CA GLY C 59 -21.28 -40.04 117.55
C GLY C 59 -19.96 -40.04 118.30
N PHE C 60 -19.03 -39.17 117.90
CA PHE C 60 -17.78 -39.02 118.61
C PHE C 60 -17.91 -38.10 119.83
N GLU C 61 -18.91 -37.22 119.83
CA GLU C 61 -19.10 -36.30 120.94
C GLU C 61 -19.60 -37.04 122.18
N GLU C 62 -20.58 -37.92 122.00
CA GLU C 62 -21.13 -38.66 123.14
C GLU C 62 -20.16 -39.74 123.62
N GLY C 63 -19.42 -40.35 122.69
CA GLY C 63 -18.42 -41.33 123.06
C GLY C 63 -17.21 -40.74 123.77
N ALA C 64 -16.96 -39.44 123.59
CA ALA C 64 -15.85 -38.81 124.29
C ALA C 64 -16.15 -38.66 125.78
N ALA C 65 -17.38 -38.30 126.13
CA ALA C 65 -17.75 -38.13 127.52
C ALA C 65 -17.91 -39.46 128.26
N GLN C 66 -18.14 -40.55 127.53
CA GLN C 66 -18.36 -41.86 128.12
C GLN C 66 -17.08 -42.65 128.31
N MET C 67 -15.93 -41.98 128.39
CA MET C 67 -14.65 -42.62 128.65
C MET C 67 -13.99 -41.95 129.84
N SER C 68 -12.77 -42.41 130.15
CA SER C 68 -11.98 -41.83 131.21
C SER C 68 -10.51 -41.85 130.79
N LEU C 69 -9.65 -41.32 131.66
CA LEU C 69 -8.23 -41.17 131.34
C LEU C 69 -7.53 -42.52 131.24
N GLY C 70 -6.82 -42.73 130.14
CA GLY C 70 -6.10 -43.96 129.90
C GLY C 70 -6.88 -45.02 129.17
N GLN C 71 -8.21 -44.89 129.09
CA GLN C 71 -9.04 -45.92 128.48
C GLN C 71 -8.87 -45.92 126.96
N ARG C 72 -9.18 -47.06 126.36
CA ARG C 72 -9.04 -47.26 124.92
C ARG C 72 -10.32 -47.96 124.45
N ALA C 73 -11.28 -47.18 123.98
CA ALA C 73 -12.57 -47.73 123.58
C ALA C 73 -12.55 -48.07 122.09
N LYS C 74 -13.72 -48.41 121.56
CA LYS C 74 -13.87 -48.71 120.14
C LYS C 74 -15.27 -48.27 119.74
N LEU C 75 -15.35 -47.15 119.04
CA LEU C 75 -16.65 -46.57 118.72
C LEU C 75 -17.31 -47.28 117.56
N THR C 76 -18.64 -47.18 117.54
CA THR C 76 -19.46 -47.67 116.42
C THR C 76 -20.51 -46.59 116.19
N CYS C 77 -20.23 -45.68 115.26
CA CYS C 77 -21.08 -44.52 115.04
C CYS C 77 -22.15 -44.84 114.00
N THR C 78 -23.39 -44.50 114.33
CA THR C 78 -24.49 -44.69 113.42
C THR C 78 -24.39 -43.68 112.27
N PRO C 79 -24.97 -43.99 111.10
CA PRO C 79 -24.91 -43.04 109.98
C PRO C 79 -25.68 -41.75 110.23
N ASP C 80 -26.79 -41.81 110.96
CA ASP C 80 -27.67 -40.64 111.08
C ASP C 80 -27.07 -39.53 111.92
N VAL C 81 -26.07 -39.83 112.76
CA VAL C 81 -25.52 -38.79 113.62
C VAL C 81 -24.34 -38.06 112.99
N ALA C 82 -23.68 -38.65 111.98
CA ALA C 82 -22.51 -38.00 111.39
C ALA C 82 -22.69 -37.64 109.92
N TYR C 83 -22.87 -38.63 109.03
CA TYR C 83 -22.82 -38.32 107.62
C TYR C 83 -23.76 -39.14 106.74
N GLY C 84 -24.64 -39.98 107.29
CA GLY C 84 -25.32 -40.99 106.50
C GLY C 84 -26.31 -40.43 105.50
N ALA C 85 -26.86 -39.25 105.77
CA ALA C 85 -27.68 -38.57 104.77
C ALA C 85 -26.81 -37.84 103.76
N THR C 86 -25.85 -37.06 104.25
CA THR C 86 -25.04 -36.22 103.36
C THR C 86 -23.87 -37.02 102.75
N GLY C 87 -22.96 -37.50 103.59
CA GLY C 87 -21.73 -38.07 103.10
C GLY C 87 -20.68 -37.00 102.90
N HIS C 88 -19.52 -37.15 103.52
CA HIS C 88 -18.47 -36.16 103.37
C HIS C 88 -17.84 -36.30 102.00
N PRO C 89 -17.75 -35.22 101.22
CA PRO C 89 -17.50 -35.34 99.77
C PRO C 89 -16.14 -35.90 99.42
N GLY C 90 -16.14 -37.04 98.74
CA GLY C 90 -14.92 -37.73 98.36
C GLY C 90 -14.34 -38.65 99.41
N VAL C 91 -14.67 -38.44 100.69
CA VAL C 91 -14.08 -39.19 101.78
C VAL C 91 -15.07 -40.15 102.41
N ILE C 92 -16.31 -39.72 102.61
CA ILE C 92 -17.34 -40.55 103.23
C ILE C 92 -18.52 -40.65 102.27
N PRO C 93 -18.90 -41.85 101.85
CA PRO C 93 -20.12 -41.99 101.05
C PRO C 93 -21.35 -41.83 101.93
N PRO C 94 -22.49 -41.52 101.35
CA PRO C 94 -23.74 -41.51 102.14
C PRO C 94 -24.10 -42.91 102.60
N ASN C 95 -24.80 -42.95 103.75
CA ASN C 95 -25.21 -44.18 104.45
C ASN C 95 -23.98 -45.03 104.80
N ALA C 96 -23.14 -44.48 105.66
CA ALA C 96 -21.92 -45.14 106.11
C ALA C 96 -21.90 -45.24 107.63
N THR C 97 -21.54 -46.42 108.12
CA THR C 97 -21.44 -46.69 109.55
C THR C 97 -19.96 -46.68 109.94
N LEU C 98 -19.63 -45.88 110.95
CA LEU C 98 -18.25 -45.53 111.24
C LEU C 98 -17.70 -46.29 112.44
N ILE C 99 -16.41 -46.61 112.37
CA ILE C 99 -15.70 -47.32 113.43
C ILE C 99 -14.50 -46.47 113.82
N PHE C 100 -14.29 -46.30 115.13
CA PHE C 100 -13.18 -45.47 115.62
C PHE C 100 -12.41 -46.20 116.70
N ASP C 101 -11.09 -46.19 116.57
CA ASP C 101 -10.20 -46.54 117.68
C ASP C 101 -9.87 -45.25 118.43
N VAL C 102 -10.31 -45.17 119.67
CA VAL C 102 -10.23 -43.94 120.46
C VAL C 102 -9.53 -44.27 121.78
N GLU C 103 -8.45 -43.56 122.06
CA GLU C 103 -7.79 -43.62 123.36
C GLU C 103 -7.80 -42.22 123.97
N LEU C 104 -8.22 -42.14 125.23
CA LEU C 104 -8.38 -40.85 125.92
C LEU C 104 -7.17 -40.66 126.84
N LEU C 105 -6.16 -39.96 126.32
CA LEU C 105 -5.01 -39.51 127.11
C LEU C 105 -5.05 -37.98 127.07
N ASN C 106 -5.82 -37.39 127.98
CA ASN C 106 -6.26 -36.02 127.83
C ASN C 106 -5.65 -35.12 128.90
N LEU C 107 -6.08 -33.86 128.88
CA LEU C 107 -5.82 -32.88 129.91
C LEU C 107 -7.15 -32.30 130.38
N GLU C 108 -7.07 -31.44 131.40
CA GLU C 108 -8.20 -30.75 132.03
C GLU C 108 -9.31 -31.70 132.51
N GLY D 2 6.13 -124.81 -31.38
CA GLY D 2 6.44 -125.56 -32.59
C GLY D 2 7.74 -125.14 -33.23
N VAL D 3 8.71 -126.06 -33.29
CA VAL D 3 10.01 -125.82 -33.88
C VAL D 3 10.09 -126.62 -35.17
N GLU D 4 10.33 -125.92 -36.28
CA GLU D 4 10.42 -126.54 -37.60
C GLU D 4 11.87 -126.50 -38.06
N ILE D 5 12.40 -127.66 -38.44
CA ILE D 5 13.81 -127.82 -38.78
C ILE D 5 13.91 -128.06 -40.28
N GLU D 6 14.57 -127.13 -40.98
CA GLU D 6 14.85 -127.26 -42.40
C GLU D 6 16.36 -127.05 -42.58
N THR D 7 17.08 -128.15 -42.75
CA THR D 7 18.53 -128.15 -42.62
C THR D 7 19.20 -128.11 -43.99
N ILE D 8 20.06 -127.12 -44.20
CA ILE D 8 21.05 -127.20 -45.27
C ILE D 8 22.01 -128.32 -44.91
N SER D 9 22.14 -129.30 -45.81
CA SER D 9 22.52 -130.67 -45.49
C SER D 9 23.79 -130.89 -44.64
N PRO D 10 24.98 -130.35 -44.97
CA PRO D 10 26.22 -130.98 -44.48
C PRO D 10 26.45 -130.79 -42.98
N GLY D 11 27.17 -131.74 -42.41
CA GLY D 11 27.41 -131.80 -40.98
C GLY D 11 27.90 -133.19 -40.59
N ASP D 12 27.46 -133.72 -39.46
CA ASP D 12 27.77 -135.11 -39.11
C ASP D 12 26.52 -135.88 -38.70
N GLY D 13 25.54 -135.19 -38.13
CA GLY D 13 24.29 -135.82 -37.76
C GLY D 13 24.32 -136.65 -36.50
N ARG D 14 25.39 -136.60 -35.71
CA ARG D 14 25.48 -137.40 -34.51
C ARG D 14 25.93 -136.64 -33.27
N THR D 15 26.67 -135.54 -33.40
CA THR D 15 27.16 -134.79 -32.24
C THR D 15 26.02 -133.92 -31.74
N PHE D 16 25.21 -134.48 -30.90
CA PHE D 16 24.05 -133.73 -30.49
C PHE D 16 24.35 -132.96 -29.21
N PRO D 17 23.83 -131.74 -29.09
CA PRO D 17 24.05 -130.96 -27.86
C PRO D 17 23.31 -131.57 -26.69
N LYS D 18 24.01 -131.64 -25.55
CA LYS D 18 23.43 -132.25 -24.36
C LYS D 18 23.53 -131.32 -23.17
N LYS D 19 23.18 -131.82 -21.99
CA LYS D 19 23.18 -131.01 -20.78
C LYS D 19 24.60 -130.69 -20.34
N GLY D 20 24.77 -129.49 -19.78
CA GLY D 20 26.08 -129.05 -19.34
C GLY D 20 27.05 -128.75 -20.46
N GLN D 21 26.56 -128.56 -21.67
CA GLN D 21 27.41 -128.33 -22.83
C GLN D 21 27.22 -126.91 -23.33
N THR D 22 28.33 -126.17 -23.43
CA THR D 22 28.32 -124.81 -23.96
C THR D 22 28.60 -124.88 -25.45
N CYS D 23 27.68 -124.33 -26.24
CA CYS D 23 27.69 -124.49 -27.69
C CYS D 23 27.74 -123.13 -28.37
N VAL D 24 28.29 -123.15 -29.60
CA VAL D 24 28.60 -121.95 -30.35
C VAL D 24 27.78 -121.97 -31.64
N VAL D 25 27.06 -120.89 -31.90
CA VAL D 25 26.07 -120.82 -32.97
C VAL D 25 26.28 -119.54 -33.78
N HIS D 26 26.37 -119.68 -35.10
CA HIS D 26 26.30 -118.55 -36.02
C HIS D 26 24.83 -118.29 -36.34
N TYR D 27 24.15 -117.62 -35.41
CA TYR D 27 22.74 -117.36 -35.61
C TYR D 27 22.54 -116.14 -36.49
N THR D 28 21.32 -116.01 -37.01
CA THR D 28 20.94 -114.86 -37.81
C THR D 28 19.43 -114.70 -37.72
N GLY D 29 18.98 -113.56 -37.21
CA GLY D 29 17.56 -113.34 -37.02
C GLY D 29 16.89 -112.76 -38.26
N MET D 30 15.67 -113.22 -38.50
CA MET D 30 14.89 -112.79 -39.66
C MET D 30 13.42 -112.69 -39.27
N LEU D 31 12.77 -111.61 -39.67
CA LEU D 31 11.34 -111.44 -39.47
C LEU D 31 10.59 -111.98 -40.67
N GLN D 32 9.54 -112.76 -40.40
CA GLN D 32 8.62 -113.17 -41.44
C GLN D 32 7.87 -111.96 -41.99
N ASN D 33 7.92 -111.79 -43.32
CA ASN D 33 7.44 -110.60 -44.03
C ASN D 33 8.10 -109.34 -43.47
N GLY D 34 9.39 -109.44 -43.20
CA GLY D 34 10.12 -108.33 -42.62
C GLY D 34 11.60 -108.51 -42.83
N LYS D 35 12.36 -107.54 -42.34
CA LYS D 35 13.80 -107.50 -42.50
C LYS D 35 14.47 -108.28 -41.37
N LYS D 36 15.79 -108.16 -41.28
CA LYS D 36 16.51 -108.75 -40.16
C LYS D 36 16.33 -107.92 -38.90
N PHE D 37 16.65 -108.53 -37.78
CA PHE D 37 16.68 -107.84 -36.50
C PHE D 37 17.88 -108.20 -35.66
N ASP D 38 18.60 -109.27 -35.97
CA ASP D 38 19.72 -109.72 -35.16
C ASP D 38 20.62 -110.59 -36.02
N SER D 39 21.92 -110.53 -35.74
CA SER D 39 22.89 -111.29 -36.51
C SER D 39 24.18 -111.42 -35.73
N SER D 40 24.66 -112.65 -35.58
CA SER D 40 26.00 -112.90 -35.06
C SER D 40 27.08 -112.62 -36.10
N ARG D 41 26.70 -112.53 -37.38
CA ARG D 41 27.67 -112.26 -38.44
C ARG D 41 28.20 -110.83 -38.36
N ASP D 42 27.42 -109.92 -37.77
CA ASP D 42 27.85 -108.53 -37.68
C ASP D 42 28.90 -108.35 -36.59
N ARG D 43 28.59 -108.81 -35.38
CA ARG D 43 29.52 -108.65 -34.28
C ARG D 43 30.69 -109.62 -34.38
N ASN D 44 30.50 -110.74 -35.08
CA ASN D 44 31.51 -111.78 -35.37
C ASN D 44 32.08 -112.43 -34.11
N LYS D 45 31.38 -112.32 -32.99
CA LYS D 45 31.68 -113.11 -31.81
C LYS D 45 30.54 -114.11 -31.65
N PRO D 46 30.73 -115.37 -32.00
CA PRO D 46 29.57 -116.23 -32.28
C PRO D 46 28.87 -116.82 -31.05
N PHE D 47 28.70 -116.02 -29.99
CA PHE D 47 27.67 -116.20 -28.96
C PHE D 47 27.78 -117.56 -28.26
N LYS D 48 28.84 -117.69 -27.48
CA LYS D 48 29.02 -118.88 -26.66
C LYS D 48 27.96 -118.95 -25.58
N PHE D 49 27.10 -119.96 -25.64
CA PHE D 49 26.02 -120.14 -24.67
C PHE D 49 25.89 -121.62 -24.35
N ARG D 50 25.28 -121.90 -23.21
CA ARG D 50 25.13 -123.25 -22.69
C ARG D 50 23.68 -123.72 -22.86
N ILE D 51 23.44 -124.95 -22.43
CA ILE D 51 22.16 -125.63 -22.61
C ILE D 51 21.62 -126.02 -21.25
N GLY D 52 20.36 -125.69 -21.00
CA GLY D 52 19.66 -126.14 -19.81
C GLY D 52 19.42 -125.10 -18.75
N LYS D 53 19.61 -123.81 -19.06
CA LYS D 53 19.43 -122.75 -18.08
C LYS D 53 18.37 -121.74 -18.49
N GLN D 54 17.65 -122.00 -19.59
CA GLN D 54 16.63 -121.12 -20.15
C GLN D 54 17.16 -119.72 -20.42
N GLU D 55 18.40 -119.64 -20.90
CA GLU D 55 18.99 -118.37 -21.29
C GLU D 55 18.29 -117.81 -22.53
N VAL D 56 18.26 -118.61 -23.60
CA VAL D 56 17.63 -118.25 -24.85
C VAL D 56 16.12 -118.51 -24.78
N ILE D 57 15.40 -118.06 -25.79
CA ILE D 57 13.96 -118.29 -25.92
C ILE D 57 13.68 -119.77 -26.17
N LYS D 58 12.42 -120.18 -26.00
CA LYS D 58 12.07 -121.59 -26.05
C LYS D 58 12.13 -122.15 -27.46
N GLY D 59 11.81 -121.34 -28.47
CA GLY D 59 11.88 -121.81 -29.84
C GLY D 59 13.30 -122.05 -30.31
N PHE D 60 14.25 -121.25 -29.83
CA PHE D 60 15.65 -121.46 -30.14
C PHE D 60 16.29 -122.51 -29.24
N GLU D 61 15.72 -122.73 -28.05
CA GLU D 61 16.26 -123.72 -27.13
C GLU D 61 16.05 -125.14 -27.64
N GLU D 62 14.84 -125.44 -28.11
CA GLU D 62 14.54 -126.77 -28.61
C GLU D 62 15.21 -127.02 -29.96
N GLY D 63 15.30 -125.99 -30.80
CA GLY D 63 15.98 -126.12 -32.07
C GLY D 63 17.49 -126.28 -31.95
N ALA D 64 18.07 -125.85 -30.82
CA ALA D 64 19.50 -126.03 -30.62
C ALA D 64 19.84 -127.49 -30.39
N ALA D 65 19.02 -128.20 -29.60
CA ALA D 65 19.27 -129.60 -29.31
C ALA D 65 18.96 -130.52 -30.49
N GLN D 66 18.14 -130.06 -31.44
CA GLN D 66 17.72 -130.87 -32.57
C GLN D 66 18.65 -130.72 -33.77
N MET D 67 19.90 -130.29 -33.56
CA MET D 67 20.88 -130.18 -34.61
C MET D 67 22.13 -130.96 -34.23
N SER D 68 23.14 -130.89 -35.08
CA SER D 68 24.42 -131.53 -34.83
C SER D 68 25.53 -130.63 -35.37
N LEU D 69 26.77 -131.07 -35.19
CA LEU D 69 27.93 -130.25 -35.55
C LEU D 69 28.06 -130.11 -37.06
N GLY D 70 28.20 -128.86 -37.51
CA GLY D 70 28.32 -128.57 -38.92
C GLY D 70 27.02 -128.29 -39.63
N GLN D 71 25.89 -128.66 -39.04
CA GLN D 71 24.60 -128.51 -39.69
C GLN D 71 24.19 -127.04 -39.76
N ARG D 72 23.31 -126.75 -40.71
CA ARG D 72 22.83 -125.39 -40.96
C ARG D 72 21.31 -125.50 -41.15
N ALA D 73 20.57 -125.28 -40.08
CA ALA D 73 19.12 -125.43 -40.14
C ALA D 73 18.47 -124.08 -40.46
N LYS D 74 17.14 -124.04 -40.35
CA LYS D 74 16.39 -122.81 -40.58
C LYS D 74 15.18 -122.87 -39.67
N LEU D 75 15.21 -122.09 -38.59
CA LEU D 75 14.17 -122.17 -37.59
C LEU D 75 12.91 -121.41 -38.02
N THR D 76 11.78 -121.84 -37.45
CA THR D 76 10.51 -121.15 -37.61
C THR D 76 9.86 -121.15 -36.23
N CYS D 77 10.07 -120.08 -35.49
CA CYS D 77 9.64 -120.01 -34.10
C CYS D 77 8.22 -119.46 -34.00
N THR D 78 7.38 -120.15 -33.25
CA THR D 78 6.01 -119.71 -33.03
C THR D 78 6.02 -118.47 -32.13
N PRO D 79 4.98 -117.63 -32.21
CA PRO D 79 4.94 -116.44 -31.34
C PRO D 79 4.78 -116.76 -29.88
N ASP D 80 4.07 -117.84 -29.52
CA ASP D 80 3.74 -118.10 -28.12
C ASP D 80 4.95 -118.53 -27.29
N VAL D 81 6.01 -119.00 -27.93
CA VAL D 81 7.17 -119.47 -27.16
C VAL D 81 8.20 -118.37 -26.90
N ALA D 82 8.19 -117.30 -27.69
CA ALA D 82 9.20 -116.26 -27.50
C ALA D 82 8.63 -114.91 -27.10
N TYR D 83 7.82 -114.27 -27.96
CA TYR D 83 7.44 -112.89 -27.68
C TYR D 83 6.02 -112.51 -28.11
N GLY D 84 5.20 -113.45 -28.59
CA GLY D 84 3.96 -113.08 -29.28
C GLY D 84 2.92 -112.42 -28.40
N ALA D 85 2.94 -112.70 -27.10
CA ALA D 85 2.09 -111.97 -26.19
C ALA D 85 2.71 -110.62 -25.81
N THR D 86 3.98 -110.65 -25.42
CA THR D 86 4.63 -109.43 -24.95
C THR D 86 5.15 -108.57 -26.09
N GLY D 87 6.08 -109.10 -26.88
CA GLY D 87 6.79 -108.29 -27.85
C GLY D 87 7.98 -107.59 -27.22
N HIS D 88 9.17 -107.80 -27.77
CA HIS D 88 10.35 -107.16 -27.22
C HIS D 88 10.35 -105.68 -27.59
N PRO D 89 10.50 -104.79 -26.62
CA PRO D 89 10.12 -103.37 -26.81
C PRO D 89 11.00 -102.65 -27.82
N GLY D 90 10.36 -102.16 -28.89
CA GLY D 90 11.05 -101.49 -29.96
C GLY D 90 11.63 -102.39 -31.03
N VAL D 91 11.89 -103.65 -30.71
CA VAL D 91 12.56 -104.56 -31.62
C VAL D 91 11.62 -105.62 -32.17
N ILE D 92 10.75 -106.17 -31.33
CA ILE D 92 9.82 -107.22 -31.72
C ILE D 92 8.41 -106.75 -31.41
N PRO D 93 7.52 -106.66 -32.38
CA PRO D 93 6.13 -106.35 -32.09
C PRO D 93 5.44 -107.57 -31.50
N PRO D 94 4.33 -107.38 -30.79
CA PRO D 94 3.55 -108.55 -30.35
C PRO D 94 2.94 -109.29 -31.52
N ASN D 95 2.73 -110.60 -31.31
CA ASN D 95 2.25 -111.56 -32.31
C ASN D 95 3.15 -111.57 -33.54
N ALA D 96 4.39 -112.01 -33.32
CA ALA D 96 5.39 -112.09 -34.37
C ALA D 96 5.93 -113.51 -34.48
N THR D 97 6.04 -114.01 -35.71
CA THR D 97 6.57 -115.32 -36.00
C THR D 97 8.00 -115.18 -36.51
N LEU D 98 8.93 -115.90 -35.89
CA LEU D 98 10.35 -115.63 -36.05
C LEU D 98 11.02 -116.66 -36.95
N ILE D 99 12.00 -116.20 -37.72
CA ILE D 99 12.77 -117.03 -38.64
C ILE D 99 14.24 -116.87 -38.27
N PHE D 100 14.97 -117.99 -38.18
CA PHE D 100 16.37 -117.94 -37.81
C PHE D 100 17.21 -118.78 -38.76
N ASP D 101 18.32 -118.20 -39.23
CA ASP D 101 19.38 -118.97 -39.86
C ASP D 101 20.38 -119.37 -38.79
N VAL D 102 20.48 -120.68 -38.54
CA VAL D 102 21.25 -121.22 -37.44
C VAL D 102 22.23 -122.24 -37.98
N GLU D 103 23.52 -122.03 -37.71
CA GLU D 103 24.55 -123.02 -38.00
C GLU D 103 25.23 -123.40 -36.70
N LEU D 104 25.36 -124.71 -36.46
CA LEU D 104 25.91 -125.24 -35.21
C LEU D 104 27.35 -125.64 -35.45
N LEU D 105 28.27 -124.73 -35.16
CA LEU D 105 29.71 -125.00 -35.15
C LEU D 105 30.17 -124.77 -33.71
N ASN D 106 30.03 -125.80 -32.89
CA ASN D 106 30.06 -125.64 -31.45
C ASN D 106 31.29 -126.30 -30.82
N LEU D 107 31.32 -126.25 -29.50
CA LEU D 107 32.26 -127.00 -28.67
C LEU D 107 31.46 -127.82 -27.66
N GLU D 108 32.20 -128.62 -26.88
CA GLU D 108 31.67 -129.50 -25.83
C GLU D 108 30.59 -130.46 -26.32
N GLN E 1 -18.74 23.82 -14.72
CA GLN E 1 -17.80 24.91 -14.46
C GLN E 1 -18.27 26.21 -15.08
N PHE E 2 -17.70 26.57 -16.23
CA PHE E 2 -17.98 27.83 -16.89
C PHE E 2 -18.09 27.60 -18.39
N LEU E 3 -18.24 28.68 -19.13
CA LEU E 3 -18.51 28.63 -20.56
C LEU E 3 -17.56 29.55 -21.30
N ARG E 4 -17.18 29.13 -22.51
CA ARG E 4 -16.33 29.94 -23.37
C ARG E 4 -16.90 30.03 -24.77
N THR E 5 -16.13 30.57 -25.71
CA THR E 5 -16.57 30.65 -27.09
C THR E 5 -16.24 29.36 -27.82
N ASP E 6 -16.71 29.27 -29.07
CA ASP E 6 -16.48 28.14 -29.99
C ASP E 6 -17.00 26.83 -29.39
N ASP E 7 -18.16 26.89 -28.76
CA ASP E 7 -18.69 25.75 -28.02
C ASP E 7 -20.10 25.44 -28.49
N GLU E 8 -20.54 24.22 -28.22
CA GLU E 8 -21.85 23.73 -28.63
C GLU E 8 -22.74 23.60 -27.41
N VAL E 9 -23.79 24.41 -27.34
CA VAL E 9 -24.80 24.33 -26.29
C VAL E 9 -26.17 24.34 -26.95
N VAL E 10 -27.19 24.08 -26.13
CA VAL E 10 -28.58 24.15 -26.56
C VAL E 10 -29.34 25.03 -25.58
N LEU E 11 -30.54 25.42 -26.00
CA LEU E 11 -31.46 26.12 -25.12
C LEU E 11 -32.37 25.11 -24.43
N GLN E 12 -32.88 25.49 -23.26
CA GLN E 12 -33.77 24.61 -22.53
C GLN E 12 -34.72 25.43 -21.68
N CYS E 13 -36.00 25.12 -21.80
CA CYS E 13 -37.03 25.55 -20.86
C CYS E 13 -37.83 24.33 -20.45
N SER E 14 -38.55 24.44 -19.34
CA SER E 14 -39.39 23.33 -18.86
C SER E 14 -40.69 23.93 -18.34
N ALA E 15 -41.67 24.04 -19.22
CA ALA E 15 -42.99 24.53 -18.87
C ALA E 15 -43.89 23.34 -18.58
N THR E 16 -44.58 23.39 -17.44
CA THR E 16 -45.45 22.28 -17.08
C THR E 16 -46.74 22.32 -17.89
N VAL E 17 -47.30 21.13 -18.14
CA VAL E 17 -48.50 21.00 -18.96
C VAL E 17 -49.58 20.29 -18.16
N LEU E 18 -49.28 19.07 -17.72
CA LEU E 18 -50.22 18.20 -17.01
C LEU E 18 -49.92 18.20 -15.52
N LYS E 19 -49.60 19.40 -14.99
CA LYS E 19 -49.03 19.60 -13.65
C LYS E 19 -47.75 18.80 -13.46
N GLU E 20 -46.98 18.66 -14.54
CA GLU E 20 -45.73 17.91 -14.54
C GLU E 20 -44.81 18.52 -15.58
N GLN E 21 -43.51 18.46 -15.30
CA GLN E 21 -42.53 19.20 -16.08
C GLN E 21 -42.35 18.60 -17.47
N LEU E 22 -42.35 19.49 -18.46
CA LEU E 22 -42.10 19.12 -19.86
C LEU E 22 -40.88 19.92 -20.31
N LYS E 23 -39.72 19.30 -20.27
CA LYS E 23 -38.48 19.96 -20.67
C LYS E 23 -38.47 20.16 -22.18
N LEU E 24 -38.34 21.42 -22.60
CA LEU E 24 -38.47 21.79 -24.00
C LEU E 24 -37.18 22.47 -24.46
N CYS E 25 -36.69 22.06 -25.63
CA CYS E 25 -35.52 22.66 -26.24
C CYS E 25 -35.90 23.27 -27.58
N LEU E 26 -35.10 24.22 -28.03
CA LEU E 26 -35.36 24.91 -29.28
C LEU E 26 -34.83 24.10 -30.45
N ALA E 27 -35.67 23.93 -31.48
CA ALA E 27 -35.29 23.21 -32.68
C ALA E 27 -35.80 23.95 -33.90
N ALA E 28 -35.02 23.90 -34.97
CA ALA E 28 -35.39 24.53 -36.23
C ALA E 28 -34.66 23.82 -37.35
N GLU E 29 -35.31 23.75 -38.52
CA GLU E 29 -34.75 23.01 -39.64
C GLU E 29 -33.81 23.85 -40.49
N GLY E 30 -34.19 25.08 -40.81
CA GLY E 30 -33.37 25.87 -41.72
C GLY E 30 -33.90 25.87 -43.14
N PHE E 31 -33.34 24.99 -43.98
CA PHE E 31 -33.76 24.84 -45.37
C PHE E 31 -35.22 24.44 -45.46
N GLY E 32 -36.03 25.33 -46.02
CA GLY E 32 -37.46 25.13 -46.09
C GLY E 32 -38.21 25.49 -44.83
N ASN E 33 -37.52 25.88 -43.76
CA ASN E 33 -38.18 26.24 -42.50
C ASN E 33 -37.35 27.36 -41.87
N ARG E 34 -37.76 28.60 -42.13
CA ARG E 34 -37.15 29.74 -41.45
C ARG E 34 -37.68 29.92 -40.05
N LEU E 35 -38.74 29.21 -39.68
CA LEU E 35 -39.32 29.30 -38.36
C LEU E 35 -38.67 28.32 -37.41
N CYS E 36 -38.97 28.49 -36.12
CA CYS E 36 -38.43 27.64 -35.07
C CYS E 36 -39.58 26.94 -34.36
N PHE E 37 -39.26 25.87 -33.65
CA PHE E 37 -40.25 25.09 -32.93
C PHE E 37 -39.57 24.47 -31.72
N LEU E 38 -40.30 23.58 -31.04
CA LEU E 38 -39.84 23.00 -29.78
C LEU E 38 -39.85 21.49 -29.90
N GLU E 39 -38.83 20.85 -29.33
CA GLU E 39 -38.78 19.41 -29.23
C GLU E 39 -38.89 18.99 -27.77
N PRO E 40 -39.84 18.14 -27.41
CA PRO E 40 -39.92 17.69 -26.01
C PRO E 40 -38.81 16.71 -25.69
N THR E 41 -38.16 16.94 -24.56
CA THR E 41 -37.06 16.11 -24.08
C THR E 41 -37.40 15.48 -22.74
N SER E 42 -38.63 14.98 -22.62
CA SER E 42 -39.11 14.40 -21.38
C SER E 42 -39.42 12.91 -21.47
N ASN E 43 -39.76 12.40 -22.65
CA ASN E 43 -40.09 11.00 -22.84
C ASN E 43 -38.92 10.27 -23.50
N ALA E 44 -37.70 10.63 -23.11
CA ALA E 44 -36.49 10.12 -23.76
C ALA E 44 -36.26 8.63 -23.50
N GLN E 45 -36.87 8.08 -22.45
CA GLN E 45 -36.79 6.64 -22.24
C GLN E 45 -37.62 5.87 -23.26
N ASN E 46 -38.62 6.50 -23.87
CA ASN E 46 -39.46 5.85 -24.87
C ASN E 46 -39.35 6.51 -26.24
N VAL E 47 -39.52 7.82 -26.30
CA VAL E 47 -39.56 8.55 -27.58
C VAL E 47 -38.24 9.29 -27.73
N PRO E 48 -37.50 9.08 -28.81
CA PRO E 48 -36.22 9.77 -28.97
C PRO E 48 -36.42 11.22 -29.35
N PRO E 49 -35.77 12.14 -28.62
CA PRO E 49 -35.78 13.54 -29.04
C PRO E 49 -34.77 13.77 -30.16
N ASP E 50 -35.21 14.45 -31.22
CA ASP E 50 -34.35 14.69 -32.37
C ASP E 50 -33.36 15.80 -32.03
N LEU E 51 -32.19 15.39 -31.53
CA LEU E 51 -31.15 16.33 -31.18
C LEU E 51 -30.26 16.71 -32.35
N ALA E 52 -30.64 16.29 -33.57
CA ALA E 52 -29.86 16.63 -34.75
C ALA E 52 -29.96 18.10 -35.10
N ILE E 53 -31.15 18.70 -34.94
CA ILE E 53 -31.34 20.11 -35.24
C ILE E 53 -31.60 20.93 -33.98
N CYS E 54 -31.19 20.40 -32.82
CA CYS E 54 -31.26 21.17 -31.58
C CYS E 54 -29.92 21.77 -31.19
N CYS E 55 -28.81 21.20 -31.64
CA CYS E 55 -27.50 21.67 -31.24
C CYS E 55 -27.17 22.99 -31.90
N PHE E 56 -26.74 23.96 -31.10
CA PHE E 56 -26.39 25.29 -31.58
C PHE E 56 -24.91 25.52 -31.35
N THR E 57 -24.42 26.67 -31.81
CA THR E 57 -22.98 26.92 -31.81
C THR E 57 -22.71 28.33 -31.30
N LEU E 58 -21.79 28.43 -30.35
CA LEU E 58 -21.35 29.72 -29.83
C LEU E 58 -20.33 30.33 -30.77
N GLU E 59 -20.57 31.57 -31.18
CA GLU E 59 -19.71 32.22 -32.17
C GLU E 59 -19.00 33.46 -31.64
N GLN E 60 -19.73 34.43 -31.10
CA GLN E 60 -19.11 35.70 -30.74
C GLN E 60 -19.87 36.36 -29.60
N SER E 61 -19.13 36.79 -28.59
CA SER E 61 -19.67 37.54 -27.47
C SER E 61 -18.87 38.82 -27.30
N LEU E 62 -19.57 39.95 -27.21
CA LEU E 62 -18.94 41.25 -27.08
C LEU E 62 -19.74 42.10 -26.11
N SER E 63 -19.22 43.30 -25.85
CA SER E 63 -19.98 44.29 -25.10
C SER E 63 -20.92 45.04 -26.03
N VAL E 64 -21.76 45.89 -25.44
CA VAL E 64 -22.69 46.68 -26.23
C VAL E 64 -21.95 47.77 -27.00
N ARG E 65 -20.82 48.23 -26.48
CA ARG E 65 -20.09 49.30 -27.15
C ARG E 65 -19.16 48.75 -28.22
N ALA E 66 -18.57 47.58 -27.96
CA ALA E 66 -17.71 46.95 -28.96
C ALA E 66 -18.52 46.46 -30.16
N LEU E 67 -19.74 45.99 -29.92
CA LEU E 67 -20.58 45.53 -31.02
C LEU E 67 -21.10 46.71 -31.83
N GLN E 68 -21.45 47.80 -31.15
CA GLN E 68 -21.89 49.00 -31.85
C GLN E 68 -20.75 49.62 -32.65
N GLU E 69 -19.53 49.54 -32.11
CA GLU E 69 -18.34 49.93 -32.87
C GLU E 69 -18.12 48.99 -34.04
N MET E 70 -18.41 47.70 -33.85
CA MET E 70 -18.33 46.74 -34.95
C MET E 70 -19.37 47.02 -36.02
N LEU E 71 -20.54 47.53 -35.62
CA LEU E 71 -21.57 47.90 -36.58
C LEU E 71 -21.25 49.19 -37.33
N ALA E 72 -20.21 49.91 -36.94
CA ALA E 72 -19.75 51.06 -37.70
C ALA E 72 -18.88 50.69 -38.89
N ASN E 73 -18.68 49.40 -39.13
CA ASN E 73 -17.85 48.95 -40.23
C ASN E 73 -18.63 48.03 -41.17
N GLY E 86 -9.93 34.46 -28.81
CA GLY E 86 -9.82 33.02 -28.88
C GLY E 86 -10.93 32.31 -28.13
N HIS E 87 -10.89 32.39 -26.80
CA HIS E 87 -11.91 31.78 -25.95
C HIS E 87 -12.23 32.78 -24.84
N ARG E 88 -13.28 33.58 -25.06
CA ARG E 88 -13.69 34.57 -24.09
C ARG E 88 -14.47 33.92 -22.96
N THR E 89 -15.00 34.75 -22.06
CA THR E 89 -15.77 34.28 -20.92
C THR E 89 -17.10 35.00 -20.91
N LEU E 90 -18.18 34.25 -20.79
CA LEU E 90 -19.51 34.83 -20.81
C LEU E 90 -19.78 35.60 -19.53
N LEU E 91 -20.11 36.88 -19.66
CA LEU E 91 -20.49 37.71 -18.55
C LEU E 91 -21.89 38.24 -18.80
N TYR E 92 -22.62 38.47 -17.71
CA TYR E 92 -23.99 38.97 -17.83
C TYR E 92 -23.98 40.41 -18.34
N GLY E 93 -24.71 40.65 -19.42
CA GLY E 93 -24.71 41.92 -20.11
C GLY E 93 -24.08 41.87 -21.49
N HIS E 94 -23.34 40.81 -21.79
CA HIS E 94 -22.75 40.69 -23.12
C HIS E 94 -23.79 40.31 -24.15
N ALA E 95 -23.51 40.69 -25.39
CA ALA E 95 -24.27 40.17 -26.51
C ALA E 95 -23.76 38.77 -26.86
N ILE E 96 -24.47 38.09 -27.75
CA ILE E 96 -24.09 36.75 -28.15
C ILE E 96 -24.44 36.56 -29.62
N LEU E 97 -23.65 35.74 -30.30
CA LEU E 97 -23.88 35.40 -31.71
C LEU E 97 -24.19 33.91 -31.75
N LEU E 98 -25.47 33.57 -31.87
CA LEU E 98 -25.86 32.18 -31.96
C LEU E 98 -25.75 31.69 -33.39
N ARG E 99 -25.70 30.36 -33.53
CA ARG E 99 -25.58 29.75 -34.85
C ARG E 99 -26.12 28.32 -34.75
N HIS E 100 -27.11 28.01 -35.59
CA HIS E 100 -27.55 26.64 -35.74
C HIS E 100 -26.41 25.83 -36.35
N ALA E 101 -26.07 24.71 -35.70
CA ALA E 101 -24.87 23.99 -36.06
C ALA E 101 -25.01 23.30 -37.42
N HIS E 102 -26.20 22.82 -37.75
CA HIS E 102 -26.37 22.07 -38.98
C HIS E 102 -26.39 22.99 -40.20
N SER E 103 -27.33 23.94 -40.23
CA SER E 103 -27.46 24.85 -41.36
C SER E 103 -26.33 25.86 -41.43
N ARG E 104 -25.59 26.04 -40.32
CA ARG E 104 -24.46 26.95 -40.21
C ARG E 104 -24.88 28.39 -40.48
N MET E 105 -26.07 28.73 -40.04
CA MET E 105 -26.67 30.05 -40.23
C MET E 105 -26.98 30.65 -38.87
N TYR E 106 -27.22 31.95 -38.86
CA TYR E 106 -27.19 32.73 -37.63
C TYR E 106 -28.60 33.10 -37.17
N LEU E 107 -28.88 32.82 -35.90
CA LEU E 107 -30.22 32.98 -35.36
C LEU E 107 -30.55 34.45 -35.16
N SER E 108 -31.62 34.90 -35.81
CA SER E 108 -32.06 36.28 -35.67
C SER E 108 -33.51 36.33 -35.23
N CYS E 109 -34.09 37.53 -35.21
CA CYS E 109 -35.48 37.74 -34.83
C CYS E 109 -36.21 38.34 -36.02
N LEU E 110 -37.16 37.58 -36.56
CA LEU E 110 -37.90 38.07 -37.71
C LEU E 110 -38.96 39.08 -37.28
N THR E 111 -39.40 39.88 -38.23
CA THR E 111 -40.37 40.94 -38.00
C THR E 111 -41.75 40.58 -38.54
N THR E 112 -41.98 39.32 -38.87
CA THR E 112 -43.28 38.87 -39.35
C THR E 112 -44.23 38.70 -38.17
N SER E 113 -45.45 38.28 -38.46
CA SER E 113 -46.46 38.09 -37.41
C SER E 113 -47.09 36.71 -37.58
N ARG E 114 -47.09 35.95 -36.50
CA ARG E 114 -47.76 34.65 -36.45
C ARG E 114 -48.75 34.65 -35.30
N SER E 115 -49.60 33.61 -35.30
CA SER E 115 -50.59 33.26 -34.28
C SER E 115 -51.72 34.28 -34.12
N MET E 116 -51.76 35.35 -34.92
CA MET E 116 -52.81 36.38 -34.91
C MET E 116 -52.97 37.02 -33.54
N THR E 117 -51.85 37.34 -32.90
CA THR E 117 -51.88 37.86 -31.53
C THR E 117 -52.34 39.30 -31.44
N ASP E 118 -52.40 40.02 -32.57
CA ASP E 118 -52.68 41.47 -32.63
C ASP E 118 -51.72 42.24 -31.73
N LYS E 119 -50.44 41.93 -31.87
CA LYS E 119 -49.44 42.40 -30.93
C LYS E 119 -48.09 42.58 -31.62
N LEU E 120 -47.02 42.53 -30.82
CA LEU E 120 -45.67 42.78 -31.27
C LEU E 120 -44.87 41.49 -31.18
N ALA E 121 -45.49 40.40 -31.67
CA ALA E 121 -44.96 39.05 -31.51
C ALA E 121 -43.57 38.90 -32.11
N PHE E 122 -43.47 39.05 -33.44
CA PHE E 122 -42.21 39.12 -34.19
C PHE E 122 -41.37 37.87 -33.96
N ASP E 123 -41.91 36.76 -34.49
CA ASP E 123 -41.43 35.41 -34.23
C ASP E 123 -39.96 35.23 -34.57
N VAL E 124 -39.34 34.29 -33.87
CA VAL E 124 -37.89 34.10 -33.94
C VAL E 124 -37.55 33.31 -35.20
N GLY E 125 -36.56 33.80 -35.95
CA GLY E 125 -36.14 33.09 -37.14
C GLY E 125 -34.76 33.43 -37.64
N LEU E 126 -33.96 32.40 -37.92
CA LEU E 126 -32.69 32.55 -38.59
C LEU E 126 -32.92 32.59 -40.09
N GLN E 127 -32.20 33.46 -40.78
CA GLN E 127 -32.17 33.36 -42.25
C GLN E 127 -30.76 33.14 -42.75
N GLU E 128 -29.86 34.12 -42.65
CA GLU E 128 -28.43 33.86 -42.74
C GLU E 128 -27.62 34.87 -41.94
N ASP E 129 -28.26 35.75 -41.17
CA ASP E 129 -27.90 37.17 -41.10
C ASP E 129 -26.54 37.38 -40.47
N ALA E 130 -25.54 37.62 -41.32
CA ALA E 130 -24.22 38.04 -40.86
C ALA E 130 -24.16 39.55 -40.62
N THR E 131 -24.99 40.32 -41.32
CA THR E 131 -25.11 41.75 -41.02
C THR E 131 -25.85 41.90 -39.70
N GLY E 132 -25.08 42.04 -38.63
CA GLY E 132 -25.60 41.76 -37.30
C GLY E 132 -26.41 42.84 -36.62
N GLU E 133 -27.66 43.00 -37.03
CA GLU E 133 -28.56 43.88 -36.30
C GLU E 133 -29.50 43.11 -35.38
N ALA E 134 -30.23 42.14 -35.92
CA ALA E 134 -31.23 41.41 -35.15
C ALA E 134 -30.73 40.06 -34.65
N CYS E 135 -29.56 39.62 -35.08
CA CYS E 135 -29.05 38.31 -34.69
C CYS E 135 -28.22 38.37 -33.41
N TRP E 136 -28.23 39.50 -32.72
CA TRP E 136 -27.49 39.66 -31.48
C TRP E 136 -28.46 39.72 -30.31
N TRP E 137 -28.02 39.19 -29.17
CA TRP E 137 -28.91 38.96 -28.04
C TRP E 137 -28.15 39.27 -26.76
N THR E 138 -28.57 40.33 -26.07
CA THR E 138 -28.01 40.62 -24.76
C THR E 138 -28.47 39.59 -23.75
N MET E 139 -27.61 39.32 -22.77
CA MET E 139 -27.82 38.25 -21.82
C MET E 139 -27.87 38.82 -20.41
N HIS E 140 -28.96 38.54 -19.71
CA HIS E 140 -29.19 39.10 -18.39
C HIS E 140 -29.42 37.99 -17.38
N PRO E 141 -29.03 38.21 -16.12
CA PRO E 141 -29.35 37.22 -15.09
C PRO E 141 -30.83 37.23 -14.75
N ALA E 142 -31.27 36.15 -14.12
CA ALA E 142 -32.68 36.01 -13.78
C ALA E 142 -33.02 36.84 -12.54
N SER E 143 -32.38 36.56 -11.42
CA SER E 143 -32.68 37.20 -10.16
C SER E 143 -31.46 37.96 -9.65
N LYS E 144 -31.56 38.44 -8.40
CA LYS E 144 -30.47 39.13 -7.75
C LYS E 144 -29.41 38.19 -7.19
N GLN E 145 -29.57 36.88 -7.37
CA GLN E 145 -28.53 35.93 -7.02
C GLN E 145 -27.29 36.15 -7.88
N ARG E 146 -27.49 36.36 -9.17
CA ARG E 146 -26.42 36.79 -10.06
C ARG E 146 -26.55 38.28 -10.33
N SER E 147 -25.50 38.85 -10.93
CA SER E 147 -25.47 40.26 -11.23
C SER E 147 -24.77 40.47 -12.56
N GLU E 148 -24.67 41.74 -12.97
CA GLU E 148 -24.06 42.06 -14.25
C GLU E 148 -22.55 41.90 -14.20
N GLY E 149 -21.99 41.41 -15.30
CA GLY E 149 -20.56 41.21 -15.39
C GLY E 149 -20.04 40.00 -14.64
N GLU E 150 -20.91 39.19 -14.04
CA GLU E 150 -20.44 38.01 -13.33
C GLU E 150 -20.25 36.85 -14.30
N LYS E 151 -19.39 35.91 -13.90
CA LYS E 151 -19.10 34.76 -14.74
C LYS E 151 -20.31 33.84 -14.84
N VAL E 152 -20.73 33.57 -16.07
CA VAL E 152 -21.91 32.75 -16.31
C VAL E 152 -21.50 31.29 -16.16
N ARG E 153 -22.05 30.63 -15.14
CA ARG E 153 -21.71 29.24 -14.88
C ARG E 153 -22.47 28.32 -15.84
N VAL E 154 -22.18 27.03 -15.72
CA VAL E 154 -22.85 26.03 -16.54
C VAL E 154 -24.29 25.88 -16.08
N GLY E 155 -25.23 26.10 -17.00
CA GLY E 155 -26.63 25.88 -16.71
C GLY E 155 -27.25 26.91 -15.80
N ASP E 156 -27.06 28.20 -16.10
CA ASP E 156 -27.67 29.24 -15.31
C ASP E 156 -29.07 29.53 -15.84
N ASP E 157 -29.76 30.48 -15.20
CA ASP E 157 -31.10 30.89 -15.58
C ASP E 157 -30.97 32.22 -16.31
N LEU E 158 -31.10 32.18 -17.63
CA LEU E 158 -30.75 33.31 -18.47
C LEU E 158 -31.98 34.10 -18.89
N ILE E 159 -31.77 35.41 -19.05
CA ILE E 159 -32.77 36.31 -19.61
C ILE E 159 -32.20 36.83 -20.91
N LEU E 160 -32.69 36.29 -22.02
CA LEU E 160 -32.15 36.57 -23.34
C LEU E 160 -32.95 37.70 -23.97
N VAL E 161 -32.35 38.88 -24.05
CA VAL E 161 -33.03 40.08 -24.49
C VAL E 161 -32.47 40.50 -25.84
N SER E 162 -33.37 40.87 -26.75
CA SER E 162 -33.00 41.28 -28.10
C SER E 162 -32.20 42.58 -28.09
N VAL E 163 -31.57 42.85 -29.22
CA VAL E 163 -30.78 44.05 -29.42
C VAL E 163 -31.48 45.03 -30.35
N SER E 164 -31.89 44.55 -31.53
CA SER E 164 -32.53 45.42 -32.50
C SER E 164 -33.92 45.82 -32.05
N SER E 165 -34.72 44.86 -31.61
CA SER E 165 -36.06 45.16 -31.15
C SER E 165 -36.11 45.44 -29.65
N GLU E 166 -35.16 44.88 -28.89
CA GLU E 166 -35.09 44.92 -27.44
C GLU E 166 -36.37 44.35 -26.81
N ARG E 167 -36.61 43.09 -27.12
CA ARG E 167 -37.67 42.29 -26.50
C ARG E 167 -37.02 41.07 -25.87
N TYR E 168 -37.83 40.27 -25.18
CA TYR E 168 -37.30 39.08 -24.50
C TYR E 168 -37.08 37.92 -25.46
N LEU E 169 -36.91 36.72 -24.92
CA LEU E 169 -37.00 35.51 -25.73
C LEU E 169 -38.14 34.72 -25.11
N HIS E 170 -39.36 35.06 -25.52
CA HIS E 170 -40.55 34.67 -24.80
C HIS E 170 -41.08 33.33 -25.28
N LEU E 171 -41.23 32.38 -24.36
CA LEU E 171 -42.03 31.20 -24.60
C LEU E 171 -43.51 31.59 -24.43
N SER E 172 -44.21 31.70 -25.55
CA SER E 172 -45.59 32.17 -25.54
C SER E 172 -46.50 31.02 -25.93
N THR E 173 -46.99 30.30 -24.92
CA THR E 173 -48.09 29.37 -25.16
C THR E 173 -49.40 30.14 -25.20
N ALA E 174 -50.37 29.59 -25.92
CA ALA E 174 -51.62 30.29 -26.18
C ALA E 174 -52.73 29.26 -26.33
N SER E 175 -53.84 29.68 -26.93
CA SER E 175 -54.92 28.73 -27.25
C SER E 175 -54.47 27.72 -28.29
N GLY E 176 -53.50 28.05 -29.12
CA GLY E 176 -52.89 27.10 -30.02
C GLY E 176 -51.80 26.28 -29.34
N GLU E 177 -50.71 26.02 -30.06
CA GLU E 177 -49.63 25.24 -29.51
C GLU E 177 -48.71 26.12 -28.67
N LEU E 178 -47.69 25.49 -28.08
CA LEU E 178 -46.71 26.20 -27.27
C LEU E 178 -45.68 26.82 -28.21
N GLN E 179 -45.72 28.14 -28.36
CA GLN E 179 -44.93 28.83 -29.36
C GLN E 179 -43.90 29.74 -28.69
N VAL E 180 -42.94 30.18 -29.50
CA VAL E 180 -41.84 31.02 -29.05
C VAL E 180 -41.82 32.27 -29.91
N ASP E 181 -41.75 33.44 -29.27
CA ASP E 181 -41.60 34.70 -29.97
C ASP E 181 -40.69 35.60 -29.14
N ALA E 182 -40.62 36.88 -29.52
CA ALA E 182 -39.93 37.90 -28.75
C ALA E 182 -40.90 39.07 -28.59
N SER E 183 -41.85 38.94 -27.66
CA SER E 183 -42.82 40.01 -27.49
C SER E 183 -42.93 40.53 -26.07
N PHE E 184 -43.28 39.63 -25.13
CA PHE E 184 -43.92 40.05 -23.90
C PHE E 184 -43.07 39.83 -22.65
N MET E 185 -42.72 38.58 -22.35
CA MET E 185 -42.41 38.18 -20.98
C MET E 185 -41.10 37.40 -20.94
N GLN E 186 -40.59 37.26 -19.72
CA GLN E 186 -39.36 36.52 -19.49
C GLN E 186 -39.58 35.02 -19.67
N THR E 187 -38.49 34.31 -19.94
CA THR E 187 -38.49 32.86 -19.99
C THR E 187 -37.13 32.39 -19.52
N LEU E 188 -37.11 31.52 -18.51
CA LEU E 188 -35.86 31.04 -17.93
C LEU E 188 -35.23 30.05 -18.88
N TRP E 189 -34.28 30.53 -19.68
CA TRP E 189 -33.58 29.66 -20.60
C TRP E 189 -32.31 29.11 -19.97
N ASN E 190 -31.99 27.89 -20.33
CA ASN E 190 -30.95 27.12 -19.64
C ASN E 190 -30.02 26.53 -20.68
N MET E 191 -28.74 26.89 -20.59
CA MET E 191 -27.74 26.32 -21.47
C MET E 191 -27.38 24.91 -21.01
N ASN E 192 -27.16 24.03 -21.96
CA ASN E 192 -26.72 22.67 -21.67
C ASN E 192 -25.47 22.41 -22.49
N PRO E 193 -24.32 22.20 -21.84
CA PRO E 193 -23.07 22.00 -22.60
C PRO E 193 -23.06 20.65 -23.29
N ILE E 194 -23.66 20.59 -24.47
CA ILE E 194 -23.79 19.33 -25.17
C ILE E 194 -22.46 18.87 -25.74
N CYS E 195 -21.52 19.79 -25.93
CA CYS E 195 -20.18 19.48 -26.42
C CYS E 195 -19.27 20.65 -26.05
N SER E 196 -17.99 20.50 -26.37
CA SER E 196 -16.97 21.50 -26.08
C SER E 196 -15.80 21.27 -27.04
N CYS E 197 -14.64 21.84 -26.71
CA CYS E 197 -13.44 21.65 -27.51
C CYS E 197 -12.97 20.21 -27.36
N CYS E 198 -13.22 19.40 -28.38
CA CYS E 198 -12.94 17.97 -28.34
C CYS E 198 -11.49 17.70 -28.71
N GLU E 199 -11.17 16.43 -28.95
CA GLU E 199 -9.84 15.99 -29.34
C GLU E 199 -9.86 15.57 -30.81
N GLU E 200 -8.68 15.25 -31.31
CA GLU E 200 -8.48 14.90 -32.71
C GLU E 200 -8.23 13.40 -32.83
N GLY E 201 -9.00 12.74 -33.69
CA GLY E 201 -8.88 11.31 -33.85
C GLY E 201 -9.58 10.51 -32.78
N TYR E 202 -10.63 11.07 -32.18
CA TYR E 202 -11.37 10.39 -31.13
C TYR E 202 -12.86 10.59 -31.34
N VAL E 203 -13.62 9.55 -30.99
CA VAL E 203 -15.03 9.47 -31.35
C VAL E 203 -15.85 10.17 -30.26
N THR E 204 -16.63 11.17 -30.67
CA THR E 204 -17.65 11.75 -29.83
C THR E 204 -19.02 11.50 -30.46
N GLY E 205 -20.07 11.76 -29.68
CA GLY E 205 -21.41 11.43 -30.10
C GLY E 205 -21.95 12.35 -31.19
N GLY E 206 -23.12 11.98 -31.69
CA GLY E 206 -23.80 12.76 -32.70
C GLY E 206 -23.18 12.72 -34.08
N HIS E 207 -22.34 11.72 -34.36
CA HIS E 207 -21.61 11.70 -35.61
C HIS E 207 -22.33 10.88 -36.68
N VAL E 208 -22.10 11.28 -37.92
CA VAL E 208 -22.75 10.69 -39.09
C VAL E 208 -21.66 9.95 -39.86
N LEU E 209 -21.53 8.64 -39.61
CA LEU E 209 -20.37 7.90 -40.06
C LEU E 209 -20.78 6.54 -40.59
N ARG E 210 -19.79 5.82 -41.11
CA ARG E 210 -19.95 4.48 -41.62
C ARG E 210 -19.41 3.45 -40.62
N LEU E 211 -19.80 2.20 -40.83
CA LEU E 211 -19.44 1.10 -39.93
C LEU E 211 -18.68 0.07 -40.76
N PHE E 212 -17.37 0.22 -40.84
CA PHE E 212 -16.57 -0.60 -41.73
C PHE E 212 -16.40 -2.02 -41.20
N HIS E 213 -16.66 -2.99 -42.06
CA HIS E 213 -16.54 -4.39 -41.73
C HIS E 213 -15.31 -4.97 -42.43
N GLY E 214 -14.77 -6.04 -41.86
CA GLY E 214 -13.63 -6.69 -42.44
C GLY E 214 -12.34 -5.91 -42.23
N HIS E 215 -11.49 -5.88 -43.23
CA HIS E 215 -10.21 -5.20 -43.13
C HIS E 215 -10.07 -4.05 -44.12
N MET E 216 -10.29 -4.30 -45.41
CA MET E 216 -10.01 -3.31 -46.44
C MET E 216 -11.25 -2.54 -46.87
N ASP E 217 -12.25 -3.23 -47.42
CA ASP E 217 -13.39 -2.52 -47.99
C ASP E 217 -14.65 -3.38 -47.81
N GLU E 218 -15.35 -3.14 -46.72
CA GLU E 218 -16.69 -3.68 -46.49
C GLU E 218 -17.30 -2.85 -45.38
N CYS E 219 -18.60 -2.59 -45.46
CA CYS E 219 -19.24 -1.76 -44.46
C CYS E 219 -20.69 -2.16 -44.28
N LEU E 220 -21.30 -1.56 -43.26
CA LEU E 220 -22.69 -1.78 -42.95
C LEU E 220 -23.60 -0.99 -43.89
N THR E 221 -24.64 -1.64 -44.39
CA THR E 221 -25.61 -0.95 -45.22
C THR E 221 -26.98 -1.58 -45.03
N ILE E 222 -27.97 -0.96 -45.65
CA ILE E 222 -29.32 -1.49 -45.71
C ILE E 222 -29.71 -1.61 -47.18
N SER E 223 -30.94 -2.02 -47.46
CA SER E 223 -31.40 -2.13 -48.83
C SER E 223 -31.60 -0.75 -49.43
N ALA E 224 -31.64 -0.70 -50.76
CA ALA E 224 -31.84 0.55 -51.48
C ALA E 224 -33.32 0.92 -51.49
N ALA E 225 -33.62 2.04 -52.14
CA ALA E 225 -35.00 2.48 -52.29
C ALA E 225 -35.70 1.66 -53.36
N ASP E 226 -36.99 1.97 -53.56
CA ASP E 226 -37.90 1.26 -54.47
C ASP E 226 -37.94 -0.24 -54.15
N SER E 227 -38.02 -0.56 -52.87
CA SER E 227 -38.06 -1.93 -52.39
C SER E 227 -39.27 -2.12 -51.51
N ASP E 228 -39.94 -3.25 -51.67
CA ASP E 228 -41.17 -3.54 -50.93
C ASP E 228 -40.93 -4.02 -49.51
N ASP E 229 -39.67 -4.15 -49.10
CA ASP E 229 -39.35 -4.59 -47.74
C ASP E 229 -39.41 -3.48 -46.72
N GLN E 230 -39.82 -2.26 -47.13
CA GLN E 230 -39.82 -1.03 -46.34
C GLN E 230 -38.44 -0.67 -45.81
N ARG E 231 -37.39 -1.18 -46.47
CA ARG E 231 -35.99 -0.99 -46.12
C ARG E 231 -35.71 -1.35 -44.65
N ARG E 232 -36.32 -2.44 -44.22
CA ARG E 232 -36.19 -2.92 -42.85
C ARG E 232 -35.04 -3.89 -42.66
N LEU E 233 -34.27 -4.17 -43.71
CA LEU E 233 -33.30 -5.24 -43.70
C LEU E 233 -31.88 -4.69 -43.64
N VAL E 234 -31.00 -5.46 -43.00
CA VAL E 234 -29.64 -5.03 -42.67
C VAL E 234 -28.68 -5.84 -43.52
N TYR E 235 -27.68 -5.17 -44.10
CA TYR E 235 -26.80 -5.83 -45.06
C TYR E 235 -25.35 -5.46 -44.84
N TYR E 236 -24.48 -6.20 -45.52
CA TYR E 236 -23.07 -5.88 -45.70
C TYR E 236 -22.82 -5.61 -47.18
N GLU E 237 -21.86 -4.73 -47.45
CA GLU E 237 -21.49 -4.42 -48.82
C GLU E 237 -20.09 -3.82 -48.81
N GLY E 238 -19.34 -4.14 -49.86
CA GLY E 238 -17.98 -3.66 -50.01
C GLY E 238 -17.89 -2.25 -50.58
N GLY E 239 -17.06 -2.07 -51.59
CA GLY E 239 -16.71 -0.75 -52.07
C GLY E 239 -17.66 -0.11 -53.08
N ALA E 240 -18.97 -0.29 -52.90
CA ALA E 240 -19.96 0.38 -53.72
C ALA E 240 -20.77 1.38 -52.91
N VAL E 241 -21.41 0.93 -51.82
CA VAL E 241 -22.19 1.80 -50.95
C VAL E 241 -21.30 2.62 -50.03
N CYS E 242 -19.98 2.39 -50.06
CA CYS E 242 -19.04 3.12 -49.21
C CYS E 242 -18.94 4.60 -49.56
N THR E 243 -19.46 5.00 -50.72
CA THR E 243 -19.61 6.41 -51.07
C THR E 243 -21.07 6.81 -51.14
N HIS E 244 -21.96 6.05 -50.52
CA HIS E 244 -23.39 6.28 -50.65
C HIS E 244 -23.98 6.69 -49.31
N ALA E 245 -25.27 7.02 -49.34
CA ALA E 245 -25.97 7.53 -48.18
C ALA E 245 -26.53 6.45 -47.28
N ARG E 246 -26.67 5.22 -47.79
CA ARG E 246 -27.18 4.13 -46.96
C ARG E 246 -26.16 3.71 -45.91
N SER E 247 -24.88 3.92 -46.18
CA SER E 247 -23.81 3.52 -45.28
C SER E 247 -23.65 4.45 -44.09
N LEU E 248 -24.35 5.57 -44.06
CA LEU E 248 -24.17 6.55 -43.01
C LEU E 248 -25.12 6.27 -41.84
N TRP E 249 -24.60 6.45 -40.63
CA TRP E 249 -25.33 6.11 -39.42
C TRP E 249 -25.07 7.17 -38.36
N ARG E 250 -26.08 7.46 -37.56
CA ARG E 250 -25.99 8.46 -36.51
C ARG E 250 -25.93 7.78 -35.15
N LEU E 251 -24.93 8.16 -34.36
CA LEU E 251 -24.76 7.62 -33.00
C LEU E 251 -25.40 8.59 -32.02
N GLU E 252 -26.44 8.13 -31.34
CA GLU E 252 -27.18 8.96 -30.39
C GLU E 252 -27.10 8.36 -29.00
N PRO E 253 -26.30 8.91 -28.10
CA PRO E 253 -26.29 8.39 -26.72
C PRO E 253 -27.54 8.77 -25.97
N LEU E 254 -27.75 8.09 -24.85
CA LEU E 254 -28.95 8.25 -24.04
C LEU E 254 -28.88 9.44 -23.10
N ARG E 255 -27.80 10.20 -23.12
CA ARG E 255 -27.67 11.33 -22.21
C ARG E 255 -28.48 12.52 -22.73
N ILE E 256 -28.83 13.41 -21.81
CA ILE E 256 -29.50 14.65 -22.17
C ILE E 256 -28.50 15.74 -22.51
N SER E 257 -27.53 15.96 -21.64
CA SER E 257 -26.43 16.88 -21.88
C SER E 257 -25.14 16.09 -22.11
N TRP E 258 -24.16 16.80 -22.67
CA TRP E 258 -22.83 16.26 -23.00
C TRP E 258 -22.91 15.03 -23.90
N SER E 259 -23.85 15.05 -24.85
CA SER E 259 -23.93 13.93 -25.78
C SER E 259 -22.80 13.96 -26.78
N GLY E 260 -22.20 15.12 -27.01
CA GLY E 260 -21.04 15.23 -27.87
C GLY E 260 -19.74 15.11 -27.13
N SER E 261 -19.78 14.53 -25.93
CA SER E 261 -18.56 14.24 -25.19
C SER E 261 -17.91 12.98 -25.76
N HIS E 262 -16.70 12.69 -25.26
CA HIS E 262 -15.91 11.59 -25.79
C HIS E 262 -16.54 10.24 -25.43
N LEU E 263 -16.79 9.42 -26.44
CA LEU E 263 -17.44 8.14 -26.24
C LEU E 263 -16.45 7.12 -25.71
N ARG E 264 -16.92 6.25 -24.82
CA ARG E 264 -16.07 5.34 -24.08
C ARG E 264 -16.55 3.91 -24.26
N TRP E 265 -15.74 2.98 -23.75
CA TRP E 265 -16.14 1.58 -23.73
C TRP E 265 -17.15 1.34 -22.62
N GLY E 266 -18.06 0.41 -22.85
CA GLY E 266 -19.11 0.12 -21.90
C GLY E 266 -20.09 1.26 -21.78
N GLN E 267 -20.66 1.68 -22.90
CA GLN E 267 -21.50 2.86 -22.91
C GLN E 267 -22.72 2.64 -23.78
N PRO E 268 -23.91 2.56 -23.19
CA PRO E 268 -25.12 2.31 -23.97
C PRO E 268 -25.56 3.55 -24.74
N LEU E 269 -26.15 3.29 -25.91
CA LEU E 269 -26.53 4.37 -26.82
C LEU E 269 -27.56 3.85 -27.82
N ARG E 270 -28.06 4.76 -28.65
CA ARG E 270 -28.98 4.47 -29.73
C ARG E 270 -28.32 4.77 -31.07
N ILE E 271 -28.75 4.08 -32.11
CA ILE E 271 -28.20 4.23 -33.46
C ILE E 271 -29.33 4.59 -34.41
N ARG E 272 -29.19 5.73 -35.09
CA ARG E 272 -30.19 6.21 -36.04
C ARG E 272 -29.63 6.12 -37.45
N HIS E 273 -30.47 5.67 -38.39
CA HIS E 273 -30.12 5.80 -39.79
C HIS E 273 -30.40 7.22 -40.24
N VAL E 274 -29.56 7.72 -41.14
CA VAL E 274 -29.52 9.15 -41.41
C VAL E 274 -30.64 9.55 -42.36
N THR E 275 -30.59 9.03 -43.59
CA THR E 275 -31.51 9.49 -44.62
C THR E 275 -32.90 8.89 -44.43
N THR E 276 -32.97 7.63 -44.02
CA THR E 276 -34.27 7.02 -43.76
C THR E 276 -34.87 7.57 -42.48
N GLY E 277 -34.03 7.90 -41.51
CA GLY E 277 -34.52 8.45 -40.26
C GLY E 277 -35.13 7.42 -39.35
N ARG E 278 -34.49 6.25 -39.23
CA ARG E 278 -35.00 5.15 -38.45
C ARG E 278 -33.90 4.62 -37.54
N TYR E 279 -34.29 3.76 -36.62
CA TYR E 279 -33.38 3.20 -35.63
C TYR E 279 -33.20 1.70 -35.86
N LEU E 280 -32.19 1.14 -35.23
CA LEU E 280 -31.92 -0.29 -35.31
C LEU E 280 -32.31 -0.95 -33.99
N ALA E 281 -33.00 -2.08 -34.06
CA ALA E 281 -33.40 -2.79 -32.86
C ALA E 281 -33.68 -4.26 -33.17
N LEU E 282 -33.65 -5.06 -32.12
CA LEU E 282 -34.18 -6.42 -32.09
C LEU E 282 -35.33 -6.40 -31.09
N THR E 283 -36.56 -6.27 -31.57
CA THR E 283 -37.66 -5.93 -30.67
C THR E 283 -38.13 -7.13 -29.87
N GLU E 284 -38.79 -8.09 -30.51
CA GLU E 284 -39.06 -9.35 -29.84
C GLU E 284 -38.81 -10.56 -30.73
N ASP E 285 -39.28 -10.50 -31.97
CA ASP E 285 -39.26 -11.66 -32.86
C ASP E 285 -38.91 -11.35 -34.30
N GLN E 286 -38.92 -10.09 -34.72
CA GLN E 286 -38.81 -9.75 -36.13
C GLN E 286 -37.40 -9.91 -36.67
N GLY E 287 -36.41 -10.15 -35.83
CA GLY E 287 -35.05 -10.21 -36.28
C GLY E 287 -34.39 -8.85 -36.24
N LEU E 288 -33.25 -8.76 -36.92
CA LEU E 288 -32.49 -7.52 -36.94
C LEU E 288 -33.16 -6.58 -37.94
N VAL E 289 -34.14 -5.83 -37.44
CA VAL E 289 -34.95 -4.97 -38.27
C VAL E 289 -34.62 -3.51 -37.99
N VAL E 290 -35.10 -2.64 -38.86
CA VAL E 290 -34.78 -1.22 -38.79
C VAL E 290 -36.04 -0.54 -38.24
N VAL E 291 -36.05 -0.33 -36.93
CA VAL E 291 -37.27 0.13 -36.27
C VAL E 291 -37.43 1.64 -36.46
N ASP E 292 -38.67 2.11 -36.36
CA ASP E 292 -38.98 3.51 -36.58
C ASP E 292 -38.57 4.35 -35.37
N ALA E 293 -38.92 5.64 -35.40
CA ALA E 293 -38.60 6.56 -34.32
C ALA E 293 -39.68 6.62 -33.25
N CYS E 294 -40.55 5.61 -33.19
CA CYS E 294 -41.60 5.56 -32.17
C CYS E 294 -41.61 4.28 -31.37
N LYS E 295 -40.82 3.27 -31.73
CA LYS E 295 -40.77 1.99 -31.04
C LYS E 295 -39.33 1.65 -30.66
N ALA E 296 -38.63 2.61 -30.07
CA ALA E 296 -37.21 2.49 -29.72
C ALA E 296 -37.03 2.80 -28.24
N HIS E 297 -37.84 2.16 -27.40
CA HIS E 297 -37.99 2.54 -26.00
C HIS E 297 -36.89 2.00 -25.09
N THR E 298 -35.61 2.17 -25.48
CA THR E 298 -34.39 2.02 -24.68
C THR E 298 -34.12 0.57 -24.25
N LYS E 299 -35.08 -0.33 -24.45
CA LYS E 299 -34.94 -1.73 -24.12
C LYS E 299 -34.56 -2.56 -25.33
N ALA E 300 -35.29 -2.36 -26.44
CA ALA E 300 -35.00 -3.06 -27.68
C ALA E 300 -33.87 -2.41 -28.46
N THR E 301 -33.61 -1.12 -28.25
CA THR E 301 -32.54 -0.50 -29.01
C THR E 301 -31.17 -0.87 -28.42
N SER E 302 -30.89 -0.35 -27.22
CA SER E 302 -29.91 -0.84 -26.22
C SER E 302 -28.57 -1.29 -26.82
N PHE E 303 -27.86 -0.34 -27.41
CA PHE E 303 -26.64 -0.64 -28.15
C PHE E 303 -25.40 -0.12 -27.46
N CYS E 304 -24.36 -0.94 -27.46
CA CYS E 304 -23.09 -0.61 -26.82
C CYS E 304 -21.96 -1.33 -27.54
N PHE E 305 -20.74 -0.95 -27.18
CA PHE E 305 -19.53 -1.50 -27.79
C PHE E 305 -18.67 -2.16 -26.73
N ARG E 306 -18.09 -3.31 -27.08
CA ARG E 306 -17.27 -4.07 -26.16
C ARG E 306 -15.91 -4.34 -26.78
N VAL E 307 -14.91 -4.49 -25.92
CA VAL E 307 -13.56 -4.83 -26.37
C VAL E 307 -13.52 -6.29 -26.79
N SER E 308 -14.11 -7.17 -25.99
CA SER E 308 -14.12 -8.60 -26.26
C SER E 308 -15.45 -9.15 -25.74
N LYS E 309 -15.52 -10.46 -25.56
CA LYS E 309 -16.77 -11.11 -25.20
C LYS E 309 -16.66 -11.82 -23.86
N GLU E 310 -16.10 -11.12 -22.87
CA GLU E 310 -15.84 -11.69 -21.55
C GLU E 310 -17.07 -11.72 -20.66
N LYS E 311 -16.86 -11.88 -19.35
CA LYS E 311 -17.90 -12.16 -18.37
C LYS E 311 -18.37 -10.88 -17.66
N LEU E 312 -18.49 -9.81 -18.45
CA LEU E 312 -18.66 -8.42 -18.00
C LEU E 312 -19.77 -8.23 -16.95
N ASP E 313 -19.52 -7.32 -16.02
CA ASP E 313 -20.48 -7.00 -14.96
C ASP E 313 -21.34 -5.78 -15.29
N THR E 314 -20.83 -4.88 -16.13
CA THR E 314 -21.56 -3.71 -16.67
C THR E 314 -22.07 -2.79 -15.56
N ALA E 315 -21.14 -2.21 -14.83
CA ALA E 315 -21.46 -1.23 -13.80
C ALA E 315 -20.54 -0.02 -13.90
N PRO E 316 -20.35 0.51 -15.11
CA PRO E 316 -19.56 1.74 -15.29
C PRO E 316 -20.38 3.02 -15.40
N LYS E 317 -21.66 2.99 -15.03
CA LYS E 317 -22.59 4.10 -15.26
C LYS E 317 -22.29 5.24 -14.30
N ARG E 318 -21.29 6.06 -14.66
CA ARG E 318 -20.96 7.29 -13.95
C ARG E 318 -20.68 8.35 -15.00
N ASP E 319 -21.58 9.33 -15.11
CA ASP E 319 -21.46 10.35 -16.15
C ASP E 319 -20.32 11.32 -15.86
N VAL E 320 -19.84 11.96 -16.92
CA VAL E 320 -18.78 12.96 -16.83
C VAL E 320 -19.36 14.30 -17.25
N GLU E 321 -19.22 15.30 -16.39
CA GLU E 321 -19.69 16.65 -16.70
C GLU E 321 -18.62 17.48 -17.39
N GLY E 322 -17.65 16.84 -18.02
CA GLY E 322 -16.76 17.46 -18.97
C GLY E 322 -16.81 16.68 -20.26
N MET E 323 -15.77 16.77 -21.08
CA MET E 323 -15.73 16.03 -22.33
C MET E 323 -15.41 14.55 -22.13
N GLY E 324 -14.85 14.17 -20.99
CA GLY E 324 -14.52 12.79 -20.73
C GLY E 324 -13.21 12.37 -21.37
N PRO E 325 -12.71 11.20 -21.01
CA PRO E 325 -11.45 10.73 -21.57
C PRO E 325 -11.63 10.27 -23.01
N PRO E 326 -10.85 10.82 -23.93
CA PRO E 326 -10.94 10.37 -25.33
C PRO E 326 -10.30 9.00 -25.53
N GLU E 327 -11.13 8.00 -25.78
CA GLU E 327 -10.68 6.61 -25.85
C GLU E 327 -10.79 6.04 -27.27
N ILE E 328 -11.99 6.04 -27.82
CA ILE E 328 -12.27 5.31 -29.06
C ILE E 328 -11.82 6.16 -30.24
N LYS E 329 -10.98 5.57 -31.10
CA LYS E 329 -10.38 6.26 -32.22
C LYS E 329 -11.10 5.90 -33.52
N TYR E 330 -10.55 6.34 -34.64
CA TYR E 330 -11.13 6.11 -35.96
C TYR E 330 -10.25 5.13 -36.72
N GLY E 331 -10.87 4.07 -37.24
CA GLY E 331 -10.19 3.11 -38.10
C GLY E 331 -9.36 2.07 -37.40
N GLU E 332 -8.97 2.31 -36.15
CA GLU E 332 -8.13 1.37 -35.41
C GLU E 332 -8.76 0.93 -34.10
N SER E 333 -9.99 1.34 -33.82
CA SER E 333 -10.63 0.94 -32.57
C SER E 333 -11.01 -0.53 -32.58
N LEU E 334 -11.51 -1.02 -33.72
CA LEU E 334 -11.90 -2.42 -33.96
C LEU E 334 -12.94 -2.88 -32.94
N CYS E 335 -14.04 -2.14 -32.89
CA CYS E 335 -15.03 -2.32 -31.85
C CYS E 335 -15.86 -3.59 -32.09
N PHE E 336 -16.67 -3.91 -31.09
CA PHE E 336 -17.57 -5.06 -31.18
C PHE E 336 -18.89 -4.69 -30.54
N VAL E 337 -19.95 -4.69 -31.34
CA VAL E 337 -21.27 -4.30 -30.86
C VAL E 337 -21.83 -5.41 -30.00
N GLN E 338 -22.24 -5.07 -28.78
CA GLN E 338 -23.06 -5.97 -27.99
C GLN E 338 -24.31 -5.24 -27.58
N HIS E 339 -25.46 -5.87 -27.81
CA HIS E 339 -26.72 -5.34 -27.33
C HIS E 339 -26.75 -5.38 -25.81
N VAL E 340 -27.33 -4.34 -25.20
CA VAL E 340 -27.25 -4.20 -23.75
C VAL E 340 -28.17 -5.18 -23.05
N ALA E 341 -29.44 -5.21 -23.45
CA ALA E 341 -30.43 -6.04 -22.75
C ALA E 341 -30.25 -7.51 -23.06
N SER E 342 -30.26 -7.88 -24.34
CA SER E 342 -30.16 -9.28 -24.74
C SER E 342 -28.76 -9.84 -24.58
N GLY E 343 -27.73 -8.99 -24.55
CA GLY E 343 -26.37 -9.47 -24.45
C GLY E 343 -25.80 -10.09 -25.71
N LEU E 344 -26.49 -9.94 -26.84
CA LEU E 344 -26.08 -10.59 -28.07
C LEU E 344 -25.02 -9.78 -28.79
N TRP E 345 -24.18 -10.46 -29.55
CA TRP E 345 -23.15 -9.82 -30.35
C TRP E 345 -23.53 -9.85 -31.82
N LEU E 346 -23.06 -8.84 -32.54
CA LEU E 346 -23.45 -8.62 -33.93
C LEU E 346 -22.46 -9.32 -34.84
N THR E 347 -22.98 -10.17 -35.73
CA THR E 347 -22.18 -10.81 -36.75
C THR E 347 -23.08 -11.15 -37.94
N TYR E 348 -22.46 -11.56 -39.03
CA TYR E 348 -23.21 -11.97 -40.20
C TYR E 348 -23.83 -13.35 -39.99
N ALA E 349 -24.79 -13.68 -40.84
CA ALA E 349 -25.39 -15.01 -40.90
C ALA E 349 -24.87 -15.82 -42.06
N ALA E 350 -24.89 -15.24 -43.28
CA ALA E 350 -24.45 -15.79 -44.55
C ALA E 350 -25.14 -17.12 -44.87
N PRO E 351 -26.44 -17.23 -44.68
CA PRO E 351 -27.17 -18.40 -45.21
C PRO E 351 -27.38 -18.22 -46.71
N ASP E 352 -26.60 -18.95 -47.50
CA ASP E 352 -26.56 -18.69 -48.92
C ASP E 352 -26.89 -19.93 -49.72
N PRO E 353 -27.76 -19.82 -50.73
CA PRO E 353 -27.99 -20.95 -51.64
C PRO E 353 -26.93 -21.00 -52.73
N LYS E 354 -27.08 -21.92 -53.68
CA LYS E 354 -26.13 -22.01 -54.78
C LYS E 354 -26.27 -20.83 -55.73
N ALA E 355 -27.49 -20.55 -56.17
CA ALA E 355 -27.71 -19.42 -57.07
C ALA E 355 -27.63 -18.09 -56.34
N LEU E 356 -27.94 -18.08 -55.04
CA LEU E 356 -27.84 -16.85 -54.26
C LEU E 356 -26.39 -16.46 -54.02
N ARG E 357 -25.49 -17.44 -53.94
CA ARG E 357 -24.07 -17.12 -53.79
C ARG E 357 -23.50 -16.54 -55.08
N LEU E 358 -23.94 -17.05 -56.22
CA LEU E 358 -23.52 -16.53 -57.51
C LEU E 358 -24.41 -15.39 -58.00
N GLY E 359 -25.45 -15.03 -57.24
CA GLY E 359 -26.34 -13.96 -57.64
C GLY E 359 -26.09 -12.67 -56.89
N VAL E 360 -26.95 -12.37 -55.92
CA VAL E 360 -26.81 -11.15 -55.14
C VAL E 360 -25.65 -11.30 -54.16
N LEU E 361 -24.69 -10.37 -54.22
CA LEU E 361 -23.55 -10.38 -53.31
C LEU E 361 -23.93 -9.62 -52.04
N LYS E 362 -24.84 -10.23 -51.29
CA LYS E 362 -25.41 -9.62 -50.10
C LYS E 362 -25.35 -10.61 -48.94
N LYS E 363 -25.03 -10.10 -47.77
CA LYS E 363 -25.11 -10.87 -46.54
C LYS E 363 -26.03 -10.14 -45.58
N LYS E 364 -26.41 -10.81 -44.50
CA LYS E 364 -27.26 -10.19 -43.48
C LYS E 364 -26.62 -10.37 -42.12
N ALA E 365 -26.50 -9.27 -41.38
CA ALA E 365 -26.03 -9.33 -40.01
C ALA E 365 -27.12 -9.87 -39.09
N ILE E 366 -26.70 -10.52 -38.01
CA ILE E 366 -27.60 -11.01 -36.98
C ILE E 366 -27.01 -10.70 -35.62
N LEU E 367 -27.88 -10.69 -34.61
CA LEU E 367 -27.44 -10.60 -33.22
C LEU E 367 -27.32 -12.02 -32.69
N HIS E 368 -26.12 -12.55 -32.76
CA HIS E 368 -25.87 -13.95 -32.44
C HIS E 368 -25.25 -14.07 -31.05
N GLN E 369 -25.50 -15.21 -30.41
CA GLN E 369 -25.03 -15.44 -29.05
C GLN E 369 -23.51 -15.56 -28.97
N GLU E 370 -22.86 -15.95 -30.06
CA GLU E 370 -21.43 -16.17 -30.06
C GLU E 370 -20.70 -15.24 -31.00
N GLY E 371 -21.12 -15.16 -32.25
CA GLY E 371 -20.45 -14.36 -33.25
C GLY E 371 -19.37 -15.13 -33.98
N HIS E 372 -19.03 -14.61 -35.16
CA HIS E 372 -17.90 -15.14 -35.92
C HIS E 372 -16.62 -14.50 -35.41
N MET E 373 -15.48 -14.87 -36.00
CA MET E 373 -14.19 -14.38 -35.55
C MET E 373 -13.68 -13.22 -36.39
N ASP E 374 -14.51 -12.66 -37.26
CA ASP E 374 -14.07 -11.64 -38.21
C ASP E 374 -15.08 -10.49 -38.27
N ASP E 375 -15.48 -9.97 -37.11
CA ASP E 375 -16.32 -8.78 -37.10
C ASP E 375 -15.49 -7.55 -37.43
N ALA E 376 -14.52 -7.22 -36.56
CA ALA E 376 -13.49 -6.20 -36.78
C ALA E 376 -14.08 -4.83 -37.11
N LEU E 377 -15.05 -4.41 -36.30
CA LEU E 377 -15.85 -3.24 -36.63
C LEU E 377 -15.10 -1.97 -36.22
N PHE E 378 -14.20 -1.54 -37.10
CA PHE E 378 -13.54 -0.25 -36.96
C PHE E 378 -14.36 0.81 -37.68
N LEU E 379 -14.27 2.04 -37.18
CA LEU E 379 -15.17 3.11 -37.60
C LEU E 379 -14.40 4.25 -38.25
N THR E 380 -15.08 4.98 -39.11
CA THR E 380 -14.49 6.13 -39.80
C THR E 380 -15.56 7.17 -40.06
N ARG E 381 -15.30 8.39 -39.62
CA ARG E 381 -16.20 9.52 -39.82
C ARG E 381 -15.78 10.31 -41.05
N CYS E 382 -16.76 10.71 -41.87
CA CYS E 382 -16.50 11.49 -43.08
C CYS E 382 -16.96 12.92 -42.81
N GLN E 383 -16.05 13.72 -42.25
CA GLN E 383 -16.36 15.08 -41.79
C GLN E 383 -16.41 16.01 -42.99
N GLN E 384 -17.58 16.14 -43.61
CA GLN E 384 -17.76 17.07 -44.72
C GLN E 384 -19.23 17.41 -44.87
N GLU E 385 -19.56 18.11 -45.95
CA GLU E 385 -20.92 18.54 -46.24
C GLU E 385 -21.82 17.36 -46.62
N GLU E 386 -21.23 16.23 -47.01
CA GLU E 386 -21.99 15.01 -47.26
C GLU E 386 -22.74 14.56 -46.02
N SER E 387 -22.16 14.77 -44.84
CA SER E 387 -22.89 14.60 -43.59
C SER E 387 -24.07 15.57 -43.51
N GLN E 388 -23.85 16.83 -43.89
CA GLN E 388 -24.91 17.82 -43.82
C GLN E 388 -25.95 17.57 -44.91
N ALA E 389 -25.51 17.15 -46.10
CA ALA E 389 -26.43 16.96 -47.21
C ALA E 389 -27.32 15.74 -47.04
N ALA E 390 -26.88 14.75 -46.28
CA ALA E 390 -27.70 13.55 -46.09
C ALA E 390 -28.89 13.83 -45.20
N ARG E 391 -28.70 14.70 -44.19
CA ARG E 391 -29.81 15.11 -43.34
C ARG E 391 -30.80 15.98 -44.11
N MET E 392 -30.32 16.70 -45.13
CA MET E 392 -31.21 17.45 -46.01
C MET E 392 -32.16 16.55 -46.76
N ILE E 393 -31.70 15.34 -47.11
CA ILE E 393 -32.50 14.42 -47.91
C ILE E 393 -33.67 13.88 -47.08
N HIS E 394 -33.45 13.63 -45.80
CA HIS E 394 -34.52 13.17 -44.93
C HIS E 394 -35.57 14.26 -44.73
N SER E 395 -35.15 15.52 -44.73
CA SER E 395 -36.09 16.62 -44.70
C SER E 395 -36.64 16.97 -46.07
N THR E 396 -36.02 16.44 -47.14
CA THR E 396 -36.46 16.77 -48.50
C THR E 396 -37.78 16.09 -48.81
N ALA E 397 -37.79 14.75 -48.82
CA ALA E 397 -39.00 14.00 -49.14
C ALA E 397 -39.99 13.99 -47.99
N GLY E 398 -39.54 14.31 -46.76
CA GLY E 398 -40.46 14.37 -45.64
C GLY E 398 -41.48 15.48 -45.77
N LEU E 399 -41.10 16.59 -46.41
CA LEU E 399 -42.07 17.61 -46.77
C LEU E 399 -42.89 17.17 -47.97
N TYR E 400 -42.34 16.29 -48.81
CA TYR E 400 -42.97 16.03 -50.10
C TYR E 400 -44.04 14.96 -49.99
N ASN E 401 -43.72 13.84 -49.33
CA ASN E 401 -44.63 12.71 -49.29
C ASN E 401 -45.88 13.00 -48.47
N GLN E 402 -45.77 13.90 -47.48
CA GLN E 402 -46.95 14.37 -46.78
C GLN E 402 -47.77 15.34 -47.61
N PHE E 403 -47.19 15.88 -48.68
CA PHE E 403 -47.89 16.76 -49.60
C PHE E 403 -48.41 16.04 -50.83
N ILE E 404 -47.75 14.94 -51.23
CA ILE E 404 -48.23 14.12 -52.34
C ILE E 404 -49.58 13.50 -52.00
N LYS E 405 -49.77 13.10 -50.75
CA LYS E 405 -51.04 12.51 -50.33
C LYS E 405 -52.18 13.51 -50.34
N GLY E 406 -51.88 14.80 -50.20
CA GLY E 406 -52.92 15.81 -50.21
C GLY E 406 -53.51 16.05 -51.58
N LEU E 407 -52.74 15.80 -52.65
CA LEU E 407 -53.26 15.96 -54.00
C LEU E 407 -54.28 14.88 -54.33
N ASP E 408 -54.13 13.69 -53.77
CA ASP E 408 -55.08 12.63 -54.01
C ASP E 408 -56.36 12.80 -53.20
N SER E 409 -56.41 13.75 -52.28
CA SER E 409 -57.64 14.06 -51.56
C SER E 409 -58.65 14.77 -52.45
N PHE E 410 -58.21 15.34 -53.57
CA PHE E 410 -59.11 16.01 -54.50
C PHE E 410 -58.78 15.65 -55.95
N SER E 411 -58.00 14.59 -56.17
CA SER E 411 -57.59 14.22 -57.51
C SER E 411 -58.77 13.69 -58.32
N GLY E 412 -59.40 12.62 -57.84
CA GLY E 412 -60.59 12.10 -58.47
C GLY E 412 -61.88 12.67 -57.94
N LYS E 413 -61.82 13.74 -57.15
CA LYS E 413 -62.99 14.31 -56.53
C LYS E 413 -63.24 15.71 -57.06
N PRO E 414 -64.46 16.01 -57.52
CA PRO E 414 -64.79 17.40 -57.86
C PRO E 414 -64.91 18.25 -56.61
N ARG E 415 -64.95 19.56 -56.83
CA ARG E 415 -65.02 20.54 -55.76
C ARG E 415 -66.47 20.92 -55.55
N GLY E 416 -67.05 20.47 -54.44
CA GLY E 416 -68.38 20.92 -54.08
C GLY E 416 -68.36 22.37 -53.60
N SER E 417 -69.49 23.03 -53.77
CA SER E 417 -69.62 24.43 -53.38
C SER E 417 -69.58 24.55 -51.86
N GLY E 418 -68.53 25.18 -51.34
CA GLY E 418 -68.33 25.27 -49.92
C GLY E 418 -66.94 24.81 -49.52
N PRO E 419 -66.86 23.73 -48.77
CA PRO E 419 -65.55 23.13 -48.44
C PRO E 419 -64.91 22.54 -49.68
N PRO E 420 -63.71 22.98 -50.04
CA PRO E 420 -63.08 22.47 -51.27
C PRO E 420 -62.52 21.06 -51.13
N ALA E 421 -61.94 20.73 -49.97
CA ALA E 421 -61.27 19.45 -49.78
C ALA E 421 -61.26 19.14 -48.28
N GLY E 422 -60.40 18.20 -47.88
CA GLY E 422 -60.29 17.82 -46.50
C GLY E 422 -59.14 18.53 -45.80
N PRO E 423 -58.03 17.83 -45.59
CA PRO E 423 -56.87 18.47 -44.96
C PRO E 423 -56.22 19.49 -45.89
N ALA E 424 -55.54 20.45 -45.27
CA ALA E 424 -54.94 21.54 -46.01
C ALA E 424 -53.64 21.09 -46.69
N LEU E 425 -53.10 21.99 -47.52
CA LEU E 425 -51.91 21.70 -48.29
C LEU E 425 -50.77 22.61 -47.86
N PRO E 426 -49.61 22.05 -47.51
CA PRO E 426 -48.41 22.89 -47.30
C PRO E 426 -47.94 23.44 -48.64
N ILE E 427 -47.93 24.78 -48.76
CA ILE E 427 -47.66 25.42 -50.04
C ILE E 427 -46.43 26.30 -49.94
N GLU E 428 -46.46 27.28 -49.03
CA GLU E 428 -45.45 28.33 -49.00
C GLU E 428 -44.09 27.80 -48.57
N ALA E 429 -44.07 26.90 -47.58
CA ALA E 429 -42.82 26.31 -47.13
C ALA E 429 -42.22 25.40 -48.20
N VAL E 430 -43.08 24.78 -49.02
CA VAL E 430 -42.60 24.02 -50.16
C VAL E 430 -41.96 24.95 -51.18
N ILE E 431 -42.58 26.11 -51.41
CA ILE E 431 -42.00 27.13 -52.28
C ILE E 431 -40.68 27.64 -51.72
N LEU E 432 -40.61 27.79 -50.39
CA LEU E 432 -39.35 28.10 -49.74
C LEU E 432 -38.35 26.97 -49.92
N SER E 433 -38.82 25.72 -49.87
CA SER E 433 -37.92 24.58 -49.92
C SER E 433 -37.33 24.39 -51.31
N LEU E 434 -38.13 24.60 -52.35
CA LEU E 434 -37.63 24.46 -53.71
C LEU E 434 -36.63 25.54 -54.06
N GLN E 435 -36.87 26.76 -53.60
CA GLN E 435 -35.94 27.86 -53.86
C GLN E 435 -34.63 27.70 -53.11
N ASP E 436 -34.62 26.93 -52.02
CA ASP E 436 -33.37 26.65 -51.32
C ASP E 436 -32.46 25.77 -52.16
N LEU E 437 -33.03 24.80 -52.87
CA LEU E 437 -32.23 23.87 -53.64
C LEU E 437 -31.75 24.45 -54.96
N ILE E 438 -32.34 25.56 -55.40
CA ILE E 438 -31.92 26.17 -56.66
C ILE E 438 -30.52 26.76 -56.53
N GLY E 439 -30.32 27.64 -55.54
CA GLY E 439 -29.00 28.14 -55.26
C GLY E 439 -28.07 27.09 -54.67
N TYR E 440 -28.63 26.03 -54.09
CA TYR E 440 -27.79 24.95 -53.56
C TYR E 440 -27.12 24.18 -54.68
N PHE E 441 -27.82 23.98 -55.78
CA PHE E 441 -27.26 23.35 -56.97
C PHE E 441 -26.89 24.37 -58.03
N GLU E 442 -26.53 25.57 -57.63
CA GLU E 442 -26.14 26.59 -58.58
C GLU E 442 -24.74 26.29 -59.11
N PRO E 443 -24.52 26.35 -60.42
CA PRO E 443 -23.17 26.17 -60.96
C PRO E 443 -22.28 27.34 -60.58
N PRO E 444 -20.95 27.14 -60.56
CA PRO E 444 -20.05 28.23 -60.18
C PRO E 444 -19.96 29.29 -61.27
N SER E 445 -19.30 30.39 -60.91
CA SER E 445 -19.23 31.56 -61.78
C SER E 445 -18.30 31.32 -62.96
N GLU E 446 -18.60 32.00 -64.06
CA GLU E 446 -17.68 32.00 -65.20
C GLU E 446 -16.49 32.90 -64.95
N GLU E 447 -16.64 33.91 -64.10
CA GLU E 447 -15.55 34.77 -63.69
C GLU E 447 -14.73 34.19 -62.55
N LEU E 448 -15.09 32.99 -62.09
CA LEU E 448 -14.33 32.33 -61.02
C LEU E 448 -12.98 31.87 -61.55
N GLN E 449 -12.01 31.79 -60.64
CA GLN E 449 -10.70 31.21 -60.95
C GLN E 449 -10.84 29.76 -61.37
N HIS E 450 -10.05 29.37 -62.39
CA HIS E 450 -10.10 28.02 -62.93
C HIS E 450 -9.68 26.99 -61.91
N GLU E 451 -8.78 27.35 -60.99
CA GLU E 451 -8.44 26.46 -59.89
C GLU E 451 -9.64 26.24 -58.97
N GLU E 452 -10.31 27.33 -58.60
CA GLU E 452 -11.48 27.23 -57.74
C GLU E 452 -12.66 26.61 -58.48
N LYS E 453 -12.68 26.75 -59.81
CA LYS E 453 -13.80 26.25 -60.60
C LYS E 453 -13.84 24.73 -60.60
N GLN E 454 -12.70 24.08 -60.78
CA GLN E 454 -12.66 22.63 -60.85
C GLN E 454 -12.96 21.99 -59.50
N SER E 455 -12.70 22.71 -58.41
CA SER E 455 -13.04 22.22 -57.08
C SER E 455 -14.56 22.19 -56.89
N LYS E 456 -15.25 23.21 -57.40
CA LYS E 456 -16.70 23.26 -57.27
C LYS E 456 -17.38 22.25 -58.16
N LEU E 457 -16.76 21.89 -59.28
CA LEU E 457 -17.34 20.89 -60.18
C LEU E 457 -17.35 19.52 -59.54
N ARG E 458 -16.28 19.17 -58.83
CA ARG E 458 -16.30 17.96 -58.02
C ARG E 458 -17.26 18.11 -56.85
N SER E 459 -17.35 19.31 -56.29
CA SER E 459 -18.21 19.56 -55.14
C SER E 459 -19.68 19.53 -55.51
N LEU E 460 -20.03 19.72 -56.78
CA LEU E 460 -21.41 19.75 -57.22
C LEU E 460 -21.87 18.42 -57.77
N ARG E 461 -21.04 17.75 -58.58
CA ARG E 461 -21.43 16.45 -59.12
C ARG E 461 -21.45 15.38 -58.04
N ASN E 462 -20.66 15.55 -56.98
CA ASN E 462 -20.83 14.71 -55.81
C ASN E 462 -22.19 14.95 -55.18
N ARG E 463 -22.61 16.21 -55.11
CA ARG E 463 -23.95 16.52 -54.61
C ARG E 463 -25.02 16.09 -55.61
N GLN E 464 -24.69 16.09 -56.91
CA GLN E 464 -25.62 15.52 -57.87
C GLN E 464 -25.68 13.99 -57.76
N SER E 465 -24.58 13.36 -57.34
CA SER E 465 -24.54 11.91 -57.27
C SER E 465 -25.40 11.36 -56.14
N LEU E 466 -25.46 12.07 -55.02
CA LEU E 466 -26.14 11.57 -53.84
C LEU E 466 -27.66 11.59 -53.99
N PHE E 467 -28.18 12.39 -54.91
CA PHE E 467 -29.61 12.41 -55.20
C PHE E 467 -29.98 11.44 -56.31
N GLN E 468 -29.11 10.45 -56.58
CA GLN E 468 -29.51 9.23 -57.24
C GLN E 468 -29.58 8.05 -56.29
N GLU E 469 -28.89 8.12 -55.15
CA GLU E 469 -28.82 6.99 -54.24
C GLU E 469 -30.10 6.82 -53.44
N GLU E 470 -30.76 7.93 -53.08
CA GLU E 470 -32.06 7.89 -52.47
C GLU E 470 -33.18 7.99 -53.50
N GLY E 471 -32.85 7.76 -54.76
CA GLY E 471 -33.78 7.87 -55.85
C GLY E 471 -33.93 9.32 -56.24
N MET E 472 -34.75 10.06 -55.48
CA MET E 472 -34.85 11.53 -55.47
C MET E 472 -35.23 12.15 -56.80
N LEU E 473 -35.55 11.37 -57.82
CA LEU E 473 -35.80 11.87 -59.17
C LEU E 473 -37.22 11.58 -59.63
N SER E 474 -37.64 10.31 -59.55
CA SER E 474 -39.03 9.98 -59.80
C SER E 474 -39.93 10.57 -58.71
N LEU E 475 -39.39 10.72 -57.50
CA LEU E 475 -40.11 11.41 -56.44
C LEU E 475 -40.39 12.87 -56.82
N VAL E 476 -39.44 13.49 -57.52
CA VAL E 476 -39.74 14.77 -58.15
C VAL E 476 -40.73 14.57 -59.29
N LEU E 477 -40.56 13.51 -60.08
CA LEU E 477 -41.43 13.27 -61.22
C LEU E 477 -42.84 12.88 -60.80
N ASN E 478 -42.99 12.16 -59.68
CA ASN E 478 -44.34 11.82 -59.22
C ASN E 478 -45.07 13.05 -58.68
N CYS E 479 -44.33 14.04 -58.20
CA CYS E 479 -44.94 15.35 -57.95
C CYS E 479 -45.33 16.00 -59.27
N ILE E 480 -44.51 15.83 -60.30
CA ILE E 480 -44.86 16.34 -61.62
C ILE E 480 -45.98 15.51 -62.23
N ASP E 481 -46.00 14.20 -61.94
CA ASP E 481 -47.07 13.32 -62.43
C ASP E 481 -48.43 13.74 -61.91
N ARG E 482 -48.53 14.04 -60.63
CA ARG E 482 -49.78 14.49 -60.05
C ARG E 482 -50.05 15.97 -60.29
N LEU E 483 -49.09 16.68 -60.87
CA LEU E 483 -49.30 18.04 -61.36
C LEU E 483 -49.29 18.11 -62.88
N ASN E 484 -49.42 16.97 -63.56
CA ASN E 484 -49.29 16.99 -65.02
C ASN E 484 -50.62 17.27 -65.70
N VAL E 485 -51.67 16.58 -65.30
CA VAL E 485 -52.93 16.60 -66.05
C VAL E 485 -53.69 17.81 -65.55
N TYR E 486 -53.32 18.97 -66.08
CA TYR E 486 -53.90 20.26 -65.69
C TYR E 486 -53.82 21.16 -66.93
N THR E 487 -54.96 21.34 -67.59
CA THR E 487 -54.96 22.07 -68.86
C THR E 487 -54.80 23.56 -68.63
N THR E 488 -55.76 24.18 -67.94
CA THR E 488 -55.66 25.58 -67.57
C THR E 488 -55.27 25.76 -66.11
N ALA E 489 -55.88 24.97 -65.22
CA ALA E 489 -55.58 24.92 -63.78
C ALA E 489 -55.74 26.30 -63.13
N ALA E 490 -56.76 27.03 -63.55
CA ALA E 490 -57.19 28.24 -62.87
C ALA E 490 -58.48 27.98 -62.10
N HIS E 491 -59.51 27.51 -62.79
CA HIS E 491 -60.61 26.83 -62.13
C HIS E 491 -60.41 25.33 -62.09
N PHE E 492 -59.55 24.80 -62.94
CA PHE E 492 -59.25 23.38 -62.94
C PHE E 492 -58.24 23.01 -61.85
N ALA E 493 -57.61 23.99 -61.22
CA ALA E 493 -56.90 23.77 -59.97
C ALA E 493 -57.69 24.28 -58.79
N GLU E 494 -58.94 24.68 -59.00
CA GLU E 494 -59.84 25.02 -57.90
C GLU E 494 -60.66 23.80 -57.46
N TYR E 495 -59.97 22.68 -57.28
CA TYR E 495 -60.51 21.53 -56.58
C TYR E 495 -59.94 21.41 -55.18
N ALA E 496 -58.74 21.94 -54.97
CA ALA E 496 -58.32 22.37 -53.65
C ALA E 496 -58.89 23.73 -53.29
N GLY E 497 -59.54 24.40 -54.22
CA GLY E 497 -60.23 25.65 -53.95
C GLY E 497 -59.42 26.87 -54.35
N GLU E 498 -59.86 28.00 -53.79
CA GLU E 498 -59.17 29.26 -54.01
C GLU E 498 -57.84 29.27 -53.27
N GLU E 499 -56.95 30.18 -53.71
CA GLU E 499 -55.61 30.45 -53.23
C GLU E 499 -54.61 29.32 -53.47
N ALA E 500 -55.05 28.19 -54.02
CA ALA E 500 -54.15 27.13 -54.44
C ALA E 500 -53.85 27.17 -55.93
N ALA E 501 -54.83 27.56 -56.74
CA ALA E 501 -54.60 27.81 -58.15
C ALA E 501 -53.78 29.07 -58.38
N GLU E 502 -53.79 30.00 -57.42
CA GLU E 502 -53.01 31.22 -57.54
C GLU E 502 -51.51 30.93 -57.46
N SER E 503 -51.13 30.01 -56.57
CA SER E 503 -49.75 29.62 -56.42
C SER E 503 -49.38 28.42 -57.28
N TRP E 504 -50.28 27.97 -58.15
CA TRP E 504 -50.08 26.75 -58.91
C TRP E 504 -48.96 26.92 -59.94
N LYS E 505 -49.12 27.89 -60.85
CA LYS E 505 -48.19 28.10 -61.95
C LYS E 505 -46.79 28.46 -61.46
N GLU E 506 -46.73 29.17 -60.33
CA GLU E 506 -45.45 29.55 -59.73
C GLU E 506 -44.63 28.32 -59.32
N ILE E 507 -45.32 27.30 -58.82
CA ILE E 507 -44.63 26.05 -58.46
C ILE E 507 -44.13 25.35 -59.71
N VAL E 508 -44.92 25.35 -60.78
CA VAL E 508 -44.59 24.66 -62.02
C VAL E 508 -43.35 25.27 -62.67
N ASN E 509 -43.15 26.57 -62.52
CA ASN E 509 -41.90 27.19 -62.92
C ASN E 509 -40.73 26.65 -62.10
N LEU E 510 -40.95 26.45 -60.80
CA LEU E 510 -39.88 26.01 -59.92
C LEU E 510 -39.56 24.52 -60.08
N LEU E 511 -40.46 23.74 -60.66
CA LEU E 511 -40.26 22.30 -60.78
C LEU E 511 -39.14 22.00 -61.76
N TYR E 512 -39.31 22.43 -63.01
CA TYR E 512 -38.33 22.14 -64.04
C TYR E 512 -37.05 22.94 -63.85
N GLU E 513 -37.15 24.09 -63.17
CA GLU E 513 -35.97 24.84 -62.80
C GLU E 513 -35.10 24.06 -61.82
N LEU E 514 -35.73 23.46 -60.82
CA LEU E 514 -34.99 22.61 -59.90
C LEU E 514 -34.59 21.31 -60.57
N LEU E 515 -35.35 20.86 -61.56
CA LEU E 515 -35.04 19.61 -62.24
C LEU E 515 -33.79 19.74 -63.10
N ALA E 516 -33.67 20.85 -63.84
CA ALA E 516 -32.53 21.05 -64.72
C ALA E 516 -31.23 21.27 -63.96
N SER E 517 -31.31 21.73 -62.72
CA SER E 517 -30.11 21.95 -61.91
C SER E 517 -29.42 20.64 -61.54
N LEU E 518 -30.16 19.53 -61.52
CA LEU E 518 -29.61 18.24 -61.16
C LEU E 518 -29.01 17.50 -62.35
N ILE E 519 -28.92 18.14 -63.50
CA ILE E 519 -28.63 17.47 -64.76
C ILE E 519 -27.32 17.93 -65.36
N ARG E 520 -27.11 19.25 -65.43
CA ARG E 520 -25.99 19.81 -66.17
C ARG E 520 -24.66 19.51 -65.48
N GLY E 521 -23.64 19.23 -66.30
CA GLY E 521 -22.34 18.84 -65.82
C GLY E 521 -22.13 17.34 -65.75
N ASN E 522 -23.20 16.59 -65.54
CA ASN E 522 -23.11 15.14 -65.37
C ASN E 522 -23.64 14.42 -66.62
N ARG E 523 -23.06 13.27 -66.89
CA ARG E 523 -23.59 12.32 -67.86
C ARG E 523 -24.43 11.24 -67.20
N ALA E 524 -24.16 10.91 -65.95
CA ALA E 524 -24.85 9.80 -65.29
C ALA E 524 -26.30 10.15 -64.98
N ASN E 525 -26.63 11.43 -64.87
CA ASN E 525 -28.04 11.81 -64.74
C ASN E 525 -28.77 11.64 -66.06
N CYS E 526 -28.09 11.89 -67.18
CA CYS E 526 -28.77 12.01 -68.47
C CYS E 526 -29.18 10.64 -69.03
N ALA E 527 -28.42 9.58 -68.70
CA ALA E 527 -28.74 8.26 -69.20
C ALA E 527 -29.97 7.67 -68.54
N LEU E 528 -30.37 8.19 -67.38
CA LEU E 528 -31.53 7.70 -66.65
C LEU E 528 -32.85 8.14 -67.25
N PHE E 529 -32.84 9.03 -68.25
CA PHE E 529 -34.06 9.53 -68.86
C PHE E 529 -34.35 8.87 -70.19
N SER E 530 -33.65 7.79 -70.52
CA SER E 530 -33.90 7.09 -71.77
C SER E 530 -35.25 6.38 -71.76
N THR E 531 -35.71 5.96 -70.58
CA THR E 531 -37.02 5.33 -70.49
C THR E 531 -38.13 6.38 -70.53
N ASN E 532 -37.95 7.50 -69.82
CA ASN E 532 -38.95 8.54 -69.74
C ASN E 532 -38.73 9.66 -70.75
N LEU E 533 -38.00 9.38 -71.84
CA LEU E 533 -37.79 10.38 -72.88
C LEU E 533 -39.08 10.72 -73.59
N ASP E 534 -39.85 9.69 -73.96
CA ASP E 534 -41.11 9.92 -74.65
C ASP E 534 -42.17 10.52 -73.74
N TRP E 535 -42.00 10.43 -72.42
CA TRP E 535 -42.96 11.04 -71.51
C TRP E 535 -42.84 12.56 -71.49
N VAL E 536 -41.60 13.07 -71.51
CA VAL E 536 -41.38 14.48 -71.17
C VAL E 536 -41.83 15.39 -72.30
N VAL E 537 -41.22 15.26 -73.47
CA VAL E 537 -41.42 16.24 -74.53
C VAL E 537 -42.78 16.09 -75.21
N SER E 538 -43.42 14.92 -75.09
CA SER E 538 -44.72 14.73 -75.70
C SER E 538 -45.82 15.45 -74.95
N LYS E 539 -45.59 15.85 -73.70
CA LYS E 539 -46.58 16.65 -72.99
C LYS E 539 -46.66 18.06 -73.58
N LEU E 540 -45.54 18.80 -73.51
CA LEU E 540 -45.35 20.11 -74.13
C LEU E 540 -46.42 21.09 -73.65
N ASP E 541 -46.31 21.43 -72.36
CA ASP E 541 -47.39 22.08 -71.61
C ASP E 541 -47.77 23.48 -72.05
N ARG E 542 -47.08 24.03 -73.07
CA ARG E 542 -47.48 25.13 -73.96
C ARG E 542 -47.89 26.43 -73.25
N LEU E 543 -47.71 26.52 -71.94
CA LEU E 543 -47.89 27.75 -71.17
C LEU E 543 -46.76 27.99 -70.20
N GLU E 544 -46.04 26.93 -69.80
CA GLU E 544 -44.83 27.03 -69.02
C GLU E 544 -43.65 26.41 -69.75
N ALA E 545 -43.90 25.60 -70.79
CA ALA E 545 -42.88 24.76 -71.41
C ALA E 545 -41.78 25.55 -72.10
N SER E 546 -42.06 26.78 -72.54
CA SER E 546 -41.02 27.61 -73.10
C SER E 546 -40.02 28.09 -72.05
N SER E 547 -40.43 28.14 -70.79
CA SER E 547 -39.54 28.62 -69.74
C SER E 547 -38.50 27.58 -69.36
N GLY E 548 -38.93 26.43 -68.87
CA GLY E 548 -37.99 25.49 -68.30
C GLY E 548 -37.96 24.13 -68.97
N ILE E 549 -39.10 23.70 -69.53
CA ILE E 549 -39.15 22.39 -70.18
C ILE E 549 -38.31 22.40 -71.45
N LEU E 550 -38.36 23.50 -72.21
CA LEU E 550 -37.49 23.68 -73.36
C LEU E 550 -36.03 23.72 -72.95
N GLU E 551 -35.73 24.26 -71.77
CA GLU E 551 -34.36 24.31 -71.30
C GLU E 551 -33.86 22.94 -70.88
N VAL E 552 -34.68 22.19 -70.14
CA VAL E 552 -34.21 20.96 -69.52
C VAL E 552 -34.04 19.86 -70.57
N LEU E 553 -34.76 19.94 -71.69
CA LEU E 553 -34.54 18.98 -72.75
C LEU E 553 -33.23 19.26 -73.47
N TYR E 554 -32.79 20.51 -73.48
CA TYR E 554 -31.47 20.82 -74.00
C TYR E 554 -30.38 20.34 -73.06
N CYS E 555 -30.68 20.23 -71.77
CA CYS E 555 -29.67 19.83 -70.80
C CYS E 555 -29.28 18.38 -70.97
N VAL E 556 -30.23 17.51 -71.34
CA VAL E 556 -29.91 16.10 -71.47
C VAL E 556 -29.30 15.76 -72.81
N LEU E 557 -29.51 16.60 -73.83
CA LEU E 557 -29.01 16.30 -75.16
C LEU E 557 -27.58 16.73 -75.39
N ILE E 558 -26.89 17.21 -74.34
CA ILE E 558 -25.51 17.63 -74.49
C ILE E 558 -24.54 16.58 -73.95
N GLU E 559 -25.00 15.63 -73.14
CA GLU E 559 -24.12 14.70 -72.45
C GLU E 559 -24.25 13.27 -72.96
N SER E 560 -25.46 12.70 -72.93
CA SER E 560 -25.63 11.28 -73.22
C SER E 560 -26.02 11.10 -74.68
N PRO E 561 -25.21 10.40 -75.48
CA PRO E 561 -25.60 10.09 -76.86
C PRO E 561 -26.64 8.99 -76.98
N GLU E 562 -26.92 8.27 -75.89
CA GLU E 562 -27.88 7.18 -75.95
C GLU E 562 -29.29 7.70 -76.08
N VAL E 563 -29.55 8.89 -75.54
CA VAL E 563 -30.82 9.56 -75.78
C VAL E 563 -30.92 9.99 -77.24
N LEU E 564 -29.80 10.37 -77.85
CA LEU E 564 -29.79 10.68 -79.27
C LEU E 564 -29.96 9.42 -80.13
N ASN E 565 -29.76 8.24 -79.55
CA ASN E 565 -29.88 6.98 -80.27
C ASN E 565 -31.30 6.46 -80.33
N ILE E 566 -32.20 7.01 -79.52
CA ILE E 566 -33.52 6.40 -79.33
C ILE E 566 -34.64 7.35 -79.77
N ILE E 567 -34.36 8.15 -80.79
CA ILE E 567 -35.39 9.04 -81.34
C ILE E 567 -36.48 8.23 -82.03
N GLN E 568 -37.62 8.88 -82.24
CA GLN E 568 -38.80 8.21 -82.75
C GLN E 568 -39.45 8.99 -83.89
N GLU E 569 -38.96 10.22 -84.14
CA GLU E 569 -39.31 11.18 -85.20
C GLU E 569 -40.65 11.85 -84.94
N ASN E 570 -41.42 11.36 -83.99
CA ASN E 570 -42.60 12.10 -83.55
C ASN E 570 -42.22 13.21 -82.59
N HIS E 571 -41.07 13.09 -81.95
CA HIS E 571 -40.59 14.10 -81.02
C HIS E 571 -40.19 15.36 -81.78
N ILE E 572 -39.38 15.20 -82.82
CA ILE E 572 -38.90 16.35 -83.59
C ILE E 572 -40.00 16.99 -84.40
N LYS E 573 -41.04 16.24 -84.78
CA LYS E 573 -42.21 16.86 -85.38
C LYS E 573 -42.93 17.75 -84.36
N SER E 574 -42.93 17.35 -83.09
CA SER E 574 -43.44 18.24 -82.05
C SER E 574 -42.49 19.41 -81.80
N ILE E 575 -41.20 19.25 -82.11
CA ILE E 575 -40.24 20.34 -81.93
C ILE E 575 -40.44 21.41 -83.00
N ILE E 576 -40.67 20.98 -84.24
CA ILE E 576 -40.90 21.94 -85.33
C ILE E 576 -42.22 22.66 -85.11
N SER E 577 -43.23 21.96 -84.60
CA SER E 577 -44.47 22.62 -84.24
C SER E 577 -44.28 23.54 -83.03
N LEU E 578 -43.37 23.17 -82.12
CA LEU E 578 -43.03 24.07 -81.03
C LEU E 578 -42.33 25.32 -81.56
N LEU E 579 -41.52 25.18 -82.60
CA LEU E 579 -41.01 26.34 -83.30
C LEU E 579 -42.11 27.10 -84.01
N ASP E 580 -43.14 26.40 -84.46
CA ASP E 580 -44.25 27.06 -85.13
C ASP E 580 -45.14 27.80 -84.14
N LYS E 581 -45.49 27.14 -83.04
CA LYS E 581 -46.51 27.67 -82.14
C LYS E 581 -46.01 28.79 -81.24
N HIS E 582 -44.71 29.05 -81.21
CA HIS E 582 -44.18 30.01 -80.24
C HIS E 582 -43.21 31.03 -80.81
N GLY E 583 -42.68 30.83 -82.01
CA GLY E 583 -41.89 31.85 -82.66
C GLY E 583 -40.45 31.43 -82.86
N ARG E 584 -39.62 32.42 -83.16
CA ARG E 584 -38.22 32.23 -83.51
C ARG E 584 -37.38 32.35 -82.25
N ASN E 585 -36.72 31.26 -81.86
CA ASN E 585 -35.91 31.22 -80.66
C ASN E 585 -34.53 30.68 -81.00
N HIS E 586 -33.54 31.15 -80.24
CA HIS E 586 -32.21 30.57 -80.33
C HIS E 586 -32.19 29.17 -79.75
N LYS E 587 -32.98 28.94 -78.70
CA LYS E 587 -32.92 27.69 -77.96
C LYS E 587 -33.49 26.53 -78.75
N VAL E 588 -34.54 26.77 -79.55
CA VAL E 588 -35.11 25.69 -80.34
C VAL E 588 -34.20 25.31 -81.50
N LEU E 589 -33.30 26.21 -81.89
CA LEU E 589 -32.28 25.88 -82.88
C LEU E 589 -31.03 25.32 -82.24
N ASP E 590 -30.74 25.73 -80.99
CA ASP E 590 -29.59 25.20 -80.28
C ASP E 590 -29.78 23.74 -79.91
N VAL E 591 -31.03 23.33 -79.69
CA VAL E 591 -31.32 21.91 -79.53
C VAL E 591 -31.05 21.17 -80.83
N LEU E 592 -31.54 21.72 -81.95
CA LEU E 592 -31.34 21.09 -83.24
C LEU E 592 -29.88 21.14 -83.68
N CYS E 593 -29.15 22.17 -83.26
CA CYS E 593 -27.71 22.21 -83.53
C CYS E 593 -26.98 21.14 -82.73
N SER E 594 -27.41 20.89 -81.50
CA SER E 594 -26.84 19.83 -80.70
C SER E 594 -27.47 18.47 -80.98
N LEU E 595 -28.52 18.43 -81.79
CA LEU E 595 -29.22 17.17 -82.04
C LEU E 595 -28.42 16.27 -82.97
N CYS E 596 -27.69 16.85 -83.92
CA CYS E 596 -27.00 16.03 -84.92
C CYS E 596 -25.78 15.36 -84.31
N VAL E 597 -24.81 16.16 -83.89
CA VAL E 597 -23.57 15.65 -83.31
C VAL E 597 -23.67 15.69 -81.80
N CYS E 598 -23.27 14.60 -81.16
CA CYS E 598 -23.14 14.55 -79.70
C CYS E 598 -21.72 14.87 -79.26
N ASN E 599 -20.77 14.02 -79.66
CA ASN E 599 -19.35 14.18 -79.34
C ASN E 599 -18.58 13.58 -80.50
N GLY E 600 -18.28 14.40 -81.49
CA GLY E 600 -17.60 13.90 -82.68
C GLY E 600 -18.53 13.14 -83.61
N VAL E 601 -19.00 11.96 -83.17
CA VAL E 601 -19.88 11.16 -84.01
C VAL E 601 -21.26 11.80 -84.10
N ALA E 602 -21.98 11.45 -85.16
CA ALA E 602 -23.31 11.99 -85.40
C ALA E 602 -24.15 10.95 -86.13
N VAL E 603 -25.35 10.70 -85.62
CA VAL E 603 -26.22 9.69 -86.21
C VAL E 603 -26.76 10.17 -87.55
N ARG E 604 -26.86 9.25 -88.50
CA ARG E 604 -27.38 9.56 -89.83
C ARG E 604 -28.89 9.74 -89.85
N SER E 605 -29.58 9.39 -88.77
CA SER E 605 -31.04 9.41 -88.76
C SER E 605 -31.56 10.85 -88.79
N ASN E 606 -31.21 11.64 -87.78
CA ASN E 606 -31.71 13.00 -87.65
C ASN E 606 -31.17 13.93 -88.72
N GLN E 607 -30.07 13.56 -89.38
CA GLN E 607 -29.51 14.39 -90.45
C GLN E 607 -30.46 14.47 -91.63
N ASP E 608 -31.22 13.41 -91.89
CA ASP E 608 -32.20 13.44 -92.97
C ASP E 608 -33.59 13.81 -92.49
N LEU E 609 -33.94 13.48 -91.24
CA LEU E 609 -35.27 13.78 -90.74
C LEU E 609 -35.47 15.28 -90.57
N ILE E 610 -34.44 15.98 -90.12
CA ILE E 610 -34.49 17.43 -90.11
C ILE E 610 -34.44 17.96 -91.54
N THR E 611 -33.68 17.30 -92.41
CA THR E 611 -33.63 17.68 -93.82
C THR E 611 -34.98 17.47 -94.49
N GLU E 612 -35.65 16.37 -94.17
CA GLU E 612 -37.03 16.16 -94.62
C GLU E 612 -37.96 17.20 -94.04
N ASN E 613 -37.81 17.51 -92.75
CA ASN E 613 -38.64 18.52 -92.13
C ASN E 613 -38.09 19.92 -92.32
N LEU E 614 -36.93 20.08 -92.94
CA LEU E 614 -36.61 21.34 -93.59
C LEU E 614 -37.52 21.39 -94.81
N LEU E 615 -38.60 22.15 -94.69
CA LEU E 615 -39.60 22.20 -95.74
C LEU E 615 -39.03 22.89 -96.96
N PRO E 616 -39.10 22.27 -98.15
CA PRO E 616 -38.70 22.97 -99.37
C PRO E 616 -39.62 24.11 -99.73
N GLY E 617 -40.87 24.10 -99.24
CA GLY E 617 -41.72 25.27 -99.35
C GLY E 617 -41.21 26.45 -98.56
N ARG E 618 -40.41 26.18 -97.51
CA ARG E 618 -39.58 27.17 -96.80
C ARG E 618 -40.42 28.26 -96.14
N GLU E 619 -41.27 27.83 -95.21
CA GLU E 619 -42.22 28.74 -94.57
C GLU E 619 -41.71 29.33 -93.27
N LEU E 620 -40.59 28.85 -92.74
CA LEU E 620 -40.11 29.30 -91.45
C LEU E 620 -38.70 29.87 -91.47
N LEU E 621 -37.89 29.51 -92.45
CA LEU E 621 -36.49 29.88 -92.46
C LEU E 621 -36.27 31.17 -93.26
N LEU E 622 -35.01 31.58 -93.36
CA LEU E 622 -34.62 32.80 -94.04
C LEU E 622 -34.02 32.46 -95.40
N GLN E 623 -34.46 33.18 -96.43
CA GLN E 623 -34.05 32.89 -97.81
C GLN E 623 -33.67 34.19 -98.51
N THR E 624 -32.58 34.14 -99.25
CA THR E 624 -32.07 35.28 -100.01
C THR E 624 -31.86 34.89 -101.46
N ASN E 625 -31.61 35.90 -102.29
CA ASN E 625 -31.36 35.71 -103.70
C ASN E 625 -30.66 36.95 -104.24
N LEU E 626 -29.86 36.75 -105.29
CA LEU E 626 -29.27 37.89 -105.99
C LEU E 626 -30.34 38.60 -106.81
N ILE E 627 -30.62 39.84 -106.46
CA ILE E 627 -31.69 40.62 -107.08
C ILE E 627 -31.09 41.90 -107.67
N ASN E 628 -31.40 42.16 -108.93
CA ASN E 628 -30.92 43.36 -109.59
C ASN E 628 -31.69 44.59 -109.10
N TYR E 629 -31.24 45.76 -109.56
CA TYR E 629 -31.88 47.01 -109.20
C TYR E 629 -32.90 47.42 -110.25
N VAL E 630 -33.99 48.03 -109.78
CA VAL E 630 -35.08 48.45 -110.65
C VAL E 630 -35.37 49.93 -110.41
N THR E 631 -35.65 50.66 -111.48
CA THR E 631 -35.93 52.08 -111.44
C THR E 631 -37.06 52.41 -112.40
N SER E 632 -37.53 53.66 -112.31
CA SER E 632 -38.58 54.16 -113.19
C SER E 632 -38.41 55.66 -113.35
N ILE E 633 -38.46 56.13 -114.59
CA ILE E 633 -38.28 57.53 -114.92
C ILE E 633 -39.57 58.06 -115.54
N ARG E 634 -40.11 59.14 -114.95
CA ARG E 634 -41.33 59.68 -115.53
C ARG E 634 -41.03 60.91 -116.38
N PRO E 635 -41.79 61.11 -117.45
CA PRO E 635 -41.91 62.45 -118.02
C PRO E 635 -42.88 63.29 -117.21
N ASN E 636 -42.76 64.60 -117.35
CA ASN E 636 -43.60 65.55 -116.63
C ASN E 636 -44.96 65.70 -117.32
N ILE E 637 -45.73 64.60 -117.28
CA ILE E 637 -47.02 64.51 -117.94
C ILE E 637 -48.03 64.03 -116.90
N PHE E 638 -49.15 64.75 -116.79
CA PHE E 638 -50.16 64.48 -115.78
C PHE E 638 -51.53 64.48 -116.44
N VAL E 639 -52.31 63.43 -116.20
CA VAL E 639 -53.65 63.29 -116.75
C VAL E 639 -54.61 63.04 -115.60
N GLY E 640 -55.59 63.93 -115.44
CA GLY E 640 -56.63 63.75 -114.45
C GLY E 640 -58.00 63.97 -115.06
N ARG E 641 -59.00 63.40 -114.41
CA ARG E 641 -60.39 63.52 -114.87
C ARG E 641 -61.27 63.80 -113.66
N ALA E 642 -61.77 65.03 -113.57
CA ALA E 642 -62.68 65.42 -112.51
C ALA E 642 -63.63 66.46 -113.08
N GLU E 643 -64.45 67.06 -112.20
CA GLU E 643 -65.40 68.08 -112.62
C GLU E 643 -64.64 69.37 -112.93
N GLY E 644 -64.49 69.67 -114.22
CA GLY E 644 -63.76 70.85 -114.64
C GLY E 644 -62.70 70.57 -115.69
N SER E 645 -61.44 70.80 -115.33
CA SER E 645 -60.34 70.53 -116.26
C SER E 645 -60.18 69.02 -116.44
N THR E 646 -60.32 68.57 -117.68
CA THR E 646 -60.28 67.15 -117.99
C THR E 646 -59.11 66.75 -118.90
N GLN E 647 -58.60 67.69 -119.72
CA GLN E 647 -57.48 67.47 -120.65
C GLN E 647 -57.75 66.32 -121.62
N TYR E 648 -58.97 66.33 -122.17
CA TYR E 648 -59.46 65.52 -123.31
C TYR E 648 -59.68 64.04 -122.97
N GLY E 649 -59.19 63.59 -121.80
CA GLY E 649 -59.42 62.26 -121.27
C GLY E 649 -59.11 61.03 -122.13
N LYS E 650 -58.38 61.22 -123.23
CA LYS E 650 -58.11 60.14 -124.20
C LYS E 650 -56.68 60.32 -124.70
N TRP E 651 -55.75 59.59 -124.11
CA TRP E 651 -54.33 59.78 -124.38
C TRP E 651 -53.74 58.50 -124.94
N TYR E 652 -52.46 58.57 -125.33
CA TYR E 652 -51.89 57.54 -126.17
C TYR E 652 -50.37 57.61 -126.12
N PHE E 653 -49.73 56.43 -126.04
CA PHE E 653 -48.28 56.32 -125.92
C PHE E 653 -47.70 55.51 -127.07
N GLU E 654 -46.50 55.89 -127.50
CA GLU E 654 -45.67 55.07 -128.37
C GLU E 654 -44.22 55.19 -127.90
N VAL E 655 -43.62 54.06 -127.52
CA VAL E 655 -42.29 54.03 -126.95
C VAL E 655 -41.41 53.13 -127.81
N MET E 656 -40.23 53.63 -128.18
CA MET E 656 -39.29 52.89 -129.01
C MET E 656 -38.29 52.15 -128.14
N VAL E 657 -38.09 50.86 -128.42
CA VAL E 657 -37.18 50.02 -127.65
C VAL E 657 -36.17 49.40 -128.61
N ASP E 658 -34.89 49.75 -128.43
CA ASP E 658 -33.80 49.18 -129.22
C ASP E 658 -32.71 48.71 -128.27
N GLU E 659 -32.87 47.50 -127.73
CA GLU E 659 -31.89 46.91 -126.82
C GLU E 659 -31.85 45.40 -127.01
N VAL E 660 -30.64 44.86 -127.04
CA VAL E 660 -30.43 43.41 -126.97
C VAL E 660 -29.57 43.16 -125.74
N VAL E 661 -30.22 43.01 -124.59
CA VAL E 661 -29.59 42.40 -123.42
C VAL E 661 -30.62 41.38 -122.92
N PRO E 662 -30.67 40.18 -123.49
CA PRO E 662 -31.69 39.21 -123.06
C PRO E 662 -31.37 38.62 -121.70
N PHE E 663 -30.11 38.31 -121.45
CA PHE E 663 -29.65 37.82 -120.16
C PHE E 663 -28.65 38.79 -119.57
N LEU E 664 -28.79 39.05 -118.28
CA LEU E 664 -27.69 39.61 -117.52
C LEU E 664 -26.95 38.42 -116.91
N THR E 665 -25.83 38.68 -116.22
CA THR E 665 -25.04 37.60 -115.65
C THR E 665 -25.74 36.90 -114.48
N ALA E 666 -26.80 37.47 -113.93
CA ALA E 666 -27.55 36.83 -112.86
C ALA E 666 -28.83 36.18 -113.38
N GLN E 667 -29.72 36.97 -113.99
CA GLN E 667 -30.93 36.44 -114.61
C GLN E 667 -31.25 37.28 -115.84
N ALA E 668 -32.38 37.02 -116.46
CA ALA E 668 -32.86 37.84 -117.55
C ALA E 668 -33.28 39.21 -117.04
N THR E 669 -33.12 40.23 -117.89
CA THR E 669 -33.28 41.61 -117.46
C THR E 669 -34.75 41.98 -117.32
N HIS E 670 -35.00 42.99 -116.49
CA HIS E 670 -36.35 43.51 -116.25
C HIS E 670 -36.59 44.73 -117.14
N LEU E 671 -37.74 44.76 -117.80
CA LEU E 671 -38.12 45.85 -118.67
C LEU E 671 -39.63 45.85 -118.84
N ARG E 672 -40.30 46.90 -118.37
CA ARG E 672 -41.75 47.01 -118.54
C ARG E 672 -42.11 48.44 -118.94
N VAL E 673 -43.41 48.70 -119.02
CA VAL E 673 -43.93 50.03 -119.36
C VAL E 673 -45.36 50.10 -118.85
N GLY E 674 -45.81 51.30 -118.49
CA GLY E 674 -47.21 51.46 -118.14
C GLY E 674 -47.64 52.76 -117.47
N TRP E 675 -48.41 52.62 -116.39
CA TRP E 675 -49.15 53.72 -115.81
C TRP E 675 -49.08 53.70 -114.29
N ALA E 676 -49.43 54.84 -113.71
CA ALA E 676 -49.61 55.00 -112.26
C ALA E 676 -50.48 56.22 -112.03
N LEU E 677 -51.15 56.24 -110.87
CA LEU E 677 -51.95 57.40 -110.46
C LEU E 677 -51.57 57.80 -109.03
N THR E 678 -50.47 58.55 -108.91
CA THR E 678 -49.95 59.20 -107.69
C THR E 678 -49.69 58.23 -106.53
N GLU E 679 -49.68 56.93 -106.78
CA GLU E 679 -49.53 55.91 -105.74
C GLU E 679 -48.57 54.84 -106.23
N GLY E 680 -47.47 55.27 -106.81
CA GLY E 680 -46.55 54.42 -107.56
C GLY E 680 -45.39 54.01 -106.67
N TYR E 681 -44.29 54.76 -106.75
CA TYR E 681 -43.08 54.59 -105.94
C TYR E 681 -42.38 53.27 -106.24
N SER E 682 -42.14 53.05 -107.53
CA SER E 682 -41.05 52.17 -107.94
C SER E 682 -39.68 52.54 -107.35
N PRO E 683 -39.36 53.82 -106.96
CA PRO E 683 -38.21 54.02 -106.06
C PRO E 683 -38.38 53.44 -104.68
N TYR E 684 -37.39 53.72 -103.81
CA TYR E 684 -36.92 52.88 -102.72
C TYR E 684 -36.63 51.49 -103.28
N PRO E 685 -35.51 51.30 -104.09
CA PRO E 685 -35.27 50.03 -104.77
C PRO E 685 -34.66 48.94 -103.90
N GLY E 686 -35.25 48.72 -102.72
CA GLY E 686 -34.78 47.71 -101.80
C GLY E 686 -35.64 46.48 -101.87
N GLY E 687 -36.54 46.35 -100.90
CA GLY E 687 -37.47 45.24 -100.85
C GLY E 687 -38.90 45.71 -101.05
N GLY E 688 -39.72 44.86 -101.65
CA GLY E 688 -41.11 45.13 -101.88
C GLY E 688 -41.96 43.97 -101.39
N GLU E 689 -43.16 43.87 -101.98
CA GLU E 689 -44.06 42.77 -101.63
C GLU E 689 -43.53 41.45 -102.18
N GLY E 690 -43.06 41.44 -103.42
CA GLY E 690 -42.40 40.27 -103.95
C GLY E 690 -40.92 40.30 -103.62
N TRP E 691 -40.08 40.17 -104.64
CA TRP E 691 -38.63 40.24 -104.47
C TRP E 691 -38.19 41.61 -104.94
N GLY E 692 -38.21 42.56 -104.02
CA GLY E 692 -37.86 43.93 -104.37
C GLY E 692 -39.06 44.74 -104.80
N GLY E 693 -38.97 46.04 -104.58
CA GLY E 693 -40.02 46.96 -104.98
C GLY E 693 -39.95 47.24 -106.47
N ASN E 694 -40.41 46.28 -107.27
CA ASN E 694 -40.25 46.35 -108.71
C ASN E 694 -41.19 47.39 -109.31
N GLY E 695 -40.94 47.69 -110.59
CA GLY E 695 -41.41 48.91 -111.22
C GLY E 695 -42.90 49.16 -111.32
N VAL E 696 -43.60 48.39 -112.15
CA VAL E 696 -44.97 48.71 -112.51
C VAL E 696 -45.76 47.41 -112.67
N GLY E 697 -47.05 47.47 -112.32
CA GLY E 697 -47.92 46.33 -112.47
C GLY E 697 -47.71 45.24 -111.44
N ASP E 698 -47.39 45.62 -110.21
CA ASP E 698 -47.21 44.65 -109.15
C ASP E 698 -48.13 44.90 -107.97
N ASP E 699 -48.90 45.99 -108.00
CA ASP E 699 -49.84 46.30 -106.94
C ASP E 699 -51.21 46.62 -107.52
N LEU E 700 -52.12 47.12 -106.68
CA LEU E 700 -53.42 47.60 -107.13
C LEU E 700 -53.38 49.05 -107.58
N TYR E 701 -52.18 49.57 -107.87
CA TYR E 701 -51.99 50.97 -108.21
C TYR E 701 -51.28 51.18 -109.54
N SER E 702 -50.75 50.12 -110.16
CA SER E 702 -49.93 50.27 -111.35
C SER E 702 -50.24 49.13 -112.32
N TYR E 703 -49.93 49.37 -113.60
CA TYR E 703 -50.24 48.42 -114.66
C TYR E 703 -49.06 48.33 -115.61
N GLY E 704 -48.48 47.15 -115.75
CA GLY E 704 -47.31 46.94 -116.56
C GLY E 704 -47.51 45.92 -117.67
N PHE E 705 -46.47 45.78 -118.50
CA PHE E 705 -46.49 44.85 -119.62
C PHE E 705 -45.07 44.61 -120.10
N ASP E 706 -44.73 43.34 -120.38
CA ASP E 706 -43.42 43.00 -120.90
C ASP E 706 -43.46 41.91 -121.97
N GLY E 707 -44.51 41.88 -122.79
CA GLY E 707 -44.52 41.03 -123.96
C GLY E 707 -45.62 39.99 -124.04
N LEU E 708 -45.87 39.25 -122.94
CA LEU E 708 -47.10 38.44 -122.89
C LEU E 708 -47.52 38.35 -121.41
N HIS E 709 -48.24 39.38 -120.96
CA HIS E 709 -48.57 39.51 -119.54
C HIS E 709 -49.73 40.47 -119.38
N LEU E 710 -50.28 40.48 -118.16
CA LEU E 710 -51.23 41.49 -117.71
C LEU E 710 -50.83 41.82 -116.28
N TRP E 711 -49.91 42.77 -116.13
CA TRP E 711 -49.30 43.03 -114.83
C TRP E 711 -50.18 43.98 -114.01
N THR E 712 -50.71 43.47 -112.90
CA THR E 712 -51.15 44.24 -111.74
C THR E 712 -51.30 43.28 -110.57
N GLY E 713 -50.91 43.74 -109.39
CA GLY E 713 -51.03 42.93 -108.18
C GLY E 713 -50.17 41.68 -108.15
N HIS E 714 -48.98 41.75 -108.75
CA HIS E 714 -48.06 40.61 -108.95
C HIS E 714 -48.75 39.44 -109.65
N VAL E 715 -49.52 39.75 -110.68
CA VAL E 715 -50.19 38.72 -111.49
C VAL E 715 -49.56 38.74 -112.88
N ALA E 716 -48.93 37.64 -113.25
CA ALA E 716 -48.33 37.46 -114.56
C ALA E 716 -49.25 36.71 -115.52
N ARG E 717 -50.50 37.15 -115.68
CA ARG E 717 -51.30 36.33 -116.59
C ARG E 717 -51.14 36.81 -118.03
N PRO E 718 -50.88 35.92 -118.98
CA PRO E 718 -50.47 36.35 -120.32
C PRO E 718 -51.65 36.79 -121.17
N VAL E 719 -51.36 37.08 -122.43
CA VAL E 719 -52.35 37.56 -123.40
C VAL E 719 -52.41 36.63 -124.60
N THR E 720 -53.29 36.94 -125.55
CA THR E 720 -53.41 36.24 -126.81
C THR E 720 -53.10 37.24 -127.92
N SER E 721 -51.88 37.20 -128.43
CA SER E 721 -51.43 38.15 -129.45
C SER E 721 -50.62 37.42 -130.51
N PRO E 722 -50.70 37.87 -131.76
CA PRO E 722 -49.85 37.29 -132.80
C PRO E 722 -48.39 37.71 -132.61
N GLY E 723 -47.48 36.78 -132.90
CA GLY E 723 -46.08 37.00 -132.65
C GLY E 723 -45.82 37.03 -131.15
N GLN E 724 -46.35 36.02 -130.46
CA GLN E 724 -46.42 36.03 -129.00
C GLN E 724 -45.05 35.73 -128.42
N HIS E 725 -44.34 36.77 -128.01
CA HIS E 725 -43.06 36.65 -127.32
C HIS E 725 -42.87 37.87 -126.44
N LEU E 726 -41.68 37.99 -125.87
CA LEU E 726 -41.38 39.04 -124.90
C LEU E 726 -40.96 40.32 -125.63
N LEU E 727 -40.39 41.26 -124.90
CA LEU E 727 -39.99 42.54 -125.49
C LEU E 727 -38.73 42.34 -126.32
N ALA E 728 -38.94 42.05 -127.60
CA ALA E 728 -37.86 42.05 -128.56
C ALA E 728 -37.44 43.49 -128.86
N PRO E 729 -36.22 43.70 -129.36
CA PRO E 729 -35.86 45.04 -129.84
C PRO E 729 -36.63 45.41 -131.10
N GLU E 730 -36.58 46.72 -131.40
CA GLU E 730 -37.26 47.34 -132.54
C GLU E 730 -38.77 47.11 -132.49
N ASP E 731 -39.37 47.44 -131.35
CA ASP E 731 -40.80 47.31 -131.14
C ASP E 731 -41.35 48.60 -130.55
N VAL E 732 -42.60 48.90 -130.90
CA VAL E 732 -43.32 50.06 -130.41
C VAL E 732 -44.59 49.58 -129.73
N VAL E 733 -44.80 50.01 -128.49
CA VAL E 733 -45.97 49.64 -127.72
C VAL E 733 -46.97 50.80 -127.77
N SER E 734 -48.18 50.50 -128.22
CA SER E 734 -49.25 51.49 -128.30
C SER E 734 -50.12 51.34 -127.05
N CYS E 735 -49.89 52.20 -126.07
CA CYS E 735 -50.68 52.21 -124.85
C CYS E 735 -51.85 53.16 -125.05
N CYS E 736 -53.05 52.61 -125.14
CA CYS E 736 -54.25 53.41 -125.38
C CYS E 736 -54.89 53.75 -124.05
N LEU E 737 -55.07 55.04 -123.78
CA LEU E 737 -55.74 55.51 -122.58
C LEU E 737 -57.13 56.00 -122.94
N ASP E 738 -58.13 55.39 -122.33
CA ASP E 738 -59.51 55.89 -122.39
C ASP E 738 -60.03 56.03 -120.98
N LEU E 739 -60.71 57.15 -120.72
CA LEU E 739 -61.20 57.44 -119.39
C LEU E 739 -62.73 57.48 -119.32
N SER E 740 -63.41 56.95 -120.32
CA SER E 740 -64.86 56.88 -120.26
C SER E 740 -65.31 55.76 -119.33
N VAL E 741 -64.69 54.59 -119.45
CA VAL E 741 -65.06 53.45 -118.61
C VAL E 741 -64.48 53.59 -117.20
N PRO E 742 -63.16 53.84 -116.98
CA PRO E 742 -61.92 54.00 -117.78
C PRO E 742 -61.33 52.66 -118.23
N SER E 743 -60.72 52.66 -119.41
CA SER E 743 -60.21 51.44 -120.01
C SER E 743 -58.84 51.70 -120.62
N ILE E 744 -57.94 50.73 -120.45
CA ILE E 744 -56.58 50.82 -120.96
C ILE E 744 -56.27 49.56 -121.75
N SER E 745 -55.86 49.73 -123.00
CA SER E 745 -55.47 48.61 -123.86
C SER E 745 -54.07 48.85 -124.41
N PHE E 746 -53.36 47.75 -124.65
CA PHE E 746 -51.98 47.78 -125.12
C PHE E 746 -51.91 47.20 -126.52
N ARG E 747 -50.87 47.57 -127.24
CA ARG E 747 -50.70 47.12 -128.63
C ARG E 747 -49.25 47.26 -129.04
N ILE E 748 -48.59 46.13 -129.30
CA ILE E 748 -47.30 46.12 -129.98
C ILE E 748 -47.65 46.21 -131.47
N ASN E 749 -46.64 46.36 -132.33
CA ASN E 749 -46.69 46.92 -133.69
C ASN E 749 -47.92 46.53 -134.53
N GLY E 750 -48.07 45.25 -134.86
CA GLY E 750 -49.38 44.82 -135.31
C GLY E 750 -50.28 44.44 -134.14
N CYS E 751 -50.00 43.26 -133.55
CA CYS E 751 -50.33 42.72 -132.22
C CYS E 751 -51.63 43.21 -131.58
N PRO E 752 -52.81 42.81 -132.08
CA PRO E 752 -54.05 43.17 -131.39
C PRO E 752 -54.20 42.44 -130.05
N VAL E 753 -53.57 43.00 -129.02
CA VAL E 753 -53.46 42.35 -127.72
C VAL E 753 -54.82 42.33 -127.04
N GLN E 754 -55.25 41.15 -126.60
CA GLN E 754 -56.55 40.98 -125.95
C GLN E 754 -56.41 41.14 -124.44
N GLY E 755 -56.10 42.37 -124.05
CA GLY E 755 -56.03 42.70 -122.63
C GLY E 755 -56.49 44.11 -122.35
N VAL E 756 -57.49 44.26 -121.49
CA VAL E 756 -58.08 45.56 -121.16
C VAL E 756 -58.14 45.67 -119.65
N PHE E 757 -57.56 46.75 -119.10
CA PHE E 757 -57.61 47.02 -117.67
C PHE E 757 -58.72 48.03 -117.40
N GLU E 758 -59.65 47.66 -116.53
CA GLU E 758 -60.80 48.52 -116.19
C GLU E 758 -61.04 48.43 -114.69
N ALA E 759 -62.17 49.02 -114.27
CA ALA E 759 -62.70 48.95 -112.90
C ALA E 759 -61.70 49.52 -111.88
N PHE E 760 -61.17 50.69 -112.18
CA PHE E 760 -60.20 51.34 -111.31
C PHE E 760 -60.55 52.82 -111.18
N ASN E 761 -60.19 53.38 -110.03
CA ASN E 761 -60.55 54.77 -109.74
C ASN E 761 -59.67 55.75 -110.51
N LEU E 762 -60.13 57.00 -110.55
CA LEU E 762 -59.41 58.10 -111.19
C LEU E 762 -58.79 59.02 -110.16
N ASP E 763 -58.34 58.46 -109.03
CA ASP E 763 -57.90 59.25 -107.88
C ASP E 763 -56.47 59.70 -108.09
N GLY E 764 -56.32 60.80 -108.82
CA GLY E 764 -55.03 61.46 -108.98
C GLY E 764 -54.61 61.56 -110.42
N LEU E 765 -53.56 62.35 -110.63
CA LEU E 765 -52.99 62.55 -111.95
C LEU E 765 -52.22 61.32 -112.40
N PHE E 766 -52.03 61.20 -113.71
CA PHE E 766 -51.49 59.98 -114.29
C PHE E 766 -50.03 60.17 -114.69
N PHE E 767 -49.40 59.05 -115.07
CA PHE E 767 -47.96 59.00 -115.27
C PHE E 767 -47.59 58.12 -116.46
N PRO E 768 -46.68 58.59 -117.32
CA PRO E 768 -45.99 57.69 -118.24
C PRO E 768 -44.92 56.92 -117.49
N VAL E 769 -45.19 55.65 -117.23
CA VAL E 769 -44.33 54.83 -116.39
C VAL E 769 -43.61 53.82 -117.27
N VAL E 770 -42.29 53.82 -117.18
CA VAL E 770 -41.45 52.78 -117.77
C VAL E 770 -40.69 52.10 -116.65
N SER E 771 -40.65 50.77 -116.67
CA SER E 771 -39.87 50.00 -115.73
C SER E 771 -38.72 49.33 -116.47
N PHE E 772 -37.53 49.36 -115.87
CA PHE E 772 -36.36 48.82 -116.54
C PHE E 772 -35.31 48.47 -115.50
N SER E 773 -34.58 47.40 -115.78
CA SER E 773 -33.38 47.06 -115.03
C SER E 773 -32.18 47.71 -115.72
N ALA E 774 -30.97 47.31 -115.32
CA ALA E 774 -29.77 47.91 -115.85
C ALA E 774 -29.48 47.43 -117.28
N GLY E 775 -28.66 48.20 -117.98
CA GLY E 775 -28.23 47.83 -119.31
C GLY E 775 -29.21 48.11 -120.42
N VAL E 776 -30.24 48.92 -120.16
CA VAL E 776 -31.29 49.18 -121.13
C VAL E 776 -31.32 50.67 -121.43
N LYS E 777 -31.12 51.04 -122.69
CA LYS E 777 -31.24 52.42 -123.15
C LYS E 777 -32.48 52.52 -124.01
N VAL E 778 -33.45 53.31 -123.58
CA VAL E 778 -34.75 53.37 -124.22
C VAL E 778 -34.98 54.79 -124.72
N ARG E 779 -35.92 54.93 -125.66
CA ARG E 779 -36.26 56.21 -126.25
C ARG E 779 -37.78 56.38 -126.28
N PHE E 780 -38.25 57.52 -125.79
CA PHE E 780 -39.66 57.84 -125.84
C PHE E 780 -39.99 58.49 -127.18
N LEU E 781 -41.22 59.00 -127.30
CA LEU E 781 -41.63 59.84 -128.41
C LEU E 781 -42.42 61.00 -127.85
N LEU E 782 -42.06 62.22 -128.24
CA LEU E 782 -42.68 63.43 -127.69
C LEU E 782 -44.11 63.65 -128.17
N GLY E 783 -44.57 62.91 -129.16
CA GLY E 783 -45.85 63.23 -129.75
C GLY E 783 -45.66 64.26 -130.84
N GLY E 784 -45.81 65.53 -130.47
CA GLY E 784 -45.66 66.62 -131.41
C GLY E 784 -44.26 66.82 -131.98
N ARG E 785 -43.30 67.19 -131.13
CA ARG E 785 -42.02 67.67 -131.63
C ARG E 785 -41.12 66.54 -132.13
N HIS E 786 -40.73 65.64 -131.24
CA HIS E 786 -39.88 64.52 -131.61
C HIS E 786 -40.59 63.19 -131.50
N GLY E 787 -41.92 63.21 -131.55
CA GLY E 787 -42.64 61.96 -131.68
C GLY E 787 -42.76 61.61 -133.14
N GLU E 788 -41.83 60.81 -133.62
CA GLU E 788 -41.77 60.40 -135.02
C GLU E 788 -42.48 59.05 -135.08
N PHE E 789 -43.78 59.10 -135.34
CA PHE E 789 -44.65 57.93 -135.16
C PHE E 789 -44.41 56.94 -136.30
N LYS E 790 -43.87 55.77 -135.96
CA LYS E 790 -43.73 54.71 -136.95
C LYS E 790 -45.06 54.04 -137.25
N PHE E 791 -46.04 54.20 -136.38
CA PHE E 791 -47.39 53.69 -136.59
C PHE E 791 -48.38 54.78 -136.25
N LEU E 792 -49.55 54.68 -136.85
CA LEU E 792 -50.55 55.72 -136.65
C LEU E 792 -51.32 55.48 -135.35
N PRO E 793 -51.70 56.54 -134.65
CA PRO E 793 -52.60 56.39 -133.52
C PRO E 793 -53.99 55.99 -133.96
N PRO E 794 -54.80 55.44 -133.06
CA PRO E 794 -56.23 55.35 -133.31
C PRO E 794 -56.84 56.73 -133.40
N PRO E 795 -58.00 56.88 -134.09
CA PRO E 795 -58.53 58.22 -134.39
C PRO E 795 -58.93 59.05 -133.18
N GLY E 796 -58.20 60.15 -132.98
CA GLY E 796 -58.51 61.11 -131.94
C GLY E 796 -57.95 60.76 -130.58
N TYR E 797 -56.65 60.51 -130.48
CA TYR E 797 -56.00 60.31 -129.18
C TYR E 797 -54.73 61.16 -129.10
N ALA E 798 -54.92 62.46 -128.83
CA ALA E 798 -54.09 63.43 -128.11
C ALA E 798 -52.58 63.20 -128.12
N PRO E 799 -51.89 63.37 -129.25
CA PRO E 799 -50.43 63.14 -129.25
C PRO E 799 -49.61 64.23 -128.56
N CYS E 800 -49.95 64.55 -127.30
CA CYS E 800 -49.16 65.37 -126.38
C CYS E 800 -48.90 66.77 -126.93
N HIS E 801 -49.99 67.48 -127.26
CA HIS E 801 -49.87 68.84 -127.76
C HIS E 801 -50.59 69.87 -126.90
N GLU E 802 -51.89 69.69 -126.62
CA GLU E 802 -52.67 70.79 -126.06
C GLU E 802 -52.44 70.93 -124.57
N ALA E 803 -52.54 69.84 -123.82
CA ALA E 803 -52.37 69.86 -122.37
C ALA E 803 -51.14 69.03 -122.01
N VAL E 804 -49.97 69.65 -122.11
CA VAL E 804 -48.71 69.09 -121.62
C VAL E 804 -47.76 70.25 -121.32
N LEU E 805 -47.17 70.22 -120.11
CA LEU E 805 -46.27 71.24 -119.55
C LEU E 805 -46.88 72.63 -119.64
N PRO E 806 -47.91 72.94 -118.83
CA PRO E 806 -48.61 74.21 -119.01
C PRO E 806 -47.84 75.42 -118.54
N ARG E 807 -46.82 75.24 -117.70
CA ARG E 807 -46.00 76.37 -117.25
C ARG E 807 -44.52 76.04 -117.20
N GLU E 808 -44.11 74.87 -117.69
CA GLU E 808 -42.71 74.45 -117.60
C GLU E 808 -42.30 73.83 -118.92
N ARG E 809 -41.13 73.19 -118.94
CA ARG E 809 -40.57 72.55 -120.10
C ARG E 809 -40.80 71.04 -120.01
N LEU E 810 -40.19 70.30 -120.94
CA LEU E 810 -40.32 68.85 -121.01
C LEU E 810 -39.11 68.21 -120.33
N ARG E 811 -39.35 67.43 -119.29
CA ARG E 811 -38.30 66.85 -118.47
C ARG E 811 -38.59 65.38 -118.20
N LEU E 812 -37.54 64.57 -118.24
CA LEU E 812 -37.58 63.21 -117.72
C LEU E 812 -36.99 63.20 -116.32
N GLU E 813 -37.62 62.46 -115.42
CA GLU E 813 -37.19 62.46 -114.03
C GLU E 813 -37.59 61.16 -113.37
N PRO E 814 -36.80 60.65 -112.43
CA PRO E 814 -37.26 59.52 -111.60
C PRO E 814 -38.36 59.99 -110.66
N ILE E 815 -39.39 59.16 -110.53
CA ILE E 815 -40.62 59.57 -109.86
C ILE E 815 -40.45 59.60 -108.34
N LYS E 816 -40.22 60.80 -107.81
CA LYS E 816 -40.18 61.12 -106.37
C LYS E 816 -39.12 60.29 -105.63
N GLU E 817 -37.87 60.52 -106.00
CA GLU E 817 -36.76 59.87 -105.33
C GLU E 817 -36.38 60.61 -104.06
N TYR E 818 -35.34 60.13 -103.39
CA TYR E 818 -34.82 60.75 -102.19
C TYR E 818 -33.40 61.25 -102.34
N ARG E 819 -32.61 60.59 -103.20
CA ARG E 819 -31.24 60.98 -103.48
C ARG E 819 -31.16 61.40 -104.94
N ARG E 820 -30.27 62.36 -105.21
CA ARG E 820 -29.87 62.65 -106.58
C ARG E 820 -28.37 62.84 -106.61
N GLU E 821 -27.81 62.81 -107.82
CA GLU E 821 -26.39 63.02 -108.00
C GLU E 821 -26.06 64.51 -107.84
N GLY E 822 -24.80 64.77 -107.51
CA GLY E 822 -24.31 66.14 -107.42
C GLY E 822 -22.89 66.22 -107.92
N PRO E 823 -22.43 67.44 -108.23
CA PRO E 823 -21.03 67.61 -108.67
C PRO E 823 -20.05 67.33 -107.54
N ARG E 824 -20.40 67.73 -106.32
CA ARG E 824 -19.63 67.43 -105.13
C ARG E 824 -20.60 67.43 -103.97
N GLY E 825 -20.68 66.33 -103.24
CA GLY E 825 -21.75 66.19 -102.28
C GLY E 825 -23.07 65.96 -102.99
N PRO E 826 -23.29 64.73 -103.46
CA PRO E 826 -24.56 64.42 -104.14
C PRO E 826 -25.76 64.65 -103.25
N HIS E 827 -26.79 65.25 -103.84
CA HIS E 827 -27.82 65.91 -103.06
C HIS E 827 -28.94 64.96 -102.67
N LEU E 828 -29.50 65.22 -101.50
CA LEU E 828 -30.70 64.54 -101.03
C LEU E 828 -31.89 65.46 -101.20
N VAL E 829 -33.05 64.88 -101.48
CA VAL E 829 -34.26 65.64 -101.73
C VAL E 829 -35.36 65.12 -100.81
N GLY E 830 -36.18 66.04 -100.29
CA GLY E 830 -37.33 65.69 -99.50
C GLY E 830 -38.49 65.21 -100.35
N PRO E 831 -39.69 65.20 -99.78
CA PRO E 831 -40.87 64.81 -100.56
C PRO E 831 -41.24 65.87 -101.58
N SER E 832 -41.72 65.42 -102.74
CA SER E 832 -42.12 66.33 -103.80
C SER E 832 -43.56 66.77 -103.60
N ARG E 833 -43.79 68.07 -103.76
CA ARG E 833 -45.14 68.63 -103.61
C ARG E 833 -45.96 68.25 -104.84
N CYS E 834 -46.88 67.29 -104.67
CA CYS E 834 -47.73 66.85 -105.76
C CYS E 834 -48.75 67.94 -106.08
N LEU E 835 -48.73 68.43 -107.31
CA LEU E 835 -49.50 69.60 -107.71
C LEU E 835 -50.87 69.16 -108.21
N SER E 836 -51.85 69.15 -107.30
CA SER E 836 -53.28 69.00 -107.60
C SER E 836 -53.59 67.68 -108.31
N HIS E 837 -53.36 66.58 -107.60
CA HIS E 837 -53.81 65.28 -108.06
C HIS E 837 -55.34 65.25 -108.15
N THR E 838 -55.99 65.61 -107.05
CA THR E 838 -57.37 66.06 -107.07
C THR E 838 -57.38 67.58 -107.00
N ASP E 839 -58.54 68.16 -107.35
CA ASP E 839 -58.78 69.61 -107.39
C ASP E 839 -57.78 70.32 -108.32
N PHE E 840 -57.62 69.77 -109.53
CA PHE E 840 -56.86 70.42 -110.58
C PHE E 840 -57.74 71.25 -111.50
N VAL E 841 -58.94 71.60 -111.05
CA VAL E 841 -59.91 72.33 -111.86
C VAL E 841 -60.16 73.68 -111.21
N PRO E 842 -60.32 74.76 -111.98
CA PRO E 842 -60.59 76.06 -111.38
C PRO E 842 -62.04 76.16 -110.92
N CYS E 843 -62.32 77.25 -110.21
CA CYS E 843 -63.65 77.49 -109.67
C CYS E 843 -63.89 78.99 -109.52
N PRO E 844 -64.91 79.55 -110.17
CA PRO E 844 -65.21 80.96 -109.99
C PRO E 844 -65.78 81.24 -108.61
N VAL E 845 -65.71 82.51 -108.22
CA VAL E 845 -66.26 82.98 -106.95
C VAL E 845 -67.60 83.66 -107.24
N ASP E 846 -68.65 83.16 -106.61
CA ASP E 846 -70.00 83.69 -106.81
C ASP E 846 -70.16 85.07 -106.17
N ILE E 850 -75.05 87.97 -106.72
CA ILE E 850 -75.06 88.98 -105.65
C ILE E 850 -75.87 90.20 -106.09
N VAL E 851 -76.03 91.16 -105.18
CA VAL E 851 -76.78 92.38 -105.46
C VAL E 851 -75.81 93.55 -105.46
N LEU E 852 -76.30 94.75 -105.79
CA LEU E 852 -75.46 95.93 -105.91
C LEU E 852 -76.21 97.13 -105.37
N PRO E 853 -75.55 97.96 -104.56
CA PRO E 853 -76.19 99.19 -104.09
C PRO E 853 -76.36 100.20 -105.22
N PRO E 854 -77.37 101.07 -105.14
CA PRO E 854 -77.61 102.01 -106.25
C PRO E 854 -76.54 103.08 -106.43
N HIS E 855 -75.79 103.42 -105.38
CA HIS E 855 -74.68 104.34 -105.54
C HIS E 855 -73.51 103.71 -106.28
N LEU E 856 -73.43 102.38 -106.26
CA LEU E 856 -72.51 101.67 -107.14
C LEU E 856 -73.13 101.37 -108.50
N GLU E 857 -74.44 101.49 -108.63
CA GLU E 857 -75.06 101.37 -109.94
C GLU E 857 -74.83 102.62 -110.78
N ARG E 858 -74.64 103.77 -110.12
CA ARG E 858 -74.32 104.99 -110.86
C ARG E 858 -72.90 104.95 -111.40
N ILE E 859 -71.97 104.34 -110.66
CA ILE E 859 -70.61 104.23 -111.14
C ILE E 859 -70.45 103.08 -112.13
N ARG E 860 -71.46 102.21 -112.21
CA ARG E 860 -71.42 101.10 -113.17
C ARG E 860 -71.44 101.61 -114.61
N GLU E 861 -72.12 102.74 -114.85
CA GLU E 861 -72.00 103.39 -116.14
C GLU E 861 -70.62 104.01 -116.31
N LYS E 862 -70.10 104.69 -115.27
CA LYS E 862 -68.84 105.40 -115.39
C LYS E 862 -67.64 104.46 -115.38
N LEU E 863 -67.74 103.33 -114.68
CA LEU E 863 -66.68 102.32 -114.79
C LEU E 863 -66.70 101.65 -116.16
N ALA E 864 -67.89 101.51 -116.75
CA ALA E 864 -67.98 101.01 -118.12
C ALA E 864 -67.51 102.04 -119.14
N GLU E 865 -67.39 103.30 -118.74
CA GLU E 865 -66.78 104.29 -119.61
C GLU E 865 -65.26 104.16 -119.62
N ASN E 866 -64.64 104.27 -118.45
CA ASN E 866 -63.19 104.49 -118.39
C ASN E 866 -62.41 103.23 -118.76
N ILE E 867 -62.98 102.05 -118.53
CA ILE E 867 -62.38 100.83 -119.05
C ILE E 867 -62.49 100.80 -120.58
N HIS E 868 -63.64 101.23 -121.11
CA HIS E 868 -63.79 101.36 -122.55
C HIS E 868 -62.95 102.49 -123.10
N GLU E 869 -62.67 103.52 -122.29
CA GLU E 869 -61.74 104.58 -122.69
C GLU E 869 -60.33 104.02 -122.89
N LEU E 870 -59.90 103.16 -121.98
CA LEU E 870 -58.58 102.54 -122.10
C LEU E 870 -58.58 101.40 -123.10
N TRP E 871 -59.73 100.74 -123.30
CA TRP E 871 -59.83 99.73 -124.34
C TRP E 871 -59.80 100.37 -125.72
N ALA E 872 -60.36 101.57 -125.85
CA ALA E 872 -60.21 102.33 -127.09
C ALA E 872 -58.80 102.90 -127.23
N LEU E 873 -58.13 103.14 -126.10
CA LEU E 873 -56.75 103.63 -126.14
C LEU E 873 -55.79 102.53 -126.57
N THR E 874 -56.12 101.27 -126.29
CA THR E 874 -55.28 100.16 -126.67
C THR E 874 -55.24 99.97 -128.18
N ARG E 875 -56.37 100.22 -128.86
CA ARG E 875 -56.46 99.97 -130.29
C ARG E 875 -55.68 101.00 -131.10
N ILE E 876 -55.81 102.29 -130.75
CA ILE E 876 -55.20 103.36 -131.53
C ILE E 876 -53.68 103.33 -131.40
N GLU E 877 -53.17 102.96 -130.22
CA GLU E 877 -51.73 102.81 -130.03
C GLU E 877 -51.16 101.64 -130.82
N GLN E 878 -51.99 100.67 -131.21
CA GLN E 878 -51.60 99.64 -132.16
C GLN E 878 -52.03 99.97 -133.57
N GLY E 879 -52.49 101.20 -133.82
CA GLY E 879 -52.80 101.63 -135.17
C GLY E 879 -54.18 101.24 -135.67
N TRP E 880 -55.08 100.83 -134.78
CA TRP E 880 -56.44 100.46 -135.18
C TRP E 880 -57.28 101.72 -135.23
N THR E 881 -57.57 102.19 -136.43
CA THR E 881 -58.40 103.37 -136.61
C THR E 881 -59.87 102.99 -136.53
N TYR E 882 -60.74 103.99 -136.68
CA TYR E 882 -62.18 103.75 -136.66
C TYR E 882 -62.68 103.52 -138.08
N GLY E 883 -63.49 102.48 -138.25
CA GLY E 883 -64.07 102.17 -139.53
C GLY E 883 -65.32 101.34 -139.37
N PRO E 884 -66.24 101.43 -140.34
CA PRO E 884 -67.50 100.68 -140.22
C PRO E 884 -67.34 99.18 -140.40
N VAL E 885 -66.28 98.72 -141.06
CA VAL E 885 -66.05 97.30 -141.30
C VAL E 885 -64.90 96.84 -140.41
N ARG E 886 -65.18 95.89 -139.52
CA ARG E 886 -64.15 95.35 -138.63
C ARG E 886 -63.28 94.40 -139.44
N ASP E 887 -62.09 94.87 -139.81
CA ASP E 887 -61.13 94.07 -140.57
C ASP E 887 -59.77 94.16 -139.88
N ASP E 888 -59.01 93.07 -139.97
CA ASP E 888 -57.69 93.04 -139.33
C ASP E 888 -56.64 93.72 -140.19
N ASN E 889 -56.71 93.56 -141.51
CA ASN E 889 -55.72 94.15 -142.40
C ASN E 889 -55.98 95.62 -142.66
N LYS E 890 -57.24 96.05 -142.62
CA LYS E 890 -57.59 97.44 -142.88
C LYS E 890 -57.37 98.34 -141.66
N ARG E 891 -57.15 97.73 -140.48
CA ARG E 891 -56.95 98.44 -139.21
C ARG E 891 -58.13 99.37 -138.89
N LEU E 892 -59.33 98.81 -138.96
CA LEU E 892 -60.56 99.55 -138.71
C LEU E 892 -61.26 98.91 -137.52
N HIS E 893 -61.47 99.69 -136.46
CA HIS E 893 -62.06 99.20 -135.22
C HIS E 893 -63.40 99.89 -134.99
N PRO E 894 -64.53 99.21 -135.18
CA PRO E 894 -65.83 99.89 -135.17
C PRO E 894 -66.37 100.26 -133.80
N CYS E 895 -65.68 99.91 -132.72
CA CYS E 895 -66.14 100.26 -131.39
C CYS E 895 -65.36 101.42 -130.78
N LEU E 896 -64.75 102.27 -131.62
CA LEU E 896 -64.09 103.48 -131.15
C LEU E 896 -65.10 104.62 -131.12
N VAL E 897 -66.09 104.46 -130.23
CA VAL E 897 -67.24 105.35 -130.15
C VAL E 897 -67.39 105.81 -128.70
N ASN E 898 -68.29 106.78 -128.51
CA ASN E 898 -68.62 107.25 -127.18
C ASN E 898 -69.39 106.19 -126.40
N PHE E 899 -69.55 106.43 -125.10
CA PHE E 899 -70.31 105.51 -124.25
C PHE E 899 -71.80 105.51 -124.62
N HIS E 900 -72.33 106.68 -124.97
CA HIS E 900 -73.68 106.74 -125.52
C HIS E 900 -73.74 106.33 -126.98
N SER E 901 -72.62 106.41 -127.70
CA SER E 901 -72.53 105.98 -129.08
C SER E 901 -72.18 104.50 -129.21
N LEU E 902 -72.17 103.76 -128.09
CA LEU E 902 -71.93 102.32 -128.14
C LEU E 902 -73.09 101.62 -128.84
N PRO E 903 -72.80 100.54 -129.57
CA PRO E 903 -73.88 99.68 -130.07
C PRO E 903 -74.60 98.98 -128.94
N GLU E 904 -75.82 98.52 -129.25
CA GLU E 904 -76.65 97.87 -128.25
C GLU E 904 -76.08 96.55 -127.70
N PRO E 905 -75.36 95.69 -128.45
CA PRO E 905 -74.60 94.65 -127.75
C PRO E 905 -73.43 95.21 -126.96
N GLU E 906 -72.73 96.22 -127.48
CA GLU E 906 -71.52 96.70 -126.83
C GLU E 906 -71.81 97.57 -125.61
N ARG E 907 -72.98 98.23 -125.58
CA ARG E 907 -73.33 99.01 -124.40
C ARG E 907 -73.66 98.12 -123.22
N ASN E 908 -74.36 97.01 -123.46
CA ASN E 908 -74.67 96.04 -122.43
C ASN E 908 -73.55 95.03 -122.23
N TYR E 909 -72.42 95.19 -122.93
CA TYR E 909 -71.23 94.38 -122.69
C TYR E 909 -70.25 95.07 -121.75
N ASN E 910 -70.08 96.38 -121.88
CA ASN E 910 -69.23 97.11 -120.95
C ASN E 910 -69.89 97.23 -119.58
N LEU E 911 -71.22 97.36 -119.54
CA LEU E 911 -71.92 97.38 -118.26
C LEU E 911 -71.92 96.01 -117.59
N GLN E 912 -71.91 94.94 -118.38
CA GLN E 912 -71.88 93.60 -117.82
C GLN E 912 -70.54 93.31 -117.17
N MET E 913 -69.44 93.77 -117.79
CA MET E 913 -68.14 93.65 -117.16
C MET E 913 -67.99 94.62 -116.00
N SER E 914 -68.71 95.75 -116.04
CA SER E 914 -68.65 96.71 -114.94
C SER E 914 -69.47 96.24 -113.74
N GLY E 915 -70.57 95.52 -113.97
CA GLY E 915 -71.40 95.10 -112.87
C GLY E 915 -70.79 93.94 -112.09
N GLU E 916 -70.29 92.94 -112.81
CA GLU E 916 -69.74 91.76 -112.16
C GLU E 916 -68.38 92.03 -111.51
N THR E 917 -67.67 93.07 -111.95
CA THR E 917 -66.47 93.50 -111.24
C THR E 917 -66.83 94.06 -109.87
N LEU E 918 -67.91 94.84 -109.80
CA LEU E 918 -68.41 95.31 -108.52
C LEU E 918 -69.04 94.19 -107.71
N LYS E 919 -69.62 93.19 -108.39
CA LYS E 919 -70.09 92.00 -107.70
C LYS E 919 -68.95 91.16 -107.17
N THR E 920 -67.76 91.25 -107.77
CA THR E 920 -66.60 90.54 -107.27
C THR E 920 -66.05 91.21 -106.01
N LEU E 921 -65.97 92.54 -106.01
CA LEU E 921 -65.35 93.28 -104.91
C LEU E 921 -66.16 93.19 -103.62
N LEU E 922 -67.47 92.95 -103.73
CA LEU E 922 -68.28 92.75 -102.54
C LEU E 922 -67.97 91.41 -101.89
N ALA E 923 -67.70 90.38 -102.70
CA ALA E 923 -67.36 89.06 -102.20
C ALA E 923 -65.86 88.88 -102.04
N LEU E 924 -65.22 89.82 -101.35
CA LEU E 924 -63.80 89.72 -101.04
C LEU E 924 -63.46 90.07 -99.61
N GLY E 925 -64.43 90.47 -98.78
CA GLY E 925 -64.13 90.91 -97.44
C GLY E 925 -63.46 92.27 -97.39
N CYS E 926 -63.61 93.07 -98.43
CA CYS E 926 -63.01 94.40 -98.51
C CYS E 926 -64.04 95.45 -98.13
N HIS E 927 -63.54 96.68 -97.92
CA HIS E 927 -64.36 97.81 -97.50
C HIS E 927 -64.44 98.78 -98.67
N VAL E 928 -65.46 98.61 -99.51
CA VAL E 928 -65.68 99.45 -100.68
C VAL E 928 -66.79 100.45 -100.36
N GLY E 929 -66.50 101.73 -100.53
CA GLY E 929 -67.48 102.76 -100.26
C GLY E 929 -66.98 104.12 -100.65
N MET E 930 -67.93 105.02 -100.92
CA MET E 930 -67.62 106.41 -101.20
C MET E 930 -67.02 107.10 -99.98
N ALA E 931 -65.94 107.85 -100.20
CA ALA E 931 -65.20 108.47 -99.11
C ALA E 931 -65.37 109.98 -99.03
N ASP E 932 -65.12 110.70 -100.13
CA ASP E 932 -64.87 112.14 -100.02
C ASP E 932 -65.76 112.99 -100.91
N GLU E 933 -66.19 112.44 -102.05
CA GLU E 933 -67.05 113.07 -103.05
C GLU E 933 -66.46 114.35 -103.66
N LYS E 934 -65.15 114.58 -103.52
CA LYS E 934 -64.51 115.72 -104.15
C LYS E 934 -63.32 115.34 -105.04
N ALA E 935 -62.72 114.17 -104.85
CA ALA E 935 -61.74 113.68 -105.81
C ALA E 935 -62.40 113.32 -107.13
N GLU E 936 -63.68 112.93 -107.09
CA GLU E 936 -64.47 112.79 -108.30
C GLU E 936 -64.65 114.12 -109.01
N ASP E 937 -64.76 115.20 -108.24
CA ASP E 937 -64.74 116.54 -108.83
C ASP E 937 -63.34 117.00 -109.22
N ASN E 938 -62.30 116.39 -108.63
CA ASN E 938 -60.92 116.68 -108.98
C ASN E 938 -60.43 115.87 -110.17
N LEU E 939 -61.31 115.17 -110.87
CA LEU E 939 -60.91 114.36 -111.99
C LEU E 939 -60.57 115.21 -113.21
N LYS E 940 -59.53 114.80 -113.93
CA LYS E 940 -59.13 115.42 -115.17
C LYS E 940 -59.04 114.34 -116.24
N LYS E 941 -58.70 114.76 -117.46
CA LYS E 941 -58.59 113.85 -118.59
C LYS E 941 -57.20 113.93 -119.19
N THR E 942 -56.74 112.80 -119.73
CA THR E 942 -55.43 112.74 -120.36
C THR E 942 -55.49 113.44 -121.71
N LYS E 943 -54.72 114.52 -121.84
CA LYS E 943 -54.73 115.33 -123.05
C LYS E 943 -53.93 114.61 -124.14
N LEU E 944 -54.56 114.39 -125.28
CA LEU E 944 -53.96 113.65 -126.38
C LEU E 944 -54.12 114.44 -127.68
N PRO E 945 -53.17 114.29 -128.62
CA PRO E 945 -53.32 114.97 -129.92
C PRO E 945 -54.33 114.32 -130.84
N LYS E 946 -54.39 114.80 -132.09
CA LYS E 946 -55.36 114.30 -133.07
C LYS E 946 -55.02 112.93 -133.61
N THR E 947 -53.87 112.35 -133.24
CA THR E 947 -53.57 110.98 -133.64
C THR E 947 -54.47 109.98 -132.92
N TYR E 948 -54.97 110.34 -131.74
CA TYR E 948 -55.95 109.53 -131.03
C TYR E 948 -57.38 109.90 -131.39
N MET E 949 -57.59 111.06 -131.99
CA MET E 949 -58.91 111.43 -132.48
C MET E 949 -59.17 110.67 -133.77
N MET E 950 -60.36 110.07 -133.87
CA MET E 950 -60.67 109.14 -134.94
C MET E 950 -61.58 109.78 -135.98
N SER E 951 -62.00 108.96 -136.94
CA SER E 951 -62.84 109.45 -138.03
C SER E 951 -64.24 109.80 -137.55
N ASN E 952 -64.69 109.22 -136.45
CA ASN E 952 -65.92 109.62 -135.80
C ASN E 952 -65.71 110.71 -134.76
N GLY E 953 -64.52 111.31 -134.71
CA GLY E 953 -64.23 112.36 -133.75
C GLY E 953 -64.06 111.88 -132.33
N TYR E 954 -63.85 110.58 -132.12
CA TYR E 954 -63.74 110.00 -130.79
C TYR E 954 -62.26 109.90 -130.41
N LYS E 955 -61.85 110.69 -129.44
CA LYS E 955 -60.52 110.60 -128.86
C LYS E 955 -60.64 110.04 -127.46
N PRO E 956 -59.96 108.94 -127.14
CA PRO E 956 -60.10 108.34 -125.80
C PRO E 956 -59.42 109.19 -124.74
N ALA E 957 -60.21 109.70 -123.79
CA ALA E 957 -59.72 110.56 -122.72
C ALA E 957 -60.01 109.89 -121.38
N PRO E 958 -59.10 109.06 -120.89
CA PRO E 958 -59.29 108.43 -119.58
C PRO E 958 -58.94 109.41 -118.46
N LEU E 959 -59.10 108.94 -117.22
CA LEU E 959 -58.86 109.79 -116.06
C LEU E 959 -57.38 109.81 -115.71
N ASP E 960 -56.86 111.02 -115.49
CA ASP E 960 -55.47 111.18 -115.07
C ASP E 960 -55.38 110.86 -113.59
N LEU E 961 -55.02 109.62 -113.26
CA LEU E 961 -54.96 109.15 -111.88
C LEU E 961 -53.59 108.58 -111.59
N SER E 962 -52.53 109.26 -112.05
CA SER E 962 -51.17 108.82 -111.78
C SER E 962 -50.76 109.06 -110.33
N HIS E 963 -51.44 109.97 -109.63
CA HIS E 963 -51.19 110.25 -108.22
C HIS E 963 -51.86 109.26 -107.28
N VAL E 964 -52.58 108.28 -107.82
CA VAL E 964 -53.41 107.38 -107.01
C VAL E 964 -52.64 106.08 -106.78
N ARG E 965 -52.34 105.80 -105.53
CA ARG E 965 -51.95 104.47 -105.11
C ARG E 965 -53.20 103.69 -104.75
N LEU E 966 -53.14 102.36 -104.95
CA LEU E 966 -54.36 101.56 -104.75
C LEU E 966 -54.61 101.30 -103.26
N THR E 967 -53.74 100.50 -102.62
CA THR E 967 -53.65 100.09 -101.23
C THR E 967 -52.41 99.22 -101.06
N PRO E 968 -51.96 98.96 -99.83
CA PRO E 968 -51.13 97.77 -99.60
C PRO E 968 -51.94 96.49 -99.52
N ALA E 969 -53.26 96.59 -99.37
CA ALA E 969 -54.13 95.44 -99.14
C ALA E 969 -54.55 94.76 -100.43
N GLN E 970 -54.94 95.53 -101.45
CA GLN E 970 -55.38 94.94 -102.71
C GLN E 970 -54.22 94.62 -103.66
N THR E 971 -52.99 94.59 -103.16
CA THR E 971 -51.91 93.98 -103.92
C THR E 971 -52.14 92.49 -104.13
N THR E 972 -52.80 91.85 -103.17
CA THR E 972 -53.22 90.46 -103.29
C THR E 972 -54.69 90.29 -103.61
N LEU E 973 -55.54 91.24 -103.19
CA LEU E 973 -56.98 91.11 -103.42
C LEU E 973 -57.33 91.33 -104.89
N VAL E 974 -56.58 92.18 -105.59
CA VAL E 974 -56.76 92.28 -107.04
C VAL E 974 -56.24 91.01 -107.70
N ASP E 975 -55.19 90.41 -107.15
CA ASP E 975 -54.76 89.10 -107.62
C ASP E 975 -55.75 88.02 -107.21
N ARG E 976 -56.44 88.21 -106.08
CA ARG E 976 -57.48 87.27 -105.67
C ARG E 976 -58.69 87.36 -106.60
N LEU E 977 -59.03 88.57 -107.03
CA LEU E 977 -60.06 88.73 -108.04
C LEU E 977 -59.57 88.32 -109.43
N ALA E 978 -58.26 88.33 -109.64
CA ALA E 978 -57.71 87.87 -110.92
C ALA E 978 -57.90 86.36 -111.07
N GLU E 979 -57.74 85.62 -109.98
CA GLU E 979 -57.99 84.17 -110.04
C GLU E 979 -59.47 83.86 -110.13
N ASN E 980 -60.31 84.68 -109.48
CA ASN E 980 -61.76 84.47 -109.57
C ASN E 980 -62.29 84.82 -110.94
N GLY E 981 -61.73 85.86 -111.57
CA GLY E 981 -62.19 86.29 -112.88
C GLY E 981 -61.74 85.37 -114.00
N HIS E 982 -60.50 84.89 -113.92
CA HIS E 982 -60.01 83.97 -114.93
C HIS E 982 -60.67 82.60 -114.82
N ASN E 983 -61.09 82.22 -113.61
CA ASN E 983 -61.85 80.99 -113.46
C ASN E 983 -63.26 81.12 -114.04
N VAL E 984 -63.82 82.34 -114.01
CA VAL E 984 -65.09 82.58 -114.68
C VAL E 984 -64.91 82.50 -116.19
N TRP E 985 -63.76 82.98 -116.70
CA TRP E 985 -63.45 82.79 -118.10
C TRP E 985 -63.13 81.33 -118.40
N ALA E 986 -62.61 80.60 -117.41
CA ALA E 986 -62.36 79.18 -117.59
C ALA E 986 -63.66 78.38 -117.55
N ARG E 987 -64.58 78.75 -116.67
CA ARG E 987 -65.86 78.06 -116.59
C ARG E 987 -66.78 78.38 -117.76
N ASP E 988 -66.47 79.43 -118.53
CA ASP E 988 -67.28 79.78 -119.69
C ASP E 988 -66.74 79.16 -120.98
N ARG E 989 -65.42 79.12 -121.14
CA ARG E 989 -64.82 78.66 -122.39
C ARG E 989 -64.52 77.17 -122.40
N VAL E 990 -64.43 76.53 -121.22
CA VAL E 990 -64.09 75.12 -121.11
C VAL E 990 -65.20 74.31 -120.48
N ALA E 991 -65.73 74.78 -119.34
CA ALA E 991 -66.84 74.07 -118.71
C ALA E 991 -68.13 74.30 -119.49
N GLN E 992 -68.52 75.56 -119.65
CA GLN E 992 -69.67 75.86 -120.49
C GLN E 992 -69.32 75.80 -121.96
N GLY E 993 -68.06 76.03 -122.31
CA GLY E 993 -67.64 76.01 -123.70
C GLY E 993 -67.46 74.63 -124.27
N TRP E 994 -66.52 73.87 -123.70
CA TRP E 994 -66.05 72.57 -124.21
C TRP E 994 -65.64 72.68 -125.68
N SER E 995 -64.90 73.74 -125.99
CA SER E 995 -64.55 74.06 -127.37
C SER E 995 -63.43 73.16 -127.85
N TYR E 996 -63.63 72.56 -129.02
CA TYR E 996 -62.61 71.73 -129.67
C TYR E 996 -61.68 72.63 -130.50
N SER E 997 -60.93 73.46 -129.79
CA SER E 997 -60.00 74.41 -130.39
C SER E 997 -58.60 74.16 -129.85
N ALA E 998 -57.62 74.20 -130.74
CA ALA E 998 -56.24 73.96 -130.36
C ALA E 998 -55.65 75.19 -129.68
N ARG E 1009 -55.22 76.28 -124.80
CA ARG E 1009 -54.50 76.88 -123.68
C ARG E 1009 -55.45 77.21 -122.54
N LEU E 1010 -56.08 76.19 -121.97
CA LEU E 1010 -57.04 76.34 -120.88
C LEU E 1010 -56.53 75.57 -119.67
N VAL E 1011 -56.24 76.29 -118.60
CA VAL E 1011 -55.72 75.69 -117.37
C VAL E 1011 -56.41 76.31 -116.16
N PRO E 1012 -56.17 75.81 -114.96
CA PRO E 1012 -56.80 76.41 -113.77
C PRO E 1012 -56.12 77.72 -113.41
N TYR E 1013 -56.93 78.70 -112.98
CA TYR E 1013 -56.50 80.07 -112.81
C TYR E 1013 -55.51 80.27 -111.67
N ARG E 1014 -55.28 79.26 -110.83
CA ARG E 1014 -54.30 79.39 -109.75
C ARG E 1014 -52.88 79.39 -110.30
N LEU E 1015 -52.59 78.51 -111.27
CA LEU E 1015 -51.27 78.42 -111.86
C LEU E 1015 -51.38 78.18 -113.36
N LEU E 1016 -52.24 78.96 -114.03
CA LEU E 1016 -52.44 78.79 -115.48
C LEU E 1016 -51.21 79.21 -116.26
N ASP E 1017 -50.88 80.50 -116.20
CA ASP E 1017 -49.79 81.04 -117.01
C ASP E 1017 -49.39 82.39 -116.43
N GLU E 1018 -48.11 82.72 -116.58
CA GLU E 1018 -47.60 84.00 -116.06
C GLU E 1018 -48.08 85.16 -116.91
N ALA E 1019 -48.05 85.03 -118.24
CA ALA E 1019 -48.46 86.12 -119.11
C ALA E 1019 -49.97 86.30 -119.11
N THR E 1020 -50.73 85.24 -118.81
CA THR E 1020 -52.17 85.36 -118.68
C THR E 1020 -52.54 86.19 -117.44
N LYS E 1021 -51.82 85.96 -116.34
CA LYS E 1021 -52.12 86.66 -115.10
C LYS E 1021 -51.68 88.11 -115.15
N ARG E 1022 -50.65 88.44 -115.93
CA ARG E 1022 -50.20 89.82 -116.02
C ARG E 1022 -51.19 90.67 -116.82
N SER E 1023 -51.78 90.11 -117.87
CA SER E 1023 -52.89 90.79 -118.53
C SER E 1023 -54.13 90.79 -117.63
N ASN E 1024 -54.27 89.75 -116.80
CA ASN E 1024 -55.34 89.74 -115.81
C ASN E 1024 -55.03 90.73 -114.69
N ARG E 1025 -53.74 90.95 -114.39
CA ARG E 1025 -53.37 92.01 -113.47
C ARG E 1025 -53.62 93.38 -114.09
N ASP E 1026 -53.34 93.51 -115.39
CA ASP E 1026 -53.59 94.77 -116.09
C ASP E 1026 -55.07 95.03 -116.24
N SER E 1027 -55.88 93.97 -116.32
CA SER E 1027 -57.32 94.12 -116.40
C SER E 1027 -57.92 94.64 -115.09
N LEU E 1028 -57.23 94.46 -113.97
CA LEU E 1028 -57.70 94.94 -112.68
C LEU E 1028 -56.82 96.03 -112.10
N CYS E 1029 -55.75 96.42 -112.79
CA CYS E 1029 -54.92 97.53 -112.31
C CYS E 1029 -55.62 98.86 -112.51
N GLN E 1030 -56.35 99.01 -113.61
CA GLN E 1030 -57.05 100.25 -113.93
C GLN E 1030 -58.52 100.20 -113.55
N ALA E 1031 -58.87 99.36 -112.58
CA ALA E 1031 -60.22 99.29 -112.05
C ALA E 1031 -60.30 99.74 -110.60
N VAL E 1032 -59.36 99.33 -109.77
CA VAL E 1032 -59.37 99.73 -108.37
C VAL E 1032 -58.88 101.16 -108.22
N ARG E 1033 -57.80 101.52 -108.92
CA ARG E 1033 -57.31 102.89 -108.91
C ARG E 1033 -58.25 103.85 -109.62
N THR E 1034 -59.10 103.34 -110.50
CA THR E 1034 -60.11 104.17 -111.15
C THR E 1034 -61.17 104.63 -110.17
N LEU E 1035 -61.66 103.69 -109.34
CA LEU E 1035 -62.72 104.02 -108.38
C LEU E 1035 -62.23 104.91 -107.26
N LEU E 1036 -60.94 104.89 -106.95
CA LEU E 1036 -60.39 105.83 -105.98
C LEU E 1036 -60.38 107.25 -106.53
N GLY E 1037 -60.28 107.39 -107.86
CA GLY E 1037 -60.44 108.70 -108.47
C GLY E 1037 -61.86 109.22 -108.39
N TYR E 1038 -62.84 108.32 -108.38
CA TYR E 1038 -64.23 108.72 -108.19
C TYR E 1038 -64.60 108.89 -106.72
N GLY E 1039 -63.65 108.74 -105.80
CA GLY E 1039 -63.92 108.88 -104.39
C GLY E 1039 -64.32 107.60 -103.69
N TYR E 1040 -64.53 106.52 -104.42
CA TYR E 1040 -64.91 105.23 -103.84
C TYR E 1040 -63.67 104.61 -103.19
N ASN E 1041 -63.58 104.70 -101.86
CA ASN E 1041 -62.47 104.12 -101.14
C ASN E 1041 -62.65 102.61 -101.06
N ILE E 1042 -61.60 101.87 -101.37
CA ILE E 1042 -61.62 100.41 -101.38
C ILE E 1042 -60.56 99.92 -100.41
N GLU E 1043 -60.98 99.17 -99.39
CA GLU E 1043 -60.07 98.65 -98.37
C GLU E 1043 -60.31 97.17 -98.13
N ASP E 1059 -46.48 67.79 -95.77
CA ASP E 1059 -46.69 66.35 -95.66
C ASP E 1059 -45.77 65.78 -94.59
N ARG E 1060 -44.65 65.22 -95.01
CA ARG E 1060 -43.74 64.52 -94.13
C ARG E 1060 -42.33 65.09 -94.28
N VAL E 1061 -41.43 64.62 -93.42
CA VAL E 1061 -40.06 65.11 -93.36
C VAL E 1061 -39.12 63.92 -93.47
N ARG E 1062 -38.34 63.86 -94.55
CA ARG E 1062 -37.35 62.81 -94.72
C ARG E 1062 -36.16 63.07 -93.81
N ILE E 1063 -35.87 62.13 -92.92
CA ILE E 1063 -34.87 62.31 -91.88
C ILE E 1063 -33.73 61.33 -92.12
N PHE E 1064 -32.49 61.81 -91.99
CA PHE E 1064 -31.29 61.06 -92.33
C PHE E 1064 -30.39 60.94 -91.11
N ARG E 1065 -29.76 59.77 -90.95
CA ARG E 1065 -28.85 59.52 -89.86
C ARG E 1065 -27.86 58.42 -90.23
N ALA E 1066 -26.79 58.31 -89.45
CA ALA E 1066 -25.71 57.37 -89.73
C ALA E 1066 -26.01 56.03 -89.06
N GLU E 1067 -25.02 55.14 -89.04
CA GLU E 1067 -25.18 53.85 -88.38
C GLU E 1067 -24.80 53.97 -86.90
N LYS E 1068 -25.46 53.18 -86.06
CA LYS E 1068 -25.20 53.13 -84.63
C LYS E 1068 -23.78 52.65 -84.32
N SER E 1069 -23.13 51.93 -85.24
CA SER E 1069 -21.73 51.56 -85.07
C SER E 1069 -20.81 52.77 -85.06
N TYR E 1070 -21.20 53.85 -85.73
CA TYR E 1070 -20.40 55.06 -85.80
C TYR E 1070 -20.72 56.04 -84.68
N THR E 1071 -21.54 55.64 -83.70
CA THR E 1071 -21.92 56.53 -82.62
C THR E 1071 -20.75 56.69 -81.67
N VAL E 1072 -20.06 57.82 -81.76
CA VAL E 1072 -18.91 58.07 -80.91
C VAL E 1072 -19.38 58.45 -79.51
N GLN E 1073 -18.47 58.29 -78.54
CA GLN E 1073 -18.79 58.58 -77.14
C GLN E 1073 -17.72 59.44 -76.48
N SER E 1074 -16.74 59.95 -77.22
CA SER E 1074 -15.70 60.79 -76.64
C SER E 1074 -15.08 61.62 -77.76
N GLY E 1075 -14.09 62.43 -77.39
CA GLY E 1075 -13.30 63.15 -78.35
C GLY E 1075 -14.00 64.38 -78.91
N ARG E 1076 -13.30 65.04 -79.82
CA ARG E 1076 -13.80 66.22 -80.52
C ARG E 1076 -14.05 65.85 -81.97
N TRP E 1077 -15.21 66.24 -82.49
CA TRP E 1077 -15.62 65.79 -83.81
C TRP E 1077 -16.24 66.95 -84.57
N TYR E 1078 -16.44 66.71 -85.87
CA TYR E 1078 -16.92 67.73 -86.79
C TYR E 1078 -17.50 67.08 -88.03
N PHE E 1079 -18.60 67.66 -88.52
CA PHE E 1079 -19.12 67.35 -89.85
C PHE E 1079 -19.64 68.65 -90.45
N GLU E 1080 -19.77 68.67 -91.77
CA GLU E 1080 -19.98 69.90 -92.51
C GLU E 1080 -21.15 69.73 -93.48
N PHE E 1081 -22.13 70.62 -93.40
CA PHE E 1081 -23.37 70.53 -94.17
C PHE E 1081 -23.47 71.68 -95.15
N GLU E 1082 -24.13 71.44 -96.29
CA GLU E 1082 -24.37 72.46 -97.30
C GLU E 1082 -25.84 72.41 -97.71
N ALA E 1083 -26.53 73.56 -97.58
CA ALA E 1083 -27.96 73.67 -97.83
C ALA E 1083 -28.19 74.48 -99.09
N VAL E 1084 -28.73 73.82 -100.13
CA VAL E 1084 -29.05 74.52 -101.37
C VAL E 1084 -30.28 75.40 -101.17
N THR E 1085 -31.42 74.79 -100.87
CA THR E 1085 -32.61 75.55 -100.54
C THR E 1085 -32.55 75.99 -99.09
N THR E 1086 -33.04 77.21 -98.83
CA THR E 1086 -33.00 77.81 -97.50
C THR E 1086 -34.27 77.52 -96.71
N GLY E 1087 -35.05 76.52 -97.11
CA GLY E 1087 -36.32 76.25 -96.48
C GLY E 1087 -36.22 75.44 -95.21
N GLU E 1088 -37.10 74.44 -95.08
CA GLU E 1088 -37.24 73.68 -93.84
C GLU E 1088 -36.38 72.42 -93.92
N MET E 1089 -35.19 72.50 -93.33
CA MET E 1089 -34.36 71.33 -93.09
C MET E 1089 -33.57 71.60 -91.82
N ARG E 1090 -33.22 70.52 -91.11
CA ARG E 1090 -32.62 70.64 -89.80
C ARG E 1090 -31.46 69.67 -89.68
N VAL E 1091 -30.32 70.18 -89.22
CA VAL E 1091 -29.08 69.41 -89.15
C VAL E 1091 -28.50 69.59 -87.75
N GLY E 1092 -28.17 68.47 -87.11
CA GLY E 1092 -27.56 68.53 -85.79
C GLY E 1092 -27.04 67.18 -85.36
N TRP E 1093 -26.82 67.06 -84.05
CA TRP E 1093 -26.42 65.82 -83.42
C TRP E 1093 -27.63 65.14 -82.80
N ALA E 1094 -27.51 63.83 -82.57
CA ALA E 1094 -28.64 63.06 -82.09
C ALA E 1094 -28.16 61.82 -81.34
N ARG E 1095 -28.89 61.49 -80.27
CA ARG E 1095 -28.72 60.21 -79.61
C ARG E 1095 -29.14 59.08 -80.56
N PRO E 1096 -28.49 57.91 -80.48
CA PRO E 1096 -28.76 56.86 -81.48
C PRO E 1096 -30.14 56.22 -81.36
N GLU E 1097 -30.89 56.47 -80.30
CA GLU E 1097 -32.22 55.86 -80.15
C GLU E 1097 -33.30 56.73 -80.78
N LEU E 1098 -33.15 56.94 -82.09
CA LEU E 1098 -34.05 57.81 -82.83
C LEU E 1098 -35.36 57.10 -83.14
N ARG E 1099 -36.46 57.71 -82.76
CA ARG E 1099 -37.78 57.18 -83.03
C ARG E 1099 -38.40 57.91 -84.21
N PRO E 1100 -38.94 57.20 -85.19
CA PRO E 1100 -39.62 57.86 -86.32
C PRO E 1100 -41.03 58.28 -85.92
N ASP E 1101 -41.75 58.83 -86.91
CA ASP E 1101 -43.10 59.42 -86.76
C ASP E 1101 -43.15 60.57 -85.76
N VAL E 1102 -42.01 61.16 -85.44
CA VAL E 1102 -41.89 62.27 -84.50
C VAL E 1102 -40.99 63.30 -85.16
N GLU E 1103 -41.39 64.57 -85.09
CA GLU E 1103 -40.60 65.64 -85.68
C GLU E 1103 -39.28 65.82 -84.94
N LEU E 1104 -38.33 66.46 -85.61
CA LEU E 1104 -36.96 66.54 -85.14
C LEU E 1104 -36.76 67.82 -84.34
N GLY E 1105 -36.45 67.68 -83.06
CA GLY E 1105 -36.15 68.81 -82.20
C GLY E 1105 -37.21 69.17 -81.18
N ALA E 1106 -38.26 68.37 -81.05
CA ALA E 1106 -39.34 68.65 -80.11
C ALA E 1106 -39.24 67.84 -78.83
N ASP E 1107 -38.06 67.32 -78.52
CA ASP E 1107 -37.88 66.48 -77.34
C ASP E 1107 -36.44 66.58 -76.85
N GLU E 1108 -36.06 65.67 -75.97
CA GLU E 1108 -34.73 65.60 -75.39
C GLU E 1108 -33.80 64.70 -76.16
N LEU E 1109 -34.26 64.12 -77.26
CA LEU E 1109 -33.50 63.06 -77.92
C LEU E 1109 -32.40 63.59 -78.81
N ALA E 1110 -32.67 64.66 -79.56
CA ALA E 1110 -31.73 65.15 -80.57
C ALA E 1110 -31.49 66.64 -80.41
N TYR E 1111 -30.23 67.03 -80.59
CA TYR E 1111 -29.80 68.42 -80.49
C TYR E 1111 -29.65 68.94 -81.92
N VAL E 1112 -30.71 69.56 -82.44
CA VAL E 1112 -30.77 69.94 -83.83
C VAL E 1112 -31.05 71.44 -83.92
N PHE E 1113 -30.83 72.00 -85.10
CA PHE E 1113 -30.98 73.43 -85.34
C PHE E 1113 -31.77 73.66 -86.61
N ASN E 1114 -32.67 74.63 -86.57
CA ASN E 1114 -33.42 75.07 -87.74
C ASN E 1114 -33.03 76.53 -88.00
N GLY E 1115 -32.30 76.76 -89.09
CA GLY E 1115 -31.92 78.09 -89.48
C GLY E 1115 -32.75 78.70 -90.57
N HIS E 1116 -33.93 78.14 -90.85
CA HIS E 1116 -34.91 78.88 -91.64
C HIS E 1116 -35.43 80.07 -90.86
N ARG E 1117 -35.44 79.97 -89.53
CA ARG E 1117 -35.75 81.09 -88.65
C ARG E 1117 -34.63 81.41 -87.68
N GLY E 1118 -33.53 80.65 -87.70
CA GLY E 1118 -32.48 80.80 -86.72
C GLY E 1118 -32.96 80.34 -85.35
N GLN E 1119 -33.32 79.08 -85.24
CA GLN E 1119 -33.94 78.54 -84.04
C GLN E 1119 -33.34 77.19 -83.70
N ARG E 1120 -32.81 77.04 -82.50
CA ARG E 1120 -32.36 75.74 -82.02
C ARG E 1120 -33.53 75.00 -81.37
N TRP E 1121 -33.68 73.73 -81.72
CA TRP E 1121 -34.84 72.96 -81.28
C TRP E 1121 -34.36 71.80 -80.41
N HIS E 1122 -34.55 71.93 -79.10
CA HIS E 1122 -34.33 70.82 -78.19
C HIS E 1122 -35.26 71.03 -77.00
N LEU E 1123 -36.09 70.03 -76.72
CA LEU E 1123 -37.25 70.15 -75.83
C LEU E 1123 -38.12 71.35 -76.23
N GLY E 1124 -38.36 71.46 -77.54
CA GLY E 1124 -39.05 72.61 -78.09
C GLY E 1124 -38.08 73.57 -78.76
N SER E 1125 -38.66 74.56 -79.42
CA SER E 1125 -37.89 75.53 -80.17
C SER E 1125 -37.32 76.61 -79.25
N GLU E 1126 -36.11 77.05 -79.59
CA GLU E 1126 -35.47 78.20 -78.96
C GLU E 1126 -34.81 79.03 -80.05
N PRO E 1127 -35.17 80.30 -80.21
CA PRO E 1127 -34.56 81.12 -81.26
C PRO E 1127 -33.09 81.38 -80.99
N PHE E 1128 -32.28 81.22 -82.03
CA PHE E 1128 -30.83 81.15 -81.87
C PHE E 1128 -30.19 81.66 -83.15
N GLY E 1129 -29.75 82.92 -83.13
CA GLY E 1129 -29.01 83.46 -84.25
C GLY E 1129 -29.89 83.84 -85.44
N ARG E 1130 -29.20 84.07 -86.55
CA ARG E 1130 -29.70 84.61 -87.80
C ARG E 1130 -30.17 83.50 -88.74
N PRO E 1131 -31.06 83.82 -89.68
CA PRO E 1131 -31.44 82.84 -90.70
C PRO E 1131 -30.37 82.62 -91.76
N TRP E 1132 -30.73 81.85 -92.79
CA TRP E 1132 -29.81 81.30 -93.75
C TRP E 1132 -29.57 82.23 -94.94
N GLN E 1133 -28.55 81.87 -95.72
CA GLN E 1133 -28.25 82.42 -97.03
C GLN E 1133 -28.16 81.28 -98.03
N SER E 1134 -27.83 81.62 -99.27
CA SER E 1134 -27.59 80.58 -100.27
C SER E 1134 -26.22 79.96 -100.04
N GLY E 1135 -26.05 78.73 -100.52
CA GLY E 1135 -24.85 77.97 -100.25
C GLY E 1135 -24.93 77.34 -98.87
N ASP E 1136 -24.81 78.19 -97.84
CA ASP E 1136 -25.18 77.90 -96.46
C ASP E 1136 -24.38 76.74 -95.88
N VAL E 1137 -23.07 76.97 -95.77
CA VAL E 1137 -22.17 76.00 -95.17
C VAL E 1137 -22.46 75.91 -93.68
N VAL E 1138 -22.91 74.73 -93.24
CA VAL E 1138 -23.27 74.49 -91.85
C VAL E 1138 -22.25 73.52 -91.26
N GLY E 1139 -21.62 73.92 -90.17
CA GLY E 1139 -20.68 73.07 -89.47
C GLY E 1139 -21.12 72.85 -88.03
N CYS E 1140 -20.93 71.63 -87.54
CA CYS E 1140 -21.36 71.27 -86.20
C CYS E 1140 -20.21 70.60 -85.48
N MET E 1141 -19.95 71.05 -84.24
CA MET E 1141 -18.84 70.56 -83.44
C MET E 1141 -19.36 70.11 -82.09
N ILE E 1142 -18.57 69.25 -81.45
CA ILE E 1142 -18.87 68.77 -80.10
C ILE E 1142 -17.56 68.40 -79.43
N ASP E 1143 -17.45 68.76 -78.16
CA ASP E 1143 -16.41 68.27 -77.27
C ASP E 1143 -17.12 67.55 -76.14
N LEU E 1144 -17.12 66.23 -76.19
CA LEU E 1144 -17.84 65.43 -75.20
C LEU E 1144 -17.15 65.48 -73.83
N THR E 1145 -15.86 65.81 -73.81
CA THR E 1145 -15.20 66.16 -72.55
C THR E 1145 -15.79 67.43 -71.98
N GLU E 1146 -15.93 68.46 -72.82
CA GLU E 1146 -16.55 69.72 -72.42
C GLU E 1146 -18.06 69.57 -72.25
N ASN E 1147 -18.65 68.58 -72.92
CA ASN E 1147 -20.11 68.37 -73.01
C ASN E 1147 -20.81 69.63 -73.52
N THR E 1148 -20.30 70.15 -74.63
CA THR E 1148 -20.83 71.35 -75.25
C THR E 1148 -20.79 71.19 -76.76
N ILE E 1149 -21.92 71.39 -77.40
CA ILE E 1149 -22.07 71.27 -78.84
C ILE E 1149 -21.87 72.66 -79.44
N ILE E 1150 -21.14 72.75 -80.55
CA ILE E 1150 -20.83 74.02 -81.18
C ILE E 1150 -21.32 74.01 -82.62
N PHE E 1151 -22.14 75.00 -82.97
CA PHE E 1151 -22.66 75.17 -84.31
C PHE E 1151 -21.94 76.31 -85.00
N THR E 1152 -21.47 76.07 -86.22
CA THR E 1152 -20.82 77.09 -87.04
C THR E 1152 -21.54 77.20 -88.38
N LEU E 1153 -21.85 78.42 -88.79
CA LEU E 1153 -22.53 78.68 -90.06
C LEU E 1153 -21.64 79.51 -90.96
N ASN E 1154 -21.42 79.01 -92.18
CA ASN E 1154 -20.59 79.65 -93.21
C ASN E 1154 -19.17 79.91 -92.69
N GLY E 1155 -18.64 78.95 -91.95
CA GLY E 1155 -17.35 79.12 -91.31
C GLY E 1155 -17.35 80.17 -90.23
N GLU E 1156 -18.48 80.35 -89.54
CA GLU E 1156 -18.55 81.32 -88.46
C GLU E 1156 -19.44 80.77 -87.36
N VAL E 1157 -18.93 80.80 -86.13
CA VAL E 1157 -19.65 80.27 -84.98
C VAL E 1157 -20.86 81.14 -84.68
N LEU E 1158 -21.99 80.50 -84.40
CA LEU E 1158 -23.22 81.20 -84.09
C LEU E 1158 -23.25 81.63 -82.64
N MET E 1159 -23.93 82.75 -82.39
CA MET E 1159 -24.08 83.27 -81.03
C MET E 1159 -25.48 82.99 -80.51
N SER E 1160 -25.64 83.18 -79.21
CA SER E 1160 -26.92 82.98 -78.54
C SER E 1160 -27.62 84.32 -78.37
N ASP E 1161 -28.78 84.27 -77.70
CA ASP E 1161 -29.45 85.49 -77.31
C ASP E 1161 -28.72 86.18 -76.16
N SER E 1162 -27.93 85.43 -75.38
CA SER E 1162 -27.05 85.99 -74.38
C SER E 1162 -25.61 86.08 -74.85
N GLY E 1163 -25.37 85.88 -76.15
CA GLY E 1163 -24.03 85.97 -76.70
C GLY E 1163 -23.15 84.78 -76.43
N SER E 1164 -23.70 83.68 -75.93
CA SER E 1164 -22.91 82.49 -75.67
C SER E 1164 -22.59 81.76 -76.97
N GLU E 1165 -21.64 80.83 -76.88
CA GLU E 1165 -21.14 80.13 -78.07
C GLU E 1165 -21.78 78.74 -78.11
N THR E 1166 -23.01 78.72 -78.64
CA THR E 1166 -23.86 77.53 -78.84
C THR E 1166 -24.04 76.77 -77.52
N ALA E 1167 -24.77 77.44 -76.62
CA ALA E 1167 -24.85 77.02 -75.23
C ALA E 1167 -25.72 75.76 -75.12
N PHE E 1168 -25.08 74.61 -75.33
CA PHE E 1168 -25.65 73.32 -74.99
C PHE E 1168 -24.80 72.76 -73.85
N ARG E 1169 -25.11 73.18 -72.64
CA ARG E 1169 -24.34 72.83 -71.47
C ARG E 1169 -25.05 71.74 -70.69
N GLU E 1170 -24.24 70.92 -69.99
CA GLU E 1170 -24.67 69.79 -69.18
C GLU E 1170 -25.47 68.80 -70.05
N ILE E 1171 -24.74 68.19 -70.96
CA ILE E 1171 -25.23 67.04 -71.71
C ILE E 1171 -24.44 65.82 -71.27
N GLU E 1172 -25.13 64.69 -71.14
CA GLU E 1172 -24.48 63.47 -70.68
C GLU E 1172 -24.14 62.58 -71.88
N ILE E 1173 -23.28 61.60 -71.62
CA ILE E 1173 -22.90 60.66 -72.68
C ILE E 1173 -24.06 59.75 -73.00
N GLY E 1174 -24.52 58.98 -72.02
CA GLY E 1174 -25.57 58.00 -72.25
C GLY E 1174 -25.09 56.89 -73.15
N ASP E 1175 -25.55 56.90 -74.39
CA ASP E 1175 -25.07 55.98 -75.41
C ASP E 1175 -24.48 56.73 -76.60
N GLY E 1176 -23.84 57.87 -76.32
CA GLY E 1176 -23.17 58.63 -77.36
C GLY E 1176 -24.13 59.45 -78.20
N PHE E 1177 -23.56 60.03 -79.25
CA PHE E 1177 -24.31 60.90 -80.15
C PHE E 1177 -23.92 60.61 -81.58
N LEU E 1178 -24.76 61.09 -82.50
CA LEU E 1178 -24.61 60.78 -83.90
C LEU E 1178 -25.16 61.96 -84.67
N PRO E 1179 -24.58 62.34 -85.80
CA PRO E 1179 -25.16 63.42 -86.60
C PRO E 1179 -26.48 63.01 -87.22
N VAL E 1180 -27.32 64.01 -87.47
CA VAL E 1180 -28.67 63.79 -88.00
C VAL E 1180 -29.00 64.92 -88.97
N CYS E 1181 -29.79 64.57 -89.99
CA CYS E 1181 -30.26 65.55 -90.95
C CYS E 1181 -31.72 65.26 -91.27
N SER E 1182 -32.46 66.30 -91.60
CA SER E 1182 -33.84 66.19 -92.01
C SER E 1182 -34.06 67.02 -93.27
N LEU E 1183 -35.18 66.76 -93.95
CA LEU E 1183 -35.53 67.52 -95.16
C LEU E 1183 -37.03 67.67 -95.25
N GLY E 1184 -37.48 68.91 -95.46
CA GLY E 1184 -38.88 69.17 -95.68
C GLY E 1184 -39.28 68.96 -97.13
N PRO E 1185 -40.47 69.44 -97.50
CA PRO E 1185 -40.98 69.20 -98.86
C PRO E 1185 -40.22 70.01 -99.89
N GLY E 1186 -39.66 69.32 -100.88
CA GLY E 1186 -38.92 69.97 -101.93
C GLY E 1186 -37.62 70.61 -101.49
N GLN E 1187 -36.99 70.08 -100.46
CA GLN E 1187 -35.77 70.64 -99.90
C GLN E 1187 -34.58 69.83 -100.41
N VAL E 1188 -33.66 70.49 -101.11
CA VAL E 1188 -32.50 69.83 -101.67
C VAL E 1188 -31.25 70.32 -100.95
N GLY E 1189 -30.22 69.50 -101.02
CA GLY E 1189 -28.97 69.75 -100.31
C GLY E 1189 -28.27 68.45 -100.00
N HIS E 1190 -27.04 68.58 -99.50
CA HIS E 1190 -26.22 67.42 -99.20
C HIS E 1190 -25.46 67.63 -97.89
N LEU E 1191 -24.91 66.53 -97.39
CA LEU E 1191 -24.09 66.53 -96.19
C LEU E 1191 -22.72 65.97 -96.52
N ASN E 1192 -21.69 66.70 -96.13
CA ASN E 1192 -20.33 66.17 -96.15
C ASN E 1192 -19.99 65.63 -94.76
N LEU E 1193 -19.08 64.69 -94.72
CA LEU E 1193 -18.76 64.00 -93.48
C LEU E 1193 -17.29 64.00 -93.14
N GLY E 1194 -16.41 64.21 -94.11
CA GLY E 1194 -14.99 64.22 -93.83
C GLY E 1194 -14.32 62.93 -94.24
N GLN E 1195 -14.81 62.31 -95.31
CA GLN E 1195 -14.12 61.16 -95.87
C GLN E 1195 -12.80 61.57 -96.52
N ASP E 1196 -12.77 62.75 -97.15
CA ASP E 1196 -11.56 63.32 -97.72
C ASP E 1196 -11.35 64.70 -97.13
N VAL E 1197 -10.07 65.06 -96.93
CA VAL E 1197 -9.73 66.35 -96.33
C VAL E 1197 -10.05 67.48 -97.29
N SER E 1198 -9.69 67.33 -98.56
CA SER E 1198 -9.98 68.35 -99.56
C SER E 1198 -11.46 68.41 -99.90
N SER E 1199 -12.21 67.34 -99.64
CA SER E 1199 -13.65 67.38 -99.86
C SER E 1199 -14.37 68.29 -98.88
N LEU E 1200 -13.77 68.54 -97.71
CA LEU E 1200 -14.32 69.50 -96.77
C LEU E 1200 -14.20 70.90 -97.35
N ARG E 1201 -15.28 71.67 -97.27
CA ARG E 1201 -15.39 72.92 -98.02
C ARG E 1201 -14.49 73.99 -97.41
N PHE E 1202 -14.73 74.36 -96.16
CA PHE E 1202 -13.93 75.42 -95.53
C PHE E 1202 -12.75 74.82 -94.79
N PHE E 1203 -13.03 74.07 -93.72
CA PHE E 1203 -12.05 73.30 -92.92
C PHE E 1203 -10.85 74.16 -92.50
N ALA E 1204 -11.13 75.41 -92.13
CA ALA E 1204 -10.05 76.32 -91.80
C ALA E 1204 -10.29 77.16 -90.57
N ILE E 1205 -11.54 77.40 -90.16
CA ILE E 1205 -11.82 78.47 -89.21
C ILE E 1205 -11.63 77.98 -87.78
N CYS E 1206 -12.28 76.87 -87.43
CA CYS E 1206 -12.23 76.37 -86.07
C CYS E 1206 -11.84 74.89 -86.03
N GLY E 1207 -11.70 74.24 -87.18
CA GLY E 1207 -11.41 72.81 -87.24
C GLY E 1207 -10.05 72.42 -86.74
N LEU E 1208 -9.00 72.98 -87.34
CA LEU E 1208 -7.64 72.52 -87.02
C LEU E 1208 -7.18 73.04 -85.66
N GLN E 1209 -7.36 74.32 -85.39
CA GLN E 1209 -6.76 74.95 -84.23
C GLN E 1209 -7.51 74.70 -82.93
N GLU E 1210 -8.58 73.90 -82.95
CA GLU E 1210 -9.33 73.62 -81.73
C GLU E 1210 -9.49 72.12 -81.49
N GLY E 1211 -8.67 71.29 -82.13
CA GLY E 1211 -8.65 69.88 -81.84
C GLY E 1211 -9.82 69.07 -82.34
N PHE E 1212 -10.70 69.67 -83.14
CA PHE E 1212 -11.83 68.92 -83.67
C PHE E 1212 -11.39 68.05 -84.84
N GLU E 1213 -12.26 67.13 -85.24
CA GLU E 1213 -11.86 66.12 -86.19
C GLU E 1213 -12.99 65.87 -87.18
N PRO E 1214 -12.67 65.76 -88.47
CA PRO E 1214 -13.65 65.24 -89.42
C PRO E 1214 -14.00 63.80 -89.11
N PHE E 1215 -15.24 63.43 -89.43
CA PHE E 1215 -15.83 62.24 -88.84
C PHE E 1215 -15.27 60.96 -89.46
N ALA E 1216 -15.54 60.74 -90.75
CA ALA E 1216 -15.15 59.49 -91.40
C ALA E 1216 -13.78 59.60 -92.07
N ILE E 1217 -12.78 60.06 -91.32
CA ILE E 1217 -11.47 60.32 -91.93
C ILE E 1217 -10.69 59.02 -92.09
N ASN E 1218 -10.76 58.12 -91.12
CA ASN E 1218 -10.02 56.87 -91.17
C ASN E 1218 -10.90 55.74 -91.71
N MET E 1219 -11.45 55.97 -92.89
CA MET E 1219 -12.39 55.03 -93.48
C MET E 1219 -11.99 54.74 -94.92
N GLN E 1220 -12.43 53.58 -95.42
CA GLN E 1220 -12.28 53.21 -96.82
C GLN E 1220 -13.62 53.20 -97.54
N ARG E 1221 -14.68 53.66 -96.88
CA ARG E 1221 -16.01 53.70 -97.46
C ARG E 1221 -16.82 54.74 -96.73
N PRO E 1222 -17.85 55.30 -97.35
CA PRO E 1222 -18.77 56.17 -96.61
C PRO E 1222 -19.72 55.37 -95.74
N VAL E 1223 -20.33 56.08 -94.79
CA VAL E 1223 -21.39 55.49 -93.97
C VAL E 1223 -22.63 55.27 -94.84
N THR E 1224 -23.39 54.23 -94.54
CA THR E 1224 -24.52 53.83 -95.38
C THR E 1224 -25.70 54.79 -95.31
N THR E 1225 -25.74 55.70 -94.32
CA THR E 1225 -26.70 56.81 -94.22
C THR E 1225 -28.15 56.32 -94.19
N TRP E 1226 -28.50 55.68 -93.07
CA TRP E 1226 -29.87 55.25 -92.80
C TRP E 1226 -30.85 56.42 -92.88
N PHE E 1227 -32.08 56.11 -93.30
CA PHE E 1227 -33.09 57.15 -93.43
C PHE E 1227 -34.45 56.58 -93.11
N SER E 1228 -35.45 57.46 -93.13
CA SER E 1228 -36.80 57.10 -92.72
C SER E 1228 -37.58 56.54 -93.90
N LYS E 1229 -38.19 55.38 -93.68
CA LYS E 1229 -39.13 54.83 -94.65
C LYS E 1229 -40.41 55.66 -94.67
N SER E 1230 -40.98 55.85 -95.85
CA SER E 1230 -42.18 56.66 -95.99
C SER E 1230 -43.37 55.82 -96.42
N LEU E 1231 -43.56 54.66 -95.79
CA LEU E 1231 -44.67 53.80 -96.13
C LEU E 1231 -45.23 53.18 -94.87
N PRO E 1232 -46.57 53.04 -94.78
CA PRO E 1232 -47.18 52.35 -93.62
C PRO E 1232 -47.05 50.83 -93.69
N GLN E 1233 -45.91 50.33 -93.25
CA GLN E 1233 -45.73 48.90 -93.10
C GLN E 1233 -46.20 48.44 -91.73
N PHE E 1234 -46.46 47.14 -91.63
CA PHE E 1234 -47.02 46.58 -90.40
C PHE E 1234 -46.02 46.59 -89.27
N GLU E 1235 -46.54 46.56 -88.06
CA GLU E 1235 -45.74 46.49 -86.85
C GLU E 1235 -46.61 45.89 -85.74
N PRO E 1236 -46.15 44.84 -85.08
CA PRO E 1236 -46.92 44.28 -83.97
C PRO E 1236 -46.93 45.22 -82.78
N VAL E 1237 -47.97 45.07 -81.95
CA VAL E 1237 -48.21 45.98 -80.85
C VAL E 1237 -47.15 45.80 -79.77
N PRO E 1238 -46.45 46.87 -79.38
CA PRO E 1238 -45.52 46.76 -78.26
C PRO E 1238 -46.28 46.57 -76.96
N PRO E 1239 -45.66 45.93 -75.97
CA PRO E 1239 -46.35 45.74 -74.68
C PRO E 1239 -46.52 47.02 -73.89
N GLU E 1240 -45.80 48.09 -74.25
CA GLU E 1240 -45.91 49.37 -73.56
C GLU E 1240 -46.53 50.38 -74.53
N HIS E 1241 -47.83 50.57 -74.42
CA HIS E 1241 -48.48 51.71 -75.03
C HIS E 1241 -49.29 52.43 -73.95
N PRO E 1242 -49.38 53.76 -74.01
CA PRO E 1242 -50.14 54.49 -72.96
C PRO E 1242 -51.62 54.16 -72.91
N HIS E 1243 -52.26 53.99 -74.05
CA HIS E 1243 -53.69 53.75 -74.06
C HIS E 1243 -54.13 52.58 -74.93
N TYR E 1244 -53.21 51.82 -75.50
CA TYR E 1244 -53.52 50.63 -76.27
C TYR E 1244 -53.10 49.40 -75.48
N GLU E 1245 -54.01 48.45 -75.34
CA GLU E 1245 -53.72 47.22 -74.61
C GLU E 1245 -54.61 46.11 -75.12
N VAL E 1246 -54.10 44.88 -75.02
CA VAL E 1246 -54.83 43.68 -75.39
C VAL E 1246 -54.64 42.67 -74.26
N ALA E 1247 -55.62 41.80 -74.08
CA ALA E 1247 -55.60 40.82 -73.00
C ALA E 1247 -55.87 39.44 -73.56
N ARG E 1248 -54.99 38.49 -73.23
CA ARG E 1248 -55.14 37.11 -73.67
C ARG E 1248 -56.27 36.46 -72.89
N MET E 1249 -57.36 36.13 -73.57
CA MET E 1249 -58.47 35.46 -72.94
C MET E 1249 -58.17 33.98 -72.74
N ASP E 1250 -59.06 33.29 -72.05
CA ASP E 1250 -58.94 31.85 -71.83
C ASP E 1250 -60.18 31.16 -72.39
N GLY E 1251 -60.01 29.88 -72.72
CA GLY E 1251 -61.12 29.10 -73.25
C GLY E 1251 -61.88 28.35 -72.17
N THR E 1252 -63.02 28.92 -71.75
CA THR E 1252 -63.82 28.29 -70.71
C THR E 1252 -64.74 27.25 -71.34
N VAL E 1253 -65.65 26.70 -70.53
CA VAL E 1253 -66.61 25.74 -71.04
C VAL E 1253 -67.66 26.40 -71.92
N ASP E 1254 -67.88 27.71 -71.74
CA ASP E 1254 -68.81 28.46 -72.57
C ASP E 1254 -68.14 29.40 -73.56
N THR E 1255 -66.89 29.79 -73.31
CA THR E 1255 -66.24 30.78 -74.16
C THR E 1255 -65.03 30.17 -74.87
N PRO E 1256 -64.80 30.53 -76.13
CA PRO E 1256 -63.56 30.14 -76.79
C PRO E 1256 -62.42 31.03 -76.34
N PRO E 1257 -61.16 30.66 -76.57
CA PRO E 1257 -60.06 31.59 -76.32
C PRO E 1257 -60.12 32.76 -77.29
N CYS E 1258 -60.24 33.96 -76.73
CA CYS E 1258 -60.46 35.17 -77.51
C CYS E 1258 -59.25 36.09 -77.38
N LEU E 1259 -59.32 37.22 -78.08
CA LEU E 1259 -58.32 38.27 -78.01
C LEU E 1259 -59.07 39.59 -77.79
N ARG E 1260 -59.34 39.90 -76.53
CA ARG E 1260 -60.12 41.08 -76.21
C ARG E 1260 -59.26 42.33 -76.26
N LEU E 1261 -59.72 43.33 -77.00
CA LEU E 1261 -59.05 44.61 -77.06
C LEU E 1261 -59.62 45.54 -76.00
N ALA E 1262 -58.76 46.38 -75.43
CA ALA E 1262 -59.18 47.38 -74.46
C ALA E 1262 -58.43 48.67 -74.72
N HIS E 1263 -58.87 49.72 -74.06
CA HIS E 1263 -58.34 51.06 -74.27
C HIS E 1263 -58.41 51.82 -72.96
N ARG E 1264 -57.46 52.72 -72.75
CA ARG E 1264 -57.52 53.63 -71.61
C ARG E 1264 -58.57 54.70 -71.91
N UNK E 1265 -59.82 54.33 -71.71
CA UNK E 1265 -60.96 55.15 -72.13
C UNK E 1265 -61.18 56.31 -71.19
N UNK E 1266 -60.33 57.33 -71.28
CA UNK E 1266 -60.44 58.49 -70.41
C UNK E 1266 -60.27 59.77 -71.22
N UNK E 1267 -59.85 60.83 -70.53
CA UNK E 1267 -59.64 62.12 -71.17
C UNK E 1267 -58.24 62.20 -71.76
N UNK E 1268 -57.50 63.23 -71.37
CA UNK E 1268 -56.12 63.51 -71.80
C UNK E 1268 -55.97 63.57 -73.32
N UNK E 1269 -55.86 62.40 -73.94
CA UNK E 1269 -55.70 62.33 -75.39
C UNK E 1269 -56.25 61.01 -75.94
N UNK E 1270 -56.40 60.96 -77.26
CA UNK E 1270 -56.88 59.76 -77.93
C UNK E 1270 -56.25 59.64 -79.31
N UNK E 1271 -56.87 58.88 -80.19
CA UNK E 1271 -56.34 58.69 -81.53
C UNK E 1271 -57.46 58.41 -82.54
N UNK E 1272 -57.06 58.03 -83.75
CA UNK E 1272 -58.02 57.81 -84.84
C UNK E 1272 -58.36 56.33 -84.99
N UNK E 1273 -58.52 55.91 -86.24
CA UNK E 1273 -58.88 54.53 -86.54
C UNK E 1273 -57.67 53.62 -86.53
N UNK E 1274 -57.55 52.80 -85.50
CA UNK E 1274 -56.44 51.87 -85.39
C UNK E 1274 -56.67 50.64 -86.28
N UNK E 1275 -55.94 50.58 -87.37
CA UNK E 1275 -56.05 49.44 -88.29
C UNK E 1275 -55.33 48.23 -87.72
N UNK E 1276 -56.09 47.39 -87.03
CA UNK E 1276 -55.54 46.20 -86.38
C UNK E 1276 -55.48 45.03 -87.36
N UNK E 1277 -54.48 44.17 -87.18
CA UNK E 1277 -54.30 43.03 -88.07
C UNK E 1277 -53.65 41.85 -87.36
N UNK E 1278 -54.27 40.68 -87.47
CA UNK E 1278 -53.77 39.48 -86.82
C UNK E 1278 -52.50 38.96 -87.50
N UNK E 1279 -51.70 38.20 -86.77
CA UNK E 1279 -50.47 37.63 -87.31
C UNK E 1279 -50.72 36.27 -87.92
N UNK E 1280 -51.67 36.21 -88.85
CA UNK E 1280 -52.04 34.95 -89.49
C UNK E 1280 -51.58 34.94 -90.93
N UNK E 1281 -51.65 33.77 -91.55
CA UNK E 1281 -51.29 33.60 -92.95
C UNK E 1281 -52.06 32.44 -93.53
N UNK E 1282 -53.28 32.71 -93.98
CA UNK E 1282 -54.15 31.66 -94.52
C UNK E 1282 -53.96 31.52 -96.02
N UNK E 1283 -53.21 30.52 -96.42
CA UNK E 1283 -52.95 30.28 -97.84
C UNK E 1283 -54.07 29.45 -98.47
N UNK E 1284 -54.42 29.79 -99.71
CA UNK E 1284 -55.46 29.04 -100.42
C UNK E 1284 -54.92 27.69 -100.88
N UNK E 1285 -55.83 26.76 -101.13
CA UNK E 1285 -55.45 25.38 -101.41
C UNK E 1285 -54.99 25.14 -102.84
N UNK E 1286 -55.03 26.17 -103.67
CA UNK E 1286 -54.61 26.04 -105.06
C UNK E 1286 -53.09 25.97 -105.17
N UNK E 1287 -56.62 24.59 -109.48
CA UNK E 1287 -56.09 23.55 -108.60
C UNK E 1287 -57.02 23.33 -107.41
N UNK E 1288 -57.72 24.38 -107.03
CA UNK E 1288 -58.69 24.29 -105.94
C UNK E 1288 -59.79 25.31 -106.13
N UNK E 1289 -60.66 25.42 -105.13
CA UNK E 1289 -61.79 26.36 -105.21
C UNK E 1289 -61.91 27.17 -103.92
N UNK E 1290 -61.55 28.44 -104.01
CA UNK E 1290 -61.65 29.33 -102.85
C UNK E 1290 -62.85 30.25 -102.99
N UNK E 1291 -63.86 30.01 -102.17
CA UNK E 1291 -65.07 30.83 -102.21
C UNK E 1291 -65.48 31.24 -100.79
N UNK E 1292 -64.84 32.28 -100.28
CA UNK E 1292 -65.12 32.75 -98.92
C UNK E 1292 -66.39 33.57 -98.89
N UNK E 1293 -66.98 33.69 -97.70
CA UNK E 1293 -68.23 34.41 -97.53
C UNK E 1293 -68.37 34.94 -96.11
N UNK E 1294 -68.49 36.25 -95.98
CA UNK E 1294 -68.70 36.87 -94.68
C UNK E 1294 -70.15 36.67 -94.24
N UNK E 1295 -70.35 36.36 -92.97
CA UNK E 1295 -71.68 36.18 -92.43
C UNK E 1295 -71.85 36.98 -91.15
N UNK E 1296 -73.03 37.55 -90.96
CA UNK E 1296 -73.31 38.34 -89.76
C UNK E 1296 -73.77 37.43 -88.62
N UNK E 1297 -74.73 37.92 -87.85
CA UNK E 1297 -75.29 37.13 -86.75
C UNK E 1297 -76.24 36.07 -87.29
N UNK E 1298 -76.77 36.32 -88.48
CA UNK E 1298 -77.68 35.37 -89.12
C UNK E 1298 -77.63 35.52 -90.64
N UNK E 1299 -77.76 36.75 -91.11
CA UNK E 1299 -77.81 37.03 -92.55
C UNK E 1299 -76.43 36.95 -93.19
N UNK E 1300 -76.41 37.08 -94.51
CA UNK E 1300 -75.16 36.99 -95.26
C UNK E 1300 -75.22 37.74 -96.59
N UNK E 1301 -74.58 38.90 -96.62
CA UNK E 1301 -74.34 39.61 -97.87
C UNK E 1301 -72.92 39.27 -98.30
N UNK E 1302 -72.76 38.15 -99.01
CA UNK E 1302 -71.46 37.57 -99.26
C UNK E 1302 -70.71 38.22 -100.42
N UNK E 1303 -70.37 37.41 -101.43
CA UNK E 1303 -69.56 37.78 -102.60
C UNK E 1303 -68.20 38.38 -102.24
N UNK E 1304 -67.57 39.00 -103.23
CA UNK E 1304 -66.27 39.67 -103.14
C UNK E 1304 -65.14 38.80 -102.60
N UNK E 1305 -65.27 37.48 -102.77
CA UNK E 1305 -64.34 36.53 -102.19
C UNK E 1305 -64.49 35.18 -102.89
N UNK E 1306 -64.19 35.17 -104.19
CA UNK E 1306 -64.30 33.95 -104.98
C UNK E 1306 -63.32 34.00 -106.15
N UNK E 1307 -62.17 34.63 -105.93
CA UNK E 1307 -61.16 34.76 -106.97
C UNK E 1307 -59.77 34.50 -106.40
N UNK E 1308 -59.43 33.23 -106.23
CA UNK E 1308 -58.13 32.86 -105.68
C UNK E 1308 -57.72 31.46 -106.11
N UNK E 1309 -56.51 31.34 -106.65
CA UNK E 1309 -55.95 30.04 -106.99
C UNK E 1309 -55.11 29.55 -105.82
N UNK E 1310 -54.17 30.39 -105.39
CA UNK E 1310 -53.32 30.09 -104.24
C UNK E 1310 -52.95 31.38 -103.52
N UNK E 1311 -53.97 32.13 -103.10
CA UNK E 1311 -53.76 33.41 -102.44
C UNK E 1311 -53.34 33.22 -100.98
N UNK E 1312 -53.22 34.33 -100.26
CA UNK E 1312 -52.85 34.31 -98.85
C UNK E 1312 -53.39 35.54 -98.13
N UNK E 1313 -54.53 35.37 -97.47
CA UNK E 1313 -55.17 36.50 -96.78
C UNK E 1313 -55.04 36.36 -95.26
N UNK E 1314 -54.93 37.49 -94.59
CA UNK E 1314 -54.82 37.52 -93.13
C UNK E 1314 -56.10 38.11 -92.54
N UNK E 1315 -56.46 37.64 -91.34
CA UNK E 1315 -57.63 38.15 -90.65
C UNK E 1315 -57.33 39.57 -90.14
N UNK E 1316 -58.27 40.48 -90.38
CA UNK E 1316 -58.05 41.87 -90.05
C UNK E 1316 -59.30 42.52 -89.44
N UNK E 1317 -59.09 43.67 -88.79
CA UNK E 1317 -60.18 44.42 -88.20
C UNK E 1317 -59.81 45.89 -88.08
N UNK E 1318 -59.88 46.60 -89.21
CA UNK E 1318 -59.57 48.02 -89.22
C UNK E 1318 -60.70 48.81 -88.59
N UNK E 1319 -60.59 49.07 -87.29
CA UNK E 1319 -61.66 49.71 -86.54
C UNK E 1319 -61.24 51.08 -86.01
N UNK E 1320 -62.22 51.85 -85.54
CA UNK E 1320 -61.98 53.17 -84.97
C UNK E 1320 -62.39 53.20 -83.50
N UNK E 1321 -61.86 54.18 -82.77
CA UNK E 1321 -62.08 54.27 -81.33
C UNK E 1321 -63.49 54.73 -80.97
N UNK E 1322 -63.97 54.29 -79.82
CA UNK E 1322 -65.29 54.67 -79.33
C UNK E 1322 -65.22 55.01 -77.85
N UNK E 1323 -64.00 55.09 -77.32
CA UNK E 1323 -63.69 55.45 -75.93
C UNK E 1323 -64.40 54.61 -74.89
N UNK E 1324 -64.27 53.28 -75.01
CA UNK E 1324 -64.85 52.36 -74.04
C UNK E 1324 -64.04 51.06 -74.02
N UNK E 1325 -64.64 50.01 -74.56
CA UNK E 1325 -63.96 48.73 -74.71
C UNK E 1325 -64.36 48.15 -76.05
N UNK E 1326 -63.41 48.06 -76.97
CA UNK E 1326 -63.71 47.74 -78.36
C UNK E 1326 -63.88 46.24 -78.62
N UNK E 1327 -63.20 45.75 -79.65
CA UNK E 1327 -63.43 44.42 -80.17
C UNK E 1327 -62.89 43.31 -79.29
N UNK E 1328 -63.30 42.09 -79.62
CA UNK E 1328 -62.84 40.89 -78.95
C UNK E 1328 -62.75 39.77 -79.96
N UNK E 1329 -61.58 39.63 -80.58
CA UNK E 1329 -61.37 38.63 -81.63
C UNK E 1329 -61.34 37.23 -81.05
N UNK E 1330 -62.48 36.56 -81.11
CA UNK E 1330 -62.61 35.22 -80.57
C UNK E 1330 -62.13 34.17 -81.56
N UNK E 1331 -61.77 33.00 -81.03
CA UNK E 1331 -61.35 31.88 -81.88
C UNK E 1331 -62.24 30.68 -81.61
N UNK E 1332 -63.44 30.69 -82.19
CA UNK E 1332 -64.40 29.62 -81.96
C UNK E 1332 -64.48 28.67 -83.14
N UNK E 1333 -65.03 27.48 -82.88
CA UNK E 1333 -65.25 26.50 -83.92
C UNK E 1333 -66.74 26.28 -84.12
N UNK E 1334 -67.11 25.78 -85.28
CA UNK E 1334 -68.50 25.44 -85.56
C UNK E 1334 -68.58 23.97 -85.93
N UNK E 1335 -69.76 23.53 -86.38
CA UNK E 1335 -69.95 22.16 -86.79
C UNK E 1335 -69.53 21.96 -88.25
N UNK E 1336 -69.25 23.06 -88.93
CA UNK E 1336 -68.92 23.01 -90.34
C UNK E 1336 -67.49 23.48 -90.63
N UNK E 1337 -67.38 24.61 -91.32
CA UNK E 1337 -66.07 25.11 -91.77
C UNK E 1337 -65.37 25.94 -90.70
N UNK E 1338 -64.29 26.60 -91.11
CA UNK E 1338 -63.50 27.43 -90.22
C UNK E 1338 -64.15 28.80 -90.03
N UNK E 1339 -64.52 29.12 -88.79
CA UNK E 1339 -65.17 30.39 -88.50
C UNK E 1339 -64.28 31.28 -87.63
N UNK E 1340 -64.23 32.56 -87.96
CA UNK E 1340 -63.42 33.51 -87.21
C UNK E 1340 -64.30 34.65 -86.67
N UNK E 1341 -64.87 34.42 -85.49
CA UNK E 1341 -65.78 35.38 -84.89
C UNK E 1341 -65.07 36.56 -84.24
N UNK E 1342 -65.78 37.66 -84.08
CA UNK E 1342 -65.25 38.86 -83.46
C UNK E 1342 -66.38 39.69 -82.86
N UNK E 1343 -66.53 39.64 -81.54
CA UNK E 1343 -67.57 40.38 -80.86
C UNK E 1343 -67.21 41.85 -80.73
N UNK E 1344 -68.22 42.69 -80.54
CA UNK E 1344 -68.01 44.14 -80.45
C UNK E 1344 -69.02 44.80 -79.52
N UNK E 1345 -68.79 46.08 -79.24
CA UNK E 1345 -69.67 46.86 -78.38
C UNK E 1345 -69.73 48.32 -78.81
N UNK E 1346 -69.10 48.63 -79.94
CA UNK E 1346 -69.04 49.98 -80.44
C UNK E 1346 -70.08 50.20 -81.55
N UNK E 1347 -70.00 51.38 -82.18
CA UNK E 1347 -70.97 51.76 -83.21
C UNK E 1347 -70.57 51.22 -84.58
N UNK E 1348 -69.98 52.08 -85.40
CA UNK E 1348 -69.61 51.71 -86.76
C UNK E 1348 -68.11 51.50 -86.89
N UNK E 1349 -67.73 50.32 -87.36
CA UNK E 1349 -66.34 49.98 -87.60
C UNK E 1349 -66.27 48.86 -88.62
N UNK E 1350 -65.47 49.05 -89.66
CA UNK E 1350 -65.38 48.08 -90.74
C UNK E 1350 -64.52 46.88 -90.37
N UNK E 1351 -64.92 45.71 -90.85
CA UNK E 1351 -64.15 44.49 -90.63
C UNK E 1351 -63.83 43.84 -91.97
N UNK E 1352 -62.77 43.04 -92.01
CA UNK E 1352 -62.29 42.48 -93.26
C UNK E 1352 -61.44 41.23 -93.08
N UNK E 1353 -60.84 40.79 -94.19
CA UNK E 1353 -59.87 39.71 -94.17
C UNK E 1353 -58.79 40.08 -95.19
N UNK E 1354 -57.85 40.91 -94.74
CA UNK E 1354 -56.91 41.57 -95.64
C UNK E 1354 -55.84 40.65 -96.21
N UNK E 1355 -55.30 41.04 -97.35
CA UNK E 1355 -54.22 40.29 -97.98
C UNK E 1355 -52.89 40.80 -97.43
N UNK E 1356 -51.80 40.31 -98.01
CA UNK E 1356 -50.48 40.76 -97.62
C UNK E 1356 -50.01 41.86 -98.56
N UNK E 1357 -50.82 42.90 -98.71
CA UNK E 1357 -50.52 43.99 -99.63
C UNK E 1357 -51.22 45.28 -99.21
N UNK E 1358 -51.71 45.33 -97.98
CA UNK E 1358 -52.45 46.48 -97.50
C UNK E 1358 -51.55 47.68 -97.26
N UNK E 1359 -52.08 48.86 -97.54
CA UNK E 1359 -51.35 50.11 -97.34
C UNK E 1359 -52.33 51.25 -97.16
N UNK E 1360 -52.96 51.30 -95.98
CA UNK E 1360 -53.97 52.31 -95.69
C UNK E 1360 -53.35 53.63 -95.26
N UNK E 1361 -54.17 54.52 -94.72
CA UNK E 1361 -53.71 55.84 -94.31
C UNK E 1361 -54.56 56.38 -93.16
N UNK E 1362 -55.30 57.46 -93.43
CA UNK E 1362 -56.09 58.14 -92.41
C UNK E 1362 -57.54 57.68 -92.42
N UNK E 1363 -58.46 58.65 -92.38
CA UNK E 1363 -59.89 58.35 -92.31
C UNK E 1363 -60.40 57.84 -93.65
N UNK E 1364 -60.85 56.58 -93.65
CA UNK E 1364 -61.38 55.96 -94.86
C UNK E 1364 -62.31 54.80 -94.52
N UNK E 1365 -63.38 54.66 -95.28
CA UNK E 1365 -64.32 53.56 -95.10
C UNK E 1365 -64.62 52.93 -96.46
N UNK E 1366 -64.20 53.63 -97.52
CA UNK E 1366 -64.38 53.14 -98.88
C UNK E 1366 -63.07 53.31 -99.65
N UNK E 1367 -63.18 53.23 -100.98
CA UNK E 1367 -62.06 53.35 -101.92
C UNK E 1367 -60.94 52.35 -101.61
N UNK E 1368 -61.23 51.08 -101.80
CA UNK E 1368 -60.26 50.02 -101.53
C UNK E 1368 -59.29 49.86 -102.70
N UNK E 1369 -59.62 50.49 -103.83
CA UNK E 1369 -58.82 50.52 -105.06
C UNK E 1369 -58.48 49.14 -105.59
N UNK E 1370 -59.39 48.56 -106.37
CA UNK E 1370 -59.16 47.27 -106.99
C UNK E 1370 -59.23 47.41 -108.51
N UNK E 1371 -59.35 46.28 -109.20
CA UNK E 1371 -59.46 46.29 -110.67
C UNK E 1371 -60.24 45.10 -111.17
N UNK E 1372 -60.14 44.82 -112.46
CA UNK E 1372 -60.83 43.68 -113.05
C UNK E 1372 -60.06 43.12 -114.24
N UNK E 1373 -60.08 41.80 -114.37
CA UNK E 1373 -59.44 41.13 -115.49
C UNK E 1373 -60.37 41.15 -116.69
N UNK E 1374 -59.79 41.12 -117.89
CA UNK E 1374 -60.56 41.09 -119.12
C UNK E 1374 -59.74 40.47 -120.24
N UNK E 1375 -59.74 39.15 -120.31
CA UNK E 1375 -58.97 38.43 -121.33
C UNK E 1375 -59.90 37.71 -122.29
N UNK E 1376 -60.12 38.32 -123.45
CA UNK E 1376 -61.02 37.77 -124.45
C UNK E 1376 -60.33 36.72 -125.31
N UNK E 1377 -61.02 36.28 -126.35
CA UNK E 1377 -60.48 35.26 -127.25
C UNK E 1377 -59.51 35.90 -128.24
N UNK E 1378 -59.93 36.01 -129.50
CA UNK E 1378 -59.10 36.60 -130.54
C UNK E 1378 -59.67 37.93 -130.99
N UNK E 1379 -60.94 37.91 -131.39
CA UNK E 1379 -61.65 39.14 -131.73
C UNK E 1379 -62.10 39.81 -130.44
N UNK E 1380 -63.28 39.46 -129.98
CA UNK E 1380 -63.83 39.94 -128.72
C UNK E 1380 -64.86 38.94 -128.22
N UNK E 1381 -64.61 37.67 -128.49
CA UNK E 1381 -65.57 36.61 -128.21
C UNK E 1381 -65.56 36.19 -126.74
N UNK E 1382 -65.14 34.95 -126.49
CA UNK E 1382 -65.17 34.38 -125.14
C UNK E 1382 -64.13 35.04 -124.25
N UNK E 1383 -64.62 35.69 -123.20
CA UNK E 1383 -63.75 36.42 -122.28
C UNK E 1383 -63.36 35.58 -121.08
N UNK E 1384 -62.45 36.12 -120.28
CA UNK E 1384 -62.04 35.48 -119.03
C UNK E 1384 -62.01 36.53 -117.94
N UNK E 1385 -63.13 37.22 -117.77
CA UNK E 1385 -63.23 38.33 -116.83
C UNK E 1385 -63.25 37.85 -115.39
N UNK E 1386 -62.48 38.53 -114.54
CA UNK E 1386 -62.45 38.22 -113.11
C UNK E 1386 -62.06 39.47 -112.34
N UNK E 1387 -62.36 39.49 -111.04
CA UNK E 1387 -61.95 40.58 -110.18
C UNK E 1387 -60.46 40.47 -109.92
N UNK E 1388 -59.81 41.60 -109.70
CA UNK E 1388 -58.36 41.60 -109.48
C UNK E 1388 -58.02 41.56 -107.99
N UNK E 1389 -59.04 41.31 -107.17
CA UNK E 1389 -58.94 41.14 -105.71
C UNK E 1389 -58.38 42.35 -104.95
N UNK E 1390 -59.26 43.04 -104.25
CA UNK E 1390 -58.87 44.20 -103.45
C UNK E 1390 -58.02 43.78 -102.24
N UNK E 1391 -57.43 44.77 -101.58
CA UNK E 1391 -56.51 44.50 -100.48
C UNK E 1391 -57.21 43.98 -99.23
N UNK E 1392 -58.53 44.12 -99.15
CA UNK E 1392 -59.29 43.64 -98.01
C UNK E 1392 -60.74 43.35 -98.37
N UNK E 1393 -61.55 43.10 -97.34
CA UNK E 1393 -62.98 42.96 -97.47
C UNK E 1393 -63.66 44.18 -96.84
N UNK E 1394 -64.96 44.10 -96.61
CA UNK E 1394 -65.68 45.25 -96.07
C UNK E 1394 -66.91 44.87 -95.27
N UNK E 1395 -67.22 45.68 -94.27
CA UNK E 1395 -68.42 45.52 -93.45
C UNK E 1395 -68.74 46.85 -92.76
N UNK E 1396 -68.54 47.94 -93.50
CA UNK E 1396 -68.75 49.28 -92.96
C UNK E 1396 -70.22 49.56 -92.70
N UNK E 1397 -70.61 49.44 -91.42
CA UNK E 1397 -71.98 49.60 -90.93
C UNK E 1397 -72.97 48.70 -91.67
N UNK E 1398 -72.64 47.42 -91.76
CA UNK E 1398 -73.46 46.45 -92.46
C UNK E 1398 -74.75 46.17 -91.70
N UNK E 1399 -74.69 46.26 -90.38
CA UNK E 1399 -75.87 46.08 -89.56
C UNK E 1399 -76.75 47.32 -89.64
N UNK E 1400 -78.06 47.13 -89.69
CA UNK E 1400 -79.01 48.23 -89.79
C UNK E 1400 -79.86 48.35 -88.54
N UNK E 1401 -79.22 48.62 -87.41
CA UNK E 1401 -79.93 48.77 -86.15
C UNK E 1401 -80.42 50.19 -85.95
N UNK E 1402 -80.99 50.45 -84.77
CA UNK E 1402 -81.48 51.78 -84.44
C UNK E 1402 -80.34 52.65 -83.90
N UNK E 1403 -80.67 53.88 -83.52
CA UNK E 1403 -79.66 54.81 -83.02
C UNK E 1403 -79.47 54.63 -81.52
N UNK E 1404 -80.36 53.89 -80.89
CA UNK E 1404 -80.30 53.66 -79.44
C UNK E 1404 -79.38 52.51 -79.11
N UNK E 1405 -79.46 51.45 -79.91
CA UNK E 1405 -78.65 50.22 -79.81
C UNK E 1405 -78.73 49.49 -78.47
N UNK E 1406 -77.92 48.45 -78.33
CA UNK E 1406 -77.91 47.62 -77.12
C UNK E 1406 -76.58 46.89 -76.97
N UNK E 1407 -76.52 45.67 -77.51
CA UNK E 1407 -75.35 44.81 -77.35
C UNK E 1407 -74.36 44.97 -78.51
N UNK E 1408 -73.58 43.92 -78.76
CA UNK E 1408 -72.58 43.93 -79.80
C UNK E 1408 -72.94 42.95 -80.92
N UNK E 1409 -72.16 42.97 -81.99
CA UNK E 1409 -72.37 42.06 -83.11
C UNK E 1409 -71.50 40.83 -82.98
N UNK E 1410 -71.58 39.94 -83.96
CA UNK E 1410 -70.80 38.72 -83.97
C UNK E 1410 -70.52 38.29 -85.41
N UNK E 1411 -69.94 39.20 -86.19
CA UNK E 1411 -69.65 38.93 -87.58
C UNK E 1411 -68.43 38.01 -87.73
N UNK E 1412 -68.71 36.74 -88.02
CA UNK E 1412 -67.65 35.78 -88.26
C UNK E 1412 -67.36 35.68 -89.75
N UNK E 1413 -66.59 34.67 -90.14
CA UNK E 1413 -66.26 34.46 -91.54
C UNK E 1413 -66.19 32.98 -91.87
N UNK E 1414 -65.88 32.67 -93.12
CA UNK E 1414 -65.74 31.29 -93.57
C UNK E 1414 -64.82 31.23 -94.78
N UNK E 1415 -64.29 30.05 -95.07
CA UNK E 1415 -63.40 29.88 -96.21
C UNK E 1415 -63.52 28.48 -96.78
N UNK E 1416 -62.63 28.13 -97.69
CA UNK E 1416 -62.61 26.80 -98.27
C UNK E 1416 -62.05 25.78 -97.27
N UNK E 1417 -62.86 25.42 -96.29
CA UNK E 1417 -62.44 24.49 -95.25
C UNK E 1417 -63.14 23.16 -95.41
N UNK E 1418 -62.36 22.07 -95.32
CA UNK E 1418 -62.91 20.74 -95.45
C UNK E 1418 -63.55 20.27 -94.15
N UNK E 1419 -64.01 19.04 -94.12
CA UNK E 1419 -64.70 18.51 -92.95
C UNK E 1419 -64.21 17.12 -92.57
N UNK E 1420 -64.62 16.69 -91.38
CA UNK E 1420 -64.28 15.37 -90.87
C UNK E 1420 -65.34 14.94 -89.86
N UNK E 1421 -66.04 13.85 -90.16
CA UNK E 1421 -67.08 13.35 -89.28
C UNK E 1421 -67.22 11.85 -89.42
N MET E 1422 -62.37 23.21 -88.98
CA MET E 1422 -63.51 23.87 -88.33
C MET E 1422 -63.15 24.99 -87.31
N PRO E 1423 -62.04 24.89 -86.56
CA PRO E 1423 -61.52 26.10 -85.90
C PRO E 1423 -60.68 26.92 -86.87
N LEU E 1424 -60.15 28.02 -86.35
CA LEU E 1424 -59.28 28.89 -87.14
C LEU E 1424 -57.84 28.41 -87.13
N SER E 1425 -57.36 27.91 -85.99
CA SER E 1425 -55.98 27.43 -85.89
C SER E 1425 -55.78 26.09 -86.60
N ALA E 1426 -56.86 25.40 -86.95
CA ALA E 1426 -56.72 24.12 -87.64
C ALA E 1426 -56.23 24.30 -89.07
N ALA E 1427 -56.46 25.46 -89.66
CA ALA E 1427 -56.19 25.66 -91.08
C ALA E 1427 -54.75 26.07 -91.36
N MET E 1428 -54.00 26.52 -90.37
CA MET E 1428 -52.70 27.12 -90.63
C MET E 1428 -51.53 26.39 -89.97
N PHE E 1429 -51.67 25.96 -88.72
CA PHE E 1429 -50.53 25.48 -87.96
C PHE E 1429 -50.04 24.10 -88.37
N LEU E 1430 -50.83 23.35 -89.15
CA LEU E 1430 -50.46 22.13 -89.87
C LEU E 1430 -50.27 20.92 -88.95
N SER E 1431 -50.23 21.14 -87.64
CA SER E 1431 -50.25 20.08 -86.66
C SER E 1431 -51.63 19.90 -86.03
N GLU E 1432 -52.39 20.98 -85.92
CA GLU E 1432 -53.79 20.93 -85.56
C GLU E 1432 -54.69 20.77 -86.78
N ARG E 1433 -54.12 20.40 -87.93
CA ARG E 1433 -54.92 20.17 -89.13
C ARG E 1433 -55.84 18.98 -88.97
N LYS E 1434 -55.43 17.99 -88.19
CA LYS E 1434 -56.30 16.89 -87.82
C LYS E 1434 -56.98 17.10 -86.48
N ASN E 1435 -56.75 18.23 -85.83
CA ASN E 1435 -57.32 18.51 -84.52
C ASN E 1435 -58.42 19.56 -84.63
N PRO E 1436 -59.69 19.18 -84.46
CA PRO E 1436 -60.77 20.18 -84.51
C PRO E 1436 -60.99 20.89 -83.18
N ALA E 1437 -60.03 20.80 -82.27
CA ALA E 1437 -60.12 21.49 -80.98
C ALA E 1437 -59.60 22.91 -81.12
N PRO E 1438 -60.37 23.92 -80.73
CA PRO E 1438 -59.88 25.30 -80.81
C PRO E 1438 -58.87 25.60 -79.72
N GLN E 1439 -57.73 26.17 -80.12
CA GLN E 1439 -56.68 26.53 -79.19
C GLN E 1439 -56.24 27.97 -79.43
N CYS E 1440 -55.14 28.39 -78.79
CA CYS E 1440 -54.63 29.74 -78.96
C CYS E 1440 -53.13 29.75 -78.69
N PRO E 1441 -52.31 29.54 -79.72
CA PRO E 1441 -50.86 29.73 -79.56
C PRO E 1441 -50.53 31.20 -79.41
N PRO E 1442 -49.37 31.53 -78.83
CA PRO E 1442 -48.98 32.94 -78.69
C PRO E 1442 -48.62 33.64 -80.00
N ARG E 1443 -48.60 32.93 -81.14
CA ARG E 1443 -48.25 33.55 -82.41
C ARG E 1443 -49.34 34.45 -82.95
N LEU E 1444 -50.56 34.32 -82.45
CA LEU E 1444 -51.64 35.20 -82.90
C LEU E 1444 -51.44 36.59 -82.30
N GLU E 1445 -50.76 37.45 -83.03
CA GLU E 1445 -50.40 38.78 -82.56
C GLU E 1445 -51.09 39.84 -83.41
N VAL E 1446 -51.49 40.92 -82.77
CA VAL E 1446 -52.15 42.02 -83.45
C VAL E 1446 -51.09 42.99 -83.96
N GLN E 1447 -51.18 43.37 -85.23
CA GLN E 1447 -50.29 44.36 -85.81
C GLN E 1447 -50.99 45.70 -85.93
N MET E 1448 -50.34 46.74 -85.42
CA MET E 1448 -50.80 48.11 -85.56
C MET E 1448 -49.72 48.84 -86.35
N LEU E 1449 -50.01 49.12 -87.61
CA LEU E 1449 -49.01 49.69 -88.51
C LEU E 1449 -48.71 51.14 -88.17
N MET E 1450 -47.52 51.58 -88.53
CA MET E 1450 -47.13 52.97 -88.41
C MET E 1450 -46.57 53.43 -89.74
N PRO E 1451 -46.76 54.71 -90.10
CA PRO E 1451 -46.34 55.16 -91.43
C PRO E 1451 -44.88 55.58 -91.52
N VAL E 1452 -43.97 54.82 -90.90
CA VAL E 1452 -42.54 55.11 -90.95
C VAL E 1452 -41.78 53.86 -90.53
N SER E 1453 -40.53 53.78 -90.97
CA SER E 1453 -39.55 52.80 -90.49
C SER E 1453 -38.18 53.41 -90.71
N TRP E 1454 -37.15 52.58 -90.63
CA TRP E 1454 -35.77 53.01 -90.90
C TRP E 1454 -35.26 52.26 -92.12
N SER E 1455 -35.04 52.99 -93.21
CA SER E 1455 -34.59 52.39 -94.46
C SER E 1455 -33.12 52.71 -94.70
N ARG E 1456 -32.47 51.83 -95.44
CA ARG E 1456 -31.03 51.89 -95.68
C ARG E 1456 -30.76 52.45 -97.07
N MET E 1457 -29.86 53.41 -97.14
CA MET E 1457 -29.42 53.91 -98.42
C MET E 1457 -28.31 53.03 -98.98
N PRO E 1458 -28.40 52.58 -100.22
CA PRO E 1458 -27.33 51.76 -100.80
C PRO E 1458 -26.08 52.59 -101.07
N ASN E 1459 -24.94 51.91 -101.04
CA ASN E 1459 -23.67 52.57 -101.31
C ASN E 1459 -23.52 52.94 -102.78
N HIS E 1460 -24.26 52.29 -103.67
CA HIS E 1460 -24.20 52.60 -105.08
C HIS E 1460 -25.60 52.53 -105.67
N PHE E 1461 -25.84 53.38 -106.66
CA PHE E 1461 -27.09 53.41 -107.40
C PHE E 1461 -26.80 53.14 -108.88
N LEU E 1462 -27.86 53.08 -109.67
CA LEU E 1462 -27.71 53.01 -111.12
C LEU E 1462 -27.21 54.36 -111.62
N GLN E 1463 -25.97 54.39 -112.11
CA GLN E 1463 -25.32 55.64 -112.46
C GLN E 1463 -25.89 56.27 -113.72
N VAL E 1464 -26.61 55.50 -114.54
CA VAL E 1464 -27.20 56.04 -115.74
C VAL E 1464 -28.60 55.48 -115.93
N GLU E 1471 -32.06 62.71 -124.32
CA GLU E 1471 -31.68 63.97 -124.94
C GLU E 1471 -32.57 64.28 -126.14
N ARG E 1472 -32.08 63.96 -127.33
CA ARG E 1472 -32.82 64.19 -128.57
C ARG E 1472 -33.48 62.90 -129.04
N LEU E 1473 -34.30 63.05 -130.07
CA LEU E 1473 -35.12 61.98 -130.69
C LEU E 1473 -35.98 61.29 -129.63
N GLY E 1474 -36.89 62.10 -129.06
CA GLY E 1474 -37.77 61.59 -128.03
C GLY E 1474 -37.07 61.30 -126.71
N TRP E 1475 -36.07 62.11 -126.34
CA TRP E 1475 -35.36 62.04 -125.06
C TRP E 1475 -34.71 60.67 -124.85
N ALA E 1476 -33.68 60.42 -125.66
CA ALA E 1476 -32.89 59.19 -125.56
C ALA E 1476 -32.23 59.07 -124.20
N VAL E 1477 -32.61 58.03 -123.45
CA VAL E 1477 -32.12 57.80 -122.10
C VAL E 1477 -31.02 56.75 -122.16
N GLN E 1478 -29.92 57.01 -121.46
CA GLN E 1478 -28.80 56.08 -121.39
C GLN E 1478 -28.78 55.38 -120.03
N CYS E 1479 -28.61 54.06 -120.07
CA CYS E 1479 -28.44 53.23 -118.87
C CYS E 1479 -27.77 51.94 -119.30
N GLN E 1480 -26.52 51.74 -118.88
CA GLN E 1480 -25.76 50.59 -119.38
C GLN E 1480 -25.12 49.74 -118.29
N ASP E 1481 -24.69 50.34 -117.17
CA ASP E 1481 -23.83 49.65 -116.22
C ASP E 1481 -24.64 48.68 -115.36
N PRO E 1482 -24.22 47.41 -115.27
CA PRO E 1482 -24.95 46.45 -114.43
C PRO E 1482 -24.55 46.55 -112.97
N LEU E 1483 -25.51 46.23 -112.11
CA LEU E 1483 -25.32 46.28 -110.66
C LEU E 1483 -26.40 45.43 -110.01
N THR E 1484 -26.03 44.68 -108.98
CA THR E 1484 -26.97 43.77 -108.32
C THR E 1484 -26.73 43.82 -106.82
N MET E 1485 -27.56 43.05 -106.10
CA MET E 1485 -27.45 42.94 -104.65
C MET E 1485 -28.14 41.66 -104.23
N MET E 1486 -27.91 41.27 -102.98
CA MET E 1486 -28.61 40.16 -102.35
C MET E 1486 -29.43 40.69 -101.18
N ALA E 1487 -30.56 40.04 -100.93
CA ALA E 1487 -31.51 40.50 -99.94
C ALA E 1487 -32.38 39.35 -99.49
N LEU E 1488 -32.73 39.33 -98.21
CA LEU E 1488 -33.57 38.27 -97.68
C LEU E 1488 -35.03 38.48 -98.08
N HIS E 1489 -35.85 37.49 -97.74
CA HIS E 1489 -37.28 37.59 -97.97
C HIS E 1489 -38.00 36.79 -96.90
N ILE E 1490 -38.85 37.46 -96.13
CA ILE E 1490 -39.58 36.76 -95.08
C ILE E 1490 -40.72 35.94 -95.71
N PRO E 1491 -40.87 34.68 -95.35
CA PRO E 1491 -41.96 33.88 -95.92
C PRO E 1491 -43.31 34.22 -95.32
N GLU E 1492 -43.33 34.42 -94.00
CA GLU E 1492 -44.60 34.53 -93.27
C GLU E 1492 -45.31 35.84 -93.57
N GLU E 1493 -44.57 36.92 -93.81
CA GLU E 1493 -45.18 38.19 -94.14
C GLU E 1493 -45.20 38.44 -95.64
N ASN E 1494 -44.36 37.73 -96.40
CA ASN E 1494 -44.18 37.87 -97.85
C ASN E 1494 -43.79 39.30 -98.21
N ARG E 1495 -42.59 39.67 -97.76
CA ARG E 1495 -41.96 40.88 -98.24
C ARG E 1495 -40.45 40.69 -98.23
N CYS E 1496 -39.78 41.53 -98.99
CA CYS E 1496 -38.34 41.45 -99.17
C CYS E 1496 -37.64 42.51 -98.32
N MET E 1497 -36.43 42.18 -97.86
CA MET E 1497 -35.62 43.12 -97.09
C MET E 1497 -34.16 42.73 -97.24
N ASP E 1498 -33.29 43.71 -97.02
CA ASP E 1498 -31.87 43.55 -97.31
C ASP E 1498 -31.19 42.69 -96.25
N ILE E 1499 -30.13 42.01 -96.68
CA ILE E 1499 -29.24 41.33 -95.76
C ILE E 1499 -28.41 42.33 -94.95
N LEU E 1500 -28.26 43.56 -95.44
CA LEU E 1500 -27.57 44.60 -94.69
C LEU E 1500 -28.49 45.32 -93.72
N GLU E 1501 -29.76 44.93 -93.64
CA GLU E 1501 -30.65 45.40 -92.59
C GLU E 1501 -30.34 44.75 -91.25
N LEU E 1502 -29.58 43.66 -91.24
CA LEU E 1502 -29.40 42.88 -90.01
C LEU E 1502 -28.48 43.56 -89.03
N SER E 1503 -27.70 44.55 -89.47
CA SER E 1503 -26.96 45.42 -88.57
C SER E 1503 -27.86 46.49 -87.95
N GLU E 1504 -29.14 46.51 -88.27
CA GLU E 1504 -30.15 47.34 -87.62
C GLU E 1504 -31.13 46.54 -86.79
N ARG E 1505 -31.51 45.35 -87.25
CA ARG E 1505 -32.44 44.52 -86.48
C ARG E 1505 -31.75 43.89 -85.27
N LEU E 1506 -30.63 43.20 -85.49
CA LEU E 1506 -29.72 42.61 -84.52
C LEU E 1506 -30.28 41.40 -83.78
N ASP E 1507 -31.55 41.07 -84.00
CA ASP E 1507 -32.12 39.88 -83.37
C ASP E 1507 -32.28 38.74 -84.37
N LEU E 1508 -32.71 39.07 -85.58
CA LEU E 1508 -32.84 38.06 -86.62
C LEU E 1508 -31.47 37.64 -87.13
N GLN E 1509 -30.47 38.51 -87.02
CA GLN E 1509 -29.09 38.13 -87.34
C GLN E 1509 -28.59 37.09 -86.37
N ARG E 1510 -28.85 37.31 -85.07
CA ARG E 1510 -28.56 36.29 -84.07
C ARG E 1510 -29.38 35.03 -84.32
N PHE E 1511 -30.62 35.19 -84.77
CA PHE E 1511 -31.40 34.04 -85.20
C PHE E 1511 -30.82 33.41 -86.45
N HIS E 1512 -30.33 34.24 -87.38
CA HIS E 1512 -29.70 33.69 -88.57
C HIS E 1512 -28.33 33.10 -88.25
N SER E 1513 -27.69 33.58 -87.20
CA SER E 1513 -26.39 33.01 -86.79
C SER E 1513 -26.56 31.58 -86.30
N HIS E 1514 -27.68 31.28 -85.67
CA HIS E 1514 -27.95 29.88 -85.35
C HIS E 1514 -28.41 29.11 -86.58
N THR E 1515 -29.07 29.80 -87.52
CA THR E 1515 -29.36 29.19 -88.82
C THR E 1515 -28.09 28.97 -89.60
N LEU E 1516 -27.10 29.86 -89.40
CA LEU E 1516 -25.81 29.74 -90.07
C LEU E 1516 -25.07 28.48 -89.62
N ARG E 1517 -25.02 28.26 -88.31
CA ARG E 1517 -24.31 27.10 -87.78
C ARG E 1517 -25.14 25.82 -87.83
N LEU E 1518 -26.44 25.93 -88.10
CA LEU E 1518 -27.28 24.72 -88.16
C LEU E 1518 -26.95 23.88 -89.37
N TYR E 1519 -26.51 24.52 -90.45
CA TYR E 1519 -26.21 23.78 -91.68
C TYR E 1519 -24.95 22.94 -91.52
N ARG E 1520 -24.02 23.37 -90.67
CA ARG E 1520 -22.86 22.55 -90.37
C ARG E 1520 -23.25 21.35 -89.52
N ALA E 1521 -24.30 21.47 -88.72
CA ALA E 1521 -24.79 20.32 -87.97
C ALA E 1521 -25.44 19.31 -88.92
N VAL E 1522 -26.25 19.79 -89.86
CA VAL E 1522 -26.88 18.91 -90.82
C VAL E 1522 -25.85 18.33 -91.78
N CYS E 1523 -25.03 19.19 -92.36
CA CYS E 1523 -23.89 18.74 -93.16
C CYS E 1523 -22.71 18.52 -92.20
N ALA E 1524 -22.80 17.43 -91.45
CA ALA E 1524 -21.81 17.04 -90.46
C ALA E 1524 -20.61 16.36 -91.14
N LEU E 1525 -19.83 15.63 -90.35
CA LEU E 1525 -18.88 14.66 -90.89
C LEU E 1525 -19.57 13.76 -91.92
N GLY E 1526 -18.79 13.36 -92.93
CA GLY E 1526 -19.21 13.30 -94.32
C GLY E 1526 -20.61 12.86 -94.67
N ASN E 1527 -21.41 13.81 -95.16
CA ASN E 1527 -22.79 13.58 -95.58
C ASN E 1527 -22.91 14.20 -96.96
N ASN E 1528 -22.47 13.46 -97.97
CA ASN E 1528 -22.46 13.99 -99.32
C ASN E 1528 -23.81 13.82 -100.00
N ARG E 1529 -24.65 12.93 -99.47
CA ARG E 1529 -26.03 12.82 -99.92
C ARG E 1529 -26.80 14.10 -99.62
N VAL E 1530 -26.46 14.77 -98.53
CA VAL E 1530 -27.09 16.04 -98.18
C VAL E 1530 -26.30 17.24 -98.69
N ALA E 1531 -24.97 17.15 -98.71
CA ALA E 1531 -24.14 18.26 -99.16
C ALA E 1531 -24.33 18.54 -100.65
N HIS E 1532 -24.56 17.51 -101.46
CA HIS E 1532 -24.95 17.73 -102.84
C HIS E 1532 -26.33 18.36 -102.91
N ALA E 1533 -27.22 17.99 -102.00
CA ALA E 1533 -28.56 18.58 -101.96
C ALA E 1533 -28.61 19.89 -101.19
N LEU E 1534 -27.49 20.37 -100.68
CA LEU E 1534 -27.46 21.56 -99.85
C LEU E 1534 -27.28 22.85 -100.65
N CYS E 1535 -26.59 22.77 -101.79
CA CYS E 1535 -26.30 23.97 -102.58
C CYS E 1535 -27.55 24.55 -103.22
N SER E 1536 -28.61 23.76 -103.36
CA SER E 1536 -29.89 24.28 -103.84
C SER E 1536 -30.54 25.20 -102.82
N HIS E 1537 -30.19 25.08 -101.54
CA HIS E 1537 -30.88 25.84 -100.51
C HIS E 1537 -30.42 27.29 -100.52
N VAL E 1538 -29.15 27.56 -100.78
CA VAL E 1538 -28.74 28.95 -100.91
C VAL E 1538 -28.38 29.24 -102.36
N ASP E 1539 -27.25 28.70 -102.81
CA ASP E 1539 -26.73 28.90 -104.17
C ASP E 1539 -25.47 28.09 -104.42
N GLN E 1540 -24.86 28.34 -105.58
CA GLN E 1540 -23.45 28.09 -105.83
C GLN E 1540 -22.67 29.38 -106.01
N ALA E 1541 -23.27 30.40 -106.61
CA ALA E 1541 -22.58 31.60 -107.06
C ALA E 1541 -22.49 32.70 -106.00
N GLN E 1542 -23.60 33.03 -105.32
CA GLN E 1542 -23.58 34.12 -104.37
C GLN E 1542 -22.85 33.77 -103.09
N LEU E 1543 -22.55 32.49 -102.88
CA LEU E 1543 -21.58 32.10 -101.86
C LEU E 1543 -20.22 32.70 -102.15
N LEU E 1544 -19.84 32.76 -103.43
CA LEU E 1544 -18.61 33.43 -103.83
C LEU E 1544 -18.73 34.93 -103.80
N HIS E 1545 -19.97 35.46 -103.88
CA HIS E 1545 -20.16 36.91 -103.88
C HIS E 1545 -19.89 37.51 -102.52
N ALA E 1546 -20.07 36.74 -101.45
CA ALA E 1546 -19.89 37.27 -100.10
C ALA E 1546 -18.42 37.53 -99.77
N LEU E 1547 -17.49 36.87 -100.48
CA LEU E 1547 -16.07 37.18 -100.32
C LEU E 1547 -15.75 38.56 -100.85
N GLU E 1548 -16.41 38.96 -101.93
CA GLU E 1548 -16.09 40.22 -102.58
C GLU E 1548 -16.59 41.44 -101.79
N ASP E 1549 -17.64 41.30 -101.00
CA ASP E 1549 -18.17 42.42 -100.25
C ASP E 1549 -17.25 42.78 -99.09
N ALA E 1550 -17.03 44.08 -98.91
CA ALA E 1550 -16.08 44.55 -97.90
C ALA E 1550 -16.76 44.82 -96.55
N HIS E 1551 -17.92 45.46 -96.54
CA HIS E 1551 -18.60 45.80 -95.30
C HIS E 1551 -19.65 44.74 -94.99
N LEU E 1552 -19.67 44.30 -93.73
CA LEU E 1552 -20.51 43.22 -93.21
C LEU E 1552 -20.33 43.21 -91.70
N PRO E 1553 -21.33 42.77 -90.92
CA PRO E 1553 -21.19 42.86 -89.46
C PRO E 1553 -20.25 41.84 -88.82
N GLY E 1554 -20.10 40.64 -89.39
CA GLY E 1554 -19.12 39.70 -88.90
C GLY E 1554 -19.64 38.38 -88.37
N PRO E 1555 -20.67 38.40 -87.52
CA PRO E 1555 -21.44 37.16 -87.29
C PRO E 1555 -22.22 36.71 -88.51
N LEU E 1556 -22.38 37.60 -89.49
CA LEU E 1556 -22.89 37.32 -90.83
C LEU E 1556 -21.73 36.75 -91.65
N ARG E 1557 -21.79 36.94 -92.98
CA ARG E 1557 -21.14 36.16 -94.03
C ARG E 1557 -19.64 35.86 -93.83
N ALA E 1558 -18.96 36.52 -92.90
CA ALA E 1558 -17.67 36.02 -92.42
C ALA E 1558 -17.83 34.64 -91.81
N GLY E 1559 -18.97 34.37 -91.16
CA GLY E 1559 -19.28 33.03 -90.73
C GLY E 1559 -19.64 32.09 -91.86
N TYR E 1560 -20.05 32.62 -93.01
CA TYR E 1560 -20.34 31.77 -94.16
C TYR E 1560 -19.09 31.11 -94.72
N TYR E 1561 -17.92 31.72 -94.55
CA TYR E 1561 -16.70 31.13 -95.07
C TYR E 1561 -16.05 30.18 -94.07
N ASP E 1562 -16.81 29.72 -93.09
CA ASP E 1562 -16.62 28.41 -92.52
C ASP E 1562 -17.65 27.42 -93.02
N LEU E 1563 -18.76 27.90 -93.59
CA LEU E 1563 -19.80 27.01 -94.08
C LEU E 1563 -19.44 26.45 -95.45
N LEU E 1564 -18.85 27.27 -96.30
CA LEU E 1564 -18.28 26.79 -97.56
C LEU E 1564 -17.14 25.83 -97.29
N ILE E 1565 -16.36 26.10 -96.24
CA ILE E 1565 -15.38 25.16 -95.73
C ILE E 1565 -16.06 23.87 -95.29
N SER E 1566 -17.19 24.01 -94.59
CA SER E 1566 -17.89 22.84 -94.04
C SER E 1566 -18.47 21.92 -95.12
N ILE E 1567 -18.61 22.40 -96.35
CA ILE E 1567 -19.12 21.58 -97.44
C ILE E 1567 -18.05 21.27 -98.48
N HIS E 1568 -16.83 21.75 -98.31
CA HIS E 1568 -15.77 21.40 -99.26
C HIS E 1568 -14.43 21.01 -98.64
N LEU E 1569 -14.10 21.44 -97.42
CA LEU E 1569 -12.89 20.95 -96.78
C LEU E 1569 -13.09 19.52 -96.29
N GLU E 1570 -14.28 19.22 -95.79
CA GLU E 1570 -14.51 18.15 -94.82
C GLU E 1570 -14.17 16.77 -95.38
N SER E 1571 -14.88 16.35 -96.42
CA SER E 1571 -14.62 15.04 -97.00
C SER E 1571 -13.32 15.00 -97.79
N ALA E 1572 -12.73 16.15 -98.10
CA ALA E 1572 -11.49 16.22 -98.85
C ALA E 1572 -10.27 16.26 -97.94
N CYS E 1573 -10.21 17.23 -97.03
CA CYS E 1573 -9.01 17.44 -96.23
C CYS E 1573 -8.85 16.42 -95.13
N ARG E 1574 -9.95 15.93 -94.55
CA ARG E 1574 -9.82 14.97 -93.46
C ARG E 1574 -9.27 13.64 -93.97
N SER E 1575 -9.67 13.23 -95.16
CA SER E 1575 -9.01 12.11 -95.81
C SER E 1575 -7.59 12.45 -96.22
N ARG E 1576 -7.35 13.72 -96.56
CA ARG E 1576 -6.00 14.16 -96.92
C ARG E 1576 -5.08 14.17 -95.70
N ARG E 1577 -5.56 14.73 -94.59
CA ARG E 1577 -4.72 14.82 -93.40
C ARG E 1577 -4.61 13.50 -92.66
N SER E 1578 -5.46 12.52 -92.97
CA SER E 1578 -5.36 11.22 -92.32
C SER E 1578 -4.12 10.48 -92.77
N MET E 1579 -3.89 10.42 -94.08
CA MET E 1579 -2.69 9.83 -94.64
C MET E 1579 -1.58 10.85 -94.83
N LEU E 1580 -1.63 11.96 -94.10
CA LEU E 1580 -0.57 12.96 -94.18
C LEU E 1580 0.71 12.45 -93.56
N SER E 1581 0.62 11.81 -92.41
CA SER E 1581 1.79 11.20 -91.77
C SER E 1581 1.95 9.75 -92.19
N GLU E 1582 1.90 9.52 -93.49
CA GLU E 1582 2.08 8.19 -94.07
C GLU E 1582 3.02 8.35 -95.24
N TYR E 1583 4.25 7.84 -95.09
CA TYR E 1583 5.34 8.17 -96.00
C TYR E 1583 5.67 6.94 -96.84
N ILE E 1584 5.56 7.09 -98.16
CA ILE E 1584 5.80 6.00 -99.09
C ILE E 1584 6.15 6.60 -100.44
N VAL E 1585 7.04 5.94 -101.17
CA VAL E 1585 7.69 6.55 -102.32
C VAL E 1585 7.97 5.51 -103.40
N PRO E 1586 7.74 5.83 -104.69
CA PRO E 1586 8.17 4.94 -105.77
C PRO E 1586 9.60 5.20 -106.19
N LEU E 1587 10.03 4.52 -107.26
CA LEU E 1587 11.25 4.90 -107.97
C LEU E 1587 10.85 5.63 -109.25
N THR E 1588 11.05 6.93 -109.26
CA THR E 1588 10.92 7.77 -110.43
C THR E 1588 12.26 8.44 -110.68
N PRO E 1589 12.48 8.99 -111.89
CA PRO E 1589 13.63 9.89 -112.06
C PRO E 1589 13.53 11.15 -111.21
N GLU E 1590 12.32 11.60 -110.88
CA GLU E 1590 12.17 12.68 -109.90
C GLU E 1590 12.58 12.23 -108.51
N THR E 1591 12.31 10.96 -108.18
CA THR E 1591 12.84 10.39 -106.95
C THR E 1591 14.34 10.24 -107.02
N ARG E 1592 14.86 9.90 -108.21
CA ARG E 1592 16.30 9.70 -108.39
C ARG E 1592 17.09 10.99 -108.23
N ALA E 1593 16.50 12.13 -108.56
CA ALA E 1593 17.16 13.42 -108.40
C ALA E 1593 16.30 14.31 -107.51
N ILE E 1594 16.44 14.14 -106.20
CA ILE E 1594 15.92 15.10 -105.24
C ILE E 1594 16.78 15.05 -103.97
N THR E 1595 17.28 16.22 -103.57
CA THR E 1595 18.13 16.44 -102.41
C THR E 1595 18.01 17.93 -102.09
N LEU E 1596 19.00 18.46 -101.37
CA LEU E 1596 19.13 19.91 -101.23
C LEU E 1596 19.16 20.60 -102.59
N PHE E 1597 20.18 20.28 -103.40
CA PHE E 1597 20.48 20.85 -104.72
C PHE E 1597 20.39 22.37 -104.82
N PRO E 1598 21.33 23.14 -104.27
CA PRO E 1598 21.36 24.58 -104.58
C PRO E 1598 22.16 24.86 -105.84
N PRO E 1599 21.55 25.50 -106.85
CA PRO E 1599 22.33 25.89 -108.04
C PRO E 1599 23.06 27.21 -107.79
N GLY E 1600 24.39 27.15 -107.82
CA GLY E 1600 25.18 28.35 -107.63
C GLY E 1600 26.68 28.11 -107.62
N ARG E 1601 27.38 28.75 -106.68
CA ARG E 1601 28.82 28.63 -106.53
C ARG E 1601 29.18 27.66 -105.40
N LYS E 1602 28.37 26.61 -105.24
CA LYS E 1602 28.52 25.54 -104.25
C LYS E 1602 28.51 26.04 -102.81
N GLY E 1603 27.92 27.21 -102.55
CA GLY E 1603 27.80 27.74 -101.22
C GLY E 1603 26.39 27.76 -100.67
N GLY E 1604 25.39 27.40 -101.49
CA GLY E 1604 24.01 27.40 -101.04
C GLY E 1604 23.69 26.30 -100.05
N ASN E 1605 24.48 25.23 -100.05
CA ASN E 1605 24.30 24.20 -99.03
C ASN E 1605 24.77 24.69 -97.67
N ALA E 1606 25.85 25.48 -97.65
CA ALA E 1606 26.25 26.16 -96.43
C ALA E 1606 25.37 27.37 -96.14
N ARG E 1607 24.72 27.91 -97.16
CA ARG E 1607 23.73 28.97 -97.00
C ARG E 1607 22.37 28.34 -96.73
N ARG E 1608 21.29 29.12 -96.89
CA ARG E 1608 19.94 28.58 -96.77
C ARG E 1608 19.69 27.52 -97.84
N HIS E 1609 19.13 26.39 -97.39
CA HIS E 1609 18.98 25.23 -98.26
C HIS E 1609 17.90 25.42 -99.32
N GLY E 1610 17.02 26.38 -99.14
CA GLY E 1610 15.96 26.64 -100.08
C GLY E 1610 14.72 27.12 -99.34
N LEU E 1611 13.57 26.79 -99.91
CA LEU E 1611 12.30 27.20 -99.35
C LEU E 1611 11.33 26.03 -99.29
N PRO E 1612 10.50 25.95 -98.26
CA PRO E 1612 9.42 24.96 -98.26
C PRO E 1612 8.36 25.34 -99.30
N GLY E 1613 7.50 24.36 -99.58
CA GLY E 1613 6.62 24.53 -100.72
C GLY E 1613 7.42 24.36 -101.98
N VAL E 1614 7.90 23.14 -102.20
CA VAL E 1614 8.90 22.84 -103.20
C VAL E 1614 8.20 21.95 -104.22
N GLY E 1615 8.92 21.48 -105.25
CA GLY E 1615 8.33 20.74 -106.34
C GLY E 1615 7.92 19.32 -106.04
N VAL E 1616 8.19 18.41 -106.97
CA VAL E 1616 7.62 17.06 -106.94
C VAL E 1616 8.20 16.28 -105.78
N THR E 1617 7.33 15.83 -104.87
CA THR E 1617 7.73 15.07 -103.70
C THR E 1617 7.46 13.59 -103.83
N THR E 1618 6.81 13.15 -104.92
CA THR E 1618 6.51 11.75 -105.25
C THR E 1618 5.76 11.04 -104.13
N SER E 1619 4.90 11.75 -103.41
CA SER E 1619 4.09 11.15 -102.37
C SER E 1619 2.85 10.51 -102.99
N LEU E 1620 2.45 9.37 -102.45
CA LEU E 1620 1.32 8.61 -102.98
C LEU E 1620 0.05 9.31 -102.52
N ARG E 1621 -0.43 10.26 -103.33
CA ARG E 1621 -1.52 11.13 -102.95
C ARG E 1621 -2.66 11.02 -103.95
N PRO E 1622 -3.88 10.80 -103.50
CA PRO E 1622 -5.00 10.62 -104.43
C PRO E 1622 -5.70 11.95 -104.70
N PRO E 1623 -6.35 12.07 -105.85
CA PRO E 1623 -7.28 13.19 -106.05
C PRO E 1623 -8.55 12.96 -105.24
N HIS E 1624 -9.31 14.04 -105.08
CA HIS E 1624 -10.46 14.00 -104.19
C HIS E 1624 -11.75 13.57 -104.87
N HIS E 1625 -11.78 13.57 -106.21
CA HIS E 1625 -12.85 13.02 -107.04
C HIS E 1625 -14.19 13.71 -106.75
N PHE E 1626 -14.23 14.99 -107.09
CA PHE E 1626 -15.43 15.79 -106.89
C PHE E 1626 -16.53 15.38 -107.86
N SER E 1627 -17.74 15.85 -107.58
CA SER E 1627 -18.90 15.56 -108.40
C SER E 1627 -19.66 16.86 -108.62
N PRO E 1628 -19.95 17.23 -109.87
CA PRO E 1628 -20.77 18.41 -110.13
C PRO E 1628 -22.20 18.17 -109.70
N PRO E 1629 -22.73 18.99 -108.79
CA PRO E 1629 -24.10 18.75 -108.31
C PRO E 1629 -25.14 19.18 -109.33
N CYS E 1630 -26.23 18.41 -109.38
CA CYS E 1630 -27.34 18.70 -110.27
C CYS E 1630 -28.60 18.10 -109.66
N PHE E 1631 -29.75 18.56 -110.17
CA PHE E 1631 -31.03 18.13 -109.65
C PHE E 1631 -32.04 17.74 -110.71
N VAL E 1632 -31.86 18.19 -111.97
CA VAL E 1632 -32.81 17.83 -113.02
C VAL E 1632 -32.63 16.41 -113.53
N ALA E 1633 -31.60 15.70 -113.07
CA ALA E 1633 -31.43 14.31 -113.42
C ALA E 1633 -32.49 13.45 -112.76
N ALA E 1634 -32.69 12.26 -113.31
CA ALA E 1634 -33.63 11.31 -112.73
C ALA E 1634 -33.07 10.72 -111.44
N LEU E 1635 -33.93 10.06 -110.69
CA LEU E 1635 -33.54 9.52 -109.40
C LEU E 1635 -32.71 8.24 -109.59
N PRO E 1636 -31.72 8.00 -108.73
CA PRO E 1636 -30.98 6.74 -108.80
C PRO E 1636 -31.83 5.58 -108.29
N ALA E 1637 -31.68 4.43 -108.97
CA ALA E 1637 -32.40 3.18 -108.69
C ALA E 1637 -33.92 3.35 -108.69
N GLU E 1642 -27.57 1.63 -103.07
CA GLU E 1642 -27.29 0.71 -104.17
C GLU E 1642 -26.00 1.10 -104.89
N ALA E 1643 -25.30 2.09 -104.33
CA ALA E 1643 -24.09 2.63 -104.94
C ALA E 1643 -23.30 3.37 -103.87
N PRO E 1644 -21.99 3.57 -104.08
CA PRO E 1644 -21.24 4.53 -103.26
C PRO E 1644 -21.68 5.94 -103.59
N ALA E 1645 -22.79 6.36 -102.96
CA ALA E 1645 -23.79 7.26 -103.55
C ALA E 1645 -23.21 8.58 -104.07
N ARG E 1646 -22.67 9.41 -103.17
CA ARG E 1646 -22.34 10.78 -103.53
C ARG E 1646 -20.89 11.07 -103.15
N LEU E 1647 -20.14 11.65 -104.09
CA LEU E 1647 -18.70 11.81 -103.88
C LEU E 1647 -18.35 13.07 -103.08
N SER E 1648 -18.55 14.25 -103.69
CA SER E 1648 -18.21 15.57 -103.15
C SER E 1648 -18.75 16.65 -104.08
N PRO E 1649 -19.25 17.77 -103.55
CA PRO E 1649 -19.63 18.87 -104.43
C PRO E 1649 -18.41 19.60 -104.96
N ALA E 1650 -18.54 20.13 -106.17
CA ALA E 1650 -17.41 20.63 -106.93
C ALA E 1650 -17.47 22.16 -107.07
N ILE E 1651 -16.29 22.76 -107.14
CA ILE E 1651 -16.09 24.19 -107.40
C ILE E 1651 -14.98 24.30 -108.45
N PRO E 1652 -15.06 25.23 -109.41
CA PRO E 1652 -13.84 25.60 -110.14
C PRO E 1652 -12.80 26.19 -109.20
N LEU E 1653 -11.71 25.46 -109.01
CA LEU E 1653 -10.79 25.75 -107.92
C LEU E 1653 -9.64 26.65 -108.32
N GLU E 1654 -9.21 26.60 -109.58
CA GLU E 1654 -8.07 27.41 -110.01
C GLU E 1654 -8.43 28.90 -110.00
N ALA E 1655 -9.65 29.23 -110.42
CA ALA E 1655 -10.13 30.60 -110.25
C ALA E 1655 -10.38 30.91 -108.78
N LEU E 1656 -10.79 29.91 -108.00
CA LEU E 1656 -10.96 30.10 -106.58
C LEU E 1656 -9.63 30.27 -105.87
N ARG E 1657 -8.58 29.62 -106.39
CA ARG E 1657 -7.26 29.68 -105.76
C ARG E 1657 -6.67 31.08 -105.82
N ASP E 1658 -6.78 31.74 -106.97
CA ASP E 1658 -6.27 33.10 -107.10
C ASP E 1658 -7.16 34.10 -106.38
N LYS E 1659 -8.45 33.79 -106.22
CA LYS E 1659 -9.37 34.73 -105.62
C LYS E 1659 -9.15 34.86 -104.12
N ALA E 1660 -8.94 33.74 -103.44
CA ALA E 1660 -8.60 33.81 -102.03
C ALA E 1660 -7.20 34.32 -101.82
N LEU E 1661 -6.32 34.13 -102.81
CA LEU E 1661 -4.93 34.55 -102.68
C LEU E 1661 -4.81 36.07 -102.75
N ARG E 1662 -5.56 36.70 -103.66
CA ARG E 1662 -5.40 38.13 -103.88
C ARG E 1662 -5.98 38.97 -102.75
N MET E 1663 -6.88 38.41 -101.94
CA MET E 1663 -7.43 39.14 -100.82
C MET E 1663 -6.58 39.05 -99.58
N LEU E 1664 -5.82 37.96 -99.43
CA LEU E 1664 -4.89 37.83 -98.31
C LEU E 1664 -3.80 38.89 -98.38
N GLY E 1665 -3.21 39.07 -99.56
CA GLY E 1665 -2.27 40.16 -99.74
C GLY E 1665 -2.94 41.52 -99.68
N GLU E 1666 -4.22 41.59 -100.03
CA GLU E 1666 -4.95 42.84 -99.91
C GLU E 1666 -5.21 43.20 -98.46
N ALA E 1667 -5.56 42.20 -97.64
CA ALA E 1667 -5.82 42.45 -96.23
C ALA E 1667 -4.56 42.84 -95.48
N VAL E 1668 -3.41 42.34 -95.91
CA VAL E 1668 -2.13 42.83 -95.39
C VAL E 1668 -1.90 44.26 -95.86
N ARG E 1669 -2.21 44.53 -97.13
CA ARG E 1669 -2.13 45.90 -97.64
C ARG E 1669 -3.19 46.80 -97.01
N ASP E 1670 -4.32 46.23 -96.58
CA ASP E 1670 -5.32 47.01 -95.86
C ASP E 1670 -4.99 47.11 -94.37
N GLY E 1671 -4.32 46.10 -93.82
CA GLY E 1671 -4.03 46.12 -92.39
C GLY E 1671 -2.96 47.10 -92.00
N GLY E 1672 -2.04 47.42 -92.93
CA GLY E 1672 -0.99 48.37 -92.64
C GLY E 1672 -1.46 49.82 -92.57
N GLN E 1673 -2.65 50.10 -93.09
CA GLN E 1673 -3.18 51.46 -93.01
C GLN E 1673 -3.65 51.79 -91.60
N HIS E 1674 -4.12 50.77 -90.86
CA HIS E 1674 -4.59 50.88 -89.48
C HIS E 1674 -5.74 51.89 -89.35
N ALA E 1675 -6.65 51.86 -90.31
CA ALA E 1675 -7.76 52.78 -90.31
C ALA E 1675 -8.84 52.33 -89.32
N ARG E 1676 -9.83 53.19 -89.13
CA ARG E 1676 -10.98 52.91 -88.27
C ARG E 1676 -12.12 52.25 -89.04
N ASP E 1677 -11.81 51.63 -90.18
CA ASP E 1677 -12.75 50.96 -91.08
C ASP E 1677 -13.26 49.57 -90.67
N PRO E 1678 -12.47 48.73 -89.95
CA PRO E 1678 -12.18 47.33 -90.30
C PRO E 1678 -13.32 46.42 -90.77
N VAL E 1679 -12.93 45.47 -91.63
CA VAL E 1679 -13.85 44.48 -92.18
C VAL E 1679 -14.41 43.61 -91.06
N GLY E 1680 -15.74 43.51 -91.01
CA GLY E 1680 -16.38 42.72 -89.99
C GLY E 1680 -16.39 43.32 -88.61
N GLY E 1681 -15.96 44.56 -88.45
CA GLY E 1681 -16.07 45.23 -87.18
C GLY E 1681 -14.78 45.34 -86.40
N SER E 1682 -13.96 44.29 -86.39
CA SER E 1682 -12.74 44.30 -85.62
C SER E 1682 -11.59 43.74 -86.43
N VAL E 1683 -10.43 43.65 -85.79
CA VAL E 1683 -9.24 43.10 -86.42
C VAL E 1683 -9.39 41.61 -86.65
N GLU E 1684 -10.00 40.91 -85.68
CA GLU E 1684 -10.20 39.47 -85.78
C GLU E 1684 -11.16 39.13 -86.92
N PHE E 1685 -12.18 39.95 -87.12
CA PHE E 1685 -13.06 39.75 -88.27
C PHE E 1685 -12.44 40.25 -89.56
N GLN E 1686 -11.52 41.23 -89.48
CA GLN E 1686 -10.74 41.59 -90.65
C GLN E 1686 -9.83 40.45 -91.05
N PHE E 1687 -9.22 39.77 -90.08
CA PHE E 1687 -8.47 38.55 -90.34
C PHE E 1687 -9.40 37.34 -90.21
N VAL E 1688 -10.34 37.34 -91.14
CA VAL E 1688 -11.45 36.42 -91.33
C VAL E 1688 -10.91 35.01 -91.58
N PRO E 1689 -11.69 33.93 -91.29
CA PRO E 1689 -11.27 32.56 -91.67
C PRO E 1689 -11.09 32.25 -93.16
N VAL E 1690 -11.06 33.25 -94.04
CA VAL E 1690 -10.33 33.13 -95.29
C VAL E 1690 -8.88 32.72 -95.04
N LEU E 1691 -8.31 33.19 -93.91
CA LEU E 1691 -7.08 32.62 -93.35
C LEU E 1691 -7.14 31.09 -93.26
N LYS E 1692 -8.27 30.56 -92.78
CA LYS E 1692 -8.43 29.11 -92.75
C LYS E 1692 -8.62 28.56 -94.17
N LEU E 1693 -9.26 29.34 -95.04
CA LEU E 1693 -9.39 28.95 -96.44
C LEU E 1693 -8.04 28.94 -97.14
N VAL E 1694 -7.10 29.77 -96.70
CA VAL E 1694 -5.72 29.68 -97.18
C VAL E 1694 -5.11 28.34 -96.76
N SER E 1695 -5.25 28.00 -95.47
CA SER E 1695 -4.74 26.73 -94.98
C SER E 1695 -5.55 25.54 -95.48
N THR E 1696 -6.76 25.78 -95.98
CA THR E 1696 -7.56 24.73 -96.59
C THR E 1696 -6.88 24.18 -97.83
N LEU E 1697 -6.73 25.02 -98.85
CA LEU E 1697 -6.18 24.57 -100.12
C LEU E 1697 -4.67 24.39 -100.07
N LEU E 1698 -4.01 24.88 -99.02
CA LEU E 1698 -2.58 24.67 -98.87
C LEU E 1698 -2.28 23.20 -98.59
N VAL E 1699 -2.95 22.63 -97.60
CA VAL E 1699 -2.73 21.23 -97.27
C VAL E 1699 -3.38 20.31 -98.30
N MET E 1700 -4.34 20.81 -99.08
CA MET E 1700 -4.93 20.02 -100.16
C MET E 1700 -4.06 19.98 -101.41
N GLY E 1701 -2.92 20.67 -101.41
CA GLY E 1701 -2.03 20.63 -102.55
C GLY E 1701 -2.52 21.39 -103.76
N ILE E 1702 -3.30 22.45 -103.54
CA ILE E 1702 -3.89 23.16 -104.67
C ILE E 1702 -2.93 24.21 -105.21
N PHE E 1703 -2.19 24.86 -104.32
CA PHE E 1703 -1.30 25.94 -104.72
C PHE E 1703 -0.09 25.41 -105.48
N GLY E 1704 0.34 26.18 -106.47
CA GLY E 1704 1.51 25.86 -107.26
C GLY E 1704 2.78 26.36 -106.60
N ASP E 1705 3.82 26.49 -107.41
CA ASP E 1705 5.11 26.96 -106.89
C ASP E 1705 5.07 28.46 -106.59
N GLU E 1706 4.64 29.26 -107.57
CA GLU E 1706 4.58 30.69 -107.37
C GLU E 1706 3.45 31.11 -106.44
N ASP E 1707 2.43 30.27 -106.30
CA ASP E 1707 1.37 30.54 -105.32
C ASP E 1707 1.88 30.40 -103.91
N VAL E 1708 2.69 29.37 -103.65
CA VAL E 1708 3.38 29.27 -102.38
C VAL E 1708 4.41 30.38 -102.24
N LYS E 1709 5.08 30.73 -103.35
CA LYS E 1709 6.03 31.83 -103.34
C LYS E 1709 5.34 33.16 -103.09
N GLN E 1710 4.07 33.27 -103.45
CA GLN E 1710 3.34 34.50 -103.17
C GLN E 1710 2.87 34.56 -101.73
N ILE E 1711 2.44 33.44 -101.15
CA ILE E 1711 1.94 33.49 -99.79
C ILE E 1711 3.07 33.55 -98.77
N LEU E 1712 4.30 33.19 -99.15
CA LEU E 1712 5.45 33.47 -98.30
C LEU E 1712 5.84 34.94 -98.36
N LYS E 1713 5.37 35.69 -99.36
CA LYS E 1713 5.74 37.10 -99.49
C LYS E 1713 5.01 38.01 -98.50
N MET E 1714 4.13 37.46 -97.65
CA MET E 1714 3.63 38.22 -96.53
C MET E 1714 4.69 38.39 -95.44
N ILE E 1715 5.66 37.47 -95.39
CA ILE E 1715 6.78 37.55 -94.47
C ILE E 1715 8.03 37.61 -95.36
N GLU E 1716 7.89 38.32 -96.48
CA GLU E 1716 8.96 38.46 -97.48
C GLU E 1716 10.34 38.90 -96.96
N PRO E 1717 10.51 39.83 -96.01
CA PRO E 1717 11.88 40.10 -95.54
C PRO E 1717 12.50 38.96 -94.76
N GLU E 1718 11.69 38.13 -94.11
CA GLU E 1718 12.24 36.96 -93.43
C GLU E 1718 12.45 35.80 -94.39
N VAL E 1719 11.64 35.72 -95.45
CA VAL E 1719 11.84 34.68 -96.45
C VAL E 1719 13.12 34.94 -97.25
N PHE E 1720 13.26 36.16 -97.78
CA PHE E 1720 14.44 36.67 -98.47
C PHE E 1720 14.78 35.80 -99.68
N THR E 1721 13.91 35.89 -100.69
CA THR E 1721 13.98 35.09 -101.90
C THR E 1721 15.30 35.31 -102.65
N GLU E 1722 15.69 34.30 -103.43
CA GLU E 1722 17.03 34.25 -103.99
C GLU E 1722 17.24 35.23 -105.15
N GLU E 1723 16.17 35.76 -105.72
CA GLU E 1723 16.30 36.71 -106.81
C GLU E 1723 16.46 38.13 -106.27
N LEU E 1771 6.50 51.21 -96.18
CA LEU E 1771 7.25 50.06 -96.64
C LEU E 1771 6.42 48.78 -96.51
N GLU E 1772 6.86 47.73 -97.19
CA GLU E 1772 6.17 46.44 -97.17
C GLU E 1772 6.52 45.73 -95.87
N GLU E 1773 5.73 46.01 -94.82
CA GLU E 1773 5.97 45.38 -93.52
C GLU E 1773 5.52 43.92 -93.55
N GLY E 1774 6.16 43.12 -92.71
CA GLY E 1774 5.86 41.71 -92.67
C GLY E 1774 4.52 41.41 -92.02
N LEU E 1775 4.09 40.16 -92.22
CA LEU E 1775 2.83 39.71 -91.65
C LEU E 1775 2.91 39.58 -90.14
N LEU E 1776 4.10 39.28 -89.61
CA LEU E 1776 4.23 38.90 -88.21
C LEU E 1776 4.14 40.09 -87.27
N GLN E 1777 4.51 41.28 -87.73
CA GLN E 1777 4.72 42.41 -86.82
C GLN E 1777 3.43 43.10 -86.40
N MET E 1778 2.28 42.70 -86.92
CA MET E 1778 1.03 43.33 -86.55
C MET E 1778 0.54 42.81 -85.20
N LYS E 1779 -0.17 43.69 -84.47
CA LYS E 1779 -0.72 43.34 -83.15
C LYS E 1779 -1.95 42.48 -83.38
N LEU E 1780 -1.73 41.17 -83.39
CA LEU E 1780 -2.78 40.21 -83.70
C LEU E 1780 -3.20 39.54 -82.41
N PRO E 1781 -4.43 39.79 -81.91
CA PRO E 1781 -4.75 39.52 -80.49
C PRO E 1781 -4.70 38.08 -80.03
N GLU E 1782 -5.60 37.20 -80.50
CA GLU E 1782 -5.55 35.82 -80.04
C GLU E 1782 -5.74 34.83 -81.17
N SER E 1783 -6.67 35.12 -82.07
CA SER E 1783 -7.19 34.12 -82.98
C SER E 1783 -6.41 34.05 -84.28
N VAL E 1784 -5.54 35.01 -84.55
CA VAL E 1784 -4.78 34.97 -85.77
C VAL E 1784 -3.57 34.06 -85.60
N LYS E 1785 -2.98 34.07 -84.42
CA LYS E 1785 -1.76 33.30 -84.17
C LYS E 1785 -2.03 31.80 -84.18
N LEU E 1786 -3.20 31.37 -83.72
CA LEU E 1786 -3.57 29.97 -83.84
C LEU E 1786 -3.82 29.59 -85.30
N GLN E 1787 -4.35 30.51 -86.10
CA GLN E 1787 -4.37 30.29 -87.54
C GLN E 1787 -2.97 30.37 -88.12
N MET E 1788 -2.11 31.20 -87.53
CA MET E 1788 -0.74 31.33 -88.02
C MET E 1788 0.09 30.11 -87.67
N CYS E 1789 -0.11 29.54 -86.48
CA CYS E 1789 0.61 28.33 -86.11
C CYS E 1789 0.13 27.14 -86.91
N ASN E 1790 -1.16 27.10 -87.27
CA ASN E 1790 -1.65 26.07 -88.17
C ASN E 1790 -1.06 26.22 -89.56
N LEU E 1791 -0.80 27.47 -89.97
CA LEU E 1791 -0.19 27.73 -91.26
C LEU E 1791 1.26 27.24 -91.29
N LEU E 1792 2.02 27.58 -90.26
CA LEU E 1792 3.43 27.21 -90.20
C LEU E 1792 3.64 25.75 -89.87
N GLU E 1793 2.62 25.08 -89.33
CA GLU E 1793 2.73 23.67 -89.02
C GLU E 1793 2.89 22.85 -90.29
N TYR E 1794 2.19 23.26 -91.36
CA TYR E 1794 2.32 22.59 -92.65
C TYR E 1794 3.70 22.78 -93.24
N PHE E 1795 4.35 23.90 -92.94
CA PHE E 1795 5.63 24.21 -93.57
C PHE E 1795 6.75 23.38 -92.98
N CYS E 1796 6.70 23.12 -91.68
CA CYS E 1796 7.68 22.23 -91.07
C CYS E 1796 7.46 20.80 -91.51
N ASP E 1797 6.22 20.45 -91.88
CA ASP E 1797 5.94 19.14 -92.44
C ASP E 1797 6.58 18.99 -93.82
N GLN E 1798 6.54 20.06 -94.61
CA GLN E 1798 7.13 20.01 -95.95
C GLN E 1798 8.63 19.91 -95.91
N GLU E 1799 9.26 20.50 -94.89
CA GLU E 1799 10.69 20.33 -94.71
C GLU E 1799 11.04 18.91 -94.33
N LEU E 1800 10.26 18.32 -93.42
CA LEU E 1800 10.53 16.95 -93.00
C LEU E 1800 10.17 15.95 -94.08
N GLN E 1801 9.11 16.23 -94.85
CA GLN E 1801 8.76 15.37 -95.97
C GLN E 1801 9.83 15.43 -97.05
N HIS E 1802 10.43 16.60 -97.25
CA HIS E 1802 11.57 16.70 -98.15
C HIS E 1802 12.80 16.04 -97.56
N ARG E 1803 12.95 16.12 -96.23
CA ARG E 1803 14.12 15.53 -95.59
C ARG E 1803 14.07 14.01 -95.62
N VAL E 1804 12.88 13.43 -95.40
CA VAL E 1804 12.76 11.99 -95.47
C VAL E 1804 12.80 11.50 -96.91
N GLU E 1805 12.48 12.37 -97.86
CA GLU E 1805 12.54 11.99 -99.27
C GLU E 1805 14.00 11.94 -99.75
N SER E 1806 14.77 12.97 -99.41
CA SER E 1806 16.18 13.01 -99.80
C SER E 1806 16.99 11.94 -99.10
N LEU E 1807 16.58 11.54 -97.89
CA LEU E 1807 17.16 10.37 -97.25
C LEU E 1807 16.79 9.10 -98.01
N ALA E 1808 15.53 9.00 -98.44
CA ALA E 1808 15.12 7.84 -99.23
C ALA E 1808 15.71 7.89 -100.63
N ALA E 1809 15.96 9.09 -101.16
CA ALA E 1809 16.60 9.19 -102.46
C ALA E 1809 18.06 8.76 -102.40
N PHE E 1810 18.77 9.16 -101.35
CA PHE E 1810 20.18 8.82 -101.22
C PHE E 1810 20.38 7.35 -100.97
N ALA E 1811 19.45 6.70 -100.29
CA ALA E 1811 19.63 5.31 -99.88
C ALA E 1811 19.37 4.31 -101.00
N GLU E 1812 18.97 4.75 -102.18
CA GLU E 1812 18.64 3.83 -103.25
C GLU E 1812 19.72 3.74 -104.32
N ARG E 1813 20.29 4.87 -104.75
CA ARG E 1813 21.43 4.79 -105.65
C ARG E 1813 22.70 4.39 -104.93
N TYR E 1814 22.73 4.50 -103.61
CA TYR E 1814 23.87 4.03 -102.84
C TYR E 1814 23.80 2.52 -102.60
N VAL E 1815 22.60 1.96 -102.49
CA VAL E 1815 22.51 0.51 -102.38
C VAL E 1815 22.62 -0.13 -103.77
N ASP E 1816 22.43 0.66 -104.84
CA ASP E 1816 22.66 0.15 -106.18
C ASP E 1816 24.14 -0.09 -106.43
N LYS E 1817 24.99 0.80 -105.93
CA LYS E 1817 26.44 0.62 -106.05
C LYS E 1817 27.00 -0.23 -104.91
N LEU E 1818 26.16 -0.66 -103.98
CA LEU E 1818 26.59 -1.49 -102.86
C LEU E 1818 26.46 -2.98 -103.16
N GLN E 1819 25.31 -3.41 -103.67
CA GLN E 1819 25.14 -4.83 -104.00
C GLN E 1819 25.96 -5.21 -105.23
N ALA E 1820 26.26 -4.24 -106.09
CA ALA E 1820 27.19 -4.50 -107.19
C ALA E 1820 28.63 -4.55 -106.71
N ASN E 1821 28.93 -3.95 -105.56
CA ASN E 1821 30.27 -4.00 -105.01
C ASN E 1821 30.58 -5.39 -104.48
N GLN E 1822 29.66 -5.97 -103.70
CA GLN E 1822 29.86 -7.32 -103.22
C GLN E 1822 29.74 -8.34 -104.36
N ARG E 1823 28.90 -8.03 -105.37
CA ARG E 1823 28.90 -8.83 -106.59
C ARG E 1823 30.25 -8.75 -107.29
N SER E 1824 30.91 -7.58 -107.22
CA SER E 1824 32.29 -7.50 -107.67
C SER E 1824 33.26 -8.12 -106.67
N ARG E 1825 32.90 -8.12 -105.39
CA ARG E 1825 33.76 -8.71 -104.36
C ARG E 1825 33.60 -10.22 -104.27
N TYR E 1826 32.44 -10.76 -104.67
CA TYR E 1826 32.28 -12.21 -104.69
C TYR E 1826 33.12 -12.85 -105.78
N ALA E 1827 33.32 -12.16 -106.91
CA ALA E 1827 34.20 -12.66 -107.95
C ALA E 1827 35.66 -12.62 -107.53
N LEU E 1828 36.02 -11.74 -106.59
CA LEU E 1828 37.37 -11.70 -106.06
C LEU E 1828 37.68 -12.87 -105.14
N LEU E 1829 36.68 -13.64 -104.73
CA LEU E 1829 36.89 -14.86 -103.98
C LEU E 1829 36.38 -16.09 -104.71
N MET E 1830 35.91 -15.94 -105.95
CA MET E 1830 35.48 -17.07 -106.76
C MET E 1830 36.43 -17.30 -107.93
N ARG E 1831 36.67 -16.28 -108.75
CA ARG E 1831 37.68 -16.38 -109.80
C ARG E 1831 39.09 -16.17 -109.25
N ALA E 1832 39.21 -15.58 -108.07
CA ALA E 1832 40.47 -15.36 -107.38
C ALA E 1832 40.40 -15.94 -105.98
N PHE E 1833 39.97 -17.21 -105.91
CA PHE E 1833 39.65 -17.85 -104.64
C PHE E 1833 40.89 -18.04 -103.77
N THR E 1834 41.86 -18.79 -104.27
CA THR E 1834 43.09 -19.18 -103.55
C THR E 1834 42.75 -19.84 -102.21
N MET E 1835 42.15 -21.03 -102.33
CA MET E 1835 41.49 -21.69 -101.22
C MET E 1835 42.45 -22.05 -100.09
N SER E 1836 42.21 -21.46 -98.92
CA SER E 1836 43.03 -21.66 -97.74
C SER E 1836 42.12 -21.55 -96.52
N ALA E 1837 42.73 -21.39 -95.35
CA ALA E 1837 41.94 -21.35 -94.11
C ALA E 1837 41.40 -19.95 -93.82
N ALA E 1838 42.13 -18.90 -94.21
CA ALA E 1838 41.67 -17.54 -93.92
C ALA E 1838 40.52 -17.13 -94.83
N GLU E 1839 40.57 -17.55 -96.10
CA GLU E 1839 39.50 -17.22 -97.03
C GLU E 1839 38.24 -18.05 -96.81
N THR E 1840 38.37 -19.23 -96.21
CA THR E 1840 37.21 -20.09 -95.98
C THR E 1840 36.44 -19.72 -94.71
N ALA E 1841 36.85 -18.69 -94.00
CA ALA E 1841 36.15 -18.25 -92.79
C ALA E 1841 35.54 -16.87 -92.93
N ARG E 1842 36.27 -15.91 -93.52
CA ARG E 1842 35.73 -14.56 -93.66
C ARG E 1842 34.68 -14.50 -94.76
N ARG E 1843 34.91 -15.22 -95.86
CA ARG E 1843 33.95 -15.28 -96.96
C ARG E 1843 32.78 -16.21 -96.68
N THR E 1844 32.85 -16.98 -95.59
CA THR E 1844 31.73 -17.81 -95.18
C THR E 1844 30.55 -16.95 -94.75
N ARG E 1845 30.83 -15.77 -94.21
CA ARG E 1845 29.79 -14.84 -93.75
C ARG E 1845 28.97 -14.25 -94.89
N GLU E 1846 29.38 -14.41 -96.15
CA GLU E 1846 28.54 -14.01 -97.26
C GLU E 1846 27.36 -14.95 -97.43
N PHE E 1847 27.61 -16.26 -97.39
CA PHE E 1847 26.53 -17.23 -97.53
C PHE E 1847 25.68 -17.29 -96.28
N ARG E 1848 26.29 -17.06 -95.12
CA ARG E 1848 25.57 -16.81 -93.88
C ARG E 1848 25.19 -15.34 -93.80
N SER E 1849 24.80 -14.87 -92.60
CA SER E 1849 24.47 -13.48 -92.31
C SER E 1849 23.32 -12.98 -93.16
N PRO E 1850 22.07 -13.35 -92.82
CA PRO E 1850 20.92 -12.86 -93.57
C PRO E 1850 20.88 -11.34 -93.58
N PRO E 1851 20.34 -10.73 -94.65
CA PRO E 1851 20.70 -9.33 -94.98
C PRO E 1851 20.23 -8.27 -94.00
N GLN E 1852 19.51 -8.64 -92.93
CA GLN E 1852 19.37 -7.72 -91.82
C GLN E 1852 20.71 -7.48 -91.13
N GLU E 1853 21.38 -8.57 -90.72
CA GLU E 1853 22.66 -8.46 -90.03
C GLU E 1853 23.84 -8.29 -90.98
N GLN E 1854 23.65 -8.61 -92.27
CA GLN E 1854 24.74 -8.48 -93.23
C GLN E 1854 25.08 -7.01 -93.47
N ILE E 1855 24.06 -6.15 -93.54
CA ILE E 1855 24.29 -4.73 -93.65
C ILE E 1855 24.83 -4.18 -92.35
N ASN E 1856 24.38 -4.73 -91.22
CA ASN E 1856 24.77 -4.23 -89.90
C ASN E 1856 26.25 -4.45 -89.62
N MET E 1857 26.84 -5.49 -90.21
CA MET E 1857 28.29 -5.59 -90.22
C MET E 1857 28.90 -4.47 -91.05
N LEU E 1858 28.35 -4.26 -92.24
CA LEU E 1858 28.95 -3.34 -93.19
C LEU E 1858 28.69 -1.88 -92.85
N LEU E 1859 27.58 -1.59 -92.16
CA LEU E 1859 27.26 -0.20 -91.84
C LEU E 1859 28.17 0.34 -90.74
N HIS E 1860 28.79 -0.53 -89.96
CA HIS E 1860 29.71 -0.10 -88.92
C HIS E 1860 30.95 0.57 -89.50
N PHE E 1861 31.36 0.17 -90.71
CA PHE E 1861 32.60 0.67 -91.26
C PHE E 1861 32.45 2.10 -91.79
N LYS E 1862 31.31 2.40 -92.41
CA LYS E 1862 31.09 3.74 -92.93
C LYS E 1862 30.83 4.74 -91.82
N ASP E 1863 30.36 4.29 -90.66
CA ASP E 1863 30.09 5.17 -89.52
C ASP E 1863 30.79 4.62 -88.28
N GLU E 1864 32.08 4.95 -88.16
CA GLU E 1864 32.90 4.72 -86.98
C GLU E 1864 34.19 5.49 -87.18
N ALA E 1865 35.08 5.42 -86.20
CA ALA E 1865 36.42 5.97 -86.36
C ALA E 1865 37.41 4.91 -86.82
N ASP E 1866 37.01 4.16 -87.87
CA ASP E 1866 37.82 3.13 -88.52
C ASP E 1866 38.35 2.08 -87.55
N GLU E 1867 37.53 1.72 -86.56
CA GLU E 1867 37.98 0.88 -85.45
C GLU E 1867 37.40 -0.52 -85.52
N GLU E 1868 37.23 -1.07 -86.72
CA GLU E 1868 36.61 -2.38 -86.85
C GLU E 1868 37.26 -3.25 -87.90
N ASP E 1869 38.52 -2.97 -88.27
CA ASP E 1869 39.28 -3.69 -89.31
C ASP E 1869 38.53 -3.67 -90.65
N CYS E 1870 38.49 -2.45 -91.20
CA CYS E 1870 37.61 -2.12 -92.32
C CYS E 1870 38.00 -2.87 -93.59
N PRO E 1871 37.00 -3.18 -94.43
CA PRO E 1871 37.27 -3.82 -95.73
C PRO E 1871 37.73 -2.83 -96.80
N LEU E 1872 37.78 -3.35 -98.03
CA LEU E 1872 38.25 -2.62 -99.21
C LEU E 1872 37.57 -1.28 -99.50
N PRO E 1873 36.19 -1.15 -99.57
CA PRO E 1873 35.63 0.10 -100.14
C PRO E 1873 35.79 1.34 -99.27
N GLU E 1874 36.72 2.20 -99.70
CA GLU E 1874 37.04 3.43 -98.99
C GLU E 1874 36.37 4.66 -99.58
N ASP E 1875 35.75 4.55 -100.75
CA ASP E 1875 35.08 5.68 -101.36
C ASP E 1875 33.62 5.77 -100.97
N ILE E 1876 32.96 4.63 -100.81
CA ILE E 1876 31.52 4.61 -100.52
C ILE E 1876 31.30 4.58 -99.01
N ARG E 1877 32.37 4.73 -98.24
CA ARG E 1877 32.22 5.08 -96.84
C ARG E 1877 32.32 6.58 -96.62
N GLN E 1878 32.69 7.33 -97.64
CA GLN E 1878 32.88 8.78 -97.56
C GLN E 1878 31.61 9.53 -97.94
N ASP E 1879 30.90 9.04 -98.96
CA ASP E 1879 29.65 9.69 -99.37
C ASP E 1879 28.57 9.54 -98.31
N LEU E 1880 28.56 8.40 -97.62
CA LEU E 1880 27.70 8.26 -96.44
C LEU E 1880 28.14 9.22 -95.35
N GLN E 1881 29.44 9.41 -95.18
CA GLN E 1881 29.94 10.38 -94.22
C GLN E 1881 29.61 11.80 -94.64
N ASP E 1882 29.67 12.07 -95.95
CA ASP E 1882 29.34 13.41 -96.44
C ASP E 1882 27.84 13.66 -96.36
N PHE E 1883 27.03 12.64 -96.62
CA PHE E 1883 25.58 12.82 -96.58
C PHE E 1883 25.08 12.96 -95.15
N HIS E 1884 25.60 12.13 -94.24
CA HIS E 1884 25.21 12.23 -92.83
C HIS E 1884 25.66 13.55 -92.22
N GLN E 1885 26.80 14.07 -92.68
CA GLN E 1885 27.19 15.43 -92.33
C GLN E 1885 26.22 16.44 -92.92
N ASP E 1886 25.85 16.26 -94.19
CA ASP E 1886 24.89 17.15 -94.83
C ASP E 1886 23.47 16.94 -94.30
N LEU E 1887 23.20 15.78 -93.71
CA LEU E 1887 21.90 15.54 -93.11
C LEU E 1887 21.71 16.41 -91.88
N LEU E 1888 22.67 16.35 -90.95
CA LEU E 1888 22.58 17.15 -89.74
C LEU E 1888 22.79 18.64 -90.03
N ALA E 1889 23.49 18.95 -91.13
CA ALA E 1889 23.58 20.34 -91.56
C ALA E 1889 22.24 20.86 -92.03
N HIS E 1890 21.50 20.05 -92.79
CA HIS E 1890 20.13 20.42 -93.14
C HIS E 1890 19.21 20.31 -91.94
N CYS E 1891 19.53 19.43 -90.99
CA CYS E 1891 18.79 19.37 -89.74
C CYS E 1891 19.26 20.49 -88.82
N GLY E 1892 18.77 20.50 -87.59
CA GLY E 1892 19.05 21.56 -86.64
C GLY E 1892 20.44 21.57 -86.04
N ILE E 1893 21.27 20.57 -86.35
CA ILE E 1893 22.62 20.53 -85.81
C ILE E 1893 23.47 21.59 -86.50
N GLN E 1894 24.08 22.47 -85.69
CA GLN E 1894 24.89 23.55 -86.25
C GLN E 1894 26.23 23.07 -86.78
N LEU E 1895 26.65 21.86 -86.38
CA LEU E 1895 27.93 21.25 -86.77
C LEU E 1895 29.12 22.14 -86.39
N GLU E 1896 29.10 22.62 -85.16
CA GLU E 1896 30.16 23.50 -84.64
C GLU E 1896 31.38 22.65 -84.34
N GLY E 1897 32.28 22.55 -85.33
CA GLY E 1897 33.47 21.75 -85.19
C GLY E 1897 33.20 20.26 -85.31
N LYS E 1938 20.35 41.26 -86.28
CA LYS E 1938 20.78 40.38 -87.36
C LYS E 1938 19.59 39.70 -88.01
N LYS E 1939 19.85 39.01 -89.12
CA LYS E 1939 18.80 38.30 -89.83
C LYS E 1939 18.91 36.80 -89.57
N PRO E 1940 17.78 36.11 -89.35
CA PRO E 1940 17.84 34.66 -89.20
C PRO E 1940 18.23 33.95 -90.49
N GLN E 1941 17.68 34.40 -91.63
CA GLN E 1941 17.93 33.87 -92.98
C GLN E 1941 17.62 32.38 -93.11
N SER E 1942 16.71 31.87 -92.26
CA SER E 1942 16.35 30.46 -92.23
C SER E 1942 15.04 30.33 -91.49
N LEU E 1943 14.39 29.18 -91.67
CA LEU E 1943 13.12 28.94 -90.99
C LEU E 1943 13.31 28.62 -89.52
N GLN E 1944 14.43 28.01 -89.16
CA GLN E 1944 14.60 27.51 -87.81
C GLN E 1944 14.81 28.64 -86.81
N GLU E 1945 15.71 29.58 -87.13
CA GLU E 1945 15.93 30.71 -86.25
C GLU E 1945 14.79 31.71 -86.30
N LEU E 1946 13.97 31.68 -87.35
CA LEU E 1946 12.83 32.58 -87.44
C LEU E 1946 11.71 32.17 -86.51
N VAL E 1947 11.27 30.91 -86.59
CA VAL E 1947 10.12 30.45 -85.85
C VAL E 1947 10.44 30.35 -84.36
N SER E 1948 11.67 29.93 -84.04
CA SER E 1948 12.09 29.85 -82.65
C SER E 1948 12.15 31.22 -81.98
N HIS E 1949 12.50 32.26 -82.74
CA HIS E 1949 12.48 33.60 -82.20
C HIS E 1949 11.07 34.15 -82.07
N MET E 1950 10.18 33.75 -82.98
CA MET E 1950 8.84 34.34 -83.05
C MET E 1950 7.97 33.91 -81.88
N VAL E 1951 8.08 32.64 -81.48
CA VAL E 1951 7.25 32.15 -80.38
C VAL E 1951 7.72 32.76 -79.07
N VAL E 1952 9.03 32.98 -78.94
CA VAL E 1952 9.58 33.55 -77.70
C VAL E 1952 9.16 34.99 -77.53
N ARG E 1953 9.28 35.80 -78.60
CA ARG E 1953 8.90 37.20 -78.52
C ARG E 1953 7.40 37.39 -78.34
N TRP E 1954 6.59 36.39 -78.71
CA TRP E 1954 5.19 36.40 -78.31
C TRP E 1954 5.06 36.21 -76.81
N ALA E 1955 5.80 35.23 -76.26
CA ALA E 1955 5.80 35.01 -74.83
C ALA E 1955 6.57 36.08 -74.08
N GLN E 1956 7.53 36.74 -74.74
CA GLN E 1956 8.18 37.91 -74.18
C GLN E 1956 7.22 39.09 -74.06
N GLU E 1957 6.16 39.09 -74.87
CA GLU E 1957 5.08 40.08 -74.76
C GLU E 1957 4.15 39.67 -73.62
N ASP E 1958 2.97 40.28 -73.57
CA ASP E 1958 2.04 40.15 -72.45
C ASP E 1958 1.47 38.74 -72.36
N TYR E 1959 0.63 38.55 -71.33
CA TYR E 1959 0.14 37.22 -70.97
C TYR E 1959 -0.83 36.68 -72.03
N VAL E 1960 -0.75 35.37 -72.26
CA VAL E 1960 -1.49 34.71 -73.32
C VAL E 1960 -2.49 33.75 -72.67
N GLN E 1961 -3.77 33.99 -72.93
CA GLN E 1961 -4.82 33.08 -72.51
C GLN E 1961 -5.12 32.09 -73.64
N SER E 1962 -6.26 31.37 -73.55
CA SER E 1962 -6.74 30.37 -74.51
C SER E 1962 -5.70 29.26 -74.69
N PRO E 1963 -5.54 28.37 -73.71
CA PRO E 1963 -4.37 27.48 -73.67
C PRO E 1963 -4.26 26.48 -74.82
N GLU E 1964 -5.30 26.33 -75.63
CA GLU E 1964 -5.18 25.55 -76.86
C GLU E 1964 -4.19 26.20 -77.81
N LEU E 1965 -4.17 27.54 -77.85
CA LEU E 1965 -3.13 28.26 -78.57
C LEU E 1965 -1.75 27.96 -78.02
N VAL E 1966 -1.63 27.97 -76.69
CA VAL E 1966 -0.33 27.80 -76.04
C VAL E 1966 0.19 26.39 -76.26
N ARG E 1967 -0.72 25.40 -76.29
CA ARG E 1967 -0.34 24.04 -76.65
C ARG E 1967 0.13 23.98 -78.10
N ALA E 1968 -0.49 24.75 -78.98
CA ALA E 1968 -0.05 24.80 -80.37
C ALA E 1968 1.28 25.53 -80.53
N MET E 1969 1.60 26.45 -79.62
CA MET E 1969 2.84 27.20 -79.72
C MET E 1969 4.05 26.31 -79.48
N PHE E 1970 4.05 25.60 -78.37
CA PHE E 1970 5.23 24.81 -78.02
C PHE E 1970 5.27 23.47 -78.71
N SER E 1971 4.16 23.06 -79.35
CA SER E 1971 4.20 21.91 -80.24
C SER E 1971 5.09 22.19 -81.45
N LEU E 1972 4.89 23.35 -82.07
CA LEU E 1972 5.72 23.74 -83.20
C LEU E 1972 7.13 24.09 -82.73
N LEU E 1973 7.27 24.59 -81.50
CA LEU E 1973 8.56 24.97 -80.98
C LEU E 1973 9.46 23.76 -80.76
N HIS E 1974 8.90 22.67 -80.24
CA HIS E 1974 9.69 21.47 -79.98
C HIS E 1974 10.14 20.81 -81.28
N ARG E 1975 9.39 20.99 -82.35
CA ARG E 1975 9.81 20.51 -83.66
C ARG E 1975 11.01 21.28 -84.19
N GLN E 1976 11.22 22.50 -83.71
CA GLN E 1976 12.32 23.32 -84.18
C GLN E 1976 13.62 23.06 -83.41
N TYR E 1977 13.57 22.34 -82.30
CA TYR E 1977 14.76 22.00 -81.54
C TYR E 1977 15.09 20.52 -81.62
N ASP E 1978 14.16 19.66 -81.23
CA ASP E 1978 14.39 18.22 -81.29
C ASP E 1978 13.82 17.62 -82.58
N GLY E 1979 14.33 18.13 -83.70
CA GLY E 1979 13.99 17.57 -84.99
C GLY E 1979 14.67 16.26 -85.30
N LEU E 1980 15.68 15.88 -84.51
CA LEU E 1980 16.37 14.61 -84.69
C LEU E 1980 15.45 13.45 -84.36
N GLY E 1981 14.93 13.42 -83.13
CA GLY E 1981 14.01 12.36 -82.74
C GLY E 1981 12.65 12.51 -83.39
N GLU E 1982 12.28 13.73 -83.77
CA GLU E 1982 11.07 13.92 -84.56
C GLU E 1982 11.21 13.29 -85.93
N LEU E 1983 12.40 13.35 -86.52
CA LEU E 1983 12.67 12.56 -87.72
C LEU E 1983 12.64 11.08 -87.41
N LEU E 1984 13.14 10.69 -86.24
CA LEU E 1984 13.03 9.31 -85.79
C LEU E 1984 11.59 8.94 -85.44
N ARG E 1985 10.77 9.92 -85.06
CA ARG E 1985 9.37 9.66 -84.78
C ARG E 1985 8.58 9.29 -86.04
N ALA E 1986 9.02 9.76 -87.20
CA ALA E 1986 8.38 9.40 -88.46
C ALA E 1986 9.22 8.44 -89.28
N LEU E 1987 10.39 8.05 -88.77
CA LEU E 1987 11.24 7.10 -89.49
C LEU E 1987 10.63 5.71 -89.69
N PRO E 1988 9.93 5.07 -88.73
CA PRO E 1988 9.28 3.79 -89.07
C PRO E 1988 8.08 3.92 -89.99
N ARG E 1989 7.55 5.12 -90.20
CA ARG E 1989 6.42 5.31 -91.09
C ARG E 1989 6.84 5.57 -92.53
N ALA E 1990 8.07 5.27 -92.88
CA ALA E 1990 8.57 5.44 -94.24
C ALA E 1990 8.70 4.09 -94.94
N TYR E 1991 8.48 4.08 -96.24
CA TYR E 1991 8.55 2.85 -97.03
C TYR E 1991 8.84 3.22 -98.48
N THR E 1992 9.34 2.26 -99.24
CA THR E 1992 9.57 2.43 -100.67
C THR E 1992 8.98 1.25 -101.42
N ILE E 1993 8.19 1.53 -102.45
CA ILE E 1993 7.58 0.49 -103.27
C ILE E 1993 8.29 0.40 -104.60
N SER E 1994 8.10 -0.74 -105.25
CA SER E 1994 8.61 -0.91 -106.60
C SER E 1994 7.77 -0.11 -107.57
N PRO E 1995 8.38 0.55 -108.56
CA PRO E 1995 7.61 1.36 -109.51
C PRO E 1995 6.73 0.49 -110.41
N SER E 1996 5.78 1.17 -111.04
CA SER E 1996 4.68 0.59 -111.83
C SER E 1996 3.83 -0.39 -111.01
N SER E 1997 3.75 -0.18 -109.69
CA SER E 1997 2.88 -0.95 -108.82
C SER E 1997 1.92 -0.06 -108.05
N VAL E 1998 1.80 1.21 -108.44
CA VAL E 1998 0.98 2.15 -107.69
C VAL E 1998 -0.51 1.98 -108.00
N GLU E 1999 -0.84 1.34 -109.12
CA GLU E 1999 -2.22 1.28 -109.57
C GLU E 1999 -3.08 0.37 -108.71
N ASP E 2000 -2.48 -0.66 -108.12
CA ASP E 2000 -3.15 -1.43 -107.10
C ASP E 2000 -2.90 -0.87 -105.70
N THR E 2001 -1.86 -0.05 -105.55
CA THR E 2001 -1.58 0.59 -104.28
C THR E 2001 -2.59 1.69 -103.98
N MET E 2002 -2.87 2.54 -104.98
CA MET E 2002 -3.75 3.68 -104.76
C MET E 2002 -5.21 3.26 -104.58
N SER E 2003 -5.61 2.17 -105.22
CA SER E 2003 -6.93 1.60 -104.94
C SER E 2003 -6.99 1.07 -103.51
N LEU E 2004 -5.93 0.41 -103.07
CA LEU E 2004 -5.80 0.04 -101.66
C LEU E 2004 -5.68 1.27 -100.77
N LEU E 2005 -5.03 2.32 -101.28
CA LEU E 2005 -4.89 3.54 -100.49
C LEU E 2005 -6.20 4.29 -100.38
N GLU E 2006 -6.97 4.35 -101.47
CA GLU E 2006 -8.24 5.08 -101.43
C GLU E 2006 -9.29 4.32 -100.63
N CYS E 2007 -9.19 2.99 -100.58
CA CYS E 2007 -10.17 2.22 -99.84
C CYS E 2007 -9.99 2.34 -98.34
N LEU E 2008 -8.75 2.58 -97.89
CA LEU E 2008 -8.50 2.79 -96.47
C LEU E 2008 -9.09 4.11 -96.00
N GLY E 2009 -9.05 5.13 -96.85
CA GLY E 2009 -9.67 6.39 -96.51
C GLY E 2009 -11.18 6.30 -96.38
N GLN E 2010 -11.80 5.36 -97.10
CA GLN E 2010 -13.20 5.05 -96.85
C GLN E 2010 -13.40 4.48 -95.46
N ILE E 2011 -12.45 3.65 -95.02
CA ILE E 2011 -12.58 3.00 -93.72
C ILE E 2011 -12.32 3.99 -92.59
N ARG E 2012 -11.29 4.81 -92.73
CA ARG E 2012 -11.01 5.83 -91.73
C ARG E 2012 -12.07 6.93 -91.72
N SER E 2013 -12.81 7.09 -92.81
CA SER E 2013 -13.98 7.96 -92.81
C SER E 2013 -15.05 7.43 -91.87
N LEU E 2014 -15.31 6.12 -91.94
CA LEU E 2014 -16.34 5.49 -91.13
C LEU E 2014 -15.91 5.26 -89.68
N LEU E 2015 -14.70 5.67 -89.32
CA LEU E 2015 -14.27 5.60 -87.93
C LEU E 2015 -15.05 6.58 -87.06
N ILE E 2016 -15.50 7.69 -87.64
CA ILE E 2016 -16.23 8.72 -86.92
C ILE E 2016 -17.71 8.73 -87.30
N VAL E 2017 -18.12 7.88 -88.24
CA VAL E 2017 -19.50 7.82 -88.67
C VAL E 2017 -20.27 6.91 -87.71
N GLN E 2018 -21.37 7.42 -87.16
CA GLN E 2018 -22.27 6.61 -86.37
C GLN E 2018 -22.96 5.59 -87.27
N MET E 2019 -23.23 4.41 -86.70
CA MET E 2019 -23.52 3.21 -87.49
C MET E 2019 -24.87 3.32 -88.19
N GLY E 2020 -24.83 3.15 -89.51
CA GLY E 2020 -26.02 3.13 -90.33
C GLY E 2020 -25.97 2.02 -91.36
N PRO E 2021 -27.13 1.59 -91.86
CA PRO E 2021 -27.15 0.54 -92.89
C PRO E 2021 -26.54 0.99 -94.20
N GLN E 2022 -26.61 2.28 -94.52
CA GLN E 2022 -25.89 2.80 -95.68
C GLN E 2022 -24.39 2.72 -95.48
N GLU E 2023 -23.92 2.95 -94.25
CA GLU E 2023 -22.52 2.77 -93.95
C GLU E 2023 -22.16 1.32 -93.68
N GLU E 2024 -23.15 0.47 -93.45
CA GLU E 2024 -22.87 -0.93 -93.13
C GLU E 2024 -22.35 -1.68 -94.34
N ASN E 2025 -23.16 -1.76 -95.39
CA ASN E 2025 -22.74 -2.42 -96.62
C ASN E 2025 -21.63 -1.68 -97.35
N LEU E 2026 -21.43 -0.39 -97.04
CA LEU E 2026 -20.32 0.35 -97.61
C LEU E 2026 -18.99 -0.23 -97.17
N MET E 2027 -18.86 -0.54 -95.88
CA MET E 2027 -17.64 -1.17 -95.40
C MET E 2027 -17.55 -2.62 -95.87
N ILE E 2028 -18.69 -3.31 -95.95
CA ILE E 2028 -18.72 -4.69 -96.45
C ILE E 2028 -18.28 -4.72 -97.91
N GLN E 2029 -18.67 -3.71 -98.69
CA GLN E 2029 -18.13 -3.55 -100.03
C GLN E 2029 -16.65 -3.23 -100.00
N SER E 2030 -16.19 -2.49 -98.98
CA SER E 2030 -14.78 -2.12 -98.90
C SER E 2030 -13.89 -3.30 -98.54
N ILE E 2031 -14.44 -4.28 -97.81
CA ILE E 2031 -13.67 -5.47 -97.48
C ILE E 2031 -13.41 -6.32 -98.73
N GLY E 2032 -14.41 -6.41 -99.61
CA GLY E 2032 -14.23 -7.12 -100.86
C GLY E 2032 -13.23 -6.48 -101.79
N ASN E 2033 -13.01 -5.18 -101.66
CA ASN E 2033 -12.01 -4.50 -102.47
C ASN E 2033 -10.60 -4.88 -102.04
N ILE E 2034 -10.33 -4.81 -100.73
CA ILE E 2034 -9.00 -5.10 -100.20
C ILE E 2034 -8.71 -6.59 -100.10
N MET E 2035 -9.72 -7.44 -100.27
CA MET E 2035 -9.50 -8.87 -100.46
C MET E 2035 -9.14 -9.24 -101.89
N ASN E 2036 -9.23 -8.30 -102.82
CA ASN E 2036 -9.04 -8.61 -104.23
C ASN E 2036 -8.12 -7.58 -104.88
N ASN E 2037 -7.01 -7.32 -104.23
CA ASN E 2037 -5.97 -6.47 -104.80
C ASN E 2037 -4.59 -7.10 -104.75
N LYS E 2038 -4.39 -8.12 -103.91
CA LYS E 2038 -3.27 -9.09 -103.86
C LYS E 2038 -1.89 -8.48 -103.66
N VAL E 2039 -1.79 -7.16 -103.48
CA VAL E 2039 -0.59 -6.55 -102.95
C VAL E 2039 -0.59 -6.63 -101.43
N PHE E 2040 -1.79 -6.74 -100.85
CA PHE E 2040 -1.95 -7.15 -99.46
C PHE E 2040 -1.28 -8.50 -99.20
N TYR E 2041 -1.35 -9.41 -100.17
CA TYR E 2041 -0.59 -10.65 -100.10
C TYR E 2041 0.89 -10.45 -100.39
N GLN E 2042 1.27 -9.33 -101.00
CA GLN E 2042 2.67 -9.13 -101.36
C GLN E 2042 3.49 -8.62 -100.19
N HIS E 2043 3.00 -7.60 -99.48
CA HIS E 2043 3.79 -6.98 -98.42
C HIS E 2043 2.94 -6.78 -97.18
N PRO E 2044 2.87 -7.79 -96.31
CA PRO E 2044 2.17 -7.61 -95.03
C PRO E 2044 2.94 -6.72 -94.07
N ASN E 2045 4.27 -6.61 -94.22
CA ASN E 2045 5.06 -5.74 -93.37
C ASN E 2045 4.75 -4.27 -93.64
N LEU E 2046 4.30 -3.96 -94.86
CA LEU E 2046 3.74 -2.64 -95.13
C LEU E 2046 2.47 -2.42 -94.33
N MET E 2047 1.59 -3.42 -94.32
CA MET E 2047 0.28 -3.27 -93.69
C MET E 2047 0.38 -3.16 -92.18
N ARG E 2048 1.45 -3.71 -91.60
CA ARG E 2048 1.75 -3.49 -90.20
C ARG E 2048 2.08 -2.03 -89.94
N ALA E 2049 2.75 -1.37 -90.89
CA ALA E 2049 3.04 0.06 -90.73
C ALA E 2049 1.81 0.91 -90.95
N LEU E 2050 0.83 0.42 -91.71
CA LEU E 2050 -0.41 1.16 -91.89
C LEU E 2050 -1.33 1.11 -90.67
N GLY E 2051 -1.08 0.20 -89.73
CA GLY E 2051 -2.01 0.01 -88.63
C GLY E 2051 -3.34 -0.53 -89.12
N MET E 2052 -3.31 -1.48 -90.05
CA MET E 2052 -4.51 -1.94 -90.74
C MET E 2052 -5.43 -2.70 -89.81
N HIS E 2053 -4.87 -3.59 -88.98
CA HIS E 2053 -5.65 -4.40 -88.06
C HIS E 2053 -6.28 -3.58 -86.95
N GLU E 2054 -5.71 -2.42 -86.62
CA GLU E 2054 -6.15 -1.66 -85.47
C GLU E 2054 -7.49 -0.99 -85.73
N THR E 2055 -7.61 -0.31 -86.87
CA THR E 2055 -8.84 0.40 -87.20
C THR E 2055 -9.99 -0.55 -87.48
N VAL E 2056 -9.69 -1.78 -87.91
CA VAL E 2056 -10.71 -2.82 -87.99
C VAL E 2056 -11.23 -3.16 -86.60
N MET E 2057 -10.34 -3.17 -85.62
CA MET E 2057 -10.77 -3.41 -84.25
C MET E 2057 -11.43 -2.20 -83.63
N GLU E 2058 -11.03 -0.99 -84.04
CA GLU E 2058 -11.60 0.23 -83.48
C GLU E 2058 -13.06 0.39 -83.86
N VAL E 2059 -13.40 0.08 -85.11
CA VAL E 2059 -14.81 0.08 -85.51
C VAL E 2059 -15.53 -1.13 -84.94
N MET E 2060 -14.79 -2.19 -84.59
CA MET E 2060 -15.40 -3.35 -83.96
C MET E 2060 -15.81 -3.06 -82.53
N VAL E 2061 -15.11 -2.13 -81.87
CA VAL E 2061 -15.50 -1.73 -80.51
C VAL E 2061 -16.86 -1.04 -80.52
N ASN E 2062 -17.11 -0.19 -81.52
CA ASN E 2062 -18.33 0.59 -81.53
C ASN E 2062 -19.55 -0.24 -81.88
N VAL E 2063 -19.38 -1.34 -82.62
CA VAL E 2063 -20.51 -2.19 -82.93
C VAL E 2063 -20.80 -3.20 -81.83
N LEU E 2064 -19.81 -3.53 -81.00
CA LEU E 2064 -20.07 -4.36 -79.83
C LEU E 2064 -20.49 -3.56 -78.61
N GLY E 2065 -20.14 -2.28 -78.56
CA GLY E 2065 -20.53 -1.43 -77.46
C GLY E 2065 -22.00 -1.03 -77.54
N GLY E 2066 -22.42 -0.26 -76.55
CA GLY E 2066 -23.78 0.24 -76.49
C GLY E 2066 -24.74 -0.73 -75.83
N GLY E 2067 -24.94 -1.89 -76.44
CA GLY E 2067 -25.82 -2.88 -75.88
C GLY E 2067 -25.11 -4.14 -75.46
N GLU E 2068 -25.05 -4.39 -74.15
CA GLU E 2068 -24.48 -5.64 -73.65
C GLU E 2068 -25.42 -6.81 -73.95
N THR E 2069 -26.68 -6.70 -73.54
CA THR E 2069 -27.70 -7.68 -73.87
C THR E 2069 -28.94 -7.04 -74.48
N LYS E 2070 -28.98 -5.71 -74.58
CA LYS E 2070 -30.16 -5.03 -75.11
C LYS E 2070 -30.27 -5.17 -76.63
N GLU E 2071 -29.15 -5.08 -77.33
CA GLU E 2071 -29.16 -5.12 -78.79
C GLU E 2071 -27.93 -5.84 -79.31
N ILE E 2072 -28.13 -6.59 -80.39
CA ILE E 2072 -27.04 -7.22 -81.13
C ILE E 2072 -27.02 -6.61 -82.51
N ARG E 2073 -27.36 -5.32 -82.58
CA ARG E 2073 -27.67 -4.62 -83.82
C ARG E 2073 -26.48 -4.58 -84.77
N PHE E 2074 -26.80 -4.40 -86.05
CA PHE E 2074 -25.94 -4.55 -87.22
C PHE E 2074 -25.15 -5.86 -87.23
N PRO E 2075 -25.78 -7.01 -87.50
CA PRO E 2075 -25.00 -8.22 -87.78
C PRO E 2075 -24.49 -8.19 -89.21
N LYS E 2076 -23.70 -9.23 -89.55
CA LYS E 2076 -23.15 -9.57 -90.87
C LYS E 2076 -22.03 -8.59 -91.29
N MET E 2077 -21.85 -7.50 -90.56
CA MET E 2077 -20.68 -6.66 -90.65
C MET E 2077 -19.73 -6.90 -89.50
N VAL E 2078 -20.28 -7.17 -88.31
CA VAL E 2078 -19.49 -7.63 -87.17
C VAL E 2078 -18.80 -8.95 -87.48
N THR E 2079 -19.44 -9.81 -88.29
CA THR E 2079 -18.77 -11.02 -88.74
C THR E 2079 -17.78 -10.70 -89.85
N SER E 2080 -18.14 -9.78 -90.75
CA SER E 2080 -17.32 -9.51 -91.93
C SER E 2080 -16.00 -8.86 -91.56
N CYS E 2081 -16.02 -7.94 -90.59
CA CYS E 2081 -14.77 -7.37 -90.10
C CYS E 2081 -13.96 -8.41 -89.33
N CYS E 2082 -14.66 -9.33 -88.65
CA CYS E 2082 -13.98 -10.36 -87.90
C CYS E 2082 -13.39 -11.44 -88.81
N ARG E 2083 -14.14 -11.86 -89.82
CA ARG E 2083 -13.65 -12.91 -90.70
C ARG E 2083 -12.54 -12.39 -91.62
N PHE E 2084 -12.54 -11.08 -91.90
CA PHE E 2084 -11.42 -10.50 -92.63
C PHE E 2084 -10.16 -10.49 -91.79
N LEU E 2085 -10.30 -10.33 -90.49
CA LEU E 2085 -9.14 -10.17 -89.61
C LEU E 2085 -8.35 -11.45 -89.47
N CYS E 2086 -8.99 -12.60 -89.74
CA CYS E 2086 -8.28 -13.87 -89.74
C CYS E 2086 -7.32 -13.97 -90.91
N TYR E 2087 -7.62 -13.29 -92.02
CA TYR E 2087 -6.72 -13.31 -93.16
C TYR E 2087 -5.42 -12.57 -92.86
N PHE E 2088 -5.52 -11.39 -92.24
CA PHE E 2088 -4.33 -10.69 -91.81
C PHE E 2088 -3.63 -11.43 -90.67
N CYS E 2089 -4.40 -12.19 -89.89
CA CYS E 2089 -3.81 -13.10 -88.93
C CYS E 2089 -3.11 -14.27 -89.61
N ARG E 2090 -3.57 -14.64 -90.80
CA ARG E 2090 -3.06 -15.85 -91.44
C ARG E 2090 -1.67 -15.63 -92.02
N ILE E 2091 -1.52 -14.69 -92.94
CA ILE E 2091 -0.33 -14.63 -93.79
C ILE E 2091 0.70 -13.77 -93.08
N SER E 2092 1.34 -14.37 -92.07
CA SER E 2092 2.58 -13.97 -91.40
C SER E 2092 2.88 -14.99 -90.31
N ARG E 2093 4.03 -14.83 -89.69
CA ARG E 2093 4.31 -15.35 -88.37
C ARG E 2093 4.46 -14.22 -87.35
N GLN E 2094 4.13 -13.00 -87.74
CA GLN E 2094 4.46 -11.82 -86.96
C GLN E 2094 3.24 -10.89 -86.82
N ASN E 2095 2.33 -10.93 -87.79
CA ASN E 2095 1.14 -10.08 -87.73
C ASN E 2095 0.23 -10.47 -86.57
N GLN E 2096 0.10 -11.79 -86.32
CA GLN E 2096 -0.75 -12.26 -85.24
C GLN E 2096 -0.15 -11.97 -83.87
N ARG E 2097 1.15 -11.71 -83.80
CA ARG E 2097 1.76 -11.25 -82.55
C ARG E 2097 1.28 -9.85 -82.18
N SER E 2098 1.04 -9.01 -83.19
CA SER E 2098 0.46 -7.69 -82.92
C SER E 2098 -0.97 -7.80 -82.41
N MET E 2099 -1.71 -8.81 -82.88
CA MET E 2099 -3.05 -9.07 -82.33
C MET E 2099 -2.97 -9.64 -80.93
N PHE E 2100 -1.87 -10.29 -80.59
CA PHE E 2100 -1.74 -10.92 -79.28
C PHE E 2100 -1.66 -9.89 -78.16
N ASP E 2101 -1.15 -8.70 -78.46
CA ASP E 2101 -1.20 -7.60 -77.51
C ASP E 2101 -2.63 -7.18 -77.23
N HIS E 2102 -3.51 -7.32 -78.20
CA HIS E 2102 -4.92 -6.96 -78.07
C HIS E 2102 -5.81 -8.18 -77.88
N LEU E 2103 -5.27 -9.24 -77.27
CA LEU E 2103 -6.05 -10.45 -77.06
C LEU E 2103 -7.12 -10.24 -75.99
N SER E 2104 -6.70 -9.88 -74.78
CA SER E 2104 -7.64 -9.66 -73.69
C SER E 2104 -8.47 -8.40 -73.90
N TYR E 2105 -8.02 -7.49 -74.75
CA TYR E 2105 -8.81 -6.34 -75.15
C TYR E 2105 -10.10 -6.77 -75.83
N LEU E 2106 -10.00 -7.63 -76.84
CA LEU E 2106 -11.19 -8.15 -77.47
C LEU E 2106 -11.85 -9.24 -76.63
N LEU E 2107 -11.07 -9.94 -75.80
CA LEU E 2107 -11.62 -11.01 -74.98
C LEU E 2107 -12.49 -10.46 -73.87
N GLU E 2108 -12.22 -9.22 -73.44
CA GLU E 2108 -13.15 -8.52 -72.56
C GLU E 2108 -14.48 -8.25 -73.26
N ASN E 2109 -14.44 -8.09 -74.58
CA ASN E 2109 -15.65 -7.90 -75.36
C ASN E 2109 -16.17 -9.19 -75.97
N SER E 2110 -15.34 -10.24 -76.04
CA SER E 2110 -15.77 -11.49 -76.64
C SER E 2110 -16.68 -12.32 -75.74
N GLY E 2111 -16.68 -12.03 -74.44
CA GLY E 2111 -17.50 -12.79 -73.52
C GLY E 2111 -18.95 -12.36 -73.41
N ILE E 2112 -19.38 -11.37 -74.19
CA ILE E 2112 -20.73 -10.84 -74.10
C ILE E 2112 -21.56 -11.11 -75.34
N GLY E 2113 -20.97 -11.63 -76.41
CA GLY E 2113 -21.70 -11.88 -77.63
C GLY E 2113 -22.20 -13.30 -77.71
N LEU E 2114 -21.57 -14.08 -78.61
CA LEU E 2114 -21.81 -15.53 -78.78
C LEU E 2114 -23.27 -15.80 -79.19
N GLY E 2115 -23.69 -15.16 -80.27
CA GLY E 2115 -25.03 -15.30 -80.77
C GLY E 2115 -25.10 -16.03 -82.10
N MET E 2116 -25.20 -15.27 -83.18
CA MET E 2116 -25.27 -15.83 -84.52
C MET E 2116 -23.96 -16.52 -84.90
N GLN E 2117 -24.07 -17.59 -85.66
CA GLN E 2117 -22.92 -18.37 -86.11
C GLN E 2117 -22.08 -17.57 -87.10
N GLY E 2118 -20.92 -18.15 -87.43
CA GLY E 2118 -20.00 -17.49 -88.34
C GLY E 2118 -18.77 -16.98 -87.62
N SER E 2119 -18.36 -15.76 -87.94
CA SER E 2119 -17.20 -15.18 -87.29
C SER E 2119 -17.55 -14.73 -85.88
N THR E 2120 -16.56 -14.81 -84.99
CA THR E 2120 -16.74 -14.65 -83.56
C THR E 2120 -15.48 -14.01 -83.01
N PRO E 2121 -15.60 -13.01 -82.12
CA PRO E 2121 -14.40 -12.44 -81.48
C PRO E 2121 -13.62 -13.44 -80.65
N LEU E 2122 -14.27 -14.49 -80.15
CA LEU E 2122 -13.53 -15.61 -79.58
C LEU E 2122 -12.74 -16.33 -80.66
N ASP E 2123 -13.33 -16.47 -81.85
CA ASP E 2123 -12.72 -17.27 -82.91
C ASP E 2123 -11.53 -16.57 -83.53
N VAL E 2124 -11.55 -15.24 -83.60
CA VAL E 2124 -10.40 -14.54 -84.14
C VAL E 2124 -9.25 -14.54 -83.13
N ALA E 2125 -9.57 -14.68 -81.84
CA ALA E 2125 -8.53 -14.91 -80.86
C ALA E 2125 -7.98 -16.33 -80.95
N ALA E 2126 -8.84 -17.27 -81.37
CA ALA E 2126 -8.39 -18.63 -81.60
C ALA E 2126 -7.47 -18.72 -82.81
N ALA E 2127 -7.63 -17.79 -83.77
CA ALA E 2127 -6.71 -17.77 -84.91
C ALA E 2127 -5.34 -17.26 -84.51
N SER E 2128 -5.27 -16.39 -83.50
CA SER E 2128 -4.02 -15.76 -83.11
C SER E 2128 -3.21 -16.59 -82.12
N VAL E 2129 -3.43 -17.90 -82.04
CA VAL E 2129 -2.71 -18.73 -81.09
C VAL E 2129 -2.19 -19.96 -81.83
N ILE E 2130 -2.56 -20.08 -83.11
CA ILE E 2130 -2.21 -21.26 -83.89
C ILE E 2130 -0.71 -21.27 -84.20
N ASP E 2131 -0.09 -20.09 -84.32
CA ASP E 2131 1.35 -19.98 -84.49
C ASP E 2131 2.03 -20.43 -83.20
N ASN E 2132 2.63 -21.61 -83.22
CA ASN E 2132 3.05 -22.29 -82.01
C ASN E 2132 4.37 -21.74 -81.49
N ASN E 2133 4.66 -22.10 -80.24
CA ASN E 2133 5.96 -22.01 -79.57
C ASN E 2133 6.46 -20.58 -79.32
N GLU E 2134 5.72 -19.58 -79.78
CA GLU E 2134 6.11 -18.19 -79.58
C GLU E 2134 5.14 -17.45 -78.68
N LEU E 2135 3.89 -17.89 -78.60
CA LEU E 2135 2.90 -17.31 -77.71
C LEU E 2135 2.34 -18.30 -76.70
N ALA E 2136 2.55 -19.60 -76.92
CA ALA E 2136 2.26 -20.58 -75.89
C ALA E 2136 3.21 -20.42 -74.71
N LEU E 2137 4.44 -19.99 -74.97
CA LEU E 2137 5.33 -19.60 -73.89
C LEU E 2137 5.01 -18.21 -73.39
N ALA E 2138 4.38 -17.36 -74.21
CA ALA E 2138 4.00 -16.02 -73.81
C ALA E 2138 2.55 -15.96 -73.32
N LEU E 2139 2.06 -17.06 -72.75
CA LEU E 2139 0.65 -17.31 -72.58
C LEU E 2139 0.06 -16.44 -71.45
N GLN E 2140 -1.26 -16.56 -71.28
CA GLN E 2140 -2.08 -15.85 -70.30
C GLN E 2140 -1.95 -16.49 -68.93
N GLU E 2141 -2.98 -16.32 -68.08
CA GLU E 2141 -3.00 -15.90 -66.65
C GLU E 2141 -3.26 -14.39 -66.63
N GLN E 2142 -3.32 -13.82 -67.83
CA GLN E 2142 -4.05 -12.56 -67.95
C GLN E 2142 -5.49 -12.81 -68.36
N ASP E 2143 -5.74 -13.85 -69.15
CA ASP E 2143 -7.09 -14.17 -69.60
C ASP E 2143 -7.48 -15.63 -69.39
N LEU E 2144 -6.56 -16.50 -68.98
CA LEU E 2144 -6.95 -17.87 -68.64
C LEU E 2144 -7.86 -17.91 -67.43
N GLU E 2145 -7.67 -16.95 -66.52
CA GLU E 2145 -8.62 -16.76 -65.43
C GLU E 2145 -9.99 -16.34 -65.94
N LYS E 2146 -10.02 -15.58 -67.04
CA LYS E 2146 -11.28 -15.05 -67.55
C LYS E 2146 -12.12 -16.14 -68.20
N VAL E 2147 -11.47 -17.00 -69.02
CA VAL E 2147 -12.22 -17.95 -69.84
C VAL E 2147 -12.80 -19.07 -69.00
N VAL E 2148 -12.19 -19.37 -67.85
CA VAL E 2148 -12.79 -20.33 -66.93
C VAL E 2148 -14.00 -19.70 -66.25
N SER E 2149 -13.88 -18.43 -65.86
CA SER E 2149 -15.02 -17.70 -65.33
C SER E 2149 -16.08 -17.47 -66.40
N TYR E 2150 -15.66 -17.34 -67.65
CA TYR E 2150 -16.62 -17.30 -68.76
C TYR E 2150 -17.32 -18.63 -68.90
N LEU E 2151 -16.60 -19.72 -68.68
CA LEU E 2151 -17.20 -21.05 -68.73
C LEU E 2151 -18.02 -21.33 -67.48
N ALA E 2152 -17.66 -20.71 -66.36
CA ALA E 2152 -18.40 -20.93 -65.11
C ALA E 2152 -19.81 -20.36 -65.20
N GLY E 2153 -19.95 -19.16 -65.75
CA GLY E 2153 -21.28 -18.62 -66.00
C GLY E 2153 -21.97 -19.26 -67.19
N CYS E 2154 -21.21 -19.93 -68.05
CA CYS E 2154 -21.82 -20.61 -69.20
C CYS E 2154 -22.62 -21.83 -68.75
N GLY E 2155 -22.16 -22.51 -67.71
CA GLY E 2155 -22.92 -23.62 -67.15
C GLY E 2155 -24.04 -23.22 -66.22
N LEU E 2156 -24.09 -21.94 -65.84
CA LEU E 2156 -25.15 -21.44 -64.97
C LEU E 2156 -26.27 -20.76 -65.75
N GLN E 2157 -25.96 -20.10 -66.86
CA GLN E 2157 -27.00 -19.47 -67.66
C GLN E 2157 -27.80 -20.52 -68.43
N SER E 2158 -28.96 -20.11 -68.92
CA SER E 2158 -29.90 -21.03 -69.56
C SER E 2158 -30.30 -20.55 -70.94
N CYS E 2159 -29.28 -20.19 -71.74
CA CYS E 2159 -29.37 -19.79 -73.15
C CYS E 2159 -30.34 -18.63 -73.40
N PRO E 2160 -29.95 -17.40 -73.07
CA PRO E 2160 -30.88 -16.25 -73.25
C PRO E 2160 -31.28 -16.00 -74.70
N MET E 2161 -30.46 -16.42 -75.66
CA MET E 2161 -30.86 -16.35 -77.06
C MET E 2161 -31.96 -17.35 -77.37
N LEU E 2162 -32.00 -18.47 -76.63
CA LEU E 2162 -33.00 -19.51 -76.86
C LEU E 2162 -34.20 -19.39 -75.93
N LEU E 2163 -34.19 -18.42 -75.01
CA LEU E 2163 -35.34 -18.22 -74.14
C LEU E 2163 -36.51 -17.62 -74.90
N ALA E 2164 -36.25 -16.66 -75.78
CA ALA E 2164 -37.28 -15.97 -76.52
C ALA E 2164 -37.64 -16.65 -77.84
N LYS E 2165 -37.36 -17.95 -77.96
CA LYS E 2165 -37.65 -18.65 -79.21
C LYS E 2165 -38.25 -20.03 -78.98
N GLY E 2166 -38.88 -20.28 -77.83
CA GLY E 2166 -39.57 -21.52 -77.60
C GLY E 2166 -38.68 -22.73 -77.43
N TYR E 2167 -37.95 -22.79 -76.32
CA TYR E 2167 -37.05 -23.89 -76.03
C TYR E 2167 -37.19 -24.26 -74.57
N PRO E 2168 -36.95 -25.54 -74.21
CA PRO E 2168 -37.23 -25.98 -72.82
C PRO E 2168 -36.33 -25.39 -71.74
N ASP E 2169 -35.28 -24.64 -72.09
CA ASP E 2169 -34.50 -23.79 -71.18
C ASP E 2169 -33.82 -24.60 -70.07
N ILE E 2170 -32.93 -25.49 -70.50
CA ILE E 2170 -32.09 -26.24 -69.56
C ILE E 2170 -31.03 -25.30 -69.00
N GLY E 2171 -30.76 -25.40 -67.71
CA GLY E 2171 -29.96 -24.42 -66.99
C GLY E 2171 -28.47 -24.36 -67.26
N TRP E 2172 -28.00 -25.04 -68.30
CA TRP E 2172 -26.63 -24.84 -68.77
C TRP E 2172 -26.69 -24.63 -70.28
N ASN E 2173 -25.55 -24.51 -70.95
CA ASN E 2173 -25.54 -24.13 -72.37
C ASN E 2173 -25.01 -25.26 -73.23
N PRO E 2174 -25.89 -26.03 -73.89
CA PRO E 2174 -25.41 -27.02 -74.87
C PRO E 2174 -24.81 -26.37 -76.09
N CYS E 2175 -25.31 -25.20 -76.48
CA CYS E 2175 -24.72 -24.48 -77.61
C CYS E 2175 -23.54 -23.66 -77.16
N GLY E 2176 -23.74 -22.81 -76.15
CA GLY E 2176 -22.76 -21.80 -75.75
C GLY E 2176 -21.46 -22.37 -75.22
N GLY E 2177 -21.48 -23.58 -74.65
CA GLY E 2177 -20.25 -24.22 -74.26
C GLY E 2177 -19.40 -24.63 -75.45
N GLU E 2178 -20.05 -25.01 -76.56
CA GLU E 2178 -19.32 -25.36 -77.77
C GLU E 2178 -18.74 -24.14 -78.47
N ARG E 2179 -19.28 -22.95 -78.20
CA ARG E 2179 -18.62 -21.72 -78.63
C ARG E 2179 -17.28 -21.55 -77.94
N TYR E 2180 -17.18 -21.99 -76.69
CA TYR E 2180 -15.92 -22.08 -75.99
C TYR E 2180 -15.21 -23.39 -76.38
N LEU E 2181 -14.19 -23.75 -75.59
CA LEU E 2181 -13.56 -25.07 -75.54
C LEU E 2181 -12.73 -25.40 -76.77
N ASP E 2182 -12.73 -24.54 -77.78
CA ASP E 2182 -11.84 -24.66 -78.92
C ASP E 2182 -10.68 -23.69 -78.83
N PHE E 2183 -10.94 -22.50 -78.29
CA PHE E 2183 -9.86 -21.59 -77.93
C PHE E 2183 -8.94 -22.20 -76.89
N LEU E 2184 -9.53 -22.94 -75.94
CA LEU E 2184 -8.73 -23.69 -74.99
C LEU E 2184 -8.00 -24.85 -75.68
N ARG E 2185 -8.62 -25.42 -76.71
CA ARG E 2185 -7.99 -26.50 -77.45
C ARG E 2185 -6.79 -26.00 -78.25
N PHE E 2186 -6.88 -24.79 -78.78
CA PHE E 2186 -5.92 -24.35 -79.78
C PHE E 2186 -4.60 -23.86 -79.18
N ALA E 2187 -4.42 -23.97 -77.87
CA ALA E 2187 -3.12 -23.72 -77.29
C ALA E 2187 -2.19 -24.93 -77.42
N VAL E 2188 -2.75 -26.14 -77.37
CA VAL E 2188 -1.95 -27.36 -77.27
C VAL E 2188 -2.23 -28.17 -78.54
N PHE E 2189 -2.48 -27.48 -79.64
CA PHE E 2189 -3.13 -28.11 -80.79
C PHE E 2189 -2.17 -28.56 -81.88
N VAL E 2190 -1.40 -27.63 -82.44
CA VAL E 2190 -0.60 -27.93 -83.63
C VAL E 2190 0.65 -28.71 -83.27
N ASN E 2191 1.25 -28.40 -82.13
CA ASN E 2191 2.35 -29.20 -81.62
C ASN E 2191 1.80 -30.47 -80.98
N GLY E 2192 2.41 -31.61 -81.31
CA GLY E 2192 2.14 -32.87 -80.65
C GLY E 2192 2.33 -32.73 -79.16
N GLU E 2193 1.26 -32.98 -78.40
CA GLU E 2193 0.85 -32.26 -77.19
C GLU E 2193 1.95 -31.70 -76.31
N SER E 2194 1.82 -30.41 -76.03
CA SER E 2194 2.91 -29.56 -75.58
C SER E 2194 3.11 -29.68 -74.07
N VAL E 2195 3.84 -28.71 -73.51
CA VAL E 2195 4.18 -28.71 -72.10
C VAL E 2195 2.93 -28.57 -71.23
N GLU E 2196 3.02 -29.12 -70.01
CA GLU E 2196 1.98 -28.95 -69.01
C GLU E 2196 1.77 -27.50 -68.60
N GLU E 2197 2.78 -26.63 -68.79
CA GLU E 2197 2.63 -25.21 -68.51
C GLU E 2197 1.52 -24.58 -69.34
N ASN E 2198 1.30 -25.11 -70.56
CA ASN E 2198 0.11 -24.73 -71.31
C ASN E 2198 -1.15 -25.30 -70.67
N ALA E 2199 -1.03 -26.44 -69.99
CA ALA E 2199 -2.21 -27.23 -69.63
C ALA E 2199 -2.50 -27.32 -68.14
N ASN E 2200 -1.50 -27.18 -67.27
CA ASN E 2200 -1.74 -27.34 -65.84
C ASN E 2200 -2.57 -26.20 -65.30
N VAL E 2201 -2.23 -24.96 -65.68
CA VAL E 2201 -2.99 -23.80 -65.26
C VAL E 2201 -4.41 -23.80 -65.83
N VAL E 2202 -4.63 -24.50 -66.94
CA VAL E 2202 -5.99 -24.76 -67.39
C VAL E 2202 -6.67 -25.71 -66.42
N VAL E 2203 -6.05 -26.86 -66.18
CA VAL E 2203 -6.71 -27.95 -65.45
C VAL E 2203 -6.80 -27.64 -63.96
N ARG E 2204 -5.72 -27.12 -63.36
CA ARG E 2204 -5.71 -26.87 -61.93
C ARG E 2204 -6.62 -25.72 -61.52
N LEU E 2205 -7.06 -24.90 -62.46
CA LEU E 2205 -8.14 -23.96 -62.21
C LEU E 2205 -9.49 -24.53 -62.64
N LEU E 2206 -9.49 -25.48 -63.56
CA LEU E 2206 -10.74 -26.13 -63.97
C LEU E 2206 -11.30 -26.99 -62.85
N ILE E 2207 -10.43 -27.59 -62.03
CA ILE E 2207 -10.91 -28.35 -60.88
C ILE E 2207 -11.39 -27.44 -59.76
N ARG E 2208 -10.97 -26.17 -59.77
CA ARG E 2208 -11.45 -25.22 -58.76
C ARG E 2208 -12.92 -24.89 -58.96
N LYS E 2209 -13.40 -24.94 -60.19
CA LYS E 2209 -14.82 -24.73 -60.47
C LYS E 2209 -15.40 -25.98 -61.11
N PRO E 2210 -16.06 -26.84 -60.33
CA PRO E 2210 -16.74 -28.01 -60.92
C PRO E 2210 -18.00 -27.64 -61.68
N GLU E 2211 -18.49 -26.40 -61.55
CA GLU E 2211 -19.62 -25.95 -62.35
C GLU E 2211 -19.26 -25.74 -63.81
N CYS E 2212 -17.96 -25.69 -64.14
CA CYS E 2212 -17.54 -25.64 -65.53
C CYS E 2212 -17.80 -26.96 -66.27
N PHE E 2213 -17.97 -28.06 -65.53
CA PHE E 2213 -18.39 -29.31 -66.14
C PHE E 2213 -19.86 -29.25 -66.52
N GLY E 2214 -20.29 -30.27 -67.25
CA GLY E 2214 -21.70 -30.54 -67.40
C GLY E 2214 -22.26 -31.02 -66.09
N PRO E 2215 -23.53 -30.70 -65.82
CA PRO E 2215 -24.15 -31.13 -64.56
C PRO E 2215 -24.39 -32.64 -64.50
N ALA E 2216 -24.47 -33.31 -65.64
CA ALA E 2216 -24.59 -34.76 -65.69
C ALA E 2216 -23.25 -35.47 -65.56
N LEU E 2217 -22.16 -34.73 -65.32
CA LEU E 2217 -20.85 -35.31 -65.07
C LEU E 2217 -20.38 -35.02 -63.65
N ARG E 2218 -20.34 -33.75 -63.25
CA ARG E 2218 -19.84 -33.36 -61.94
C ARG E 2218 -20.97 -32.98 -60.98
N GLY E 2219 -22.09 -33.69 -61.04
CA GLY E 2219 -23.09 -33.56 -60.01
C GLY E 2219 -22.58 -34.10 -58.68
N GLU E 2220 -22.96 -33.42 -57.60
CA GLU E 2220 -22.48 -33.79 -56.28
C GLU E 2220 -23.05 -35.11 -55.79
N GLY E 2221 -24.20 -35.52 -56.30
CA GLY E 2221 -24.75 -36.83 -55.98
C GLY E 2221 -24.54 -37.82 -57.11
N GLY E 2222 -25.59 -38.07 -57.88
CA GLY E 2222 -25.51 -38.98 -59.00
C GLY E 2222 -25.44 -38.27 -60.33
N SER E 2223 -24.37 -38.50 -61.09
CA SER E 2223 -24.18 -37.85 -62.39
C SER E 2223 -23.45 -38.83 -63.30
N GLY E 2224 -24.22 -39.59 -64.07
CA GLY E 2224 -23.65 -40.57 -64.97
C GLY E 2224 -23.27 -39.99 -66.31
N LEU E 2225 -21.99 -40.07 -66.67
CA LEU E 2225 -21.56 -39.58 -67.97
C LEU E 2225 -22.00 -40.51 -69.08
N LEU E 2226 -21.91 -41.83 -68.84
CA LEU E 2226 -22.42 -42.78 -69.81
C LEU E 2226 -23.94 -42.73 -69.87
N ALA E 2227 -24.58 -42.40 -68.74
CA ALA E 2227 -26.04 -42.20 -68.75
C ALA E 2227 -26.42 -40.91 -69.44
N ALA E 2228 -25.50 -39.93 -69.48
CA ALA E 2228 -25.79 -38.66 -70.14
C ALA E 2228 -25.84 -38.84 -71.65
N ILE E 2229 -24.93 -39.64 -72.21
CA ILE E 2229 -24.92 -39.88 -73.64
C ILE E 2229 -26.10 -40.75 -74.05
N GLU E 2230 -26.42 -41.75 -73.22
CA GLU E 2230 -27.58 -42.60 -73.50
C GLU E 2230 -28.89 -41.84 -73.39
N GLU E 2231 -28.96 -40.85 -72.50
CA GLU E 2231 -30.11 -39.97 -72.48
C GLU E 2231 -30.11 -39.05 -73.69
N ALA E 2232 -28.93 -38.64 -74.16
CA ALA E 2232 -28.83 -37.76 -75.31
C ALA E 2232 -29.24 -38.47 -76.60
N ILE E 2233 -29.12 -39.79 -76.64
CA ILE E 2233 -29.67 -40.56 -77.75
C ILE E 2233 -31.20 -40.47 -77.75
N ARG E 2234 -31.80 -40.51 -76.57
CA ARG E 2234 -33.25 -40.33 -76.46
C ARG E 2234 -33.66 -38.90 -76.78
N ILE E 2235 -32.82 -37.91 -76.45
CA ILE E 2235 -33.12 -36.53 -76.80
C ILE E 2235 -32.97 -36.34 -78.31
N SER E 2236 -31.98 -36.98 -78.91
CA SER E 2236 -31.84 -36.95 -80.37
C SER E 2236 -32.96 -37.70 -81.08
N GLU E 2237 -33.61 -38.64 -80.39
CA GLU E 2237 -34.75 -39.34 -80.95
C GLU E 2237 -36.08 -38.65 -80.66
N ASP E 2238 -36.13 -37.80 -79.63
CA ASP E 2238 -37.37 -37.12 -79.27
C ASP E 2238 -37.36 -35.71 -79.85
N PRO E 2239 -38.23 -35.39 -80.81
CA PRO E 2239 -38.27 -34.02 -81.34
C PRO E 2239 -38.96 -33.02 -80.43
N ALA E 2240 -39.59 -33.47 -79.33
CA ALA E 2240 -40.30 -32.59 -78.43
C ALA E 2240 -39.38 -31.85 -77.47
N ARG E 2241 -38.08 -32.14 -77.49
CA ARG E 2241 -37.11 -31.47 -76.63
C ARG E 2241 -36.49 -30.24 -77.29
N ASP E 2242 -37.17 -29.65 -78.27
CA ASP E 2242 -36.65 -28.52 -79.00
C ASP E 2242 -37.82 -27.59 -79.36
N GLY E 2243 -37.56 -26.65 -80.26
CA GLY E 2243 -38.59 -25.77 -80.76
C GLY E 2243 -39.17 -26.26 -82.07
N PRO E 2244 -40.42 -26.74 -82.04
CA PRO E 2244 -41.07 -27.25 -83.25
C PRO E 2244 -42.53 -26.83 -83.36
N ASN E 2263 -32.83 -23.35 -84.55
CA ASN E 2263 -33.46 -23.41 -85.87
C ASN E 2263 -32.48 -23.91 -86.92
N ARG E 2264 -31.23 -24.10 -86.50
CA ARG E 2264 -30.19 -24.57 -87.41
C ARG E 2264 -30.06 -26.10 -87.39
N VAL E 2265 -29.85 -26.66 -86.21
CA VAL E 2265 -29.68 -28.10 -86.03
C VAL E 2265 -30.52 -28.55 -84.84
N HIS E 2266 -30.43 -29.85 -84.55
CA HIS E 2266 -31.14 -30.40 -83.40
C HIS E 2266 -30.41 -30.04 -82.11
N LEU E 2267 -31.15 -30.12 -81.01
CA LEU E 2267 -30.60 -29.76 -79.70
C LEU E 2267 -29.84 -30.91 -79.05
N GLY E 2268 -30.19 -32.15 -79.39
CA GLY E 2268 -29.49 -33.30 -78.84
C GLY E 2268 -28.06 -33.45 -79.32
N HIS E 2269 -27.75 -32.90 -80.50
CA HIS E 2269 -26.37 -32.96 -80.98
C HIS E 2269 -25.46 -32.02 -80.19
N ALA E 2270 -25.98 -30.85 -79.81
CA ALA E 2270 -25.19 -29.91 -79.01
C ALA E 2270 -24.93 -30.43 -77.60
N ILE E 2271 -25.70 -31.41 -77.13
CA ILE E 2271 -25.39 -32.10 -75.89
C ILE E 2271 -24.08 -32.88 -76.03
N MET E 2272 -24.00 -33.73 -77.04
CA MET E 2272 -22.85 -34.63 -77.17
C MET E 2272 -21.66 -33.96 -77.84
N SER E 2273 -21.89 -32.94 -78.66
CA SER E 2273 -20.77 -32.25 -79.31
C SER E 2273 -19.96 -31.45 -78.30
N PHE E 2274 -20.64 -30.90 -77.29
CA PHE E 2274 -19.91 -30.24 -76.20
C PHE E 2274 -19.20 -31.27 -75.31
N TYR E 2275 -19.83 -32.41 -75.09
CA TYR E 2275 -19.24 -33.41 -74.20
C TYR E 2275 -18.02 -34.07 -74.84
N ALA E 2276 -18.08 -34.30 -76.15
CA ALA E 2276 -16.90 -34.78 -76.86
C ALA E 2276 -15.83 -33.70 -76.94
N ALA E 2277 -16.24 -32.43 -76.94
CA ALA E 2277 -15.27 -31.33 -76.95
C ALA E 2277 -14.52 -31.25 -75.62
N LEU E 2278 -15.17 -31.63 -74.53
CA LEU E 2278 -14.47 -31.68 -73.24
C LEU E 2278 -13.43 -32.78 -73.23
N ILE E 2279 -13.74 -33.92 -73.86
CA ILE E 2279 -12.81 -35.03 -73.88
C ILE E 2279 -11.68 -34.75 -74.88
N ASP E 2280 -12.02 -34.16 -76.03
CA ASP E 2280 -11.01 -33.82 -77.02
C ASP E 2280 -10.08 -32.71 -76.53
N LEU E 2281 -10.57 -31.85 -75.63
CA LEU E 2281 -9.67 -30.96 -74.91
C LEU E 2281 -8.74 -31.75 -74.01
N LEU E 2282 -9.30 -32.62 -73.16
CA LEU E 2282 -8.49 -33.39 -72.23
C LEU E 2282 -7.65 -34.46 -72.93
N GLY E 2283 -8.08 -34.90 -74.11
CA GLY E 2283 -7.22 -35.76 -74.91
C GLY E 2283 -5.99 -35.04 -75.41
N ARG E 2284 -6.13 -33.76 -75.71
CA ARG E 2284 -4.98 -32.91 -76.02
C ARG E 2284 -4.35 -32.29 -74.79
N CYS E 2285 -5.01 -32.39 -73.64
CA CYS E 2285 -4.44 -31.92 -72.38
C CYS E 2285 -3.79 -33.06 -71.62
N ALA E 2286 -3.18 -34.00 -72.35
CA ALA E 2286 -2.46 -35.10 -71.73
C ALA E 2286 -1.26 -34.57 -70.96
N PRO E 2287 -0.97 -35.13 -69.78
CA PRO E 2287 0.09 -34.56 -68.94
C PRO E 2287 1.49 -34.79 -69.48
N GLU E 2288 1.75 -35.95 -70.07
CA GLU E 2288 3.10 -36.29 -70.46
C GLU E 2288 3.08 -37.10 -71.75
N MET E 2289 4.05 -36.81 -72.61
CA MET E 2289 4.31 -37.65 -73.75
C MET E 2289 5.31 -38.73 -73.34
N HIS E 2290 5.69 -39.56 -74.31
CA HIS E 2290 6.51 -40.74 -74.06
C HIS E 2290 7.91 -40.40 -73.55
N LEU E 2291 8.40 -39.20 -73.85
CA LEU E 2291 9.69 -38.76 -73.34
C LEU E 2291 9.66 -38.60 -71.83
N ILE E 2292 8.63 -37.93 -71.31
CA ILE E 2292 8.56 -37.60 -69.91
C ILE E 2292 7.48 -38.41 -69.19
N GLN E 2293 6.90 -39.41 -69.87
CA GLN E 2293 6.03 -40.34 -69.14
C GLN E 2293 6.84 -41.23 -68.22
N ALA E 2294 8.09 -41.51 -68.57
CA ALA E 2294 8.96 -42.32 -67.75
C ALA E 2294 9.99 -41.50 -66.99
N GLY E 2295 10.06 -40.19 -67.23
CA GLY E 2295 11.07 -39.37 -66.58
C GLY E 2295 10.54 -38.15 -65.87
N LYS E 2296 9.32 -38.22 -65.35
CA LYS E 2296 8.75 -37.11 -64.60
C LYS E 2296 7.67 -37.64 -63.67
N GLY E 2297 7.76 -37.27 -62.40
CA GLY E 2297 6.78 -37.70 -61.42
C GLY E 2297 5.69 -36.67 -61.21
N GLU E 2298 5.96 -35.43 -61.60
CA GLU E 2298 4.96 -34.38 -61.44
C GLU E 2298 3.82 -34.54 -62.43
N ALA E 2299 4.13 -35.02 -63.64
CA ALA E 2299 3.09 -35.27 -64.62
C ALA E 2299 2.26 -36.49 -64.26
N LEU E 2300 2.77 -37.36 -63.39
CA LEU E 2300 2.00 -38.51 -62.93
C LEU E 2300 0.85 -38.08 -62.04
N ARG E 2301 1.00 -36.92 -61.38
CA ARG E 2301 -0.07 -36.38 -60.55
C ARG E 2301 -1.30 -36.05 -61.38
N ILE E 2302 -1.09 -35.37 -62.51
CA ILE E 2302 -2.21 -34.96 -63.36
C ILE E 2302 -2.83 -36.17 -64.04
N ARG E 2303 -2.00 -37.14 -64.43
CA ARG E 2303 -2.51 -38.37 -65.02
C ARG E 2303 -3.31 -39.18 -64.00
N ALA E 2304 -2.89 -39.16 -62.73
CA ALA E 2304 -3.68 -39.78 -61.69
C ALA E 2304 -5.00 -39.03 -61.47
N ILE E 2305 -4.98 -37.71 -61.66
CA ILE E 2305 -6.22 -36.94 -61.59
C ILE E 2305 -7.12 -37.27 -62.76
N LEU E 2306 -6.56 -37.26 -63.98
CA LEU E 2306 -7.36 -37.47 -65.18
C LEU E 2306 -7.91 -38.88 -65.27
N ARG E 2307 -7.15 -39.88 -64.80
CA ARG E 2307 -7.70 -41.23 -64.72
C ARG E 2307 -8.75 -41.33 -63.62
N SER E 2308 -8.67 -40.49 -62.59
CA SER E 2308 -9.74 -40.44 -61.61
C SER E 2308 -10.94 -39.68 -62.11
N LEU E 2309 -10.76 -38.77 -63.08
CA LEU E 2309 -11.89 -38.04 -63.63
C LEU E 2309 -12.74 -38.93 -64.53
N VAL E 2310 -12.16 -39.45 -65.59
CA VAL E 2310 -12.85 -40.36 -66.50
C VAL E 2310 -12.45 -41.79 -66.17
N PRO E 2311 -13.38 -42.64 -65.78
CA PRO E 2311 -13.05 -44.04 -65.49
C PRO E 2311 -12.91 -44.85 -66.78
N LEU E 2312 -12.29 -46.01 -66.63
CA LEU E 2312 -12.27 -47.00 -67.70
C LEU E 2312 -13.65 -47.65 -67.80
N ASP E 2313 -13.94 -48.20 -68.99
CA ASP E 2313 -15.17 -48.88 -69.41
C ASP E 2313 -16.39 -47.96 -69.43
N ASP E 2314 -16.22 -46.66 -69.24
CA ASP E 2314 -17.25 -45.69 -69.53
C ASP E 2314 -17.16 -45.16 -70.95
N LEU E 2315 -15.93 -44.96 -71.43
CA LEU E 2315 -15.71 -44.57 -72.81
C LEU E 2315 -15.90 -45.72 -73.78
N VAL E 2316 -15.87 -46.96 -73.28
CA VAL E 2316 -15.94 -48.12 -74.16
C VAL E 2316 -17.35 -48.26 -74.73
N GLY E 2317 -18.37 -48.02 -73.91
CA GLY E 2317 -19.73 -47.96 -74.43
C GLY E 2317 -19.95 -46.78 -75.35
N ILE E 2318 -19.18 -45.71 -75.16
CA ILE E 2318 -19.22 -44.57 -76.07
C ILE E 2318 -18.58 -44.96 -77.40
N ILE E 2319 -17.55 -45.81 -77.37
CA ILE E 2319 -16.99 -46.34 -78.60
C ILE E 2319 -17.99 -47.26 -79.28
N SER E 2320 -18.64 -48.14 -78.52
CA SER E 2320 -19.62 -49.07 -79.07
C SER E 2320 -21.03 -48.50 -79.02
N LEU E 2321 -21.19 -47.27 -79.51
CA LEU E 2321 -22.49 -46.68 -79.80
C LEU E 2321 -23.14 -47.03 -81.14
N PRO E 2322 -22.36 -47.20 -82.25
CA PRO E 2322 -22.61 -46.51 -83.54
C PRO E 2322 -24.04 -46.38 -84.07
N LEU E 2323 -24.31 -45.24 -84.69
CA LEU E 2323 -25.64 -44.87 -85.14
C LEU E 2323 -25.97 -45.57 -86.46
N GLN E 2324 -27.08 -45.17 -87.07
CA GLN E 2324 -27.54 -45.76 -88.32
C GLN E 2324 -26.63 -45.35 -89.48
N ILE E 2325 -26.82 -46.03 -90.59
CA ILE E 2325 -25.97 -45.86 -91.78
C ILE E 2325 -26.81 -45.18 -92.86
N PRO E 2326 -26.35 -44.06 -93.42
CA PRO E 2326 -27.09 -43.42 -94.51
C PRO E 2326 -26.98 -44.17 -95.83
N THR E 2327 -27.67 -45.31 -95.94
CA THR E 2327 -27.63 -46.13 -97.15
C THR E 2327 -29.04 -46.64 -97.41
N LEU E 2328 -29.77 -45.91 -98.26
CA LEU E 2328 -31.13 -46.29 -98.62
C LEU E 2328 -31.51 -45.74 -99.99
N UNK E 2329 -32.32 -42.61 -98.91
CA UNK E 2329 -32.68 -41.90 -97.69
C UNK E 2329 -31.53 -41.90 -96.70
N UNK E 2330 -30.85 -40.76 -96.59
CA UNK E 2330 -29.70 -40.64 -95.71
C UNK E 2330 -30.11 -40.39 -94.27
N UNK E 2331 -29.12 -40.32 -93.39
CA UNK E 2331 -29.36 -40.02 -91.98
C UNK E 2331 -29.19 -38.52 -91.74
N UNK E 2332 -29.39 -38.10 -90.50
CA UNK E 2332 -29.31 -36.68 -90.16
C UNK E 2332 -27.88 -36.29 -89.76
N UNK E 2333 -27.51 -35.06 -90.10
CA UNK E 2333 -26.21 -34.54 -89.73
C UNK E 2333 -26.30 -33.76 -88.43
N UNK E 2334 -27.50 -33.71 -87.87
CA UNK E 2334 -27.74 -33.02 -86.60
C UNK E 2334 -27.97 -34.02 -85.48
N UNK E 2335 -27.39 -35.20 -85.63
CA UNK E 2335 -27.52 -36.24 -84.62
C UNK E 2335 -26.15 -36.56 -84.02
N UNK E 2336 -26.04 -37.73 -83.39
CA UNK E 2336 -24.80 -38.16 -82.76
C UNK E 2336 -23.72 -38.44 -83.81
N UNK E 2337 -22.81 -37.50 -83.98
CA UNK E 2337 -21.82 -37.55 -85.04
C UNK E 2337 -20.77 -38.64 -84.83
N UNK E 2338 -20.35 -39.25 -85.93
CA UNK E 2338 -19.34 -40.29 -85.91
C UNK E 2338 -17.95 -39.69 -85.72
N UNK E 2339 -17.83 -38.42 -86.08
CA UNK E 2339 -16.57 -37.71 -85.96
C UNK E 2339 -16.29 -37.37 -84.49
N UNK E 2340 -17.35 -37.28 -83.71
CA UNK E 2340 -17.23 -36.97 -82.29
C UNK E 2340 -16.93 -38.23 -81.47
N UNK E 2341 -17.01 -39.38 -82.13
CA UNK E 2341 -16.69 -40.65 -81.47
C UNK E 2341 -15.19 -40.79 -81.30
N UNK E 2342 -14.43 -40.23 -82.23
CA UNK E 2342 -12.98 -40.32 -82.21
C UNK E 2342 -12.37 -39.32 -81.24
N UNK E 2343 -13.20 -38.37 -80.80
CA UNK E 2343 -12.78 -37.39 -79.80
C UNK E 2343 -12.59 -38.08 -78.45
N UNK E 2344 -13.37 -39.12 -78.22
CA UNK E 2344 -13.26 -39.91 -77.01
C UNK E 2344 -12.05 -40.85 -77.10
N UNK E 2345 -11.64 -41.16 -78.32
CA UNK E 2345 -10.56 -42.11 -78.55
C UNK E 2345 -9.20 -41.53 -78.20
N UNK E 2346 -9.11 -40.20 -78.24
CA UNK E 2346 -7.86 -39.51 -77.97
C UNK E 2346 -7.45 -39.61 -76.51
N UNK E 2347 -8.43 -39.53 -75.61
CA UNK E 2347 -8.16 -39.61 -74.19
C UNK E 2347 -7.78 -41.03 -73.80
N UNK E 2348 -8.37 -42.00 -74.48
CA UNK E 2348 -8.06 -43.41 -74.24
C UNK E 2348 -6.66 -43.73 -74.74
N UNK E 2349 -6.22 -42.99 -75.75
CA UNK E 2349 -4.91 -43.20 -76.34
C UNK E 2349 -3.83 -42.37 -75.65
N UNK E 2350 -4.22 -41.56 -74.68
CA UNK E 2350 -3.25 -40.64 -74.07
C UNK E 2350 -3.47 -40.43 -72.58
N UNK E 2351 -4.21 -41.31 -71.93
CA UNK E 2351 -4.37 -41.21 -70.47
C UNK E 2351 -4.56 -42.58 -69.85
N UNK E 2352 -5.65 -43.25 -70.23
CA UNK E 2352 -5.91 -44.60 -69.74
C UNK E 2352 -4.94 -45.57 -70.39
N UNK E 2353 -4.53 -45.24 -71.62
CA UNK E 2353 -3.55 -45.99 -72.44
C UNK E 2353 -3.95 -47.45 -72.70
N UNK E 2354 -3.02 -48.19 -73.28
CA UNK E 2354 -3.25 -49.60 -73.62
C UNK E 2354 -1.94 -50.34 -73.75
N UNK E 2355 -1.66 -51.23 -72.79
CA UNK E 2355 -0.42 -51.99 -72.81
C UNK E 2355 -0.70 -53.47 -72.56
N UNK E 2356 -1.93 -53.77 -72.18
CA UNK E 2356 -2.32 -55.15 -71.86
C UNK E 2356 -2.97 -55.82 -73.06
N UNK E 2357 -3.65 -56.93 -72.79
CA UNK E 2357 -4.38 -57.65 -73.82
C UNK E 2357 -5.85 -57.27 -73.79
N UNK E 2358 -6.12 -56.04 -73.34
CA UNK E 2358 -7.48 -55.51 -73.29
C UNK E 2358 -7.85 -54.89 -74.63
N UNK E 2359 -6.89 -54.89 -75.56
CA UNK E 2359 -7.11 -54.44 -76.92
C UNK E 2359 -8.08 -55.36 -77.64
N UNK E 2360 -8.03 -56.64 -77.31
CA UNK E 2360 -8.94 -57.64 -77.88
C UNK E 2360 -10.37 -57.39 -77.42
N UNK E 2361 -10.51 -56.92 -76.19
CA UNK E 2361 -11.80 -56.52 -75.67
C UNK E 2361 -12.23 -55.24 -76.36
N UNK E 2362 -11.24 -54.39 -76.66
CA UNK E 2362 -11.50 -53.15 -77.36
C UNK E 2362 -11.76 -53.41 -78.84
N UNK E 2363 -11.16 -54.48 -79.37
CA UNK E 2363 -11.34 -54.84 -80.78
C UNK E 2363 -12.74 -55.36 -81.05
N UNK E 2364 -13.39 -55.86 -80.01
CA UNK E 2364 -14.76 -56.37 -80.12
C UNK E 2364 -15.77 -55.27 -79.82
N UNK E 2365 -15.35 -54.02 -79.96
CA UNK E 2365 -16.22 -52.87 -79.72
C UNK E 2365 -15.84 -51.72 -80.63
N UNK E 2366 -14.77 -51.90 -81.42
CA UNK E 2366 -14.28 -50.85 -82.29
C UNK E 2366 -14.22 -51.30 -83.75
N UNK E 2367 -14.00 -52.60 -83.96
CA UNK E 2367 -13.91 -53.13 -85.32
C UNK E 2367 -15.28 -53.45 -85.89
N UNK E 2368 -16.31 -53.28 -85.07
CA UNK E 2368 -17.69 -53.44 -85.50
C UNK E 2368 -18.04 -52.32 -86.48
N UNK E 2369 -17.51 -51.13 -86.20
CA UNK E 2369 -17.70 -50.00 -87.09
C UNK E 2369 -16.82 -50.16 -88.32
N UNK E 2370 -15.71 -50.88 -88.16
CA UNK E 2370 -14.80 -51.14 -89.27
C UNK E 2370 -15.42 -52.11 -90.26
N UNK E 2371 -16.32 -52.96 -89.76
CA UNK E 2371 -17.08 -53.85 -90.62
C UNK E 2371 -18.13 -53.05 -91.37
N UNK E 2372 -18.61 -51.99 -90.74
CA UNK E 2372 -19.59 -51.10 -91.35
C UNK E 2372 -18.92 -50.07 -92.25
N UNK E 2373 -17.60 -50.02 -92.19
CA UNK E 2373 -16.83 -49.08 -93.01
C UNK E 2373 -16.80 -49.55 -94.46
N UNK E 2374 -16.86 -50.86 -94.65
CA UNK E 2374 -16.85 -51.43 -95.99
C UNK E 2374 -18.27 -51.60 -96.52
N UNK E 2375 -19.25 -51.25 -95.69
CA UNK E 2375 -20.66 -51.43 -96.04
C UNK E 2375 -21.14 -50.41 -97.07
N UNK E 2376 -20.85 -49.14 -96.83
CA UNK E 2376 -21.34 -48.08 -97.70
C UNK E 2376 -20.32 -47.70 -98.77
N UNK E 2377 -19.58 -48.68 -99.26
CA UNK E 2377 -18.60 -48.45 -100.32
C UNK E 2377 -19.15 -48.89 -101.67
N UNK E 2378 -20.47 -48.78 -101.82
CA UNK E 2378 -21.14 -49.28 -103.02
C UNK E 2378 -21.87 -48.16 -103.77
N UNK E 2379 -22.75 -47.45 -103.07
CA UNK E 2379 -23.58 -46.43 -103.68
C UNK E 2379 -22.76 -45.19 -104.04
N UNK E 2380 -22.68 -44.24 -103.12
CA UNK E 2380 -21.94 -43.01 -103.34
C UNK E 2380 -21.36 -42.51 -102.02
N UNK E 2381 -21.80 -43.13 -100.93
CA UNK E 2381 -21.40 -42.81 -99.56
C UNK E 2381 -21.61 -41.35 -99.20
N UNK E 2382 -22.87 -40.97 -98.96
CA UNK E 2382 -23.19 -39.63 -98.52
C UNK E 2382 -22.71 -39.44 -97.10
N UNK E 2383 -22.02 -38.31 -96.85
CA UNK E 2383 -21.36 -37.97 -95.59
C UNK E 2383 -20.40 -39.07 -95.14
N UNK E 2384 -19.19 -39.03 -95.68
CA UNK E 2384 -18.16 -40.01 -95.34
C UNK E 2384 -17.40 -39.59 -94.09
N UNK E 2385 -18.12 -39.48 -92.98
CA UNK E 2385 -17.53 -39.09 -91.71
C UNK E 2385 -16.74 -40.25 -91.13
N UNK E 2386 -17.21 -41.46 -91.41
CA UNK E 2386 -16.56 -42.68 -90.94
C UNK E 2386 -15.23 -42.90 -91.65
N UNK E 2387 -15.12 -42.34 -92.86
CA UNK E 2387 -13.87 -42.35 -93.60
C UNK E 2387 -12.83 -41.50 -92.88
N UNK E 2388 -13.28 -40.46 -92.20
CA UNK E 2388 -12.40 -39.63 -91.40
C UNK E 2388 -12.29 -40.17 -89.99
N UNK E 2389 -13.36 -40.81 -89.51
CA UNK E 2389 -13.40 -41.33 -88.15
C UNK E 2389 -12.50 -42.54 -87.99
N UNK E 2390 -12.26 -43.25 -89.09
CA UNK E 2390 -11.36 -44.38 -89.10
C UNK E 2390 -9.99 -43.94 -89.60
N UNK E 2391 -9.88 -42.65 -89.93
CA UNK E 2391 -8.62 -42.10 -90.39
C UNK E 2391 -7.81 -41.56 -89.22
N UNK E 2392 -8.38 -41.66 -88.03
CA UNK E 2392 -7.72 -41.20 -86.82
C UNK E 2392 -7.85 -42.23 -85.71
N UNK E 2393 -8.30 -43.42 -86.07
CA UNK E 2393 -8.50 -44.48 -85.10
C UNK E 2393 -7.72 -45.73 -85.49
N UNK E 2394 -7.42 -45.85 -86.79
CA UNK E 2394 -6.69 -47.00 -87.30
C UNK E 2394 -5.19 -46.84 -87.05
N UNK E 2395 -4.78 -45.60 -86.79
CA UNK E 2395 -3.38 -45.30 -86.52
C UNK E 2395 -2.99 -45.82 -85.14
N UNK E 2396 -3.96 -45.87 -84.24
CA UNK E 2396 -3.75 -46.44 -82.91
C UNK E 2396 -3.57 -47.94 -83.02
N UNK E 2397 -4.26 -48.53 -84.00
CA UNK E 2397 -4.11 -49.95 -84.29
C UNK E 2397 -2.76 -50.19 -84.96
N UNK E 2398 -2.27 -49.18 -85.66
CA UNK E 2398 -0.97 -49.27 -86.32
C UNK E 2398 0.17 -49.17 -85.30
N UNK E 2399 -0.14 -48.63 -84.12
CA UNK E 2399 0.85 -48.51 -83.07
C UNK E 2399 0.69 -49.62 -82.03
N UNK E 2400 0.46 -50.84 -82.50
CA UNK E 2400 0.27 -51.97 -81.60
C UNK E 2400 0.68 -53.28 -82.26
N UNK E 2401 1.87 -53.77 -81.92
CA UNK E 2401 2.37 -55.01 -82.49
C UNK E 2401 2.18 -56.16 -81.51
N UNK E 2402 1.19 -56.02 -80.63
CA UNK E 2402 0.89 -57.05 -79.65
C UNK E 2402 -0.02 -58.10 -80.23
N UNK E 2403 0.54 -59.28 -80.49
CA UNK E 2403 -0.24 -60.39 -81.02
C UNK E 2403 0.08 -61.67 -80.24
N UNK E 2404 -0.84 -62.64 -80.29
CA UNK E 2404 -0.66 -63.89 -79.56
C UNK E 2404 -1.42 -65.04 -80.23
N UNK E 2405 -2.03 -65.88 -79.42
CA UNK E 2405 -2.78 -67.03 -79.93
C UNK E 2405 -4.27 -66.75 -79.93
N UNK E 2406 -5.05 -67.80 -80.20
CA UNK E 2406 -6.51 -67.77 -80.28
C UNK E 2406 -7.02 -66.72 -81.28
N UNK E 2407 -6.60 -66.86 -82.53
CA UNK E 2407 -6.96 -65.90 -83.57
C UNK E 2407 -8.40 -66.10 -84.04
N UNK E 2408 -9.35 -65.66 -83.22
CA UNK E 2408 -10.76 -65.79 -83.56
C UNK E 2408 -11.18 -64.67 -84.50
N UNK E 2409 -11.16 -63.44 -83.99
CA UNK E 2409 -11.61 -62.29 -84.76
C UNK E 2409 -10.43 -61.54 -85.39
N UNK E 2410 -9.22 -62.03 -85.13
CA UNK E 2410 -8.01 -61.41 -85.66
C UNK E 2410 -7.93 -61.59 -87.16
N UNK E 2411 -8.35 -62.76 -87.63
CA UNK E 2411 -8.40 -63.04 -89.06
C UNK E 2411 -9.53 -62.26 -89.70
N UNK E 2412 -10.59 -62.05 -88.92
CA UNK E 2412 -11.74 -61.29 -89.37
C UNK E 2412 -11.39 -59.80 -89.48
N UNK E 2413 -10.52 -59.35 -88.59
CA UNK E 2413 -10.09 -57.96 -88.57
C UNK E 2413 -9.22 -57.65 -89.78
N UNK E 2414 -8.34 -58.59 -90.13
CA UNK E 2414 -7.46 -58.44 -91.27
C UNK E 2414 -8.24 -58.52 -92.57
N UNK E 2415 -9.30 -59.33 -92.55
CA UNK E 2415 -10.18 -59.47 -93.70
C UNK E 2415 -10.99 -58.19 -93.88
N UNK E 2416 -11.36 -57.57 -92.76
CA UNK E 2416 -12.08 -56.31 -92.77
C UNK E 2416 -11.15 -55.19 -93.19
N UNK E 2417 -9.87 -55.33 -92.81
CA UNK E 2417 -8.86 -54.33 -93.14
C UNK E 2417 -8.56 -54.35 -94.64
N UNK E 2418 -8.45 -55.57 -95.19
CA UNK E 2418 -8.13 -55.74 -96.60
C UNK E 2418 -9.31 -55.33 -97.48
N UNK E 2419 -10.51 -55.38 -96.92
CA UNK E 2419 -11.71 -54.97 -97.64
C UNK E 2419 -11.70 -53.47 -97.89
N UNK E 2420 -11.37 -52.70 -96.86
CA UNK E 2420 -11.33 -51.26 -96.98
C UNK E 2420 -10.08 -50.81 -97.74
N UNK E 2421 -9.00 -51.59 -97.63
CA UNK E 2421 -7.74 -51.24 -98.26
C UNK E 2421 -7.79 -51.40 -99.77
N UNK E 2422 -8.39 -52.49 -100.22
CA UNK E 2422 -8.52 -52.76 -101.65
C UNK E 2422 -9.54 -51.81 -102.28
N UNK E 2423 -10.51 -51.38 -101.46
CA UNK E 2423 -11.51 -50.43 -101.92
C UNK E 2423 -10.96 -49.01 -101.89
N UNK E 2424 -10.09 -48.70 -102.84
CA UNK E 2424 -9.52 -47.37 -102.95
C UNK E 2424 -10.29 -46.56 -103.99
N UNK E 2425 -11.27 -47.20 -104.62
CA UNK E 2425 -12.08 -46.56 -105.65
C UNK E 2425 -13.12 -45.63 -105.03
N UNK E 2426 -14.09 -46.21 -104.34
CA UNK E 2426 -15.12 -45.43 -103.66
C UNK E 2426 -14.53 -44.71 -102.46
N UNK E 2427 -14.63 -43.38 -102.46
CA UNK E 2427 -14.04 -42.47 -101.48
C UNK E 2427 -12.53 -42.71 -101.32
N UNK E 2428 -11.76 -42.10 -102.22
CA UNK E 2428 -10.32 -42.35 -102.29
C UNK E 2428 -9.55 -41.75 -101.13
N UNK E 2429 -9.19 -40.47 -101.27
CA UNK E 2429 -8.28 -39.73 -100.37
C UNK E 2429 -6.95 -40.45 -100.22
N UNK E 2430 -5.98 -40.05 -101.05
CA UNK E 2430 -4.67 -40.71 -101.14
C UNK E 2430 -3.87 -40.63 -99.86
N UNK E 2431 -4.12 -39.59 -99.07
CA UNK E 2431 -3.52 -39.46 -97.75
C UNK E 2431 -4.11 -40.51 -96.83
N UNK E 2432 -5.43 -40.66 -96.90
CA UNK E 2432 -6.12 -41.66 -96.09
C UNK E 2432 -5.87 -43.05 -96.66
N UNK E 2433 -5.60 -43.12 -97.96
CA UNK E 2433 -5.29 -44.39 -98.61
C UNK E 2433 -3.92 -44.87 -98.16
N UNK E 2434 -2.96 -43.96 -98.08
CA UNK E 2434 -1.62 -44.29 -97.63
C UNK E 2434 -1.61 -44.57 -96.14
N UNK E 2435 -2.53 -43.93 -95.41
CA UNK E 2435 -2.67 -44.14 -93.97
C UNK E 2435 -3.21 -45.54 -93.70
N UNK E 2436 -4.15 -45.96 -94.53
CA UNK E 2436 -4.74 -47.28 -94.39
C UNK E 2436 -3.78 -48.36 -94.88
N UNK E 2437 -2.95 -48.00 -95.84
CA UNK E 2437 -2.00 -48.94 -96.42
C UNK E 2437 -0.86 -49.23 -95.44
N UNK E 2438 -0.48 -48.22 -94.69
CA UNK E 2438 0.62 -48.31 -93.74
C UNK E 2438 0.26 -49.22 -92.57
N UNK E 2439 -1.00 -49.18 -92.17
CA UNK E 2439 -1.48 -49.96 -91.05
C UNK E 2439 -1.57 -51.45 -91.41
N UNK E 2440 -1.86 -51.72 -92.67
CA UNK E 2440 -2.01 -53.09 -93.14
C UNK E 2440 -0.66 -53.78 -93.24
N UNK E 2441 0.32 -53.08 -93.80
CA UNK E 2441 1.65 -53.63 -94.03
C UNK E 2441 2.40 -53.84 -92.72
N UNK E 2442 2.13 -52.97 -91.75
CA UNK E 2442 2.79 -53.06 -90.46
C UNK E 2442 2.16 -54.16 -89.61
N UNK E 2443 0.93 -54.52 -89.94
CA UNK E 2443 0.19 -55.53 -89.19
C UNK E 2443 0.77 -56.93 -89.40
N UNK E 2444 1.43 -57.12 -90.53
CA UNK E 2444 2.01 -58.42 -90.86
C UNK E 2444 3.28 -58.70 -90.06
N UNK E 2445 3.88 -57.66 -89.51
CA UNK E 2445 5.11 -57.79 -88.74
C UNK E 2445 4.83 -57.99 -87.25
N UNK E 2446 3.77 -58.75 -86.94
CA UNK E 2446 3.40 -59.04 -85.57
C UNK E 2446 2.71 -60.40 -85.49
N UNK E 2447 2.12 -60.83 -86.60
CA UNK E 2447 1.44 -62.12 -86.65
C UNK E 2447 2.37 -63.19 -87.22
N UNK E 2448 2.08 -64.45 -86.89
CA UNK E 2448 2.92 -65.55 -87.33
C UNK E 2448 2.13 -66.64 -88.05
N UNK E 2449 2.03 -66.50 -89.38
CA UNK E 2449 1.43 -67.47 -90.29
C UNK E 2449 -0.03 -67.84 -89.98
N UNK E 2450 -0.76 -66.90 -89.38
CA UNK E 2450 -2.16 -67.13 -89.06
C UNK E 2450 -3.03 -66.51 -90.14
N UNK E 2451 -2.40 -65.70 -91.00
CA UNK E 2451 -3.11 -65.02 -92.07
C UNK E 2451 -3.18 -65.89 -93.32
N UNK E 2452 -3.94 -66.98 -93.22
CA UNK E 2452 -4.08 -67.89 -94.33
C UNK E 2452 -5.24 -67.48 -95.23
N UNK E 2453 -6.30 -66.97 -94.60
CA UNK E 2453 -7.52 -66.60 -95.33
C UNK E 2453 -7.30 -65.35 -96.19
N UNK E 2454 -6.52 -64.42 -95.66
CA UNK E 2454 -6.23 -63.18 -96.38
C UNK E 2454 -5.28 -63.45 -97.54
N UNK E 2455 -4.38 -64.41 -97.34
CA UNK E 2455 -3.42 -64.79 -98.36
C UNK E 2455 -4.10 -65.55 -99.49
N UNK E 2456 -5.16 -66.27 -99.14
CA UNK E 2456 -5.92 -67.06 -100.10
C UNK E 2456 -6.68 -66.15 -101.05
N UNK E 2457 -7.26 -65.09 -100.50
CA UNK E 2457 -8.01 -64.13 -101.30
C UNK E 2457 -7.06 -63.22 -102.07
N UNK E 2458 -5.83 -63.11 -101.60
CA UNK E 2458 -4.82 -62.26 -102.21
C UNK E 2458 -4.41 -62.81 -103.57
N UNK E 2459 -4.34 -64.13 -103.67
CA UNK E 2459 -3.93 -64.78 -104.91
C UNK E 2459 -5.01 -64.67 -105.98
N UNK E 2460 -6.26 -64.63 -105.54
CA UNK E 2460 -7.38 -64.55 -106.46
C UNK E 2460 -7.89 -63.12 -106.61
N UNK E 2461 -6.97 -62.17 -106.54
CA UNK E 2461 -7.31 -60.76 -106.68
C UNK E 2461 -6.12 -59.96 -107.19
N UNK E 2462 -5.07 -59.93 -106.39
CA UNK E 2462 -3.88 -59.14 -106.71
C UNK E 2462 -3.09 -59.74 -107.86
N UNK E 2463 -2.95 -61.07 -107.84
CA UNK E 2463 -2.23 -61.78 -108.89
C UNK E 2463 -3.04 -61.79 -110.18
N UNK E 2464 -4.36 -61.66 -110.04
CA UNK E 2464 -5.25 -61.56 -111.19
C UNK E 2464 -5.05 -60.23 -111.89
N UNK E 2465 -5.74 -59.21 -111.42
CA UNK E 2465 -5.63 -57.87 -111.99
C UNK E 2465 -4.33 -57.22 -111.52
N UNK E 2466 -3.23 -57.58 -112.18
CA UNK E 2466 -1.92 -57.05 -111.82
C UNK E 2466 -1.58 -55.80 -112.62
N UNK E 2467 -2.37 -54.76 -112.45
CA UNK E 2467 -2.15 -53.50 -113.15
C UNK E 2467 -2.80 -52.33 -112.42
N UNK E 2468 -3.63 -52.65 -111.43
CA UNK E 2468 -4.38 -51.62 -110.70
C UNK E 2468 -3.51 -50.89 -109.69
N UNK E 2469 -4.10 -49.89 -109.04
CA UNK E 2469 -3.39 -49.08 -108.05
C UNK E 2469 -3.26 -49.85 -106.73
N UNK E 2470 -4.23 -50.70 -106.45
CA UNK E 2470 -4.22 -51.48 -105.22
C UNK E 2470 -3.29 -52.68 -105.32
N UNK E 2471 -2.86 -52.98 -106.54
CA UNK E 2471 -1.97 -54.11 -106.80
C UNK E 2471 -0.56 -53.84 -106.32
N UNK E 2472 -0.12 -52.60 -106.45
CA UNK E 2472 1.24 -52.20 -106.08
C UNK E 2472 1.44 -52.25 -104.57
N UNK E 2473 0.38 -51.94 -103.83
CA UNK E 2473 0.42 -51.98 -102.38
C UNK E 2473 0.39 -53.43 -101.90
N UNK E 2474 -0.36 -54.26 -102.61
CA UNK E 2474 -0.52 -55.66 -102.24
C UNK E 2474 0.73 -56.46 -102.59
N UNK E 2475 1.46 -56.00 -103.60
CA UNK E 2475 2.66 -56.68 -104.06
C UNK E 2475 3.78 -56.54 -103.04
N UNK E 2476 3.84 -55.38 -102.41
CA UNK E 2476 4.85 -55.11 -101.39
C UNK E 2476 4.54 -55.86 -100.11
N UNK E 2477 3.27 -56.12 -99.88
CA UNK E 2477 2.82 -56.83 -98.70
C UNK E 2477 3.26 -58.29 -98.74
N UNK E 2478 3.22 -58.88 -99.93
CA UNK E 2478 3.61 -60.26 -100.12
C UNK E 2478 5.13 -60.41 -100.07
N UNK E 2479 5.82 -59.33 -100.39
CA UNK E 2479 7.28 -59.32 -100.38
C UNK E 2479 7.81 -59.39 -98.95
N UNK E 2480 7.03 -58.83 -98.02
CA UNK E 2480 7.38 -58.88 -96.61
C UNK E 2480 7.18 -60.28 -96.05
N UNK E 2481 6.22 -60.99 -96.63
CA UNK E 2481 5.92 -62.37 -96.21
C UNK E 2481 7.01 -63.31 -96.67
N UNK E 2482 7.72 -62.92 -97.73
CA UNK E 2482 8.83 -63.70 -98.25
C UNK E 2482 10.02 -63.66 -97.30
N UNK E 2483 10.12 -62.58 -96.53
CA UNK E 2483 11.20 -62.42 -95.56
C UNK E 2483 10.80 -62.94 -94.19
N UNK E 2484 9.98 -63.98 -94.16
CA UNK E 2484 9.53 -64.58 -92.92
C UNK E 2484 9.37 -66.08 -93.09
N UNK E 2485 9.90 -66.59 -94.20
CA UNK E 2485 9.79 -68.01 -94.51
C UNK E 2485 11.06 -68.54 -95.17
N UNK E 2486 12.15 -67.78 -95.06
CA UNK E 2486 13.42 -68.17 -95.64
C UNK E 2486 14.14 -69.20 -94.78
N UNK E 2487 13.71 -69.30 -93.52
CA UNK E 2487 14.29 -70.28 -92.60
C UNK E 2487 13.25 -71.33 -92.24
N UNK E 2488 12.18 -70.89 -91.59
CA UNK E 2488 11.09 -71.78 -91.23
C UNK E 2488 9.85 -71.46 -92.06
N UNK E 2489 8.68 -71.58 -91.44
CA UNK E 2489 7.37 -71.24 -92.01
C UNK E 2489 7.06 -71.96 -93.33
N UNK E 2490 7.60 -73.16 -93.48
CA UNK E 2490 7.34 -73.96 -94.67
C UNK E 2490 6.42 -75.12 -94.31
N UNK E 2491 5.70 -74.96 -93.21
CA UNK E 2491 4.83 -76.01 -92.69
C UNK E 2491 3.36 -75.76 -93.03
N UNK E 2492 3.06 -75.61 -94.32
CA UNK E 2492 1.70 -75.40 -94.78
C UNK E 2492 1.55 -75.85 -96.23
N UNK E 2493 0.89 -76.99 -96.42
CA UNK E 2493 0.77 -77.57 -97.76
C UNK E 2493 -0.25 -76.84 -98.62
N UNK E 2494 -1.36 -76.44 -98.01
CA UNK E 2494 -2.44 -75.76 -98.73
C UNK E 2494 -2.01 -74.35 -99.15
N UNK E 2495 -1.14 -73.75 -98.34
CA UNK E 2495 -0.59 -72.44 -98.67
C UNK E 2495 0.45 -72.58 -99.78
N UNK E 2496 1.14 -73.71 -99.79
CA UNK E 2496 2.20 -73.97 -100.77
C UNK E 2496 1.62 -74.18 -102.16
N UNK E 2497 0.42 -74.77 -102.21
CA UNK E 2497 -0.29 -74.96 -103.46
C UNK E 2497 -0.78 -73.62 -103.98
N UNK E 2498 -1.16 -72.75 -103.06
CA UNK E 2498 -1.56 -71.39 -103.41
C UNK E 2498 -0.35 -70.56 -103.81
N UNK E 2499 0.79 -70.88 -103.19
CA UNK E 2499 2.03 -70.18 -103.49
C UNK E 2499 2.56 -70.56 -104.87
N UNK E 2500 2.29 -71.79 -105.26
CA UNK E 2500 2.68 -72.27 -106.58
C UNK E 2500 1.82 -71.62 -107.65
N UNK E 2501 0.57 -71.36 -107.30
CA UNK E 2501 -0.38 -70.74 -108.23
C UNK E 2501 -0.04 -69.28 -108.47
N UNK E 2502 0.44 -68.62 -107.41
CA UNK E 2502 0.79 -67.21 -107.50
C UNK E 2502 2.07 -67.02 -108.30
N UNK E 2503 2.95 -68.01 -108.24
CA UNK E 2503 4.23 -67.95 -108.95
C UNK E 2503 4.00 -68.06 -110.45
N UNK E 2504 3.05 -68.90 -110.84
CA UNK E 2504 2.70 -69.07 -112.24
C UNK E 2504 1.95 -67.83 -112.73
N UNK E 2505 1.17 -67.23 -111.83
CA UNK E 2505 0.40 -66.04 -112.14
C UNK E 2505 1.32 -64.83 -112.31
N UNK E 2506 2.40 -64.82 -111.54
CA UNK E 2506 3.38 -63.74 -111.61
C UNK E 2506 4.21 -63.86 -112.87
N UNK E 2507 4.33 -65.08 -113.38
CA UNK E 2507 5.09 -65.34 -114.60
C UNK E 2507 4.33 -64.87 -115.84
N UNK E 2508 3.01 -64.70 -115.69
CA UNK E 2508 2.16 -64.28 -116.79
C UNK E 2508 2.28 -62.79 -117.08
N UNK E 2509 2.82 -62.04 -116.11
CA UNK E 2509 2.92 -60.59 -116.25
C UNK E 2509 4.20 -60.17 -116.96
N UNK E 2510 5.02 -61.14 -117.34
CA UNK E 2510 6.28 -60.86 -118.03
C UNK E 2510 6.03 -60.40 -119.45
N UNK E 2511 5.13 -61.09 -120.15
CA UNK E 2511 4.81 -60.76 -121.53
C UNK E 2511 3.57 -59.86 -121.60
N UNK E 2512 3.19 -59.30 -120.46
CA UNK E 2512 2.03 -58.42 -120.39
C UNK E 2512 2.40 -57.03 -120.90
N UNK E 2513 2.44 -56.05 -119.99
CA UNK E 2513 2.75 -54.68 -120.36
C UNK E 2513 4.26 -54.48 -120.49
N UNK E 2514 4.66 -53.41 -121.18
CA UNK E 2514 6.07 -53.09 -121.35
C UNK E 2514 6.41 -51.84 -120.53
N UNK E 2515 5.69 -51.63 -119.44
CA UNK E 2515 5.91 -50.48 -118.57
C UNK E 2515 7.15 -50.69 -117.72
N UNK E 2516 8.23 -50.01 -118.10
CA UNK E 2516 9.49 -50.08 -117.35
C UNK E 2516 9.36 -49.32 -116.03
N UNK E 2517 10.26 -49.62 -115.09
CA UNK E 2517 10.35 -48.98 -113.76
C UNK E 2517 9.09 -49.07 -112.90
N UNK E 2518 7.97 -48.53 -113.38
CA UNK E 2518 6.70 -48.52 -112.66
C UNK E 2518 6.17 -49.91 -112.37
N UNK E 2519 5.70 -50.60 -113.40
CA UNK E 2519 5.14 -51.94 -113.23
C UNK E 2519 6.24 -52.99 -113.29
N UNK E 2520 7.41 -52.60 -113.77
CA UNK E 2520 8.52 -53.53 -113.95
C UNK E 2520 9.22 -53.83 -112.61
N UNK E 2521 9.69 -52.79 -111.95
CA UNK E 2521 10.49 -52.96 -110.74
C UNK E 2521 9.64 -53.13 -109.49
N UNK E 2522 8.33 -53.05 -109.64
CA UNK E 2522 7.41 -53.18 -108.51
C UNK E 2522 7.34 -54.62 -108.02
N UNK E 2523 7.54 -55.57 -108.93
CA UNK E 2523 7.46 -56.98 -108.58
C UNK E 2523 8.70 -57.73 -109.04
N UNK E 2524 9.71 -56.98 -109.48
CA UNK E 2524 10.97 -57.57 -109.91
C UNK E 2524 11.72 -58.12 -108.71
N UNK E 2525 11.54 -57.45 -107.57
CA UNK E 2525 12.13 -57.89 -106.31
C UNK E 2525 11.20 -58.85 -105.59
N UNK E 2526 10.03 -59.09 -106.17
CA UNK E 2526 9.05 -59.99 -105.58
C UNK E 2526 9.18 -61.41 -106.12
N UNK E 2527 10.39 -61.76 -106.55
CA UNK E 2527 10.69 -63.11 -106.99
C UNK E 2527 11.26 -63.91 -105.82
N UNK E 2528 11.40 -63.24 -104.69
CA UNK E 2528 11.92 -63.86 -103.48
C UNK E 2528 10.85 -64.68 -102.78
N UNK E 2529 9.60 -64.48 -103.17
CA UNK E 2529 8.49 -65.27 -102.65
C UNK E 2529 8.57 -66.69 -103.20
N UNK E 2530 9.10 -66.80 -104.41
CA UNK E 2530 9.33 -68.10 -105.04
C UNK E 2530 10.60 -68.72 -104.49
N UNK E 2531 11.46 -67.90 -103.91
CA UNK E 2531 12.74 -68.36 -103.38
C UNK E 2531 12.56 -69.11 -102.06
N UNK E 2532 11.46 -68.84 -101.37
CA UNK E 2532 11.19 -69.51 -100.10
C UNK E 2532 10.58 -70.90 -100.32
N UNK E 2533 10.12 -71.15 -101.54
CA UNK E 2533 9.50 -72.42 -101.88
C UNK E 2533 10.55 -73.49 -102.17
N UNK E 2534 10.20 -74.75 -101.92
CA UNK E 2534 11.10 -75.87 -102.14
C UNK E 2534 11.09 -76.29 -103.61
N UNK E 2535 11.92 -77.27 -103.94
CA UNK E 2535 12.03 -77.76 -105.30
C UNK E 2535 11.08 -78.93 -105.54
N UNK E 2536 10.38 -79.35 -104.50
CA UNK E 2536 9.47 -80.47 -104.59
C UNK E 2536 8.19 -80.09 -105.33
N UNK E 2537 7.58 -81.06 -106.00
CA UNK E 2537 6.32 -80.84 -106.69
C UNK E 2537 5.19 -81.53 -105.93
N UNK E 2538 4.34 -80.73 -105.29
CA UNK E 2538 3.24 -81.27 -104.50
C UNK E 2538 2.11 -81.79 -105.38
N UNK E 2539 1.08 -82.33 -104.73
CA UNK E 2539 -0.07 -82.88 -105.44
C UNK E 2539 -0.93 -81.77 -106.04
N UNK E 2540 -0.57 -81.33 -107.23
CA UNK E 2540 -1.30 -80.28 -107.92
C UNK E 2540 -1.62 -80.70 -109.35
N UNK E 2541 -2.89 -80.58 -109.73
CA UNK E 2541 -3.32 -80.95 -111.08
C UNK E 2541 -3.14 -79.79 -112.04
N UNK E 2542 -3.91 -79.80 -113.13
CA UNK E 2542 -3.81 -78.75 -114.14
C UNK E 2542 -5.16 -78.46 -114.78
N UNK E 2543 -5.66 -77.25 -114.55
CA UNK E 2543 -6.92 -76.80 -115.12
C UNK E 2543 -6.95 -75.28 -115.20
N UNK E 2544 -7.69 -74.74 -116.17
CA UNK E 2544 -7.81 -73.30 -116.34
C UNK E 2544 -9.14 -72.94 -116.96
N UNK E 2545 -9.64 -71.74 -116.65
CA UNK E 2545 -10.91 -71.29 -117.18
C UNK E 2545 -10.87 -69.80 -117.53
N ASN E 2546 -13.91 -58.40 -109.78
CA ASN E 2546 -14.48 -59.13 -110.91
C ASN E 2546 -13.93 -60.55 -110.98
N PHE E 2547 -14.77 -61.49 -111.40
CA PHE E 2547 -14.37 -62.87 -111.56
C PHE E 2547 -15.28 -63.53 -112.59
N ASP E 2548 -14.68 -64.32 -113.48
CA ASP E 2548 -15.40 -64.90 -114.61
C ASP E 2548 -15.01 -66.37 -114.78
N PRO E 2549 -15.74 -67.29 -114.15
CA PRO E 2549 -15.50 -68.71 -114.39
C PRO E 2549 -16.23 -69.17 -115.65
N ARG E 2550 -15.92 -70.39 -116.07
CA ARG E 2550 -16.49 -70.98 -117.28
C ARG E 2550 -17.01 -72.39 -116.99
N PRO E 2551 -18.26 -72.53 -116.56
CA PRO E 2551 -18.90 -73.84 -116.52
C PRO E 2551 -19.45 -74.20 -117.89
N VAL E 2552 -20.05 -75.38 -117.97
CA VAL E 2552 -20.67 -75.86 -119.20
C VAL E 2552 -22.18 -75.71 -119.06
N GLU E 2553 -22.86 -75.41 -120.18
CA GLU E 2553 -24.31 -75.33 -120.19
C GLU E 2553 -24.87 -76.74 -120.24
N THR E 2554 -25.39 -77.22 -119.11
CA THR E 2554 -25.84 -78.59 -118.98
C THR E 2554 -27.27 -78.80 -119.42
N LEU E 2555 -28.04 -77.74 -119.59
CA LEU E 2555 -29.47 -77.86 -119.84
C LEU E 2555 -29.79 -78.37 -121.24
N ASN E 2556 -28.87 -78.20 -122.20
CA ASN E 2556 -29.04 -78.71 -123.55
C ASN E 2556 -28.37 -80.07 -123.74
N VAL E 2557 -27.95 -80.72 -122.66
CA VAL E 2557 -27.25 -82.00 -122.75
C VAL E 2557 -28.27 -83.13 -122.62
N ILE E 2558 -28.27 -84.05 -123.58
CA ILE E 2558 -29.22 -85.16 -123.61
C ILE E 2558 -28.65 -86.31 -122.78
N ILE E 2559 -29.40 -86.72 -121.77
CA ILE E 2559 -29.05 -87.93 -121.00
C ILE E 2559 -29.58 -89.14 -121.76
N PRO E 2560 -28.77 -90.20 -121.92
CA PRO E 2560 -29.30 -91.45 -122.49
C PRO E 2560 -30.36 -92.08 -121.60
N GLU E 2561 -31.27 -92.83 -122.24
CA GLU E 2561 -32.42 -93.39 -121.53
C GLU E 2561 -32.04 -94.49 -120.56
N LYS E 2562 -30.88 -95.13 -120.74
CA LYS E 2562 -30.42 -96.13 -119.79
C LYS E 2562 -29.91 -95.50 -118.51
N LEU E 2563 -29.60 -94.20 -118.52
CA LEU E 2563 -29.14 -93.51 -117.33
C LEU E 2563 -30.26 -92.83 -116.55
N ASP E 2564 -31.48 -92.78 -117.10
CA ASP E 2564 -32.56 -92.06 -116.46
C ASP E 2564 -33.07 -92.79 -115.22
N SER E 2565 -33.23 -94.10 -115.30
CA SER E 2565 -33.54 -94.87 -114.11
C SER E 2565 -32.32 -94.99 -113.20
N PHE E 2566 -31.12 -94.91 -113.78
CA PHE E 2566 -29.89 -94.95 -113.00
C PHE E 2566 -29.71 -93.71 -112.14
N ILE E 2567 -30.26 -92.57 -112.58
CA ILE E 2567 -30.36 -91.39 -111.74
C ILE E 2567 -31.34 -91.64 -110.59
N ASN E 2568 -32.47 -92.29 -110.89
CA ASN E 2568 -33.45 -92.63 -109.86
C ASN E 2568 -32.92 -93.71 -108.92
N LYS E 2569 -31.99 -94.55 -109.41
CA LYS E 2569 -31.33 -95.48 -108.51
C LYS E 2569 -30.35 -94.76 -107.59
N PHE E 2570 -29.73 -93.68 -108.06
CA PHE E 2570 -28.96 -92.83 -107.15
C PHE E 2570 -29.87 -92.01 -106.27
N ALA E 2571 -31.03 -91.61 -106.79
CA ALA E 2571 -32.02 -90.93 -105.95
C ALA E 2571 -32.62 -91.88 -104.92
N GLU E 2572 -32.68 -93.17 -105.24
CA GLU E 2572 -32.96 -94.17 -104.22
C GLU E 2572 -31.81 -94.26 -103.23
N TYR E 2573 -30.58 -94.24 -103.72
CA TYR E 2573 -29.40 -94.26 -102.85
C TYR E 2573 -29.19 -92.92 -102.14
N THR E 2574 -29.74 -91.83 -102.68
CA THR E 2574 -29.67 -90.54 -102.00
C THR E 2574 -30.43 -90.57 -100.69
N HIS E 2575 -31.64 -91.14 -100.70
CA HIS E 2575 -32.39 -91.30 -99.46
C HIS E 2575 -31.89 -92.48 -98.63
N GLU E 2576 -31.27 -93.47 -99.28
CA GLU E 2576 -30.81 -94.66 -98.57
C GLU E 2576 -29.64 -94.34 -97.64
N LYS E 2577 -28.75 -93.45 -98.07
CA LYS E 2577 -27.60 -93.07 -97.27
C LYS E 2577 -27.93 -91.95 -96.28
N TRP E 2578 -28.76 -91.00 -96.70
CA TRP E 2578 -29.03 -89.81 -95.89
C TRP E 2578 -29.97 -90.12 -94.73
N ALA E 2579 -30.97 -90.98 -94.94
CA ALA E 2579 -31.91 -91.27 -93.88
C ALA E 2579 -31.38 -92.29 -92.87
N PHE E 2580 -30.34 -93.05 -93.22
CA PHE E 2580 -29.76 -93.98 -92.26
C PHE E 2580 -28.96 -93.25 -91.19
N ASP E 2581 -28.31 -92.15 -91.54
CA ASP E 2581 -27.65 -91.31 -90.55
C ASP E 2581 -28.67 -90.56 -89.69
N LYS E 2582 -29.89 -90.37 -90.20
CA LYS E 2582 -30.96 -89.84 -89.36
C LYS E 2582 -31.39 -90.86 -88.30
N ILE E 2583 -31.29 -92.15 -88.62
CA ILE E 2583 -31.60 -93.17 -87.63
C ILE E 2583 -30.44 -93.31 -86.63
N GLN E 2584 -29.21 -93.01 -87.08
CA GLN E 2584 -28.08 -92.99 -86.17
C GLN E 2584 -28.18 -91.86 -85.15
N ASN E 2585 -28.83 -90.75 -85.52
CA ASN E 2585 -29.17 -89.68 -84.60
C ASN E 2585 -30.60 -89.78 -84.12
N ASN E 2586 -31.29 -90.87 -84.47
CA ASN E 2586 -32.64 -91.23 -83.99
C ASN E 2586 -33.69 -90.18 -84.38
N TRP E 2587 -33.77 -89.93 -85.68
CA TRP E 2587 -34.81 -89.05 -86.24
C TRP E 2587 -35.98 -89.92 -86.68
N SER E 2588 -37.13 -89.73 -86.05
CA SER E 2588 -38.28 -90.60 -86.22
C SER E 2588 -39.13 -90.13 -87.41
N TYR E 2589 -40.34 -90.68 -87.51
CA TYR E 2589 -41.28 -90.37 -88.58
C TYR E 2589 -42.34 -89.40 -88.09
N GLY E 2590 -42.87 -88.58 -89.01
CA GLY E 2590 -43.92 -87.65 -88.66
C GLY E 2590 -44.63 -87.03 -89.85
N GLU E 2591 -45.11 -85.80 -89.68
CA GLU E 2591 -45.83 -85.06 -90.71
C GLU E 2591 -44.95 -84.08 -91.48
N ASN E 2592 -44.09 -83.34 -90.77
CA ASN E 2592 -43.19 -82.38 -91.39
C ASN E 2592 -41.81 -82.51 -90.75
N VAL E 2593 -40.86 -81.77 -91.30
CA VAL E 2593 -39.48 -81.79 -90.81
C VAL E 2593 -39.42 -80.92 -89.55
N ASP E 2594 -39.17 -81.56 -88.41
CA ASP E 2594 -39.12 -80.86 -87.13
C ASP E 2594 -37.92 -81.36 -86.34
N GLU E 2595 -37.31 -80.45 -85.57
CA GLU E 2595 -36.15 -80.77 -84.75
C GLU E 2595 -36.51 -81.06 -83.30
N GLU E 2596 -37.58 -80.48 -82.78
CA GLU E 2596 -37.98 -80.72 -81.40
C GLU E 2596 -38.65 -82.08 -81.25
N LEU E 2597 -39.65 -82.36 -82.09
CA LEU E 2597 -40.32 -83.66 -82.07
C LEU E 2597 -39.48 -84.75 -82.69
N LYS E 2598 -38.43 -84.38 -83.45
CA LYS E 2598 -37.49 -85.28 -84.13
C LYS E 2598 -38.22 -86.23 -85.09
N THR E 2599 -38.85 -85.63 -86.09
CA THR E 2599 -39.66 -86.33 -87.06
C THR E 2599 -39.10 -86.16 -88.47
N HIS E 2600 -39.44 -87.11 -89.34
CA HIS E 2600 -39.04 -87.08 -90.75
C HIS E 2600 -40.11 -87.77 -91.58
N PRO E 2601 -40.89 -87.02 -92.36
CA PRO E 2601 -42.07 -87.62 -93.03
C PRO E 2601 -41.77 -88.39 -94.30
N MET E 2602 -40.53 -88.39 -94.79
CA MET E 2602 -40.21 -89.05 -96.04
C MET E 2602 -39.53 -90.40 -95.83
N LEU E 2603 -39.67 -90.99 -94.63
CA LEU E 2603 -39.05 -92.28 -94.31
C LEU E 2603 -39.83 -93.41 -94.97
N ARG E 2604 -39.60 -93.55 -96.29
CA ARG E 2604 -40.25 -94.54 -97.14
C ARG E 2604 -39.46 -94.62 -98.45
N PRO E 2605 -39.48 -95.73 -99.18
CA PRO E 2605 -38.58 -95.90 -100.34
C PRO E 2605 -38.90 -94.96 -101.49
N TYR E 2606 -37.95 -94.88 -102.43
CA TYR E 2606 -38.03 -93.91 -103.52
C TYR E 2606 -39.07 -94.31 -104.56
N LYS E 2607 -39.39 -95.59 -104.70
CA LYS E 2607 -40.34 -96.06 -105.70
C LYS E 2607 -41.80 -95.87 -105.29
N THR E 2608 -42.06 -95.16 -104.18
CA THR E 2608 -43.42 -94.94 -103.71
C THR E 2608 -43.81 -93.47 -103.66
N PHE E 2609 -42.90 -92.55 -103.97
CA PHE E 2609 -43.23 -91.14 -103.89
C PHE E 2609 -44.11 -90.72 -105.07
N SER E 2610 -44.65 -89.51 -104.96
CA SER E 2610 -45.46 -88.93 -106.03
C SER E 2610 -44.55 -88.28 -107.06
N GLU E 2611 -45.13 -87.62 -108.06
CA GLU E 2611 -44.34 -86.99 -109.11
C GLU E 2611 -43.72 -85.66 -108.67
N LYS E 2612 -44.10 -85.14 -107.51
CA LYS E 2612 -43.53 -83.91 -106.96
C LYS E 2612 -42.44 -84.17 -105.94
N ASP E 2613 -42.60 -85.21 -105.11
CA ASP E 2613 -41.56 -85.55 -104.13
C ASP E 2613 -40.33 -86.17 -104.79
N LYS E 2614 -40.47 -86.74 -105.99
CA LYS E 2614 -39.30 -87.21 -106.73
C LYS E 2614 -38.52 -86.06 -107.33
N GLU E 2615 -39.14 -84.88 -107.50
CA GLU E 2615 -38.43 -83.72 -108.02
C GLU E 2615 -37.43 -83.18 -107.01
N ILE E 2616 -37.66 -83.40 -105.72
CA ILE E 2616 -36.74 -82.93 -104.69
C ILE E 2616 -35.45 -83.73 -104.73
N TYR E 2617 -35.55 -85.04 -104.96
CA TYR E 2617 -34.40 -85.91 -105.11
C TYR E 2617 -33.92 -86.02 -106.55
N ARG E 2618 -34.16 -85.00 -107.39
CA ARG E 2618 -33.90 -85.13 -108.81
C ARG E 2618 -32.77 -84.25 -109.33
N TRP E 2619 -32.68 -82.98 -108.91
CA TRP E 2619 -31.66 -82.13 -109.51
C TRP E 2619 -30.61 -81.52 -108.59
N PRO E 2620 -30.11 -82.23 -107.57
CA PRO E 2620 -28.66 -82.17 -107.30
C PRO E 2620 -27.89 -83.30 -107.96
N ILE E 2621 -28.54 -84.04 -108.88
CA ILE E 2621 -28.01 -85.28 -109.42
C ILE E 2621 -27.86 -85.19 -110.94
N LYS E 2622 -28.91 -84.72 -111.63
CA LYS E 2622 -28.93 -84.77 -113.09
C LYS E 2622 -27.96 -83.78 -113.71
N GLU E 2623 -28.02 -82.51 -113.28
CA GLU E 2623 -27.26 -81.44 -113.92
C GLU E 2623 -25.75 -81.58 -113.74
N SER E 2624 -25.31 -82.30 -112.71
CA SER E 2624 -23.90 -82.66 -112.61
C SER E 2624 -23.57 -83.84 -113.52
N LEU E 2625 -24.48 -84.80 -113.64
CA LEU E 2625 -24.31 -85.88 -114.60
C LEU E 2625 -24.51 -85.39 -116.03
N LYS E 2626 -25.30 -84.32 -116.21
CA LYS E 2626 -25.37 -83.67 -117.52
C LYS E 2626 -24.07 -82.99 -117.87
N ALA E 2627 -23.31 -82.52 -116.87
CA ALA E 2627 -22.01 -81.94 -117.14
C ALA E 2627 -20.99 -83.02 -117.49
N MET E 2628 -21.18 -84.24 -116.99
CA MET E 2628 -20.24 -85.32 -117.26
C MET E 2628 -20.39 -85.86 -118.68
N ILE E 2629 -21.58 -85.73 -119.27
CA ILE E 2629 -21.76 -86.15 -120.66
C ILE E 2629 -21.12 -85.14 -121.61
N ALA E 2630 -21.31 -83.85 -121.33
CA ALA E 2630 -20.74 -82.80 -122.18
C ALA E 2630 -19.23 -82.71 -122.04
N TRP E 2631 -18.71 -83.02 -120.85
CA TRP E 2631 -17.26 -83.04 -120.67
C TRP E 2631 -16.64 -84.32 -121.24
N GLU E 2632 -17.29 -85.46 -121.03
CA GLU E 2632 -16.72 -86.76 -121.36
C GLU E 2632 -17.73 -87.58 -122.13
N TRP E 2633 -17.34 -88.03 -123.33
CA TRP E 2633 -18.13 -88.99 -124.11
C TRP E 2633 -17.68 -90.42 -123.81
N THR E 2634 -17.62 -90.75 -122.51
CA THR E 2634 -17.28 -92.10 -122.04
C THR E 2634 -18.27 -92.47 -120.94
N ILE E 2635 -19.44 -92.97 -121.32
CA ILE E 2635 -20.41 -93.59 -120.41
C ILE E 2635 -20.97 -94.79 -121.14
N GLU E 2636 -20.58 -95.99 -120.73
CA GLU E 2636 -21.03 -97.22 -121.37
C GLU E 2636 -21.29 -98.29 -120.31
N LYS E 2637 -22.06 -99.30 -120.70
CA LYS E 2637 -22.30 -100.47 -119.86
C LYS E 2637 -21.06 -101.34 -119.90
N ALA E 2638 -20.35 -101.42 -118.76
CA ALA E 2638 -19.07 -102.10 -118.69
C ALA E 2638 -19.09 -103.35 -117.82
N ARG E 2639 -19.68 -103.26 -116.62
CA ARG E 2639 -19.59 -104.34 -115.66
C ARG E 2639 -20.94 -104.67 -115.03
N GLU E 2640 -20.92 -105.46 -113.96
CA GLU E 2640 -22.10 -105.82 -113.20
C GLU E 2640 -22.09 -105.08 -111.86
N GLY E 2641 -23.28 -104.70 -111.41
CA GLY E 2641 -23.40 -103.97 -110.16
C GLY E 2641 -23.05 -104.84 -108.96
N GLU E 2642 -22.18 -104.31 -108.11
CA GLU E 2642 -21.71 -105.02 -106.93
C GLU E 2642 -22.73 -105.00 -105.81
N TYR E 2667 -39.22 -96.82 -91.53
CA TYR E 2667 -38.42 -97.45 -92.58
C TYR E 2667 -36.93 -97.27 -92.33
N ASN E 2668 -36.17 -98.35 -92.49
CA ASN E 2668 -34.75 -98.40 -92.16
C ASN E 2668 -33.96 -98.77 -93.42
N PRO E 2669 -33.53 -97.80 -94.20
CA PRO E 2669 -32.68 -98.11 -95.36
C PRO E 2669 -31.24 -98.39 -94.93
N GLN E 2670 -30.67 -99.45 -95.49
CA GLN E 2670 -29.31 -99.87 -95.17
C GLN E 2670 -28.40 -99.66 -96.38
N PRO E 2671 -27.61 -98.59 -96.43
CA PRO E 2671 -26.72 -98.37 -97.57
C PRO E 2671 -25.53 -99.32 -97.55
N PRO E 2672 -25.25 -99.98 -98.67
CA PRO E 2672 -24.15 -100.94 -98.73
C PRO E 2672 -22.81 -100.22 -98.90
N ASP E 2673 -21.76 -101.02 -99.04
CA ASP E 2673 -20.41 -100.50 -99.23
C ASP E 2673 -20.18 -100.21 -100.71
N LEU E 2674 -19.55 -99.07 -100.97
CA LEU E 2674 -19.20 -98.66 -102.33
C LEU E 2674 -17.71 -98.49 -102.53
N SER E 2675 -16.91 -98.67 -101.49
CA SER E 2675 -15.46 -98.47 -101.54
C SER E 2675 -14.69 -99.77 -101.69
N GLY E 2676 -15.25 -100.72 -102.45
CA GLY E 2676 -14.57 -101.99 -102.67
C GLY E 2676 -13.35 -101.88 -103.57
N VAL E 2677 -13.37 -100.92 -104.49
CA VAL E 2677 -12.26 -100.68 -105.41
C VAL E 2677 -11.81 -99.23 -105.22
N THR E 2678 -10.53 -99.05 -104.90
CA THR E 2678 -9.96 -97.72 -104.74
C THR E 2678 -9.89 -97.01 -106.10
N LEU E 2679 -10.30 -95.75 -106.11
CA LEU E 2679 -10.31 -94.96 -107.34
C LEU E 2679 -8.88 -94.68 -107.79
N SER E 2680 -8.57 -95.05 -109.03
CA SER E 2680 -7.26 -94.80 -109.61
C SER E 2680 -7.16 -93.34 -110.06
N ARG E 2681 -6.02 -92.99 -110.66
CA ARG E 2681 -5.77 -91.61 -111.08
C ARG E 2681 -6.71 -91.17 -112.19
N GLU E 2682 -7.19 -92.11 -113.00
CA GLU E 2682 -8.24 -91.84 -113.97
C GLU E 2682 -9.54 -91.42 -113.28
N LEU E 2683 -9.80 -91.94 -112.08
CA LEU E 2683 -11.00 -91.59 -111.33
C LEU E 2683 -10.74 -90.65 -110.16
N GLN E 2684 -9.50 -90.58 -109.66
CA GLN E 2684 -9.20 -89.64 -108.58
C GLN E 2684 -9.12 -88.21 -109.10
N ALA E 2685 -8.63 -88.03 -110.34
CA ALA E 2685 -8.59 -86.70 -110.94
C ALA E 2685 -9.98 -86.21 -111.31
N MET E 2686 -10.96 -87.12 -111.44
CA MET E 2686 -12.34 -86.69 -111.62
C MET E 2686 -12.95 -86.20 -110.32
N ALA E 2687 -12.45 -86.67 -109.18
CA ALA E 2687 -12.88 -86.10 -107.90
C ALA E 2687 -12.36 -84.68 -107.72
N GLU E 2688 -11.19 -84.39 -108.28
CA GLU E 2688 -10.74 -83.01 -108.43
C GLU E 2688 -11.66 -82.23 -109.38
N GLN E 2689 -12.23 -82.91 -110.36
CA GLN E 2689 -13.06 -82.29 -111.40
C GLN E 2689 -14.53 -82.19 -111.02
N LEU E 2690 -15.08 -83.21 -110.35
CA LEU E 2690 -16.50 -83.17 -110.00
C LEU E 2690 -16.77 -82.35 -108.75
N ALA E 2691 -15.80 -82.21 -107.85
CA ALA E 2691 -15.94 -81.23 -106.79
C ALA E 2691 -15.75 -79.82 -107.32
N GLU E 2692 -14.95 -79.67 -108.38
CA GLU E 2692 -14.89 -78.40 -109.10
C GLU E 2692 -16.20 -78.14 -109.83
N ASN E 2693 -16.85 -79.21 -110.34
CA ASN E 2693 -18.18 -79.09 -110.89
C ASN E 2693 -19.19 -78.66 -109.83
N TYR E 2694 -18.99 -79.09 -108.58
CA TYR E 2694 -19.79 -78.62 -107.47
C TYR E 2694 -19.48 -77.16 -107.14
N HIS E 2695 -18.31 -76.68 -107.52
CA HIS E 2695 -17.95 -75.27 -107.42
C HIS E 2695 -18.28 -74.48 -108.68
N ASN E 2696 -18.39 -75.15 -109.83
CA ASN E 2696 -18.75 -74.47 -111.07
C ASN E 2696 -20.26 -74.34 -111.24
N THR E 2697 -20.99 -75.45 -111.09
CA THR E 2697 -22.43 -75.43 -111.37
C THR E 2697 -23.19 -74.70 -110.27
N TRP E 2698 -22.92 -75.05 -109.01
CA TRP E 2698 -23.55 -74.32 -107.90
C TRP E 2698 -22.98 -72.93 -107.76
N GLY E 2699 -21.70 -72.73 -108.11
CA GLY E 2699 -21.08 -71.42 -107.98
C GLY E 2699 -21.58 -70.43 -109.02
N ARG E 2700 -21.90 -70.90 -110.22
CA ARG E 2700 -22.55 -70.03 -111.20
C ARG E 2700 -23.96 -69.65 -110.73
N LYS E 2701 -24.68 -70.61 -110.13
CA LYS E 2701 -25.95 -70.29 -109.50
C LYS E 2701 -25.77 -69.41 -108.28
N LYS E 2702 -24.63 -69.56 -107.58
CA LYS E 2702 -24.32 -68.66 -106.47
C LYS E 2702 -24.04 -67.25 -106.97
N LYS E 2703 -23.37 -67.12 -108.12
CA LYS E 2703 -23.14 -65.81 -108.70
C LYS E 2703 -24.43 -65.20 -109.25
N GLN E 2704 -25.33 -66.04 -109.75
CA GLN E 2704 -26.64 -65.54 -110.18
C GLN E 2704 -27.53 -65.19 -109.00
N GLU E 2705 -27.23 -65.71 -107.81
CA GLU E 2705 -27.99 -65.35 -106.62
C GLU E 2705 -27.69 -63.91 -106.19
N LEU E 2706 -26.44 -63.48 -106.36
CA LEU E 2706 -26.07 -62.12 -105.97
C LEU E 2706 -26.42 -61.10 -107.05
N GLU E 2707 -26.31 -61.47 -108.33
CA GLU E 2707 -26.58 -60.55 -109.41
C GLU E 2707 -28.07 -60.27 -109.59
N ALA E 2708 -28.93 -61.11 -109.03
CA ALA E 2708 -30.37 -60.92 -109.10
C ALA E 2708 -30.92 -60.22 -107.87
N LYS E 2709 -30.05 -59.69 -107.00
CA LYS E 2709 -30.49 -59.00 -105.80
C LYS E 2709 -30.03 -57.54 -105.75
N GLY E 2710 -29.42 -57.03 -106.82
CA GLY E 2710 -28.93 -55.67 -106.83
C GLY E 2710 -27.50 -55.50 -106.39
N GLY E 2711 -26.71 -56.57 -106.42
CA GLY E 2711 -25.31 -56.51 -106.02
C GLY E 2711 -25.05 -57.34 -104.77
N GLY E 2712 -23.91 -57.05 -104.15
CA GLY E 2712 -23.49 -57.75 -102.95
C GLY E 2712 -22.18 -58.48 -103.12
N THR E 2713 -21.43 -58.65 -102.02
CA THR E 2713 -20.14 -59.31 -102.04
C THR E 2713 -20.26 -60.69 -101.38
N HIS E 2714 -19.25 -61.51 -101.62
CA HIS E 2714 -19.17 -62.84 -101.05
C HIS E 2714 -17.71 -63.28 -101.00
N PRO E 2715 -17.23 -63.77 -99.85
CA PRO E 2715 -15.80 -64.04 -99.70
C PRO E 2715 -15.33 -65.37 -100.29
N LEU E 2716 -16.16 -66.06 -101.07
CA LEU E 2716 -15.77 -67.35 -101.64
C LEU E 2716 -16.01 -67.39 -103.14
N LEU E 2717 -15.87 -66.26 -103.82
CA LEU E 2717 -15.95 -66.23 -105.28
C LEU E 2717 -14.56 -66.38 -105.91
N VAL E 2718 -13.86 -67.42 -105.48
CA VAL E 2718 -12.48 -67.68 -105.86
C VAL E 2718 -12.47 -69.02 -106.58
N PRO E 2719 -11.43 -69.30 -107.39
CA PRO E 2719 -11.36 -70.62 -108.05
C PRO E 2719 -11.22 -71.78 -107.08
N TYR E 2720 -11.41 -72.98 -107.63
CA TYR E 2720 -11.39 -74.20 -106.84
C TYR E 2720 -10.00 -74.50 -106.27
N ASP E 2721 -8.95 -74.13 -106.99
CA ASP E 2721 -7.59 -74.34 -106.50
C ASP E 2721 -7.19 -73.35 -105.42
N THR E 2722 -7.97 -72.29 -105.21
CA THR E 2722 -7.71 -71.31 -104.15
C THR E 2722 -8.76 -71.36 -103.04
N LEU E 2723 -9.55 -72.43 -102.97
CA LEU E 2723 -10.48 -72.59 -101.88
C LEU E 2723 -9.75 -73.06 -100.62
N THR E 2724 -10.46 -73.00 -99.50
CA THR E 2724 -9.90 -73.45 -98.23
C THR E 2724 -10.06 -74.97 -98.10
N ALA E 2725 -9.60 -75.52 -96.98
CA ALA E 2725 -9.66 -76.94 -96.73
C ALA E 2725 -11.06 -77.43 -96.35
N LYS E 2726 -12.00 -76.51 -96.10
CA LYS E 2726 -13.35 -76.92 -95.73
C LYS E 2726 -14.13 -77.42 -96.94
N GLU E 2727 -14.15 -76.64 -98.02
CA GLU E 2727 -14.87 -77.04 -99.22
C GLU E 2727 -14.12 -78.07 -100.05
N LYS E 2728 -12.86 -78.35 -99.74
CA LYS E 2728 -12.11 -79.40 -100.40
C LYS E 2728 -12.24 -80.76 -99.69
N ALA E 2729 -13.13 -80.86 -98.71
CA ALA E 2729 -13.35 -82.12 -97.99
C ALA E 2729 -14.75 -82.68 -98.15
N ARG E 2730 -15.76 -81.83 -98.26
CA ARG E 2730 -17.13 -82.30 -98.40
C ARG E 2730 -17.56 -82.39 -99.86
N ASP E 2731 -17.08 -81.48 -100.70
CA ASP E 2731 -17.41 -81.54 -102.13
C ASP E 2731 -16.73 -82.70 -102.82
N ARG E 2732 -15.52 -83.06 -102.39
CA ARG E 2732 -14.87 -84.25 -102.94
C ARG E 2732 -15.51 -85.52 -102.42
N GLU E 2733 -15.96 -85.52 -101.16
CA GLU E 2733 -16.68 -86.66 -100.61
C GLU E 2733 -18.03 -86.86 -101.31
N LYS E 2734 -18.68 -85.76 -101.69
CA LYS E 2734 -19.86 -85.85 -102.53
C LYS E 2734 -19.50 -86.30 -103.94
N ALA E 2735 -18.29 -85.98 -104.40
CA ALA E 2735 -17.85 -86.38 -105.73
C ALA E 2735 -17.35 -87.82 -105.78
N GLN E 2736 -16.74 -88.30 -104.69
CA GLN E 2736 -16.22 -89.67 -104.68
C GLN E 2736 -17.35 -90.70 -104.61
N GLU E 2737 -18.40 -90.40 -103.82
CA GLU E 2737 -19.51 -91.33 -103.70
C GLU E 2737 -20.37 -91.39 -104.96
N LEU E 2738 -20.35 -90.34 -105.78
CA LEU E 2738 -21.04 -90.40 -107.06
C LEU E 2738 -20.29 -91.27 -108.06
N LEU E 2739 -18.95 -91.19 -108.05
CA LEU E 2739 -18.15 -92.05 -108.92
C LEU E 2739 -18.21 -93.50 -108.48
N LYS E 2740 -18.37 -93.76 -107.18
CA LYS E 2740 -18.49 -95.13 -106.69
C LYS E 2740 -19.87 -95.71 -106.94
N PHE E 2741 -20.88 -94.87 -107.21
CA PHE E 2741 -22.15 -95.38 -107.68
C PHE E 2741 -22.14 -95.66 -109.17
N LEU E 2742 -21.23 -95.02 -109.91
CA LEU E 2742 -21.04 -95.35 -111.33
C LEU E 2742 -20.44 -96.74 -111.49
N GLN E 2743 -19.71 -97.23 -110.48
CA GLN E 2743 -19.26 -98.62 -110.48
C GLN E 2743 -20.44 -99.57 -110.36
N MET E 2744 -21.47 -99.19 -109.61
CA MET E 2744 -22.70 -99.96 -109.58
C MET E 2744 -23.43 -99.81 -110.91
N ASN E 2745 -24.03 -100.92 -111.36
CA ASN E 2745 -24.65 -101.13 -112.68
C ASN E 2745 -23.65 -101.05 -113.83
N GLY E 2746 -22.34 -101.07 -113.54
CA GLY E 2746 -21.29 -101.16 -114.53
C GLY E 2746 -21.20 -100.02 -115.52
N TYR E 2747 -21.19 -98.78 -115.03
CA TYR E 2747 -21.12 -97.60 -115.88
C TYR E 2747 -19.77 -96.94 -115.65
N ALA E 2748 -18.75 -97.44 -116.36
CA ALA E 2748 -17.39 -96.95 -116.19
C ALA E 2748 -17.23 -95.64 -116.94
N VAL E 2749 -16.96 -94.57 -116.20
CA VAL E 2749 -16.80 -93.24 -116.79
C VAL E 2749 -15.33 -92.87 -116.71
N THR E 2750 -14.59 -93.17 -117.77
CA THR E 2750 -13.13 -93.00 -117.81
C THR E 2750 -12.77 -92.23 -119.08
N ARG E 2751 -12.40 -90.97 -118.92
CA ARG E 2751 -12.01 -90.13 -120.06
C ARG E 2751 -10.68 -90.58 -120.65
N UNK E 2752 -7.88 -88.46 -120.62
CA UNK E 2752 -7.08 -87.24 -120.71
C UNK E 2752 -6.33 -86.99 -119.41
N UNK E 2753 -5.17 -87.64 -119.27
CA UNK E 2753 -4.34 -87.49 -118.07
C UNK E 2753 -2.89 -87.28 -118.45
N UNK E 2754 -2.01 -87.23 -117.46
CA UNK E 2754 -0.58 -87.03 -117.69
C UNK E 2754 0.22 -88.22 -117.18
N UNK E 2755 1.53 -88.03 -117.05
CA UNK E 2755 2.42 -89.09 -116.60
C UNK E 2755 2.78 -88.91 -115.12
N UNK E 2756 3.04 -90.02 -114.44
CA UNK E 2756 3.36 -90.00 -113.01
C UNK E 2756 4.86 -89.84 -112.80
N UNK E 2757 5.40 -88.72 -113.25
CA UNK E 2757 6.83 -88.46 -113.12
C UNK E 2757 7.07 -87.11 -112.45
N UNK E 2758 8.12 -87.04 -111.65
CA UNK E 2758 8.51 -85.78 -111.02
C UNK E 2758 9.11 -84.87 -112.09
N UNK E 2759 8.24 -84.09 -112.74
CA UNK E 2759 8.66 -83.22 -113.82
C UNK E 2759 9.34 -81.96 -113.29
N UNK E 2760 9.08 -81.65 -112.01
CA UNK E 2760 9.59 -80.48 -111.29
C UNK E 2760 9.26 -79.16 -111.99
N UNK E 2761 8.12 -78.58 -111.62
CA UNK E 2761 7.61 -77.37 -112.26
C UNK E 2761 8.49 -76.15 -112.05
N UNK E 2762 9.27 -76.16 -110.97
CA UNK E 2762 10.24 -75.10 -110.73
C UNK E 2762 11.40 -75.21 -111.72
N UNK E 2763 11.67 -76.43 -112.15
CA UNK E 2763 12.74 -76.68 -113.10
C UNK E 2763 12.22 -76.72 -114.54
N UNK E 2764 10.97 -77.15 -114.71
CA UNK E 2764 10.39 -77.31 -116.04
C UNK E 2764 10.03 -75.96 -116.66
N UNK E 2765 9.73 -74.98 -115.82
CA UNK E 2765 9.35 -73.65 -116.30
C UNK E 2765 10.58 -72.91 -116.81
N UNK E 2766 11.75 -73.23 -116.25
CA UNK E 2766 13.00 -72.62 -116.65
C UNK E 2766 13.43 -73.10 -118.02
N UNK E 2767 13.08 -74.34 -118.35
CA UNK E 2767 13.37 -74.90 -119.67
C UNK E 2767 12.49 -74.24 -120.71
N UNK E 2768 11.26 -73.92 -120.31
CA UNK E 2768 10.35 -73.18 -121.17
C UNK E 2768 10.80 -71.73 -121.27
N UNK E 2769 11.43 -71.25 -120.20
CA UNK E 2769 12.02 -69.92 -120.19
C UNK E 2769 13.27 -69.92 -121.05
N UNK E 2770 13.96 -71.06 -121.07
CA UNK E 2770 15.12 -71.24 -121.95
C UNK E 2770 14.63 -71.33 -123.39
N UNK E 2771 13.44 -71.90 -123.56
CA UNK E 2771 12.79 -71.93 -124.86
C UNK E 2771 12.31 -70.54 -125.23
N UNK E 2772 11.91 -69.77 -124.22
CA UNK E 2772 11.51 -68.39 -124.42
C UNK E 2772 12.74 -67.54 -124.72
N UNK E 2773 13.88 -67.94 -124.18
CA UNK E 2773 15.14 -67.26 -124.44
C UNK E 2773 15.62 -67.55 -125.86
N UNK E 2774 15.33 -68.75 -126.33
CA UNK E 2774 15.66 -69.14 -127.69
C UNK E 2774 14.73 -68.44 -128.68
N UNK E 2775 13.51 -68.17 -128.20
CA UNK E 2775 12.55 -67.40 -128.99
C UNK E 2775 12.98 -65.95 -129.01
N UNK E 2776 13.61 -65.51 -127.93
CA UNK E 2776 14.14 -64.16 -127.82
C UNK E 2776 15.51 -64.07 -128.49
N UNK E 2777 16.11 -65.22 -128.76
CA UNK E 2777 17.39 -65.27 -129.45
C UNK E 2777 17.22 -64.86 -130.91
N UNK E 2778 16.04 -65.15 -131.46
CA UNK E 2778 15.69 -64.72 -132.80
C UNK E 2778 15.51 -63.21 -132.83
N UNK E 2779 14.95 -62.68 -131.75
CA UNK E 2779 14.81 -61.23 -131.60
C UNK E 2779 16.16 -60.60 -131.33
N UNK E 2780 17.04 -61.35 -130.67
CA UNK E 2780 18.41 -60.92 -130.41
C UNK E 2780 19.19 -60.92 -131.71
N UNK E 2781 18.86 -61.87 -132.58
CA UNK E 2781 19.46 -61.95 -133.91
C UNK E 2781 18.92 -60.82 -134.78
N UNK E 2782 17.66 -60.46 -134.55
CA UNK E 2782 17.03 -59.35 -135.26
C UNK E 2782 17.62 -58.02 -134.79
N UNK E 2783 17.98 -57.97 -133.51
CA UNK E 2783 18.60 -56.77 -132.94
C UNK E 2783 20.05 -56.67 -133.36
N UNK E 2784 20.68 -57.82 -133.57
CA UNK E 2784 22.09 -57.86 -134.00
C UNK E 2784 22.21 -57.40 -135.44
N UNK E 2785 21.19 -57.70 -136.25
CA UNK E 2785 21.16 -57.27 -137.64
C UNK E 2785 20.79 -55.79 -137.71
N UNK E 2786 20.07 -55.32 -136.70
CA UNK E 2786 19.67 -53.92 -136.62
C UNK E 2786 20.81 -53.06 -136.10
N UNK E 2787 11.24 -57.14 -129.52
CA UNK E 2787 10.65 -55.81 -129.46
C UNK E 2787 10.48 -55.35 -128.01
N UNK E 2788 9.25 -55.38 -127.52
CA UNK E 2788 8.96 -54.98 -126.15
C UNK E 2788 9.16 -56.15 -125.19
N UNK E 2789 9.33 -57.33 -125.76
CA UNK E 2789 9.58 -58.53 -124.95
C UNK E 2789 11.07 -58.74 -124.75
N UNK E 2790 11.87 -57.86 -125.33
CA UNK E 2790 13.32 -57.91 -125.17
C UNK E 2790 13.72 -57.43 -123.78
N UNK E 2791 12.87 -56.60 -123.19
CA UNK E 2791 13.10 -56.08 -121.85
C UNK E 2791 12.49 -57.01 -120.81
N UNK E 2792 11.61 -57.90 -121.26
CA UNK E 2792 10.95 -58.86 -120.38
C UNK E 2792 11.94 -59.94 -119.94
N UNK E 2793 12.87 -60.27 -120.82
CA UNK E 2793 13.90 -61.25 -120.53
C UNK E 2793 14.95 -60.65 -119.60
N UNK E 2794 15.09 -59.33 -119.65
CA UNK E 2794 16.06 -58.62 -118.84
C UNK E 2794 15.66 -58.64 -117.36
N UNK E 2795 14.36 -58.67 -117.11
CA UNK E 2795 13.83 -58.72 -115.76
C UNK E 2795 14.10 -60.10 -115.14
N UNK E 2796 13.98 -61.13 -115.96
CA UNK E 2796 14.18 -62.50 -115.50
C UNK E 2796 15.65 -62.84 -115.40
N UNK E 2797 16.47 -62.12 -116.17
CA UNK E 2797 17.91 -62.38 -116.23
C UNK E 2797 18.59 -62.05 -114.90
N UNK E 2798 18.19 -60.93 -114.31
CA UNK E 2798 18.71 -60.54 -113.01
C UNK E 2798 18.09 -61.41 -111.92
N UNK E 2799 16.86 -61.86 -112.18
CA UNK E 2799 16.15 -62.72 -111.24
C UNK E 2799 16.71 -64.12 -111.25
N UNK E 2800 17.31 -64.51 -112.37
CA UNK E 2800 17.89 -65.84 -112.51
C UNK E 2800 19.14 -65.99 -111.66
N UNK E 2801 19.86 -64.88 -111.48
CA UNK E 2801 21.07 -64.87 -110.68
C UNK E 2801 20.73 -65.08 -109.21
N UNK E 2802 19.62 -64.51 -108.78
CA UNK E 2802 19.15 -64.66 -107.42
C UNK E 2802 18.56 -66.04 -107.21
N UNK E 2803 17.90 -66.56 -108.25
CA UNK E 2803 17.25 -67.86 -108.18
C UNK E 2803 18.27 -68.98 -108.11
N UNK E 2804 19.40 -68.78 -108.78
CA UNK E 2804 20.46 -69.77 -108.80
C UNK E 2804 21.20 -69.81 -107.46
N UNK E 2805 21.50 -68.63 -106.93
CA UNK E 2805 22.28 -68.51 -105.70
C UNK E 2805 21.47 -68.97 -104.49
N UNK E 2806 20.16 -68.76 -104.53
CA UNK E 2806 19.29 -69.19 -103.46
C UNK E 2806 19.14 -70.70 -103.49
N UNK E 2807 19.12 -71.26 -104.69
CA UNK E 2807 19.05 -72.70 -104.85
C UNK E 2807 20.42 -73.31 -104.56
N UNK E 2808 21.13 -73.67 -105.63
CA UNK E 2808 22.49 -74.22 -105.60
C UNK E 2808 22.65 -75.48 -104.74
N UNK E 2809 21.59 -76.26 -104.64
CA UNK E 2809 21.60 -77.49 -103.84
C UNK E 2809 20.52 -78.44 -104.36
N UNK E 2810 19.59 -77.89 -105.12
CA UNK E 2810 18.50 -78.67 -105.71
C UNK E 2810 19.04 -79.54 -106.84
N UNK E 2811 20.12 -79.08 -107.45
CA UNK E 2811 20.81 -79.85 -108.49
C UNK E 2811 21.54 -81.03 -107.87
N UNK E 2812 22.00 -80.85 -106.64
CA UNK E 2812 22.69 -81.91 -105.92
C UNK E 2812 21.71 -82.99 -105.47
N UNK E 2813 20.54 -82.54 -105.02
CA UNK E 2813 19.49 -83.45 -104.58
C UNK E 2813 18.84 -84.13 -105.77
N UNK E 2814 18.45 -83.34 -106.76
CA UNK E 2814 17.82 -83.86 -107.96
C UNK E 2814 18.69 -83.57 -109.18
N UNK E 2815 19.32 -84.61 -109.72
CA UNK E 2815 20.24 -84.46 -110.84
C UNK E 2815 19.50 -84.35 -112.16
N UNK E 2816 18.91 -83.18 -112.42
CA UNK E 2816 18.26 -82.92 -113.70
C UNK E 2816 19.27 -82.31 -114.66
N UNK E 2817 19.40 -82.92 -115.84
CA UNK E 2817 20.38 -82.46 -116.81
C UNK E 2817 19.82 -81.35 -117.69
N UNK E 2818 18.55 -81.02 -117.48
CA UNK E 2818 17.90 -79.94 -118.23
C UNK E 2818 18.49 -78.60 -117.81
N UNK E 2819 18.87 -78.49 -116.54
CA UNK E 2819 19.53 -77.31 -116.02
C UNK E 2819 20.96 -77.25 -116.53
N UNK E 2820 21.55 -78.42 -116.71
CA UNK E 2820 22.90 -78.52 -117.26
C UNK E 2820 22.89 -78.15 -118.73
N UNK E 2821 21.78 -78.44 -119.40
CA UNK E 2821 21.61 -78.12 -120.81
C UNK E 2821 21.34 -76.63 -120.98
N UNK E 2822 20.82 -76.00 -119.94
CA UNK E 2822 20.49 -74.58 -119.98
C UNK E 2822 21.73 -73.71 -119.83
N UNK E 2823 22.83 -74.31 -119.37
CA UNK E 2823 24.08 -73.60 -119.18
C UNK E 2823 24.69 -73.18 -120.52
N UNK E 2824 24.76 -74.14 -121.44
CA UNK E 2824 25.27 -73.89 -122.78
C UNK E 2824 24.23 -73.14 -123.60
N UNK E 2825 22.96 -73.33 -123.26
CA UNK E 2825 21.86 -72.66 -123.95
C UNK E 2825 21.89 -71.18 -123.63
N UNK E 2826 22.31 -70.85 -122.42
CA UNK E 2826 22.50 -69.46 -122.02
C UNK E 2826 23.81 -68.93 -122.60
N UNK E 2827 24.76 -69.83 -122.79
CA UNK E 2827 26.06 -69.46 -123.35
C UNK E 2827 25.94 -69.19 -124.85
N UNK E 2828 24.99 -69.84 -125.49
CA UNK E 2828 24.77 -69.67 -126.92
C UNK E 2828 24.15 -68.32 -127.22
N UNK E 2829 23.30 -67.85 -126.32
CA UNK E 2829 22.73 -66.51 -126.44
C UNK E 2829 23.78 -65.47 -126.06
N UNK E 2830 24.70 -65.89 -125.20
CA UNK E 2830 25.82 -65.04 -124.81
C UNK E 2830 26.89 -65.03 -125.90
N UNK E 2831 26.86 -66.06 -126.74
CA UNK E 2831 27.78 -66.15 -127.87
C UNK E 2831 27.40 -65.13 -128.94
N UNK E 2832 26.13 -64.77 -128.98
CA UNK E 2832 25.63 -63.74 -129.88
C UNK E 2832 26.13 -62.38 -129.41
N UNK E 2833 26.28 -62.23 -128.10
CA UNK E 2833 26.75 -60.99 -127.51
C UNK E 2833 28.24 -61.09 -127.18
N UNK E 2834 28.87 -62.20 -127.58
CA UNK E 2834 30.29 -62.39 -127.35
C UNK E 2834 31.09 -61.45 -128.24
N UNK E 2835 30.60 -61.23 -129.46
CA UNK E 2835 31.22 -60.29 -130.37
C UNK E 2835 30.36 -59.04 -130.50
N UNK E 2836 29.44 -58.86 -129.55
CA UNK E 2836 28.53 -57.72 -129.59
C UNK E 2836 28.43 -57.04 -128.23
N UNK E 2837 27.63 -57.62 -127.34
CA UNK E 2837 27.33 -57.11 -125.99
C UNK E 2837 26.81 -55.67 -125.99
N UNK E 2838 25.70 -55.46 -126.67
CA UNK E 2838 25.11 -54.13 -126.77
C UNK E 2838 24.17 -53.85 -125.62
N UNK E 2839 23.87 -54.88 -124.83
CA UNK E 2839 22.94 -54.75 -123.70
C UNK E 2839 23.71 -54.42 -122.42
N UNK E 2840 23.16 -54.85 -121.29
CA UNK E 2840 23.77 -54.61 -119.99
C UNK E 2840 24.92 -55.59 -119.77
N UNK E 2841 25.95 -55.14 -119.06
CA UNK E 2841 27.13 -55.96 -118.81
C UNK E 2841 26.98 -56.76 -117.52
N UNK E 2842 25.87 -56.56 -116.83
CA UNK E 2842 25.61 -57.24 -115.57
C UNK E 2842 25.17 -58.68 -115.80
N UNK E 2843 24.71 -58.96 -117.01
CA UNK E 2843 24.29 -60.32 -117.38
C UNK E 2843 25.50 -61.23 -117.52
N UNK E 2844 26.65 -60.65 -117.78
CA UNK E 2844 27.90 -61.40 -117.85
C UNK E 2844 28.31 -61.89 -116.47
N UNK E 2845 27.95 -61.11 -115.45
CA UNK E 2845 28.22 -61.50 -114.07
C UNK E 2845 27.29 -62.63 -113.64
N UNK E 2846 26.13 -62.70 -114.29
CA UNK E 2846 25.14 -63.73 -114.00
C UNK E 2846 25.57 -65.09 -114.56
N UNK E 2847 26.49 -65.07 -115.51
CA UNK E 2847 27.02 -66.29 -116.10
C UNK E 2847 27.89 -67.04 -115.10
N UNK E 2848 28.60 -66.29 -114.26
CA UNK E 2848 29.42 -66.88 -113.22
C UNK E 2848 28.54 -67.40 -112.09
N UNK E 2849 27.37 -66.78 -111.94
CA UNK E 2849 26.40 -67.20 -110.94
C UNK E 2849 25.77 -68.53 -111.31
N UNK E 2850 25.58 -68.74 -112.61
CA UNK E 2850 24.96 -69.96 -113.10
C UNK E 2850 25.98 -71.08 -113.25
N UNK E 2851 27.26 -70.71 -113.32
CA UNK E 2851 28.33 -71.69 -113.52
C UNK E 2851 28.64 -72.44 -112.23
N UNK E 2852 28.29 -71.83 -111.10
CA UNK E 2852 28.61 -72.41 -109.80
C UNK E 2852 27.70 -73.59 -109.46
N UNK E 2853 26.51 -73.63 -110.05
CA UNK E 2853 25.52 -74.66 -109.75
C UNK E 2853 25.92 -76.02 -110.31
N UNK E 2854 26.50 -76.02 -111.51
CA UNK E 2854 26.90 -77.26 -112.17
C UNK E 2854 28.17 -77.82 -111.52
N UNK E 2855 29.08 -76.93 -111.17
CA UNK E 2855 30.34 -77.34 -110.55
C UNK E 2855 30.88 -76.21 -109.67
N UNK E 2856 30.03 -88.52 -118.20
CA UNK E 2856 28.99 -89.24 -117.46
C UNK E 2856 27.71 -89.32 -118.27
N UNK E 2857 26.63 -89.76 -117.62
CA UNK E 2857 25.32 -89.81 -118.27
C UNK E 2857 24.78 -88.39 -118.38
N UNK E 2858 25.11 -87.56 -117.39
CA UNK E 2858 24.76 -86.15 -117.42
C UNK E 2858 25.69 -85.41 -118.37
N UNK E 2859 26.96 -85.79 -118.35
CA UNK E 2859 27.95 -85.19 -119.23
C UNK E 2859 28.13 -86.03 -120.49
N UNK E 2860 27.04 -86.24 -121.21
CA UNK E 2860 27.06 -87.08 -122.41
C UNK E 2860 27.11 -86.24 -123.68
N UNK E 2861 25.99 -86.18 -124.39
CA UNK E 2861 25.91 -85.44 -125.65
C UNK E 2861 25.67 -83.95 -125.40
N UNK E 2862 26.76 -83.19 -125.37
CA UNK E 2862 26.67 -81.75 -125.14
C UNK E 2862 27.74 -81.00 -125.94
N UNK E 2863 29.01 -81.32 -125.64
CA UNK E 2863 30.19 -80.71 -126.25
C UNK E 2863 30.20 -79.19 -126.14
N UNK E 2864 29.80 -78.69 -124.98
CA UNK E 2864 29.74 -77.24 -124.73
C UNK E 2864 31.14 -76.65 -124.63
N UNK E 2865 32.04 -77.40 -123.99
CA UNK E 2865 33.43 -76.98 -123.86
C UNK E 2865 34.13 -77.09 -125.21
N UNK E 2866 33.67 -78.05 -126.01
CA UNK E 2866 34.15 -78.20 -127.38
C UNK E 2866 33.60 -77.05 -128.23
N UNK E 2867 32.41 -76.59 -127.86
CA UNK E 2867 31.81 -75.43 -128.51
C UNK E 2867 32.49 -74.16 -127.99
N UNK E 2868 33.02 -74.23 -126.78
CA UNK E 2868 33.76 -73.11 -126.20
C UNK E 2868 35.24 -73.20 -126.55
N UNK E 2869 35.63 -74.29 -127.19
CA UNK E 2869 37.02 -74.48 -127.61
C UNK E 2869 37.35 -73.60 -128.81
N UNK E 2870 36.32 -73.25 -129.57
CA UNK E 2870 36.48 -72.37 -130.72
C UNK E 2870 36.80 -70.95 -130.26
N UNK E 2871 36.14 -70.53 -129.19
CA UNK E 2871 36.42 -69.24 -128.57
C UNK E 2871 37.77 -69.30 -127.86
N UNK E 2872 38.12 -70.49 -127.40
CA UNK E 2872 39.43 -70.72 -126.77
C UNK E 2872 40.52 -70.71 -127.84
N UNK E 2873 40.15 -71.09 -129.06
CA UNK E 2873 41.05 -71.02 -130.19
C UNK E 2873 41.07 -69.60 -130.74
N UNK E 2874 40.02 -68.84 -130.43
CA UNK E 2874 39.92 -67.45 -130.86
C UNK E 2874 40.76 -66.54 -129.96
N UNK E 2875 41.17 -67.08 -128.82
CA UNK E 2875 42.05 -66.37 -127.89
C UNK E 2875 43.44 -66.20 -128.50
N UNK E 2876 43.87 -67.24 -129.24
CA UNK E 2876 45.12 -67.17 -129.96
C UNK E 2876 44.98 -66.26 -131.16
N UNK E 2877 43.76 -66.19 -131.70
CA UNK E 2877 43.43 -65.28 -132.78
C UNK E 2877 43.40 -63.85 -132.26
N UNK E 2878 42.96 -63.70 -131.02
CA UNK E 2878 43.00 -62.41 -130.34
C UNK E 2878 44.45 -62.08 -129.98
N UNK E 2879 45.23 -63.12 -129.69
CA UNK E 2879 46.65 -62.97 -129.43
C UNK E 2879 47.39 -62.64 -130.71
N UNK E 2880 46.85 -63.12 -131.83
CA UNK E 2880 47.40 -62.81 -133.15
C UNK E 2880 47.15 -61.34 -133.47
N UNK E 2881 46.02 -60.82 -133.02
CA UNK E 2881 45.72 -59.40 -133.18
C UNK E 2881 46.55 -58.59 -132.19
N UNK E 2882 46.86 -59.19 -131.06
CA UNK E 2882 47.67 -58.54 -130.04
C UNK E 2882 49.14 -58.56 -130.42
N UNK E 2883 49.53 -59.53 -131.25
CA UNK E 2883 50.92 -59.64 -131.71
C UNK E 2883 51.19 -58.64 -132.82
N UNK E 2884 50.15 -58.20 -133.50
CA UNK E 2884 50.27 -57.24 -134.58
C UNK E 2884 50.04 -55.82 -134.06
N UNK E 2885 49.62 -55.72 -132.80
CA UNK E 2885 49.36 -54.42 -132.19
C UNK E 2885 50.66 -53.73 -131.81
N UNK E 2886 35.77 -59.78 -131.44
CA UNK E 2886 36.69 -60.72 -130.80
C UNK E 2886 37.48 -60.03 -129.70
N UNK E 2887 36.83 -59.11 -129.00
CA UNK E 2887 37.47 -58.39 -127.91
C UNK E 2887 36.54 -58.29 -126.70
N UNK E 2888 35.25 -58.40 -126.96
CA UNK E 2888 34.25 -58.35 -125.89
C UNK E 2888 34.17 -59.70 -125.18
N UNK E 2889 34.56 -60.76 -125.89
CA UNK E 2889 34.60 -62.10 -125.31
C UNK E 2889 36.01 -62.43 -124.85
N UNK E 2890 36.85 -61.41 -124.75
CA UNK E 2890 38.23 -61.60 -124.33
C UNK E 2890 38.40 -61.29 -122.85
N UNK E 2891 37.34 -60.80 -122.23
CA UNK E 2891 37.37 -60.44 -120.83
C UNK E 2891 36.42 -61.32 -120.01
N UNK E 2892 35.20 -61.47 -120.51
CA UNK E 2892 34.16 -62.22 -119.81
C UNK E 2892 34.43 -63.72 -119.86
N UNK E 2893 34.78 -64.21 -121.03
CA UNK E 2893 35.04 -65.64 -121.22
C UNK E 2893 36.35 -66.04 -120.54
N UNK E 2894 37.27 -65.10 -120.44
CA UNK E 2894 38.52 -65.34 -119.73
C UNK E 2894 38.27 -65.45 -118.23
N UNK E 2895 37.31 -64.66 -117.75
CA UNK E 2895 36.92 -64.68 -116.35
C UNK E 2895 36.11 -65.94 -116.05
N UNK E 2896 35.32 -66.36 -117.03
CA UNK E 2896 34.49 -67.55 -116.88
C UNK E 2896 35.33 -68.82 -116.96
N UNK E 2897 36.47 -68.72 -117.63
CA UNK E 2897 37.37 -69.86 -117.78
C UNK E 2897 38.06 -70.19 -116.47
N UNK E 2898 38.50 -69.16 -115.76
CA UNK E 2898 39.19 -69.33 -114.48
C UNK E 2898 38.22 -69.84 -113.42
N UNK E 2899 36.97 -69.41 -113.51
CA UNK E 2899 35.95 -69.81 -112.56
C UNK E 2899 35.58 -71.28 -112.77
N UNK E 2900 35.47 -71.68 -114.02
CA UNK E 2900 35.11 -73.05 -114.37
C UNK E 2900 36.26 -74.00 -114.07
N UNK E 2901 37.48 -73.49 -114.19
CA UNK E 2901 38.67 -74.29 -113.89
C UNK E 2901 38.81 -74.46 -112.39
N UNK E 2902 38.31 -73.50 -111.63
CA UNK E 2902 38.30 -73.56 -110.18
C UNK E 2902 37.07 -74.30 -109.69
N UNK E 2903 36.13 -74.54 -110.60
CA UNK E 2903 34.89 -75.24 -110.28
C UNK E 2903 35.08 -76.75 -110.27
N UNK E 2904 36.25 -77.20 -110.72
CA UNK E 2904 36.57 -78.62 -110.76
C UNK E 2904 37.30 -79.06 -109.49
N UNK E 2905 36.89 -78.50 -108.36
CA UNK E 2905 37.48 -78.85 -107.07
C UNK E 2905 36.70 -79.98 -106.42
N UNK E 2906 35.64 -80.42 -107.08
CA UNK E 2906 34.81 -81.50 -106.58
C UNK E 2906 34.44 -82.47 -107.71
N UNK E 2907 34.22 -81.91 -108.90
CA UNK E 2907 33.83 -82.71 -110.05
C UNK E 2907 34.98 -82.82 -111.05
N UNK E 2908 34.88 -83.82 -111.92
CA UNK E 2908 35.90 -84.05 -112.95
C UNK E 2908 35.29 -84.74 -114.17
N UNK E 2909 36.06 -84.86 -115.24
CA UNK E 2909 35.61 -85.51 -116.45
C UNK E 2909 36.65 -86.48 -116.97
N UNK E 2910 36.51 -86.87 -118.24
CA UNK E 2910 37.43 -87.81 -118.86
C UNK E 2910 38.24 -87.13 -119.95
N UNK E 2911 37.92 -85.86 -120.19
CA UNK E 2911 38.54 -85.01 -121.23
C UNK E 2911 38.47 -85.64 -122.62
N UNK E 2912 37.30 -86.17 -122.96
CA UNK E 2912 37.08 -86.77 -124.26
C UNK E 2912 37.08 -85.71 -125.34
N UNK E 2913 38.18 -85.68 -126.11
CA UNK E 2913 38.44 -84.70 -127.18
C UNK E 2913 38.37 -83.26 -126.68
N UNK E 2914 38.80 -83.03 -125.44
CA UNK E 2914 38.79 -81.71 -124.86
C UNK E 2914 40.15 -81.42 -124.25
N UNK E 2915 40.93 -82.48 -124.04
CA UNK E 2915 42.29 -82.36 -123.52
C UNK E 2915 43.19 -81.73 -124.56
N UNK E 2916 43.01 -82.14 -125.80
CA UNK E 2916 43.76 -81.57 -126.91
C UNK E 2916 43.22 -80.19 -127.24
N UNK E 2917 41.94 -79.98 -126.97
CA UNK E 2917 41.30 -78.68 -127.15
C UNK E 2917 41.81 -77.71 -126.10
N UNK E 2918 42.17 -78.25 -124.94
CA UNK E 2918 42.75 -77.45 -123.86
C UNK E 2918 44.23 -77.22 -124.10
N UNK E 2919 44.92 -78.25 -124.59
CA UNK E 2919 46.36 -78.20 -124.80
C UNK E 2919 46.73 -77.23 -125.92
N UNK E 2920 45.82 -77.04 -126.86
CA UNK E 2920 46.01 -76.07 -127.94
C UNK E 2920 45.95 -74.66 -127.37
N UNK E 2921 45.01 -74.44 -126.45
CA UNK E 2921 44.87 -73.15 -125.79
C UNK E 2921 45.97 -72.98 -124.75
N UNK E 2922 46.45 -74.10 -124.22
CA UNK E 2922 47.53 -74.07 -123.23
C UNK E 2922 48.85 -73.70 -123.90
N UNK E 2923 49.06 -74.21 -125.10
CA UNK E 2923 50.25 -73.89 -125.87
C UNK E 2923 50.18 -72.46 -126.38
N UNK E 2924 48.96 -71.99 -126.63
CA UNK E 2924 48.73 -70.63 -127.07
C UNK E 2924 48.99 -69.64 -125.94
N UNK E 2925 48.75 -70.09 -124.71
CA UNK E 2925 48.97 -69.26 -123.54
C UNK E 2925 50.44 -69.30 -123.13
N UNK E 2926 51.07 -70.45 -123.32
CA UNK E 2926 52.47 -70.64 -122.95
C UNK E 2926 53.39 -69.86 -123.89
N UNK E 2927 53.00 -69.77 -125.15
CA UNK E 2927 53.78 -69.05 -126.14
C UNK E 2927 53.59 -67.55 -125.98
N UNK E 2928 52.44 -67.16 -125.42
CA UNK E 2928 52.13 -65.75 -125.23
C UNK E 2928 52.52 -65.26 -123.84
N UNK E 2929 53.41 -66.00 -123.19
CA UNK E 2929 53.88 -65.63 -121.86
C UNK E 2929 54.89 -64.49 -121.93
N UNK E 2930 55.62 -64.42 -123.05
CA UNK E 2930 56.68 -63.43 -123.21
C UNK E 2930 56.47 -62.57 -124.46
N UNK E 2931 55.25 -62.50 -124.95
CA UNK E 2931 54.94 -61.70 -126.13
C UNK E 2931 54.93 -60.22 -125.77
N UNK E 2932 55.77 -59.45 -126.47
CA UNK E 2932 55.89 -58.01 -126.21
C UNK E 2932 54.77 -57.23 -126.87
N UNK E 2933 54.70 -55.93 -126.56
CA UNK E 2933 53.68 -55.00 -127.03
C UNK E 2933 52.26 -55.45 -126.75
N UNK E 2934 52.07 -56.07 -125.58
CA UNK E 2934 50.77 -56.60 -125.20
C UNK E 2934 50.64 -56.62 -123.68
N UNK E 2935 50.73 -55.44 -123.07
CA UNK E 2935 50.57 -55.30 -121.64
C UNK E 2935 49.09 -55.18 -121.29
N UNK E 2936 48.74 -54.14 -120.53
CA UNK E 2936 47.37 -53.84 -120.07
C UNK E 2936 46.72 -55.03 -119.36
N UNK E 2937 47.22 -55.33 -118.16
CA UNK E 2937 46.76 -56.42 -117.29
C UNK E 2937 46.81 -57.79 -117.95
N UNK E 2938 47.92 -58.50 -117.77
CA UNK E 2938 48.05 -59.87 -118.24
C UNK E 2938 47.66 -60.82 -117.12
N UNK E 2939 46.43 -60.66 -116.62
CA UNK E 2939 45.96 -61.44 -115.47
C UNK E 2939 45.12 -62.63 -115.88
N UNK E 2940 45.45 -63.19 -117.05
CA UNK E 2940 44.76 -64.38 -117.52
C UNK E 2940 45.58 -65.62 -117.19
N UNK E 2941 46.66 -65.42 -116.43
CA UNK E 2941 47.54 -66.51 -116.02
C UNK E 2941 46.87 -67.39 -114.96
N UNK E 2942 45.91 -66.82 -114.25
CA UNK E 2942 45.18 -67.54 -113.22
C UNK E 2942 44.19 -68.53 -113.83
N UNK E 2943 43.80 -68.25 -115.08
CA UNK E 2943 42.89 -69.13 -115.80
C UNK E 2943 43.58 -70.43 -116.17
N UNK E 2944 44.89 -70.36 -116.37
CA UNK E 2944 45.69 -71.55 -116.65
C UNK E 2944 46.17 -72.16 -115.34
N UNK E 2945 46.32 -71.32 -114.32
CA UNK E 2945 46.77 -71.78 -113.01
C UNK E 2945 45.69 -72.58 -112.31
N UNK E 2946 44.44 -72.20 -112.54
CA UNK E 2946 43.31 -72.92 -111.98
C UNK E 2946 43.01 -74.15 -112.82
N UNK E 2947 43.46 -74.13 -114.06
CA UNK E 2947 43.29 -75.27 -114.96
C UNK E 2947 44.54 -76.14 -114.95
N UNK E 2948 45.48 -75.80 -114.07
CA UNK E 2948 46.71 -76.58 -113.94
C UNK E 2948 46.47 -77.81 -113.07
N UNK E 2949 45.34 -77.82 -112.38
CA UNK E 2949 44.93 -78.96 -111.57
C UNK E 2949 43.91 -79.80 -112.33
N UNK E 2950 44.17 -80.03 -113.62
CA UNK E 2950 43.25 -80.80 -114.45
C UNK E 2950 43.52 -82.30 -114.33
N UNK E 2951 43.52 -82.99 -115.46
CA UNK E 2951 43.79 -84.43 -115.48
C UNK E 2951 45.26 -84.68 -115.20
N UNK E 2952 46.07 -84.68 -116.26
CA UNK E 2952 47.50 -84.89 -116.11
C UNK E 2952 48.26 -84.10 -117.18
N UNK E 2953 54.58 -78.60 -127.78
CA UNK E 2953 53.99 -79.93 -127.74
C UNK E 2953 55.07 -81.00 -127.82
N UNK E 2954 55.38 -81.62 -126.68
CA UNK E 2954 56.40 -82.65 -126.62
C UNK E 2954 55.90 -83.96 -127.21
N UNK E 2955 55.25 -84.77 -126.38
CA UNK E 2955 54.75 -86.07 -126.82
C UNK E 2955 53.27 -85.99 -127.18
N UNK E 2956 52.84 -84.83 -127.65
CA UNK E 2956 51.44 -84.63 -128.06
C UNK E 2956 51.26 -85.02 -129.52
N UNK E 2957 52.38 -85.25 -130.21
CA UNK E 2957 52.35 -85.64 -131.61
C UNK E 2957 52.13 -87.14 -131.76
N UNK E 2958 52.32 -87.87 -130.67
CA UNK E 2958 52.12 -89.32 -130.67
C UNK E 2958 50.74 -89.67 -130.10
N UNK E 2959 49.80 -88.75 -130.22
CA UNK E 2959 48.47 -88.93 -129.69
C UNK E 2959 47.44 -88.15 -130.51
N UNK E 2960 47.90 -87.56 -131.60
CA UNK E 2960 47.04 -86.73 -132.45
C UNK E 2960 46.07 -87.59 -133.25
N UNK E 2961 46.52 -88.05 -134.41
CA UNK E 2961 45.68 -88.88 -135.28
C UNK E 2961 45.75 -90.34 -134.88
N UNK E 2962 46.73 -90.68 -134.04
CA UNK E 2962 46.91 -92.05 -133.56
C UNK E 2962 45.77 -92.44 -132.63
N UNK E 2963 45.39 -91.52 -131.76
CA UNK E 2963 44.28 -91.73 -130.86
C UNK E 2963 42.96 -91.50 -131.59
N UNK E 2964 43.02 -90.76 -132.69
CA UNK E 2964 41.84 -90.50 -133.50
C UNK E 2964 41.50 -91.72 -134.34
N UNK E 2965 42.53 -92.46 -134.75
CA UNK E 2965 42.33 -93.67 -135.53
C UNK E 2965 42.11 -94.86 -134.61
N UNK E 2966 43.18 -95.28 -133.93
CA UNK E 2966 43.13 -96.42 -133.03
C UNK E 2966 42.40 -96.07 -131.74
N UNK E 2967 42.87 -94.00 -123.72
CA UNK E 2967 43.55 -92.75 -124.01
C UNK E 2967 45.00 -93.01 -124.41
N UNK E 2968 45.55 -92.10 -125.21
CA UNK E 2968 46.93 -92.23 -125.67
C UNK E 2968 47.86 -91.41 -124.78
N UNK E 2969 48.05 -91.88 -123.55
CA UNK E 2969 48.93 -91.21 -122.59
C UNK E 2969 49.58 -92.23 -121.66
N UNK E 2970 50.81 -91.95 -121.24
CA UNK E 2970 51.54 -92.87 -120.38
C UNK E 2970 52.04 -92.18 -119.13
N UNK E 2971 53.20 -92.61 -118.65
CA UNK E 2971 53.79 -92.06 -117.43
C UNK E 2971 54.77 -90.93 -117.77
N UNK E 2972 54.74 -90.48 -119.02
CA UNK E 2972 55.59 -89.39 -119.45
C UNK E 2972 54.79 -88.42 -120.32
N UNK E 2973 53.67 -87.95 -119.77
CA UNK E 2973 52.81 -87.01 -120.49
C UNK E 2973 53.18 -85.57 -120.13
N UNK E 2974 52.50 -85.03 -119.13
CA UNK E 2974 52.78 -83.67 -118.67
C UNK E 2974 53.98 -83.66 -117.74
N UNK E 2975 54.35 -84.85 -117.25
CA UNK E 2975 55.51 -85.00 -116.39
C UNK E 2975 56.79 -84.99 -117.21
N UNK E 2976 56.67 -85.19 -118.51
CA UNK E 2976 57.82 -85.17 -119.41
C UNK E 2976 58.34 -83.74 -119.59
N UNK E 2977 57.44 -82.77 -119.53
CA UNK E 2977 57.82 -81.37 -119.67
C UNK E 2977 57.93 -80.70 -118.31
N UNK E 2978 57.77 -81.50 -117.26
CA UNK E 2978 57.85 -80.98 -115.89
C UNK E 2978 59.29 -80.76 -115.46
N UNK E 2979 60.19 -81.60 -115.95
CA UNK E 2979 61.61 -81.47 -115.64
C UNK E 2979 62.23 -80.34 -116.45
N UNK E 2980 61.61 -80.02 -117.58
CA UNK E 2980 62.04 -78.90 -118.41
C UNK E 2980 61.71 -77.58 -117.72
N UNK E 2981 60.63 -77.59 -116.95
CA UNK E 2981 60.24 -76.42 -116.17
C UNK E 2981 61.08 -76.33 -114.90
N UNK E 2982 61.61 -77.47 -114.46
CA UNK E 2982 62.46 -77.53 -113.28
C UNK E 2982 63.80 -76.85 -113.55
N UNK E 2983 64.26 -76.97 -114.79
CA UNK E 2983 65.47 -76.28 -115.21
C UNK E 2983 65.14 -74.80 -115.47
N UNK E 2984 63.91 -74.55 -115.85
CA UNK E 2984 63.44 -73.18 -116.11
C UNK E 2984 63.25 -72.42 -114.81
N UNK E 2985 62.90 -73.14 -113.75
CA UNK E 2985 62.70 -72.53 -112.44
C UNK E 2985 64.02 -72.35 -111.72
N UNK E 2986 65.03 -73.13 -112.13
CA UNK E 2986 66.35 -73.06 -111.53
C UNK E 2986 67.15 -71.89 -112.07
N UNK E 2987 66.67 -71.30 -113.16
CA UNK E 2987 67.33 -70.16 -113.79
C UNK E 2987 67.19 -68.91 -112.94
N UNK E 2988 65.96 -68.60 -112.54
CA UNK E 2988 65.69 -67.41 -111.74
C UNK E 2988 65.85 -67.68 -110.25
N UNK E 2989 66.19 -68.92 -109.92
CA UNK E 2989 66.40 -69.31 -108.53
C UNK E 2989 67.69 -68.68 -108.00
N UNK E 2990 68.69 -68.57 -108.86
CA UNK E 2990 69.96 -67.96 -108.49
C UNK E 2990 70.02 -66.53 -109.02
N UNK E 2991 69.49 -66.32 -110.22
CA UNK E 2991 69.48 -65.00 -110.81
C UNK E 2991 68.42 -64.12 -110.17
N UNK E 2992 68.86 -63.03 -109.56
CA UNK E 2992 67.95 -62.09 -108.93
C UNK E 2992 67.31 -61.17 -109.96
N UNK E 2993 66.31 -61.69 -110.66
CA UNK E 2993 65.58 -60.91 -111.65
C UNK E 2993 64.66 -59.92 -110.97
N UNK E 2994 65.21 -58.78 -110.59
CA UNK E 2994 64.45 -57.75 -109.88
C UNK E 2994 63.54 -56.99 -110.84
N UNK E 2995 63.84 -57.06 -112.12
CA UNK E 2995 63.01 -56.43 -113.14
C UNK E 2995 61.69 -57.17 -113.29
N UNK E 2996 60.59 -56.44 -113.32
CA UNK E 2996 59.26 -57.02 -113.46
C UNK E 2996 59.04 -57.54 -114.87
N UNK E 2997 59.76 -56.96 -115.83
CA UNK E 2997 59.71 -57.41 -117.21
C UNK E 2997 60.42 -58.75 -117.36
N UNK E 2998 61.41 -58.98 -116.51
CA UNK E 2998 62.14 -60.25 -116.50
C UNK E 2998 61.30 -61.33 -115.84
N UNK E 2999 60.41 -60.91 -114.92
CA UNK E 2999 59.54 -61.83 -114.22
C UNK E 2999 58.14 -61.82 -114.83
N UNK E 3000 58.00 -61.16 -115.97
CA UNK E 3000 56.73 -61.07 -116.66
C UNK E 3000 56.37 -62.42 -117.30
N UNK E 3001 57.39 -63.17 -117.68
CA UNK E 3001 57.18 -64.49 -118.25
C UNK E 3001 57.68 -65.55 -117.27
N UNK E 3002 58.07 -65.11 -116.08
CA UNK E 3002 58.61 -66.01 -115.07
C UNK E 3002 57.68 -66.11 -113.88
N UNK E 3003 57.50 -65.00 -113.17
CA UNK E 3003 56.67 -64.97 -111.96
C UNK E 3003 55.20 -65.12 -112.30
N UNK E 3004 54.80 -64.59 -113.46
CA UNK E 3004 53.42 -64.71 -113.91
C UNK E 3004 53.15 -66.12 -114.41
N UNK E 3005 54.20 -66.80 -114.85
CA UNK E 3005 54.08 -68.16 -115.32
C UNK E 3005 54.32 -69.15 -114.19
N UNK E 3006 54.74 -68.64 -113.03
CA UNK E 3006 55.00 -69.48 -111.87
C UNK E 3006 53.71 -69.83 -111.16
N UNK E 3007 52.64 -69.11 -111.46
CA UNK E 3007 51.33 -69.35 -110.86
C UNK E 3007 50.74 -70.67 -111.35
N UNK E 3008 51.01 -70.99 -112.62
CA UNK E 3008 50.55 -72.25 -113.19
C UNK E 3008 51.42 -73.40 -112.71
N UNK E 3009 52.65 -73.07 -112.31
CA UNK E 3009 53.59 -74.07 -111.83
C UNK E 3009 53.45 -74.30 -110.33
N UNK E 3010 52.48 -73.62 -109.72
CA UNK E 3010 52.22 -73.76 -108.30
C UNK E 3010 51.39 -75.00 -108.01
N UNK E 3011 50.80 -75.57 -109.05
CA UNK E 3011 49.99 -76.77 -108.90
C UNK E 3011 50.82 -78.03 -109.05
N UNK E 3012 51.87 -78.15 -108.24
CA UNK E 3012 52.77 -79.29 -108.29
C UNK E 3012 52.14 -80.51 -107.64
N UNK E 3013 51.61 -80.32 -106.44
CA UNK E 3013 50.96 -81.40 -105.70
C UNK E 3013 49.58 -81.69 -106.27
N UNK E 3014 49.03 -80.70 -106.99
CA UNK E 3014 47.75 -80.88 -107.66
C UNK E 3014 47.94 -81.75 -108.89
N UNK E 3015 49.08 -81.60 -109.54
CA UNK E 3015 49.43 -82.44 -110.68
C UNK E 3015 49.87 -83.81 -110.17
N UNK E 3016 50.37 -83.85 -108.94
CA UNK E 3016 50.77 -85.09 -108.31
C UNK E 3016 49.55 -85.75 -107.68
N UNK E 3017 49.72 -87.00 -107.24
CA UNK E 3017 48.67 -87.70 -106.52
C UNK E 3017 48.77 -87.37 -105.04
N UNK E 3018 49.83 -87.88 -104.42
CA UNK E 3018 50.11 -87.59 -103.02
C UNK E 3018 51.27 -86.61 -102.93
N UNK E 3019 52.25 -86.94 -102.07
CA UNK E 3019 53.43 -86.11 -101.91
C UNK E 3019 54.69 -86.87 -102.28
N UNK E 3020 54.66 -87.52 -103.44
CA UNK E 3020 55.79 -88.32 -103.91
C UNK E 3020 56.92 -87.41 -104.40
N UNK E 3021 56.59 -86.47 -105.27
CA UNK E 3021 57.57 -85.53 -105.79
C UNK E 3021 57.46 -84.19 -105.08
N UNK E 3022 57.29 -84.23 -103.77
CA UNK E 3022 57.10 -83.02 -102.98
C UNK E 3022 58.42 -82.41 -102.55
N UNK E 3023 59.52 -83.12 -102.82
CA UNK E 3023 60.85 -82.64 -102.49
C UNK E 3023 61.24 -81.48 -103.39
N UNK E 3024 60.75 -81.51 -104.63
CA UNK E 3024 60.98 -80.44 -105.57
C UNK E 3024 60.17 -79.21 -105.19
N UNK E 3025 58.99 -79.45 -104.62
CA UNK E 3025 58.13 -78.38 -104.16
C UNK E 3025 58.62 -77.81 -102.83
N UNK E 3026 59.45 -78.59 -102.14
CA UNK E 3026 60.01 -78.17 -100.86
C UNK E 3026 61.06 -77.08 -101.03
N UNK E 3027 61.70 -77.05 -102.21
CA UNK E 3027 62.73 -76.06 -102.48
C UNK E 3027 62.17 -74.88 -103.27
N UNK E 3028 60.93 -75.03 -103.74
CA UNK E 3028 60.30 -74.00 -104.56
C UNK E 3028 59.89 -72.79 -103.71
N UNK E 3029 59.67 -73.03 -102.42
CA UNK E 3029 59.25 -71.98 -101.51
C UNK E 3029 60.42 -71.04 -101.19
N UNK E 3030 61.61 -71.60 -101.06
CA UNK E 3030 62.80 -70.83 -100.75
C UNK E 3030 63.19 -69.94 -101.94
N UNK E 3031 62.94 -70.44 -103.14
CA UNK E 3031 63.17 -69.67 -104.35
C UNK E 3031 62.12 -68.57 -104.46
N UNK E 3032 60.91 -68.89 -104.02
CA UNK E 3032 59.81 -67.92 -104.01
C UNK E 3032 60.07 -66.87 -102.94
N UNK E 3033 60.72 -67.29 -101.87
CA UNK E 3033 61.08 -66.37 -100.79
C UNK E 3033 62.20 -65.46 -101.24
N UNK E 3034 63.12 -66.00 -102.04
CA UNK E 3034 64.26 -65.25 -102.55
C UNK E 3034 63.82 -64.22 -103.58
N UNK E 3035 62.70 -64.48 -104.25
CA UNK E 3035 62.13 -63.55 -105.21
C UNK E 3035 61.59 -62.33 -104.49
N UNK E 3036 61.06 -62.54 -103.29
CA UNK E 3036 60.56 -61.47 -102.45
C UNK E 3036 61.70 -60.86 -101.65
N UNK E 3037 62.83 -61.56 -101.61
CA UNK E 3037 64.01 -61.08 -100.91
C UNK E 3037 64.93 -60.31 -101.86
N UNK E 3038 64.41 -59.99 -103.04
CA UNK E 3038 65.16 -59.22 -104.03
C UNK E 3038 64.90 -57.73 -103.87
N UNK E 3039 64.08 -57.39 -102.86
CA UNK E 3039 63.68 -56.03 -102.50
C UNK E 3039 63.04 -55.26 -103.66
N UNK E 3040 61.73 -55.41 -103.79
CA UNK E 3040 60.98 -54.74 -104.85
C UNK E 3040 60.94 -53.23 -104.62
N UNK E 3041 60.82 -52.47 -105.71
CA UNK E 3041 60.77 -51.02 -105.63
C UNK E 3041 59.42 -50.55 -105.12
N UNK E 3042 58.54 -50.17 -106.05
CA UNK E 3042 57.20 -49.73 -105.69
C UNK E 3042 56.20 -50.84 -106.00
N UNK E 3043 55.39 -50.64 -107.03
CA UNK E 3043 54.39 -51.61 -107.43
C UNK E 3043 54.89 -52.49 -108.57
N UNK E 3044 56.18 -52.79 -108.56
CA UNK E 3044 56.77 -53.67 -109.56
C UNK E 3044 56.40 -55.11 -109.26
N UNK E 3045 56.39 -55.45 -107.98
CA UNK E 3045 56.02 -56.79 -107.53
C UNK E 3045 54.89 -56.69 -106.52
N UNK E 3046 54.58 -55.47 -106.10
CA UNK E 3046 53.48 -55.24 -105.17
C UNK E 3046 52.15 -55.36 -105.89
N UNK E 3047 52.14 -54.99 -107.17
CA UNK E 3047 50.96 -55.16 -108.00
C UNK E 3047 50.80 -56.63 -108.37
N UNK E 3048 51.93 -57.32 -108.46
CA UNK E 3048 51.93 -58.75 -108.74
C UNK E 3048 52.07 -59.53 -107.43
N UNK E 3049 51.23 -59.21 -106.46
CA UNK E 3049 51.25 -59.89 -105.17
C UNK E 3049 50.15 -60.96 -105.13
N UNK E 3050 49.72 -61.39 -106.30
CA UNK E 3050 48.70 -62.42 -106.42
C UNK E 3050 49.31 -63.81 -106.28
N UNK E 3051 50.64 -63.85 -106.28
CA UNK E 3051 51.38 -65.09 -106.08
C UNK E 3051 51.35 -65.49 -104.60
N UNK E 3052 51.08 -64.52 -103.74
CA UNK E 3052 50.97 -64.76 -102.30
C UNK E 3052 49.72 -65.58 -101.99
N UNK E 3053 48.71 -65.45 -102.84
CA UNK E 3053 47.51 -66.28 -102.74
C UNK E 3053 47.83 -67.71 -103.15
N UNK E 3054 48.78 -67.83 -104.07
CA UNK E 3054 49.24 -69.14 -104.53
C UNK E 3054 50.32 -69.69 -103.59
N UNK E 3055 50.81 -68.83 -102.70
CA UNK E 3055 51.85 -69.22 -101.75
C UNK E 3055 51.26 -69.72 -100.44
N UNK E 3056 49.95 -69.96 -100.44
CA UNK E 3056 49.27 -70.46 -99.26
C UNK E 3056 49.29 -71.98 -99.22
N UNK E 3057 48.95 -72.60 -100.34
CA UNK E 3057 48.90 -74.06 -100.44
C UNK E 3057 50.29 -74.65 -100.57
N UNK E 3058 51.25 -73.83 -100.99
CA UNK E 3058 52.62 -74.28 -101.19
C UNK E 3058 53.33 -74.48 -99.85
N UNK E 3059 52.87 -73.76 -98.82
CA UNK E 3059 53.50 -73.83 -97.51
C UNK E 3059 52.83 -74.85 -96.61
N UNK E 3060 52.10 -75.79 -97.21
CA UNK E 3060 51.37 -76.80 -96.45
C UNK E 3060 52.24 -78.02 -96.14
N UNK E 3061 52.70 -78.70 -97.18
CA UNK E 3061 53.48 -79.92 -97.01
C UNK E 3061 54.98 -79.63 -96.98
N UNK E 3062 55.34 -78.38 -96.80
CA UNK E 3062 56.74 -77.98 -96.74
C UNK E 3062 57.37 -78.36 -95.41
N UNK E 3063 58.45 -79.14 -95.47
CA UNK E 3063 59.18 -79.52 -94.26
C UNK E 3063 59.94 -78.32 -93.72
N UNK E 3064 59.38 -77.69 -92.69
CA UNK E 3064 59.93 -76.47 -92.12
C UNK E 3064 61.23 -76.73 -91.36
N UNK E 3065 61.45 -77.97 -90.96
CA UNK E 3065 62.72 -78.36 -90.35
C UNK E 3065 63.79 -78.42 -91.43
N UNK E 3066 63.38 -78.81 -92.63
CA UNK E 3066 64.26 -78.81 -93.78
C UNK E 3066 64.32 -77.41 -94.37
N UNK E 3067 63.28 -76.62 -94.10
CA UNK E 3067 63.23 -75.24 -94.56
C UNK E 3067 63.64 -74.29 -93.43
N UNK E 3068 64.35 -74.83 -92.44
CA UNK E 3068 64.83 -74.04 -91.30
C UNK E 3068 65.93 -73.08 -91.74
N UNK E 3069 66.71 -73.50 -92.73
CA UNK E 3069 67.74 -72.64 -93.32
C UNK E 3069 67.06 -71.53 -94.11
N UNK E 3070 65.95 -71.88 -94.75
CA UNK E 3070 65.13 -70.90 -95.46
C UNK E 3070 64.42 -70.02 -94.43
N UNK E 3071 64.09 -70.61 -93.28
CA UNK E 3071 63.52 -69.86 -92.17
C UNK E 3071 64.59 -68.99 -91.54
N UNK E 3072 65.83 -69.47 -91.58
CA UNK E 3072 66.98 -68.68 -91.12
C UNK E 3072 67.23 -67.56 -92.12
N UNK E 3073 66.96 -67.85 -93.39
CA UNK E 3073 67.00 -66.83 -94.43
C UNK E 3073 65.82 -65.89 -94.26
N UNK E 3074 64.70 -66.44 -93.78
CA UNK E 3074 63.52 -65.63 -93.48
C UNK E 3074 63.77 -64.83 -92.21
N UNK E 3075 64.59 -65.38 -91.31
CA UNK E 3075 64.99 -64.67 -90.11
C UNK E 3075 65.90 -63.51 -90.48
N UNK E 3076 66.74 -63.74 -91.49
CA UNK E 3076 67.60 -62.70 -92.02
C UNK E 3076 66.76 -61.68 -92.79
N UNK E 3077 65.69 -62.18 -93.41
CA UNK E 3077 64.74 -61.32 -94.12
C UNK E 3077 63.96 -60.50 -93.10
N UNK E 3078 63.70 -61.10 -91.94
CA UNK E 3078 63.05 -60.39 -90.84
C UNK E 3078 64.02 -59.41 -90.22
N UNK E 3079 65.30 -59.78 -90.23
CA UNK E 3079 66.36 -58.91 -89.70
C UNK E 3079 66.55 -57.70 -90.58
N UNK E 3080 66.42 -57.90 -91.89
CA UNK E 3080 66.51 -56.81 -92.84
C UNK E 3080 65.26 -55.95 -92.75
N UNK E 3081 64.14 -56.58 -92.44
CA UNK E 3081 62.87 -55.88 -92.30
C UNK E 3081 62.86 -55.04 -91.02
N UNK E 3082 63.49 -55.57 -89.97
CA UNK E 3082 63.56 -54.88 -88.70
C UNK E 3082 64.52 -53.69 -88.79
N UNK E 3083 65.53 -53.82 -89.63
CA UNK E 3083 66.51 -52.77 -89.83
C UNK E 3083 65.94 -51.65 -90.69
N UNK E 3084 65.22 -52.02 -91.75
CA UNK E 3084 64.67 -51.05 -92.68
C UNK E 3084 63.52 -50.26 -92.06
N UNK E 3085 62.77 -50.91 -91.18
CA UNK E 3085 61.66 -50.26 -90.50
C UNK E 3085 62.19 -49.31 -89.43
N UNK E 3086 63.35 -49.64 -88.86
CA UNK E 3086 63.96 -48.83 -87.83
C UNK E 3086 64.51 -47.53 -88.41
N UNK E 3087 64.90 -47.57 -89.68
CA UNK E 3087 65.40 -46.39 -90.37
C UNK E 3087 64.25 -45.43 -90.65
N UNK E 3088 63.11 -45.98 -91.04
CA UNK E 3088 61.91 -45.20 -91.30
C UNK E 3088 61.32 -44.68 -90.00
N UNK E 3089 61.52 -45.45 -88.93
CA UNK E 3089 61.08 -45.03 -87.61
C UNK E 3089 61.97 -43.91 -87.09
N UNK E 3090 63.25 -43.98 -87.44
CA UNK E 3090 64.20 -42.93 -87.09
C UNK E 3090 63.93 -41.68 -87.93
N UNK E 3091 63.40 -41.89 -89.13
CA UNK E 3091 62.96 -40.79 -89.97
C UNK E 3091 61.71 -40.16 -89.38
N UNK E 3092 60.89 -40.96 -88.72
CA UNK E 3092 59.70 -40.49 -88.04
C UNK E 3092 60.07 -39.88 -86.69
N UNK E 3093 61.17 -40.36 -86.11
CA UNK E 3093 61.64 -39.85 -84.82
C UNK E 3093 62.29 -38.48 -84.99
N UNK E 3094 62.79 -38.22 -86.19
CA UNK E 3094 63.39 -36.93 -86.51
C UNK E 3094 62.38 -36.00 -87.15
N UNK E 3095 61.18 -35.94 -86.58
CA UNK E 3095 60.13 -35.05 -87.05
C UNK E 3095 60.10 -33.79 -86.21
N UNK E 3096 61.29 -33.23 -85.97
CA UNK E 3096 61.41 -32.01 -85.16
C UNK E 3096 61.29 -30.78 -86.04
N UNK E 3097 61.70 -29.64 -85.48
CA UNK E 3097 61.68 -28.31 -86.13
C UNK E 3097 60.29 -27.91 -86.64
N UNK E 3098 60.29 -27.01 -87.62
CA UNK E 3098 59.04 -26.57 -88.25
C UNK E 3098 58.97 -27.07 -89.68
N UNK E 3099 59.80 -28.08 -89.98
CA UNK E 3099 59.88 -28.64 -91.31
C UNK E 3099 58.67 -29.50 -91.64
N UNK E 3100 58.06 -29.25 -92.79
CA UNK E 3100 56.94 -30.05 -93.26
C UNK E 3100 57.42 -31.05 -94.31
N UNK E 3101 58.65 -31.51 -94.14
CA UNK E 3101 59.25 -32.46 -95.09
C UNK E 3101 59.17 -33.89 -94.55
N UNK E 3102 58.33 -34.09 -93.55
CA UNK E 3102 58.15 -35.42 -92.97
C UNK E 3102 56.91 -36.08 -93.54
N UNK E 3103 56.04 -35.28 -94.16
CA UNK E 3103 54.80 -35.77 -94.73
C UNK E 3103 55.03 -36.34 -96.13
N UNK E 3104 56.22 -36.10 -96.68
CA UNK E 3104 56.57 -36.59 -98.01
C UNK E 3104 57.76 -37.54 -97.95
N UNK E 3105 58.26 -37.78 -96.74
CA UNK E 3105 59.41 -38.65 -96.56
C UNK E 3105 59.07 -39.86 -95.70
N UNK E 3106 58.42 -39.62 -94.57
CA UNK E 3106 58.10 -40.68 -93.63
C UNK E 3106 56.80 -41.38 -93.99
N UNK E 3107 55.91 -40.67 -94.68
CA UNK E 3107 54.61 -41.20 -95.05
C UNK E 3107 54.72 -42.26 -96.13
N UNK E 3108 55.69 -42.08 -97.03
CA UNK E 3108 55.91 -43.04 -98.10
C UNK E 3108 56.84 -44.16 -97.66
N UNK E 3109 57.62 -43.89 -96.61
CA UNK E 3109 58.57 -44.86 -96.08
C UNK E 3109 57.84 -46.00 -95.38
N UNK E 3110 56.81 -45.66 -94.62
CA UNK E 3110 55.99 -46.66 -93.94
C UNK E 3110 55.08 -47.35 -94.95
N UNK E 3111 54.74 -46.64 -96.02
CA UNK E 3111 53.88 -47.18 -97.06
C UNK E 3111 54.62 -48.16 -97.95
N UNK E 3112 55.94 -48.05 -97.97
CA UNK E 3112 56.77 -48.95 -98.77
C UNK E 3112 56.81 -50.33 -98.13
N UNK E 3113 56.73 -50.37 -96.81
CA UNK E 3113 56.74 -51.63 -96.07
C UNK E 3113 55.32 -52.11 -95.82
N UNK E 3114 54.34 -51.31 -96.23
CA UNK E 3114 52.94 -51.64 -96.03
C UNK E 3114 52.50 -52.77 -96.93
N UNK E 3115 52.89 -52.71 -98.20
CA UNK E 3115 52.54 -53.73 -99.16
C UNK E 3115 53.59 -54.84 -99.16
N UNK E 3116 54.67 -54.63 -98.42
CA UNK E 3116 55.75 -55.59 -98.35
C UNK E 3116 55.50 -56.64 -97.28
N UNK E 3117 55.19 -56.19 -96.07
CA UNK E 3117 54.98 -57.08 -94.93
C UNK E 3117 53.63 -57.77 -95.00
N UNK E 3118 52.73 -57.22 -95.81
CA UNK E 3118 51.40 -57.79 -95.99
C UNK E 3118 51.47 -59.13 -96.71
N UNK E 3119 52.39 -59.24 -97.66
CA UNK E 3119 52.59 -60.48 -98.39
C UNK E 3119 53.60 -61.36 -97.65
N UNK E 3120 54.35 -60.76 -96.75
CA UNK E 3120 55.38 -61.48 -96.01
C UNK E 3120 54.80 -62.27 -94.84
N UNK E 3121 53.98 -61.61 -94.04
CA UNK E 3121 53.42 -62.23 -92.84
C UNK E 3121 52.29 -63.20 -93.15
N UNK E 3122 51.71 -63.07 -94.35
CA UNK E 3122 50.59 -63.91 -94.75
C UNK E 3122 51.03 -65.35 -94.98
N UNK E 3123 52.18 -65.52 -95.62
CA UNK E 3123 52.73 -66.85 -95.87
C UNK E 3123 53.49 -67.34 -94.65
N UNK E 3124 53.87 -66.41 -93.78
CA UNK E 3124 54.59 -66.73 -92.57
C UNK E 3124 53.64 -67.27 -91.50
N UNK E 3125 52.36 -66.92 -91.63
CA UNK E 3125 51.35 -67.32 -90.66
C UNK E 3125 51.02 -68.80 -90.78
N UNK E 3126 50.81 -69.26 -92.00
CA UNK E 3126 50.44 -70.65 -92.25
C UNK E 3126 51.62 -71.59 -92.08
N UNK E 3127 52.83 -71.05 -92.21
CA UNK E 3127 54.04 -71.85 -92.08
C UNK E 3127 54.32 -72.22 -90.64
N UNK E 3128 54.22 -71.25 -89.74
CA UNK E 3128 54.50 -71.45 -88.33
C UNK E 3128 53.39 -72.25 -87.65
N UNK E 3129 52.16 -72.06 -88.13
CA UNK E 3129 51.01 -72.75 -87.59
C UNK E 3129 51.04 -74.23 -87.96
N UNK E 3130 51.63 -74.52 -89.11
CA UNK E 3130 51.79 -75.90 -89.54
C UNK E 3130 52.86 -76.59 -88.70
N UNK E 3131 53.88 -75.83 -88.31
CA UNK E 3131 54.98 -76.38 -87.52
C UNK E 3131 54.92 -75.87 -86.09
N UNK E 3132 53.73 -75.92 -85.50
CA UNK E 3132 53.53 -75.41 -84.15
C UNK E 3132 54.05 -76.38 -83.11
N UNK E 3133 53.55 -77.62 -83.16
CA UNK E 3133 53.85 -78.63 -82.15
C UNK E 3133 55.31 -79.07 -82.20
N UNK E 3134 55.91 -79.00 -83.37
CA UNK E 3134 57.33 -79.32 -83.53
C UNK E 3134 58.17 -78.22 -82.90
N UNK E 3135 57.66 -76.99 -82.95
CA UNK E 3135 58.35 -75.85 -82.38
C UNK E 3135 57.97 -75.68 -80.91
N UNK E 3136 56.94 -76.39 -80.46
CA UNK E 3136 56.51 -76.30 -79.07
C UNK E 3136 56.98 -77.50 -78.26
N UNK E 3137 57.61 -78.45 -78.94
CA UNK E 3137 58.10 -79.66 -78.28
C UNK E 3137 59.43 -79.39 -77.58
N UNK E 3138 60.48 -80.08 -78.01
CA UNK E 3138 61.80 -79.92 -77.41
C UNK E 3138 62.55 -78.75 -78.02
N UNK E 3139 62.55 -78.70 -79.35
CA UNK E 3139 63.26 -77.65 -80.08
C UNK E 3139 62.52 -76.32 -79.98
N UNK E 3140 63.27 -75.24 -79.76
CA UNK E 3140 62.68 -73.91 -79.65
C UNK E 3140 63.70 -72.83 -80.03
N UNK E 3141 64.96 -73.24 -80.18
CA UNK E 3141 66.04 -72.31 -80.48
C UNK E 3141 65.94 -71.74 -81.89
N UNK E 3142 65.37 -72.53 -82.80
CA UNK E 3142 65.15 -72.09 -84.16
C UNK E 3142 63.99 -71.08 -84.19
N UNK E 3143 63.06 -71.25 -83.27
CA UNK E 3143 61.92 -70.36 -83.16
C UNK E 3143 62.17 -69.26 -82.12
N UNK E 3144 63.33 -69.31 -81.49
CA UNK E 3144 63.69 -68.33 -80.47
C UNK E 3144 63.96 -66.97 -81.10
N UNK E 3145 64.54 -66.99 -82.30
CA UNK E 3145 64.87 -65.77 -83.01
C UNK E 3145 63.62 -65.09 -83.54
N UNK E 3146 62.61 -65.90 -83.87
CA UNK E 3146 61.36 -65.39 -84.43
C UNK E 3146 60.57 -64.62 -83.39
N UNK E 3147 60.59 -65.13 -82.16
CA UNK E 3147 59.92 -64.46 -81.05
C UNK E 3147 60.71 -63.23 -80.64
N UNK E 3148 62.02 -63.30 -80.77
CA UNK E 3148 62.90 -62.20 -80.40
C UNK E 3148 62.79 -61.04 -81.38
N UNK E 3149 62.53 -61.36 -82.64
CA UNK E 3149 62.44 -60.33 -83.68
C UNK E 3149 60.99 -59.93 -83.94
N UNK E 3150 60.12 -60.21 -82.98
CA UNK E 3150 58.71 -59.86 -83.12
C UNK E 3150 58.39 -58.55 -82.42
N UNK E 3151 59.38 -57.66 -82.35
CA UNK E 3151 59.21 -56.36 -81.73
C UNK E 3151 58.82 -55.31 -82.77
N UNK E 3152 58.55 -55.77 -83.99
CA UNK E 3152 58.15 -54.90 -85.08
C UNK E 3152 56.76 -54.34 -84.83
N UNK E 3153 55.90 -55.14 -84.22
CA UNK E 3153 54.55 -54.70 -83.86
C UNK E 3153 54.63 -53.69 -82.72
N UNK E 3154 55.65 -53.86 -81.87
CA UNK E 3154 55.89 -52.92 -80.79
C UNK E 3154 56.45 -51.61 -81.33
N UNK E 3155 57.18 -51.71 -82.44
CA UNK E 3155 57.80 -50.55 -83.05
C UNK E 3155 56.84 -49.81 -83.97
N UNK E 3156 56.19 -50.55 -84.86
CA UNK E 3156 55.32 -49.95 -85.86
C UNK E 3156 53.88 -49.81 -85.37
N UNK E 3157 53.20 -50.94 -85.21
CA UNK E 3157 51.78 -50.95 -84.86
C UNK E 3157 51.54 -50.80 -83.36
N UNK E 3158 52.17 -49.80 -82.77
CA UNK E 3158 52.02 -49.50 -81.34
C UNK E 3158 52.40 -48.04 -81.12
N UNK E 3159 53.69 -47.80 -80.97
CA UNK E 3159 54.19 -46.44 -80.81
C UNK E 3159 54.39 -45.78 -82.17
N UNK E 3160 53.93 -44.54 -82.28
CA UNK E 3160 54.00 -43.71 -83.49
C UNK E 3160 53.39 -44.40 -84.72
N UNK E 3161 52.15 -44.87 -84.58
CA UNK E 3161 51.47 -45.57 -85.64
C UNK E 3161 50.61 -44.63 -86.48
N UNK E 3162 51.06 -43.40 -86.66
CA UNK E 3162 50.34 -42.44 -87.50
C UNK E 3162 50.53 -42.82 -88.96
N UNK E 3163 51.74 -43.26 -89.29
CA UNK E 3163 52.05 -43.68 -90.65
C UNK E 3163 52.01 -45.20 -90.76
N UNK E 3164 52.22 -45.87 -89.63
CA UNK E 3164 52.22 -47.33 -89.60
C UNK E 3164 50.81 -47.87 -89.76
N UNK E 3165 49.84 -47.20 -89.15
CA UNK E 3165 48.44 -47.58 -89.31
C UNK E 3165 47.77 -46.68 -90.34
N UNK E 3166 48.57 -46.15 -91.25
CA UNK E 3166 48.05 -45.40 -92.39
C UNK E 3166 47.95 -46.34 -93.59
N UNK E 3167 48.19 -47.63 -93.34
CA UNK E 3167 48.14 -48.66 -94.37
C UNK E 3167 46.75 -49.26 -94.49
N UNK E 3168 45.79 -48.66 -93.78
CA UNK E 3168 44.40 -49.09 -93.85
C UNK E 3168 43.83 -48.75 -95.21
N UNK E 3169 44.28 -47.64 -95.78
CA UNK E 3169 43.91 -47.26 -97.14
C UNK E 3169 44.58 -48.19 -98.13
N UNK E 3170 45.79 -48.65 -97.77
CA UNK E 3170 46.50 -49.64 -98.57
C UNK E 3170 45.84 -51.00 -98.41
N UNK E 3171 45.24 -51.22 -97.25
CA UNK E 3171 44.49 -52.43 -96.99
C UNK E 3171 43.14 -52.38 -97.70
N UNK E 3172 42.60 -51.18 -97.85
CA UNK E 3172 41.32 -50.98 -98.53
C UNK E 3172 41.52 -50.94 -100.04
N UNK E 3173 42.77 -50.74 -100.46
CA UNK E 3173 43.10 -50.71 -101.87
C UNK E 3173 43.00 -52.10 -102.48
N UNK E 3174 43.75 -53.05 -101.91
CA UNK E 3174 43.71 -54.43 -102.35
C UNK E 3174 42.63 -55.21 -101.61
N UNK E 3175 39.37 -53.13 -87.53
CA UNK E 3175 39.66 -54.38 -86.85
C UNK E 3175 41.17 -54.63 -86.79
N UNK E 3176 41.55 -55.79 -86.28
CA UNK E 3176 42.95 -56.19 -86.24
C UNK E 3176 43.43 -56.50 -87.65
N UNK E 3177 44.71 -56.27 -87.91
CA UNK E 3177 45.24 -56.45 -89.26
C UNK E 3177 46.68 -56.92 -89.27
N UNK E 3178 46.86 -58.23 -89.41
CA UNK E 3178 48.16 -58.89 -89.64
C UNK E 3178 49.23 -58.61 -88.58
N UNK E 3179 49.76 -57.39 -88.58
CA UNK E 3179 50.84 -56.99 -87.70
C UNK E 3179 50.44 -57.01 -86.22
N UNK E 3180 49.17 -56.73 -85.96
CA UNK E 3180 48.64 -56.82 -84.61
C UNK E 3180 48.39 -58.27 -84.24
N UNK E 3181 48.00 -59.06 -85.23
CA UNK E 3181 47.64 -60.47 -85.01
C UNK E 3181 48.83 -61.39 -85.23
N UNK E 3182 50.00 -60.82 -85.52
CA UNK E 3182 51.20 -61.60 -85.77
C UNK E 3182 51.72 -62.21 -84.48
N UNK E 3183 51.78 -61.39 -83.43
CA UNK E 3183 52.26 -61.83 -82.13
C UNK E 3183 51.26 -62.75 -81.45
N UNK E 3184 49.99 -62.62 -81.84
CA UNK E 3184 48.92 -63.43 -81.28
C UNK E 3184 49.06 -64.90 -81.67
N UNK E 3185 49.64 -65.15 -82.84
CA UNK E 3185 49.84 -66.51 -83.31
C UNK E 3185 51.23 -67.02 -82.94
N UNK E 3186 51.92 -66.31 -82.06
CA UNK E 3186 53.29 -66.67 -81.71
C UNK E 3186 53.61 -66.40 -80.24
N UNK E 3187 52.62 -65.92 -79.49
CA UNK E 3187 52.83 -65.63 -78.07
C UNK E 3187 52.88 -66.90 -77.24
N UNK E 3188 52.35 -67.98 -77.80
CA UNK E 3188 52.31 -69.27 -77.12
C UNK E 3188 53.71 -69.86 -76.97
N UNK E 3189 54.43 -69.93 -78.08
CA UNK E 3189 55.77 -70.51 -78.07
C UNK E 3189 56.80 -69.54 -77.50
N UNK E 3190 56.45 -68.25 -77.48
CA UNK E 3190 57.35 -67.22 -76.98
C UNK E 3190 57.52 -67.31 -75.47
N UNK E 3191 56.41 -67.51 -74.77
CA UNK E 3191 56.43 -67.59 -73.31
C UNK E 3191 56.68 -69.02 -72.85
N UNK E 3192 56.70 -69.95 -73.80
CA UNK E 3192 56.93 -71.35 -73.50
C UNK E 3192 58.38 -71.57 -73.07
N UNK E 3193 59.30 -70.96 -73.80
CA UNK E 3193 60.72 -71.09 -73.50
C UNK E 3193 61.22 -69.89 -72.72
N UNK E 3194 60.29 -69.10 -72.18
CA UNK E 3194 60.65 -67.96 -71.35
C UNK E 3194 61.23 -68.45 -70.03
N UNK E 3195 60.45 -69.29 -69.36
CA UNK E 3195 60.90 -69.93 -68.12
C UNK E 3195 60.17 -71.25 -67.96
N UNK E 3196 60.63 -72.06 -67.02
CA UNK E 3196 59.94 -73.30 -66.68
C UNK E 3196 59.04 -73.06 -65.48
N UNK E 3197 58.18 -72.03 -65.60
CA UNK E 3197 57.38 -71.45 -64.52
C UNK E 3197 58.26 -71.09 -63.32
N UNK E 3198 57.67 -71.17 -62.13
CA UNK E 3198 58.36 -70.99 -60.84
C UNK E 3198 59.14 -69.67 -60.70
N UNK E 3199 58.69 -68.63 -61.39
CA UNK E 3199 59.40 -67.37 -61.42
C UNK E 3199 58.46 -66.23 -61.76
N UNK E 3200 57.89 -66.30 -62.97
CA UNK E 3200 57.00 -65.28 -63.54
C UNK E 3200 57.62 -63.89 -63.52
N UNK E 3201 57.27 -63.11 -62.49
CA UNK E 3201 57.74 -61.75 -62.24
C UNK E 3201 57.50 -60.78 -63.41
N UNK E 3202 56.46 -61.06 -64.19
CA UNK E 3202 56.11 -60.22 -65.33
C UNK E 3202 55.23 -59.08 -64.85
N UNK E 3203 54.43 -59.38 -63.83
CA UNK E 3203 53.61 -58.36 -63.18
C UNK E 3203 54.49 -57.45 -62.36
N UNK E 3204 55.62 -58.00 -61.90
CA UNK E 3204 56.64 -57.22 -61.21
C UNK E 3204 57.30 -56.24 -62.17
N UNK E 3205 57.39 -56.63 -63.44
CA UNK E 3205 57.99 -55.79 -64.47
C UNK E 3205 56.93 -55.12 -65.34
N UNK E 3206 55.66 -55.30 -64.98
CA UNK E 3206 54.57 -54.72 -65.74
C UNK E 3206 54.47 -53.22 -65.47
N UNK E 3207 54.36 -52.86 -64.20
CA UNK E 3207 54.14 -51.47 -63.79
C UNK E 3207 55.38 -50.62 -64.02
N UNK E 3208 56.55 -51.25 -64.00
CA UNK E 3208 57.80 -50.54 -64.27
C UNK E 3208 57.89 -50.17 -65.74
N UNK E 3209 57.32 -51.01 -66.60
CA UNK E 3209 57.31 -50.77 -68.03
C UNK E 3209 56.02 -50.05 -68.44
N UNK E 3210 55.09 -49.91 -67.51
CA UNK E 3210 53.83 -49.22 -67.78
C UNK E 3210 54.02 -47.72 -67.70
N UNK E 3211 55.09 -47.30 -67.02
CA UNK E 3211 55.39 -45.88 -66.87
C UNK E 3211 56.30 -45.40 -68.01
N UNK E 3212 56.63 -46.33 -68.92
CA UNK E 3212 57.51 -46.11 -70.08
C UNK E 3212 58.88 -45.56 -69.69
N UNK E 3213 59.39 -46.02 -68.55
CA UNK E 3213 60.69 -45.58 -68.07
C UNK E 3213 61.80 -46.38 -68.74
N UNK E 3214 62.05 -46.06 -70.01
CA UNK E 3214 63.09 -46.66 -70.85
C UNK E 3214 63.00 -48.19 -70.96
N UNK E 3215 64.11 -48.79 -71.39
CA UNK E 3215 64.19 -50.24 -71.52
C UNK E 3215 65.39 -50.76 -70.73
N UNK E 3216 66.45 -49.95 -70.71
CA UNK E 3216 67.64 -50.27 -69.93
C UNK E 3216 67.32 -50.10 -68.46
N UNK E 3217 66.48 -49.11 -68.15
CA UNK E 3217 66.03 -48.87 -66.78
C UNK E 3217 65.07 -49.96 -66.34
N UNK E 3218 64.36 -50.53 -67.32
CA UNK E 3218 63.52 -51.70 -67.08
C UNK E 3218 64.42 -52.89 -66.81
N UNK E 3219 65.55 -52.93 -67.50
CA UNK E 3219 66.56 -53.97 -67.29
C UNK E 3219 67.33 -53.70 -66.00
N UNK E 3220 67.47 -52.42 -65.65
CA UNK E 3220 68.15 -52.04 -64.42
C UNK E 3220 67.30 -52.38 -63.21
N UNK E 3221 65.99 -52.29 -63.39
CA UNK E 3221 65.05 -52.64 -62.32
C UNK E 3221 65.08 -54.14 -62.07
N UNK E 3222 65.35 -54.90 -63.13
CA UNK E 3222 65.48 -56.34 -63.02
C UNK E 3222 66.79 -56.72 -62.35
N UNK E 3223 67.86 -56.04 -62.76
CA UNK E 3223 69.19 -56.32 -62.22
C UNK E 3223 69.31 -55.80 -60.79
N UNK E 3224 68.98 -54.54 -60.59
CA UNK E 3224 69.03 -53.93 -59.26
C UNK E 3224 67.67 -53.99 -58.58
N UNK E 3225 66.71 -54.65 -59.23
CA UNK E 3225 65.39 -54.85 -58.64
C UNK E 3225 65.31 -56.24 -58.00
N UNK E 3226 66.48 -56.89 -57.90
CA UNK E 3226 66.66 -58.23 -57.30
C UNK E 3226 65.79 -59.30 -57.95
N UNK E 3227 65.56 -60.39 -57.21
CA UNK E 3227 64.75 -61.49 -57.71
C UNK E 3227 64.12 -62.24 -56.54
N UNK E 3228 62.97 -62.87 -56.80
CA UNK E 3228 62.26 -63.62 -55.77
C UNK E 3228 61.40 -64.72 -56.39
N UNK E 3229 61.53 -65.92 -55.85
CA UNK E 3229 60.75 -67.07 -56.32
C UNK E 3229 60.57 -68.08 -55.19
N UNK E 3230 59.32 -68.28 -54.77
CA UNK E 3230 59.02 -69.18 -53.67
C UNK E 3230 58.09 -70.32 -54.12
N UNK E 3231 57.68 -71.14 -53.16
CA UNK E 3231 56.81 -72.28 -53.44
C UNK E 3231 55.37 -72.01 -53.01
N UNK E 3232 54.42 -72.44 -53.82
CA UNK E 3232 53.01 -72.25 -53.52
C UNK E 3232 52.20 -73.50 -53.87
N UNK E 3233 50.97 -73.29 -54.32
CA UNK E 3233 50.09 -74.39 -54.68
C UNK E 3233 50.00 -74.52 -56.19
N UNK E 3234 50.53 -73.54 -56.91
CA UNK E 3234 50.49 -73.54 -58.37
C UNK E 3234 51.81 -74.03 -58.94
N UNK E 3235 52.81 -74.14 -58.07
CA UNK E 3235 54.13 -74.65 -58.46
C UNK E 3235 54.04 -76.14 -58.75
N UNK E 3236 53.15 -76.82 -58.04
CA UNK E 3236 52.89 -78.22 -58.27
C UNK E 3236 51.95 -78.39 -59.45
N UNK E 3237 51.28 -77.31 -59.82
CA UNK E 3237 50.38 -77.31 -60.96
C UNK E 3237 51.15 -77.05 -62.25
N UNK E 3238 51.90 -75.95 -62.25
CA UNK E 3238 52.57 -75.50 -63.47
C UNK E 3238 54.03 -75.94 -63.54
N UNK E 3239 54.81 -75.63 -62.50
CA UNK E 3239 56.25 -75.84 -62.52
C UNK E 3239 56.66 -77.30 -62.34
N UNK E 3240 55.70 -78.16 -62.00
CA UNK E 3240 55.99 -79.58 -61.83
C UNK E 3240 56.25 -80.25 -63.17
N UNK E 3241 55.58 -79.74 -64.20
CA UNK E 3241 55.70 -80.31 -65.54
C UNK E 3241 56.71 -79.54 -66.38
N UNK E 3242 56.76 -78.23 -66.17
CA UNK E 3242 57.63 -77.35 -66.96
C UNK E 3242 59.10 -77.57 -66.66
N UNK E 3243 59.39 -78.01 -65.43
CA UNK E 3243 60.74 -78.36 -65.04
C UNK E 3243 61.11 -79.74 -65.57
N UNK E 3244 60.10 -80.50 -65.97
CA UNK E 3244 60.31 -81.82 -66.55
C UNK E 3244 60.29 -81.75 -68.08
N UNK E 3245 59.62 -80.72 -68.61
CA UNK E 3245 59.51 -80.56 -70.05
C UNK E 3245 60.65 -79.74 -70.62
N UNK E 3246 61.40 -79.08 -69.73
CA UNK E 3246 62.52 -78.25 -70.16
C UNK E 3246 63.71 -79.10 -70.58
N UNK E 3247 64.40 -79.67 -69.58
CA UNK E 3247 65.60 -80.49 -69.75
C UNK E 3247 66.70 -79.79 -70.53
N UNK E 3248 66.88 -78.50 -70.25
CA UNK E 3248 67.86 -77.68 -70.96
C UNK E 3248 68.85 -77.04 -70.00
N UNK E 3249 69.44 -75.93 -70.41
CA UNK E 3249 70.42 -75.23 -69.60
C UNK E 3249 69.77 -74.24 -68.65
N UNK E 3250 70.61 -73.48 -67.95
CA UNK E 3250 70.12 -72.47 -67.00
C UNK E 3250 71.14 -71.34 -66.86
N UNK E 3251 70.64 -70.11 -66.78
CA UNK E 3251 71.51 -68.95 -66.68
C UNK E 3251 70.96 -67.91 -65.72
N UNK E 3252 71.85 -67.07 -65.21
CA UNK E 3252 71.46 -66.00 -64.30
C UNK E 3252 71.31 -64.69 -65.07
N UNK E 3253 72.12 -64.54 -66.12
CA UNK E 3253 72.08 -63.33 -66.94
C UNK E 3253 70.88 -63.33 -67.87
N UNK E 3254 70.43 -64.52 -68.24
CA UNK E 3254 69.29 -64.67 -69.14
C UNK E 3254 67.98 -64.59 -68.36
N UNK E 3255 68.08 -64.62 -67.04
CA UNK E 3255 66.90 -64.51 -66.17
C UNK E 3255 66.33 -63.11 -66.22
N UNK E 3256 67.21 -62.12 -66.42
CA UNK E 3256 66.77 -60.74 -66.53
C UNK E 3256 66.52 -60.38 -67.99
N UNK E 3257 67.19 -61.09 -68.88
CA UNK E 3257 67.09 -60.80 -70.31
C UNK E 3257 65.77 -61.30 -70.90
N UNK E 3258 65.47 -62.57 -70.66
CA UNK E 3258 64.29 -63.20 -71.24
C UNK E 3258 63.01 -62.69 -70.59
N UNK E 3259 63.10 -62.27 -69.33
CA UNK E 3259 61.94 -61.78 -68.61
C UNK E 3259 61.53 -60.39 -69.11
N UNK E 3260 62.50 -59.49 -69.18
CA UNK E 3260 62.24 -58.10 -69.55
C UNK E 3260 61.90 -57.94 -71.02
N UNK E 3261 62.29 -58.92 -71.83
CA UNK E 3261 62.03 -58.87 -73.27
C UNK E 3261 60.55 -59.07 -73.57
N UNK E 3262 59.90 -59.95 -72.82
CA UNK E 3262 58.50 -60.27 -73.06
C UNK E 3262 57.57 -59.55 -72.10
N UNK E 3263 58.13 -58.88 -71.11
CA UNK E 3263 57.34 -58.16 -70.11
C UNK E 3263 56.67 -56.94 -70.73
N UNK E 3264 57.49 -56.04 -71.26
CA UNK E 3264 56.99 -54.82 -71.89
C UNK E 3264 56.33 -55.13 -73.22
N UNK E 3265 56.71 -56.25 -73.82
CA UNK E 3265 56.12 -56.71 -75.06
C UNK E 3265 54.66 -57.09 -74.85
N UNK E 3266 54.40 -57.77 -73.73
CA UNK E 3266 53.04 -58.13 -73.37
C UNK E 3266 52.31 -56.92 -72.83
N UNK E 3267 53.05 -56.03 -72.18
CA UNK E 3267 52.47 -54.83 -71.57
C UNK E 3267 51.99 -53.86 -72.63
N UNK E 3268 52.76 -53.74 -73.71
CA UNK E 3268 52.37 -52.91 -74.84
C UNK E 3268 51.23 -53.59 -75.57
N UNK E 3269 51.23 -54.91 -75.56
CA UNK E 3269 50.16 -55.69 -76.17
C UNK E 3269 48.89 -55.55 -75.35
N UNK E 3270 49.04 -55.50 -74.03
CA UNK E 3270 47.90 -55.32 -73.14
C UNK E 3270 47.40 -53.89 -73.18
N UNK E 3271 48.29 -52.96 -73.52
CA UNK E 3271 47.93 -51.55 -73.61
C UNK E 3271 47.05 -51.29 -74.82
N UNK E 3272 47.18 -52.13 -75.83
CA UNK E 3272 46.37 -52.00 -77.04
C UNK E 3272 45.39 -53.16 -77.15
N UNK E 3273 45.03 -53.74 -76.00
CA UNK E 3273 44.07 -54.83 -75.96
C UNK E 3273 42.75 -54.35 -75.39
N UNK E 3274 42.80 -53.87 -74.15
CA UNK E 3274 41.60 -53.37 -73.47
C UNK E 3274 41.21 -52.01 -74.03
N UNK E 3275 42.19 -51.27 -74.53
CA UNK E 3275 41.93 -49.96 -75.12
C UNK E 3275 41.42 -50.10 -76.54
N UNK E 3276 41.66 -51.26 -77.14
CA UNK E 3276 41.17 -51.54 -78.49
C UNK E 3276 39.66 -51.74 -78.47
N UNK E 3277 39.18 -52.54 -77.52
CA UNK E 3277 37.76 -52.78 -77.37
C UNK E 3277 37.13 -51.73 -76.45
N THR E 3278 22.55 -16.19 -98.41
CA THR E 3278 22.05 -15.39 -99.52
C THR E 3278 23.00 -14.22 -99.82
N PRO E 3279 23.14 -13.85 -101.09
CA PRO E 3279 23.98 -12.71 -101.44
C PRO E 3279 23.24 -11.39 -101.27
N LEU E 3280 24.01 -10.31 -101.27
CA LEU E 3280 23.42 -8.98 -101.18
C LEU E 3280 22.75 -8.59 -102.48
N TYR E 3281 23.24 -9.10 -103.61
CA TYR E 3281 22.61 -8.87 -104.90
C TYR E 3281 21.47 -9.87 -105.09
N ASN E 3282 20.99 -9.98 -106.33
CA ASN E 3282 19.80 -10.68 -106.83
C ASN E 3282 18.58 -10.56 -105.90
N LEU E 3283 18.37 -9.36 -105.38
CA LEU E 3283 17.35 -9.00 -104.41
C LEU E 3283 16.64 -7.75 -104.93
N PRO E 3284 15.35 -7.60 -104.63
CA PRO E 3284 14.66 -6.35 -104.97
C PRO E 3284 15.22 -5.16 -104.20
N THR E 3285 15.37 -4.05 -104.91
CA THR E 3285 16.03 -2.88 -104.33
C THR E 3285 15.15 -2.23 -103.27
N HIS E 3286 13.85 -2.11 -103.54
CA HIS E 3286 12.91 -1.58 -102.54
C HIS E 3286 12.81 -2.49 -101.34
N ARG E 3287 13.00 -3.80 -101.54
CA ARG E 3287 13.13 -4.72 -100.43
C ARG E 3287 14.42 -4.48 -99.66
N ALA E 3288 15.48 -4.09 -100.38
CA ALA E 3288 16.78 -3.87 -99.78
C ALA E 3288 16.94 -2.47 -99.20
N CYS E 3289 16.39 -1.46 -99.89
CA CYS E 3289 16.52 -0.08 -99.42
C CYS E 3289 15.70 0.15 -98.15
N ASN E 3290 14.52 -0.46 -98.07
CA ASN E 3290 13.75 -0.42 -96.84
C ASN E 3290 14.44 -1.20 -95.74
N MET E 3291 15.18 -2.27 -96.09
CA MET E 3291 16.02 -2.94 -95.13
C MET E 3291 17.21 -2.07 -94.73
N PHE E 3292 17.76 -1.33 -95.69
CA PHE E 3292 18.94 -0.51 -95.42
C PHE E 3292 18.62 0.67 -94.51
N LEU E 3293 17.41 1.22 -94.62
CA LEU E 3293 17.05 2.37 -93.81
C LEU E 3293 16.90 1.99 -92.34
N GLU E 3294 16.36 0.81 -92.08
CA GLU E 3294 16.29 0.34 -90.70
C GLU E 3294 17.67 -0.07 -90.20
N SER E 3295 18.52 -0.59 -91.09
CA SER E 3295 19.87 -1.03 -90.74
C SER E 3295 20.87 0.11 -90.72
N TYR E 3296 20.40 1.34 -90.60
CA TYR E 3296 21.19 2.55 -90.41
C TYR E 3296 21.54 2.78 -88.94
N LYS E 3297 21.40 1.73 -88.11
CA LYS E 3297 21.24 1.89 -86.67
C LYS E 3297 22.51 2.41 -85.99
N ALA E 3298 23.69 1.99 -86.46
CA ALA E 3298 24.92 2.54 -85.90
C ALA E 3298 25.12 3.99 -86.31
N ALA E 3299 24.61 4.38 -87.47
CA ALA E 3299 24.68 5.76 -87.92
C ALA E 3299 23.43 6.56 -87.54
N TRP E 3300 22.67 6.08 -86.56
CA TRP E 3300 21.50 6.81 -86.09
C TRP E 3300 21.90 8.05 -85.30
N ILE E 3301 20.90 8.70 -84.71
CA ILE E 3301 21.07 9.96 -83.99
C ILE E 3301 21.45 9.71 -82.55
N LEU E 3302 21.86 8.49 -82.23
CA LEU E 3302 22.29 8.13 -80.88
C LEU E 3302 23.67 8.70 -80.57
N THR E 3303 23.77 10.03 -80.54
CA THR E 3303 24.98 10.77 -80.26
C THR E 3303 24.68 11.75 -79.13
N GLU E 3304 25.74 12.39 -78.63
CA GLU E 3304 25.58 13.44 -77.63
C GLU E 3304 25.16 14.71 -78.36
N ASP E 3305 23.86 14.97 -78.40
CA ASP E 3305 23.37 16.13 -79.14
C ASP E 3305 23.57 17.42 -78.35
N HIS E 3306 22.99 17.49 -77.15
CA HIS E 3306 23.20 18.49 -76.10
C HIS E 3306 22.65 19.88 -76.46
N SER E 3307 22.15 20.08 -77.68
CA SER E 3307 21.83 21.41 -78.17
C SER E 3307 20.51 21.97 -77.64
N PHE E 3308 19.65 21.13 -77.08
CA PHE E 3308 18.34 21.58 -76.63
C PHE E 3308 18.07 21.12 -75.21
N GLU E 3309 19.13 20.86 -74.46
CA GLU E 3309 19.03 20.44 -73.07
C GLU E 3309 19.48 21.52 -72.10
N ASP E 3310 20.61 22.16 -72.40
CA ASP E 3310 21.02 23.32 -71.62
C ASP E 3310 20.50 24.60 -72.27
N ARG E 3311 20.58 24.67 -73.59
CA ARG E 3311 20.27 25.91 -74.32
C ARG E 3311 18.78 26.20 -74.29
N MET E 3312 17.95 25.16 -74.42
CA MET E 3312 16.52 25.36 -74.54
C MET E 3312 15.89 25.76 -73.21
N ILE E 3313 16.54 25.43 -72.10
CA ILE E 3313 16.04 25.86 -70.80
C ILE E 3313 16.25 27.34 -70.59
N ASP E 3314 17.37 27.89 -71.08
CA ASP E 3314 17.84 29.20 -70.65
C ASP E 3314 16.97 30.32 -71.20
N ASP E 3315 16.69 30.29 -72.50
CA ASP E 3315 15.92 31.37 -73.13
C ASP E 3315 14.46 31.39 -72.70
N LEU E 3316 13.94 30.28 -72.17
CA LEU E 3316 12.57 30.27 -71.68
C LEU E 3316 12.41 31.05 -70.39
N SER E 3317 13.51 31.25 -69.65
CA SER E 3317 13.50 32.05 -68.44
C SER E 3317 14.22 33.38 -68.59
N LYS E 3318 15.19 33.46 -69.49
CA LYS E 3318 15.97 34.68 -69.64
C LYS E 3318 15.21 35.76 -70.40
N ALA E 3319 14.51 35.36 -71.47
CA ALA E 3319 13.81 36.33 -72.31
C ALA E 3319 12.60 36.94 -71.61
N GLY E 3320 12.04 36.26 -70.62
CA GLY E 3320 11.01 36.87 -69.79
C GLY E 3320 11.54 37.97 -68.90
N GLU E 3321 12.84 37.95 -68.61
CA GLU E 3321 13.50 38.98 -67.81
C GLU E 3321 14.13 40.06 -68.68
N GLN E 3322 13.55 40.35 -69.83
CA GLN E 3322 14.08 41.36 -70.72
C GLN E 3322 13.80 42.76 -70.17
N GLU E 3323 14.82 43.62 -70.24
CA GLU E 3323 14.68 44.99 -69.75
C GLU E 3323 13.80 45.84 -70.65
N GLU E 3324 13.63 45.46 -71.92
CA GLU E 3324 12.74 46.18 -72.82
C GLU E 3324 11.28 45.98 -72.42
N GLU E 3325 10.96 44.85 -71.79
CA GLU E 3325 9.61 44.59 -71.28
C GLU E 3325 9.49 45.09 -69.84
N GLU E 3326 9.69 46.40 -69.68
CA GLU E 3326 9.65 47.04 -68.37
C GLU E 3326 9.28 48.50 -68.56
N GLU E 3327 8.02 48.83 -68.31
CA GLU E 3327 7.56 50.22 -68.38
C GLU E 3327 6.45 50.38 -67.33
N GLU E 3328 6.85 50.79 -66.13
CA GLU E 3328 5.98 50.97 -64.95
C GLU E 3328 5.19 49.70 -64.65
N VAL E 3329 5.94 48.63 -64.34
CA VAL E 3329 5.33 47.32 -64.19
C VAL E 3329 4.61 47.20 -62.85
N GLU E 3330 5.38 47.30 -61.75
CA GLU E 3330 4.92 47.10 -60.37
C GLU E 3330 4.24 45.74 -60.17
N GLU E 3331 4.66 44.75 -60.93
CA GLU E 3331 4.09 43.41 -60.94
C GLU E 3331 5.10 42.48 -61.60
N LYS E 3332 4.67 41.27 -61.94
CA LYS E 3332 5.55 40.31 -62.62
C LYS E 3332 4.67 39.39 -63.47
N LYS E 3333 4.70 39.60 -64.78
CA LYS E 3333 4.11 38.61 -65.66
C LYS E 3333 5.00 37.36 -65.67
N PRO E 3334 4.41 36.17 -65.82
CA PRO E 3334 5.20 34.95 -65.65
C PRO E 3334 6.15 34.71 -66.81
N ASP E 3335 7.13 33.85 -66.54
CA ASP E 3335 8.14 33.53 -67.54
C ASP E 3335 7.52 32.69 -68.66
N PRO E 3336 8.11 32.74 -69.86
CA PRO E 3336 7.77 31.74 -70.89
C PRO E 3336 8.02 30.32 -70.41
N LEU E 3337 9.06 30.12 -69.60
CA LEU E 3337 9.21 28.88 -68.87
C LEU E 3337 8.05 28.68 -67.90
N HIS E 3338 7.68 29.73 -67.17
CA HIS E 3338 6.67 29.59 -66.13
C HIS E 3338 5.27 29.48 -66.72
N GLN E 3339 5.00 30.19 -67.82
CA GLN E 3339 3.70 30.04 -68.47
C GLN E 3339 3.57 28.67 -69.13
N LEU E 3340 4.70 28.07 -69.52
CA LEU E 3340 4.68 26.69 -69.98
C LEU E 3340 4.28 25.75 -68.86
N VAL E 3341 4.74 26.02 -67.64
CA VAL E 3341 4.36 25.23 -66.48
C VAL E 3341 2.88 25.43 -66.18
N LEU E 3342 2.41 26.68 -66.28
CA LEU E 3342 1.01 26.98 -65.98
C LEU E 3342 0.07 26.37 -67.01
N HIS E 3343 0.55 26.17 -68.24
CA HIS E 3343 -0.22 25.39 -69.20
C HIS E 3343 -0.31 23.93 -68.77
N PHE E 3344 0.82 23.36 -68.33
CA PHE E 3344 0.81 21.99 -67.83
C PHE E 3344 0.08 21.89 -66.50
N SER E 3345 0.04 22.98 -65.74
CA SER E 3345 -0.67 22.97 -64.47
C SER E 3345 -2.17 22.99 -64.68
N ARG E 3346 -2.65 23.82 -65.62
CA ARG E 3346 -4.08 24.02 -65.79
C ARG E 3346 -4.74 22.77 -66.37
N THR E 3347 -4.07 22.08 -67.29
CA THR E 3347 -4.62 20.86 -67.85
C THR E 3347 -4.64 19.72 -66.84
N ALA E 3348 -3.82 19.78 -65.79
CA ALA E 3348 -3.89 18.78 -64.74
C ALA E 3348 -5.13 18.95 -63.89
N LEU E 3349 -5.72 20.14 -63.85
CA LEU E 3349 -6.94 20.38 -63.10
C LEU E 3349 -8.16 19.79 -63.78
N THR E 3350 -8.07 19.50 -65.08
CA THR E 3350 -9.19 18.94 -65.82
C THR E 3350 -9.33 17.46 -65.43
N GLU E 3351 -10.36 17.17 -64.65
CA GLU E 3351 -10.57 15.80 -64.20
C GLU E 3351 -11.25 14.97 -65.27
N LYS E 3352 -11.02 13.66 -65.19
CA LYS E 3352 -11.53 12.66 -66.11
C LYS E 3352 -11.27 11.31 -65.46
N SER E 3353 -12.02 10.29 -65.89
CA SER E 3353 -11.78 8.93 -65.40
C SER E 3353 -10.44 8.38 -65.88
N LYS E 3354 -9.93 8.88 -67.00
CA LYS E 3354 -8.61 8.50 -67.49
C LYS E 3354 -7.77 9.72 -67.81
N LEU E 3355 -6.63 9.51 -68.45
CA LEU E 3355 -5.78 10.61 -68.90
C LEU E 3355 -5.17 10.22 -70.24
N ASP E 3356 -5.02 11.20 -71.12
CA ASP E 3356 -4.58 10.96 -72.49
C ASP E 3356 -3.09 10.68 -72.54
N GLU E 3357 -2.59 10.49 -73.77
CA GLU E 3357 -1.17 10.20 -73.98
C GLU E 3357 -0.33 11.44 -73.73
N ASP E 3358 -0.59 12.51 -74.51
CA ASP E 3358 0.10 13.80 -74.45
C ASP E 3358 1.62 13.63 -74.63
N TYR E 3359 1.96 13.24 -75.87
CA TYR E 3359 3.35 13.10 -76.28
C TYR E 3359 4.14 14.40 -76.13
N LEU E 3360 3.45 15.54 -76.17
CA LEU E 3360 4.09 16.82 -75.92
C LEU E 3360 4.60 16.93 -74.50
N TYR E 3361 3.83 16.44 -73.53
CA TYR E 3361 4.18 16.61 -72.12
C TYR E 3361 5.40 15.81 -71.73
N MET E 3362 5.55 14.60 -72.30
CA MET E 3362 6.68 13.76 -71.96
C MET E 3362 8.00 14.29 -72.49
N ALA E 3363 7.95 15.14 -73.51
CA ALA E 3363 9.18 15.68 -74.07
C ALA E 3363 9.79 16.71 -73.13
N TYR E 3364 9.01 17.71 -72.72
CA TYR E 3364 9.51 18.79 -71.88
C TYR E 3364 9.87 18.34 -70.48
N ALA E 3365 9.27 17.24 -70.01
CA ALA E 3365 9.65 16.68 -68.73
C ALA E 3365 11.07 16.12 -68.76
N ASP E 3366 11.48 15.57 -69.89
CA ASP E 3366 12.84 15.06 -70.02
C ASP E 3366 13.84 16.21 -70.10
N ILE E 3367 13.47 17.30 -70.76
CA ILE E 3367 14.37 18.42 -70.97
C ILE E 3367 14.65 19.12 -69.65
N MET E 3368 13.63 19.29 -68.83
CA MET E 3368 13.82 19.87 -67.50
C MET E 3368 14.57 18.92 -66.59
N ALA E 3369 14.39 17.60 -66.76
CA ALA E 3369 15.11 16.64 -65.94
C ALA E 3369 16.58 16.61 -66.30
N LYS E 3370 16.90 16.68 -67.59
CA LYS E 3370 18.30 16.68 -68.01
C LYS E 3370 18.99 18.01 -67.73
N SER E 3371 18.24 19.08 -67.49
CA SER E 3371 18.84 20.33 -67.08
C SER E 3371 19.46 20.21 -65.69
N CYS E 3372 18.74 19.57 -64.76
CA CYS E 3372 19.32 19.26 -63.46
C CYS E 3372 20.30 18.10 -63.56
N HIS E 3373 20.07 17.15 -64.47
CA HIS E 3373 20.99 16.05 -64.67
C HIS E 3373 22.23 16.45 -65.46
N LEU E 3374 22.27 17.67 -65.99
CA LEU E 3374 23.50 18.16 -66.61
C LEU E 3374 24.58 18.38 -65.56
N GLU E 3375 24.20 18.86 -64.38
CA GLU E 3375 25.14 19.04 -63.28
C GLU E 3375 25.29 17.75 -62.47
N GLU E 3376 24.20 17.00 -62.29
CA GLU E 3376 24.28 15.74 -61.56
C GLU E 3376 25.01 14.68 -62.37
N GLY E 3377 24.86 14.70 -63.68
CA GLY E 3377 25.60 13.78 -64.53
C GLY E 3377 27.04 14.23 -64.73
N GLY E 3378 27.92 13.24 -64.92
CA GLY E 3378 29.33 13.50 -65.04
C GLY E 3378 30.07 13.58 -63.71
N GLU E 3379 29.35 13.64 -62.59
CA GLU E 3379 29.98 13.70 -61.28
C GLU E 3379 29.45 12.61 -60.35
N ASN E 3380 28.69 11.66 -60.86
CA ASN E 3380 28.14 10.58 -60.05
C ASN E 3380 28.58 9.21 -60.58
N GLU E 3386 40.09 4.87 -62.35
CA GLU E 3386 38.95 4.38 -61.59
C GLU E 3386 38.45 5.43 -60.61
N GLU E 3387 39.37 5.94 -59.78
CA GLU E 3387 39.04 6.93 -58.77
C GLU E 3387 40.08 8.05 -58.80
N VAL E 3388 39.61 9.28 -58.99
CA VAL E 3388 40.45 10.47 -58.95
C VAL E 3388 40.00 11.34 -57.79
N GLU E 3389 40.97 11.87 -57.04
CA GLU E 3389 40.66 12.63 -55.84
C GLU E 3389 40.15 14.02 -56.19
N VAL E 3390 39.10 14.45 -55.49
CA VAL E 3390 38.44 15.72 -55.72
C VAL E 3390 38.59 16.58 -54.47
N SER E 3391 39.01 17.82 -54.66
CA SER E 3391 39.13 18.75 -53.54
C SER E 3391 37.75 19.12 -53.01
N PHE E 3392 37.70 19.43 -51.71
CA PHE E 3392 36.45 19.80 -51.06
C PHE E 3392 35.93 21.13 -51.57
N GLU E 3393 36.82 22.00 -52.03
CA GLU E 3393 36.41 23.20 -52.74
C GLU E 3393 35.65 22.85 -54.02
N GLU E 3394 36.19 21.90 -54.79
CA GLU E 3394 35.49 21.41 -55.98
C GLU E 3394 34.23 20.64 -55.61
N LYS E 3395 34.24 19.96 -54.47
CA LYS E 3395 33.03 19.34 -53.95
C LYS E 3395 31.98 20.37 -53.54
N GLU E 3396 32.40 21.58 -53.20
CA GLU E 3396 31.45 22.66 -52.96
C GLU E 3396 30.99 23.31 -54.24
N MET E 3397 31.87 23.41 -55.24
CA MET E 3397 31.52 24.06 -56.51
C MET E 3397 30.45 23.29 -57.25
N GLU E 3398 30.52 21.95 -57.22
CA GLU E 3398 29.49 21.15 -57.86
C GLU E 3398 28.15 21.27 -57.13
N LYS E 3399 28.17 21.62 -55.84
CA LYS E 3399 26.93 22.00 -55.17
C LYS E 3399 26.48 23.39 -55.62
N GLN E 3400 27.44 24.28 -55.87
CA GLN E 3400 27.09 25.62 -56.34
C GLN E 3400 26.57 25.61 -57.76
N ARG E 3401 27.09 24.71 -58.61
CA ARG E 3401 26.43 24.46 -59.89
C ARG E 3401 25.07 23.81 -59.71
N LEU E 3402 24.91 23.04 -58.63
CA LEU E 3402 23.66 22.30 -58.44
C LEU E 3402 22.50 23.21 -58.04
N LEU E 3403 22.76 24.14 -57.12
CA LEU E 3403 21.70 25.03 -56.66
C LEU E 3403 21.28 26.06 -57.69
N TYR E 3404 22.04 26.22 -58.78
CA TYR E 3404 21.65 27.17 -59.81
C TYR E 3404 20.53 26.62 -60.69
N GLN E 3405 20.36 25.30 -60.75
CA GLN E 3405 19.20 24.76 -61.47
C GLN E 3405 17.92 25.09 -60.72
N GLN E 3406 17.88 24.86 -59.41
CA GLN E 3406 16.69 25.25 -58.66
C GLN E 3406 16.51 26.76 -58.62
N SER E 3407 17.59 27.51 -58.82
CA SER E 3407 17.45 28.93 -59.13
C SER E 3407 16.76 29.14 -60.47
N ARG E 3408 17.17 28.40 -61.50
CA ARG E 3408 16.54 28.59 -62.80
C ARG E 3408 15.26 27.78 -62.94
N LEU E 3409 14.99 26.85 -62.02
CA LEU E 3409 13.74 26.10 -62.08
C LEU E 3409 12.52 26.93 -61.75
N HIS E 3410 12.67 28.00 -60.97
CA HIS E 3410 11.57 28.76 -60.37
C HIS E 3410 10.62 27.81 -59.64
N THR E 3411 11.17 27.26 -58.55
CA THR E 3411 10.65 26.13 -57.79
C THR E 3411 9.18 26.18 -57.41
N ARG E 3412 8.60 27.39 -57.32
CA ARG E 3412 7.19 27.51 -57.01
C ARG E 3412 6.30 26.98 -58.13
N GLY E 3413 6.72 27.10 -59.37
CA GLY E 3413 5.94 26.58 -60.47
C GLY E 3413 6.06 25.08 -60.61
N ALA E 3414 7.30 24.59 -60.57
CA ALA E 3414 7.57 23.20 -60.95
C ALA E 3414 7.13 22.22 -59.88
N ALA E 3415 7.43 22.52 -58.61
CA ALA E 3415 7.28 21.54 -57.54
C ALA E 3415 5.83 21.28 -57.16
N GLU E 3416 4.87 22.00 -57.72
CA GLU E 3416 3.47 21.76 -57.36
C GLU E 3416 2.73 20.91 -58.36
N MET E 3417 3.01 21.10 -59.65
CA MET E 3417 2.32 20.36 -60.70
C MET E 3417 2.72 18.90 -60.75
N VAL E 3418 3.88 18.55 -60.20
CA VAL E 3418 4.27 17.15 -60.14
C VAL E 3418 3.43 16.40 -59.13
N LEU E 3419 2.93 17.09 -58.11
CA LEU E 3419 2.11 16.44 -57.09
C LEU E 3419 0.72 16.12 -57.61
N GLN E 3420 0.10 17.06 -58.30
CA GLN E 3420 -1.21 16.80 -58.90
C GLN E 3420 -1.13 15.84 -60.06
N MET E 3421 0.05 15.69 -60.67
CA MET E 3421 0.25 14.63 -61.64
C MET E 3421 0.24 13.27 -60.96
N ILE E 3422 0.69 13.19 -59.71
CA ILE E 3422 0.47 11.98 -58.95
C ILE E 3422 -0.98 11.88 -58.52
N SER E 3423 -1.60 13.02 -58.20
CA SER E 3423 -3.03 13.05 -57.91
C SER E 3423 -3.89 12.94 -59.15
N ALA E 3424 -3.28 12.83 -60.33
CA ALA E 3424 -3.94 12.46 -61.58
C ALA E 3424 -4.16 10.96 -61.63
N CYS E 3425 -4.35 10.43 -62.86
CA CYS E 3425 -4.57 9.01 -63.14
C CYS E 3425 -3.63 8.10 -62.37
N LYS E 3426 -4.19 7.02 -61.83
CA LYS E 3426 -3.57 6.31 -60.73
C LYS E 3426 -3.59 4.80 -60.87
N GLY E 3427 -4.46 4.22 -61.69
CA GLY E 3427 -4.55 2.79 -61.79
C GLY E 3427 -3.40 2.19 -62.59
N GLU E 3428 -3.20 2.70 -63.79
CA GLU E 3428 -2.16 2.20 -64.67
C GLU E 3428 -0.80 2.75 -64.25
N THR E 3429 0.25 2.06 -64.69
CA THR E 3429 1.61 2.56 -64.55
C THR E 3429 2.02 3.21 -65.87
N GLY E 3430 1.44 4.39 -66.11
CA GLY E 3430 1.65 5.09 -67.35
C GLY E 3430 3.07 5.63 -67.47
N ALA E 3431 3.47 5.83 -68.73
CA ALA E 3431 4.80 6.36 -69.01
C ALA E 3431 4.93 7.81 -68.58
N MET E 3432 3.82 8.56 -68.61
CA MET E 3432 3.82 9.91 -68.05
C MET E 3432 4.06 9.88 -66.55
N VAL E 3433 3.45 8.92 -65.86
CA VAL E 3433 3.69 8.72 -64.44
C VAL E 3433 5.13 8.30 -64.21
N SER E 3434 5.66 7.46 -65.10
CA SER E 3434 7.07 7.09 -65.04
C SER E 3434 7.97 8.28 -65.34
N SER E 3435 7.55 9.12 -66.28
CA SER E 3435 8.31 10.34 -66.58
C SER E 3435 8.16 11.38 -65.50
N THR E 3436 7.12 11.28 -64.67
CA THR E 3436 6.87 12.28 -63.64
C THR E 3436 7.91 12.18 -62.54
N LEU E 3437 8.16 10.96 -62.05
CA LEU E 3437 9.09 10.79 -60.94
C LEU E 3437 10.53 11.01 -61.37
N LYS E 3438 10.84 10.74 -62.64
CA LYS E 3438 12.18 11.02 -63.15
C LYS E 3438 12.44 12.52 -63.19
N LEU E 3439 11.39 13.31 -63.38
CA LEU E 3439 11.53 14.75 -63.22
C LEU E 3439 11.65 15.12 -61.74
N GLY E 3440 10.88 14.46 -60.89
CA GLY E 3440 10.82 14.85 -59.49
C GLY E 3440 12.08 14.55 -58.71
N ILE E 3441 12.80 13.49 -59.09
CA ILE E 3441 14.07 13.18 -58.45
C ILE E 3441 15.12 14.22 -58.84
N SER E 3442 15.04 14.73 -60.08
CA SER E 3442 15.92 15.80 -60.53
C SER E 3442 15.69 17.10 -59.78
N ILE E 3443 14.53 17.26 -59.16
CA ILE E 3443 14.27 18.45 -58.35
C ILE E 3443 15.12 18.41 -57.09
N LEU E 3444 15.01 17.32 -56.33
CA LEU E 3444 15.57 17.20 -55.00
C LEU E 3444 16.63 16.10 -54.94
N ASN E 3445 17.52 16.07 -55.94
CA ASN E 3445 18.59 15.07 -55.95
C ASN E 3445 19.58 15.33 -54.83
N GLY E 3446 20.22 16.50 -54.83
CA GLY E 3446 21.18 16.81 -53.80
C GLY E 3446 20.57 17.48 -52.59
N GLY E 3447 19.68 16.79 -51.90
CA GLY E 3447 19.04 17.37 -50.74
C GLY E 3447 17.82 18.19 -51.12
N ASN E 3448 18.03 19.51 -51.23
CA ASN E 3448 17.03 20.49 -51.65
C ASN E 3448 15.82 20.48 -50.71
N ALA E 3449 16.09 20.86 -49.46
CA ALA E 3449 15.03 21.00 -48.48
C ALA E 3449 14.13 22.21 -48.75
N GLU E 3450 14.55 23.11 -49.63
CA GLU E 3450 13.73 24.26 -49.99
C GLU E 3450 12.45 23.82 -50.69
N VAL E 3451 12.57 22.94 -51.69
CA VAL E 3451 11.38 22.44 -52.35
C VAL E 3451 10.67 21.42 -51.46
N GLN E 3452 11.38 20.80 -50.52
CA GLN E 3452 10.74 19.93 -49.56
C GLN E 3452 9.85 20.71 -48.61
N GLN E 3453 10.22 21.96 -48.34
CA GLN E 3453 9.36 22.82 -47.53
C GLN E 3453 8.09 23.18 -48.27
N LYS E 3454 8.22 23.54 -49.55
CA LYS E 3454 7.08 23.96 -50.34
C LYS E 3454 6.16 22.78 -50.66
N MET E 3455 6.74 21.59 -50.79
CA MET E 3455 5.94 20.39 -51.10
C MET E 3455 5.04 20.03 -49.93
N LEU E 3456 5.61 19.98 -48.72
CA LEU E 3456 4.81 19.72 -47.53
C LEU E 3456 3.86 20.88 -47.26
N ASP E 3457 4.25 22.09 -47.62
CA ASP E 3457 3.35 23.23 -47.50
C ASP E 3457 2.16 23.09 -48.44
N TYR E 3458 2.41 22.68 -49.69
CA TYR E 3458 1.33 22.57 -50.67
C TYR E 3458 0.37 21.44 -50.32
N LEU E 3459 0.87 20.37 -49.70
CA LEU E 3459 0.00 19.30 -49.23
C LEU E 3459 -0.83 19.77 -48.06
N LYS E 3460 -0.19 20.42 -47.09
CA LYS E 3460 -0.90 20.87 -45.89
C LYS E 3460 -1.76 22.09 -46.12
N ASP E 3461 -1.61 22.77 -47.26
CA ASP E 3461 -2.50 23.88 -47.59
C ASP E 3461 -3.70 23.43 -48.41
N LYS E 3462 -3.47 22.58 -49.41
CA LYS E 3462 -4.53 22.24 -50.34
C LYS E 3462 -5.54 21.27 -49.72
N LYS E 3463 -5.06 20.33 -48.90
CA LYS E 3463 -5.85 19.49 -48.00
C LYS E 3463 -6.88 18.64 -48.75
N GLU E 3464 -6.37 17.71 -49.56
CA GLU E 3464 -7.24 16.70 -50.16
C GLU E 3464 -6.58 15.34 -50.11
N VAL E 3465 -7.41 14.31 -50.13
CA VAL E 3465 -6.97 12.94 -50.30
C VAL E 3465 -6.81 12.68 -51.79
N GLY E 3466 -6.22 11.55 -52.14
CA GLY E 3466 -6.02 11.18 -53.52
C GLY E 3466 -4.57 11.13 -53.92
N PHE E 3467 -3.70 11.82 -53.19
CA PHE E 3467 -2.28 11.78 -53.51
C PHE E 3467 -1.67 10.46 -53.06
N PHE E 3468 -1.83 10.12 -51.79
CA PHE E 3468 -1.11 9.00 -51.21
C PHE E 3468 -1.81 7.68 -51.43
N GLN E 3469 -3.13 7.67 -51.56
CA GLN E 3469 -3.82 6.44 -51.93
C GLN E 3469 -3.57 6.08 -53.39
N SER E 3470 -3.17 7.05 -54.21
CA SER E 3470 -2.64 6.74 -55.53
C SER E 3470 -1.32 5.99 -55.42
N ILE E 3471 -0.51 6.32 -54.41
CA ILE E 3471 0.83 5.76 -54.31
C ILE E 3471 0.77 4.29 -53.91
N GLN E 3472 -0.10 3.96 -52.95
CA GLN E 3472 -0.27 2.57 -52.55
C GLN E 3472 -0.90 1.74 -53.65
N ALA E 3473 -1.69 2.37 -54.53
CA ALA E 3473 -2.14 1.69 -55.73
C ALA E 3473 -0.98 1.43 -56.67
N LEU E 3474 -0.06 2.39 -56.78
CA LEU E 3474 1.13 2.18 -57.58
C LEU E 3474 2.10 1.22 -56.90
N MET E 3475 2.12 1.21 -55.57
CA MET E 3475 3.03 0.30 -54.87
C MET E 3475 2.58 -1.15 -54.99
N GLN E 3476 1.28 -1.39 -54.86
CA GLN E 3476 0.75 -2.74 -55.02
C GLN E 3476 0.79 -3.21 -56.47
N THR E 3477 0.89 -2.27 -57.42
CA THR E 3477 1.02 -2.62 -58.83
C THR E 3477 2.51 -2.62 -59.18
N CYS E 3478 3.22 -3.58 -58.60
CA CYS E 3478 4.63 -3.78 -58.86
C CYS E 3478 4.91 -5.28 -58.93
N SER E 3479 5.80 -5.67 -59.83
CA SER E 3479 6.09 -7.07 -60.04
C SER E 3479 7.21 -7.54 -59.12
N VAL E 3480 7.31 -8.86 -58.98
CA VAL E 3480 8.38 -9.52 -58.25
C VAL E 3480 9.01 -10.56 -59.18
N LEU E 3481 9.97 -11.30 -58.64
CA LEU E 3481 10.64 -12.35 -59.41
C LEU E 3481 9.70 -13.53 -59.59
N ASP E 3482 9.30 -13.79 -60.83
CA ASP E 3482 8.34 -14.84 -61.14
C ASP E 3482 9.09 -16.01 -61.75
N LEU E 3483 9.09 -17.14 -61.04
CA LEU E 3483 9.77 -18.33 -61.53
C LEU E 3483 9.03 -18.94 -62.70
N ASN E 3484 7.70 -18.85 -62.71
CA ASN E 3484 6.92 -19.37 -63.83
C ASN E 3484 7.18 -18.57 -65.10
N ALA E 3485 7.40 -17.26 -64.96
CA ALA E 3485 7.84 -16.46 -66.09
C ALA E 3485 9.26 -16.81 -66.51
N PHE E 3486 10.08 -17.25 -65.57
CA PHE E 3486 11.43 -17.68 -65.92
C PHE E 3486 11.42 -18.99 -66.68
N GLU E 3487 10.50 -19.89 -66.34
CA GLU E 3487 10.44 -21.20 -66.99
C GLU E 3487 9.99 -21.07 -68.43
N ARG E 3488 9.20 -20.06 -68.74
CA ARG E 3488 8.80 -19.81 -70.12
C ARG E 3488 9.99 -19.32 -70.93
N GLN E 3489 10.72 -18.34 -70.40
CA GLN E 3489 11.91 -17.87 -71.10
C GLN E 3489 13.08 -18.82 -70.96
N ASN E 3490 12.99 -19.80 -70.06
CA ASN E 3490 13.96 -20.90 -70.06
C ASN E 3490 13.88 -21.69 -71.35
N LYS E 3491 12.67 -21.85 -71.89
CA LYS E 3491 12.48 -22.55 -73.15
C LYS E 3491 12.38 -21.61 -74.33
N ALA E 3492 12.03 -20.34 -74.10
CA ALA E 3492 12.05 -19.37 -75.19
C ALA E 3492 13.48 -19.04 -75.59
N GLU E 3493 14.40 -18.99 -74.63
CA GLU E 3493 15.82 -18.92 -74.95
C GLU E 3493 16.31 -20.23 -75.55
N GLY E 3494 15.66 -21.35 -75.23
CA GLY E 3494 15.95 -22.61 -75.88
C GLY E 3494 15.47 -22.68 -77.31
N LEU E 3495 14.57 -21.77 -77.71
CA LEU E 3495 14.10 -21.68 -79.08
C LEU E 3495 14.83 -20.62 -79.88
N GLY E 3496 16.13 -20.46 -79.60
CA GLY E 3496 16.97 -19.54 -80.34
C GLY E 3496 17.40 -20.00 -81.72
N MET E 3497 16.91 -21.15 -82.18
CA MET E 3497 17.22 -21.68 -83.51
C MET E 3497 16.15 -21.34 -84.54
N VAL E 3498 15.53 -20.17 -84.41
CA VAL E 3498 14.48 -19.73 -85.33
C VAL E 3498 15.10 -19.34 -86.68
N ASN E 3499 14.25 -19.14 -87.68
CA ASN E 3499 14.71 -18.93 -89.05
C ASN E 3499 15.25 -17.51 -89.22
N GLU E 3500 15.54 -17.14 -90.46
CA GLU E 3500 16.12 -15.84 -90.77
C GLU E 3500 15.12 -14.72 -90.53
N ASP E 3501 15.60 -13.64 -89.91
CA ASP E 3501 14.81 -12.47 -89.51
C ASP E 3501 13.65 -12.82 -88.58
N GLY E 3502 13.81 -13.89 -87.79
CA GLY E 3502 12.82 -14.27 -86.82
C GLY E 3502 13.44 -14.80 -85.55
N THR E 3503 14.77 -14.80 -85.50
CA THR E 3503 15.52 -15.31 -84.37
C THR E 3503 15.85 -14.23 -83.34
N VAL E 3504 15.43 -12.99 -83.58
CA VAL E 3504 15.74 -11.89 -82.68
C VAL E 3504 14.46 -11.19 -82.20
N ILE E 3505 13.30 -11.84 -82.37
CA ILE E 3505 12.05 -11.24 -81.91
C ILE E 3505 11.97 -11.30 -80.38
N ASN E 3506 12.48 -12.38 -79.79
CA ASN E 3506 12.53 -12.51 -78.34
C ASN E 3506 13.98 -12.70 -77.91
N ARG E 3507 14.88 -11.88 -78.46
CA ARG E 3507 16.30 -12.02 -78.16
C ARG E 3507 16.62 -11.57 -76.75
N GLN E 3508 16.24 -10.34 -76.40
CA GLN E 3508 16.52 -9.83 -75.06
C GLN E 3508 15.50 -10.35 -74.05
N ASN E 3509 14.23 -9.96 -74.23
CA ASN E 3509 13.09 -10.36 -73.39
C ASN E 3509 13.29 -10.00 -71.91
N GLY E 3510 13.98 -8.90 -71.65
CA GLY E 3510 14.25 -8.47 -70.28
C GLY E 3510 13.05 -7.92 -69.55
N GLU E 3511 11.97 -7.60 -70.27
CA GLU E 3511 10.74 -7.07 -69.69
C GLU E 3511 9.75 -8.17 -69.32
N LYS E 3512 10.25 -9.38 -69.04
CA LYS E 3512 9.40 -10.53 -68.78
C LYS E 3512 9.36 -10.92 -67.31
N VAL E 3513 10.48 -10.81 -66.61
CA VAL E 3513 10.50 -11.14 -65.18
C VAL E 3513 10.00 -9.96 -64.35
N MET E 3514 10.68 -8.82 -64.46
CA MET E 3514 10.35 -7.65 -63.66
C MET E 3514 9.62 -6.59 -64.47
N ALA E 3515 10.25 -6.09 -65.55
CA ALA E 3515 9.78 -4.96 -66.36
C ALA E 3515 9.52 -3.71 -65.51
N ASP E 3516 10.24 -3.58 -64.40
CA ASP E 3516 9.90 -2.60 -63.38
C ASP E 3516 11.14 -1.94 -62.79
N ASP E 3517 12.34 -2.37 -63.19
CA ASP E 3517 13.59 -1.92 -62.58
C ASP E 3517 13.84 -0.44 -62.82
N GLU E 3518 13.47 0.07 -64.00
CA GLU E 3518 13.55 1.51 -64.25
C GLU E 3518 12.40 2.27 -63.61
N PHE E 3519 11.45 1.59 -62.98
CA PHE E 3519 10.29 2.26 -62.39
C PHE E 3519 10.17 2.07 -60.89
N THR E 3520 10.18 0.82 -60.40
CA THR E 3520 9.96 0.64 -58.98
C THR E 3520 11.21 0.92 -58.15
N GLN E 3521 12.40 0.80 -58.74
CA GLN E 3521 13.58 1.34 -58.07
C GLN E 3521 13.55 2.86 -58.12
N ASP E 3522 13.10 3.40 -59.25
CA ASP E 3522 12.86 4.83 -59.38
C ASP E 3522 11.74 5.31 -58.47
N LEU E 3523 10.80 4.43 -58.15
CA LEU E 3523 9.72 4.76 -57.22
C LEU E 3523 10.26 5.08 -55.84
N PHE E 3524 11.03 4.16 -55.27
CA PHE E 3524 11.56 4.38 -53.93
C PHE E 3524 12.78 5.29 -53.94
N ARG E 3525 13.42 5.49 -55.10
CA ARG E 3525 14.44 6.53 -55.21
C ARG E 3525 13.82 7.91 -55.02
N PHE E 3526 12.58 8.07 -55.50
CA PHE E 3526 11.84 9.29 -55.23
C PHE E 3526 11.51 9.42 -53.74
N LEU E 3527 10.99 8.33 -53.15
CA LEU E 3527 10.41 8.40 -51.82
C LEU E 3527 11.46 8.59 -50.74
N GLN E 3528 12.64 8.00 -50.93
CA GLN E 3528 13.72 8.15 -49.96
C GLN E 3528 14.24 9.57 -49.95
N LEU E 3529 14.41 10.16 -51.12
CA LEU E 3529 14.96 11.51 -51.22
C LEU E 3529 13.93 12.58 -50.86
N LEU E 3530 12.67 12.20 -50.63
CA LEU E 3530 11.71 13.14 -50.09
C LEU E 3530 12.06 13.56 -48.67
N CYS E 3531 12.54 12.61 -47.87
CA CYS E 3531 12.89 12.84 -46.48
C CYS E 3531 14.38 12.62 -46.25
N GLU E 3532 15.20 12.98 -47.24
CA GLU E 3532 16.65 12.86 -47.10
C GLU E 3532 17.18 13.82 -46.04
N GLY E 3533 16.76 15.08 -46.11
CA GLY E 3533 16.93 15.97 -44.98
C GLY E 3533 16.05 15.51 -43.83
N HIS E 3534 16.58 15.57 -42.62
CA HIS E 3534 15.87 15.06 -41.47
C HIS E 3534 14.76 16.04 -41.09
N ASN E 3535 13.58 15.82 -41.68
CA ASN E 3535 12.51 16.80 -41.57
C ASN E 3535 11.73 16.62 -40.26
N ASN E 3536 11.42 15.36 -39.93
CA ASN E 3536 10.89 14.86 -38.65
C ASN E 3536 9.43 15.23 -38.45
N ASP E 3537 8.86 16.06 -39.31
CA ASP E 3537 7.43 16.32 -39.34
C ASP E 3537 6.81 15.88 -40.64
N PHE E 3538 7.54 16.07 -41.74
CA PHE E 3538 7.24 15.36 -42.98
C PHE E 3538 7.33 13.86 -42.76
N GLN E 3539 8.30 13.43 -41.94
CA GLN E 3539 8.37 12.03 -41.54
C GLN E 3539 7.18 11.65 -40.66
N ASN E 3540 6.72 12.57 -39.82
CA ASN E 3540 5.43 12.37 -39.15
C ASN E 3540 4.29 12.36 -40.15
N TYR E 3541 4.41 13.12 -41.23
CA TYR E 3541 3.31 13.25 -42.18
C TYR E 3541 3.16 12.00 -43.03
N LEU E 3542 4.25 11.26 -43.25
CA LEU E 3542 4.13 9.94 -43.86
C LEU E 3542 3.44 8.95 -42.93
N ARG E 3543 3.60 9.12 -41.62
CA ARG E 3543 2.95 8.22 -40.68
C ARG E 3543 1.46 8.51 -40.60
N THR E 3544 1.09 9.79 -40.59
CA THR E 3544 -0.32 10.15 -40.55
C THR E 3544 -0.53 11.48 -41.26
N GLN E 3545 -1.69 11.59 -41.90
CA GLN E 3545 -2.08 12.80 -42.62
C GLN E 3545 -3.23 13.39 -41.83
N THR E 3546 -2.89 14.17 -40.82
CA THR E 3546 -3.86 14.58 -39.81
C THR E 3546 -4.76 15.72 -40.26
N GLY E 3547 -4.44 16.38 -41.37
CA GLY E 3547 -5.30 17.43 -41.88
C GLY E 3547 -6.47 16.87 -42.64
N ASN E 3548 -6.24 15.79 -43.38
CA ASN E 3548 -7.30 15.18 -44.16
C ASN E 3548 -8.16 14.28 -43.29
N THR E 3549 -9.22 13.74 -43.89
CA THR E 3549 -10.15 12.89 -43.18
C THR E 3549 -9.66 11.45 -43.05
N THR E 3550 -8.65 11.06 -43.82
CA THR E 3550 -8.12 9.70 -43.78
C THR E 3550 -6.64 9.70 -43.45
N THR E 3551 -6.11 8.49 -43.26
CA THR E 3551 -4.71 8.28 -42.96
C THR E 3551 -4.24 7.06 -43.76
N ILE E 3552 -3.13 7.23 -44.47
CA ILE E 3552 -2.64 6.22 -45.39
C ILE E 3552 -1.52 5.39 -44.78
N ASN E 3553 -0.45 6.05 -44.31
CA ASN E 3553 0.72 5.45 -43.67
C ASN E 3553 1.39 4.42 -44.59
N ILE E 3554 2.01 4.96 -45.64
CA ILE E 3554 2.75 4.20 -46.64
C ILE E 3554 3.83 3.33 -46.02
N ILE E 3555 4.41 3.78 -44.90
CA ILE E 3555 5.48 3.08 -44.20
C ILE E 3555 5.04 1.68 -43.75
N ILE E 3556 3.74 1.49 -43.51
CA ILE E 3556 3.18 0.16 -43.30
C ILE E 3556 3.36 -0.69 -44.55
N CYS E 3557 2.75 -0.26 -45.65
CA CYS E 3557 2.75 -1.06 -46.86
C CYS E 3557 4.09 -1.03 -47.60
N THR E 3558 4.98 -0.11 -47.23
CA THR E 3558 6.35 -0.14 -47.75
C THR E 3558 7.04 -1.43 -47.33
N VAL E 3559 6.83 -1.85 -46.09
CA VAL E 3559 7.34 -3.11 -45.61
C VAL E 3559 6.66 -4.28 -46.32
N ASP E 3560 5.38 -4.11 -46.65
CA ASP E 3560 4.58 -5.21 -47.16
C ASP E 3560 5.01 -5.62 -48.56
N TYR E 3561 5.34 -4.67 -49.42
CA TYR E 3561 5.85 -5.03 -50.73
C TYR E 3561 7.24 -5.65 -50.63
N LEU E 3562 8.05 -5.16 -49.68
CA LEU E 3562 9.32 -5.79 -49.41
C LEU E 3562 9.13 -7.21 -48.91
N LEU E 3563 8.11 -7.42 -48.08
CA LEU E 3563 7.76 -8.76 -47.64
C LEU E 3563 7.26 -9.61 -48.80
N ARG E 3564 6.46 -9.00 -49.69
CA ARG E 3564 6.04 -9.70 -50.89
C ARG E 3564 7.21 -9.93 -51.85
N LEU E 3565 8.19 -9.02 -51.84
CA LEU E 3565 9.39 -9.25 -52.63
C LEU E 3565 10.28 -10.31 -51.98
N GLN E 3566 10.28 -10.36 -50.65
CA GLN E 3566 11.13 -11.28 -49.90
C GLN E 3566 10.75 -12.73 -50.18
N GLU E 3567 9.46 -13.01 -50.18
CA GLU E 3567 8.97 -14.37 -50.40
C GLU E 3567 9.30 -14.85 -51.81
N SER E 3568 9.28 -13.95 -52.79
CA SER E 3568 9.67 -14.31 -54.14
C SER E 3568 11.15 -14.59 -54.23
N ILE E 3569 11.97 -13.80 -53.53
CA ILE E 3569 13.40 -14.04 -53.50
C ILE E 3569 13.70 -15.31 -52.71
N SER E 3570 12.93 -15.56 -51.65
CA SER E 3570 13.10 -16.77 -50.86
C SER E 3570 12.77 -18.01 -51.67
N ASP E 3571 11.70 -17.94 -52.47
CA ASP E 3571 11.35 -19.05 -53.34
C ASP E 3571 12.26 -19.17 -54.55
N PHE E 3572 13.01 -18.11 -54.86
CA PHE E 3572 13.90 -18.12 -56.00
C PHE E 3572 15.08 -19.07 -55.80
N TYR E 3573 15.51 -19.25 -54.55
CA TYR E 3573 16.70 -20.04 -54.29
C TYR E 3573 16.40 -21.53 -54.30
N TRP E 3574 15.16 -21.93 -54.00
CA TRP E 3574 14.83 -23.34 -53.93
C TRP E 3574 14.86 -24.01 -55.30
N TYR E 3575 14.63 -23.25 -56.37
CA TYR E 3575 14.84 -23.78 -57.71
C TYR E 3575 16.32 -23.99 -57.97
N TYR E 3576 17.17 -23.17 -57.38
CA TYR E 3576 18.61 -23.30 -57.53
C TYR E 3576 19.25 -24.03 -56.36
N SER E 3577 18.45 -24.50 -55.40
CA SER E 3577 18.98 -25.32 -54.33
C SER E 3577 19.37 -26.71 -54.83
N GLY E 3578 18.82 -27.16 -55.95
CA GLY E 3578 19.13 -28.48 -56.46
C GLY E 3578 20.48 -28.56 -57.15
N LYS E 3579 20.63 -27.82 -58.24
CA LYS E 3579 21.88 -27.87 -58.99
C LYS E 3579 22.92 -26.96 -58.34
N ASP E 3580 24.10 -26.92 -58.94
CA ASP E 3580 25.21 -26.14 -58.41
C ASP E 3580 25.58 -24.93 -59.25
N VAL E 3581 25.60 -25.05 -60.57
CA VAL E 3581 25.97 -23.91 -61.41
C VAL E 3581 24.74 -23.03 -61.59
N ILE E 3582 24.99 -21.72 -61.73
CA ILE E 3582 23.94 -20.74 -61.95
C ILE E 3582 24.13 -20.17 -63.35
N GLU E 3583 23.05 -20.15 -64.13
CA GLU E 3583 23.14 -19.64 -65.49
C GLU E 3583 23.29 -18.12 -65.49
N GLU E 3584 23.76 -17.61 -66.63
CA GLU E 3584 23.93 -16.17 -66.79
C GLU E 3584 22.58 -15.45 -66.76
N GLN E 3585 21.55 -16.06 -67.34
CA GLN E 3585 20.22 -15.47 -67.31
C GLN E 3585 19.67 -15.43 -65.89
N GLY E 3586 19.98 -16.46 -65.09
CA GLY E 3586 19.64 -16.41 -63.69
C GLY E 3586 20.45 -15.37 -62.93
N LYS E 3587 21.74 -15.22 -63.29
CA LYS E 3587 22.57 -14.22 -62.65
C LYS E 3587 22.17 -12.82 -63.07
N ARG E 3588 21.76 -12.64 -64.32
CA ARG E 3588 21.37 -11.32 -64.81
C ARG E 3588 20.05 -10.88 -64.20
N ASN E 3589 19.10 -11.81 -64.08
CA ASN E 3589 17.80 -11.45 -63.54
C ASN E 3589 17.81 -11.26 -62.04
N PHE E 3590 18.70 -11.95 -61.33
CA PHE E 3590 18.77 -11.83 -59.89
C PHE E 3590 19.57 -10.61 -59.44
N SER E 3591 20.50 -10.14 -60.27
CA SER E 3591 21.16 -8.87 -60.01
C SER E 3591 20.21 -7.69 -60.14
N LYS E 3592 19.10 -7.87 -60.86
CA LYS E 3592 18.12 -6.80 -61.01
C LYS E 3592 17.42 -6.52 -59.68
N ALA E 3593 16.75 -7.54 -59.13
CA ALA E 3593 15.88 -7.32 -57.97
C ALA E 3593 16.68 -7.04 -56.71
N MET E 3594 17.94 -7.49 -56.65
CA MET E 3594 18.81 -7.11 -55.54
C MET E 3594 19.12 -5.62 -55.58
N SER E 3595 19.35 -5.09 -56.78
CA SER E 3595 19.50 -3.65 -56.93
C SER E 3595 18.19 -2.93 -56.67
N VAL E 3596 17.05 -3.58 -56.96
CA VAL E 3596 15.76 -3.01 -56.62
C VAL E 3596 15.59 -2.97 -55.11
N ALA E 3597 15.88 -4.09 -54.44
CA ALA E 3597 15.70 -4.18 -53.00
C ALA E 3597 16.72 -3.34 -52.23
N LYS E 3598 17.85 -3.02 -52.85
CA LYS E 3598 18.86 -2.20 -52.20
C LYS E 3598 18.34 -0.79 -51.94
N GLN E 3599 17.60 -0.24 -52.89
CA GLN E 3599 16.95 1.04 -52.69
C GLN E 3599 15.89 0.95 -51.60
N VAL E 3600 15.24 -0.21 -51.46
CA VAL E 3600 14.15 -0.38 -50.51
C VAL E 3600 14.68 -0.33 -49.08
N PHE E 3601 15.79 -1.01 -48.81
CA PHE E 3601 16.41 -0.93 -47.50
C PHE E 3601 16.93 0.47 -47.21
N ASN E 3602 17.43 1.15 -48.24
CA ASN E 3602 17.92 2.51 -48.07
C ASN E 3602 16.79 3.48 -47.76
N SER E 3603 15.61 3.22 -48.32
CA SER E 3603 14.47 4.11 -48.06
C SER E 3603 13.93 3.91 -46.65
N LEU E 3604 14.00 2.68 -46.13
CA LEU E 3604 13.46 2.40 -44.81
C LEU E 3604 14.33 3.00 -43.71
N THR E 3605 15.62 3.21 -43.99
CA THR E 3605 16.51 3.85 -43.03
C THR E 3605 16.10 5.30 -42.80
N GLU E 3606 15.84 6.04 -43.88
CA GLU E 3606 15.52 7.46 -43.79
C GLU E 3606 14.16 7.73 -43.17
N TYR E 3607 13.32 6.70 -42.99
CA TYR E 3607 12.05 6.89 -42.33
C TYR E 3607 12.20 7.14 -40.84
N ILE E 3608 13.32 6.72 -40.25
CA ILE E 3608 13.51 6.82 -38.82
C ILE E 3608 14.77 7.59 -38.42
N GLN E 3609 15.73 7.77 -39.32
CA GLN E 3609 16.93 8.53 -38.99
C GLN E 3609 16.58 10.00 -38.78
N GLY E 3610 17.27 10.63 -37.83
CA GLY E 3610 16.79 11.89 -37.33
C GLY E 3610 15.55 11.63 -36.51
N PRO E 3611 15.74 11.07 -35.29
CA PRO E 3611 14.80 10.08 -34.72
C PRO E 3611 13.34 10.48 -34.58
N CYS E 3612 12.50 9.70 -35.25
CA CYS E 3612 11.05 9.82 -35.21
C CYS E 3612 10.56 8.54 -34.54
N THR E 3613 10.36 8.62 -33.23
CA THR E 3613 10.04 7.45 -32.42
C THR E 3613 8.67 6.88 -32.76
N GLY E 3614 7.75 7.72 -33.22
CA GLY E 3614 6.45 7.22 -33.67
C GLY E 3614 6.58 6.35 -34.90
N ASN E 3615 7.50 6.71 -35.81
CA ASN E 3615 7.85 5.79 -36.88
C ASN E 3615 8.62 4.59 -36.35
N GLN E 3616 9.42 4.79 -35.30
CA GLN E 3616 10.16 3.67 -34.72
C GLN E 3616 9.23 2.73 -33.98
N GLN E 3617 8.19 3.27 -33.34
CA GLN E 3617 7.19 2.41 -32.73
C GLN E 3617 6.31 1.74 -33.78
N SER E 3618 6.12 2.41 -34.92
CA SER E 3618 5.30 1.84 -35.98
C SER E 3618 5.95 0.62 -36.59
N LEU E 3619 7.27 0.66 -36.77
CA LEU E 3619 7.96 -0.48 -37.35
C LEU E 3619 8.06 -1.64 -36.38
N ALA E 3620 8.07 -1.35 -35.08
CA ALA E 3620 8.13 -2.40 -34.07
C ALA E 3620 6.82 -3.17 -34.01
N HIS E 3621 5.69 -2.46 -33.96
CA HIS E 3621 4.40 -3.11 -33.89
C HIS E 3621 3.95 -3.68 -35.22
N SER E 3622 4.61 -3.33 -36.31
CA SER E 3622 4.37 -4.00 -37.58
C SER E 3622 5.07 -5.36 -37.58
N ARG E 3623 4.83 -6.13 -38.64
CA ARG E 3623 5.54 -7.40 -38.81
C ARG E 3623 6.83 -7.23 -39.61
N LEU E 3624 7.62 -6.21 -39.21
CA LEU E 3624 8.94 -6.02 -39.78
C LEU E 3624 9.90 -7.09 -39.29
N TRP E 3625 9.67 -7.61 -38.09
CA TRP E 3625 10.52 -8.66 -37.53
C TRP E 3625 10.45 -9.93 -38.36
N ASP E 3626 9.27 -10.23 -38.90
CA ASP E 3626 9.15 -11.34 -39.84
C ASP E 3626 9.90 -11.03 -41.13
N ALA E 3627 9.91 -9.76 -41.53
CA ALA E 3627 10.54 -9.38 -42.78
C ALA E 3627 12.05 -9.47 -42.73
N VAL E 3628 12.64 -9.48 -41.54
CA VAL E 3628 14.09 -9.55 -41.44
C VAL E 3628 14.58 -10.99 -41.55
N VAL E 3629 13.81 -11.93 -40.99
CA VAL E 3629 14.30 -13.28 -40.68
C VAL E 3629 14.58 -14.07 -41.95
N GLY E 3630 13.69 -13.97 -42.95
CA GLY E 3630 13.84 -14.78 -44.15
C GLY E 3630 15.06 -14.41 -44.98
N PHE E 3631 15.49 -13.14 -44.93
CA PHE E 3631 16.72 -12.77 -45.60
C PHE E 3631 17.93 -13.39 -44.93
N LEU E 3632 17.90 -13.53 -43.59
CA LEU E 3632 18.96 -14.23 -42.90
C LEU E 3632 19.01 -15.70 -43.29
N HIS E 3633 17.84 -16.28 -43.57
CA HIS E 3633 17.80 -17.61 -44.16
C HIS E 3633 18.36 -17.60 -45.58
N VAL E 3634 18.08 -16.52 -46.32
CA VAL E 3634 18.65 -16.34 -47.65
C VAL E 3634 20.15 -16.09 -47.57
N PHE E 3635 20.56 -15.21 -46.66
CA PHE E 3635 21.96 -14.85 -46.51
C PHE E 3635 22.77 -15.91 -45.79
N ALA E 3636 22.18 -17.05 -45.44
CA ALA E 3636 22.93 -18.17 -44.91
C ALA E 3636 23.27 -19.21 -45.95
N HIS E 3637 22.39 -19.40 -46.94
CA HIS E 3637 22.52 -20.49 -47.88
C HIS E 3637 23.06 -20.05 -49.23
N MET E 3638 22.72 -18.84 -49.68
CA MET E 3638 23.40 -18.29 -50.84
C MET E 3638 24.85 -17.96 -50.51
N MET E 3639 25.12 -17.57 -49.27
CA MET E 3639 26.45 -17.11 -48.89
C MET E 3639 27.44 -18.28 -48.87
N MET E 3640 26.95 -19.48 -48.61
CA MET E 3640 27.80 -20.66 -48.72
C MET E 3640 28.00 -21.08 -50.17
N LYS E 3641 26.92 -21.05 -50.96
CA LYS E 3641 26.96 -21.62 -52.29
C LYS E 3641 27.70 -20.70 -53.27
N LEU E 3642 27.50 -19.39 -53.15
CA LEU E 3642 28.19 -18.46 -54.04
C LEU E 3642 29.69 -18.40 -53.78
N ALA E 3643 30.14 -18.83 -52.60
CA ALA E 3643 31.55 -18.86 -52.30
C ALA E 3643 32.29 -19.95 -53.06
N GLN E 3644 31.59 -20.92 -53.63
CA GLN E 3644 32.21 -22.07 -54.28
C GLN E 3644 32.46 -21.84 -55.76
N ASP E 3645 32.56 -20.58 -56.21
CA ASP E 3645 32.82 -20.31 -57.61
C ASP E 3645 33.62 -19.03 -57.73
N SER E 3646 34.53 -19.00 -58.70
CA SER E 3646 35.25 -17.80 -59.06
C SER E 3646 34.53 -16.96 -60.08
N SER E 3647 33.50 -17.52 -60.74
CA SER E 3647 32.68 -16.76 -61.67
C SER E 3647 31.51 -16.09 -60.98
N GLN E 3648 31.32 -16.33 -59.68
CA GLN E 3648 30.20 -15.78 -58.92
C GLN E 3648 30.67 -14.77 -57.89
N ILE E 3649 31.86 -14.20 -58.09
CA ILE E 3649 32.43 -13.27 -57.11
C ILE E 3649 31.67 -11.95 -57.12
N GLU E 3650 31.43 -11.41 -58.31
CA GLU E 3650 30.78 -10.11 -58.44
C GLU E 3650 29.31 -10.16 -58.00
N LEU E 3651 28.68 -11.32 -58.10
CA LEU E 3651 27.33 -11.47 -57.57
C LEU E 3651 27.34 -11.54 -56.05
N LEU E 3652 28.30 -12.27 -55.49
CA LEU E 3652 28.44 -12.32 -54.04
C LEU E 3652 28.94 -10.99 -53.49
N LYS E 3653 29.76 -10.28 -54.27
CA LYS E 3653 30.13 -8.91 -53.91
C LYS E 3653 28.92 -8.01 -53.93
N GLU E 3654 28.01 -8.23 -54.87
CA GLU E 3654 26.75 -7.49 -54.89
C GLU E 3654 25.86 -7.87 -53.72
N LEU E 3655 25.99 -9.11 -53.24
CA LEU E 3655 25.16 -9.58 -52.13
C LEU E 3655 25.57 -8.91 -50.82
N LEU E 3656 26.87 -8.74 -50.61
CA LEU E 3656 27.35 -8.14 -49.37
C LEU E 3656 26.99 -6.67 -49.28
N ASP E 3657 26.83 -6.01 -50.43
CA ASP E 3657 26.32 -4.66 -50.46
C ASP E 3657 24.87 -4.61 -49.99
N LEU E 3658 24.09 -5.64 -50.31
CA LEU E 3658 22.70 -5.70 -49.87
C LEU E 3658 22.62 -5.97 -48.38
N GLN E 3659 23.47 -6.86 -47.87
CA GLN E 3659 23.40 -7.25 -46.47
C GLN E 3659 23.93 -6.15 -45.56
N LYS E 3660 24.94 -5.41 -46.02
CA LYS E 3660 25.49 -4.32 -45.21
C LYS E 3660 24.49 -3.18 -45.10
N ASP E 3661 23.78 -2.88 -46.18
CA ASP E 3661 22.72 -1.88 -46.11
C ASP E 3661 21.53 -2.38 -45.30
N MET E 3662 21.37 -3.69 -45.17
CA MET E 3662 20.29 -4.23 -44.35
C MET E 3662 20.62 -4.14 -42.87
N VAL E 3663 21.88 -4.39 -42.51
CA VAL E 3663 22.22 -4.45 -41.09
C VAL E 3663 22.32 -3.03 -40.50
N VAL E 3664 22.63 -2.03 -41.32
CA VAL E 3664 22.66 -0.67 -40.79
C VAL E 3664 21.26 -0.11 -40.60
N MET E 3665 20.27 -0.69 -41.28
CA MET E 3665 18.88 -0.41 -40.92
C MET E 3665 18.58 -0.90 -39.51
N LEU E 3666 19.09 -2.08 -39.16
CA LEU E 3666 18.95 -2.58 -37.81
C LEU E 3666 19.69 -1.71 -36.81
N LEU E 3667 20.82 -1.13 -37.22
CA LEU E 3667 21.52 -0.17 -36.38
C LEU E 3667 20.70 1.10 -36.19
N SER E 3668 19.95 1.50 -37.20
CA SER E 3668 19.11 2.69 -37.11
C SER E 3668 17.92 2.49 -36.20
N LEU E 3669 17.56 1.23 -35.92
CA LEU E 3669 16.38 0.95 -35.10
C LEU E 3669 16.61 1.33 -33.63
N LEU E 3670 17.85 1.30 -33.17
CA LEU E 3670 18.11 1.57 -31.77
C LEU E 3670 17.97 3.06 -31.50
N GLU E 3671 18.89 3.83 -32.08
CA GLU E 3671 18.90 5.29 -32.20
C GLU E 3671 18.60 5.96 -30.85
N GLY E 3672 19.48 5.71 -29.88
CA GLY E 3672 19.25 6.19 -28.54
C GLY E 3672 18.40 5.22 -27.75
N ASN E 3673 18.86 3.99 -27.65
CA ASN E 3673 18.08 2.93 -27.00
C ASN E 3673 18.39 2.92 -25.51
N VAL E 3674 17.33 2.90 -24.69
CA VAL E 3674 17.45 2.80 -23.25
C VAL E 3674 17.68 1.34 -22.91
N VAL E 3675 17.97 1.06 -21.63
CA VAL E 3675 18.39 -0.27 -21.16
C VAL E 3675 17.36 -1.36 -21.49
N ASN E 3676 16.07 -1.05 -21.36
CA ASN E 3676 15.03 -2.06 -21.52
C ASN E 3676 13.89 -1.52 -22.36
N GLY E 3677 14.21 -0.92 -23.51
CA GLY E 3677 13.21 -0.26 -24.33
C GLY E 3677 12.49 -1.14 -25.34
N MET E 3678 12.44 -2.45 -25.08
CA MET E 3678 11.62 -3.46 -25.75
C MET E 3678 12.04 -3.74 -27.19
N ILE E 3679 12.99 -3.00 -27.75
CA ILE E 3679 13.38 -3.17 -29.14
C ILE E 3679 14.48 -4.20 -29.27
N ALA E 3680 15.54 -4.00 -28.50
CA ALA E 3680 16.61 -4.99 -28.43
C ALA E 3680 16.15 -6.28 -27.78
N ARG E 3681 15.14 -6.19 -26.92
CA ARG E 3681 14.53 -7.39 -26.34
C ARG E 3681 13.88 -8.26 -27.41
N GLN E 3682 13.30 -7.62 -28.42
CA GLN E 3682 12.81 -8.37 -29.57
C GLN E 3682 13.91 -8.70 -30.56
N MET E 3683 15.04 -7.98 -30.52
CA MET E 3683 16.17 -8.36 -31.35
C MET E 3683 16.81 -9.65 -30.85
N VAL E 3684 16.86 -9.82 -29.53
CA VAL E 3684 17.28 -11.09 -28.95
C VAL E 3684 16.26 -12.16 -29.30
N ASP E 3685 14.98 -11.79 -29.38
CA ASP E 3685 13.92 -12.75 -29.68
C ASP E 3685 14.06 -13.31 -31.09
N MET E 3686 14.39 -12.47 -32.06
CA MET E 3686 14.51 -12.97 -33.42
C MET E 3686 15.83 -13.71 -33.64
N LEU E 3687 16.90 -13.30 -32.96
CA LEU E 3687 18.19 -13.93 -33.20
C LEU E 3687 18.30 -15.28 -32.52
N VAL E 3688 17.54 -15.52 -31.46
CA VAL E 3688 17.41 -16.89 -30.96
C VAL E 3688 16.53 -17.70 -31.89
N GLU E 3689 15.50 -17.06 -32.46
CA GLU E 3689 14.54 -17.76 -33.31
C GLU E 3689 15.17 -18.19 -34.62
N SER E 3690 16.08 -17.39 -35.17
CA SER E 3690 16.76 -17.73 -36.40
C SER E 3690 18.26 -17.95 -36.15
N SER E 3691 18.56 -18.66 -35.06
CA SER E 3691 19.95 -18.79 -34.62
C SER E 3691 20.77 -19.67 -35.55
N SER E 3692 20.15 -20.71 -36.11
CA SER E 3692 20.87 -21.67 -36.93
C SER E 3692 21.35 -21.05 -38.24
N ASN E 3693 20.63 -20.05 -38.75
CA ASN E 3693 21.15 -19.28 -39.88
C ASN E 3693 22.33 -18.42 -39.43
N VAL E 3694 22.22 -17.81 -38.24
CA VAL E 3694 23.27 -16.93 -37.74
C VAL E 3694 24.54 -17.71 -37.44
N GLU E 3695 24.39 -18.94 -36.96
CA GLU E 3695 25.54 -19.80 -36.72
C GLU E 3695 26.26 -20.13 -38.02
N MET E 3696 25.51 -20.25 -39.11
CA MET E 3696 26.15 -20.35 -40.42
C MET E 3696 26.80 -19.03 -40.81
N ILE E 3697 26.18 -17.92 -40.44
CA ILE E 3697 26.70 -16.60 -40.81
C ILE E 3697 27.95 -16.29 -40.00
N LEU E 3698 27.89 -16.52 -38.68
CA LEU E 3698 29.02 -16.19 -37.82
C LEU E 3698 30.23 -17.07 -38.11
N LYS E 3699 30.01 -18.34 -38.47
CA LYS E 3699 31.10 -19.21 -38.85
C LYS E 3699 31.72 -18.77 -40.17
N PHE E 3700 30.92 -18.19 -41.07
CA PHE E 3700 31.40 -17.86 -42.41
C PHE E 3700 32.40 -16.71 -42.36
N PHE E 3701 32.15 -15.70 -41.53
CA PHE E 3701 33.15 -14.67 -41.32
C PHE E 3701 34.35 -15.22 -40.57
N ASP E 3702 34.10 -16.14 -39.63
CA ASP E 3702 35.16 -16.61 -38.76
C ASP E 3702 36.12 -17.54 -39.49
N MET E 3703 35.63 -18.32 -40.45
CA MET E 3703 36.51 -19.20 -41.20
C MET E 3703 37.47 -18.41 -42.08
N PHE E 3704 36.98 -17.36 -42.73
CA PHE E 3704 37.84 -16.54 -43.59
C PHE E 3704 38.83 -15.74 -42.77
N LEU E 3705 38.43 -15.33 -41.57
CA LEU E 3705 39.37 -14.65 -40.68
C LEU E 3705 40.42 -15.61 -40.16
N LYS E 3706 40.04 -16.87 -39.92
CA LYS E 3706 41.03 -17.87 -39.52
C LYS E 3706 41.93 -18.25 -40.69
N LEU E 3707 41.37 -18.29 -41.90
CA LEU E 3707 42.10 -18.80 -43.07
C LEU E 3707 43.28 -17.90 -43.42
N LYS E 3708 43.10 -16.58 -43.30
CA LYS E 3708 44.24 -15.70 -43.44
C LYS E 3708 45.19 -15.83 -42.26
N ASP E 3709 44.66 -16.11 -41.06
CA ASP E 3709 45.50 -16.26 -39.88
C ASP E 3709 46.26 -17.58 -39.85
N ILE E 3710 45.77 -18.61 -40.53
CA ILE E 3710 46.54 -19.84 -40.65
C ILE E 3710 47.79 -19.61 -41.48
N VAL E 3711 47.66 -18.87 -42.58
CA VAL E 3711 48.84 -18.47 -43.35
C VAL E 3711 49.31 -17.16 -42.73
N GLY E 3712 49.93 -17.29 -41.56
CA GLY E 3712 50.74 -16.27 -40.95
C GLY E 3712 51.79 -16.98 -40.14
N SER E 3713 51.79 -18.31 -40.27
CA SER E 3713 52.52 -19.20 -39.39
C SER E 3713 53.47 -20.07 -40.19
N GLU E 3714 54.55 -20.48 -39.53
CA GLU E 3714 55.51 -21.36 -40.18
C GLU E 3714 55.00 -22.78 -40.31
N ALA E 3715 54.01 -23.17 -39.51
CA ALA E 3715 53.43 -24.51 -39.62
C ALA E 3715 52.72 -24.71 -40.94
N PHE E 3716 52.14 -23.63 -41.49
CA PHE E 3716 51.71 -23.68 -42.87
C PHE E 3716 52.91 -23.67 -43.81
N GLN E 3717 53.97 -22.95 -43.45
CA GLN E 3717 55.11 -22.74 -44.32
C GLN E 3717 56.10 -23.89 -44.30
N ASP E 3718 55.97 -24.83 -43.36
CA ASP E 3718 56.94 -25.94 -43.26
C ASP E 3718 56.77 -26.91 -44.41
N TYR E 3719 55.59 -27.53 -44.50
CA TYR E 3719 55.37 -28.66 -45.40
C TYR E 3719 55.26 -28.25 -46.86
N VAL E 3720 55.07 -26.97 -47.15
CA VAL E 3720 55.03 -26.53 -48.54
C VAL E 3720 56.44 -26.50 -49.10
N THR E 3721 56.63 -27.15 -50.24
CA THR E 3721 57.92 -27.19 -50.94
C THR E 3721 57.67 -26.65 -52.34
N ASP E 3722 57.64 -25.32 -52.47
CA ASP E 3722 57.34 -24.63 -53.72
C ASP E 3722 58.02 -23.27 -53.75
N PRO E 3723 59.11 -23.12 -54.51
CA PRO E 3723 59.63 -21.77 -54.79
C PRO E 3723 58.69 -20.94 -55.64
N ARG E 3724 57.80 -21.57 -56.40
CA ARG E 3724 56.79 -20.83 -57.14
C ARG E 3724 55.57 -20.52 -56.29
N GLY E 3725 55.41 -21.18 -55.15
CA GLY E 3725 54.28 -20.91 -54.28
C GLY E 3725 52.95 -21.45 -54.74
N LEU E 3726 52.94 -22.57 -55.46
CA LEU E 3726 51.70 -23.19 -55.93
C LEU E 3726 51.55 -24.51 -55.18
N ILE E 3727 50.99 -24.43 -53.97
CA ILE E 3727 50.86 -25.59 -53.11
C ILE E 3727 49.78 -26.52 -53.66
N SER E 3728 49.93 -27.81 -53.36
CA SER E 3728 48.97 -28.81 -53.80
C SER E 3728 47.81 -28.88 -52.82
N LYS E 3729 46.98 -29.91 -52.95
CA LYS E 3729 45.76 -30.07 -52.18
C LYS E 3729 45.89 -31.09 -51.05
N LYS E 3730 46.61 -32.19 -51.31
CA LYS E 3730 46.69 -33.28 -50.33
C LYS E 3730 47.48 -32.87 -49.10
N ASP E 3731 48.55 -32.08 -49.29
CA ASP E 3731 49.27 -31.55 -48.15
C ASP E 3731 48.45 -30.49 -47.42
N PHE E 3732 47.64 -29.73 -48.15
CA PHE E 3732 46.66 -28.87 -47.50
C PHE E 3732 45.57 -29.69 -46.83
N GLN E 3733 45.23 -30.84 -47.40
CA GLN E 3733 44.27 -31.72 -46.74
C GLN E 3733 44.86 -32.35 -45.49
N LYS E 3734 46.14 -32.65 -45.50
CA LYS E 3734 46.77 -33.35 -44.38
C LYS E 3734 46.98 -32.42 -43.19
N ALA E 3735 47.73 -31.34 -43.40
CA ALA E 3735 48.20 -30.54 -42.28
C ALA E 3735 47.13 -29.65 -41.66
N MET E 3736 46.02 -29.43 -42.35
CA MET E 3736 44.91 -28.76 -41.70
C MET E 3736 44.16 -29.69 -40.76
N ASP E 3737 44.34 -31.01 -40.92
CA ASP E 3737 43.92 -31.94 -39.89
C ASP E 3737 44.94 -32.00 -38.77
N SER E 3738 46.22 -31.75 -39.08
CA SER E 3738 47.25 -31.69 -38.05
C SER E 3738 47.03 -30.50 -37.13
N GLN E 3739 46.68 -29.35 -37.69
CA GLN E 3739 46.25 -28.23 -36.88
C GLN E 3739 44.82 -28.45 -36.41
N LYS E 3740 44.50 -27.89 -35.25
CA LYS E 3740 43.19 -28.06 -34.64
C LYS E 3740 42.26 -26.95 -35.13
N GLN E 3741 41.14 -26.76 -34.41
CA GLN E 3741 40.13 -25.69 -34.59
C GLN E 3741 39.57 -25.61 -36.01
N PHE E 3742 39.50 -26.77 -36.69
CA PHE E 3742 38.82 -26.87 -37.96
C PHE E 3742 38.09 -28.20 -38.03
N THR E 3743 37.25 -28.34 -39.05
CA THR E 3743 36.43 -29.52 -39.25
C THR E 3743 36.64 -30.02 -40.67
N GLY E 3744 36.71 -31.34 -40.82
CA GLY E 3744 36.89 -32.02 -42.08
C GLY E 3744 35.99 -31.58 -43.24
N PRO E 3745 34.66 -31.66 -43.07
CA PRO E 3745 33.77 -31.13 -44.12
C PRO E 3745 33.87 -29.63 -44.32
N GLU E 3746 34.30 -28.88 -43.29
CA GLU E 3746 34.57 -27.46 -43.49
C GLU E 3746 35.84 -27.28 -44.32
N ILE E 3747 36.83 -28.15 -44.13
CA ILE E 3747 37.98 -28.17 -45.01
C ILE E 3747 37.57 -28.63 -46.41
N GLN E 3748 36.61 -29.56 -46.48
CA GLN E 3748 36.01 -29.90 -47.78
C GLN E 3748 35.26 -28.72 -48.37
N PHE E 3749 34.65 -27.90 -47.52
CA PHE E 3749 34.07 -26.65 -48.00
C PHE E 3749 35.14 -25.67 -48.45
N LEU E 3750 36.33 -25.73 -47.81
CA LEU E 3750 37.44 -24.91 -48.27
C LEU E 3750 37.96 -25.37 -49.62
N LEU E 3751 37.86 -26.67 -49.90
CA LEU E 3751 38.34 -27.18 -51.19
C LEU E 3751 37.40 -26.78 -52.32
N SER E 3752 36.09 -26.82 -52.07
CA SER E 3752 35.12 -26.44 -53.09
C SER E 3752 35.14 -24.95 -53.38
N CYS E 3753 35.61 -24.15 -52.42
CA CYS E 3753 35.82 -22.73 -52.68
C CYS E 3753 37.18 -22.44 -53.31
N SER E 3754 38.16 -23.32 -53.10
CA SER E 3754 39.48 -23.12 -53.65
C SER E 3754 39.51 -23.54 -55.12
N GLU E 3755 40.66 -23.32 -55.75
CA GLU E 3755 40.89 -23.72 -57.13
C GLU E 3755 41.85 -24.90 -57.14
N ALA E 3756 41.47 -25.96 -57.85
CA ALA E 3756 42.28 -27.18 -57.85
C ALA E 3756 43.44 -27.09 -58.85
N ASP E 3757 43.14 -26.58 -60.05
CA ASP E 3757 44.07 -26.45 -61.17
C ASP E 3757 44.73 -27.79 -61.51
N GLU E 3758 43.88 -28.76 -61.87
CA GLU E 3758 44.25 -30.15 -62.17
C GLU E 3758 44.99 -30.79 -61.00
N ASN E 3759 44.55 -30.46 -59.78
CA ASN E 3759 45.12 -30.95 -58.51
C ASN E 3759 46.61 -30.60 -58.39
N GLU E 3760 46.97 -29.39 -58.82
CA GLU E 3760 48.35 -28.94 -58.75
C GLU E 3760 48.53 -27.71 -57.88
N MET E 3761 47.78 -26.65 -58.14
CA MET E 3761 48.01 -25.35 -57.52
C MET E 3761 46.80 -24.93 -56.70
N ILE E 3762 47.07 -24.07 -55.71
CA ILE E 3762 46.03 -23.41 -54.94
C ILE E 3762 46.13 -21.89 -55.04
N ASN E 3763 47.35 -21.35 -54.98
CA ASN E 3763 47.64 -19.92 -54.81
C ASN E 3763 46.89 -19.38 -53.59
N PHE E 3764 47.33 -19.89 -52.44
CA PHE E 3764 46.76 -19.54 -51.15
C PHE E 3764 46.89 -18.06 -50.84
N GLU E 3765 47.94 -17.41 -51.33
CA GLU E 3765 48.17 -16.00 -51.02
C GLU E 3765 47.13 -15.12 -51.69
N GLU E 3766 46.76 -15.45 -52.92
CA GLU E 3766 45.64 -14.75 -53.54
C GLU E 3766 44.32 -15.22 -52.97
N PHE E 3767 44.24 -16.47 -52.53
CA PHE E 3767 42.97 -17.03 -52.12
C PHE E 3767 42.56 -16.51 -50.74
N ALA E 3768 43.51 -16.43 -49.80
CA ALA E 3768 43.18 -15.96 -48.46
C ALA E 3768 42.99 -14.45 -48.40
N ASN E 3769 43.64 -13.72 -49.30
CA ASN E 3769 43.57 -12.26 -49.29
C ASN E 3769 42.44 -11.71 -50.14
N ARG E 3770 41.74 -12.54 -50.90
CA ARG E 3770 40.66 -12.05 -51.74
C ARG E 3770 39.39 -11.80 -50.94
N PHE E 3771 39.15 -12.61 -49.91
CA PHE E 3771 37.89 -12.61 -49.19
C PHE E 3771 37.80 -11.53 -48.12
N GLN E 3772 38.90 -10.83 -47.83
CA GLN E 3772 38.95 -9.96 -46.68
C GLN E 3772 38.24 -8.63 -46.94
N GLU E 3773 38.72 -7.88 -47.93
CA GLU E 3773 38.20 -6.55 -48.23
C GLU E 3773 36.72 -6.46 -48.64
N PRO E 3774 36.04 -7.50 -49.16
CA PRO E 3774 34.57 -7.38 -49.16
C PRO E 3774 33.99 -7.58 -47.78
N ALA E 3775 34.52 -8.53 -47.02
CA ALA E 3775 34.00 -8.86 -45.70
C ALA E 3775 34.59 -7.98 -44.61
N ARG E 3776 35.40 -6.99 -44.97
CA ARG E 3776 36.08 -6.17 -43.97
C ARG E 3776 35.10 -5.26 -43.24
N ASP E 3777 34.33 -4.48 -44.00
CA ASP E 3777 33.38 -3.55 -43.40
C ASP E 3777 32.21 -4.26 -42.75
N ILE E 3778 31.67 -5.29 -43.42
CA ILE E 3778 30.45 -5.93 -42.93
C ILE E 3778 30.75 -6.82 -41.74
N GLY E 3779 31.98 -7.34 -41.64
CA GLY E 3779 32.37 -8.04 -40.43
C GLY E 3779 32.49 -7.13 -39.25
N PHE E 3780 32.87 -5.86 -39.48
CA PHE E 3780 32.82 -4.86 -38.42
C PHE E 3780 31.40 -4.54 -38.04
N ASN E 3781 30.49 -4.51 -39.02
CA ASN E 3781 29.13 -4.03 -38.77
C ASN E 3781 28.29 -5.04 -38.00
N VAL E 3782 28.52 -6.32 -38.24
CA VAL E 3782 27.79 -7.34 -37.48
C VAL E 3782 28.32 -7.40 -36.06
N ALA E 3783 29.65 -7.32 -35.90
CA ALA E 3783 30.26 -7.44 -34.59
C ALA E 3783 29.95 -6.25 -33.70
N VAL E 3784 29.83 -5.05 -34.29
CA VAL E 3784 29.50 -3.88 -33.49
C VAL E 3784 28.05 -3.93 -33.07
N LEU E 3785 27.20 -4.66 -33.81
CA LEU E 3785 25.82 -4.86 -33.38
C LEU E 3785 25.77 -5.73 -32.13
N LEU E 3786 26.51 -6.84 -32.13
CA LEU E 3786 26.59 -7.69 -30.96
C LEU E 3786 27.27 -6.97 -29.80
N THR E 3787 28.22 -6.09 -30.12
CA THR E 3787 28.82 -5.24 -29.09
C THR E 3787 27.80 -4.28 -28.53
N ASN E 3788 26.95 -3.71 -29.38
CA ASN E 3788 26.03 -2.69 -28.93
C ASN E 3788 24.90 -3.30 -28.11
N LEU E 3789 24.31 -4.38 -28.60
CA LEU E 3789 23.16 -4.99 -27.94
C LEU E 3789 23.54 -5.64 -26.61
N SER E 3790 24.80 -6.01 -26.45
CA SER E 3790 25.26 -6.53 -25.16
C SER E 3790 25.19 -5.46 -24.10
N GLU E 3791 25.50 -4.21 -24.47
CA GLU E 3791 25.58 -3.15 -23.48
C GLU E 3791 24.20 -2.61 -23.11
N HIS E 3792 23.23 -2.66 -24.02
CA HIS E 3792 21.90 -2.16 -23.70
C HIS E 3792 21.17 -3.12 -22.77
N VAL E 3793 21.18 -4.40 -23.10
CA VAL E 3793 20.54 -5.41 -22.28
C VAL E 3793 21.60 -6.41 -21.79
N PRO E 3794 22.04 -6.28 -20.56
CA PRO E 3794 22.73 -7.38 -19.90
C PRO E 3794 21.75 -8.38 -19.31
N HIS E 3795 22.29 -9.36 -18.57
CA HIS E 3795 21.52 -10.38 -17.85
C HIS E 3795 20.67 -11.23 -18.78
N ASP E 3796 21.33 -11.85 -19.76
CA ASP E 3796 20.68 -12.83 -20.61
C ASP E 3796 21.70 -13.86 -21.07
N PRO E 3797 21.53 -15.13 -20.70
CA PRO E 3797 22.46 -16.16 -21.16
C PRO E 3797 22.36 -16.46 -22.64
N ARG E 3798 21.23 -16.12 -23.26
CA ARG E 3798 21.07 -16.32 -24.69
C ARG E 3798 22.01 -15.42 -25.48
N LEU E 3799 22.18 -14.18 -25.02
CA LEU E 3799 23.17 -13.30 -25.64
C LEU E 3799 24.59 -13.78 -25.35
N ARG E 3800 24.81 -14.40 -24.19
CA ARG E 3800 26.10 -14.97 -23.86
C ARG E 3800 26.47 -16.12 -24.78
N ASN E 3801 25.48 -16.79 -25.37
CA ASN E 3801 25.77 -17.84 -26.34
C ASN E 3801 26.41 -17.26 -27.59
N PHE E 3802 25.85 -16.17 -28.12
CA PHE E 3802 26.36 -15.62 -29.37
C PHE E 3802 27.69 -14.91 -29.20
N LEU E 3803 27.89 -14.28 -28.04
CA LEU E 3803 29.15 -13.60 -27.76
C LEU E 3803 30.30 -14.59 -27.66
N GLU E 3804 30.05 -15.74 -27.04
CA GLU E 3804 31.07 -16.76 -26.91
C GLU E 3804 31.41 -17.40 -28.25
N LEU E 3805 30.41 -17.57 -29.11
CA LEU E 3805 30.64 -18.33 -30.33
C LEU E 3805 31.23 -17.47 -31.42
N ALA E 3806 30.83 -16.20 -31.50
CA ALA E 3806 31.45 -15.27 -32.44
C ALA E 3806 32.61 -14.53 -31.79
N GLU E 3807 33.55 -15.28 -31.21
CA GLU E 3807 34.51 -14.70 -30.29
C GLU E 3807 35.63 -13.95 -31.00
N SER E 3808 36.39 -14.66 -31.85
CA SER E 3808 37.64 -14.18 -32.42
C SER E 3808 37.47 -12.98 -33.35
N ILE E 3809 36.25 -12.67 -33.76
CA ILE E 3809 36.00 -11.49 -34.58
C ILE E 3809 36.24 -10.22 -33.77
N LEU E 3810 35.89 -10.25 -32.48
CA LEU E 3810 35.95 -9.06 -31.64
C LEU E 3810 37.37 -8.58 -31.43
N GLU E 3811 38.32 -9.50 -31.27
CA GLU E 3811 39.71 -9.10 -31.09
C GLU E 3811 40.30 -8.54 -32.37
N TYR E 3812 39.78 -8.96 -33.53
CA TYR E 3812 40.26 -8.42 -34.79
C TYR E 3812 39.85 -6.97 -34.98
N PHE E 3813 38.69 -6.59 -34.46
CA PHE E 3813 38.15 -5.26 -34.70
C PHE E 3813 38.21 -4.34 -33.49
N ARG E 3814 38.57 -4.84 -32.31
CA ARG E 3814 38.75 -3.94 -31.17
C ARG E 3814 39.86 -2.90 -31.29
N PRO E 3815 40.93 -3.03 -32.10
CA PRO E 3815 41.71 -1.82 -32.40
C PRO E 3815 41.01 -0.88 -33.34
N TYR E 3816 40.02 -1.37 -34.11
CA TYR E 3816 39.31 -0.51 -35.04
C TYR E 3816 38.15 0.22 -34.38
N LEU E 3817 37.58 -0.34 -33.33
CA LEU E 3817 36.31 0.14 -32.81
C LEU E 3817 36.46 1.46 -32.06
N GLY E 3818 35.59 2.42 -32.39
CA GLY E 3818 35.46 3.65 -31.65
C GLY E 3818 34.15 3.67 -30.87
N ARG E 3819 34.27 3.94 -29.57
CA ARG E 3819 33.14 4.01 -28.66
C ARG E 3819 33.20 5.33 -27.90
N ILE E 3820 32.40 6.31 -28.30
CA ILE E 3820 32.39 7.60 -27.64
C ILE E 3820 30.98 7.88 -27.15
N GLU E 3821 30.88 8.62 -26.05
CA GLU E 3821 29.62 8.91 -25.40
C GLU E 3821 29.31 10.40 -25.50
N ILE E 3822 28.03 10.72 -25.74
CA ILE E 3822 27.59 12.11 -25.84
C ILE E 3822 26.25 12.26 -25.12
N MET E 3823 25.77 13.50 -25.07
CA MET E 3823 24.46 13.82 -24.52
C MET E 3823 23.88 14.91 -25.42
N GLY E 3824 22.99 14.51 -26.33
CA GLY E 3824 22.50 15.43 -27.33
C GLY E 3824 21.09 15.16 -27.84
N ALA E 3825 20.26 16.22 -27.85
CA ALA E 3825 18.91 16.25 -28.42
C ALA E 3825 17.95 15.26 -27.77
N SER E 3826 18.29 14.73 -26.60
CA SER E 3826 17.46 13.74 -25.94
C SER E 3826 17.30 13.96 -24.46
N ARG E 3827 18.02 14.92 -23.88
CA ARG E 3827 18.18 15.10 -22.43
C ARG E 3827 18.71 13.84 -21.74
N ARG E 3828 19.49 13.04 -22.47
CA ARG E 3828 20.01 11.78 -21.96
C ARG E 3828 21.39 11.53 -22.56
N ILE E 3829 22.14 10.67 -21.88
CA ILE E 3829 23.43 10.21 -22.39
C ILE E 3829 23.21 9.32 -23.61
N GLU E 3830 24.15 9.38 -24.56
CA GLU E 3830 24.07 8.57 -25.76
C GLU E 3830 25.47 8.09 -26.13
N ARG E 3831 25.58 6.81 -26.45
CA ARG E 3831 26.83 6.22 -26.92
C ARG E 3831 26.87 6.22 -28.44
N ILE E 3832 28.08 6.33 -28.98
CA ILE E 3832 28.30 6.34 -30.42
C ILE E 3832 29.33 5.28 -30.75
N TYR E 3833 29.04 4.48 -31.77
CA TYR E 3833 29.90 3.39 -32.20
C TYR E 3833 30.39 3.67 -33.62
N PHE E 3834 31.69 3.56 -33.83
CA PHE E 3834 32.29 3.89 -35.11
C PHE E 3834 33.62 3.16 -35.24
N GLU E 3835 34.32 3.44 -36.33
CA GLU E 3835 35.57 2.76 -36.66
C GLU E 3835 36.72 3.75 -36.77
N ILE E 3836 37.93 3.23 -36.59
CA ILE E 3836 39.17 3.99 -36.80
C ILE E 3836 39.94 3.31 -37.93
N SER E 3837 40.42 4.10 -38.88
CA SER E 3837 41.32 3.59 -39.90
C SER E 3837 42.62 3.12 -39.28
N GLU E 3838 43.12 1.98 -39.79
CA GLU E 3838 44.28 1.33 -39.19
C GLU E 3838 45.55 2.16 -39.35
N THR E 3839 45.66 2.90 -40.45
CA THR E 3839 46.82 3.77 -40.67
C THR E 3839 46.87 4.90 -39.67
N ASN E 3840 45.74 5.58 -39.48
CA ASN E 3840 45.69 6.76 -38.62
C ASN E 3840 45.84 6.39 -37.15
N ARG E 3841 45.47 5.16 -36.79
CA ARG E 3841 45.78 4.65 -35.45
C ARG E 3841 47.29 4.54 -35.25
N ALA E 3842 48.00 4.04 -36.26
CA ALA E 3842 49.45 4.01 -36.21
C ALA E 3842 50.04 5.40 -36.33
N GLN E 3843 49.35 6.30 -37.03
CA GLN E 3843 49.78 7.69 -37.08
C GLN E 3843 49.65 8.37 -35.72
N TRP E 3844 48.65 7.95 -34.93
CA TRP E 3844 48.52 8.48 -33.58
C TRP E 3844 49.67 8.04 -32.69
N GLU E 3845 50.17 6.82 -32.90
CA GLU E 3845 51.25 6.30 -32.07
C GLU E 3845 52.58 6.67 -32.73
N MET E 3846 52.94 7.93 -32.55
CA MET E 3846 54.20 8.47 -33.03
C MET E 3846 54.78 9.34 -31.93
N PRO E 3847 56.11 9.29 -31.73
CA PRO E 3847 56.72 10.12 -30.68
C PRO E 3847 56.63 11.60 -30.95
N GLN E 3848 56.57 12.00 -32.23
CA GLN E 3848 56.26 13.39 -32.55
C GLN E 3848 54.84 13.73 -32.11
N VAL E 3849 53.91 12.80 -32.28
CA VAL E 3849 52.54 13.00 -31.85
C VAL E 3849 52.42 12.90 -30.34
N LYS E 3850 53.07 11.89 -29.75
CA LYS E 3850 52.89 11.59 -28.34
C LYS E 3850 53.48 12.69 -27.45
N GLU E 3851 54.64 13.22 -27.83
CA GLU E 3851 55.24 14.31 -27.06
C GLU E 3851 54.45 15.60 -27.24
N SER E 3852 53.89 15.82 -28.43
CA SER E 3852 53.01 16.97 -28.64
C SER E 3852 51.76 16.87 -27.78
N LYS E 3853 51.25 15.66 -27.59
CA LYS E 3853 50.19 15.45 -26.61
C LYS E 3853 50.70 15.64 -25.20
N ARG E 3854 51.90 15.12 -24.91
CA ARG E 3854 52.46 15.15 -23.56
C ARG E 3854 52.74 16.57 -23.10
N GLN E 3855 53.22 17.42 -24.01
CA GLN E 3855 53.35 18.84 -23.71
C GLN E 3855 51.99 19.49 -23.50
N PHE E 3856 51.00 19.04 -24.27
CA PHE E 3856 49.66 19.61 -24.17
C PHE E 3856 48.98 19.21 -22.87
N ILE E 3857 49.30 18.02 -22.34
CA ILE E 3857 48.80 17.62 -21.03
C ILE E 3857 49.36 18.52 -19.95
N PHE E 3858 50.63 18.93 -20.10
CA PHE E 3858 51.29 19.79 -19.12
C PHE E 3858 50.64 21.17 -19.06
N ASP E 3859 50.06 21.62 -20.16
CA ASP E 3859 49.54 22.98 -20.24
C ASP E 3859 48.11 23.08 -19.74
N VAL E 3860 47.29 22.06 -19.99
CA VAL E 3860 45.86 22.15 -19.69
C VAL E 3860 45.56 22.04 -18.20
N VAL E 3861 46.49 21.53 -17.42
CA VAL E 3861 46.30 21.49 -15.98
C VAL E 3861 47.15 22.52 -15.25
N ASN E 3862 48.20 23.05 -15.89
CA ASN E 3862 48.84 24.25 -15.36
C ASN E 3862 47.87 25.42 -15.42
N GLU E 3863 47.08 25.50 -16.47
CA GLU E 3863 45.99 26.47 -16.58
C GLU E 3863 44.74 25.69 -17.00
N GLY E 3864 43.85 25.47 -16.04
CA GLY E 3864 42.63 24.71 -16.31
C GLY E 3864 41.40 25.34 -15.71
N GLY E 3865 40.42 25.65 -16.55
CA GLY E 3865 39.19 26.26 -16.10
C GLY E 3865 37.93 25.69 -16.73
N GLU E 3866 37.17 26.57 -17.38
CA GLU E 3866 35.92 26.25 -18.05
C GLU E 3866 36.25 25.60 -19.40
N ALA E 3867 35.23 25.33 -20.23
CA ALA E 3867 35.28 24.66 -21.54
C ALA E 3867 36.02 25.47 -22.61
N GLU E 3868 36.62 26.61 -22.24
CA GLU E 3868 37.75 27.15 -22.98
C GLU E 3868 38.80 26.07 -23.21
N LYS E 3869 39.09 25.29 -22.17
CA LYS E 3869 39.74 23.99 -22.26
C LYS E 3869 39.21 23.13 -23.41
N MET E 3870 37.89 22.88 -23.38
CA MET E 3870 37.27 22.07 -24.42
C MET E 3870 37.34 22.77 -25.77
N GLU E 3871 37.31 24.10 -25.76
CA GLU E 3871 37.53 24.85 -26.99
C GLU E 3871 38.95 24.66 -27.50
N LEU E 3872 39.94 24.77 -26.60
CA LEU E 3872 41.32 24.65 -27.03
C LEU E 3872 41.76 23.20 -27.20
N PHE E 3873 41.05 22.25 -26.60
CA PHE E 3873 41.36 20.85 -26.85
C PHE E 3873 40.98 20.45 -28.27
N VAL E 3874 39.82 20.91 -28.74
CA VAL E 3874 39.44 20.68 -30.13
C VAL E 3874 40.37 21.45 -31.05
N SER E 3875 40.82 22.62 -30.61
CA SER E 3875 41.85 23.35 -31.34
C SER E 3875 43.15 22.56 -31.40
N PHE E 3876 43.48 21.83 -30.33
CA PHE E 3876 44.60 20.88 -30.38
C PHE E 3876 44.28 19.70 -31.27
N CYS E 3877 43.01 19.28 -31.32
CA CYS E 3877 42.62 18.28 -32.29
C CYS E 3877 42.63 18.86 -33.70
N GLU E 3878 42.24 20.13 -33.84
CA GLU E 3878 42.40 20.82 -35.12
C GLU E 3878 43.87 20.99 -35.47
N ASP E 3879 44.71 21.16 -34.45
CA ASP E 3879 46.15 21.07 -34.65
C ASP E 3879 46.56 19.66 -35.04
N THR E 3880 45.87 18.65 -34.51
CA THR E 3880 46.27 17.27 -34.72
C THR E 3880 46.01 16.82 -36.15
N ILE E 3881 44.87 17.24 -36.72
CA ILE E 3881 44.51 16.83 -38.07
C ILE E 3881 45.46 17.41 -39.09
N PHE E 3882 45.82 18.68 -38.93
CA PHE E 3882 46.81 19.29 -39.82
C PHE E 3882 48.20 18.69 -39.60
N GLU E 3883 48.48 18.26 -38.37
CA GLU E 3883 49.71 17.50 -38.11
C GLU E 3883 49.68 16.16 -38.82
N MET E 3884 48.53 15.47 -38.78
CA MET E 3884 48.40 14.23 -39.53
C MET E 3884 48.36 14.49 -41.03
N GLN E 3885 47.93 15.69 -41.43
CA GLN E 3885 47.86 16.02 -42.85
C GLN E 3885 49.25 16.11 -43.47
N ILE E 3886 50.15 16.84 -42.81
CA ILE E 3886 51.49 17.02 -43.35
C ILE E 3886 52.37 15.78 -43.14
N ALA E 3887 51.98 14.89 -42.23
CA ALA E 3887 52.83 13.76 -41.88
C ALA E 3887 52.92 12.75 -43.00
N ALA E 3888 51.83 12.54 -43.74
CA ALA E 3888 51.84 11.60 -44.84
C ALA E 3888 52.42 12.19 -46.12
N GLN E 3889 52.53 13.52 -46.20
CA GLN E 3889 52.93 14.18 -47.43
C GLN E 3889 54.44 14.23 -47.62
N ILE E 3890 55.22 13.85 -46.62
CA ILE E 3890 56.67 13.88 -46.70
C ILE E 3890 57.27 12.48 -46.65
N SER E 3891 56.43 11.45 -46.66
CA SER E 3891 56.87 10.07 -46.56
C SER E 3891 56.77 9.38 -47.91
N GLU E 3892 57.62 8.38 -48.10
CA GLU E 3892 57.64 7.62 -49.35
C GLU E 3892 56.54 6.56 -49.38
N UNK E 3893 70.11 13.80 -26.60
CA UNK E 3893 69.65 13.39 -25.29
C UNK E 3893 70.75 12.64 -24.54
N UNK E 3894 70.80 11.33 -24.72
CA UNK E 3894 71.83 10.51 -24.09
C UNK E 3894 73.02 10.37 -25.02
N UNK E 3895 72.78 10.50 -26.32
CA UNK E 3895 73.84 10.48 -27.31
C UNK E 3895 74.58 11.81 -27.29
N UNK E 3896 73.86 12.88 -26.95
CA UNK E 3896 74.45 14.20 -26.83
C UNK E 3896 75.12 14.38 -25.47
N UNK E 3897 74.79 13.48 -24.54
CA UNK E 3897 75.39 13.50 -23.21
C UNK E 3897 76.68 12.69 -23.21
N UNK E 3898 76.78 11.72 -24.11
CA UNK E 3898 77.92 10.83 -24.15
C UNK E 3898 79.08 11.39 -24.98
N UNK E 3899 78.77 12.32 -25.87
CA UNK E 3899 79.80 12.91 -26.73
C UNK E 3899 80.52 14.07 -26.05
N UNK E 3900 79.97 14.51 -24.92
CA UNK E 3900 80.56 15.61 -24.16
C UNK E 3900 81.62 15.12 -23.20
N UNK E 3901 81.36 13.96 -22.58
CA UNK E 3901 82.28 13.38 -21.61
C UNK E 3901 83.48 12.73 -22.32
N UNK E 3902 83.25 12.24 -23.52
CA UNK E 3902 84.29 11.57 -24.29
C UNK E 3902 85.22 12.58 -24.96
N UNK E 3903 84.72 13.80 -25.13
CA UNK E 3903 85.50 14.87 -25.74
C UNK E 3903 86.54 15.41 -24.76
N UNK E 3904 86.27 15.25 -23.47
CA UNK E 3904 87.19 15.71 -22.43
C UNK E 3904 88.35 14.74 -22.24
N UNK E 3905 88.15 13.50 -22.68
CA UNK E 3905 89.17 12.47 -22.53
C UNK E 3905 90.26 12.61 -23.59
N UNK E 3906 89.85 12.88 -24.83
CA UNK E 3906 90.78 13.02 -25.94
C UNK E 3906 91.54 14.35 -25.85
N UNK E 3907 90.90 15.34 -25.23
CA UNK E 3907 91.51 16.65 -25.05
C UNK E 3907 92.61 16.60 -23.98
N UNK E 3908 92.41 15.75 -22.97
CA UNK E 3908 93.36 15.61 -21.88
C UNK E 3908 94.60 14.85 -22.34
N UNK E 3909 94.40 13.93 -23.28
CA UNK E 3909 95.50 13.14 -23.82
C UNK E 3909 96.38 14.00 -24.73
N UNK E 3910 95.75 14.91 -25.46
CA UNK E 3910 96.47 15.79 -26.37
C UNK E 3910 97.00 17.02 -25.64
N UNK E 3911 96.59 17.18 -24.39
CA UNK E 3911 97.06 18.29 -23.56
C UNK E 3911 98.52 18.08 -23.18
N UNK E 3912 98.79 16.98 -22.50
CA UNK E 3912 100.14 16.64 -22.08
C UNK E 3912 100.27 15.13 -21.91
N UNK E 3913 101.51 14.65 -21.86
CA UNK E 3913 101.77 13.23 -21.66
C UNK E 3913 101.53 12.86 -20.20
N UNK E 3914 101.34 11.57 -19.93
CA UNK E 3914 101.06 11.11 -18.58
C UNK E 3914 101.60 9.70 -18.34
N UNK E 3915 102.45 9.57 -17.33
CA UNK E 3915 103.02 8.28 -16.95
C UNK E 3915 103.39 8.26 -15.47
N UNK E 3916 102.78 7.35 -14.73
CA UNK E 3916 103.04 7.23 -13.29
C UNK E 3916 104.15 6.22 -13.02
N UNK E 3917 104.91 6.46 -11.95
CA UNK E 3917 106.02 5.58 -11.59
C UNK E 3917 106.15 5.42 -10.08
N UNK E 3918 106.17 4.16 -9.63
CA UNK E 3918 106.33 3.75 -8.23
C UNK E 3918 105.29 4.38 -7.29
N PHE E 3919 65.11 19.55 -66.28
CA PHE E 3919 64.44 19.79 -67.55
C PHE E 3919 63.59 21.05 -67.51
N TRP E 3920 62.70 21.19 -68.48
CA TRP E 3920 61.82 22.36 -68.52
C TRP E 3920 60.77 22.29 -67.43
N GLY E 3921 60.18 21.11 -67.21
CA GLY E 3921 59.20 20.94 -66.17
C GLY E 3921 59.58 19.88 -65.17
N GLU E 3922 60.42 18.93 -65.60
CA GLU E 3922 60.82 17.82 -64.74
C GLU E 3922 61.86 18.23 -63.70
N LEU E 3923 62.45 19.41 -63.82
CA LEU E 3923 63.43 19.85 -62.83
C LEU E 3923 62.77 20.18 -61.49
N GLU E 3924 61.58 20.80 -61.53
CA GLU E 3924 60.84 21.06 -60.31
C GLU E 3924 60.22 19.79 -59.74
N VAL E 3925 60.07 18.75 -60.56
CA VAL E 3925 59.51 17.48 -60.08
C VAL E 3925 60.48 16.80 -59.12
N GLN E 3926 61.75 16.73 -59.51
CA GLN E 3926 62.77 16.17 -58.62
C GLN E 3926 63.03 17.08 -57.43
N ARG E 3927 62.83 18.39 -57.61
CA ARG E 3927 63.06 19.35 -56.53
C ARG E 3927 62.09 19.13 -55.38
N VAL E 3928 60.84 18.81 -55.69
CA VAL E 3928 59.85 18.53 -54.65
C VAL E 3928 60.17 17.21 -53.96
N LYS E 3929 60.53 16.18 -54.73
CA LYS E 3929 60.89 14.89 -54.17
C LYS E 3929 62.17 14.97 -53.35
N PHE E 3930 63.09 15.87 -53.73
CA PHE E 3930 64.23 16.14 -52.88
C PHE E 3930 63.84 16.92 -51.64
N LEU E 3931 62.83 17.78 -51.76
CA LEU E 3931 62.35 18.54 -50.61
C LEU E 3931 61.67 17.65 -49.59
N ASN E 3932 61.03 16.57 -50.06
CA ASN E 3932 60.47 15.59 -49.14
C ASN E 3932 61.55 14.88 -48.34
N TYR E 3933 62.71 14.64 -48.96
CA TYR E 3933 63.82 14.07 -48.22
C TYR E 3933 64.43 15.08 -47.26
N LEU E 3934 64.46 16.35 -47.67
CA LEU E 3934 64.99 17.40 -46.80
C LEU E 3934 64.09 17.61 -45.59
N SER E 3935 62.78 17.65 -45.79
CA SER E 3935 61.85 17.88 -44.70
C SER E 3935 61.65 16.65 -43.82
N ARG E 3936 62.12 15.48 -44.23
CA ARG E 3936 61.84 14.27 -43.49
C ARG E 3936 62.66 14.20 -42.21
N ASN E 3937 63.94 14.53 -42.29
CA ASN E 3937 64.83 14.47 -41.15
C ASN E 3937 65.29 15.89 -40.82
N PHE E 3938 64.48 16.58 -40.01
CA PHE E 3938 64.83 17.92 -39.60
C PHE E 3938 65.56 17.94 -38.26
N TYR E 3939 65.15 17.06 -37.34
CA TYR E 3939 65.86 16.95 -36.08
C TYR E 3939 67.20 16.27 -36.25
N THR E 3940 67.32 15.42 -37.27
CA THR E 3940 68.61 14.80 -37.57
C THR E 3940 69.61 15.84 -38.04
N LEU E 3941 69.18 16.76 -38.90
CA LEU E 3941 70.00 17.90 -39.28
C LEU E 3941 70.25 18.81 -38.08
N ARG E 3942 69.28 18.91 -37.18
CA ARG E 3942 69.52 19.58 -35.91
C ARG E 3942 70.51 18.79 -35.06
N PHE E 3943 70.42 17.46 -35.10
CA PHE E 3943 71.37 16.64 -34.36
C PHE E 3943 72.73 16.62 -35.04
N LEU E 3944 72.78 16.80 -36.36
CA LEU E 3944 74.06 16.83 -37.04
C LEU E 3944 74.76 18.16 -36.83
N ALA E 3945 74.01 19.27 -36.91
CA ALA E 3945 74.57 20.58 -36.60
C ALA E 3945 74.95 20.68 -35.12
N LEU E 3946 74.25 19.94 -34.26
CA LEU E 3946 74.72 19.72 -32.90
C LEU E 3946 76.08 19.02 -32.91
N PHE E 3947 76.19 17.92 -33.66
CA PHE E 3947 77.43 17.13 -33.64
C PHE E 3947 78.56 17.84 -34.35
N LEU E 3948 78.25 18.61 -35.39
CA LEU E 3948 79.29 19.31 -36.14
C LEU E 3948 79.87 20.48 -35.34
N ALA E 3949 79.11 21.02 -34.39
CA ALA E 3949 79.60 22.16 -33.60
C ALA E 3949 80.72 21.77 -32.65
N PHE E 3950 80.81 20.49 -32.29
CA PHE E 3950 81.84 20.04 -31.35
C PHE E 3950 83.23 20.09 -31.98
N ALA E 3951 83.42 19.35 -33.07
CA ALA E 3951 84.76 19.16 -33.63
C ALA E 3951 85.30 20.42 -34.28
N ILE E 3952 84.43 21.32 -34.73
CA ILE E 3952 84.89 22.59 -35.27
C ILE E 3952 85.34 23.51 -34.14
N ASN E 3953 84.94 23.23 -32.91
CA ASN E 3953 85.41 23.95 -31.75
C ASN E 3953 86.36 23.13 -30.89
N PHE E 3954 86.45 21.82 -31.13
CA PHE E 3954 87.42 21.00 -30.42
C PHE E 3954 88.84 21.30 -30.88
N ILE E 3955 89.03 21.47 -32.19
CA ILE E 3955 90.33 21.87 -32.72
C ILE E 3955 90.57 23.37 -32.62
N LEU E 3956 89.58 24.12 -32.12
CA LEU E 3956 89.76 25.53 -31.80
C LEU E 3956 90.58 25.73 -30.52
N LEU E 3957 90.85 24.64 -29.79
CA LEU E 3957 91.69 24.65 -28.59
C LEU E 3957 93.17 24.82 -28.87
N PHE E 3958 93.59 25.01 -30.12
CA PHE E 3958 94.99 24.87 -30.49
C PHE E 3958 95.59 26.13 -31.10
N TYR E 3959 95.01 27.30 -30.81
CA TYR E 3959 95.63 28.53 -31.27
C TYR E 3959 96.88 28.85 -30.47
N LYS E 3960 97.75 29.67 -31.05
CA LYS E 3960 98.96 30.12 -30.37
C LYS E 3960 99.38 31.45 -30.97
N VAL E 3961 99.13 32.54 -30.24
CA VAL E 3961 99.44 33.88 -30.73
C VAL E 3961 100.95 34.08 -30.75
N SER E 3962 101.41 34.90 -31.69
CA SER E 3962 102.83 35.24 -31.82
C SER E 3962 102.93 36.58 -32.55
N ASP E 3963 103.98 37.33 -32.21
CA ASP E 3963 104.25 38.59 -32.91
C ASP E 3963 105.21 38.38 -34.07
N SER E 3964 104.93 37.37 -34.89
CA SER E 3964 105.77 36.98 -36.01
C SER E 3964 104.98 36.06 -36.94
N PRO E 3965 104.94 36.34 -38.24
CA PRO E 3965 104.29 35.42 -39.17
C PRO E 3965 105.18 34.22 -39.45
N PRO E 3966 104.58 33.05 -39.68
CA PRO E 3966 105.37 31.85 -39.97
C PRO E 3966 105.98 31.89 -41.38
N ASN E 4005 102.91 44.77 -34.38
CA ASN E 4005 101.70 43.97 -34.54
C ASN E 4005 101.98 42.50 -34.29
N MET E 4006 100.92 41.74 -34.05
CA MET E 4006 101.02 40.30 -33.80
C MET E 4006 100.34 39.54 -34.93
N VAL E 4007 100.57 38.23 -34.95
CA VAL E 4007 100.03 37.33 -35.96
C VAL E 4007 99.25 36.24 -35.25
N TYR E 4008 97.97 36.08 -35.62
CA TYR E 4008 97.11 35.04 -35.05
C TYR E 4008 97.51 33.69 -35.64
N TYR E 4009 98.59 33.15 -35.11
CA TYR E 4009 99.10 31.87 -35.57
C TYR E 4009 98.30 30.73 -34.94
N PHE E 4010 98.20 29.63 -35.65
CA PHE E 4010 97.55 28.43 -35.17
C PHE E 4010 98.58 27.33 -35.01
N LEU E 4011 98.75 26.84 -33.79
CA LEU E 4011 99.69 25.77 -33.53
C LEU E 4011 99.08 24.43 -33.91
N GLU E 4012 99.85 23.60 -34.60
CA GLU E 4012 99.42 22.25 -34.93
C GLU E 4012 100.14 21.23 -34.07
N GLU E 4013 99.56 20.04 -33.99
CA GLU E 4013 100.16 18.93 -33.28
C GLU E 4013 101.02 18.12 -34.25
N SER E 4014 101.43 16.92 -33.83
CA SER E 4014 102.33 16.10 -34.63
C SER E 4014 101.65 15.43 -35.81
N THR E 4015 100.31 15.41 -35.84
CA THR E 4015 99.60 14.67 -36.87
C THR E 4015 99.63 15.42 -38.20
N GLY E 4016 99.51 14.65 -39.29
CA GLY E 4016 99.52 15.22 -40.63
C GLY E 4016 98.23 15.92 -41.01
N TYR E 4017 97.13 15.60 -40.34
CA TYR E 4017 95.85 16.24 -40.62
C TYR E 4017 95.73 17.50 -39.76
N MET E 4018 94.51 18.02 -39.62
CA MET E 4018 94.18 19.36 -39.07
C MET E 4018 94.86 20.42 -39.95
N GLU E 4019 94.63 20.26 -41.23
CA GLU E 4019 95.00 21.07 -42.39
C GLU E 4019 93.88 22.08 -42.65
N PRO E 4020 93.92 22.89 -43.75
CA PRO E 4020 92.70 23.63 -44.15
C PRO E 4020 91.47 22.81 -44.55
N ALA E 4021 91.46 21.48 -44.32
CA ALA E 4021 90.20 20.76 -44.13
C ALA E 4021 89.36 21.35 -42.99
N LEU E 4022 90.02 21.97 -42.00
CA LEU E 4022 89.36 22.90 -41.08
C LEU E 4022 88.51 23.92 -41.84
N TRP E 4023 89.10 24.58 -42.84
CA TRP E 4023 88.37 25.54 -43.65
C TRP E 4023 87.30 24.85 -44.51
N CYS E 4024 87.49 23.57 -44.81
CA CYS E 4024 86.46 22.81 -45.52
C CYS E 4024 85.28 22.47 -44.62
N LEU E 4025 85.47 22.48 -43.30
CA LEU E 4025 84.37 22.25 -42.38
C LEU E 4025 83.61 23.52 -42.05
N SER E 4026 84.26 24.68 -42.18
CA SER E 4026 83.58 25.96 -41.94
C SER E 4026 82.52 26.22 -42.98
N LEU E 4027 82.83 25.93 -44.25
CA LEU E 4027 81.81 25.99 -45.30
C LEU E 4027 80.79 24.88 -45.14
N LEU E 4028 81.21 23.73 -44.59
CA LEU E 4028 80.28 22.66 -44.31
C LEU E 4028 79.34 23.03 -43.17
N HIS E 4029 79.85 23.77 -42.18
CA HIS E 4029 78.99 24.24 -41.11
C HIS E 4029 78.01 25.30 -41.59
N THR E 4030 78.44 26.12 -42.56
CA THR E 4030 77.53 27.08 -43.17
C THR E 4030 76.48 26.38 -44.02
N LEU E 4031 76.86 25.27 -44.65
CA LEU E 4031 75.96 24.58 -45.58
C LEU E 4031 74.81 23.90 -44.85
N VAL E 4032 75.12 23.15 -43.79
CA VAL E 4032 74.13 22.30 -43.14
C VAL E 4032 73.07 23.12 -42.40
N ALA E 4033 73.39 24.34 -42.00
CA ALA E 4033 72.38 25.19 -41.37
C ALA E 4033 71.44 25.80 -42.40
N PHE E 4034 71.92 25.97 -43.65
CA PHE E 4034 71.03 26.45 -44.71
C PHE E 4034 70.03 25.37 -45.10
N LEU E 4035 70.38 24.10 -44.94
CA LEU E 4035 69.40 23.04 -45.07
C LEU E 4035 68.35 23.11 -43.97
N CYS E 4036 68.74 23.58 -42.78
CA CYS E 4036 67.78 23.79 -41.71
C CYS E 4036 66.92 25.02 -41.94
N ILE E 4037 67.32 25.91 -42.86
CA ILE E 4037 66.47 27.05 -43.21
C ILE E 4037 65.25 26.59 -43.98
N ILE E 4038 65.47 25.86 -45.08
CA ILE E 4038 64.37 25.40 -45.91
C ILE E 4038 63.62 24.28 -45.23
N GLY E 4039 64.31 23.47 -44.42
CA GLY E 4039 63.63 22.44 -43.65
C GLY E 4039 62.71 22.98 -42.58
N TYR E 4040 63.04 24.14 -42.03
CA TYR E 4040 62.12 24.81 -41.12
C TYR E 4040 60.97 25.43 -41.88
N ASN E 4041 61.20 25.80 -43.14
CA ASN E 4041 60.24 26.56 -43.93
C ASN E 4041 59.03 25.70 -44.29
N CYS E 4042 59.26 24.56 -44.93
CA CYS E 4042 58.17 23.76 -45.48
C CYS E 4042 57.59 22.78 -44.48
N LEU E 4043 58.26 22.55 -43.35
CA LEU E 4043 57.79 21.59 -42.36
C LEU E 4043 57.14 22.29 -41.17
N LYS E 4044 57.88 23.18 -40.51
CA LYS E 4044 57.40 23.72 -39.25
C LYS E 4044 56.41 24.86 -39.46
N VAL E 4045 56.66 25.73 -40.43
CA VAL E 4045 55.84 26.93 -40.55
C VAL E 4045 54.98 26.92 -41.82
N PRO E 4046 54.13 25.90 -42.03
CA PRO E 4046 52.78 26.23 -42.50
C PRO E 4046 51.83 26.23 -41.32
N LEU E 4047 52.30 25.61 -40.22
CA LEU E 4047 51.47 25.43 -39.04
C LEU E 4047 51.30 26.73 -38.27
N VAL E 4048 52.39 27.47 -38.08
CA VAL E 4048 52.35 28.70 -37.32
C VAL E 4048 51.54 29.75 -38.07
N ILE E 4049 51.57 29.70 -39.40
CA ILE E 4049 50.65 30.48 -40.21
C ILE E 4049 49.21 30.04 -39.94
N PHE E 4050 48.99 28.72 -39.94
CA PHE E 4050 47.65 28.16 -39.78
C PHE E 4050 47.07 28.45 -38.40
N LYS E 4051 47.94 28.64 -37.41
CA LYS E 4051 47.46 29.08 -36.10
C LYS E 4051 46.87 30.48 -36.18
N ARG E 4052 47.54 31.39 -36.91
CA ARG E 4052 46.99 32.71 -37.12
C ARG E 4052 45.79 32.68 -38.05
N GLU E 4053 45.80 31.77 -39.03
CA GLU E 4053 44.68 31.63 -39.97
C GLU E 4053 43.42 31.19 -39.25
N LYS E 4054 43.55 30.33 -38.26
CA LYS E 4054 42.39 29.80 -37.56
C LYS E 4054 41.78 30.83 -36.62
N GLU E 4055 42.63 31.55 -35.87
CA GLU E 4055 42.12 32.50 -34.89
C GLU E 4055 41.56 33.75 -35.56
N LEU E 4056 42.09 34.12 -36.73
CA LEU E 4056 41.57 35.29 -37.42
C LEU E 4056 40.22 35.00 -38.04
N ALA E 4057 39.97 33.74 -38.39
CA ALA E 4057 38.62 33.34 -38.81
C ALA E 4057 37.63 33.49 -37.66
N ARG E 4058 38.07 33.18 -36.43
CA ARG E 4058 37.19 33.33 -35.28
C ARG E 4058 36.96 34.80 -34.94
N LYS E 4059 38.01 35.61 -35.05
CA LYS E 4059 37.93 37.03 -34.70
C LYS E 4059 37.20 37.87 -35.74
N LEU E 4060 36.78 37.28 -36.85
CA LEU E 4060 35.94 37.98 -37.80
C LEU E 4060 34.56 37.37 -37.91
N GLU E 4061 34.43 36.05 -37.77
CA GLU E 4061 33.11 35.43 -37.78
C GLU E 4061 32.37 35.70 -36.48
N PHE E 4062 32.93 35.26 -35.37
CA PHE E 4062 32.26 35.41 -34.08
C PHE E 4062 32.55 36.75 -33.43
N ASP E 4063 33.44 37.56 -33.99
CA ASP E 4063 33.80 38.84 -33.40
C ASP E 4063 33.69 39.93 -34.45
N GLY E 4064 33.74 41.18 -33.96
CA GLY E 4064 33.60 42.35 -34.81
C GLY E 4064 34.83 43.24 -34.73
N LEU E 4065 36.01 42.60 -34.78
CA LEU E 4065 37.28 43.30 -34.64
C LEU E 4065 37.47 44.32 -35.75
N TYR E 4066 37.59 43.85 -36.99
CA TYR E 4066 37.67 44.75 -38.12
C TYR E 4066 36.30 45.13 -38.65
N ILE E 4067 35.29 44.29 -38.41
CA ILE E 4067 33.96 44.59 -38.92
C ILE E 4067 33.29 45.67 -38.09
N THR E 4068 33.07 45.39 -36.81
CA THR E 4068 32.25 46.28 -36.00
C THR E 4068 33.08 47.44 -35.45
N GLU E 4069 34.03 47.14 -34.56
CA GLU E 4069 34.56 48.23 -33.75
C GLU E 4069 35.86 48.83 -34.26
N GLN E 4070 36.98 48.10 -34.07
CA GLN E 4070 38.33 48.63 -34.18
C GLN E 4070 39.32 47.51 -33.85
N PRO E 4071 40.57 47.57 -34.30
CA PRO E 4071 41.63 46.78 -33.66
C PRO E 4071 42.01 47.33 -32.29
N GLY E 4072 43.04 46.76 -31.67
CA GLY E 4072 43.43 47.25 -30.37
C GLY E 4072 44.32 48.48 -30.38
N ASP E 4073 44.80 48.88 -31.57
CA ASP E 4073 45.68 50.02 -31.87
C ASP E 4073 47.10 49.87 -31.32
N ASP E 4074 47.34 48.81 -30.55
CA ASP E 4074 48.65 48.33 -30.15
C ASP E 4074 48.67 46.85 -30.47
N ASP E 4075 49.70 46.13 -30.01
CA ASP E 4075 49.87 44.68 -30.23
C ASP E 4075 49.87 44.38 -31.73
N VAL E 4076 50.93 44.85 -32.38
CA VAL E 4076 50.99 45.15 -33.80
C VAL E 4076 50.72 43.97 -34.73
N LYS E 4077 50.65 42.74 -34.20
CA LYS E 4077 50.17 41.61 -35.00
C LYS E 4077 48.71 41.81 -35.42
N GLY E 4078 47.91 42.48 -34.58
CA GLY E 4078 46.59 42.89 -35.02
C GLY E 4078 46.64 44.07 -35.96
N GLN E 4079 47.63 44.95 -35.78
CA GLN E 4079 47.87 46.02 -36.74
C GLN E 4079 48.41 45.45 -38.05
N TRP E 4080 49.12 44.32 -38.00
CA TRP E 4080 49.71 43.73 -39.18
C TRP E 4080 48.66 43.15 -40.13
N ASP E 4081 47.51 42.74 -39.60
CA ASP E 4081 46.55 41.97 -40.37
C ASP E 4081 45.60 42.83 -41.18
N ARG E 4082 45.75 44.15 -41.15
CA ARG E 4082 44.95 45.01 -42.01
C ARG E 4082 45.33 44.85 -43.47
N LEU E 4083 46.58 44.50 -43.73
CA LEU E 4083 47.12 44.44 -45.08
C LEU E 4083 46.60 43.24 -45.87
N VAL E 4084 46.10 42.21 -45.20
CA VAL E 4084 45.77 40.95 -45.87
C VAL E 4084 44.30 40.84 -46.23
N LEU E 4085 43.44 41.73 -45.71
CA LEU E 4085 41.99 41.53 -45.80
C LEU E 4085 41.45 41.64 -47.22
N ASN E 4086 42.18 42.27 -48.12
CA ASN E 4086 41.74 42.37 -49.51
C ASN E 4086 42.30 41.27 -50.38
N THR E 4087 43.05 40.34 -49.83
CA THR E 4087 43.60 39.28 -50.65
C THR E 4087 42.53 38.24 -50.94
N PRO E 4088 42.44 37.78 -52.19
CA PRO E 4088 41.46 36.73 -52.52
C PRO E 4088 41.81 35.38 -51.93
N SER E 4089 43.09 35.12 -51.65
CA SER E 4089 43.54 33.86 -51.07
C SER E 4089 43.92 34.05 -49.61
N PHE E 4090 43.15 34.86 -48.90
CA PHE E 4090 43.29 34.94 -47.45
C PHE E 4090 43.09 33.59 -46.74
N PRO E 4091 42.00 32.79 -46.98
CA PRO E 4091 41.89 31.53 -46.22
C PRO E 4091 42.69 30.38 -46.78
N SER E 4092 43.73 30.66 -47.58
CA SER E 4092 44.43 29.63 -48.35
C SER E 4092 45.11 28.59 -47.47
N ASN E 4093 45.51 28.95 -46.25
CA ASN E 4093 46.04 27.95 -45.35
C ASN E 4093 44.98 27.35 -44.46
N TYR E 4094 43.95 28.13 -44.10
CA TYR E 4094 42.88 27.60 -43.28
C TYR E 4094 42.03 26.63 -44.09
N TRP E 4095 41.33 25.73 -43.39
CA TRP E 4095 40.52 24.72 -44.04
C TRP E 4095 39.35 25.33 -44.80
N ASP E 4096 38.43 25.98 -44.10
CA ASP E 4096 37.26 26.56 -44.76
C ASP E 4096 37.64 27.80 -45.55
N LYS E 4097 37.06 27.93 -46.74
CA LYS E 4097 37.34 29.07 -47.63
C LYS E 4097 36.05 29.76 -48.03
N PHE E 4098 35.06 29.79 -47.13
CA PHE E 4098 33.79 30.41 -47.47
C PHE E 4098 33.27 31.29 -46.33
N VAL E 4099 34.16 31.71 -45.42
CA VAL E 4099 33.78 32.58 -44.33
C VAL E 4099 33.46 33.99 -44.84
N LYS E 4100 33.98 34.36 -46.03
CA LYS E 4100 33.68 35.66 -46.60
C LYS E 4100 32.21 35.78 -46.97
N ARG E 4101 31.62 34.68 -47.41
CA ARG E 4101 30.17 34.64 -47.60
C ARG E 4101 29.45 34.63 -46.26
N LYS E 4102 30.07 34.07 -45.22
CA LYS E 4102 29.41 33.92 -43.94
C LYS E 4102 29.32 35.25 -43.21
N VAL E 4103 30.38 36.06 -43.27
CA VAL E 4103 30.33 37.39 -42.66
C VAL E 4103 29.37 38.28 -43.44
N LEU E 4104 29.26 38.05 -44.76
CA LEU E 4104 28.24 38.72 -45.56
C LEU E 4104 26.84 38.38 -45.07
N ASP E 4105 26.64 37.13 -44.63
CA ASP E 4105 25.37 36.77 -44.03
C ASP E 4105 25.22 37.40 -42.64
N LYS E 4106 26.24 37.25 -41.81
CA LYS E 4106 26.11 37.62 -40.41
C LYS E 4106 26.20 39.13 -40.20
N HIS E 4107 27.14 39.78 -40.87
CA HIS E 4107 27.42 41.18 -40.60
C HIS E 4107 27.04 42.13 -41.72
N GLY E 4108 26.94 41.64 -42.97
CA GLY E 4108 26.66 42.51 -44.09
C GLY E 4108 25.24 43.05 -44.09
N ASP E 4109 24.34 42.42 -43.36
CA ASP E 4109 22.95 42.90 -43.30
C ASP E 4109 22.87 44.17 -42.46
N ILE E 4110 23.41 44.12 -41.23
CA ILE E 4110 23.29 45.25 -40.32
C ILE E 4110 24.19 46.40 -40.71
N PHE E 4111 25.18 46.16 -41.56
CA PHE E 4111 26.17 47.16 -41.93
C PHE E 4111 26.04 47.43 -43.43
N GLY E 4112 26.98 48.21 -43.96
CA GLY E 4112 27.07 48.41 -45.38
C GLY E 4112 27.38 47.10 -46.08
N ARG E 4113 26.43 46.60 -46.86
CA ARG E 4113 26.59 45.29 -47.47
C ARG E 4113 27.68 45.32 -48.53
N GLU E 4114 27.72 46.37 -49.36
CA GLU E 4114 28.85 46.55 -50.25
C GLU E 4114 30.10 46.95 -49.49
N ARG E 4115 29.94 47.58 -48.33
CA ARG E 4115 31.09 47.96 -47.51
C ARG E 4115 31.80 46.73 -46.95
N ILE E 4116 31.03 45.74 -46.51
CA ILE E 4116 31.62 44.46 -46.13
C ILE E 4116 32.14 43.74 -47.37
N ALA E 4117 31.44 43.89 -48.50
CA ALA E 4117 31.89 43.35 -49.78
C ALA E 4117 33.03 44.16 -50.39
N GLU E 4118 33.48 45.22 -49.72
CA GLU E 4118 34.71 45.91 -50.06
C GLU E 4118 35.80 45.71 -49.02
N LEU E 4119 35.43 45.57 -47.75
CA LEU E 4119 36.43 45.49 -46.69
C LEU E 4119 37.18 44.16 -46.73
N LEU E 4120 36.48 43.08 -47.09
CA LEU E 4120 37.10 41.77 -47.20
C LEU E 4120 37.52 41.45 -48.62
N GLY E 4121 37.96 42.44 -49.37
CA GLY E 4121 38.28 42.25 -50.77
C GLY E 4121 36.99 42.07 -51.53
N MET E 4122 36.82 40.89 -52.13
CA MET E 4122 35.61 40.46 -52.84
C MET E 4122 35.24 41.44 -53.95
N ASP E 4123 36.14 41.52 -54.94
CA ASP E 4123 35.99 42.44 -56.06
C ASP E 4123 34.80 42.00 -56.91
N LEU E 4124 33.71 42.80 -56.84
CA LEU E 4124 32.43 42.58 -57.52
C LEU E 4124 31.78 41.25 -57.16
N ALA E 4125 32.15 40.66 -56.02
CA ALA E 4125 31.57 39.39 -55.59
C ALA E 4125 30.17 39.55 -55.01
N SER E 4126 29.70 40.78 -54.82
CA SER E 4126 28.29 40.99 -54.54
C SER E 4126 27.43 40.61 -55.74
N LEU E 4127 27.96 40.76 -56.94
CA LEU E 4127 27.31 40.27 -58.16
C LEU E 4127 27.92 38.98 -58.67
N GLU E 4128 29.19 38.71 -58.35
CA GLU E 4128 29.84 37.48 -58.81
C GLU E 4128 29.54 36.29 -57.92
N ILE E 4129 28.76 36.46 -56.86
CA ILE E 4129 28.33 35.31 -56.07
C ILE E 4129 27.35 34.46 -56.87
N THR E 4130 26.39 35.11 -57.53
CA THR E 4130 25.46 34.39 -58.39
C THR E 4130 26.04 34.13 -59.77
N ALA E 4131 27.01 34.96 -60.20
CA ALA E 4131 27.64 34.74 -61.49
C ALA E 4131 28.56 33.53 -61.46
N HIS E 4132 29.17 33.24 -60.32
CA HIS E 4132 29.96 32.02 -60.15
C HIS E 4132 29.09 30.88 -59.62
N ASN E 4133 27.98 30.62 -60.31
CA ASN E 4133 27.11 29.51 -60.00
C ASN E 4133 26.53 28.82 -61.23
N GLU E 4134 26.49 29.47 -62.39
CA GLU E 4134 25.90 28.86 -63.58
C GLU E 4134 26.80 27.79 -64.15
N ARG E 4135 28.03 28.16 -64.52
CA ARG E 4135 28.99 27.22 -65.08
C ARG E 4135 30.34 27.45 -64.43
N LYS E 4136 31.26 26.52 -64.67
CA LYS E 4136 32.61 26.61 -64.12
C LYS E 4136 33.56 25.84 -65.03
N PRO E 4137 34.18 26.52 -65.99
CA PRO E 4137 35.18 25.87 -66.84
C PRO E 4137 36.51 25.72 -66.10
N ASP E 4138 37.48 25.12 -66.79
CA ASP E 4138 38.80 24.87 -66.21
C ASP E 4138 39.87 25.20 -67.25
N PRO E 4139 40.51 26.36 -67.14
CA PRO E 4139 41.59 26.70 -68.08
C PRO E 4139 42.87 25.96 -67.74
N PRO E 4140 43.69 25.63 -68.73
CA PRO E 4140 44.91 24.86 -68.47
C PRO E 4140 46.02 25.76 -67.95
N PRO E 4141 46.93 25.22 -67.14
CA PRO E 4141 48.03 26.03 -66.61
C PRO E 4141 49.22 26.12 -67.56
N GLY E 4142 49.84 27.29 -67.57
CA GLY E 4142 51.03 27.55 -68.36
C GLY E 4142 52.21 27.94 -67.49
N LEU E 4143 52.42 27.18 -66.40
CA LEU E 4143 53.27 27.57 -65.28
C LEU E 4143 54.73 27.80 -65.68
N LEU E 4144 55.44 28.51 -64.80
CA LEU E 4144 56.78 29.07 -64.96
C LEU E 4144 56.87 30.12 -66.07
N THR E 4145 55.74 30.59 -66.59
CA THR E 4145 55.69 31.71 -67.52
C THR E 4145 54.89 32.87 -66.96
N TRP E 4146 53.66 32.62 -66.50
CA TRP E 4146 52.80 33.63 -65.90
C TRP E 4146 53.06 33.82 -64.42
N LEU E 4147 54.07 33.14 -63.86
CA LEU E 4147 54.25 32.92 -62.43
C LEU E 4147 54.39 34.21 -61.62
N MET E 4148 54.61 35.35 -62.25
CA MET E 4148 54.50 36.64 -61.59
C MET E 4148 53.06 36.95 -61.15
N SER E 4149 52.06 36.30 -61.73
CA SER E 4149 50.67 36.56 -61.39
C SER E 4149 50.27 35.72 -60.18
N ILE E 4150 50.85 36.10 -59.03
CA ILE E 4150 50.53 35.50 -57.74
C ILE E 4150 50.20 36.61 -56.77
N ASP E 4151 49.60 36.24 -55.64
CA ASP E 4151 49.25 37.21 -54.62
C ASP E 4151 50.48 37.70 -53.87
N VAL E 4152 51.06 38.80 -54.35
CA VAL E 4152 52.27 39.34 -53.73
C VAL E 4152 51.95 39.92 -52.36
N LYS E 4153 50.83 40.65 -52.26
CA LYS E 4153 50.41 41.28 -51.02
C LYS E 4153 50.12 40.25 -49.94
N TYR E 4154 49.62 39.08 -50.33
CA TYR E 4154 49.45 37.99 -49.37
C TYR E 4154 50.79 37.45 -48.90
N GLN E 4155 51.79 37.43 -49.79
CA GLN E 4155 53.12 36.95 -49.40
C GLN E 4155 53.83 37.95 -48.51
N ILE E 4156 53.62 39.26 -48.76
CA ILE E 4156 54.20 40.30 -47.93
C ILE E 4156 53.64 40.23 -46.51
N TRP E 4157 52.32 40.02 -46.41
CA TRP E 4157 51.70 39.77 -45.12
C TRP E 4157 52.22 38.48 -44.50
N LYS E 4158 52.44 37.46 -45.33
CA LYS E 4158 52.88 36.16 -44.85
C LYS E 4158 54.27 36.23 -44.23
N PHE E 4159 55.19 36.91 -44.91
CA PHE E 4159 56.59 36.88 -44.52
C PHE E 4159 56.83 37.65 -43.23
N GLY E 4160 56.08 38.72 -43.00
CA GLY E 4160 56.21 39.43 -41.75
C GLY E 4160 55.64 38.66 -40.58
N VAL E 4161 54.62 37.84 -40.83
CA VAL E 4161 54.12 36.91 -39.81
C VAL E 4161 55.20 35.89 -39.47
N ILE E 4162 55.93 35.43 -40.49
CA ILE E 4162 57.07 34.54 -40.27
C ILE E 4162 58.16 35.27 -39.49
N PHE E 4163 58.34 36.57 -39.78
CA PHE E 4163 59.36 37.36 -39.11
C PHE E 4163 59.04 37.64 -37.64
N THR E 4164 57.75 37.68 -37.28
CA THR E 4164 57.39 37.85 -35.88
C THR E 4164 57.64 36.60 -35.05
N ASP E 4165 57.80 35.44 -35.69
CA ASP E 4165 58.08 34.22 -34.94
C ASP E 4165 59.49 34.26 -34.37
N ASN E 4166 59.59 34.08 -33.06
CA ASN E 4166 60.89 34.12 -32.40
C ASN E 4166 61.73 32.90 -32.75
N SER E 4167 61.10 31.73 -32.88
CA SER E 4167 61.83 30.53 -33.25
C SER E 4167 62.33 30.59 -34.69
N PHE E 4168 61.63 31.33 -35.55
CA PHE E 4168 62.15 31.59 -36.89
C PHE E 4168 63.37 32.50 -36.83
N LEU E 4169 63.31 33.53 -35.97
CA LEU E 4169 64.43 34.45 -35.85
C LEU E 4169 65.62 33.78 -35.17
N TYR E 4170 65.36 33.00 -34.12
CA TYR E 4170 66.41 32.32 -33.37
C TYR E 4170 67.13 31.29 -34.24
N LEU E 4171 66.39 30.62 -35.11
CA LEU E 4171 67.04 29.73 -36.07
C LEU E 4171 67.70 30.53 -37.18
N GLY E 4172 67.14 31.69 -37.53
CA GLY E 4172 67.77 32.53 -38.53
C GLY E 4172 69.00 33.24 -38.01
N TRP E 4173 69.01 33.61 -36.73
CA TRP E 4173 70.18 34.19 -36.09
C TRP E 4173 71.34 33.22 -36.02
N TYR E 4174 71.06 31.92 -35.98
CA TYR E 4174 72.11 30.90 -36.04
C TYR E 4174 72.73 30.84 -37.42
N MET E 4175 71.98 31.19 -38.46
CA MET E 4175 72.46 31.10 -39.84
C MET E 4175 73.28 32.31 -40.26
N VAL E 4176 72.90 33.50 -39.80
CA VAL E 4176 73.59 34.74 -40.20
C VAL E 4176 75.01 34.75 -39.65
N MET E 4177 75.19 34.26 -38.43
CA MET E 4177 76.50 34.22 -37.80
C MET E 4177 77.40 33.14 -38.39
N SER E 4178 76.86 32.25 -39.23
CA SER E 4178 77.71 31.31 -39.95
C SER E 4178 78.54 32.01 -41.00
N LEU E 4179 77.99 33.07 -41.60
CA LEU E 4179 78.78 33.91 -42.49
C LEU E 4179 79.83 34.70 -41.72
N LEU E 4180 79.52 35.05 -40.46
CA LEU E 4180 80.52 35.67 -39.61
C LEU E 4180 81.61 34.71 -39.20
N GLY E 4181 81.31 33.40 -39.20
CA GLY E 4181 82.33 32.42 -38.89
C GLY E 4181 83.40 32.30 -39.95
N HIS E 4182 83.09 32.70 -41.20
CA HIS E 4182 84.09 32.67 -42.26
C HIS E 4182 85.19 33.70 -42.02
N TYR E 4183 84.92 34.75 -41.28
CA TYR E 4183 85.97 35.54 -40.69
C TYR E 4183 86.57 34.78 -39.52
N ASN E 4184 87.90 34.74 -39.45
CA ASN E 4184 88.56 33.95 -38.41
C ASN E 4184 88.39 34.64 -37.06
N ASN E 4185 87.29 34.33 -36.38
CA ASN E 4185 86.90 35.05 -35.18
C ASN E 4185 86.20 34.07 -34.24
N PHE E 4186 85.45 34.62 -33.28
CA PHE E 4186 84.83 33.87 -32.21
C PHE E 4186 83.68 32.98 -32.68
N PHE E 4187 83.19 33.17 -33.91
CA PHE E 4187 81.82 32.88 -34.25
C PHE E 4187 81.57 31.41 -34.59
N PHE E 4188 82.40 30.49 -34.12
CA PHE E 4188 82.02 29.08 -34.08
C PHE E 4188 81.76 28.59 -32.67
N ALA E 4189 82.36 29.22 -31.67
CA ALA E 4189 82.14 28.81 -30.28
C ALA E 4189 80.79 29.31 -29.77
N ALA E 4190 80.34 30.48 -30.23
CA ALA E 4190 78.99 30.92 -29.94
C ALA E 4190 77.95 30.05 -30.64
N HIS E 4191 78.33 29.43 -31.75
CA HIS E 4191 77.48 28.42 -32.38
C HIS E 4191 77.34 27.17 -31.51
N LEU E 4192 78.33 26.88 -30.68
CA LEU E 4192 78.23 25.69 -29.83
C LEU E 4192 77.28 25.91 -28.66
N LEU E 4193 77.09 27.16 -28.26
CA LEU E 4193 76.44 27.43 -26.98
C LEU E 4193 74.93 27.33 -27.06
N ASP E 4194 74.34 27.63 -28.22
CA ASP E 4194 72.89 27.81 -28.25
C ASP E 4194 72.13 26.50 -28.43
N ILE E 4195 72.75 25.49 -29.03
CA ILE E 4195 72.10 24.17 -29.04
C ILE E 4195 72.19 23.55 -27.64
N ALA E 4196 73.24 23.89 -26.89
CA ALA E 4196 73.32 23.48 -25.49
C ALA E 4196 72.19 24.08 -24.66
N MET E 4197 71.73 25.28 -25.05
CA MET E 4197 70.49 25.81 -24.50
C MET E 4197 69.29 24.96 -24.92
N GLY E 4198 69.35 24.35 -26.11
CA GLY E 4198 68.17 23.67 -26.64
C GLY E 4198 67.86 22.35 -25.98
N VAL E 4199 68.83 21.78 -25.25
CA VAL E 4199 68.64 20.50 -24.60
C VAL E 4199 67.61 20.63 -23.48
N LYS E 4200 66.71 19.63 -23.41
CA LYS E 4200 65.53 19.66 -22.53
C LYS E 4200 65.91 19.82 -21.07
N THR E 4201 66.93 19.08 -20.62
CA THR E 4201 67.33 19.12 -19.21
C THR E 4201 67.88 20.49 -18.84
N LEU E 4202 68.52 21.16 -19.80
CA LEU E 4202 68.98 22.51 -19.56
C LEU E 4202 67.85 23.51 -19.79
N ARG E 4203 66.85 23.14 -20.59
CA ARG E 4203 65.70 24.02 -20.78
C ARG E 4203 64.86 24.12 -19.52
N THR E 4204 64.74 23.02 -18.77
CA THR E 4204 63.98 23.03 -17.53
C THR E 4204 64.63 23.91 -16.49
N ILE E 4205 65.96 23.92 -16.45
CA ILE E 4205 66.68 24.78 -15.52
C ILE E 4205 66.56 26.24 -15.96
N LEU E 4206 66.65 26.46 -17.28
CA LEU E 4206 66.63 27.83 -17.79
C LEU E 4206 65.25 28.44 -17.70
N SER E 4207 64.19 27.65 -17.94
CA SER E 4207 62.84 28.18 -17.85
C SER E 4207 62.44 28.48 -16.43
N SER E 4208 63.04 27.78 -15.46
CA SER E 4208 62.86 28.14 -14.06
C SER E 4208 63.48 29.51 -13.77
N VAL E 4209 64.63 29.79 -14.37
CA VAL E 4209 65.27 31.09 -14.21
C VAL E 4209 64.51 32.14 -15.02
N THR E 4210 64.04 31.78 -16.21
CA THR E 4210 63.39 32.73 -17.10
C THR E 4210 62.05 33.19 -16.54
N HIS E 4211 61.30 32.28 -15.93
CA HIS E 4211 60.00 32.64 -15.35
C HIS E 4211 60.17 33.52 -14.12
N ASN E 4212 61.21 33.28 -13.34
CA ASN E 4212 61.46 34.09 -12.16
C ASN E 4212 62.40 35.25 -12.42
N GLY E 4213 62.88 35.40 -13.66
CA GLY E 4213 63.82 36.44 -14.00
C GLY E 4213 63.28 37.85 -13.96
N LYS E 4214 61.94 38.00 -13.93
CA LYS E 4214 61.34 39.30 -13.72
C LYS E 4214 61.49 39.78 -12.27
N GLN E 4215 61.91 38.92 -11.36
CA GLN E 4215 62.16 39.31 -9.98
C GLN E 4215 63.64 39.44 -9.64
N LEU E 4216 64.52 38.78 -10.40
CA LEU E 4216 65.95 39.03 -10.21
C LEU E 4216 66.34 40.43 -10.67
N VAL E 4217 65.64 40.95 -11.67
CA VAL E 4217 65.98 42.28 -12.17
C VAL E 4217 65.54 43.38 -11.22
N MET E 4218 64.53 43.14 -10.39
CA MET E 4218 64.22 44.07 -9.32
C MET E 4218 65.19 43.95 -8.16
N THR E 4219 65.91 42.84 -8.05
CA THR E 4219 66.86 42.67 -6.97
C THR E 4219 68.15 43.41 -7.25
N VAL E 4220 68.62 43.34 -8.50
CA VAL E 4220 69.90 43.94 -8.86
C VAL E 4220 69.85 45.47 -8.87
N GLY E 4221 68.66 46.06 -9.00
CA GLY E 4221 68.55 47.50 -8.83
C GLY E 4221 68.70 47.91 -7.38
N LEU E 4222 68.28 47.05 -6.46
CA LEU E 4222 68.46 47.32 -5.04
C LEU E 4222 69.92 47.21 -4.64
N LEU E 4223 70.68 46.36 -5.32
CA LEU E 4223 72.08 46.16 -4.95
C LEU E 4223 72.91 47.39 -5.28
N ALA E 4224 72.62 48.05 -6.40
CA ALA E 4224 73.38 49.22 -6.80
C ALA E 4224 73.06 50.45 -5.97
N VAL E 4225 71.91 50.49 -5.31
CA VAL E 4225 71.48 51.70 -4.61
C VAL E 4225 71.83 51.69 -3.13
N VAL E 4226 71.97 50.50 -2.51
CA VAL E 4226 72.38 50.44 -1.11
C VAL E 4226 73.82 50.87 -0.96
N VAL E 4227 74.69 50.43 -1.87
CA VAL E 4227 76.05 50.92 -1.88
C VAL E 4227 76.11 52.38 -2.32
N TYR E 4228 75.11 52.83 -3.08
CA TYR E 4228 75.07 54.23 -3.51
C TYR E 4228 74.77 55.16 -2.34
N LEU E 4229 73.88 54.74 -1.45
CA LEU E 4229 73.70 55.45 -0.19
C LEU E 4229 74.95 55.36 0.67
N TYR E 4230 75.64 54.23 0.59
CA TYR E 4230 76.83 54.01 1.40
C TYR E 4230 78.10 54.43 0.68
N THR E 4231 77.96 55.01 -0.52
CA THR E 4231 79.08 55.63 -1.19
C THR E 4231 79.28 57.06 -0.69
N VAL E 4232 78.18 57.82 -0.64
CA VAL E 4232 78.26 59.25 -0.36
C VAL E 4232 78.66 59.51 1.09
N VAL E 4233 78.35 58.57 2.00
CA VAL E 4233 78.73 58.73 3.40
C VAL E 4233 80.24 58.63 3.56
N ALA E 4234 80.83 57.61 2.95
CA ALA E 4234 82.29 57.53 2.91
C ALA E 4234 82.89 58.61 2.02
N PHE E 4235 82.13 59.12 1.05
CA PHE E 4235 82.63 60.22 0.23
C PHE E 4235 82.70 61.53 1.00
N ASN E 4236 81.90 61.68 2.04
CA ASN E 4236 81.85 62.95 2.77
C ASN E 4236 82.35 62.85 4.21
N PHE E 4237 82.28 61.68 4.83
CA PHE E 4237 82.72 61.53 6.21
C PHE E 4237 84.00 60.72 6.33
N PHE E 4238 84.12 59.62 5.60
CA PHE E 4238 85.33 58.81 5.59
C PHE E 4238 86.19 59.12 4.37
N ARG E 4239 86.15 60.37 3.92
CA ARG E 4239 86.80 60.77 2.67
C ARG E 4239 88.32 60.69 2.78
N LYS E 4240 88.87 61.07 3.93
CA LYS E 4240 90.30 61.13 4.18
C LYS E 4240 90.89 59.79 4.59
N PHE E 4241 90.22 58.68 4.32
CA PHE E 4241 90.58 57.41 4.91
C PHE E 4241 91.00 56.33 3.91
N TYR E 4242 90.61 56.44 2.63
CA TYR E 4242 90.90 55.38 1.66
C TYR E 4242 92.39 55.18 1.41
N ASN E 4243 93.05 56.18 0.82
CA ASN E 4243 94.52 56.33 0.83
C ASN E 4243 95.22 55.12 0.19
N LYS E 4244 95.08 55.02 -1.13
CA LYS E 4244 95.45 53.81 -1.88
C LYS E 4244 96.94 53.44 -1.90
N SER E 4245 97.77 54.16 -1.14
CA SER E 4245 99.05 53.66 -0.61
C SER E 4245 100.11 53.47 -1.71
N GLU E 4246 100.30 54.50 -2.53
CA GLU E 4246 101.54 54.63 -3.26
C GLU E 4246 102.59 55.18 -2.31
N ASP E 4247 103.86 54.90 -2.60
CA ASP E 4247 104.95 55.27 -1.70
C ASP E 4247 105.19 56.78 -1.73
N GLU E 4248 105.06 57.43 -0.56
CA GLU E 4248 105.43 58.81 -0.22
C GLU E 4248 104.47 59.84 -0.83
N ASP E 4249 103.60 59.40 -1.73
CA ASP E 4249 102.60 60.24 -2.37
C ASP E 4249 101.33 59.41 -2.52
N GLU E 4250 100.19 60.08 -2.53
CA GLU E 4250 98.92 59.42 -2.80
C GLU E 4250 98.15 60.18 -3.88
N PRO E 4251 98.48 59.94 -5.16
CA PRO E 4251 97.61 60.46 -6.22
C PRO E 4251 96.29 59.71 -6.31
N ASP E 4252 96.23 58.49 -5.79
CA ASP E 4252 95.05 57.65 -5.87
C ASP E 4252 94.32 57.69 -4.54
N MET E 4253 93.18 58.37 -4.53
CA MET E 4253 92.16 58.21 -3.51
C MET E 4253 90.83 58.16 -4.24
N LYS E 4254 90.01 57.16 -3.93
CA LYS E 4254 88.75 57.02 -4.66
C LYS E 4254 87.75 58.11 -4.28
N CYS E 4255 87.89 58.69 -3.09
CA CYS E 4255 87.08 59.83 -2.68
C CYS E 4255 87.67 61.16 -3.15
N ASP E 4256 88.00 61.22 -4.44
CA ASP E 4256 88.38 62.47 -5.11
C ASP E 4256 87.39 62.81 -6.22
N ASP E 4257 87.15 61.87 -7.11
CA ASP E 4257 86.03 61.92 -8.04
C ASP E 4257 84.87 61.12 -7.47
N MET E 4258 83.66 61.43 -7.96
CA MET E 4258 82.48 60.82 -7.37
C MET E 4258 82.25 59.42 -7.93
N MET E 4259 82.23 59.28 -9.26
CA MET E 4259 81.97 57.98 -9.87
C MET E 4259 83.12 57.00 -9.69
N THR E 4260 84.32 57.51 -9.43
CA THR E 4260 85.47 56.64 -9.21
C THR E 4260 85.31 55.86 -7.90
N CYS E 4261 84.77 56.50 -6.87
CA CYS E 4261 84.49 55.79 -5.62
C CYS E 4261 83.39 54.77 -5.81
N TYR E 4262 82.32 55.15 -6.51
CA TYR E 4262 81.16 54.27 -6.68
C TYR E 4262 81.50 53.07 -7.56
N LEU E 4263 82.47 53.22 -8.46
CA LEU E 4263 82.99 52.07 -9.17
C LEU E 4263 83.80 51.17 -8.25
N PHE E 4264 84.51 51.77 -7.29
CA PHE E 4264 85.38 51.00 -6.40
C PHE E 4264 84.58 50.12 -5.44
N HIS E 4265 83.35 50.53 -5.09
CA HIS E 4265 82.50 49.69 -4.26
C HIS E 4265 82.08 48.44 -4.99
N MET E 4266 81.56 48.58 -6.20
CA MET E 4266 81.11 47.43 -6.98
C MET E 4266 82.25 46.62 -7.55
N TYR E 4267 83.48 47.15 -7.52
CA TYR E 4267 84.61 46.35 -7.96
C TYR E 4267 85.17 45.50 -6.83
N VAL E 4268 85.05 45.95 -5.59
CA VAL E 4268 85.72 45.34 -4.45
C VAL E 4268 84.74 44.79 -3.44
N GLY E 4269 83.82 45.64 -2.95
CA GLY E 4269 83.02 45.31 -1.79
C GLY E 4269 82.02 44.19 -2.02
N VAL E 4270 81.52 44.07 -3.26
CA VAL E 4270 80.63 42.97 -3.61
C VAL E 4270 81.38 41.80 -4.21
N ARG E 4271 82.70 41.86 -4.25
CA ARG E 4271 83.50 40.84 -4.93
C ARG E 4271 84.52 40.18 -4.03
N ALA E 4272 85.05 40.90 -3.02
CA ALA E 4272 86.21 40.45 -2.27
C ALA E 4272 85.93 39.20 -1.42
N GLY E 4273 84.69 38.95 -1.04
CA GLY E 4273 84.40 37.81 -0.19
C GLY E 4273 84.92 38.03 1.21
N GLY E 4274 84.26 38.91 1.95
CA GLY E 4274 84.81 39.40 3.20
C GLY E 4274 84.49 40.87 3.37
N GLY E 4275 83.81 41.44 2.39
CA GLY E 4275 83.38 42.81 2.48
C GLY E 4275 84.41 43.80 1.98
N ILE E 4276 84.07 45.08 2.18
CA ILE E 4276 84.96 46.14 1.74
C ILE E 4276 86.10 46.37 2.72
N GLY E 4277 85.94 45.98 3.99
CA GLY E 4277 86.94 46.25 5.00
C GLY E 4277 88.13 45.30 4.98
N ASP E 4278 88.68 45.03 3.80
CA ASP E 4278 89.81 44.14 3.62
C ASP E 4278 91.00 44.81 2.97
N GLU E 4279 90.81 45.97 2.35
CA GLU E 4279 91.86 46.64 1.61
C GLU E 4279 92.07 48.09 2.05
N ILE E 4280 91.14 48.66 2.80
CA ILE E 4280 91.26 50.02 3.29
C ILE E 4280 91.80 49.91 4.72
N GLU E 4281 92.39 51.00 5.20
CA GLU E 4281 93.38 51.02 6.27
C GLU E 4281 92.80 50.63 7.63
N ASP E 4282 93.72 50.59 8.59
CA ASP E 4282 93.41 50.26 9.97
C ASP E 4282 92.54 51.34 10.59
N PRO E 4283 91.39 51.00 11.17
CA PRO E 4283 90.58 52.01 11.89
C PRO E 4283 91.04 52.25 13.32
N ALA E 4284 92.25 51.81 13.68
CA ALA E 4284 92.74 51.95 15.03
C ALA E 4284 93.13 53.38 15.40
N GLY E 4285 93.12 54.31 14.46
CA GLY E 4285 93.29 55.70 14.80
C GLY E 4285 92.13 56.25 15.60
N ASP E 4286 92.43 57.24 16.44
CA ASP E 4286 91.43 57.74 17.38
C ASP E 4286 90.35 58.56 16.68
N GLU E 4287 90.66 59.19 15.55
CA GLU E 4287 89.68 59.97 14.83
C GLU E 4287 88.69 59.04 14.14
N TYR E 4288 87.43 59.10 14.60
CA TYR E 4288 86.31 58.31 14.07
C TYR E 4288 86.58 56.81 14.17
N GLU E 4289 87.07 56.37 15.33
CA GLU E 4289 87.33 54.95 15.54
C GLU E 4289 86.04 54.16 15.63
N LEU E 4290 85.07 54.68 16.39
CA LEU E 4290 83.80 54.00 16.55
C LEU E 4290 82.97 54.04 15.29
N TYR E 4291 83.15 55.08 14.46
CA TYR E 4291 82.24 55.33 13.37
C TYR E 4291 82.44 54.35 12.21
N ARG E 4292 83.70 53.95 11.96
CA ARG E 4292 83.93 52.98 10.89
C ARG E 4292 83.51 51.59 11.34
N VAL E 4293 83.95 51.17 12.52
CA VAL E 4293 83.82 49.78 12.95
C VAL E 4293 82.38 49.41 13.23
N VAL E 4294 81.50 50.38 13.46
CA VAL E 4294 80.08 50.10 13.43
C VAL E 4294 79.59 50.01 11.99
N PHE E 4295 79.98 50.97 11.15
CA PHE E 4295 79.43 51.07 9.81
C PHE E 4295 79.99 50.01 8.87
N ASP E 4296 81.27 49.64 9.02
CA ASP E 4296 81.89 48.71 8.09
C ASP E 4296 81.39 47.28 8.32
N ILE E 4297 81.21 46.90 9.58
CA ILE E 4297 80.79 45.54 9.90
C ILE E 4297 79.33 45.33 9.51
N THR E 4298 78.48 46.30 9.81
CA THR E 4298 77.08 46.23 9.38
C THR E 4298 76.94 46.27 7.87
N PHE E 4299 77.85 46.96 7.19
CA PHE E 4299 77.89 46.93 5.72
C PHE E 4299 78.16 45.53 5.21
N PHE E 4300 78.98 44.76 5.94
CA PHE E 4300 79.18 43.36 5.59
C PHE E 4300 77.91 42.54 5.83
N PHE E 4301 77.08 42.94 6.79
CA PHE E 4301 75.81 42.26 6.96
C PHE E 4301 74.81 42.62 5.87
N PHE E 4302 74.82 43.88 5.43
CA PHE E 4302 73.69 44.40 4.67
C PHE E 4302 73.63 43.90 3.24
N VAL E 4303 74.76 43.51 2.65
CA VAL E 4303 74.80 43.07 1.27
C VAL E 4303 75.33 41.65 1.13
N ILE E 4304 76.39 41.30 1.86
CA ILE E 4304 77.00 39.98 1.70
C ILE E 4304 76.11 38.92 2.32
N VAL E 4305 75.58 39.18 3.51
CA VAL E 4305 74.71 38.22 4.16
C VAL E 4305 73.34 38.22 3.50
N ILE E 4306 72.85 39.40 3.10
CA ILE E 4306 71.47 39.52 2.66
C ILE E 4306 71.30 39.07 1.22
N LEU E 4307 72.03 39.69 0.30
CA LEU E 4307 71.71 39.58 -1.12
C LEU E 4307 72.06 38.21 -1.70
N LEU E 4308 73.05 37.53 -1.13
CA LEU E 4308 73.37 36.18 -1.59
C LEU E 4308 72.26 35.19 -1.26
N ALA E 4309 71.55 35.43 -0.16
CA ALA E 4309 70.38 34.63 0.15
C ALA E 4309 69.25 34.87 -0.83
N ILE E 4310 69.15 36.10 -1.35
CA ILE E 4310 68.01 36.48 -2.17
C ILE E 4310 68.12 35.85 -3.55
N ILE E 4311 69.32 35.90 -4.14
CA ILE E 4311 69.51 35.35 -5.48
C ILE E 4311 69.42 33.83 -5.43
N GLN E 4312 69.98 33.22 -4.39
CA GLN E 4312 69.91 31.77 -4.27
C GLN E 4312 68.50 31.31 -3.92
N GLY E 4313 67.84 32.01 -2.98
CA GLY E 4313 66.54 31.60 -2.50
C GLY E 4313 65.45 31.66 -3.55
N LEU E 4314 65.59 32.54 -4.54
CA LEU E 4314 64.65 32.51 -5.66
C LEU E 4314 64.88 31.28 -6.51
N ILE E 4315 66.13 30.82 -6.61
CA ILE E 4315 66.41 29.58 -7.32
C ILE E 4315 66.01 28.38 -6.48
N ILE E 4316 66.10 28.50 -5.15
CA ILE E 4316 65.54 27.51 -4.24
C ILE E 4316 64.03 27.39 -4.46
N ASP E 4317 63.37 28.52 -4.67
CA ASP E 4317 61.97 28.50 -5.06
C ASP E 4317 61.77 27.91 -6.45
N ALA E 4318 62.76 28.09 -7.34
CA ALA E 4318 62.61 27.64 -8.72
C ALA E 4318 62.63 26.11 -8.81
N PHE E 4319 63.42 25.45 -7.96
CA PHE E 4319 63.32 24.00 -7.88
C PHE E 4319 62.02 23.58 -7.21
N GLY E 4320 61.52 24.38 -6.27
CA GLY E 4320 60.27 24.04 -5.62
C GLY E 4320 59.06 24.21 -6.51
N GLU E 4321 59.16 25.09 -7.51
CA GLU E 4321 58.06 25.26 -8.45
C GLU E 4321 57.94 24.05 -9.36
N LEU E 4322 59.05 23.63 -9.95
CA LEU E 4322 58.99 22.62 -11.02
C LEU E 4322 58.72 21.24 -10.47
N ARG E 4323 59.06 20.97 -9.21
CA ARG E 4323 58.67 19.72 -8.60
C ARG E 4323 57.17 19.67 -8.34
N ASP E 4324 56.53 20.83 -8.19
CA ASP E 4324 55.08 20.87 -8.12
C ASP E 4324 54.46 20.79 -9.51
N GLN E 4325 55.15 21.32 -10.51
CA GLN E 4325 54.64 21.26 -11.89
C GLN E 4325 54.62 19.82 -12.40
N GLN E 4326 55.60 19.02 -12.01
CA GLN E 4326 55.58 17.61 -12.35
C GLN E 4326 54.63 16.80 -11.47
N GLU E 4327 54.17 17.36 -10.37
CA GLU E 4327 53.29 16.61 -9.48
C GLU E 4327 51.85 16.67 -9.92
N GLN E 4328 51.33 17.87 -10.17
CA GLN E 4328 49.91 18.02 -10.48
C GLN E 4328 49.55 17.51 -11.86
N VAL E 4329 50.53 17.39 -12.76
CA VAL E 4329 50.25 16.73 -14.04
C VAL E 4329 50.05 15.24 -13.83
N LYS E 4330 50.66 14.67 -12.80
CA LYS E 4330 50.42 13.30 -12.40
C LYS E 4330 49.21 13.21 -11.48
N GLU E 4331 49.00 14.24 -10.67
CA GLU E 4331 47.97 14.18 -9.64
C GLU E 4331 46.57 14.34 -10.23
N ASP E 4332 46.44 15.16 -11.28
CA ASP E 4332 45.11 15.47 -11.80
C ASP E 4332 44.52 14.29 -12.55
N MET E 4333 45.36 13.54 -13.28
CA MET E 4333 44.89 12.32 -13.93
C MET E 4333 44.53 11.26 -12.90
N GLU E 4334 45.29 11.18 -11.81
CA GLU E 4334 45.03 10.20 -10.76
C GLU E 4334 43.70 10.45 -10.07
N THR E 4335 43.22 11.69 -10.07
CA THR E 4335 41.89 11.97 -9.54
C THR E 4335 40.81 11.60 -10.55
N LYS E 4336 40.74 12.36 -11.64
CA LYS E 4336 39.72 12.14 -12.66
C LYS E 4336 40.25 12.30 -14.08
N CYS E 4337 39.42 11.91 -15.04
CA CYS E 4337 39.74 12.03 -16.46
C CYS E 4337 39.86 13.50 -16.88
N PHE E 4338 38.95 14.29 -16.29
CA PHE E 4338 38.73 15.76 -16.35
C PHE E 4338 37.77 16.17 -17.47
N ILE E 4339 37.64 15.30 -18.47
CA ILE E 4339 36.66 15.50 -19.53
C ILE E 4339 35.25 15.27 -18.94
N CYS E 4340 35.21 14.27 -18.07
CA CYS E 4340 34.04 13.77 -17.36
C CYS E 4340 34.00 14.36 -15.95
N GLY E 4341 32.85 14.93 -15.58
CA GLY E 4341 32.70 15.53 -14.27
C GLY E 4341 32.28 14.55 -13.20
N ILE E 4342 33.00 13.43 -13.10
CA ILE E 4342 32.70 12.41 -12.11
C ILE E 4342 34.01 12.02 -11.45
N GLY E 4343 34.03 12.05 -10.12
CA GLY E 4343 35.17 11.58 -9.38
C GLY E 4343 35.35 10.08 -9.50
N SER E 4344 36.57 9.63 -9.23
CA SER E 4344 36.88 8.21 -9.32
C SER E 4344 36.26 7.40 -8.18
N ASP E 4345 35.76 8.05 -7.14
CA ASP E 4345 35.11 7.34 -6.04
C ASP E 4345 33.82 6.66 -6.51
N TYR E 4346 33.07 7.31 -7.39
CA TYR E 4346 31.94 6.65 -8.02
C TYR E 4346 32.39 5.50 -8.89
N PHE E 4347 33.59 5.61 -9.46
CA PHE E 4347 34.17 4.53 -10.23
C PHE E 4347 34.86 3.51 -9.33
N ASP E 4348 35.25 3.94 -8.13
CA ASP E 4348 35.86 3.03 -7.16
C ASP E 4348 34.82 2.12 -6.53
N THR E 4349 33.54 2.41 -6.68
CA THR E 4349 32.49 1.60 -6.08
C THR E 4349 32.43 0.22 -6.73
N THR E 4350 32.35 0.18 -8.04
CA THR E 4350 32.51 -1.06 -8.77
C THR E 4350 33.99 -1.39 -8.91
N PRO E 4351 34.36 -2.67 -8.97
CA PRO E 4351 35.78 -3.02 -9.08
C PRO E 4351 36.36 -2.63 -10.43
N HIS E 4352 37.53 -1.99 -10.38
CA HIS E 4352 38.33 -1.56 -11.53
C HIS E 4352 37.56 -0.59 -12.43
N GLY E 4353 36.67 0.20 -11.85
CA GLY E 4353 35.86 1.12 -12.64
C GLY E 4353 36.67 2.25 -13.22
N PHE E 4354 37.68 2.74 -12.49
CA PHE E 4354 38.63 3.68 -13.06
C PHE E 4354 39.49 3.01 -14.12
N GLU E 4355 39.88 1.76 -13.87
CA GLU E 4355 40.56 0.96 -14.89
C GLU E 4355 39.65 0.70 -16.08
N THR E 4356 38.35 0.59 -15.84
CA THR E 4356 37.41 0.39 -16.93
C THR E 4356 37.26 1.71 -17.70
N HIS E 4357 37.30 2.81 -16.96
CA HIS E 4357 37.16 4.14 -17.53
C HIS E 4357 38.29 4.44 -18.52
N THR E 4358 39.50 4.02 -18.17
CA THR E 4358 40.67 4.26 -19.00
C THR E 4358 40.57 3.66 -20.42
N LEU E 4359 39.68 2.70 -20.60
CA LEU E 4359 39.55 2.06 -21.90
C LEU E 4359 38.10 2.05 -22.36
N GLU E 4360 37.19 1.57 -21.51
CA GLU E 4360 35.81 1.41 -21.94
C GLU E 4360 35.08 2.74 -21.97
N GLU E 4361 35.47 3.63 -21.07
CA GLU E 4361 34.99 5.01 -21.10
C GLU E 4361 35.98 5.85 -21.96
N HIS E 4362 35.71 7.14 -22.13
CA HIS E 4362 36.61 7.96 -22.96
C HIS E 4362 38.01 8.08 -22.35
N ASN E 4363 39.03 7.99 -23.21
CA ASN E 4363 40.43 8.08 -22.79
C ASN E 4363 41.10 9.31 -23.39
N LEU E 4364 40.38 10.42 -23.34
CA LEU E 4364 40.77 11.73 -23.87
C LEU E 4364 41.22 11.66 -25.33
N ALA E 4365 41.26 10.46 -25.92
CA ALA E 4365 41.75 10.29 -27.28
C ALA E 4365 40.68 9.88 -28.26
N ASN E 4366 39.60 9.25 -27.80
CA ASN E 4366 38.54 8.81 -28.70
C ASN E 4366 37.79 9.98 -29.33
N TYR E 4367 37.84 11.15 -28.71
CA TYR E 4367 37.18 12.33 -29.26
C TYR E 4367 37.82 12.78 -30.56
N MET E 4368 39.14 12.62 -30.68
CA MET E 4368 39.82 13.05 -31.90
C MET E 4368 39.43 12.17 -33.07
N PHE E 4369 39.39 10.86 -32.86
CA PHE E 4369 39.14 9.93 -33.96
C PHE E 4369 37.73 10.03 -34.51
N PHE E 4370 36.78 10.54 -33.72
CA PHE E 4370 35.44 10.67 -34.23
C PHE E 4370 35.27 11.92 -35.08
N LEU E 4371 36.06 12.97 -34.80
CA LEU E 4371 36.03 14.15 -35.65
C LEU E 4371 36.52 13.83 -37.06
N MET E 4372 37.66 13.15 -37.15
CA MET E 4372 38.16 12.74 -38.46
C MET E 4372 37.31 11.65 -39.09
N TYR E 4373 36.58 10.89 -38.27
CA TYR E 4373 35.53 10.00 -38.78
C TYR E 4373 34.44 10.81 -39.47
N LEU E 4374 34.07 11.95 -38.88
CA LEU E 4374 33.11 12.84 -39.51
C LEU E 4374 33.72 13.56 -40.71
N ILE E 4375 35.03 13.78 -40.68
CA ILE E 4375 35.71 14.42 -41.80
C ILE E 4375 35.71 13.50 -43.01
N ASN E 4376 36.03 12.24 -42.80
CA ASN E 4376 36.16 11.28 -43.90
C ASN E 4376 34.85 10.59 -44.24
N LYS E 4377 33.72 11.23 -43.97
CA LYS E 4377 32.42 10.69 -44.30
C LYS E 4377 31.62 11.76 -45.02
N ASP E 4378 30.76 11.32 -45.94
CA ASP E 4378 30.02 12.26 -46.76
C ASP E 4378 28.93 12.95 -45.96
N GLU E 4379 28.51 14.11 -46.48
CA GLU E 4379 27.43 14.86 -45.87
C GLU E 4379 26.11 14.10 -45.94
N THR E 4380 25.91 13.36 -47.03
CA THR E 4380 24.71 12.53 -47.18
C THR E 4380 24.70 11.38 -46.17
N GLU E 4381 25.86 10.83 -45.86
CA GLU E 4381 25.95 9.56 -45.17
C GLU E 4381 25.75 9.66 -43.65
N HIS E 4382 25.61 10.87 -43.11
CA HIS E 4382 25.51 11.02 -41.67
C HIS E 4382 24.19 10.48 -41.14
N THR E 4383 24.23 9.97 -39.91
CA THR E 4383 23.03 9.52 -39.25
C THR E 4383 22.33 10.71 -38.59
N GLY E 4384 21.25 10.43 -37.87
CA GLY E 4384 20.60 11.47 -37.10
C GLY E 4384 21.45 11.99 -35.96
N GLN E 4385 22.31 11.13 -35.41
CA GLN E 4385 23.23 11.55 -34.37
C GLN E 4385 24.50 12.17 -34.92
N GLU E 4386 24.97 11.67 -36.07
CA GLU E 4386 26.20 12.18 -36.65
C GLU E 4386 26.01 13.58 -37.23
N SER E 4387 24.91 13.79 -37.95
CA SER E 4387 24.65 15.09 -38.54
C SER E 4387 24.32 16.13 -37.47
N TYR E 4388 23.81 15.69 -36.32
CA TYR E 4388 23.44 16.62 -35.27
C TYR E 4388 24.67 17.26 -34.65
N VAL E 4389 25.66 16.44 -34.28
CA VAL E 4389 26.88 16.97 -33.69
C VAL E 4389 27.73 17.67 -34.74
N TRP E 4390 27.58 17.27 -36.01
CA TRP E 4390 28.27 17.97 -37.09
C TRP E 4390 27.74 19.38 -37.25
N LYS E 4391 26.43 19.55 -37.06
CA LYS E 4391 25.86 20.89 -36.98
C LYS E 4391 26.33 21.61 -35.71
N MET E 4392 26.45 20.86 -34.61
CA MET E 4392 26.93 21.45 -33.36
C MET E 4392 28.38 21.89 -33.46
N TYR E 4393 29.18 21.19 -34.29
CA TYR E 4393 30.58 21.57 -34.45
C TYR E 4393 30.71 22.89 -35.17
N GLN E 4394 29.98 23.06 -36.27
CA GLN E 4394 30.00 24.31 -36.99
C GLN E 4394 29.27 25.41 -36.24
N GLU E 4395 28.39 25.02 -35.31
CA GLU E 4395 27.85 25.97 -34.34
C GLU E 4395 28.91 26.42 -33.34
N ARG E 4396 29.95 25.61 -33.13
CA ARG E 4396 31.00 25.78 -32.12
C ARG E 4396 30.42 25.77 -30.71
N CYS E 4397 29.29 25.11 -30.52
CA CYS E 4397 28.77 24.84 -29.19
C CYS E 4397 29.26 23.48 -28.72
N TRP E 4398 29.46 23.35 -27.40
CA TRP E 4398 30.09 22.17 -26.83
C TRP E 4398 29.21 21.58 -25.75
N ASP E 4399 27.94 21.42 -26.08
CA ASP E 4399 26.95 20.97 -25.11
C ASP E 4399 26.92 19.45 -24.98
N PHE E 4400 27.35 18.73 -26.03
CA PHE E 4400 27.17 17.28 -26.07
C PHE E 4400 28.03 16.50 -25.08
N PHE E 4401 29.00 17.15 -24.44
CA PHE E 4401 29.85 16.48 -23.47
C PHE E 4401 29.06 16.05 -22.24
N PRO E 4402 29.52 15.00 -21.53
CA PRO E 4402 28.83 14.58 -20.30
C PRO E 4402 28.84 15.63 -19.21
N ALA E 4403 30.05 16.05 -18.79
CA ALA E 4403 30.28 17.09 -17.77
C ALA E 4403 29.54 16.81 -16.46
N GLY E 4404 29.45 15.52 -16.10
CA GLY E 4404 28.77 15.15 -14.87
C GLY E 4404 27.93 13.90 -14.92
N ASP E 4405 27.80 13.29 -16.10
CA ASP E 4405 27.03 12.04 -16.23
C ASP E 4405 27.51 11.31 -17.47
N CYS E 4406 28.26 10.23 -17.30
CA CYS E 4406 28.73 9.40 -18.41
C CYS E 4406 28.17 7.99 -18.27
N PHE E 4407 26.92 7.83 -18.75
CA PHE E 4407 26.28 6.57 -19.13
C PHE E 4407 25.93 5.66 -17.94
N ARG E 4408 26.41 5.97 -16.76
CA ARG E 4408 26.19 5.08 -15.63
C ARG E 4408 25.64 5.78 -14.40
N LYS E 4409 25.87 7.08 -14.22
CA LYS E 4409 25.05 7.82 -13.28
C LYS E 4409 23.64 7.98 -13.81
N GLN E 4410 23.51 8.07 -15.14
CA GLN E 4410 22.19 8.06 -15.77
C GLN E 4410 21.52 6.70 -15.61
N TYR E 4411 22.27 5.62 -15.81
CA TYR E 4411 21.72 4.28 -15.90
C TYR E 4411 22.10 3.41 -14.70
N GLU E 4412 22.09 3.99 -13.51
CA GLU E 4412 22.49 3.24 -12.33
C GLU E 4412 21.36 2.37 -11.79
N ASP E 4413 20.29 2.99 -11.31
CA ASP E 4413 19.19 2.24 -10.71
C ASP E 4413 18.32 1.56 -11.76
N GLN E 4414 18.45 1.97 -13.01
CA GLN E 4414 17.81 1.27 -14.12
C GLN E 4414 18.33 -0.16 -14.21
N LEU E 4415 19.62 -0.30 -14.48
CA LEU E 4415 20.30 -1.57 -14.34
C LEU E 4415 21.78 -1.29 -14.10
N SER E 4416 22.28 -1.72 -12.95
CA SER E 4416 23.68 -1.51 -12.59
C SER E 4416 24.60 -2.38 -13.45
N GLN F 1 -2.78 -16.82 -29.08
CA GLN F 1 -1.69 -16.12 -29.75
C GLN F 1 -1.42 -16.68 -31.14
N PHE F 2 -0.39 -17.51 -31.25
CA PHE F 2 0.03 -18.06 -32.53
C PHE F 2 0.38 -19.52 -32.35
N LEU F 3 0.90 -20.13 -33.42
CA LEU F 3 1.15 -21.56 -33.46
C LEU F 3 2.56 -21.82 -33.97
N ARG F 4 3.17 -22.88 -33.44
CA ARG F 4 4.50 -23.29 -33.87
C ARG F 4 4.53 -24.78 -34.18
N THR F 5 5.72 -25.33 -34.39
CA THR F 5 5.85 -26.75 -34.63
C THR F 5 5.96 -27.50 -33.30
N ASP F 6 5.97 -28.84 -33.40
CA ASP F 6 6.09 -29.76 -32.27
C ASP F 6 4.98 -29.55 -31.24
N ASP F 7 3.76 -29.33 -31.72
CA ASP F 7 2.65 -28.97 -30.86
C ASP F 7 1.49 -29.92 -31.10
N GLU F 8 0.59 -29.97 -30.12
CA GLU F 8 -0.57 -30.85 -30.16
C GLU F 8 -1.83 -30.01 -30.36
N VAL F 9 -2.48 -30.19 -31.50
CA VAL F 9 -3.76 -29.56 -31.80
C VAL F 9 -4.71 -30.63 -32.32
N VAL F 10 -5.98 -30.23 -32.45
CA VAL F 10 -7.01 -31.08 -33.04
C VAL F 10 -7.71 -30.30 -34.14
N LEU F 11 -8.47 -31.03 -34.95
CA LEU F 11 -9.35 -30.43 -35.94
C LEU F 11 -10.73 -30.22 -35.34
N GLN F 12 -11.45 -29.24 -35.87
CA GLN F 12 -12.79 -28.97 -35.39
C GLN F 12 -13.64 -28.37 -36.50
N CYS F 13 -14.82 -28.95 -36.69
CA CYS F 13 -15.88 -28.35 -37.47
C CYS F 13 -17.15 -28.41 -36.63
N SER F 14 -18.14 -27.59 -37.00
CA SER F 14 -19.41 -27.56 -36.29
C SER F 14 -20.51 -27.43 -37.32
N ALA F 15 -21.02 -28.56 -37.78
CA ALA F 15 -22.13 -28.60 -38.73
C ALA F 15 -23.42 -28.79 -37.96
N THR F 16 -24.41 -27.94 -38.25
CA THR F 16 -25.67 -28.04 -37.56
C THR F 16 -26.48 -29.22 -38.07
N VAL F 17 -27.30 -29.79 -37.18
CA VAL F 17 -28.09 -30.97 -37.49
C VAL F 17 -29.57 -30.67 -37.23
N LEU F 18 -29.89 -30.32 -35.99
CA LEU F 18 -31.24 -30.09 -35.53
C LEU F 18 -31.52 -28.59 -35.42
N LYS F 19 -31.02 -27.84 -36.41
CA LYS F 19 -30.92 -26.37 -36.40
C LYS F 19 -30.16 -25.88 -35.16
N GLU F 20 -29.16 -26.65 -34.75
CA GLU F 20 -28.34 -26.32 -33.60
C GLU F 20 -26.95 -26.91 -33.82
N GLN F 21 -25.94 -26.23 -33.28
CA GLN F 21 -24.56 -26.54 -33.61
C GLN F 21 -24.11 -27.85 -32.98
N LEU F 22 -23.46 -28.68 -33.81
CA LEU F 22 -22.86 -29.94 -33.37
C LEU F 22 -21.37 -29.85 -33.68
N LYS F 23 -20.59 -29.52 -32.65
CA LYS F 23 -19.15 -29.40 -32.82
C LYS F 23 -18.53 -30.77 -33.00
N LEU F 24 -17.84 -30.97 -34.11
CA LEU F 24 -17.32 -32.27 -34.50
C LEU F 24 -15.80 -32.19 -34.66
N CYS F 25 -15.11 -33.16 -34.10
CA CYS F 25 -13.66 -33.26 -34.22
C CYS F 25 -13.32 -34.56 -34.94
N LEU F 26 -12.12 -34.60 -35.51
CA LEU F 26 -11.67 -35.76 -36.26
C LEU F 26 -11.07 -36.79 -35.31
N ALA F 27 -11.49 -38.04 -35.47
CA ALA F 27 -10.99 -39.13 -34.65
C ALA F 27 -10.74 -40.35 -35.53
N ALA F 28 -9.69 -41.10 -35.20
CA ALA F 28 -9.35 -42.32 -35.91
C ALA F 28 -8.56 -43.22 -34.98
N GLU F 29 -8.73 -44.53 -35.16
CA GLU F 29 -8.12 -45.49 -34.27
C GLU F 29 -6.70 -45.87 -34.70
N GLY F 30 -6.49 -46.14 -35.99
CA GLY F 30 -5.19 -46.60 -36.42
C GLY F 30 -5.14 -48.10 -36.61
N PHE F 31 -4.66 -48.82 -35.59
CA PHE F 31 -4.58 -50.28 -35.60
C PHE F 31 -5.95 -50.90 -35.77
N GLY F 32 -6.15 -51.58 -36.90
CA GLY F 32 -7.43 -52.14 -37.25
C GLY F 32 -8.42 -51.17 -37.85
N ASN F 33 -8.06 -49.88 -37.96
CA ASN F 33 -8.95 -48.87 -38.54
C ASN F 33 -8.08 -47.86 -39.27
N ARG F 34 -7.89 -48.08 -40.57
CA ARG F 34 -7.22 -47.10 -41.40
C ARG F 34 -8.12 -45.93 -41.78
N LEU F 35 -9.41 -46.03 -41.50
CA LEU F 35 -10.36 -44.97 -41.81
C LEU F 35 -10.46 -44.00 -40.65
N CYS F 36 -11.12 -42.88 -40.92
CA CYS F 36 -11.33 -41.83 -39.94
C CYS F 36 -12.83 -41.64 -39.71
N PHE F 37 -13.16 -41.01 -38.59
CA PHE F 37 -14.56 -40.76 -38.24
C PHE F 37 -14.61 -39.49 -37.41
N LEU F 38 -15.79 -39.21 -36.86
CA LEU F 38 -16.05 -37.97 -36.14
C LEU F 38 -16.52 -38.27 -34.73
N GLU F 39 -16.06 -37.49 -33.77
CA GLU F 39 -16.56 -37.57 -32.40
C GLU F 39 -17.32 -36.29 -32.07
N PRO F 40 -18.56 -36.38 -31.63
CA PRO F 40 -19.29 -35.17 -31.24
C PRO F 40 -18.78 -34.63 -29.91
N THR F 41 -18.53 -33.33 -29.89
CA THR F 41 -18.03 -32.63 -28.71
C THR F 41 -19.03 -31.57 -28.25
N SER F 42 -20.30 -31.93 -28.24
CA SER F 42 -21.37 -31.00 -27.88
C SER F 42 -22.12 -31.39 -26.61
N ASN F 43 -22.17 -32.67 -26.27
CA ASN F 43 -22.88 -33.14 -25.09
C ASN F 43 -21.88 -33.47 -23.98
N ALA F 44 -20.83 -32.65 -23.85
CA ALA F 44 -19.73 -32.93 -22.93
C ALA F 44 -20.14 -32.80 -21.48
N GLN F 45 -21.22 -32.10 -21.18
CA GLN F 45 -21.74 -32.06 -19.82
C GLN F 45 -22.36 -33.40 -19.41
N ASN F 46 -22.80 -34.22 -20.37
CA ASN F 46 -23.39 -35.51 -20.07
C ASN F 46 -22.58 -36.66 -20.64
N VAL F 47 -22.26 -36.62 -21.92
CA VAL F 47 -21.59 -37.71 -22.61
C VAL F 47 -20.13 -37.32 -22.82
N PRO F 48 -19.18 -38.12 -22.35
CA PRO F 48 -17.76 -37.76 -22.51
C PRO F 48 -17.30 -37.98 -23.94
N PRO F 49 -16.69 -36.97 -24.55
CA PRO F 49 -16.05 -37.17 -25.86
C PRO F 49 -14.70 -37.86 -25.68
N ASP F 50 -14.47 -38.90 -26.48
CA ASP F 50 -13.23 -39.67 -26.39
C ASP F 50 -12.11 -38.87 -27.06
N LEU F 51 -11.41 -38.09 -26.25
CA LEU F 51 -10.30 -37.27 -26.73
C LEU F 51 -8.98 -38.04 -26.76
N ALA F 52 -9.02 -39.35 -26.52
CA ALA F 52 -7.81 -40.15 -26.53
C ALA F 52 -7.27 -40.33 -27.94
N ILE F 53 -8.14 -40.48 -28.92
CA ILE F 53 -7.71 -40.64 -30.31
C ILE F 53 -8.11 -39.44 -31.16
N CYS F 54 -8.35 -38.29 -30.53
CA CYS F 54 -8.58 -37.05 -31.25
C CYS F 54 -7.35 -36.17 -31.33
N CYS F 55 -6.42 -36.29 -30.38
CA CYS F 55 -5.26 -35.42 -30.33
C CYS F 55 -4.29 -35.77 -31.45
N PHE F 56 -3.87 -34.75 -32.19
CA PHE F 56 -2.93 -34.90 -33.29
C PHE F 56 -1.64 -34.17 -32.96
N THR F 57 -0.65 -34.29 -33.84
CA THR F 57 0.67 -33.78 -33.54
C THR F 57 1.21 -33.02 -34.75
N LEU F 58 1.72 -31.82 -34.49
CA LEU F 58 2.35 -31.02 -35.54
C LEU F 58 3.80 -31.48 -35.73
N GLU F 59 4.16 -31.78 -36.97
CA GLU F 59 5.48 -32.34 -37.25
C GLU F 59 6.34 -31.44 -38.13
N GLN F 60 5.84 -31.05 -39.31
CA GLN F 60 6.69 -30.34 -40.26
C GLN F 60 5.86 -29.44 -41.15
N SER F 61 6.30 -28.19 -41.28
CA SER F 61 5.69 -27.22 -42.18
C SER F 61 6.77 -26.63 -43.07
N LEU F 62 6.52 -26.63 -44.37
CA LEU F 62 7.47 -26.13 -45.35
C LEU F 62 6.73 -25.38 -46.44
N SER F 63 7.49 -24.80 -47.36
CA SER F 63 6.91 -24.22 -48.56
C SER F 63 6.69 -25.31 -49.60
N VAL F 64 6.04 -24.91 -50.70
CA VAL F 64 5.79 -25.86 -51.78
C VAL F 64 7.09 -26.20 -52.52
N ARG F 65 8.04 -25.27 -52.53
CA ARG F 65 9.28 -25.51 -53.25
C ARG F 65 10.28 -26.27 -52.39
N ALA F 66 10.30 -26.00 -51.09
CA ALA F 66 11.17 -26.73 -50.19
C ALA F 66 10.73 -28.18 -50.03
N LEU F 67 9.42 -28.42 -50.05
CA LEU F 67 8.93 -29.79 -49.93
C LEU F 67 9.16 -30.56 -51.22
N GLN F 68 9.00 -29.90 -52.37
CA GLN F 68 9.29 -30.54 -53.64
C GLN F 68 10.78 -30.83 -53.79
N GLU F 69 11.62 -29.94 -53.26
CA GLU F 69 13.04 -30.20 -53.19
C GLU F 69 13.33 -31.35 -52.24
N MET F 70 12.57 -31.44 -51.14
CA MET F 70 12.70 -32.56 -50.21
C MET F 70 12.27 -33.86 -50.87
N LEU F 71 11.29 -33.81 -51.77
CA LEU F 71 10.88 -35.01 -52.49
C LEU F 71 11.85 -35.43 -53.58
N ALA F 72 12.87 -34.62 -53.86
CA ALA F 72 13.93 -35.03 -54.77
C ALA F 72 14.98 -35.90 -54.09
N ASN F 73 14.79 -36.24 -52.82
CA ASN F 73 15.76 -37.05 -52.10
C ASN F 73 15.09 -38.30 -51.53
N GLY F 86 13.56 -25.68 -35.70
CA GLY F 86 13.17 -25.90 -34.33
C GLY F 86 11.70 -25.65 -34.08
N HIS F 87 11.29 -24.39 -34.14
CA HIS F 87 9.89 -24.00 -33.95
C HIS F 87 9.56 -22.94 -35.00
N ARG F 88 9.01 -23.39 -36.13
CA ARG F 88 8.65 -22.48 -37.21
C ARG F 88 7.34 -21.77 -36.89
N THR F 89 6.85 -21.00 -37.85
CA THR F 89 5.62 -20.25 -37.70
C THR F 89 4.70 -20.58 -38.87
N LEU F 90 3.46 -20.92 -38.56
CA LEU F 90 2.52 -21.31 -39.60
C LEU F 90 2.09 -20.09 -40.41
N LEU F 91 2.31 -20.16 -41.71
CA LEU F 91 1.86 -19.13 -42.64
C LEU F 91 0.93 -19.76 -43.65
N TYR F 92 -0.02 -18.96 -44.13
CA TYR F 92 -1.00 -19.45 -45.10
C TYR F 92 -0.31 -19.73 -46.43
N GLY F 93 -0.48 -20.96 -46.93
CA GLY F 93 0.21 -21.43 -48.11
C GLY F 93 1.22 -22.52 -47.83
N HIS F 94 1.61 -22.70 -46.57
CA HIS F 94 2.56 -23.75 -46.24
C HIS F 94 1.89 -25.12 -46.28
N ALA F 95 2.70 -26.14 -46.52
CA ALA F 95 2.26 -27.50 -46.31
C ALA F 95 2.35 -27.84 -44.83
N ILE F 96 1.81 -29.00 -44.47
CA ILE F 96 1.81 -29.43 -43.08
C ILE F 96 1.97 -30.94 -43.04
N LEU F 97 2.62 -31.42 -41.99
CA LEU F 97 2.79 -32.85 -41.75
C LEU F 97 2.03 -33.20 -40.48
N LEU F 98 0.85 -33.78 -40.64
CA LEU F 98 0.05 -34.17 -39.49
C LEU F 98 0.48 -35.54 -38.99
N ARG F 99 0.12 -35.83 -37.75
CA ARG F 99 0.47 -37.10 -37.12
C ARG F 99 -0.51 -37.37 -36.01
N HIS F 100 -1.18 -38.53 -36.08
CA HIS F 100 -1.99 -38.99 -34.97
C HIS F 100 -1.07 -39.30 -33.79
N ALA F 101 -1.39 -38.72 -32.64
CA ALA F 101 -0.46 -38.76 -31.51
C ALA F 101 -0.34 -40.16 -30.92
N HIS F 102 -1.42 -40.94 -30.92
CA HIS F 102 -1.40 -42.24 -30.29
C HIS F 102 -0.66 -43.26 -31.15
N SER F 103 -1.14 -43.47 -32.37
CA SER F 103 -0.54 -44.45 -33.27
C SER F 103 0.82 -44.01 -33.79
N ARG F 104 1.13 -42.70 -33.68
CA ARG F 104 2.40 -42.10 -34.11
C ARG F 104 2.63 -42.31 -35.61
N MET F 105 1.55 -42.24 -36.36
CA MET F 105 1.55 -42.45 -37.81
C MET F 105 1.00 -41.20 -38.48
N TYR F 106 1.24 -41.10 -39.78
CA TYR F 106 1.11 -39.84 -40.50
C TYR F 106 -0.15 -39.83 -41.36
N LEU F 107 -0.95 -38.77 -41.20
CA LEU F 107 -2.25 -38.68 -41.85
C LEU F 107 -2.10 -38.41 -43.33
N SER F 108 -2.63 -39.31 -44.15
CA SER F 108 -2.58 -39.15 -45.60
C SER F 108 -3.99 -39.21 -46.18
N CYS F 109 -4.08 -39.21 -47.51
CA CYS F 109 -5.35 -39.29 -48.21
C CYS F 109 -5.36 -40.57 -49.04
N LEU F 110 -6.25 -41.49 -48.69
CA LEU F 110 -6.32 -42.75 -49.42
C LEU F 110 -7.04 -42.56 -50.75
N THR F 111 -6.80 -43.49 -51.66
CA THR F 111 -7.37 -43.45 -53.00
C THR F 111 -8.50 -44.46 -53.18
N THR F 112 -9.01 -45.02 -52.09
CA THR F 112 -10.13 -45.94 -52.17
C THR F 112 -11.43 -45.18 -52.35
N SER F 113 -12.54 -45.90 -52.42
CA SER F 113 -13.84 -45.29 -52.61
C SER F 113 -14.81 -45.84 -51.57
N ARG F 114 -15.46 -44.93 -50.85
CA ARG F 114 -16.51 -45.28 -49.91
C ARG F 114 -17.78 -44.53 -50.26
N SER F 115 -18.87 -44.94 -49.62
CA SER F 115 -20.22 -44.35 -49.66
C SER F 115 -20.91 -44.45 -51.02
N MET F 116 -20.28 -45.07 -52.03
CA MET F 116 -20.84 -45.27 -53.38
C MET F 116 -21.26 -43.96 -54.03
N THR F 117 -20.38 -42.95 -53.92
CA THR F 117 -20.73 -41.62 -54.40
C THR F 117 -20.66 -41.49 -55.92
N ASP F 118 -20.06 -42.47 -56.61
CA ASP F 118 -19.78 -42.43 -58.04
C ASP F 118 -19.00 -41.17 -58.42
N LYS F 119 -17.95 -40.91 -57.65
CA LYS F 119 -17.24 -39.64 -57.72
C LYS F 119 -15.77 -39.82 -57.39
N LEU F 120 -15.15 -38.73 -56.95
CA LEU F 120 -13.71 -38.67 -56.68
C LEU F 120 -13.51 -38.49 -55.18
N ALA F 121 -14.24 -39.29 -54.40
CA ALA F 121 -14.32 -39.15 -52.95
C ALA F 121 -12.94 -39.28 -52.29
N PHE F 122 -12.33 -40.46 -52.40
CA PHE F 122 -10.94 -40.74 -51.99
C PHE F 122 -10.72 -40.41 -50.51
N ASP F 123 -11.39 -41.22 -49.69
CA ASP F 123 -11.54 -41.01 -48.26
C ASP F 123 -10.21 -40.87 -47.54
N VAL F 124 -10.23 -40.13 -46.44
CA VAL F 124 -9.03 -39.75 -45.72
C VAL F 124 -8.56 -40.92 -44.87
N GLY F 125 -7.26 -41.23 -44.95
CA GLY F 125 -6.72 -42.30 -44.15
C GLY F 125 -5.22 -42.25 -43.95
N LEU F 126 -4.79 -42.39 -42.69
CA LEU F 126 -3.39 -42.57 -42.36
C LEU F 126 -3.05 -44.05 -42.48
N GLN F 127 -1.87 -44.35 -43.03
CA GLN F 127 -1.36 -45.71 -42.93
C GLN F 127 -0.03 -45.75 -42.19
N GLU F 128 1.05 -45.23 -42.77
CA GLU F 128 2.23 -44.87 -42.00
C GLU F 128 3.01 -43.72 -42.63
N ASP F 129 2.48 -43.10 -43.70
CA ASP F 129 3.26 -42.73 -44.88
C ASP F 129 4.29 -41.66 -44.57
N ALA F 130 5.54 -42.10 -44.42
CA ALA F 130 6.67 -41.18 -44.33
C ALA F 130 7.16 -40.73 -45.70
N THR F 131 6.95 -41.55 -46.73
CA THR F 131 7.24 -41.14 -48.09
C THR F 131 6.18 -40.12 -48.52
N GLY F 132 6.51 -38.85 -48.36
CA GLY F 132 5.49 -37.81 -48.29
C GLY F 132 4.92 -37.30 -49.59
N GLU F 133 4.04 -38.08 -50.20
CA GLU F 133 3.30 -37.58 -51.36
C GLU F 133 1.89 -37.13 -50.99
N ALA F 134 1.11 -38.01 -50.37
CA ALA F 134 -0.28 -37.71 -50.05
C ALA F 134 -0.49 -37.26 -48.61
N CYS F 135 0.53 -37.34 -47.77
CA CYS F 135 0.38 -36.96 -46.36
C CYS F 135 0.67 -35.49 -46.12
N TRP F 136 0.80 -34.69 -47.17
CA TRP F 136 1.06 -33.27 -47.03
C TRP F 136 -0.17 -32.49 -47.45
N TRP F 137 -0.39 -31.35 -46.80
CA TRP F 137 -1.64 -30.62 -46.91
C TRP F 137 -1.33 -29.13 -46.93
N THR F 138 -1.57 -28.49 -48.06
CA THR F 138 -1.44 -27.04 -48.12
C THR F 138 -2.58 -26.39 -47.33
N MET F 139 -2.26 -25.22 -46.78
CA MET F 139 -3.15 -24.54 -45.85
C MET F 139 -3.50 -23.16 -46.40
N HIS F 140 -4.79 -22.90 -46.54
CA HIS F 140 -5.25 -21.67 -47.15
C HIS F 140 -6.20 -20.94 -46.21
N PRO F 141 -6.25 -19.62 -46.26
CA PRO F 141 -7.22 -18.88 -45.46
C PRO F 141 -8.62 -19.06 -46.03
N ALA F 142 -9.61 -18.76 -45.18
CA ALA F 142 -11.00 -18.92 -45.57
C ALA F 142 -11.46 -17.77 -46.47
N SER F 143 -11.39 -16.56 -45.97
CA SER F 143 -11.89 -15.38 -46.68
C SER F 143 -10.74 -14.40 -46.94
N LYS F 144 -11.11 -13.21 -47.41
CA LYS F 144 -10.15 -12.14 -47.65
C LYS F 144 -9.75 -11.39 -46.38
N GLN F 145 -10.29 -11.80 -45.22
CA GLN F 145 -9.83 -11.25 -43.96
C GLN F 145 -8.37 -11.61 -43.70
N ARG F 146 -8.01 -12.85 -43.97
CA ARG F 146 -6.62 -13.28 -43.97
C ARG F 146 -6.13 -13.38 -45.41
N SER F 147 -4.81 -13.51 -45.54
CA SER F 147 -4.17 -13.60 -46.85
C SER F 147 -3.02 -14.58 -46.79
N GLU F 148 -2.35 -14.76 -47.92
CA GLU F 148 -1.27 -15.72 -48.00
C GLU F 148 -0.03 -15.20 -47.29
N GLY F 149 0.69 -16.10 -46.63
CA GLY F 149 1.89 -15.73 -45.90
C GLY F 149 1.66 -15.03 -44.59
N GLU F 150 0.41 -14.86 -44.16
CA GLU F 150 0.15 -14.20 -42.89
C GLU F 150 0.26 -15.20 -41.75
N LYS F 151 0.54 -14.67 -40.56
CA LYS F 151 0.70 -15.51 -39.38
C LYS F 151 -0.63 -16.11 -38.97
N VAL F 152 -0.66 -17.44 -38.88
CA VAL F 152 -1.89 -18.16 -38.56
C VAL F 152 -2.09 -18.09 -37.05
N ARG F 153 -3.14 -17.40 -36.63
CA ARG F 153 -3.44 -17.23 -35.23
C ARG F 153 -4.07 -18.49 -34.65
N VAL F 154 -4.31 -18.46 -33.35
CA VAL F 154 -4.95 -19.58 -32.67
C VAL F 154 -6.41 -19.64 -33.05
N GLY F 155 -6.83 -20.78 -33.60
CA GLY F 155 -8.22 -21.01 -33.92
C GLY F 155 -8.73 -20.21 -35.11
N ASP F 156 -8.01 -20.27 -36.23
CA ASP F 156 -8.46 -19.59 -37.43
C ASP F 156 -9.39 -20.52 -38.22
N ASP F 157 -9.87 -20.02 -39.35
CA ASP F 157 -10.77 -20.76 -40.23
C ASP F 157 -9.94 -21.23 -41.42
N LEU F 158 -9.59 -22.51 -41.43
CA LEU F 158 -8.59 -23.02 -42.34
C LEU F 158 -9.23 -23.72 -43.54
N ILE F 159 -8.55 -23.63 -44.67
CA ILE F 159 -8.91 -24.36 -45.89
C ILE F 159 -7.76 -25.33 -46.16
N LEU F 160 -7.98 -26.60 -45.84
CA LEU F 160 -6.95 -27.62 -45.90
C LEU F 160 -7.03 -28.31 -47.25
N VAL F 161 -6.07 -28.03 -48.11
CA VAL F 161 -6.10 -28.51 -49.48
C VAL F 161 -4.98 -29.53 -49.66
N SER F 162 -5.30 -30.64 -50.34
CA SER F 162 -4.37 -31.72 -50.59
C SER F 162 -3.23 -31.28 -51.50
N VAL F 163 -2.18 -32.08 -51.51
CA VAL F 163 -1.00 -31.85 -52.34
C VAL F 163 -0.95 -32.82 -53.50
N SER F 164 -1.04 -34.12 -53.21
CA SER F 164 -0.95 -35.14 -54.26
C SER F 164 -2.19 -35.13 -55.15
N SER F 165 -3.38 -35.10 -54.55
CA SER F 165 -4.61 -35.06 -55.33
C SER F 165 -5.07 -33.65 -55.60
N GLU F 166 -4.71 -32.71 -54.73
CA GLU F 166 -5.16 -31.30 -54.74
C GLU F 166 -6.68 -31.22 -54.69
N ARG F 167 -7.23 -31.76 -53.60
CA ARG F 167 -8.64 -31.64 -53.25
C ARG F 167 -8.72 -30.99 -51.88
N TYR F 168 -9.94 -30.72 -51.43
CA TYR F 168 -10.15 -30.06 -50.14
C TYR F 168 -10.01 -31.04 -48.98
N LEU F 169 -10.46 -30.65 -47.80
CA LEU F 169 -10.68 -31.58 -46.71
C LEU F 169 -12.17 -31.48 -46.41
N HIS F 170 -12.95 -32.23 -47.16
CA HIS F 170 -14.38 -32.00 -47.24
C HIS F 170 -15.13 -32.80 -46.19
N LEU F 171 -15.92 -32.11 -45.38
CA LEU F 171 -16.96 -32.75 -44.57
C LEU F 171 -18.15 -33.04 -45.48
N SER F 172 -18.32 -34.30 -45.85
CA SER F 172 -19.36 -34.68 -46.79
C SER F 172 -20.41 -35.50 -46.05
N THR F 173 -21.44 -34.83 -45.57
CA THR F 173 -22.64 -35.52 -45.12
C THR F 173 -23.49 -35.90 -46.33
N ALA F 174 -24.27 -36.96 -46.16
CA ALA F 174 -25.01 -37.53 -47.29
C ALA F 174 -26.29 -38.16 -46.73
N SER F 175 -26.90 -39.03 -47.53
CA SER F 175 -28.04 -39.81 -47.06
C SER F 175 -27.64 -40.77 -45.94
N GLY F 176 -26.38 -41.19 -45.90
CA GLY F 176 -25.86 -41.95 -44.78
C GLY F 176 -25.44 -41.07 -43.63
N GLU F 177 -24.34 -41.42 -42.98
CA GLU F 177 -23.86 -40.64 -41.85
C GLU F 177 -23.05 -39.44 -42.32
N LEU F 178 -22.60 -38.64 -41.36
CA LEU F 178 -21.79 -37.47 -41.66
C LEU F 178 -20.35 -37.92 -41.86
N GLN F 179 -19.87 -37.90 -43.10
CA GLN F 179 -18.59 -38.48 -43.45
C GLN F 179 -17.62 -37.40 -43.90
N VAL F 180 -16.35 -37.78 -43.96
CA VAL F 180 -15.26 -36.87 -44.33
C VAL F 180 -14.49 -37.51 -45.49
N ASP F 181 -14.26 -36.73 -46.53
CA ASP F 181 -13.45 -37.17 -47.67
C ASP F 181 -12.63 -35.98 -48.16
N ALA F 182 -12.00 -36.15 -49.32
CA ALA F 182 -11.32 -35.05 -50.02
C ALA F 182 -11.83 -35.08 -51.46
N SER F 183 -13.01 -34.54 -51.68
CA SER F 183 -13.54 -34.56 -53.04
C SER F 183 -13.97 -33.20 -53.57
N PHE F 184 -14.91 -32.56 -52.87
CA PHE F 184 -15.77 -31.56 -53.50
C PHE F 184 -15.55 -30.14 -52.97
N MET F 185 -15.78 -29.91 -51.68
CA MET F 185 -16.13 -28.59 -51.19
C MET F 185 -15.29 -28.21 -49.99
N GLN F 186 -15.33 -26.93 -49.66
CA GLN F 186 -14.60 -26.40 -48.52
C GLN F 186 -15.25 -26.85 -47.21
N THR F 187 -14.45 -26.82 -46.16
CA THR F 187 -14.94 -27.06 -44.80
C THR F 187 -14.09 -26.24 -43.85
N LEU F 188 -14.73 -25.40 -43.04
CA LEU F 188 -14.01 -24.51 -42.14
C LEU F 188 -13.47 -25.32 -40.98
N TRP F 189 -12.20 -25.69 -41.07
CA TRP F 189 -11.56 -26.44 -40.01
C TRP F 189 -10.87 -25.50 -39.04
N ASN F 190 -10.89 -25.89 -37.77
CA ASN F 190 -10.50 -25.01 -36.67
C ASN F 190 -9.53 -25.75 -35.77
N MET F 191 -8.32 -25.20 -35.64
CA MET F 191 -7.34 -25.76 -34.74
C MET F 191 -7.67 -25.38 -33.30
N ASN F 192 -7.45 -26.33 -32.40
CA ASN F 192 -7.65 -26.09 -30.97
C ASN F 192 -6.36 -26.48 -30.27
N PRO F 193 -5.66 -25.52 -29.65
CA PRO F 193 -4.38 -25.85 -29.00
C PRO F 193 -4.59 -26.66 -27.74
N ILE F 194 -4.71 -27.97 -27.91
CA ILE F 194 -5.02 -28.84 -26.79
C ILE F 194 -3.81 -29.00 -25.86
N CYS F 195 -2.61 -28.73 -26.37
CA CYS F 195 -1.38 -28.79 -25.58
C CYS F 195 -0.32 -28.00 -26.34
N SER F 196 0.85 -27.89 -25.72
CA SER F 196 1.97 -27.15 -26.28
C SER F 196 3.26 -27.69 -25.63
N CYS F 197 4.34 -26.93 -25.72
CA CYS F 197 5.61 -27.31 -25.10
C CYS F 197 5.46 -27.20 -23.59
N CYS F 198 5.33 -28.35 -22.93
CA CYS F 198 5.06 -28.39 -21.50
C CYS F 198 6.36 -28.29 -20.71
N GLU F 199 6.28 -28.59 -19.42
CA GLU F 199 7.41 -28.57 -18.52
C GLU F 199 7.78 -30.00 -18.13
N GLU F 200 8.88 -30.12 -17.39
CA GLU F 200 9.42 -31.42 -16.99
C GLU F 200 9.16 -31.64 -15.51
N GLY F 201 8.57 -32.79 -15.19
CA GLY F 201 8.24 -33.08 -13.81
C GLY F 201 6.97 -32.43 -13.33
N TYR F 202 6.04 -32.13 -14.24
CA TYR F 202 4.79 -31.48 -13.89
C TYR F 202 3.64 -32.15 -14.60
N VAL F 203 2.50 -32.21 -13.94
CA VAL F 203 1.37 -33.02 -14.39
C VAL F 203 0.52 -32.18 -15.34
N THR F 204 0.33 -32.69 -16.55
CA THR F 204 -0.65 -32.16 -17.48
C THR F 204 -1.70 -33.24 -17.75
N GLY F 205 -2.80 -32.82 -18.37
CA GLY F 205 -3.94 -33.71 -18.56
C GLY F 205 -3.70 -34.77 -19.61
N GLY F 206 -4.66 -35.67 -19.71
CA GLY F 206 -4.62 -36.75 -20.69
C GLY F 206 -3.60 -37.83 -20.42
N HIS F 207 -3.13 -37.95 -19.19
CA HIS F 207 -2.05 -38.87 -18.89
C HIS F 207 -2.58 -40.21 -18.40
N VAL F 208 -1.80 -41.27 -18.68
CA VAL F 208 -2.15 -42.64 -18.37
C VAL F 208 -1.19 -43.09 -17.28
N LEU F 209 -1.62 -43.00 -16.02
CA LEU F 209 -0.70 -43.12 -14.90
C LEU F 209 -1.35 -43.94 -13.79
N ARG F 210 -0.55 -44.19 -12.75
CA ARG F 210 -0.98 -44.90 -11.57
C ARG F 210 -1.22 -43.93 -10.42
N LEU F 211 -1.92 -44.41 -9.39
CA LEU F 211 -2.30 -43.60 -8.24
C LEU F 211 -1.71 -44.26 -7.00
N PHE F 212 -0.48 -43.87 -6.66
CA PHE F 212 0.25 -44.56 -5.60
C PHE F 212 -0.30 -44.19 -4.23
N HIS F 213 -0.55 -45.21 -3.41
CA HIS F 213 -1.05 -45.05 -2.06
C HIS F 213 0.06 -45.37 -1.07
N GLY F 214 -0.04 -44.80 0.12
CA GLY F 214 0.94 -45.05 1.14
C GLY F 214 2.24 -44.33 0.89
N HIS F 215 3.36 -44.98 1.19
CA HIS F 215 4.67 -44.37 1.02
C HIS F 215 5.53 -45.11 0.01
N MET F 216 5.71 -46.41 0.16
CA MET F 216 6.67 -47.15 -0.66
C MET F 216 6.01 -47.86 -1.83
N ASP F 217 5.10 -48.79 -1.55
CA ASP F 217 4.56 -49.61 -2.64
C ASP F 217 3.12 -49.97 -2.31
N GLU F 218 2.19 -49.15 -2.79
CA GLU F 218 0.76 -49.45 -2.78
C GLU F 218 0.12 -48.50 -3.78
N CYS F 219 -0.89 -48.98 -4.50
CA CYS F 219 -1.51 -48.15 -5.52
C CYS F 219 -2.97 -48.50 -5.68
N LEU F 220 -3.66 -47.68 -6.46
CA LEU F 220 -5.06 -47.88 -6.77
C LEU F 220 -5.23 -48.94 -7.84
N THR F 221 -6.18 -49.85 -7.62
CA THR F 221 -6.49 -50.85 -8.62
C THR F 221 -7.96 -51.21 -8.54
N ILE F 222 -8.40 -52.03 -9.49
CA ILE F 222 -9.73 -52.61 -9.50
C ILE F 222 -9.57 -54.12 -9.53
N SER F 223 -10.70 -54.83 -9.60
CA SER F 223 -10.64 -56.29 -9.68
C SER F 223 -10.12 -56.74 -11.04
N ALA F 224 -9.67 -57.99 -11.09
CA ALA F 224 -9.15 -58.56 -12.32
C ALA F 224 -10.30 -59.00 -13.22
N ALA F 225 -9.94 -59.57 -14.36
CA ALA F 225 -10.94 -60.11 -15.29
C ALA F 225 -11.45 -61.45 -14.79
N ASP F 226 -12.39 -62.02 -15.55
CA ASP F 226 -13.10 -63.26 -15.23
C ASP F 226 -13.77 -63.18 -13.86
N SER F 227 -14.41 -62.05 -13.59
CA SER F 227 -15.09 -61.79 -12.32
C SER F 227 -16.52 -61.38 -12.60
N ASP F 228 -17.44 -61.91 -11.80
CA ASP F 228 -18.86 -61.68 -11.99
C ASP F 228 -19.33 -60.32 -11.46
N ASP F 229 -18.43 -59.53 -10.86
CA ASP F 229 -18.78 -58.23 -10.33
C ASP F 229 -18.82 -57.14 -11.39
N GLN F 230 -18.60 -57.50 -12.67
CA GLN F 230 -18.46 -56.60 -13.82
C GLN F 230 -17.32 -55.60 -13.64
N ARG F 231 -16.36 -55.94 -12.78
CA ARG F 231 -15.19 -55.11 -12.44
C ARG F 231 -15.60 -53.71 -11.99
N ARG F 232 -16.66 -53.65 -11.20
CA ARG F 232 -17.21 -52.40 -10.71
C ARG F 232 -16.61 -51.97 -9.38
N LEU F 233 -15.67 -52.73 -8.85
CA LEU F 233 -15.18 -52.53 -7.49
C LEU F 233 -13.79 -51.93 -7.48
N VAL F 234 -13.52 -51.15 -6.44
CA VAL F 234 -12.31 -50.34 -6.32
C VAL F 234 -11.44 -50.92 -5.22
N TYR F 235 -10.15 -51.04 -5.47
CA TYR F 235 -9.28 -51.73 -4.53
C TYR F 235 -7.95 -51.00 -4.35
N TYR F 236 -7.22 -51.45 -3.33
CA TYR F 236 -5.82 -51.12 -3.12
C TYR F 236 -4.98 -52.37 -3.26
N GLU F 237 -3.75 -52.19 -3.72
CA GLU F 237 -2.83 -53.32 -3.88
C GLU F 237 -1.41 -52.77 -3.92
N GLY F 238 -0.50 -53.55 -3.35
CA GLY F 238 0.90 -53.17 -3.29
C GLY F 238 1.66 -53.47 -4.56
N GLY F 239 2.81 -54.13 -4.42
CA GLY F 239 3.74 -54.30 -5.52
C GLY F 239 3.50 -55.46 -6.46
N ALA F 240 2.24 -55.73 -6.78
CA ALA F 240 1.90 -56.75 -7.77
C ALA F 240 1.24 -56.14 -9.00
N VAL F 241 0.15 -55.39 -8.81
CA VAL F 241 -0.53 -54.71 -9.91
C VAL F 241 0.20 -53.44 -10.35
N CYS F 242 1.27 -53.07 -9.64
CA CYS F 242 2.05 -51.88 -9.97
C CYS F 242 2.76 -51.98 -11.31
N THR F 243 2.87 -53.18 -11.88
CA THR F 243 3.35 -53.37 -13.23
C THR F 243 2.24 -53.87 -14.16
N HIS F 244 0.99 -53.68 -13.78
CA HIS F 244 -0.13 -54.24 -14.52
C HIS F 244 -0.98 -53.13 -15.12
N ALA F 245 -1.97 -53.55 -15.90
CA ALA F 245 -2.82 -52.62 -16.65
C ALA F 245 -4.00 -52.11 -15.83
N ARG F 246 -4.36 -52.79 -14.75
CA ARG F 246 -5.47 -52.33 -13.92
C ARG F 246 -5.11 -51.06 -13.16
N SER F 247 -3.83 -50.87 -12.87
CA SER F 247 -3.36 -49.73 -12.11
C SER F 247 -3.33 -48.44 -12.91
N LEU F 248 -3.56 -48.49 -14.21
CA LEU F 248 -3.43 -47.32 -15.06
C LEU F 248 -4.76 -46.58 -15.16
N TRP F 249 -4.68 -45.25 -15.14
CA TRP F 249 -5.86 -44.41 -15.08
C TRP F 249 -5.64 -43.19 -15.96
N ARG F 250 -6.71 -42.73 -16.61
CA ARG F 250 -6.66 -41.59 -17.51
C ARG F 250 -7.32 -40.39 -16.85
N LEU F 251 -6.61 -39.27 -16.83
CA LEU F 251 -7.13 -38.02 -16.27
C LEU F 251 -7.70 -37.18 -17.40
N GLU F 252 -9.00 -36.96 -17.37
CA GLU F 252 -9.70 -36.20 -18.41
C GLU F 252 -10.33 -34.96 -17.82
N PRO F 253 -9.77 -33.77 -18.04
CA PRO F 253 -10.42 -32.55 -17.55
C PRO F 253 -11.65 -32.22 -18.37
N LEU F 254 -12.46 -31.32 -17.81
CA LEU F 254 -13.73 -30.95 -18.40
C LEU F 254 -13.60 -29.89 -19.49
N ARG F 255 -12.39 -29.44 -19.79
CA ARG F 255 -12.21 -28.41 -20.80
C ARG F 255 -12.31 -29.01 -22.20
N ILE F 256 -12.64 -28.14 -23.16
CA ILE F 256 -12.66 -28.54 -24.55
C ILE F 256 -11.29 -28.38 -25.19
N SER F 257 -10.69 -27.21 -25.03
CA SER F 257 -9.32 -26.96 -25.48
C SER F 257 -8.40 -26.85 -24.28
N TRP F 258 -7.09 -26.95 -24.57
CA TRP F 258 -6.02 -26.89 -23.58
C TRP F 258 -6.19 -27.93 -22.47
N SER F 259 -6.67 -29.12 -22.83
CA SER F 259 -6.79 -30.16 -21.82
C SER F 259 -5.43 -30.72 -21.42
N GLY F 260 -4.43 -30.59 -22.28
CA GLY F 260 -3.09 -31.00 -21.97
C GLY F 260 -2.26 -29.88 -21.36
N SER F 261 -2.92 -28.85 -20.85
CA SER F 261 -2.24 -27.80 -20.12
C SER F 261 -1.90 -28.28 -18.71
N HIS F 262 -1.13 -27.46 -17.99
CA HIS F 262 -0.64 -27.85 -16.67
C HIS F 262 -1.77 -27.88 -15.66
N LEU F 263 -1.92 -29.03 -14.99
CA LEU F 263 -3.00 -29.22 -14.04
C LEU F 263 -2.68 -28.53 -12.73
N ARG F 264 -3.70 -27.97 -12.10
CA ARG F 264 -3.55 -27.12 -10.93
C ARG F 264 -4.40 -27.63 -9.77
N TRP F 265 -4.20 -27.01 -8.62
CA TRP F 265 -5.04 -27.31 -7.46
C TRP F 265 -6.38 -26.62 -7.62
N GLY F 266 -7.42 -27.27 -7.09
CA GLY F 266 -8.77 -26.77 -7.20
C GLY F 266 -9.27 -26.83 -8.63
N GLN F 267 -9.21 -28.01 -9.23
CA GLN F 267 -9.53 -28.14 -10.64
C GLN F 267 -10.37 -29.39 -10.88
N PRO F 268 -11.64 -29.23 -11.26
CA PRO F 268 -12.49 -30.40 -11.48
C PRO F 268 -12.17 -31.10 -12.78
N LEU F 269 -12.36 -32.42 -12.77
CA LEU F 269 -11.98 -33.27 -13.91
C LEU F 269 -12.71 -34.59 -13.81
N ARG F 270 -12.53 -35.42 -14.84
CA ARG F 270 -13.04 -36.77 -14.90
C ARG F 270 -11.88 -37.77 -14.94
N ILE F 271 -12.14 -38.98 -14.46
CA ILE F 271 -11.12 -40.03 -14.39
C ILE F 271 -11.64 -41.25 -15.14
N ARG F 272 -10.89 -41.69 -16.16
CA ARG F 272 -11.25 -42.84 -16.97
C ARG F 272 -10.29 -43.98 -16.69
N HIS F 273 -10.84 -45.19 -16.57
CA HIS F 273 -10.00 -46.38 -16.57
C HIS F 273 -9.58 -46.70 -17.99
N VAL F 274 -8.36 -47.19 -18.14
CA VAL F 274 -7.74 -47.25 -19.45
C VAL F 274 -8.23 -48.46 -20.24
N THR F 275 -7.94 -49.66 -19.73
CA THR F 275 -8.21 -50.86 -20.51
C THR F 275 -9.69 -51.22 -20.47
N THR F 276 -10.33 -51.04 -19.32
CA THR F 276 -11.76 -51.30 -19.23
C THR F 276 -12.55 -50.23 -19.96
N GLY F 277 -12.05 -48.99 -19.97
CA GLY F 277 -12.74 -47.92 -20.66
C GLY F 277 -13.94 -47.40 -19.91
N ARG F 278 -13.83 -47.23 -18.61
CA ARG F 278 -14.94 -46.82 -17.78
C ARG F 278 -14.49 -45.68 -16.86
N TYR F 279 -15.46 -45.05 -16.21
CA TYR F 279 -15.22 -43.91 -15.35
C TYR F 279 -15.49 -44.26 -13.91
N LEU F 280 -15.04 -43.41 -13.00
CA LEU F 280 -15.26 -43.59 -11.57
C LEU F 280 -16.29 -42.56 -11.11
N ALA F 281 -17.26 -43.01 -10.31
CA ALA F 281 -18.28 -42.11 -9.80
C ALA F 281 -18.93 -42.69 -8.55
N LEU F 282 -19.55 -41.81 -7.79
CA LEU F 282 -20.49 -42.13 -6.72
C LEU F 282 -21.84 -41.56 -7.17
N THR F 283 -22.69 -42.41 -7.73
CA THR F 283 -23.85 -41.89 -8.47
C THR F 283 -24.96 -41.44 -7.52
N GLU F 284 -25.63 -42.40 -6.89
CA GLU F 284 -26.54 -42.02 -5.80
C GLU F 284 -26.43 -42.93 -4.59
N ASP F 285 -26.37 -44.24 -4.83
CA ASP F 285 -26.44 -45.21 -3.74
C ASP F 285 -25.53 -46.41 -3.90
N GLN F 286 -24.95 -46.64 -5.08
CA GLN F 286 -24.23 -47.87 -5.35
C GLN F 286 -22.87 -47.94 -4.67
N GLY F 287 -22.40 -46.85 -4.09
CA GLY F 287 -21.07 -46.83 -3.53
C GLY F 287 -20.04 -46.39 -4.53
N LEU F 288 -18.78 -46.63 -4.20
CA LEU F 288 -17.67 -46.25 -5.07
C LEU F 288 -17.59 -47.28 -6.20
N VAL F 289 -18.35 -47.04 -7.25
CA VAL F 289 -18.47 -47.97 -8.36
C VAL F 289 -17.77 -47.40 -9.58
N VAL F 290 -17.56 -48.26 -10.57
CA VAL F 290 -16.83 -47.91 -11.78
C VAL F 290 -17.88 -47.72 -12.87
N VAL F 291 -18.29 -46.47 -13.07
CA VAL F 291 -19.42 -46.19 -13.95
C VAL F 291 -18.97 -46.24 -15.41
N ASP F 292 -19.92 -46.48 -16.30
CA ASP F 292 -19.62 -46.60 -17.72
C ASP F 292 -19.41 -45.22 -18.35
N ALA F 293 -19.25 -45.19 -19.67
CA ALA F 293 -19.04 -43.96 -20.42
C ALA F 293 -20.34 -43.31 -20.86
N CYS F 294 -21.47 -43.66 -20.25
CA CYS F 294 -22.75 -43.08 -20.59
C CYS F 294 -23.50 -42.50 -19.41
N LYS F 295 -23.03 -42.70 -18.19
CA LYS F 295 -23.67 -42.20 -16.97
C LYS F 295 -22.68 -41.43 -16.12
N ALA F 296 -21.95 -40.53 -16.76
CA ALA F 296 -20.88 -39.74 -16.12
C ALA F 296 -21.14 -38.25 -16.34
N HIS F 297 -22.36 -37.82 -16.04
CA HIS F 297 -22.86 -36.51 -16.45
C HIS F 297 -22.42 -35.36 -15.54
N THR F 298 -21.11 -35.30 -15.23
CA THR F 298 -20.39 -34.16 -14.64
C THR F 298 -20.80 -33.86 -13.19
N LYS F 299 -21.88 -34.49 -12.71
CA LYS F 299 -22.36 -34.31 -11.35
C LYS F 299 -21.89 -35.44 -10.45
N ALA F 300 -22.06 -36.67 -10.90
CA ALA F 300 -21.61 -37.84 -10.15
C ALA F 300 -20.13 -38.10 -10.32
N THR F 301 -19.53 -37.65 -11.42
CA THR F 301 -18.11 -37.92 -11.60
C THR F 301 -17.26 -36.97 -10.76
N SER F 302 -17.26 -35.68 -11.15
CA SER F 302 -16.94 -34.50 -10.32
C SER F 302 -15.71 -34.67 -9.41
N PHE F 303 -14.56 -34.87 -10.02
CA PHE F 303 -13.34 -35.20 -9.29
C PHE F 303 -12.33 -34.07 -9.32
N CYS F 304 -11.70 -33.84 -8.16
CA CYS F 304 -10.72 -32.78 -8.01
C CYS F 304 -9.74 -33.16 -6.92
N PHE F 305 -8.68 -32.38 -6.81
CA PHE F 305 -7.60 -32.63 -5.87
C PHE F 305 -7.46 -31.44 -4.93
N ARG F 306 -7.23 -31.73 -3.65
CA ARG F 306 -7.10 -30.70 -2.64
C ARG F 306 -5.79 -30.86 -1.89
N VAL F 307 -5.29 -29.74 -1.37
CA VAL F 307 -4.08 -29.77 -0.55
C VAL F 307 -4.40 -30.33 0.82
N SER F 308 -5.49 -29.90 1.42
CA SER F 308 -5.91 -30.35 2.73
C SER F 308 -7.44 -30.36 2.76
N LYS F 309 -8.01 -30.40 3.95
CA LYS F 309 -9.46 -30.56 4.09
C LYS F 309 -10.07 -29.36 4.79
N GLU F 310 -9.71 -28.16 4.35
CA GLU F 310 -10.14 -26.91 4.97
C GLU F 310 -11.54 -26.49 4.55
N LYS F 311 -11.88 -25.23 4.77
CA LYS F 311 -13.23 -24.68 4.64
C LYS F 311 -13.45 -24.02 3.28
N LEU F 312 -12.88 -24.65 2.24
CA LEU F 312 -12.72 -24.10 0.89
C LEU F 312 -13.98 -23.47 0.30
N ASP F 313 -13.79 -22.38 -0.45
CA ASP F 313 -14.89 -21.67 -1.10
C ASP F 313 -15.10 -22.11 -2.55
N THR F 314 -14.04 -22.61 -3.21
CA THR F 314 -14.08 -23.19 -4.55
C THR F 314 -14.61 -22.21 -5.60
N ALA F 315 -13.84 -21.13 -5.79
CA ALA F 315 -14.16 -20.15 -6.83
C ALA F 315 -12.89 -19.79 -7.61
N PRO F 316 -12.12 -20.78 -8.03
CA PRO F 316 -10.94 -20.53 -8.88
C PRO F 316 -11.18 -20.73 -10.37
N LYS F 317 -12.44 -20.81 -10.82
CA LYS F 317 -12.76 -21.18 -12.19
C LYS F 317 -12.45 -20.03 -13.14
N ARG F 318 -11.18 -19.94 -13.53
CA ARG F 318 -10.71 -19.01 -14.55
C ARG F 318 -9.74 -19.76 -15.44
N ASP F 319 -10.13 -20.02 -16.68
CA ASP F 319 -9.30 -20.82 -17.57
C ASP F 319 -8.08 -20.04 -18.05
N VAL F 320 -7.06 -20.79 -18.47
CA VAL F 320 -5.83 -20.23 -19.01
C VAL F 320 -5.73 -20.64 -20.47
N GLU F 321 -5.57 -19.66 -21.35
CA GLU F 321 -5.40 -19.91 -22.77
C GLU F 321 -3.93 -20.10 -23.16
N GLY F 322 -3.09 -20.45 -22.19
CA GLY F 322 -1.77 -20.97 -22.45
C GLY F 322 -1.62 -22.29 -21.73
N MET F 323 -0.39 -22.70 -21.44
CA MET F 323 -0.18 -23.95 -20.73
C MET F 323 -0.47 -23.86 -19.24
N GLY F 324 -0.53 -22.66 -18.68
CA GLY F 324 -0.81 -22.49 -17.28
C GLY F 324 0.41 -22.71 -16.41
N PRO F 325 0.31 -22.36 -15.13
CA PRO F 325 1.45 -22.53 -14.22
C PRO F 325 1.64 -24.00 -13.86
N PRO F 326 2.84 -24.53 -14.09
CA PRO F 326 3.10 -25.92 -13.70
C PRO F 326 3.24 -26.08 -12.20
N GLU F 327 2.27 -26.73 -11.56
CA GLU F 327 2.21 -26.82 -10.12
C GLU F 327 2.42 -28.25 -9.63
N ILE F 328 1.57 -29.17 -10.07
CA ILE F 328 1.51 -30.51 -9.50
C ILE F 328 2.62 -31.36 -10.11
N LYS F 329 3.45 -31.96 -9.26
CA LYS F 329 4.61 -32.72 -9.68
C LYS F 329 4.31 -34.21 -9.61
N TYR F 330 5.35 -35.03 -9.82
CA TYR F 330 5.24 -36.47 -9.81
C TYR F 330 5.93 -37.03 -8.58
N GLY F 331 5.21 -37.86 -7.83
CA GLY F 331 5.78 -38.57 -6.69
C GLY F 331 5.88 -37.78 -5.41
N GLU F 332 5.86 -36.44 -5.48
CA GLU F 332 6.01 -35.60 -4.31
C GLU F 332 4.84 -34.65 -4.12
N SER F 333 3.81 -34.74 -4.96
CA SER F 333 2.67 -33.84 -4.84
C SER F 333 1.83 -34.16 -3.60
N LEU F 334 1.64 -35.46 -3.34
CA LEU F 334 0.90 -35.99 -2.18
C LEU F 334 -0.53 -35.44 -2.13
N CYS F 335 -1.24 -35.67 -3.24
CA CYS F 335 -2.53 -35.05 -3.44
C CYS F 335 -3.60 -35.71 -2.57
N PHE F 336 -4.78 -35.09 -2.56
CA PHE F 336 -5.92 -35.62 -1.83
C PHE F 336 -7.16 -35.41 -2.67
N VAL F 337 -7.81 -36.50 -3.06
CA VAL F 337 -8.99 -36.44 -3.91
C VAL F 337 -10.16 -35.97 -3.08
N GLN F 338 -10.84 -34.92 -3.54
CA GLN F 338 -12.13 -34.56 -3.01
C GLN F 338 -13.12 -34.49 -4.17
N HIS F 339 -14.26 -35.17 -4.00
CA HIS F 339 -15.34 -35.08 -4.95
C HIS F 339 -15.91 -33.68 -4.93
N VAL F 340 -16.28 -33.16 -6.11
CA VAL F 340 -16.67 -31.75 -6.21
C VAL F 340 -18.06 -31.54 -5.64
N ALA F 341 -19.03 -32.33 -6.08
CA ALA F 341 -20.41 -32.11 -5.68
C ALA F 341 -20.67 -32.54 -4.24
N SER F 342 -20.35 -33.79 -3.91
CA SER F 342 -20.60 -34.31 -2.57
C SER F 342 -19.63 -33.77 -1.53
N GLY F 343 -18.46 -33.30 -1.94
CA GLY F 343 -17.49 -32.81 -0.99
C GLY F 343 -16.76 -33.88 -0.21
N LEU F 344 -16.90 -35.15 -0.60
CA LEU F 344 -16.34 -36.25 0.16
C LEU F 344 -14.88 -36.46 -0.21
N TRP F 345 -14.11 -36.99 0.74
CA TRP F 345 -12.72 -37.32 0.53
C TRP F 345 -12.53 -38.81 0.41
N LEU F 346 -11.51 -39.20 -0.35
CA LEU F 346 -11.29 -40.59 -0.70
C LEU F 346 -10.35 -41.22 0.32
N THR F 347 -10.78 -42.33 0.92
CA THR F 347 -9.93 -43.10 1.81
C THR F 347 -10.42 -44.55 1.78
N TYR F 348 -9.62 -45.43 2.40
CA TYR F 348 -10.00 -46.82 2.50
C TYR F 348 -11.10 -47.01 3.55
N ALA F 349 -11.75 -48.17 3.49
CA ALA F 349 -12.70 -48.59 4.51
C ALA F 349 -12.13 -49.62 5.47
N ALA F 350 -11.50 -50.68 4.91
CA ALA F 350 -10.87 -51.80 5.59
C ALA F 350 -11.79 -52.50 6.57
N PRO F 351 -13.05 -52.77 6.19
CA PRO F 351 -13.89 -53.66 7.01
C PRO F 351 -13.48 -55.10 6.76
N ASP F 352 -12.77 -55.68 7.73
CA ASP F 352 -12.14 -56.97 7.50
C ASP F 352 -12.58 -57.99 8.53
N PRO F 353 -12.93 -59.20 8.10
CA PRO F 353 -13.20 -60.27 9.07
C PRO F 353 -11.91 -60.95 9.51
N LYS F 354 -12.03 -62.01 10.31
CA LYS F 354 -10.84 -62.73 10.74
C LYS F 354 -10.21 -63.51 9.60
N ALA F 355 -11.02 -64.29 8.88
CA ALA F 355 -10.49 -65.06 7.75
C ALA F 355 -10.24 -64.17 6.54
N LEU F 356 -10.95 -63.06 6.43
CA LEU F 356 -10.72 -62.14 5.32
C LEU F 356 -9.41 -61.37 5.49
N ARG F 357 -9.00 -61.14 6.74
CA ARG F 357 -7.71 -60.49 6.97
C ARG F 357 -6.56 -61.42 6.63
N LEU F 358 -6.69 -62.70 6.95
CA LEU F 358 -5.70 -63.70 6.61
C LEU F 358 -5.91 -64.29 5.23
N GLY F 359 -6.95 -63.89 4.52
CA GLY F 359 -7.22 -64.41 3.19
C GLY F 359 -6.82 -63.46 2.08
N VAL F 360 -7.80 -62.79 1.48
CA VAL F 360 -7.53 -61.86 0.40
C VAL F 360 -6.93 -60.59 0.97
N LEU F 361 -5.75 -60.21 0.47
CA LEU F 361 -5.09 -58.98 0.90
C LEU F 361 -5.61 -57.82 0.05
N LYS F 362 -6.88 -57.49 0.27
CA LYS F 362 -7.59 -56.48 -0.51
C LYS F 362 -8.29 -55.52 0.44
N LYS F 363 -8.26 -54.25 0.09
CA LYS F 363 -9.03 -53.23 0.77
C LYS F 363 -9.91 -52.53 -0.25
N LYS F 364 -10.86 -51.73 0.23
CA LYS F 364 -11.73 -50.99 -0.65
C LYS F 364 -11.74 -49.52 -0.25
N ALA F 365 -11.51 -48.66 -1.23
CA ALA F 365 -11.61 -47.23 -0.99
C ALA F 365 -13.07 -46.80 -0.90
N ILE F 366 -13.31 -45.73 -0.14
CA ILE F 366 -14.63 -45.13 -0.02
C ILE F 366 -14.50 -43.62 -0.09
N LEU F 367 -15.61 -42.96 -0.43
CA LEU F 367 -15.69 -41.51 -0.35
C LEU F 367 -16.26 -41.17 1.02
N HIS F 368 -15.38 -40.90 1.97
CA HIS F 368 -15.76 -40.70 3.35
C HIS F 368 -15.75 -39.21 3.70
N GLN F 369 -16.60 -38.86 4.67
CA GLN F 369 -16.76 -37.45 5.06
C GLN F 369 -15.51 -36.89 5.72
N GLU F 370 -14.69 -37.75 6.32
CA GLU F 370 -13.52 -37.30 7.07
C GLU F 370 -12.23 -37.82 6.47
N GLY F 371 -12.13 -39.12 6.24
CA GLY F 371 -10.91 -39.72 5.74
C GLY F 371 -9.98 -40.16 6.86
N HIS F 372 -9.08 -41.07 6.51
CA HIS F 372 -8.03 -41.48 7.41
C HIS F 372 -6.87 -40.50 7.30
N MET F 373 -5.80 -40.72 8.06
CA MET F 373 -4.66 -39.81 8.08
C MET F 373 -3.52 -40.27 7.20
N ASP F 374 -3.73 -41.29 6.36
CA ASP F 374 -2.68 -41.90 5.57
C ASP F 374 -3.12 -42.13 4.14
N ASP F 375 -3.71 -41.11 3.51
CA ASP F 375 -4.03 -41.22 2.09
C ASP F 375 -2.76 -41.10 1.25
N ALA F 376 -2.11 -39.93 1.30
CA ALA F 376 -0.78 -39.66 0.74
C ALA F 376 -0.70 -39.97 -0.74
N LEU F 377 -1.69 -39.49 -1.50
CA LEU F 377 -1.86 -39.91 -2.89
C LEU F 377 -0.92 -39.11 -3.79
N PHE F 378 0.33 -39.57 -3.84
CA PHE F 378 1.29 -39.05 -4.80
C PHE F 378 1.20 -39.86 -6.09
N LEU F 379 1.53 -39.20 -7.20
CA LEU F 379 1.27 -39.74 -8.52
C LEU F 379 2.56 -39.94 -9.29
N THR F 380 2.54 -40.89 -10.24
CA THR F 380 3.69 -41.18 -11.07
C THR F 380 3.20 -41.64 -12.44
N ARG F 381 3.70 -40.99 -13.49
CA ARG F 381 3.38 -41.33 -14.87
C ARG F 381 4.46 -42.23 -15.44
N CYS F 382 4.05 -43.25 -16.17
CA CYS F 382 4.96 -44.21 -16.80
C CYS F 382 4.97 -43.91 -18.30
N GLN F 383 5.84 -42.98 -18.71
CA GLN F 383 5.87 -42.48 -20.08
C GLN F 383 6.58 -43.49 -20.97
N GLN F 384 5.82 -44.43 -21.52
CA GLN F 384 6.38 -45.42 -22.45
C GLN F 384 5.28 -46.00 -23.31
N GLU F 385 5.63 -47.03 -24.09
CA GLU F 385 4.69 -47.69 -24.99
C GLU F 385 3.64 -48.49 -24.23
N GLU F 386 3.90 -48.82 -22.96
CA GLU F 386 2.90 -49.47 -22.11
C GLU F 386 1.65 -48.60 -21.96
N SER F 387 1.83 -47.28 -21.95
CA SER F 387 0.68 -46.38 -22.06
C SER F 387 -0.03 -46.56 -23.40
N GLN F 388 0.73 -46.67 -24.48
CA GLN F 388 0.12 -46.84 -25.80
C GLN F 388 -0.49 -48.23 -25.95
N ALA F 389 0.17 -49.25 -25.40
CA ALA F 389 -0.29 -50.62 -25.56
C ALA F 389 -1.54 -50.92 -24.76
N ALA F 390 -1.78 -50.19 -23.67
CA ALA F 390 -2.98 -50.44 -22.87
C ALA F 390 -4.22 -49.96 -23.58
N ARG F 391 -4.13 -48.85 -24.30
CA ARG F 391 -5.24 -48.36 -25.11
C ARG F 391 -5.53 -49.30 -26.27
N MET F 392 -4.50 -49.99 -26.76
CA MET F 392 -4.70 -51.00 -27.80
C MET F 392 -5.58 -52.15 -27.30
N ILE F 393 -5.46 -52.48 -26.01
CA ILE F 393 -6.19 -53.62 -25.46
C ILE F 393 -7.69 -53.30 -25.39
N HIS F 394 -8.03 -52.05 -25.07
CA HIS F 394 -9.44 -51.66 -25.06
C HIS F 394 -10.04 -51.68 -26.45
N SER F 395 -9.24 -51.38 -27.46
CA SER F 395 -9.68 -51.50 -28.84
C SER F 395 -9.55 -52.93 -29.35
N THR F 396 -8.82 -53.79 -28.63
CA THR F 396 -8.61 -55.15 -29.10
C THR F 396 -9.88 -55.99 -28.96
N ALA F 397 -10.35 -56.16 -27.72
CA ALA F 397 -11.54 -56.96 -27.48
C ALA F 397 -12.82 -56.21 -27.83
N GLY F 398 -12.75 -54.88 -27.96
CA GLY F 398 -13.93 -54.12 -28.36
C GLY F 398 -14.38 -54.44 -29.77
N LEU F 399 -13.45 -54.75 -30.66
CA LEU F 399 -13.80 -55.30 -31.96
C LEU F 399 -14.24 -56.75 -31.86
N TYR F 400 -13.76 -57.46 -30.85
CA TYR F 400 -13.94 -58.91 -30.83
C TYR F 400 -15.29 -59.29 -30.23
N ASN F 401 -15.63 -58.72 -29.07
CA ASN F 401 -16.82 -59.13 -28.36
C ASN F 401 -18.10 -58.73 -29.09
N GLN F 402 -18.05 -57.66 -29.89
CA GLN F 402 -19.17 -57.34 -30.76
C GLN F 402 -19.24 -58.26 -31.97
N PHE F 403 -18.17 -58.99 -32.26
CA PHE F 403 -18.14 -59.96 -33.34
C PHE F 403 -18.41 -61.38 -32.86
N ILE F 404 -18.08 -61.69 -31.60
CA ILE F 404 -18.38 -62.99 -31.01
C ILE F 404 -19.88 -63.20 -30.94
N LYS F 405 -20.63 -62.14 -30.63
CA LYS F 405 -22.09 -62.25 -30.55
C LYS F 405 -22.72 -62.51 -31.91
N GLY F 406 -22.07 -62.11 -32.99
CA GLY F 406 -22.63 -62.32 -34.31
C GLY F 406 -22.57 -63.78 -34.76
N LEU F 407 -21.60 -64.54 -34.24
CA LEU F 407 -21.52 -65.95 -34.58
C LEU F 407 -22.65 -66.75 -33.96
N ASP F 408 -23.14 -66.33 -32.80
CA ASP F 408 -24.25 -67.00 -32.16
C ASP F 408 -25.59 -66.66 -32.80
N SER F 409 -25.63 -65.67 -33.69
CA SER F 409 -26.84 -65.37 -34.45
C SER F 409 -27.17 -66.45 -35.47
N PHE F 410 -26.18 -67.27 -35.84
CA PHE F 410 -26.39 -68.35 -36.80
C PHE F 410 -25.73 -69.65 -36.34
N SER F 411 -25.33 -69.73 -35.07
CA SER F 411 -24.63 -70.90 -34.57
C SER F 411 -25.55 -72.11 -34.51
N GLY F 412 -26.63 -72.01 -33.76
CA GLY F 412 -27.63 -73.06 -33.71
C GLY F 412 -28.74 -72.92 -34.72
N LYS F 413 -28.60 -72.02 -35.69
CA LYS F 413 -29.64 -71.75 -36.65
C LYS F 413 -29.18 -72.15 -38.05
N PRO F 414 -29.97 -72.94 -38.78
CA PRO F 414 -29.66 -73.19 -40.19
C PRO F 414 -29.91 -71.94 -41.03
N ARG F 415 -29.41 -71.99 -42.25
CA ARG F 415 -29.51 -70.87 -43.18
C ARG F 415 -30.72 -71.12 -44.08
N GLY F 416 -31.77 -70.33 -43.88
CA GLY F 416 -32.89 -70.36 -44.78
C GLY F 416 -32.54 -69.73 -46.12
N SER F 417 -33.24 -70.16 -47.16
CA SER F 417 -33.01 -69.66 -48.51
C SER F 417 -33.47 -68.21 -48.61
N GLY F 418 -32.52 -67.30 -48.79
CA GLY F 418 -32.82 -65.89 -48.81
C GLY F 418 -31.92 -65.12 -47.87
N PRO F 419 -32.49 -64.53 -46.83
CA PRO F 419 -31.68 -63.88 -45.79
C PRO F 419 -30.89 -64.90 -45.00
N PRO F 420 -29.56 -64.78 -44.97
CA PRO F 420 -28.77 -65.79 -44.26
C PRO F 420 -28.81 -65.66 -42.75
N ALA F 421 -28.84 -64.43 -42.22
CA ALA F 421 -28.76 -64.20 -40.79
C ALA F 421 -29.39 -62.84 -40.50
N GLY F 422 -29.12 -62.30 -39.31
CA GLY F 422 -29.64 -61.02 -38.90
C GLY F 422 -28.65 -59.90 -39.15
N PRO F 423 -28.00 -59.44 -38.09
CA PRO F 423 -26.99 -58.38 -38.24
C PRO F 423 -25.75 -58.88 -38.95
N ALA F 424 -25.04 -57.96 -39.60
CA ALA F 424 -23.88 -58.31 -40.39
C ALA F 424 -22.67 -58.58 -39.49
N LEU F 425 -21.60 -59.05 -40.12
CA LEU F 425 -20.39 -59.42 -39.42
C LEU F 425 -19.24 -58.52 -39.83
N PRO F 426 -18.54 -57.88 -38.88
CA PRO F 426 -17.29 -57.19 -39.23
C PRO F 426 -16.21 -58.21 -39.56
N ILE F 427 -15.70 -58.13 -40.79
CA ILE F 427 -14.78 -59.15 -41.28
C ILE F 427 -13.44 -58.54 -41.64
N GLU F 428 -13.47 -57.58 -42.58
CA GLU F 428 -12.23 -57.08 -43.17
C GLU F 428 -11.39 -56.28 -42.18
N ALA F 429 -12.03 -55.47 -41.34
CA ALA F 429 -11.31 -54.73 -40.32
C ALA F 429 -10.73 -55.64 -39.26
N VAL F 430 -11.40 -56.77 -38.99
CA VAL F 430 -10.83 -57.79 -38.11
C VAL F 430 -9.59 -58.40 -38.73
N ILE F 431 -9.65 -58.67 -40.04
CA ILE F 431 -8.49 -59.17 -40.78
C ILE F 431 -7.37 -58.13 -40.76
N LEU F 432 -7.73 -56.85 -40.88
CA LEU F 432 -6.75 -55.79 -40.70
C LEU F 432 -6.21 -55.76 -39.28
N SER F 433 -7.07 -56.04 -38.30
CA SER F 433 -6.66 -55.94 -36.90
C SER F 433 -5.72 -57.07 -36.50
N LEU F 434 -5.98 -58.27 -37.00
CA LEU F 434 -5.12 -59.41 -36.68
C LEU F 434 -3.74 -59.26 -37.31
N GLN F 435 -3.69 -58.75 -38.54
CA GLN F 435 -2.41 -58.54 -39.21
C GLN F 435 -1.59 -57.43 -38.57
N ASP F 436 -2.24 -56.50 -37.87
CA ASP F 436 -1.50 -55.48 -37.14
C ASP F 436 -0.71 -56.08 -35.98
N LEU F 437 -1.29 -57.05 -35.29
CA LEU F 437 -0.65 -57.64 -34.13
C LEU F 437 0.44 -58.63 -34.49
N ILE F 438 0.47 -59.09 -35.74
CA ILE F 438 1.49 -60.05 -36.17
C ILE F 438 2.86 -59.39 -36.19
N GLY F 439 2.98 -58.28 -36.93
CA GLY F 439 4.20 -57.52 -36.90
C GLY F 439 4.45 -56.80 -35.59
N TYR F 440 3.39 -56.58 -34.80
CA TYR F 440 3.55 -55.95 -33.51
C TYR F 440 4.26 -56.87 -32.53
N PHE F 441 3.97 -58.17 -32.60
CA PHE F 441 4.68 -59.17 -31.80
C PHE F 441 5.72 -59.92 -32.62
N GLU F 442 6.30 -59.25 -33.60
CA GLU F 442 7.34 -59.88 -34.40
C GLU F 442 8.63 -59.95 -33.61
N PRO F 443 9.32 -61.09 -33.58
CA PRO F 443 10.61 -61.19 -32.92
C PRO F 443 11.66 -60.38 -33.67
N PRO F 444 12.73 -59.94 -32.99
CA PRO F 444 13.76 -59.15 -33.68
C PRO F 444 14.59 -60.00 -34.63
N SER F 445 15.42 -59.30 -35.40
CA SER F 445 16.19 -59.94 -36.45
C SER F 445 17.35 -60.77 -35.89
N GLU F 446 17.70 -61.81 -36.63
CA GLU F 446 18.91 -62.57 -36.30
C GLU F 446 20.16 -61.81 -36.69
N GLU F 447 20.08 -60.94 -37.69
CA GLU F 447 21.19 -60.09 -38.08
C GLU F 447 21.28 -58.82 -37.23
N LEU F 448 20.40 -58.67 -36.25
CA LEU F 448 20.44 -57.52 -35.37
C LEU F 448 21.64 -57.62 -34.43
N GLN F 449 22.13 -56.46 -33.99
CA GLN F 449 23.18 -56.39 -32.98
C GLN F 449 22.71 -57.02 -31.68
N HIS F 450 23.63 -57.76 -31.03
CA HIS F 450 23.31 -58.46 -29.79
C HIS F 450 22.95 -57.52 -28.66
N GLU F 451 23.53 -56.31 -28.67
CA GLU F 451 23.13 -55.27 -27.72
C GLU F 451 21.69 -54.84 -27.97
N GLU F 452 21.35 -54.58 -29.24
CA GLU F 452 19.99 -54.17 -29.57
C GLU F 452 19.02 -55.34 -29.42
N LYS F 453 19.51 -56.56 -29.57
CA LYS F 453 18.65 -57.74 -29.51
C LYS F 453 18.08 -57.96 -28.12
N GLN F 454 18.92 -57.82 -27.09
CA GLN F 454 18.48 -58.08 -25.72
C GLN F 454 17.50 -57.00 -25.25
N SER F 455 17.61 -55.80 -25.81
CA SER F 455 16.66 -54.74 -25.48
C SER F 455 15.27 -55.06 -26.02
N LYS F 456 15.20 -55.63 -27.23
CA LYS F 456 13.91 -55.97 -27.81
C LYS F 456 13.28 -57.18 -27.13
N LEU F 457 14.11 -58.06 -26.56
CA LEU F 457 13.58 -59.22 -25.86
C LEU F 457 12.86 -58.81 -24.58
N ARG F 458 13.42 -57.83 -23.85
CA ARG F 458 12.69 -57.25 -22.74
C ARG F 458 11.49 -56.46 -23.24
N SER F 459 11.64 -55.80 -24.38
CA SER F 459 10.57 -54.97 -24.94
C SER F 459 9.41 -55.81 -25.46
N LEU F 460 9.63 -57.08 -25.76
CA LEU F 460 8.59 -57.95 -26.30
C LEU F 460 7.92 -58.80 -25.23
N ARG F 461 8.70 -59.36 -24.30
CA ARG F 461 8.11 -60.17 -23.23
C ARG F 461 7.33 -59.31 -22.25
N ASN F 462 7.70 -58.03 -22.12
CA ASN F 462 6.84 -57.10 -21.40
C ASN F 462 5.53 -56.93 -22.13
N ARG F 463 5.57 -56.83 -23.46
CA ARG F 463 4.35 -56.78 -24.24
C ARG F 463 3.62 -58.12 -24.24
N GLN F 464 4.36 -59.22 -24.11
CA GLN F 464 3.69 -60.51 -23.92
C GLN F 464 3.08 -60.63 -22.53
N SER F 465 3.67 -59.95 -21.53
CA SER F 465 3.17 -60.07 -20.18
C SER F 465 1.84 -59.36 -19.98
N LEU F 466 1.63 -58.24 -20.66
CA LEU F 466 0.44 -57.44 -20.45
C LEU F 466 -0.81 -58.06 -21.04
N PHE F 467 -0.67 -59.00 -21.97
CA PHE F 467 -1.79 -59.74 -22.52
C PHE F 467 -2.05 -61.03 -21.75
N GLN F 468 -1.55 -61.12 -20.53
CA GLN F 468 -2.07 -62.04 -19.52
C GLN F 468 -2.88 -61.33 -18.45
N GLU F 469 -2.66 -60.02 -18.27
CA GLU F 469 -3.32 -59.30 -17.19
C GLU F 469 -4.78 -58.99 -17.51
N GLU F 470 -5.08 -58.73 -18.78
CA GLU F 470 -6.45 -58.59 -19.23
C GLU F 470 -7.02 -59.91 -19.74
N GLY F 471 -6.37 -61.01 -19.40
CA GLY F 471 -6.75 -62.32 -19.85
C GLY F 471 -6.24 -62.54 -21.26
N MET F 472 -6.97 -62.02 -22.24
CA MET F 472 -6.55 -61.84 -23.64
C MET F 472 -6.18 -63.12 -24.37
N LEU F 473 -6.37 -64.29 -23.76
CA LEU F 473 -5.94 -65.56 -24.32
C LEU F 473 -7.10 -66.50 -24.56
N SER F 474 -7.93 -66.73 -23.54
CA SER F 474 -9.17 -67.47 -23.76
C SER F 474 -10.14 -66.67 -24.62
N LEU F 475 -10.04 -65.34 -24.58
CA LEU F 475 -10.81 -64.49 -25.49
C LEU F 475 -10.41 -64.75 -26.93
N VAL F 476 -9.13 -65.02 -27.16
CA VAL F 476 -8.71 -65.54 -28.46
C VAL F 476 -9.23 -66.95 -28.65
N LEU F 477 -9.17 -67.77 -27.60
CA LEU F 477 -9.61 -69.16 -27.70
C LEU F 477 -11.12 -69.28 -27.86
N ASN F 478 -11.90 -68.37 -27.24
CA ASN F 478 -13.34 -68.44 -27.43
C ASN F 478 -13.75 -68.02 -28.84
N CYS F 479 -12.94 -67.18 -29.49
CA CYS F 479 -13.09 -66.99 -30.92
C CYS F 479 -12.75 -68.26 -31.68
N ILE F 480 -11.72 -68.97 -31.22
CA ILE F 480 -11.37 -70.26 -31.82
C ILE F 480 -12.43 -71.30 -31.46
N ASP F 481 -13.01 -71.21 -30.25
CA ASP F 481 -14.06 -72.14 -29.84
C ASP F 481 -15.29 -72.05 -30.73
N ARG F 482 -15.72 -70.84 -31.04
CA ARG F 482 -16.86 -70.66 -31.93
C ARG F 482 -16.48 -70.77 -33.39
N LEU F 483 -15.20 -70.91 -33.71
CA LEU F 483 -14.74 -71.26 -35.04
C LEU F 483 -14.17 -72.67 -35.10
N ASN F 484 -14.43 -73.49 -34.10
CA ASN F 484 -13.80 -74.81 -34.06
C ASN F 484 -14.61 -75.84 -34.81
N VAL F 485 -15.91 -75.91 -34.56
CA VAL F 485 -16.72 -77.03 -35.05
C VAL F 485 -17.14 -76.65 -36.46
N TYR F 486 -16.23 -76.87 -37.40
CA TYR F 486 -16.42 -76.53 -38.81
C TYR F 486 -15.60 -77.54 -39.61
N THR F 487 -16.29 -78.51 -40.21
CA THR F 487 -15.60 -79.60 -40.89
C THR F 487 -15.02 -79.14 -42.22
N THR F 488 -15.89 -78.73 -43.14
CA THR F 488 -15.45 -78.16 -44.41
C THR F 488 -15.56 -76.65 -44.42
N ALA F 489 -16.68 -76.12 -43.92
CA ALA F 489 -16.95 -74.68 -43.77
C ALA F 489 -16.84 -73.94 -45.10
N ALA F 490 -17.33 -74.58 -46.15
CA ALA F 490 -17.53 -73.92 -47.44
C ALA F 490 -19.01 -73.67 -47.68
N HIS F 491 -19.82 -74.71 -47.62
CA HIS F 491 -21.25 -74.55 -47.40
C HIS F 491 -21.61 -74.64 -45.93
N PHE F 492 -20.74 -75.23 -45.12
CA PHE F 492 -20.97 -75.31 -43.69
C PHE F 492 -20.61 -74.01 -42.97
N ALA F 493 -19.95 -73.08 -43.65
CA ALA F 493 -19.85 -71.72 -43.19
C ALA F 493 -20.78 -70.80 -43.95
N GLU F 494 -21.66 -71.35 -44.78
CA GLU F 494 -22.71 -70.58 -45.43
C GLU F 494 -24.00 -70.61 -44.61
N TYR F 495 -23.85 -70.35 -43.31
CA TYR F 495 -24.97 -70.03 -42.44
C TYR F 495 -25.01 -68.55 -42.12
N ALA F 496 -23.87 -67.89 -42.17
CA ALA F 496 -23.81 -66.46 -42.41
C ALA F 496 -23.96 -66.12 -43.88
N GLY F 497 -23.96 -67.13 -44.75
CA GLY F 497 -24.22 -66.94 -46.16
C GLY F 497 -22.97 -66.88 -46.99
N GLU F 498 -23.15 -66.35 -48.21
CA GLU F 498 -22.04 -66.17 -49.12
C GLU F 498 -21.14 -65.03 -48.64
N GLU F 499 -19.91 -65.03 -49.16
CA GLU F 499 -18.81 -64.09 -48.91
C GLU F 499 -18.25 -64.15 -47.49
N ALA F 500 -18.82 -64.96 -46.60
CA ALA F 500 -18.27 -65.19 -45.28
C ALA F 500 -17.46 -66.48 -45.22
N ALA F 501 -17.90 -67.51 -45.94
CA ALA F 501 -17.09 -68.71 -46.08
C ALA F 501 -15.87 -68.49 -46.95
N GLU F 502 -15.90 -67.48 -47.82
CA GLU F 502 -14.75 -67.17 -48.67
C GLU F 502 -13.59 -66.64 -47.84
N SER F 503 -13.89 -65.81 -46.85
CA SER F 503 -12.87 -65.25 -45.97
C SER F 503 -12.66 -66.10 -44.72
N TRP F 504 -13.30 -67.27 -44.64
CA TRP F 504 -13.26 -68.08 -43.42
C TRP F 504 -11.88 -68.66 -43.16
N LYS F 505 -11.36 -69.42 -44.13
CA LYS F 505 -10.09 -70.12 -43.97
C LYS F 505 -8.92 -69.15 -43.80
N GLU F 506 -9.01 -67.97 -44.43
CA GLU F 506 -7.98 -66.95 -44.31
C GLU F 506 -7.86 -66.45 -42.87
N ILE F 507 -8.98 -66.34 -42.16
CA ILE F 507 -8.95 -65.95 -40.76
C ILE F 507 -8.30 -67.03 -39.91
N VAL F 508 -8.62 -68.30 -40.21
CA VAL F 508 -8.13 -69.45 -39.45
C VAL F 508 -6.61 -69.56 -39.55
N ASN F 509 -6.04 -69.18 -40.69
CA ASN F 509 -4.59 -69.07 -40.80
C ASN F 509 -4.06 -67.98 -39.87
N LEU F 510 -4.78 -66.87 -39.76
CA LEU F 510 -4.31 -65.75 -38.95
C LEU F 510 -4.49 -65.98 -37.46
N LEU F 511 -5.35 -66.93 -37.07
CA LEU F 511 -5.62 -67.16 -35.66
C LEU F 511 -4.41 -67.76 -34.95
N TYR F 512 -3.95 -68.92 -35.42
CA TYR F 512 -2.84 -69.60 -34.78
C TYR F 512 -1.53 -68.89 -35.06
N GLU F 513 -1.46 -68.14 -36.16
CA GLU F 513 -0.29 -67.30 -36.42
C GLU F 513 -0.17 -66.21 -35.37
N LEU F 514 -1.27 -65.56 -35.04
CA LEU F 514 -1.26 -64.57 -33.98
C LEU F 514 -1.12 -65.23 -32.63
N LEU F 515 -1.58 -66.48 -32.50
CA LEU F 515 -1.51 -67.16 -31.22
C LEU F 515 -0.07 -67.53 -30.88
N ALA F 516 0.68 -68.04 -31.87
CA ALA F 516 2.05 -68.46 -31.62
C ALA F 516 2.99 -67.30 -31.36
N SER F 517 2.63 -66.10 -31.80
CA SER F 517 3.46 -64.92 -31.56
C SER F 517 3.47 -64.51 -30.09
N LEU F 518 2.45 -64.89 -29.34
CA LEU F 518 2.35 -64.55 -27.93
C LEU F 518 3.03 -65.55 -27.03
N ILE F 519 3.75 -66.52 -27.60
CA ILE F 519 4.21 -67.69 -26.86
C ILE F 519 5.72 -67.75 -26.81
N ARG F 520 6.38 -67.57 -27.94
CA ARG F 520 7.82 -67.82 -28.05
C ARG F 520 8.63 -66.78 -27.28
N GLY F 521 9.70 -67.24 -26.64
CA GLY F 521 10.53 -66.43 -25.80
C GLY F 521 10.16 -66.48 -24.33
N ASN F 522 8.89 -66.74 -24.02
CA ASN F 522 8.42 -66.75 -22.65
C ASN F 522 8.15 -68.17 -22.18
N ARG F 523 8.35 -68.39 -20.89
CA ARG F 523 7.91 -69.60 -20.21
C ARG F 523 6.57 -69.40 -19.51
N ALA F 524 6.25 -68.17 -19.11
CA ALA F 524 5.04 -67.93 -18.34
C ALA F 524 3.77 -68.08 -19.19
N ASN F 525 3.89 -67.92 -20.51
CA ASN F 525 2.76 -68.21 -21.38
C ASN F 525 2.53 -69.72 -21.49
N CYS F 526 3.61 -70.50 -21.48
CA CYS F 526 3.52 -71.92 -21.83
C CYS F 526 2.90 -72.75 -20.71
N ALA F 527 3.07 -72.33 -19.45
CA ALA F 527 2.51 -73.08 -18.34
C ALA F 527 1.00 -72.95 -18.25
N LEU F 528 0.42 -71.93 -18.89
CA LEU F 528 -1.02 -71.69 -18.86
C LEU F 528 -1.80 -72.64 -19.75
N PHE F 529 -1.12 -73.45 -20.57
CA PHE F 529 -1.78 -74.35 -21.49
C PHE F 529 -1.81 -75.78 -20.99
N SER F 530 -1.45 -76.00 -19.73
CA SER F 530 -1.47 -77.34 -19.17
C SER F 530 -2.89 -77.87 -19.01
N THR F 531 -3.85 -76.98 -18.79
CA THR F 531 -5.24 -77.41 -18.70
C THR F 531 -5.82 -77.67 -20.08
N ASN F 532 -5.53 -76.81 -21.05
CA ASN F 532 -6.07 -76.92 -22.39
C ASN F 532 -5.13 -77.64 -23.34
N LEU F 533 -4.21 -78.46 -22.81
CA LEU F 533 -3.31 -79.23 -23.67
C LEU F 533 -4.06 -80.28 -24.46
N ASP F 534 -4.96 -81.01 -23.79
CA ASP F 534 -5.73 -82.04 -24.47
C ASP F 534 -6.76 -81.46 -25.43
N TRP F 535 -7.11 -80.18 -25.27
CA TRP F 535 -8.05 -79.58 -26.19
C TRP F 535 -7.42 -79.32 -27.55
N VAL F 536 -6.17 -78.85 -27.58
CA VAL F 536 -5.61 -78.28 -28.79
C VAL F 536 -5.29 -79.37 -29.82
N VAL F 537 -4.38 -80.28 -29.46
CA VAL F 537 -3.85 -81.21 -30.45
C VAL F 537 -4.84 -82.31 -30.81
N SER F 538 -5.83 -82.55 -29.97
CA SER F 538 -6.81 -83.58 -30.27
C SER F 538 -7.79 -83.15 -31.36
N LYS F 539 -7.89 -81.86 -31.64
CA LYS F 539 -8.73 -81.41 -32.75
C LYS F 539 -8.10 -81.79 -34.08
N LEU F 540 -6.90 -81.26 -34.35
CA LEU F 540 -6.06 -81.61 -35.51
C LEU F 540 -6.82 -81.39 -36.82
N ASP F 541 -7.06 -80.10 -37.09
CA ASP F 541 -8.04 -79.66 -38.09
C ASP F 541 -7.72 -80.02 -39.54
N ARG F 542 -6.58 -80.67 -39.79
CA ARG F 542 -6.22 -81.50 -40.96
C ARG F 542 -6.38 -80.80 -42.32
N LEU F 543 -6.66 -79.50 -42.34
CA LEU F 543 -6.67 -78.68 -43.55
C LEU F 543 -5.95 -77.37 -43.34
N GLU F 544 -5.83 -76.90 -42.10
CA GLU F 544 -5.03 -75.75 -41.74
C GLU F 544 -3.95 -76.12 -40.71
N ALA F 545 -4.09 -77.29 -40.07
CA ALA F 545 -3.28 -77.65 -38.91
C ALA F 545 -1.80 -77.82 -39.23
N SER F 546 -1.46 -78.15 -40.48
CA SER F 546 -0.06 -78.23 -40.87
C SER F 546 0.59 -76.86 -40.94
N SER F 547 -0.20 -75.81 -41.15
CA SER F 547 0.37 -74.47 -41.26
C SER F 547 0.78 -73.92 -39.90
N GLY F 548 -0.17 -73.74 -39.00
CA GLY F 548 0.13 -73.03 -37.77
C GLY F 548 -0.08 -73.82 -36.50
N ILE F 549 -1.01 -74.78 -36.52
CA ILE F 549 -1.28 -75.57 -35.33
C ILE F 549 -0.11 -76.48 -35.02
N LEU F 550 0.50 -77.06 -36.07
CA LEU F 550 1.74 -77.82 -35.91
C LEU F 550 2.87 -76.96 -35.40
N GLU F 551 2.89 -75.69 -35.79
CA GLU F 551 3.94 -74.79 -35.33
C GLU F 551 3.75 -74.41 -33.87
N VAL F 552 2.51 -74.08 -33.48
CA VAL F 552 2.27 -73.52 -32.16
C VAL F 552 2.41 -74.58 -31.07
N LEU F 553 2.20 -75.86 -31.42
CA LEU F 553 2.45 -76.90 -30.45
C LEU F 553 3.94 -77.10 -30.23
N TYR F 554 4.75 -76.81 -31.23
CA TYR F 554 6.19 -76.81 -31.03
C TYR F 554 6.64 -75.64 -30.17
N CYS F 555 5.88 -74.54 -30.18
CA CYS F 555 6.26 -73.36 -29.44
C CYS F 555 6.17 -73.58 -27.93
N VAL F 556 5.18 -74.35 -27.48
CA VAL F 556 5.01 -74.55 -26.05
C VAL F 556 5.90 -75.67 -25.52
N LEU F 557 6.38 -76.56 -26.38
CA LEU F 557 7.17 -77.70 -25.92
C LEU F 557 8.65 -77.36 -25.78
N ILE F 558 9.04 -76.10 -25.97
CA ILE F 558 10.43 -75.71 -25.85
C ILE F 558 10.73 -75.03 -24.52
N GLU F 559 9.70 -74.57 -23.80
CA GLU F 559 9.91 -73.75 -22.61
C GLU F 559 9.46 -74.46 -21.33
N SER F 560 8.22 -74.90 -21.25
CA SER F 560 7.69 -75.43 -20.00
C SER F 560 7.80 -76.94 -19.97
N PRO F 561 8.54 -77.50 -19.02
CA PRO F 561 8.59 -78.97 -18.89
C PRO F 561 7.35 -79.57 -18.26
N GLU F 562 6.48 -78.74 -17.68
CA GLU F 562 5.29 -79.25 -17.02
C GLU F 562 4.29 -79.77 -18.03
N VAL F 563 4.28 -79.20 -19.23
CA VAL F 563 3.49 -79.75 -20.32
C VAL F 563 4.06 -81.09 -20.76
N LEU F 564 5.38 -81.24 -20.70
CA LEU F 564 6.01 -82.53 -20.97
C LEU F 564 5.74 -83.54 -19.87
N ASN F 565 5.29 -83.10 -18.71
CA ASN F 565 5.02 -83.97 -17.58
C ASN F 565 3.62 -84.57 -17.63
N ILE F 566 2.73 -84.04 -18.47
CA ILE F 566 1.32 -84.37 -18.39
C ILE F 566 0.83 -85.03 -19.68
N ILE F 567 1.72 -85.79 -20.34
CA ILE F 567 1.32 -86.52 -21.54
C ILE F 567 0.34 -87.64 -21.18
N GLN F 568 -0.35 -88.13 -22.21
CA GLN F 568 -1.43 -89.08 -22.03
C GLN F 568 -1.31 -90.25 -23.00
N GLU F 569 -0.38 -90.17 -23.96
CA GLU F 569 0.03 -91.15 -24.97
C GLU F 569 -0.99 -91.26 -26.10
N ASN F 570 -2.18 -90.69 -25.92
CA ASN F 570 -3.10 -90.56 -27.04
C ASN F 570 -2.72 -89.40 -27.94
N HIS F 571 -1.99 -88.43 -27.38
CA HIS F 571 -1.56 -87.28 -28.16
C HIS F 571 -0.51 -87.69 -29.18
N ILE F 572 0.52 -88.42 -28.73
CA ILE F 572 1.60 -88.82 -29.62
C ILE F 572 1.15 -89.86 -30.63
N LYS F 573 0.14 -90.65 -30.30
CA LYS F 573 -0.46 -91.51 -31.32
C LYS F 573 -1.13 -90.69 -32.41
N SER F 574 -1.73 -89.55 -32.05
CA SER F 574 -2.22 -88.63 -33.07
C SER F 574 -1.09 -87.94 -33.79
N ILE F 575 0.08 -87.82 -33.17
CA ILE F 575 1.23 -87.19 -33.82
C ILE F 575 1.81 -88.10 -34.88
N ILE F 576 1.92 -89.41 -34.58
CA ILE F 576 2.42 -90.37 -35.54
C ILE F 576 1.45 -90.52 -36.71
N SER F 577 0.14 -90.46 -36.44
CA SER F 577 -0.84 -90.44 -37.52
C SER F 577 -0.78 -89.14 -38.29
N LEU F 578 -0.44 -88.03 -37.62
CA LEU F 578 -0.21 -86.77 -38.32
C LEU F 578 1.01 -86.87 -39.23
N LEU F 579 2.03 -87.61 -38.79
CA LEU F 579 3.14 -87.93 -39.68
C LEU F 579 2.68 -88.85 -40.80
N ASP F 580 1.71 -89.71 -40.53
CA ASP F 580 1.21 -90.63 -41.55
C ASP F 580 0.35 -89.89 -42.56
N LYS F 581 -0.58 -89.06 -42.09
CA LYS F 581 -1.60 -88.49 -42.96
C LYS F 581 -1.10 -87.33 -43.81
N HIS F 582 0.11 -86.84 -43.58
CA HIS F 582 0.56 -85.64 -44.27
C HIS F 582 1.95 -85.70 -44.85
N GLY F 583 2.77 -86.68 -44.48
CA GLY F 583 4.05 -86.89 -45.13
C GLY F 583 5.22 -86.66 -44.20
N ARG F 584 6.39 -86.54 -44.82
CA ARG F 584 7.66 -86.42 -44.12
C ARG F 584 7.99 -84.95 -43.92
N ASN F 585 8.04 -84.53 -42.66
CA ASN F 585 8.30 -83.13 -42.32
C ASN F 585 9.44 -83.07 -41.32
N HIS F 586 10.19 -81.97 -41.38
CA HIS F 586 11.18 -81.69 -40.36
C HIS F 586 10.51 -81.33 -39.04
N LYS F 587 9.37 -80.65 -39.12
CA LYS F 587 8.72 -80.09 -37.94
C LYS F 587 8.11 -81.18 -37.07
N VAL F 588 7.56 -82.23 -37.69
CA VAL F 588 6.97 -83.30 -36.90
C VAL F 588 8.05 -84.13 -36.21
N LEU F 589 9.28 -84.09 -36.71
CA LEU F 589 10.39 -84.72 -36.02
C LEU F 589 11.06 -83.77 -35.04
N ASP F 590 11.02 -82.47 -35.32
CA ASP F 590 11.59 -81.49 -34.40
C ASP F 590 10.77 -81.40 -33.11
N VAL F 591 9.47 -81.66 -33.18
CA VAL F 591 8.66 -81.79 -31.99
C VAL F 591 9.10 -83.01 -31.19
N LEU F 592 9.26 -84.14 -31.89
CA LEU F 592 9.69 -85.38 -31.23
C LEU F 592 11.12 -85.29 -30.72
N CYS F 593 11.97 -84.52 -31.41
CA CYS F 593 13.32 -84.29 -30.92
C CYS F 593 13.31 -83.45 -29.65
N SER F 594 12.41 -82.47 -29.58
CA SER F 594 12.25 -81.68 -28.38
C SER F 594 11.34 -82.32 -27.36
N LEU F 595 10.70 -83.45 -27.71
CA LEU F 595 9.75 -84.06 -26.79
C LEU F 595 10.45 -84.79 -25.66
N CYS F 596 11.62 -85.37 -25.93
CA CYS F 596 12.29 -86.18 -24.93
C CYS F 596 12.91 -85.30 -23.85
N VAL F 597 13.88 -84.47 -24.22
CA VAL F 597 14.57 -83.60 -23.29
C VAL F 597 13.96 -82.21 -23.37
N CYS F 598 13.71 -81.61 -22.20
CA CYS F 598 13.29 -80.22 -22.12
C CYS F 598 14.47 -79.30 -21.88
N ASN F 599 15.14 -79.47 -20.74
CA ASN F 599 16.32 -78.67 -20.37
C ASN F 599 17.19 -79.59 -19.51
N GLY F 600 18.09 -80.31 -20.18
CA GLY F 600 18.92 -81.26 -19.46
C GLY F 600 18.19 -82.54 -19.09
N VAL F 601 17.21 -82.44 -18.18
CA VAL F 601 16.48 -83.62 -17.75
C VAL F 601 15.52 -84.07 -18.86
N ALA F 602 15.15 -85.35 -18.81
CA ALA F 602 14.27 -85.95 -19.80
C ALA F 602 13.45 -87.04 -19.15
N VAL F 603 12.13 -87.00 -19.36
CA VAL F 603 11.23 -87.96 -18.74
C VAL F 603 11.40 -89.32 -19.39
N ARG F 604 11.35 -90.38 -18.57
CA ARG F 604 11.47 -91.74 -19.05
C ARG F 604 10.24 -92.25 -19.78
N SER F 605 9.12 -91.51 -19.70
CA SER F 605 7.86 -91.97 -20.27
C SER F 605 7.92 -91.99 -21.79
N ASN F 606 8.14 -90.82 -22.39
CA ASN F 606 8.13 -90.68 -23.85
C ASN F 606 9.30 -91.39 -24.52
N GLN F 607 10.36 -91.68 -23.76
CA GLN F 607 11.51 -92.39 -24.33
C GLN F 607 11.14 -93.80 -24.75
N ASP F 608 10.20 -94.43 -24.05
CA ASP F 608 9.75 -95.76 -24.43
C ASP F 608 8.50 -95.72 -25.29
N LEU F 609 7.64 -94.72 -25.11
CA LEU F 609 6.40 -94.64 -25.89
C LEU F 609 6.69 -94.36 -27.35
N ILE F 610 7.67 -93.50 -27.62
CA ILE F 610 8.12 -93.31 -29.00
C ILE F 610 8.86 -94.56 -29.47
N THR F 611 9.59 -95.22 -28.57
CA THR F 611 10.27 -96.46 -28.91
C THR F 611 9.27 -97.56 -29.22
N GLU F 612 8.19 -97.63 -28.45
CA GLU F 612 7.09 -98.54 -28.76
C GLU F 612 6.43 -98.17 -30.07
N ASN F 613 6.21 -96.88 -30.29
CA ASN F 613 5.62 -96.43 -31.55
C ASN F 613 6.65 -96.24 -32.65
N LEU F 614 7.93 -96.41 -32.36
CA LEU F 614 8.87 -96.75 -33.41
C LEU F 614 8.54 -98.18 -33.80
N LEU F 615 7.82 -98.32 -34.90
CA LEU F 615 7.34 -99.63 -35.31
C LEU F 615 8.50 -100.50 -35.75
N PRO F 616 8.66 -101.71 -35.20
CA PRO F 616 9.68 -102.63 -35.70
C PRO F 616 9.41 -103.12 -37.11
N GLY F 617 8.15 -103.07 -37.55
CA GLY F 617 7.85 -103.31 -38.95
C GLY F 617 8.42 -102.24 -39.86
N ARG F 618 8.65 -101.03 -39.32
CA ARG F 618 9.45 -99.98 -39.92
C ARG F 618 8.87 -99.49 -41.25
N GLU F 619 7.65 -98.96 -41.17
CA GLU F 619 6.91 -98.55 -42.36
C GLU F 619 7.11 -97.09 -42.73
N LEU F 620 7.71 -96.29 -41.86
CA LEU F 620 7.83 -94.85 -42.10
C LEU F 620 9.26 -94.34 -42.11
N LEU F 621 10.19 -95.04 -41.47
CA LEU F 621 11.54 -94.53 -41.30
C LEU F 621 12.45 -95.03 -42.41
N LEU F 622 13.73 -94.66 -42.32
CA LEU F 622 14.74 -95.01 -43.32
C LEU F 622 15.62 -96.13 -42.79
N GLN F 623 15.86 -97.14 -43.61
CA GLN F 623 16.60 -98.32 -43.19
C GLN F 623 17.62 -98.69 -44.25
N THR F 624 18.83 -99.03 -43.80
CA THR F 624 19.92 -99.41 -44.68
C THR F 624 20.49 -100.76 -44.23
N ASN F 625 21.35 -101.31 -45.07
CA ASN F 625 22.00 -102.58 -44.80
C ASN F 625 23.23 -102.68 -45.70
N LEU F 626 24.23 -103.42 -45.23
CA LEU F 626 25.39 -103.74 -46.06
C LEU F 626 24.99 -104.76 -47.11
N ILE F 627 25.06 -104.37 -48.38
CA ILE F 627 24.62 -105.20 -49.49
C ILE F 627 25.79 -105.38 -50.45
N ASN F 628 26.06 -106.63 -50.83
CA ASN F 628 27.13 -106.92 -51.76
C ASN F 628 26.71 -106.57 -53.18
N TYR F 629 27.67 -106.69 -54.10
CA TYR F 629 27.43 -106.40 -55.50
C TYR F 629 27.06 -107.66 -56.25
N VAL F 630 26.16 -107.51 -57.23
CA VAL F 630 25.65 -108.62 -58.02
C VAL F 630 25.84 -108.29 -59.50
N THR F 631 26.23 -109.30 -60.28
CA THR F 631 26.47 -109.17 -61.71
C THR F 631 25.93 -110.40 -62.44
N SER F 632 25.93 -110.30 -63.77
CA SER F 632 25.49 -111.40 -64.63
C SER F 632 26.22 -111.30 -65.96
N ILE F 633 26.78 -112.41 -66.42
CA ILE F 633 27.55 -112.48 -67.65
C ILE F 633 26.82 -113.41 -68.61
N ARG F 634 26.52 -112.89 -69.82
CA ARG F 634 25.86 -113.76 -70.78
C ARG F 634 26.83 -114.30 -71.81
N PRO F 635 26.63 -115.52 -72.28
CA PRO F 635 27.20 -115.93 -73.56
C PRO F 635 26.35 -115.37 -74.70
N ASN F 636 26.97 -115.29 -75.88
CA ASN F 636 26.30 -114.76 -77.07
C ASN F 636 25.42 -115.85 -77.70
N ILE F 637 24.36 -116.20 -76.97
CA ILE F 637 23.44 -117.26 -77.37
C ILE F 637 22.03 -116.69 -77.30
N PHE F 638 21.27 -116.85 -78.38
CA PHE F 638 19.94 -116.28 -78.50
C PHE F 638 18.99 -117.35 -79.01
N VAL F 639 17.85 -117.52 -78.32
CA VAL F 639 16.84 -118.50 -78.69
C VAL F 639 15.51 -117.77 -78.82
N GLY F 640 14.91 -117.83 -80.01
CA GLY F 640 13.60 -117.27 -80.22
C GLY F 640 12.70 -118.27 -80.94
N ARG F 641 11.40 -118.07 -80.77
CA ARG F 641 10.40 -118.94 -81.40
C ARG F 641 9.30 -118.06 -81.99
N ALA F 642 9.26 -117.98 -83.32
CA ALA F 642 8.23 -117.24 -84.01
C ALA F 642 7.97 -117.94 -85.34
N GLU F 643 7.15 -117.32 -86.19
CA GLU F 643 6.83 -117.88 -87.49
C GLU F 643 8.05 -117.76 -88.41
N GLY F 644 8.74 -118.87 -88.63
CA GLY F 644 9.94 -118.86 -89.46
C GLY F 644 11.13 -119.53 -88.81
N SER F 645 12.18 -118.76 -88.55
CA SER F 645 13.37 -119.28 -87.89
C SER F 645 13.05 -119.60 -86.44
N THR F 646 13.21 -120.88 -86.07
CA THR F 646 12.87 -121.34 -84.74
C THR F 646 14.06 -121.85 -83.93
N GLN F 647 15.12 -122.33 -84.61
CA GLN F 647 16.35 -122.85 -84.00
C GLN F 647 16.06 -124.00 -83.03
N TYR F 648 15.19 -124.92 -83.49
CA TYR F 648 14.90 -126.25 -82.92
C TYR F 648 14.08 -126.19 -81.62
N GLY F 649 13.94 -125.01 -81.03
CA GLY F 649 13.08 -124.77 -79.87
C GLY F 649 13.24 -125.63 -78.62
N LYS F 650 14.33 -126.39 -78.52
CA LYS F 650 14.53 -127.35 -77.42
C LYS F 650 16.00 -127.33 -77.06
N TRP F 651 16.36 -126.56 -76.04
CA TRP F 651 17.75 -126.32 -75.69
C TRP F 651 18.02 -126.82 -74.27
N TYR F 652 19.29 -126.74 -73.87
CA TYR F 652 19.73 -127.48 -72.70
C TYR F 652 21.06 -126.92 -72.20
N PHE F 653 21.18 -126.79 -70.88
CA PHE F 653 22.34 -126.21 -70.23
C PHE F 653 22.98 -127.20 -69.26
N GLU F 654 24.31 -127.15 -69.17
CA GLU F 654 25.06 -127.80 -68.10
C GLU F 654 26.18 -126.87 -67.67
N VAL F 655 26.18 -126.47 -66.41
CA VAL F 655 27.13 -125.50 -65.87
C VAL F 655 27.88 -126.13 -64.72
N MET F 656 29.20 -126.02 -64.75
CA MET F 656 30.06 -126.59 -63.71
C MET F 656 30.37 -125.54 -62.66
N VAL F 657 30.20 -125.90 -61.39
CA VAL F 657 30.43 -125.00 -60.26
C VAL F 657 31.42 -125.64 -59.32
N ASP F 658 32.59 -125.00 -59.16
CA ASP F 658 33.63 -125.46 -58.23
C ASP F 658 34.07 -124.28 -57.38
N GLU F 659 33.31 -123.99 -56.32
CA GLU F 659 33.63 -122.88 -55.42
C GLU F 659 33.22 -123.25 -54.01
N VAL F 660 34.09 -122.94 -53.05
CA VAL F 660 33.75 -123.01 -51.63
C VAL F 660 33.98 -121.61 -51.07
N VAL F 661 32.95 -120.76 -51.16
CA VAL F 661 32.86 -119.54 -50.38
C VAL F 661 31.45 -119.55 -49.81
N PRO F 662 31.19 -120.27 -48.71
CA PRO F 662 29.81 -120.32 -48.20
C PRO F 662 29.39 -119.02 -47.53
N PHE F 663 30.30 -118.41 -46.78
CA PHE F 663 30.07 -117.13 -46.14
C PHE F 663 31.07 -116.12 -46.67
N LEU F 664 30.58 -114.91 -46.97
CA LEU F 664 31.45 -113.77 -47.07
C LEU F 664 31.47 -113.12 -45.69
N THR F 665 32.28 -112.07 -45.52
CA THR F 665 32.39 -111.41 -44.23
C THR F 665 31.13 -110.65 -43.83
N ALA F 666 30.22 -110.40 -44.76
CA ALA F 666 28.96 -109.74 -44.44
C ALA F 666 27.80 -110.73 -44.32
N GLN F 667 27.52 -111.48 -45.38
CA GLN F 667 26.52 -112.54 -45.33
C GLN F 667 26.97 -113.68 -46.23
N ALA F 668 26.10 -114.67 -46.40
CA ALA F 668 26.37 -115.74 -47.35
C ALA F 668 26.29 -115.21 -48.79
N THR F 669 27.09 -115.81 -49.66
CA THR F 669 27.27 -115.30 -51.01
C THR F 669 26.07 -115.60 -51.91
N HIS F 670 25.90 -114.77 -52.93
CA HIS F 670 24.84 -114.93 -53.90
C HIS F 670 25.37 -115.67 -55.12
N LEU F 671 24.61 -116.67 -55.57
CA LEU F 671 24.98 -117.46 -56.75
C LEU F 671 23.71 -118.11 -57.29
N ARG F 672 23.33 -117.77 -58.52
CA ARG F 672 22.18 -118.40 -59.16
C ARG F 672 22.50 -118.70 -60.61
N VAL F 673 21.48 -119.16 -61.35
CA VAL F 673 21.62 -119.47 -62.77
C VAL F 673 20.21 -119.46 -63.37
N GLY F 674 20.12 -119.12 -64.65
CA GLY F 674 18.83 -119.24 -65.31
C GLY F 674 18.67 -118.57 -66.68
N TRP F 675 17.58 -117.83 -66.83
CA TRP F 675 17.10 -117.40 -68.13
C TRP F 675 16.61 -115.96 -68.09
N ALA F 676 16.50 -115.38 -69.28
CA ALA F 676 15.88 -114.07 -69.48
C ALA F 676 15.47 -113.98 -70.95
N LEU F 677 14.48 -113.11 -71.22
CA LEU F 677 14.03 -112.83 -72.59
C LEU F 677 14.00 -111.32 -72.81
N THR F 678 15.18 -110.75 -73.11
CA THR F 678 15.41 -109.35 -73.52
C THR F 678 14.90 -108.30 -72.53
N GLU F 679 14.54 -108.71 -71.30
CA GLU F 679 13.95 -107.82 -70.31
C GLU F 679 14.58 -108.11 -68.96
N GLY F 680 15.90 -108.22 -68.95
CA GLY F 680 16.66 -108.73 -67.82
C GLY F 680 17.21 -107.58 -67.01
N TYR F 681 18.45 -107.19 -67.30
CA TYR F 681 19.16 -106.04 -66.69
C TYR F 681 19.41 -106.28 -65.21
N SER F 682 20.01 -107.43 -64.91
CA SER F 682 20.81 -107.57 -63.70
C SER F 682 21.90 -106.51 -63.53
N PRO F 683 22.48 -105.88 -64.60
CA PRO F 683 23.24 -104.64 -64.36
C PRO F 683 22.39 -103.46 -63.88
N TYR F 684 23.05 -102.31 -63.78
CA TYR F 684 22.77 -101.23 -62.82
C TYR F 684 22.75 -101.85 -61.42
N PRO F 685 23.94 -102.26 -60.83
CA PRO F 685 23.95 -102.99 -59.56
C PRO F 685 23.79 -102.10 -58.32
N GLY F 686 22.78 -101.23 -58.35
CA GLY F 686 22.53 -100.35 -57.23
C GLY F 686 21.37 -100.85 -56.41
N GLY F 687 20.19 -100.26 -56.61
CA GLY F 687 18.98 -100.67 -55.93
C GLY F 687 17.98 -101.27 -56.90
N GLY F 688 17.18 -102.21 -56.41
CA GLY F 688 16.15 -102.85 -57.18
C GLY F 688 14.84 -102.83 -56.42
N GLU F 689 13.97 -103.79 -56.77
CA GLU F 689 12.69 -103.91 -56.07
C GLU F 689 12.88 -104.41 -54.65
N GLY F 690 13.73 -105.42 -54.48
CA GLY F 690 14.09 -105.85 -53.15
C GLY F 690 15.27 -105.06 -52.63
N TRP F 691 16.31 -105.75 -52.18
CA TRP F 691 17.53 -105.10 -51.71
C TRP F 691 18.56 -105.21 -52.83
N GLY F 692 18.54 -104.23 -53.71
CA GLY F 692 19.44 -104.26 -54.85
C GLY F 692 18.83 -104.96 -56.06
N GLY F 693 19.29 -104.55 -57.23
CA GLY F 693 18.84 -105.15 -58.47
C GLY F 693 19.52 -106.48 -58.71
N ASN F 694 19.08 -107.51 -57.98
CA ASN F 694 19.75 -108.79 -57.99
C ASN F 694 19.51 -109.53 -59.30
N GLY F 695 20.29 -110.60 -59.49
CA GLY F 695 20.53 -111.19 -60.80
C GLY F 695 19.36 -111.75 -61.58
N VAL F 696 18.77 -112.84 -61.13
CA VAL F 696 17.81 -113.59 -61.94
C VAL F 696 16.74 -114.17 -61.02
N GLY F 697 15.53 -114.26 -61.54
CA GLY F 697 14.43 -114.85 -60.81
C GLY F 697 13.87 -113.95 -59.72
N ASP F 698 13.83 -112.65 -59.96
CA ASP F 698 13.27 -111.72 -58.99
C ASP F 698 12.15 -110.89 -59.57
N ASP F 699 11.87 -111.03 -60.86
CA ASP F 699 10.78 -110.31 -61.50
C ASP F 699 9.90 -111.27 -62.30
N LEU F 700 8.99 -110.71 -63.10
CA LEU F 700 8.19 -111.49 -64.02
C LEU F 700 8.89 -111.72 -65.36
N TYR F 701 10.21 -111.52 -65.41
CA TYR F 701 10.99 -111.59 -66.63
C TYR F 701 12.15 -112.57 -66.57
N SER F 702 12.46 -113.11 -65.39
CA SER F 702 13.64 -113.94 -65.22
C SER F 702 13.33 -115.09 -64.27
N TYR F 703 14.12 -116.16 -64.38
CA TYR F 703 13.90 -117.38 -63.62
C TYR F 703 15.25 -117.89 -63.10
N GLY F 704 15.38 -117.98 -61.78
CA GLY F 704 16.63 -118.38 -61.16
C GLY F 704 16.48 -119.62 -60.28
N PHE F 705 17.63 -120.07 -59.76
CA PHE F 705 17.69 -121.25 -58.91
C PHE F 705 19.02 -121.26 -58.16
N ASP F 706 18.96 -121.58 -56.86
CA ASP F 706 20.17 -121.67 -56.06
C ASP F 706 20.13 -122.83 -55.06
N GLY F 707 19.51 -123.94 -55.42
CA GLY F 707 19.62 -125.16 -54.63
C GLY F 707 18.34 -125.73 -54.07
N LEU F 708 17.47 -124.89 -53.48
CA LEU F 708 16.11 -125.34 -53.18
C LEU F 708 15.19 -124.12 -53.25
N HIS F 709 14.75 -123.79 -54.47
CA HIS F 709 14.00 -122.56 -54.72
C HIS F 709 13.27 -122.67 -56.04
N LEU F 710 12.37 -121.72 -56.26
CA LEU F 710 11.74 -121.47 -57.55
C LEU F 710 11.70 -119.96 -57.70
N TRP F 711 12.76 -119.38 -58.25
CA TRP F 711 12.92 -117.93 -58.26
C TRP F 711 12.20 -117.33 -59.47
N THR F 712 11.16 -116.54 -59.19
CA THR F 712 10.64 -115.50 -60.07
C THR F 712 9.76 -114.58 -59.23
N GLY F 713 9.84 -113.28 -59.51
CA GLY F 713 9.01 -112.31 -58.81
C GLY F 713 9.33 -112.16 -57.33
N HIS F 714 10.60 -112.32 -56.95
CA HIS F 714 11.07 -112.35 -55.56
C HIS F 714 10.32 -113.39 -54.72
N VAL F 715 10.12 -114.57 -55.29
CA VAL F 715 9.47 -115.68 -54.59
C VAL F 715 10.51 -116.77 -54.37
N ALA F 716 10.80 -117.05 -53.12
CA ALA F 716 11.74 -118.11 -52.72
C ALA F 716 11.01 -119.40 -52.37
N ARG F 717 10.14 -119.91 -53.25
CA ARG F 717 9.48 -121.13 -52.78
C ARG F 717 10.31 -122.36 -53.17
N PRO F 718 10.57 -123.27 -52.24
CA PRO F 718 11.54 -124.33 -52.48
C PRO F 718 10.97 -125.45 -53.33
N VAL F 719 11.78 -126.51 -53.50
CA VAL F 719 11.42 -127.67 -54.31
C VAL F 719 11.48 -128.94 -53.47
N THR F 720 11.16 -130.08 -54.09
CA THR F 720 11.27 -131.39 -53.46
C THR F 720 12.27 -132.19 -54.29
N SER F 721 13.50 -132.27 -53.80
CA SER F 721 14.58 -132.95 -54.52
C SER F 721 15.40 -133.77 -53.54
N PRO F 722 15.94 -134.91 -53.99
CA PRO F 722 16.85 -135.68 -53.13
C PRO F 722 18.18 -134.96 -52.99
N GLY F 723 18.75 -135.05 -51.79
CA GLY F 723 19.97 -134.32 -51.47
C GLY F 723 19.67 -132.84 -51.40
N GLN F 724 18.62 -132.49 -50.66
CA GLN F 724 18.03 -131.16 -50.69
C GLN F 724 18.92 -130.19 -49.91
N HIS F 725 19.74 -129.44 -50.61
CA HIS F 725 20.57 -128.39 -50.02
C HIS F 725 20.84 -127.34 -51.09
N LEU F 726 21.71 -126.40 -50.76
CA LEU F 726 22.00 -125.26 -51.63
C LEU F 726 23.07 -125.64 -52.65
N LEU F 727 23.63 -124.65 -53.32
CA LEU F 727 24.62 -124.89 -54.36
C LEU F 727 25.94 -125.28 -53.70
N ALA F 728 26.12 -126.59 -53.51
CA ALA F 728 27.40 -127.13 -53.11
C ALA F 728 28.36 -127.08 -54.29
N PRO F 729 29.67 -127.11 -54.04
CA PRO F 729 30.62 -127.26 -55.15
C PRO F 729 30.53 -128.65 -55.78
N GLU F 730 31.12 -128.73 -56.98
CA GLU F 730 31.16 -129.95 -57.81
C GLU F 730 29.75 -130.43 -58.15
N ASP F 731 28.94 -129.51 -58.68
CA ASP F 731 27.58 -129.81 -59.09
C ASP F 731 27.33 -129.28 -60.50
N VAL F 732 26.47 -129.98 -61.23
CA VAL F 732 26.09 -129.60 -62.58
C VAL F 732 24.57 -129.45 -62.61
N VAL F 733 24.11 -128.30 -63.08
CA VAL F 733 22.67 -128.01 -63.17
C VAL F 733 22.24 -128.24 -64.61
N SER F 734 21.24 -129.10 -64.79
CA SER F 734 20.68 -129.39 -66.10
C SER F 734 19.44 -128.54 -66.28
N CYS F 735 19.58 -127.43 -67.00
CA CYS F 735 18.47 -126.55 -67.30
C CYS F 735 17.85 -127.00 -68.62
N CYS F 736 16.65 -127.55 -68.55
CA CYS F 736 15.97 -128.07 -69.74
C CYS F 736 15.05 -126.99 -70.29
N LEU F 737 15.25 -126.63 -71.56
CA LEU F 737 14.41 -125.66 -72.24
C LEU F 737 13.50 -126.39 -73.21
N ASP F 738 12.20 -126.23 -73.02
CA ASP F 738 11.20 -126.68 -73.99
C ASP F 738 10.30 -125.51 -74.32
N LEU F 739 10.00 -125.35 -75.60
CA LEU F 739 9.20 -124.22 -76.07
C LEU F 739 7.86 -124.66 -76.66
N SER F 740 7.45 -125.90 -76.42
CA SER F 740 6.14 -126.33 -76.90
C SER F 740 5.03 -125.75 -76.02
N VAL F 741 5.20 -125.81 -74.70
CA VAL F 741 4.19 -125.30 -73.78
C VAL F 741 4.24 -123.78 -73.70
N PRO F 742 5.39 -123.11 -73.44
CA PRO F 742 6.81 -123.41 -73.13
C PRO F 742 7.02 -123.82 -71.67
N SER F 743 7.97 -124.72 -71.44
CA SER F 743 8.21 -125.27 -70.12
C SER F 743 9.69 -125.35 -69.84
N ILE F 744 10.08 -125.03 -68.62
CA ILE F 744 11.48 -125.04 -68.20
C ILE F 744 11.59 -125.85 -66.92
N SER F 745 12.45 -126.86 -66.92
CA SER F 745 12.70 -127.68 -65.73
C SER F 745 14.20 -127.69 -65.43
N PHE F 746 14.52 -127.84 -64.15
CA PHE F 746 15.89 -127.81 -63.67
C PHE F 746 16.25 -129.18 -63.10
N ARG F 747 17.55 -129.46 -63.06
CA ARG F 747 18.02 -130.76 -62.58
C ARG F 747 19.48 -130.64 -62.17
N ILE F 748 19.75 -130.82 -60.87
CA ILE F 748 21.11 -131.03 -60.39
C ILE F 748 21.36 -132.52 -60.60
N ASN F 749 22.61 -132.98 -60.37
CA ASN F 749 23.23 -134.19 -60.91
C ASN F 749 22.33 -135.43 -61.00
N GLY F 750 21.87 -135.96 -59.87
CA GLY F 750 20.74 -136.87 -59.96
C GLY F 750 19.43 -136.13 -59.93
N CYS F 751 19.05 -135.63 -58.74
CA CYS F 751 18.10 -134.57 -58.36
C CYS F 751 16.91 -134.34 -59.29
N PRO F 752 15.93 -135.24 -59.35
CA PRO F 752 14.72 -134.96 -60.15
C PRO F 752 13.88 -133.86 -59.53
N VAL F 753 14.25 -132.61 -59.81
CA VAL F 753 13.65 -131.45 -59.17
C VAL F 753 12.22 -131.27 -59.66
N GLN F 754 11.29 -131.15 -58.72
CA GLN F 754 9.87 -131.00 -59.04
C GLN F 754 9.51 -129.51 -59.14
N GLY F 755 10.06 -128.88 -60.16
CA GLY F 755 9.73 -127.50 -60.45
C GLY F 755 9.73 -127.20 -61.94
N VAL F 756 8.60 -126.70 -62.44
CA VAL F 756 8.43 -126.42 -63.87
C VAL F 756 7.87 -125.01 -63.99
N PHE F 757 8.55 -124.16 -64.77
CA PHE F 757 8.09 -122.81 -65.04
C PHE F 757 7.39 -122.79 -66.40
N GLU F 758 6.14 -122.34 -66.40
CA GLU F 758 5.33 -122.28 -67.62
C GLU F 758 4.55 -120.97 -67.63
N ALA F 759 3.62 -120.87 -68.58
CA ALA F 759 2.66 -119.77 -68.73
C ALA F 759 3.35 -118.43 -68.89
N PHE F 760 4.33 -118.37 -69.77
CA PHE F 760 5.09 -117.16 -70.02
C PHE F 760 5.24 -116.95 -71.51
N ASN F 761 5.34 -115.69 -71.92
CA ASN F 761 5.41 -115.34 -73.33
C ASN F 761 6.78 -115.65 -73.92
N LEU F 762 6.83 -115.67 -75.25
CA LEU F 762 8.06 -115.89 -76.00
C LEU F 762 8.56 -114.60 -76.63
N ASP F 763 8.37 -113.48 -75.94
CA ASP F 763 8.59 -112.15 -76.52
C ASP F 763 10.08 -111.80 -76.40
N GLY F 764 10.85 -112.30 -77.37
CA GLY F 764 12.24 -111.93 -77.49
C GLY F 764 13.16 -113.14 -77.44
N LEU F 765 14.42 -112.88 -77.79
CA LEU F 765 15.46 -113.89 -77.76
C LEU F 765 15.86 -114.22 -76.33
N PHE F 766 16.44 -115.40 -76.15
CA PHE F 766 16.69 -115.92 -74.82
C PHE F 766 18.17 -115.78 -74.45
N PHE F 767 18.46 -116.08 -73.19
CA PHE F 767 19.76 -115.80 -72.61
C PHE F 767 20.22 -116.90 -71.65
N PRO F 768 21.46 -117.35 -71.75
CA PRO F 768 22.08 -118.10 -70.65
C PRO F 768 22.47 -117.15 -69.54
N VAL F 769 21.71 -117.16 -68.46
CA VAL F 769 21.87 -116.20 -67.38
C VAL F 769 22.46 -116.92 -66.18
N VAL F 770 23.58 -116.39 -65.68
CA VAL F 770 24.16 -116.81 -64.41
C VAL F 770 24.18 -115.59 -63.49
N SER F 771 23.76 -115.79 -62.24
CA SER F 771 23.84 -114.75 -61.23
C SER F 771 24.87 -115.15 -60.19
N PHE F 772 25.70 -114.20 -59.77
CA PHE F 772 26.76 -114.50 -58.84
C PHE F 772 27.18 -113.23 -58.12
N SER F 773 27.56 -113.39 -56.86
CA SER F 773 28.22 -112.34 -56.10
C SER F 773 29.73 -112.50 -56.26
N ALA F 774 30.49 -111.79 -55.44
CA ALA F 774 31.94 -111.80 -55.56
C ALA F 774 32.51 -113.10 -54.99
N GLY F 775 33.75 -113.39 -55.42
CA GLY F 775 34.47 -114.54 -54.90
C GLY F 775 34.11 -115.86 -55.54
N VAL F 776 33.40 -115.86 -56.67
CA VAL F 776 32.92 -117.07 -57.30
C VAL F 776 33.52 -117.16 -58.70
N LYS F 777 34.27 -118.23 -58.96
CA LYS F 777 34.81 -118.51 -60.28
C LYS F 777 34.07 -119.72 -60.84
N VAL F 778 33.35 -119.53 -61.94
CA VAL F 778 32.46 -120.54 -62.47
C VAL F 778 32.93 -120.90 -63.88
N ARG F 779 32.51 -122.08 -64.35
CA ARG F 779 32.86 -122.57 -65.68
C ARG F 779 31.62 -123.07 -66.38
N PHE F 780 31.43 -122.62 -67.62
CA PHE F 780 30.33 -123.09 -68.46
C PHE F 780 30.74 -124.37 -69.17
N LEU F 781 29.90 -124.82 -70.10
CA LEU F 781 30.23 -125.88 -71.04
C LEU F 781 29.74 -125.47 -72.41
N LEU F 782 30.62 -125.55 -73.41
CA LEU F 782 30.29 -125.08 -74.75
C LEU F 782 29.32 -125.98 -75.50
N GLY F 783 29.01 -127.15 -74.97
CA GLY F 783 28.21 -128.07 -75.75
C GLY F 783 29.12 -128.89 -76.63
N GLY F 784 29.31 -128.44 -77.87
CA GLY F 784 30.15 -129.12 -78.83
C GLY F 784 31.63 -129.17 -78.50
N ARG F 785 32.29 -128.00 -78.49
CA ARG F 785 33.75 -127.99 -78.46
C ARG F 785 34.31 -128.31 -77.08
N HIS F 786 34.03 -127.45 -76.09
CA HIS F 786 34.52 -127.68 -74.73
C HIS F 786 33.38 -127.99 -73.77
N GLY F 787 32.25 -128.47 -74.27
CA GLY F 787 31.25 -128.99 -73.37
C GLY F 787 31.54 -130.44 -73.10
N GLU F 788 32.24 -130.69 -72.01
CA GLU F 788 32.65 -132.04 -71.62
C GLU F 788 31.60 -132.51 -70.62
N PHE F 789 30.56 -133.17 -71.14
CA PHE F 789 29.35 -133.44 -70.39
C PHE F 789 29.61 -134.55 -69.37
N LYS F 790 29.57 -134.21 -68.08
CA LYS F 790 29.67 -135.23 -67.05
C LYS F 790 28.38 -136.04 -66.92
N PHE F 791 27.27 -135.53 -67.43
CA PHE F 791 26.01 -136.24 -67.46
C PHE F 791 25.40 -136.11 -68.85
N LEU F 792 24.56 -137.07 -69.18
CA LEU F 792 23.99 -137.06 -70.52
C LEU F 792 22.76 -136.15 -70.57
N PRO F 793 22.56 -135.48 -71.70
CA PRO F 793 21.33 -134.73 -71.90
C PRO F 793 20.14 -135.66 -72.04
N PRO F 794 18.93 -135.16 -71.82
CA PRO F 794 17.74 -135.88 -72.27
C PRO F 794 17.71 -135.98 -73.78
N PRO F 795 17.01 -136.99 -74.35
CA PRO F 795 17.12 -137.25 -75.79
C PRO F 795 16.64 -136.15 -76.71
N GLY F 796 17.57 -135.59 -77.46
CA GLY F 796 17.26 -134.59 -78.47
C GLY F 796 17.14 -133.18 -77.94
N TYR F 797 18.17 -132.69 -77.22
CA TYR F 797 18.18 -131.29 -76.80
C TYR F 797 19.55 -130.68 -77.11
N ALA F 798 19.74 -130.32 -78.40
CA ALA F 798 20.55 -129.24 -78.99
C ALA F 798 21.78 -128.79 -78.21
N PRO F 799 22.85 -129.59 -78.11
CA PRO F 799 24.03 -129.13 -77.36
C PRO F 799 24.88 -128.07 -78.07
N CYS F 800 24.24 -126.98 -78.50
CA CYS F 800 24.88 -125.74 -78.96
C CYS F 800 25.79 -125.98 -80.17
N HIS F 801 25.21 -126.55 -81.22
CA HIS F 801 25.96 -126.81 -82.44
C HIS F 801 25.39 -126.10 -83.67
N GLU F 802 24.11 -126.30 -83.98
CA GLU F 802 23.59 -125.89 -85.29
C GLU F 802 23.32 -124.40 -85.34
N ALA F 803 22.59 -123.87 -84.37
CA ALA F 803 22.23 -122.46 -84.32
C ALA F 803 22.88 -121.83 -83.09
N VAL F 804 24.15 -121.45 -83.24
CA VAL F 804 24.87 -120.66 -82.25
C VAL F 804 25.99 -119.91 -82.96
N LEU F 805 26.07 -118.59 -82.72
CA LEU F 805 26.99 -117.65 -83.34
C LEU F 805 26.98 -117.73 -84.86
N PRO F 806 25.91 -117.27 -85.52
CA PRO F 806 25.80 -117.50 -86.97
C PRO F 806 26.73 -116.65 -87.81
N ARG F 807 27.25 -115.55 -87.26
CA ARG F 807 28.19 -114.71 -88.00
C ARG F 807 29.34 -114.23 -87.15
N GLU F 808 29.47 -114.70 -85.91
CA GLU F 808 30.51 -114.21 -85.00
C GLU F 808 31.11 -115.40 -84.27
N ARG F 809 31.91 -115.10 -83.25
CA ARG F 809 32.60 -116.09 -82.45
C ARG F 809 31.84 -116.28 -81.13
N LEU F 810 32.44 -117.04 -80.21
CA LEU F 810 31.85 -117.34 -78.91
C LEU F 810 32.44 -116.41 -77.87
N ARG F 811 31.59 -115.60 -77.24
CA ARG F 811 32.02 -114.58 -76.30
C ARG F 811 31.16 -114.61 -75.06
N LEU F 812 31.80 -114.41 -73.91
CA LEU F 812 31.12 -114.12 -72.66
C LEU F 812 31.12 -112.61 -72.44
N GLU F 813 29.99 -112.07 -71.97
CA GLU F 813 29.88 -110.63 -71.82
C GLU F 813 28.84 -110.32 -70.76
N PRO F 814 29.02 -109.24 -69.98
CA PRO F 814 27.94 -108.77 -69.13
C PRO F 814 26.81 -108.19 -69.96
N ILE F 815 25.58 -108.52 -69.58
CA ILE F 815 24.41 -108.25 -70.40
C ILE F 815 24.03 -106.76 -70.37
N LYS F 816 24.47 -106.04 -71.41
CA LYS F 816 24.10 -104.64 -71.68
C LYS F 816 24.47 -103.71 -70.52
N GLU F 817 25.76 -103.60 -70.28
CA GLU F 817 26.26 -102.71 -69.25
C GLU F 817 26.38 -101.29 -69.81
N TYR F 818 26.89 -100.39 -68.96
CA TYR F 818 27.13 -99.01 -69.35
C TYR F 818 28.60 -98.62 -69.29
N ARG F 819 29.35 -99.23 -68.39
CA ARG F 819 30.78 -99.01 -68.24
C ARG F 819 31.52 -100.28 -68.60
N ARG F 820 32.72 -100.12 -69.16
CA ARG F 820 33.65 -101.23 -69.28
C ARG F 820 35.03 -100.73 -68.90
N GLU F 821 35.93 -101.69 -68.67
CA GLU F 821 37.31 -101.34 -68.35
C GLU F 821 38.05 -100.90 -69.60
N GLY F 822 39.13 -100.15 -69.38
CA GLY F 822 39.99 -99.72 -70.46
C GLY F 822 41.43 -99.70 -70.01
N PRO F 823 42.35 -99.69 -70.98
CA PRO F 823 43.78 -99.60 -70.62
C PRO F 823 44.14 -98.27 -70.00
N ARG F 824 43.53 -97.20 -70.50
CA ARG F 824 43.68 -95.86 -69.93
C ARG F 824 42.43 -95.10 -70.29
N GLY F 825 41.72 -94.58 -69.29
CA GLY F 825 40.40 -94.06 -69.57
C GLY F 825 39.43 -95.19 -69.84
N PRO F 826 38.97 -95.86 -68.78
CA PRO F 826 38.01 -96.96 -68.96
C PRO F 826 36.72 -96.49 -69.62
N HIS F 827 36.25 -97.30 -70.55
CA HIS F 827 35.31 -96.83 -71.55
C HIS F 827 33.87 -96.96 -71.09
N LEU F 828 33.06 -96.02 -71.55
CA LEU F 828 31.61 -96.07 -71.34
C LEU F 828 30.96 -96.50 -72.64
N VAL F 829 29.85 -97.21 -72.53
CA VAL F 829 29.15 -97.74 -73.69
C VAL F 829 27.69 -97.32 -73.61
N GLY F 830 27.11 -96.99 -74.77
CA GLY F 830 25.71 -96.67 -74.87
C GLY F 830 24.84 -97.91 -74.85
N PRO F 831 23.59 -97.77 -75.30
CA PRO F 831 22.71 -98.94 -75.36
C PRO F 831 23.12 -99.88 -76.49
N SER F 832 22.96 -101.18 -76.24
CA SER F 832 23.30 -102.18 -77.24
C SER F 832 22.13 -102.41 -78.18
N ARG F 833 22.43 -102.47 -79.48
CA ARG F 833 21.41 -102.71 -80.49
C ARG F 833 21.00 -104.18 -80.44
N CYS F 834 19.82 -104.44 -79.89
CA CYS F 834 19.31 -105.80 -79.80
C CYS F 834 18.92 -106.29 -81.20
N LEU F 835 19.55 -107.37 -81.64
CA LEU F 835 19.41 -107.84 -83.02
C LEU F 835 18.26 -108.83 -83.11
N SER F 836 17.08 -108.30 -83.46
CA SER F 836 15.89 -109.07 -83.86
C SER F 836 15.41 -110.01 -82.75
N HIS F 837 14.99 -109.41 -81.64
CA HIS F 837 14.30 -110.18 -80.59
C HIS F 837 13.00 -110.75 -81.14
N THR F 838 12.17 -109.89 -81.72
CA THR F 838 11.12 -110.30 -82.64
C THR F 838 11.62 -110.06 -84.06
N ASP F 839 10.94 -110.69 -85.02
CA ASP F 839 11.26 -110.61 -86.46
C ASP F 839 12.69 -111.06 -86.75
N PHE F 840 13.08 -112.20 -86.18
CA PHE F 840 14.33 -112.86 -86.49
C PHE F 840 14.18 -113.90 -87.60
N VAL F 841 13.10 -113.83 -88.37
CA VAL F 841 12.80 -114.81 -89.40
C VAL F 841 12.81 -114.10 -90.76
N PRO F 842 13.33 -114.72 -91.81
CA PRO F 842 13.33 -114.09 -93.13
C PRO F 842 11.95 -114.12 -93.76
N CYS F 843 11.82 -113.40 -94.87
CA CYS F 843 10.56 -113.32 -95.59
C CYS F 843 10.83 -113.05 -97.07
N PRO F 844 10.36 -113.91 -97.96
CA PRO F 844 10.53 -113.67 -99.39
C PRO F 844 9.64 -112.53 -99.86
N VAL F 845 9.99 -111.98 -101.01
CA VAL F 845 9.23 -110.91 -101.65
C VAL F 845 8.41 -111.54 -102.77
N ASP F 846 7.09 -111.35 -102.70
CA ASP F 846 6.18 -111.91 -103.70
C ASP F 846 6.28 -111.19 -105.04
N ILE F 850 3.24 -112.93 -109.56
CA ILE F 850 3.20 -111.81 -110.49
C ILE F 850 3.09 -112.33 -111.92
N VAL F 851 2.94 -111.40 -112.86
CA VAL F 851 2.82 -111.75 -114.28
C VAL F 851 4.07 -111.28 -115.01
N LEU F 852 4.17 -111.59 -116.31
CA LEU F 852 5.35 -111.26 -117.08
C LEU F 852 4.93 -110.85 -118.49
N PRO F 853 5.50 -109.76 -119.01
CA PRO F 853 5.20 -109.37 -120.40
C PRO F 853 5.81 -110.35 -121.38
N PRO F 854 5.22 -110.50 -122.58
CA PRO F 854 5.72 -111.50 -123.54
C PRO F 854 7.08 -111.16 -124.13
N HIS F 855 7.47 -109.89 -124.16
CA HIS F 855 8.82 -109.56 -124.62
C HIS F 855 9.87 -109.94 -123.60
N LEU F 856 9.48 -110.07 -122.33
CA LEU F 856 10.34 -110.68 -121.33
C LEU F 856 10.18 -112.19 -121.27
N GLU F 857 9.13 -112.73 -121.88
CA GLU F 857 9.02 -114.19 -122.00
C GLU F 857 9.95 -114.73 -123.07
N ARG F 858 10.28 -113.90 -124.07
CA ARG F 858 11.24 -114.31 -125.08
C ARG F 858 12.65 -114.37 -124.52
N ILE F 859 12.99 -113.44 -123.61
CA ILE F 859 14.31 -113.45 -123.01
C ILE F 859 14.40 -114.48 -121.88
N ARG F 860 13.24 -115.00 -121.43
CA ARG F 860 13.24 -116.04 -120.39
C ARG F 860 13.91 -117.32 -120.87
N GLU F 861 13.80 -117.62 -122.17
CA GLU F 861 14.59 -118.70 -122.74
C GLU F 861 16.06 -118.32 -122.80
N LYS F 862 16.36 -117.09 -123.24
CA LYS F 862 17.75 -116.69 -123.43
C LYS F 862 18.47 -116.41 -122.11
N LEU F 863 17.74 -115.93 -121.10
CA LEU F 863 18.35 -115.82 -119.77
C LEU F 863 18.59 -117.20 -119.16
N ALA F 864 17.71 -118.17 -119.46
CA ALA F 864 17.95 -119.53 -119.03
C ALA F 864 19.07 -120.20 -119.82
N GLU F 865 19.48 -119.62 -120.95
CA GLU F 865 20.66 -120.10 -121.64
C GLU F 865 21.94 -119.64 -120.95
N ASN F 866 22.11 -118.31 -120.83
CA ASN F 866 23.41 -117.75 -120.49
C ASN F 866 23.79 -118.01 -119.03
N ILE F 867 22.79 -118.14 -118.15
CA ILE F 867 23.08 -118.59 -116.80
C ILE F 867 23.51 -120.05 -116.80
N HIS F 868 22.85 -120.88 -117.62
CA HIS F 868 23.28 -122.25 -117.81
C HIS F 868 24.61 -122.34 -118.56
N GLU F 869 24.91 -121.35 -119.40
CA GLU F 869 26.23 -121.28 -120.04
C GLU F 869 27.32 -121.07 -119.00
N LEU F 870 27.08 -120.19 -118.04
CA LEU F 870 28.05 -119.95 -116.98
C LEU F 870 28.01 -121.04 -115.91
N TRP F 871 26.87 -121.68 -115.73
CA TRP F 871 26.80 -122.83 -114.82
C TRP F 871 27.54 -124.03 -115.40
N ALA F 872 27.52 -124.18 -116.74
CA ALA F 872 28.34 -125.18 -117.39
C ALA F 872 29.81 -124.77 -117.39
N LEU F 873 30.07 -123.46 -117.36
CA LEU F 873 31.45 -122.98 -117.31
C LEU F 873 32.07 -123.22 -115.93
N THR F 874 31.24 -123.23 -114.89
CA THR F 874 31.72 -123.45 -113.53
C THR F 874 32.23 -124.88 -113.35
N ARG F 875 31.57 -125.84 -114.00
CA ARG F 875 31.92 -127.24 -113.80
C ARG F 875 33.24 -127.61 -114.47
N ILE F 876 33.44 -127.16 -115.71
CA ILE F 876 34.62 -127.54 -116.49
C ILE F 876 35.89 -126.93 -115.89
N GLU F 877 35.79 -125.71 -115.37
CA GLU F 877 36.92 -125.08 -114.69
C GLU F 877 37.29 -125.78 -113.39
N GLN F 878 36.37 -126.54 -112.80
CA GLN F 878 36.68 -127.42 -111.70
C GLN F 878 36.92 -128.86 -112.16
N GLY F 879 37.05 -129.07 -113.47
CA GLY F 879 37.39 -130.38 -113.99
C GLY F 879 36.25 -131.35 -114.13
N TRP F 880 35.01 -130.87 -114.09
CA TRP F 880 33.85 -131.74 -114.24
C TRP F 880 33.57 -131.90 -115.73
N THR F 881 33.91 -133.07 -116.27
CA THR F 881 33.66 -133.34 -117.68
C THR F 881 32.21 -133.80 -117.88
N TYR F 882 31.86 -134.10 -119.12
CA TYR F 882 30.52 -134.59 -119.43
C TYR F 882 30.52 -136.11 -119.41
N GLY F 883 29.52 -136.68 -118.74
CA GLY F 883 29.36 -138.11 -118.67
C GLY F 883 27.92 -138.48 -118.36
N PRO F 884 27.50 -139.67 -118.78
CA PRO F 884 26.11 -140.08 -118.55
C PRO F 884 25.79 -140.39 -117.10
N VAL F 885 26.79 -140.72 -116.28
CA VAL F 885 26.59 -141.05 -114.88
C VAL F 885 27.11 -139.90 -114.02
N ARG F 886 26.22 -139.28 -113.25
CA ARG F 886 26.60 -138.19 -112.36
C ARG F 886 27.33 -138.79 -111.15
N ASP F 887 28.65 -138.67 -111.15
CA ASP F 887 29.46 -139.17 -110.05
C ASP F 887 30.44 -138.07 -109.64
N ASP F 888 30.76 -138.04 -108.34
CA ASP F 888 31.66 -137.02 -107.83
C ASP F 888 33.12 -137.38 -108.07
N ASN F 889 33.47 -138.67 -107.94
CA ASN F 889 34.86 -139.09 -108.11
C ASN F 889 35.23 -139.22 -109.59
N LYS F 890 34.26 -139.55 -110.45
CA LYS F 890 34.54 -139.71 -111.87
C LYS F 890 34.60 -138.39 -112.61
N ARG F 891 34.17 -137.30 -111.99
CA ARG F 891 34.13 -135.94 -112.57
C ARG F 891 33.32 -135.91 -113.87
N LEU F 892 32.11 -136.45 -113.80
CA LEU F 892 31.21 -136.52 -114.93
C LEU F 892 29.96 -135.72 -114.60
N HIS F 893 29.67 -134.71 -115.41
CA HIS F 893 28.54 -133.81 -115.16
C HIS F 893 27.54 -133.93 -116.30
N PRO F 894 26.38 -134.58 -116.09
CA PRO F 894 25.49 -134.91 -117.20
C PRO F 894 24.66 -133.76 -117.75
N CYS F 895 24.76 -132.57 -117.17
CA CYS F 895 24.01 -131.43 -117.66
C CYS F 895 24.87 -130.45 -118.45
N LEU F 896 25.99 -130.92 -119.01
CA LEU F 896 26.81 -130.10 -119.89
C LEU F 896 26.32 -130.26 -121.33
N VAL F 897 25.09 -129.78 -121.54
CA VAL F 897 24.37 -129.96 -122.79
C VAL F 897 23.89 -128.60 -123.28
N ASN F 898 23.38 -128.59 -124.51
CA ASN F 898 22.77 -127.39 -125.07
C ASN F 898 21.46 -127.06 -124.37
N PHE F 899 20.94 -125.87 -124.66
CA PHE F 899 19.67 -125.44 -124.08
C PHE F 899 18.51 -126.28 -124.63
N HIS F 900 18.58 -126.63 -125.91
CA HIS F 900 17.62 -127.58 -126.47
C HIS F 900 17.94 -129.01 -126.10
N SER F 901 19.20 -129.30 -125.77
CA SER F 901 19.62 -130.62 -125.33
C SER F 901 19.46 -130.83 -123.83
N LEU F 902 18.82 -129.88 -123.14
CA LEU F 902 18.54 -130.04 -121.72
C LEU F 902 17.54 -131.16 -121.49
N PRO F 903 17.67 -131.88 -120.39
CA PRO F 903 16.62 -132.83 -119.99
C PRO F 903 15.34 -132.10 -119.61
N GLU F 904 14.25 -132.86 -119.63
CA GLU F 904 12.93 -132.28 -119.33
C GLU F 904 12.78 -131.75 -117.90
N PRO F 905 13.37 -132.34 -116.84
CA PRO F 905 13.44 -131.57 -115.58
C PRO F 905 14.35 -130.36 -115.66
N GLU F 906 15.49 -130.49 -116.35
CA GLU F 906 16.48 -129.41 -116.35
C GLU F 906 16.09 -128.26 -117.26
N ARG F 907 15.30 -128.53 -118.31
CA ARG F 907 14.84 -127.44 -119.17
C ARG F 907 13.83 -126.56 -118.46
N ASN F 908 12.92 -127.16 -117.70
CA ASN F 908 11.96 -126.43 -116.89
C ASN F 908 12.51 -125.99 -115.55
N TYR F 909 13.78 -126.27 -115.27
CA TYR F 909 14.46 -125.76 -114.09
C TYR F 909 15.21 -124.46 -114.36
N ASN F 910 15.86 -124.35 -115.51
CA ASN F 910 16.52 -123.11 -115.88
C ASN F 910 15.51 -122.03 -116.24
N LEU F 911 14.37 -122.41 -116.84
CA LEU F 911 13.32 -121.45 -117.13
C LEU F 911 12.61 -120.99 -115.86
N GLN F 912 12.53 -121.88 -114.86
CA GLN F 912 11.90 -121.52 -113.60
C GLN F 912 12.73 -120.51 -112.83
N MET F 913 14.06 -120.67 -112.86
CA MET F 913 14.93 -119.66 -112.26
C MET F 913 14.98 -118.40 -113.10
N SER F 914 14.76 -118.52 -114.42
CA SER F 914 14.75 -117.36 -115.29
C SER F 914 13.46 -116.56 -115.16
N GLY F 915 12.33 -117.24 -114.90
CA GLY F 915 11.07 -116.53 -114.81
C GLY F 915 10.92 -115.77 -113.52
N GLU F 916 11.26 -116.40 -112.39
CA GLU F 916 11.10 -115.76 -111.09
C GLU F 916 12.14 -114.68 -110.84
N THR F 917 13.27 -114.72 -111.55
CA THR F 917 14.21 -113.60 -111.50
C THR F 917 13.61 -112.37 -112.16
N LEU F 918 12.92 -112.55 -113.28
CA LEU F 918 12.20 -111.45 -113.91
C LEU F 918 10.98 -111.05 -113.09
N LYS F 919 10.36 -112.02 -112.38
CA LYS F 919 9.30 -111.68 -111.45
C LYS F 919 9.81 -110.91 -110.24
N THR F 920 11.08 -111.08 -109.89
CA THR F 920 11.66 -110.31 -108.80
C THR F 920 11.93 -108.87 -109.22
N LEU F 921 12.46 -108.67 -110.43
CA LEU F 921 12.86 -107.34 -110.88
C LEU F 921 11.67 -106.42 -111.10
N LEU F 922 10.49 -106.98 -111.36
CA LEU F 922 9.29 -106.16 -111.47
C LEU F 922 8.86 -105.63 -110.11
N ALA F 923 9.03 -106.44 -109.07
CA ALA F 923 8.69 -106.04 -107.71
C ALA F 923 9.88 -105.41 -106.99
N LEU F 924 10.51 -104.42 -107.62
CA LEU F 924 11.61 -103.68 -107.00
C LEU F 924 11.50 -102.18 -107.20
N GLY F 925 10.50 -101.69 -107.93
CA GLY F 925 10.45 -100.27 -108.23
C GLY F 925 11.47 -99.83 -109.24
N CYS F 926 11.99 -100.74 -110.04
CA CYS F 926 12.99 -100.44 -111.05
C CYS F 926 12.34 -100.28 -112.42
N HIS F 927 13.11 -99.76 -113.37
CA HIS F 927 12.65 -99.50 -114.72
C HIS F 927 13.33 -100.49 -115.66
N VAL F 928 12.68 -101.63 -115.87
CA VAL F 928 13.21 -102.68 -116.73
C VAL F 928 12.48 -102.62 -118.07
N GLY F 929 13.24 -102.51 -119.16
CA GLY F 929 12.64 -102.45 -120.47
C GLY F 929 13.69 -102.47 -121.55
N MET F 930 13.26 -102.91 -122.74
CA MET F 930 14.11 -102.90 -123.92
C MET F 930 14.44 -101.47 -124.34
N ALA F 931 15.72 -101.21 -124.63
CA ALA F 931 16.19 -99.86 -124.93
C ALA F 931 16.54 -99.65 -126.40
N ASP F 932 17.39 -100.50 -126.98
CA ASP F 932 18.07 -100.12 -128.22
C ASP F 932 17.91 -101.14 -129.34
N GLU F 933 17.76 -102.42 -128.98
CA GLU F 933 17.58 -103.56 -129.90
C GLU F 933 18.75 -103.76 -130.86
N LYS F 934 19.91 -103.17 -130.59
CA LYS F 934 21.10 -103.39 -131.41
C LYS F 934 22.31 -103.88 -130.62
N ALA F 935 22.36 -103.66 -129.31
CA ALA F 935 23.39 -104.30 -128.50
C ALA F 935 23.15 -105.80 -128.40
N GLU F 936 21.89 -106.23 -128.51
CA GLU F 936 21.59 -107.65 -128.67
C GLU F 936 22.15 -108.19 -129.98
N ASP F 937 22.16 -107.37 -131.03
CA ASP F 937 22.84 -107.74 -132.26
C ASP F 937 24.35 -107.58 -132.16
N ASN F 938 24.83 -106.77 -131.21
CA ASN F 938 26.25 -106.59 -130.98
C ASN F 938 26.83 -107.65 -130.04
N LEU F 939 26.07 -108.69 -129.72
CA LEU F 939 26.54 -109.72 -128.80
C LEU F 939 27.56 -110.63 -129.47
N LYS F 940 28.58 -111.00 -128.72
CA LYS F 940 29.59 -111.96 -129.14
C LYS F 940 29.67 -113.07 -128.11
N LYS F 941 30.53 -114.04 -128.36
CA LYS F 941 30.71 -115.18 -127.49
C LYS F 941 32.16 -115.28 -127.04
N THR F 942 32.37 -115.77 -125.82
CA THR F 942 33.70 -115.94 -125.28
C THR F 942 34.38 -117.12 -125.95
N LYS F 943 35.47 -116.85 -126.67
CA LYS F 943 36.17 -117.89 -127.42
C LYS F 943 37.00 -118.73 -126.46
N LEU F 944 36.78 -120.04 -126.49
CA LEU F 944 37.44 -120.97 -125.58
C LEU F 944 38.04 -122.13 -126.37
N PRO F 945 39.14 -122.72 -125.88
CA PRO F 945 39.72 -123.88 -126.57
C PRO F 945 38.93 -125.16 -126.34
N LYS F 946 39.49 -126.29 -126.80
CA LYS F 946 38.82 -127.58 -126.71
C LYS F 946 38.84 -128.17 -125.30
N THR F 947 39.51 -127.52 -124.34
CA THR F 947 39.44 -127.96 -122.95
C THR F 947 38.05 -127.73 -122.37
N TYR F 948 37.32 -126.74 -122.88
CA TYR F 948 35.94 -126.52 -122.49
C TYR F 948 34.95 -127.26 -123.36
N MET F 949 35.38 -127.74 -124.53
CA MET F 949 34.54 -128.59 -125.36
C MET F 949 34.50 -129.99 -124.74
N MET F 950 33.31 -130.55 -124.62
CA MET F 950 33.09 -131.77 -123.88
C MET F 950 32.90 -132.95 -124.81
N SER F 951 32.59 -134.11 -124.20
CA SER F 951 32.41 -135.34 -124.97
C SER F 951 31.16 -135.31 -125.82
N ASN F 952 30.17 -134.50 -125.44
CA ASN F 952 29.00 -134.25 -126.27
C ASN F 952 29.20 -133.06 -127.22
N GLY F 953 30.43 -132.54 -127.32
CA GLY F 953 30.69 -131.42 -128.18
C GLY F 953 30.17 -130.09 -127.68
N TYR F 954 29.83 -130.00 -126.40
CA TYR F 954 29.25 -128.79 -125.82
C TYR F 954 30.37 -127.98 -125.17
N LYS F 955 30.65 -126.81 -125.76
CA LYS F 955 31.57 -125.85 -125.18
C LYS F 955 30.77 -124.65 -124.70
N PRO F 956 30.86 -124.27 -123.43
CA PRO F 956 30.06 -123.14 -122.92
C PRO F 956 30.58 -121.81 -123.46
N ALA F 957 29.72 -121.13 -124.22
CA ALA F 957 30.06 -119.85 -124.85
C ALA F 957 29.10 -118.78 -124.33
N PRO F 958 29.43 -118.13 -123.22
CA PRO F 958 28.58 -117.05 -122.70
C PRO F 958 28.82 -115.76 -123.49
N LEU F 959 28.09 -114.73 -123.11
CA LEU F 959 28.17 -113.44 -123.81
C LEU F 959 29.34 -112.62 -123.29
N ASP F 960 30.14 -112.08 -124.21
CA ASP F 960 31.26 -111.21 -123.84
C ASP F 960 30.69 -109.84 -123.51
N LEU F 961 30.46 -109.59 -122.23
CA LEU F 961 29.86 -108.34 -121.76
C LEU F 961 30.74 -107.68 -120.72
N SER F 962 32.06 -107.67 -120.97
CA SER F 962 32.99 -107.02 -120.06
C SER F 962 32.92 -105.50 -120.14
N HIS F 963 32.38 -104.96 -121.22
CA HIS F 963 32.21 -103.53 -121.39
C HIS F 963 30.95 -103.00 -120.72
N VAL F 964 30.17 -103.86 -120.08
CA VAL F 964 28.86 -103.51 -119.55
C VAL F 964 28.99 -103.21 -118.07
N ARG F 965 28.71 -101.97 -117.69
CA ARG F 965 28.44 -101.62 -116.30
C ARG F 965 26.95 -101.80 -116.04
N LEU F 966 26.62 -102.16 -114.80
CA LEU F 966 25.22 -102.48 -114.51
C LEU F 966 24.38 -101.20 -114.36
N THR F 967 24.62 -100.43 -113.28
CA THR F 967 24.06 -99.14 -112.86
C THR F 967 24.79 -98.68 -111.60
N PRO F 968 24.65 -97.42 -111.20
CA PRO F 968 24.88 -97.08 -109.78
C PRO F 968 23.70 -97.46 -108.89
N ALA F 969 22.53 -97.73 -109.48
CA ALA F 969 21.30 -97.96 -108.73
C ALA F 969 21.16 -99.39 -108.26
N GLN F 970 21.45 -100.37 -109.10
CA GLN F 970 21.31 -101.78 -108.72
C GLN F 970 22.53 -102.32 -108.01
N THR F 971 23.42 -101.45 -107.51
CA THR F 971 24.43 -101.89 -106.56
C THR F 971 23.78 -102.34 -105.25
N THR F 972 22.63 -101.76 -104.90
CA THR F 972 21.84 -102.20 -103.76
C THR F 972 20.61 -103.00 -104.15
N LEU F 973 20.06 -102.77 -105.35
CA LEU F 973 18.85 -103.47 -105.77
C LEU F 973 19.14 -104.93 -106.10
N VAL F 974 20.33 -105.23 -106.61
CA VAL F 974 20.73 -106.63 -106.77
C VAL F 974 20.98 -107.25 -105.39
N ASP F 975 21.48 -106.46 -104.45
CA ASP F 975 21.57 -106.93 -103.07
C ASP F 975 20.19 -107.02 -102.44
N ARG F 976 19.26 -106.16 -102.87
CA ARG F 976 17.88 -106.25 -102.37
C ARG F 976 17.20 -107.50 -102.91
N LEU F 977 17.48 -107.85 -104.17
CA LEU F 977 16.99 -109.12 -104.69
C LEU F 977 17.77 -110.30 -104.13
N ALA F 978 19.00 -110.08 -103.65
CA ALA F 978 19.75 -111.15 -103.02
C ALA F 978 19.12 -111.55 -101.69
N GLU F 979 18.61 -110.58 -100.94
CA GLU F 979 17.92 -110.90 -99.70
C GLU F 979 16.56 -111.52 -99.96
N ASN F 980 15.88 -111.09 -101.02
CA ASN F 980 14.59 -111.67 -101.37
C ASN F 980 14.73 -113.08 -101.89
N GLY F 981 15.80 -113.35 -102.65
CA GLY F 981 16.02 -114.67 -103.21
C GLY F 981 16.48 -115.69 -102.20
N HIS F 982 17.37 -115.27 -101.29
CA HIS F 982 17.84 -116.18 -100.25
C HIS F 982 16.75 -116.47 -99.23
N ASN F 983 15.82 -115.52 -99.03
CA ASN F 983 14.68 -115.80 -98.17
C ASN F 983 13.71 -116.78 -98.81
N VAL F 984 13.64 -116.78 -100.15
CA VAL F 984 12.86 -117.79 -100.85
C VAL F 984 13.52 -119.16 -100.71
N TRP F 985 14.86 -119.19 -100.72
CA TRP F 985 15.57 -120.43 -100.43
C TRP F 985 15.45 -120.79 -98.96
N ALA F 986 15.29 -119.79 -98.09
CA ALA F 986 15.08 -120.07 -96.67
C ALA F 986 13.67 -120.56 -96.41
N ARG F 987 12.67 -119.99 -97.10
CA ARG F 987 11.30 -120.43 -96.94
C ARG F 987 11.03 -121.79 -97.57
N ASP F 988 11.93 -122.27 -98.43
CA ASP F 988 11.77 -123.57 -99.06
C ASP F 988 12.47 -124.68 -98.28
N ARG F 989 13.67 -124.40 -97.75
CA ARG F 989 14.47 -125.43 -97.11
C ARG F 989 14.22 -125.53 -95.60
N VAL F 990 13.65 -124.50 -94.98
CA VAL F 990 13.43 -124.46 -93.55
C VAL F 990 11.95 -124.35 -93.22
N ALA F 991 11.26 -123.40 -93.84
CA ALA F 991 9.82 -123.26 -93.59
C ALA F 991 9.05 -124.39 -94.28
N GLN F 992 9.21 -124.49 -95.61
CA GLN F 992 8.62 -125.62 -96.31
C GLN F 992 9.42 -126.90 -96.12
N GLY F 993 10.73 -126.77 -95.87
CA GLY F 993 11.57 -127.93 -95.71
C GLY F 993 11.45 -128.59 -94.34
N TRP F 994 11.81 -127.84 -93.29
CA TRP F 994 11.94 -128.35 -91.91
C TRP F 994 12.86 -129.56 -91.86
N SER F 995 13.98 -129.47 -92.57
CA SER F 995 14.89 -130.60 -92.74
C SER F 995 15.72 -130.80 -91.48
N TYR F 996 15.76 -132.04 -91.00
CA TYR F 996 16.58 -132.42 -89.85
C TYR F 996 17.99 -132.77 -90.35
N SER F 997 18.68 -131.75 -90.83
CA SER F 997 20.02 -131.88 -91.37
C SER F 997 20.96 -130.95 -90.62
N ALA F 998 22.14 -131.45 -90.29
CA ALA F 998 23.13 -130.67 -89.56
C ALA F 998 23.83 -129.68 -90.48
N ARG F 1009 22.84 -124.83 -91.33
CA ARG F 1009 23.27 -123.46 -91.63
C ARG F 1009 22.16 -122.67 -92.29
N LEU F 1010 21.05 -122.49 -91.57
CA LEU F 1010 19.89 -121.76 -92.07
C LEU F 1010 19.63 -120.56 -91.17
N VAL F 1011 19.76 -119.36 -91.73
CA VAL F 1011 19.56 -118.13 -90.97
C VAL F 1011 18.74 -117.14 -91.81
N PRO F 1012 18.35 -116.01 -91.25
CA PRO F 1012 17.60 -115.03 -92.04
C PRO F 1012 18.51 -114.29 -93.01
N TYR F 1013 17.99 -114.03 -94.21
CA TYR F 1013 18.78 -113.53 -95.33
C TYR F 1013 19.31 -112.12 -95.14
N ARG F 1014 18.85 -111.39 -94.13
CA ARG F 1014 19.36 -110.05 -93.89
C ARG F 1014 20.80 -110.10 -93.35
N LEU F 1015 21.08 -111.01 -92.44
CA LEU F 1015 22.42 -111.15 -91.85
C LEU F 1015 22.77 -112.63 -91.68
N LEU F 1016 22.53 -113.42 -92.72
CA LEU F 1016 22.81 -114.86 -92.64
C LEU F 1016 24.30 -115.14 -92.58
N ASP F 1017 25.02 -114.80 -93.64
CA ASP F 1017 26.43 -115.13 -93.76
C ASP F 1017 27.04 -114.28 -94.86
N GLU F 1018 28.32 -113.94 -94.69
CA GLU F 1018 29.02 -113.14 -95.68
C GLU F 1018 29.31 -113.93 -96.95
N ALA F 1019 29.76 -115.18 -96.80
CA ALA F 1019 30.10 -115.98 -97.97
C ALA F 1019 28.85 -116.46 -98.71
N THR F 1020 27.71 -116.56 -97.99
CA THR F 1020 26.46 -116.91 -98.65
C THR F 1020 25.99 -115.76 -99.54
N LYS F 1021 26.13 -114.52 -99.06
CA LYS F 1021 25.68 -113.36 -99.83
C LYS F 1021 26.58 -113.08 -101.02
N ARG F 1022 27.87 -113.42 -100.93
CA ARG F 1022 28.77 -113.19 -102.06
C ARG F 1022 28.49 -114.13 -103.21
N SER F 1023 28.16 -115.39 -102.91
CA SER F 1023 27.65 -116.28 -103.95
C SER F 1023 26.27 -115.85 -104.40
N ASN F 1024 25.48 -115.27 -103.51
CA ASN F 1024 24.20 -114.68 -103.89
C ASN F 1024 24.41 -113.40 -104.69
N ARG F 1025 25.50 -112.68 -104.41
CA ARG F 1025 25.86 -111.55 -105.27
C ARG F 1025 26.34 -112.04 -106.62
N ASP F 1026 27.10 -113.14 -106.64
CA ASP F 1026 27.56 -113.70 -107.90
C ASP F 1026 26.41 -114.31 -108.70
N SER F 1027 25.38 -114.79 -108.01
CA SER F 1027 24.20 -115.31 -108.69
C SER F 1027 23.40 -114.22 -109.39
N LEU F 1028 23.54 -112.97 -108.97
CA LEU F 1028 22.84 -111.86 -109.59
C LEU F 1028 23.78 -110.88 -110.28
N CYS F 1029 25.09 -111.12 -110.24
CA CYS F 1029 26.02 -110.25 -110.96
C CYS F 1029 25.94 -110.49 -112.46
N GLN F 1030 25.76 -111.74 -112.87
CA GLN F 1030 25.69 -112.12 -114.27
C GLN F 1030 24.26 -112.25 -114.78
N ALA F 1031 23.32 -111.58 -114.12
CA ALA F 1031 21.93 -111.53 -114.56
C ALA F 1031 21.50 -110.15 -115.01
N VAL F 1032 21.88 -109.10 -114.28
CA VAL F 1032 21.52 -107.75 -114.65
C VAL F 1032 22.39 -107.26 -115.80
N ARG F 1033 23.69 -107.51 -115.74
CA ARG F 1033 24.59 -107.15 -116.83
C ARG F 1033 24.36 -108.00 -118.07
N THR F 1034 23.76 -109.17 -117.91
CA THR F 1034 23.41 -110.01 -119.05
C THR F 1034 22.29 -109.38 -119.86
N LEU F 1035 21.24 -108.89 -119.19
CA LEU F 1035 20.10 -108.31 -119.88
C LEU F 1035 20.43 -106.97 -120.53
N LEU F 1036 21.44 -106.26 -120.03
CA LEU F 1036 21.90 -105.04 -120.70
C LEU F 1036 22.59 -105.38 -122.02
N GLY F 1037 23.20 -106.56 -122.11
CA GLY F 1037 23.73 -107.01 -123.38
C GLY F 1037 22.64 -107.33 -124.39
N TYR F 1038 21.48 -107.77 -123.91
CA TYR F 1038 20.35 -107.99 -124.81
C TYR F 1038 19.56 -106.73 -125.10
N GLY F 1039 20.01 -105.57 -124.62
CA GLY F 1039 19.32 -104.32 -124.84
C GLY F 1039 18.28 -103.97 -123.80
N TYR F 1040 17.98 -104.88 -122.86
CA TYR F 1040 17.00 -104.61 -121.81
C TYR F 1040 17.64 -103.68 -120.78
N ASN F 1041 17.27 -102.40 -120.83
CA ASN F 1041 17.77 -101.44 -119.87
C ASN F 1041 17.06 -101.63 -118.54
N ILE F 1042 17.84 -101.66 -117.46
CA ILE F 1042 17.32 -101.87 -116.12
C ILE F 1042 17.72 -100.68 -115.26
N GLU F 1043 16.72 -99.96 -114.74
CA GLU F 1043 16.98 -98.79 -113.91
C GLU F 1043 16.18 -98.83 -112.62
N ASP F 1059 17.17 -95.93 -80.22
CA ASP F 1059 16.45 -96.08 -78.96
C ASP F 1059 16.67 -94.86 -78.08
N ARG F 1060 17.60 -94.96 -77.14
CA ARG F 1060 17.84 -93.91 -76.15
C ARG F 1060 19.31 -93.52 -76.17
N VAL F 1061 19.63 -92.49 -75.40
CA VAL F 1061 20.96 -91.91 -75.34
C VAL F 1061 21.40 -91.85 -73.88
N ARG F 1062 22.43 -92.61 -73.54
CA ARG F 1062 22.99 -92.59 -72.19
C ARG F 1062 23.79 -91.31 -72.01
N ILE F 1063 23.40 -90.51 -71.03
CA ILE F 1063 23.98 -89.18 -70.82
C ILE F 1063 24.70 -89.16 -69.49
N PHE F 1064 25.89 -88.57 -69.47
CA PHE F 1064 26.79 -88.59 -68.33
C PHE F 1064 27.11 -87.16 -67.88
N ARG F 1065 27.20 -86.96 -66.57
CA ARG F 1065 27.51 -85.67 -65.99
C ARG F 1065 28.12 -85.84 -64.61
N ALA F 1066 28.73 -84.77 -64.11
CA ALA F 1066 29.44 -84.80 -62.84
C ALA F 1066 28.47 -84.45 -61.70
N GLU F 1067 29.02 -84.22 -60.51
CA GLU F 1067 28.21 -83.82 -59.37
C GLU F 1067 28.06 -82.31 -59.35
N LYS F 1068 26.90 -81.85 -58.85
CA LYS F 1068 26.61 -80.42 -58.70
C LYS F 1068 27.57 -79.73 -57.74
N SER F 1069 28.21 -80.47 -56.83
CA SER F 1069 29.23 -79.90 -55.97
C SER F 1069 30.44 -79.42 -56.74
N TYR F 1070 30.71 -80.04 -57.89
CA TYR F 1070 31.86 -79.68 -58.72
C TYR F 1070 31.52 -78.60 -59.75
N THR F 1071 30.33 -78.02 -59.68
CA THR F 1071 29.91 -77.01 -60.65
C THR F 1071 30.65 -75.71 -60.37
N VAL F 1072 31.67 -75.42 -61.16
CA VAL F 1072 32.45 -74.22 -60.97
C VAL F 1072 31.68 -73.02 -61.49
N GLN F 1073 32.07 -71.83 -61.01
CA GLN F 1073 31.41 -70.59 -61.40
C GLN F 1073 32.38 -69.50 -61.80
N SER F 1074 33.67 -69.81 -61.90
CA SER F 1074 34.66 -68.82 -62.30
C SER F 1074 35.89 -69.54 -62.84
N GLY F 1075 36.89 -68.76 -63.22
CA GLY F 1075 38.17 -69.30 -63.61
C GLY F 1075 38.19 -69.90 -65.01
N ARG F 1076 39.35 -70.42 -65.36
CA ARG F 1076 39.57 -71.09 -66.63
C ARG F 1076 39.75 -72.58 -66.38
N TRP F 1077 39.05 -73.39 -67.17
CA TRP F 1077 39.01 -74.82 -66.92
C TRP F 1077 39.15 -75.59 -68.23
N TYR F 1078 39.35 -76.90 -68.08
CA TYR F 1078 39.61 -77.78 -69.20
C TYR F 1078 39.32 -79.22 -68.81
N PHE F 1079 38.75 -79.96 -69.76
CA PHE F 1079 38.66 -81.42 -69.67
C PHE F 1079 38.87 -81.98 -71.06
N GLU F 1080 39.24 -83.26 -71.13
CA GLU F 1080 39.74 -83.86 -72.36
C GLU F 1080 39.02 -85.17 -72.63
N PHE F 1081 38.44 -85.30 -73.82
CA PHE F 1081 37.62 -86.43 -74.19
C PHE F 1081 38.29 -87.24 -75.31
N GLU F 1082 38.01 -88.55 -75.32
CA GLU F 1082 38.52 -89.44 -76.36
C GLU F 1082 37.37 -90.32 -76.86
N ALA F 1083 37.13 -90.27 -78.18
CA ALA F 1083 36.01 -90.97 -78.81
C ALA F 1083 36.54 -92.12 -79.65
N VAL F 1084 36.21 -93.34 -79.24
CA VAL F 1084 36.62 -94.52 -80.01
C VAL F 1084 35.78 -94.62 -81.28
N THR F 1085 34.48 -94.81 -81.13
CA THR F 1085 33.59 -94.78 -82.28
C THR F 1085 33.28 -93.35 -82.67
N THR F 1086 33.19 -93.11 -83.98
CA THR F 1086 32.95 -91.78 -84.52
C THR F 1086 31.47 -91.49 -84.73
N GLY F 1087 30.59 -92.26 -84.08
CA GLY F 1087 29.17 -92.13 -84.30
C GLY F 1087 28.52 -91.01 -83.51
N GLU F 1088 27.37 -91.31 -82.91
CA GLU F 1088 26.55 -90.30 -82.26
C GLU F 1088 26.88 -90.25 -80.77
N MET F 1089 27.73 -89.29 -80.41
CA MET F 1089 27.96 -88.96 -79.01
C MET F 1089 28.29 -87.47 -78.96
N ARG F 1090 27.97 -86.84 -77.84
CA ARG F 1090 28.05 -85.39 -77.73
C ARG F 1090 28.68 -85.03 -76.40
N VAL F 1091 29.68 -84.15 -76.43
CA VAL F 1091 30.48 -83.77 -75.28
C VAL F 1091 30.54 -82.26 -75.21
N GLY F 1092 30.22 -81.70 -74.06
CA GLY F 1092 30.29 -80.26 -73.89
C GLY F 1092 30.13 -79.85 -72.45
N TRP F 1093 29.82 -78.58 -72.26
CA TRP F 1093 29.51 -78.02 -70.95
C TRP F 1093 28.00 -77.93 -70.77
N ALA F 1094 27.57 -77.84 -69.51
CA ALA F 1094 26.16 -77.88 -69.20
C ALA F 1094 25.87 -77.17 -67.89
N ARG F 1095 24.75 -76.47 -67.84
CA ARG F 1095 24.22 -75.96 -66.59
C ARG F 1095 23.80 -77.13 -65.69
N PRO F 1096 23.93 -77.00 -64.37
CA PRO F 1096 23.68 -78.15 -63.50
C PRO F 1096 22.22 -78.59 -63.41
N GLU F 1097 21.28 -77.81 -63.91
CA GLU F 1097 19.86 -78.19 -63.84
C GLU F 1097 19.45 -79.03 -65.06
N LEU F 1098 20.11 -80.16 -65.20
CA LEU F 1098 19.91 -81.04 -66.34
C LEU F 1098 18.64 -81.86 -66.16
N ARG F 1099 17.76 -81.79 -67.14
CA ARG F 1099 16.52 -82.54 -67.15
C ARG F 1099 16.66 -83.76 -68.05
N PRO F 1100 16.29 -84.95 -67.58
CA PRO F 1100 16.33 -86.14 -68.44
C PRO F 1100 15.11 -86.18 -69.36
N ASP F 1101 15.01 -87.26 -70.14
CA ASP F 1101 14.00 -87.50 -71.18
C ASP F 1101 14.00 -86.43 -72.27
N VAL F 1102 15.08 -85.67 -72.39
CA VAL F 1102 15.24 -84.61 -73.38
C VAL F 1102 16.61 -84.79 -74.02
N GLU F 1103 16.67 -84.69 -75.34
CA GLU F 1103 17.94 -84.85 -76.04
C GLU F 1103 18.88 -83.68 -75.72
N LEU F 1104 20.16 -83.92 -75.95
CA LEU F 1104 21.21 -83.01 -75.51
C LEU F 1104 21.56 -82.03 -76.63
N GLY F 1105 21.31 -80.74 -76.39
CA GLY F 1105 21.67 -79.71 -77.33
C GLY F 1105 20.51 -79.05 -78.06
N ALA F 1106 19.27 -79.37 -77.70
CA ALA F 1106 18.09 -78.83 -78.36
C ALA F 1106 17.45 -77.70 -77.57
N ASP F 1107 18.18 -77.08 -76.65
CA ASP F 1107 17.63 -76.03 -75.80
C ASP F 1107 18.74 -75.10 -75.37
N GLU F 1108 18.44 -74.27 -74.38
CA GLU F 1108 19.36 -73.28 -73.83
C GLU F 1108 20.14 -73.82 -72.64
N LEU F 1109 19.93 -75.08 -72.27
CA LEU F 1109 20.45 -75.59 -71.01
C LEU F 1109 21.91 -75.99 -71.09
N ALA F 1110 22.31 -76.62 -72.20
CA ALA F 1110 23.65 -77.20 -72.29
C ALA F 1110 24.32 -76.76 -73.58
N TYR F 1111 25.61 -76.47 -73.49
CA TYR F 1111 26.44 -76.06 -74.62
C TYR F 1111 27.25 -77.28 -75.04
N VAL F 1112 26.73 -78.02 -76.02
CA VAL F 1112 27.30 -79.30 -76.39
C VAL F 1112 27.62 -79.26 -77.89
N PHE F 1113 28.42 -80.23 -78.32
CA PHE F 1113 28.86 -80.32 -79.71
C PHE F 1113 28.72 -81.74 -80.21
N ASN F 1114 28.25 -81.87 -81.45
CA ASN F 1114 28.17 -83.14 -82.14
C ASN F 1114 29.11 -83.07 -83.34
N GLY F 1115 30.20 -83.82 -83.28
CA GLY F 1115 31.14 -83.88 -84.38
C GLY F 1115 31.01 -85.10 -85.25
N HIS F 1116 29.90 -85.83 -85.18
CA HIS F 1116 29.58 -86.79 -86.22
C HIS F 1116 29.28 -86.07 -87.52
N ARG F 1117 28.75 -84.84 -87.44
CA ARG F 1117 28.55 -83.98 -88.59
C ARG F 1117 29.29 -82.66 -88.47
N GLY F 1118 29.99 -82.42 -87.36
CA GLY F 1118 30.60 -81.13 -87.11
C GLY F 1118 29.55 -80.07 -86.86
N GLN F 1119 28.75 -80.26 -85.82
CA GLN F 1119 27.61 -79.40 -85.56
C GLN F 1119 27.53 -79.08 -84.07
N ARG F 1120 27.52 -77.79 -83.73
CA ARG F 1120 27.29 -77.37 -82.36
C ARG F 1120 25.79 -77.24 -82.11
N TRP F 1121 25.34 -77.79 -80.99
CA TRP F 1121 23.90 -77.85 -80.70
C TRP F 1121 23.62 -77.04 -79.45
N HIS F 1122 23.03 -75.87 -79.64
CA HIS F 1122 22.52 -75.09 -78.52
C HIS F 1122 21.36 -74.26 -79.06
N LEU F 1123 20.19 -74.40 -78.44
CA LEU F 1123 18.91 -73.93 -78.98
C LEU F 1123 18.71 -74.44 -80.41
N GLY F 1124 19.00 -75.71 -80.62
CA GLY F 1124 19.00 -76.31 -81.93
C GLY F 1124 20.42 -76.49 -82.46
N SER F 1125 20.49 -77.17 -83.61
CA SER F 1125 21.76 -77.49 -84.22
C SER F 1125 22.31 -76.31 -85.00
N GLU F 1126 23.63 -76.16 -84.97
CA GLU F 1126 24.35 -75.21 -85.80
C GLU F 1126 25.60 -75.90 -86.32
N PRO F 1127 25.78 -76.00 -87.63
CA PRO F 1127 26.97 -76.67 -88.18
C PRO F 1127 28.25 -75.90 -87.87
N PHE F 1128 29.27 -76.63 -87.43
CA PHE F 1128 30.44 -76.01 -86.82
C PHE F 1128 31.63 -76.92 -87.06
N GLY F 1129 32.44 -76.60 -88.06
CA GLY F 1129 33.66 -77.33 -88.29
C GLY F 1129 33.46 -78.68 -88.97
N ARG F 1130 34.54 -79.46 -88.93
CA ARG F 1130 34.74 -80.72 -89.61
C ARG F 1130 34.28 -81.90 -88.76
N PRO F 1131 33.95 -83.03 -89.39
CA PRO F 1131 33.64 -84.24 -88.62
C PRO F 1131 34.86 -84.91 -88.01
N TRP F 1132 34.65 -86.09 -87.44
CA TRP F 1132 35.60 -86.75 -86.58
C TRP F 1132 36.56 -87.66 -87.35
N GLN F 1133 37.59 -88.10 -86.64
CA GLN F 1133 38.51 -89.15 -87.05
C GLN F 1133 38.55 -90.21 -85.95
N SER F 1134 39.40 -91.23 -86.15
CA SER F 1134 39.60 -92.21 -85.09
C SER F 1134 40.49 -91.63 -84.01
N GLY F 1135 40.39 -92.19 -82.81
CA GLY F 1135 41.06 -91.63 -81.66
C GLY F 1135 40.29 -90.45 -81.10
N ASP F 1136 40.32 -89.34 -81.84
CA ASP F 1136 39.40 -88.21 -81.71
C ASP F 1136 39.49 -87.55 -80.33
N VAL F 1137 40.68 -86.99 -80.07
CA VAL F 1137 40.91 -86.25 -78.83
C VAL F 1137 40.08 -84.97 -78.85
N VAL F 1138 39.14 -84.86 -77.92
CA VAL F 1138 38.24 -83.72 -77.83
C VAL F 1138 38.58 -82.96 -76.56
N GLY F 1139 38.88 -81.68 -76.69
CA GLY F 1139 39.15 -80.82 -75.55
C GLY F 1139 38.18 -79.66 -75.52
N CYS F 1140 37.75 -79.30 -74.32
CA CYS F 1140 36.78 -78.22 -74.13
C CYS F 1140 37.29 -77.26 -73.09
N MET F 1141 37.22 -75.97 -73.41
CA MET F 1141 37.74 -74.92 -72.55
C MET F 1141 36.66 -73.88 -72.32
N ILE F 1142 36.81 -73.14 -71.22
CA ILE F 1142 35.90 -72.04 -70.89
C ILE F 1142 36.67 -71.02 -70.06
N ASP F 1143 36.44 -69.75 -70.35
CA ASP F 1143 36.88 -68.65 -69.51
C ASP F 1143 35.59 -67.92 -69.11
N LEU F 1144 35.15 -68.14 -67.88
CA LEU F 1144 33.91 -67.55 -67.41
C LEU F 1144 34.03 -66.05 -67.19
N THR F 1145 35.26 -65.55 -67.02
CA THR F 1145 35.50 -64.11 -67.10
C THR F 1145 35.23 -63.61 -68.51
N GLU F 1146 35.77 -64.30 -69.52
CA GLU F 1146 35.51 -63.96 -70.91
C GLU F 1146 34.09 -64.32 -71.33
N ASN F 1147 33.47 -65.29 -70.64
CA ASN F 1147 32.17 -65.86 -70.98
C ASN F 1147 32.19 -66.40 -72.40
N THR F 1148 33.19 -67.22 -72.69
CA THR F 1148 33.37 -67.82 -74.01
C THR F 1148 33.89 -69.23 -73.85
N ILE F 1149 33.20 -70.18 -74.44
CA ILE F 1149 33.55 -71.59 -74.40
C ILE F 1149 34.41 -71.90 -75.61
N ILE F 1150 35.47 -72.68 -75.43
CA ILE F 1150 36.41 -72.99 -76.49
C ILE F 1150 36.49 -74.50 -76.67
N PHE F 1151 36.25 -74.97 -77.89
CA PHE F 1151 36.33 -76.39 -78.24
C PHE F 1151 37.60 -76.64 -79.04
N THR F 1152 38.36 -77.66 -78.64
CA THR F 1152 39.56 -78.08 -79.34
C THR F 1152 39.45 -79.55 -79.71
N LEU F 1153 39.74 -79.87 -80.95
CA LEU F 1153 39.70 -81.24 -81.45
C LEU F 1153 41.09 -81.68 -81.89
N ASN F 1154 41.53 -82.82 -81.35
CA ASN F 1154 42.85 -83.42 -81.63
C ASN F 1154 43.98 -82.44 -81.35
N GLY F 1155 43.85 -81.69 -80.25
CA GLY F 1155 44.79 -80.65 -79.95
C GLY F 1155 44.77 -79.49 -80.91
N GLU F 1156 43.62 -79.20 -81.49
CA GLU F 1156 43.50 -78.10 -82.43
C GLU F 1156 42.15 -77.43 -82.25
N VAL F 1157 42.17 -76.11 -82.09
CA VAL F 1157 40.95 -75.35 -81.85
C VAL F 1157 40.09 -75.34 -83.12
N LEU F 1158 38.79 -75.53 -82.94
CA LEU F 1158 37.86 -75.57 -84.05
C LEU F 1158 37.45 -74.17 -84.46
N MET F 1159 37.16 -74.01 -85.74
CA MET F 1159 36.74 -72.72 -86.29
C MET F 1159 35.24 -72.72 -86.55
N SER F 1160 34.71 -71.54 -86.78
CA SER F 1160 33.29 -71.36 -87.06
C SER F 1160 33.08 -71.27 -88.57
N ASP F 1161 31.82 -71.02 -88.95
CA ASP F 1161 31.52 -70.71 -90.34
C ASP F 1161 31.98 -69.31 -90.71
N SER F 1162 32.13 -68.43 -89.73
CA SER F 1162 32.73 -67.12 -89.91
C SER F 1162 34.18 -67.08 -89.46
N GLY F 1163 34.78 -68.24 -89.20
CA GLY F 1163 36.17 -68.29 -88.77
C GLY F 1163 36.43 -67.91 -87.35
N SER F 1164 35.39 -67.76 -86.52
CA SER F 1164 35.58 -67.42 -85.13
C SER F 1164 36.06 -68.63 -84.34
N GLU F 1165 36.54 -68.36 -83.12
CA GLU F 1165 37.15 -69.38 -82.28
C GLU F 1165 36.13 -69.83 -81.24
N THR F 1166 35.24 -70.72 -81.66
CA THR F 1166 34.16 -71.35 -80.87
C THR F 1166 33.27 -70.28 -80.24
N ALA F 1167 32.55 -69.60 -81.12
CA ALA F 1167 31.84 -68.38 -80.76
C ALA F 1167 30.61 -68.73 -79.92
N PHE F 1168 30.85 -68.86 -78.62
CA PHE F 1168 29.78 -68.90 -77.63
C PHE F 1168 29.92 -67.63 -76.79
N ARG F 1169 29.36 -66.54 -77.30
CA ARG F 1169 29.50 -65.24 -76.68
C ARG F 1169 28.23 -64.88 -75.93
N GLU F 1170 28.40 -64.07 -74.88
CA GLU F 1170 27.33 -63.62 -73.98
C GLU F 1170 26.60 -64.82 -73.36
N ILE F 1171 27.35 -65.51 -72.52
CA ILE F 1171 26.80 -66.53 -71.64
C ILE F 1171 26.90 -66.01 -70.22
N GLU F 1172 25.88 -66.26 -69.42
CA GLU F 1172 25.85 -65.78 -68.05
C GLU F 1172 26.27 -66.90 -67.09
N ILE F 1173 26.58 -66.51 -65.86
CA ILE F 1173 26.96 -67.49 -64.85
C ILE F 1173 25.74 -68.31 -64.43
N GLY F 1174 24.73 -67.64 -63.89
CA GLY F 1174 23.56 -68.33 -63.37
C GLY F 1174 23.93 -69.15 -62.16
N ASP F 1175 23.96 -70.47 -62.34
CA ASP F 1175 24.42 -71.39 -61.30
C ASP F 1175 25.63 -72.20 -61.79
N GLY F 1176 26.47 -71.58 -62.60
CA GLY F 1176 27.68 -72.23 -63.07
C GLY F 1176 27.44 -73.23 -64.18
N PHE F 1177 28.50 -73.94 -64.51
CA PHE F 1177 28.48 -74.91 -65.60
C PHE F 1177 29.22 -76.17 -65.18
N LEU F 1178 28.99 -77.24 -65.94
CA LEU F 1178 29.51 -78.53 -65.59
C LEU F 1178 29.70 -79.28 -66.90
N PRO F 1179 30.75 -80.09 -67.03
CA PRO F 1179 30.91 -80.89 -68.25
C PRO F 1179 29.84 -81.96 -68.36
N VAL F 1180 29.54 -82.34 -69.60
CA VAL F 1180 28.48 -83.31 -69.89
C VAL F 1180 28.93 -84.17 -71.06
N CYS F 1181 28.49 -85.44 -71.04
CA CYS F 1181 28.76 -86.36 -72.13
C CYS F 1181 27.50 -87.18 -72.39
N SER F 1182 27.35 -87.60 -73.64
CA SER F 1182 26.25 -88.46 -74.04
C SER F 1182 26.79 -89.60 -74.89
N LEU F 1183 25.97 -90.63 -75.08
CA LEU F 1183 26.36 -91.77 -75.89
C LEU F 1183 25.14 -92.35 -76.60
N GLY F 1184 25.25 -92.52 -77.91
CA GLY F 1184 24.21 -93.15 -78.69
C GLY F 1184 24.30 -94.66 -78.63
N PRO F 1185 23.57 -95.34 -79.51
CA PRO F 1185 23.53 -96.81 -79.49
C PRO F 1185 24.84 -97.42 -79.95
N GLY F 1186 25.43 -98.24 -79.10
CA GLY F 1186 26.68 -98.91 -79.43
C GLY F 1186 27.87 -97.98 -79.55
N GLN F 1187 27.86 -96.87 -78.82
CA GLN F 1187 28.92 -95.88 -78.89
C GLN F 1187 29.85 -96.07 -77.69
N VAL F 1188 31.12 -96.34 -77.97
CA VAL F 1188 32.11 -96.56 -76.93
C VAL F 1188 33.11 -95.41 -76.92
N GLY F 1189 33.75 -95.24 -75.77
CA GLY F 1189 34.66 -94.13 -75.55
C GLY F 1189 34.71 -93.78 -74.08
N HIS F 1190 35.65 -92.90 -73.74
CA HIS F 1190 35.84 -92.49 -72.36
C HIS F 1190 36.12 -91.00 -72.27
N LEU F 1191 36.03 -90.48 -71.05
CA LEU F 1191 36.32 -89.09 -70.74
C LEU F 1191 37.43 -89.02 -69.72
N ASN F 1192 38.45 -88.22 -70.01
CA ASN F 1192 39.45 -87.86 -69.02
C ASN F 1192 39.05 -86.52 -68.39
N LEU F 1193 39.52 -86.31 -67.17
CA LEU F 1193 39.10 -85.14 -66.42
C LEU F 1193 40.27 -84.33 -65.87
N GLY F 1194 41.45 -84.91 -65.75
CA GLY F 1194 42.58 -84.19 -65.22
C GLY F 1194 42.86 -84.51 -63.78
N GLN F 1195 42.61 -85.77 -63.39
CA GLN F 1195 43.00 -86.22 -62.06
C GLN F 1195 44.52 -86.33 -61.96
N ASP F 1196 45.17 -86.75 -63.04
CA ASP F 1196 46.62 -86.81 -63.12
C ASP F 1196 47.08 -86.01 -64.32
N VAL F 1197 48.24 -85.35 -64.18
CA VAL F 1197 48.77 -84.51 -65.26
C VAL F 1197 49.22 -85.36 -66.43
N SER F 1198 49.95 -86.45 -66.15
CA SER F 1198 50.40 -87.34 -67.21
C SER F 1198 49.26 -88.15 -67.81
N SER F 1199 48.14 -88.29 -67.10
CA SER F 1199 46.98 -88.97 -67.65
C SER F 1199 46.32 -88.16 -68.77
N LEU F 1200 46.51 -86.85 -68.78
CA LEU F 1200 46.03 -86.03 -69.88
C LEU F 1200 46.83 -86.34 -71.14
N ARG F 1201 46.12 -86.52 -72.26
CA ARG F 1201 46.73 -87.08 -73.45
C ARG F 1201 47.67 -86.09 -74.12
N PHE F 1202 47.14 -84.94 -74.55
CA PHE F 1202 47.99 -83.96 -75.23
C PHE F 1202 48.54 -82.95 -74.23
N PHE F 1203 47.65 -82.14 -73.65
CA PHE F 1203 47.95 -81.17 -72.57
C PHE F 1203 49.14 -80.27 -72.93
N ALA F 1204 49.20 -79.85 -74.20
CA ALA F 1204 50.34 -79.06 -74.64
C ALA F 1204 49.98 -77.88 -75.51
N ILE F 1205 48.84 -77.89 -76.18
CA ILE F 1205 48.62 -76.95 -77.29
C ILE F 1205 48.10 -75.61 -76.76
N CYS F 1206 47.04 -75.65 -75.97
CA CYS F 1206 46.42 -74.43 -75.48
C CYS F 1206 46.23 -74.46 -73.97
N GLY F 1207 46.53 -75.57 -73.32
CA GLY F 1207 46.31 -75.72 -71.89
C GLY F 1207 47.19 -74.85 -71.01
N LEU F 1208 48.51 -74.99 -71.14
CA LEU F 1208 49.41 -74.30 -70.22
C LEU F 1208 49.51 -72.81 -70.52
N GLN F 1209 49.70 -72.45 -71.78
CA GLN F 1209 50.03 -71.08 -72.14
C GLN F 1209 48.83 -70.15 -72.19
N GLU F 1210 47.63 -70.62 -71.84
CA GLU F 1210 46.45 -69.77 -71.86
C GLU F 1210 45.70 -69.80 -70.53
N GLY F 1211 46.35 -70.24 -69.46
CA GLY F 1211 45.78 -70.13 -68.13
C GLY F 1211 44.67 -71.10 -67.81
N PHE F 1212 44.39 -72.07 -68.69
CA PHE F 1212 43.34 -73.03 -68.43
C PHE F 1212 43.84 -74.09 -67.45
N GLU F 1213 42.90 -74.87 -66.92
CA GLU F 1213 43.24 -75.76 -65.84
C GLU F 1213 42.53 -77.10 -66.02
N PRO F 1214 43.22 -78.20 -65.79
CA PRO F 1214 42.54 -79.49 -65.68
C PRO F 1214 41.62 -79.51 -64.47
N PHE F 1215 40.53 -80.27 -64.59
CA PHE F 1215 39.39 -80.07 -63.69
C PHE F 1215 39.65 -80.62 -62.30
N ALA F 1216 39.80 -81.94 -62.19
CA ALA F 1216 39.95 -82.59 -60.89
C ALA F 1216 41.40 -82.75 -60.49
N ILE F 1217 42.17 -81.66 -60.55
CA ILE F 1217 43.60 -81.76 -60.30
C ILE F 1217 43.89 -81.83 -58.81
N ASN F 1218 43.18 -81.06 -57.99
CA ASN F 1218 43.41 -81.03 -56.55
C ASN F 1218 42.44 -81.97 -55.84
N MET F 1219 42.45 -83.23 -56.25
CA MET F 1219 41.54 -84.23 -55.72
C MET F 1219 42.29 -85.48 -55.31
N GLN F 1220 41.68 -86.22 -54.39
CA GLN F 1220 42.18 -87.53 -53.99
C GLN F 1220 41.27 -88.65 -54.49
N ARG F 1221 40.28 -88.32 -55.30
CA ARG F 1221 39.34 -89.31 -55.82
C ARG F 1221 38.73 -88.75 -57.10
N PRO F 1222 38.25 -89.60 -58.00
CA PRO F 1222 37.50 -89.10 -59.16
C PRO F 1222 36.09 -88.69 -58.76
N VAL F 1223 35.46 -87.93 -59.65
CA VAL F 1223 34.06 -87.58 -59.48
C VAL F 1223 33.21 -88.83 -59.74
N THR F 1224 32.07 -88.94 -59.06
CA THR F 1224 31.26 -90.15 -59.11
C THR F 1224 30.54 -90.35 -60.44
N THR F 1225 30.47 -89.32 -61.29
CA THR F 1225 29.98 -89.40 -62.68
C THR F 1225 28.54 -89.92 -62.77
N TRP F 1226 27.63 -89.07 -62.31
CA TRP F 1226 26.19 -89.33 -62.41
C TRP F 1226 25.77 -89.57 -63.86
N PHE F 1227 24.75 -90.41 -64.03
CA PHE F 1227 24.29 -90.73 -65.37
C PHE F 1227 22.79 -90.95 -65.34
N SER F 1228 22.23 -91.18 -66.52
CA SER F 1228 20.79 -91.28 -66.70
C SER F 1228 20.33 -92.72 -66.47
N LYS F 1229 19.32 -92.88 -65.62
CA LYS F 1229 18.66 -94.17 -65.45
C LYS F 1229 17.84 -94.49 -66.70
N SER F 1230 17.83 -95.76 -67.07
CA SER F 1230 17.13 -96.18 -68.29
C SER F 1230 15.95 -97.09 -67.94
N LEU F 1231 15.16 -96.71 -66.94
CA LEU F 1231 14.02 -97.53 -66.55
C LEU F 1231 12.87 -96.60 -66.18
N PRO F 1232 11.63 -96.97 -66.55
CA PRO F 1232 10.44 -96.19 -66.12
C PRO F 1232 10.05 -96.41 -64.67
N GLN F 1233 10.72 -95.68 -63.79
CA GLN F 1233 10.34 -95.67 -62.39
C GLN F 1233 9.27 -94.61 -62.14
N PHE F 1234 8.56 -94.77 -61.03
CA PHE F 1234 7.44 -93.89 -60.71
C PHE F 1234 7.92 -92.50 -60.34
N GLU F 1235 7.02 -91.54 -60.51
CA GLU F 1235 7.25 -90.15 -60.15
C GLU F 1235 5.91 -89.48 -59.92
N PRO F 1236 5.70 -88.85 -58.76
CA PRO F 1236 4.45 -88.15 -58.53
C PRO F 1236 4.34 -86.92 -59.43
N VAL F 1237 3.10 -86.50 -59.65
CA VAL F 1237 2.81 -85.43 -60.60
C VAL F 1237 3.28 -84.09 -60.04
N PRO F 1238 4.12 -83.36 -60.77
CA PRO F 1238 4.50 -82.03 -60.32
C PRO F 1238 3.32 -81.08 -60.42
N PRO F 1239 3.28 -80.03 -59.59
CA PRO F 1239 2.15 -79.07 -59.68
C PRO F 1239 2.16 -78.23 -60.93
N GLU F 1240 3.28 -78.17 -61.65
CA GLU F 1240 3.39 -77.41 -62.89
C GLU F 1240 3.55 -78.38 -64.06
N HIS F 1241 2.44 -78.69 -64.71
CA HIS F 1241 2.48 -79.31 -66.01
C HIS F 1241 1.66 -78.49 -66.98
N PRO F 1242 2.06 -78.39 -68.26
CA PRO F 1242 1.28 -77.57 -69.21
C PRO F 1242 -0.14 -78.05 -69.45
N HIS F 1243 -0.35 -79.36 -69.53
CA HIS F 1243 -1.68 -79.87 -69.84
C HIS F 1243 -2.15 -80.98 -68.92
N TYR F 1244 -1.40 -81.31 -67.88
CA TYR F 1244 -1.82 -82.29 -66.88
C TYR F 1244 -2.16 -81.57 -65.59
N GLU F 1245 -3.33 -81.86 -65.04
CA GLU F 1245 -3.75 -81.25 -63.79
C GLU F 1245 -4.74 -82.18 -63.08
N VAL F 1246 -4.75 -82.06 -61.75
CA VAL F 1246 -5.68 -82.82 -60.91
C VAL F 1246 -6.26 -81.83 -59.91
N ALA F 1247 -7.49 -82.10 -59.45
CA ALA F 1247 -8.17 -81.21 -58.54
C ALA F 1247 -8.69 -82.00 -57.35
N ARG F 1248 -8.38 -81.53 -56.15
CA ARG F 1248 -8.83 -82.17 -54.92
C ARG F 1248 -10.32 -81.90 -54.73
N MET F 1249 -11.14 -82.94 -54.83
CA MET F 1249 -12.56 -82.81 -54.62
C MET F 1249 -12.87 -82.72 -53.13
N ASP F 1250 -14.14 -82.46 -52.82
CA ASP F 1250 -14.61 -82.41 -51.45
C ASP F 1250 -15.73 -83.43 -51.26
N GLY F 1251 -15.91 -83.85 -50.01
CA GLY F 1251 -16.95 -84.81 -49.70
C GLY F 1251 -18.24 -84.16 -49.29
N THR F 1252 -19.19 -84.06 -50.23
CA THR F 1252 -20.48 -83.43 -49.95
C THR F 1252 -21.42 -84.47 -49.32
N VAL F 1253 -22.69 -84.08 -49.14
CA VAL F 1253 -23.67 -85.01 -48.61
C VAL F 1253 -24.03 -86.09 -49.62
N ASP F 1254 -23.83 -85.82 -50.91
CA ASP F 1254 -24.09 -86.80 -51.96
C ASP F 1254 -22.83 -87.39 -52.57
N THR F 1255 -21.70 -86.68 -52.47
CA THR F 1255 -20.49 -87.14 -53.15
C THR F 1255 -19.40 -87.47 -52.14
N PRO F 1256 -18.63 -88.53 -52.38
CA PRO F 1256 -17.44 -88.79 -51.57
C PRO F 1256 -16.31 -87.87 -51.98
N PRO F 1257 -15.27 -87.73 -51.16
CA PRO F 1257 -14.07 -87.00 -51.62
C PRO F 1257 -13.38 -87.77 -52.73
N CYS F 1258 -13.25 -87.14 -53.88
CA CYS F 1258 -12.76 -87.77 -55.09
C CYS F 1258 -11.44 -87.14 -55.50
N LEU F 1259 -10.86 -87.66 -56.58
CA LEU F 1259 -9.63 -87.13 -57.18
C LEU F 1259 -9.92 -86.99 -58.67
N ARG F 1260 -10.49 -85.87 -59.07
CA ARG F 1260 -10.88 -85.67 -60.46
C ARG F 1260 -9.67 -85.27 -61.30
N LEU F 1261 -9.47 -85.98 -62.40
CA LEU F 1261 -8.41 -85.65 -63.34
C LEU F 1261 -8.97 -84.72 -64.41
N ALA F 1262 -8.13 -83.79 -64.87
CA ALA F 1262 -8.51 -82.89 -65.95
C ALA F 1262 -7.31 -82.72 -66.87
N HIS F 1263 -7.56 -82.11 -68.03
CA HIS F 1263 -6.56 -81.95 -69.06
C HIS F 1263 -6.83 -80.65 -69.80
N ARG F 1264 -5.76 -80.02 -70.27
CA ARG F 1264 -5.92 -78.86 -71.15
C ARG F 1264 -6.34 -79.34 -72.53
N UNK F 1265 -7.63 -79.63 -72.66
CA UNK F 1265 -8.18 -80.27 -73.83
C UNK F 1265 -8.31 -79.32 -74.99
N UNK F 1266 -7.19 -78.99 -75.63
CA UNK F 1266 -7.19 -78.06 -76.75
C UNK F 1266 -6.31 -78.59 -77.87
N UNK F 1267 -5.83 -77.67 -78.71
CA UNK F 1267 -4.97 -78.02 -79.82
C UNK F 1267 -3.52 -78.11 -79.38
N UNK F 1268 -2.66 -77.36 -80.06
CA UNK F 1268 -1.21 -77.27 -79.81
C UNK F 1268 -0.52 -78.63 -79.81
N UNK F 1269 -0.59 -79.33 -78.68
CA UNK F 1269 0.03 -80.65 -78.54
C UNK F 1269 -0.71 -81.51 -77.53
N UNK F 1270 -0.39 -82.80 -77.54
CA UNK F 1270 -0.99 -83.74 -76.60
C UNK F 1270 0.01 -84.84 -76.26
N UNK F 1271 -0.48 -85.97 -75.78
CA UNK F 1271 0.39 -87.09 -75.41
C UNK F 1271 -0.31 -88.43 -75.56
N UNK F 1272 0.32 -89.47 -75.07
CA UNK F 1272 -0.19 -90.83 -75.22
C UNK F 1272 -0.95 -91.29 -73.97
N UNK F 1273 -0.79 -92.56 -73.63
CA UNK F 1273 -1.48 -93.15 -72.49
C UNK F 1273 -0.73 -92.86 -71.19
N UNK F 1274 -1.29 -91.96 -70.38
CA UNK F 1274 -0.69 -91.61 -69.11
C UNK F 1274 -0.99 -92.68 -68.06
N UNK F 1275 0.00 -93.48 -67.73
CA UNK F 1275 -0.15 -94.52 -66.72
C UNK F 1275 -0.16 -93.90 -65.32
N UNK F 1276 -1.35 -93.61 -64.82
CA UNK F 1276 -1.51 -92.99 -63.52
C UNK F 1276 -1.52 -94.04 -62.41
N UNK F 1277 -1.02 -93.66 -61.24
CA UNK F 1277 -0.94 -94.58 -60.12
C UNK F 1277 -1.03 -93.85 -58.78
N UNK F 1278 -1.94 -94.32 -57.92
CA UNK F 1278 -2.15 -93.70 -56.61
C UNK F 1278 -0.98 -93.99 -55.67
N UNK F 1279 -0.81 -93.14 -54.66
CA UNK F 1279 0.26 -93.32 -53.68
C UNK F 1279 -0.21 -94.16 -52.50
N UNK F 1280 -0.74 -95.33 -52.80
CA UNK F 1280 -1.26 -96.22 -51.77
C UNK F 1280 -0.35 -97.42 -51.60
N UNK F 1281 -0.61 -98.17 -50.53
CA UNK F 1281 0.15 -99.38 -50.25
C UNK F 1281 -0.72 -100.34 -49.45
N UNK F 1282 -1.53 -101.13 -50.15
CA UNK F 1282 -2.45 -102.05 -49.50
C UNK F 1282 -1.80 -103.42 -49.30
N UNK F 1283 -1.34 -103.67 -48.08
CA UNK F 1283 -0.71 -104.94 -47.77
C UNK F 1283 -1.73 -106.01 -47.41
N UNK F 1284 -1.49 -107.25 -47.86
CA UNK F 1284 -2.40 -108.35 -47.55
C UNK F 1284 -2.23 -108.78 -46.10
N UNK F 1285 -3.26 -109.44 -45.57
CA UNK F 1285 -3.31 -109.75 -44.14
C UNK F 1285 -2.48 -110.96 -43.75
N UNK F 1286 -1.86 -111.62 -44.73
CA UNK F 1286 -1.05 -112.81 -44.45
C UNK F 1286 0.28 -112.41 -43.82
N UNK F 1287 -1.72 -117.78 -43.84
CA UNK F 1287 -1.94 -116.93 -42.68
C UNK F 1287 -3.24 -116.15 -42.82
N UNK F 1288 -3.62 -115.88 -44.05
CA UNK F 1288 -4.88 -115.20 -44.33
C UNK F 1288 -5.42 -115.61 -45.69
N UNK F 1289 -6.49 -114.95 -46.12
CA UNK F 1289 -7.12 -115.27 -47.40
C UNK F 1289 -7.40 -114.00 -48.20
N UNK F 1290 -6.62 -113.78 -49.25
CA UNK F 1290 -6.80 -112.62 -50.11
C UNK F 1290 -7.48 -113.03 -51.41
N UNK F 1291 -8.73 -112.63 -51.56
CA UNK F 1291 -9.49 -112.95 -52.77
C UNK F 1291 -10.20 -111.71 -53.30
N UNK F 1292 -9.47 -110.88 -54.03
CA UNK F 1292 -10.03 -109.65 -54.57
C UNK F 1292 -10.87 -109.93 -55.81
N UNK F 1293 -11.75 -109.00 -56.13
CA UNK F 1293 -12.65 -109.16 -57.27
C UNK F 1293 -13.10 -107.80 -57.80
N UNK F 1294 -12.80 -107.55 -59.07
CA UNK F 1294 -13.23 -106.32 -59.73
C UNK F 1294 -14.70 -106.42 -60.07
N UNK F 1295 -15.42 -105.33 -59.86
CA UNK F 1295 -16.85 -105.30 -60.19
C UNK F 1295 -17.17 -104.04 -60.99
N UNK F 1296 -18.07 -104.18 -61.96
CA UNK F 1296 -18.46 -103.06 -62.80
C UNK F 1296 -19.58 -102.26 -62.13
N UNK F 1297 -20.52 -101.78 -62.94
CA UNK F 1297 -21.67 -101.05 -62.42
C UNK F 1297 -22.66 -102.01 -61.78
N UNK F 1298 -22.62 -103.26 -62.19
CA UNK F 1298 -23.51 -104.29 -61.66
C UNK F 1298 -22.88 -105.67 -61.78
N UNK F 1299 -22.40 -105.99 -62.97
CA UNK F 1299 -21.84 -107.31 -63.25
C UNK F 1299 -20.44 -107.47 -62.67
N UNK F 1300 -19.90 -108.68 -62.78
CA UNK F 1300 -18.58 -108.99 -62.23
C UNK F 1300 -17.90 -110.14 -62.95
N UNK F 1301 -16.93 -109.81 -63.79
CA UNK F 1301 -16.03 -110.81 -64.36
C UNK F 1301 -14.76 -110.78 -63.52
N UNK F 1302 -14.77 -111.54 -62.43
CA UNK F 1302 -13.75 -111.42 -61.40
C UNK F 1302 -12.45 -112.17 -61.73
N UNK F 1303 -12.09 -113.10 -60.85
CA UNK F 1303 -10.84 -113.88 -60.89
C UNK F 1303 -9.57 -113.03 -60.94
N UNK F 1304 -8.46 -113.67 -61.29
CA UNK F 1304 -7.13 -113.05 -61.42
C UNK F 1304 -6.64 -112.29 -60.19
N UNK F 1305 -7.15 -112.66 -59.02
CA UNK F 1305 -6.88 -111.95 -57.79
C UNK F 1305 -7.23 -112.83 -56.60
N UNK F 1306 -6.51 -113.94 -56.47
CA UNK F 1306 -6.75 -114.88 -55.39
C UNK F 1306 -5.47 -115.64 -55.07
N UNK F 1307 -4.33 -114.98 -55.22
CA UNK F 1307 -3.04 -115.59 -54.97
C UNK F 1307 -2.12 -114.65 -54.22
N UNK F 1308 -2.32 -114.54 -52.92
CA UNK F 1308 -1.52 -113.63 -52.09
C UNK F 1308 -1.50 -114.09 -50.63
N UNK F 1309 -0.29 -114.21 -50.07
CA UNK F 1309 -0.14 -114.52 -48.67
C UNK F 1309 0.01 -113.21 -47.89
N UNK F 1310 0.96 -112.39 -48.33
CA UNK F 1310 1.18 -111.08 -47.73
C UNK F 1310 1.69 -110.11 -48.80
N UNK F 1311 0.92 -109.95 -49.86
CA UNK F 1311 1.30 -109.09 -50.97
C UNK F 1311 1.09 -107.62 -50.65
N UNK F 1312 1.33 -106.76 -51.64
CA UNK F 1312 1.14 -105.33 -51.47
C UNK F 1312 0.84 -104.67 -52.81
N UNK F 1313 -0.44 -104.44 -53.09
CA UNK F 1313 -0.86 -103.86 -54.36
C UNK F 1313 -1.32 -102.42 -54.19
N UNK F 1314 -1.07 -101.61 -55.21
CA UNK F 1314 -1.50 -100.21 -55.19
C UNK F 1314 -2.61 -99.99 -56.20
N UNK F 1315 -3.51 -99.06 -55.91
CA UNK F 1315 -4.59 -98.73 -56.82
C UNK F 1315 -4.04 -97.97 -58.02
N UNK F 1316 -4.43 -98.38 -59.21
CA UNK F 1316 -3.88 -97.82 -60.43
C UNK F 1316 -4.95 -97.58 -61.49
N UNK F 1317 -4.62 -96.75 -62.48
CA UNK F 1317 -5.51 -96.45 -63.58
C UNK F 1317 -4.72 -96.04 -64.81
N UNK F 1318 -4.14 -97.01 -65.49
CA UNK F 1318 -3.37 -96.74 -66.70
C UNK F 1318 -4.30 -96.41 -67.86
N UNK F 1319 -4.59 -95.13 -68.05
CA UNK F 1319 -5.55 -94.70 -69.04
C UNK F 1319 -4.90 -93.88 -70.16
N UNK F 1320 -5.67 -93.66 -71.23
CA UNK F 1320 -5.19 -92.87 -72.37
C UNK F 1320 -6.06 -91.64 -72.56
N UNK F 1321 -5.52 -90.65 -73.27
CA UNK F 1321 -6.19 -89.37 -73.44
C UNK F 1321 -7.38 -89.44 -74.39
N UNK F 1322 -8.36 -88.57 -74.15
CA UNK F 1322 -9.55 -88.50 -74.99
C UNK F 1322 -9.90 -87.05 -75.28
N UNK F 1323 -9.00 -86.14 -74.90
CA UNK F 1323 -9.09 -84.70 -75.12
C UNK F 1323 -10.38 -84.06 -74.60
N UNK F 1324 -10.68 -84.31 -73.33
CA UNK F 1324 -11.84 -83.72 -72.68
C UNK F 1324 -11.60 -83.61 -71.18
N UNK F 1325 -12.30 -84.44 -70.42
CA UNK F 1325 -12.09 -84.53 -68.98
C UNK F 1325 -12.17 -86.00 -68.59
N UNK F 1326 -11.04 -86.54 -68.15
CA UNK F 1326 -10.93 -87.99 -67.97
C UNK F 1326 -11.49 -88.48 -66.65
N UNK F 1327 -10.71 -89.30 -65.94
CA UNK F 1327 -11.19 -90.03 -64.79
C UNK F 1327 -11.41 -89.17 -63.55
N UNK F 1328 -12.08 -89.78 -62.57
CA UNK F 1328 -12.33 -89.15 -61.29
C UNK F 1328 -12.28 -90.22 -60.21
N UNK F 1329 -11.09 -90.44 -59.66
CA UNK F 1329 -10.88 -91.47 -58.65
C UNK F 1329 -11.55 -91.09 -57.34
N UNK F 1330 -12.75 -91.63 -57.13
CA UNK F 1330 -13.52 -91.34 -55.94
C UNK F 1330 -13.11 -92.24 -54.78
N UNK F 1331 -13.40 -91.79 -53.56
CA UNK F 1331 -13.12 -92.59 -52.37
C UNK F 1331 -14.40 -92.78 -51.57
N UNK F 1332 -15.23 -93.72 -52.03
CA UNK F 1332 -16.52 -93.97 -51.40
C UNK F 1332 -16.50 -95.22 -50.54
N UNK F 1333 -17.48 -95.31 -49.64
CA UNK F 1333 -17.63 -96.49 -48.81
C UNK F 1333 -18.94 -97.20 -49.16
N UNK F 1334 -19.02 -98.48 -48.83
CA UNK F 1334 -20.25 -99.23 -49.03
C UNK F 1334 -20.69 -99.80 -47.70
N UNK F 1335 -21.70 -100.67 -47.73
CA UNK F 1335 -22.20 -101.29 -46.51
C UNK F 1335 -21.40 -102.54 -46.18
N UNK F 1336 -20.52 -102.95 -47.11
CA UNK F 1336 -19.75 -104.17 -46.94
C UNK F 1336 -18.25 -103.90 -46.84
N UNK F 1337 -17.51 -104.36 -47.85
CA UNK F 1337 -16.04 -104.29 -47.83
C UNK F 1337 -15.53 -102.95 -48.34
N UNK F 1338 -14.22 -102.88 -48.55
CA UNK F 1338 -13.57 -101.67 -49.04
C UNK F 1338 -13.72 -101.54 -50.55
N UNK F 1339 -14.36 -100.46 -50.97
CA UNK F 1339 -14.59 -100.23 -52.40
C UNK F 1339 -13.82 -99.01 -52.89
N UNK F 1340 -13.21 -99.13 -54.07
CA UNK F 1340 -12.45 -98.04 -54.65
C UNK F 1340 -13.02 -97.67 -56.03
N UNK F 1341 -14.00 -96.79 -56.03
CA UNK F 1341 -14.68 -96.40 -57.27
C UNK F 1341 -13.88 -95.41 -58.09
N UNK F 1342 -14.18 -95.35 -59.37
CA UNK F 1342 -13.52 -94.43 -60.30
C UNK F 1342 -14.43 -94.14 -61.49
N UNK F 1343 -15.04 -92.96 -61.49
CA UNK F 1343 -15.94 -92.57 -62.56
C UNK F 1343 -15.16 -92.13 -63.80
N UNK F 1344 -15.81 -92.18 -64.95
CA UNK F 1344 -15.16 -91.84 -66.22
C UNK F 1344 -16.14 -91.21 -67.21
N UNK F 1345 -15.59 -90.71 -68.31
CA UNK F 1345 -16.40 -90.08 -69.35
C UNK F 1345 -15.79 -90.32 -70.74
N UNK F 1346 -14.73 -91.12 -70.79
CA UNK F 1346 -14.04 -91.39 -72.04
C UNK F 1346 -14.46 -92.75 -72.62
N UNK F 1347 -13.78 -93.15 -73.69
CA UNK F 1347 -14.11 -94.38 -74.39
C UNK F 1347 -13.46 -95.62 -73.75
N UNK F 1348 -12.36 -96.06 -74.33
CA UNK F 1348 -11.69 -97.26 -73.85
C UNK F 1348 -10.40 -96.92 -73.10
N UNK F 1349 -10.33 -97.39 -71.86
CA UNK F 1349 -9.15 -97.19 -71.03
C UNK F 1349 -9.11 -98.28 -69.96
N UNK F 1350 -7.98 -98.96 -69.85
CA UNK F 1350 -7.86 -100.08 -68.92
C UNK F 1350 -7.66 -99.60 -67.48
N UNK F 1351 -8.23 -100.33 -66.54
CA UNK F 1351 -8.08 -100.03 -65.12
C UNK F 1351 -7.55 -101.26 -64.39
N UNK F 1352 -6.88 -101.05 -63.26
CA UNK F 1352 -6.21 -102.14 -62.57
C UNK F 1352 -5.97 -101.85 -61.08
N UNK F 1353 -5.21 -102.74 -60.46
CA UNK F 1353 -4.74 -102.56 -59.10
C UNK F 1353 -3.32 -103.09 -59.03
N UNK F 1354 -2.38 -102.26 -59.47
CA UNK F 1354 -1.01 -102.70 -59.72
C UNK F 1354 -0.21 -103.01 -58.47
N UNK F 1355 0.81 -103.85 -58.63
CA UNK F 1355 1.71 -104.16 -57.54
C UNK F 1355 2.85 -103.16 -57.52
N UNK F 1356 3.82 -103.40 -56.66
CA UNK F 1356 5.00 -102.54 -56.59
C UNK F 1356 6.12 -103.12 -57.44
N UNK F 1357 5.82 -103.39 -58.70
CA UNK F 1357 6.79 -104.00 -59.60
C UNK F 1357 6.48 -103.68 -61.06
N UNK F 1358 5.63 -102.69 -61.28
CA UNK F 1358 5.22 -102.33 -62.63
C UNK F 1358 6.33 -101.64 -63.41
N UNK F 1359 6.39 -101.93 -64.71
CA UNK F 1359 7.38 -101.34 -65.58
C UNK F 1359 6.85 -101.34 -67.02
N UNK F 1360 5.91 -100.44 -67.29
CA UNK F 1360 5.28 -100.37 -68.61
C UNK F 1360 6.13 -99.59 -69.60
N UNK F 1361 5.52 -99.24 -70.73
CA UNK F 1361 6.23 -98.52 -71.79
C UNK F 1361 5.27 -97.66 -72.61
N UNK F 1362 5.10 -98.02 -73.88
CA UNK F 1362 4.29 -97.24 -74.81
C UNK F 1362 2.87 -97.79 -74.93
N UNK F 1363 2.40 -97.92 -76.16
CA UNK F 1363 1.03 -98.37 -76.42
C UNK F 1363 0.88 -99.86 -76.13
N UNK F 1364 0.06 -100.17 -75.12
CA UNK F 1364 -0.19 -101.55 -74.74
C UNK F 1364 -1.52 -101.69 -74.01
N UNK F 1365 -2.22 -102.79 -74.28
CA UNK F 1365 -3.48 -103.08 -73.61
C UNK F 1365 -3.48 -104.52 -73.14
N UNK F 1366 -2.50 -105.28 -73.63
CA UNK F 1366 -2.34 -106.67 -73.23
C UNK F 1366 -0.87 -106.94 -72.92
N UNK F 1367 -0.52 -108.23 -72.88
CA UNK F 1367 0.83 -108.72 -72.57
C UNK F 1367 1.34 -108.20 -71.23
N UNK F 1368 0.72 -108.64 -70.15
CA UNK F 1368 1.10 -108.20 -68.81
C UNK F 1368 2.30 -108.99 -68.30
N UNK F 1369 2.63 -110.07 -69.01
CA UNK F 1369 3.78 -110.95 -68.74
C UNK F 1369 3.79 -111.53 -67.34
N UNK F 1370 3.07 -112.63 -67.14
CA UNK F 1370 3.04 -113.30 -65.85
C UNK F 1370 3.57 -114.73 -66.00
N UNK F 1371 3.32 -115.57 -65.00
CA UNK F 1371 3.75 -116.96 -65.05
C UNK F 1371 2.83 -117.85 -64.23
N UNK F 1372 3.29 -119.07 -63.93
CA UNK F 1372 2.51 -120.00 -63.14
C UNK F 1372 3.39 -120.92 -62.33
N UNK F 1373 2.97 -121.23 -61.11
CA UNK F 1373 3.69 -122.15 -60.25
C UNK F 1373 3.32 -123.59 -60.62
N UNK F 1374 4.24 -124.51 -60.37
CA UNK F 1374 4.00 -125.93 -60.63
C UNK F 1374 4.90 -126.78 -59.76
N UNK F 1375 4.46 -127.01 -58.52
CA UNK F 1375 5.23 -127.81 -57.57
C UNK F 1375 4.53 -129.11 -57.26
N UNK F 1376 4.96 -130.19 -57.90
CA UNK F 1376 4.34 -131.50 -57.72
C UNK F 1376 4.89 -132.20 -56.48
N UNK F 1377 4.50 -133.46 -56.33
CA UNK F 1377 4.94 -134.27 -55.20
C UNK F 1377 6.36 -134.78 -55.42
N UNK F 1378 6.47 -136.09 -55.67
CA UNK F 1378 7.78 -136.70 -55.91
C UNK F 1378 7.89 -137.15 -57.37
N UNK F 1379 6.92 -137.93 -57.82
CA UNK F 1379 6.86 -138.33 -59.22
C UNK F 1379 6.25 -137.19 -60.02
N UNK F 1380 4.92 -137.19 -60.12
CA UNK F 1380 4.18 -136.13 -60.77
C UNK F 1380 2.76 -136.13 -60.23
N UNK F 1381 2.63 -136.47 -58.95
CA UNK F 1381 1.33 -136.66 -58.33
C UNK F 1381 0.67 -135.34 -57.93
N UNK F 1382 0.51 -135.13 -56.64
CA UNK F 1382 -0.18 -133.96 -56.10
C UNK F 1382 0.62 -132.69 -56.33
N UNK F 1383 0.05 -131.78 -57.12
CA UNK F 1383 0.73 -130.55 -57.47
C UNK F 1383 0.35 -129.41 -56.54
N UNK F 1384 1.04 -128.28 -56.71
CA UNK F 1384 0.74 -127.07 -55.97
C UNK F 1384 0.75 -125.89 -56.93
N UNK F 1385 -0.06 -126.01 -57.99
CA UNK F 1385 -0.09 -125.02 -59.05
C UNK F 1385 -0.80 -123.74 -58.63
N UNK F 1386 -0.19 -122.62 -58.97
CA UNK F 1386 -0.77 -121.31 -58.67
C UNK F 1386 -0.27 -120.28 -59.68
N UNK F 1387 -1.00 -119.18 -59.81
CA UNK F 1387 -0.57 -118.10 -60.67
C UNK F 1387 0.61 -117.37 -60.02
N UNK F 1388 1.48 -116.79 -60.82
CA UNK F 1388 2.65 -116.13 -60.29
C UNK F 1388 2.41 -114.62 -60.13
N UNK F 1389 1.15 -114.22 -60.27
CA UNK F 1389 0.65 -112.84 -60.08
C UNK F 1389 1.29 -111.79 -60.99
N UNK F 1390 0.52 -111.34 -61.97
CA UNK F 1390 0.97 -110.30 -62.89
C UNK F 1390 1.13 -108.95 -62.19
N UNK F 1391 1.75 -108.00 -62.88
CA UNK F 1391 2.07 -106.71 -62.30
C UNK F 1391 0.84 -105.84 -62.07
N UNK F 1392 -0.29 -106.19 -62.70
CA UNK F 1392 -1.53 -105.43 -62.52
C UNK F 1392 -2.76 -106.28 -62.80
N UNK F 1393 -3.90 -105.62 -62.86
CA UNK F 1393 -5.16 -106.23 -63.26
C UNK F 1393 -5.54 -105.70 -64.64
N UNK F 1394 -6.77 -105.94 -65.06
CA UNK F 1394 -7.20 -105.51 -66.40
C UNK F 1394 -8.69 -105.23 -66.49
N UNK F 1395 -9.03 -104.29 -67.36
CA UNK F 1395 -10.41 -103.93 -67.65
C UNK F 1395 -10.48 -103.23 -69.01
N UNK F 1396 -9.68 -103.70 -69.95
CA UNK F 1396 -9.57 -103.09 -71.27
C UNK F 1396 -10.85 -103.30 -72.08
N UNK F 1397 -11.67 -102.25 -72.11
CA UNK F 1397 -12.99 -102.22 -72.77
C UNK F 1397 -13.90 -103.36 -72.30
N UNK F 1398 -14.02 -103.49 -70.99
CA UNK F 1398 -14.82 -104.55 -70.39
C UNK F 1398 -16.31 -104.31 -70.61
N UNK F 1399 -16.70 -103.05 -70.66
CA UNK F 1399 -18.08 -102.69 -70.93
C UNK F 1399 -18.37 -102.89 -72.42
N UNK F 1400 -19.57 -103.40 -72.72
CA UNK F 1400 -19.96 -103.66 -74.10
C UNK F 1400 -21.12 -102.75 -74.53
N UNK F 1401 -20.86 -101.45 -74.55
CA UNK F 1401 -21.88 -100.48 -74.93
C UNK F 1401 -21.90 -100.27 -76.44
N UNK F 1402 -22.71 -99.32 -76.90
CA UNK F 1402 -22.78 -99.00 -78.31
C UNK F 1402 -21.70 -98.01 -78.69
N UNK F 1403 -21.68 -97.60 -79.95
CA UNK F 1403 -20.68 -96.67 -80.45
C UNK F 1403 -21.09 -95.23 -80.22
N UNK F 1404 -22.36 -95.03 -79.85
CA UNK F 1404 -22.89 -93.69 -79.63
C UNK F 1404 -22.61 -93.23 -78.20
N UNK F 1405 -22.77 -94.14 -77.25
CA UNK F 1405 -22.52 -93.95 -75.82
C UNK F 1405 -23.32 -92.81 -75.17
N UNK F 1406 -23.03 -92.55 -73.90
CA UNK F 1406 -23.73 -91.53 -73.13
C UNK F 1406 -22.89 -91.05 -71.95
N UNK F 1407 -23.07 -91.70 -70.80
CA UNK F 1407 -22.40 -91.27 -69.57
C UNK F 1407 -21.08 -92.01 -69.35
N UNK F 1408 -20.68 -92.12 -68.09
CA UNK F 1408 -19.43 -92.77 -67.71
C UNK F 1408 -19.69 -94.06 -66.95
N UNK F 1409 -18.62 -94.79 -66.66
CA UNK F 1409 -18.72 -96.04 -65.91
C UNK F 1409 -18.43 -95.79 -64.44
N UNK F 1410 -18.46 -96.85 -63.65
CA UNK F 1410 -18.20 -96.76 -62.22
C UNK F 1410 -17.60 -98.06 -61.72
N UNK F 1411 -16.51 -98.49 -62.35
CA UNK F 1411 -15.85 -99.73 -61.99
C UNK F 1411 -15.07 -99.58 -60.69
N UNK F 1412 -15.64 -100.12 -59.61
CA UNK F 1412 -14.97 -100.12 -58.31
C UNK F 1412 -14.22 -101.43 -58.12
N UNK F 1413 -13.76 -101.67 -56.90
CA UNK F 1413 -13.05 -102.90 -56.58
C UNK F 1413 -13.39 -103.38 -55.18
N UNK F 1414 -12.78 -104.49 -54.78
CA UNK F 1414 -12.98 -105.04 -53.45
C UNK F 1414 -11.77 -105.86 -53.06
N UNK F 1415 -11.62 -106.13 -51.76
CA UNK F 1415 -10.50 -106.92 -51.27
C UNK F 1415 -10.89 -107.68 -50.01
N UNK F 1416 -9.90 -108.28 -49.35
CA UNK F 1416 -10.15 -108.99 -48.11
C UNK F 1416 -10.37 -108.01 -46.96
N UNK F 1417 -11.54 -107.41 -46.92
CA UNK F 1417 -11.86 -106.42 -45.91
C UNK F 1417 -12.88 -106.98 -44.93
N UNK F 1418 -12.62 -106.77 -43.64
CA UNK F 1418 -13.50 -107.26 -42.60
C UNK F 1418 -14.68 -106.30 -42.41
N UNK F 1419 -15.53 -106.60 -41.42
CA UNK F 1419 -16.72 -105.81 -41.19
C UNK F 1419 -16.91 -105.45 -39.72
N UNK F 1420 -17.85 -104.55 -39.47
CA UNK F 1420 -18.18 -104.13 -38.13
C UNK F 1420 -19.61 -103.59 -38.12
N UNK F 1421 -20.48 -104.25 -37.37
CA UNK F 1421 -21.88 -103.84 -37.29
C UNK F 1421 -22.47 -104.22 -35.94
N MET F 1422 -14.48 -100.70 -44.70
CA MET F 1422 -15.47 -100.39 -45.73
C MET F 1422 -15.13 -99.16 -46.63
N PRO F 1423 -14.48 -98.10 -46.14
CA PRO F 1423 -13.84 -97.16 -47.06
C PRO F 1423 -12.48 -97.68 -47.52
N LEU F 1424 -11.82 -96.89 -48.34
CA LEU F 1424 -10.49 -97.21 -48.83
C LEU F 1424 -9.40 -96.79 -47.84
N SER F 1425 -9.57 -95.64 -47.20
CA SER F 1425 -8.57 -95.15 -46.24
C SER F 1425 -8.61 -95.92 -44.92
N ALA F 1426 -9.66 -96.70 -44.68
CA ALA F 1426 -9.74 -97.46 -43.44
C ALA F 1426 -8.74 -98.62 -43.42
N ALA F 1427 -8.33 -99.10 -44.60
CA ALA F 1427 -7.52 -100.30 -44.68
C ALA F 1427 -6.03 -100.04 -44.52
N MET F 1428 -5.58 -98.80 -44.66
CA MET F 1428 -4.14 -98.53 -44.74
C MET F 1428 -3.62 -97.65 -43.63
N PHE F 1429 -4.33 -96.57 -43.28
CA PHE F 1429 -3.77 -95.54 -42.42
C PHE F 1429 -3.68 -95.94 -40.95
N LEU F 1430 -4.35 -97.04 -40.55
CA LEU F 1430 -4.20 -97.75 -39.28
C LEU F 1430 -4.77 -96.98 -38.09
N SER F 1431 -5.14 -95.72 -38.28
CA SER F 1431 -5.87 -94.94 -37.29
C SER F 1431 -7.34 -94.83 -37.64
N GLU F 1432 -7.67 -94.85 -38.93
CA GLU F 1432 -9.03 -94.98 -39.40
C GLU F 1432 -9.44 -96.43 -39.58
N ARG F 1433 -8.66 -97.36 -39.02
CA ARG F 1433 -9.01 -98.78 -39.11
C ARG F 1433 -10.28 -99.10 -38.34
N LYS F 1434 -10.54 -98.36 -37.27
CA LYS F 1434 -11.81 -98.45 -36.57
C LYS F 1434 -12.81 -97.40 -37.02
N ASN F 1435 -12.44 -96.56 -37.98
CA ASN F 1435 -13.31 -95.49 -38.45
C ASN F 1435 -13.86 -95.82 -39.83
N PRO F 1436 -15.16 -96.12 -39.96
CA PRO F 1436 -15.73 -96.39 -41.29
C PRO F 1436 -16.15 -95.13 -42.03
N ALA F 1437 -15.67 -93.98 -41.58
CA ALA F 1437 -15.97 -92.71 -42.26
C ALA F 1437 -14.97 -92.48 -43.38
N PRO F 1438 -15.43 -92.24 -44.61
CA PRO F 1438 -14.50 -91.97 -45.71
C PRO F 1438 -13.91 -90.58 -45.61
N GLN F 1439 -12.58 -90.50 -45.72
CA GLN F 1439 -11.86 -89.23 -45.66
C GLN F 1439 -10.90 -89.12 -46.84
N CYS F 1440 -10.04 -88.11 -46.82
CA CYS F 1440 -9.05 -87.92 -47.89
C CYS F 1440 -7.85 -87.18 -47.34
N PRO F 1441 -6.85 -87.89 -46.85
CA PRO F 1441 -5.58 -87.24 -46.48
C PRO F 1441 -4.83 -86.79 -47.73
N PRO F 1442 -3.92 -85.83 -47.61
CA PRO F 1442 -3.14 -85.39 -48.77
C PRO F 1442 -2.13 -86.40 -49.29
N ARG F 1443 -1.95 -87.54 -48.62
CA ARG F 1443 -0.97 -88.53 -49.07
C ARG F 1443 -1.41 -89.28 -50.31
N LEU F 1444 -2.70 -89.24 -50.64
CA LEU F 1444 -3.18 -89.90 -51.85
C LEU F 1444 -2.73 -89.09 -53.06
N GLU F 1445 -1.58 -89.44 -53.62
CA GLU F 1445 -0.98 -88.69 -54.72
C GLU F 1445 -0.91 -89.58 -55.95
N VAL F 1446 -1.11 -88.98 -57.11
CA VAL F 1446 -1.06 -89.69 -58.38
C VAL F 1446 0.38 -89.67 -58.88
N GLN F 1447 0.88 -90.84 -59.27
CA GLN F 1447 2.21 -90.96 -59.86
C GLN F 1447 2.11 -91.13 -61.36
N MET F 1448 2.85 -90.30 -62.09
CA MET F 1448 2.98 -90.40 -63.53
C MET F 1448 4.44 -90.68 -63.81
N LEU F 1449 4.74 -91.93 -64.18
CA LEU F 1449 6.11 -92.37 -64.34
C LEU F 1449 6.75 -91.76 -65.58
N MET F 1450 8.08 -91.63 -65.54
CA MET F 1450 8.86 -91.21 -66.68
C MET F 1450 9.98 -92.22 -66.91
N PRO F 1451 10.37 -92.45 -68.16
CA PRO F 1451 11.38 -93.48 -68.43
C PRO F 1451 12.82 -93.03 -68.28
N VAL F 1452 13.11 -92.25 -67.23
CA VAL F 1452 14.47 -91.79 -66.98
C VAL F 1452 14.56 -91.33 -65.54
N SER F 1453 15.78 -91.32 -65.00
CA SER F 1453 16.11 -90.68 -63.73
C SER F 1453 17.59 -90.36 -63.78
N TRP F 1454 18.18 -90.04 -62.62
CA TRP F 1454 19.61 -89.79 -62.52
C TRP F 1454 20.24 -90.85 -61.63
N SER F 1455 21.07 -91.70 -62.22
CA SER F 1455 21.69 -92.80 -61.51
C SER F 1455 23.16 -92.49 -61.25
N ARG F 1456 23.68 -93.10 -60.19
CA ARG F 1456 25.04 -92.84 -59.72
C ARG F 1456 25.97 -93.97 -60.15
N MET F 1457 27.11 -93.61 -60.70
CA MET F 1457 28.11 -94.61 -61.00
C MET F 1457 28.97 -94.87 -59.76
N PRO F 1458 29.18 -96.13 -59.38
CA PRO F 1458 30.03 -96.42 -58.23
C PRO F 1458 31.49 -96.14 -58.54
N ASN F 1459 32.24 -95.83 -57.48
CA ASN F 1459 33.67 -95.58 -57.62
C ASN F 1459 34.45 -96.85 -57.91
N HIS F 1460 33.90 -98.02 -57.58
CA HIS F 1460 34.57 -99.28 -57.85
C HIS F 1460 33.53 -100.30 -58.30
N PHE F 1461 33.97 -101.20 -59.18
CA PHE F 1461 33.16 -102.29 -59.67
C PHE F 1461 33.84 -103.61 -59.32
N LEU F 1462 33.18 -104.71 -59.65
CA LEU F 1462 33.80 -106.03 -59.53
C LEU F 1462 34.88 -106.15 -60.59
N GLN F 1463 36.15 -106.19 -60.16
CA GLN F 1463 37.27 -106.14 -61.09
C GLN F 1463 37.43 -107.42 -61.89
N VAL F 1464 36.84 -108.52 -61.45
CA VAL F 1464 36.94 -109.78 -62.16
C VAL F 1464 35.60 -110.50 -62.16
N GLU F 1471 38.06 -118.52 -70.16
CA GLU F 1471 39.07 -118.81 -71.18
C GLU F 1471 38.82 -120.18 -71.80
N ARG F 1472 39.56 -121.18 -71.32
CA ARG F 1472 39.44 -122.54 -71.81
C ARG F 1472 38.59 -123.38 -70.86
N LEU F 1473 38.29 -124.60 -71.29
CA LEU F 1473 37.44 -125.58 -70.61
C LEU F 1473 36.07 -124.97 -70.30
N GLY F 1474 35.36 -124.63 -71.37
CA GLY F 1474 34.05 -124.02 -71.22
C GLY F 1474 34.09 -122.60 -70.70
N TRP F 1475 35.11 -121.81 -71.07
CA TRP F 1475 35.25 -120.39 -70.75
C TRP F 1475 35.26 -120.15 -69.23
N ALA F 1476 36.35 -120.61 -68.63
CA ALA F 1476 36.57 -120.42 -67.19
C ALA F 1476 36.62 -118.95 -66.83
N VAL F 1477 35.67 -118.51 -66.01
CA VAL F 1477 35.53 -117.12 -65.62
C VAL F 1477 36.14 -116.95 -64.23
N GLN F 1478 36.95 -115.90 -64.06
CA GLN F 1478 37.58 -115.58 -62.79
C GLN F 1478 36.86 -114.40 -62.13
N CYS F 1479 36.57 -114.55 -60.84
CA CYS F 1479 36.01 -113.47 -60.01
C CYS F 1479 36.30 -113.83 -58.56
N GLN F 1480 37.15 -113.06 -57.91
CA GLN F 1480 37.60 -113.41 -56.56
C GLN F 1480 37.46 -112.30 -55.54
N ASP F 1481 37.65 -111.04 -55.94
CA ASP F 1481 37.81 -109.95 -54.97
C ASP F 1481 36.48 -109.54 -54.37
N PRO F 1482 36.36 -109.50 -53.04
CA PRO F 1482 35.11 -109.08 -52.41
C PRO F 1482 34.97 -107.56 -52.35
N LEU F 1483 33.71 -107.12 -52.42
CA LEU F 1483 33.39 -105.70 -52.39
C LEU F 1483 31.91 -105.56 -52.02
N THR F 1484 31.61 -104.58 -51.16
CA THR F 1484 30.25 -104.39 -50.68
C THR F 1484 29.94 -102.90 -50.64
N MET F 1485 28.70 -102.59 -50.23
CA MET F 1485 28.24 -101.22 -50.08
C MET F 1485 27.05 -101.22 -49.14
N MET F 1486 26.67 -100.03 -48.70
CA MET F 1486 25.45 -99.82 -47.94
C MET F 1486 24.51 -98.93 -48.72
N ALA F 1487 23.21 -99.15 -48.53
CA ALA F 1487 22.20 -98.47 -49.32
C ALA F 1487 20.88 -98.51 -48.57
N LEU F 1488 20.12 -97.42 -48.67
CA LEU F 1488 18.83 -97.34 -48.00
C LEU F 1488 17.78 -98.17 -48.73
N HIS F 1489 16.60 -98.26 -48.13
CA HIS F 1489 15.47 -98.93 -48.76
C HIS F 1489 14.20 -98.28 -48.28
N ILE F 1490 13.42 -97.75 -49.21
CA ILE F 1490 12.16 -97.09 -48.83
C ILE F 1490 11.12 -98.16 -48.50
N PRO F 1491 10.43 -98.05 -47.38
CA PRO F 1491 9.41 -99.05 -47.04
C PRO F 1491 8.13 -98.89 -47.85
N GLU F 1492 7.72 -97.64 -48.05
CA GLU F 1492 6.40 -97.36 -48.61
C GLU F 1492 6.33 -97.69 -50.10
N GLU F 1493 7.43 -97.53 -50.83
CA GLU F 1493 7.47 -97.87 -52.24
C GLU F 1493 8.06 -99.25 -52.48
N ASN F 1494 8.82 -99.78 -51.51
CA ASN F 1494 9.53 -101.06 -51.57
C ASN F 1494 10.50 -101.07 -52.76
N ARG F 1495 11.51 -100.21 -52.64
CA ARG F 1495 12.65 -100.28 -53.54
C ARG F 1495 13.88 -99.80 -52.81
N CYS F 1496 15.04 -100.19 -53.33
CA CYS F 1496 16.32 -99.89 -52.72
C CYS F 1496 16.99 -98.73 -53.45
N MET F 1497 17.76 -97.95 -52.70
CA MET F 1497 18.52 -96.83 -53.27
C MET F 1497 19.71 -96.53 -52.37
N ASP F 1498 20.72 -95.92 -52.97
CA ASP F 1498 22.00 -95.75 -52.29
C ASP F 1498 21.91 -94.64 -51.24
N ILE F 1499 22.76 -94.77 -50.21
CA ILE F 1499 22.97 -93.71 -49.24
C ILE F 1499 23.74 -92.54 -49.87
N LEU F 1500 24.47 -92.79 -50.95
CA LEU F 1500 25.16 -91.73 -51.67
C LEU F 1500 24.27 -91.03 -52.67
N GLU F 1501 23.01 -91.43 -52.77
CA GLU F 1501 22.03 -90.68 -53.54
C GLU F 1501 21.60 -89.41 -52.84
N LEU F 1502 21.88 -89.29 -51.53
CA LEU F 1502 21.32 -88.20 -50.75
C LEU F 1502 22.01 -86.87 -51.04
N SER F 1503 23.19 -86.91 -51.66
CA SER F 1503 23.81 -85.70 -52.20
C SER F 1503 23.18 -85.28 -53.53
N GLU F 1504 22.18 -86.01 -54.02
CA GLU F 1504 21.37 -85.62 -55.17
C GLU F 1504 19.94 -85.26 -54.78
N ARG F 1505 19.36 -85.97 -53.82
CA ARG F 1505 18.00 -85.67 -53.40
C ARG F 1505 17.94 -84.40 -52.56
N LEU F 1506 18.76 -84.34 -51.50
CA LEU F 1506 19.00 -83.19 -50.61
C LEU F 1506 17.83 -82.85 -49.70
N ASP F 1507 16.69 -83.52 -49.86
CA ASP F 1507 15.56 -83.26 -48.97
C ASP F 1507 15.38 -84.40 -47.97
N LEU F 1508 15.55 -85.65 -48.43
CA LEU F 1508 15.46 -86.79 -47.54
C LEU F 1508 16.68 -86.87 -46.63
N GLN F 1509 17.82 -86.33 -47.09
CA GLN F 1509 18.99 -86.22 -46.22
C GLN F 1509 18.73 -85.28 -45.07
N ARG F 1510 18.11 -84.13 -45.37
CA ARG F 1510 17.65 -83.23 -44.32
C ARG F 1510 16.60 -83.89 -43.45
N PHE F 1511 15.74 -84.72 -44.06
CA PHE F 1511 14.81 -85.52 -43.27
C PHE F 1511 15.54 -86.59 -42.48
N HIS F 1512 16.58 -87.18 -43.06
CA HIS F 1512 17.37 -88.15 -42.32
C HIS F 1512 18.22 -87.49 -41.26
N SER F 1513 18.59 -86.21 -41.47
CA SER F 1513 19.37 -85.49 -40.47
C SER F 1513 18.56 -85.28 -39.19
N HIS F 1514 17.25 -85.09 -39.32
CA HIS F 1514 16.42 -85.07 -38.14
C HIS F 1514 16.20 -86.47 -37.60
N THR F 1515 16.19 -87.47 -38.47
CA THR F 1515 16.18 -88.86 -38.02
C THR F 1515 17.50 -89.20 -37.34
N LEU F 1516 18.59 -88.59 -37.80
CA LEU F 1516 19.91 -88.79 -37.21
C LEU F 1516 19.95 -88.29 -35.77
N ARG F 1517 19.46 -87.08 -35.53
CA ARG F 1517 19.48 -86.50 -34.21
C ARG F 1517 18.34 -87.00 -33.32
N LEU F 1518 17.34 -87.66 -33.90
CA LEU F 1518 16.22 -88.16 -33.10
C LEU F 1518 16.64 -89.30 -32.19
N TYR F 1519 17.63 -90.06 -32.62
CA TYR F 1519 18.07 -91.20 -31.83
C TYR F 1519 18.82 -90.76 -30.59
N ARG F 1520 19.47 -89.59 -30.64
CA ARG F 1520 20.09 -89.05 -29.44
C ARG F 1520 19.03 -88.54 -28.46
N ALA F 1521 17.88 -88.12 -28.97
CA ALA F 1521 16.79 -87.74 -28.08
C ALA F 1521 16.20 -88.96 -27.39
N VAL F 1522 16.01 -90.05 -28.13
CA VAL F 1522 15.48 -91.27 -27.54
C VAL F 1522 16.53 -91.90 -26.62
N CYS F 1523 17.76 -92.07 -27.13
CA CYS F 1523 18.86 -92.49 -26.27
C CYS F 1523 19.47 -91.24 -25.65
N ALA F 1524 18.74 -90.72 -24.66
CA ALA F 1524 19.13 -89.52 -23.93
C ALA F 1524 20.16 -89.83 -22.87
N LEU F 1525 20.31 -88.94 -21.88
CA LEU F 1525 21.00 -89.26 -20.63
C LEU F 1525 20.45 -90.57 -20.06
N GLY F 1526 21.34 -91.31 -19.40
CA GLY F 1526 21.45 -92.75 -19.51
C GLY F 1526 20.21 -93.60 -19.60
N ASN F 1527 20.02 -94.20 -20.78
CA ASN F 1527 18.89 -95.06 -21.08
C ASN F 1527 19.50 -96.32 -21.70
N ASN F 1528 19.98 -97.22 -20.85
CA ASN F 1528 20.64 -98.41 -21.34
C ASN F 1528 19.66 -99.52 -21.68
N ARG F 1529 18.43 -99.41 -21.16
CA ARG F 1529 17.35 -100.30 -21.59
C ARG F 1529 17.03 -100.11 -23.06
N VAL F 1530 17.17 -98.88 -23.56
CA VAL F 1530 16.92 -98.60 -24.96
C VAL F 1530 18.21 -98.66 -25.78
N ALA F 1531 19.34 -98.24 -25.20
CA ALA F 1531 20.62 -98.26 -25.93
C ALA F 1531 21.08 -99.66 -26.26
N HIS F 1532 20.81 -100.63 -25.39
CA HIS F 1532 21.04 -102.03 -25.74
C HIS F 1532 20.08 -102.47 -26.85
N ALA F 1533 18.85 -101.96 -26.83
CA ALA F 1533 17.88 -102.28 -27.86
C ALA F 1533 18.02 -101.42 -29.10
N LEU F 1534 18.98 -100.50 -29.12
CA LEU F 1534 19.12 -99.55 -30.24
C LEU F 1534 20.01 -100.08 -31.35
N CYS F 1535 21.00 -100.92 -31.03
CA CYS F 1535 21.93 -101.40 -32.03
C CYS F 1535 21.27 -102.34 -33.05
N SER F 1536 20.14 -102.93 -32.70
CA SER F 1536 19.38 -103.72 -33.65
C SER F 1536 18.76 -102.87 -34.75
N HIS F 1537 18.56 -101.58 -34.50
CA HIS F 1537 17.88 -100.74 -35.47
C HIS F 1537 18.77 -100.40 -36.65
N VAL F 1538 20.06 -100.19 -36.42
CA VAL F 1538 20.94 -99.99 -37.56
C VAL F 1538 21.86 -101.19 -37.69
N ASP F 1539 22.83 -101.31 -36.77
CA ASP F 1539 23.83 -102.37 -36.77
C ASP F 1539 24.73 -102.31 -35.55
N GLN F 1540 25.76 -103.16 -35.57
CA GLN F 1540 26.98 -102.96 -34.80
C GLN F 1540 28.18 -102.71 -35.71
N ALA F 1541 28.22 -103.32 -36.89
CA ALA F 1541 29.40 -103.35 -37.74
C ALA F 1541 29.48 -102.19 -38.73
N GLN F 1542 28.39 -101.89 -39.44
CA GLN F 1542 28.45 -100.84 -40.46
C GLN F 1542 28.51 -99.45 -39.86
N LEU F 1543 28.25 -99.32 -38.56
CA LEU F 1543 28.58 -98.11 -37.84
C LEU F 1543 30.08 -97.85 -37.89
N LEU F 1544 30.88 -98.91 -37.80
CA LEU F 1544 32.33 -98.79 -37.96
C LEU F 1544 32.73 -98.60 -39.42
N HIS F 1545 31.87 -99.02 -40.36
CA HIS F 1545 32.21 -98.89 -41.77
C HIS F 1545 32.17 -97.44 -42.24
N ALA F 1546 31.36 -96.61 -41.59
CA ALA F 1546 31.23 -95.22 -42.01
C ALA F 1546 32.47 -94.40 -41.71
N LEU F 1547 33.30 -94.84 -40.76
CA LEU F 1547 34.58 -94.18 -40.51
C LEU F 1547 35.53 -94.38 -41.68
N GLU F 1548 35.48 -95.56 -42.30
CA GLU F 1548 36.42 -95.90 -43.35
C GLU F 1548 36.14 -95.16 -44.66
N ASP F 1549 34.88 -94.79 -44.92
CA ASP F 1549 34.55 -94.12 -46.16
C ASP F 1549 35.06 -92.68 -46.15
N ALA F 1550 35.64 -92.26 -47.27
CA ALA F 1550 36.26 -90.94 -47.38
C ALA F 1550 35.30 -89.87 -47.86
N HIS F 1551 34.51 -90.16 -48.88
CA HIS F 1551 33.60 -89.18 -49.45
C HIS F 1551 32.21 -89.38 -48.86
N LEU F 1552 31.59 -88.26 -48.45
CA LEU F 1552 30.30 -88.20 -47.77
C LEU F 1552 29.91 -86.73 -47.69
N PRO F 1553 28.62 -86.39 -47.66
CA PRO F 1553 28.24 -84.97 -47.68
C PRO F 1553 28.48 -84.20 -46.39
N GLY F 1554 28.39 -84.84 -45.22
CA GLY F 1554 28.75 -84.18 -43.99
C GLY F 1554 27.65 -84.02 -42.95
N PRO F 1555 26.45 -83.57 -43.36
CA PRO F 1555 25.29 -83.77 -42.48
C PRO F 1555 24.89 -85.22 -42.35
N LEU F 1556 25.40 -86.08 -43.23
CA LEU F 1556 25.33 -87.53 -43.17
C LEU F 1556 26.44 -88.00 -42.21
N ARG F 1557 26.92 -89.24 -42.42
CA ARG F 1557 27.60 -90.11 -41.44
C ARG F 1557 28.72 -89.47 -40.61
N ALA F 1558 29.21 -88.28 -40.97
CA ALA F 1558 29.99 -87.48 -40.02
C ALA F 1558 29.15 -87.13 -38.80
N GLY F 1559 27.84 -86.94 -38.98
CA GLY F 1559 26.95 -86.81 -37.86
C GLY F 1559 26.72 -88.11 -37.10
N TYR F 1560 26.96 -89.26 -37.75
CA TYR F 1560 26.81 -90.53 -37.06
C TYR F 1560 27.87 -90.74 -36.00
N TYR F 1561 29.03 -90.12 -36.13
CA TYR F 1561 30.08 -90.27 -35.13
C TYR F 1561 29.96 -89.25 -34.02
N ASP F 1562 28.79 -88.64 -33.86
CA ASP F 1562 28.30 -88.22 -32.57
C ASP F 1562 27.24 -89.16 -32.03
N LEU F 1563 26.64 -89.99 -32.89
CA LEU F 1563 25.61 -90.92 -32.45
C LEU F 1563 26.20 -92.15 -31.79
N LEU F 1564 27.31 -92.65 -32.34
CA LEU F 1564 28.09 -93.69 -31.68
C LEU F 1564 28.65 -93.19 -30.36
N ILE F 1565 29.05 -91.92 -30.33
CA ILE F 1565 29.39 -91.25 -29.09
C ILE F 1565 28.20 -91.22 -28.14
N SER F 1566 27.01 -90.93 -28.69
CA SER F 1566 25.80 -90.81 -27.87
C SER F 1566 25.37 -92.11 -27.23
N ILE F 1567 25.85 -93.25 -27.72
CA ILE F 1567 25.51 -94.54 -27.15
C ILE F 1567 26.70 -95.21 -26.47
N HIS F 1568 27.87 -94.58 -26.46
CA HIS F 1568 29.00 -95.17 -25.74
C HIS F 1568 29.80 -94.19 -24.88
N LEU F 1569 29.82 -92.89 -25.16
CA LEU F 1569 30.47 -91.95 -24.26
C LEU F 1569 29.63 -91.75 -23.00
N GLU F 1570 28.31 -91.71 -23.17
CA GLU F 1570 27.40 -91.03 -22.26
C GLU F 1570 27.41 -91.62 -20.85
N SER F 1571 27.01 -92.88 -20.73
CA SER F 1571 27.00 -93.51 -19.41
C SER F 1571 28.39 -93.83 -18.89
N ALA F 1572 29.41 -93.77 -19.74
CA ALA F 1572 30.79 -94.05 -19.35
C ALA F 1572 31.54 -92.80 -18.94
N CYS F 1573 31.59 -91.79 -19.81
CA CYS F 1573 32.42 -90.63 -19.56
C CYS F 1573 31.82 -89.67 -18.55
N ARG F 1574 30.49 -89.56 -18.51
CA ARG F 1574 29.88 -88.63 -17.57
C ARG F 1574 30.08 -89.09 -16.13
N SER F 1575 30.02 -90.40 -15.90
CA SER F 1575 30.42 -90.94 -14.61
C SER F 1575 31.93 -90.81 -14.40
N ARG F 1576 32.70 -90.87 -15.49
CA ARG F 1576 34.15 -90.70 -15.40
C ARG F 1576 34.51 -89.27 -15.07
N ARG F 1577 33.90 -88.30 -15.76
CA ARG F 1577 34.23 -86.90 -15.54
C ARG F 1577 33.61 -86.35 -14.27
N SER F 1578 32.65 -87.05 -13.68
CA SER F 1578 32.04 -86.58 -12.43
C SER F 1578 33.03 -86.69 -11.28
N MET F 1579 33.67 -87.84 -11.14
CA MET F 1579 34.71 -88.05 -10.15
C MET F 1579 36.09 -87.73 -10.68
N LEU F 1580 36.17 -86.93 -11.74
CA LEU F 1580 37.46 -86.52 -12.28
C LEU F 1580 38.19 -85.58 -11.33
N SER F 1581 37.47 -84.61 -10.77
CA SER F 1581 38.05 -83.71 -9.77
C SER F 1581 37.83 -84.24 -8.36
N GLU F 1582 38.18 -85.51 -8.15
CA GLU F 1582 38.08 -86.16 -6.86
C GLU F 1582 39.37 -86.93 -6.65
N TYR F 1583 40.20 -86.45 -5.74
CA TYR F 1583 41.59 -86.90 -5.64
C TYR F 1583 41.75 -87.73 -4.37
N ILE F 1584 42.18 -88.99 -4.55
CA ILE F 1584 42.34 -89.91 -3.44
C ILE F 1584 43.33 -90.99 -3.87
N VAL F 1585 44.14 -91.46 -2.93
CA VAL F 1585 45.31 -92.24 -3.26
C VAL F 1585 45.59 -93.30 -2.19
N PRO F 1586 45.94 -94.53 -2.58
CA PRO F 1586 46.40 -95.52 -1.59
C PRO F 1586 47.88 -95.41 -1.29
N LEU F 1587 48.40 -96.35 -0.52
CA LEU F 1587 49.84 -96.57 -0.41
C LEU F 1587 50.20 -97.80 -1.23
N THR F 1588 50.83 -97.56 -2.37
CA THR F 1588 51.42 -98.60 -3.19
C THR F 1588 52.91 -98.29 -3.32
N PRO F 1589 53.72 -99.28 -3.75
CA PRO F 1589 55.09 -98.93 -4.17
C PRO F 1589 55.15 -98.01 -5.36
N GLU F 1590 54.13 -98.04 -6.23
CA GLU F 1590 54.03 -97.04 -7.29
C GLU F 1590 53.73 -95.66 -6.72
N THR F 1591 52.95 -95.61 -5.64
CA THR F 1591 52.76 -94.36 -4.93
C THR F 1591 54.05 -93.95 -4.22
N ARG F 1592 54.80 -94.93 -3.72
CA ARG F 1592 56.04 -94.65 -3.00
C ARG F 1592 57.11 -94.07 -3.91
N ALA F 1593 57.11 -94.44 -5.18
CA ALA F 1593 58.08 -93.90 -6.13
C ALA F 1593 57.33 -93.22 -7.28
N ILE F 1594 56.92 -91.97 -7.06
CA ILE F 1594 56.46 -91.11 -8.15
C ILE F 1594 56.73 -89.66 -7.78
N THR F 1595 57.43 -88.97 -8.68
CA THR F 1595 57.84 -87.58 -8.58
C THR F 1595 58.13 -87.11 -10.00
N LEU F 1596 58.93 -86.05 -10.14
CA LEU F 1596 59.49 -85.68 -11.43
C LEU F 1596 60.24 -86.84 -12.07
N PHE F 1597 61.30 -87.31 -11.39
CA PHE F 1597 62.23 -88.37 -11.80
C PHE F 1597 62.71 -88.30 -13.25
N PRO F 1598 63.60 -87.37 -13.61
CA PRO F 1598 64.22 -87.47 -14.95
C PRO F 1598 65.47 -88.34 -14.90
N PRO F 1599 65.53 -89.39 -15.72
CA PRO F 1599 66.76 -90.20 -15.80
C PRO F 1599 67.76 -89.55 -16.74
N GLY F 1600 68.91 -89.15 -16.21
CA GLY F 1600 69.94 -88.56 -17.03
C GLY F 1600 71.15 -88.08 -16.25
N ARG F 1601 71.64 -86.89 -16.59
CA ARG F 1601 72.80 -86.29 -15.94
C ARG F 1601 72.37 -85.25 -14.90
N LYS F 1602 71.25 -85.49 -14.22
CA LYS F 1602 70.66 -84.66 -13.18
C LYS F 1602 70.31 -83.25 -13.65
N GLY F 1603 70.12 -83.05 -14.95
CA GLY F 1603 69.72 -81.78 -15.49
C GLY F 1603 68.31 -81.73 -16.03
N GLY F 1604 67.62 -82.87 -16.07
CA GLY F 1604 66.25 -82.91 -16.58
C GLY F 1604 65.24 -82.23 -15.68
N ASN F 1605 65.54 -82.11 -14.38
CA ASN F 1605 64.68 -81.35 -13.49
C ASN F 1605 64.78 -79.86 -13.78
N ALA F 1606 65.98 -79.38 -14.11
CA ALA F 1606 66.13 -78.02 -14.59
C ALA F 1606 65.68 -77.88 -16.04
N ARG F 1607 65.66 -78.98 -16.79
CA ARG F 1607 65.12 -79.01 -18.14
C ARG F 1607 63.62 -79.30 -18.06
N ARG F 1608 63.01 -79.69 -19.17
CA ARG F 1608 61.61 -80.10 -19.18
C ARG F 1608 61.40 -81.31 -18.29
N HIS F 1609 60.37 -81.24 -17.44
CA HIS F 1609 60.14 -82.25 -16.42
C HIS F 1609 59.65 -83.57 -17.00
N GLY F 1610 59.16 -83.57 -18.22
CA GLY F 1610 58.65 -84.77 -18.85
C GLY F 1610 57.49 -84.43 -19.76
N LEU F 1611 56.57 -85.37 -19.88
CA LEU F 1611 55.41 -85.21 -20.74
C LEU F 1611 54.15 -85.64 -20.00
N PRO F 1612 53.03 -84.96 -20.23
CA PRO F 1612 51.74 -85.45 -19.73
C PRO F 1612 51.32 -86.71 -20.46
N GLY F 1613 50.35 -87.39 -19.87
CA GLY F 1613 50.03 -88.72 -20.36
C GLY F 1613 51.13 -89.67 -19.90
N VAL F 1614 51.19 -89.87 -18.58
CA VAL F 1614 52.32 -90.52 -17.94
C VAL F 1614 51.76 -91.82 -17.37
N GLY F 1615 52.59 -92.60 -16.67
CA GLY F 1615 52.22 -93.92 -16.20
C GLY F 1615 51.26 -93.95 -15.04
N VAL F 1616 51.50 -94.86 -14.09
CA VAL F 1616 50.53 -95.20 -13.05
C VAL F 1616 50.36 -94.03 -12.10
N THR F 1617 49.12 -93.53 -12.01
CA THR F 1617 48.79 -92.39 -11.17
C THR F 1617 48.09 -92.80 -9.87
N THR F 1618 47.76 -94.09 -9.72
CA THR F 1618 47.13 -94.68 -8.53
C THR F 1618 45.83 -93.98 -8.14
N SER F 1619 45.08 -93.50 -9.12
CA SER F 1619 43.81 -92.88 -8.86
C SER F 1619 42.73 -93.94 -8.74
N LEU F 1620 41.80 -93.72 -7.81
CA LEU F 1620 40.73 -94.69 -7.54
C LEU F 1620 39.71 -94.58 -8.66
N ARG F 1621 39.91 -95.37 -9.71
CA ARG F 1621 39.14 -95.27 -10.93
C ARG F 1621 38.47 -96.58 -11.25
N PRO F 1622 37.15 -96.60 -11.50
CA PRO F 1622 36.46 -97.86 -11.74
C PRO F 1622 36.40 -98.17 -13.23
N PRO F 1623 36.29 -99.45 -13.59
CA PRO F 1623 35.94 -99.79 -14.97
C PRO F 1623 34.47 -99.49 -15.23
N HIS F 1624 34.13 -99.45 -16.52
CA HIS F 1624 32.80 -98.99 -16.90
C HIS F 1624 31.78 -100.11 -16.98
N HIS F 1625 32.23 -101.38 -16.99
CA HIS F 1625 31.40 -102.58 -16.88
C HIS F 1625 30.37 -102.66 -18.02
N PHE F 1626 30.90 -102.83 -19.22
CA PHE F 1626 30.07 -102.93 -20.41
C PHE F 1626 29.32 -104.25 -20.43
N SER F 1627 28.32 -104.32 -21.32
CA SER F 1627 27.51 -105.52 -21.48
C SER F 1627 27.38 -105.80 -22.97
N PRO F 1628 27.71 -107.01 -23.42
CA PRO F 1628 27.49 -107.37 -24.83
C PRO F 1628 26.01 -107.48 -25.13
N PRO F 1629 25.51 -106.69 -26.08
CA PRO F 1629 24.08 -106.72 -26.37
C PRO F 1629 23.68 -107.97 -27.15
N CYS F 1630 22.49 -108.47 -26.84
CA CYS F 1630 21.93 -109.63 -27.52
C CYS F 1630 20.43 -109.57 -27.44
N PHE F 1631 19.77 -110.35 -28.28
CA PHE F 1631 18.31 -110.35 -28.36
C PHE F 1631 17.68 -111.72 -28.39
N VAL F 1632 18.44 -112.77 -28.72
CA VAL F 1632 17.87 -114.13 -28.75
C VAL F 1632 17.72 -114.73 -27.37
N ALA F 1633 18.19 -114.05 -26.33
CA ALA F 1633 17.99 -114.51 -24.97
C ALA F 1633 16.53 -114.35 -24.56
N ALA F 1634 16.14 -115.09 -23.52
CA ALA F 1634 14.79 -114.98 -23.00
C ALA F 1634 14.62 -113.67 -22.23
N LEU F 1635 13.37 -113.34 -21.94
CA LEU F 1635 13.07 -112.07 -21.29
C LEU F 1635 13.42 -112.15 -19.80
N PRO F 1636 13.88 -111.04 -19.22
CA PRO F 1636 14.11 -111.04 -17.76
C PRO F 1636 12.79 -110.99 -17.00
N ALA F 1637 12.77 -111.72 -15.88
CA ALA F 1637 11.61 -111.88 -14.98
C ALA F 1637 10.35 -112.35 -15.71
N GLU F 1642 13.26 -105.24 -11.76
CA GLU F 1642 13.58 -106.28 -10.80
C GLU F 1642 15.10 -106.47 -10.68
N ALA F 1643 15.85 -105.60 -11.35
CA ALA F 1643 17.30 -105.70 -11.40
C ALA F 1643 17.86 -104.35 -11.79
N PRO F 1644 19.14 -104.08 -11.49
CA PRO F 1644 19.83 -102.93 -12.11
C PRO F 1644 20.06 -103.21 -13.58
N ALA F 1645 19.02 -102.93 -14.38
CA ALA F 1645 18.68 -103.69 -15.58
C ALA F 1645 19.81 -103.80 -16.59
N ARG F 1646 20.25 -102.69 -17.17
CA ARG F 1646 21.15 -102.73 -18.32
C ARG F 1646 22.36 -101.85 -18.05
N LEU F 1647 23.56 -102.41 -18.31
CA LEU F 1647 24.79 -101.71 -17.92
C LEU F 1647 25.24 -100.69 -18.96
N SER F 1648 25.69 -101.17 -20.13
CA SER F 1648 26.25 -100.38 -21.23
C SER F 1648 26.48 -101.28 -22.43
N PRO F 1649 26.24 -100.81 -23.66
CA PRO F 1649 26.61 -101.60 -24.84
C PRO F 1649 28.11 -101.60 -25.06
N ALA F 1650 28.61 -102.71 -25.59
CA ALA F 1650 30.04 -102.97 -25.65
C ALA F 1650 30.57 -102.93 -27.08
N ILE F 1651 31.83 -102.53 -27.20
CA ILE F 1651 32.58 -102.51 -28.45
C ILE F 1651 33.95 -103.11 -28.14
N PRO F 1652 34.55 -103.91 -29.04
CA PRO F 1652 36.00 -104.14 -28.94
C PRO F 1652 36.78 -102.84 -29.09
N LEU F 1653 37.40 -102.40 -28.01
CA LEU F 1653 37.91 -101.04 -27.93
C LEU F 1653 39.37 -100.91 -28.35
N GLU F 1654 40.17 -101.96 -28.14
CA GLU F 1654 41.59 -101.88 -28.48
C GLU F 1654 41.79 -101.79 -29.98
N ALA F 1655 41.00 -102.54 -30.75
CA ALA F 1655 40.99 -102.36 -32.20
C ALA F 1655 40.36 -101.03 -32.58
N LEU F 1656 39.38 -100.57 -31.80
CA LEU F 1656 38.79 -99.27 -32.05
C LEU F 1656 39.75 -98.14 -31.70
N ARG F 1657 40.63 -98.37 -30.71
CA ARG F 1657 41.57 -97.33 -30.28
C ARG F 1657 42.59 -97.02 -31.37
N ASP F 1658 43.13 -98.05 -32.02
CA ASP F 1658 44.09 -97.81 -33.08
C ASP F 1658 43.41 -97.30 -34.36
N LYS F 1659 42.13 -97.63 -34.53
CA LYS F 1659 41.43 -97.25 -35.76
C LYS F 1659 41.14 -95.75 -35.80
N ALA F 1660 40.69 -95.20 -34.67
CA ALA F 1660 40.50 -93.75 -34.61
C ALA F 1660 41.84 -93.02 -34.57
N LEU F 1661 42.87 -93.68 -34.07
CA LEU F 1661 44.18 -93.05 -33.95
C LEU F 1661 44.85 -92.88 -35.31
N ARG F 1662 44.73 -93.89 -36.17
CA ARG F 1662 45.44 -93.86 -37.44
C ARG F 1662 44.83 -92.88 -38.44
N MET F 1663 43.57 -92.50 -38.25
CA MET F 1663 42.94 -91.54 -39.13
C MET F 1663 43.21 -90.09 -38.73
N LEU F 1664 43.44 -89.85 -37.43
CA LEU F 1664 43.79 -88.52 -36.98
C LEU F 1664 45.13 -88.09 -37.54
N GLY F 1665 46.13 -88.97 -37.50
CA GLY F 1665 47.39 -88.68 -38.17
C GLY F 1665 47.27 -88.67 -39.68
N GLU F 1666 46.29 -89.41 -40.21
CA GLU F 1666 46.05 -89.38 -41.65
C GLU F 1666 45.43 -88.06 -42.08
N ALA F 1667 44.50 -87.54 -41.28
CA ALA F 1667 43.85 -86.27 -41.61
C ALA F 1667 44.82 -85.10 -41.50
N VAL F 1668 45.80 -85.19 -40.60
CA VAL F 1668 46.88 -84.22 -40.59
C VAL F 1668 47.76 -84.40 -41.84
N ARG F 1669 48.02 -85.65 -42.21
CA ARG F 1669 48.76 -85.92 -43.45
C ARG F 1669 47.92 -85.56 -44.67
N ASP F 1670 46.60 -85.61 -44.56
CA ASP F 1670 45.75 -85.16 -45.65
C ASP F 1670 45.53 -83.66 -45.63
N GLY F 1671 45.56 -83.04 -44.45
CA GLY F 1671 45.31 -81.62 -44.35
C GLY F 1671 46.45 -80.76 -44.87
N GLY F 1672 47.67 -81.29 -44.82
CA GLY F 1672 48.82 -80.54 -45.32
C GLY F 1672 48.89 -80.45 -46.83
N GLN F 1673 48.14 -81.29 -47.54
CA GLN F 1673 48.13 -81.20 -49.00
C GLN F 1673 47.32 -80.00 -49.48
N HIS F 1674 46.31 -79.60 -48.71
CA HIS F 1674 45.44 -78.44 -48.99
C HIS F 1674 44.75 -78.57 -50.34
N ALA F 1675 44.29 -79.78 -50.66
CA ALA F 1675 43.64 -80.03 -51.93
C ALA F 1675 42.20 -79.51 -51.90
N ARG F 1676 41.57 -79.54 -53.07
CA ARG F 1676 40.17 -79.16 -53.24
C ARG F 1676 39.22 -80.33 -53.05
N ASP F 1677 39.68 -81.39 -52.36
CA ASP F 1677 38.96 -82.62 -52.07
C ASP F 1677 37.89 -82.60 -50.98
N PRO F 1678 38.02 -81.78 -49.91
CA PRO F 1678 37.91 -82.20 -48.50
C PRO F 1678 36.77 -83.12 -48.07
N VAL F 1679 37.09 -83.93 -47.05
CA VAL F 1679 36.14 -84.88 -46.47
C VAL F 1679 34.97 -84.13 -45.88
N GLY F 1680 33.76 -84.53 -46.27
CA GLY F 1680 32.56 -83.89 -45.77
C GLY F 1680 32.26 -82.53 -46.33
N GLY F 1681 33.02 -82.07 -47.33
CA GLY F 1681 32.70 -80.83 -47.98
C GLY F 1681 33.58 -79.66 -47.61
N SER F 1682 33.93 -79.53 -46.34
CA SER F 1682 34.71 -78.39 -45.89
C SER F 1682 35.81 -78.85 -44.94
N VAL F 1683 36.56 -77.87 -44.43
CA VAL F 1683 37.63 -78.15 -43.48
C VAL F 1683 37.05 -78.61 -42.15
N GLU F 1684 35.94 -78.00 -41.72
CA GLU F 1684 35.31 -78.36 -40.46
C GLU F 1684 34.76 -79.78 -40.51
N PHE F 1685 34.23 -80.19 -41.65
CA PHE F 1685 33.81 -81.58 -41.78
C PHE F 1685 34.98 -82.52 -42.02
N GLN F 1686 36.08 -82.02 -42.59
CA GLN F 1686 37.31 -82.80 -42.64
C GLN F 1686 37.85 -83.03 -41.23
N PHE F 1687 37.79 -82.00 -40.39
CA PHE F 1687 38.11 -82.16 -38.97
C PHE F 1687 36.84 -82.51 -38.19
N VAL F 1688 36.35 -83.69 -38.54
CA VAL F 1688 35.13 -84.35 -38.09
C VAL F 1688 35.20 -84.58 -36.58
N PRO F 1689 34.06 -84.71 -35.87
CA PRO F 1689 34.08 -85.12 -34.45
C PRO F 1689 34.66 -86.49 -34.07
N VAL F 1690 35.34 -87.17 -35.01
CA VAL F 1690 36.38 -88.11 -34.63
C VAL F 1690 37.41 -87.45 -33.71
N LEU F 1691 37.66 -86.14 -33.93
CA LEU F 1691 38.34 -85.30 -32.95
C LEU F 1691 37.72 -85.42 -31.55
N LYS F 1692 36.39 -85.42 -31.47
CA LYS F 1692 35.74 -85.64 -30.19
C LYS F 1692 35.88 -87.10 -29.75
N LEU F 1693 35.91 -88.02 -30.70
CA LEU F 1693 36.16 -89.43 -30.40
C LEU F 1693 37.57 -89.65 -29.88
N VAL F 1694 38.52 -88.80 -30.30
CA VAL F 1694 39.85 -88.81 -29.71
C VAL F 1694 39.77 -88.39 -28.24
N SER F 1695 39.07 -87.29 -27.98
CA SER F 1695 38.90 -86.82 -26.60
C SER F 1695 37.98 -87.72 -25.80
N THR F 1696 37.18 -88.54 -26.48
CA THR F 1696 36.33 -89.52 -25.79
C THR F 1696 37.17 -90.53 -25.04
N LEU F 1697 37.96 -91.32 -25.76
CA LEU F 1697 38.73 -92.39 -25.14
C LEU F 1697 39.96 -91.86 -24.41
N LEU F 1698 40.33 -90.61 -24.62
CA LEU F 1698 41.44 -90.01 -23.89
C LEU F 1698 41.11 -89.85 -22.42
N VAL F 1699 39.96 -89.22 -22.14
CA VAL F 1699 39.55 -89.02 -20.75
C VAL F 1699 39.03 -90.33 -20.13
N MET F 1700 38.65 -91.30 -20.96
CA MET F 1700 38.25 -92.61 -20.45
C MET F 1700 39.44 -93.50 -20.09
N GLY F 1701 40.66 -93.02 -20.30
CA GLY F 1701 41.85 -93.80 -19.95
C GLY F 1701 42.09 -95.00 -20.83
N ILE F 1702 41.71 -94.92 -22.10
CA ILE F 1702 41.84 -96.07 -22.98
C ILE F 1702 43.23 -96.12 -23.60
N PHE F 1703 43.79 -94.96 -23.93
CA PHE F 1703 45.08 -94.89 -24.60
C PHE F 1703 46.22 -95.28 -23.66
N GLY F 1704 47.21 -95.96 -24.22
CA GLY F 1704 48.39 -96.34 -23.49
C GLY F 1704 49.43 -95.25 -23.48
N ASP F 1705 50.67 -95.64 -23.22
CA ASP F 1705 51.76 -94.67 -23.17
C ASP F 1705 52.14 -94.20 -24.57
N GLU F 1706 52.39 -95.15 -25.48
CA GLU F 1706 52.77 -94.80 -26.84
C GLU F 1706 51.60 -94.24 -27.64
N ASP F 1707 50.37 -94.57 -27.24
CA ASP F 1707 49.20 -93.98 -27.87
C ASP F 1707 49.10 -92.49 -27.57
N VAL F 1708 49.35 -92.12 -26.31
CA VAL F 1708 49.46 -90.72 -25.95
C VAL F 1708 50.70 -90.11 -26.61
N LYS F 1709 51.79 -90.88 -26.68
CA LYS F 1709 52.99 -90.41 -27.35
C LYS F 1709 52.77 -90.23 -28.85
N GLN F 1710 51.82 -90.97 -29.42
CA GLN F 1710 51.52 -90.79 -30.83
C GLN F 1710 50.62 -89.58 -31.07
N ILE F 1711 49.66 -89.34 -30.17
CA ILE F 1711 48.75 -88.22 -30.40
C ILE F 1711 49.40 -86.89 -30.05
N LEU F 1712 50.46 -86.88 -29.26
CA LEU F 1712 51.26 -85.67 -29.10
C LEU F 1712 52.14 -85.40 -30.31
N LYS F 1713 52.35 -86.39 -31.18
CA LYS F 1713 53.19 -86.21 -32.35
C LYS F 1713 52.52 -85.41 -33.47
N MET F 1714 51.27 -84.98 -33.28
CA MET F 1714 50.70 -83.99 -34.19
C MET F 1714 51.29 -82.61 -33.94
N ILE F 1715 51.80 -82.37 -32.74
CA ILE F 1715 52.47 -81.11 -32.39
C ILE F 1715 53.88 -81.52 -31.99
N GLU F 1716 54.42 -82.53 -32.69
CA GLU F 1716 55.75 -83.08 -32.42
C GLU F 1716 56.92 -82.10 -32.32
N PRO F 1717 57.04 -81.03 -33.12
CA PRO F 1717 58.15 -80.10 -32.87
C PRO F 1717 58.02 -79.32 -31.57
N GLU F 1718 56.80 -79.08 -31.11
CA GLU F 1718 56.64 -78.42 -29.82
C GLU F 1718 56.76 -79.40 -28.66
N VAL F 1719 56.41 -80.66 -28.89
CA VAL F 1719 56.58 -81.68 -27.84
C VAL F 1719 58.05 -81.96 -27.62
N PHE F 1720 58.78 -82.24 -28.70
CA PHE F 1720 60.25 -82.44 -28.73
C PHE F 1720 60.67 -83.58 -27.79
N THR F 1721 60.29 -84.80 -28.20
CA THR F 1721 60.51 -86.01 -27.43
C THR F 1721 61.99 -86.24 -27.15
N GLU F 1722 62.27 -86.97 -26.07
CA GLU F 1722 63.61 -87.07 -25.52
C GLU F 1722 64.54 -87.94 -26.36
N GLU F 1723 64.00 -88.77 -27.24
CA GLU F 1723 64.83 -89.62 -28.09
C GLU F 1723 65.27 -88.88 -29.35
N LEU F 1771 57.57 -81.01 -45.19
CA LEU F 1771 57.98 -81.34 -43.83
C LEU F 1771 56.78 -81.66 -42.95
N GLU F 1772 57.03 -82.30 -41.81
CA GLU F 1772 55.97 -82.67 -40.87
C GLU F 1772 55.57 -81.43 -40.08
N GLU F 1773 54.62 -80.68 -40.63
CA GLU F 1773 54.14 -79.47 -39.96
C GLU F 1773 53.26 -79.83 -38.77
N GLY F 1774 53.23 -78.94 -37.79
CA GLY F 1774 52.48 -79.19 -36.59
C GLY F 1774 50.98 -79.06 -36.80
N LEU F 1775 50.24 -79.56 -35.81
CA LEU F 1775 48.78 -79.50 -35.85
C LEU F 1775 48.27 -78.07 -35.71
N LEU F 1776 49.01 -77.22 -34.99
CA LEU F 1776 48.50 -75.92 -34.59
C LEU F 1776 48.49 -74.92 -35.73
N GLN F 1777 49.40 -75.06 -36.70
CA GLN F 1777 49.65 -74.01 -37.66
C GLN F 1777 48.61 -73.95 -38.79
N MET F 1778 47.66 -74.86 -38.82
CA MET F 1778 46.67 -74.84 -39.89
C MET F 1778 45.57 -73.81 -39.59
N LYS F 1779 45.01 -73.26 -40.66
CA LYS F 1779 43.94 -72.25 -40.55
C LYS F 1779 42.66 -72.98 -40.20
N LEU F 1780 42.40 -73.10 -38.90
CA LEU F 1780 41.27 -73.86 -38.40
C LEU F 1780 40.20 -72.88 -37.94
N PRO F 1781 39.05 -72.79 -38.62
CA PRO F 1781 38.18 -71.61 -38.48
C PRO F 1781 37.55 -71.34 -37.12
N GLU F 1782 36.63 -72.18 -36.65
CA GLU F 1782 36.03 -71.93 -35.35
C GLU F 1782 35.92 -73.18 -34.49
N SER F 1783 35.54 -74.29 -35.12
CA SER F 1783 35.07 -75.43 -34.37
C SER F 1783 36.18 -76.40 -34.02
N VAL F 1784 37.37 -76.24 -34.60
CA VAL F 1784 38.45 -77.15 -34.27
C VAL F 1784 39.12 -76.71 -32.99
N LYS F 1785 39.22 -75.39 -32.77
CA LYS F 1785 39.92 -74.87 -31.60
C LYS F 1785 39.17 -75.17 -30.32
N LEU F 1786 37.84 -75.18 -30.35
CA LEU F 1786 37.08 -75.60 -29.19
C LEU F 1786 37.26 -77.08 -28.92
N GLN F 1787 37.39 -77.90 -29.96
CA GLN F 1787 37.81 -79.27 -29.77
C GLN F 1787 39.26 -79.34 -29.32
N MET F 1788 40.09 -78.40 -29.77
CA MET F 1788 41.49 -78.39 -29.40
C MET F 1788 41.67 -77.95 -27.94
N CYS F 1789 40.88 -76.97 -27.51
CA CYS F 1789 40.95 -76.56 -26.11
C CYS F 1789 40.40 -77.62 -25.17
N ASN F 1790 39.40 -78.38 -25.62
CA ASN F 1790 38.94 -79.52 -24.85
C ASN F 1790 40.00 -80.61 -24.78
N LEU F 1791 40.79 -80.74 -25.83
CA LEU F 1791 41.88 -81.71 -25.84
C LEU F 1791 42.98 -81.33 -24.86
N LEU F 1792 43.39 -80.06 -24.88
CA LEU F 1792 44.47 -79.60 -24.03
C LEU F 1792 44.02 -79.40 -22.59
N GLU F 1793 42.71 -79.33 -22.35
CA GLU F 1793 42.21 -79.19 -20.98
C GLU F 1793 42.52 -80.44 -20.18
N TYR F 1794 42.43 -81.61 -20.82
CA TYR F 1794 42.78 -82.86 -20.14
C TYR F 1794 44.25 -82.93 -19.81
N PHE F 1795 45.09 -82.29 -20.62
CA PHE F 1795 46.53 -82.41 -20.43
C PHE F 1795 47.01 -81.60 -19.24
N CYS F 1796 46.41 -80.43 -19.02
CA CYS F 1796 46.73 -79.65 -17.83
C CYS F 1796 46.21 -80.34 -16.57
N ASP F 1797 45.14 -81.13 -16.72
CA ASP F 1797 44.65 -81.92 -15.59
C ASP F 1797 45.64 -83.01 -15.22
N GLN F 1798 46.26 -83.64 -16.23
CA GLN F 1798 47.22 -84.70 -15.96
C GLN F 1798 48.48 -84.17 -15.31
N GLU F 1799 48.86 -82.94 -15.63
CA GLU F 1799 49.99 -82.32 -14.94
C GLU F 1799 49.67 -82.04 -13.49
N LEU F 1800 48.46 -81.51 -13.24
CA LEU F 1800 48.06 -81.21 -11.87
C LEU F 1800 47.79 -82.48 -11.07
N GLN F 1801 47.25 -83.51 -11.72
CA GLN F 1801 47.05 -84.79 -11.05
C GLN F 1801 48.38 -85.44 -10.71
N HIS F 1802 49.38 -85.28 -11.57
CA HIS F 1802 50.72 -85.73 -11.25
C HIS F 1802 51.35 -84.85 -10.18
N ARG F 1803 51.02 -83.56 -10.20
CA ARG F 1803 51.61 -82.64 -9.22
C ARG F 1803 51.05 -82.88 -7.83
N VAL F 1804 49.74 -83.15 -7.72
CA VAL F 1804 49.15 -83.44 -6.43
C VAL F 1804 49.55 -84.84 -5.96
N GLU F 1805 49.91 -85.73 -6.89
CA GLU F 1805 50.33 -87.07 -6.51
C GLU F 1805 51.74 -87.05 -5.93
N SER F 1806 52.66 -86.34 -6.60
CA SER F 1806 54.03 -86.23 -6.12
C SER F 1806 54.11 -85.45 -4.81
N LEU F 1807 53.18 -84.51 -4.61
CA LEU F 1807 53.05 -83.88 -3.30
C LEU F 1807 52.58 -84.88 -2.26
N ALA F 1808 51.59 -85.70 -2.62
CA ALA F 1808 51.10 -86.73 -1.71
C ALA F 1808 52.14 -87.84 -1.53
N ALA F 1809 52.96 -88.09 -2.55
CA ALA F 1809 54.02 -89.08 -2.40
C ALA F 1809 55.11 -88.60 -1.46
N PHE F 1810 55.50 -87.33 -1.58
CA PHE F 1810 56.56 -86.79 -0.74
C PHE F 1810 56.13 -86.68 0.71
N ALA F 1811 54.86 -86.44 0.96
CA ALA F 1811 54.39 -86.18 2.31
C ALA F 1811 54.21 -87.44 3.15
N GLU F 1812 54.44 -88.62 2.59
CA GLU F 1812 54.22 -89.86 3.32
C GLU F 1812 55.50 -90.52 3.81
N ARG F 1813 56.53 -90.57 2.97
CA ARG F 1813 57.82 -91.06 3.46
C ARG F 1813 58.53 -90.01 4.31
N TYR F 1814 58.12 -88.74 4.22
CA TYR F 1814 58.66 -87.71 5.07
C TYR F 1814 58.01 -87.71 6.45
N VAL F 1815 56.73 -88.08 6.53
CA VAL F 1815 56.11 -88.21 7.85
C VAL F 1815 56.48 -89.54 8.48
N ASP F 1816 56.96 -90.51 7.68
CA ASP F 1816 57.47 -91.75 8.24
C ASP F 1816 58.76 -91.53 9.00
N LYS F 1817 59.64 -90.67 8.49
CA LYS F 1817 60.86 -90.30 9.19
C LYS F 1817 60.66 -89.19 10.19
N LEU F 1818 59.45 -88.64 10.28
CA LEU F 1818 59.14 -87.57 11.22
C LEU F 1818 58.62 -88.08 12.55
N GLN F 1819 57.64 -88.99 12.52
CA GLN F 1819 57.13 -89.55 13.77
C GLN F 1819 58.14 -90.47 14.43
N ALA F 1820 59.04 -91.07 13.65
CA ALA F 1820 60.15 -91.81 14.23
C ALA F 1820 61.21 -90.89 14.81
N ASN F 1821 61.26 -89.64 14.35
CA ASN F 1821 62.23 -88.69 14.91
C ASN F 1821 61.82 -88.27 16.31
N GLN F 1822 60.54 -87.93 16.51
CA GLN F 1822 60.07 -87.59 17.85
C GLN F 1822 60.03 -88.83 18.74
N ARG F 1823 59.77 -90.00 18.15
CA ARG F 1823 59.93 -91.26 18.88
C ARG F 1823 61.38 -91.45 19.31
N SER F 1824 62.32 -91.02 18.48
CA SER F 1824 63.72 -90.97 18.91
C SER F 1824 63.97 -89.80 19.85
N ARG F 1825 63.20 -88.71 19.72
CA ARG F 1825 63.39 -87.56 20.57
C ARG F 1825 62.70 -87.72 21.92
N TYR F 1826 61.65 -88.54 22.00
CA TYR F 1826 61.01 -88.81 23.28
C TYR F 1826 61.90 -89.64 24.19
N ALA F 1827 62.71 -90.53 23.62
CA ALA F 1827 63.67 -91.28 24.41
C ALA F 1827 64.82 -90.41 24.91
N LEU F 1828 65.10 -89.29 24.23
CA LEU F 1828 66.10 -88.34 24.68
C LEU F 1828 65.63 -87.53 25.88
N LEU F 1829 64.35 -87.59 26.23
CA LEU F 1829 63.84 -86.97 27.45
C LEU F 1829 63.23 -87.99 28.40
N MET F 1830 63.32 -89.28 28.09
CA MET F 1830 62.84 -90.33 28.97
C MET F 1830 64.00 -91.14 29.55
N ARG F 1831 64.86 -91.70 28.69
CA ARG F 1831 66.08 -92.35 29.15
C ARG F 1831 67.16 -91.35 29.48
N ALA F 1832 67.06 -90.13 28.98
CA ALA F 1832 67.99 -89.03 29.24
C ALA F 1832 67.23 -87.83 29.75
N PHE F 1833 66.39 -88.07 30.77
CA PHE F 1833 65.44 -87.08 31.24
C PHE F 1833 66.13 -85.88 31.88
N THR F 1834 66.90 -86.12 32.94
CA THR F 1834 67.58 -85.09 33.76
C THR F 1834 66.57 -84.04 34.24
N MET F 1835 65.68 -84.51 35.12
CA MET F 1835 64.48 -83.77 35.50
C MET F 1835 64.81 -82.45 36.18
N SER F 1836 64.38 -81.36 35.55
CA SER F 1836 64.60 -80.01 36.03
C SER F 1836 63.41 -79.16 35.60
N ALA F 1837 63.57 -77.83 35.68
CA ALA F 1837 62.47 -76.94 35.35
C ALA F 1837 62.38 -76.66 33.85
N ALA F 1838 63.52 -76.65 33.14
CA ALA F 1838 63.49 -76.34 31.72
C ALA F 1838 62.96 -77.52 30.91
N GLU F 1839 63.31 -78.74 31.31
CA GLU F 1839 62.83 -79.93 30.61
C GLU F 1839 61.37 -80.24 30.91
N THR F 1840 60.85 -79.80 32.05
CA THR F 1840 59.47 -80.07 32.42
C THR F 1840 58.47 -79.10 31.80
N ALA F 1841 58.94 -78.16 30.99
CA ALA F 1841 58.06 -77.20 30.32
C ALA F 1841 58.05 -77.35 28.82
N ARG F 1842 59.21 -77.53 28.20
CA ARG F 1842 59.28 -77.67 26.74
C ARG F 1842 58.77 -79.03 26.30
N ARG F 1843 59.11 -80.09 27.04
CA ARG F 1843 58.65 -81.44 26.74
C ARG F 1843 57.21 -81.68 27.18
N THR F 1844 56.62 -80.74 27.93
CA THR F 1844 55.21 -80.84 28.27
C THR F 1844 54.33 -80.71 27.05
N ARG F 1845 54.79 -79.96 26.04
CA ARG F 1845 54.05 -79.76 24.80
C ARG F 1845 53.95 -81.01 23.94
N GLU F 1846 54.70 -82.07 24.26
CA GLU F 1846 54.51 -83.34 23.56
C GLU F 1846 53.21 -84.01 24.01
N PHE F 1847 52.96 -84.06 25.31
CA PHE F 1847 51.74 -84.68 25.82
C PHE F 1847 50.53 -83.80 25.55
N ARG F 1848 50.72 -82.48 25.57
CA ARG F 1848 49.74 -81.53 25.07
C ARG F 1848 49.89 -81.39 23.56
N SER F 1849 49.30 -80.33 22.98
CA SER F 1849 49.38 -79.98 21.56
C SER F 1849 48.86 -81.10 20.68
N PRO F 1850 47.54 -81.24 20.55
CA PRO F 1850 46.97 -82.25 19.66
C PRO F 1850 47.46 -82.07 18.25
N PRO F 1851 47.59 -83.17 17.47
CA PRO F 1851 48.50 -83.17 16.31
C PRO F 1851 48.11 -82.27 15.15
N GLN F 1852 46.98 -81.56 15.23
CA GLN F 1852 46.78 -80.44 14.32
C GLN F 1852 47.78 -79.33 14.61
N GLU F 1853 47.85 -78.87 15.86
CA GLU F 1853 48.74 -77.79 16.22
C GLU F 1853 50.16 -78.26 16.52
N GLN F 1854 50.35 -79.57 16.74
CA GLN F 1854 51.68 -80.09 17.02
C GLN F 1854 52.57 -80.02 15.78
N ILE F 1855 52.00 -80.31 14.61
CA ILE F 1855 52.75 -80.15 13.36
C ILE F 1855 52.93 -78.67 13.05
N ASN F 1856 51.96 -77.84 13.41
CA ASN F 1856 51.99 -76.42 13.08
C ASN F 1856 53.10 -75.70 13.83
N MET F 1857 53.47 -76.19 15.02
CA MET F 1857 54.69 -75.72 15.66
C MET F 1857 55.90 -76.16 14.84
N LEU F 1858 55.93 -77.43 14.44
CA LEU F 1858 57.11 -78.00 13.80
C LEU F 1858 57.26 -77.57 12.35
N LEU F 1859 56.15 -77.25 11.67
CA LEU F 1859 56.24 -76.87 10.27
C LEU F 1859 56.83 -75.48 10.09
N HIS F 1860 56.79 -74.65 11.15
CA HIS F 1860 57.37 -73.32 11.07
C HIS F 1860 58.88 -73.36 10.92
N PHE F 1861 59.52 -74.41 11.44
CA PHE F 1861 60.98 -74.45 11.43
C PHE F 1861 61.52 -74.80 10.06
N LYS F 1862 60.85 -75.72 9.35
CA LYS F 1862 61.32 -76.10 8.03
C LYS F 1862 61.05 -75.02 6.99
N ASP F 1863 60.07 -74.15 7.25
CA ASP F 1863 59.73 -73.07 6.32
C ASP F 1863 59.71 -71.75 7.10
N GLU F 1864 60.90 -71.16 7.27
CA GLU F 1864 61.12 -69.82 7.80
C GLU F 1864 62.58 -69.48 7.54
N ALA F 1865 62.97 -68.27 7.94
CA ALA F 1865 64.39 -67.91 7.93
C ALA F 1865 65.04 -68.16 9.28
N ASP F 1866 64.80 -69.36 9.83
CA ASP F 1866 65.38 -69.86 11.09
C ASP F 1866 65.14 -68.90 12.26
N GLU F 1867 63.95 -68.29 12.29
CA GLU F 1867 63.65 -67.22 13.23
C GLU F 1867 62.68 -67.65 14.33
N GLU F 1868 62.78 -68.91 14.76
CA GLU F 1868 61.82 -69.40 15.75
C GLU F 1868 62.47 -70.30 16.81
N ASP F 1869 63.80 -70.19 17.01
CA ASP F 1869 64.56 -71.00 17.96
C ASP F 1869 64.41 -72.49 17.66
N CYS F 1870 64.98 -72.87 16.52
CA CYS F 1870 64.73 -74.16 15.88
C CYS F 1870 65.26 -75.32 16.72
N PRO F 1871 64.59 -76.47 16.64
CA PRO F 1871 65.06 -77.68 17.33
C PRO F 1871 66.18 -78.39 16.60
N LEU F 1872 66.48 -79.60 17.09
CA LEU F 1872 67.56 -80.45 16.58
C LEU F 1872 67.54 -80.77 15.09
N PRO F 1873 66.41 -81.28 14.45
CA PRO F 1873 66.56 -81.83 13.08
C PRO F 1873 66.83 -80.80 11.99
N GLU F 1874 68.08 -80.78 11.53
CA GLU F 1874 68.53 -79.85 10.51
C GLU F 1874 68.59 -80.46 9.12
N ASP F 1875 68.42 -81.77 9.00
CA ASP F 1875 68.46 -82.41 7.70
C ASP F 1875 67.08 -82.52 7.08
N ILE F 1876 66.04 -82.74 7.90
CA ILE F 1876 64.70 -82.94 7.37
C ILE F 1876 63.95 -81.61 7.32
N ARG F 1877 64.66 -80.52 7.57
CA ARG F 1877 64.15 -79.21 7.20
C ARG F 1877 64.68 -78.77 5.84
N GLN F 1878 65.63 -79.51 5.28
CA GLN F 1878 66.26 -79.18 4.01
C GLN F 1878 65.56 -79.85 2.84
N ASP F 1879 65.14 -81.11 3.02
CA ASP F 1879 64.42 -81.82 1.96
C ASP F 1879 63.06 -81.21 1.70
N LEU F 1880 62.40 -80.70 2.76
CA LEU F 1880 61.20 -79.92 2.57
C LEU F 1880 61.51 -78.62 1.84
N GLN F 1881 62.66 -78.01 2.14
CA GLN F 1881 63.07 -76.81 1.44
C GLN F 1881 63.44 -77.13 -0.01
N ASP F 1882 64.04 -78.30 -0.25
CA ASP F 1882 64.39 -78.69 -1.60
C ASP F 1882 63.15 -79.08 -2.40
N PHE F 1883 62.19 -79.73 -1.75
CA PHE F 1883 60.98 -80.14 -2.46
C PHE F 1883 60.09 -78.96 -2.77
N HIS F 1884 59.92 -78.05 -1.81
CA HIS F 1884 59.12 -76.83 -2.04
C HIS F 1884 59.76 -75.95 -3.10
N GLN F 1885 61.08 -75.93 -3.17
CA GLN F 1885 61.77 -75.29 -4.28
C GLN F 1885 61.49 -76.03 -5.58
N ASP F 1886 61.56 -77.37 -5.55
CA ASP F 1886 61.26 -78.16 -6.73
C ASP F 1886 59.77 -78.16 -7.06
N LEU F 1887 58.92 -77.85 -6.08
CA LEU F 1887 57.49 -77.76 -6.35
C LEU F 1887 57.19 -76.55 -7.22
N LEU F 1888 57.67 -75.37 -6.81
CA LEU F 1888 57.45 -74.16 -7.60
C LEU F 1888 58.24 -74.17 -8.89
N ALA F 1889 59.35 -74.93 -8.92
CA ALA F 1889 60.07 -75.12 -10.18
C ALA F 1889 59.25 -75.94 -11.16
N HIS F 1890 58.59 -77.00 -10.68
CA HIS F 1890 57.66 -77.72 -11.52
C HIS F 1890 56.39 -76.91 -11.77
N CYS F 1891 56.04 -76.04 -10.84
CA CYS F 1891 54.92 -75.12 -11.05
C CYS F 1891 55.39 -73.96 -11.93
N GLY F 1892 54.52 -72.97 -12.11
CA GLY F 1892 54.81 -71.86 -12.99
C GLY F 1892 55.80 -70.84 -12.49
N ILE F 1893 56.29 -70.98 -11.26
CA ILE F 1893 57.25 -70.03 -10.71
C ILE F 1893 58.60 -70.25 -11.39
N GLN F 1894 59.15 -69.18 -11.97
CA GLN F 1894 60.42 -69.30 -12.68
C GLN F 1894 61.61 -69.41 -11.74
N LEU F 1895 61.42 -69.06 -10.46
CA LEU F 1895 62.46 -69.08 -9.42
C LEU F 1895 63.65 -68.22 -9.80
N GLU F 1896 63.38 -67.01 -10.25
CA GLU F 1896 64.41 -66.06 -10.67
C GLU F 1896 65.07 -65.50 -9.42
N GLY F 1897 66.16 -66.13 -9.00
CA GLY F 1897 66.88 -65.71 -7.82
C GLY F 1897 66.16 -66.11 -6.54
N LYS F 1938 62.63 -68.50 -30.81
CA LYS F 1938 63.08 -69.48 -29.83
C LYS F 1938 62.04 -70.57 -29.63
N LYS F 1939 62.42 -71.62 -28.90
CA LYS F 1939 61.52 -72.71 -28.62
C LYS F 1939 61.00 -72.63 -27.20
N PRO F 1940 59.70 -72.88 -26.98
CA PRO F 1940 59.20 -72.92 -25.60
C PRO F 1940 59.75 -74.09 -24.80
N GLN F 1941 59.83 -75.27 -25.42
CA GLN F 1941 60.34 -76.52 -24.85
C GLN F 1941 59.59 -76.94 -23.57
N SER F 1942 58.34 -76.51 -23.43
CA SER F 1942 57.53 -76.80 -22.26
C SER F 1942 56.07 -76.55 -22.62
N LEU F 1943 55.18 -77.08 -21.80
CA LEU F 1943 53.76 -76.91 -22.05
C LEU F 1943 53.29 -75.51 -21.69
N GLN F 1944 53.93 -74.89 -20.69
CA GLN F 1944 53.41 -73.63 -20.16
C GLN F 1944 53.64 -72.48 -21.13
N GLU F 1945 54.85 -72.37 -21.68
CA GLU F 1945 55.12 -71.31 -22.65
C GLU F 1945 54.50 -71.60 -24.00
N LEU F 1946 54.14 -72.86 -24.27
CA LEU F 1946 53.50 -73.20 -25.53
C LEU F 1946 52.05 -72.75 -25.57
N VAL F 1947 51.27 -73.15 -24.55
CA VAL F 1947 49.84 -72.89 -24.56
C VAL F 1947 49.56 -71.41 -24.34
N SER F 1948 50.36 -70.76 -23.50
CA SER F 1948 50.21 -69.33 -23.26
C SER F 1948 50.50 -68.51 -24.51
N HIS F 1949 51.44 -68.96 -25.35
CA HIS F 1949 51.69 -68.28 -26.61
C HIS F 1949 50.60 -68.56 -27.64
N MET F 1950 50.02 -69.75 -27.60
CA MET F 1950 49.09 -70.18 -28.64
C MET F 1950 47.77 -69.44 -28.57
N VAL F 1951 47.27 -69.19 -27.35
CA VAL F 1951 46.00 -68.50 -27.20
C VAL F 1951 46.15 -67.04 -27.59
N VAL F 1952 47.31 -66.45 -27.32
CA VAL F 1952 47.56 -65.05 -27.63
C VAL F 1952 47.64 -64.84 -29.13
N ARG F 1953 48.39 -65.69 -29.83
CA ARG F 1953 48.52 -65.55 -31.28
C ARG F 1953 47.22 -65.86 -32.02
N TRP F 1954 46.31 -66.59 -31.38
CA TRP F 1954 44.95 -66.68 -31.91
C TRP F 1954 44.23 -65.36 -31.77
N ALA F 1955 44.34 -64.72 -30.60
CA ALA F 1955 43.75 -63.42 -30.40
C ALA F 1955 44.53 -62.31 -31.11
N GLN F 1956 45.82 -62.54 -31.35
CA GLN F 1956 46.59 -61.63 -32.20
C GLN F 1956 46.12 -61.70 -33.65
N GLU F 1957 45.49 -62.79 -34.06
CA GLU F 1957 44.86 -62.92 -35.36
C GLU F 1957 43.50 -62.21 -35.34
N ASP F 1958 42.67 -62.49 -36.34
CA ASP F 1958 41.44 -61.76 -36.56
C ASP F 1958 40.40 -62.05 -35.46
N TYR F 1959 39.26 -61.39 -35.58
CA TYR F 1959 38.24 -61.39 -34.54
C TYR F 1959 37.59 -62.76 -34.39
N VAL F 1960 37.28 -63.12 -33.15
CA VAL F 1960 36.79 -64.45 -32.82
C VAL F 1960 35.36 -64.30 -32.30
N GLN F 1961 34.41 -64.93 -32.99
CA GLN F 1961 33.03 -65.01 -32.53
C GLN F 1961 32.85 -66.30 -31.72
N SER F 1962 31.58 -66.68 -31.48
CA SER F 1962 31.15 -67.86 -30.73
C SER F 1962 31.74 -67.84 -29.32
N PRO F 1963 31.20 -66.99 -28.43
CA PRO F 1963 31.91 -66.68 -27.16
C PRO F 1963 32.07 -67.85 -26.20
N GLU F 1964 31.39 -68.98 -26.44
CA GLU F 1964 31.67 -70.18 -25.68
C GLU F 1964 33.10 -70.67 -25.91
N LEU F 1965 33.59 -70.51 -27.14
CA LEU F 1965 34.99 -70.76 -27.44
C LEU F 1965 35.89 -69.81 -26.64
N VAL F 1966 35.53 -68.53 -26.60
CA VAL F 1966 36.36 -67.52 -25.96
C VAL F 1966 36.41 -67.74 -24.45
N ARG F 1967 35.29 -68.20 -23.89
CA ARG F 1967 35.28 -68.59 -22.48
C ARG F 1967 36.19 -69.80 -22.24
N ALA F 1968 36.22 -70.73 -23.19
CA ALA F 1968 37.12 -71.87 -23.07
C ALA F 1968 38.57 -71.49 -23.27
N MET F 1969 38.84 -70.40 -24.00
CA MET F 1969 40.23 -69.99 -24.24
C MET F 1969 40.88 -69.49 -22.96
N PHE F 1970 40.25 -68.54 -22.30
CA PHE F 1970 40.85 -67.92 -21.13
C PHE F 1970 40.68 -68.75 -19.87
N SER F 1971 39.81 -69.76 -19.89
CA SER F 1971 39.76 -70.72 -18.81
C SER F 1971 41.05 -71.53 -18.75
N LEU F 1972 41.50 -72.02 -19.90
CA LEU F 1972 42.76 -72.74 -19.95
C LEU F 1972 43.94 -71.80 -19.76
N LEU F 1973 43.79 -70.55 -20.17
CA LEU F 1973 44.87 -69.57 -20.04
C LEU F 1973 45.15 -69.24 -18.58
N HIS F 1974 44.10 -69.07 -17.78
CA HIS F 1974 44.29 -68.73 -16.38
C HIS F 1974 44.90 -69.88 -15.59
N ARG F 1975 44.69 -71.12 -16.04
CA ARG F 1975 45.35 -72.26 -15.43
C ARG F 1975 46.85 -72.26 -15.70
N GLN F 1976 47.29 -71.58 -16.76
CA GLN F 1976 48.70 -71.54 -17.12
C GLN F 1976 49.46 -70.44 -16.40
N TYR F 1977 48.77 -69.50 -15.75
CA TYR F 1977 49.42 -68.45 -14.99
C TYR F 1977 49.22 -68.62 -13.49
N ASP F 1978 47.97 -68.68 -13.04
CA ASP F 1978 47.69 -68.83 -11.61
C ASP F 1978 47.45 -70.30 -11.27
N GLY F 1979 48.47 -71.11 -11.55
CA GLY F 1979 48.44 -72.51 -11.16
C GLY F 1979 48.68 -72.75 -9.69
N LEU F 1980 49.15 -71.72 -8.97
CA LEU F 1980 49.37 -71.84 -7.53
C LEU F 1980 48.05 -71.99 -6.79
N GLY F 1981 47.16 -71.01 -6.96
CA GLY F 1981 45.86 -71.09 -6.31
C GLY F 1981 44.95 -72.12 -6.95
N GLU F 1982 45.19 -72.45 -8.23
CA GLU F 1982 44.48 -73.56 -8.85
C GLU F 1982 44.88 -74.88 -8.21
N LEU F 1983 46.14 -75.02 -7.83
CA LEU F 1983 46.53 -76.16 -7.00
C LEU F 1983 45.88 -76.08 -5.63
N LEU F 1984 45.77 -74.86 -5.09
CA LEU F 1984 45.03 -74.68 -3.84
C LEU F 1984 43.53 -74.86 -4.04
N ARG F 1985 43.02 -74.65 -5.25
CA ARG F 1985 41.61 -74.88 -5.52
C ARG F 1985 41.25 -76.36 -5.47
N ALA F 1986 42.20 -77.25 -5.75
CA ALA F 1986 41.99 -78.67 -5.66
C ALA F 1986 42.67 -79.30 -4.44
N LEU F 1987 43.36 -78.49 -3.64
CA LEU F 1987 44.02 -79.01 -2.46
C LEU F 1987 43.09 -79.58 -1.39
N PRO F 1988 41.92 -78.99 -1.05
CA PRO F 1988 41.03 -79.69 -0.11
C PRO F 1988 40.35 -80.93 -0.67
N ARG F 1989 40.40 -81.14 -1.98
CA ARG F 1989 39.79 -82.32 -2.58
C ARG F 1989 40.75 -83.51 -2.66
N ALA F 1990 41.86 -83.46 -1.92
CA ALA F 1990 42.83 -84.54 -1.89
C ALA F 1990 42.71 -85.33 -0.60
N TYR F 1991 42.97 -86.63 -0.68
CA TYR F 1991 42.91 -87.50 0.50
C TYR F 1991 43.80 -88.71 0.25
N THR F 1992 44.17 -89.39 1.34
CA THR F 1992 44.94 -90.62 1.27
C THR F 1992 44.28 -91.66 2.14
N ILE F 1993 44.05 -92.86 1.58
CA ILE F 1993 43.45 -93.95 2.33
C ILE F 1993 44.52 -94.98 2.69
N SER F 1994 44.20 -95.80 3.68
CA SER F 1994 45.06 -96.92 4.02
C SER F 1994 44.94 -98.00 2.95
N PRO F 1995 46.06 -98.63 2.57
CA PRO F 1995 46.00 -99.66 1.53
C PRO F 1995 45.27 -100.91 2.01
N SER F 1996 44.89 -101.74 1.02
CA SER F 1996 44.01 -102.90 1.16
C SER F 1996 42.65 -102.55 1.75
N SER F 1997 42.19 -101.32 1.52
CA SER F 1997 40.85 -100.89 1.92
C SER F 1997 40.05 -100.38 0.74
N VAL F 1998 40.53 -100.60 -0.49
CA VAL F 1998 39.87 -100.06 -1.66
C VAL F 1998 38.63 -100.85 -2.05
N GLU F 1999 38.52 -102.10 -1.58
CA GLU F 1999 37.46 -102.99 -2.05
C GLU F 1999 36.09 -102.58 -1.51
N ASP F 2000 36.06 -101.96 -0.33
CA ASP F 2000 34.84 -101.33 0.14
C ASP F 2000 34.76 -99.87 -0.30
N THR F 2001 35.89 -99.29 -0.67
CA THR F 2001 35.90 -97.92 -1.16
C THR F 2001 35.30 -97.84 -2.55
N MET F 2002 35.70 -98.75 -3.44
CA MET F 2002 35.26 -98.68 -4.83
C MET F 2002 33.79 -99.03 -4.98
N SER F 2003 33.28 -99.92 -4.12
CA SER F 2003 31.84 -100.17 -4.08
C SER F 2003 31.09 -98.92 -3.61
N LEU F 2004 31.63 -98.25 -2.60
CA LEU F 2004 31.12 -96.93 -2.21
C LEU F 2004 31.33 -95.90 -3.31
N LEU F 2005 32.43 -96.02 -4.05
CA LEU F 2005 32.71 -95.08 -5.12
C LEU F 2005 31.78 -95.31 -6.31
N GLU F 2006 31.52 -96.58 -6.65
CA GLU F 2006 30.66 -96.86 -7.79
C GLU F 2006 29.20 -96.56 -7.48
N CYS F 2007 28.81 -96.66 -6.21
CA CYS F 2007 27.42 -96.40 -5.85
C CYS F 2007 27.10 -94.91 -5.90
N LEU F 2008 28.09 -94.05 -5.66
CA LEU F 2008 27.88 -92.61 -5.76
C LEU F 2008 27.66 -92.19 -7.20
N GLY F 2009 28.34 -92.85 -8.14
CA GLY F 2009 28.12 -92.56 -9.55
C GLY F 2009 26.74 -92.95 -10.02
N GLN F 2010 26.13 -93.95 -9.38
CA GLN F 2010 24.72 -94.22 -9.61
C GLN F 2010 23.85 -93.07 -9.15
N ILE F 2011 24.23 -92.44 -8.03
CA ILE F 2011 23.43 -91.36 -7.47
C ILE F 2011 23.60 -90.09 -8.29
N ARG F 2012 24.83 -89.77 -8.68
CA ARG F 2012 25.07 -88.61 -9.52
C ARG F 2012 24.53 -88.81 -10.93
N SER F 2013 24.33 -90.05 -11.36
CA SER F 2013 23.61 -90.31 -12.60
C SER F 2013 22.16 -89.87 -12.50
N LEU F 2014 21.52 -90.19 -11.38
CA LEU F 2014 20.10 -89.85 -11.19
C LEU F 2014 19.89 -88.39 -10.81
N LEU F 2015 20.96 -87.59 -10.73
CA LEU F 2015 20.81 -86.16 -10.52
C LEU F 2015 20.16 -85.49 -11.71
N ILE F 2016 20.36 -86.03 -12.91
CA ILE F 2016 19.82 -85.46 -14.14
C ILE F 2016 18.67 -86.30 -14.70
N VAL F 2017 18.37 -87.42 -14.06
CA VAL F 2017 17.29 -88.29 -14.51
C VAL F 2017 15.98 -87.77 -13.95
N GLN F 2018 15.01 -87.54 -14.84
CA GLN F 2018 13.65 -87.22 -14.42
C GLN F 2018 13.02 -88.41 -13.72
N MET F 2019 12.18 -88.13 -12.72
CA MET F 2019 11.78 -89.11 -11.72
C MET F 2019 10.91 -90.21 -12.32
N GLY F 2020 11.35 -91.45 -12.14
CA GLY F 2020 10.60 -92.61 -12.57
C GLY F 2020 10.63 -93.70 -11.52
N PRO F 2021 9.65 -94.60 -11.56
CA PRO F 2021 9.63 -95.71 -10.59
C PRO F 2021 10.79 -96.68 -10.77
N GLN F 2022 11.29 -96.84 -11.99
CA GLN F 2022 12.51 -97.62 -12.22
C GLN F 2022 13.71 -96.95 -11.59
N GLU F 2023 13.76 -95.62 -11.63
CA GLU F 2023 14.81 -94.89 -10.95
C GLU F 2023 14.52 -94.71 -9.46
N GLU F 2024 13.28 -94.94 -9.04
CA GLU F 2024 12.93 -94.72 -7.64
C GLU F 2024 13.54 -95.78 -6.74
N ASN F 2025 13.19 -97.05 -6.98
CA ASN F 2025 13.77 -98.15 -6.21
C ASN F 2025 15.25 -98.36 -6.48
N LEU F 2026 15.76 -97.83 -7.60
CA LEU F 2026 17.18 -97.90 -7.89
C LEU F 2026 17.98 -97.12 -6.85
N MET F 2027 17.52 -95.91 -6.50
CA MET F 2027 18.19 -95.15 -5.47
C MET F 2027 17.93 -95.75 -4.09
N ILE F 2028 16.74 -96.30 -3.88
CA ILE F 2028 16.41 -96.95 -2.62
C ILE F 2028 17.30 -98.18 -2.41
N GLN F 2029 17.59 -98.90 -3.49
CA GLN F 2029 18.58 -99.96 -3.44
C GLN F 2029 19.98 -99.39 -3.20
N SER F 2030 20.27 -98.19 -3.71
CA SER F 2030 21.59 -97.61 -3.53
C SER F 2030 21.82 -97.12 -2.10
N ILE F 2031 20.75 -96.76 -1.39
CA ILE F 2031 20.89 -96.35 0.00
C ILE F 2031 21.25 -97.54 0.87
N GLY F 2032 20.68 -98.71 0.58
CA GLY F 2032 21.04 -99.91 1.32
C GLY F 2032 22.45 -100.37 1.09
N ASN F 2033 23.05 -100.00 -0.03
CA ASN F 2033 24.45 -100.34 -0.29
C ASN F 2033 25.37 -99.52 0.59
N ILE F 2034 25.16 -98.21 0.62
CA ILE F 2034 26.04 -97.31 1.38
C ILE F 2034 25.73 -97.32 2.87
N MET F 2035 24.62 -97.92 3.29
CA MET F 2035 24.39 -98.21 4.69
C MET F 2035 25.08 -99.48 5.17
N ASN F 2036 25.66 -100.26 4.27
CA ASN F 2036 26.22 -101.54 4.62
C ASN F 2036 27.60 -101.72 4.01
N ASN F 2037 28.44 -100.71 4.18
CA ASN F 2037 29.82 -100.78 3.78
C ASN F 2037 30.80 -100.36 4.87
N LYS F 2038 30.32 -99.65 5.89
CA LYS F 2038 30.93 -99.36 7.20
C LYS F 2038 32.27 -98.63 7.15
N VAL F 2039 32.74 -98.26 5.96
CA VAL F 2039 33.82 -97.28 5.84
C VAL F 2039 33.25 -95.88 5.92
N PHE F 2040 31.97 -95.75 5.57
CA PHE F 2040 31.18 -94.55 5.90
C PHE F 2040 31.21 -94.27 7.40
N TYR F 2041 31.17 -95.32 8.22
CA TYR F 2041 31.38 -95.18 9.65
C TYR F 2041 32.84 -94.91 10.01
N GLN F 2042 33.77 -95.23 9.11
CA GLN F 2042 35.19 -95.07 9.44
C GLN F 2042 35.66 -93.64 9.27
N HIS F 2043 35.34 -93.00 8.14
CA HIS F 2043 35.86 -91.66 7.86
C HIS F 2043 34.75 -90.76 7.36
N PRO F 2044 34.02 -90.10 8.28
CA PRO F 2044 33.03 -89.11 7.85
C PRO F 2044 33.67 -87.84 7.31
N ASN F 2045 34.90 -87.53 7.70
CA ASN F 2045 35.59 -86.36 7.18
C ASN F 2045 35.93 -86.52 5.70
N LEU F 2046 36.08 -87.77 5.24
CA LEU F 2046 36.15 -88.02 3.82
C LEU F 2046 34.84 -87.67 3.14
N MET F 2047 33.72 -88.09 3.74
CA MET F 2047 32.41 -87.92 3.11
C MET F 2047 32.00 -86.45 3.05
N ARG F 2048 32.53 -85.64 3.97
CA ARG F 2048 32.38 -84.19 3.87
C ARG F 2048 33.08 -83.65 2.62
N ALA F 2049 34.22 -84.23 2.26
CA ALA F 2049 34.91 -83.80 1.05
C ALA F 2049 34.22 -84.30 -0.20
N LEU F 2050 33.46 -85.39 -0.11
CA LEU F 2050 32.70 -85.87 -1.25
C LEU F 2050 31.46 -85.05 -1.55
N GLY F 2051 31.03 -84.21 -0.62
CA GLY F 2051 29.76 -83.51 -0.78
C GLY F 2051 28.59 -84.48 -0.77
N MET F 2052 28.63 -85.46 0.12
CA MET F 2052 27.67 -86.56 0.11
C MET F 2052 26.27 -86.09 0.48
N HIS F 2053 26.16 -85.26 1.51
CA HIS F 2053 24.87 -84.76 1.96
C HIS F 2053 24.21 -83.82 0.98
N GLU F 2054 25.00 -83.16 0.11
CA GLU F 2054 24.46 -82.14 -0.76
C GLU F 2054 23.62 -82.74 -1.88
N THR F 2055 24.16 -83.76 -2.56
CA THR F 2055 23.47 -84.38 -3.67
C THR F 2055 22.22 -85.14 -3.21
N VAL F 2056 22.22 -85.60 -1.96
CA VAL F 2056 21.01 -86.16 -1.38
C VAL F 2056 19.94 -85.08 -1.25
N MET F 2057 20.36 -83.86 -0.91
CA MET F 2057 19.41 -82.75 -0.84
C MET F 2057 19.04 -82.23 -2.22
N GLU F 2058 19.96 -82.33 -3.19
CA GLU F 2058 19.68 -81.83 -4.53
C GLU F 2058 18.61 -82.65 -5.23
N VAL F 2059 18.64 -83.98 -5.06
CA VAL F 2059 17.58 -84.81 -5.58
C VAL F 2059 16.32 -84.68 -4.73
N MET F 2060 16.47 -84.24 -3.47
CA MET F 2060 15.31 -84.01 -2.62
C MET F 2060 14.55 -82.76 -3.04
N VAL F 2061 15.24 -81.80 -3.66
CA VAL F 2061 14.57 -80.60 -4.16
C VAL F 2061 13.63 -80.97 -5.30
N ASN F 2062 14.06 -81.87 -6.18
CA ASN F 2062 13.27 -82.19 -7.36
C ASN F 2062 12.04 -83.02 -7.04
N VAL F 2063 12.09 -83.80 -5.96
CA VAL F 2063 10.91 -84.58 -5.59
C VAL F 2063 9.92 -83.77 -4.76
N LEU F 2064 10.37 -82.71 -4.08
CA LEU F 2064 9.45 -81.82 -3.41
C LEU F 2064 8.93 -80.71 -4.31
N GLY F 2065 9.65 -80.38 -5.37
CA GLY F 2065 9.21 -79.38 -6.30
C GLY F 2065 8.11 -79.88 -7.22
N GLY F 2066 7.65 -78.99 -8.09
CA GLY F 2066 6.63 -79.32 -9.05
C GLY F 2066 5.23 -79.14 -8.52
N GLY F 2067 4.87 -79.93 -7.51
CA GLY F 2067 3.55 -79.83 -6.91
C GLY F 2067 3.59 -79.37 -5.47
N GLU F 2068 3.09 -78.16 -5.23
CA GLU F 2068 2.97 -77.67 -3.85
C GLU F 2068 1.86 -78.42 -3.11
N THR F 2069 0.66 -78.43 -3.69
CA THR F 2069 -0.45 -79.21 -3.16
C THR F 2069 -1.09 -80.11 -4.20
N LYS F 2070 -0.62 -80.04 -5.46
CA LYS F 2070 -1.23 -80.83 -6.52
C LYS F 2070 -0.83 -82.30 -6.43
N GLU F 2071 0.43 -82.58 -6.12
CA GLU F 2071 0.92 -83.95 -6.08
C GLU F 2071 1.92 -84.12 -4.96
N ILE F 2072 1.88 -85.30 -4.32
CA ILE F 2072 2.85 -85.72 -3.33
C ILE F 2072 3.58 -86.92 -3.89
N ARG F 2073 3.77 -86.92 -5.22
CA ARG F 2073 4.17 -88.09 -5.99
C ARG F 2073 5.56 -88.58 -5.59
N PHE F 2074 5.80 -89.86 -5.87
CA PHE F 2074 6.90 -90.69 -5.41
C PHE F 2074 7.14 -90.61 -3.90
N PRO F 2075 6.29 -91.22 -3.07
CA PRO F 2075 6.65 -91.38 -1.65
C PRO F 2075 7.61 -92.56 -1.49
N LYS F 2076 8.05 -92.74 -0.24
CA LYS F 2076 8.89 -93.84 0.28
C LYS F 2076 10.34 -93.74 -0.20
N MET F 2077 10.62 -92.85 -1.16
CA MET F 2077 11.96 -92.44 -1.50
C MET F 2077 12.30 -91.08 -0.93
N VAL F 2078 11.30 -90.19 -0.88
CA VAL F 2078 11.42 -88.93 -0.16
C VAL F 2078 11.67 -89.16 1.32
N THR F 2079 11.10 -90.23 1.88
CA THR F 2079 11.44 -90.60 3.25
C THR F 2079 12.79 -91.27 3.33
N SER F 2080 13.12 -92.11 2.33
CA SER F 2080 14.34 -92.90 2.40
C SER F 2080 15.58 -92.04 2.28
N CYS F 2081 15.55 -91.02 1.42
CA CYS F 2081 16.66 -90.07 1.36
C CYS F 2081 16.71 -89.22 2.62
N CYS F 2082 15.56 -88.93 3.21
CA CYS F 2082 15.53 -88.14 4.43
C CYS F 2082 15.98 -88.95 5.64
N ARG F 2083 15.55 -90.20 5.75
CA ARG F 2083 15.93 -90.99 6.91
C ARG F 2083 17.39 -91.42 6.83
N PHE F 2084 17.95 -91.51 5.62
CA PHE F 2084 19.38 -91.74 5.49
C PHE F 2084 20.18 -90.54 5.96
N LEU F 2085 19.65 -89.34 5.75
CA LEU F 2085 20.39 -88.12 6.03
C LEU F 2085 20.58 -87.89 7.53
N CYS F 2086 19.73 -88.51 8.35
CA CYS F 2086 19.91 -88.44 9.79
C CYS F 2086 21.12 -89.24 10.24
N TYR F 2087 21.50 -90.28 9.50
CA TYR F 2087 22.67 -91.06 9.85
C TYR F 2087 23.95 -90.25 9.64
N PHE F 2088 24.05 -89.55 8.51
CA PHE F 2088 25.18 -88.65 8.30
C PHE F 2088 25.12 -87.46 9.24
N CYS F 2089 23.91 -87.08 9.67
CA CYS F 2089 23.76 -86.11 10.73
C CYS F 2089 24.21 -86.66 12.08
N ARG F 2090 24.10 -87.98 12.26
CA ARG F 2090 24.36 -88.57 13.57
C ARG F 2090 25.84 -88.62 13.88
N ILE F 2091 26.62 -89.31 13.06
CA ILE F 2091 27.99 -89.71 13.43
C ILE F 2091 28.93 -88.58 13.03
N SER F 2092 28.91 -87.51 13.82
CA SER F 2092 29.89 -86.42 13.91
C SER F 2092 29.41 -85.45 14.96
N ARG F 2093 30.25 -84.46 15.24
CA ARG F 2093 29.83 -83.20 15.83
C ARG F 2093 30.00 -82.05 14.84
N GLN F 2094 30.27 -82.37 13.58
CA GLN F 2094 30.68 -81.37 12.60
C GLN F 2094 29.91 -81.51 11.30
N ASN F 2095 29.44 -82.73 11.00
CA ASN F 2095 28.68 -82.95 9.76
C ASN F 2095 27.34 -82.22 9.79
N GLN F 2096 26.69 -82.21 10.96
CA GLN F 2096 25.41 -81.54 11.09
C GLN F 2096 25.54 -80.02 11.04
N ARG F 2097 26.74 -79.49 11.28
CA ARG F 2097 26.97 -78.07 11.08
C ARG F 2097 26.91 -77.70 9.61
N SER F 2098 27.35 -78.60 8.73
CA SER F 2098 27.20 -78.37 7.30
C SER F 2098 25.74 -78.38 6.87
N MET F 2099 24.92 -79.20 7.52
CA MET F 2099 23.48 -79.16 7.27
C MET F 2099 22.85 -77.90 7.83
N PHE F 2100 23.47 -77.30 8.84
CA PHE F 2100 22.89 -76.12 9.47
C PHE F 2100 22.91 -74.91 8.55
N ASP F 2101 23.88 -74.87 7.63
CA ASP F 2101 23.87 -73.85 6.59
C ASP F 2101 22.68 -74.00 5.67
N HIS F 2102 22.21 -75.22 5.47
CA HIS F 2102 21.07 -75.52 4.61
C HIS F 2102 19.81 -75.79 5.42
N LEU F 2103 19.69 -75.18 6.60
CA LEU F 2103 18.52 -75.40 7.44
C LEU F 2103 17.29 -74.73 6.85
N SER F 2104 17.34 -73.41 6.68
CA SER F 2104 16.21 -72.67 6.12
C SER F 2104 16.00 -72.98 4.64
N TYR F 2105 17.02 -73.51 3.97
CA TYR F 2105 16.87 -73.99 2.60
C TYR F 2105 15.84 -75.10 2.53
N LEU F 2106 15.99 -76.13 3.36
CA LEU F 2106 14.99 -77.18 3.41
C LEU F 2106 13.75 -76.75 4.17
N LEU F 2107 13.90 -75.82 5.11
CA LEU F 2107 12.75 -75.38 5.90
C LEU F 2107 11.79 -74.54 5.06
N GLU F 2108 12.30 -73.89 4.01
CA GLU F 2108 11.42 -73.29 3.02
C GLU F 2108 10.62 -74.34 2.28
N ASN F 2109 11.17 -75.55 2.14
CA ASN F 2109 10.47 -76.66 1.51
C ASN F 2109 9.78 -77.56 2.53
N SER F 2110 10.17 -77.49 3.81
CA SER F 2110 9.57 -78.36 4.82
C SER F 2110 8.18 -77.93 5.24
N GLY F 2111 7.81 -76.67 4.97
CA GLY F 2111 6.51 -76.18 5.37
C GLY F 2111 5.36 -76.50 4.43
N ILE F 2112 5.61 -77.25 3.36
CA ILE F 2112 4.58 -77.54 2.37
C ILE F 2112 4.21 -79.01 2.30
N GLY F 2113 4.93 -79.88 3.00
CA GLY F 2113 4.64 -81.29 2.97
C GLY F 2113 3.74 -81.73 4.11
N LEU F 2114 4.33 -82.46 5.07
CA LEU F 2114 3.68 -82.89 6.31
C LEU F 2114 2.48 -83.78 6.03
N GLY F 2115 2.72 -84.85 5.28
CA GLY F 2115 1.68 -85.78 4.90
C GLY F 2115 1.84 -87.14 5.56
N MET F 2116 2.41 -88.09 4.81
CA MET F 2116 2.63 -89.44 5.32
C MET F 2116 3.66 -89.44 6.44
N GLN F 2117 3.46 -90.34 7.40
CA GLN F 2117 4.35 -90.48 8.54
C GLN F 2117 5.71 -91.02 8.12
N GLY F 2118 6.63 -91.04 9.08
CA GLY F 2118 7.98 -91.49 8.81
C GLY F 2118 8.97 -90.35 8.79
N SER F 2119 9.86 -90.33 7.81
CA SER F 2119 10.84 -89.27 7.71
C SER F 2119 10.19 -88.00 7.15
N THR F 2120 10.71 -86.86 7.60
CA THR F 2120 10.09 -85.56 7.39
C THR F 2120 11.21 -84.55 7.24
N PRO F 2121 11.14 -83.62 6.28
CA PRO F 2121 12.15 -82.55 6.19
C PRO F 2121 12.19 -81.65 7.41
N LEU F 2122 11.08 -81.53 8.14
CA LEU F 2122 11.14 -80.90 9.46
C LEU F 2122 11.95 -81.76 10.43
N ASP F 2123 11.81 -83.09 10.33
CA ASP F 2123 12.44 -83.98 11.30
C ASP F 2123 13.95 -84.07 11.10
N VAL F 2124 14.41 -83.96 9.85
CA VAL F 2124 15.84 -84.00 9.62
C VAL F 2124 16.47 -82.68 10.05
N ALA F 2125 15.70 -81.59 10.06
CA ALA F 2125 16.18 -80.36 10.67
C ALA F 2125 16.18 -80.46 12.19
N ALA F 2126 15.27 -81.26 12.74
CA ALA F 2126 15.27 -81.51 14.17
C ALA F 2126 16.47 -82.34 14.59
N ALA F 2127 16.99 -83.17 13.68
CA ALA F 2127 18.19 -83.93 13.99
C ALA F 2127 19.42 -83.04 14.03
N SER F 2128 19.43 -81.95 13.25
CA SER F 2128 20.59 -81.09 13.12
C SER F 2128 20.66 -80.01 14.20
N VAL F 2129 19.98 -80.18 15.33
CA VAL F 2129 19.99 -79.17 16.37
C VAL F 2129 20.27 -79.85 17.70
N ILE F 2130 20.36 -81.18 17.68
CA ILE F 2130 20.55 -81.95 18.91
C ILE F 2130 21.95 -81.74 19.47
N ASP F 2131 22.93 -81.51 18.60
CA ASP F 2131 24.28 -81.16 19.04
C ASP F 2131 24.26 -79.79 19.70
N ASN F 2132 24.38 -79.78 21.02
CA ASN F 2132 24.08 -78.59 21.81
C ASN F 2132 25.24 -77.60 21.80
N ASN F 2133 24.91 -76.37 22.23
CA ASN F 2133 25.84 -75.31 22.62
C ASN F 2133 26.67 -74.72 21.49
N GLU F 2134 26.55 -75.27 20.29
CA GLU F 2134 27.28 -74.76 19.14
C GLU F 2134 26.39 -74.15 18.09
N LEU F 2135 25.12 -74.54 18.04
CA LEU F 2135 24.15 -73.97 17.13
C LEU F 2135 22.97 -73.34 17.84
N ALA F 2136 22.77 -73.64 19.12
CA ALA F 2136 21.81 -72.90 19.93
C ALA F 2136 22.27 -71.47 20.13
N LEU F 2137 23.58 -71.25 20.20
CA LEU F 2137 24.10 -69.90 20.15
C LEU F 2137 24.13 -69.34 18.74
N ALA F 2138 24.18 -70.21 17.73
CA ALA F 2138 24.16 -69.79 16.33
C ALA F 2138 22.75 -69.80 15.75
N LEU F 2139 21.75 -69.57 16.59
CA LEU F 2139 20.36 -69.92 16.30
C LEU F 2139 19.75 -68.94 15.27
N GLN F 2140 18.52 -69.22 14.89
CA GLN F 2140 17.70 -68.49 13.93
C GLN F 2140 17.09 -67.25 14.57
N GLU F 2141 15.96 -66.77 14.03
CA GLU F 2141 15.58 -65.38 13.64
C GLU F 2141 15.88 -65.26 12.14
N GLN F 2142 16.44 -66.32 11.58
CA GLN F 2142 16.30 -66.51 10.15
C GLN F 2142 15.10 -67.40 9.84
N ASP F 2143 14.80 -68.36 10.72
CA ASP F 2143 13.69 -69.26 10.52
C ASP F 2143 12.76 -69.40 11.73
N LEU F 2144 13.10 -68.81 12.88
CA LEU F 2144 12.17 -68.82 14.00
C LEU F 2144 10.95 -67.98 13.70
N GLU F 2145 11.11 -66.95 12.89
CA GLU F 2145 9.98 -66.21 12.34
C GLU F 2145 9.12 -67.09 11.45
N LYS F 2146 9.73 -68.03 10.74
CA LYS F 2146 9.00 -68.85 9.78
C LYS F 2146 8.13 -69.88 10.49
N VAL F 2147 8.68 -70.54 11.51
CA VAL F 2147 8.00 -71.68 12.12
C VAL F 2147 6.81 -71.23 12.95
N VAL F 2148 6.83 -70.00 13.45
CA VAL F 2148 5.65 -69.46 14.11
C VAL F 2148 4.57 -69.15 13.09
N SER F 2149 4.98 -68.57 11.96
CA SER F 2149 4.05 -68.35 10.86
C SER F 2149 3.60 -69.67 10.25
N TYR F 2150 4.45 -70.70 10.28
CA TYR F 2150 4.02 -72.03 9.88
C TYR F 2150 3.00 -72.58 10.87
N LEU F 2151 3.18 -72.28 12.15
CA LEU F 2151 2.21 -72.70 13.15
C LEU F 2151 0.95 -71.84 13.12
N ALA F 2152 1.08 -70.58 12.67
CA ALA F 2152 -0.08 -69.70 12.60
C ALA F 2152 -1.07 -70.17 11.56
N GLY F 2153 -0.58 -70.57 10.38
CA GLY F 2153 -1.46 -71.17 9.39
C GLY F 2153 -1.86 -72.59 9.73
N CYS F 2154 -1.13 -73.25 10.63
CA CYS F 2154 -1.49 -74.60 11.03
C CYS F 2154 -2.76 -74.61 11.87
N GLY F 2155 -2.96 -73.58 12.68
CA GLY F 2155 -4.20 -73.45 13.43
C GLY F 2155 -5.36 -72.90 12.64
N LEU F 2156 -5.11 -72.39 11.43
CA LEU F 2156 -6.16 -71.86 10.58
C LEU F 2156 -6.63 -72.87 9.52
N GLN F 2157 -5.74 -73.73 9.04
CA GLN F 2157 -6.12 -74.73 8.06
C GLN F 2157 -6.91 -75.85 8.74
N SER F 2158 -7.61 -76.64 7.93
CA SER F 2158 -8.52 -77.66 8.43
C SER F 2158 -8.20 -79.02 7.83
N CYS F 2159 -6.91 -79.40 7.89
CA CYS F 2159 -6.34 -80.69 7.48
C CYS F 2159 -6.70 -81.08 6.05
N PRO F 2160 -6.05 -80.48 5.03
CA PRO F 2160 -6.40 -80.81 3.64
C PRO F 2160 -6.14 -82.26 3.25
N MET F 2161 -5.24 -82.95 3.95
CA MET F 2161 -5.06 -84.37 3.72
C MET F 2161 -6.25 -85.16 4.26
N LEU F 2162 -6.94 -84.63 5.27
CA LEU F 2162 -8.09 -85.31 5.86
C LEU F 2162 -9.42 -84.82 5.31
N LEU F 2163 -9.40 -83.83 4.41
CA LEU F 2163 -10.64 -83.36 3.81
C LEU F 2163 -11.18 -84.39 2.81
N ALA F 2164 -10.30 -84.99 2.02
CA ALA F 2164 -10.70 -85.94 0.99
C ALA F 2164 -10.78 -87.37 1.49
N LYS F 2165 -10.95 -87.57 2.81
CA LYS F 2165 -10.99 -88.93 3.34
C LYS F 2165 -12.07 -89.10 4.41
N GLY F 2166 -13.11 -88.26 4.40
CA GLY F 2166 -14.23 -88.43 5.31
C GLY F 2166 -13.93 -88.14 6.75
N TYR F 2167 -13.71 -86.87 7.08
CA TYR F 2167 -13.42 -86.45 8.44
C TYR F 2167 -14.19 -85.17 8.73
N PRO F 2168 -14.55 -84.93 10.00
CA PRO F 2168 -15.44 -83.79 10.32
C PRO F 2168 -14.84 -82.40 10.10
N ASP F 2169 -13.54 -82.29 9.79
CA ASP F 2169 -12.89 -81.07 9.29
C ASP F 2169 -12.97 -79.91 10.30
N ILE F 2170 -12.34 -80.13 11.46
CA ILE F 2170 -12.21 -79.08 12.46
C ILE F 2170 -11.17 -78.08 11.97
N GLY F 2171 -11.43 -76.78 12.17
CA GLY F 2171 -10.66 -75.73 11.55
C GLY F 2171 -9.25 -75.48 12.05
N TRP F 2172 -8.70 -76.39 12.86
CA TRP F 2172 -7.28 -76.36 13.19
C TRP F 2172 -6.72 -77.76 12.96
N ASN F 2173 -5.45 -77.99 13.28
CA ASN F 2173 -4.81 -79.25 12.93
C ASN F 2173 -4.43 -80.05 14.18
N PRO F 2174 -5.23 -81.05 14.56
CA PRO F 2174 -4.81 -81.93 15.66
C PRO F 2174 -3.62 -82.80 15.28
N CYS F 2175 -3.52 -83.16 14.01
CA CYS F 2175 -2.36 -83.93 13.55
C CYS F 2175 -1.20 -83.01 13.22
N GLY F 2176 -1.44 -82.02 12.36
CA GLY F 2176 -0.38 -81.20 11.80
C GLY F 2176 0.36 -80.35 12.81
N GLY F 2177 -0.28 -79.98 13.92
CA GLY F 2177 0.43 -79.30 14.97
C GLY F 2177 1.45 -80.18 15.66
N GLU F 2178 1.15 -81.48 15.78
CA GLU F 2178 2.08 -82.42 16.38
C GLU F 2178 3.26 -82.71 15.45
N ARG F 2179 3.11 -82.49 14.14
CA ARG F 2179 4.26 -82.52 13.25
C ARG F 2179 5.24 -81.40 13.59
N TYR F 2180 4.73 -80.26 14.04
CA TYR F 2180 5.54 -79.19 14.59
C TYR F 2180 5.84 -79.49 16.06
N LEU F 2181 6.32 -78.47 16.79
CA LEU F 2181 6.40 -78.39 18.24
C LEU F 2181 7.44 -79.31 18.86
N ASP F 2182 8.10 -80.15 18.05
CA ASP F 2182 9.24 -80.93 18.50
C ASP F 2182 10.54 -80.34 18.02
N PHE F 2183 10.54 -79.76 16.82
CA PHE F 2183 11.67 -78.95 16.37
C PHE F 2183 11.88 -77.74 17.28
N LEU F 2184 10.78 -77.16 17.75
CA LEU F 2184 10.87 -76.11 18.75
C LEU F 2184 11.34 -76.65 20.10
N ARG F 2185 10.98 -77.90 20.39
CA ARG F 2185 11.42 -78.53 21.63
C ARG F 2185 12.91 -78.81 21.61
N PHE F 2186 13.44 -79.18 20.45
CA PHE F 2186 14.79 -79.74 20.40
C PHE F 2186 15.89 -78.68 20.43
N ALA F 2187 15.54 -77.41 20.60
CA ALA F 2187 16.55 -76.40 20.85
C ALA F 2187 16.98 -76.38 22.32
N VAL F 2188 16.06 -76.68 23.24
CA VAL F 2188 16.29 -76.48 24.67
C VAL F 2188 16.23 -77.86 25.32
N PHE F 2189 16.64 -78.89 24.58
CA PHE F 2189 16.26 -80.25 24.92
C PHE F 2189 17.33 -81.01 25.70
N VAL F 2190 18.52 -81.16 25.12
CA VAL F 2190 19.53 -82.05 25.70
C VAL F 2190 20.22 -81.40 26.88
N ASN F 2191 20.44 -80.10 26.82
CA ASN F 2191 20.94 -79.37 27.97
C ASN F 2191 19.80 -79.12 28.94
N GLY F 2192 20.05 -79.38 30.24
CA GLY F 2192 19.14 -79.02 31.30
C GLY F 2192 18.83 -77.54 31.24
N GLU F 2193 17.54 -77.22 31.08
CA GLU F 2193 17.00 -76.13 30.25
C GLU F 2193 17.84 -74.86 30.14
N SER F 2194 18.07 -74.48 28.90
CA SER F 2194 19.16 -73.59 28.52
C SER F 2194 18.75 -72.13 28.69
N VAL F 2195 19.52 -71.23 28.07
CA VAL F 2195 19.32 -69.79 28.19
C VAL F 2195 17.96 -69.38 27.61
N GLU F 2196 17.42 -68.29 28.14
CA GLU F 2196 16.21 -67.67 27.60
C GLU F 2196 16.39 -67.17 26.18
N GLU F 2197 17.64 -66.90 25.74
CA GLU F 2197 17.90 -66.50 24.37
C GLU F 2197 17.46 -67.56 23.38
N ASN F 2198 17.51 -68.83 23.78
CA ASN F 2198 16.88 -69.88 22.98
C ASN F 2198 15.36 -69.77 23.05
N ALA F 2199 14.82 -69.25 24.15
CA ALA F 2199 13.41 -69.40 24.46
C ALA F 2199 12.60 -68.12 24.42
N ASN F 2200 13.20 -66.96 24.67
CA ASN F 2200 12.43 -65.72 24.73
C ASN F 2200 11.91 -65.34 23.36
N VAL F 2201 12.76 -65.43 22.34
CA VAL F 2201 12.36 -65.13 20.98
C VAL F 2201 11.34 -66.12 20.45
N VAL F 2202 11.30 -67.33 21.01
CA VAL F 2202 10.18 -68.23 20.75
C VAL F 2202 8.91 -67.68 21.38
N VAL F 2203 8.97 -67.39 22.69
CA VAL F 2203 7.76 -67.08 23.45
C VAL F 2203 7.25 -65.68 23.13
N ARG F 2204 8.16 -64.70 23.05
CA ARG F 2204 7.75 -63.32 22.82
C ARG F 2204 7.21 -63.09 21.42
N LEU F 2205 7.45 -64.01 20.49
CA LEU F 2205 6.74 -64.00 19.22
C LEU F 2205 5.53 -64.92 19.24
N LEU F 2206 5.53 -65.91 20.13
CA LEU F 2206 4.37 -66.79 20.27
C LEU F 2206 3.19 -66.05 20.86
N ILE F 2207 3.44 -65.07 21.73
CA ILE F 2207 2.36 -64.25 22.26
C ILE F 2207 1.85 -63.24 21.23
N ARG F 2208 2.66 -62.94 20.21
CA ARG F 2208 2.22 -62.03 19.16
C ARG F 2208 1.11 -62.66 18.32
N LYS F 2209 1.13 -63.98 18.18
CA LYS F 2209 0.06 -64.68 17.46
C LYS F 2209 -0.65 -65.63 18.41
N PRO F 2210 -1.79 -65.23 18.96
CA PRO F 2210 -2.57 -66.17 19.79
C PRO F 2210 -3.27 -67.25 18.98
N GLU F 2211 -3.31 -67.13 17.65
CA GLU F 2211 -3.86 -68.18 16.81
C GLU F 2211 -2.95 -69.40 16.75
N CYS F 2212 -1.70 -69.27 17.19
CA CYS F 2212 -0.82 -70.43 17.30
C CYS F 2212 -1.24 -71.37 18.42
N PHE F 2213 -2.02 -70.89 19.37
CA PHE F 2213 -2.60 -71.76 20.39
C PHE F 2213 -3.73 -72.60 19.79
N GLY F 2214 -4.20 -73.55 20.58
CA GLY F 2214 -5.45 -74.20 20.30
C GLY F 2214 -6.58 -73.22 20.53
N PRO F 2215 -7.67 -73.34 19.77
CA PRO F 2215 -8.80 -72.43 19.95
C PRO F 2215 -9.55 -72.65 21.25
N ALA F 2216 -9.45 -73.83 21.85
CA ALA F 2216 -10.04 -74.10 23.15
C ALA F 2216 -9.17 -73.63 24.31
N LEU F 2217 -8.05 -72.96 24.03
CA LEU F 2217 -7.20 -72.36 25.04
C LEU F 2217 -7.20 -70.83 24.95
N ARG F 2218 -6.86 -70.29 23.79
CA ARG F 2218 -6.76 -68.84 23.61
C ARG F 2218 -7.95 -68.28 22.85
N GLY F 2219 -9.15 -68.79 23.10
CA GLY F 2219 -10.34 -68.14 22.59
C GLY F 2219 -10.56 -66.81 23.29
N GLU F 2220 -11.04 -65.83 22.51
CA GLU F 2220 -11.21 -64.48 23.04
C GLU F 2220 -12.34 -64.39 24.06
N GLY F 2221 -13.30 -65.31 24.01
CA GLY F 2221 -14.34 -65.35 25.01
C GLY F 2221 -14.10 -66.47 26.01
N GLY F 2222 -14.83 -67.57 25.85
CA GLY F 2222 -14.67 -68.71 26.74
C GLY F 2222 -13.89 -69.84 26.09
N SER F 2223 -12.77 -70.23 26.71
CA SER F 2223 -11.93 -71.29 26.17
C SER F 2223 -11.30 -72.03 27.35
N GLY F 2224 -11.96 -73.11 27.78
CA GLY F 2224 -11.48 -73.88 28.90
C GLY F 2224 -10.48 -74.95 28.50
N LEU F 2225 -9.27 -74.86 29.05
CA LEU F 2225 -8.26 -75.86 28.75
C LEU F 2225 -8.57 -77.18 29.46
N LEU F 2226 -9.03 -77.09 30.71
CA LEU F 2226 -9.47 -78.30 31.41
C LEU F 2226 -10.75 -78.84 30.79
N ALA F 2227 -11.59 -77.96 30.25
CA ALA F 2227 -12.78 -78.42 29.54
C ALA F 2227 -12.41 -79.02 28.18
N ALA F 2228 -11.28 -78.62 27.62
CA ALA F 2228 -10.85 -79.17 26.34
C ALA F 2228 -10.42 -80.63 26.47
N ILE F 2229 -9.71 -80.94 27.56
CA ILE F 2229 -9.26 -82.32 27.78
C ILE F 2229 -10.45 -83.21 28.15
N GLU F 2230 -11.37 -82.67 28.96
CA GLU F 2230 -12.56 -83.43 29.33
C GLU F 2230 -13.48 -83.65 28.14
N GLU F 2231 -13.51 -82.71 27.19
CA GLU F 2231 -14.22 -82.96 25.94
C GLU F 2231 -13.47 -83.97 25.09
N ALA F 2232 -12.14 -83.95 25.15
CA ALA F 2232 -11.33 -84.90 24.37
C ALA F 2232 -11.47 -86.32 24.88
N ILE F 2233 -11.82 -86.50 26.15
CA ILE F 2233 -12.17 -87.82 26.65
C ILE F 2233 -13.45 -88.31 26.00
N ARG F 2234 -14.43 -87.41 25.82
CA ARG F 2234 -15.66 -87.76 25.12
C ARG F 2234 -15.41 -88.00 23.64
N ILE F 2235 -14.45 -87.28 23.03
CA ILE F 2235 -14.10 -87.54 21.64
C ILE F 2235 -13.37 -88.87 21.51
N SER F 2236 -12.52 -89.20 22.48
CA SER F 2236 -11.87 -90.50 22.50
C SER F 2236 -12.85 -91.64 22.78
N GLU F 2237 -13.98 -91.33 23.41
CA GLU F 2237 -15.02 -92.33 23.64
C GLU F 2237 -16.04 -92.40 22.51
N ASP F 2238 -16.16 -91.35 21.70
CA ASP F 2238 -17.12 -91.33 20.61
C ASP F 2238 -16.42 -91.67 19.30
N PRO F 2239 -16.72 -92.82 18.68
CA PRO F 2239 -16.09 -93.15 17.39
C PRO F 2239 -16.67 -92.39 16.21
N ALA F 2240 -17.76 -91.64 16.40
CA ALA F 2240 -18.39 -90.91 15.31
C ALA F 2240 -17.67 -89.61 14.96
N ARG F 2241 -16.64 -89.24 15.72
CA ARG F 2241 -15.88 -88.03 15.45
C ARG F 2241 -14.68 -88.28 14.55
N ASP F 2242 -14.72 -89.34 13.74
CA ASP F 2242 -13.61 -89.71 12.88
C ASP F 2242 -14.18 -90.29 11.59
N GLY F 2243 -13.31 -90.93 10.81
CA GLY F 2243 -13.73 -91.62 9.62
C GLY F 2243 -13.93 -93.10 9.86
N PRO F 2244 -15.19 -93.56 9.83
CA PRO F 2244 -15.50 -94.97 10.07
C PRO F 2244 -16.58 -95.50 9.14
N ASN F 2263 -6.53 -92.95 9.50
CA ASN F 2263 -6.63 -94.39 9.32
C ASN F 2263 -5.58 -95.12 10.15
N ARG F 2264 -4.71 -94.35 10.80
CA ARG F 2264 -3.64 -94.91 11.61
C ARG F 2264 -4.08 -95.05 13.07
N VAL F 2265 -4.51 -93.95 13.69
CA VAL F 2265 -4.92 -93.93 15.08
C VAL F 2265 -6.22 -93.14 15.20
N HIS F 2266 -6.70 -93.01 16.42
CA HIS F 2266 -7.91 -92.25 16.67
C HIS F 2266 -7.62 -90.75 16.61
N LEU F 2267 -8.68 -89.97 16.41
CA LEU F 2267 -8.54 -88.53 16.29
C LEU F 2267 -8.51 -87.82 17.62
N GLY F 2268 -9.12 -88.42 18.66
CA GLY F 2268 -9.11 -87.82 19.97
C GLY F 2268 -7.75 -87.81 20.65
N HIS F 2269 -6.87 -88.74 20.25
CA HIS F 2269 -5.52 -88.75 20.81
C HIS F 2269 -4.69 -87.59 20.29
N ALA F 2270 -4.87 -87.23 19.01
CA ALA F 2270 -4.15 -86.10 18.42
C ALA F 2270 -4.60 -84.77 19.00
N ILE F 2271 -5.77 -84.72 19.63
CA ILE F 2271 -6.18 -83.55 20.38
C ILE F 2271 -5.27 -83.35 21.59
N MET F 2272 -5.13 -84.39 22.42
CA MET F 2272 -4.40 -84.24 23.67
C MET F 2272 -2.90 -84.39 23.50
N SER F 2273 -2.44 -85.09 22.45
CA SER F 2273 -1.01 -85.24 22.24
C SER F 2273 -0.39 -83.92 21.79
N PHE F 2274 -1.14 -83.13 21.04
CA PHE F 2274 -0.68 -81.79 20.70
C PHE F 2274 -0.73 -80.86 21.89
N TYR F 2275 -1.75 -81.01 22.73
CA TYR F 2275 -1.90 -80.11 23.88
C TYR F 2275 -0.85 -80.39 24.94
N ALA F 2276 -0.51 -81.67 25.14
CA ALA F 2276 0.60 -82.01 26.02
C ALA F 2276 1.93 -81.59 25.42
N ALA F 2277 2.02 -81.55 24.09
CA ALA F 2277 3.24 -81.10 23.43
C ALA F 2277 3.46 -79.61 23.62
N LEU F 2278 2.37 -78.84 23.74
CA LEU F 2278 2.50 -77.42 24.04
C LEU F 2278 3.01 -77.21 25.45
N ILE F 2279 2.57 -78.04 26.39
CA ILE F 2279 3.02 -77.91 27.77
C ILE F 2279 4.44 -78.43 27.93
N ASP F 2280 4.76 -79.53 27.25
CA ASP F 2280 6.11 -80.09 27.31
C ASP F 2280 7.12 -79.17 26.63
N LEU F 2281 6.67 -78.38 25.65
CA LEU F 2281 7.51 -77.30 25.16
C LEU F 2281 7.73 -76.25 26.23
N LEU F 2282 6.64 -75.76 26.83
CA LEU F 2282 6.74 -74.72 27.85
C LEU F 2282 7.36 -75.24 29.15
N GLY F 2283 7.25 -76.54 29.41
CA GLY F 2283 7.98 -77.11 30.53
C GLY F 2283 9.47 -77.08 30.30
N ARG F 2284 9.91 -77.23 29.05
CA ARG F 2284 11.30 -77.05 28.70
C ARG F 2284 11.63 -75.61 28.35
N CYS F 2285 10.62 -74.75 28.20
CA CYS F 2285 10.82 -73.32 27.99
C CYS F 2285 10.72 -72.56 29.28
N ALA F 2286 11.19 -73.16 30.38
CA ALA F 2286 11.20 -72.49 31.67
C ALA F 2286 12.16 -71.30 31.64
N PRO F 2287 11.80 -70.18 32.25
CA PRO F 2287 12.62 -68.97 32.11
C PRO F 2287 13.94 -69.04 32.84
N GLU F 2288 13.98 -69.66 34.02
CA GLU F 2288 15.17 -69.62 34.84
C GLU F 2288 15.34 -70.94 35.58
N MET F 2289 16.58 -71.38 35.67
CA MET F 2289 16.92 -72.47 36.55
C MET F 2289 17.26 -71.91 37.92
N HIS F 2290 17.66 -72.79 38.83
CA HIS F 2290 17.86 -72.45 40.23
C HIS F 2290 19.01 -71.47 40.43
N LEU F 2291 19.97 -71.43 39.50
CA LEU F 2291 21.07 -70.46 39.58
C LEU F 2291 20.54 -69.04 39.41
N ILE F 2292 19.71 -68.81 38.41
CA ILE F 2292 19.25 -67.47 38.07
C ILE F 2292 17.79 -67.27 38.43
N GLN F 2293 17.17 -68.22 39.14
CA GLN F 2293 15.84 -67.96 39.68
C GLN F 2293 15.91 -66.94 40.81
N ALA F 2294 17.01 -66.91 41.54
CA ALA F 2294 17.21 -65.94 42.61
C ALA F 2294 18.11 -64.79 42.22
N GLY F 2295 18.70 -64.82 41.03
CA GLY F 2295 19.64 -63.78 40.66
C GLY F 2295 19.35 -63.12 39.32
N LYS F 2296 18.09 -63.05 38.93
CA LYS F 2296 17.70 -62.39 37.69
C LYS F 2296 16.26 -61.95 37.78
N GLY F 2297 16.01 -60.67 37.48
CA GLY F 2297 14.66 -60.14 37.51
C GLY F 2297 14.00 -60.17 36.15
N GLU F 2298 14.79 -60.28 35.09
CA GLU F 2298 14.24 -60.32 33.75
C GLU F 2298 13.55 -61.64 33.47
N ALA F 2299 14.08 -62.74 34.03
CA ALA F 2299 13.43 -64.03 33.88
C ALA F 2299 12.16 -64.13 34.71
N LEU F 2300 12.00 -63.27 35.72
CA LEU F 2300 10.78 -63.25 36.50
C LEU F 2300 9.60 -62.73 35.67
N ARG F 2301 9.90 -61.92 34.64
CA ARG F 2301 8.86 -61.42 33.74
C ARG F 2301 8.21 -62.57 32.98
N ILE F 2302 9.02 -63.46 32.42
CA ILE F 2302 8.49 -64.56 31.64
C ILE F 2302 7.78 -65.56 32.53
N ARG F 2303 8.31 -65.78 33.73
CA ARG F 2303 7.64 -66.67 34.68
C ARG F 2303 6.31 -66.09 35.14
N ALA F 2304 6.23 -64.76 35.28
CA ALA F 2304 4.96 -64.13 35.56
C ALA F 2304 4.00 -64.26 34.38
N ILE F 2305 4.53 -64.25 33.16
CA ILE F 2305 3.70 -64.49 31.99
C ILE F 2305 3.22 -65.94 31.96
N LEU F 2306 4.15 -66.88 32.16
CA LEU F 2306 3.81 -68.30 32.05
C LEU F 2306 2.87 -68.74 33.16
N ARG F 2307 3.02 -68.19 34.37
CA ARG F 2307 2.04 -68.47 35.41
C ARG F 2307 0.71 -67.81 35.12
N SER F 2308 0.70 -66.71 34.38
CA SER F 2308 -0.56 -66.14 33.93
C SER F 2308 -1.16 -66.91 32.77
N LEU F 2309 -0.35 -67.63 32.01
CA LEU F 2309 -0.88 -68.42 30.90
C LEU F 2309 -1.61 -69.65 31.41
N VAL F 2310 -0.90 -70.53 32.12
CA VAL F 2310 -1.50 -71.73 32.70
C VAL F 2310 -1.77 -71.47 34.18
N PRO F 2311 -3.01 -71.53 34.63
CA PRO F 2311 -3.30 -71.33 36.05
C PRO F 2311 -3.00 -72.60 36.85
N LEU F 2312 -2.93 -72.40 38.17
CA LEU F 2312 -2.86 -73.53 39.08
C LEU F 2312 -4.25 -74.17 39.19
N ASP F 2313 -4.26 -75.45 39.57
CA ASP F 2313 -5.43 -76.32 39.76
C ASP F 2313 -6.16 -76.64 38.46
N ASP F 2314 -5.62 -76.23 37.31
CA ASP F 2314 -6.09 -76.71 36.02
C ASP F 2314 -5.31 -77.93 35.56
N LEU F 2315 -4.01 -77.95 35.84
CA LEU F 2315 -3.19 -79.11 35.55
C LEU F 2315 -3.41 -80.24 36.56
N VAL F 2316 -3.98 -79.93 37.72
CA VAL F 2316 -4.15 -80.93 38.76
C VAL F 2316 -5.21 -81.94 38.37
N GLY F 2317 -6.31 -81.48 37.77
CA GLY F 2317 -7.29 -82.40 37.22
C GLY F 2317 -6.75 -83.18 36.04
N ILE F 2318 -5.77 -82.61 35.33
CA ILE F 2318 -5.08 -83.33 34.26
C ILE F 2318 -4.18 -84.40 34.85
N ILE F 2319 -3.60 -84.15 36.02
CA ILE F 2319 -2.86 -85.19 36.73
C ILE F 2319 -3.81 -86.28 37.21
N SER F 2320 -4.94 -85.89 37.79
CA SER F 2320 -5.91 -86.85 38.28
C SER F 2320 -6.97 -87.21 37.23
N LEU F 2321 -6.50 -87.54 36.03
CA LEU F 2321 -7.33 -88.17 35.00
C LEU F 2321 -7.53 -89.69 35.09
N PRO F 2322 -6.52 -90.49 35.52
CA PRO F 2322 -6.04 -91.69 34.80
C PRO F 2322 -7.05 -92.63 34.15
N LEU F 2323 -6.66 -93.15 32.98
CA LEU F 2323 -7.53 -93.96 32.15
C LEU F 2323 -7.59 -95.39 32.67
N GLN F 2324 -8.20 -96.28 31.89
CA GLN F 2324 -8.36 -97.68 32.27
C GLN F 2324 -7.02 -98.41 32.23
N ILE F 2325 -7.01 -99.61 32.79
CA ILE F 2325 -5.81 -100.41 32.95
C ILE F 2325 -5.91 -101.61 32.01
N PRO F 2326 -4.93 -101.83 31.13
CA PRO F 2326 -4.97 -103.01 30.26
C PRO F 2326 -4.65 -104.31 31.01
N THR F 2327 -5.62 -104.79 31.80
CA THR F 2327 -5.44 -106.01 32.59
C THR F 2327 -6.74 -106.80 32.53
N LEU F 2328 -6.82 -107.72 31.59
CA LEU F 2328 -8.01 -108.56 31.44
C LEU F 2328 -7.65 -109.89 30.78
N UNK F 2329 -7.66 -108.73 27.58
CA UNK F 2329 -8.16 -107.62 26.78
C UNK F 2329 -7.51 -106.31 27.21
N UNK F 2330 -6.57 -105.84 26.40
CA UNK F 2330 -5.83 -104.62 26.71
C UNK F 2330 -6.62 -103.37 26.34
N UNK F 2331 -6.05 -102.21 26.63
CA UNK F 2331 -6.65 -100.94 26.27
C UNK F 2331 -6.06 -100.47 24.95
N UNK F 2332 -6.55 -99.33 24.47
CA UNK F 2332 -6.09 -98.78 23.19
C UNK F 2332 -4.87 -97.89 23.35
N UNK F 2333 -4.00 -97.91 22.35
CA UNK F 2333 -2.81 -97.07 22.35
C UNK F 2333 -3.08 -95.79 21.58
N UNK F 2334 -4.31 -95.65 21.10
CA UNK F 2334 -4.73 -94.46 20.37
C UNK F 2334 -5.67 -93.63 21.21
N UNK F 2335 -5.53 -93.73 22.52
CA UNK F 2335 -6.36 -92.96 23.44
C UNK F 2335 -5.51 -92.00 24.25
N UNK F 2336 -6.03 -91.52 25.38
CA UNK F 2336 -5.32 -90.58 26.23
C UNK F 2336 -4.12 -91.24 26.89
N UNK F 2337 -2.94 -90.97 26.35
CA UNK F 2337 -1.72 -91.64 26.77
C UNK F 2337 -1.26 -91.24 28.18
N UNK F 2338 -0.72 -92.22 28.90
CA UNK F 2338 -0.21 -92.00 30.24
C UNK F 2338 1.13 -91.28 30.19
N UNK F 2339 1.82 -91.42 29.06
CA UNK F 2339 3.11 -90.78 28.86
C UNK F 2339 2.95 -89.28 28.65
N UNK F 2340 1.78 -88.88 28.17
CA UNK F 2340 1.49 -87.48 27.94
C UNK F 2340 1.03 -86.79 29.21
N UNK F 2341 0.79 -87.57 30.25
CA UNK F 2341 0.39 -87.02 31.55
C UNK F 2341 1.59 -86.38 32.24
N UNK F 2342 2.77 -86.93 31.99
CA UNK F 2342 3.99 -86.45 32.62
C UNK F 2342 4.52 -85.20 31.91
N UNK F 2343 3.98 -84.93 30.72
CA UNK F 2343 4.33 -83.73 29.97
C UNK F 2343 3.77 -82.50 30.68
N UNK F 2344 2.65 -82.69 31.36
CA UNK F 2344 2.04 -81.63 32.14
C UNK F 2344 2.79 -81.43 33.45
N UNK F 2345 3.48 -82.49 33.90
CA UNK F 2345 4.17 -82.47 35.18
C UNK F 2345 5.43 -81.61 35.14
N UNK F 2346 5.98 -81.43 33.94
CA UNK F 2346 7.21 -80.69 33.76
C UNK F 2346 7.01 -79.20 34.01
N UNK F 2347 5.87 -78.67 33.57
CA UNK F 2347 5.56 -77.26 33.75
C UNK F 2347 5.26 -76.96 35.21
N UNK F 2348 4.66 -77.92 35.89
CA UNK F 2348 4.37 -77.78 37.31
C UNK F 2348 5.65 -77.83 38.13
N UNK F 2349 6.65 -78.53 37.61
CA UNK F 2349 7.91 -78.68 38.28
C UNK F 2349 8.89 -77.57 37.91
N UNK F 2350 8.50 -76.68 37.01
CA UNK F 2350 9.42 -75.67 36.52
C UNK F 2350 8.79 -74.31 36.24
N UNK F 2351 7.61 -74.06 36.79
CA UNK F 2351 6.98 -72.75 36.63
C UNK F 2351 6.12 -72.42 37.84
N UNK F 2352 5.08 -73.21 38.06
CA UNK F 2352 4.21 -73.02 39.21
C UNK F 2352 4.95 -73.44 40.47
N UNK F 2353 5.86 -74.41 40.32
CA UNK F 2353 6.73 -74.94 41.38
C UNK F 2353 5.99 -75.51 42.58
N UNK F 2354 6.74 -75.84 43.63
CA UNK F 2354 6.17 -76.42 44.84
C UNK F 2354 7.10 -76.21 46.02
N UNK F 2355 6.69 -75.33 46.94
CA UNK F 2355 7.51 -75.05 48.12
C UNK F 2355 6.67 -75.11 49.38
N UNK F 2356 5.35 -75.19 49.21
CA UNK F 2356 4.44 -75.20 50.33
C UNK F 2356 4.06 -76.62 50.73
N UNK F 2357 2.99 -76.75 51.50
CA UNK F 2357 2.47 -78.05 51.91
C UNK F 2357 1.32 -78.45 51.01
N UNK F 2358 1.35 -77.96 49.77
CA UNK F 2358 0.34 -78.29 48.76
C UNK F 2358 0.70 -79.59 48.06
N UNK F 2359 1.86 -80.14 48.41
CA UNK F 2359 2.31 -81.42 47.90
C UNK F 2359 1.41 -82.54 48.39
N UNK F 2360 0.89 -82.38 49.62
CA UNK F 2360 -0.03 -83.35 50.20
C UNK F 2360 -1.35 -83.35 49.45
N UNK F 2361 -1.75 -82.18 48.95
CA UNK F 2361 -2.92 -82.07 48.10
C UNK F 2361 -2.60 -82.70 46.75
N UNK F 2362 -1.35 -82.54 46.33
CA UNK F 2362 -0.88 -83.11 45.09
C UNK F 2362 -0.67 -84.62 45.23
N UNK F 2363 -0.35 -85.06 46.45
CA UNK F 2363 -0.12 -86.48 46.71
C UNK F 2363 -1.43 -87.26 46.67
N UNK F 2364 -2.53 -86.57 46.90
CA UNK F 2364 -3.85 -87.19 46.86
C UNK F 2364 -4.46 -87.10 45.46
N UNK F 2365 -3.62 -86.93 44.46
CA UNK F 2365 -4.06 -86.84 43.07
C UNK F 2365 -2.99 -87.42 42.15
N UNK F 2366 -1.86 -87.82 42.71
CA UNK F 2366 -0.76 -88.34 41.91
C UNK F 2366 -0.35 -89.74 42.36
N UNK F 2367 -0.52 -90.03 43.64
CA UNK F 2367 -0.15 -91.34 44.17
C UNK F 2367 -1.24 -92.37 43.95
N UNK F 2368 -2.37 -91.92 43.42
CA UNK F 2368 -3.47 -92.81 43.06
C UNK F 2368 -3.04 -93.68 41.89
N UNK F 2369 -2.28 -93.10 40.98
CA UNK F 2369 -1.72 -93.83 39.85
C UNK F 2369 -0.57 -94.73 40.33
N UNK F 2370 0.08 -94.30 41.42
CA UNK F 2370 1.18 -95.07 41.99
C UNK F 2370 0.64 -96.33 42.67
N UNK F 2371 -0.60 -96.26 43.12
CA UNK F 2371 -1.27 -97.44 43.67
C UNK F 2371 -1.63 -98.39 42.54
N UNK F 2372 -1.90 -97.81 41.37
CA UNK F 2372 -2.23 -98.60 40.18
C UNK F 2372 -0.97 -99.08 39.48
N UNK F 2373 0.18 -98.57 39.91
CA UNK F 2373 1.45 -98.97 39.33
C UNK F 2373 1.83 -100.37 39.77
N UNK F 2374 1.39 -100.75 40.97
CA UNK F 2374 1.68 -102.08 41.50
C UNK F 2374 0.57 -103.05 41.13
N UNK F 2375 -0.45 -102.56 40.44
CA UNK F 2375 -1.60 -103.37 40.09
C UNK F 2375 -1.30 -104.36 38.96
N UNK F 2376 -0.70 -103.87 37.89
CA UNK F 2376 -0.45 -104.71 36.72
C UNK F 2376 0.95 -105.32 36.75
N UNK F 2377 1.42 -105.66 37.93
CA UNK F 2377 2.73 -106.29 38.08
C UNK F 2377 2.58 -107.80 38.29
N UNK F 2378 1.52 -108.36 37.70
CA UNK F 2378 1.20 -109.77 37.91
C UNK F 2378 1.22 -110.56 36.60
N UNK F 2379 0.45 -110.10 35.62
CA UNK F 2379 0.31 -110.81 34.36
C UNK F 2379 1.58 -110.72 33.52
N UNK F 2380 1.64 -109.70 32.66
CA UNK F 2380 2.79 -109.51 31.80
C UNK F 2380 3.00 -108.02 31.55
N UNK F 2381 2.01 -107.22 31.96
CA UNK F 2381 1.98 -105.76 31.81
C UNK F 2381 2.18 -105.31 30.37
N UNK F 2382 1.13 -105.45 29.56
CA UNK F 2382 1.16 -104.97 28.19
C UNK F 2382 1.15 -103.45 28.19
N UNK F 2383 2.04 -102.86 27.40
CA UNK F 2383 2.28 -101.41 27.33
C UNK F 2383 2.58 -100.82 28.70
N UNK F 2384 3.84 -100.91 29.11
CA UNK F 2384 4.26 -100.39 30.41
C UNK F 2384 4.62 -98.92 30.31
N UNK F 2385 3.64 -98.10 29.93
CA UNK F 2385 3.83 -96.66 29.79
C UNK F 2385 3.91 -96.02 31.16
N UNK F 2386 3.18 -96.59 32.11
CA UNK F 2386 3.17 -96.09 33.48
C UNK F 2386 4.50 -96.35 34.18
N UNK F 2387 5.22 -97.36 33.70
CA UNK F 2387 6.57 -97.65 34.18
C UNK F 2387 7.51 -96.53 33.78
N UNK F 2388 7.23 -95.90 32.64
CA UNK F 2388 8.00 -94.76 32.19
C UNK F 2388 7.40 -93.46 32.73
N UNK F 2389 6.09 -93.46 32.93
CA UNK F 2389 5.38 -92.27 33.40
C UNK F 2389 5.70 -91.98 34.86
N UNK F 2390 6.04 -93.03 35.59
CA UNK F 2390 6.44 -92.87 36.98
C UNK F 2390 7.96 -92.85 37.08
N UNK F 2391 8.62 -92.95 35.93
CA UNK F 2391 10.07 -92.89 35.88
C UNK F 2391 10.53 -91.45 35.69
N UNK F 2392 9.58 -90.54 35.57
CA UNK F 2392 9.90 -89.14 35.38
C UNK F 2392 9.03 -88.28 36.29
N UNK F 2393 8.35 -88.91 37.23
CA UNK F 2393 7.47 -88.22 38.15
C UNK F 2393 7.85 -88.49 39.60
N UNK F 2394 8.52 -89.62 39.82
CA UNK F 2394 8.94 -90.00 41.16
C UNK F 2394 10.22 -89.25 41.55
N UNK F 2395 10.92 -88.72 40.56
CA UNK F 2395 12.13 -87.95 40.80
C UNK F 2395 11.80 -86.61 41.42
N UNK F 2396 10.61 -86.10 41.12
CA UNK F 2396 10.13 -84.86 41.72
C UNK F 2396 9.81 -85.11 43.18
N UNK F 2397 9.34 -86.32 43.47
CA UNK F 2397 9.09 -86.74 44.84
C UNK F 2397 10.42 -86.94 45.58
N UNK F 2398 11.44 -87.30 44.82
CA UNK F 2398 12.78 -87.50 45.38
C UNK F 2398 13.44 -86.17 45.70
N UNK F 2399 12.94 -85.09 45.10
CA UNK F 2399 13.46 -83.76 45.34
C UNK F 2399 12.57 -82.99 46.32
N UNK F 2400 12.12 -83.66 47.36
CA UNK F 2400 11.24 -83.04 48.35
C UNK F 2400 11.38 -83.70 49.72
N UNK F 2401 12.12 -83.05 50.61
CA UNK F 2401 12.33 -83.57 51.96
C UNK F 2401 11.41 -82.88 52.95
N UNK F 2402 10.29 -82.36 52.45
CA UNK F 2402 9.33 -81.67 53.30
C UNK F 2402 8.38 -82.66 53.94
N UNK F 2403 8.54 -82.87 55.24
CA UNK F 2403 7.69 -83.77 55.99
C UNK F 2403 7.23 -83.11 57.30
N UNK F 2404 6.13 -83.58 57.85
CA UNK F 2404 5.58 -83.01 59.07
C UNK F 2404 4.76 -84.04 59.86
N UNK F 2405 3.65 -83.59 60.42
CA UNK F 2405 2.79 -84.46 61.21
C UNK F 2405 1.59 -84.92 60.40
N UNK F 2406 0.65 -85.57 61.09
CA UNK F 2406 -0.59 -86.14 60.51
C UNK F 2406 -0.31 -87.09 59.35
N UNK F 2407 0.45 -88.13 59.63
CA UNK F 2407 0.83 -89.10 58.61
C UNK F 2407 -0.31 -90.04 58.25
N UNK F 2408 -1.28 -89.53 57.50
CA UNK F 2408 -2.42 -90.32 57.09
C UNK F 2408 -2.07 -91.20 55.90
N UNK F 2409 -1.80 -90.56 54.76
CA UNK F 2409 -1.52 -91.28 53.53
C UNK F 2409 -0.02 -91.37 53.27
N UNK F 2410 0.77 -90.80 54.18
CA UNK F 2410 2.22 -90.80 54.04
C UNK F 2410 2.77 -92.21 54.24
N UNK F 2411 2.17 -92.94 55.18
CA UNK F 2411 2.53 -94.33 55.43
C UNK F 2411 2.04 -95.19 54.27
N UNK F 2412 0.92 -94.79 53.68
CA UNK F 2412 0.35 -95.49 52.54
C UNK F 2412 1.21 -95.28 51.30
N UNK F 2413 1.81 -94.10 51.21
CA UNK F 2413 2.66 -93.76 50.07
C UNK F 2413 3.95 -94.56 50.11
N UNK F 2414 4.49 -94.72 51.30
CA UNK F 2414 5.73 -95.48 51.49
C UNK F 2414 5.47 -96.96 51.28
N UNK F 2415 4.28 -97.40 51.64
CA UNK F 2415 3.87 -98.78 51.43
C UNK F 2415 3.68 -99.04 49.94
N UNK F 2416 3.17 -98.03 49.24
CA UNK F 2416 2.99 -98.12 47.80
C UNK F 2416 4.34 -98.06 47.11
N UNK F 2417 5.26 -97.30 47.70
CA UNK F 2417 6.60 -97.15 47.16
C UNK F 2417 7.39 -98.45 47.29
N UNK F 2418 7.26 -99.08 48.45
CA UNK F 2418 7.98 -100.32 48.74
C UNK F 2418 7.41 -101.48 47.92
N UNK F 2419 6.15 -101.36 47.52
CA UNK F 2419 5.50 -102.37 46.69
C UNK F 2419 6.12 -102.42 45.31
N UNK F 2420 6.32 -101.24 44.72
CA UNK F 2420 6.89 -101.14 43.39
C UNK F 2420 8.40 -101.39 43.43
N UNK F 2421 9.02 -101.03 44.56
CA UNK F 2421 10.47 -101.15 44.70
C UNK F 2421 10.90 -102.60 44.83
N UNK F 2422 10.16 -103.37 45.63
CA UNK F 2422 10.46 -104.79 45.82
C UNK F 2422 10.13 -105.58 44.57
N UNK F 2423 9.15 -105.08 43.81
CA UNK F 2423 8.77 -105.72 42.56
C UNK F 2423 9.73 -105.32 41.44
N UNK F 2424 10.93 -105.88 41.48
CA UNK F 2424 11.93 -105.62 40.45
C UNK F 2424 11.91 -106.73 39.41
N UNK F 2425 11.06 -107.73 39.65
CA UNK F 2425 10.95 -108.87 38.75
C UNK F 2425 10.14 -108.52 37.49
N UNK F 2426 8.85 -108.26 37.68
CA UNK F 2426 7.99 -107.87 36.57
C UNK F 2426 8.32 -106.46 36.12
N UNK F 2427 8.70 -106.33 34.84
CA UNK F 2427 9.17 -105.08 34.22
C UNK F 2427 10.35 -104.48 35.00
N UNK F 2428 11.54 -104.97 34.72
CA UNK F 2428 12.73 -104.61 35.48
C UNK F 2428 13.20 -103.18 35.21
N UNK F 2429 14.01 -103.03 34.15
CA UNK F 2429 14.73 -101.79 33.80
C UNK F 2429 15.59 -101.31 34.97
N UNK F 2430 16.85 -101.70 34.96
CA UNK F 2430 17.80 -101.45 36.05
C UNK F 2430 18.06 -99.96 36.28
N UNK F 2431 17.94 -99.18 35.21
CA UNK F 2431 18.03 -97.73 35.32
C UNK F 2431 16.82 -97.21 36.08
N UNK F 2432 15.65 -97.72 35.73
CA UNK F 2432 14.41 -97.34 36.40
C UNK F 2432 14.35 -97.95 37.79
N UNK F 2433 15.02 -99.10 37.94
CA UNK F 2433 15.09 -99.77 39.24
C UNK F 2433 15.95 -98.95 40.20
N UNK F 2434 17.07 -98.45 39.71
CA UNK F 2434 17.97 -97.63 40.50
C UNK F 2434 17.33 -96.26 40.78
N UNK F 2435 16.50 -95.81 39.84
CA UNK F 2435 15.80 -94.54 39.98
C UNK F 2435 14.75 -94.65 41.08
N UNK F 2436 14.08 -95.79 41.14
CA UNK F 2436 13.05 -96.02 42.14
C UNK F 2436 13.69 -96.31 43.49
N UNK F 2437 14.88 -96.89 43.46
CA UNK F 2437 15.60 -97.24 44.69
C UNK F 2437 16.13 -95.99 45.38
N UNK F 2438 16.55 -95.01 44.57
CA UNK F 2438 17.13 -93.79 45.09
C UNK F 2438 16.08 -92.93 45.79
N UNK F 2439 14.86 -92.97 45.27
CA UNK F 2439 13.77 -92.18 45.83
C UNK F 2439 13.32 -92.73 47.18
N UNK F 2440 13.41 -94.06 47.32
CA UNK F 2440 12.98 -94.72 48.54
C UNK F 2440 13.95 -94.46 49.69
N UNK F 2441 15.24 -94.57 49.39
CA UNK F 2441 16.28 -94.42 50.40
C UNK F 2441 16.40 -92.98 50.87
N UNK F 2442 16.12 -92.05 49.97
CA UNK F 2442 16.21 -90.63 50.29
C UNK F 2442 14.98 -90.19 51.08
N UNK F 2443 13.90 -90.95 50.97
CA UNK F 2443 12.64 -90.63 51.63
C UNK F 2443 12.73 -90.81 53.14
N UNK F 2444 13.63 -91.68 53.57
CA UNK F 2444 13.81 -91.97 54.98
C UNK F 2444 14.53 -90.83 55.72
N UNK F 2445 15.22 -89.99 54.97
CA UNK F 2445 15.96 -88.87 55.55
C UNK F 2445 15.11 -87.61 55.63
N UNK F 2446 13.83 -87.77 55.94
CA UNK F 2446 12.92 -86.65 56.08
C UNK F 2446 11.83 -86.98 57.09
N UNK F 2447 11.55 -88.27 57.26
CA UNK F 2447 10.54 -88.71 58.20
C UNK F 2447 11.17 -89.08 59.55
N UNK F 2448 10.38 -89.03 60.61
CA UNK F 2448 10.88 -89.30 61.95
C UNK F 2448 10.07 -90.38 62.66
N UNK F 2449 10.50 -91.63 62.49
CA UNK F 2449 9.97 -92.83 63.17
C UNK F 2449 8.47 -93.06 62.97
N UNK F 2450 7.94 -92.61 61.83
CA UNK F 2450 6.54 -92.82 61.53
C UNK F 2450 6.38 -94.04 60.62
N UNK F 2451 7.50 -94.51 60.11
CA UNK F 2451 7.52 -95.65 59.21
C UNK F 2451 7.59 -96.96 59.99
N UNK F 2452 6.52 -97.26 60.72
CA UNK F 2452 6.47 -98.47 61.53
C UNK F 2452 5.93 -99.64 60.71
N UNK F 2453 4.97 -99.34 59.84
CA UNK F 2453 4.30 -100.37 59.05
C UNK F 2453 5.23 -100.93 57.98
N UNK F 2454 6.04 -100.07 57.39
CA UNK F 2454 6.98 -100.48 56.35
C UNK F 2454 8.12 -101.28 56.96
N UNK F 2455 8.48 -100.92 58.18
CA UNK F 2455 9.56 -101.60 58.89
C UNK F 2455 9.10 -102.99 59.34
N UNK F 2456 7.81 -103.10 59.61
CA UNK F 2456 7.22 -104.36 60.06
C UNK F 2456 7.21 -105.39 58.94
N UNK F 2457 6.88 -104.92 57.74
CA UNK F 2457 6.84 -105.79 56.57
C UNK F 2457 8.26 -106.07 56.08
N UNK F 2458 9.19 -105.20 56.43
CA UNK F 2458 10.58 -105.34 56.02
C UNK F 2458 11.24 -106.54 56.69
N UNK F 2459 10.88 -106.80 57.93
CA UNK F 2459 11.45 -107.90 58.68
C UNK F 2459 10.93 -109.23 58.18
N UNK F 2460 9.70 -109.23 57.68
CA UNK F 2460 9.08 -110.46 57.20
C UNK F 2460 9.19 -110.57 55.68
N UNK F 2461 10.30 -110.08 55.14
CA UNK F 2461 10.53 -110.14 53.69
C UNK F 2461 12.02 -110.11 53.39
N UNK F 2462 12.67 -109.02 53.77
CA UNK F 2462 14.08 -108.82 53.47
C UNK F 2462 14.97 -109.72 54.33
N UNK F 2463 14.62 -109.83 55.60
CA UNK F 2463 15.38 -110.66 56.53
C UNK F 2463 15.13 -112.14 56.24
N UNK F 2464 13.98 -112.42 55.64
CA UNK F 2464 13.64 -113.78 55.22
C UNK F 2464 14.53 -114.20 54.05
N UNK F 2465 14.12 -113.85 52.84
CA UNK F 2465 14.88 -114.16 51.65
C UNK F 2465 16.07 -113.22 51.51
N UNK F 2466 17.14 -113.52 52.25
CA UNK F 2466 18.32 -112.67 52.26
C UNK F 2466 19.34 -113.14 51.22
N UNK F 2467 18.95 -113.11 49.95
CA UNK F 2467 19.83 -113.53 48.87
C UNK F 2467 19.40 -112.91 47.53
N UNK F 2468 18.23 -112.29 47.52
CA UNK F 2468 17.67 -111.73 46.30
C UNK F 2468 18.33 -110.40 45.94
N UNK F 2469 17.93 -109.86 44.79
CA UNK F 2469 18.47 -108.59 44.31
C UNK F 2469 17.85 -107.41 45.05
N UNK F 2470 16.61 -107.59 45.50
CA UNK F 2470 15.90 -106.53 46.23
C UNK F 2470 16.34 -106.47 47.69
N UNK F 2471 17.04 -107.52 48.13
CA UNK F 2471 17.51 -107.61 49.51
C UNK F 2471 18.66 -106.66 49.78
N UNK F 2472 19.52 -106.48 48.78
CA UNK F 2472 20.70 -105.63 48.92
C UNK F 2472 20.32 -104.16 49.04
N UNK F 2473 19.26 -103.78 48.36
CA UNK F 2473 18.75 -102.40 48.41
C UNK F 2473 18.05 -102.16 49.74
N UNK F 2474 17.36 -103.18 50.23
CA UNK F 2474 16.61 -103.07 51.48
C UNK F 2474 17.55 -103.10 52.69
N UNK F 2475 18.70 -103.74 52.53
CA UNK F 2475 19.67 -103.86 53.61
C UNK F 2475 20.33 -102.52 53.89
N UNK F 2476 20.56 -101.75 52.84
CA UNK F 2476 21.18 -100.43 52.96
C UNK F 2476 20.19 -99.43 53.54
N UNK F 2477 18.91 -99.68 53.31
CA UNK F 2477 17.84 -98.81 53.81
C UNK F 2477 17.73 -98.90 55.33
N UNK F 2478 17.93 -100.11 55.85
CA UNK F 2478 17.86 -100.34 57.28
C UNK F 2478 19.10 -99.80 57.98
N UNK F 2479 20.20 -99.74 57.24
CA UNK F 2479 21.46 -99.24 57.77
C UNK F 2479 21.38 -97.74 58.03
N UNK F 2480 20.57 -97.06 57.22
CA UNK F 2480 20.36 -95.62 57.39
C UNK F 2480 19.50 -95.36 58.62
N UNK F 2481 18.61 -96.31 58.94
CA UNK F 2481 17.74 -96.19 60.09
C UNK F 2481 18.53 -96.39 61.38
N UNK F 2482 19.64 -97.10 61.28
CA UNK F 2482 20.53 -97.33 62.41
C UNK F 2482 21.24 -96.04 62.81
N UNK F 2483 21.42 -95.14 61.85
CA UNK F 2483 22.08 -93.86 62.11
C UNK F 2483 21.06 -92.77 62.44
N UNK F 2484 19.97 -93.16 63.10
CA UNK F 2484 18.94 -92.22 63.49
C UNK F 2484 18.34 -92.64 64.83
N UNK F 2485 19.02 -93.56 65.50
CA UNK F 2485 18.55 -94.07 66.78
C UNK F 2485 19.70 -94.35 67.73
N UNK F 2486 20.86 -93.78 67.43
CA UNK F 2486 22.04 -93.96 68.27
C UNK F 2486 22.01 -93.04 69.49
N UNK F 2487 21.15 -92.02 69.43
CA UNK F 2487 20.98 -91.10 70.54
C UNK F 2487 19.59 -91.25 71.13
N UNK F 2488 18.58 -90.93 70.34
CA UNK F 2488 17.19 -91.07 70.76
C UNK F 2488 16.53 -92.22 70.00
N UNK F 2489 15.25 -92.04 69.68
CA UNK F 2489 14.44 -92.97 68.88
C UNK F 2489 14.39 -94.40 69.43
N UNK F 2490 14.49 -94.52 70.75
CA UNK F 2490 14.41 -95.82 71.39
C UNK F 2490 13.09 -95.94 72.12
N UNK F 2491 12.12 -95.13 71.71
CA UNK F 2491 10.82 -95.07 72.36
C UNK F 2491 9.75 -95.83 71.59
N UNK F 2492 10.00 -97.12 71.34
CA UNK F 2492 9.05 -97.97 70.64
C UNK F 2492 9.28 -99.44 71.00
N UNK F 2493 8.39 -99.99 71.81
CA UNK F 2493 8.54 -101.35 72.31
C UNK F 2493 8.22 -102.40 71.25
N UNK F 2494 7.18 -102.14 70.46
CA UNK F 2494 6.75 -103.07 69.43
C UNK F 2494 7.75 -103.14 68.30
N UNK F 2495 8.42 -102.03 68.05
CA UNK F 2495 9.47 -101.97 67.05
C UNK F 2495 10.71 -102.68 67.55
N UNK F 2496 10.94 -102.61 68.86
CA UNK F 2496 12.11 -103.22 69.49
C UNK F 2496 12.02 -104.73 69.48
N UNK F 2497 10.80 -105.24 69.57
CA UNK F 2497 10.56 -106.68 69.50
C UNK F 2497 10.79 -107.16 68.06
N UNK F 2498 10.44 -106.30 67.12
CA UNK F 2498 10.67 -106.59 65.70
C UNK F 2498 12.16 -106.45 65.39
N UNK F 2499 12.82 -105.55 66.10
CA UNK F 2499 14.25 -105.30 65.92
C UNK F 2499 15.06 -106.48 66.46
N UNK F 2500 14.54 -107.10 67.50
CA UNK F 2500 15.19 -108.27 68.10
C UNK F 2500 15.05 -109.47 67.17
N UNK F 2501 13.93 -109.52 66.46
CA UNK F 2501 13.64 -110.61 65.55
C UNK F 2501 14.53 -110.53 64.32
N UNK F 2502 14.80 -109.31 63.87
CA UNK F 2502 15.62 -109.08 62.69
C UNK F 2502 17.09 -109.38 62.99
N UNK F 2503 17.49 -109.17 64.24
CA UNK F 2503 18.86 -109.40 64.66
C UNK F 2503 19.17 -110.89 64.68
N UNK F 2504 18.19 -111.68 65.10
CA UNK F 2504 18.33 -113.13 65.12
C UNK F 2504 18.27 -113.67 63.70
N UNK F 2505 17.48 -113.01 62.86
CA UNK F 2505 17.34 -113.40 61.46
C UNK F 2505 18.61 -113.09 60.69
N UNK F 2506 19.28 -112.02 61.07
CA UNK F 2506 20.53 -111.61 60.42
C UNK F 2506 21.66 -112.53 60.85
N UNK F 2507 21.52 -113.13 62.03
CA UNK F 2507 22.53 -114.05 62.55
C UNK F 2507 22.47 -115.40 61.83
N UNK F 2508 21.34 -115.67 61.19
CA UNK F 2508 21.14 -116.93 60.48
C UNK F 2508 21.86 -116.95 59.13
N UNK F 2509 22.23 -115.79 58.64
CA UNK F 2509 22.87 -115.67 57.34
C UNK F 2509 24.38 -115.88 57.41
N UNK F 2510 24.90 -116.08 58.62
CA UNK F 2510 26.33 -116.27 58.83
C UNK F 2510 26.78 -117.63 58.31
N UNK F 2511 26.01 -118.67 58.62
CA UNK F 2511 26.33 -120.01 58.18
C UNK F 2511 25.60 -120.37 56.91
N UNK F 2512 25.05 -119.36 56.23
CA UNK F 2512 24.33 -119.56 54.98
C UNK F 2512 25.31 -119.74 53.83
N UNK F 2513 25.36 -118.75 52.94
CA UNK F 2513 26.23 -118.80 51.78
C UNK F 2513 27.66 -118.40 52.16
N UNK F 2514 28.62 -118.77 51.30
CA UNK F 2514 30.01 -118.41 51.52
C UNK F 2514 30.46 -117.38 50.50
N UNK F 2515 29.51 -116.57 50.04
CA UNK F 2515 29.79 -115.54 49.05
C UNK F 2515 30.51 -114.35 49.71
N UNK F 2516 31.81 -114.26 49.48
CA UNK F 2516 32.60 -113.16 50.01
C UNK F 2516 32.29 -111.87 49.25
N UNK F 2517 32.62 -110.73 49.86
CA UNK F 2517 32.46 -109.37 49.31
C UNK F 2517 31.02 -109.00 48.92
N UNK F 2518 30.42 -109.74 48.00
CA UNK F 2518 29.07 -109.48 47.52
C UNK F 2518 28.02 -109.57 48.62
N UNK F 2519 27.74 -110.79 49.08
CA UNK F 2519 26.73 -110.99 50.12
C UNK F 2519 27.34 -110.82 51.51
N UNK F 2520 28.66 -110.83 51.57
CA UNK F 2520 29.36 -110.75 52.85
C UNK F 2520 29.39 -109.33 53.39
N UNK F 2521 29.93 -108.40 52.60
CA UNK F 2521 30.13 -107.02 53.05
C UNK F 2521 28.89 -106.16 52.90
N UNK F 2522 27.82 -106.73 52.33
CA UNK F 2522 26.58 -105.99 52.11
C UNK F 2522 25.86 -105.74 53.42
N UNK F 2523 26.03 -106.65 54.38
CA UNK F 2523 25.34 -106.55 55.66
C UNK F 2523 26.33 -106.66 56.82
N UNK F 2524 27.62 -106.65 56.50
CA UNK F 2524 28.66 -106.70 57.52
C UNK F 2524 28.69 -105.40 58.30
N UNK F 2525 28.36 -104.31 57.61
CA UNK F 2525 28.27 -103.00 58.24
C UNK F 2525 26.87 -102.75 58.79
N UNK F 2526 25.98 -103.72 58.57
CA UNK F 2526 24.61 -103.61 59.05
C UNK F 2526 24.43 -104.26 60.41
N UNK F 2527 25.51 -104.31 61.19
CA UNK F 2527 25.46 -104.79 62.55
C UNK F 2527 25.26 -103.62 63.51
N UNK F 2528 25.21 -102.43 62.94
CA UNK F 2528 25.03 -101.21 63.71
C UNK F 2528 23.55 -101.01 64.07
N UNK F 2529 22.68 -101.77 63.42
CA UNK F 2529 21.25 -101.75 63.75
C UNK F 2529 21.02 -102.43 65.09
N UNK F 2530 21.88 -103.40 65.39
CA UNK F 2530 21.85 -104.08 66.68
C UNK F 2530 22.55 -103.23 67.73
N UNK F 2531 23.38 -102.29 67.29
CA UNK F 2531 24.13 -101.44 68.19
C UNK F 2531 23.25 -100.37 68.82
N UNK F 2532 22.14 -100.04 68.17
CA UNK F 2532 21.22 -99.04 68.68
C UNK F 2532 20.29 -99.63 69.75
N UNK F 2533 20.24 -100.95 69.80
CA UNK F 2533 19.38 -101.64 70.76
C UNK F 2533 20.03 -101.71 72.15
N UNK F 2534 19.19 -101.75 73.18
CA UNK F 2534 19.67 -101.81 74.56
C UNK F 2534 20.04 -103.24 74.94
N UNK F 2535 20.54 -103.40 76.16
CA UNK F 2535 20.95 -104.71 76.66
C UNK F 2535 19.80 -105.40 77.39
N UNK F 2536 18.68 -104.70 77.53
CA UNK F 2536 17.53 -105.25 78.23
C UNK F 2536 16.82 -106.30 77.39
N UNK F 2537 16.19 -107.26 78.07
CA UNK F 2537 15.41 -108.29 77.39
C UNK F 2537 13.93 -108.06 77.62
N UNK F 2538 13.23 -107.64 76.57
CA UNK F 2538 11.81 -107.33 76.66
C UNK F 2538 10.96 -108.59 76.72
N UNK F 2539 9.65 -108.40 76.84
CA UNK F 2539 8.71 -109.50 76.93
C UNK F 2539 8.56 -110.20 75.58
N UNK F 2540 9.47 -111.13 75.30
CA UNK F 2540 9.43 -111.89 74.06
C UNK F 2540 9.52 -113.39 74.33
N UNK F 2541 8.59 -114.14 73.75
CA UNK F 2541 8.56 -115.59 73.93
C UNK F 2541 9.47 -116.29 72.92
N UNK F 2542 9.18 -117.55 72.64
CA UNK F 2542 9.99 -118.33 71.71
C UNK F 2542 9.15 -119.33 70.93
N UNK F 2543 9.05 -119.11 69.62
CA UNK F 2543 8.31 -120.01 68.74
C UNK F 2543 8.85 -119.90 67.31
N UNK F 2544 8.74 -120.98 66.55
CA UNK F 2544 9.20 -120.99 65.17
C UNK F 2544 8.38 -121.96 64.33
N UNK F 2545 8.26 -121.68 63.04
CA UNK F 2545 7.48 -122.53 62.14
C UNK F 2545 8.18 -122.65 60.78
N ASN F 2546 6.73 -114.91 49.07
CA ASN F 2546 6.37 -116.24 49.53
C ASN F 2546 6.39 -116.31 51.05
N PHE F 2547 5.48 -117.11 51.61
CA PHE F 2547 5.41 -117.31 53.05
C PHE F 2547 4.75 -118.66 53.31
N ASP F 2548 5.32 -119.39 54.27
CA ASP F 2548 4.89 -120.77 54.55
C ASP F 2548 4.79 -120.98 56.06
N PRO F 2549 3.61 -120.76 56.64
CA PRO F 2549 3.40 -121.10 58.05
C PRO F 2549 3.06 -122.58 58.20
N ARG F 2550 3.07 -123.03 59.46
CA ARG F 2550 2.78 -124.42 59.79
C ARG F 2550 1.74 -124.51 60.91
N PRO F 2551 0.47 -124.54 60.57
CA PRO F 2551 -0.57 -124.88 61.56
C PRO F 2551 -0.68 -126.40 61.68
N VAL F 2552 -1.57 -126.83 62.56
CA VAL F 2552 -1.84 -128.25 62.77
C VAL F 2552 -3.16 -128.59 62.07
N GLU F 2553 -3.24 -129.81 61.55
CA GLU F 2553 -4.47 -130.30 60.93
C GLU F 2553 -5.43 -130.72 62.03
N THR F 2554 -6.44 -129.90 62.28
CA THR F 2554 -7.35 -130.10 63.40
C THR F 2554 -8.52 -131.01 63.06
N LEU F 2555 -8.76 -131.29 61.77
CA LEU F 2555 -9.96 -132.01 61.38
C LEU F 2555 -9.90 -133.49 61.73
N ASN F 2556 -8.70 -134.06 61.91
CA ASN F 2556 -8.56 -135.45 62.32
C ASN F 2556 -8.38 -135.59 63.83
N VAL F 2557 -8.62 -134.53 64.59
CA VAL F 2557 -8.43 -134.55 66.04
C VAL F 2557 -9.75 -134.91 66.71
N ILE F 2558 -9.72 -135.92 67.57
CA ILE F 2558 -10.92 -136.40 68.24
C ILE F 2558 -11.12 -135.61 69.52
N ILE F 2559 -12.27 -134.96 69.63
CA ILE F 2559 -12.66 -134.29 70.88
C ILE F 2559 -13.27 -135.33 71.81
N PRO F 2560 -12.88 -135.36 73.09
CA PRO F 2560 -13.57 -136.22 74.05
C PRO F 2560 -15.02 -135.82 74.24
N GLU F 2561 -15.85 -136.81 74.60
CA GLU F 2561 -17.28 -136.61 74.71
C GLU F 2561 -17.69 -135.73 75.87
N LYS F 2562 -16.84 -135.60 76.89
CA LYS F 2562 -17.12 -134.69 77.98
C LYS F 2562 -16.91 -133.23 77.59
N LEU F 2563 -16.18 -132.97 76.50
CA LEU F 2563 -15.97 -131.62 76.02
C LEU F 2563 -16.99 -131.17 74.99
N ASP F 2564 -17.83 -132.08 74.49
CA ASP F 2564 -18.75 -131.74 73.41
C ASP F 2564 -19.89 -130.85 73.89
N SER F 2565 -20.45 -131.15 75.07
CA SER F 2565 -21.41 -130.23 75.67
C SER F 2565 -20.72 -128.99 76.22
N PHE F 2566 -19.44 -129.14 76.60
CA PHE F 2566 -18.65 -128.01 77.09
C PHE F 2566 -18.39 -126.98 76.00
N ILE F 2567 -18.31 -127.43 74.74
CA ILE F 2567 -18.29 -126.51 73.61
C ILE F 2567 -19.63 -125.80 73.49
N ASN F 2568 -20.73 -126.54 73.66
CA ASN F 2568 -22.05 -125.94 73.62
C ASN F 2568 -22.31 -125.04 74.82
N LYS F 2569 -21.63 -125.29 75.94
CA LYS F 2569 -21.69 -124.35 77.06
C LYS F 2569 -20.92 -123.08 76.75
N PHE F 2570 -19.84 -123.17 75.97
CA PHE F 2570 -19.19 -121.96 75.47
C PHE F 2570 -20.02 -121.32 74.37
N ALA F 2571 -20.71 -122.13 73.56
CA ALA F 2571 -21.63 -121.59 72.57
C ALA F 2571 -22.85 -120.96 73.23
N GLU F 2572 -23.23 -121.45 74.40
CA GLU F 2572 -24.18 -120.71 75.23
C GLU F 2572 -23.57 -119.42 75.74
N TYR F 2573 -22.30 -119.47 76.18
CA TYR F 2573 -21.61 -118.27 76.63
C TYR F 2573 -21.22 -117.36 75.46
N THR F 2574 -21.12 -117.90 74.24
CA THR F 2574 -20.85 -117.07 73.07
C THR F 2574 -22.00 -116.10 72.82
N HIS F 2575 -23.24 -116.59 72.90
CA HIS F 2575 -24.39 -115.70 72.77
C HIS F 2575 -24.65 -114.92 74.06
N GLU F 2576 -24.23 -115.45 75.20
CA GLU F 2576 -24.49 -114.79 76.48
C GLU F 2576 -23.69 -113.49 76.62
N LYS F 2577 -22.46 -113.48 76.12
CA LYS F 2577 -21.61 -112.30 76.19
C LYS F 2577 -21.86 -111.34 75.03
N TRP F 2578 -22.11 -111.88 73.84
CA TRP F 2578 -22.23 -111.06 72.64
C TRP F 2578 -23.55 -110.32 72.57
N ALA F 2579 -24.65 -110.96 73.00
CA ALA F 2579 -25.96 -110.31 72.92
C ALA F 2579 -26.20 -109.34 74.07
N PHE F 2580 -25.43 -109.42 75.16
CA PHE F 2580 -25.59 -108.46 76.24
C PHE F 2580 -25.03 -107.10 75.86
N ASP F 2581 -23.94 -107.06 75.08
CA ASP F 2581 -23.44 -105.80 74.54
C ASP F 2581 -24.37 -105.24 73.47
N LYS F 2582 -25.18 -106.09 72.84
CA LYS F 2582 -26.23 -105.59 71.95
C LYS F 2582 -27.33 -104.88 72.74
N ILE F 2583 -27.58 -105.31 73.97
CA ILE F 2583 -28.55 -104.63 74.81
C ILE F 2583 -27.95 -103.33 75.37
N GLN F 2584 -26.62 -103.30 75.54
CA GLN F 2584 -25.94 -102.07 75.95
C GLN F 2584 -26.01 -101.00 74.85
N ASN F 2585 -26.05 -101.42 73.59
CA ASN F 2585 -26.30 -100.53 72.47
C ASN F 2585 -27.76 -100.57 72.03
N ASN F 2586 -28.61 -101.26 72.78
CA ASN F 2586 -30.07 -101.31 72.62
C ASN F 2586 -30.47 -101.88 71.25
N TRP F 2587 -30.00 -103.09 70.99
CA TRP F 2587 -30.41 -103.84 69.80
C TRP F 2587 -31.57 -104.75 70.17
N SER F 2588 -32.72 -104.52 69.55
CA SER F 2588 -33.96 -105.18 69.94
C SER F 2588 -34.12 -106.51 69.19
N TYR F 2589 -35.32 -107.07 69.25
CA TYR F 2589 -35.65 -108.34 68.62
C TYR F 2589 -36.41 -108.11 67.32
N GLY F 2590 -36.25 -109.03 66.38
CA GLY F 2590 -36.96 -108.94 65.11
C GLY F 2590 -36.95 -110.20 64.28
N GLU F 2591 -36.99 -110.03 62.96
CA GLU F 2591 -36.99 -111.13 62.00
C GLU F 2591 -35.62 -111.42 61.41
N ASN F 2592 -34.87 -110.39 61.05
CA ASN F 2592 -33.54 -110.54 60.49
C ASN F 2592 -32.61 -109.51 61.12
N VAL F 2593 -31.33 -109.62 60.79
CA VAL F 2593 -30.32 -108.69 61.31
C VAL F 2593 -30.41 -107.39 60.53
N ASP F 2594 -30.83 -106.32 61.21
CA ASP F 2594 -31.00 -105.01 60.59
C ASP F 2594 -30.41 -103.95 61.50
N GLU F 2595 -29.83 -102.91 60.88
CA GLU F 2595 -29.23 -101.80 61.61
C GLU F 2595 -30.15 -100.60 61.74
N GLU F 2596 -31.07 -100.40 60.80
CA GLU F 2596 -31.99 -99.27 60.88
C GLU F 2596 -33.10 -99.53 61.90
N LEU F 2597 -33.77 -100.69 61.78
CA LEU F 2597 -34.81 -101.04 62.74
C LEU F 2597 -34.22 -101.50 64.08
N LYS F 2598 -32.92 -101.81 64.11
CA LYS F 2598 -32.18 -102.25 65.29
C LYS F 2598 -32.80 -103.51 65.90
N THR F 2599 -32.78 -104.59 65.11
CA THR F 2599 -33.38 -105.86 65.47
C THR F 2599 -32.34 -106.97 65.51
N HIS F 2600 -32.65 -108.01 66.27
CA HIS F 2600 -31.79 -109.18 66.39
C HIS F 2600 -32.67 -110.42 66.63
N PRO F 2601 -32.80 -111.31 65.65
CA PRO F 2601 -33.80 -112.39 65.76
C PRO F 2601 -33.35 -113.59 66.60
N MET F 2602 -32.10 -113.64 67.04
CA MET F 2602 -31.61 -114.79 67.79
C MET F 2602 -31.56 -114.54 69.30
N LEU F 2603 -32.32 -113.55 69.79
CA LEU F 2603 -32.34 -113.20 71.21
C LEU F 2603 -33.16 -114.23 71.98
N ARG F 2604 -32.56 -115.41 72.20
CA ARG F 2604 -33.15 -116.56 72.87
C ARG F 2604 -32.02 -117.53 73.23
N PRO F 2605 -32.18 -118.36 74.27
CA PRO F 2605 -31.04 -119.17 74.75
C PRO F 2605 -30.57 -120.23 73.76
N TYR F 2606 -29.39 -120.78 74.03
CA TYR F 2606 -28.75 -121.70 73.11
C TYR F 2606 -29.41 -123.07 73.09
N LYS F 2607 -30.09 -123.46 74.17
CA LYS F 2607 -30.71 -124.78 74.24
C LYS F 2607 -32.07 -124.85 73.54
N THR F 2608 -32.44 -123.82 72.78
CA THR F 2608 -33.71 -123.79 72.06
C THR F 2608 -33.56 -123.68 70.56
N PHE F 2609 -32.34 -123.54 70.04
CA PHE F 2609 -32.15 -123.39 68.60
C PHE F 2609 -32.36 -124.74 67.89
N SER F 2610 -32.46 -124.66 66.56
CA SER F 2610 -32.58 -125.84 65.73
C SER F 2610 -31.18 -126.42 65.47
N GLU F 2611 -31.12 -127.45 64.64
CA GLU F 2611 -29.83 -128.09 64.33
C GLU F 2611 -28.99 -127.30 63.33
N LYS F 2612 -29.55 -126.26 62.71
CA LYS F 2612 -28.82 -125.42 61.79
C LYS F 2612 -28.33 -124.13 62.44
N ASP F 2613 -29.12 -123.55 63.34
CA ASP F 2613 -28.69 -122.34 64.03
C ASP F 2613 -27.61 -122.62 65.07
N LYS F 2614 -27.50 -123.85 65.55
CA LYS F 2614 -26.39 -124.23 66.41
C LYS F 2614 -25.08 -124.39 65.64
N GLU F 2615 -25.16 -124.60 64.31
CA GLU F 2615 -23.96 -124.69 63.49
C GLU F 2615 -23.26 -123.35 63.37
N ILE F 2616 -24.00 -122.25 63.47
CA ILE F 2616 -23.40 -120.92 63.39
C ILE F 2616 -22.54 -120.63 64.60
N TYR F 2617 -23.00 -121.06 65.79
CA TYR F 2617 -22.25 -120.93 67.03
C TYR F 2617 -21.36 -122.14 67.30
N ARG F 2618 -20.92 -122.86 66.27
CA ARG F 2618 -20.23 -124.13 66.48
C ARG F 2618 -18.77 -124.11 66.08
N TRP F 2619 -18.39 -123.53 64.94
CA TRP F 2619 -17.00 -123.64 64.53
C TRP F 2619 -16.21 -122.35 64.34
N PRO F 2620 -16.38 -121.33 65.19
CA PRO F 2620 -15.20 -120.59 65.68
C PRO F 2620 -14.69 -121.10 67.01
N ILE F 2621 -15.18 -122.27 67.46
CA ILE F 2621 -14.95 -122.78 68.80
C ILE F 2621 -14.25 -124.13 68.78
N LYS F 2622 -14.75 -125.06 67.95
CA LYS F 2622 -14.27 -126.43 67.99
C LYS F 2622 -12.86 -126.56 67.43
N GLU F 2623 -12.63 -126.01 66.23
CA GLU F 2623 -11.37 -126.21 65.51
C GLU F 2623 -10.18 -125.57 66.21
N SER F 2624 -10.41 -124.55 67.04
CA SER F 2624 -9.34 -124.04 67.90
C SER F 2624 -9.14 -124.93 69.11
N LEU F 2625 -10.22 -125.48 69.67
CA LEU F 2625 -10.11 -126.46 70.74
C LEU F 2625 -9.61 -127.80 70.21
N LYS F 2626 -9.85 -128.09 68.92
CA LYS F 2626 -9.23 -129.25 68.29
C LYS F 2626 -7.73 -129.06 68.14
N ALA F 2627 -7.28 -127.82 67.97
CA ALA F 2627 -5.84 -127.56 67.93
C ALA F 2627 -5.21 -127.69 69.31
N MET F 2628 -5.97 -127.44 70.37
CA MET F 2628 -5.44 -127.54 71.72
C MET F 2628 -5.25 -128.99 72.16
N ILE F 2629 -6.02 -129.91 71.60
CA ILE F 2629 -5.84 -131.33 71.93
C ILE F 2629 -4.60 -131.87 71.22
N ALA F 2630 -4.41 -131.50 69.95
CA ALA F 2630 -3.25 -131.97 69.19
C ALA F 2630 -1.96 -131.32 69.68
N TRP F 2631 -2.03 -130.08 70.15
CA TRP F 2631 -0.84 -129.43 70.71
C TRP F 2631 -0.55 -129.94 72.12
N GLU F 2632 -1.59 -130.11 72.94
CA GLU F 2632 -1.41 -130.39 74.36
C GLU F 2632 -2.30 -131.57 74.75
N TRP F 2633 -1.70 -132.61 75.31
CA TRP F 2633 -2.44 -133.72 75.91
C TRP F 2633 -2.66 -133.48 77.40
N THR F 2634 -3.17 -132.29 77.73
CA THR F 2634 -3.52 -131.92 79.11
C THR F 2634 -4.89 -131.26 79.10
N ILE F 2635 -5.95 -132.08 79.12
CA ILE F 2635 -7.32 -131.62 79.33
C ILE F 2635 -7.96 -132.66 80.24
N GLU F 2636 -8.20 -132.29 81.51
CA GLU F 2636 -8.78 -133.20 82.48
C GLU F 2636 -9.76 -132.44 83.38
N LYS F 2637 -10.64 -133.20 84.03
CA LYS F 2637 -11.54 -132.65 85.02
C LYS F 2637 -10.75 -132.38 86.30
N ALA F 2638 -10.57 -131.10 86.62
CA ALA F 2638 -9.72 -130.70 87.74
C ALA F 2638 -10.48 -130.05 88.89
N ARG F 2639 -11.39 -129.12 88.59
CA ARG F 2639 -12.03 -128.33 89.63
C ARG F 2639 -13.54 -128.22 89.43
N GLU F 2640 -14.17 -127.33 90.17
CA GLU F 2640 -15.60 -127.06 90.08
C GLU F 2640 -15.81 -125.71 89.39
N GLY F 2641 -16.87 -125.63 88.60
CA GLY F 2641 -17.16 -124.40 87.87
C GLY F 2641 -17.58 -123.27 88.79
N GLU F 2642 -16.95 -122.11 88.63
CA GLU F 2642 -17.20 -120.96 89.48
C GLU F 2642 -18.48 -120.25 89.07
N TYR F 2667 -35.04 -111.26 75.38
CA TYR F 2667 -34.20 -112.07 76.26
C TYR F 2667 -32.93 -111.31 76.64
N ASN F 2668 -32.59 -111.36 77.93
CA ASN F 2668 -31.49 -110.59 78.49
C ASN F 2668 -30.49 -111.55 79.14
N PRO F 2669 -29.49 -112.02 78.39
CA PRO F 2669 -28.45 -112.86 79.00
C PRO F 2669 -27.45 -112.02 79.79
N GLN F 2670 -27.12 -112.50 80.98
CA GLN F 2670 -26.20 -111.80 81.88
C GLN F 2670 -24.91 -112.60 82.02
N PRO F 2671 -23.83 -112.24 81.32
CA PRO F 2671 -22.58 -112.99 81.44
C PRO F 2671 -21.89 -112.71 82.76
N PRO F 2672 -21.47 -113.75 83.48
CA PRO F 2672 -20.83 -113.56 84.78
C PRO F 2672 -19.36 -113.19 84.61
N ASP F 2673 -18.67 -113.08 85.74
CA ASP F 2673 -17.26 -112.74 85.76
C ASP F 2673 -16.42 -114.00 85.58
N LEU F 2674 -15.38 -113.89 84.75
CA LEU F 2674 -14.47 -115.00 84.50
C LEU F 2674 -13.03 -114.67 84.89
N SER F 2675 -12.77 -113.45 85.36
CA SER F 2675 -11.43 -112.99 85.71
C SER F 2675 -11.16 -113.07 87.20
N GLY F 2676 -11.71 -114.09 87.88
CA GLY F 2676 -11.47 -114.22 89.30
C GLY F 2676 -10.06 -114.65 89.65
N VAL F 2677 -9.41 -115.39 88.75
CA VAL F 2677 -8.04 -115.84 88.95
C VAL F 2677 -7.22 -115.34 87.76
N THR F 2678 -6.16 -114.59 88.07
CA THR F 2678 -5.26 -114.08 87.04
C THR F 2678 -4.48 -115.23 86.41
N LEU F 2679 -4.39 -115.21 85.08
CA LEU F 2679 -3.68 -116.25 84.36
C LEU F 2679 -2.18 -116.17 84.63
N SER F 2680 -1.60 -117.28 85.09
CA SER F 2680 -0.17 -117.35 85.33
C SER F 2680 0.58 -117.55 84.02
N ARG F 2681 1.91 -117.67 84.12
CA ARG F 2681 2.76 -117.79 82.93
C ARG F 2681 2.48 -119.10 82.17
N GLU F 2682 2.03 -120.13 82.88
CA GLU F 2682 1.55 -121.35 82.22
C GLU F 2682 0.33 -121.09 81.35
N LEU F 2683 -0.50 -120.12 81.73
CA LEU F 2683 -1.69 -119.77 80.97
C LEU F 2683 -1.56 -118.46 80.20
N GLN F 2684 -0.64 -117.58 80.58
CA GLN F 2684 -0.43 -116.34 79.82
C GLN F 2684 0.32 -116.62 78.52
N ALA F 2685 1.24 -117.58 78.54
CA ALA F 2685 1.95 -117.97 77.33
C ALA F 2685 1.04 -118.71 76.35
N MET F 2686 -0.07 -119.26 76.83
CA MET F 2686 -1.06 -119.84 75.92
C MET F 2686 -1.88 -118.76 75.23
N ALA F 2687 -2.02 -117.58 75.86
CA ALA F 2687 -2.65 -116.46 75.17
C ALA F 2687 -1.77 -115.93 74.05
N GLU F 2688 -0.45 -116.03 74.21
CA GLU F 2688 0.47 -115.84 73.09
C GLU F 2688 0.28 -116.92 72.03
N GLN F 2689 -0.10 -118.13 72.45
CA GLN F 2689 -0.23 -119.29 71.58
C GLN F 2689 -1.61 -119.40 70.93
N LEU F 2690 -2.68 -119.10 71.67
CA LEU F 2690 -4.02 -119.23 71.10
C LEU F 2690 -4.42 -118.05 70.24
N ALA F 2691 -3.85 -116.87 70.48
CA ALA F 2691 -4.01 -115.79 69.53
C ALA F 2691 -3.17 -116.04 68.27
N GLU F 2692 -2.04 -116.74 68.43
CA GLU F 2692 -1.31 -117.22 67.28
C GLU F 2692 -2.08 -118.32 66.56
N ASN F 2693 -2.83 -119.14 67.30
CA ASN F 2693 -3.76 -120.08 66.69
C ASN F 2693 -4.86 -119.36 65.92
N TYR F 2694 -5.28 -118.18 66.40
CA TYR F 2694 -6.21 -117.35 65.66
C TYR F 2694 -5.55 -116.75 64.42
N HIS F 2695 -4.23 -116.66 64.41
CA HIS F 2695 -3.47 -116.26 63.23
C HIS F 2695 -3.03 -117.44 62.39
N ASN F 2696 -2.95 -118.64 62.96
CA ASN F 2696 -2.59 -119.83 62.20
C ASN F 2696 -3.79 -120.46 61.51
N THR F 2697 -4.86 -120.72 62.27
CA THR F 2697 -6.01 -121.45 61.72
C THR F 2697 -6.80 -120.57 60.76
N TRP F 2698 -7.14 -119.35 61.19
CA TRP F 2698 -7.82 -118.43 60.29
C TRP F 2698 -6.90 -117.93 59.19
N GLY F 2699 -5.59 -117.80 59.48
CA GLY F 2699 -4.66 -117.32 58.50
C GLY F 2699 -4.36 -118.30 57.40
N ARG F 2700 -4.38 -119.60 57.71
CA ARG F 2700 -4.31 -120.62 56.67
C ARG F 2700 -5.56 -120.60 55.79
N LYS F 2701 -6.73 -120.39 56.41
CA LYS F 2701 -7.95 -120.19 55.64
C LYS F 2701 -7.92 -118.86 54.90
N LYS F 2702 -7.23 -117.86 55.45
CA LYS F 2702 -7.04 -116.60 54.74
C LYS F 2702 -6.13 -116.78 53.54
N LYS F 2703 -5.10 -117.62 53.66
CA LYS F 2703 -4.25 -117.92 52.52
C LYS F 2703 -4.96 -118.77 51.49
N GLN F 2704 -5.86 -119.67 51.92
CA GLN F 2704 -6.67 -120.42 50.97
C GLN F 2704 -7.74 -119.57 50.32
N GLU F 2705 -8.07 -118.42 50.92
CA GLU F 2705 -9.03 -117.52 50.30
C GLU F 2705 -8.42 -116.83 49.07
N LEU F 2706 -7.12 -116.52 49.13
CA LEU F 2706 -6.47 -115.86 48.02
C LEU F 2706 -6.05 -116.84 46.94
N GLU F 2707 -5.63 -118.04 47.33
CA GLU F 2707 -5.16 -119.03 46.36
C GLU F 2707 -6.29 -119.65 45.56
N ALA F 2708 -7.53 -119.52 46.02
CA ALA F 2708 -8.68 -120.03 45.30
C ALA F 2708 -9.36 -118.97 44.45
N LYS F 2709 -8.73 -117.81 44.29
CA LYS F 2709 -9.29 -116.74 43.47
C LYS F 2709 -8.41 -116.35 42.29
N GLY F 2710 -7.32 -117.07 42.05
CA GLY F 2710 -6.42 -116.75 40.97
C GLY F 2710 -5.28 -115.84 41.34
N GLY F 2711 -4.95 -115.74 42.62
CA GLY F 2711 -3.86 -114.90 43.09
C GLY F 2711 -4.36 -113.76 43.95
N GLY F 2712 -3.49 -112.77 44.10
CA GLY F 2712 -3.80 -111.61 44.92
C GLY F 2712 -2.85 -111.42 46.08
N THR F 2713 -2.65 -110.17 46.50
CA THR F 2713 -1.76 -109.85 47.60
C THR F 2713 -2.56 -109.45 48.83
N HIS F 2714 -1.88 -109.46 49.98
CA HIS F 2714 -2.49 -109.07 51.24
C HIS F 2714 -1.39 -108.60 52.18
N PRO F 2715 -1.54 -107.43 52.82
CA PRO F 2715 -0.46 -106.85 53.60
C PRO F 2715 -0.29 -107.42 55.01
N LEU F 2716 -0.97 -108.51 55.35
CA LEU F 2716 -0.88 -109.08 56.68
C LEU F 2716 -0.57 -110.58 56.64
N LEU F 2717 0.18 -111.02 55.63
CA LEU F 2717 0.64 -112.41 55.58
C LEU F 2717 2.01 -112.55 56.23
N VAL F 2718 2.11 -112.05 57.46
CA VAL F 2718 3.36 -111.99 58.21
C VAL F 2718 3.16 -112.84 59.46
N PRO F 2719 4.25 -113.29 60.11
CA PRO F 2719 4.09 -114.06 61.36
C PRO F 2719 3.46 -113.26 62.49
N TYR F 2720 3.08 -114.00 63.54
CA TYR F 2720 2.40 -113.41 64.68
C TYR F 2720 3.29 -112.45 65.46
N ASP F 2721 4.59 -112.73 65.51
CA ASP F 2721 5.52 -111.85 66.20
C ASP F 2721 5.83 -110.58 65.43
N THR F 2722 5.44 -110.50 64.16
CA THR F 2722 5.63 -109.30 63.34
C THR F 2722 4.32 -108.62 63.00
N LEU F 2723 3.23 -108.95 63.71
CA LEU F 2723 1.97 -108.25 63.52
C LEU F 2723 2.00 -106.90 64.22
N THR F 2724 1.01 -106.07 63.90
CA THR F 2724 0.88 -104.77 64.54
C THR F 2724 0.18 -104.90 65.88
N ALA F 2725 -0.01 -103.77 66.56
CA ALA F 2725 -0.66 -103.76 67.87
C ALA F 2725 -2.17 -103.92 67.80
N LYS F 2726 -2.76 -103.87 66.59
CA LYS F 2726 -4.20 -104.03 66.47
C LYS F 2726 -4.62 -105.48 66.64
N GLU F 2727 -3.99 -106.40 65.92
CA GLU F 2727 -4.33 -107.82 66.03
C GLU F 2727 -3.73 -108.48 67.26
N LYS F 2728 -2.85 -107.80 67.98
CA LYS F 2728 -2.32 -108.30 69.24
C LYS F 2728 -3.15 -107.87 70.44
N ALA F 2729 -4.31 -107.25 70.21
CA ALA F 2729 -5.19 -106.82 71.30
C ALA F 2729 -6.54 -107.51 71.30
N ARG F 2730 -7.11 -107.83 70.14
CA ARG F 2730 -8.40 -108.49 70.07
C ARG F 2730 -8.29 -110.00 69.99
N ASP F 2731 -7.24 -110.51 69.33
CA ASP F 2731 -7.04 -111.96 69.25
C ASP F 2731 -6.62 -112.53 70.59
N ARG F 2732 -5.83 -111.78 71.37
CA ARG F 2732 -5.49 -112.23 72.71
C ARG F 2732 -6.68 -112.12 73.66
N GLU F 2733 -7.51 -111.10 73.49
CA GLU F 2733 -8.74 -110.97 74.28
C GLU F 2733 -9.71 -112.10 73.97
N LYS F 2734 -9.77 -112.53 72.71
CA LYS F 2734 -10.53 -113.72 72.35
C LYS F 2734 -9.87 -114.97 72.90
N ALA F 2735 -8.55 -114.96 73.07
CA ALA F 2735 -7.83 -116.11 73.59
C ALA F 2735 -7.87 -116.18 75.11
N GLN F 2736 -7.89 -115.02 75.79
CA GLN F 2736 -7.92 -115.03 77.25
C GLN F 2736 -9.28 -115.46 77.79
N GLU F 2737 -10.37 -115.04 77.12
CA GLU F 2737 -11.71 -115.41 77.58
C GLU F 2737 -12.02 -116.88 77.31
N LEU F 2738 -11.34 -117.51 76.35
CA LEU F 2738 -11.51 -118.94 76.14
C LEU F 2738 -10.81 -119.74 77.23
N LEU F 2739 -9.63 -119.28 77.65
CA LEU F 2739 -8.92 -119.93 78.75
C LEU F 2739 -9.62 -119.73 80.08
N LYS F 2740 -10.32 -118.61 80.26
CA LYS F 2740 -11.07 -118.37 81.48
C LYS F 2740 -12.39 -119.14 81.51
N PHE F 2741 -12.87 -119.60 80.36
CA PHE F 2741 -13.99 -120.53 80.36
C PHE F 2741 -13.54 -121.96 80.62
N LEU F 2742 -12.26 -122.27 80.36
CA LEU F 2742 -11.72 -123.57 80.74
C LEU F 2742 -11.62 -123.71 82.25
N GLN F 2743 -11.51 -122.60 82.97
CA GLN F 2743 -11.60 -122.63 84.43
C GLN F 2743 -13.00 -123.03 84.89
N MET F 2744 -14.03 -122.62 84.15
CA MET F 2744 -15.38 -123.09 84.40
C MET F 2744 -15.48 -124.56 84.00
N ASN F 2745 -16.22 -125.34 84.80
CA ASN F 2745 -16.37 -126.79 84.77
C ASN F 2745 -15.06 -127.53 85.07
N GLY F 2746 -14.04 -126.83 85.57
CA GLY F 2746 -12.80 -127.42 86.04
C GLY F 2746 -11.98 -128.17 85.01
N TYR F 2747 -11.72 -127.54 83.87
CA TYR F 2747 -10.95 -128.15 82.80
C TYR F 2747 -9.63 -127.40 82.69
N ALA F 2748 -8.67 -127.79 83.53
CA ALA F 2748 -7.38 -127.13 83.59
C ALA F 2748 -6.51 -127.60 82.42
N VAL F 2749 -6.17 -126.67 81.53
CA VAL F 2749 -5.37 -127.01 80.36
C VAL F 2749 -3.99 -126.40 80.55
N THR F 2750 -3.07 -127.17 81.11
CA THR F 2750 -1.73 -126.71 81.48
C THR F 2750 -0.70 -127.68 80.91
N ARG F 2751 0.01 -127.24 79.87
CA ARG F 2751 1.04 -128.07 79.24
C ARG F 2751 2.25 -128.24 80.15
N UNK F 2752 5.40 -127.01 79.21
CA UNK F 2752 6.55 -126.67 78.38
C UNK F 2752 6.83 -125.16 78.43
N UNK F 2753 7.56 -124.74 79.46
CA UNK F 2753 7.90 -123.33 79.62
C UNK F 2753 9.38 -123.18 79.97
N UNK F 2754 9.80 -121.95 80.24
CA UNK F 2754 11.19 -121.67 80.58
C UNK F 2754 11.30 -121.10 82.00
N UNK F 2755 12.45 -120.51 82.30
CA UNK F 2755 12.70 -119.93 83.62
C UNK F 2755 12.54 -118.40 83.59
N UNK F 2756 12.14 -117.84 84.71
CA UNK F 2756 11.92 -116.40 84.81
C UNK F 2756 13.20 -115.66 85.22
N UNK F 2757 14.22 -115.77 84.38
CA UNK F 2757 15.50 -115.15 84.67
C UNK F 2757 15.94 -114.27 83.50
N UNK F 2758 16.59 -113.16 83.82
CA UNK F 2758 17.15 -112.28 82.81
C UNK F 2758 18.36 -112.95 82.18
N UNK F 2759 18.11 -113.75 81.14
CA UNK F 2759 19.16 -114.50 80.47
C UNK F 2759 19.99 -113.61 79.56
N UNK F 2760 19.42 -112.47 79.17
CA UNK F 2760 20.02 -111.47 78.28
C UNK F 2760 20.43 -112.06 76.93
N UNK F 2761 19.52 -112.01 75.97
CA UNK F 2761 19.71 -112.62 74.66
C UNK F 2761 20.83 -111.96 73.84
N UNK F 2762 21.13 -110.70 74.15
CA UNK F 2762 22.24 -110.01 73.52
C UNK F 2762 23.56 -110.58 74.06
N UNK F 2763 23.53 -111.05 75.29
CA UNK F 2763 24.71 -111.62 75.92
C UNK F 2763 24.76 -113.14 75.75
N UNK F 2764 23.59 -113.77 75.70
CA UNK F 2764 23.50 -115.23 75.63
C UNK F 2764 23.87 -115.75 74.24
N UNK F 2765 23.64 -114.93 73.22
CA UNK F 2765 23.96 -115.32 71.86
C UNK F 2765 25.46 -115.30 71.61
N UNK F 2766 26.15 -114.44 72.35
CA UNK F 2766 27.61 -114.31 72.24
C UNK F 2766 28.30 -115.52 72.85
N UNK F 2767 27.68 -116.10 73.87
CA UNK F 2767 28.20 -117.32 74.50
C UNK F 2767 28.04 -118.50 73.56
N UNK F 2768 26.94 -118.49 72.80
CA UNK F 2768 26.71 -119.50 71.78
C UNK F 2768 27.65 -119.24 70.60
N UNK F 2769 27.98 -117.98 70.39
CA UNK F 2769 28.95 -117.59 69.37
C UNK F 2769 30.35 -117.99 69.83
N UNK F 2770 30.56 -117.92 71.15
CA UNK F 2770 31.80 -118.40 71.74
C UNK F 2770 31.86 -119.91 71.65
N UNK F 2771 30.69 -120.54 71.73
CA UNK F 2771 30.58 -121.97 71.53
C UNK F 2771 30.77 -122.29 70.06
N UNK F 2772 30.33 -121.38 69.19
CA UNK F 2772 30.54 -121.51 67.76
C UNK F 2772 32.01 -121.28 67.42
N UNK F 2773 32.66 -120.45 68.22
CA UNK F 2773 34.08 -120.18 68.05
C UNK F 2773 34.90 -121.39 68.50
N UNK F 2774 34.41 -122.09 69.51
CA UNK F 2774 35.05 -123.30 70.00
C UNK F 2774 34.82 -124.44 69.00
N UNK F 2775 33.69 -124.36 68.29
CA UNK F 2775 33.41 -125.31 67.22
C UNK F 2775 34.30 -125.00 66.03
N UNK F 2776 34.60 -123.72 65.87
CA UNK F 2776 35.49 -123.27 64.81
C UNK F 2776 36.95 -123.43 65.23
N UNK F 2777 37.17 -123.64 66.52
CA UNK F 2777 38.51 -123.86 67.04
C UNK F 2777 39.03 -125.22 66.60
N UNK F 2778 38.09 -126.16 66.42
CA UNK F 2778 38.42 -127.48 65.90
C UNK F 2778 38.79 -127.37 64.43
N UNK F 2779 38.11 -126.47 63.73
CA UNK F 2779 38.42 -126.19 62.33
C UNK F 2779 39.73 -125.41 62.25
N UNK F 2780 39.99 -124.60 63.27
CA UNK F 2780 41.25 -123.86 63.38
C UNK F 2780 42.38 -124.82 63.67
N UNK F 2781 42.08 -125.86 64.42
CA UNK F 2781 43.05 -126.91 64.71
C UNK F 2781 43.28 -127.75 63.47
N UNK F 2782 42.23 -127.90 62.67
CA UNK F 2782 42.32 -128.63 61.41
C UNK F 2782 43.12 -127.82 60.39
N UNK F 2783 43.00 -126.51 60.48
CA UNK F 2783 43.73 -125.61 59.59
C UNK F 2783 45.19 -125.50 60.04
N UNK F 2784 45.42 -125.65 61.33
CA UNK F 2784 46.77 -125.59 61.89
C UNK F 2784 47.55 -126.84 61.51
N UNK F 2785 46.84 -127.96 61.42
CA UNK F 2785 47.47 -129.22 61.00
C UNK F 2785 47.67 -129.22 59.50
N UNK F 2786 46.86 -128.44 58.79
CA UNK F 2786 46.97 -128.32 57.35
C UNK F 2786 48.07 -127.34 56.96
N UNK F 2787 36.01 -124.89 57.21
CA UNK F 2787 35.93 -124.85 55.76
C UNK F 2787 35.44 -123.49 55.27
N UNK F 2788 34.18 -123.44 54.84
CA UNK F 2788 33.58 -122.21 54.35
C UNK F 2788 33.01 -121.40 55.52
N UNK F 2789 32.95 -122.03 56.68
CA UNK F 2789 32.46 -121.36 57.88
C UNK F 2789 33.61 -120.69 58.63
N UNK F 2790 34.82 -120.86 58.11
CA UNK F 2790 36.00 -120.23 58.70
C UNK F 2790 36.02 -118.74 58.40
N UNK F 2791 35.37 -118.36 57.31
CA UNK F 2791 35.26 -116.96 56.92
C UNK F 2791 34.04 -116.31 57.55
N UNK F 2792 33.13 -117.15 58.06
CA UNK F 2792 31.91 -116.67 58.71
C UNK F 2792 32.25 -116.07 60.07
N UNK F 2793 33.26 -116.64 60.72
CA UNK F 2793 33.70 -116.15 62.01
C UNK F 2793 34.48 -114.85 61.84
N UNK F 2794 35.09 -114.68 60.67
CA UNK F 2794 35.89 -113.50 60.37
C UNK F 2794 35.01 -112.26 60.24
N UNK F 2795 33.77 -112.46 59.78
CA UNK F 2795 32.82 -111.37 59.64
C UNK F 2795 32.36 -110.90 61.01
N UNK F 2796 32.19 -111.83 61.93
CA UNK F 2796 31.71 -111.52 63.27
C UNK F 2796 32.85 -110.99 64.15
N UNK F 2797 34.08 -111.33 63.77
CA UNK F 2797 35.27 -110.94 64.55
C UNK F 2797 35.49 -109.44 64.50
N UNK F 2798 35.33 -108.87 63.31
CA UNK F 2798 35.44 -107.43 63.14
C UNK F 2798 34.23 -106.74 63.73
N UNK F 2799 33.09 -107.44 63.68
CA UNK F 2799 31.84 -106.92 64.20
C UNK F 2799 31.84 -106.92 65.73
N UNK F 2800 32.63 -107.82 66.31
CA UNK F 2800 32.72 -107.94 67.76
C UNK F 2800 33.46 -106.74 68.36
N UNK F 2801 34.40 -106.20 67.60
CA UNK F 2801 35.17 -105.04 68.04
C UNK F 2801 34.28 -103.81 68.11
N UNK F 2802 33.36 -103.71 67.16
CA UNK F 2802 32.41 -102.61 67.13
C UNK F 2802 31.35 -102.79 68.19
N UNK F 2803 30.97 -104.04 68.43
CA UNK F 2803 29.92 -104.36 69.40
C UNK F 2803 30.40 -104.12 70.81
N UNK F 2804 31.69 -104.33 71.05
CA UNK F 2804 32.28 -104.13 72.36
C UNK F 2804 32.44 -102.65 72.68
N UNK F 2805 32.91 -101.90 71.68
CA UNK F 2805 33.18 -100.47 71.86
C UNK F 2805 31.89 -99.67 72.00
N UNK F 2806 30.85 -100.12 71.31
CA UNK F 2806 29.56 -99.45 71.39
C UNK F 2806 28.91 -99.73 72.73
N UNK F 2807 29.14 -100.93 73.25
CA UNK F 2807 28.63 -101.30 74.56
C UNK F 2807 29.50 -100.66 75.64
N UNK F 2808 30.38 -101.47 76.23
CA UNK F 2808 31.36 -101.06 77.25
C UNK F 2808 30.76 -100.38 78.47
N UNK F 2809 29.52 -100.74 78.81
CA UNK F 2809 28.83 -100.16 79.96
C UNK F 2809 27.74 -101.11 80.43
N UNK F 2810 27.39 -102.07 79.57
CA UNK F 2810 26.40 -103.07 79.90
C UNK F 2810 26.96 -104.08 80.91
N UNK F 2811 28.29 -104.22 80.89
CA UNK F 2811 28.98 -105.06 81.84
C UNK F 2811 28.98 -104.40 83.22
N UNK F 2812 29.01 -103.07 83.22
CA UNK F 2812 28.98 -102.32 84.47
C UNK F 2812 27.60 -102.35 85.10
N UNK F 2813 26.57 -102.26 84.25
CA UNK F 2813 25.19 -102.32 84.71
C UNK F 2813 24.82 -103.74 85.10
N UNK F 2814 25.10 -104.68 84.22
CA UNK F 2814 24.81 -106.08 84.47
C UNK F 2814 26.09 -106.90 84.52
N UNK F 2815 26.48 -107.32 85.72
CA UNK F 2815 27.72 -108.05 85.92
C UNK F 2815 27.59 -109.53 85.55
N UNK F 2816 27.57 -109.80 84.24
CA UNK F 2816 27.55 -111.17 83.76
C UNK F 2816 28.99 -111.66 83.57
N UNK F 2817 29.31 -112.80 84.18
CA UNK F 2817 30.66 -113.33 84.12
C UNK F 2817 30.87 -114.19 82.87
N UNK F 2818 29.81 -114.38 82.09
CA UNK F 2818 29.88 -115.14 80.85
C UNK F 2818 30.71 -114.37 79.83
N UNK F 2819 30.61 -113.05 79.87
CA UNK F 2819 31.41 -112.19 79.02
C UNK F 2819 32.86 -112.18 79.49
N UNK F 2820 33.03 -112.32 80.80
CA UNK F 2820 34.37 -112.39 81.39
C UNK F 2820 35.02 -113.72 81.04
N UNK F 2821 34.19 -114.75 80.91
CA UNK F 2821 34.66 -116.09 80.54
C UNK F 2821 35.00 -116.14 79.05
N UNK F 2822 34.38 -115.26 78.28
CA UNK F 2822 34.61 -115.22 76.84
C UNK F 2822 35.94 -114.55 76.49
N UNK F 2823 36.51 -113.83 77.45
CA UNK F 2823 37.79 -113.15 77.25
C UNK F 2823 38.92 -114.15 77.10
N UNK F 2824 38.99 -115.11 78.01
CA UNK F 2824 40.00 -116.16 77.96
C UNK F 2824 39.64 -117.18 76.88
N UNK F 2825 38.35 -117.31 76.60
CA UNK F 2825 37.87 -118.21 75.56
C UNK F 2825 38.30 -117.72 74.19
N UNK F 2826 38.35 -116.40 74.05
CA UNK F 2826 38.86 -115.79 72.83
C UNK F 2826 40.37 -115.83 72.81
N UNK F 2827 40.97 -115.81 74.01
CA UNK F 2827 42.41 -115.85 74.14
C UNK F 2827 42.95 -117.25 73.84
N UNK F 2828 42.11 -118.25 74.11
CA UNK F 2828 42.49 -119.65 73.87
C UNK F 2828 42.53 -119.95 72.37
N UNK F 2829 41.64 -119.33 71.62
CA UNK F 2829 41.64 -119.46 70.18
C UNK F 2829 42.77 -118.61 69.60
N UNK F 2830 43.13 -117.56 70.33
CA UNK F 2830 44.25 -116.71 69.95
C UNK F 2830 45.57 -117.37 70.35
N UNK F 2831 45.50 -118.30 71.28
CA UNK F 2831 46.66 -119.07 71.71
C UNK F 2831 47.07 -120.06 70.63
N UNK F 2832 46.10 -120.47 69.81
CA UNK F 2832 46.36 -121.34 68.68
C UNK F 2832 47.08 -120.56 67.59
N UNK F 2833 46.79 -119.27 67.51
CA UNK F 2833 47.43 -118.40 66.54
C UNK F 2833 48.56 -117.60 67.18
N UNK F 2834 48.87 -117.92 68.43
CA UNK F 2834 49.96 -117.26 69.15
C UNK F 2834 51.30 -117.71 68.57
N UNK F 2835 51.37 -118.96 68.18
CA UNK F 2835 52.57 -119.51 67.54
C UNK F 2835 52.30 -119.74 66.07
N UNK F 2836 51.23 -119.13 65.55
CA UNK F 2836 50.85 -119.32 64.16
C UNK F 2836 50.52 -117.99 63.48
N UNK F 2837 49.29 -117.50 63.73
CA UNK F 2837 48.73 -116.27 63.15
C UNK F 2837 48.78 -116.26 61.62
N UNK F 2838 48.13 -117.23 61.01
CA UNK F 2838 48.12 -117.34 59.56
C UNK F 2838 46.98 -116.54 58.94
N UNK F 2839 46.08 -116.04 59.79
CA UNK F 2839 44.94 -115.27 59.33
C UNK F 2839 45.25 -113.78 59.30
N UNK F 2840 44.22 -112.96 59.49
CA UNK F 2840 44.38 -111.51 59.50
C UNK F 2840 44.96 -111.05 60.84
N UNK F 2841 45.77 -110.00 60.81
CA UNK F 2841 46.41 -109.48 62.00
C UNK F 2841 45.55 -108.42 62.69
N UNK F 2842 44.40 -108.12 62.08
CA UNK F 2842 43.49 -107.11 62.62
C UNK F 2842 42.70 -107.66 63.80
N UNK F 2843 42.63 -108.99 63.90
CA UNK F 2843 41.93 -109.65 64.99
C UNK F 2843 42.70 -109.50 66.30
N UNK F 2844 44.01 -109.29 66.18
CA UNK F 2844 44.86 -109.04 67.33
C UNK F 2844 44.55 -107.68 67.95
N UNK F 2845 44.14 -106.74 67.11
CA UNK F 2845 43.75 -105.40 67.55
C UNK F 2845 42.40 -105.48 68.26
N UNK F 2846 41.60 -106.47 67.89
CA UNK F 2846 40.28 -106.66 68.48
C UNK F 2846 40.38 -107.21 69.91
N UNK F 2847 41.53 -107.80 70.23
CA UNK F 2847 41.77 -108.34 71.55
C UNK F 2847 41.91 -107.21 72.57
N UNK F 2848 42.49 -106.10 72.14
CA UNK F 2848 42.63 -104.93 72.99
C UNK F 2848 41.28 -104.23 73.15
N UNK F 2849 40.42 -104.41 72.15
CA UNK F 2849 39.08 -103.83 72.17
C UNK F 2849 38.21 -104.58 73.18
N UNK F 2850 38.43 -105.88 73.30
CA UNK F 2850 37.65 -106.71 74.20
C UNK F 2850 38.20 -106.65 75.63
N UNK F 2851 39.46 -106.25 75.75
CA UNK F 2851 40.12 -106.21 77.05
C UNK F 2851 39.67 -105.00 77.86
N UNK F 2852 39.18 -103.97 77.18
CA UNK F 2852 38.79 -102.73 77.82
C UNK F 2852 37.47 -102.87 78.59
N UNK F 2853 36.65 -103.83 78.19
CA UNK F 2853 35.33 -104.01 78.78
C UNK F 2853 35.39 -104.58 80.19
N UNK F 2854 36.32 -105.50 80.40
CA UNK F 2854 36.47 -106.14 81.71
C UNK F 2854 37.14 -105.20 82.70
N UNK F 2855 38.12 -104.45 82.20
CA UNK F 2855 38.87 -103.51 83.04
C UNK F 2855 39.40 -102.36 82.21
N UNK F 2856 37.43 -112.24 93.33
CA UNK F 2856 36.02 -111.98 93.60
C UNK F 2856 35.16 -113.18 93.20
N UNK F 2857 33.85 -112.99 93.22
CA UNK F 2857 32.92 -114.02 92.77
C UNK F 2857 32.98 -114.12 91.25
N UNK F 2858 33.21 -112.98 90.61
CA UNK F 2858 33.40 -112.93 89.17
C UNK F 2858 34.80 -113.42 88.82
N UNK F 2859 35.76 -113.04 89.65
CA UNK F 2859 37.15 -113.45 89.45
C UNK F 2859 37.46 -114.68 90.31
N UNK F 2860 36.70 -115.74 90.09
CA UNK F 2860 36.84 -116.96 90.88
C UNK F 2860 37.63 -118.03 90.11
N UNK F 2861 36.94 -119.05 89.64
CA UNK F 2861 37.58 -120.15 88.93
C UNK F 2861 37.80 -119.80 87.46
N UNK F 2862 39.00 -119.32 87.15
CA UNK F 2862 39.32 -118.95 85.79
C UNK F 2862 40.79 -119.23 85.48
N UNK F 2863 41.68 -118.58 86.25
CA UNK F 2863 43.13 -118.68 86.12
C UNK F 2863 43.64 -118.37 84.71
N UNK F 2864 43.05 -117.35 84.10
CA UNK F 2864 43.41 -116.95 82.74
C UNK F 2864 44.79 -116.31 82.71
N UNK F 2865 45.09 -115.52 83.73
CA UNK F 2865 46.40 -114.89 83.86
C UNK F 2865 47.44 -115.93 84.22
N UNK F 2866 47.00 -116.96 84.95
CA UNK F 2866 47.85 -118.10 85.25
C UNK F 2866 48.07 -118.92 83.99
N UNK F 2867 47.06 -118.91 83.12
CA UNK F 2867 47.18 -119.55 81.82
C UNK F 2867 48.02 -118.69 80.89
N UNK F 2868 48.04 -117.39 81.16
CA UNK F 2868 48.84 -116.46 80.39
C UNK F 2868 50.23 -116.30 81.01
N UNK F 2869 50.41 -116.92 82.18
CA UNK F 2869 51.70 -116.87 82.87
C UNK F 2869 52.72 -117.77 82.18
N UNK F 2870 52.23 -118.78 81.47
CA UNK F 2870 53.07 -119.69 80.71
C UNK F 2870 53.68 -118.96 79.52
N UNK F 2871 52.87 -118.11 78.88
CA UNK F 2871 53.34 -117.29 77.78
C UNK F 2871 54.24 -116.18 78.33
N UNK F 2872 53.97 -115.78 79.57
CA UNK F 2872 54.80 -114.80 80.27
C UNK F 2872 56.14 -115.44 80.65
N UNK F 2873 56.11 -116.74 80.88
CA UNK F 2873 57.33 -117.49 81.15
C UNK F 2873 58.03 -117.82 79.83
N UNK F 2874 57.27 -117.78 78.75
CA UNK F 2874 57.82 -118.03 77.41
C UNK F 2874 58.53 -116.78 76.88
N UNK F 2875 58.30 -115.65 77.54
CA UNK F 2875 58.98 -114.41 77.20
C UNK F 2875 60.46 -114.50 77.56
N UNK F 2876 60.74 -115.18 78.67
CA UNK F 2876 62.12 -115.43 79.09
C UNK F 2876 62.73 -116.48 78.17
N UNK F 2877 61.88 -117.38 77.67
CA UNK F 2877 62.30 -118.38 76.70
C UNK F 2877 62.58 -117.72 75.36
N UNK F 2878 61.81 -116.67 75.06
CA UNK F 2878 62.05 -115.87 73.87
C UNK F 2878 63.29 -115.01 74.10
N UNK F 2879 63.51 -114.62 75.36
CA UNK F 2879 64.69 -113.88 75.75
C UNK F 2879 65.91 -114.79 75.71
N UNK F 2880 65.68 -116.08 75.96
CA UNK F 2880 66.73 -117.09 75.87
C UNK F 2880 67.14 -117.28 74.42
N UNK F 2881 66.18 -117.16 73.51
CA UNK F 2881 66.46 -117.21 72.08
C UNK F 2881 67.11 -115.92 71.64
N UNK F 2882 66.77 -114.83 72.32
CA UNK F 2882 67.34 -113.52 72.01
C UNK F 2882 68.76 -113.40 72.58
N UNK F 2883 69.04 -114.18 73.62
CA UNK F 2883 70.37 -114.15 74.23
C UNK F 2883 71.35 -114.97 73.41
N UNK F 2884 70.83 -115.91 72.61
CA UNK F 2884 71.66 -116.73 71.76
C UNK F 2884 71.76 -116.14 70.37
N UNK F 2885 70.99 -115.10 70.11
CA UNK F 2885 70.99 -114.44 68.81
C UNK F 2885 72.23 -113.56 68.65
N UNK F 2886 57.08 -118.94 68.76
CA UNK F 2886 57.32 -118.16 69.96
C UNK F 2886 57.86 -116.77 69.62
N UNK F 2887 57.36 -116.21 68.53
CA UNK F 2887 57.78 -114.88 68.08
C UNK F 2887 56.58 -114.05 67.66
N UNK F 2888 55.50 -114.73 67.27
CA UNK F 2888 54.28 -114.05 66.87
C UNK F 2888 53.50 -113.60 68.09
N UNK F 2889 53.71 -114.27 69.21
CA UNK F 2889 53.08 -113.90 70.48
C UNK F 2889 54.03 -113.04 71.31
N UNK F 2890 55.07 -112.53 70.67
CA UNK F 2890 56.06 -111.72 71.35
C UNK F 2890 55.79 -110.23 71.13
N UNK F 2891 54.80 -109.94 70.29
CA UNK F 2891 54.46 -108.56 69.95
C UNK F 2891 53.04 -108.23 70.42
N UNK F 2892 52.10 -109.13 70.11
CA UNK F 2892 50.71 -108.91 70.42
C UNK F 2892 50.42 -109.07 71.91
N UNK F 2893 50.99 -110.11 72.51
CA UNK F 2893 50.78 -110.38 73.92
C UNK F 2893 51.53 -109.38 74.79
N UNK F 2894 52.62 -108.85 74.25
CA UNK F 2894 53.38 -107.81 74.94
C UNK F 2894 52.59 -106.51 74.94
N UNK F 2895 51.86 -106.28 73.85
CA UNK F 2895 51.02 -105.10 73.74
C UNK F 2895 49.77 -105.25 74.60
N UNK F 2896 49.28 -106.48 74.70
CA UNK F 2896 48.10 -106.77 75.49
C UNK F 2896 48.42 -106.73 76.98
N UNK F 2897 49.68 -106.97 77.31
CA UNK F 2897 50.12 -106.96 78.71
C UNK F 2897 50.14 -105.55 79.27
N UNK F 2898 50.62 -104.61 78.47
CA UNK F 2898 50.70 -103.22 78.88
C UNK F 2898 49.31 -102.60 79.01
N UNK F 2899 48.41 -103.04 78.14
CA UNK F 2899 47.04 -102.55 78.14
C UNK F 2899 46.29 -103.05 79.35
N UNK F 2900 46.50 -104.32 79.69
CA UNK F 2900 45.84 -104.94 80.84
C UNK F 2900 46.40 -104.40 82.14
N UNK F 2901 47.68 -104.05 82.13
CA UNK F 2901 48.33 -103.49 83.31
C UNK F 2901 47.86 -102.06 83.52
N UNK F 2902 47.49 -101.38 82.43
CA UNK F 2902 46.95 -100.04 82.50
C UNK F 2902 45.44 -100.09 82.72
N UNK F 2903 44.87 -101.28 82.60
CA UNK F 2903 43.44 -101.47 82.78
C UNK F 2903 43.07 -101.61 84.26
N UNK F 2904 44.09 -101.71 85.11
CA UNK F 2904 43.89 -101.83 86.55
C UNK F 2904 43.92 -100.46 87.23
N UNK F 2905 43.35 -99.45 86.55
CA UNK F 2905 43.29 -98.10 87.10
C UNK F 2905 41.99 -97.89 87.86
N UNK F 2906 41.15 -98.93 87.87
CA UNK F 2906 39.88 -98.88 88.58
C UNK F 2906 39.64 -100.18 89.33
N UNK F 2907 40.04 -101.29 88.74
CA UNK F 2907 39.84 -102.60 89.33
C UNK F 2907 41.16 -103.18 89.86
N UNK F 2908 41.05 -104.15 90.76
CA UNK F 2908 42.21 -104.81 91.33
C UNK F 2908 41.87 -106.23 91.76
N UNK F 2909 42.88 -106.99 92.16
CA UNK F 2909 42.69 -108.36 92.58
C UNK F 2909 43.45 -108.64 93.88
N UNK F 2910 43.63 -109.92 94.19
CA UNK F 2910 44.33 -110.31 95.40
C UNK F 2910 45.66 -110.99 95.07
N UNK F 2911 45.92 -111.14 93.77
CA UNK F 2911 47.11 -111.80 93.22
C UNK F 2911 47.33 -113.20 93.77
N UNK F 2912 46.25 -113.98 93.82
CA UNK F 2912 46.31 -115.35 94.31
C UNK F 2912 47.07 -116.22 93.32
N UNK F 2913 48.30 -116.57 93.70
CA UNK F 2913 49.25 -117.34 92.89
C UNK F 2913 49.51 -116.72 91.52
N UNK F 2914 49.52 -115.39 91.47
CA UNK F 2914 49.77 -114.67 90.24
C UNK F 2914 50.84 -113.62 90.48
N UNK F 2915 51.06 -113.29 91.75
CA UNK F 2915 52.10 -112.34 92.13
C UNK F 2915 53.47 -112.94 91.89
N UNK F 2916 53.61 -114.22 92.20
CA UNK F 2916 54.85 -114.95 91.95
C UNK F 2916 54.99 -115.24 90.47
N UNK F 2917 53.84 -115.39 89.81
CA UNK F 2917 53.81 -115.59 88.36
C UNK F 2917 54.22 -114.30 87.65
N UNK F 2918 53.92 -113.17 88.27
CA UNK F 2918 54.31 -111.88 87.75
C UNK F 2918 55.77 -111.58 88.09
N UNK F 2919 56.18 -111.94 89.30
CA UNK F 2919 57.54 -111.66 89.78
C UNK F 2919 58.59 -112.45 89.02
N UNK F 2920 58.20 -113.60 88.51
CA UNK F 2920 59.08 -114.42 87.68
C UNK F 2920 59.31 -113.72 86.34
N UNK F 2921 58.25 -113.15 85.80
CA UNK F 2921 58.34 -112.41 84.54
C UNK F 2921 58.98 -111.04 84.79
N UNK F 2922 58.83 -110.54 86.01
CA UNK F 2922 59.42 -109.26 86.39
C UNK F 2922 60.93 -109.40 86.52
N UNK F 2923 61.37 -110.51 87.08
CA UNK F 2923 62.78 -110.80 87.23
C UNK F 2923 63.39 -111.11 85.87
N UNK F 2924 62.58 -111.69 84.98
CA UNK F 2924 63.02 -112.00 83.62
C UNK F 2924 63.18 -110.72 82.82
N UNK F 2925 62.38 -109.72 83.13
CA UNK F 2925 62.44 -108.43 82.45
C UNK F 2925 63.56 -107.57 83.03
N UNK F 2926 63.78 -107.70 84.33
CA UNK F 2926 64.80 -106.91 85.03
C UNK F 2926 66.20 -107.38 84.64
N UNK F 2927 66.33 -108.68 84.41
CA UNK F 2927 67.61 -109.26 84.03
C UNK F 2927 67.91 -108.98 82.57
N UNK F 2928 66.86 -108.77 81.78
CA UNK F 2928 67.01 -108.51 80.35
C UNK F 2928 67.02 -107.02 80.05
N UNK F 2929 67.31 -106.21 81.06
CA UNK F 2929 67.37 -104.77 80.89
C UNK F 2929 68.67 -104.35 80.21
N UNK F 2930 69.72 -105.15 80.42
CA UNK F 2930 71.04 -104.82 79.89
C UNK F 2930 71.61 -105.93 79.01
N UNK F 2931 70.73 -106.79 78.49
CA UNK F 2931 71.17 -107.89 77.64
C UNK F 2931 71.55 -107.36 76.26
N UNK F 2932 72.79 -107.63 75.85
CA UNK F 2932 73.29 -107.16 74.57
C UNK F 2932 72.82 -108.05 73.42
N UNK F 2933 73.11 -107.61 72.19
CA UNK F 2933 72.72 -108.26 70.94
C UNK F 2933 71.22 -108.53 70.84
N UNK F 2934 70.43 -107.59 71.35
CA UNK F 2934 68.98 -107.72 71.36
C UNK F 2934 68.32 -106.35 71.32
N UNK F 2935 68.60 -105.60 70.26
CA UNK F 2935 67.99 -104.28 70.08
C UNK F 2935 66.62 -104.44 69.42
N UNK F 2936 66.40 -103.69 68.32
CA UNK F 2936 65.16 -103.69 67.54
C UNK F 2936 63.93 -103.39 68.39
N UNK F 2937 63.84 -102.15 68.86
CA UNK F 2937 62.75 -101.63 69.71
C UNK F 2937 62.54 -102.42 71.00
N UNK F 2938 63.21 -101.98 72.06
CA UNK F 2938 63.01 -102.54 73.38
C UNK F 2938 61.93 -101.75 74.13
N UNK F 2939 60.76 -101.67 73.53
CA UNK F 2939 59.67 -100.85 74.06
C UNK F 2939 58.68 -101.68 74.86
N UNK F 2940 59.18 -102.73 75.51
CA UNK F 2940 58.34 -103.56 76.36
C UNK F 2940 58.50 -103.14 77.82
N UNK F 2941 59.23 -102.05 78.03
CA UNK F 2941 59.47 -101.52 79.36
C UNK F 2941 58.22 -100.87 79.94
N UNK F 2942 57.33 -100.43 79.05
CA UNK F 2942 56.08 -99.82 79.45
C UNK F 2942 55.10 -100.85 79.99
N UNK F 2943 55.29 -102.10 79.59
CA UNK F 2943 54.45 -103.20 80.07
C UNK F 2943 54.74 -103.47 81.54
N UNK F 2944 55.97 -103.23 81.96
CA UNK F 2944 56.35 -103.38 83.36
C UNK F 2944 56.10 -102.08 84.11
N UNK F 2945 56.15 -100.97 83.39
CA UNK F 2945 55.92 -99.65 83.98
C UNK F 2945 54.46 -99.45 84.31
N UNK F 2946 53.59 -100.03 83.50
CA UNK F 2946 52.14 -99.98 83.75
C UNK F 2946 51.76 -101.02 84.78
N UNK F 2947 52.61 -102.04 84.93
CA UNK F 2947 52.38 -103.09 85.93
C UNK F 2947 53.17 -102.79 87.19
N UNK F 2948 53.78 -101.61 87.24
CA UNK F 2948 54.53 -101.17 88.41
C UNK F 2948 53.59 -100.61 89.47
N UNK F 2949 52.35 -100.33 89.05
CA UNK F 2949 51.32 -99.87 89.97
C UNK F 2949 50.41 -101.02 90.37
N UNK F 2950 51.02 -102.16 90.67
CA UNK F 2950 50.25 -103.35 91.05
C UNK F 2950 49.92 -103.35 92.53
N UNK F 2951 50.08 -104.50 93.18
CA UNK F 2951 49.83 -104.62 94.61
C UNK F 2951 50.91 -103.90 95.40
N UNK F 2952 52.00 -104.62 95.70
CA UNK F 2952 53.12 -104.05 96.42
C UNK F 2952 54.42 -104.68 95.96
N UNK F 2953 65.59 -111.78 93.20
CA UNK F 2953 64.59 -112.12 94.22
C UNK F 2953 65.19 -111.98 95.61
N UNK F 2954 64.85 -110.89 96.30
CA UNK F 2954 65.36 -110.63 97.64
C UNK F 2954 64.67 -111.51 98.67
N UNK F 2955 63.54 -111.06 99.19
CA UNK F 2955 62.81 -111.82 100.20
C UNK F 2955 61.68 -112.63 99.58
N UNK F 2956 61.87 -113.06 98.34
CA UNK F 2956 60.88 -113.87 97.64
C UNK F 2956 61.10 -115.35 97.94
N UNK F 2957 62.23 -115.65 98.57
CA UNK F 2957 62.58 -117.02 98.92
C UNK F 2957 61.92 -117.44 100.22
N UNK F 2958 61.44 -116.44 100.98
CA UNK F 2958 60.76 -116.71 102.24
C UNK F 2958 59.25 -116.68 102.06
N UNK F 2959 58.80 -116.98 100.85
CA UNK F 2959 57.38 -116.95 100.54
C UNK F 2959 57.05 -117.94 99.43
N UNK F 2960 58.04 -118.74 99.05
CA UNK F 2960 57.88 -119.70 97.96
C UNK F 2960 57.03 -120.88 98.40
N UNK F 2961 57.67 -121.88 98.99
CA UNK F 2961 56.97 -123.07 99.44
C UNK F 2961 56.38 -122.87 100.83
N UNK F 2962 56.81 -121.82 101.51
CA UNK F 2962 56.33 -121.50 102.85
C UNK F 2962 54.87 -121.04 102.80
N UNK F 2963 54.55 -120.23 101.79
CA UNK F 2963 53.18 -119.79 101.58
C UNK F 2963 52.38 -120.88 100.88
N UNK F 2964 53.08 -121.78 100.21
CA UNK F 2964 52.44 -122.90 99.53
C UNK F 2964 52.02 -123.97 100.54
N UNK F 2965 52.80 -124.10 101.61
CA UNK F 2965 52.49 -125.05 102.66
C UNK F 2965 51.57 -124.42 103.69
N UNK F 2966 52.11 -123.48 104.47
CA UNK F 2966 51.35 -122.82 105.51
C UNK F 2966 50.37 -121.80 104.91
N UNK F 2967 48.64 -113.88 103.16
CA UNK F 2967 49.77 -113.76 102.25
C UNK F 2967 51.08 -113.69 103.04
N UNK F 2968 52.16 -114.14 102.40
CA UNK F 2968 53.47 -114.13 103.03
C UNK F 2968 54.25 -112.88 102.62
N UNK F 2969 53.81 -111.73 103.11
CA UNK F 2969 54.47 -110.46 102.82
C UNK F 2969 54.35 -109.51 104.00
N UNK F 2970 55.36 -108.68 104.20
CA UNK F 2970 55.38 -107.75 105.34
C UNK F 2970 55.60 -106.32 104.88
N UNK F 2971 56.29 -105.54 105.71
CA UNK F 2971 56.56 -104.15 105.40
C UNK F 2971 57.92 -103.99 104.73
N UNK F 2972 58.50 -105.11 104.30
CA UNK F 2972 59.77 -105.09 103.60
C UNK F 2972 59.71 -106.03 102.39
N UNK F 2973 58.72 -105.83 101.55
CA UNK F 2973 58.55 -106.65 100.36
C UNK F 2973 59.24 -106.01 99.16
N UNK F 2974 58.48 -105.23 98.40
CA UNK F 2974 59.02 -104.53 97.25
C UNK F 2974 59.74 -103.25 97.69
N UNK F 2975 59.48 -102.84 98.92
CA UNK F 2975 60.13 -101.67 99.49
C UNK F 2975 61.54 -102.01 99.95
N UNK F 2976 61.82 -103.30 100.10
CA UNK F 2976 63.15 -103.76 100.50
C UNK F 2976 64.16 -103.57 99.37
N UNK F 2977 63.70 -103.68 98.13
CA UNK F 2977 64.56 -103.50 96.97
C UNK F 2977 64.39 -102.10 96.40
N UNK F 2978 63.61 -101.27 97.08
CA UNK F 2978 63.37 -99.90 96.62
C UNK F 2978 64.55 -99.00 96.95
N UNK F 2979 65.22 -99.27 98.07
CA UNK F 2979 66.38 -98.49 98.48
C UNK F 2979 67.60 -98.89 97.65
N UNK F 2980 67.57 -100.11 97.13
CA UNK F 2980 68.63 -100.60 96.25
C UNK F 2980 68.56 -99.89 94.90
N UNK F 2981 67.34 -99.53 94.50
CA UNK F 2981 67.13 -98.78 93.28
C UNK F 2981 67.44 -97.29 93.50
N UNK F 2982 67.35 -96.86 94.76
CA UNK F 2982 67.64 -95.49 95.13
C UNK F 2982 69.13 -95.21 94.99
N UNK F 2983 69.95 -96.22 95.28
CA UNK F 2983 71.38 -96.14 95.07
C UNK F 2983 71.70 -96.29 93.60
N UNK F 2984 70.85 -97.02 92.89
CA UNK F 2984 71.01 -97.24 91.46
C UNK F 2984 70.64 -95.98 90.68
N UNK F 2985 69.71 -95.20 91.22
CA UNK F 2985 69.29 -93.96 90.57
C UNK F 2985 70.25 -92.82 90.90
N UNK F 2986 70.99 -92.98 91.99
CA UNK F 2986 71.94 -91.98 92.42
C UNK F 2986 73.24 -92.06 91.62
N UNK F 2987 73.42 -93.17 90.91
CA UNK F 2987 74.60 -93.38 90.09
C UNK F 2987 74.61 -92.47 88.87
N UNK F 2988 73.51 -92.46 88.13
CA UNK F 2988 73.41 -91.65 86.93
C UNK F 2988 72.92 -90.24 87.25
N UNK F 2989 72.66 -89.97 88.51
CA UNK F 2989 72.22 -88.66 88.96
C UNK F 2989 73.37 -87.65 88.84
N UNK F 2990 74.58 -88.11 89.12
CA UNK F 2990 75.76 -87.28 89.02
C UNK F 2990 76.49 -87.55 87.71
N UNK F 2991 76.54 -88.82 87.33
CA UNK F 2991 77.20 -89.22 86.09
C UNK F 2991 76.36 -88.85 84.88
N UNK F 2992 76.90 -87.98 84.04
CA UNK F 2992 76.21 -87.57 82.82
C UNK F 2992 76.34 -88.63 81.74
N UNK F 2993 75.54 -89.68 81.85
CA UNK F 2993 75.53 -90.75 80.86
C UNK F 2993 74.82 -90.28 79.59
N UNK F 2994 75.57 -89.59 78.73
CA UNK F 2994 75.01 -89.04 77.49
C UNK F 2994 74.83 -90.13 76.45
N UNK F 2995 75.52 -91.25 76.62
CA UNK F 2995 75.37 -92.39 75.73
C UNK F 2995 74.02 -93.06 75.94
N UNK F 2996 73.34 -93.37 74.84
CA UNK F 2996 72.03 -94.00 74.89
C UNK F 2996 72.16 -95.47 75.29
N UNK F 2997 73.33 -96.04 75.02
CA UNK F 2997 73.63 -97.41 75.42
C UNK F 2997 73.83 -97.49 76.93
N UNK F 2998 74.31 -96.40 77.51
CA UNK F 2998 74.49 -96.32 78.96
C UNK F 2998 73.15 -96.13 79.65
N UNK F 2999 72.21 -95.52 78.93
CA UNK F 2999 70.88 -95.26 79.47
C UNK F 2999 69.88 -96.29 78.94
N UNK F 3000 70.40 -97.31 78.28
CA UNK F 3000 69.57 -98.37 77.72
C UNK F 3000 69.01 -99.25 78.83
N UNK F 3001 69.77 -99.38 79.91
CA UNK F 3001 69.34 -100.15 81.06
C UNK F 3001 69.07 -99.21 82.23
N UNK F 3002 69.13 -97.92 81.97
CA UNK F 3002 68.92 -96.91 83.00
C UNK F 3002 67.66 -96.11 82.76
N UNK F 3003 67.64 -95.37 81.65
CA UNK F 3003 66.50 -94.51 81.32
C UNK F 3003 65.29 -95.33 80.91
N UNK F 3004 65.53 -96.47 80.28
CA UNK F 3004 64.46 -97.36 79.87
C UNK F 3004 63.90 -98.11 81.08
N UNK F 3005 64.75 -98.27 82.10
CA UNK F 3005 64.34 -98.93 83.32
C UNK F 3005 63.80 -97.92 84.33
N UNK F 3006 63.93 -96.63 84.01
CA UNK F 3006 63.46 -95.57 84.89
C UNK F 3006 61.95 -95.37 84.74
N UNK F 3007 61.38 -95.92 83.67
CA UNK F 3007 59.95 -95.82 83.41
C UNK F 3007 59.16 -96.65 84.42
N UNK F 3008 59.72 -97.78 84.81
CA UNK F 3008 59.10 -98.64 85.81
C UNK F 3008 59.29 -98.06 87.20
N UNK F 3009 60.33 -97.23 87.35
CA UNK F 3009 60.63 -96.60 88.63
C UNK F 3009 59.89 -95.28 88.79
N UNK F 3010 59.07 -94.94 87.80
CA UNK F 3010 58.29 -93.71 87.84
C UNK F 3010 57.03 -93.87 88.68
N UNK F 3011 56.70 -95.11 89.00
CA UNK F 3011 55.52 -95.40 89.80
C UNK F 3011 55.87 -95.44 91.28
N UNK F 3012 56.44 -94.35 91.78
CA UNK F 3012 56.85 -94.25 93.18
C UNK F 3012 55.64 -94.01 94.08
N UNK F 3013 54.82 -93.04 93.69
CA UNK F 3013 53.62 -92.71 94.47
C UNK F 3013 52.53 -93.74 94.22
N UNK F 3014 52.64 -94.46 93.10
CA UNK F 3014 51.72 -95.53 92.78
C UNK F 3014 52.01 -96.73 93.67
N UNK F 3015 53.29 -96.94 93.95
CA UNK F 3015 53.71 -98.00 94.86
C UNK F 3015 53.44 -97.56 96.30
N UNK F 3016 53.43 -96.26 96.52
CA UNK F 3016 53.10 -95.69 97.82
C UNK F 3016 51.59 -95.60 97.99
N UNK F 3017 51.16 -95.29 99.20
CA UNK F 3017 49.74 -95.06 99.47
C UNK F 3017 49.43 -93.60 99.20
N UNK F 3018 49.93 -92.74 100.06
CA UNK F 3018 49.78 -91.29 99.89
C UNK F 3018 51.11 -90.70 99.42
N UNK F 3019 51.53 -89.63 100.08
CA UNK F 3019 52.79 -88.97 99.75
C UNK F 3019 53.75 -89.00 100.93
N UNK F 3020 53.91 -90.18 101.52
CA UNK F 3020 54.79 -90.35 102.68
C UNK F 3020 56.26 -90.31 102.26
N UNK F 3021 56.60 -91.12 101.26
CA UNK F 3021 57.97 -91.15 100.75
C UNK F 3021 58.08 -90.35 99.46
N UNK F 3022 57.44 -89.19 99.43
CA UNK F 3022 57.42 -88.35 98.25
C UNK F 3022 58.64 -87.43 98.18
N UNK F 3023 59.43 -87.42 99.23
CA UNK F 3023 60.63 -86.60 99.29
C UNK F 3023 61.70 -87.16 98.35
N UNK F 3024 61.70 -88.49 98.19
CA UNK F 3024 62.62 -89.15 97.28
C UNK F 3024 62.19 -88.91 95.85
N UNK F 3025 60.89 -88.78 95.64
CA UNK F 3025 60.34 -88.50 94.31
C UNK F 3025 60.50 -87.03 93.97
N UNK F 3026 60.71 -86.21 95.00
CA UNK F 3026 60.88 -84.76 94.82
C UNK F 3026 62.23 -84.44 94.19
N UNK F 3027 63.20 -85.32 94.40
CA UNK F 3027 64.54 -85.11 93.86
C UNK F 3027 64.74 -85.87 92.57
N UNK F 3028 63.79 -86.74 92.24
CA UNK F 3028 63.89 -87.58 91.05
C UNK F 3028 63.65 -86.76 89.78
N UNK F 3029 62.91 -85.67 89.91
CA UNK F 3029 62.60 -84.81 88.78
C UNK F 3029 63.81 -84.01 88.34
N UNK F 3030 64.61 -83.57 89.31
CA UNK F 3030 65.81 -82.78 89.04
C UNK F 3030 66.87 -83.64 88.36
N UNK F 3031 66.91 -84.91 88.72
CA UNK F 3031 67.80 -85.87 88.10
C UNK F 3031 67.31 -86.17 86.69
N UNK F 3032 66.00 -86.21 86.53
CA UNK F 3032 65.39 -86.43 85.23
C UNK F 3032 65.58 -85.21 84.34
N UNK F 3033 65.62 -84.04 84.97
CA UNK F 3033 65.87 -82.80 84.26
C UNK F 3033 67.32 -82.73 83.82
N UNK F 3034 68.21 -83.24 84.66
CA UNK F 3034 69.64 -83.25 84.39
C UNK F 3034 69.99 -84.21 83.27
N UNK F 3035 69.16 -85.24 83.10
CA UNK F 3035 69.32 -86.20 82.03
C UNK F 3035 69.03 -85.55 80.69
N UNK F 3036 68.06 -84.63 80.69
CA UNK F 3036 67.71 -83.88 79.50
C UNK F 3036 68.63 -82.66 79.36
N UNK F 3037 69.34 -82.35 80.43
CA UNK F 3037 70.29 -81.25 80.42
C UNK F 3037 71.69 -81.73 80.06
N UNK F 3038 71.78 -82.96 79.57
CA UNK F 3038 73.04 -83.53 79.13
C UNK F 3038 73.27 -83.27 77.64
N UNK F 3039 72.32 -82.55 77.03
CA UNK F 3039 72.32 -82.17 75.61
C UNK F 3039 72.44 -83.37 74.67
N UNK F 3040 71.30 -83.94 74.31
CA UNK F 3040 71.26 -85.09 73.41
C UNK F 3040 71.67 -84.69 71.99
N UNK F 3041 72.21 -85.64 71.25
CA UNK F 3041 72.65 -85.40 69.88
C UNK F 3041 71.45 -85.30 68.94
N UNK F 3042 71.15 -86.41 68.27
CA UNK F 3042 70.01 -86.46 67.36
C UNK F 3042 68.86 -87.23 68.02
N UNK F 3043 68.59 -88.44 67.53
CA UNK F 3043 67.53 -89.26 68.06
C UNK F 3043 68.06 -90.28 69.07
N UNK F 3044 69.07 -89.88 69.83
CA UNK F 3044 69.65 -90.74 70.86
C UNK F 3044 68.73 -90.77 72.07
N UNK F 3045 68.14 -89.62 72.37
CA UNK F 3045 67.19 -89.50 73.48
C UNK F 3045 65.88 -88.92 72.97
N UNK F 3046 65.89 -88.47 71.72
CA UNK F 3046 64.68 -87.92 71.11
C UNK F 3046 63.74 -89.06 70.72
N UNK F 3047 64.32 -90.20 70.38
CA UNK F 3047 63.53 -91.40 70.09
C UNK F 3047 63.01 -91.98 71.39
N UNK F 3048 63.79 -91.79 72.46
CA UNK F 3048 63.39 -92.24 73.78
C UNK F 3048 62.79 -91.07 74.56
N UNK F 3049 61.81 -90.40 73.95
CA UNK F 3049 61.14 -89.28 74.59
C UNK F 3049 59.81 -89.74 75.18
N UNK F 3050 59.69 -91.04 75.41
CA UNK F 3050 58.48 -91.62 76.00
C UNK F 3050 58.49 -91.48 77.52
N UNK F 3051 59.64 -91.04 78.05
CA UNK F 3051 59.76 -90.77 79.48
C UNK F 3051 59.09 -89.46 79.83
N UNK F 3052 58.87 -88.61 78.83
CA UNK F 3052 58.18 -87.34 79.01
C UNK F 3052 56.71 -87.56 79.32
N UNK F 3053 56.17 -88.67 78.82
CA UNK F 3053 54.81 -89.08 79.15
C UNK F 3053 54.75 -89.55 80.58
N UNK F 3054 55.85 -90.11 81.06
CA UNK F 3054 55.97 -90.56 82.44
C UNK F 3054 56.38 -89.41 83.35
N UNK F 3055 56.78 -88.29 82.74
CA UNK F 3055 57.21 -87.12 83.48
C UNK F 3055 56.06 -86.15 83.73
N UNK F 3056 54.84 -86.61 83.47
CA UNK F 3056 53.66 -85.80 83.68
C UNK F 3056 53.14 -85.96 85.10
N UNK F 3057 53.03 -87.21 85.54
CA UNK F 3057 52.52 -87.51 86.88
C UNK F 3057 53.56 -87.24 87.94
N UNK F 3058 54.83 -87.22 87.54
CA UNK F 3058 55.93 -87.00 88.47
C UNK F 3058 56.00 -85.54 88.92
N UNK F 3059 55.49 -84.65 88.08
CA UNK F 3059 55.54 -83.21 88.37
C UNK F 3059 54.28 -82.72 89.08
N UNK F 3060 53.54 -83.65 89.68
CA UNK F 3060 52.28 -83.33 90.34
C UNK F 3060 52.51 -82.90 91.79
N UNK F 3061 53.04 -83.81 92.60
CA UNK F 3061 53.23 -83.56 94.02
C UNK F 3061 54.62 -82.99 94.32
N UNK F 3062 55.31 -82.55 93.28
CA UNK F 3062 56.65 -81.97 93.43
C UNK F 3062 56.59 -80.57 94.01
N UNK F 3063 57.27 -80.37 95.14
CA UNK F 3063 57.35 -79.06 95.77
C UNK F 3063 58.23 -78.14 94.93
N UNK F 3064 57.59 -77.28 94.14
CA UNK F 3064 58.29 -76.40 93.21
C UNK F 3064 59.06 -75.30 93.93
N UNK F 3065 58.68 -75.00 95.17
CA UNK F 3065 59.43 -74.07 96.00
C UNK F 3065 60.72 -74.74 96.45
N UNK F 3066 60.65 -76.05 96.66
CA UNK F 3066 61.83 -76.83 96.98
C UNK F 3066 62.58 -77.17 95.71
N UNK F 3067 61.86 -77.17 94.59
CA UNK F 3067 62.45 -77.42 93.29
C UNK F 3067 62.74 -76.11 92.56
N UNK F 3068 62.81 -75.03 93.33
CA UNK F 3068 63.10 -73.71 92.77
C UNK F 3068 64.54 -73.62 92.28
N UNK F 3069 65.43 -74.34 92.96
CA UNK F 3069 66.82 -74.44 92.54
C UNK F 3069 66.91 -75.27 91.27
N UNK F 3070 66.04 -76.27 91.17
CA UNK F 3070 65.92 -77.07 89.96
C UNK F 3070 65.24 -76.23 88.88
N UNK F 3071 64.35 -75.34 89.32
CA UNK F 3071 63.72 -74.41 88.40
C UNK F 3071 64.72 -73.34 88.00
N UNK F 3072 65.65 -73.02 88.90
CA UNK F 3072 66.75 -72.12 88.59
C UNK F 3072 67.71 -72.82 87.63
N UNK F 3073 67.84 -74.13 87.80
CA UNK F 3073 68.59 -74.95 86.88
C UNK F 3073 67.83 -75.06 85.56
N UNK F 3074 66.50 -75.06 85.65
CA UNK F 3074 65.65 -75.06 84.47
C UNK F 3074 65.69 -73.68 83.82
N UNK F 3075 65.89 -72.65 84.63
CA UNK F 3075 66.05 -71.29 84.13
C UNK F 3075 67.38 -71.19 83.39
N UNK F 3076 68.39 -71.89 83.91
CA UNK F 3076 69.68 -71.97 83.26
C UNK F 3076 69.58 -72.83 82.01
N UNK F 3077 68.70 -73.83 82.08
CA UNK F 3077 68.42 -74.68 80.92
C UNK F 3077 67.66 -73.88 79.87
N UNK F 3078 66.82 -72.97 80.33
CA UNK F 3078 66.11 -72.06 79.44
C UNK F 3078 67.08 -71.03 78.89
N UNK F 3079 68.06 -70.66 79.70
CA UNK F 3079 69.09 -69.70 79.29
C UNK F 3079 69.99 -70.31 78.23
N UNK F 3080 70.28 -71.60 78.37
CA UNK F 3080 71.07 -72.31 77.38
C UNK F 3080 70.25 -72.54 76.12
N UNK F 3081 68.95 -72.69 76.30
CA UNK F 3081 68.04 -72.89 75.17
C UNK F 3081 67.87 -71.59 74.40
N UNK F 3082 67.86 -70.47 75.13
CA UNK F 3082 67.70 -69.16 74.50
C UNK F 3082 68.98 -68.77 73.76
N UNK F 3083 70.11 -69.25 74.26
CA UNK F 3083 71.39 -68.96 73.63
C UNK F 3083 71.59 -69.81 72.38
N UNK F 3084 71.22 -71.08 72.46
CA UNK F 3084 71.41 -72.02 71.36
C UNK F 3084 70.46 -71.71 70.20
N UNK F 3085 69.27 -71.22 70.53
CA UNK F 3085 68.29 -70.86 69.50
C UNK F 3085 68.70 -69.56 68.82
N UNK F 3086 69.39 -68.69 69.57
CA UNK F 3086 69.84 -67.42 69.04
C UNK F 3086 70.97 -67.61 68.03
N UNK F 3087 71.74 -68.67 68.22
CA UNK F 3087 72.83 -68.99 67.30
C UNK F 3087 72.27 -69.52 65.98
N UNK F 3088 71.23 -70.32 66.07
CA UNK F 3088 70.55 -70.86 64.90
C UNK F 3088 69.76 -69.76 64.20
N UNK F 3089 69.28 -68.81 64.98
CA UNK F 3089 68.57 -67.66 64.43
C UNK F 3089 69.55 -66.73 63.72
N UNK F 3090 70.76 -66.65 64.26
CA UNK F 3090 71.83 -65.87 63.64
C UNK F 3090 72.33 -66.57 62.39
N UNK F 3091 72.21 -67.90 62.38
CA UNK F 3091 72.52 -68.69 61.19
C UNK F 3091 71.44 -68.47 60.13
N UNK F 3092 70.22 -68.22 60.60
CA UNK F 3092 69.11 -67.92 59.70
C UNK F 3092 69.15 -66.45 59.28
N UNK F 3093 69.74 -65.61 60.13
CA UNK F 3093 69.86 -64.19 59.83
C UNK F 3093 70.96 -63.95 58.80
N UNK F 3094 71.91 -64.88 58.73
CA UNK F 3094 72.99 -64.80 57.77
C UNK F 3094 72.67 -65.61 56.53
N UNK F 3095 71.44 -65.46 56.03
CA UNK F 3095 71.01 -66.14 54.82
C UNK F 3095 71.12 -65.20 53.63
N UNK F 3096 72.26 -64.50 53.55
CA UNK F 3096 72.50 -63.55 52.47
C UNK F 3096 73.13 -64.24 51.27
N UNK F 3097 73.69 -63.44 50.36
CA UNK F 3097 74.36 -63.87 49.14
C UNK F 3097 73.48 -64.76 48.25
N UNK F 3098 74.13 -65.56 47.40
CA UNK F 3098 73.43 -66.49 46.53
C UNK F 3098 73.70 -67.92 46.97
N UNK F 3099 74.16 -68.06 48.21
CA UNK F 3099 74.53 -69.36 48.75
C UNK F 3099 73.28 -70.17 49.12
N UNK F 3100 73.26 -71.42 48.66
CA UNK F 3100 72.17 -72.33 48.99
C UNK F 3100 72.61 -73.28 50.09
N UNK F 3101 73.46 -72.79 50.99
CA UNK F 3101 73.99 -73.60 52.08
C UNK F 3101 73.25 -73.31 53.38
N UNK F 3102 72.09 -72.68 53.25
CA UNK F 3102 71.26 -72.37 54.41
C UNK F 3102 70.16 -73.41 54.57
N UNK F 3103 69.91 -74.15 53.51
CA UNK F 3103 68.87 -75.17 53.51
C UNK F 3103 69.37 -76.48 54.11
N UNK F 3104 70.68 -76.56 54.34
CA UNK F 3104 71.28 -77.75 54.92
C UNK F 3104 71.96 -77.43 56.24
N UNK F 3105 71.89 -76.16 56.65
CA UNK F 3105 72.52 -75.74 57.89
C UNK F 3105 71.50 -75.21 58.88
N UNK F 3106 70.62 -74.33 58.42
CA UNK F 3106 69.64 -73.70 59.30
C UNK F 3106 68.38 -74.56 59.46
N UNK F 3107 68.12 -75.40 58.47
CA UNK F 3107 66.92 -76.25 58.48
C UNK F 3107 67.05 -77.37 59.52
N UNK F 3108 68.26 -77.86 59.70
CA UNK F 3108 68.50 -78.91 60.67
C UNK F 3108 68.77 -78.33 62.05
N UNK F 3109 69.17 -77.07 62.09
CA UNK F 3109 69.47 -76.38 63.34
C UNK F 3109 68.19 -76.13 64.14
N UNK F 3110 67.14 -75.70 63.44
CA UNK F 3110 65.85 -75.48 64.07
C UNK F 3110 65.17 -76.81 64.37
N UNK F 3111 65.50 -77.83 63.58
CA UNK F 3111 64.94 -79.16 63.76
C UNK F 3111 65.56 -79.88 64.95
N UNK F 3112 66.76 -79.45 65.34
CA UNK F 3112 67.45 -80.03 66.48
C UNK F 3112 66.78 -79.60 67.77
N UNK F 3113 66.22 -78.40 67.78
CA UNK F 3113 65.54 -77.87 68.95
C UNK F 3113 64.04 -78.17 68.88
N UNK F 3114 63.62 -78.77 67.77
CA UNK F 3114 62.21 -79.09 67.55
C UNK F 3114 61.75 -80.23 68.44
N UNK F 3115 62.57 -81.28 68.53
CA UNK F 3115 62.26 -82.43 69.36
C UNK F 3115 62.77 -82.23 70.77
N UNK F 3116 63.52 -81.15 70.98
CA UNK F 3116 64.11 -80.85 72.27
C UNK F 3116 63.14 -80.08 73.15
N UNK F 3117 62.61 -78.98 72.62
CA UNK F 3117 61.72 -78.11 73.37
C UNK F 3117 60.32 -78.71 73.50
N UNK F 3118 60.01 -79.70 72.66
CA UNK F 3118 58.73 -80.37 72.69
C UNK F 3118 58.58 -81.20 73.97
N UNK F 3119 59.68 -81.80 74.41
CA UNK F 3119 59.69 -82.57 75.65
C UNK F 3119 59.98 -81.67 76.83
N UNK F 3120 60.53 -80.50 76.55
CA UNK F 3120 60.91 -79.56 77.60
C UNK F 3120 59.72 -78.77 78.12
N UNK F 3121 58.95 -78.20 77.20
CA UNK F 3121 57.83 -77.34 77.57
C UNK F 3121 56.62 -78.14 78.05
N UNK F 3122 56.59 -79.42 77.72
CA UNK F 3122 55.47 -80.28 78.08
C UNK F 3122 55.43 -80.55 79.58
N UNK F 3123 56.60 -80.78 80.17
CA UNK F 3123 56.71 -81.02 81.60
C UNK F 3123 56.76 -79.68 82.34
N UNK F 3124 57.11 -78.63 81.61
CA UNK F 3124 57.18 -77.30 82.19
C UNK F 3124 55.79 -76.69 82.33
N UNK F 3125 54.85 -77.18 81.54
CA UNK F 3125 53.49 -76.66 81.53
C UNK F 3125 52.73 -77.08 82.78
N UNK F 3126 52.83 -78.36 83.13
CA UNK F 3126 52.12 -78.90 84.29
C UNK F 3126 52.75 -78.46 85.60
N UNK F 3127 54.04 -78.12 85.54
CA UNK F 3127 54.78 -77.70 86.73
C UNK F 3127 54.36 -76.31 87.18
N UNK F 3128 54.31 -75.38 86.24
CA UNK F 3128 53.97 -73.99 86.54
C UNK F 3128 52.49 -73.83 86.86
N UNK F 3129 51.67 -74.67 86.23
CA UNK F 3129 50.22 -74.63 86.44
C UNK F 3129 49.87 -75.15 87.83
N UNK F 3130 50.69 -76.07 88.33
CA UNK F 3130 50.50 -76.61 89.67
C UNK F 3130 50.90 -75.56 90.71
N UNK F 3131 51.90 -74.75 90.38
CA UNK F 3131 52.39 -73.73 91.30
C UNK F 3131 52.01 -72.34 90.80
N UNK F 3132 50.75 -72.19 90.40
CA UNK F 3132 50.28 -70.93 89.85
C UNK F 3132 50.01 -69.91 90.95
N UNK F 3133 49.17 -70.29 91.91
CA UNK F 3133 48.72 -69.38 92.97
C UNK F 3133 49.84 -69.00 93.92
N UNK F 3134 50.81 -69.89 94.07
CA UNK F 3134 51.98 -69.60 94.90
C UNK F 3134 52.87 -68.59 94.18
N UNK F 3135 52.87 -68.65 92.86
CA UNK F 3135 53.67 -67.74 92.05
C UNK F 3135 52.88 -66.45 91.75
N UNK F 3136 51.58 -66.48 92.02
CA UNK F 3136 50.74 -65.31 91.78
C UNK F 3136 50.45 -64.56 93.07
N UNK F 3137 50.90 -65.11 94.19
CA UNK F 3137 50.68 -64.49 95.50
C UNK F 3137 51.67 -63.35 95.74
N UNK F 3138 52.51 -63.51 96.76
CA UNK F 3138 53.48 -62.48 97.11
C UNK F 3138 54.77 -62.66 96.30
N UNK F 3139 55.26 -63.90 96.26
CA UNK F 3139 56.49 -64.20 95.54
C UNK F 3139 56.27 -64.19 94.03
N UNK F 3140 57.23 -63.59 93.32
CA UNK F 3140 57.14 -63.49 91.85
C UNK F 3140 58.53 -63.38 91.23
N UNK F 3141 59.53 -63.15 92.07
CA UNK F 3141 60.90 -62.95 91.60
C UNK F 3141 61.50 -64.23 91.05
N UNK F 3142 61.06 -65.37 91.57
CA UNK F 3142 61.50 -66.66 91.07
C UNK F 3142 60.87 -66.94 89.72
N UNK F 3143 59.68 -66.40 89.52
CA UNK F 3143 58.95 -66.56 88.27
C UNK F 3143 59.17 -65.37 87.35
N UNK F 3144 59.95 -64.40 87.82
CA UNK F 3144 60.23 -63.20 87.05
C UNK F 3144 61.17 -63.51 85.88
N UNK F 3145 62.08 -64.45 86.11
CA UNK F 3145 63.05 -64.84 85.10
C UNK F 3145 62.39 -65.67 84.00
N UNK F 3146 61.35 -66.42 84.38
CA UNK F 3146 60.64 -67.29 83.45
C UNK F 3146 59.85 -66.46 82.44
N UNK F 3147 59.26 -65.37 82.92
CA UNK F 3147 58.50 -64.47 82.05
C UNK F 3147 59.46 -63.67 81.19
N UNK F 3148 60.63 -63.38 81.75
CA UNK F 3148 61.64 -62.59 81.06
C UNK F 3148 62.29 -63.38 79.94
N UNK F 3149 62.40 -64.69 80.13
CA UNK F 3149 63.05 -65.55 79.15
C UNK F 3149 62.03 -66.22 78.24
N UNK F 3150 60.83 -65.65 78.17
CA UNK F 3150 59.78 -66.21 77.33
C UNK F 3150 59.71 -65.48 75.99
N UNK F 3151 60.86 -64.97 75.54
CA UNK F 3151 60.93 -64.28 74.26
C UNK F 3151 61.33 -65.23 73.14
N UNK F 3152 61.37 -66.52 73.47
CA UNK F 3152 61.71 -67.57 72.52
C UNK F 3152 60.61 -67.73 71.47
N UNK F 3153 59.37 -67.54 71.91
CA UNK F 3153 58.23 -67.58 71.00
C UNK F 3153 58.23 -66.36 70.10
N UNK F 3154 58.77 -65.25 70.62
CA UNK F 3154 58.91 -64.04 69.84
C UNK F 3154 60.05 -64.19 68.84
N UNK F 3155 61.03 -65.00 69.19
CA UNK F 3155 62.20 -65.21 68.35
C UNK F 3155 61.95 -66.30 67.31
N UNK F 3156 61.43 -67.44 67.75
CA UNK F 3156 61.25 -68.58 66.87
C UNK F 3156 59.87 -68.58 66.21
N UNK F 3157 58.83 -68.79 67.01
CA UNK F 3157 57.47 -68.94 66.49
C UNK F 3157 56.79 -67.60 66.25
N UNK F 3158 57.46 -66.70 65.57
CA UNK F 3158 56.94 -65.38 65.23
C UNK F 3158 57.69 -64.86 64.01
N UNK F 3159 58.84 -64.26 64.27
CA UNK F 3159 59.70 -63.77 63.20
C UNK F 3159 60.57 -64.89 62.66
N UNK F 3160 60.64 -64.98 61.33
CA UNK F 3160 61.42 -65.99 60.60
C UNK F 3160 61.08 -67.41 61.00
N UNK F 3161 59.81 -67.75 60.97
CA UNK F 3161 59.35 -69.08 61.38
C UNK F 3161 59.22 -70.01 60.18
N UNK F 3162 60.10 -69.87 59.21
CA UNK F 3162 60.10 -70.75 58.05
C UNK F 3162 60.66 -72.11 58.47
N UNK F 3163 61.68 -72.08 59.33
CA UNK F 3163 62.29 -73.31 59.83
C UNK F 3163 61.76 -73.62 61.23
N UNK F 3164 61.30 -72.59 61.93
CA UNK F 3164 60.80 -72.75 63.29
C UNK F 3164 59.43 -73.44 63.26
N UNK F 3165 58.61 -73.10 62.28
CA UNK F 3165 57.32 -73.76 62.12
C UNK F 3165 57.41 -74.82 61.04
N UNK F 3166 58.62 -75.34 60.84
CA UNK F 3166 58.83 -76.48 59.96
C UNK F 3166 58.85 -77.76 60.79
N UNK F 3167 58.53 -77.61 62.07
CA UNK F 3167 58.49 -78.73 63.01
C UNK F 3167 57.11 -79.38 63.05
N UNK F 3168 56.24 -78.95 62.14
CA UNK F 3168 54.91 -79.53 62.03
C UNK F 3168 55.00 -80.96 61.50
N UNK F 3169 56.00 -81.19 60.63
CA UNK F 3169 56.28 -82.53 60.14
C UNK F 3169 56.90 -83.35 61.26
N UNK F 3170 57.65 -82.69 62.13
CA UNK F 3170 58.22 -83.33 63.31
C UNK F 3170 57.11 -83.58 64.32
N UNK F 3171 56.10 -82.72 64.31
CA UNK F 3171 54.93 -82.88 65.17
C UNK F 3171 54.04 -83.99 64.61
N UNK F 3172 54.04 -84.15 63.29
CA UNK F 3172 53.24 -85.18 62.64
C UNK F 3172 53.96 -86.51 62.66
N UNK F 3173 55.27 -86.47 62.95
CA UNK F 3173 56.08 -87.68 63.05
C UNK F 3173 55.71 -88.46 64.30
N UNK F 3174 55.82 -87.80 65.45
CA UNK F 3174 55.49 -88.42 66.73
C UNK F 3174 54.01 -88.18 67.05
N UNK F 3175 46.89 -75.82 63.91
CA UNK F 3175 46.47 -75.26 65.19
C UNK F 3175 47.67 -74.74 65.97
N UNK F 3176 47.42 -74.29 67.20
CA UNK F 3176 48.48 -73.84 68.08
C UNK F 3176 49.29 -75.04 68.55
N UNK F 3177 50.58 -74.83 68.81
CA UNK F 3177 51.45 -75.94 69.18
C UNK F 3177 52.54 -75.52 70.14
N UNK F 3178 52.30 -75.78 71.42
CA UNK F 3178 53.28 -75.66 72.52
C UNK F 3178 53.93 -74.28 72.65
N UNK F 3179 54.81 -73.94 71.71
CA UNK F 3179 55.58 -72.70 71.74
C UNK F 3179 54.69 -71.46 71.62
N UNK F 3180 53.59 -71.60 70.89
CA UNK F 3180 52.63 -70.52 70.77
C UNK F 3180 51.77 -70.45 72.04
N UNK F 3181 51.51 -71.61 72.62
CA UNK F 3181 50.65 -71.70 73.79
C UNK F 3181 51.43 -71.64 75.09
N UNK F 3182 52.74 -71.46 74.99
CA UNK F 3182 53.61 -71.39 76.16
C UNK F 3182 53.38 -70.09 76.92
N UNK F 3183 53.35 -68.99 76.18
CA UNK F 3183 53.16 -67.66 76.78
C UNK F 3183 51.72 -67.48 77.26
N UNK F 3184 50.81 -68.25 76.66
CA UNK F 3184 49.39 -68.19 77.02
C UNK F 3184 49.15 -68.70 78.44
N UNK F 3185 49.98 -69.63 78.88
CA UNK F 3185 49.85 -70.18 80.22
C UNK F 3185 50.75 -69.45 81.21
N UNK F 3186 51.27 -68.30 80.81
CA UNK F 3186 52.21 -67.57 81.64
C UNK F 3186 52.07 -66.06 81.51
N UNK F 3187 51.11 -65.61 80.70
CA UNK F 3187 50.89 -64.19 80.51
C UNK F 3187 50.20 -63.57 81.72
N UNK F 3188 49.55 -64.41 82.53
CA UNK F 3188 48.84 -63.95 83.70
C UNK F 3188 49.79 -63.43 84.78
N UNK F 3189 50.80 -64.23 85.10
CA UNK F 3189 51.76 -63.86 86.13
C UNK F 3189 52.78 -62.86 85.61
N UNK F 3190 52.91 -62.78 84.28
CA UNK F 3190 53.87 -61.88 83.66
C UNK F 3190 53.45 -60.43 83.81
N UNK F 3191 52.17 -60.17 83.58
CA UNK F 3191 51.64 -58.81 83.67
C UNK F 3191 51.20 -58.48 85.09
N UNK F 3192 51.23 -59.48 85.95
CA UNK F 3192 50.84 -59.31 87.35
C UNK F 3192 51.87 -58.46 88.08
N UNK F 3193 53.14 -58.76 87.86
CA UNK F 3193 54.22 -58.04 88.51
C UNK F 3193 54.80 -56.98 87.57
N UNK F 3194 54.07 -56.68 86.51
CA UNK F 3194 54.48 -55.63 85.57
C UNK F 3194 54.34 -54.27 86.25
N UNK F 3195 53.14 -54.01 86.73
CA UNK F 3195 52.86 -52.79 87.49
C UNK F 3195 51.72 -53.06 88.45
N UNK F 3196 51.50 -52.12 89.37
CA UNK F 3196 50.36 -52.20 90.27
C UNK F 3196 49.23 -51.35 89.71
N UNK F 3197 48.90 -51.61 88.45
CA UNK F 3197 48.01 -50.79 87.62
C UNK F 3197 48.46 -49.33 87.60
N UNK F 3198 47.51 -48.42 87.45
CA UNK F 3198 47.71 -46.96 87.53
C UNK F 3198 48.79 -46.40 86.61
N UNK F 3199 49.00 -47.06 85.47
CA UNK F 3199 50.07 -46.68 84.56
C UNK F 3199 49.77 -47.16 83.16
N UNK F 3200 49.69 -48.49 83.01
CA UNK F 3200 49.47 -49.19 81.74
C UNK F 3200 50.47 -48.77 80.67
N UNK F 3201 50.07 -47.82 79.82
CA UNK F 3201 50.87 -47.26 78.73
C UNK F 3201 51.41 -48.31 77.74
N UNK F 3202 50.70 -49.42 77.61
CA UNK F 3202 51.08 -50.48 76.70
C UNK F 3202 50.54 -50.18 75.32
N UNK F 3203 49.37 -49.53 75.30
CA UNK F 3203 48.78 -49.05 74.06
C UNK F 3203 49.58 -47.86 73.54
N UNK F 3204 50.21 -47.15 74.46
CA UNK F 3204 51.11 -46.06 74.11
C UNK F 3204 52.37 -46.62 73.45
N UNK F 3205 52.76 -47.83 73.85
CA UNK F 3205 53.94 -48.47 73.29
C UNK F 3205 53.56 -49.55 72.27
N UNK F 3206 52.28 -49.66 71.97
CA UNK F 3206 51.80 -50.64 71.02
C UNK F 3206 52.13 -50.23 69.59
N UNK F 3207 51.70 -49.03 69.22
CA UNK F 3207 51.85 -48.54 67.85
C UNK F 3207 53.31 -48.23 67.52
N UNK F 3208 54.09 -47.92 68.54
CA UNK F 3208 55.52 -47.66 68.35
C UNK F 3208 56.25 -48.95 68.02
N UNK F 3209 55.76 -50.05 68.60
CA UNK F 3209 56.35 -51.36 68.36
C UNK F 3209 55.63 -52.08 67.23
N UNK F 3210 54.54 -51.49 66.75
CA UNK F 3210 53.77 -52.06 65.65
C UNK F 3210 54.44 -51.73 64.31
N UNK F 3211 55.27 -50.69 64.33
CA UNK F 3211 55.97 -50.27 63.12
C UNK F 3211 57.33 -50.97 63.01
N UNK F 3212 57.61 -51.83 63.99
CA UNK F 3212 58.86 -52.60 64.11
C UNK F 3212 60.10 -51.71 64.11
N UNK F 3213 59.99 -50.54 64.73
CA UNK F 3213 61.10 -49.60 64.80
C UNK F 3213 62.02 -49.96 65.95
N UNK F 3214 62.80 -51.03 65.75
CA UNK F 3214 63.80 -51.54 66.70
C UNK F 3214 63.24 -51.89 68.09
N UNK F 3215 64.13 -52.00 69.06
CA UNK F 3215 63.76 -52.28 70.43
C UNK F 3215 64.33 -51.22 71.35
N UNK F 3216 65.53 -50.75 71.00
CA UNK F 3216 66.17 -49.67 71.73
C UNK F 3216 65.43 -48.37 71.45
N UNK F 3217 64.93 -48.23 70.23
CA UNK F 3217 64.14 -47.07 69.84
C UNK F 3217 62.77 -47.12 70.50
N UNK F 3218 62.30 -48.34 70.76
CA UNK F 3218 61.09 -48.55 71.53
C UNK F 3218 61.35 -48.16 72.98
N UNK F 3219 62.58 -48.42 73.43
CA UNK F 3219 63.01 -48.04 74.76
C UNK F 3219 63.32 -46.55 74.80
N UNK F 3220 63.75 -46.01 73.67
CA UNK F 3220 64.05 -44.58 73.57
C UNK F 3220 62.76 -43.77 73.56
N UNK F 3221 61.70 -44.35 73.00
CA UNK F 3221 60.40 -43.71 72.97
C UNK F 3221 59.81 -43.67 74.38
N UNK F 3222 60.16 -44.66 75.18
CA UNK F 3222 59.74 -44.72 76.57
C UNK F 3222 60.51 -43.70 77.41
N UNK F 3223 61.82 -43.65 77.18
CA UNK F 3223 62.69 -42.75 77.92
C UNK F 3223 62.46 -41.30 77.49
N UNK F 3224 62.53 -41.06 76.18
CA UNK F 3224 62.32 -39.72 75.65
C UNK F 3224 60.87 -39.53 75.21
N UNK F 3225 60.05 -40.54 75.47
CA UNK F 3225 58.62 -40.46 75.17
C UNK F 3225 57.84 -40.06 76.42
N UNK F 3226 58.58 -39.67 77.45
CA UNK F 3226 58.07 -39.23 78.76
C UNK F 3226 57.18 -40.27 79.44
N UNK F 3227 56.34 -39.79 80.35
CA UNK F 3227 55.43 -40.66 81.08
C UNK F 3227 54.20 -39.89 81.55
N UNK F 3228 53.09 -40.59 81.70
CA UNK F 3228 51.84 -39.97 82.14
C UNK F 3228 50.94 -40.96 82.84
N UNK F 3229 50.44 -40.59 84.01
CA UNK F 3229 49.54 -41.43 84.78
C UNK F 3229 48.62 -40.56 85.65
N UNK F 3230 47.33 -40.62 85.38
CA UNK F 3230 46.35 -39.81 86.11
C UNK F 3230 45.32 -40.67 86.83
N UNK F 3231 44.33 -40.02 87.43
CA UNK F 3231 43.29 -40.73 88.17
C UNK F 3231 41.97 -40.75 87.38
N UNK F 3232 41.29 -41.89 87.43
CA UNK F 3232 40.02 -42.05 86.72
C UNK F 3232 39.01 -42.80 87.59
N UNK F 3233 38.17 -43.61 86.94
CA UNK F 3233 37.16 -44.38 87.64
C UNK F 3233 37.56 -45.85 87.73
N UNK F 3234 38.63 -46.20 87.01
CA UNK F 3234 39.11 -47.58 87.00
C UNK F 3234 40.29 -47.74 87.94
N UNK F 3235 40.82 -46.61 88.42
CA UNK F 3235 41.92 -46.62 89.37
C UNK F 3235 41.43 -47.12 90.72
N UNK F 3236 40.17 -46.82 91.02
CA UNK F 3236 39.53 -47.32 92.24
C UNK F 3236 39.09 -48.76 92.04
N UNK F 3237 39.02 -49.18 90.78
CA UNK F 3237 38.63 -50.55 90.46
C UNK F 3237 39.85 -51.46 90.49
N UNK F 3238 40.89 -51.07 89.75
CA UNK F 3238 42.06 -51.92 89.58
C UNK F 3238 43.20 -51.56 90.54
N UNK F 3239 43.60 -50.30 90.53
CA UNK F 3239 44.79 -49.87 91.26
C UNK F 3239 44.58 -49.75 92.76
N UNK F 3240 43.33 -49.86 93.21
CA UNK F 3240 43.02 -49.79 94.64
C UNK F 3240 43.49 -51.06 95.35
N UNK F 3241 43.46 -52.18 94.63
CA UNK F 3241 43.84 -53.46 95.21
C UNK F 3241 45.29 -53.81 94.87
N UNK F 3242 45.72 -53.43 93.67
CA UNK F 3242 47.04 -53.77 93.17
C UNK F 3242 48.14 -53.01 93.93
N UNK F 3243 47.79 -51.84 94.44
CA UNK F 3243 48.72 -51.07 95.26
C UNK F 3243 48.75 -51.62 96.68
N UNK F 3244 47.75 -52.44 97.02
CA UNK F 3244 47.69 -53.08 98.32
C UNK F 3244 48.22 -54.50 98.25
N UNK F 3245 48.19 -55.08 97.05
CA UNK F 3245 48.66 -56.46 96.85
C UNK F 3245 50.14 -56.50 96.51
N UNK F 3246 50.71 -55.34 96.18
CA UNK F 3246 52.12 -55.25 95.82
C UNK F 3246 53.00 -55.37 97.05
N UNK F 3247 53.04 -54.28 97.84
CA UNK F 3247 53.87 -54.15 99.05
C UNK F 3247 55.35 -54.43 98.81
N UNK F 3248 55.85 -53.94 97.68
CA UNK F 3248 57.23 -54.17 97.28
C UNK F 3248 57.97 -52.85 97.05
N UNK F 3249 59.01 -52.90 96.23
CA UNK F 3249 59.83 -51.73 95.95
C UNK F 3249 59.26 -50.91 94.79
N UNK F 3250 60.00 -49.89 94.38
CA UNK F 3250 59.59 -49.03 93.27
C UNK F 3250 60.82 -48.42 92.60
N UNK F 3251 60.78 -48.34 91.27
CA UNK F 3251 61.91 -47.81 90.53
C UNK F 3251 61.45 -46.96 89.36
N UNK F 3252 62.32 -46.07 88.90
CA UNK F 3252 62.03 -45.21 87.76
C UNK F 3252 62.63 -45.81 86.49
N UNK F 3253 63.76 -46.51 86.65
CA UNK F 3253 64.45 -47.12 85.51
C UNK F 3253 63.72 -48.38 85.07
N UNK F 3254 63.06 -49.04 86.01
CA UNK F 3254 62.33 -50.27 85.72
C UNK F 3254 60.95 -49.98 85.16
N UNK F 3255 60.55 -48.71 85.23
CA UNK F 3255 59.27 -48.27 84.70
C UNK F 3255 59.27 -48.32 83.18
N UNK F 3256 60.44 -48.08 82.58
CA UNK F 3256 60.59 -48.14 81.14
C UNK F 3256 61.00 -49.55 80.70
N UNK F 3257 61.66 -50.27 81.61
CA UNK F 3257 62.18 -51.59 81.31
C UNK F 3257 61.08 -52.64 81.29
N UNK F 3258 60.29 -52.68 82.36
CA UNK F 3258 59.25 -53.70 82.50
C UNK F 3258 58.08 -53.44 81.56
N UNK F 3259 57.86 -52.19 81.20
CA UNK F 3259 56.76 -51.83 80.31
C UNK F 3259 57.07 -52.25 78.88
N UNK F 3260 58.25 -51.87 78.39
CA UNK F 3260 58.63 -52.11 77.01
C UNK F 3260 58.92 -53.59 76.73
N UNK F 3261 59.21 -54.36 77.78
CA UNK F 3261 59.51 -55.77 77.65
C UNK F 3261 58.26 -56.57 77.29
N UNK F 3262 57.12 -56.19 77.85
CA UNK F 3262 55.89 -56.92 77.64
C UNK F 3262 54.98 -56.24 76.62
N UNK F 3263 55.36 -55.04 76.20
CA UNK F 3263 54.56 -54.27 75.25
C UNK F 3263 54.62 -54.91 73.87
N UNK F 3264 55.82 -55.01 73.33
CA UNK F 3264 56.04 -55.60 72.02
C UNK F 3264 55.84 -57.11 72.06
N UNK F 3265 56.00 -57.70 73.24
CA UNK F 3265 55.76 -59.11 73.45
C UNK F 3265 54.29 -59.44 73.26
N UNK F 3266 53.43 -58.58 73.79
CA UNK F 3266 52.00 -58.73 73.62
C UNK F 3266 51.58 -58.32 72.23
N UNK F 3267 52.31 -57.34 71.68
CA UNK F 3267 52.00 -56.80 70.35
C UNK F 3267 52.31 -57.83 69.27
N UNK F 3268 53.40 -58.56 69.44
CA UNK F 3268 53.74 -59.64 68.53
C UNK F 3268 52.78 -60.79 68.73
N UNK F 3269 52.32 -60.96 69.96
CA UNK F 3269 51.34 -61.97 70.29
C UNK F 3269 49.99 -61.61 69.70
N UNK F 3270 49.67 -60.32 69.69
CA UNK F 3270 48.43 -59.85 69.11
C UNK F 3270 48.50 -59.85 67.60
N UNK F 3271 49.71 -59.76 67.06
CA UNK F 3271 49.93 -59.77 65.62
C UNK F 3271 49.68 -61.16 65.05
N UNK F 3272 49.86 -62.18 65.87
CA UNK F 3272 49.63 -63.56 65.46
C UNK F 3272 48.42 -64.13 66.18
N UNK F 3273 47.50 -63.25 66.58
CA UNK F 3273 46.28 -63.68 67.24
C UNK F 3273 45.08 -63.52 66.30
N UNK F 3274 44.85 -62.29 65.87
CA UNK F 3274 43.75 -61.98 64.96
C UNK F 3274 44.08 -62.45 63.56
N UNK F 3275 45.37 -62.50 63.23
CA UNK F 3275 45.80 -62.96 61.92
C UNK F 3275 45.82 -64.48 61.86
N UNK F 3276 45.83 -65.11 63.02
CA UNK F 3276 45.79 -66.57 63.11
C UNK F 3276 44.41 -67.07 62.72
N UNK F 3277 43.38 -66.45 63.30
CA UNK F 3277 42.00 -66.82 63.00
C UNK F 3277 41.50 -66.03 61.79
N THR F 3278 48.95 -86.68 23.37
CA THR F 3278 49.20 -87.78 22.43
C THR F 3278 50.53 -87.58 21.71
N PRO F 3279 51.23 -88.67 21.42
CA PRO F 3279 52.47 -88.58 20.66
C PRO F 3279 52.21 -88.48 19.16
N LEU F 3280 53.27 -88.08 18.44
CA LEU F 3280 53.19 -88.02 17.00
C LEU F 3280 53.20 -89.42 16.39
N TYR F 3281 53.85 -90.37 17.04
CA TYR F 3281 53.84 -91.76 16.59
C TYR F 3281 52.57 -92.44 17.10
N ASN F 3282 52.56 -93.77 17.02
CA ASN F 3282 51.46 -94.73 17.23
C ASN F 3282 50.11 -94.25 16.68
N LEU F 3283 50.17 -93.67 15.48
CA LEU F 3283 49.07 -93.06 14.76
C LEU F 3283 49.06 -93.61 13.34
N PRO F 3284 47.89 -93.73 12.72
CA PRO F 3284 47.85 -94.12 11.31
C PRO F 3284 48.47 -93.06 10.41
N THR F 3285 49.24 -93.52 9.43
CA THR F 3285 50.00 -92.61 8.58
C THR F 3285 49.09 -91.82 7.66
N HIS F 3286 48.10 -92.48 7.06
CA HIS F 3286 47.12 -91.80 6.23
C HIS F 3286 46.27 -90.82 7.05
N ARG F 3287 46.06 -91.13 8.33
CA ARG F 3287 45.46 -90.17 9.23
C ARG F 3287 46.40 -88.99 9.49
N ALA F 3288 47.70 -89.26 9.51
CA ALA F 3288 48.69 -88.23 9.79
C ALA F 3288 49.11 -87.46 8.54
N CYS F 3289 49.23 -88.15 7.40
CA CYS F 3289 49.66 -87.48 6.17
C CYS F 3289 48.58 -86.54 5.66
N ASN F 3290 47.31 -86.94 5.78
CA ASN F 3290 46.21 -86.03 5.46
C ASN F 3290 46.15 -84.88 6.45
N MET F 3291 46.55 -85.11 7.70
CA MET F 3291 46.71 -84.02 8.64
C MET F 3291 47.89 -83.13 8.27
N PHE F 3292 48.98 -83.75 7.80
CA PHE F 3292 50.19 -83.01 7.47
C PHE F 3292 50.00 -82.11 6.26
N LEU F 3293 49.17 -82.54 5.30
CA LEU F 3293 48.96 -81.75 4.09
C LEU F 3293 48.19 -80.48 4.39
N GLU F 3294 47.21 -80.55 5.29
CA GLU F 3294 46.51 -79.35 5.70
C GLU F 3294 47.38 -78.49 6.59
N SER F 3295 48.25 -79.11 7.39
CA SER F 3295 49.14 -78.40 8.30
C SER F 3295 50.41 -77.89 7.61
N TYR F 3296 50.38 -77.77 6.28
CA TYR F 3296 51.42 -77.17 5.45
C TYR F 3296 51.27 -75.65 5.37
N LYS F 3297 50.50 -75.06 6.30
CA LYS F 3297 49.91 -73.75 6.10
C LYS F 3297 50.94 -72.63 6.08
N ALA F 3298 51.99 -72.75 6.91
CA ALA F 3298 53.05 -71.74 6.85
C ALA F 3298 53.86 -71.86 5.57
N ALA F 3299 53.98 -73.07 5.02
CA ALA F 3299 54.67 -73.28 3.77
C ALA F 3299 53.74 -73.23 2.57
N TRP F 3300 52.56 -72.63 2.73
CA TRP F 3300 51.62 -72.47 1.62
C TRP F 3300 52.12 -71.44 0.62
N ILE F 3301 51.27 -71.13 -0.35
CA ILE F 3301 51.59 -70.25 -1.47
C ILE F 3301 51.33 -68.79 -1.09
N LEU F 3302 51.14 -68.52 0.20
CA LEU F 3302 50.91 -67.16 0.68
C LEU F 3302 52.20 -66.34 0.67
N THR F 3303 52.74 -66.11 -0.53
CA THR F 3303 53.94 -65.35 -0.77
C THR F 3303 53.63 -64.27 -1.79
N GLU F 3304 54.59 -63.36 -1.99
CA GLU F 3304 54.45 -62.34 -3.03
C GLU F 3304 54.80 -63.00 -4.36
N ASP F 3305 53.77 -63.43 -5.09
CA ASP F 3305 54.01 -64.13 -6.34
C ASP F 3305 54.35 -63.16 -7.47
N HIS F 3306 53.44 -62.23 -7.75
CA HIS F 3306 53.60 -61.04 -8.60
C HIS F 3306 53.73 -61.38 -10.10
N SER F 3307 53.80 -62.65 -10.47
CA SER F 3307 54.15 -63.03 -11.83
C SER F 3307 53.01 -62.90 -12.82
N PHE F 3308 51.77 -62.78 -12.36
CA PHE F 3308 50.63 -62.73 -13.27
C PHE F 3308 49.73 -61.55 -12.94
N GLU F 3309 50.29 -60.53 -12.32
CA GLU F 3309 49.56 -59.32 -11.96
C GLU F 3309 50.00 -58.13 -12.79
N ASP F 3310 51.30 -57.94 -12.96
CA ASP F 3310 51.78 -56.93 -13.89
C ASP F 3310 52.00 -57.54 -15.27
N ARG F 3311 52.58 -58.75 -15.31
CA ARG F 3311 52.99 -59.36 -16.57
C ARG F 3311 51.78 -59.80 -17.40
N MET F 3312 50.76 -60.32 -16.74
CA MET F 3312 49.62 -60.88 -17.45
C MET F 3312 48.74 -59.80 -18.06
N ILE F 3313 48.79 -58.58 -17.52
CA ILE F 3313 48.05 -57.47 -18.09
C ILE F 3313 48.67 -57.00 -19.40
N ASP F 3314 50.00 -57.03 -19.48
CA ASP F 3314 50.71 -56.30 -20.53
C ASP F 3314 50.54 -56.96 -21.89
N ASP F 3315 50.75 -58.27 -21.98
CA ASP F 3315 50.68 -58.97 -23.25
C ASP F 3315 49.26 -59.04 -23.82
N LEU F 3316 48.25 -58.87 -22.98
CA LEU F 3316 46.87 -58.86 -23.49
C LEU F 3316 46.55 -57.60 -24.27
N SER F 3317 47.31 -56.53 -24.05
CA SER F 3317 47.15 -55.30 -24.79
C SER F 3317 48.28 -55.02 -25.75
N LYS F 3318 49.48 -55.54 -25.48
CA LYS F 3318 50.63 -55.25 -26.32
C LYS F 3318 50.62 -56.08 -27.60
N ALA F 3319 50.25 -57.36 -27.49
CA ALA F 3319 50.27 -58.25 -28.65
C ALA F 3319 49.19 -57.91 -29.66
N GLY F 3320 48.10 -57.27 -29.24
CA GLY F 3320 47.14 -56.75 -30.19
C GLY F 3320 47.66 -55.59 -31.01
N GLU F 3321 48.68 -54.89 -30.51
CA GLU F 3321 49.32 -53.79 -31.23
C GLU F 3321 50.55 -54.24 -31.99
N GLN F 3322 50.56 -55.48 -32.48
CA GLN F 3322 51.69 -56.00 -33.23
C GLN F 3322 51.74 -55.40 -34.62
N GLU F 3323 52.94 -55.01 -35.05
CA GLU F 3323 53.12 -54.42 -36.38
C GLU F 3323 52.96 -55.44 -37.48
N GLU F 3324 53.15 -56.73 -37.19
CA GLU F 3324 52.93 -57.77 -38.20
C GLU F 3324 51.46 -57.91 -38.55
N GLU F 3325 50.56 -57.58 -37.62
CA GLU F 3325 49.12 -57.58 -37.88
C GLU F 3325 48.68 -56.21 -38.39
N GLU F 3326 49.26 -55.82 -39.53
CA GLU F 3326 48.97 -54.52 -40.13
C GLU F 3326 49.23 -54.64 -41.63
N GLU F 3327 48.15 -54.77 -42.40
CA GLU F 3327 48.26 -54.80 -43.86
C GLU F 3327 46.98 -54.17 -44.42
N GLU F 3328 47.04 -52.85 -44.66
CA GLU F 3328 45.94 -52.02 -45.14
C GLU F 3328 44.70 -52.17 -44.25
N VAL F 3329 44.86 -51.77 -43.00
CA VAL F 3329 43.83 -52.00 -42.00
C VAL F 3329 42.69 -51.00 -42.15
N GLU F 3330 43.00 -49.71 -41.95
CA GLU F 3330 42.04 -48.60 -41.94
C GLU F 3330 40.90 -48.81 -40.94
N GLU F 3331 41.21 -49.52 -39.85
CA GLU F 3331 40.24 -49.89 -38.82
C GLU F 3331 41.05 -50.30 -37.59
N LYS F 3332 40.36 -50.91 -36.63
CA LYS F 3332 41.03 -51.39 -35.42
C LYS F 3332 40.25 -52.59 -34.88
N LYS F 3333 40.82 -53.78 -35.06
CA LYS F 3333 40.28 -54.93 -34.35
C LYS F 3333 40.62 -54.81 -32.87
N PRO F 3334 39.75 -55.30 -31.99
CA PRO F 3334 39.95 -55.04 -30.56
C PRO F 3334 41.10 -55.85 -29.98
N ASP F 3335 41.57 -55.38 -28.82
CA ASP F 3335 42.68 -56.03 -28.15
C ASP F 3335 42.25 -57.39 -27.60
N PRO F 3336 43.21 -58.30 -27.43
CA PRO F 3336 42.93 -59.51 -26.62
C PRO F 3336 42.49 -59.17 -25.21
N LEU F 3337 43.03 -58.10 -24.65
CA LEU F 3337 42.48 -57.52 -23.44
C LEU F 3337 41.05 -57.03 -23.68
N HIS F 3338 40.84 -56.33 -24.79
CA HIS F 3338 39.54 -55.71 -25.04
C HIS F 3338 38.49 -56.74 -25.46
N GLN F 3339 38.90 -57.76 -26.21
CA GLN F 3339 37.95 -58.83 -26.55
C GLN F 3339 37.60 -59.65 -25.33
N LEU F 3340 38.51 -59.73 -24.36
CA LEU F 3340 38.17 -60.35 -23.07
C LEU F 3340 37.11 -59.55 -22.35
N VAL F 3341 37.18 -58.22 -22.44
CA VAL F 3341 36.15 -57.38 -21.85
C VAL F 3341 34.83 -57.56 -22.58
N LEU F 3342 34.89 -57.64 -23.90
CA LEU F 3342 33.68 -57.79 -24.70
C LEU F 3342 33.02 -59.14 -24.48
N HIS F 3343 33.79 -60.15 -24.13
CA HIS F 3343 33.20 -61.41 -23.68
C HIS F 3343 32.46 -61.23 -22.36
N PHE F 3344 33.09 -60.52 -21.41
CA PHE F 3344 32.43 -60.24 -20.15
C PHE F 3344 31.28 -59.25 -20.33
N SER F 3345 31.36 -58.41 -21.36
CA SER F 3345 30.30 -57.46 -21.60
C SER F 3345 29.07 -58.15 -22.19
N ARG F 3346 29.27 -59.07 -23.12
CA ARG F 3346 28.17 -59.68 -23.83
C ARG F 3346 27.36 -60.60 -22.93
N THR F 3347 28.03 -61.33 -22.04
CA THR F 3347 27.33 -62.20 -21.10
C THR F 3347 26.56 -61.42 -20.05
N ALA F 3348 26.92 -60.16 -19.82
CA ALA F 3348 26.14 -59.33 -18.91
C ALA F 3348 24.81 -58.91 -19.52
N LEU F 3349 24.72 -58.92 -20.86
CA LEU F 3349 23.46 -58.59 -21.52
C LEU F 3349 22.44 -59.70 -21.42
N THR F 3350 22.88 -60.92 -21.12
CA THR F 3350 21.99 -62.07 -21.01
C THR F 3350 21.21 -61.94 -19.70
N GLU F 3351 19.93 -61.59 -19.81
CA GLU F 3351 19.12 -61.41 -18.61
C GLU F 3351 18.61 -62.75 -18.09
N LYS F 3352 18.33 -62.77 -16.79
CA LYS F 3352 17.87 -63.93 -16.05
C LYS F 3352 17.40 -63.41 -14.70
N SER F 3353 16.55 -64.21 -14.03
CA SER F 3353 16.12 -63.85 -12.68
C SER F 3353 17.26 -63.92 -11.68
N LYS F 3354 18.27 -64.74 -11.95
CA LYS F 3354 19.45 -64.81 -11.11
C LYS F 3354 20.72 -64.66 -11.93
N LEU F 3355 21.87 -64.92 -11.31
CA LEU F 3355 23.14 -64.92 -12.02
C LEU F 3355 24.02 -66.02 -11.43
N ASP F 3356 24.80 -66.66 -12.28
CA ASP F 3356 25.58 -67.83 -11.90
C ASP F 3356 26.80 -67.42 -11.08
N GLU F 3357 27.60 -68.43 -10.72
CA GLU F 3357 28.81 -68.19 -9.93
C GLU F 3357 29.89 -67.51 -10.77
N ASP F 3358 30.31 -68.19 -11.85
CA ASP F 3358 31.33 -67.74 -12.79
C ASP F 3358 32.64 -67.43 -12.08
N TYR F 3359 33.26 -68.52 -11.59
CA TYR F 3359 34.56 -68.46 -10.94
C TYR F 3359 35.63 -67.89 -11.86
N LEU F 3360 35.46 -68.01 -13.18
CA LEU F 3360 36.36 -67.40 -14.14
C LEU F 3360 36.34 -65.88 -14.04
N TYR F 3361 35.15 -65.29 -13.87
CA TYR F 3361 35.02 -63.84 -13.91
C TYR F 3361 35.66 -63.18 -12.69
N MET F 3362 35.58 -63.82 -11.53
CA MET F 3362 36.14 -63.24 -10.32
C MET F 3362 37.66 -63.23 -10.33
N ALA F 3363 38.28 -64.10 -11.13
CA ALA F 3363 39.73 -64.14 -11.19
C ALA F 3363 40.29 -62.92 -11.91
N TYR F 3364 39.80 -62.66 -13.14
CA TYR F 3364 40.32 -61.57 -13.95
C TYR F 3364 39.97 -60.20 -13.39
N ALA F 3365 38.91 -60.11 -12.60
CA ALA F 3365 38.58 -58.86 -11.94
C ALA F 3365 39.63 -58.49 -10.90
N ASP F 3366 40.20 -59.49 -10.22
CA ASP F 3366 41.26 -59.23 -9.25
C ASP F 3366 42.54 -58.81 -9.95
N ILE F 3367 42.82 -59.43 -11.09
CA ILE F 3367 44.08 -59.17 -11.80
C ILE F 3367 44.10 -57.75 -12.35
N MET F 3368 42.97 -57.30 -12.88
CA MET F 3368 42.87 -55.92 -13.35
C MET F 3368 42.87 -54.94 -12.19
N ALA F 3369 42.31 -55.33 -11.04
CA ALA F 3369 42.31 -54.45 -9.87
C ALA F 3369 43.71 -54.31 -9.30
N LYS F 3370 44.48 -55.40 -9.25
CA LYS F 3370 45.84 -55.34 -8.74
C LYS F 3370 46.80 -54.67 -9.71
N SER F 3371 46.43 -54.55 -10.98
CA SER F 3371 47.24 -53.79 -11.93
C SER F 3371 47.24 -52.31 -11.59
N CYS F 3372 46.06 -51.77 -11.25
CA CYS F 3372 46.01 -50.40 -10.75
C CYS F 3372 46.49 -50.32 -9.31
N HIS F 3373 46.27 -51.37 -8.53
CA HIS F 3373 46.77 -51.40 -7.15
C HIS F 3373 48.26 -51.68 -7.07
N LEU F 3374 48.91 -52.01 -8.19
CA LEU F 3374 50.37 -52.11 -8.18
C LEU F 3374 51.00 -50.74 -7.98
N GLU F 3375 50.42 -49.71 -8.57
CA GLU F 3375 50.91 -48.34 -8.38
C GLU F 3375 50.31 -47.71 -7.14
N GLU F 3376 49.04 -47.99 -6.84
CA GLU F 3376 48.41 -47.45 -5.64
C GLU F 3376 48.96 -48.11 -4.38
N GLY F 3377 49.32 -49.38 -4.46
CA GLY F 3377 49.93 -50.05 -3.33
C GLY F 3377 51.41 -49.70 -3.21
N GLY F 3378 51.90 -49.72 -1.98
CA GLY F 3378 53.25 -49.33 -1.69
C GLY F 3378 53.46 -47.84 -1.49
N GLU F 3379 52.46 -47.02 -1.82
CA GLU F 3379 52.55 -45.57 -1.63
C GLU F 3379 51.39 -45.03 -0.82
N ASN F 3380 50.57 -45.89 -0.22
CA ASN F 3380 49.44 -45.44 0.59
C ASN F 3380 49.55 -45.98 2.01
N GLU F 3386 58.66 -44.40 10.31
CA GLU F 3386 57.22 -44.14 10.34
C GLU F 3386 56.81 -43.24 9.18
N GLU F 3387 57.48 -42.09 9.05
CA GLU F 3387 57.19 -41.13 8.00
C GLU F 3387 58.47 -40.67 7.35
N VAL F 3388 58.56 -40.84 6.04
CA VAL F 3388 59.69 -40.37 5.24
C VAL F 3388 59.20 -39.31 4.27
N GLU F 3389 59.95 -38.23 4.13
CA GLU F 3389 59.52 -37.11 3.32
C GLU F 3389 59.69 -37.41 1.83
N VAL F 3390 58.67 -37.05 1.05
CA VAL F 3390 58.62 -37.32 -0.38
C VAL F 3390 58.61 -36.00 -1.11
N SER F 3391 59.47 -35.86 -2.13
CA SER F 3391 59.49 -34.66 -2.93
C SER F 3391 58.24 -34.57 -3.79
N PHE F 3392 57.83 -33.32 -4.09
CA PHE F 3392 56.65 -33.09 -4.90
C PHE F 3392 56.84 -33.56 -6.34
N GLU F 3393 58.08 -33.58 -6.81
CA GLU F 3393 58.39 -34.22 -8.09
C GLU F 3393 58.06 -35.71 -8.02
N GLU F 3394 58.48 -36.38 -6.94
CA GLU F 3394 58.12 -37.79 -6.76
C GLU F 3394 56.63 -37.96 -6.51
N LYS F 3395 55.99 -36.97 -5.87
CA LYS F 3395 54.55 -36.97 -5.74
C LYS F 3395 53.85 -36.80 -7.09
N GLU F 3396 54.52 -36.19 -8.06
CA GLU F 3396 53.97 -36.13 -9.41
C GLU F 3396 54.25 -37.40 -10.19
N MET F 3397 55.41 -38.02 -9.95
CA MET F 3397 55.78 -39.24 -10.67
C MET F 3397 54.85 -40.40 -10.36
N GLU F 3398 54.43 -40.52 -9.10
CA GLU F 3398 53.48 -41.56 -8.74
C GLU F 3398 52.11 -41.30 -9.35
N LYS F 3399 51.79 -40.04 -9.67
CA LYS F 3399 50.61 -39.77 -10.47
C LYS F 3399 50.86 -40.16 -11.93
N GLN F 3400 52.09 -39.97 -12.41
CA GLN F 3400 52.42 -40.35 -13.78
C GLN F 3400 52.46 -41.85 -13.96
N ARG F 3401 52.91 -42.59 -12.94
CA ARG F 3401 52.71 -44.03 -12.95
C ARG F 3401 51.24 -44.38 -12.85
N LEU F 3402 50.43 -43.55 -12.19
CA LEU F 3402 49.04 -43.87 -11.96
C LEU F 3402 48.21 -43.76 -13.23
N LEU F 3403 48.41 -42.70 -14.01
CA LEU F 3403 47.64 -42.50 -15.23
C LEU F 3403 48.01 -43.47 -16.35
N TYR F 3404 49.11 -44.21 -16.21
CA TYR F 3404 49.46 -45.18 -17.23
C TYR F 3404 48.61 -46.44 -17.14
N GLN F 3405 48.04 -46.73 -15.97
CA GLN F 3405 47.10 -47.85 -15.90
C GLN F 3405 45.84 -47.54 -16.69
N GLN F 3406 45.24 -46.36 -16.48
CA GLN F 3406 44.08 -45.99 -17.29
C GLN F 3406 44.43 -45.82 -18.76
N SER F 3407 45.70 -45.55 -19.05
CA SER F 3407 46.19 -45.69 -20.42
C SER F 3407 46.14 -47.15 -20.87
N ARG F 3408 46.60 -48.07 -20.03
CA ARG F 3408 46.58 -49.47 -20.45
C ARG F 3408 45.23 -50.13 -20.18
N LEU F 3409 44.36 -49.49 -19.41
CA LEU F 3409 43.04 -50.05 -19.17
C LEU F 3409 42.14 -50.04 -20.40
N HIS F 3410 42.37 -49.10 -21.34
CA HIS F 3410 41.47 -48.81 -22.45
C HIS F 3410 40.06 -48.57 -21.92
N THR F 3411 39.95 -47.45 -21.20
CA THR F 3411 38.84 -47.06 -20.34
C THR F 3411 37.45 -47.19 -20.94
N ARG F 3412 37.33 -47.14 -22.27
CA ARG F 3412 36.02 -47.29 -22.91
C ARG F 3412 35.46 -48.69 -22.74
N GLY F 3413 36.33 -49.70 -22.70
CA GLY F 3413 35.84 -51.05 -22.51
C GLY F 3413 35.49 -51.35 -21.07
N ALA F 3414 36.38 -50.97 -20.15
CA ALA F 3414 36.27 -51.43 -18.77
C ALA F 3414 35.17 -50.69 -18.01
N ALA F 3415 35.09 -49.37 -18.18
CA ALA F 3415 34.23 -48.55 -17.33
C ALA F 3415 32.74 -48.71 -17.62
N GLU F 3416 32.36 -49.45 -18.65
CA GLU F 3416 30.94 -49.59 -18.94
C GLU F 3416 30.36 -50.90 -18.43
N MET F 3417 31.12 -51.98 -18.50
CA MET F 3417 30.64 -53.29 -18.07
C MET F 3417 30.49 -53.40 -16.56
N VAL F 3418 31.20 -52.55 -15.81
CA VAL F 3418 31.03 -52.54 -14.36
C VAL F 3418 29.67 -51.98 -13.98
N LEU F 3419 29.11 -51.09 -14.81
CA LEU F 3419 27.82 -50.49 -14.51
C LEU F 3419 26.68 -51.49 -14.72
N GLN F 3420 26.71 -52.23 -15.83
CA GLN F 3420 25.70 -53.23 -16.07
C GLN F 3420 25.86 -54.43 -15.14
N MET F 3421 27.05 -54.63 -14.57
CA MET F 3421 27.20 -55.61 -13.51
C MET F 3421 26.47 -55.16 -12.26
N ILE F 3422 26.39 -53.85 -12.03
CA ILE F 3422 25.52 -53.37 -10.96
C ILE F 3422 24.06 -53.45 -11.42
N SER F 3423 23.80 -53.21 -12.71
CA SER F 3423 22.48 -53.41 -13.27
C SER F 3423 22.13 -54.89 -13.48
N ALA F 3424 23.04 -55.80 -13.15
CA ALA F 3424 22.78 -57.23 -13.06
C ALA F 3424 22.09 -57.55 -11.73
N CYS F 3425 22.18 -58.81 -11.32
CA CYS F 3425 21.60 -59.35 -10.09
C CYS F 3425 21.83 -58.44 -8.88
N LYS F 3426 20.78 -58.25 -8.10
CA LYS F 3426 20.67 -57.11 -7.20
C LYS F 3426 20.18 -57.44 -5.80
N GLY F 3427 19.52 -58.57 -5.60
CA GLY F 3427 18.99 -58.89 -4.29
C GLY F 3427 20.05 -59.34 -3.31
N GLU F 3428 20.83 -60.33 -3.72
CA GLU F 3428 21.87 -60.87 -2.86
C GLU F 3428 23.09 -59.96 -2.87
N THR F 3429 23.92 -60.12 -1.84
CA THR F 3429 25.23 -59.47 -1.80
C THR F 3429 26.29 -60.48 -2.26
N GLY F 3430 26.26 -60.74 -3.56
CA GLY F 3430 27.13 -61.73 -4.14
C GLY F 3430 28.59 -61.32 -4.12
N ALA F 3431 29.46 -62.33 -4.15
CA ALA F 3431 30.90 -62.08 -4.15
C ALA F 3431 31.36 -61.45 -5.44
N MET F 3432 30.67 -61.74 -6.55
CA MET F 3432 30.94 -61.05 -7.81
C MET F 3432 30.60 -59.57 -7.70
N VAL F 3433 29.50 -59.26 -7.02
CA VAL F 3433 29.13 -57.87 -6.75
C VAL F 3433 30.15 -57.23 -5.83
N SER F 3434 30.65 -58.00 -4.85
CA SER F 3434 31.71 -57.51 -3.99
C SER F 3434 33.01 -57.35 -4.76
N SER F 3435 33.29 -58.26 -5.69
CA SER F 3435 34.46 -58.13 -6.54
C SER F 3435 34.31 -57.03 -7.58
N THR F 3436 33.08 -56.61 -7.86
CA THR F 3436 32.85 -55.60 -8.87
C THR F 3436 33.31 -54.23 -8.40
N LEU F 3437 32.94 -53.86 -7.18
CA LEU F 3437 33.29 -52.55 -6.67
C LEU F 3437 34.77 -52.44 -6.35
N LYS F 3438 35.39 -53.56 -5.97
CA LYS F 3438 36.84 -53.56 -5.75
C LYS F 3438 37.59 -53.30 -7.04
N LEU F 3439 37.03 -53.73 -8.17
CA LEU F 3439 37.58 -53.34 -9.46
C LEU F 3439 37.30 -51.88 -9.75
N GLY F 3440 36.09 -51.41 -9.42
CA GLY F 3440 35.69 -50.07 -9.81
C GLY F 3440 36.40 -48.97 -9.05
N ILE F 3441 36.79 -49.23 -7.80
CA ILE F 3441 37.56 -48.25 -7.06
C ILE F 3441 38.97 -48.13 -7.62
N SER F 3442 39.51 -49.25 -8.13
CA SER F 3442 40.81 -49.25 -8.79
C SER F 3442 40.79 -48.44 -10.09
N ILE F 3443 39.61 -48.23 -10.68
CA ILE F 3443 39.52 -47.40 -11.87
C ILE F 3443 39.79 -45.95 -11.52
N LEU F 3444 39.06 -45.42 -10.55
CA LEU F 3444 39.02 -44.00 -10.23
C LEU F 3444 39.54 -43.74 -8.82
N ASN F 3445 40.65 -44.39 -8.46
CA ASN F 3445 41.24 -44.18 -7.14
C ASN F 3445 41.80 -42.76 -7.00
N GLY F 3446 42.76 -42.41 -7.86
CA GLY F 3446 43.34 -41.08 -7.78
C GLY F 3446 42.61 -40.06 -8.64
N GLY F 3447 41.34 -39.80 -8.32
CA GLY F 3447 40.58 -38.85 -9.09
C GLY F 3447 39.94 -39.50 -10.30
N ASN F 3448 40.62 -39.36 -11.45
CA ASN F 3448 40.24 -39.96 -12.74
C ASN F 3448 38.85 -39.48 -13.18
N ALA F 3449 38.78 -38.18 -13.44
CA ALA F 3449 37.55 -37.59 -13.97
C ALA F 3449 37.29 -37.97 -15.41
N GLU F 3450 38.27 -38.54 -16.10
CA GLU F 3450 38.09 -39.00 -17.47
C GLU F 3450 37.07 -40.13 -17.53
N VAL F 3451 37.23 -41.13 -16.68
CA VAL F 3451 36.26 -42.22 -16.64
C VAL F 3451 34.98 -41.76 -15.96
N GLN F 3452 35.04 -40.73 -15.12
CA GLN F 3452 33.84 -40.16 -14.54
C GLN F 3452 33.00 -39.46 -15.60
N GLN F 3453 33.66 -38.91 -16.63
CA GLN F 3453 32.93 -38.33 -17.74
C GLN F 3453 32.21 -39.40 -18.55
N LYS F 3454 32.91 -40.50 -18.84
CA LYS F 3454 32.34 -41.57 -19.65
C LYS F 3454 31.25 -42.32 -18.90
N MET F 3455 31.37 -42.41 -17.57
CA MET F 3455 30.38 -43.11 -16.76
C MET F 3455 29.06 -42.37 -16.75
N LEU F 3456 29.11 -41.06 -16.49
CA LEU F 3456 27.90 -40.25 -16.56
C LEU F 3456 27.38 -40.14 -17.98
N ASP F 3457 28.27 -40.20 -18.97
CA ASP F 3457 27.83 -40.24 -20.36
C ASP F 3457 27.09 -41.53 -20.67
N TYR F 3458 27.61 -42.66 -20.19
CA TYR F 3458 26.98 -43.95 -20.48
C TYR F 3458 25.63 -44.08 -19.79
N LEU F 3459 25.49 -43.48 -18.61
CA LEU F 3459 24.19 -43.48 -17.95
C LEU F 3459 23.20 -42.58 -18.69
N LYS F 3460 23.64 -41.38 -19.06
CA LYS F 3460 22.76 -40.45 -19.73
C LYS F 3460 22.52 -40.79 -21.19
N ASP F 3461 23.29 -41.72 -21.77
CA ASP F 3461 23.01 -42.16 -23.12
C ASP F 3461 22.10 -43.38 -23.15
N LYS F 3462 22.37 -44.35 -22.28
CA LYS F 3462 21.66 -45.62 -22.35
C LYS F 3462 20.23 -45.49 -21.83
N LYS F 3463 20.03 -44.70 -20.77
CA LYS F 3463 18.73 -44.23 -20.29
C LYS F 3463 17.81 -45.39 -19.88
N GLU F 3464 18.22 -46.09 -18.83
CA GLU F 3464 17.33 -47.08 -18.22
C GLU F 3464 17.41 -46.99 -16.70
N VAL F 3465 16.34 -47.42 -16.06
CA VAL F 3465 16.31 -47.61 -14.63
C VAL F 3465 16.87 -48.99 -14.33
N GLY F 3466 17.12 -49.27 -13.06
CA GLY F 3466 17.67 -50.54 -12.63
C GLY F 3466 19.05 -50.45 -12.04
N PHE F 3467 19.79 -49.38 -12.36
CA PHE F 3467 21.12 -49.22 -11.80
C PHE F 3467 21.04 -48.77 -10.36
N PHE F 3468 20.32 -47.68 -10.10
CA PHE F 3468 20.35 -47.05 -8.80
C PHE F 3468 19.37 -47.66 -7.82
N GLN F 3469 18.26 -48.22 -8.31
CA GLN F 3469 17.37 -48.95 -7.42
C GLN F 3469 17.98 -50.28 -7.00
N SER F 3470 18.96 -50.79 -7.74
CA SER F 3470 19.78 -51.89 -7.26
C SER F 3470 20.63 -51.45 -6.06
N ILE F 3471 21.09 -50.20 -6.07
CA ILE F 3471 22.02 -49.72 -5.07
C ILE F 3471 21.31 -49.57 -3.72
N GLN F 3472 20.11 -49.01 -3.74
CA GLN F 3472 19.33 -48.87 -2.51
C GLN F 3472 18.89 -50.22 -1.97
N ALA F 3473 18.74 -51.21 -2.85
CA ALA F 3473 18.53 -52.58 -2.38
C ALA F 3473 19.79 -53.10 -1.71
N LEU F 3474 20.95 -52.78 -2.26
CA LEU F 3474 22.20 -53.16 -1.62
C LEU F 3474 22.47 -52.34 -0.38
N MET F 3475 22.02 -51.09 -0.35
CA MET F 3475 22.24 -50.24 0.82
C MET F 3475 21.39 -50.71 2.00
N GLN F 3476 20.13 -51.04 1.74
CA GLN F 3476 19.26 -51.55 2.80
C GLN F 3476 19.65 -52.94 3.25
N THR F 3477 20.39 -53.68 2.42
CA THR F 3477 20.89 -55.00 2.80
C THR F 3477 22.31 -54.84 3.34
N CYS F 3478 22.38 -54.19 4.49
CA CYS F 3478 23.63 -54.00 5.21
C CYS F 3478 23.38 -54.16 6.69
N SER F 3479 24.34 -54.76 7.39
CA SER F 3479 24.18 -55.05 8.81
C SER F 3479 24.66 -53.87 9.66
N VAL F 3480 24.25 -53.90 10.92
CA VAL F 3480 24.69 -52.95 11.92
C VAL F 3480 25.20 -53.73 13.12
N LEU F 3481 25.59 -53.01 14.18
CA LEU F 3481 26.08 -53.65 15.38
C LEU F 3481 24.92 -54.28 16.13
N ASP F 3482 24.92 -55.61 16.24
CA ASP F 3482 23.83 -56.35 16.86
C ASP F 3482 24.28 -56.83 18.22
N LEU F 3483 23.65 -56.31 19.27
CA LEU F 3483 24.01 -56.71 20.62
C LEU F 3483 23.57 -58.13 20.92
N ASN F 3484 22.45 -58.56 20.33
CA ASN F 3484 21.98 -59.93 20.53
C ASN F 3484 22.94 -60.93 19.89
N ALA F 3485 23.54 -60.55 18.76
CA ALA F 3485 24.59 -61.37 18.18
C ALA F 3485 25.85 -61.33 19.03
N PHE F 3486 26.08 -60.24 19.74
CA PHE F 3486 27.24 -60.17 20.63
C PHE F 3486 27.04 -61.06 21.85
N GLU F 3487 25.81 -61.16 22.34
CA GLU F 3487 25.54 -61.96 23.53
C GLU F 3487 25.70 -63.44 23.26
N ARG F 3488 25.47 -63.86 22.01
CA ARG F 3488 25.71 -65.25 21.65
C ARG F 3488 27.19 -65.55 21.62
N GLN F 3489 27.98 -64.67 20.99
CA GLN F 3489 29.42 -64.89 20.99
C GLN F 3489 30.06 -64.49 22.30
N ASN F 3490 29.32 -63.81 23.19
CA ASN F 3490 29.78 -63.62 24.56
C ASN F 3490 29.90 -64.97 25.27
N LYS F 3491 28.98 -65.89 24.97
CA LYS F 3491 29.04 -67.23 25.54
C LYS F 3491 29.69 -68.24 24.63
N ALA F 3492 29.73 -67.98 23.32
CA ALA F 3492 30.48 -68.86 22.43
C ALA F 3492 31.98 -68.72 22.66
N GLU F 3493 32.45 -67.50 22.95
CA GLU F 3493 33.82 -67.34 23.42
C GLU F 3493 34.01 -67.90 24.81
N GLY F 3494 32.94 -67.96 25.61
CA GLY F 3494 32.99 -68.64 26.89
C GLY F 3494 33.05 -70.15 26.78
N LEU F 3495 32.73 -70.70 25.61
CA LEU F 3495 32.84 -72.13 25.34
C LEU F 3495 34.14 -72.48 24.63
N GLY F 3496 35.22 -71.78 24.96
CA GLY F 3496 36.53 -72.07 24.42
C GLY F 3496 37.23 -73.28 25.00
N MET F 3497 36.57 -74.03 25.89
CA MET F 3497 37.13 -75.22 26.50
C MET F 3497 36.67 -76.50 25.79
N VAL F 3498 36.50 -76.43 24.46
CA VAL F 3498 36.07 -77.58 23.67
C VAL F 3498 37.22 -78.58 23.54
N ASN F 3499 36.91 -79.77 23.05
CA ASN F 3499 37.87 -80.88 23.01
C ASN F 3499 38.89 -80.66 21.89
N GLU F 3500 39.71 -81.69 21.66
CA GLU F 3500 40.77 -81.61 20.67
C GLU F 3500 40.20 -81.57 19.26
N ASP F 3501 40.78 -80.69 18.43
CA ASP F 3501 40.36 -80.42 17.04
C ASP F 3501 38.90 -79.98 16.95
N GLY F 3502 38.38 -79.33 17.99
CA GLY F 3502 37.04 -78.80 17.98
C GLY F 3502 36.95 -77.48 18.70
N THR F 3503 38.10 -77.00 19.20
CA THR F 3503 38.15 -75.75 19.95
C THR F 3503 38.46 -74.55 19.07
N VAL F 3504 38.60 -74.74 17.76
CA VAL F 3504 38.92 -73.65 16.85
C VAL F 3504 37.90 -73.54 15.73
N ILE F 3505 36.73 -74.16 15.89
CA ILE F 3505 35.69 -74.05 14.88
C ILE F 3505 35.05 -72.68 14.91
N ASN F 3506 34.90 -72.10 16.10
CA ASN F 3506 34.39 -70.74 16.25
C ASN F 3506 35.43 -69.88 16.95
N ARG F 3507 36.70 -69.99 16.52
CA ARG F 3507 37.77 -69.27 17.19
C ARG F 3507 37.69 -67.77 16.88
N GLN F 3508 37.67 -67.41 15.60
CA GLN F 3508 37.62 -66.00 15.24
C GLN F 3508 36.19 -65.46 15.33
N ASN F 3509 35.29 -66.00 14.51
CA ASN F 3509 33.86 -65.64 14.44
C ASN F 3509 33.64 -64.15 14.20
N GLY F 3510 34.53 -63.52 13.42
CA GLY F 3510 34.41 -62.11 13.13
C GLY F 3510 33.31 -61.75 12.17
N GLU F 3511 32.74 -62.74 11.47
CA GLU F 3511 31.64 -62.52 10.54
C GLU F 3511 30.28 -62.65 11.19
N LYS F 3512 30.19 -62.39 12.49
CA LYS F 3512 28.97 -62.58 13.25
C LYS F 3512 28.27 -61.26 13.59
N VAL F 3513 29.03 -60.22 13.90
CA VAL F 3513 28.43 -58.93 14.21
C VAL F 3513 28.11 -58.16 12.94
N MET F 3514 29.13 -57.90 12.13
CA MET F 3514 28.96 -57.11 10.92
C MET F 3514 28.98 -57.96 9.66
N ALA F 3515 30.08 -58.69 9.44
CA ALA F 3515 30.37 -59.45 8.22
C ALA F 3515 30.26 -58.59 6.95
N ASP F 3516 30.53 -57.29 7.11
CA ASP F 3516 30.22 -56.33 6.06
C ASP F 3516 31.32 -55.28 5.91
N ASP F 3517 32.36 -55.31 6.75
CA ASP F 3517 33.38 -54.27 6.80
C ASP F 3517 34.19 -54.21 5.51
N GLU F 3518 34.46 -55.36 4.90
CA GLU F 3518 35.11 -55.39 3.61
C GLU F 3518 34.16 -55.06 2.46
N PHE F 3519 32.87 -54.88 2.74
CA PHE F 3519 31.90 -54.62 1.69
C PHE F 3519 31.20 -53.29 1.83
N THR F 3520 30.60 -52.99 2.99
CA THR F 3520 29.83 -51.76 3.07
C THR F 3520 30.72 -50.53 3.28
N GLN F 3521 31.92 -50.71 3.83
CA GLN F 3521 32.90 -49.62 3.76
C GLN F 3521 33.41 -49.47 2.34
N ASP F 3522 33.60 -50.62 1.67
CA ASP F 3522 33.95 -50.63 0.26
C ASP F 3522 32.81 -50.08 -0.60
N LEU F 3523 31.58 -50.21 -0.13
CA LEU F 3523 30.43 -49.65 -0.84
C LEU F 3523 30.51 -48.14 -0.94
N PHE F 3524 30.66 -47.48 0.21
CA PHE F 3524 30.73 -46.02 0.20
C PHE F 3524 32.10 -45.51 -0.20
N ARG F 3525 33.13 -46.35 -0.15
CA ARG F 3525 34.41 -45.98 -0.74
C ARG F 3525 34.29 -45.82 -2.24
N PHE F 3526 33.45 -46.66 -2.86
CA PHE F 3526 33.12 -46.49 -4.27
C PHE F 3526 32.36 -45.20 -4.50
N LEU F 3527 31.32 -44.95 -3.69
CA LEU F 3527 30.36 -43.90 -3.97
C LEU F 3527 30.96 -42.52 -3.75
N GLN F 3528 31.84 -42.38 -2.77
CA GLN F 3528 32.49 -41.09 -2.51
C GLN F 3528 33.44 -40.72 -3.63
N LEU F 3529 34.21 -41.69 -4.12
CA LEU F 3529 35.17 -41.42 -5.17
C LEU F 3529 34.53 -41.28 -6.54
N LEU F 3530 33.23 -41.53 -6.66
CA LEU F 3530 32.52 -41.22 -7.89
C LEU F 3530 32.46 -39.72 -8.13
N CYS F 3531 32.28 -38.95 -7.08
CA CYS F 3531 32.17 -37.50 -7.17
C CYS F 3531 33.29 -36.82 -6.41
N GLU F 3532 34.48 -37.43 -6.44
CA GLU F 3532 35.64 -36.84 -5.79
C GLU F 3532 36.06 -35.55 -6.49
N GLY F 3533 36.16 -35.58 -7.82
CA GLY F 3533 36.21 -34.36 -8.57
C GLY F 3533 34.88 -33.64 -8.48
N HIS F 3534 34.94 -32.31 -8.34
CA HIS F 3534 33.72 -31.53 -8.14
C HIS F 3534 32.97 -31.43 -9.44
N ASN F 3535 32.09 -32.39 -9.69
CA ASN F 3535 31.46 -32.51 -11.00
C ASN F 3535 30.26 -31.57 -11.10
N ASN F 3536 29.43 -31.53 -10.05
CA ASN F 3536 28.34 -30.57 -9.79
C ASN F 3536 27.11 -30.82 -10.68
N ASP F 3537 27.23 -31.71 -11.65
CA ASP F 3537 26.09 -32.17 -12.43
C ASP F 3537 25.85 -33.66 -12.25
N PHE F 3538 26.94 -34.42 -12.16
CA PHE F 3538 26.88 -35.75 -11.60
C PHE F 3538 26.36 -35.72 -10.18
N GLN F 3539 26.76 -34.70 -9.43
CA GLN F 3539 26.20 -34.47 -8.09
C GLN F 3539 24.72 -34.11 -8.18
N ASN F 3540 24.33 -33.35 -9.21
CA ASN F 3540 22.91 -33.17 -9.49
C ASN F 3540 22.27 -34.48 -9.92
N TYR F 3541 23.03 -35.36 -10.57
CA TYR F 3541 22.45 -36.58 -11.10
C TYR F 3541 22.19 -37.59 -9.99
N LEU F 3542 22.96 -37.54 -8.91
CA LEU F 3542 22.61 -38.33 -7.72
C LEU F 3542 21.35 -37.82 -7.05
N ARG F 3543 21.08 -36.51 -7.16
CA ARG F 3543 19.86 -35.98 -6.56
C ARG F 3543 18.64 -36.35 -7.39
N THR F 3544 18.76 -36.29 -8.71
CA THR F 3544 17.65 -36.68 -9.56
C THR F 3544 18.17 -37.23 -10.88
N GLN F 3545 17.45 -38.19 -11.41
CA GLN F 3545 17.79 -38.84 -12.67
C GLN F 3545 16.70 -38.42 -13.65
N THR F 3546 16.90 -37.25 -14.26
CA THR F 3546 15.85 -36.57 -14.99
C THR F 3546 15.63 -37.14 -16.39
N GLY F 3547 16.52 -37.98 -16.88
CA GLY F 3547 16.32 -38.60 -18.17
C GLY F 3547 15.37 -39.77 -18.08
N ASN F 3548 15.46 -40.53 -17.00
CA ASN F 3548 14.62 -41.69 -16.82
C ASN F 3548 13.25 -41.28 -16.30
N THR F 3549 12.36 -42.27 -16.20
CA THR F 3549 11.00 -42.01 -15.75
C THR F 3549 10.88 -41.93 -14.23
N THR F 3550 11.91 -42.35 -13.50
CA THR F 3550 11.86 -42.33 -12.04
C THR F 3550 13.04 -41.53 -11.49
N THR F 3551 13.01 -41.34 -10.17
CA THR F 3551 14.04 -40.62 -9.44
C THR F 3551 14.32 -41.37 -8.15
N ILE F 3552 15.59 -41.65 -7.90
CA ILE F 3552 15.99 -42.49 -6.77
C ILE F 3552 16.46 -41.65 -5.58
N ASN F 3553 17.45 -40.78 -5.81
CA ASN F 3553 18.03 -39.86 -4.81
C ASN F 3553 18.58 -40.63 -3.60
N ILE F 3554 19.68 -41.34 -3.88
CA ILE F 3554 20.42 -42.14 -2.90
C ILE F 3554 20.84 -41.31 -1.69
N ILE F 3555 21.09 -40.01 -1.89
CA ILE F 3555 21.53 -39.10 -0.84
C ILE F 3555 20.50 -39.01 0.28
N ILE F 3556 19.22 -39.24 -0.03
CA ILE F 3556 18.21 -39.40 1.02
C ILE F 3556 18.51 -40.62 1.87
N CYS F 3557 18.53 -41.80 1.25
CA CYS F 3557 18.69 -43.03 1.99
C CYS F 3557 20.11 -43.28 2.46
N THR F 3558 21.07 -42.52 1.93
CA THR F 3558 22.44 -42.56 2.46
C THR F 3558 22.45 -42.11 3.92
N VAL F 3559 21.67 -41.08 4.23
CA VAL F 3559 21.51 -40.62 5.60
C VAL F 3559 20.77 -41.67 6.42
N ASP F 3560 19.83 -42.37 5.79
CA ASP F 3560 18.93 -43.26 6.51
C ASP F 3560 19.66 -44.48 7.07
N TYR F 3561 20.58 -45.05 6.29
CA TYR F 3561 21.37 -46.17 6.82
C TYR F 3561 22.32 -45.69 7.90
N LEU F 3562 22.86 -44.47 7.75
CA LEU F 3562 23.65 -43.87 8.82
C LEU F 3562 22.81 -43.66 10.07
N LEU F 3563 21.56 -43.23 9.88
CA LEU F 3563 20.63 -43.12 11.00
C LEU F 3563 20.32 -44.49 11.59
N ARG F 3564 20.15 -45.51 10.74
CA ARG F 3564 19.98 -46.86 11.24
C ARG F 3564 21.25 -47.39 11.87
N LEU F 3565 22.41 -46.95 11.40
CA LEU F 3565 23.65 -47.32 12.06
C LEU F 3565 23.83 -46.55 13.36
N GLN F 3566 23.34 -45.31 13.41
CA GLN F 3566 23.49 -44.45 14.59
C GLN F 3566 22.77 -45.03 15.79
N GLU F 3567 21.54 -45.50 15.57
CA GLU F 3567 20.72 -46.05 16.65
C GLU F 3567 21.34 -47.31 17.22
N SER F 3568 21.98 -48.11 16.37
CA SER F 3568 22.68 -49.30 16.84
C SER F 3568 23.90 -48.94 17.67
N ILE F 3569 24.65 -47.91 17.24
CA ILE F 3569 25.79 -47.43 18.00
C ILE F 3569 25.33 -46.77 19.28
N SER F 3570 24.20 -46.07 19.22
CA SER F 3570 23.65 -45.43 20.41
C SER F 3570 23.22 -46.46 21.44
N ASP F 3571 22.60 -47.55 20.99
CA ASP F 3571 22.21 -48.63 21.89
C ASP F 3571 23.40 -49.46 22.33
N PHE F 3572 24.52 -49.37 21.61
CA PHE F 3572 25.69 -50.15 21.97
C PHE F 3572 26.32 -49.69 23.28
N TYR F 3573 26.19 -48.41 23.60
CA TYR F 3573 26.85 -47.87 24.78
C TYR F 3573 26.08 -48.18 26.07
N TRP F 3574 24.76 -48.36 25.96
CA TRP F 3574 23.96 -48.60 27.16
C TRP F 3574 24.25 -49.95 27.79
N TYR F 3575 24.68 -50.92 26.99
CA TYR F 3575 25.16 -52.17 27.56
C TYR F 3575 26.47 -51.97 28.31
N TYR F 3576 27.28 -51.02 27.86
CA TYR F 3576 28.54 -50.71 28.52
C TYR F 3576 28.43 -49.50 29.43
N SER F 3577 27.22 -48.93 29.56
CA SER F 3577 27.01 -47.87 30.53
C SER F 3577 27.06 -48.36 31.97
N GLY F 3578 26.81 -49.67 32.18
CA GLY F 3578 26.81 -50.21 33.52
C GLY F 3578 28.20 -50.42 34.09
N LYS F 3579 28.98 -51.31 33.47
CA LYS F 3579 30.31 -51.59 33.97
C LYS F 3579 31.30 -50.52 33.52
N ASP F 3580 32.55 -50.68 33.91
CA ASP F 3580 33.59 -49.72 33.61
C ASP F 3580 34.63 -50.22 32.61
N VAL F 3581 35.07 -51.46 32.72
CA VAL F 3581 36.09 -51.98 31.81
C VAL F 3581 35.40 -52.44 30.53
N ILE F 3582 36.11 -52.31 29.41
CA ILE F 3582 35.62 -52.74 28.11
C ILE F 3582 36.48 -53.91 27.66
N GLU F 3583 35.83 -54.98 27.23
CA GLU F 3583 36.56 -56.17 26.79
C GLU F 3583 37.22 -55.92 25.44
N GLU F 3584 38.21 -56.77 25.14
CA GLU F 3584 38.91 -56.67 23.86
C GLU F 3584 37.99 -56.98 22.70
N GLN F 3585 37.08 -57.94 22.89
CA GLN F 3585 36.12 -58.28 21.84
C GLN F 3585 35.15 -57.14 21.60
N GLY F 3586 34.78 -56.43 22.67
CA GLY F 3586 34.00 -55.21 22.49
C GLY F 3586 34.80 -54.10 21.83
N LYS F 3587 36.09 -53.99 22.17
CA LYS F 3587 36.94 -52.99 21.55
C LYS F 3587 37.23 -53.32 20.09
N ARG F 3588 37.38 -54.61 19.79
CA ARG F 3588 37.68 -55.01 18.41
C ARG F 3588 36.46 -54.83 17.52
N ASN F 3589 35.27 -55.14 18.02
CA ASN F 3589 34.07 -55.04 17.21
C ASN F 3589 33.61 -53.60 17.04
N PHE F 3590 33.90 -52.73 18.01
CA PHE F 3590 33.49 -51.34 17.91
C PHE F 3590 34.44 -50.50 17.09
N SER F 3591 35.71 -50.91 16.99
CA SER F 3591 36.64 -50.29 16.06
C SER F 3591 36.26 -50.56 14.61
N LYS F 3592 35.50 -51.62 14.37
CA LYS F 3592 35.06 -51.94 13.01
C LYS F 3592 34.08 -50.90 12.49
N ALA F 3593 32.95 -50.73 13.18
CA ALA F 3593 31.86 -49.91 12.67
C ALA F 3593 32.20 -48.42 12.70
N MET F 3594 33.11 -48.02 13.59
CA MET F 3594 33.61 -46.65 13.55
C MET F 3594 34.40 -46.38 12.29
N SER F 3595 35.22 -47.36 11.88
CA SER F 3595 35.90 -47.26 10.59
C SER F 3595 34.91 -47.35 9.44
N VAL F 3596 33.82 -48.09 9.62
CA VAL F 3596 32.76 -48.12 8.61
C VAL F 3596 32.09 -46.75 8.51
N ALA F 3597 31.72 -46.19 9.67
CA ALA F 3597 31.02 -44.91 9.68
C ALA F 3597 31.92 -43.75 9.28
N LYS F 3598 33.24 -43.91 9.40
CA LYS F 3598 34.16 -42.86 9.02
C LYS F 3598 34.11 -42.60 7.52
N GLN F 3599 33.99 -43.67 6.73
CA GLN F 3599 33.80 -43.51 5.29
C GLN F 3599 32.46 -42.86 4.98
N VAL F 3600 31.45 -43.11 5.83
CA VAL F 3600 30.11 -42.60 5.57
C VAL F 3600 30.07 -41.08 5.73
N PHE F 3601 30.71 -40.55 6.78
CA PHE F 3601 30.81 -39.10 6.92
C PHE F 3601 31.65 -38.48 5.82
N ASN F 3602 32.68 -39.19 5.37
CA ASN F 3602 33.51 -38.69 4.29
C ASN F 3602 32.76 -38.65 2.97
N SER F 3603 31.84 -39.59 2.76
CA SER F 3603 31.06 -39.61 1.53
C SER F 3603 30.02 -38.49 1.51
N LEU F 3604 29.48 -38.16 2.68
CA LEU F 3604 28.45 -37.12 2.74
C LEU F 3604 29.03 -35.73 2.51
N THR F 3605 30.31 -35.55 2.79
CA THR F 3605 30.97 -34.27 2.52
C THR F 3605 31.02 -33.99 1.03
N GLU F 3606 31.44 -34.98 0.24
CA GLU F 3606 31.62 -34.83 -1.20
C GLU F 3606 30.31 -34.66 -1.95
N TYR F 3607 29.17 -34.90 -1.31
CA TYR F 3607 27.88 -34.68 -1.94
C TYR F 3607 27.58 -33.21 -2.12
N ILE F 3608 28.20 -32.35 -1.32
CA ILE F 3608 27.88 -30.92 -1.35
C ILE F 3608 29.11 -30.04 -1.59
N GLN F 3609 30.33 -30.54 -1.40
CA GLN F 3609 31.51 -29.73 -1.66
C GLN F 3609 31.64 -29.46 -3.16
N GLY F 3610 32.12 -28.26 -3.49
CA GLY F 3610 31.97 -27.79 -4.84
C GLY F 3610 30.50 -27.47 -5.05
N PRO F 3611 30.05 -26.34 -4.46
CA PRO F 3611 28.69 -26.24 -3.89
C PRO F 3611 27.50 -26.54 -4.81
N CYS F 3612 26.74 -27.55 -4.40
CA CYS F 3612 25.51 -27.98 -5.04
C CYS F 3612 24.40 -27.67 -4.03
N THR F 3613 23.78 -26.49 -4.19
CA THR F 3613 22.82 -26.02 -3.21
C THR F 3613 21.56 -26.86 -3.19
N GLY F 3614 21.20 -27.48 -4.32
CA GLY F 3614 20.07 -28.40 -4.34
C GLY F 3614 20.32 -29.62 -3.48
N ASN F 3615 21.56 -30.11 -3.48
CA ASN F 3615 21.94 -31.12 -2.48
C ASN F 3615 21.98 -30.53 -1.09
N GLN F 3616 22.39 -29.26 -0.97
CA GLN F 3616 22.44 -28.62 0.34
C GLN F 3616 21.03 -28.36 0.86
N GLN F 3617 20.10 -28.03 -0.03
CA GLN F 3617 18.71 -27.90 0.41
C GLN F 3617 18.09 -29.26 0.71
N SER F 3618 18.56 -30.30 0.01
CA SER F 3618 18.02 -31.64 0.23
C SER F 3618 18.38 -32.17 1.62
N LEU F 3619 19.61 -31.89 2.07
CA LEU F 3619 20.03 -32.35 3.38
C LEU F 3619 19.35 -31.56 4.49
N ALA F 3620 19.01 -30.31 4.22
CA ALA F 3620 18.34 -29.49 5.22
C ALA F 3620 16.91 -29.96 5.45
N HIS F 3621 16.16 -30.19 4.38
CA HIS F 3621 14.78 -30.63 4.50
C HIS F 3621 14.67 -32.11 4.86
N SER F 3622 15.76 -32.87 4.79
CA SER F 3622 15.77 -34.22 5.32
C SER F 3622 15.91 -34.17 6.84
N ARG F 3623 15.81 -35.34 7.47
CA ARG F 3623 16.04 -35.41 8.91
C ARG F 3623 17.51 -35.72 9.23
N LEU F 3624 18.39 -34.96 8.58
CA LEU F 3624 19.82 -35.02 8.89
C LEU F 3624 20.11 -34.40 10.24
N TRP F 3625 19.30 -33.42 10.64
CA TRP F 3625 19.46 -32.75 11.92
C TRP F 3625 19.26 -33.72 13.07
N ASP F 3626 18.33 -34.66 12.92
CA ASP F 3626 18.18 -35.71 13.90
C ASP F 3626 19.38 -36.63 13.89
N ALA F 3627 19.98 -36.84 12.71
CA ALA F 3627 21.11 -37.76 12.60
C ALA F 3627 22.37 -37.21 13.24
N VAL F 3628 22.45 -35.90 13.47
CA VAL F 3628 23.65 -35.33 14.07
C VAL F 3628 23.62 -35.48 15.59
N VAL F 3629 22.43 -35.33 16.18
CA VAL F 3629 22.28 -35.06 17.62
C VAL F 3629 22.70 -36.26 18.46
N GLY F 3630 22.32 -37.47 18.03
CA GLY F 3630 22.60 -38.65 18.83
C GLY F 3630 24.07 -38.98 18.94
N PHE F 3631 24.86 -38.61 17.93
CA PHE F 3631 26.30 -38.78 18.04
C PHE F 3631 26.90 -37.83 19.07
N LEU F 3632 26.35 -36.62 19.18
CA LEU F 3632 26.78 -35.71 20.23
C LEU F 3632 26.44 -36.27 21.61
N HIS F 3633 25.33 -36.99 21.72
CA HIS F 3633 25.06 -37.73 22.94
C HIS F 3633 26.05 -38.87 23.13
N VAL F 3634 26.44 -39.51 22.03
CA VAL F 3634 27.47 -40.54 22.08
C VAL F 3634 28.82 -39.92 22.40
N PHE F 3635 29.16 -38.83 21.72
CA PHE F 3635 30.45 -38.19 21.91
C PHE F 3635 30.53 -37.38 23.20
N ALA F 3636 29.50 -37.40 24.04
CA ALA F 3636 29.58 -36.80 25.36
C ALA F 3636 29.89 -37.81 26.45
N HIS F 3637 29.40 -39.04 26.29
CA HIS F 3637 29.47 -40.03 27.36
C HIS F 3637 30.58 -41.05 27.15
N MET F 3638 30.85 -41.41 25.90
CA MET F 3638 32.05 -42.20 25.63
C MET F 3638 33.30 -41.38 25.86
N MET F 3639 33.24 -40.08 25.61
CA MET F 3639 34.41 -39.23 25.68
C MET F 3639 34.86 -39.04 27.12
N MET F 3640 33.93 -39.11 28.06
CA MET F 3640 34.30 -39.09 29.47
C MET F 3640 34.83 -40.43 29.93
N LYS F 3641 34.19 -41.52 29.50
CA LYS F 3641 34.51 -42.83 30.05
C LYS F 3641 35.81 -43.38 29.48
N LEU F 3642 36.05 -43.16 28.19
CA LEU F 3642 37.29 -43.64 27.57
C LEU F 3642 38.52 -42.90 28.07
N ALA F 3643 38.34 -41.71 28.64
CA ALA F 3643 39.45 -40.95 29.20
C ALA F 3643 39.99 -41.56 30.48
N GLN F 3644 39.24 -42.46 31.12
CA GLN F 3644 39.62 -43.01 32.41
C GLN F 3644 40.44 -44.28 32.30
N ASP F 3645 41.11 -44.50 31.17
CA ASP F 3645 41.93 -45.69 31.01
C ASP F 3645 43.11 -45.37 30.11
N SER F 3646 44.26 -45.98 30.43
CA SER F 3646 45.43 -45.91 29.58
C SER F 3646 45.46 -47.00 28.52
N SER F 3647 44.61 -48.02 28.67
CA SER F 3647 44.48 -49.07 27.66
C SER F 3647 43.46 -48.71 26.60
N GLN F 3648 42.74 -47.60 26.76
CA GLN F 3648 41.70 -47.18 25.83
C GLN F 3648 42.09 -45.93 25.06
N ILE F 3649 43.39 -45.66 24.97
CA ILE F 3649 43.85 -44.43 24.33
C ILE F 3649 43.66 -44.51 22.82
N GLU F 3650 44.06 -45.63 22.22
CA GLU F 3650 43.99 -45.80 20.77
C GLU F 3650 42.55 -45.88 20.27
N LEU F 3651 41.63 -46.33 21.13
CA LEU F 3651 40.22 -46.31 20.76
C LEU F 3651 39.66 -44.89 20.83
N LEU F 3652 40.04 -44.14 21.87
CA LEU F 3652 39.63 -42.75 21.97
C LEU F 3652 40.34 -41.89 20.92
N LYS F 3653 41.57 -42.26 20.55
CA LYS F 3653 42.24 -41.63 19.42
C LYS F 3653 41.51 -41.91 18.12
N GLU F 3654 40.97 -43.13 18.00
CA GLU F 3654 40.15 -43.46 16.85
C GLU F 3654 38.82 -42.72 16.88
N LEU F 3655 38.33 -42.39 18.07
CA LEU F 3655 37.06 -41.68 18.20
C LEU F 3655 37.17 -40.24 17.74
N LEU F 3656 38.30 -39.58 18.06
CA LEU F 3656 38.46 -38.19 17.68
C LEU F 3656 38.64 -38.03 16.18
N ASP F 3657 39.13 -39.08 15.51
CA ASP F 3657 39.16 -39.08 14.05
C ASP F 3657 37.76 -39.13 13.48
N LEU F 3658 36.84 -39.82 14.15
CA LEU F 3658 35.46 -39.87 13.69
C LEU F 3658 34.76 -38.54 13.91
N GLN F 3659 35.01 -37.91 15.05
CA GLN F 3659 34.32 -36.67 15.39
C GLN F 3659 34.84 -35.50 14.56
N LYS F 3660 36.14 -35.49 14.25
CA LYS F 3660 36.71 -34.42 13.44
C LYS F 3660 36.20 -34.48 12.01
N ASP F 3661 36.06 -35.70 11.47
CA ASP F 3661 35.46 -35.85 10.15
C ASP F 3661 33.97 -35.55 10.17
N MET F 3662 33.32 -35.66 11.33
CA MET F 3662 31.91 -35.32 11.43
C MET F 3662 31.70 -33.81 11.47
N VAL F 3663 32.58 -33.09 12.17
CA VAL F 3663 32.36 -31.66 12.33
C VAL F 3663 32.72 -30.89 11.07
N VAL F 3664 33.63 -31.42 10.24
CA VAL F 3664 33.95 -30.74 9.00
C VAL F 3664 32.86 -30.95 7.97
N MET F 3665 32.02 -31.99 8.13
CA MET F 3665 30.79 -32.07 7.36
C MET F 3665 29.86 -30.92 7.70
N LEU F 3666 29.77 -30.58 8.98
CA LEU F 3666 29.00 -29.42 9.41
C LEU F 3666 29.58 -28.14 8.87
N LEU F 3667 30.91 -28.08 8.74
CA LEU F 3667 31.56 -26.93 8.12
C LEU F 3667 31.22 -26.85 6.64
N SER F 3668 31.06 -28.00 5.99
CA SER F 3668 30.72 -28.03 4.57
C SER F 3668 29.28 -27.60 4.31
N LEU F 3669 28.43 -27.62 5.35
CA LEU F 3669 27.03 -27.28 5.17
C LEU F 3669 26.83 -25.78 4.90
N LEU F 3670 27.73 -24.94 5.39
CA LEU F 3670 27.55 -23.51 5.23
C LEU F 3670 27.85 -23.12 3.80
N GLU F 3671 29.13 -23.25 3.43
CA GLU F 3671 29.69 -23.16 2.08
C GLU F 3671 29.18 -21.91 1.34
N GLY F 3672 29.51 -20.75 1.90
CA GLY F 3672 29.00 -19.51 1.37
C GLY F 3672 27.64 -19.18 1.95
N ASN F 3673 27.57 -19.09 3.26
CA ASN F 3673 26.32 -18.88 3.96
C ASN F 3673 26.03 -17.38 4.08
N VAL F 3674 24.83 -16.98 3.71
CA VAL F 3674 24.38 -15.60 3.84
C VAL F 3674 23.96 -15.40 5.29
N VAL F 3675 23.66 -14.15 5.66
CA VAL F 3675 23.40 -13.75 7.05
C VAL F 3675 22.24 -14.53 7.67
N ASN F 3676 21.18 -14.80 6.91
CA ASN F 3676 19.98 -15.43 7.47
C ASN F 3676 19.47 -16.53 6.54
N GLY F 3677 20.38 -17.40 6.10
CA GLY F 3677 20.02 -18.42 5.12
C GLY F 3677 19.46 -19.72 5.67
N MET F 3678 18.87 -19.66 6.86
CA MET F 3678 18.04 -20.69 7.51
C MET F 3678 18.81 -21.94 7.93
N ILE F 3679 20.09 -22.05 7.58
CA ILE F 3679 20.87 -23.24 7.88
C ILE F 3679 21.51 -23.14 9.24
N ALA F 3680 22.24 -22.04 9.46
CA ALA F 3680 22.81 -21.76 10.77
C ALA F 3680 21.72 -21.47 11.80
N ARG F 3681 20.56 -20.98 11.34
CA ARG F 3681 19.42 -20.79 12.24
C ARG F 3681 18.94 -22.12 12.79
N GLN F 3682 19.01 -23.18 11.98
CA GLN F 3682 18.73 -24.52 12.49
C GLN F 3682 19.92 -25.12 13.22
N MET F 3683 21.14 -24.63 12.97
CA MET F 3683 22.28 -25.07 13.74
C MET F 3683 22.21 -24.56 15.17
N VAL F 3684 21.74 -23.33 15.35
CA VAL F 3684 21.45 -22.83 16.69
C VAL F 3684 20.32 -23.63 17.31
N ASP F 3685 19.36 -24.08 16.49
CA ASP F 3685 18.22 -24.83 16.98
C ASP F 3685 18.64 -26.17 17.56
N MET F 3686 19.56 -26.87 16.89
CA MET F 3686 19.99 -28.16 17.41
C MET F 3686 20.96 -28.03 18.58
N LEU F 3687 21.78 -26.99 18.60
CA LEU F 3687 22.76 -26.87 19.66
C LEU F 3687 22.15 -26.38 20.97
N VAL F 3688 21.03 -25.66 20.90
CA VAL F 3688 20.26 -25.41 22.12
C VAL F 3688 19.57 -26.69 22.55
N GLU F 3689 19.08 -27.47 21.57
CA GLU F 3689 18.32 -28.67 21.86
C GLU F 3689 19.17 -29.76 22.51
N SER F 3690 20.43 -29.86 22.10
CA SER F 3690 21.36 -30.83 22.66
C SER F 3690 22.48 -30.13 23.42
N SER F 3691 22.12 -29.11 24.19
CA SER F 3691 23.12 -28.26 24.82
C SER F 3691 23.85 -28.97 25.94
N SER F 3692 23.15 -29.84 26.68
CA SER F 3692 23.74 -30.50 27.84
C SER F 3692 24.85 -31.47 27.44
N ASN F 3693 24.74 -32.06 26.25
CA ASN F 3693 25.86 -32.84 25.73
C ASN F 3693 27.02 -31.91 25.37
N VAL F 3694 26.72 -30.76 24.76
CA VAL F 3694 27.75 -29.82 24.32
C VAL F 3694 28.47 -29.23 25.52
N GLU F 3695 27.75 -28.99 26.61
CA GLU F 3695 28.37 -28.50 27.84
C GLU F 3695 29.34 -29.52 28.41
N MET F 3696 29.04 -30.81 28.25
CA MET F 3696 30.02 -31.83 28.57
C MET F 3696 31.18 -31.81 27.59
N ILE F 3697 30.89 -31.53 26.32
CA ILE F 3697 31.93 -31.52 25.29
C ILE F 3697 32.84 -30.31 25.47
N LEU F 3698 32.24 -29.13 25.66
CA LEU F 3698 33.03 -27.91 25.78
C LEU F 3698 33.87 -27.89 27.04
N LYS F 3699 33.38 -28.48 28.13
CA LYS F 3699 34.17 -28.58 29.34
C LYS F 3699 35.32 -29.55 29.17
N PHE F 3700 35.14 -30.58 28.34
CA PHE F 3700 36.15 -31.63 28.20
C PHE F 3700 37.40 -31.10 27.51
N PHE F 3701 37.23 -30.27 26.48
CA PHE F 3701 38.39 -29.62 25.89
C PHE F 3701 38.97 -28.59 26.85
N ASP F 3702 38.10 -27.93 27.61
CA ASP F 3702 38.55 -26.81 28.45
C ASP F 3702 39.32 -27.30 29.66
N MET F 3703 38.97 -28.47 30.19
CA MET F 3703 39.69 -29.00 31.35
C MET F 3703 41.11 -29.39 30.97
N PHE F 3704 41.28 -30.03 29.80
CA PHE F 3704 42.62 -30.43 29.37
C PHE F 3704 43.46 -29.23 28.99
N LEU F 3705 42.83 -28.18 28.46
CA LEU F 3705 43.57 -26.96 28.17
C LEU F 3705 43.96 -26.25 29.46
N LYS F 3706 43.11 -26.32 30.49
CA LYS F 3706 43.48 -25.75 31.78
C LYS F 3706 44.54 -26.60 32.47
N LEU F 3707 44.48 -27.92 32.30
CA LEU F 3707 45.35 -28.84 33.04
C LEU F 3707 46.80 -28.66 32.64
N LYS F 3708 47.06 -28.42 31.36
CA LYS F 3708 48.41 -28.07 30.95
C LYS F 3708 48.77 -26.67 31.43
N ASP F 3709 47.79 -25.76 31.50
CA ASP F 3709 48.05 -24.41 31.95
C ASP F 3709 48.24 -24.30 33.45
N ILE F 3710 47.70 -25.23 34.23
CA ILE F 3710 47.98 -25.25 35.65
C ILE F 3710 49.44 -25.59 35.90
N VAL F 3711 49.97 -26.55 35.17
CA VAL F 3711 51.41 -26.83 35.24
C VAL F 3711 52.06 -25.92 34.19
N GLY F 3712 52.13 -24.65 34.55
CA GLY F 3712 52.97 -23.67 33.89
C GLY F 3712 53.34 -22.66 34.95
N SER F 3713 52.93 -22.96 36.18
CA SER F 3713 52.94 -22.01 37.28
C SER F 3713 53.76 -22.56 38.43
N GLU F 3714 54.32 -21.65 39.21
CA GLU F 3714 55.07 -22.04 40.39
C GLU F 3714 54.19 -22.54 41.52
N ALA F 3715 52.91 -22.15 41.51
CA ALA F 3715 51.99 -22.62 42.55
C ALA F 3715 51.77 -24.12 42.47
N PHE F 3716 51.82 -24.69 41.26
CA PHE F 3716 51.93 -26.13 41.14
C PHE F 3716 53.31 -26.61 41.58
N GLN F 3717 54.35 -25.82 41.29
CA GLN F 3717 55.72 -26.24 41.52
C GLN F 3717 56.18 -26.04 42.96
N ASP F 3718 55.40 -25.33 43.79
CA ASP F 3718 55.82 -25.06 45.17
C ASP F 3718 55.75 -26.32 46.02
N TYR F 3719 54.55 -26.87 46.16
CA TYR F 3719 54.28 -27.93 47.11
C TYR F 3719 54.85 -29.28 46.70
N VAL F 3720 55.22 -29.45 45.44
CA VAL F 3720 55.84 -30.71 45.02
C VAL F 3720 57.28 -30.76 45.51
N THR F 3721 57.62 -31.85 46.19
CA THR F 3721 58.97 -32.09 46.69
C THR F 3721 59.44 -33.41 46.10
N ASP F 3722 59.93 -33.35 44.87
CA ASP F 3722 60.34 -34.52 44.10
C ASP F 3722 61.41 -34.15 43.09
N PRO F 3723 62.68 -34.49 43.36
CA PRO F 3723 63.70 -34.40 42.30
C PRO F 3723 63.47 -35.39 41.18
N ARG F 3724 62.76 -36.49 41.43
CA ARG F 3724 62.40 -37.41 40.37
C ARG F 3724 61.14 -36.98 39.63
N GLY F 3725 60.37 -36.05 40.19
CA GLY F 3725 59.18 -35.56 39.51
C GLY F 3725 58.00 -36.51 39.52
N LEU F 3726 57.86 -37.33 40.56
CA LEU F 3726 56.74 -38.26 40.67
C LEU F 3726 55.88 -37.79 41.85
N ILE F 3727 54.99 -36.85 41.55
CA ILE F 3727 54.17 -36.23 42.59
C ILE F 3727 53.11 -37.22 43.07
N SER F 3728 52.69 -37.06 44.31
CA SER F 3728 51.66 -37.92 44.89
C SER F 3728 50.27 -37.40 44.51
N LYS F 3729 49.25 -37.94 45.17
CA LYS F 3729 47.86 -37.63 44.86
C LYS F 3729 47.23 -36.66 45.86
N LYS F 3730 47.55 -36.81 47.15
CA LYS F 3730 46.90 -36.01 48.19
C LYS F 3730 47.29 -34.55 48.10
N ASP F 3731 48.55 -34.28 47.77
CA ASP F 3731 48.96 -32.90 47.53
C ASP F 3731 48.36 -32.35 46.25
N PHE F 3732 48.18 -33.20 45.25
CA PHE F 3732 47.40 -32.81 44.09
C PHE F 3732 45.93 -32.64 44.44
N GLN F 3733 45.43 -33.44 45.38
CA GLN F 3733 44.06 -33.26 45.85
C GLN F 3733 43.91 -31.97 46.65
N LYS F 3734 44.93 -31.60 47.41
CA LYS F 3734 44.83 -30.44 48.29
C LYS F 3734 44.91 -29.14 47.51
N ALA F 3735 46.01 -28.93 46.78
CA ALA F 3735 46.30 -27.63 46.21
C ALA F 3735 45.46 -27.30 44.99
N MET F 3736 44.82 -28.28 44.36
CA MET F 3736 43.85 -27.95 43.33
C MET F 3736 42.54 -27.44 43.92
N ASP F 3737 42.30 -27.70 45.21
CA ASP F 3737 41.24 -27.00 45.92
C ASP F 3737 41.72 -25.62 46.36
N SER F 3738 43.02 -25.46 46.60
CA SER F 3738 43.57 -24.15 46.92
C SER F 3738 43.46 -23.20 45.74
N GLN F 3739 43.76 -23.69 44.54
CA GLN F 3739 43.49 -22.92 43.34
C GLN F 3739 42.00 -22.99 43.02
N LYS F 3740 41.50 -21.94 42.38
CA LYS F 3740 40.10 -21.82 42.05
C LYS F 3740 39.83 -22.44 40.68
N GLN F 3741 38.68 -22.11 40.08
CA GLN F 3741 38.24 -22.47 38.71
C GLN F 3741 38.29 -23.98 38.44
N PHE F 3742 38.06 -24.78 39.48
CA PHE F 3742 37.88 -26.22 39.32
C PHE F 3742 36.82 -26.69 40.28
N THR F 3743 36.40 -27.94 40.11
CA THR F 3743 35.36 -28.55 40.90
C THR F 3743 35.87 -29.88 41.44
N GLY F 3744 35.52 -30.16 42.70
CA GLY F 3744 35.89 -31.38 43.39
C GLY F 3744 35.68 -32.69 42.65
N PRO F 3745 34.44 -32.99 42.23
CA PRO F 3745 34.22 -34.20 41.41
C PRO F 3745 34.90 -34.15 40.06
N GLU F 3746 35.16 -32.96 39.51
CA GLU F 3746 35.97 -32.87 38.30
C GLU F 3746 37.42 -33.20 38.60
N ILE F 3747 37.91 -32.80 39.77
CA ILE F 3747 39.22 -33.25 40.22
C ILE F 3747 39.19 -34.75 40.50
N GLN F 3748 38.06 -35.27 40.99
CA GLN F 3748 37.88 -36.72 41.10
C GLN F 3748 37.85 -37.36 39.72
N PHE F 3749 37.31 -36.66 38.73
CA PHE F 3749 37.40 -37.13 37.36
C PHE F 3749 38.84 -37.06 36.85
N LEU F 3750 39.62 -36.10 37.33
CA LEU F 3750 41.04 -36.04 36.98
C LEU F 3750 41.80 -37.20 37.61
N LEU F 3751 41.37 -37.67 38.78
CA LEU F 3751 42.07 -38.78 39.43
C LEU F 3751 41.79 -40.09 38.71
N SER F 3752 40.55 -40.30 38.26
CA SER F 3752 40.20 -41.52 37.55
C SER F 3752 40.83 -41.57 36.17
N CYS F 3753 41.19 -40.42 35.60
CA CYS F 3753 41.95 -40.41 34.37
C CYS F 3753 43.45 -40.52 34.60
N SER F 3754 43.92 -40.11 35.78
CA SER F 3754 45.35 -40.17 36.08
C SER F 3754 45.75 -41.58 36.48
N GLU F 3755 47.04 -41.76 36.71
CA GLU F 3755 47.59 -43.03 37.16
C GLU F 3755 48.01 -42.88 38.62
N ALA F 3756 47.57 -43.80 39.46
CA ALA F 3756 47.86 -43.70 40.89
C ALA F 3756 49.24 -44.24 41.23
N ASP F 3757 49.59 -45.40 40.65
CA ASP F 3757 50.85 -46.11 40.87
C ASP F 3757 51.07 -46.39 42.37
N GLU F 3758 50.12 -47.14 42.95
CA GLU F 3758 50.08 -47.47 44.38
C GLU F 3758 50.09 -46.22 45.25
N ASN F 3759 49.38 -45.19 44.78
CA ASN F 3759 49.26 -43.87 45.44
C ASN F 3759 50.63 -43.23 45.67
N GLU F 3760 51.51 -43.35 44.68
CA GLU F 3760 52.83 -42.76 44.77
C GLU F 3760 53.11 -41.73 43.70
N MET F 3761 52.91 -42.09 42.43
CA MET F 3761 53.34 -41.26 41.31
C MET F 3761 52.15 -40.83 40.47
N ILE F 3762 52.33 -39.71 39.77
CA ILE F 3762 51.38 -39.24 38.77
C ILE F 3762 52.03 -39.12 37.40
N ASN F 3763 53.25 -38.58 37.35
CA ASN F 3763 53.94 -38.13 36.13
C ASN F 3763 53.05 -37.17 35.35
N PHE F 3764 52.84 -36.01 35.99
CA PHE F 3764 52.01 -34.94 35.46
C PHE F 3764 52.51 -34.42 34.13
N GLU F 3765 53.84 -34.45 33.92
CA GLU F 3765 54.41 -33.89 32.69
C GLU F 3765 54.06 -34.74 31.49
N GLU F 3766 54.06 -36.07 31.65
CA GLU F 3766 53.56 -36.93 30.60
C GLU F 3766 52.03 -36.89 30.53
N PHE F 3767 51.38 -36.68 31.68
CA PHE F 3767 49.92 -36.77 31.72
C PHE F 3767 49.26 -35.55 31.09
N ALA F 3768 49.79 -34.36 31.36
CA ALA F 3768 49.19 -33.15 30.81
C ALA F 3768 49.53 -32.96 29.34
N ASN F 3769 50.66 -33.49 28.90
CA ASN F 3769 51.11 -33.31 27.52
C ASN F 3769 50.62 -34.40 26.58
N ARG F 3770 50.00 -35.46 27.10
CA ARG F 3770 49.52 -36.53 26.24
C ARG F 3770 48.22 -36.17 25.54
N PHE F 3771 47.36 -35.39 26.20
CA PHE F 3771 46.01 -35.14 25.74
C PHE F 3771 45.93 -34.03 24.71
N GLN F 3772 47.02 -33.31 24.46
CA GLN F 3772 46.96 -32.08 23.66
C GLN F 3772 46.90 -32.39 22.17
N GLU F 3773 47.92 -33.05 21.65
CA GLU F 3773 48.04 -33.34 20.22
C GLU F 3773 46.94 -34.21 19.59
N PRO F 3774 46.17 -35.05 20.30
CA PRO F 3774 44.93 -35.51 19.65
C PRO F 3774 43.86 -34.45 19.61
N ALA F 3775 43.72 -33.67 20.70
CA ALA F 3775 42.69 -32.67 20.80
C ALA F 3775 43.11 -31.33 20.21
N ARG F 3776 44.29 -31.27 19.59
CA ARG F 3776 44.81 -30.00 19.09
C ARG F 3776 44.03 -29.53 17.87
N ASP F 3777 43.89 -30.39 16.86
CA ASP F 3777 43.18 -30.01 15.65
C ASP F 3777 41.68 -29.90 15.89
N ILE F 3778 41.10 -30.83 16.64
CA ILE F 3778 39.65 -30.86 16.77
C ILE F 3778 39.17 -29.76 17.71
N GLY F 3779 40.03 -29.34 18.66
CA GLY F 3779 39.69 -28.17 19.45
C GLY F 3779 39.69 -26.90 18.64
N PHE F 3780 40.53 -26.83 17.60
CA PHE F 3780 40.47 -25.72 16.67
C PHE F 3780 39.20 -25.79 15.83
N ASN F 3781 38.78 -27.00 15.47
CA ASN F 3781 37.68 -27.16 14.52
C ASN F 3781 36.33 -26.84 15.15
N VAL F 3782 36.16 -27.16 16.42
CA VAL F 3782 34.91 -26.83 17.10
C VAL F 3782 34.84 -25.33 17.35
N ALA F 3783 35.96 -24.74 17.77
CA ALA F 3783 35.99 -23.32 18.11
C ALA F 3783 35.82 -22.44 16.88
N VAL F 3784 36.34 -22.87 15.73
CA VAL F 3784 36.17 -22.08 14.52
C VAL F 3784 34.74 -22.17 14.03
N LEU F 3785 34.01 -23.23 14.39
CA LEU F 3785 32.60 -23.31 14.07
C LEU F 3785 31.80 -22.28 14.85
N LEU F 3786 32.07 -22.19 16.15
CA LEU F 3786 31.43 -21.18 16.98
C LEU F 3786 31.86 -19.77 16.56
N THR F 3787 33.09 -19.64 16.10
CA THR F 3787 33.54 -18.37 15.53
C THR F 3787 32.80 -18.05 14.26
N ASN F 3788 32.56 -19.05 13.42
CA ASN F 3788 31.95 -18.81 12.12
C ASN F 3788 30.46 -18.50 12.27
N LEU F 3789 29.75 -19.29 13.06
CA LEU F 3789 28.31 -19.13 13.20
C LEU F 3789 27.94 -17.86 13.94
N SER F 3790 28.84 -17.33 14.76
CA SER F 3790 28.61 -16.05 15.41
C SER F 3790 28.54 -14.94 14.38
N GLU F 3791 29.38 -15.01 13.35
CA GLU F 3791 29.45 -13.92 12.38
C GLU F 3791 28.32 -13.96 11.38
N HIS F 3792 27.78 -15.14 11.07
CA HIS F 3792 26.68 -15.22 10.11
C HIS F 3792 25.39 -14.70 10.73
N VAL F 3793 25.06 -15.18 11.92
CA VAL F 3793 23.86 -14.76 12.62
C VAL F 3793 24.27 -14.09 13.93
N PRO F 3794 24.26 -12.77 13.98
CA PRO F 3794 24.25 -12.08 15.26
C PRO F 3794 22.84 -11.97 15.83
N HIS F 3795 22.71 -11.24 16.94
CA HIS F 3795 21.43 -10.94 17.59
C HIS F 3795 20.73 -12.21 18.07
N ASP F 3796 21.43 -12.99 18.90
CA ASP F 3796 20.83 -14.14 19.56
C ASP F 3796 21.52 -14.36 20.90
N PRO F 3797 20.81 -14.23 22.01
CA PRO F 3797 21.43 -14.50 23.32
C PRO F 3797 21.75 -15.95 23.55
N ARG F 3798 21.12 -16.86 22.82
CA ARG F 3798 21.42 -18.28 22.95
C ARG F 3798 22.82 -18.58 22.46
N LEU F 3799 23.25 -17.93 21.37
CA LEU F 3799 24.62 -18.07 20.93
C LEU F 3799 25.59 -17.40 21.89
N ARG F 3800 25.14 -16.32 22.55
CA ARG F 3800 25.95 -15.66 23.56
C ARG F 3800 26.20 -16.55 24.77
N ASN F 3801 25.32 -17.52 25.02
CA ASN F 3801 25.55 -18.47 26.10
C ASN F 3801 26.76 -19.35 25.80
N PHE F 3802 26.84 -19.88 24.57
CA PHE F 3802 27.91 -20.82 24.26
C PHE F 3802 29.25 -20.12 24.09
N LEU F 3803 29.23 -18.89 23.58
CA LEU F 3803 30.47 -18.12 23.42
C LEU F 3803 31.09 -17.77 24.77
N GLU F 3804 30.24 -17.45 25.74
CA GLU F 3804 30.74 -17.10 27.06
C GLU F 3804 31.28 -18.33 27.78
N LEU F 3805 30.66 -19.49 27.58
CA LEU F 3805 31.03 -20.65 28.37
C LEU F 3805 32.24 -21.37 27.77
N ALA F 3806 32.35 -21.40 26.46
CA ALA F 3806 33.55 -21.96 25.82
C ALA F 3806 34.58 -20.86 25.56
N GLU F 3807 34.93 -20.12 26.61
CA GLU F 3807 35.64 -18.86 26.42
C GLU F 3807 37.12 -19.06 26.14
N SER F 3808 37.83 -19.70 27.08
CA SER F 3808 39.29 -19.75 27.09
C SER F 3808 39.89 -20.52 25.93
N ILE F 3809 39.08 -21.26 25.19
CA ILE F 3809 39.56 -21.95 24.00
C ILE F 3809 39.92 -20.96 22.90
N LEU F 3810 39.15 -19.86 22.81
CA LEU F 3810 39.31 -18.90 21.72
C LEU F 3810 40.65 -18.17 21.79
N GLU F 3811 41.09 -17.83 23.00
CA GLU F 3811 42.38 -17.16 23.14
C GLU F 3811 43.54 -18.08 22.86
N TYR F 3812 43.34 -19.39 23.04
CA TYR F 3812 44.40 -20.33 22.73
C TYR F 3812 44.62 -20.47 21.23
N PHE F 3813 43.55 -20.31 20.43
CA PHE F 3813 43.63 -20.53 19.01
C PHE F 3813 43.58 -19.26 18.17
N ARG F 3814 43.30 -18.11 18.77
CA ARG F 3814 43.35 -16.87 18.00
C ARG F 3814 44.73 -16.46 17.45
N PRO F 3815 45.89 -16.90 17.97
CA PRO F 3815 47.10 -16.75 17.13
C PRO F 3815 47.14 -17.75 15.99
N TYR F 3816 46.39 -18.86 16.09
CA TYR F 3816 46.40 -19.85 15.02
C TYR F 3816 45.42 -19.52 13.91
N LEU F 3817 44.35 -18.80 14.23
CA LEU F 3817 43.23 -18.67 13.31
C LEU F 3817 43.55 -17.75 12.14
N GLY F 3818 43.25 -18.22 10.93
CA GLY F 3818 43.29 -17.40 9.73
C GLY F 3818 41.90 -17.09 9.24
N ARG F 3819 41.63 -15.81 9.02
CA ARG F 3819 40.34 -15.33 8.54
C ARG F 3819 40.59 -14.41 7.34
N ILE F 3820 40.37 -14.93 6.14
CA ILE F 3820 40.58 -14.13 4.93
C ILE F 3820 39.27 -14.11 4.14
N GLU F 3821 39.05 -13.02 3.41
CA GLU F 3821 37.82 -12.79 2.68
C GLU F 3821 38.11 -12.79 1.18
N ILE F 3822 37.20 -13.38 0.41
CA ILE F 3822 37.33 -13.45 -1.05
C ILE F 3822 35.96 -13.20 -1.67
N MET F 3823 35.96 -13.15 -3.01
CA MET F 3823 34.74 -13.03 -3.79
C MET F 3823 34.92 -13.92 -5.02
N GLY F 3824 34.34 -15.12 -4.98
CA GLY F 3824 34.59 -16.09 -6.02
C GLY F 3824 33.46 -17.06 -6.28
N ALA F 3825 33.10 -17.21 -7.57
CA ALA F 3825 32.15 -18.18 -8.10
C ALA F 3825 30.74 -18.03 -7.53
N SER F 3826 30.43 -16.88 -6.92
CA SER F 3826 29.13 -16.68 -6.30
C SER F 3826 28.54 -15.32 -6.57
N ARG F 3827 29.29 -14.40 -7.21
CA ARG F 3827 28.98 -12.97 -7.31
C ARG F 3827 28.77 -12.32 -5.94
N ARG F 3828 29.42 -12.85 -4.91
CA ARG F 3828 29.26 -12.37 -3.54
C ARG F 3828 30.58 -12.51 -2.80
N ILE F 3829 30.69 -11.74 -1.72
CA ILE F 3829 31.83 -11.85 -0.82
C ILE F 3829 31.77 -13.18 -0.07
N GLU F 3830 32.93 -13.75 0.22
CA GLU F 3830 33.03 -15.00 0.94
C GLU F 3830 34.20 -14.95 1.91
N ARG F 3831 33.96 -15.38 3.14
CA ARG F 3831 35.01 -15.48 4.15
C ARG F 3831 35.59 -16.89 4.16
N ILE F 3832 36.87 -16.99 4.50
CA ILE F 3832 37.58 -18.26 4.57
C ILE F 3832 38.22 -18.37 5.95
N TYR F 3833 38.05 -19.52 6.59
CA TYR F 3833 38.57 -19.78 7.91
C TYR F 3833 39.60 -20.91 7.83
N PHE F 3834 40.77 -20.69 8.43
CA PHE F 3834 41.86 -21.66 8.33
C PHE F 3834 42.81 -21.44 9.51
N GLU F 3835 43.90 -22.18 9.50
CA GLU F 3835 44.87 -22.17 10.60
C GLU F 3835 46.25 -21.76 10.10
N ILE F 3836 47.05 -21.25 11.04
CA ILE F 3836 48.46 -20.94 10.80
C ILE F 3836 49.30 -21.83 11.71
N SER F 3837 50.33 -22.45 11.14
CA SER F 3837 51.30 -23.18 11.95
C SER F 3837 52.04 -22.24 12.88
N GLU F 3838 52.26 -22.69 14.12
CA GLU F 3838 52.84 -21.84 15.16
C GLU F 3838 54.28 -21.46 14.85
N THR F 3839 55.02 -22.36 14.19
CA THR F 3839 56.40 -22.07 13.84
C THR F 3839 56.48 -20.96 12.80
N ASN F 3840 55.68 -21.07 11.74
CA ASN F 3840 55.74 -20.13 10.64
C ASN F 3840 55.21 -18.76 11.03
N ARG F 3841 54.34 -18.70 12.04
CA ARG F 3841 53.96 -17.42 12.63
C ARG F 3841 55.16 -16.74 13.29
N ALA F 3842 55.96 -17.52 14.02
CA ALA F 3842 57.19 -16.99 14.59
C ALA F 3842 58.23 -16.72 13.50
N GLN F 3843 58.18 -17.49 12.41
CA GLN F 3843 59.06 -17.22 11.29
C GLN F 3843 58.70 -15.91 10.61
N TRP F 3844 57.42 -15.54 10.64
CA TRP F 3844 56.99 -14.25 10.09
C TRP F 3844 57.52 -13.10 10.92
N GLU F 3845 57.61 -13.29 12.24
CA GLU F 3845 58.07 -12.23 13.13
C GLU F 3845 59.59 -12.35 13.27
N MET F 3846 60.28 -11.90 12.22
CA MET F 3846 61.72 -11.86 12.20
C MET F 3846 62.14 -10.53 11.62
N PRO F 3847 63.21 -9.92 12.14
CA PRO F 3847 63.65 -8.62 11.60
C PRO F 3847 64.18 -8.71 10.19
N GLN F 3848 64.72 -9.86 9.80
CA GLN F 3848 65.05 -10.09 8.39
C GLN F 3848 63.78 -10.10 7.55
N VAL F 3849 62.70 -10.69 8.08
CA VAL F 3849 61.43 -10.72 7.37
C VAL F 3849 60.76 -9.36 7.43
N LYS F 3850 60.76 -8.72 8.60
CA LYS F 3850 60.00 -7.49 8.81
C LYS F 3850 60.58 -6.34 8.01
N GLU F 3851 61.91 -6.24 7.95
CA GLU F 3851 62.53 -5.18 7.16
C GLU F 3851 62.35 -5.43 5.67
N SER F 3852 62.36 -6.69 5.25
CA SER F 3852 62.07 -7.04 3.87
C SER F 3852 60.65 -6.65 3.49
N LYS F 3853 59.72 -6.80 4.42
CA LYS F 3853 58.38 -6.27 4.22
C LYS F 3853 58.38 -4.75 4.24
N ARG F 3854 59.14 -4.16 5.17
CA ARG F 3854 59.15 -2.71 5.35
C ARG F 3854 59.74 -2.00 4.14
N GLN F 3855 60.76 -2.58 3.52
CA GLN F 3855 61.27 -2.06 2.26
C GLN F 3855 60.24 -2.24 1.15
N PHE F 3856 59.49 -3.35 1.19
CA PHE F 3856 58.50 -3.61 0.17
C PHE F 3856 57.31 -2.67 0.29
N ILE F 3857 56.99 -2.24 1.51
CA ILE F 3857 55.95 -1.23 1.71
C ILE F 3857 56.36 0.09 1.08
N PHE F 3858 57.65 0.42 1.17
CA PHE F 3858 58.18 1.66 0.61
C PHE F 3858 58.07 1.69 -0.91
N ASP F 3859 58.10 0.52 -1.55
CA ASP F 3859 58.15 0.46 -2.99
C ASP F 3859 56.77 0.47 -3.63
N VAL F 3860 55.80 -0.16 -2.98
CA VAL F 3860 54.49 -0.35 -3.59
C VAL F 3860 53.66 0.92 -3.61
N VAL F 3861 54.00 1.91 -2.79
CA VAL F 3861 53.32 3.19 -2.82
C VAL F 3861 54.15 4.28 -3.46
N ASN F 3862 55.47 4.10 -3.57
CA ASN F 3862 56.25 4.96 -4.44
C ASN F 3862 55.84 4.74 -5.89
N GLU F 3863 55.56 3.50 -6.25
CA GLU F 3863 54.99 3.16 -7.56
C GLU F 3863 53.78 2.27 -7.31
N GLY F 3864 52.58 2.84 -7.42
CA GLY F 3864 51.37 2.08 -7.18
C GLY F 3864 50.29 2.32 -8.21
N GLY F 3865 49.84 1.25 -8.86
CA GLY F 3865 48.82 1.35 -9.89
C GLY F 3865 47.78 0.27 -9.82
N GLU F 3866 47.66 -0.48 -10.92
CA GLU F 3866 46.69 -1.55 -11.09
C GLU F 3866 47.22 -2.79 -10.37
N ALA F 3867 46.55 -3.94 -10.49
CA ALA F 3867 46.83 -5.23 -9.85
C ALA F 3867 48.13 -5.89 -10.33
N GLU F 3868 48.91 -5.20 -11.16
CA GLU F 3868 50.35 -5.45 -11.25
C GLU F 3868 50.96 -5.45 -9.85
N LYS F 3869 50.57 -4.48 -9.03
CA LYS F 3869 50.72 -4.53 -7.57
C LYS F 3869 50.37 -5.88 -6.97
N MET F 3870 49.14 -6.33 -7.22
CA MET F 3870 48.68 -7.62 -6.70
C MET F 3870 49.46 -8.76 -7.33
N GLU F 3871 49.90 -8.59 -8.57
CA GLU F 3871 50.78 -9.56 -9.20
C GLU F 3871 52.13 -9.59 -8.49
N LEU F 3872 52.70 -8.41 -8.22
CA LEU F 3872 54.02 -8.38 -7.60
C LEU F 3872 53.96 -8.59 -6.10
N PHE F 3873 52.80 -8.38 -5.48
CA PHE F 3873 52.67 -8.70 -4.05
C PHE F 3873 52.71 -10.20 -3.82
N VAL F 3874 52.03 -10.96 -4.68
CA VAL F 3874 52.11 -12.42 -4.61
C VAL F 3874 53.52 -12.88 -4.98
N SER F 3875 54.15 -12.15 -5.90
CA SER F 3875 55.56 -12.39 -6.20
C SER F 3875 56.44 -12.14 -4.97
N PHE F 3876 56.08 -11.12 -4.18
CA PHE F 3876 56.75 -10.92 -2.90
C PHE F 3876 56.37 -12.01 -1.91
N CYS F 3877 55.15 -12.54 -2.00
CA CYS F 3877 54.80 -13.70 -1.20
C CYS F 3877 55.52 -14.95 -1.73
N GLU F 3878 55.66 -15.04 -3.06
CA GLU F 3878 56.50 -16.09 -3.64
C GLU F 3878 57.96 -15.90 -3.26
N ASP F 3879 58.39 -14.65 -3.10
CA ASP F 3879 59.68 -14.38 -2.49
C ASP F 3879 59.68 -14.80 -1.02
N THR F 3880 58.55 -14.65 -0.35
CA THR F 3880 58.49 -14.90 1.09
C THR F 3880 58.62 -16.38 1.40
N ILE F 3881 57.98 -17.23 0.59
CA ILE F 3881 57.99 -18.67 0.84
C ILE F 3881 59.40 -19.24 0.65
N PHE F 3882 60.09 -18.80 -0.40
CA PHE F 3882 61.47 -19.22 -0.59
C PHE F 3882 62.38 -18.64 0.48
N GLU F 3883 62.04 -17.45 0.99
CA GLU F 3883 62.75 -16.91 2.14
C GLU F 3883 62.53 -17.75 3.39
N MET F 3884 61.28 -18.19 3.59
CA MET F 3884 61.00 -19.10 4.70
C MET F 3884 61.59 -20.48 4.44
N GLN F 3885 61.78 -20.84 3.17
CA GLN F 3885 62.32 -22.15 2.83
C GLN F 3885 63.79 -22.25 3.26
N ILE F 3886 64.59 -21.24 2.93
CA ILE F 3886 66.01 -21.28 3.26
C ILE F 3886 66.26 -20.96 4.72
N ALA F 3887 65.28 -20.35 5.41
CA ALA F 3887 65.52 -19.88 6.77
C ALA F 3887 65.64 -21.05 7.76
N ALA F 3888 64.88 -22.12 7.54
CA ALA F 3888 64.97 -23.27 8.43
C ALA F 3888 66.13 -24.19 8.08
N GLN F 3889 66.71 -24.06 6.90
CA GLN F 3889 67.72 -24.99 6.42
C GLN F 3889 69.11 -24.67 6.93
N ILE F 3890 69.30 -23.52 7.57
CA ILE F 3890 70.60 -23.12 8.09
C ILE F 3890 70.62 -23.06 9.61
N SER F 3891 69.54 -23.48 10.25
CA SER F 3891 69.41 -23.41 11.71
C SER F 3891 69.56 -24.80 12.31
N GLU F 3892 70.01 -24.84 13.55
CA GLU F 3892 70.22 -26.09 14.26
C GLU F 3892 68.91 -26.63 14.83
N UNK F 3893 75.10 0.09 13.15
CA UNK F 3893 74.08 1.12 13.35
C UNK F 3893 74.51 2.09 14.45
N UNK F 3894 74.18 1.76 15.70
CA UNK F 3894 74.56 2.58 16.84
C UNK F 3894 75.88 2.09 17.41
N UNK F 3895 76.17 0.80 17.19
CA UNK F 3895 77.44 0.23 17.60
C UNK F 3895 78.53 0.67 16.65
N UNK F 3896 78.16 0.89 15.39
CA UNK F 3896 79.09 1.37 14.37
C UNK F 3896 79.25 2.88 14.47
N UNK F 3897 78.31 3.52 15.17
CA UNK F 3897 78.37 4.97 15.39
C UNK F 3897 79.22 5.29 16.61
N UNK F 3898 79.28 4.36 17.55
CA UNK F 3898 79.99 4.58 18.81
C UNK F 3898 81.47 4.26 18.71
N UNK F 3899 81.86 3.44 17.73
CA UNK F 3899 83.25 3.05 17.56
C UNK F 3899 84.03 4.08 16.75
N UNK F 3900 83.31 5.02 16.14
CA UNK F 3900 83.93 6.07 15.33
C UNK F 3900 84.34 7.26 16.20
N UNK F 3901 83.50 7.58 17.17
CA UNK F 3901 83.75 8.73 18.05
C UNK F 3901 84.80 8.38 19.10
N UNK F 3902 84.87 7.10 19.47
CA UNK F 3902 85.82 6.64 20.48
C UNK F 3902 87.21 6.47 19.87
N UNK F 3903 87.26 6.29 18.56
CA UNK F 3903 88.52 6.13 17.85
C UNK F 3903 89.27 7.46 17.73
N UNK F 3904 88.52 8.55 17.79
CA UNK F 3904 89.10 9.89 17.70
C UNK F 3904 89.70 10.32 19.03
N UNK F 3905 89.26 9.68 20.11
CA UNK F 3905 89.74 10.02 21.45
C UNK F 3905 91.11 9.40 21.72
N UNK F 3906 91.28 8.15 21.31
CA UNK F 3906 92.54 7.44 21.52
C UNK F 3906 93.62 7.95 20.57
N UNK F 3907 93.20 8.45 19.41
CA UNK F 3907 94.12 9.00 18.42
C UNK F 3907 94.67 10.34 18.89
N UNK F 3908 93.84 11.11 19.59
CA UNK F 3908 94.24 12.43 20.08
C UNK F 3908 95.21 12.31 21.25
N UNK F 3909 95.06 11.24 22.03
CA UNK F 3909 95.93 10.99 23.17
C UNK F 3909 97.31 10.55 22.70
N UNK F 3910 97.33 9.78 21.61
CA UNK F 3910 98.58 9.27 21.06
C UNK F 3910 99.21 10.29 20.12
N UNK F 3911 98.47 11.35 19.82
CA UNK F 3911 98.97 12.43 18.96
C UNK F 3911 100.03 13.24 19.70
N UNK F 3912 99.63 13.82 20.82
CA UNK F 3912 100.55 14.61 21.64
C UNK F 3912 100.08 14.61 23.08
N UNK F 3913 100.97 15.01 23.99
CA UNK F 3913 100.63 15.10 25.41
C UNK F 3913 99.77 16.33 25.66
N UNK F 3914 99.07 16.35 26.79
CA UNK F 3914 98.18 17.46 27.12
C UNK F 3914 98.07 17.68 28.62
N UNK F 3915 98.42 18.89 29.06
CA UNK F 3915 98.33 19.25 30.47
C UNK F 3915 98.12 20.75 30.62
N UNK F 3916 97.01 21.14 31.25
CA UNK F 3916 96.68 22.54 31.44
C UNK F 3916 97.20 23.03 32.79
N UNK F 3917 97.56 24.31 32.86
CA UNK F 3917 98.09 24.90 34.09
C UNK F 3917 97.62 26.33 34.28
N UNK F 3918 97.04 26.60 35.46
CA UNK F 3918 96.54 27.90 35.90
C UNK F 3918 95.52 28.52 34.93
N PHE F 3919 86.86 -37.88 5.94
CA PHE F 3919 86.81 -39.26 5.48
C PHE F 3919 86.50 -39.32 3.99
N TRP F 3920 86.12 -40.52 3.53
CA TRP F 3920 85.77 -40.69 2.12
C TRP F 3920 84.43 -40.01 1.80
N GLY F 3921 83.45 -40.17 2.66
CA GLY F 3921 82.16 -39.54 2.46
C GLY F 3921 81.77 -38.63 3.59
N GLU F 3922 82.32 -38.87 4.78
CA GLU F 3922 81.99 -38.08 5.96
C GLU F 3922 82.65 -36.72 5.97
N LEU F 3923 83.63 -36.47 5.09
CA LEU F 3923 84.28 -35.17 5.04
C LEU F 3923 83.34 -34.10 4.50
N GLU F 3924 82.54 -34.45 3.48
CA GLU F 3924 81.54 -33.51 2.97
C GLU F 3924 80.37 -33.35 3.91
N VAL F 3925 80.16 -34.30 4.83
CA VAL F 3925 79.08 -34.21 5.80
C VAL F 3925 79.34 -33.08 6.78
N GLN F 3926 80.56 -33.03 7.32
CA GLN F 3926 80.93 -31.94 8.22
C GLN F 3926 81.05 -30.63 7.47
N ARG F 3927 81.39 -30.68 6.18
CA ARG F 3927 81.54 -29.48 5.38
C ARG F 3927 80.21 -28.75 5.22
N VAL F 3928 79.12 -29.49 5.06
CA VAL F 3928 77.80 -28.88 4.95
C VAL F 3928 77.37 -28.31 6.29
N LYS F 3929 77.61 -29.05 7.38
CA LYS F 3929 77.27 -28.57 8.71
C LYS F 3929 78.12 -27.37 9.12
N PHE F 3930 79.36 -27.30 8.61
CA PHE F 3930 80.16 -26.09 8.79
C PHE F 3930 79.64 -24.96 7.92
N LEU F 3931 79.10 -25.29 6.74
CA LEU F 3931 78.54 -24.28 5.86
C LEU F 3931 77.28 -23.67 6.44
N ASN F 3932 76.52 -24.46 7.20
CA ASN F 3932 75.35 -23.91 7.91
C ASN F 3932 75.77 -22.90 8.97
N TYR F 3933 76.90 -23.13 9.62
CA TYR F 3933 77.42 -22.15 10.56
C TYR F 3933 77.95 -20.92 9.85
N LEU F 3934 78.57 -21.12 8.68
CA LEU F 3934 79.08 -20.00 7.90
C LEU F 3934 77.95 -19.13 7.37
N SER F 3935 76.89 -19.76 6.85
CA SER F 3935 75.78 -19.01 6.29
C SER F 3935 74.86 -18.41 7.36
N ARG F 3936 75.01 -18.80 8.62
CA ARG F 3936 74.08 -18.35 9.65
C ARG F 3936 74.32 -16.89 10.00
N ASN F 3937 75.57 -16.51 10.18
CA ASN F 3937 75.92 -15.16 10.57
C ASN F 3937 76.69 -14.51 9.42
N PHE F 3938 75.94 -13.93 8.48
CA PHE F 3938 76.57 -13.25 7.36
C PHE F 3938 76.73 -11.76 7.62
N TYR F 3939 75.74 -11.15 8.27
CA TYR F 3939 75.87 -9.75 8.64
C TYR F 3939 76.86 -9.56 9.77
N THR F 3940 77.03 -10.58 10.60
CA THR F 3940 78.04 -10.51 11.66
C THR F 3940 79.44 -10.49 11.06
N LEU F 3941 79.69 -11.31 10.05
CA LEU F 3941 80.93 -11.24 9.30
C LEU F 3941 81.04 -9.93 8.54
N ARG F 3942 79.91 -9.39 8.09
CA ARG F 3942 79.90 -8.04 7.55
C ARG F 3942 80.19 -7.03 8.65
N PHE F 3943 79.66 -7.26 9.85
CA PHE F 3943 79.93 -6.38 10.98
C PHE F 3943 81.35 -6.56 11.49
N LEU F 3944 81.91 -7.75 11.35
CA LEU F 3944 83.29 -7.95 11.80
C LEU F 3944 84.29 -7.35 10.82
N ALA F 3945 84.04 -7.52 9.51
CA ALA F 3945 84.87 -6.88 8.50
C ALA F 3945 84.71 -5.37 8.54
N LEU F 3946 83.54 -4.88 8.97
CA LEU F 3946 83.39 -3.49 9.37
C LEU F 3946 84.33 -3.14 10.51
N PHE F 3947 84.31 -3.94 11.58
CA PHE F 3947 85.10 -3.63 12.76
C PHE F 3947 86.59 -3.83 12.53
N LEU F 3948 86.96 -4.79 11.68
CA LEU F 3948 88.37 -5.06 11.42
C LEU F 3948 88.99 -3.97 10.56
N ALA F 3949 88.18 -3.25 9.77
CA ALA F 3949 88.72 -2.22 8.90
C ALA F 3949 89.22 -1.00 9.67
N PHE F 3950 88.72 -0.80 10.91
CA PHE F 3950 89.13 0.35 11.70
C PHE F 3950 90.58 0.23 12.16
N ALA F 3951 90.88 -0.83 12.92
CA ALA F 3951 92.17 -0.93 13.60
C ALA F 3951 93.31 -1.19 12.63
N ILE F 3952 93.03 -1.78 11.47
CA ILE F 3952 94.05 -1.96 10.45
C ILE F 3952 94.37 -0.65 9.77
N ASN F 3953 93.48 0.34 9.88
CA ASN F 3953 93.72 1.68 9.38
C ASN F 3953 93.95 2.69 10.50
N PHE F 3954 93.67 2.32 11.74
CA PHE F 3954 93.97 3.19 12.87
C PHE F 3954 95.48 3.27 13.12
N ILE F 3955 96.16 2.14 13.03
CA ILE F 3955 97.62 2.12 13.13
C ILE F 3955 98.31 2.49 11.84
N LEU F 3956 97.54 2.73 10.77
CA LEU F 3956 98.08 3.28 9.54
C LEU F 3956 98.39 4.76 9.65
N LEU F 3957 97.99 5.40 10.76
CA LEU F 3957 98.29 6.79 11.07
C LEU F 3957 99.74 7.04 11.46
N PHE F 3958 100.61 6.03 11.44
CA PHE F 3958 101.92 6.14 12.09
C PHE F 3958 103.08 5.93 11.13
N TYR F 3959 102.89 6.17 9.84
CA TYR F 3959 104.01 6.10 8.92
C TYR F 3959 104.92 7.31 9.09
N LYS F 3960 106.17 7.15 8.64
CA LYS F 3960 107.14 8.25 8.68
C LYS F 3960 108.18 8.00 7.59
N VAL F 3961 108.08 8.75 6.49
CA VAL F 3961 108.98 8.57 5.37
C VAL F 3961 110.37 9.07 5.73
N SER F 3962 111.39 8.45 5.14
CA SER F 3962 112.78 8.84 5.35
C SER F 3962 113.60 8.37 4.16
N ASP F 3963 114.65 9.14 3.84
CA ASP F 3963 115.56 8.74 2.77
C ASP F 3963 116.74 7.94 3.31
N SER F 3964 116.44 6.96 4.16
CA SER F 3964 117.42 6.13 4.83
C SER F 3964 116.76 4.88 5.39
N PRO F 3965 117.29 3.69 5.11
CA PRO F 3965 116.73 2.48 5.72
C PRO F 3965 117.18 2.36 7.17
N PRO F 3966 116.34 1.79 8.04
CA PRO F 3966 116.72 1.62 9.45
C PRO F 3966 117.75 0.51 9.63
N ASN F 4005 117.07 7.74 -3.47
CA ASN F 4005 115.80 7.09 -3.17
C ASN F 4005 115.45 7.21 -1.70
N MET F 4006 114.18 6.99 -1.38
CA MET F 4006 113.67 7.06 -0.02
C MET F 4006 113.22 5.69 0.44
N VAL F 4007 112.97 5.57 1.74
CA VAL F 4007 112.55 4.33 2.37
C VAL F 4007 111.24 4.59 3.10
N TYR F 4008 110.21 3.80 2.78
CA TYR F 4008 108.90 3.92 3.42
C TYR F 4008 108.98 3.32 4.81
N TYR F 4009 109.56 4.09 5.72
CA TYR F 4009 109.71 3.67 7.10
C TYR F 4009 108.40 3.86 7.86
N PHE F 4010 108.19 3.00 8.85
CA PHE F 4010 107.02 3.07 9.72
C PHE F 4010 107.50 3.42 11.13
N LEU F 4011 107.03 4.55 11.63
CA LEU F 4011 107.38 4.97 12.99
C LEU F 4011 106.53 4.22 14.00
N GLU F 4012 107.15 3.73 15.06
CA GLU F 4012 106.43 3.10 16.15
C GLU F 4012 106.40 4.01 17.37
N GLU F 4013 105.46 3.73 18.26
CA GLU F 4013 105.34 4.45 19.52
C GLU F 4013 106.15 3.72 20.59
N SER F 4014 105.94 4.09 21.85
CA SER F 4014 106.73 3.54 22.94
C SER F 4014 106.32 2.11 23.31
N THR F 4015 105.16 1.65 22.84
CA THR F 4015 104.65 0.34 23.26
C THR F 4015 105.41 -0.79 22.58
N GLY F 4016 105.43 -1.94 23.25
CA GLY F 4016 106.11 -3.11 22.72
C GLY F 4016 105.37 -3.80 21.60
N TYR F 4017 104.07 -3.58 21.48
CA TYR F 4017 103.28 -4.18 20.42
C TYR F 4017 103.30 -3.25 19.20
N MET F 4018 102.36 -3.45 18.26
CA MET F 4018 102.36 -2.87 16.91
C MET F 4018 103.63 -3.33 16.17
N GLU F 4019 103.82 -4.64 16.22
CA GLU F 4019 104.84 -5.48 15.62
C GLU F 4019 104.31 -5.96 14.27
N PRO F 4020 105.02 -6.87 13.52
CA PRO F 4020 104.35 -7.56 12.39
C PRO F 4020 103.14 -8.44 12.69
N ALA F 4021 102.59 -8.40 13.91
CA ALA F 4021 101.19 -8.74 14.12
C ALA F 4021 100.26 -7.87 13.27
N LEU F 4022 100.69 -6.65 12.93
CA LEU F 4022 100.12 -5.88 11.82
C LEU F 4022 100.00 -6.74 10.56
N TRP F 4023 101.09 -7.39 10.17
CA TRP F 4023 101.08 -8.26 9.01
C TRP F 4023 100.22 -9.50 9.25
N CYS F 4024 100.04 -9.90 10.51
CA CYS F 4024 99.14 -10.99 10.83
C CYS F 4024 97.68 -10.59 10.72
N LEU F 4025 97.38 -9.29 10.77
CA LEU F 4025 96.01 -8.84 10.58
C LEU F 4025 95.67 -8.60 9.12
N SER F 4026 96.69 -8.36 8.28
CA SER F 4026 96.46 -8.19 6.85
C SER F 4026 95.99 -9.49 6.21
N LEU F 4027 96.61 -10.60 6.58
CA LEU F 4027 96.13 -11.90 6.15
C LEU F 4027 94.80 -12.25 6.82
N LEU F 4028 94.57 -11.73 8.03
CA LEU F 4028 93.29 -11.93 8.69
C LEU F 4028 92.20 -11.12 7.99
N HIS F 4029 92.54 -9.94 7.50
CA HIS F 4029 91.58 -9.15 6.74
C HIS F 4029 91.27 -9.79 5.39
N THR F 4030 92.26 -10.44 4.78
CA THR F 4030 92.03 -11.18 3.56
C THR F 4030 91.17 -12.41 3.82
N LEU F 4031 91.34 -13.03 4.99
CA LEU F 4031 90.66 -14.29 5.30
C LEU F 4031 89.17 -14.08 5.50
N VAL F 4032 88.79 -13.08 6.31
CA VAL F 4032 87.41 -12.92 6.73
C VAL F 4032 86.51 -12.45 5.59
N ALA F 4033 87.08 -11.82 4.56
CA ALA F 4033 86.27 -11.46 3.40
C ALA F 4033 86.04 -12.65 2.49
N PHE F 4034 86.94 -13.64 2.51
CA PHE F 4034 86.71 -14.86 1.75
C PHE F 4034 85.60 -15.69 2.37
N LEU F 4035 85.43 -15.59 3.68
CA LEU F 4035 84.24 -16.19 4.31
C LEU F 4035 82.97 -15.49 3.85
N CYS F 4036 83.05 -14.20 3.56
CA CYS F 4036 81.90 -13.49 3.00
C CYS F 4036 81.66 -13.83 1.53
N ILE F 4037 82.65 -14.42 0.86
CA ILE F 4037 82.43 -14.88 -0.52
C ILE F 4037 81.48 -16.07 -0.53
N ILE F 4038 81.82 -17.11 0.23
CA ILE F 4038 81.00 -18.32 0.24
C ILE F 4038 79.71 -18.08 1.01
N GLY F 4039 79.74 -17.20 2.02
CA GLY F 4039 78.52 -16.84 2.72
C GLY F 4039 77.53 -16.07 1.87
N TYR F 4040 78.03 -15.29 0.92
CA TYR F 4040 77.14 -14.66 -0.05
C TYR F 4040 76.62 -15.67 -1.05
N ASN F 4041 77.41 -16.72 -1.30
CA ASN F 4041 77.10 -17.68 -2.36
C ASN F 4041 75.88 -18.53 -2.02
N CYS F 4042 75.92 -19.20 -0.87
CA CYS F 4042 74.90 -20.18 -0.54
C CYS F 4042 73.70 -19.56 0.16
N LEU F 4043 73.80 -18.32 0.63
CA LEU F 4043 72.70 -17.67 1.34
C LEU F 4043 71.96 -16.68 0.46
N LYS F 4044 72.68 -15.71 -0.10
CA LYS F 4044 72.00 -14.61 -0.78
C LYS F 4044 71.61 -14.99 -2.20
N VAL F 4045 72.48 -15.69 -2.91
CA VAL F 4045 72.21 -15.92 -4.33
C VAL F 4045 71.92 -17.39 -4.65
N PRO F 4046 70.91 -18.00 -4.02
CA PRO F 4046 70.01 -18.84 -4.83
C PRO F 4046 68.77 -18.04 -5.17
N LEU F 4047 68.56 -16.96 -4.43
CA LEU F 4047 67.36 -16.15 -4.57
C LEU F 4047 67.39 -15.32 -5.84
N VAL F 4048 68.53 -14.67 -6.11
CA VAL F 4048 68.66 -13.82 -7.28
C VAL F 4048 68.58 -14.65 -8.56
N ILE F 4049 69.06 -15.89 -8.49
CA ILE F 4049 68.82 -16.86 -9.56
C ILE F 4049 67.33 -17.13 -9.69
N PHE F 4050 66.68 -17.38 -8.55
CA PHE F 4050 65.26 -17.74 -8.51
C PHE F 4050 64.36 -16.61 -9.00
N LYS F 4051 64.82 -15.36 -8.86
CA LYS F 4051 64.10 -14.25 -9.45
C LYS F 4051 64.11 -14.33 -10.96
N ARG F 4052 65.25 -14.67 -11.55
CA ARG F 4052 65.31 -14.88 -12.99
C ARG F 4052 64.59 -16.16 -13.40
N GLU F 4053 64.63 -17.18 -12.55
CA GLU F 4053 63.95 -18.44 -12.84
C GLU F 4053 62.44 -18.25 -12.90
N LYS F 4054 61.91 -17.38 -12.05
CA LYS F 4054 60.46 -17.19 -11.99
C LYS F 4054 59.96 -16.37 -13.17
N GLU F 4055 60.68 -15.30 -13.52
CA GLU F 4055 60.23 -14.44 -14.60
C GLU F 4055 60.40 -15.08 -15.96
N LEU F 4056 61.42 -15.94 -16.11
CA LEU F 4056 61.61 -16.61 -17.39
C LEU F 4056 60.56 -17.67 -17.62
N ALA F 4057 60.02 -18.24 -16.54
CA ALA F 4057 58.87 -19.12 -16.67
C ALA F 4057 57.66 -18.36 -17.19
N ARG F 4058 57.49 -17.12 -16.74
CA ARG F 4058 56.37 -16.31 -17.19
C ARG F 4058 56.56 -15.88 -18.64
N LYS F 4059 57.79 -15.53 -19.01
CA LYS F 4059 58.08 -15.03 -20.36
C LYS F 4059 58.11 -16.13 -21.41
N LEU F 4060 57.94 -17.39 -21.01
CA LEU F 4060 57.78 -18.46 -21.98
C LEU F 4060 56.41 -19.11 -21.92
N GLU F 4061 55.80 -19.19 -20.74
CA GLU F 4061 54.45 -19.71 -20.66
C GLU F 4061 53.44 -18.71 -21.19
N PHE F 4062 53.36 -17.55 -20.57
CA PHE F 4062 52.38 -16.54 -20.96
C PHE F 4062 52.86 -15.66 -22.10
N ASP F 4063 54.12 -15.79 -22.51
CA ASP F 4063 54.66 -14.94 -23.57
C ASP F 4063 55.32 -15.81 -24.63
N GLY F 4064 55.63 -15.19 -25.76
CA GLY F 4064 56.22 -15.86 -26.90
C GLY F 4064 57.56 -15.27 -27.27
N LEU F 4065 58.37 -15.00 -26.24
CA LEU F 4065 59.68 -14.37 -26.42
C LEU F 4065 60.59 -15.21 -27.29
N TYR F 4066 60.97 -16.38 -26.81
CA TYR F 4066 61.74 -17.30 -27.63
C TYR F 4066 60.88 -18.20 -28.49
N ILE F 4067 59.63 -18.41 -28.08
CA ILE F 4067 58.75 -19.29 -28.84
C ILE F 4067 58.25 -18.59 -30.10
N THR F 4068 57.51 -17.51 -29.92
CA THR F 4068 56.83 -16.90 -31.06
C THR F 4068 57.75 -15.96 -31.82
N GLU F 4069 58.15 -14.85 -31.20
CA GLU F 4069 58.70 -13.78 -32.01
C GLU F 4069 60.22 -13.75 -32.08
N GLN F 4070 60.87 -13.30 -30.99
CA GLN F 4070 62.27 -12.89 -30.97
C GLN F 4070 62.61 -12.41 -29.58
N PRO F 4071 63.90 -12.41 -29.17
CA PRO F 4071 64.29 -11.56 -28.04
C PRO F 4071 64.34 -10.08 -28.41
N GLY F 4072 64.81 -9.24 -27.50
CA GLY F 4072 64.87 -7.82 -27.81
C GLY F 4072 66.06 -7.38 -28.62
N ASP F 4073 67.04 -8.27 -28.81
CA ASP F 4073 68.31 -8.11 -29.56
C ASP F 4073 69.29 -7.15 -28.88
N ASP F 4074 68.86 -6.50 -27.81
CA ASP F 4074 69.70 -5.75 -26.88
C ASP F 4074 69.30 -6.24 -25.50
N ASP F 4075 69.79 -5.57 -24.45
CA ASP F 4075 69.52 -5.91 -23.04
C ASP F 4075 69.94 -7.35 -22.76
N VAL F 4076 71.26 -7.53 -22.79
CA VAL F 4076 71.92 -8.81 -23.06
C VAL F 4076 71.60 -9.93 -22.06
N LYS F 4077 70.94 -9.62 -20.95
CA LYS F 4077 70.41 -10.67 -20.09
C LYS F 4077 69.36 -11.51 -20.80
N GLY F 4078 68.59 -10.91 -21.72
CA GLY F 4078 67.74 -11.70 -22.59
C GLY F 4078 68.53 -12.42 -23.66
N GLN F 4079 69.63 -11.80 -24.12
CA GLN F 4079 70.55 -12.48 -25.02
C GLN F 4079 71.30 -13.60 -24.30
N TRP F 4080 71.49 -13.46 -22.98
CA TRP F 4080 72.22 -14.45 -22.21
C TRP F 4080 71.45 -15.76 -22.06
N ASP F 4081 70.13 -15.70 -22.11
CA ASP F 4081 69.30 -16.84 -21.75
C ASP F 4081 69.06 -17.80 -22.90
N ARG F 4082 69.64 -17.54 -24.08
CA ARG F 4082 69.54 -18.50 -25.17
C ARG F 4082 70.33 -19.76 -24.87
N LEU F 4083 71.41 -19.64 -24.09
CA LEU F 4083 72.32 -20.73 -23.83
C LEU F 4083 71.73 -21.80 -22.92
N VAL F 4084 70.70 -21.46 -22.14
CA VAL F 4084 70.22 -22.36 -21.10
C VAL F 4084 69.03 -23.20 -21.53
N LEU F 4085 68.41 -22.89 -22.67
CA LEU F 4085 67.11 -23.47 -23.03
C LEU F 4085 67.19 -24.96 -23.33
N ASN F 4086 68.36 -25.49 -23.66
CA ASN F 4086 68.51 -26.91 -23.90
C ASN F 4086 68.93 -27.69 -22.67
N THR F 4087 69.05 -27.04 -21.54
CA THR F 4087 69.46 -27.77 -20.34
C THR F 4087 68.27 -28.54 -19.78
N PRO F 4088 68.48 -29.80 -19.39
CA PRO F 4088 67.39 -30.56 -18.76
C PRO F 4088 67.01 -30.08 -17.38
N SER F 4089 67.93 -29.42 -16.68
CA SER F 4089 67.68 -28.90 -15.35
C SER F 4089 67.56 -27.39 -15.37
N PHE F 4090 66.91 -26.86 -16.41
CA PHE F 4090 66.54 -25.45 -16.43
C PHE F 4090 65.65 -25.03 -15.26
N PRO F 4091 64.52 -25.72 -14.90
CA PRO F 4091 63.71 -25.21 -13.78
C PRO F 4091 64.21 -25.63 -12.41
N SER F 4092 65.49 -26.00 -12.29
CA SER F 4092 66.02 -26.62 -11.07
C SER F 4092 65.94 -25.71 -9.85
N ASN F 4093 65.97 -24.39 -10.05
CA ASN F 4093 65.78 -23.51 -8.91
C ASN F 4093 64.32 -23.10 -8.76
N TYR F 4094 63.57 -23.00 -9.86
CA TYR F 4094 62.16 -22.66 -9.77
C TYR F 4094 61.38 -23.84 -9.18
N TRP F 4095 60.22 -23.52 -8.60
CA TRP F 4095 59.38 -24.53 -7.96
C TRP F 4095 58.86 -25.56 -8.97
N ASP F 4096 58.03 -25.12 -9.91
CA ASP F 4096 57.46 -26.05 -10.88
C ASP F 4096 58.51 -26.49 -11.89
N LYS F 4097 58.47 -27.78 -12.23
CA LYS F 4097 59.41 -28.36 -13.18
C LYS F 4097 58.67 -29.07 -14.31
N PHE F 4098 57.50 -28.56 -14.69
CA PHE F 4098 56.73 -29.21 -15.75
C PHE F 4098 56.19 -28.20 -16.75
N VAL F 4099 56.78 -27.00 -16.81
CA VAL F 4099 56.37 -25.99 -17.77
C VAL F 4099 56.77 -26.38 -19.19
N LYS F 4100 57.76 -27.27 -19.34
CA LYS F 4100 58.15 -27.74 -20.66
C LYS F 4100 57.05 -28.55 -21.32
N ARG F 4101 56.31 -29.31 -20.51
CA ARG F 4101 55.11 -29.96 -21.01
C ARG F 4101 54.00 -28.95 -21.27
N LYS F 4102 53.99 -27.86 -20.52
CA LYS F 4102 52.90 -26.89 -20.62
C LYS F 4102 53.02 -26.06 -21.89
N VAL F 4103 54.24 -25.66 -22.26
CA VAL F 4103 54.44 -24.94 -23.51
C VAL F 4103 54.21 -25.86 -24.69
N LEU F 4104 54.48 -27.16 -24.51
CA LEU F 4104 54.12 -28.16 -25.52
C LEU F 4104 52.61 -28.22 -25.72
N ASP F 4105 51.85 -28.02 -24.64
CA ASP F 4105 50.41 -27.93 -24.77
C ASP F 4105 50.01 -26.61 -25.40
N LYS F 4106 50.54 -25.50 -24.89
CA LYS F 4106 50.06 -24.19 -25.28
C LYS F 4106 50.58 -23.77 -26.65
N HIS F 4107 51.87 -24.00 -26.91
CA HIS F 4107 52.51 -23.47 -28.11
C HIS F 4107 52.89 -24.52 -29.13
N GLY F 4108 53.09 -25.77 -28.71
CA GLY F 4108 53.53 -26.81 -29.63
C GLY F 4108 52.50 -27.21 -30.66
N ASP F 4109 51.23 -26.91 -30.40
CA ASP F 4109 50.17 -27.24 -31.36
C ASP F 4109 50.24 -26.31 -32.57
N ILE F 4110 50.25 -25.00 -32.33
CA ILE F 4110 50.22 -24.04 -33.42
C ILE F 4110 51.54 -23.95 -34.16
N PHE F 4111 52.61 -24.45 -33.56
CA PHE F 4111 53.95 -24.34 -34.13
C PHE F 4111 54.47 -25.74 -34.42
N GLY F 4112 55.74 -25.83 -34.80
CA GLY F 4112 56.40 -27.10 -34.95
C GLY F 4112 56.46 -27.82 -33.63
N ARG F 4113 55.74 -28.94 -33.51
CA ARG F 4113 55.64 -29.64 -32.23
C ARG F 4113 56.98 -30.26 -31.85
N GLU F 4114 57.67 -30.87 -32.82
CA GLU F 4114 59.03 -31.32 -32.56
C GLU F 4114 59.99 -30.14 -32.47
N ARG F 4115 59.65 -29.02 -33.12
CA ARG F 4115 60.48 -27.82 -33.04
C ARG F 4115 60.47 -27.23 -31.64
N ILE F 4116 59.31 -27.20 -31.00
CA ILE F 4116 59.25 -26.82 -29.59
C ILE F 4116 59.89 -27.90 -28.74
N ALA F 4117 59.73 -29.17 -29.13
CA ALA F 4117 60.39 -30.28 -28.47
C ALA F 4117 61.87 -30.38 -28.79
N GLU F 4118 62.39 -29.47 -29.60
CA GLU F 4118 63.83 -29.28 -29.81
C GLU F 4118 64.34 -27.99 -29.21
N LEU F 4119 63.51 -26.93 -29.22
CA LEU F 4119 63.97 -25.61 -28.77
C LEU F 4119 64.18 -25.60 -27.26
N LEU F 4120 63.33 -26.29 -26.52
CA LEU F 4120 63.45 -26.36 -25.07
C LEU F 4120 64.21 -27.60 -24.61
N GLY F 4121 65.21 -28.02 -25.37
CA GLY F 4121 65.90 -29.25 -25.08
C GLY F 4121 65.01 -30.42 -25.39
N MET F 4122 64.66 -31.18 -24.34
CA MET F 4122 63.71 -32.30 -24.40
C MET F 4122 64.12 -33.33 -25.45
N ASP F 4123 65.28 -33.95 -25.19
CA ASP F 4123 65.87 -34.94 -26.10
C ASP F 4123 64.98 -36.18 -26.15
N LEU F 4124 64.29 -36.36 -27.27
CA LEU F 4124 63.35 -37.44 -27.55
C LEU F 4124 62.19 -37.50 -26.56
N ALA F 4125 61.90 -36.39 -25.88
CA ALA F 4125 60.81 -36.35 -24.91
C ALA F 4125 59.45 -36.25 -25.57
N SER F 4126 59.39 -36.06 -26.89
CA SER F 4126 58.14 -36.24 -27.61
C SER F 4126 57.69 -37.69 -27.58
N LEU F 4127 58.64 -38.62 -27.52
CA LEU F 4127 58.34 -40.03 -27.31
C LEU F 4127 58.60 -40.49 -25.88
N GLU F 4128 59.49 -39.81 -25.16
CA GLU F 4128 59.79 -40.18 -23.78
C GLU F 4128 58.81 -39.60 -22.78
N ILE F 4129 57.80 -38.85 -23.23
CA ILE F 4129 56.75 -38.40 -22.32
C ILE F 4129 55.88 -39.59 -21.90
N THR F 4130 55.52 -40.44 -22.85
CA THR F 4130 54.77 -41.64 -22.53
C THR F 4130 55.68 -42.77 -22.08
N ALA F 4131 56.95 -42.75 -22.48
CA ALA F 4131 57.88 -43.77 -22.04
C ALA F 4131 58.26 -43.61 -20.58
N HIS F 4132 58.27 -42.37 -20.09
CA HIS F 4132 58.47 -42.12 -18.66
C HIS F 4132 57.15 -42.06 -17.92
N ASN F 4133 56.34 -43.10 -18.10
CA ASN F 4133 55.07 -43.25 -17.39
C ASN F 4133 54.78 -44.67 -16.95
N GLU F 4134 55.38 -45.68 -17.58
CA GLU F 4134 55.08 -47.08 -17.24
C GLU F 4134 55.69 -47.46 -15.90
N ARG F 4135 57.02 -47.35 -15.78
CA ARG F 4135 57.72 -47.68 -14.55
C ARG F 4135 58.75 -46.59 -14.28
N LYS F 4136 59.31 -46.63 -13.07
CA LYS F 4136 60.32 -45.67 -12.65
C LYS F 4136 61.19 -46.30 -11.59
N PRO F 4137 62.31 -46.90 -11.99
CA PRO F 4137 63.26 -47.46 -11.01
C PRO F 4137 64.10 -46.34 -10.38
N ASP F 4138 64.98 -46.74 -9.47
CA ASP F 4138 65.84 -45.80 -8.74
C ASP F 4138 67.24 -46.37 -8.65
N PRO F 4139 68.17 -45.92 -9.50
CA PRO F 4139 69.55 -46.39 -9.41
C PRO F 4139 70.28 -45.75 -8.24
N PRO F 4140 71.23 -46.45 -7.63
CA PRO F 4140 71.93 -45.89 -6.47
C PRO F 4140 73.03 -44.92 -6.89
N PRO F 4141 73.34 -43.93 -6.05
CA PRO F 4141 74.40 -42.97 -6.40
C PRO F 4141 75.79 -43.45 -6.04
N GLY F 4142 76.74 -43.10 -6.91
CA GLY F 4142 78.14 -43.42 -6.71
C GLY F 4142 78.99 -42.16 -6.61
N LEU F 4143 78.53 -41.18 -5.84
CA LEU F 4143 78.99 -39.80 -5.90
C LEU F 4143 80.49 -39.66 -5.56
N LEU F 4144 81.04 -38.51 -5.96
CA LEU F 4144 82.45 -38.14 -5.98
C LEU F 4144 83.29 -39.02 -6.92
N THR F 4145 82.65 -39.80 -7.78
CA THR F 4145 83.33 -40.54 -8.85
C THR F 4145 82.83 -40.13 -10.22
N TRP F 4146 81.52 -40.15 -10.43
CA TRP F 4146 80.91 -39.74 -11.69
C TRP F 4146 80.67 -38.24 -11.77
N LEU F 4147 81.12 -37.47 -10.77
CA LEU F 4147 80.69 -36.11 -10.49
C LEU F 4147 80.97 -35.12 -11.64
N MET F 4148 81.78 -35.51 -12.62
CA MET F 4148 81.89 -34.74 -13.86
C MET F 4148 80.61 -34.77 -14.67
N SER F 4149 79.72 -35.73 -14.44
CA SER F 4149 78.47 -35.84 -15.20
C SER F 4149 77.40 -34.95 -14.57
N ILE F 4150 77.62 -33.64 -14.71
CA ILE F 4150 76.68 -32.62 -14.27
C ILE F 4150 76.44 -31.66 -15.43
N ASP F 4151 75.39 -30.85 -15.29
CA ASP F 4151 75.05 -29.89 -16.33
C ASP F 4151 76.03 -28.72 -16.33
N VAL F 4152 77.09 -28.83 -17.13
CA VAL F 4152 78.10 -27.79 -17.19
C VAL F 4152 77.53 -26.53 -17.85
N LYS F 4153 76.78 -26.72 -18.94
CA LYS F 4153 76.20 -25.61 -19.68
C LYS F 4153 75.20 -24.83 -18.83
N TYR F 4154 74.50 -25.50 -17.93
CA TYR F 4154 73.63 -24.82 -16.99
C TYR F 4154 74.45 -24.01 -15.98
N GLN F 4155 75.62 -24.50 -15.59
CA GLN F 4155 76.47 -23.77 -14.66
C GLN F 4155 77.12 -22.57 -15.33
N ILE F 4156 77.47 -22.70 -16.61
CA ILE F 4156 78.05 -21.59 -17.37
C ILE F 4156 77.03 -20.47 -17.51
N TRP F 4157 75.78 -20.83 -17.80
CA TRP F 4157 74.70 -19.86 -17.80
C TRP F 4157 74.48 -19.29 -16.41
N LYS F 4158 74.61 -20.13 -15.38
CA LYS F 4158 74.37 -19.70 -14.01
C LYS F 4158 75.39 -18.65 -13.56
N PHE F 4159 76.67 -18.90 -13.85
CA PHE F 4159 77.73 -18.07 -13.30
C PHE F 4159 77.74 -16.68 -13.93
N GLY F 4160 77.39 -16.58 -15.20
CA GLY F 4160 77.30 -15.27 -15.82
C GLY F 4160 76.11 -14.47 -15.30
N VAL F 4161 75.03 -15.15 -14.93
CA VAL F 4161 73.93 -14.48 -14.25
C VAL F 4161 74.37 -13.95 -12.90
N ILE F 4162 75.21 -14.71 -12.20
CA ILE F 4162 75.83 -14.25 -10.95
C ILE F 4162 76.75 -13.07 -11.23
N PHE F 4163 77.45 -13.10 -12.36
CA PHE F 4163 78.38 -12.03 -12.72
C PHE F 4163 77.66 -10.74 -13.10
N THR F 4164 76.44 -10.82 -13.61
CA THR F 4164 75.68 -9.61 -13.91
C THR F 4164 75.17 -8.91 -12.65
N ASP F 4165 75.14 -9.60 -11.52
CA ASP F 4165 74.70 -8.98 -10.28
C ASP F 4165 75.73 -7.97 -9.79
N ASN F 4166 75.29 -6.74 -9.59
CA ASN F 4166 76.20 -5.69 -9.14
C ASN F 4166 76.63 -5.89 -7.70
N SER F 4167 75.72 -6.38 -6.85
CA SER F 4167 76.07 -6.64 -5.46
C SER F 4167 77.04 -7.82 -5.33
N PHE F 4168 76.99 -8.76 -6.28
CA PHE F 4168 78.01 -9.80 -6.33
C PHE F 4168 79.36 -9.22 -6.72
N LEU F 4169 79.36 -8.30 -7.69
CA LEU F 4169 80.61 -7.70 -8.13
C LEU F 4169 81.17 -6.75 -7.08
N TYR F 4170 80.30 -5.96 -6.45
CA TYR F 4170 80.71 -5.01 -5.42
C TYR F 4170 81.29 -5.72 -4.21
N LEU F 4171 80.72 -6.87 -3.86
CA LEU F 4171 81.31 -7.67 -2.80
C LEU F 4171 82.56 -8.38 -3.29
N GLY F 4172 82.60 -8.75 -4.57
CA GLY F 4172 83.80 -9.36 -5.13
C GLY F 4172 84.93 -8.37 -5.33
N TRP F 4173 84.60 -7.13 -5.65
CA TRP F 4173 85.59 -6.07 -5.77
C TRP F 4173 86.25 -5.75 -4.43
N TYR F 4174 85.53 -5.97 -3.33
CA TYR F 4174 86.10 -5.81 -2.01
C TYR F 4174 87.13 -6.91 -1.71
N MET F 4175 86.97 -8.08 -2.31
CA MET F 4175 87.83 -9.22 -2.06
C MET F 4175 89.12 -9.18 -2.88
N VAL F 4176 89.04 -8.72 -4.13
CA VAL F 4176 90.20 -8.70 -5.01
C VAL F 4176 91.25 -7.71 -4.50
N MET F 4177 90.79 -6.59 -3.98
CA MET F 4177 91.69 -5.57 -3.46
C MET F 4177 92.31 -5.97 -2.12
N SER F 4178 91.84 -7.04 -1.49
CA SER F 4178 92.50 -7.56 -0.29
C SER F 4178 93.85 -8.18 -0.65
N LEU F 4179 93.94 -8.77 -1.84
CA LEU F 4179 95.24 -9.24 -2.33
C LEU F 4179 96.14 -8.07 -2.67
N LEU F 4180 95.56 -6.95 -3.10
CA LEU F 4180 96.33 -5.73 -3.32
C LEU F 4180 96.79 -5.12 -2.02
N GLY F 4181 96.10 -5.40 -0.91
CA GLY F 4181 96.53 -4.90 0.38
C GLY F 4181 97.80 -5.56 0.88
N HIS F 4182 98.09 -6.77 0.40
CA HIS F 4182 99.33 -7.43 0.79
C HIS F 4182 100.56 -6.71 0.26
N TYR F 4183 100.42 -5.97 -0.83
CA TYR F 4183 101.41 -4.96 -1.18
C TYR F 4183 101.25 -3.78 -0.24
N ASN F 4184 102.36 -3.27 0.28
CA ASN F 4184 102.30 -2.19 1.27
C ASN F 4184 101.91 -0.90 0.56
N ASN F 4185 100.60 -0.66 0.45
CA ASN F 4185 100.08 0.42 -0.37
C ASN F 4185 98.81 0.95 0.28
N PHE F 4186 98.00 1.65 -0.52
CA PHE F 4186 96.82 2.36 -0.04
C PHE F 4186 95.68 1.43 0.35
N PHE F 4187 95.77 0.14 0.00
CA PHE F 4187 94.58 -0.68 -0.24
C PHE F 4187 93.99 -1.27 1.03
N PHE F 4188 94.23 -0.67 2.19
CA PHE F 4188 93.39 -0.95 3.36
C PHE F 4188 92.49 0.22 3.72
N ALA F 4189 92.89 1.45 3.36
CA ALA F 4189 92.05 2.61 3.65
C ALA F 4189 90.87 2.70 2.70
N ALA F 4190 91.05 2.27 1.45
CA ALA F 4190 89.92 2.17 0.53
C ALA F 4190 88.97 1.06 0.96
N HIS F 4191 89.48 0.06 1.68
CA HIS F 4191 88.61 -0.94 2.29
C HIS F 4191 87.76 -0.34 3.40
N LEU F 4192 88.21 0.73 4.04
CA LEU F 4192 87.42 1.32 5.11
C LEU F 4192 86.25 2.14 4.56
N LEU F 4193 86.37 2.62 3.32
CA LEU F 4193 85.45 3.63 2.84
C LEU F 4193 84.13 3.04 2.37
N ASP F 4194 84.13 1.81 1.87
CA ASP F 4194 82.95 1.32 1.15
C ASP F 4194 81.91 0.73 2.09
N ILE F 4195 82.30 0.24 3.28
CA ILE F 4195 81.28 -0.16 4.24
C ILE F 4195 80.65 1.09 4.86
N ALA F 4196 81.41 2.19 4.93
CA ALA F 4196 80.84 3.47 5.34
C ALA F 4196 79.78 3.95 4.36
N MET F 4197 79.93 3.59 3.08
CA MET F 4197 78.83 3.77 2.13
C MET F 4197 77.65 2.87 2.48
N GLY F 4198 77.91 1.70 3.07
CA GLY F 4198 76.86 0.71 3.26
C GLY F 4198 75.89 1.06 4.38
N VAL F 4199 76.27 1.99 5.26
CA VAL F 4199 75.42 2.37 6.38
C VAL F 4199 74.18 3.09 5.89
N LYS F 4200 73.03 2.73 6.47
CA LYS F 4200 71.71 3.17 6.01
C LYS F 4200 71.57 4.68 5.99
N THR F 4201 72.04 5.34 7.06
CA THR F 4201 71.90 6.79 7.17
C THR F 4201 72.72 7.50 6.11
N LEU F 4202 73.84 6.90 5.73
CA LEU F 4202 74.64 7.46 4.63
C LEU F 4202 74.08 7.01 3.29
N ARG F 4203 73.38 5.87 3.26
CA ARG F 4203 72.74 5.43 2.02
C ARG F 4203 71.60 6.35 1.61
N THR F 4204 70.84 6.85 2.60
CA THR F 4204 69.74 7.76 2.30
C THR F 4204 70.25 9.08 1.73
N ILE F 4205 71.39 9.55 2.21
CA ILE F 4205 71.98 10.77 1.67
C ILE F 4205 72.55 10.51 0.29
N LEU F 4206 73.17 9.34 0.10
CA LEU F 4206 73.80 9.03 -1.18
C LEU F 4206 72.78 8.74 -2.27
N SER F 4207 71.68 8.07 -1.91
CA SER F 4207 70.66 7.76 -2.91
C SER F 4207 69.91 9.01 -3.33
N SER F 4208 69.84 10.02 -2.46
CA SER F 4208 69.32 11.32 -2.86
C SER F 4208 70.22 11.97 -3.90
N VAL F 4209 71.53 11.82 -3.73
CA VAL F 4209 72.47 12.36 -4.70
C VAL F 4209 72.47 11.50 -5.96
N THR F 4210 72.35 10.18 -5.80
CA THR F 4210 72.44 9.26 -6.93
C THR F 4210 71.24 9.40 -7.85
N HIS F 4211 70.06 9.61 -7.28
CA HIS F 4211 68.85 9.76 -8.10
C HIS F 4211 68.86 11.08 -8.86
N ASN F 4212 69.39 12.12 -8.25
CA ASN F 4212 69.47 13.42 -8.90
C ASN F 4212 70.79 13.63 -9.64
N GLY F 4213 71.70 12.66 -9.59
CA GLY F 4213 73.01 12.79 -10.21
C GLY F 4213 72.99 12.83 -11.72
N LYS F 4214 71.88 12.43 -12.35
CA LYS F 4214 71.74 12.61 -13.79
C LYS F 4214 71.52 14.06 -14.19
N GLN F 4215 71.26 14.95 -13.22
CA GLN F 4215 71.12 16.37 -13.50
C GLN F 4215 72.33 17.19 -13.06
N LEU F 4216 73.14 16.68 -12.13
CA LEU F 4216 74.40 17.37 -11.82
C LEU F 4216 75.38 17.26 -12.98
N VAL F 4217 75.31 16.16 -13.73
CA VAL F 4217 76.25 15.97 -14.83
C VAL F 4217 75.91 16.87 -16.01
N MET F 4218 74.65 17.28 -16.17
CA MET F 4218 74.32 18.30 -17.15
C MET F 4218 74.72 19.69 -16.68
N THR F 4219 74.91 19.88 -15.38
CA THR F 4219 75.30 21.19 -14.87
C THR F 4219 76.78 21.44 -15.09
N VAL F 4220 77.60 20.42 -14.85
CA VAL F 4220 79.05 20.59 -14.93
C VAL F 4220 79.54 20.77 -16.36
N GLY F 4221 78.76 20.32 -17.36
CA GLY F 4221 79.10 20.64 -18.73
C GLY F 4221 78.85 22.09 -19.06
N LEU F 4222 77.85 22.71 -18.41
CA LEU F 4222 77.61 24.12 -18.61
C LEU F 4222 78.70 24.97 -17.96
N LEU F 4223 79.30 24.47 -16.88
CA LEU F 4223 80.31 25.25 -16.18
C LEU F 4223 81.58 25.38 -17.02
N ALA F 4224 81.95 24.33 -17.74
CA ALA F 4224 83.16 24.35 -18.53
C ALA F 4224 83.02 25.19 -19.80
N VAL F 4225 81.80 25.44 -20.26
CA VAL F 4225 81.61 26.10 -21.55
C VAL F 4225 81.36 27.60 -21.40
N VAL F 4226 80.87 28.07 -20.25
CA VAL F 4226 80.70 29.50 -20.04
C VAL F 4226 82.05 30.18 -19.92
N VAL F 4227 82.97 29.55 -19.18
CA VAL F 4227 84.33 30.06 -19.12
C VAL F 4227 85.03 29.87 -20.46
N TYR F 4228 84.59 28.89 -21.25
CA TYR F 4228 85.19 28.65 -22.57
C TYR F 4228 84.85 29.77 -23.53
N LEU F 4229 83.61 30.26 -23.48
CA LEU F 4229 83.25 31.46 -24.22
C LEU F 4229 84.00 32.66 -23.66
N TYR F 4230 84.23 32.68 -22.35
CA TYR F 4230 84.90 33.79 -21.72
C TYR F 4230 86.40 33.59 -21.64
N THR F 4231 86.91 32.50 -22.22
CA THR F 4231 88.34 32.33 -22.39
C THR F 4231 88.82 33.04 -23.63
N VAL F 4232 88.12 32.83 -24.75
CA VAL F 4232 88.58 33.31 -26.04
C VAL F 4232 88.50 34.83 -26.13
N VAL F 4233 87.60 35.45 -25.38
CA VAL F 4233 87.47 36.90 -25.39
C VAL F 4233 88.69 37.54 -24.74
N ALA F 4234 89.08 37.04 -23.57
CA ALA F 4234 90.32 37.47 -22.96
C ALA F 4234 91.54 36.98 -23.73
N PHE F 4235 91.40 35.89 -24.49
CA PHE F 4235 92.50 35.43 -25.32
C PHE F 4235 92.75 36.34 -26.52
N ASN F 4236 91.73 37.08 -26.97
CA ASN F 4236 91.87 37.91 -28.15
C ASN F 4236 91.76 39.39 -27.87
N PHE F 4237 91.06 39.81 -26.81
CA PHE F 4237 90.92 41.22 -26.51
C PHE F 4237 91.71 41.65 -25.29
N PHE F 4238 91.68 40.86 -24.22
CA PHE F 4238 92.45 41.14 -23.02
C PHE F 4238 93.75 40.33 -22.98
N ARG F 4239 94.30 40.06 -24.16
CA ARG F 4239 95.45 39.16 -24.29
C ARG F 4239 96.70 39.76 -23.65
N LYS F 4240 96.89 41.06 -23.81
CA LYS F 4240 98.07 41.77 -23.33
C LYS F 4240 97.98 42.17 -21.86
N PHE F 4241 97.10 41.55 -21.09
CA PHE F 4241 96.76 42.06 -19.77
C PHE F 4241 97.11 41.12 -18.61
N TYR F 4242 97.27 39.81 -18.86
CA TYR F 4242 97.51 38.85 -17.77
C TYR F 4242 98.82 39.09 -17.03
N ASN F 4243 99.95 38.89 -17.71
CA ASN F 4243 101.27 39.40 -17.31
C ASN F 4243 101.68 38.87 -15.93
N LYS F 4244 102.01 37.58 -15.88
CA LYS F 4244 102.17 36.84 -14.63
C LYS F 4244 103.33 37.26 -13.74
N SER F 4245 104.03 38.35 -14.09
CA SER F 4245 104.79 39.19 -13.15
C SER F 4245 106.03 38.51 -12.58
N GLU F 4246 106.84 37.93 -13.47
CA GLU F 4246 108.23 37.67 -13.13
C GLU F 4246 109.00 38.98 -13.25
N ASP F 4247 110.10 39.09 -12.52
CA ASP F 4247 110.85 40.34 -12.47
C ASP F 4247 111.59 40.59 -13.78
N GLU F 4248 111.29 41.72 -14.41
CA GLU F 4248 111.97 42.34 -15.56
C GLU F 4248 111.71 41.60 -16.88
N ASP F 4249 111.13 40.41 -16.80
CA ASP F 4249 110.77 39.59 -17.95
C ASP F 4249 109.44 38.93 -17.65
N GLU F 4250 108.68 38.63 -18.70
CA GLU F 4250 107.45 37.86 -18.54
C GLU F 4250 107.43 36.71 -19.54
N PRO F 4251 108.08 35.59 -19.20
CA PRO F 4251 107.88 34.38 -20.01
C PRO F 4251 106.51 33.75 -19.79
N ASP F 4252 105.86 34.06 -18.69
CA ASP F 4252 104.57 33.48 -18.34
C ASP F 4252 103.48 34.50 -18.65
N MET F 4253 102.71 34.22 -19.70
CA MET F 4253 101.41 34.81 -19.93
C MET F 4253 100.50 33.69 -20.38
N LYS F 4254 99.33 33.57 -19.76
CA LYS F 4254 98.45 32.46 -20.09
C LYS F 4254 97.82 32.63 -21.47
N CYS F 4255 97.72 33.85 -21.96
CA CYS F 4255 97.27 34.12 -23.32
C CYS F 4255 98.42 34.06 -24.32
N ASP F 4256 99.18 32.97 -24.27
CA ASP F 4256 100.16 32.63 -25.28
C ASP F 4256 99.83 31.32 -25.96
N ASP F 4257 99.60 30.27 -25.19
CA ASP F 4257 98.99 29.04 -25.65
C ASP F 4257 97.50 29.08 -25.34
N MET F 4258 96.73 28.28 -26.08
CA MET F 4258 95.29 28.34 -25.94
C MET F 4258 94.80 27.57 -24.73
N MET F 4259 95.21 26.30 -24.60
CA MET F 4259 94.74 25.48 -23.50
C MET F 4259 95.34 25.89 -22.17
N THR F 4260 96.47 26.60 -22.18
CA THR F 4260 97.08 27.08 -20.95
C THR F 4260 96.22 28.13 -20.29
N CYS F 4261 95.60 29.01 -21.08
CA CYS F 4261 94.67 29.99 -20.53
C CYS F 4261 93.42 29.32 -19.99
N TYR F 4262 92.87 28.35 -20.74
CA TYR F 4262 91.63 27.70 -20.34
C TYR F 4262 91.82 26.84 -19.11
N LEU F 4263 93.03 26.34 -18.89
CA LEU F 4263 93.34 25.68 -17.62
C LEU F 4263 93.41 26.69 -16.48
N PHE F 4264 93.88 27.91 -16.78
CA PHE F 4264 94.05 28.93 -15.75
C PHE F 4264 92.72 29.43 -15.23
N HIS F 4265 91.68 29.42 -16.06
CA HIS F 4265 90.35 29.81 -15.60
C HIS F 4265 89.80 28.82 -14.58
N MET F 4266 89.84 27.53 -14.91
CA MET F 4266 89.31 26.51 -14.02
C MET F 4266 90.24 26.24 -12.84
N TYR F 4267 91.47 26.74 -12.87
CA TYR F 4267 92.33 26.60 -11.71
C TYR F 4267 92.12 27.72 -10.71
N VAL F 4268 91.74 28.91 -11.18
CA VAL F 4268 91.71 30.11 -10.36
C VAL F 4268 90.29 30.66 -10.21
N GLY F 4269 89.63 30.94 -11.35
CA GLY F 4269 88.39 31.70 -11.33
C GLY F 4269 87.22 31.00 -10.67
N VAL F 4270 87.19 29.68 -10.74
CA VAL F 4270 86.15 28.91 -10.05
C VAL F 4270 86.62 28.44 -8.67
N ARG F 4271 87.80 28.84 -8.24
CA ARG F 4271 88.38 28.34 -7.01
C ARG F 4271 88.72 29.44 -6.02
N ALA F 4272 89.07 30.64 -6.48
CA ALA F 4272 89.64 31.68 -5.64
C ALA F 4272 88.69 32.21 -4.58
N GLY F 4273 87.37 32.11 -4.81
CA GLY F 4273 86.43 32.66 -3.86
C GLY F 4273 86.47 34.17 -3.87
N GLY F 4274 85.93 34.77 -4.94
CA GLY F 4274 86.12 36.18 -5.19
C GLY F 4274 86.31 36.43 -6.66
N GLY F 4275 86.27 35.36 -7.45
CA GLY F 4275 86.32 35.48 -8.89
C GLY F 4275 87.74 35.49 -9.42
N ILE F 4276 87.83 35.73 -10.73
CA ILE F 4276 89.12 35.75 -11.38
C ILE F 4276 89.84 37.08 -11.18
N GLY F 4277 89.11 38.15 -10.88
CA GLY F 4277 89.72 39.47 -10.75
C GLY F 4277 90.43 39.72 -9.44
N ASP F 4278 91.23 38.75 -8.98
CA ASP F 4278 91.96 38.86 -7.74
C ASP F 4278 93.46 38.72 -7.91
N GLU F 4279 93.92 38.23 -9.06
CA GLU F 4279 95.33 37.98 -9.29
C GLU F 4279 95.85 38.64 -10.56
N ILE F 4280 94.97 39.12 -11.43
CA ILE F 4280 95.37 39.80 -12.65
C ILE F 4280 95.30 41.29 -12.36
N GLU F 4281 96.02 42.08 -13.15
CA GLU F 4281 96.50 43.40 -12.81
C GLU F 4281 95.38 44.44 -12.65
N ASP F 4282 95.83 45.64 -12.28
CA ASP F 4282 94.95 46.78 -12.08
C ASP F 4282 94.35 47.21 -13.42
N PRO F 4283 93.02 47.33 -13.51
CA PRO F 4283 92.42 47.87 -14.75
C PRO F 4283 92.39 49.39 -14.81
N ALA F 4284 93.16 50.06 -13.96
CA ALA F 4284 93.15 51.52 -13.89
C ALA F 4284 93.86 52.18 -15.07
N GLY F 4285 94.51 51.41 -15.96
CA GLY F 4285 95.02 51.97 -17.18
C GLY F 4285 93.91 52.41 -18.11
N ASP F 4286 94.22 53.42 -18.93
CA ASP F 4286 93.19 54.04 -19.76
C ASP F 4286 92.78 53.14 -20.92
N GLU F 4287 93.67 52.27 -21.39
CA GLU F 4287 93.35 51.37 -22.48
C GLU F 4287 92.41 50.28 -21.98
N TYR F 4288 91.18 50.30 -22.51
CA TYR F 4288 90.12 49.33 -22.19
C TYR F 4288 89.80 49.31 -20.70
N GLU F 4289 89.66 50.50 -20.11
CA GLU F 4289 89.33 50.60 -18.69
C GLU F 4289 87.89 50.15 -18.43
N LEU F 4290 86.96 50.61 -19.28
CA LEU F 4290 85.56 50.25 -19.11
C LEU F 4290 85.31 48.79 -19.47
N TYR F 4291 86.12 48.23 -20.36
CA TYR F 4291 85.80 46.93 -20.92
C TYR F 4291 86.05 45.80 -19.95
N ARG F 4292 87.09 45.92 -19.11
CA ARG F 4292 87.34 44.88 -18.12
C ARG F 4292 86.33 44.97 -16.98
N VAL F 4293 86.15 46.16 -16.42
CA VAL F 4293 85.41 46.33 -15.19
C VAL F 4293 83.92 46.07 -15.37
N VAL F 4294 83.42 46.13 -16.60
CA VAL F 4294 82.09 45.59 -16.88
C VAL F 4294 82.15 44.07 -16.97
N PHE F 4295 83.12 43.55 -17.72
CA PHE F 4295 83.15 42.12 -18.01
C PHE F 4295 83.61 41.29 -16.82
N ASP F 4296 84.54 41.81 -16.01
CA ASP F 4296 85.08 41.02 -14.91
C ASP F 4296 84.08 40.88 -13.77
N ILE F 4297 83.33 41.95 -13.48
CA ILE F 4297 82.39 41.92 -12.37
C ILE F 4297 81.19 41.05 -12.71
N THR F 4298 80.68 41.17 -13.94
CA THR F 4298 79.59 40.31 -14.38
C THR F 4298 80.02 38.86 -14.48
N PHE F 4299 81.30 38.61 -14.78
CA PHE F 4299 81.84 37.25 -14.73
C PHE F 4299 81.77 36.67 -13.34
N PHE F 4300 81.95 37.52 -12.32
CA PHE F 4300 81.77 37.08 -10.94
C PHE F 4300 80.30 36.78 -10.65
N PHE F 4301 79.38 37.46 -11.33
CA PHE F 4301 77.97 37.09 -11.17
C PHE F 4301 77.62 35.80 -11.88
N PHE F 4302 78.22 35.55 -13.04
CA PHE F 4302 77.69 34.55 -13.95
C PHE F 4302 77.97 33.12 -13.51
N VAL F 4303 79.02 32.89 -12.72
CA VAL F 4303 79.39 31.55 -12.29
C VAL F 4303 79.41 31.40 -10.78
N ILE F 4304 79.95 32.40 -10.07
CA ILE F 4304 80.08 32.28 -8.62
C ILE F 4304 78.73 32.42 -7.95
N VAL F 4305 77.93 33.39 -8.40
CA VAL F 4305 76.61 33.58 -7.83
C VAL F 4305 75.66 32.51 -8.35
N ILE F 4306 75.79 32.15 -9.62
CA ILE F 4306 74.79 31.29 -10.25
C ILE F 4306 74.99 29.82 -9.89
N LEU F 4307 76.18 29.28 -10.19
CA LEU F 4307 76.36 27.83 -10.21
C LEU F 4307 76.39 27.23 -8.81
N LEU F 4308 76.81 28.00 -7.80
CA LEU F 4308 76.79 27.50 -6.43
C LEU F 4308 75.37 27.32 -5.93
N ALA F 4309 74.44 28.14 -6.41
CA ALA F 4309 73.04 27.94 -6.09
C ALA F 4309 72.50 26.67 -6.74
N ILE F 4310 73.02 26.32 -7.92
CA ILE F 4310 72.46 25.23 -8.70
C ILE F 4310 72.81 23.89 -8.06
N ILE F 4311 74.08 23.74 -7.67
CA ILE F 4311 74.53 22.49 -7.09
C ILE F 4311 73.91 22.30 -5.71
N GLN F 4312 73.81 23.38 -4.94
CA GLN F 4312 73.21 23.28 -3.62
C GLN F 4312 71.70 23.08 -3.71
N GLY F 4313 71.05 23.82 -4.60
CA GLY F 4313 69.59 23.79 -4.71
C GLY F 4313 69.04 22.46 -5.17
N LEU F 4314 69.82 21.70 -5.94
CA LEU F 4314 69.40 20.34 -6.25
C LEU F 4314 69.47 19.45 -5.02
N ILE F 4315 70.43 19.71 -4.14
CA ILE F 4315 70.50 18.97 -2.88
C ILE F 4315 69.44 19.47 -1.92
N ILE F 4316 69.09 20.76 -2.00
CA ILE F 4316 67.93 21.29 -1.27
C ILE F 4316 66.67 20.57 -1.72
N ASP F 4317 66.55 20.32 -3.02
CA ASP F 4317 65.46 19.48 -3.52
C ASP F 4317 65.59 18.05 -3.05
N ALA F 4318 66.82 17.56 -2.85
CA ALA F 4318 67.02 16.16 -2.49
C ALA F 4318 66.55 15.88 -1.07
N PHE F 4319 66.70 16.85 -0.16
CA PHE F 4319 66.08 16.70 1.15
C PHE F 4319 64.57 16.84 1.06
N GLY F 4320 64.08 17.66 0.13
CA GLY F 4320 62.64 17.81 -0.01
C GLY F 4320 61.97 16.60 -0.62
N GLU F 4321 62.71 15.82 -1.40
CA GLU F 4321 62.15 14.60 -1.97
C GLU F 4321 61.95 13.55 -0.89
N LEU F 4322 62.98 13.30 -0.08
CA LEU F 4322 62.97 12.16 0.83
C LEU F 4322 62.05 12.40 2.02
N ARG F 4323 61.81 13.65 2.39
CA ARG F 4323 60.81 13.92 3.41
C ARG F 4323 59.41 13.68 2.90
N ASP F 4324 59.20 13.74 1.58
CA ASP F 4324 57.92 13.34 1.02
C ASP F 4324 57.85 11.83 0.86
N GLN F 4325 58.99 11.18 0.61
CA GLN F 4325 59.01 9.74 0.49
C GLN F 4325 58.69 9.06 1.80
N GLN F 4326 59.12 9.64 2.93
CA GLN F 4326 58.74 9.13 4.23
C GLN F 4326 57.32 9.52 4.62
N GLU F 4327 56.72 10.48 3.92
CA GLU F 4327 55.38 10.93 4.30
C GLU F 4327 54.31 10.03 3.71
N GLN F 4328 54.36 9.78 2.41
CA GLN F 4328 53.29 9.06 1.74
C GLN F 4328 53.29 7.58 2.08
N VAL F 4329 54.42 7.04 2.55
CA VAL F 4329 54.40 5.67 3.06
C VAL F 4329 53.65 5.60 4.38
N LYS F 4330 53.62 6.70 5.12
CA LYS F 4330 52.78 6.80 6.31
C LYS F 4330 51.38 7.25 5.95
N GLU F 4331 51.26 8.08 4.91
CA GLU F 4331 49.98 8.69 4.59
C GLU F 4331 49.03 7.70 3.92
N ASP F 4332 49.57 6.79 3.11
CA ASP F 4332 48.71 5.90 2.34
C ASP F 4332 48.06 4.84 3.22
N MET F 4333 48.79 4.34 4.22
CA MET F 4333 48.19 3.42 5.17
C MET F 4333 47.14 4.12 6.02
N GLU F 4334 47.38 5.39 6.37
CA GLU F 4334 46.45 6.14 7.20
C GLU F 4334 45.13 6.39 6.47
N THR F 4335 45.15 6.40 5.14
CA THR F 4335 43.90 6.48 4.39
C THR F 4335 43.19 5.14 4.32
N LYS F 4336 43.78 4.19 3.60
CA LYS F 4336 43.18 2.87 3.43
C LYS F 4336 44.20 1.75 3.47
N CYS F 4337 43.69 0.52 3.53
CA CYS F 4337 44.51 -0.69 3.54
C CYS F 4337 45.27 -0.84 2.21
N PHE F 4338 44.55 -0.49 1.14
CA PHE F 4338 44.89 -0.43 -0.30
C PHE F 4338 44.59 -1.73 -1.03
N ILE F 4339 44.54 -2.82 -0.28
CA ILE F 4339 44.13 -4.12 -0.83
C ILE F 4339 42.62 -4.05 -1.13
N CYS F 4340 41.92 -3.39 -0.22
CA CYS F 4340 40.49 -3.17 -0.20
C CYS F 4340 40.16 -1.79 -0.76
N GLY F 4341 39.23 -1.75 -1.71
CA GLY F 4341 38.83 -0.50 -2.33
C GLY F 4341 37.75 0.23 -1.57
N ILE F 4342 37.96 0.41 -0.27
CA ILE F 4342 36.99 1.10 0.58
C ILE F 4342 37.75 2.11 1.44
N GLY F 4343 37.31 3.36 1.40
CA GLY F 4343 37.88 4.36 2.27
C GLY F 4343 37.55 4.12 3.73
N SER F 4344 38.37 4.71 4.59
CA SER F 4344 38.17 4.55 6.03
C SER F 4344 36.95 5.29 6.55
N ASP F 4345 36.36 6.19 5.75
CA ASP F 4345 35.17 6.90 6.18
C ASP F 4345 33.98 5.97 6.33
N TYR F 4346 33.87 4.98 5.44
CA TYR F 4346 32.88 3.92 5.63
C TYR F 4346 33.19 3.10 6.88
N PHE F 4347 34.47 2.97 7.22
CA PHE F 4347 34.87 2.31 8.45
C PHE F 4347 34.79 3.25 9.64
N ASP F 4348 34.85 4.55 9.39
CA ASP F 4348 34.72 5.54 10.45
C ASP F 4348 33.28 5.68 10.93
N THR F 4349 32.32 5.14 10.17
CA THR F 4349 30.91 5.25 10.54
C THR F 4349 30.62 4.45 11.80
N THR F 4350 31.00 3.19 11.81
CA THR F 4350 30.96 2.40 13.02
C THR F 4350 32.19 2.72 13.87
N PRO F 4351 32.09 2.60 15.19
CA PRO F 4351 33.24 2.93 16.05
C PRO F 4351 34.36 1.90 15.90
N HIS F 4352 35.58 2.43 15.74
CA HIS F 4352 36.83 1.66 15.63
C HIS F 4352 36.83 0.70 14.46
N GLY F 4353 36.11 1.05 13.38
CA GLY F 4353 36.02 0.18 12.24
C GLY F 4353 37.31 0.04 11.48
N PHE F 4354 38.09 1.13 11.41
CA PHE F 4354 39.45 1.02 10.87
C PHE F 4354 40.34 0.23 11.82
N GLU F 4355 40.15 0.43 13.14
CA GLU F 4355 40.84 -0.40 14.12
C GLU F 4355 40.38 -1.85 14.02
N THR F 4356 39.13 -2.07 13.65
CA THR F 4356 38.63 -3.43 13.49
C THR F 4356 39.22 -4.01 12.21
N HIS F 4357 39.38 -3.17 11.20
CA HIS F 4357 39.93 -3.58 9.92
C HIS F 4357 41.35 -4.09 10.05
N THR F 4358 42.15 -3.42 10.88
CA THR F 4358 43.54 -3.78 11.10
C THR F 4358 43.75 -5.21 11.61
N LEU F 4359 42.71 -5.80 12.19
CA LEU F 4359 42.82 -7.15 12.73
C LEU F 4359 41.72 -8.05 12.20
N GLU F 4360 40.47 -7.62 12.31
CA GLU F 4360 39.37 -8.50 11.95
C GLU F 4360 39.20 -8.60 10.43
N GLU F 4361 39.54 -7.51 9.75
CA GLU F 4361 39.61 -7.51 8.30
C GLU F 4361 41.07 -7.88 7.88
N HIS F 4362 41.34 -7.96 6.58
CA HIS F 4362 42.69 -8.32 6.15
C HIS F 4362 43.74 -7.28 6.57
N ASN F 4363 44.90 -7.76 7.02
CA ASN F 4363 46.00 -6.89 7.46
C ASN F 4363 47.22 -7.07 6.56
N LEU F 4364 46.95 -7.12 5.26
CA LEU F 4364 47.95 -7.30 4.20
C LEU F 4364 48.83 -8.54 4.43
N ALA F 4365 48.66 -9.23 5.56
CA ALA F 4365 49.51 -10.35 5.89
C ALA F 4365 48.78 -11.68 5.88
N ASN F 4366 47.46 -11.69 6.06
CA ASN F 4366 46.71 -12.95 6.08
C ASN F 4366 46.68 -13.62 4.72
N TYR F 4367 46.91 -12.87 3.64
CA TYR F 4367 46.95 -13.46 2.31
C TYR F 4367 48.12 -14.40 2.12
N MET F 4368 49.26 -14.10 2.77
CA MET F 4368 50.43 -14.95 2.62
C MET F 4368 50.20 -16.30 3.29
N PHE F 4369 49.63 -16.29 4.50
CA PHE F 4369 49.48 -17.51 5.26
C PHE F 4369 48.49 -18.48 4.64
N PHE F 4370 47.56 -17.98 3.82
CA PHE F 4370 46.62 -18.89 3.20
C PHE F 4370 47.21 -19.58 1.98
N LEU F 4371 48.16 -18.92 1.29
CA LEU F 4371 48.86 -19.56 0.18
C LEU F 4371 49.67 -20.76 0.67
N MET F 4372 50.46 -20.57 1.73
CA MET F 4372 51.21 -21.68 2.28
C MET F 4372 50.31 -22.69 2.98
N TYR F 4373 49.12 -22.26 3.42
CA TYR F 4373 48.10 -23.20 3.85
C TYR F 4373 47.67 -24.10 2.70
N LEU F 4374 47.54 -23.51 1.51
CA LEU F 4374 47.24 -24.32 0.33
C LEU F 4374 48.43 -25.13 -0.12
N ILE F 4375 49.64 -24.64 0.16
CA ILE F 4375 50.86 -25.38 -0.17
C ILE F 4375 50.96 -26.63 0.67
N ASN F 4376 50.72 -26.51 1.97
CA ASN F 4376 50.91 -27.61 2.90
C ASN F 4376 49.66 -28.45 3.05
N LYS F 4377 48.80 -28.49 2.04
CA LYS F 4377 47.60 -29.29 2.07
C LYS F 4377 47.53 -30.10 0.78
N ASP F 4378 46.96 -31.29 0.86
CA ASP F 4378 46.92 -32.19 -0.28
C ASP F 4378 45.94 -31.70 -1.33
N GLU F 4379 46.15 -32.17 -2.56
CA GLU F 4379 45.26 -31.87 -3.66
C GLU F 4379 43.88 -32.46 -3.44
N THR F 4380 43.83 -33.65 -2.83
CA THR F 4380 42.57 -34.29 -2.50
C THR F 4380 41.80 -33.51 -1.44
N GLU F 4381 42.51 -32.90 -0.50
CA GLU F 4381 41.89 -32.39 0.72
C GLU F 4381 41.23 -31.03 0.55
N HIS F 4382 41.33 -30.41 -0.62
CA HIS F 4382 40.78 -29.08 -0.81
C HIS F 4382 39.26 -29.09 -0.79
N THR F 4383 38.68 -28.00 -0.30
CA THR F 4383 37.23 -27.84 -0.33
C THR F 4383 36.82 -27.30 -1.70
N GLY F 4384 35.52 -27.00 -1.83
CA GLY F 4384 35.04 -26.36 -3.04
C GLY F 4384 35.56 -24.95 -3.21
N GLN F 4385 35.81 -24.27 -2.09
CA GLN F 4385 36.39 -22.93 -2.13
C GLN F 4385 37.89 -22.96 -2.25
N GLU F 4386 38.54 -23.93 -1.60
CA GLU F 4386 40.00 -24.00 -1.63
C GLU F 4386 40.51 -24.42 -2.99
N SER F 4387 39.89 -25.43 -3.59
CA SER F 4387 40.32 -25.89 -4.90
C SER F 4387 40.02 -24.87 -5.99
N TYR F 4388 39.02 -24.02 -5.77
CA TYR F 4388 38.64 -23.03 -6.77
C TYR F 4388 39.71 -21.96 -6.90
N VAL F 4389 40.16 -21.41 -5.78
CA VAL F 4389 41.19 -20.38 -5.82
C VAL F 4389 42.54 -20.99 -6.14
N TRP F 4390 42.73 -22.28 -5.84
CA TRP F 4390 43.95 -22.97 -6.24
C TRP F 4390 44.03 -23.11 -7.75
N LYS F 4391 42.89 -23.34 -8.39
CA LYS F 4391 42.83 -23.27 -9.83
C LYS F 4391 43.03 -21.85 -10.32
N MET F 4392 42.49 -20.87 -9.59
CA MET F 4392 42.67 -19.47 -9.97
C MET F 4392 44.11 -19.02 -9.82
N TYR F 4393 44.86 -19.63 -8.89
CA TYR F 4393 46.26 -19.26 -8.72
C TYR F 4393 47.08 -19.72 -9.91
N GLN F 4394 46.89 -20.97 -10.32
CA GLN F 4394 47.62 -21.47 -11.48
C GLN F 4394 47.08 -20.88 -12.77
N GLU F 4395 45.86 -20.33 -12.74
CA GLU F 4395 45.38 -19.49 -13.81
C GLU F 4395 46.10 -18.14 -13.85
N ARG F 4396 46.64 -17.72 -12.70
CA ARG F 4396 47.25 -16.39 -12.48
C ARG F 4396 46.24 -15.26 -12.68
N CYS F 4397 44.97 -15.54 -12.48
CA CYS F 4397 43.95 -14.51 -12.42
C CYS F 4397 43.74 -14.09 -10.98
N TRP F 4398 43.40 -12.82 -10.80
CA TRP F 4398 43.34 -12.23 -9.46
C TRP F 4398 41.99 -11.58 -9.24
N ASP F 4399 40.95 -12.34 -9.56
CA ASP F 4399 39.60 -11.82 -9.50
C ASP F 4399 38.99 -11.90 -8.11
N PHE F 4400 39.48 -12.83 -7.27
CA PHE F 4400 38.84 -13.13 -5.99
C PHE F 4400 38.96 -12.02 -4.96
N PHE F 4401 39.79 -11.01 -5.20
CA PHE F 4401 39.96 -9.92 -4.25
C PHE F 4401 38.69 -9.08 -4.16
N PRO F 4402 38.47 -8.41 -3.01
CA PRO F 4402 37.30 -7.53 -2.87
C PRO F 4402 37.28 -6.37 -3.85
N ALA F 4403 38.32 -5.53 -3.79
CA ALA F 4403 38.51 -4.36 -4.67
C ALA F 4403 37.31 -3.42 -4.68
N GLY F 4404 36.66 -3.27 -3.52
CA GLY F 4404 35.51 -2.41 -3.43
C GLY F 4404 34.36 -2.90 -2.56
N ASP F 4405 34.46 -4.12 -2.05
CA ASP F 4405 33.40 -4.66 -1.18
C ASP F 4405 34.01 -5.77 -0.32
N CYS F 4406 34.23 -5.49 0.96
CA CYS F 4406 34.74 -6.49 1.89
C CYS F 4406 33.71 -6.74 3.00
N PHE F 4407 32.75 -7.60 2.69
CA PHE F 4407 31.89 -8.34 3.63
C PHE F 4407 30.85 -7.47 4.33
N ARG F 4408 30.94 -6.16 4.22
CA ARG F 4408 30.05 -5.30 4.96
C ARG F 4408 29.37 -4.23 4.12
N LYS F 4409 29.97 -3.83 2.99
CA LYS F 4409 29.17 -3.11 2.01
C LYS F 4409 28.19 -4.06 1.33
N GLN F 4410 28.58 -5.33 1.20
CA GLN F 4410 27.66 -6.35 0.73
C GLN F 4410 26.55 -6.61 1.74
N TYR F 4411 26.89 -6.69 3.01
CA TYR F 4411 25.99 -7.13 4.06
C TYR F 4411 25.58 -6.01 5.00
N GLU F 4412 25.36 -4.81 4.46
CA GLU F 4412 25.03 -3.67 5.31
C GLU F 4412 23.55 -3.66 5.70
N ASP F 4413 22.67 -3.48 4.73
CA ASP F 4413 21.24 -3.38 5.01
C ASP F 4413 20.62 -4.74 5.32
N GLN F 4414 21.32 -5.82 4.99
CA GLN F 4414 20.92 -7.16 5.40
C GLN F 4414 20.91 -7.26 6.92
N LEU F 4415 22.08 -7.09 7.54
CA LEU F 4415 22.18 -6.91 8.97
C LEU F 4415 23.47 -6.15 9.24
N SER F 4416 23.35 -4.98 9.84
CA SER F 4416 24.50 -4.15 10.17
C SER F 4416 25.31 -4.76 11.31
N GLN G 1 -13.87 10.33 28.92
CA GLN G 1 -12.60 10.55 29.60
C GLN G 1 -12.81 11.14 30.99
N PHE G 2 -12.61 12.44 31.11
CA PHE G 2 -12.69 13.13 32.40
C PHE G 2 -13.41 14.45 32.22
N LEU G 3 -13.46 15.23 33.29
CA LEU G 3 -14.23 16.45 33.33
C LEU G 3 -13.39 17.60 33.85
N ARG G 4 -13.64 18.79 33.33
CA ARG G 4 -12.96 20.00 33.78
C ARG G 4 -13.95 21.11 34.09
N THR G 5 -13.45 22.31 34.30
CA THR G 5 -14.31 23.45 34.54
C THR G 5 -14.73 24.08 33.20
N ASP G 6 -15.63 25.07 33.30
CA ASP G 6 -16.14 25.85 32.16
C ASP G 6 -16.80 24.95 31.12
N ASP G 7 -17.56 23.97 31.58
CA ASP G 7 -18.12 22.95 30.71
C ASP G 7 -19.62 22.86 30.92
N GLU G 8 -20.30 22.29 29.93
CA GLU G 8 -21.75 22.15 29.95
C GLU G 8 -22.12 20.69 30.14
N VAL G 9 -22.74 20.37 31.27
CA VAL G 9 -23.26 19.04 31.55
C VAL G 9 -24.68 19.17 32.05
N VAL G 10 -25.35 18.03 32.17
CA VAL G 10 -26.69 17.96 32.73
C VAL G 10 -26.70 16.90 33.81
N LEU G 11 -27.76 16.92 34.61
CA LEU G 11 -28.01 15.87 35.59
C LEU G 11 -28.88 14.79 34.98
N GLN G 12 -28.75 13.57 35.51
CA GLN G 12 -29.55 12.47 35.00
C GLN G 12 -29.80 11.46 36.11
N CYS G 13 -31.06 11.08 36.28
CA CYS G 13 -31.44 9.91 37.03
C CYS G 13 -32.40 9.09 36.18
N SER G 14 -32.58 7.84 36.54
CA SER G 14 -33.49 6.95 35.80
C SER G 14 -34.23 6.10 36.83
N ALA G 15 -35.38 6.59 37.27
CA ALA G 15 -36.23 5.87 38.20
C ALA G 15 -37.30 5.13 37.41
N THR G 16 -37.45 3.84 37.70
CA THR G 16 -38.44 3.05 36.97
C THR G 16 -39.86 3.37 37.47
N VAL G 17 -40.82 3.25 36.56
CA VAL G 17 -42.21 3.58 36.85
C VAL G 17 -43.08 2.37 36.58
N LEU G 18 -43.06 1.90 35.33
CA LEU G 18 -43.90 0.81 34.86
C LEU G 18 -43.09 -0.49 34.75
N LYS G 19 -42.23 -0.70 35.75
CA LYS G 19 -41.16 -1.72 35.75
C LYS G 19 -40.25 -1.55 34.53
N GLU G 20 -40.03 -0.30 34.13
CA GLU G 20 -39.19 0.02 32.99
C GLU G 20 -38.56 1.39 33.23
N GLN G 21 -37.35 1.57 32.71
CA GLN G 21 -36.55 2.73 33.05
C GLN G 21 -37.10 4.01 32.43
N LEU G 22 -37.19 5.05 33.26
CA LEU G 22 -37.60 6.38 32.83
C LEU G 22 -36.45 7.33 33.15
N LYS G 23 -35.63 7.62 32.15
CA LYS G 23 -34.48 8.50 32.33
C LYS G 23 -34.96 9.93 32.51
N LEU G 24 -34.60 10.54 33.64
CA LEU G 24 -35.10 11.85 34.03
C LEU G 24 -33.94 12.81 34.21
N CYS G 25 -34.07 14.00 33.65
CA CYS G 25 -33.09 15.05 33.80
C CYS G 25 -33.72 16.23 34.51
N LEU G 26 -32.87 17.07 35.10
CA LEU G 26 -33.34 18.23 35.85
C LEU G 26 -33.58 19.39 34.90
N ALA G 27 -34.74 20.03 35.04
CA ALA G 27 -35.09 21.18 34.23
C ALA G 27 -35.75 22.24 35.11
N ALA G 28 -35.48 23.50 34.79
CA ALA G 28 -36.06 24.63 35.50
C ALA G 28 -36.07 25.83 34.58
N GLU G 29 -37.09 26.67 34.74
CA GLU G 29 -37.27 27.82 33.86
C GLU G 29 -36.50 29.04 34.31
N GLY G 30 -36.54 29.37 35.59
CA GLY G 30 -35.91 30.60 36.04
C GLY G 30 -36.88 31.74 36.23
N PHE G 31 -37.00 32.59 35.21
CA PHE G 31 -37.92 33.71 35.21
C PHE G 31 -39.36 33.25 35.37
N GLY G 32 -39.98 33.60 36.49
CA GLY G 32 -41.32 33.14 36.80
C GLY G 32 -41.38 31.76 37.41
N ASN G 33 -40.25 31.06 37.52
CA ASN G 33 -40.24 29.71 38.10
C ASN G 33 -38.92 29.55 38.85
N ARG G 34 -38.96 29.83 40.15
CA ARG G 34 -37.81 29.56 41.00
C ARG G 34 -37.69 28.08 41.35
N LEU G 35 -38.70 27.29 41.07
CA LEU G 35 -38.69 25.87 41.37
C LEU G 35 -38.08 25.08 40.22
N CYS G 36 -37.82 23.82 40.48
CA CYS G 36 -37.25 22.90 39.50
C CYS G 36 -38.22 21.75 39.25
N PHE G 37 -38.02 21.07 38.13
CA PHE G 37 -38.87 19.95 37.76
C PHE G 37 -38.04 18.98 36.93
N LEU G 38 -38.70 17.98 36.37
CA LEU G 38 -38.05 16.90 35.66
C LEU G 38 -38.59 16.80 34.24
N GLU G 39 -37.70 16.55 33.29
CA GLU G 39 -38.10 16.28 31.91
C GLU G 39 -37.79 14.83 31.57
N PRO G 40 -38.76 14.05 31.10
CA PRO G 40 -38.47 12.67 30.72
C PRO G 40 -37.70 12.62 29.40
N THR G 41 -36.64 11.82 29.39
CA THR G 41 -35.79 11.66 28.23
C THR G 41 -35.80 10.21 27.75
N SER G 42 -36.99 9.61 27.71
CA SER G 42 -37.14 8.21 27.36
C SER G 42 -37.92 7.99 26.08
N ASN G 43 -38.82 8.91 25.72
CA ASN G 43 -39.64 8.78 24.52
C ASN G 43 -39.12 9.71 23.42
N ALA G 44 -37.78 9.81 23.33
CA ALA G 44 -37.16 10.78 22.42
C ALA G 44 -37.35 10.41 20.96
N GLN G 45 -37.67 9.15 20.65
CA GLN G 45 -38.01 8.79 19.28
C GLN G 45 -39.36 9.36 18.85
N ASN G 46 -40.24 9.65 19.80
CA ASN G 46 -41.56 10.21 19.48
C ASN G 46 -41.75 11.60 20.06
N VAL G 47 -41.50 11.78 21.35
CA VAL G 47 -41.75 13.03 22.05
C VAL G 47 -40.42 13.74 22.28
N PRO G 48 -40.24 14.97 21.81
CA PRO G 48 -38.97 15.67 21.99
C PRO G 48 -38.80 16.13 23.42
N PRO G 49 -37.66 15.80 24.06
CA PRO G 49 -37.36 16.37 25.37
C PRO G 49 -36.83 17.79 25.22
N ASP G 50 -37.38 18.71 26.01
CA ASP G 50 -36.98 20.11 25.94
C ASP G 50 -35.63 20.27 26.63
N LEU G 51 -34.57 20.17 25.83
CA LEU G 51 -33.21 20.32 26.33
C LEU G 51 -32.76 21.77 26.37
N ALA G 52 -33.67 22.71 26.12
CA ALA G 52 -33.31 24.13 26.15
C ALA G 52 -33.05 24.61 27.57
N ILE G 53 -33.82 24.13 28.55
CA ILE G 53 -33.64 24.54 29.93
C ILE G 53 -33.13 23.37 30.78
N CYS G 54 -32.52 22.37 30.16
CA CYS G 54 -31.86 21.30 30.88
C CYS G 54 -30.35 21.48 30.98
N CYS G 55 -29.75 22.21 30.05
CA CYS G 55 -28.30 22.35 30.02
C CYS G 55 -27.84 23.25 31.15
N PHE G 56 -26.84 22.78 31.90
CA PHE G 56 -26.27 23.52 33.02
C PHE G 56 -24.82 23.85 32.71
N THR G 57 -24.19 24.61 33.60
CA THR G 57 -22.87 25.13 33.33
C THR G 57 -21.97 24.93 34.54
N LEU G 58 -20.78 24.39 34.32
CA LEU G 58 -19.79 24.22 35.37
C LEU G 58 -19.05 25.53 35.57
N GLU G 59 -19.00 26.00 36.82
CA GLU G 59 -18.41 27.29 37.12
C GLU G 59 -17.19 27.21 38.02
N GLN G 60 -17.30 26.60 39.20
CA GLN G 60 -16.21 26.64 40.15
C GLN G 60 -16.23 25.40 41.04
N SER G 61 -15.06 24.78 41.19
CA SER G 61 -14.87 23.64 42.08
C SER G 61 -13.69 23.93 42.99
N LEU G 62 -13.89 23.75 44.29
CA LEU G 62 -12.86 24.02 45.29
C LEU G 62 -12.92 22.96 46.37
N SER G 63 -11.99 23.05 47.30
CA SER G 63 -12.03 22.22 48.50
C SER G 63 -12.94 22.87 49.53
N VAL G 64 -13.17 22.13 50.62
CA VAL G 64 -14.01 22.65 51.70
C VAL G 64 -13.31 23.76 52.45
N ARG G 65 -11.98 23.73 52.48
CA ARG G 65 -11.23 24.75 53.22
C ARG G 65 -11.01 25.99 52.37
N ALA G 66 -10.78 25.80 51.07
CA ALA G 66 -10.62 26.94 50.18
C ALA G 66 -11.92 27.71 50.00
N LEU G 67 -13.05 27.01 50.00
CA LEU G 67 -14.34 27.68 49.87
C LEU G 67 -14.71 28.40 51.16
N GLN G 68 -14.40 27.80 52.30
CA GLN G 68 -14.63 28.46 53.58
C GLN G 68 -13.73 29.67 53.75
N GLU G 69 -12.50 29.58 53.24
CA GLU G 69 -11.64 30.75 53.18
C GLU G 69 -12.19 31.80 52.23
N MET G 70 -12.79 31.35 51.13
CA MET G 70 -13.44 32.26 50.20
C MET G 70 -14.65 32.94 50.83
N LEU G 71 -15.35 32.23 51.72
CA LEU G 71 -16.47 32.82 52.43
C LEU G 71 -16.05 33.79 53.53
N ALA G 72 -14.76 33.88 53.83
CA ALA G 72 -14.27 34.89 54.75
C ALA G 72 -14.07 36.25 54.09
N ASN G 73 -14.42 36.38 52.81
CA ASN G 73 -14.25 37.63 52.09
C ASN G 73 -15.57 38.10 51.52
N GLY G 86 -7.93 27.86 35.74
CA GLY G 86 -8.34 27.78 34.35
C GLY G 86 -9.26 26.60 34.09
N HIS G 87 -8.71 25.39 34.14
CA HIS G 87 -9.47 24.16 33.94
C HIS G 87 -9.02 23.16 34.99
N ARG G 88 -9.73 23.10 36.11
CA ARG G 88 -9.41 22.19 37.18
C ARG G 88 -9.89 20.78 36.85
N THR G 89 -9.74 19.88 37.80
CA THR G 89 -10.14 18.48 37.64
C THR G 89 -11.05 18.10 38.80
N LEU G 90 -12.19 17.52 38.47
CA LEU G 90 -13.16 17.16 39.49
C LEU G 90 -12.66 15.96 40.30
N LEU G 91 -12.57 16.16 41.60
CA LEU G 91 -12.22 15.10 42.53
C LEU G 91 -13.36 14.91 43.53
N TYR G 92 -13.52 13.68 43.99
CA TYR G 92 -14.57 13.38 44.95
C TYR G 92 -14.28 14.05 46.28
N GLY G 93 -15.24 14.84 46.77
CA GLY G 93 -15.07 15.64 47.96
C GLY G 93 -15.06 17.13 47.69
N HIS G 94 -14.88 17.54 46.44
CA HIS G 94 -14.88 18.94 46.11
C HIS G 94 -16.30 19.50 46.14
N ALA G 95 -16.40 20.79 46.39
CA ALA G 95 -17.64 21.51 46.16
C ALA G 95 -17.79 21.82 44.68
N ILE G 96 -18.96 22.32 44.30
CA ILE G 96 -19.22 22.64 42.91
C ILE G 96 -20.13 23.86 42.87
N LEU G 97 -19.97 24.66 41.82
CA LEU G 97 -20.81 25.83 41.58
C LEU G 97 -21.58 25.58 40.29
N LEU G 98 -22.85 25.20 40.43
CA LEU G 98 -23.68 24.97 39.27
C LEU G 98 -24.28 26.27 38.77
N ARG G 99 -24.72 26.24 37.51
CA ARG G 99 -25.32 27.42 36.89
C ARG G 99 -26.21 26.96 35.76
N HIS G 100 -27.48 27.36 35.81
CA HIS G 100 -28.37 27.16 34.69
C HIS G 100 -27.89 28.02 33.52
N ALA G 101 -27.71 27.38 32.37
CA ALA G 101 -27.04 28.04 31.26
C ALA G 101 -27.89 29.16 30.66
N HIS G 102 -29.21 29.00 30.64
CA HIS G 102 -30.06 29.98 30.00
C HIS G 102 -30.22 31.22 30.87
N SER G 103 -30.74 31.05 32.08
CA SER G 103 -30.97 32.18 32.98
C SER G 103 -29.69 32.76 33.53
N ARG G 104 -28.58 32.01 33.43
CA ARG G 104 -27.24 32.43 33.88
C ARG G 104 -27.23 32.73 35.37
N MET G 105 -27.99 31.94 36.13
CA MET G 105 -28.15 32.09 37.56
C MET G 105 -27.73 30.80 38.24
N TYR G 106 -27.50 30.87 39.54
CA TYR G 106 -26.75 29.85 40.26
C TYR G 106 -27.69 28.98 41.10
N LEU G 107 -27.56 27.67 40.94
CA LEU G 107 -28.46 26.71 41.57
C LEU G 107 -28.18 26.61 43.05
N SER G 108 -29.20 26.91 43.86
CA SER G 108 -29.09 26.81 45.30
C SER G 108 -30.17 25.90 45.87
N CYS G 109 -30.26 25.83 47.18
CA CYS G 109 -31.26 25.03 47.88
C CYS G 109 -32.14 25.95 48.70
N LEU G 110 -33.42 26.04 48.33
CA LEU G 110 -34.32 26.91 49.05
C LEU G 110 -34.75 26.27 50.37
N THR G 111 -35.22 27.12 51.29
CA THR G 111 -35.63 26.69 52.61
C THR G 111 -37.14 26.68 52.77
N THR G 112 -37.88 26.74 51.67
CA THR G 112 -39.33 26.67 51.71
C THR G 112 -39.77 25.23 51.88
N SER G 113 -41.09 25.01 51.94
CA SER G 113 -41.63 23.68 52.11
C SER G 113 -42.69 23.43 51.06
N ARG G 114 -42.56 22.33 50.33
CA ARG G 114 -43.53 21.88 49.37
C ARG G 114 -43.98 20.46 49.71
N SER G 115 -45.05 20.03 49.04
CA SER G 115 -45.65 18.69 49.07
C SER G 115 -46.24 18.29 50.42
N MET G 116 -46.22 19.17 51.43
CA MET G 116 -46.78 18.93 52.77
C MET G 116 -46.21 17.67 53.43
N THR G 117 -44.88 17.51 53.34
CA THR G 117 -44.24 16.29 53.82
C THR G 117 -44.13 16.24 55.34
N ASP G 118 -44.36 17.37 56.03
CA ASP G 118 -44.15 17.53 57.48
C ASP G 118 -42.73 17.12 57.87
N LYS G 119 -41.77 17.64 57.11
CA LYS G 119 -40.40 17.18 57.20
C LYS G 119 -39.42 18.31 56.89
N LEU G 120 -38.21 17.93 56.47
CA LEU G 120 -37.11 18.86 56.21
C LEU G 120 -36.82 18.88 54.72
N ALA G 121 -37.89 18.98 53.93
CA ALA G 121 -37.83 18.83 52.47
C ALA G 121 -36.90 19.86 51.84
N PHE G 122 -37.25 21.14 51.95
CA PHE G 122 -36.40 22.28 51.57
C PHE G 122 -36.00 22.21 50.09
N ASP G 123 -37.03 22.36 49.26
CA ASP G 123 -36.98 22.10 47.82
C ASP G 123 -35.88 22.91 47.12
N VAL G 124 -35.39 22.35 46.02
CA VAL G 124 -34.23 22.89 45.34
C VAL G 124 -34.66 24.07 44.48
N GLY G 125 -33.92 25.18 44.59
CA GLY G 125 -34.22 26.34 43.78
C GLY G 125 -33.09 27.32 43.60
N LEU G 126 -32.85 27.72 42.35
CA LEU G 126 -31.94 28.81 42.04
C LEU G 126 -32.69 30.12 42.16
N GLN G 127 -32.03 31.13 42.72
CA GLN G 127 -32.58 32.49 42.62
C GLN G 127 -31.61 33.42 41.90
N GLU G 128 -30.48 33.77 42.51
CA GLU G 128 -29.35 34.31 41.75
C GLU G 128 -28.01 33.98 42.41
N ASP G 129 -27.99 33.16 43.46
CA ASP G 129 -27.19 33.40 44.66
C ASP G 129 -25.70 33.31 44.37
N ALA G 130 -25.07 34.49 44.24
CA ALA G 130 -23.62 34.57 44.16
C ALA G 130 -22.98 34.56 45.55
N THR G 131 -23.70 35.03 46.57
CA THR G 131 -23.23 34.90 47.94
C THR G 131 -23.32 33.44 48.36
N GLY G 132 -22.23 32.72 48.21
CA GLY G 132 -22.27 31.28 48.12
C GLY G 132 -22.37 30.50 49.42
N GLU G 133 -23.55 30.47 50.02
CA GLU G 133 -23.77 29.60 51.17
C GLU G 133 -24.49 28.32 50.79
N ALA G 134 -25.65 28.44 50.14
CA ALA G 134 -26.48 27.29 49.80
C ALA G 134 -26.31 26.82 48.36
N CYS G 135 -25.59 27.57 47.53
CA CYS G 135 -25.44 27.20 46.13
C CYS G 135 -24.22 26.31 45.89
N TRP G 136 -23.60 25.80 46.95
CA TRP G 136 -22.44 24.94 46.83
C TRP G 136 -22.83 23.52 47.24
N TRP G 137 -22.21 22.54 46.59
CA TRP G 137 -22.63 21.16 46.68
C TRP G 137 -21.40 20.28 46.71
N THR G 138 -21.15 19.63 47.85
CA THR G 138 -20.09 18.65 47.92
C THR G 138 -20.47 17.41 47.11
N MET G 139 -19.45 16.76 46.57
CA MET G 139 -19.62 15.66 45.63
C MET G 139 -18.95 14.41 46.18
N HIS G 140 -19.72 13.35 46.31
CA HIS G 140 -19.25 12.12 46.92
C HIS G 140 -19.44 10.95 45.96
N PRO G 141 -18.58 9.94 46.02
CA PRO G 141 -18.79 8.75 45.22
C PRO G 141 -19.95 7.93 45.76
N ALA G 142 -20.45 7.05 44.89
CA ALA G 142 -21.59 6.22 45.27
C ALA G 142 -21.16 5.06 46.17
N SER G 143 -20.28 4.21 45.68
CA SER G 143 -19.87 3.01 46.38
C SER G 143 -18.37 3.06 46.66
N LYS G 144 -17.84 1.94 47.13
CA LYS G 144 -16.41 1.79 47.40
C LYS G 144 -15.59 1.52 46.14
N GLN G 145 -16.24 1.46 44.97
CA GLN G 145 -15.51 1.37 43.72
C GLN G 145 -14.68 2.62 43.48
N ARG G 146 -15.26 3.78 43.74
CA ARG G 146 -14.53 5.04 43.77
C ARG G 146 -14.25 5.44 45.21
N SER G 147 -13.38 6.43 45.37
CA SER G 147 -12.99 6.91 46.69
C SER G 147 -12.80 8.42 46.63
N GLU G 148 -12.45 8.99 47.77
CA GLU G 148 -12.30 10.44 47.86
C GLU G 148 -11.02 10.89 47.18
N GLY G 149 -11.09 12.05 46.52
CA GLY G 149 -9.96 12.59 45.81
C GLY G 149 -9.62 11.93 44.50
N GLU G 150 -10.42 10.96 44.05
CA GLU G 150 -10.14 10.30 42.79
C GLU G 150 -10.72 11.12 41.63
N LYS G 151 -10.14 10.92 40.46
CA LYS G 151 -10.58 11.66 39.27
C LYS G 151 -11.96 11.21 38.85
N VAL G 152 -12.88 12.17 38.74
CA VAL G 152 -14.26 11.87 38.39
C VAL G 152 -14.34 11.69 36.88
N ARG G 153 -14.65 10.46 36.46
CA ARG G 153 -14.72 10.15 35.05
C ARG G 153 -16.03 10.66 34.46
N VAL G 154 -16.17 10.48 33.15
CA VAL G 154 -17.38 10.88 32.45
C VAL G 154 -18.51 9.93 32.82
N GLY G 155 -19.60 10.48 33.35
CA GLY G 155 -20.79 9.71 33.65
C GLY G 155 -20.63 8.78 34.83
N ASP G 156 -20.16 9.29 35.96
CA ASP G 156 -20.06 8.48 37.15
C ASP G 156 -21.37 8.54 37.93
N ASP G 157 -21.42 7.82 39.06
CA ASP G 157 -22.59 7.76 39.92
C ASP G 157 -22.31 8.67 41.12
N LEU G 158 -22.92 9.85 41.12
CA LEU G 158 -22.55 10.88 42.05
C LEU G 158 -23.51 10.96 43.23
N ILE G 159 -22.97 11.36 44.37
CA ILE G 159 -23.73 11.64 45.58
C ILE G 159 -23.55 13.12 45.87
N LEU G 160 -24.56 13.91 45.54
CA LEU G 160 -24.50 15.36 45.61
C LEU G 160 -25.05 15.82 46.95
N VAL G 161 -24.16 16.25 47.83
CA VAL G 161 -24.53 16.58 49.20
C VAL G 161 -24.40 18.09 49.38
N SER G 162 -25.40 18.67 50.06
CA SER G 162 -25.44 20.10 50.31
C SER G 162 -24.32 20.54 51.25
N VAL G 163 -24.10 21.84 51.26
CA VAL G 163 -23.08 22.46 52.11
C VAL G 163 -23.71 23.21 53.27
N SER G 164 -24.66 24.10 52.97
CA SER G 164 -25.29 24.90 54.02
C SER G 164 -26.21 24.05 54.88
N SER G 165 -27.06 23.23 54.26
CA SER G 165 -27.95 22.37 55.02
C SER G 165 -27.34 21.02 55.30
N GLU G 166 -26.42 20.57 54.44
CA GLU G 166 -25.81 19.23 54.46
C GLU G 166 -26.88 18.14 54.38
N ARG G 167 -27.62 18.17 53.28
CA ARG G 167 -28.57 17.14 52.91
C ARG G 167 -28.18 16.61 51.54
N TYR G 168 -28.88 15.58 51.08
CA TYR G 168 -28.57 14.97 49.78
C TYR G 168 -29.11 15.80 48.63
N LEU G 169 -29.16 15.20 47.44
CA LEU G 169 -29.94 15.76 46.33
C LEU G 169 -30.96 14.68 46.01
N HIS G 170 -32.07 14.70 46.76
CA HIS G 170 -32.97 13.55 46.81
C HIS G 170 -34.05 13.65 45.75
N LEU G 171 -34.14 12.61 44.93
CA LEU G 171 -35.32 12.39 44.10
C LEU G 171 -36.41 11.78 44.98
N SER G 172 -37.39 12.59 45.35
CA SER G 172 -38.43 12.17 46.28
C SER G 172 -39.75 12.06 45.52
N THR G 173 -40.04 10.86 45.01
CA THR G 173 -41.38 10.58 44.54
C THR G 173 -42.28 10.27 45.73
N ALA G 174 -43.57 10.53 45.56
CA ALA G 174 -44.52 10.43 46.66
C ALA G 174 -45.88 10.04 46.08
N SER G 175 -46.94 10.27 46.87
CA SER G 175 -48.30 10.07 46.38
C SER G 175 -48.64 11.06 45.27
N GLY G 176 -47.98 12.21 45.23
CA GLY G 176 -48.11 13.13 44.12
C GLY G 176 -47.18 12.77 42.97
N GLU G 177 -46.59 13.78 42.34
CA GLU G 177 -45.70 13.55 41.22
C GLU G 177 -44.29 13.20 41.72
N LEU G 178 -43.40 12.92 40.77
CA LEU G 178 -42.02 12.61 41.08
C LEU G 178 -41.27 13.91 41.29
N GLN G 179 -40.92 14.20 42.55
CA GLN G 179 -40.38 15.50 42.91
C GLN G 179 -38.94 15.36 43.39
N VAL G 180 -38.25 16.50 43.46
CA VAL G 180 -36.86 16.57 43.86
C VAL G 180 -36.74 17.55 45.02
N ASP G 181 -36.06 17.13 46.08
CA ASP G 181 -35.77 17.99 47.22
C ASP G 181 -34.38 17.67 47.74
N ALA G 182 -34.04 18.21 48.90
CA ALA G 182 -32.81 17.86 49.62
C ALA G 182 -33.22 17.53 51.05
N SER G 183 -33.73 16.33 51.26
CA SER G 183 -34.16 15.98 52.60
C SER G 183 -33.56 14.68 53.13
N PHE G 184 -33.81 13.57 52.42
CA PHE G 184 -33.77 12.25 53.04
C PHE G 184 -32.64 11.36 52.53
N MET G 185 -32.64 11.04 51.24
CA MET G 185 -31.99 9.83 50.75
C MET G 185 -31.10 10.14 49.56
N GLN G 186 -30.26 9.17 49.24
CA GLN G 186 -29.35 9.27 48.12
C GLN G 186 -30.11 9.17 46.79
N THR G 187 -29.48 9.71 45.75
CA THR G 187 -29.98 9.56 44.39
C THR G 187 -28.78 9.53 43.47
N LEU G 188 -28.68 8.49 42.64
CA LEU G 188 -27.54 8.33 41.76
C LEU G 188 -27.67 9.30 40.60
N TRP G 189 -26.99 10.43 40.71
CA TRP G 189 -27.01 11.41 39.65
C TRP G 189 -25.85 11.19 38.70
N ASN G 190 -26.11 11.48 37.42
CA ASN G 190 -25.21 11.10 36.33
C ASN G 190 -24.98 12.30 35.46
N MET G 191 -23.72 12.71 35.35
CA MET G 191 -23.36 13.80 34.45
C MET G 191 -23.33 13.31 33.02
N ASN G 192 -23.80 14.16 32.11
CA ASN G 192 -23.76 13.86 30.69
C ASN G 192 -23.05 15.02 30.00
N PRO G 193 -21.89 14.80 29.39
CA PRO G 193 -21.15 15.90 28.76
C PRO G 193 -21.84 16.37 27.49
N ILE G 194 -22.82 17.25 27.66
CA ILE G 194 -23.62 17.69 26.53
C ILE G 194 -22.82 18.62 25.61
N CYS G 195 -21.77 19.24 26.15
CA CYS G 195 -20.89 20.12 25.38
C CYS G 195 -19.58 20.25 26.14
N SER G 196 -18.63 20.97 25.55
CA SER G 196 -17.31 21.17 26.12
C SER G 196 -16.73 22.44 25.49
N CYS G 197 -15.41 22.62 25.62
CA CYS G 197 -14.72 23.75 25.01
C CYS G 197 -14.74 23.58 23.49
N CYS G 198 -15.60 24.34 22.82
CA CYS G 198 -15.81 24.21 21.39
C CYS G 198 -14.78 25.02 20.62
N GLU G 199 -15.02 25.18 19.32
CA GLU G 199 -14.15 25.96 18.45
C GLU G 199 -14.85 27.25 18.05
N GLU G 200 -14.11 28.09 17.33
CA GLU G 200 -14.58 29.41 16.94
C GLU G 200 -14.90 29.41 15.45
N GLY G 201 -16.11 29.85 15.11
CA GLY G 201 -16.53 29.87 13.72
C GLY G 201 -17.01 28.52 13.23
N TYR G 202 -17.51 27.67 14.12
CA TYR G 202 -17.98 26.35 13.76
C TYR G 202 -19.29 26.06 14.46
N VAL G 203 -20.16 25.34 13.77
CA VAL G 203 -21.55 25.16 14.19
C VAL G 203 -21.63 23.97 15.14
N THR G 204 -22.13 24.20 16.34
CA THR G 204 -22.51 23.14 17.26
C THR G 204 -24.02 23.22 17.51
N GLY G 205 -24.54 22.17 18.12
CA GLY G 205 -25.98 22.05 18.28
C GLY G 205 -26.55 22.99 19.34
N GLY G 206 -27.87 23.00 19.42
CA GLY G 206 -28.57 23.81 20.38
C GLY G 206 -28.56 25.30 20.13
N HIS G 207 -28.27 25.73 18.90
CA HIS G 207 -28.10 27.14 18.61
C HIS G 207 -29.39 27.77 18.11
N VAL G 208 -29.53 29.06 18.39
CA VAL G 208 -30.72 29.85 18.06
C VAL G 208 -30.30 30.84 16.99
N LEU G 209 -30.53 30.48 15.73
CA LEU G 209 -29.92 31.19 14.62
C LEU G 209 -30.93 31.37 13.50
N ARG G 210 -30.50 32.09 12.47
CA ARG G 210 -31.28 32.35 11.27
C ARG G 210 -30.78 31.47 10.13
N LEU G 211 -31.60 31.35 9.09
CA LEU G 211 -31.32 30.51 7.93
C LEU G 211 -31.31 31.41 6.70
N PHE G 212 -30.15 31.95 6.38
CA PHE G 212 -30.05 32.96 5.33
C PHE G 212 -30.19 32.32 3.95
N HIS G 213 -31.04 32.91 3.13
CA HIS G 213 -31.29 32.46 1.76
C HIS G 213 -30.67 33.46 0.80
N GLY G 214 -30.34 32.97 -0.39
CA GLY G 214 -29.78 33.83 -1.41
C GLY G 214 -28.33 34.18 -1.14
N HIS G 215 -27.95 35.42 -1.42
CA HIS G 215 -26.57 35.85 -1.24
C HIS G 215 -26.44 36.97 -0.21
N MET G 216 -27.20 38.05 -0.36
CA MET G 216 -27.00 39.24 0.46
C MET G 216 -27.98 39.31 1.62
N ASP G 217 -29.28 39.38 1.34
CA ASP G 217 -30.25 39.61 2.41
C ASP G 217 -31.56 38.90 2.04
N GLU G 218 -31.69 37.67 2.52
CA GLU G 218 -32.93 36.92 2.49
C GLU G 218 -32.78 35.79 3.48
N CYS G 219 -33.86 35.46 4.19
CA CYS G 219 -33.76 34.42 5.19
C CYS G 219 -35.09 33.68 5.33
N LEU G 220 -35.05 32.61 6.11
CA LEU G 220 -36.22 31.80 6.39
C LEU G 220 -37.08 32.47 7.45
N THR G 221 -38.39 32.48 7.22
CA THR G 221 -39.32 33.01 8.21
C THR G 221 -40.64 32.28 8.10
N ILE G 222 -41.53 32.59 9.04
CA ILE G 222 -42.90 32.11 9.03
C ILE G 222 -43.81 33.33 9.06
N SER G 223 -45.12 33.10 9.10
CA SER G 223 -46.07 34.20 9.17
C SER G 223 -46.01 34.88 10.55
N ALA G 224 -46.51 36.10 10.58
CA ALA G 224 -46.55 36.86 11.82
C ALA G 224 -47.71 36.41 12.70
N ALA G 225 -47.84 37.06 13.85
CA ALA G 225 -48.95 36.77 14.75
C ALA G 225 -50.23 37.42 14.24
N ASP G 226 -51.32 37.20 14.99
CA ASP G 226 -52.68 37.64 14.64
C ASP G 226 -53.09 37.13 13.26
N SER G 227 -52.79 35.87 12.99
CA SER G 227 -53.09 35.24 11.72
C SER G 227 -53.89 33.96 11.98
N ASP G 228 -54.91 33.74 11.16
CA ASP G 228 -55.79 32.59 11.32
C ASP G 228 -55.22 31.28 10.79
N ASP G 229 -54.01 31.32 10.22
CA ASP G 229 -53.38 30.12 9.69
C ASP G 229 -52.69 29.29 10.76
N GLN G 230 -52.79 29.69 12.03
CA GLN G 230 -52.09 29.12 13.19
C GLN G 230 -50.58 29.15 13.04
N ARG G 231 -50.08 30.06 12.19
CA ARG G 231 -48.66 30.25 11.87
C ARG G 231 -48.00 28.93 11.43
N ARG G 232 -48.73 28.18 10.62
CA ARG G 232 -48.28 26.88 10.13
C ARG G 232 -47.53 26.99 8.81
N LEU G 233 -47.34 28.19 8.29
CA LEU G 233 -46.84 28.38 6.94
C LEU G 233 -45.40 28.88 6.95
N VAL G 234 -44.66 28.50 5.92
CA VAL G 234 -43.22 28.71 5.83
C VAL G 234 -42.95 29.73 4.73
N TYR G 235 -42.09 30.70 5.01
CA TYR G 235 -41.90 31.81 4.07
C TYR G 235 -40.43 32.16 3.90
N TYR G 236 -40.18 32.99 2.91
CA TYR G 236 -38.92 33.69 2.72
C TYR G 236 -39.15 35.18 2.86
N GLU G 237 -38.13 35.89 3.35
CA GLU G 237 -38.22 37.33 3.50
C GLU G 237 -36.81 37.89 3.57
N GLY G 238 -36.64 39.09 3.01
CA GLY G 238 -35.35 39.75 2.98
C GLY G 238 -35.02 40.49 4.25
N GLY G 239 -34.62 41.74 4.13
CA GLY G 239 -34.06 42.49 5.24
C GLY G 239 -35.04 43.18 6.18
N ALA G 240 -36.17 42.53 6.48
CA ALA G 240 -37.11 43.04 7.46
C ALA G 240 -37.20 42.13 8.68
N VAL G 241 -37.49 40.85 8.47
CA VAL G 241 -37.56 39.88 9.57
C VAL G 241 -36.17 39.45 10.02
N CYS G 242 -35.12 39.90 9.34
CA CYS G 242 -33.75 39.53 9.68
C CYS G 242 -33.31 40.08 11.03
N THR G 243 -34.05 41.03 11.59
CA THR G 243 -33.84 41.49 12.96
C THR G 243 -35.01 41.10 13.86
N HIS G 244 -35.80 40.12 13.46
CA HIS G 244 -37.01 39.77 14.19
C HIS G 244 -36.89 38.37 14.78
N ALA G 245 -37.91 38.01 15.55
CA ALA G 245 -37.92 36.75 16.28
C ALA G 245 -38.43 35.58 15.46
N ARG G 246 -39.15 35.84 14.36
CA ARG G 246 -39.64 34.76 13.51
C ARG G 246 -38.51 34.07 12.77
N SER G 247 -37.43 34.80 12.50
CA SER G 247 -36.30 34.28 11.75
C SER G 247 -35.42 33.35 12.56
N LEU G 248 -35.65 33.22 13.86
CA LEU G 248 -34.77 32.44 14.72
C LEU G 248 -35.25 31.00 14.79
N TRP G 249 -34.30 30.07 14.78
CA TRP G 249 -34.59 28.65 14.72
C TRP G 249 -33.62 27.90 15.61
N ARG G 250 -34.11 26.84 16.24
CA ARG G 250 -33.31 26.03 17.15
C ARG G 250 -32.98 24.69 16.49
N LEU G 251 -31.69 24.35 16.48
CA LEU G 251 -31.22 23.09 15.92
C LEU G 251 -31.09 22.08 17.05
N GLU G 252 -31.90 21.03 17.00
CA GLU G 252 -31.91 20.00 18.03
C GLU G 252 -31.53 18.66 17.44
N PRO G 253 -30.31 18.16 17.67
CA PRO G 253 -29.96 16.83 17.18
C PRO G 253 -30.66 15.74 17.98
N LEU G 254 -30.63 14.54 17.42
CA LEU G 254 -31.33 13.40 17.99
C LEU G 254 -30.53 12.69 19.08
N ARG G 255 -29.34 13.19 19.42
CA ARG G 255 -28.53 12.54 20.42
C ARG G 255 -29.02 12.90 21.82
N ILE G 256 -28.70 12.04 22.77
CA ILE G 256 -29.01 12.31 24.17
C ILE G 256 -27.90 13.12 24.83
N SER G 257 -26.66 12.66 24.69
CA SER G 257 -25.49 13.40 25.17
C SER G 257 -24.72 13.95 23.98
N TRP G 258 -23.84 14.91 24.28
CA TRP G 258 -22.98 15.60 23.31
C TRP G 258 -23.79 16.25 22.20
N SER G 259 -24.96 16.80 22.54
CA SER G 259 -25.74 17.49 21.53
C SER G 259 -25.11 18.83 21.14
N GLY G 260 -24.30 19.39 22.02
CA GLY G 260 -23.58 20.61 21.71
C GLY G 260 -22.21 20.35 21.14
N SER G 261 -21.99 19.15 20.61
CA SER G 261 -20.76 18.84 19.90
C SER G 261 -20.81 19.44 18.49
N HIS G 262 -19.68 19.36 17.79
CA HIS G 262 -19.56 19.97 16.47
C HIS G 262 -20.41 19.24 15.44
N LEU G 263 -21.28 19.99 14.78
CA LEU G 263 -22.19 19.41 13.81
C LEU G 263 -21.47 19.13 12.49
N ARG G 264 -21.84 18.03 11.85
CA ARG G 264 -21.12 17.52 10.70
C ARG G 264 -22.08 17.32 9.53
N TRP G 265 -21.51 17.01 8.37
CA TRP G 265 -22.29 16.66 7.21
C TRP G 265 -22.84 15.25 7.34
N GLY G 266 -24.03 15.03 6.79
CA GLY G 266 -24.68 13.75 6.89
C GLY G 266 -25.11 13.44 8.31
N GLN G 267 -25.88 14.34 8.91
CA GLN G 267 -26.22 14.22 10.31
C GLN G 267 -27.69 14.57 10.54
N PRO G 268 -28.51 13.59 10.89
CA PRO G 268 -29.94 13.87 11.08
C PRO G 268 -30.20 14.60 12.40
N LEU G 269 -31.23 15.45 12.37
CA LEU G 269 -31.55 16.30 13.51
C LEU G 269 -32.98 16.80 13.39
N ARG G 270 -33.41 17.52 14.42
CA ARG G 270 -34.71 18.17 14.47
C ARG G 270 -34.53 19.69 14.52
N ILE G 271 -35.53 20.41 14.03
CA ILE G 271 -35.49 21.87 13.97
C ILE G 271 -36.71 22.42 14.71
N ARG G 272 -36.47 23.24 15.73
CA ARG G 272 -37.53 23.84 16.53
C ARG G 272 -37.59 25.33 16.26
N HIS G 273 -38.81 25.86 16.12
CA HIS G 273 -39.00 27.29 16.12
C HIS G 273 -38.92 27.81 17.55
N VAL G 274 -38.37 28.99 17.71
CA VAL G 274 -37.96 29.45 19.04
C VAL G 274 -39.15 30.01 19.81
N THR G 275 -39.74 31.08 19.30
CA THR G 275 -40.77 31.78 20.06
C THR G 275 -42.10 31.05 20.00
N THR G 276 -42.42 30.48 18.85
CA THR G 276 -43.66 29.71 18.73
C THR G 276 -43.52 28.38 19.46
N GLY G 277 -42.32 27.82 19.48
CA GLY G 277 -42.12 26.56 20.16
C GLY G 277 -42.63 25.37 19.42
N ARG G 278 -42.42 25.33 18.10
CA ARG G 278 -42.95 24.27 17.25
C ARG G 278 -41.83 23.74 16.36
N TYR G 279 -42.11 22.63 15.68
CA TYR G 279 -41.14 21.96 14.85
C TYR G 279 -41.56 22.04 13.39
N LEU G 280 -40.64 21.73 12.50
CA LEU G 280 -40.90 21.71 11.07
C LEU G 280 -40.97 20.26 10.60
N ALA G 281 -41.97 19.94 9.79
CA ALA G 281 -42.11 18.59 9.26
C ALA G 281 -42.95 18.59 7.99
N LEU G 282 -42.80 17.52 7.23
CA LEU G 282 -43.70 17.13 6.14
C LEU G 282 -44.31 15.80 6.58
N THR G 283 -45.52 15.84 7.12
CA THR G 283 -46.02 14.68 7.84
C THR G 283 -46.54 13.60 6.89
N GLU G 284 -47.67 13.85 6.23
CA GLU G 284 -48.06 12.96 5.14
C GLU G 284 -48.58 13.71 3.92
N ASP G 285 -49.43 14.72 4.15
CA ASP G 285 -50.11 15.39 3.05
C ASP G 285 -50.25 16.89 3.22
N GLN G 286 -50.00 17.44 4.41
CA GLN G 286 -50.31 18.83 4.68
C GLN G 286 -49.34 19.81 4.02
N GLY G 287 -48.25 19.33 3.46
CA GLY G 287 -47.25 20.23 2.91
C GLY G 287 -46.22 20.59 3.95
N LEU G 288 -45.45 21.62 3.63
CA LEU G 288 -44.38 22.08 4.51
C LEU G 288 -45.03 22.89 5.63
N VAL G 289 -45.45 22.19 6.68
CA VAL G 289 -46.18 22.79 7.78
C VAL G 289 -45.30 22.84 9.01
N VAL G 290 -45.75 23.60 10.01
CA VAL G 290 -44.98 23.83 11.22
C VAL G 290 -45.65 22.98 12.30
N VAL G 291 -45.10 21.77 12.51
CA VAL G 291 -45.76 20.80 13.37
C VAL G 291 -45.48 21.13 14.83
N ASP G 292 -46.36 20.66 15.72
CA ASP G 292 -46.25 20.95 17.14
C ASP G 292 -45.17 20.06 17.77
N ALA G 293 -45.05 20.14 19.09
CA ALA G 293 -44.07 19.38 19.85
C ALA G 293 -44.59 18.01 20.28
N CYS G 294 -45.66 17.52 19.65
CA CYS G 294 -46.21 16.22 19.98
C CYS G 294 -46.35 15.29 18.78
N LYS G 295 -46.12 15.77 17.57
CA LYS G 295 -46.24 14.97 16.35
C LYS G 295 -44.97 15.07 15.51
N ALA G 296 -43.83 14.91 16.17
CA ALA G 296 -42.51 15.04 15.55
C ALA G 296 -41.69 13.78 15.77
N HIS G 297 -42.31 12.64 15.46
CA HIS G 297 -41.78 11.34 15.87
C HIS G 297 -40.67 10.79 14.98
N THR G 298 -39.66 11.62 14.69
CA THR G 298 -38.34 11.28 14.11
C THR G 298 -38.43 10.79 12.65
N LYS G 299 -39.63 10.53 12.15
CA LYS G 299 -39.85 10.08 10.79
C LYS G 299 -40.25 11.23 9.89
N ALA G 300 -41.22 12.03 10.32
CA ALA G 300 -41.67 13.19 9.58
C ALA G 300 -40.76 14.38 9.77
N THR G 301 -40.03 14.46 10.89
CA THR G 301 -39.17 15.62 11.09
C THR G 301 -37.89 15.49 10.26
N SER G 302 -37.03 14.54 10.65
CA SER G 302 -35.98 13.90 9.83
C SER G 302 -35.18 14.85 8.95
N PHE G 303 -34.46 15.77 9.58
CA PHE G 303 -33.78 16.85 8.87
C PHE G 303 -32.27 16.70 8.91
N CYS G 304 -31.64 16.96 7.77
CA CYS G 304 -30.19 16.85 7.64
C CYS G 304 -29.72 17.80 6.56
N PHE G 305 -28.40 17.95 6.48
CA PHE G 305 -27.76 18.86 5.54
C PHE G 305 -26.84 18.08 4.61
N ARG G 306 -26.85 18.47 3.34
CA ARG G 306 -26.04 17.80 2.33
C ARG G 306 -25.18 18.81 1.60
N VAL G 307 -24.04 18.33 1.10
CA VAL G 307 -23.16 19.16 0.30
C VAL G 307 -23.75 19.38 -1.08
N SER G 308 -24.26 18.32 -1.70
CA SER G 308 -24.84 18.38 -3.02
C SER G 308 -25.98 17.37 -3.07
N LYS G 309 -26.41 17.01 -4.27
CA LYS G 309 -27.59 16.15 -4.43
C LYS G 309 -27.21 14.84 -5.13
N GLU G 310 -26.13 14.21 -4.68
CA GLU G 310 -25.60 13.00 -5.30
C GLU G 310 -26.36 11.74 -4.89
N LYS G 311 -25.74 10.58 -5.12
CA LYS G 311 -26.37 9.27 -5.01
C LYS G 311 -26.11 8.62 -3.65
N LEU G 312 -26.14 9.45 -2.59
CA LEU G 312 -25.66 9.15 -1.24
C LEU G 312 -26.18 7.83 -0.67
N ASP G 313 -25.31 7.15 0.09
CA ASP G 313 -25.64 5.89 0.73
C ASP G 313 -26.11 6.06 2.17
N THR G 314 -25.69 7.13 2.84
CA THR G 314 -26.13 7.54 4.18
C THR G 314 -25.86 6.45 5.22
N ALA G 315 -24.59 6.17 5.44
CA ALA G 315 -24.16 5.22 6.47
C ALA G 315 -23.00 5.80 7.27
N PRO G 316 -23.11 7.06 7.70
CA PRO G 316 -22.08 7.67 8.57
C PRO G 316 -22.42 7.64 10.06
N LYS G 317 -23.40 6.85 10.48
CA LYS G 317 -23.92 6.90 11.86
C LYS G 317 -22.92 6.26 12.81
N ARG G 318 -21.93 7.04 13.22
CA ARG G 318 -20.97 6.66 14.25
C ARG G 318 -20.77 7.87 15.15
N ASP G 319 -21.26 7.80 16.39
CA ASP G 319 -21.20 8.94 17.28
C ASP G 319 -19.79 9.19 17.79
N VAL G 320 -19.56 10.43 18.22
CA VAL G 320 -18.28 10.85 18.79
C VAL G 320 -18.50 11.21 20.24
N GLU G 321 -17.72 10.58 21.13
CA GLU G 321 -17.80 10.89 22.55
C GLU G 321 -16.85 12.01 22.96
N GLY G 322 -16.46 12.85 22.00
CA GLY G 322 -15.83 14.12 22.28
C GLY G 322 -16.61 15.19 21.56
N MET G 323 -15.97 16.32 21.28
CA MET G 323 -16.65 17.40 20.57
C MET G 323 -16.78 17.14 19.07
N GLY G 324 -16.00 16.22 18.52
CA GLY G 324 -16.08 15.92 17.11
C GLY G 324 -15.31 16.91 16.26
N PRO G 325 -15.13 16.59 14.98
CA PRO G 325 -14.40 17.49 14.09
C PRO G 325 -15.24 18.70 13.72
N PRO G 326 -14.73 19.91 13.97
CA PRO G 326 -15.47 21.11 13.58
C PRO G 326 -15.44 21.33 12.07
N GLU G 327 -16.60 21.15 11.42
CA GLU G 327 -16.68 21.19 9.98
C GLU G 327 -17.49 22.39 9.48
N ILE G 328 -18.74 22.49 9.91
CA ILE G 328 -19.68 23.45 9.32
C ILE G 328 -19.44 24.81 9.95
N LYS G 329 -19.22 25.81 9.10
CA LYS G 329 -18.90 27.16 9.54
C LYS G 329 -20.12 28.06 9.45
N TYR G 330 -19.91 29.36 9.68
CA TYR G 330 -20.98 30.35 9.65
C TYR G 330 -20.82 31.24 8.44
N GLY G 331 -21.90 31.37 7.67
CA GLY G 331 -21.95 32.28 6.53
C GLY G 331 -21.31 31.77 5.26
N GLU G 332 -20.43 30.77 5.33
CA GLU G 332 -19.73 30.26 4.17
C GLU G 332 -19.94 28.78 3.97
N SER G 333 -20.77 28.14 4.80
CA SER G 333 -21.00 26.70 4.66
C SER G 333 -21.81 26.39 3.42
N LEU G 334 -22.84 27.21 3.13
CA LEU G 334 -23.73 27.11 1.97
C LEU G 334 -24.39 25.73 1.90
N CYS G 335 -25.10 25.41 2.99
CA CYS G 335 -25.63 24.07 3.18
C CYS G 335 -26.85 23.85 2.28
N PHE G 336 -27.30 22.59 2.26
CA PHE G 336 -28.49 22.22 1.51
C PHE G 336 -29.28 21.21 2.34
N VAL G 337 -30.49 21.59 2.71
CA VAL G 337 -31.33 20.74 3.54
C VAL G 337 -31.87 19.60 2.69
N GLN G 338 -31.65 18.37 3.16
CA GLN G 338 -32.36 17.23 2.61
C GLN G 338 -33.07 16.51 3.74
N HIS G 339 -34.36 16.24 3.55
CA HIS G 339 -35.10 15.43 4.50
C HIS G 339 -34.58 14.01 4.47
N VAL G 340 -34.51 13.38 5.64
CA VAL G 340 -33.86 12.08 5.75
C VAL G 340 -34.72 10.98 5.16
N ALA G 341 -35.99 10.91 5.58
CA ALA G 341 -36.85 9.81 5.16
C ALA G 341 -37.30 9.97 3.72
N SER G 342 -37.90 11.10 3.38
CA SER G 342 -38.43 11.32 2.04
C SER G 342 -37.33 11.59 1.02
N GLY G 343 -36.15 12.03 1.44
CA GLY G 343 -35.10 12.34 0.51
C GLY G 343 -35.27 13.62 -0.26
N LEU G 344 -36.24 14.45 0.12
CA LEU G 344 -36.56 15.65 -0.63
C LEU G 344 -35.62 16.79 -0.25
N TRP G 345 -35.41 17.70 -1.20
CA TRP G 345 -34.60 18.89 -0.96
C TRP G 345 -35.49 20.12 -0.84
N LEU G 346 -35.01 21.08 -0.07
CA LEU G 346 -35.79 22.26 0.27
C LEU G 346 -35.51 23.36 -0.74
N THR G 347 -36.57 23.89 -1.34
CA THR G 347 -36.45 25.04 -2.22
C THR G 347 -37.79 25.78 -2.22
N TYR G 348 -37.79 26.96 -2.83
CA TYR G 348 -39.01 27.74 -2.95
C TYR G 348 -39.93 27.14 -4.01
N ALA G 349 -41.19 27.56 -3.97
CA ALA G 349 -42.16 27.22 -5.00
C ALA G 349 -42.42 28.39 -5.95
N ALA G 350 -42.69 29.57 -5.40
CA ALA G 350 -42.96 30.84 -6.06
C ALA G 350 -44.12 30.74 -7.07
N PRO G 351 -45.22 30.09 -6.71
CA PRO G 351 -46.42 30.17 -7.54
C PRO G 351 -47.11 31.51 -7.30
N ASP G 352 -46.96 32.42 -8.27
CA ASP G 352 -47.37 33.79 -8.02
C ASP G 352 -48.37 34.26 -9.07
N PRO G 353 -49.45 34.91 -8.66
CA PRO G 353 -50.36 35.52 -9.63
C PRO G 353 -49.86 36.89 -10.06
N LYS G 354 -50.65 37.61 -10.87
CA LYS G 354 -50.25 38.94 -11.29
C LYS G 354 -50.34 39.93 -10.13
N ALA G 355 -51.47 39.96 -9.44
CA ALA G 355 -51.63 40.87 -8.30
C ALA G 355 -50.85 40.38 -7.09
N LEU G 356 -50.62 39.07 -6.97
CA LEU G 356 -49.86 38.55 -5.85
C LEU G 356 -48.37 38.87 -6.00
N ARG G 357 -47.88 38.98 -7.24
CA ARG G 357 -46.50 39.38 -7.45
C ARG G 357 -46.29 40.84 -7.11
N LEU G 358 -47.25 41.70 -7.43
CA LEU G 358 -47.20 43.11 -7.09
C LEU G 358 -47.78 43.40 -5.71
N GLY G 359 -48.28 42.38 -5.00
CA GLY G 359 -48.85 42.58 -3.69
C GLY G 359 -47.93 42.15 -2.57
N VAL G 360 -48.21 40.98 -1.99
CA VAL G 360 -47.40 40.47 -0.89
C VAL G 360 -46.08 39.95 -1.44
N LEU G 361 -44.96 40.45 -0.92
CA LEU G 361 -43.64 40.00 -1.34
C LEU G 361 -43.25 38.79 -0.48
N LYS G 362 -43.96 37.70 -0.73
CA LYS G 362 -43.81 36.48 0.04
C LYS G 362 -43.67 35.29 -0.90
N LYS G 363 -42.78 34.37 -0.55
CA LYS G 363 -42.65 33.10 -1.24
C LYS G 363 -42.84 32.00 -0.22
N LYS G 364 -42.99 30.77 -0.71
CA LYS G 364 -43.15 29.61 0.17
C LYS G 364 -42.16 28.54 -0.23
N ALA G 365 -41.42 28.04 0.75
CA ALA G 365 -40.52 26.93 0.53
C ALA G 365 -41.31 25.63 0.42
N ILE G 366 -40.75 24.68 -0.35
CA ILE G 366 -41.31 23.35 -0.49
C ILE G 366 -40.20 22.33 -0.40
N LEU G 367 -40.56 21.09 -0.08
CA LEU G 367 -39.64 19.96 -0.16
C LEU G 367 -39.81 19.33 -1.53
N HIS G 368 -38.97 19.74 -2.46
CA HIS G 368 -39.10 19.34 -3.85
C HIS G 368 -38.08 18.26 -4.18
N GLN G 369 -38.43 17.42 -5.16
CA GLN G 369 -37.60 16.29 -5.55
C GLN G 369 -36.30 16.72 -6.19
N GLU G 370 -36.26 17.91 -6.78
CA GLU G 370 -35.10 18.38 -7.50
C GLU G 370 -34.50 19.63 -6.88
N GLY G 371 -35.31 20.66 -6.67
CA GLY G 371 -34.83 21.92 -6.16
C GLY G 371 -34.42 22.87 -7.25
N HIS G 372 -34.38 24.15 -6.90
CA HIS G 372 -33.86 25.17 -7.80
C HIS G 372 -32.35 25.23 -7.66
N MET G 373 -31.70 26.13 -8.40
CA MET G 373 -30.25 26.22 -8.40
C MET G 373 -29.73 27.32 -7.50
N ASP G 374 -30.59 27.93 -6.68
CA ASP G 374 -30.23 29.09 -5.88
C ASP G 374 -30.75 28.96 -4.45
N ASP G 375 -30.49 27.80 -3.83
CA ASP G 375 -30.83 27.66 -2.41
C ASP G 375 -29.82 28.42 -1.55
N ALA G 376 -28.55 27.99 -1.59
CA ALA G 376 -27.40 28.69 -1.01
C ALA G 376 -27.57 28.96 0.49
N LEU G 377 -27.98 27.94 1.23
CA LEU G 377 -28.42 28.12 2.61
C LEU G 377 -27.20 28.17 3.52
N PHE G 378 -26.59 29.35 3.61
CA PHE G 378 -25.55 29.61 4.58
C PHE G 378 -26.17 30.13 5.86
N LEU G 379 -25.51 29.87 6.98
CA LEU G 379 -26.09 30.08 8.29
C LEU G 379 -25.28 31.10 9.08
N THR G 380 -25.96 31.77 10.02
CA THR G 380 -25.32 32.76 10.87
C THR G 380 -26.01 32.76 12.23
N ARG G 381 -25.21 32.62 13.28
CA ARG G 381 -25.69 32.64 14.66
C ARG G 381 -25.52 34.03 15.25
N CYS G 382 -26.53 34.50 15.96
CA CYS G 382 -26.50 35.82 16.61
C CYS G 382 -26.32 35.59 18.11
N GLN G 383 -25.06 35.49 18.53
CA GLN G 383 -24.72 35.14 19.90
C GLN G 383 -24.90 36.36 20.80
N GLN G 384 -26.11 36.54 21.33
CA GLN G 384 -26.36 37.64 22.26
C GLN G 384 -27.59 37.30 23.11
N GLU G 385 -28.04 38.30 23.88
CA GLU G 385 -29.19 38.15 24.76
C GLU G 385 -30.49 38.03 23.98
N GLU G 386 -30.51 38.46 22.72
CA GLU G 386 -31.66 38.27 21.85
C GLU G 386 -31.99 36.79 21.68
N SER G 387 -30.98 35.92 21.68
CA SER G 387 -31.22 34.49 21.79
C SER G 387 -31.88 34.13 23.10
N GLN G 388 -31.41 34.72 24.20
CA GLN G 388 -31.99 34.42 25.51
C GLN G 388 -33.38 35.03 25.65
N ALA G 389 -33.58 36.23 25.10
CA ALA G 389 -34.84 36.94 25.24
C ALA G 389 -35.96 36.31 24.42
N ALA G 390 -35.63 35.62 23.33
CA ALA G 390 -36.66 35.00 22.51
C ALA G 390 -37.27 33.80 23.21
N ARG G 391 -36.46 33.05 23.94
CA ARG G 391 -36.95 31.93 24.72
C ARG G 391 -37.82 32.41 25.88
N MET G 392 -37.55 33.61 26.38
CA MET G 392 -38.39 34.22 27.41
C MET G 392 -39.80 34.48 26.89
N ILE G 393 -39.92 34.80 25.61
CA ILE G 393 -41.22 35.14 25.03
C ILE G 393 -42.10 33.91 24.94
N HIS G 394 -41.51 32.76 24.62
CA HIS G 394 -42.28 31.51 24.59
C HIS G 394 -42.76 31.11 25.97
N SER G 395 -41.98 31.42 27.00
CA SER G 395 -42.41 31.21 28.37
C SER G 395 -43.28 32.35 28.88
N THR G 396 -43.32 33.47 28.17
CA THR G 396 -44.10 34.62 28.63
C THR G 396 -45.59 34.38 28.46
N ALA G 397 -46.04 34.20 27.21
CA ALA G 397 -47.44 33.98 26.96
C ALA G 397 -47.89 32.56 27.29
N GLY G 398 -46.94 31.63 27.43
CA GLY G 398 -47.30 30.27 27.81
C GLY G 398 -47.87 30.19 29.21
N LEU G 399 -47.41 31.04 30.11
CA LEU G 399 -48.06 31.20 31.41
C LEU G 399 -49.36 31.97 31.29
N TYR G 400 -49.48 32.82 30.28
CA TYR G 400 -50.59 33.77 30.26
C TYR G 400 -51.82 33.15 29.63
N ASN G 401 -51.67 32.49 28.48
CA ASN G 401 -52.82 31.99 27.74
C ASN G 401 -53.51 30.84 28.45
N GLN G 402 -52.75 30.08 29.25
CA GLN G 402 -53.37 29.08 30.12
C GLN G 402 -54.06 29.70 31.32
N PHE G 403 -53.78 30.97 31.62
CA PHE G 403 -54.43 31.69 32.69
C PHE G 403 -55.58 32.56 32.20
N ILE G 404 -55.52 33.01 30.94
CA ILE G 404 -56.62 33.77 30.34
C ILE G 404 -57.87 32.91 30.25
N LYS G 405 -57.70 31.62 29.93
CA LYS G 405 -58.84 30.72 29.83
C LYS G 405 -59.50 30.47 31.18
N GLY G 406 -58.76 30.62 32.27
CA GLY G 406 -59.34 30.39 33.58
C GLY G 406 -60.28 31.50 34.02
N LEU G 407 -60.09 32.71 33.51
CA LEU G 407 -60.99 33.81 33.86
C LEU G 407 -62.35 33.63 33.21
N ASP G 408 -62.41 33.00 32.04
CA ASP G 408 -63.68 32.74 31.38
C ASP G 408 -64.43 31.59 32.00
N SER G 409 -63.81 30.83 32.91
CA SER G 409 -64.52 29.78 33.63
C SER G 409 -65.49 30.35 34.65
N PHE G 410 -65.33 31.62 35.03
CA PHE G 410 -66.23 32.26 35.98
C PHE G 410 -66.61 33.67 35.52
N SER G 411 -66.36 34.00 34.26
CA SER G 411 -66.63 35.36 33.76
C SER G 411 -68.12 35.62 33.69
N GLY G 412 -68.84 34.81 32.91
CA GLY G 412 -70.28 34.92 32.84
C GLY G 412 -71.02 34.07 33.84
N LYS G 413 -70.32 33.48 34.81
CA LYS G 413 -70.93 32.57 35.76
C LYS G 413 -70.88 33.17 37.17
N PRO G 414 -72.00 33.21 37.88
CA PRO G 414 -71.96 33.59 39.29
C PRO G 414 -71.31 32.50 40.13
N ARG G 415 -71.00 32.87 41.37
CA ARG G 415 -70.33 31.98 42.31
C ARG G 415 -71.39 31.33 43.18
N GLY G 416 -71.64 30.04 42.96
CA GLY G 416 -72.50 29.31 43.86
C GLY G 416 -71.84 29.06 45.20
N SER G 417 -72.66 28.90 46.23
CA SER G 417 -72.17 28.68 47.58
C SER G 417 -71.53 27.30 47.68
N GLY G 418 -70.22 27.27 47.88
CA GLY G 418 -69.48 26.03 47.91
C GLY G 418 -68.27 26.08 46.98
N PRO G 419 -68.29 25.27 45.94
CA PRO G 419 -67.24 25.33 44.92
C PRO G 419 -67.34 26.63 44.13
N PRO G 420 -66.27 27.44 44.12
CA PRO G 420 -66.36 28.73 43.42
C PRO G 420 -66.28 28.61 41.91
N ALA G 421 -65.46 27.69 41.39
CA ALA G 421 -65.23 27.57 39.96
C ALA G 421 -64.76 26.15 39.67
N GLY G 422 -64.19 25.94 38.49
CA GLY G 422 -63.70 24.66 38.07
C GLY G 422 -62.22 24.50 38.34
N PRO G 423 -61.40 24.60 37.28
CA PRO G 423 -59.96 24.50 37.47
C PRO G 423 -59.39 25.72 38.19
N ALA G 424 -58.26 25.51 38.86
CA ALA G 424 -57.64 26.55 39.66
C ALA G 424 -56.92 27.57 38.79
N LEU G 425 -56.47 28.64 39.43
CA LEU G 425 -55.80 29.74 38.74
C LEU G 425 -54.36 29.85 39.18
N PRO G 426 -53.41 29.84 38.25
CA PRO G 426 -52.02 30.19 38.61
C PRO G 426 -51.91 31.67 38.96
N ILE G 427 -51.52 31.95 40.19
CA ILE G 427 -51.54 33.31 40.70
C ILE G 427 -50.14 33.77 41.08
N GLU G 428 -49.51 33.04 42.02
CA GLU G 428 -48.27 33.51 42.64
C GLU G 428 -47.11 33.49 41.66
N ALA G 429 -47.02 32.46 40.81
CA ALA G 429 -45.97 32.41 39.81
C ALA G 429 -46.15 33.48 38.75
N VAL G 430 -47.39 33.87 38.47
CA VAL G 430 -47.65 35.00 37.58
C VAL G 430 -47.16 36.29 38.22
N ILE G 431 -47.40 36.45 39.53
CA ILE G 431 -46.90 37.59 40.29
C ILE G 431 -45.37 37.58 40.29
N LEU G 432 -44.77 36.40 40.41
CA LEU G 432 -43.33 36.28 40.25
C LEU G 432 -42.89 36.64 38.84
N SER G 433 -43.70 36.27 37.84
CA SER G 433 -43.31 36.47 36.45
C SER G 433 -43.37 37.94 36.07
N LEU G 434 -44.39 38.66 36.55
CA LEU G 434 -44.52 40.07 36.24
C LEU G 434 -43.41 40.89 36.89
N GLN G 435 -43.04 40.54 38.12
CA GLN G 435 -41.97 41.25 38.81
C GLN G 435 -40.61 40.99 38.20
N ASP G 436 -40.45 39.87 37.48
CA ASP G 436 -39.20 39.62 36.77
C ASP G 436 -39.01 40.60 35.62
N LEU G 437 -40.09 40.93 34.92
CA LEU G 437 -39.99 41.81 33.77
C LEU G 437 -39.87 43.28 34.14
N ILE G 438 -40.18 43.63 35.39
CA ILE G 438 -40.08 45.01 35.82
C ILE G 438 -38.63 45.45 35.87
N GLY G 439 -37.80 44.72 36.61
CA GLY G 439 -36.37 44.99 36.61
C GLY G 439 -35.69 44.63 35.31
N TYR G 440 -36.31 43.76 34.51
CA TYR G 440 -35.75 43.41 33.22
C TYR G 440 -35.83 44.58 32.24
N PHE G 441 -36.92 45.34 32.30
CA PHE G 441 -37.07 46.54 31.51
C PHE G 441 -36.82 47.80 32.34
N GLU G 442 -35.95 47.70 33.33
CA GLU G 442 -35.63 48.86 34.14
C GLU G 442 -34.71 49.79 33.37
N PRO G 443 -34.98 51.10 33.34
CA PRO G 443 -34.08 52.05 32.71
C PRO G 443 -32.77 52.15 33.48
N PRO G 444 -31.68 52.56 32.81
CA PRO G 444 -30.40 52.67 33.52
C PRO G 444 -30.37 53.85 34.48
N SER G 445 -29.30 53.89 35.27
CA SER G 445 -29.18 54.88 36.33
C SER G 445 -28.89 56.26 35.78
N GLU G 446 -29.33 57.28 36.52
CA GLU G 446 -28.96 58.66 36.20
C GLU G 446 -27.53 58.95 36.61
N GLU G 447 -27.02 58.24 37.62
CA GLU G 447 -25.63 58.35 38.03
C GLU G 447 -24.70 57.49 37.20
N LEU G 448 -25.22 56.79 36.20
CA LEU G 448 -24.39 55.97 35.33
C LEU G 448 -23.57 56.88 34.41
N GLN G 449 -22.41 56.35 33.98
CA GLN G 449 -21.58 57.01 32.99
C GLN G 449 -22.34 57.17 31.67
N HIS G 450 -22.15 58.33 31.03
CA HIS G 450 -22.84 58.65 29.79
C HIS G 450 -22.44 57.71 28.66
N GLU G 451 -21.20 57.22 28.69
CA GLU G 451 -20.78 56.19 27.74
C GLU G 451 -21.56 54.90 27.96
N GLU G 452 -21.65 54.46 29.22
CA GLU G 452 -22.38 53.25 29.54
C GLU G 452 -23.88 53.44 29.38
N LYS G 453 -24.35 54.68 29.52
CA LYS G 453 -25.77 54.97 29.44
C LYS G 453 -26.32 54.75 28.04
N GLN G 454 -25.60 55.23 27.02
CA GLN G 454 -26.08 55.11 25.65
C GLN G 454 -26.06 53.67 25.16
N SER G 455 -25.17 52.85 25.74
CA SER G 455 -25.16 51.43 25.40
C SER G 455 -26.40 50.72 25.91
N LYS G 456 -26.85 51.09 27.12
CA LYS G 456 -28.05 50.47 27.68
C LYS G 456 -29.31 50.93 26.97
N LEU G 457 -29.30 52.14 26.42
CA LEU G 457 -30.46 52.65 25.70
C LEU G 457 -30.70 51.87 24.41
N ARG G 458 -29.61 51.53 23.70
CA ARG G 458 -29.73 50.61 22.58
C ARG G 458 -30.09 49.22 23.06
N SER G 459 -29.55 48.82 24.22
CA SER G 459 -29.80 47.49 24.76
C SER G 459 -31.22 47.31 25.25
N LEU G 460 -31.92 48.40 25.56
CA LEU G 460 -33.28 48.34 26.07
C LEU G 460 -34.33 48.51 24.99
N ARG G 461 -34.12 49.46 24.07
CA ARG G 461 -35.08 49.66 22.99
C ARG G 461 -35.06 48.51 22.00
N ASN G 462 -33.93 47.82 21.88
CA ASN G 462 -33.91 46.56 21.15
C ASN G 462 -34.78 45.54 21.86
N ARG G 463 -34.71 45.48 23.20
CA ARG G 463 -35.59 44.61 23.96
C ARG G 463 -37.02 45.11 23.94
N GLN G 464 -37.23 46.42 23.81
CA GLN G 464 -38.57 46.92 23.61
C GLN G 464 -39.09 46.60 22.21
N SER G 465 -38.18 46.51 21.23
CA SER G 465 -38.61 46.27 19.86
C SER G 465 -39.11 44.85 19.65
N LEU G 466 -38.51 43.87 20.33
CA LEU G 466 -38.85 42.48 20.11
C LEU G 466 -40.21 42.10 20.67
N PHE G 467 -40.74 42.88 21.60
CA PHE G 467 -42.08 42.65 22.12
C PHE G 467 -43.13 43.43 21.34
N GLN G 468 -42.80 43.85 20.12
CA GLN G 468 -43.79 44.17 19.11
C GLN G 468 -43.89 43.11 18.04
N GLU G 469 -42.85 42.30 17.86
CA GLU G 469 -42.82 41.33 16.77
C GLU G 469 -43.70 40.11 17.08
N GLU G 470 -43.76 39.70 18.34
CA GLU G 470 -44.68 38.67 18.77
C GLU G 470 -46.00 39.26 19.26
N GLY G 471 -46.26 40.52 18.93
CA GLY G 471 -47.44 41.23 19.37
C GLY G 471 -47.23 41.72 20.79
N MET G 472 -47.43 40.83 21.75
CA MET G 472 -47.02 40.97 23.16
C MET G 472 -47.62 42.17 23.89
N LEU G 473 -48.55 42.89 23.27
CA LEU G 473 -49.09 44.12 23.83
C LEU G 473 -50.59 44.02 24.05
N SER G 474 -51.35 43.64 23.02
CA SER G 474 -52.75 43.34 23.21
C SER G 474 -52.94 42.10 24.07
N LEU G 475 -51.97 41.18 24.03
CA LEU G 475 -51.98 40.03 24.93
C LEU G 475 -51.87 40.49 26.38
N VAL G 476 -51.12 41.55 26.63
CA VAL G 476 -51.18 42.20 27.93
C VAL G 476 -52.52 42.89 28.10
N LEU G 477 -53.02 43.54 27.04
CA LEU G 477 -54.29 44.26 27.13
C LEU G 477 -55.48 43.33 27.27
N ASN G 478 -55.43 42.15 26.64
CA ASN G 478 -56.55 41.20 26.81
C ASN G 478 -56.58 40.62 28.21
N CYS G 479 -55.42 40.55 28.88
CA CYS G 479 -55.43 40.29 30.32
C CYS G 479 -56.05 41.46 31.07
N ILE G 480 -55.77 42.68 30.62
CA ILE G 480 -56.40 43.86 31.22
C ILE G 480 -57.87 43.92 30.85
N ASP G 481 -58.21 43.47 29.63
CA ASP G 481 -59.61 43.45 29.18
C ASP G 481 -60.47 42.54 30.06
N ARG G 482 -59.97 41.34 30.37
CA ARG G 482 -60.70 40.44 31.24
C ARG G 482 -60.52 40.77 32.71
N LEU G 483 -59.67 41.74 33.04
CA LEU G 483 -59.59 42.30 34.38
C LEU G 483 -60.13 43.72 34.45
N ASN G 484 -60.86 44.16 33.43
CA ASN G 484 -61.28 45.55 33.40
C ASN G 484 -62.60 45.77 34.13
N VAL G 485 -63.59 44.93 33.86
CA VAL G 485 -64.95 45.21 34.33
C VAL G 485 -65.03 44.63 35.74
N TYR G 486 -64.52 45.41 36.69
CA TYR G 486 -64.45 45.02 38.10
C TYR G 486 -64.54 46.31 38.90
N THR G 487 -65.72 46.56 39.49
CA THR G 487 -65.96 47.83 40.17
C THR G 487 -65.24 47.86 41.51
N THR G 488 -65.62 46.98 42.43
CA THR G 488 -64.92 46.85 43.69
C THR G 488 -63.99 45.66 43.72
N ALA G 489 -64.45 44.51 43.19
CA ALA G 489 -63.67 43.28 43.06
C ALA G 489 -63.10 42.80 44.39
N ALA G 490 -63.91 42.92 45.44
CA ALA G 490 -63.63 42.30 46.72
C ALA G 490 -64.55 41.12 46.94
N HIS G 491 -65.86 41.33 46.86
CA HIS G 491 -66.80 40.24 46.64
C HIS G 491 -67.10 40.08 45.15
N PHE G 492 -66.85 41.10 44.35
CA PHE G 492 -67.05 41.02 42.91
C PHE G 492 -65.90 40.31 42.22
N ALA G 493 -64.80 40.07 42.91
CA ALA G 493 -63.79 39.13 42.44
C ALA G 493 -63.86 37.81 43.20
N GLU G 494 -64.90 37.64 44.02
CA GLU G 494 -65.16 36.35 44.65
C GLU G 494 -66.11 35.51 43.81
N TYR G 495 -65.81 35.42 42.51
CA TYR G 495 -66.41 34.43 41.64
C TYR G 495 -65.43 33.31 41.32
N ALA G 496 -64.14 33.60 41.39
CA ALA G 496 -63.13 32.58 41.64
C ALA G 496 -63.05 32.22 43.11
N GLY G 497 -63.73 32.96 43.97
CA GLY G 497 -63.83 32.63 45.38
C GLY G 497 -62.87 33.43 46.23
N GLU G 498 -62.67 32.91 47.45
CA GLU G 498 -61.73 33.53 48.38
C GLU G 498 -60.30 33.30 47.92
N GLU G 499 -59.40 34.14 48.45
CA GLU G 499 -57.95 34.18 48.23
C GLU G 499 -57.56 34.62 46.82
N ALA G 500 -58.51 34.82 45.92
CA ALA G 500 -58.24 35.38 44.60
C ALA G 500 -58.51 36.88 44.55
N ALA G 501 -59.54 37.34 45.26
CA ALA G 501 -59.77 38.77 45.40
C ALA G 501 -58.73 39.42 46.29
N GLU G 502 -58.08 38.65 47.16
CA GLU G 502 -57.04 39.19 48.03
C GLU G 502 -55.81 39.60 47.22
N SER G 503 -55.46 38.79 46.23
CA SER G 503 -54.32 39.07 45.37
C SER G 503 -54.72 39.85 44.12
N TRP G 504 -55.98 40.28 44.03
CA TRP G 504 -56.48 40.90 42.80
C TRP G 504 -55.85 42.27 42.56
N LYS G 505 -55.99 43.18 43.54
CA LYS G 505 -55.52 44.55 43.39
C LYS G 505 -54.02 44.62 43.24
N GLU G 506 -53.29 43.69 43.88
CA GLU G 506 -51.84 43.63 43.78
C GLU G 506 -51.39 43.37 42.34
N ILE G 507 -52.13 42.53 41.62
CA ILE G 507 -51.83 42.27 40.22
C ILE G 507 -52.07 43.51 39.37
N VAL G 508 -53.16 44.23 39.67
CA VAL G 508 -53.57 45.41 38.90
C VAL G 508 -52.53 46.52 39.03
N ASN G 509 -51.87 46.62 40.18
CA ASN G 509 -50.72 47.51 40.31
C ASN G 509 -49.59 47.08 39.39
N LEU G 510 -49.35 45.78 39.28
CA LEU G 510 -48.25 45.27 38.49
C LEU G 510 -48.52 45.33 36.98
N LEU G 511 -49.77 45.45 36.58
CA LEU G 511 -50.11 45.45 35.16
C LEU G 511 -49.61 46.71 34.48
N TYR G 512 -50.08 47.86 34.94
CA TYR G 512 -49.71 49.13 34.32
C TYR G 512 -48.26 49.49 34.62
N GLU G 513 -47.72 48.98 35.72
CA GLU G 513 -46.31 49.15 36.01
C GLU G 513 -45.45 48.43 34.97
N LEU G 514 -45.82 47.20 34.63
CA LEU G 514 -45.12 46.50 33.57
C LEU G 514 -45.45 47.09 32.21
N LEU G 515 -46.63 47.69 32.07
CA LEU G 515 -47.02 48.26 30.79
C LEU G 515 -46.20 49.50 30.46
N ALA G 516 -46.02 50.38 31.46
CA ALA G 516 -45.29 51.63 31.25
C ALA G 516 -43.80 51.40 31.00
N SER G 517 -43.26 50.27 31.44
CA SER G 517 -41.85 49.96 31.22
C SER G 517 -41.55 49.69 29.76
N LEU G 518 -42.54 49.27 28.98
CA LEU G 518 -42.36 48.96 27.57
C LEU G 518 -42.52 50.17 26.67
N ILE G 519 -42.66 51.36 27.24
CA ILE G 519 -43.10 52.54 26.51
C ILE G 519 -42.02 53.61 26.48
N ARG G 520 -41.43 53.92 27.63
CA ARG G 520 -40.55 55.07 27.75
C ARG G 520 -39.24 54.86 27.00
N GLY G 521 -38.75 55.92 26.37
CA GLY G 521 -37.57 55.89 25.56
C GLY G 521 -37.86 55.69 24.09
N ASN G 522 -38.96 55.02 23.75
CA ASN G 522 -39.30 54.72 22.37
C ASN G 522 -40.45 55.59 21.89
N ARG G 523 -40.43 55.90 20.60
CA ARG G 523 -41.57 56.49 19.90
C ARG G 523 -42.41 55.44 19.20
N ALA G 524 -41.81 54.32 18.79
CA ALA G 524 -42.54 53.33 18.00
C ALA G 524 -43.57 52.59 18.84
N ASN G 525 -43.39 52.54 20.15
CA ASN G 525 -44.44 51.98 21.01
C ASN G 525 -45.63 52.93 21.10
N CYS G 526 -45.36 54.24 21.10
CA CYS G 526 -46.39 55.21 21.45
C CYS G 526 -47.40 55.42 20.32
N ALA G 527 -46.98 55.24 19.06
CA ALA G 527 -47.87 55.40 17.93
C ALA G 527 -48.90 54.29 17.82
N LEU G 528 -48.64 53.15 18.46
CA LEU G 528 -49.54 52.01 18.42
C LEU G 528 -50.76 52.16 19.30
N PHE G 529 -50.82 53.21 20.11
CA PHE G 529 -51.94 53.42 21.01
C PHE G 529 -52.92 54.47 20.51
N SER G 530 -52.78 54.87 19.25
CA SER G 530 -53.69 55.86 18.68
C SER G 530 -55.09 55.28 18.49
N THR G 531 -55.20 53.98 18.26
CA THR G 531 -56.51 53.36 18.15
C THR G 531 -57.14 53.14 19.52
N ASN G 532 -56.35 52.70 20.50
CA ASN G 532 -56.85 52.41 21.83
C ASN G 532 -56.66 53.57 22.80
N LEU G 533 -56.52 54.80 22.27
CA LEU G 533 -56.39 55.97 23.13
C LEU G 533 -57.67 56.23 23.91
N ASP G 534 -58.82 56.17 23.23
CA ASP G 534 -60.10 56.40 23.89
C ASP G 534 -60.47 55.27 24.83
N TRP G 535 -59.86 54.09 24.68
CA TRP G 535 -60.16 53.00 25.59
C TRP G 535 -59.54 53.23 26.96
N VAL G 536 -58.31 53.73 27.00
CA VAL G 536 -57.52 53.69 28.23
C VAL G 536 -58.04 54.69 29.26
N VAL G 537 -57.98 55.99 28.92
CA VAL G 537 -58.23 57.02 29.90
C VAL G 537 -59.71 57.16 30.25
N SER G 538 -60.60 56.68 29.39
CA SER G 538 -62.03 56.76 29.67
C SER G 538 -62.47 55.78 30.74
N LYS G 539 -61.66 54.75 31.03
CA LYS G 539 -62.00 53.86 32.12
C LYS G 539 -61.82 54.55 33.47
N LEU G 540 -60.58 54.97 33.76
CA LEU G 540 -60.21 55.79 34.92
C LEU G 540 -60.63 55.10 36.22
N ASP G 541 -59.95 53.99 36.49
CA ASP G 541 -60.39 53.00 37.49
C ASP G 541 -60.42 53.47 38.93
N ARG G 542 -60.02 54.72 39.20
CA ARG G 542 -60.34 55.56 40.37
C ARG G 542 -60.00 54.93 41.73
N LEU G 543 -59.33 53.79 41.75
CA LEU G 543 -58.80 53.18 42.96
C LEU G 543 -57.37 52.69 42.79
N GLU G 544 -56.95 52.44 41.54
CA GLU G 544 -55.58 52.14 41.20
C GLU G 544 -55.03 53.14 40.20
N ALA G 545 -55.90 53.91 39.53
CA ALA G 545 -55.53 54.73 38.39
C ALA G 545 -54.57 55.86 38.74
N SER G 546 -54.56 56.33 39.99
CA SER G 546 -53.59 57.33 40.40
C SER G 546 -52.19 56.76 40.49
N SER G 547 -52.05 55.45 40.68
CA SER G 547 -50.73 54.84 40.82
C SER G 547 -50.04 54.73 39.47
N GLY G 548 -50.61 53.95 38.55
CA GLY G 548 -49.88 53.64 37.33
C GLY G 548 -50.55 54.09 36.05
N ILE G 549 -51.89 54.17 36.05
CA ILE G 549 -52.60 54.58 34.85
C ILE G 549 -52.34 56.05 34.56
N LEU G 550 -52.31 56.88 35.61
CA LEU G 550 -51.92 58.27 35.47
C LEU G 550 -50.49 58.40 34.98
N GLU G 551 -49.61 57.48 35.37
CA GLU G 551 -48.23 57.53 34.94
C GLU G 551 -48.10 57.13 33.47
N VAL G 552 -48.78 56.06 33.07
CA VAL G 552 -48.55 55.48 31.75
C VAL G 552 -49.15 56.37 30.66
N LEU G 553 -50.17 57.16 31.00
CA LEU G 553 -50.69 58.11 30.01
C LEU G 553 -49.73 59.27 29.81
N TYR G 554 -48.93 59.59 30.84
CA TYR G 554 -47.87 60.58 30.66
C TYR G 554 -46.74 60.02 29.81
N CYS G 555 -46.56 58.70 29.82
CA CYS G 555 -45.46 58.08 29.09
C CYS G 555 -45.65 58.20 27.58
N VAL G 556 -46.90 58.11 27.12
CA VAL G 556 -47.14 58.14 25.68
C VAL G 556 -47.24 59.56 25.15
N LEU G 557 -47.50 60.54 26.02
CA LEU G 557 -47.66 61.92 25.56
C LEU G 557 -46.36 62.67 25.45
N ILE G 558 -45.22 62.01 25.65
CA ILE G 558 -43.93 62.67 25.55
C ILE G 558 -43.24 62.38 24.23
N GLU G 559 -43.66 61.34 23.50
CA GLU G 559 -42.94 60.88 22.32
C GLU G 559 -43.73 61.12 21.03
N SER G 560 -44.94 60.60 20.93
CA SER G 560 -45.67 60.63 19.66
C SER G 560 -46.61 61.82 19.62
N PRO G 561 -46.44 62.75 18.68
CA PRO G 561 -47.38 63.85 18.55
C PRO G 561 -48.70 63.47 17.88
N GLU G 562 -48.76 62.27 17.30
CA GLU G 562 -49.98 61.84 16.63
C GLU G 562 -51.09 61.54 17.61
N VAL G 563 -50.73 61.11 18.82
CA VAL G 563 -51.69 60.97 19.90
C VAL G 563 -52.18 62.34 20.34
N LEU G 564 -51.31 63.36 20.29
CA LEU G 564 -51.72 64.73 20.57
C LEU G 564 -52.60 65.29 19.46
N ASN G 565 -52.61 64.67 18.28
CA ASN G 565 -53.38 65.14 17.15
C ASN G 565 -54.82 64.62 17.17
N ILE G 566 -55.12 63.64 18.01
CA ILE G 566 -56.40 62.92 17.91
C ILE G 566 -57.21 63.07 19.19
N ILE G 567 -57.09 64.22 19.84
CA ILE G 567 -57.89 64.47 21.04
C ILE G 567 -59.36 64.65 20.67
N GLN G 568 -60.21 64.53 21.68
CA GLN G 568 -61.65 64.51 21.47
C GLN G 568 -62.38 65.44 22.44
N GLU G 569 -61.64 66.01 23.41
CA GLU G 569 -62.01 67.00 24.43
C GLU G 569 -62.87 66.38 25.54
N ASN G 570 -63.35 65.16 25.35
CA ASN G 570 -63.95 64.44 26.45
C ASN G 570 -62.91 63.83 27.37
N HIS G 571 -61.71 63.61 26.83
CA HIS G 571 -60.61 63.06 27.62
C HIS G 571 -60.13 64.07 28.64
N ILE G 572 -59.87 65.30 28.22
CA ILE G 572 -59.35 66.32 29.11
C ILE G 572 -60.40 66.78 30.11
N LYS G 573 -61.69 66.68 29.77
CA LYS G 573 -62.72 66.89 30.77
C LYS G 573 -62.68 65.82 31.85
N SER G 574 -62.35 64.59 31.48
CA SER G 574 -62.10 63.58 32.50
C SER G 574 -60.81 63.83 33.26
N ILE G 575 -59.85 64.53 32.64
CA ILE G 575 -58.60 64.84 33.31
C ILE G 575 -58.81 65.91 34.38
N ILE G 576 -59.60 66.94 34.08
CA ILE G 576 -59.90 67.98 35.05
C ILE G 576 -60.72 67.42 36.19
N SER G 577 -61.65 66.50 35.89
CA SER G 577 -62.37 65.81 36.96
C SER G 577 -61.45 64.88 37.74
N LEU G 578 -60.44 64.30 37.08
CA LEU G 578 -59.43 63.54 37.80
C LEU G 578 -58.62 64.43 38.72
N LEU G 579 -58.36 65.66 38.30
CA LEU G 579 -57.78 66.64 39.20
C LEU G 579 -58.75 67.02 40.30
N ASP G 580 -60.05 66.99 40.01
CA ASP G 580 -61.04 67.32 41.03
C ASP G 580 -61.20 66.18 42.04
N LYS G 581 -61.31 64.95 41.55
CA LYS G 581 -61.69 63.82 42.40
C LYS G 581 -60.55 63.31 43.27
N HIS G 582 -59.32 63.77 43.06
CA HIS G 582 -58.19 63.17 43.76
C HIS G 582 -57.22 64.18 44.36
N GLY G 583 -57.28 65.44 44.00
CA GLY G 583 -56.49 66.45 44.67
C GLY G 583 -55.45 67.09 43.76
N ARG G 584 -54.52 67.78 44.40
CA ARG G 584 -53.50 68.56 43.71
C ARG G 584 -52.25 67.70 43.53
N ASN G 585 -51.90 67.43 42.28
CA ASN G 585 -50.76 66.59 41.94
C ASN G 585 -49.87 67.32 40.96
N HIS G 586 -48.57 67.01 41.04
CA HIS G 586 -47.64 67.48 40.03
C HIS G 586 -47.87 66.77 38.71
N LYS G 587 -48.25 65.49 38.78
CA LYS G 587 -48.34 64.66 37.59
C LYS G 587 -49.51 65.05 36.70
N VAL G 588 -50.63 65.44 37.30
CA VAL G 588 -51.78 65.84 36.50
C VAL G 588 -51.53 67.18 35.82
N LEU G 589 -50.62 67.99 36.34
CA LEU G 589 -50.20 69.21 35.66
C LEU G 589 -49.06 68.97 34.70
N ASP G 590 -48.21 67.98 34.98
CA ASP G 590 -47.12 67.65 34.08
C ASP G 590 -47.64 67.04 32.78
N VAL G 591 -48.78 66.35 32.85
CA VAL G 591 -49.44 65.90 31.62
C VAL G 591 -49.94 67.11 30.83
N LEU G 592 -50.58 68.05 31.52
CA LEU G 592 -51.09 69.25 30.86
C LEU G 592 -49.97 70.16 30.39
N CYS G 593 -48.84 70.16 31.09
CA CYS G 593 -47.68 70.91 30.62
C CYS G 593 -47.11 70.29 29.36
N SER G 594 -47.10 68.96 29.28
CA SER G 594 -46.66 68.27 28.07
C SER G 594 -47.76 68.14 27.04
N LEU G 595 -49.00 68.52 27.37
CA LEU G 595 -50.11 68.35 26.44
C LEU G 595 -50.05 69.37 25.31
N CYS G 596 -49.59 70.58 25.59
CA CYS G 596 -49.63 71.63 24.59
C CYS G 596 -48.56 71.42 23.53
N VAL G 597 -47.30 71.46 23.93
CA VAL G 597 -46.18 71.28 23.01
C VAL G 597 -45.69 69.84 23.09
N CYS G 598 -45.46 69.25 21.93
CA CYS G 598 -44.83 67.93 21.84
C CYS G 598 -43.33 68.06 21.62
N ASN G 599 -42.92 68.64 20.50
CA ASN G 599 -41.52 68.86 20.14
C ASN G 599 -41.48 70.13 19.30
N GLY G 600 -41.31 71.26 19.97
CA GLY G 600 -41.34 72.54 19.27
C GLY G 600 -42.73 72.97 18.87
N VAL G 601 -43.38 72.26 17.95
CA VAL G 601 -44.71 72.63 17.51
C VAL G 601 -45.73 72.31 18.59
N ALA G 602 -46.87 73.00 18.53
CA ALA G 602 -47.94 72.83 19.51
C ALA G 602 -49.27 73.09 18.83
N VAL G 603 -50.22 72.16 19.03
CA VAL G 603 -51.52 72.27 18.39
C VAL G 603 -52.33 73.39 19.03
N ARG G 604 -53.07 74.13 18.20
CA ARG G 604 -53.91 75.22 18.68
C ARG G 604 -55.17 74.74 19.38
N SER G 605 -55.49 73.45 19.29
CA SER G 605 -56.73 72.94 19.84
C SER G 605 -56.73 72.98 21.36
N ASN G 606 -55.79 72.26 21.97
CA ASN G 606 -55.73 72.15 23.42
C ASN G 606 -55.35 73.45 24.11
N GLN G 607 -54.75 74.39 23.37
CA GLN G 607 -54.39 75.69 23.95
C GLN G 607 -55.63 76.47 24.37
N ASP G 608 -56.74 76.30 23.65
CA ASP G 608 -57.98 76.97 24.01
C ASP G 608 -58.89 76.09 24.85
N LEU G 609 -58.83 74.78 24.67
CA LEU G 609 -59.70 73.88 25.42
C LEU G 609 -59.32 73.85 26.89
N ILE G 610 -58.02 73.89 27.18
CA ILE G 610 -57.58 74.05 28.55
C ILE G 610 -57.89 75.46 29.04
N THR G 611 -57.78 76.44 28.14
CA THR G 611 -58.13 77.82 28.49
C THR G 611 -59.62 77.95 28.78
N GLU G 612 -60.44 77.27 27.99
CA GLU G 612 -61.88 77.20 28.27
C GLU G 612 -62.13 76.47 29.59
N ASN G 613 -61.43 75.37 29.81
CA ASN G 613 -61.58 74.64 31.06
C ASN G 613 -60.71 75.18 32.18
N LEU G 614 -59.88 76.17 31.90
CA LEU G 614 -59.43 77.06 32.97
C LEU G 614 -60.64 77.88 33.35
N LEU G 615 -61.29 77.50 34.43
CA LEU G 615 -62.53 78.13 34.83
C LEU G 615 -62.27 79.56 35.28
N PRO G 616 -62.96 80.55 34.72
CA PRO G 616 -62.85 81.92 35.24
C PRO G 616 -63.39 82.09 36.64
N GLY G 617 -64.30 81.20 37.07
CA GLY G 617 -64.70 81.15 38.45
C GLY G 617 -63.56 80.75 39.38
N ARG G 618 -62.59 80.02 38.85
CA ARG G 618 -61.27 79.78 39.47
C ARG G 618 -61.40 79.02 40.80
N GLU G 619 -61.93 77.81 40.70
CA GLU G 619 -62.23 77.00 41.88
C GLU G 619 -61.09 76.05 42.26
N LEU G 620 -60.09 75.88 41.41
CA LEU G 620 -59.04 74.90 41.65
C LEU G 620 -57.64 75.49 41.69
N LEU G 621 -57.42 76.63 41.06
CA LEU G 621 -56.07 77.18 40.90
C LEU G 621 -55.76 78.16 42.03
N LEU G 622 -54.57 78.74 41.96
CA LEU G 622 -54.08 79.67 42.97
C LEU G 622 -54.18 81.10 42.44
N GLN G 623 -54.70 82.00 43.27
CA GLN G 623 -54.94 83.37 42.86
C GLN G 623 -54.46 84.34 43.93
N THR G 624 -53.80 85.40 43.50
CA THR G 624 -53.27 86.42 44.39
C THR G 624 -53.75 87.80 43.94
N ASN G 625 -53.50 88.78 44.81
CA ASN G 625 -53.87 90.17 44.53
C ASN G 625 -53.05 91.06 45.44
N LEU G 626 -52.81 92.29 44.98
CA LEU G 626 -52.18 93.29 45.83
C LEU G 626 -53.19 93.78 46.87
N ILE G 627 -52.88 93.53 48.14
CA ILE G 627 -53.79 93.83 49.25
C ILE G 627 -53.07 94.75 50.21
N ASN G 628 -53.71 95.85 50.58
CA ASN G 628 -53.14 96.79 51.53
C ASN G 628 -53.23 96.23 52.96
N TYR G 629 -52.63 96.97 53.89
CA TYR G 629 -52.62 96.57 55.29
C TYR G 629 -53.77 97.25 56.03
N VAL G 630 -54.34 96.52 56.98
CA VAL G 630 -55.47 97.00 57.77
C VAL G 630 -55.14 96.87 59.25
N THR G 631 -55.54 97.87 60.03
CA THR G 631 -55.30 97.92 61.47
C THR G 631 -56.53 98.47 62.18
N SER G 632 -56.49 98.38 63.50
CA SER G 632 -57.56 98.90 64.35
C SER G 632 -56.98 99.30 65.70
N ILE G 633 -57.33 100.50 66.15
CA ILE G 633 -56.83 101.06 67.40
C ILE G 633 -58.01 101.25 68.34
N ARG G 634 -57.90 100.66 69.55
CA ARG G 634 -58.99 100.84 70.49
C ARG G 634 -58.64 101.90 71.53
N PRO G 635 -59.63 102.66 71.99
CA PRO G 635 -59.50 103.33 73.28
C PRO G 635 -59.76 102.34 74.41
N ASN G 636 -59.28 102.69 75.60
CA ASN G 636 -59.44 101.85 76.79
C ASN G 636 -60.83 102.04 77.40
N ILE G 637 -61.83 101.59 76.65
CA ILE G 637 -63.23 101.74 77.03
C ILE G 637 -63.89 100.38 76.94
N PHE G 638 -64.57 99.97 78.00
CA PHE G 638 -65.17 98.65 78.12
C PHE G 638 -66.60 98.79 78.60
N VAL G 639 -67.54 98.15 77.89
CA VAL G 639 -68.95 98.19 78.24
C VAL G 639 -69.45 96.75 78.36
N GLY G 640 -69.94 96.38 79.54
CA GLY G 640 -70.53 95.08 79.72
C GLY G 640 -71.87 95.20 80.43
N ARG G 641 -72.70 94.18 80.24
CA ARG G 641 -74.03 94.13 80.85
C ARG G 641 -74.25 92.74 81.43
N ALA G 642 -74.25 92.65 82.75
CA ALA G 642 -74.52 91.40 83.44
C ALA G 642 -75.22 91.73 84.76
N GLU G 643 -75.40 90.72 85.60
CA GLU G 643 -76.04 90.91 86.89
C GLU G 643 -75.08 91.63 87.83
N GLY G 644 -75.31 92.92 88.04
CA GLY G 644 -74.45 93.72 88.90
C GLY G 644 -74.02 95.02 88.25
N SER G 645 -72.71 95.17 88.02
CA SER G 645 -72.18 96.36 87.38
C SER G 645 -72.61 96.38 85.92
N THR G 646 -73.35 97.43 85.55
CA THR G 646 -73.90 97.56 84.20
C THR G 646 -73.34 98.74 83.42
N GLN G 647 -72.90 99.80 84.11
CA GLN G 647 -72.34 101.03 83.51
C GLN G 647 -73.32 101.69 82.54
N TYR G 648 -74.59 101.77 82.97
CA TYR G 648 -75.69 102.55 82.39
C TYR G 648 -76.24 101.97 81.09
N GLY G 649 -75.53 101.00 80.49
CA GLY G 649 -75.98 100.26 79.32
C GLY G 649 -76.43 101.00 78.08
N LYS G 650 -76.13 102.30 77.99
CA LYS G 650 -76.62 103.14 76.89
C LYS G 650 -75.51 104.12 76.54
N TRP G 651 -74.73 103.80 75.53
CA TRP G 651 -73.53 104.58 75.21
C TRP G 651 -73.64 105.13 73.79
N TYR G 652 -72.66 105.94 73.40
CA TYR G 652 -72.81 106.79 72.24
C TYR G 652 -71.44 107.28 71.76
N PHE G 653 -71.25 107.27 70.44
CA PHE G 653 -69.99 107.64 69.81
C PHE G 653 -70.18 108.80 68.85
N GLU G 654 -69.17 109.68 68.79
CA GLU G 654 -69.04 110.67 67.72
C GLU G 654 -67.57 110.74 67.32
N VAL G 655 -67.29 110.44 66.05
CA VAL G 655 -65.92 110.38 65.55
C VAL G 655 -65.77 111.36 64.39
N MET G 656 -64.73 112.18 64.44
CA MET G 656 -64.47 113.18 63.43
C MET G 656 -63.51 112.62 62.38
N VAL G 657 -63.87 112.77 61.10
CA VAL G 657 -63.07 112.27 59.98
C VAL G 657 -62.75 113.42 59.05
N ASP G 658 -61.46 113.75 58.91
CA ASP G 658 -60.99 114.79 58.00
C ASP G 658 -59.85 114.23 57.16
N GLU G 659 -60.20 113.51 56.10
CA GLU G 659 -59.21 112.92 55.21
C GLU G 659 -59.73 112.92 53.79
N VAL G 660 -58.87 113.28 52.84
CA VAL G 660 -59.15 113.12 51.41
C VAL G 660 -58.02 112.23 50.87
N VAL G 661 -58.21 110.92 50.95
CA VAL G 661 -57.43 109.96 50.17
C VAL G 661 -58.48 109.02 49.59
N PRO G 662 -59.13 109.38 48.48
CA PRO G 662 -60.17 108.48 47.94
C PRO G 662 -59.59 107.25 47.27
N PHE G 663 -58.50 107.42 46.53
CA PHE G 663 -57.79 106.32 45.90
C PHE G 663 -56.38 106.25 46.46
N LEU G 664 -55.94 105.04 46.75
CA LEU G 664 -54.52 104.78 46.87
C LEU G 664 -54.04 104.31 45.50
N THR G 665 -52.73 104.10 45.35
CA THR G 665 -52.19 103.70 44.06
C THR G 665 -52.60 102.28 43.65
N ALA G 666 -53.12 101.47 44.57
CA ALA G 666 -53.59 100.13 44.23
C ALA G 666 -55.11 100.09 44.09
N GLN G 667 -55.85 100.45 45.14
CA GLN G 667 -57.30 100.53 45.06
C GLN G 667 -57.74 101.68 45.97
N ALA G 668 -59.05 101.82 46.13
CA ALA G 668 -59.60 102.78 47.07
C ALA G 668 -59.32 102.35 48.50
N THR G 669 -59.16 103.32 49.39
CA THR G 669 -58.69 103.05 50.74
C THR G 669 -59.79 102.46 51.61
N HIS G 670 -59.37 101.73 52.64
CA HIS G 670 -60.28 101.12 53.60
C HIS G 670 -60.41 102.02 54.82
N LEU G 671 -61.64 102.24 55.26
CA LEU G 671 -61.93 103.06 56.42
C LEU G 671 -63.30 102.69 56.95
N ARG G 672 -63.38 102.16 58.18
CA ARG G 672 -64.66 101.83 58.79
C ARG G 672 -64.65 102.27 60.26
N VAL G 673 -65.72 101.93 60.97
CA VAL G 673 -65.86 102.23 62.39
C VAL G 673 -66.89 101.28 62.97
N GLY G 674 -66.74 100.94 64.25
CA GLY G 674 -67.78 100.15 64.90
C GLY G 674 -67.48 99.55 66.26
N TRP G 675 -67.78 98.26 66.40
CA TRP G 675 -67.87 97.61 67.69
C TRP G 675 -67.24 96.22 67.65
N ALA G 676 -66.95 95.71 68.84
CA ALA G 676 -66.52 94.34 69.05
C ALA G 676 -66.78 93.98 70.50
N LEU G 677 -66.93 92.67 70.77
CA LEU G 677 -67.09 92.15 72.13
C LEU G 677 -66.09 91.01 72.36
N THR G 678 -64.85 91.39 72.67
CA THR G 678 -63.74 90.52 73.11
C THR G 678 -63.39 89.40 72.10
N GLU G 679 -63.91 89.47 70.88
CA GLU G 679 -63.73 88.41 69.88
C GLU G 679 -63.44 89.06 68.53
N GLY G 680 -62.55 90.04 68.54
CA GLY G 680 -62.31 90.93 67.43
C GLY G 680 -61.12 90.46 66.63
N TYR G 681 -59.94 91.01 66.94
CA TYR G 681 -58.64 90.65 66.35
C TYR G 681 -58.58 91.01 64.86
N SER G 682 -58.93 92.26 64.57
CA SER G 682 -58.42 92.91 63.37
C SER G 682 -56.89 92.87 63.22
N PRO G 683 -56.05 92.80 64.31
CA PRO G 683 -54.65 92.39 64.09
C PRO G 683 -54.47 90.96 63.60
N TYR G 684 -53.20 90.55 63.52
CA TYR G 684 -52.67 89.58 62.56
C TYR G 684 -53.08 90.02 61.16
N PRO G 685 -52.47 91.13 60.59
CA PRO G 685 -52.94 91.69 59.31
C PRO G 685 -52.44 90.93 58.07
N GLY G 686 -52.59 89.61 58.09
CA GLY G 686 -52.17 88.80 56.97
C GLY G 686 -53.35 88.39 56.12
N GLY G 687 -53.82 87.16 56.32
CA GLY G 687 -54.98 86.65 55.62
C GLY G 687 -56.13 86.40 56.57
N GLY G 688 -57.34 86.56 56.05
CA GLY G 688 -58.55 86.32 56.81
C GLY G 688 -59.50 85.43 56.03
N GLU G 689 -60.79 85.54 56.36
CA GLU G 689 -61.80 84.77 55.65
C GLU G 689 -61.97 85.28 54.23
N GLY G 690 -62.04 86.60 54.06
CA GLY G 690 -62.04 87.18 52.73
C GLY G 690 -60.62 87.38 52.23
N TRP G 691 -60.32 88.59 51.80
CA TRP G 691 -58.97 88.95 51.35
C TRP G 691 -58.31 89.72 52.49
N GLY G 692 -57.68 88.98 53.38
CA GLY G 692 -57.04 89.61 54.52
C GLY G 692 -57.98 89.70 55.72
N GLY G 693 -57.39 89.70 56.90
CA GLY G 693 -58.14 89.84 58.13
C GLY G 693 -58.55 91.27 58.37
N ASN G 694 -59.55 91.73 57.64
CA ASN G 694 -59.93 93.14 57.64
C ASN G 694 -60.63 93.50 58.95
N GLY G 695 -60.79 94.82 59.15
CA GLY G 695 -61.03 95.40 60.45
C GLY G 695 -62.28 95.02 61.21
N VAL G 696 -63.45 95.43 60.74
CA VAL G 696 -64.66 95.33 61.53
C VAL G 696 -65.84 95.04 60.60
N GLY G 697 -66.80 94.28 61.11
CA GLY G 697 -67.99 93.97 60.34
C GLY G 697 -67.79 92.94 59.26
N ASP G 698 -66.93 91.96 59.50
CA ASP G 698 -66.70 90.91 58.53
C ASP G 698 -66.97 89.52 59.09
N ASP G 699 -67.30 89.43 60.38
CA ASP G 699 -67.62 88.16 61.00
C ASP G 699 -68.92 88.27 61.78
N LEU G 700 -69.23 87.24 62.57
CA LEU G 700 -70.36 87.26 63.48
C LEU G 700 -70.02 87.89 64.83
N TYR G 701 -68.92 88.65 64.90
CA TYR G 701 -68.41 89.21 66.13
C TYR G 701 -68.21 90.72 66.07
N SER G 702 -68.34 91.33 64.90
CA SER G 702 -68.03 92.75 64.74
C SER G 702 -69.02 93.39 63.80
N TYR G 703 -69.15 94.71 63.91
CA TYR G 703 -70.13 95.47 63.13
C TYR G 703 -69.48 96.75 62.63
N GLY G 704 -69.42 96.92 61.30
CA GLY G 704 -68.77 98.06 60.70
C GLY G 704 -69.70 98.88 59.82
N PHE G 705 -69.15 100.00 59.32
CA PHE G 705 -69.89 100.91 58.46
C PHE G 705 -68.91 101.82 57.73
N ASP G 706 -69.15 102.02 56.43
CA ASP G 706 -68.30 102.92 55.65
C ASP G 706 -69.10 103.74 54.63
N GLY G 707 -70.32 104.14 54.98
CA GLY G 707 -71.05 105.12 54.19
C GLY G 707 -72.37 104.67 53.61
N LEU G 708 -72.43 103.48 53.00
CA LEU G 708 -73.74 102.88 52.69
C LEU G 708 -73.59 101.36 52.75
N HIS G 709 -73.70 100.82 53.96
CA HIS G 709 -73.42 99.41 54.20
C HIS G 709 -74.06 98.98 55.51
N LEU G 710 -74.09 97.67 55.72
CA LEU G 710 -74.41 97.05 57.01
C LEU G 710 -73.41 95.90 57.17
N TRP G 711 -72.24 96.20 57.73
CA TRP G 711 -71.15 95.24 57.77
C TRP G 711 -71.30 94.31 58.95
N THR G 712 -71.52 93.02 58.66
CA THR G 712 -71.21 91.90 59.54
C THR G 712 -71.22 90.63 58.69
N GLY G 713 -70.30 89.72 58.99
CA GLY G 713 -70.23 88.46 58.28
C GLY G 713 -69.88 88.57 56.80
N HIS G 714 -69.04 89.54 56.44
CA HIS G 714 -68.70 89.89 55.05
C HIS G 714 -69.94 90.16 54.21
N VAL G 715 -70.90 90.89 54.77
CA VAL G 715 -72.11 91.28 54.04
C VAL G 715 -72.08 92.78 53.84
N ALA G 716 -72.04 93.19 52.59
CA ALA G 716 -72.05 94.61 52.20
C ALA G 716 -73.45 95.08 51.83
N ARG G 717 -74.46 94.85 52.69
CA ARG G 717 -75.77 95.31 52.21
C ARG G 717 -75.99 96.76 52.60
N PRO G 718 -76.41 97.62 51.67
CA PRO G 718 -76.40 99.06 51.92
C PRO G 718 -77.60 99.49 52.76
N VAL G 719 -77.72 100.81 52.93
CA VAL G 719 -78.78 101.42 53.72
C VAL G 719 -79.59 102.40 52.88
N THR G 720 -80.60 103.01 53.50
CA THR G 720 -81.40 104.06 52.87
C THR G 720 -81.21 105.33 53.70
N SER G 721 -80.35 106.22 53.23
CA SER G 721 -80.03 107.44 53.95
C SER G 721 -79.96 108.61 52.98
N PRO G 722 -80.35 109.81 53.43
CA PRO G 722 -80.18 111.00 52.59
C PRO G 722 -78.71 111.38 52.46
N GLY G 723 -78.33 111.84 51.28
CA GLY G 723 -76.94 112.11 50.98
C GLY G 723 -76.16 110.82 50.92
N GLN G 724 -76.69 109.86 50.17
CA GLN G 724 -76.22 108.48 50.20
C GLN G 724 -74.91 108.38 49.42
N HIS G 725 -73.79 108.38 50.15
CA HIS G 725 -72.48 108.17 49.57
C HIS G 725 -71.57 107.58 50.65
N LEU G 726 -70.29 107.47 50.34
CA LEU G 726 -69.32 106.82 51.22
C LEU G 726 -68.81 107.82 52.25
N LEU G 727 -67.73 107.46 52.93
CA LEU G 727 -67.18 108.31 53.99
C LEU G 727 -66.46 109.49 53.36
N ALA G 728 -67.21 110.57 53.17
CA ALA G 728 -66.63 111.84 52.78
C ALA G 728 -65.90 112.44 53.97
N PRO G 729 -64.96 113.36 53.73
CA PRO G 729 -64.38 114.10 54.86
C PRO G 729 -65.39 115.05 55.49
N GLU G 730 -65.03 115.52 56.69
CA GLU G 730 -65.84 116.43 57.52
C GLU G 730 -67.21 115.83 57.84
N ASP G 731 -67.19 114.60 58.36
CA ASP G 731 -68.40 113.90 58.75
C ASP G 731 -68.24 113.33 60.15
N VAL G 732 -69.36 113.26 60.87
CA VAL G 732 -69.41 112.71 62.22
C VAL G 732 -70.42 111.58 62.21
N VAL G 733 -70.00 110.41 62.68
CA VAL G 733 -70.86 109.24 62.76
C VAL G 733 -71.35 109.08 64.19
N SER G 734 -72.68 109.05 64.35
CA SER G 734 -73.31 108.89 65.65
C SER G 734 -73.65 107.42 65.81
N CYS G 735 -72.80 106.69 66.54
CA CYS G 735 -73.03 105.28 66.83
C CYS G 735 -73.81 105.19 68.14
N CYS G 736 -75.07 104.79 68.05
CA CYS G 736 -75.93 104.69 69.22
C CYS G 736 -75.89 103.27 69.76
N LEU G 737 -75.51 103.14 71.04
CA LEU G 737 -75.49 101.85 71.72
C LEU G 737 -76.67 101.77 72.67
N ASP G 738 -77.52 100.78 72.46
CA ASP G 738 -78.56 100.42 73.40
C ASP G 738 -78.45 98.95 73.73
N LEU G 739 -78.58 98.62 75.02
CA LEU G 739 -78.42 97.24 75.46
C LEU G 739 -79.69 96.66 76.03
N SER G 740 -80.84 97.29 75.79
CA SER G 740 -82.10 96.72 76.24
C SER G 740 -82.51 95.55 75.35
N VAL G 741 -82.41 95.72 74.03
CA VAL G 741 -82.79 94.67 73.10
C VAL G 741 -81.73 93.57 73.03
N PRO G 742 -80.41 93.87 72.78
CA PRO G 742 -79.59 95.05 72.50
C PRO G 742 -79.68 95.50 71.04
N SER G 743 -79.59 96.81 70.82
CA SER G 743 -79.77 97.38 69.49
C SER G 743 -78.71 98.45 69.25
N ILE G 744 -78.19 98.49 68.02
CA ILE G 744 -77.17 99.45 67.63
C ILE G 744 -77.62 100.12 66.35
N SER G 745 -77.67 101.45 66.36
CA SER G 745 -78.01 102.23 65.17
C SER G 745 -76.92 103.25 64.89
N PHE G 746 -76.76 103.58 63.62
CA PHE G 746 -75.73 104.49 63.16
C PHE G 746 -76.37 105.75 62.58
N ARG G 747 -75.60 106.83 62.56
CA ARG G 747 -76.13 108.11 62.08
C ARG G 747 -74.98 109.01 61.69
N ILE G 748 -74.88 109.33 60.40
CA ILE G 748 -74.01 110.41 59.93
C ILE G 748 -74.84 111.69 60.14
N ASN G 749 -74.22 112.86 59.93
CA ASN G 749 -74.60 114.18 60.47
C ASN G 749 -76.10 114.48 60.54
N GLY G 750 -76.77 114.57 59.40
CA GLY G 750 -78.22 114.46 59.46
C GLY G 750 -78.70 113.03 59.43
N CYS G 751 -78.61 112.42 58.23
CA CYS G 751 -78.59 111.00 57.84
C CYS G 751 -79.32 110.01 58.76
N PRO G 752 -80.66 110.02 58.79
CA PRO G 752 -81.37 108.99 59.58
C PRO G 752 -81.24 107.61 58.95
N VAL G 753 -80.12 106.95 59.24
CA VAL G 753 -79.76 105.68 58.61
C VAL G 753 -80.70 104.58 59.08
N GLN G 754 -81.30 103.87 58.12
CA GLN G 754 -82.25 102.79 58.41
C GLN G 754 -81.51 101.46 58.51
N GLY G 755 -80.69 101.36 59.55
CA GLY G 755 -79.99 100.12 59.84
C GLY G 755 -79.82 99.88 61.32
N VAL G 756 -80.32 98.75 61.82
CA VAL G 756 -80.28 98.41 63.24
C VAL G 756 -79.74 97.00 63.37
N PHE G 757 -78.69 96.84 64.16
CA PHE G 757 -78.10 95.53 64.45
C PHE G 757 -78.63 95.02 65.78
N GLU G 758 -79.24 93.85 65.77
CA GLU G 758 -79.82 93.24 66.97
C GLU G 758 -79.51 91.75 66.97
N ALA G 759 -80.14 91.05 67.92
CA ALA G 759 -80.11 89.59 68.05
C ALA G 759 -78.69 89.06 68.23
N PHE G 760 -77.95 89.68 69.14
CA PHE G 760 -76.56 89.30 69.40
C PHE G 760 -76.34 89.25 70.90
N ASN G 761 -75.42 88.38 71.30
CA ASN G 761 -75.16 88.16 72.72
C ASN G 761 -74.36 89.32 73.33
N LEU G 762 -74.35 89.35 74.65
CA LEU G 762 -73.61 90.34 75.44
C LEU G 762 -72.38 89.72 76.08
N ASP G 763 -71.75 88.77 75.39
CA ASP G 763 -70.69 87.95 75.97
C ASP G 763 -69.37 88.69 75.89
N GLY G 764 -69.14 89.57 76.86
CA GLY G 764 -67.87 90.25 77.02
C GLY G 764 -68.01 91.75 76.96
N LEU G 765 -66.92 92.41 77.33
CA LEU G 765 -66.84 93.86 77.32
C LEU G 765 -66.75 94.38 75.89
N PHE G 766 -67.12 95.65 75.72
CA PHE G 766 -67.26 96.21 74.38
C PHE G 766 -66.07 97.11 74.03
N PHE G 767 -66.04 97.54 72.77
CA PHE G 767 -64.89 98.21 72.22
C PHE G 767 -65.28 99.33 71.26
N PRO G 768 -64.66 100.51 71.37
CA PRO G 768 -64.71 101.49 70.29
C PRO G 768 -63.75 101.05 69.19
N VAL G 769 -64.31 100.56 68.09
CA VAL G 769 -63.52 99.97 67.02
C VAL G 769 -63.55 100.90 65.82
N VAL G 770 -62.37 101.27 65.34
CA VAL G 770 -62.21 101.98 64.08
C VAL G 770 -61.35 101.10 63.16
N SER G 771 -61.77 100.97 61.92
CA SER G 771 -60.99 100.26 60.91
C SER G 771 -60.50 101.26 59.89
N PHE G 772 -59.23 101.12 59.49
CA PHE G 772 -58.65 102.08 58.57
C PHE G 772 -57.46 101.43 57.87
N SER G 773 -57.28 101.80 56.60
CA SER G 773 -56.07 101.48 55.86
C SER G 773 -55.07 102.62 56.04
N ALA G 774 -54.01 102.62 55.24
CA ALA G 774 -52.96 103.60 55.38
C ALA G 774 -53.41 104.96 54.82
N GLY G 775 -52.70 106.00 55.25
CA GLY G 775 -52.94 107.34 54.75
C GLY G 775 -54.11 108.07 55.38
N VAL G 776 -54.63 107.57 56.49
CA VAL G 776 -55.82 108.14 57.11
C VAL G 776 -55.46 108.60 58.51
N LYS G 777 -55.63 109.90 58.78
CA LYS G 777 -55.46 110.46 60.11
C LYS G 777 -56.82 110.86 60.65
N VAL G 778 -57.24 110.21 61.74
CA VAL G 778 -58.59 110.36 62.26
C VAL G 778 -58.51 110.94 63.67
N ARG G 779 -59.61 111.51 64.12
CA ARG G 779 -59.71 112.10 65.45
C ARG G 779 -60.98 111.63 66.14
N PHE G 780 -60.84 111.16 67.37
CA PHE G 780 -61.97 110.76 68.19
C PHE G 780 -62.55 111.98 68.90
N LEU G 781 -63.48 111.72 69.82
CA LEU G 781 -63.97 112.72 70.75
C LEU G 781 -64.08 112.08 72.12
N LEU G 782 -63.49 112.73 73.13
CA LEU G 782 -63.44 112.16 74.47
C LEU G 782 -64.77 112.15 75.19
N GLY G 783 -65.80 112.81 74.66
CA GLY G 783 -67.01 112.95 75.42
C GLY G 783 -66.91 114.17 76.31
N GLY G 784 -66.48 113.94 77.55
CA GLY G 784 -66.34 115.01 78.52
C GLY G 784 -65.28 116.05 78.21
N ARG G 785 -64.00 115.64 78.21
CA ARG G 785 -62.91 116.62 78.21
C ARG G 785 -62.69 117.24 76.83
N HIS G 786 -62.32 116.43 75.85
CA HIS G 786 -62.09 116.92 74.50
C HIS G 786 -63.12 116.40 73.51
N GLY G 787 -64.28 115.98 74.00
CA GLY G 787 -65.36 115.69 73.09
C GLY G 787 -66.13 116.96 72.81
N GLU G 788 -65.76 117.63 71.73
CA GLU G 788 -66.36 118.89 71.33
C GLU G 788 -67.45 118.53 70.31
N PHE G 789 -68.66 118.32 70.82
CA PHE G 789 -69.73 117.70 70.03
C PHE G 789 -70.27 118.70 69.03
N LYS G 790 -70.05 118.44 67.74
CA LYS G 790 -70.65 119.26 66.70
C LYS G 790 -72.15 118.99 66.55
N PHE G 791 -72.62 117.85 67.05
CA PHE G 791 -74.03 117.52 67.05
C PHE G 791 -74.41 117.00 68.42
N LEU G 792 -75.69 117.14 68.74
CA LEU G 792 -76.13 116.74 70.06
C LEU G 792 -76.40 115.24 70.11
N PRO G 793 -76.12 114.61 71.24
CA PRO G 793 -76.52 113.21 71.42
C PRO G 793 -78.03 113.10 71.55
N PRO G 794 -78.58 111.91 71.31
CA PRO G 794 -79.95 111.62 71.73
C PRO G 794 -80.06 111.67 73.24
N PRO G 795 -81.26 111.94 73.79
CA PRO G 795 -81.39 112.21 75.24
C PRO G 795 -81.02 111.06 76.15
N GLY G 796 -79.96 111.27 76.93
CA GLY G 796 -79.52 110.32 77.94
C GLY G 796 -78.65 109.21 77.41
N TYR G 797 -77.56 109.53 76.71
CA TYR G 797 -76.59 108.53 76.30
C TYR G 797 -75.17 109.00 76.64
N ALA G 798 -74.81 108.86 77.93
CA ALA G 798 -73.50 108.60 78.54
C ALA G 798 -72.27 109.11 77.78
N PRO G 799 -72.02 110.42 77.69
CA PRO G 799 -70.84 110.89 76.96
C PRO G 799 -69.50 110.68 77.68
N CYS G 800 -69.24 109.43 78.11
CA CYS G 800 -67.94 108.96 78.60
C CYS G 800 -67.45 109.74 79.82
N HIS G 801 -68.27 109.76 80.85
CA HIS G 801 -67.92 110.45 82.08
C HIS G 801 -67.88 109.53 83.31
N GLU G 802 -68.97 108.82 83.60
CA GLU G 802 -69.08 108.16 84.90
C GLU G 802 -68.27 106.87 84.96
N ALA G 803 -68.44 106.00 83.97
CA ALA G 803 -67.74 104.71 83.93
C ALA G 803 -66.83 104.70 82.72
N VAL G 804 -65.64 105.27 82.88
CA VAL G 804 -64.55 105.18 81.91
C VAL G 804 -63.24 105.39 82.65
N LEU G 805 -62.28 104.47 82.41
CA LEU G 805 -60.96 104.40 83.04
C LEU G 805 -61.06 104.44 84.57
N PRO G 806 -61.55 103.38 85.21
CA PRO G 806 -61.81 103.46 86.66
C PRO G 806 -60.56 103.46 87.52
N ARG G 807 -59.42 103.00 86.98
CA ARG G 807 -58.19 103.02 87.75
C ARG G 807 -56.98 103.44 86.91
N GLU G 808 -57.19 103.89 85.67
CA GLU G 808 -56.09 104.22 84.78
C GLU G 808 -56.43 105.52 84.05
N ARG G 809 -55.62 105.85 83.05
CA ARG G 809 -55.78 107.05 82.25
C ARG G 809 -56.45 106.69 80.91
N LEU G 810 -56.50 107.65 80.01
CA LEU G 810 -57.11 107.48 78.70
C LEU G 810 -56.03 107.20 77.68
N ARG G 811 -56.12 106.04 77.03
CA ARG G 811 -55.09 105.57 76.11
C ARG G 811 -55.73 105.02 74.84
N LEU G 812 -55.09 105.32 73.71
CA LEU G 812 -55.39 104.65 72.45
C LEU G 812 -54.36 103.55 72.23
N GLU G 813 -54.81 102.39 71.75
CA GLU G 813 -53.93 101.25 71.61
C GLU G 813 -54.47 100.32 70.55
N PRO G 814 -53.59 99.67 69.78
CA PRO G 814 -54.06 98.59 68.90
C PRO G 814 -54.51 97.39 69.72
N ILE G 815 -55.63 96.81 69.31
CA ILE G 815 -56.32 95.80 70.13
C ILE G 815 -55.59 94.46 70.09
N LYS G 816 -54.79 94.21 71.15
CA LYS G 816 -54.14 92.93 71.42
C LYS G 816 -53.22 92.50 70.27
N GLU G 817 -52.18 93.31 70.04
CA GLU G 817 -51.20 92.98 69.03
C GLU G 817 -50.15 92.03 69.59
N TYR G 818 -49.16 91.70 68.77
CA TYR G 818 -48.05 90.85 69.17
C TYR G 818 -46.71 91.55 69.13
N ARG G 819 -46.54 92.52 68.24
CA ARG G 819 -45.34 93.32 68.12
C ARG G 819 -45.67 94.76 68.48
N ARG G 820 -44.70 95.45 69.06
CA ARG G 820 -44.75 96.89 69.19
C ARG G 820 -43.39 97.47 68.83
N GLU G 821 -43.37 98.78 68.61
CA GLU G 821 -42.12 99.46 68.30
C GLU G 821 -41.30 99.63 69.58
N GLY G 822 -39.99 99.80 69.38
CA GLY G 822 -39.09 100.06 70.47
C GLY G 822 -38.01 101.03 70.05
N PRO G 823 -37.33 101.64 71.03
CA PRO G 823 -36.22 102.54 70.68
C PRO G 823 -35.04 101.81 70.08
N ARG G 824 -34.76 100.61 70.58
CA ARG G 824 -33.74 99.73 70.01
C ARG G 824 -34.16 98.32 70.36
N GLY G 825 -34.31 97.46 69.36
CA GLY G 825 -34.93 96.19 69.62
C GLY G 825 -36.41 96.35 69.86
N PRO G 826 -37.19 96.55 68.79
CA PRO G 826 -38.65 96.70 68.95
C PRO G 826 -39.28 95.48 69.60
N HIS G 827 -40.20 95.75 70.52
CA HIS G 827 -40.59 94.76 71.51
C HIS G 827 -41.72 93.89 71.02
N LEU G 828 -41.70 92.64 71.46
CA LEU G 828 -42.78 91.71 71.24
C LEU G 828 -43.58 91.57 72.54
N VAL G 829 -44.88 91.34 72.41
CA VAL G 829 -45.77 91.26 73.55
C VAL G 829 -46.56 89.96 73.45
N GLY G 830 -46.78 89.31 74.60
CA GLY G 830 -47.60 88.13 74.67
C GLY G 830 -49.08 88.45 74.64
N PRO G 831 -49.92 87.51 75.06
CA PRO G 831 -51.35 87.78 75.11
C PRO G 831 -51.70 88.74 76.23
N SER G 832 -52.70 89.58 75.98
CA SER G 832 -53.13 90.54 76.98
C SER G 832 -54.16 89.91 77.91
N ARG G 833 -54.01 90.15 79.20
CA ARG G 833 -54.93 89.64 80.21
C ARG G 833 -56.22 90.44 80.14
N CYS G 834 -57.27 89.84 79.57
CA CYS G 834 -58.57 90.49 79.47
C CYS G 834 -59.20 90.58 80.85
N LEU G 835 -59.48 91.80 81.29
CA LEU G 835 -59.91 92.06 82.66
C LEU G 835 -61.43 91.99 82.74
N SER G 836 -61.95 90.80 83.08
CA SER G 836 -63.35 90.57 83.44
C SER G 836 -64.33 90.94 82.32
N HIS G 837 -64.22 90.22 81.21
CA HIS G 837 -65.23 90.33 80.15
C HIS G 837 -66.58 89.87 80.67
N THR G 838 -66.62 88.67 81.24
CA THR G 838 -67.67 88.27 82.16
C THR G 838 -67.16 88.41 83.58
N ASP G 839 -68.11 88.40 84.53
CA ASP G 839 -67.85 88.56 85.96
C ASP G 839 -67.10 89.85 86.27
N PHE G 840 -67.58 90.95 85.71
CA PHE G 840 -67.10 92.28 86.04
C PHE G 840 -67.94 92.94 87.13
N VAL G 841 -68.69 92.15 87.89
CA VAL G 841 -69.59 92.67 88.91
C VAL G 841 -69.13 92.15 90.27
N PRO G 842 -69.18 92.95 91.32
CA PRO G 842 -68.77 92.48 92.65
C PRO G 842 -69.82 91.56 93.26
N CYS G 843 -69.44 90.94 94.37
CA CYS G 843 -70.32 90.02 95.07
C CYS G 843 -69.98 89.99 96.55
N PRO G 844 -70.92 90.31 97.43
CA PRO G 844 -70.65 90.23 98.87
C PRO G 844 -70.54 88.78 99.33
N VAL G 845 -69.91 88.61 100.49
CA VAL G 845 -69.77 87.30 101.12
C VAL G 845 -70.82 87.20 102.22
N ASP G 846 -71.66 86.18 102.15
CA ASP G 846 -72.73 85.97 103.12
C ASP G 846 -72.17 85.51 104.46
N ILE G 850 -75.66 84.69 108.92
CA ILE G 850 -74.95 83.84 109.86
C ILE G 850 -75.41 84.13 111.29
N VAL G 851 -74.90 83.35 112.24
CA VAL G 851 -75.24 83.51 113.65
C VAL G 851 -74.01 84.01 114.40
N LEU G 852 -74.18 84.30 115.69
CA LEU G 852 -73.09 84.85 116.50
C LEU G 852 -73.14 84.25 117.89
N PRO G 853 -71.99 83.83 118.43
CA PRO G 853 -71.97 83.33 119.82
C PRO G 853 -72.21 84.47 120.81
N PRO G 854 -72.76 84.16 121.99
CA PRO G 854 -73.08 85.23 122.95
C PRO G 854 -71.87 85.90 123.57
N HIS G 855 -70.71 85.22 123.62
CA HIS G 855 -69.50 85.88 124.09
C HIS G 855 -68.98 86.89 123.08
N LEU G 856 -69.32 86.74 121.80
CA LEU G 856 -69.08 87.77 120.82
C LEU G 856 -70.23 88.78 120.75
N GLU G 857 -71.38 88.46 121.34
CA GLU G 857 -72.45 89.45 121.44
C GLU G 857 -72.14 90.47 122.53
N ARG G 858 -71.35 90.08 123.53
CA ARG G 858 -70.94 91.03 124.57
C ARG G 858 -69.93 92.02 124.02
N ILE G 859 -69.04 91.58 123.13
CA ILE G 859 -68.07 92.49 122.53
C ILE G 859 -68.69 93.30 121.41
N ARG G 860 -69.88 92.92 120.94
CA ARG G 860 -70.57 93.67 119.90
C ARG G 860 -70.95 95.07 120.38
N GLU G 861 -71.25 95.21 121.67
CA GLU G 861 -71.41 96.54 122.24
C GLU G 861 -70.07 97.26 122.34
N LYS G 862 -69.03 96.55 122.77
CA LYS G 862 -67.73 97.20 123.00
C LYS G 862 -67.00 97.48 121.70
N LEU G 863 -67.20 96.64 120.67
CA LEU G 863 -66.65 96.98 119.36
C LEU G 863 -67.39 98.16 118.74
N ALA G 864 -68.69 98.28 119.03
CA ALA G 864 -69.44 99.45 118.59
C ALA G 864 -69.08 100.69 119.38
N GLU G 865 -68.40 100.54 120.52
CA GLU G 865 -67.87 101.69 121.24
C GLU G 865 -66.61 102.21 120.57
N ASN G 866 -65.59 101.36 120.46
CA ASN G 866 -64.24 101.81 120.14
C ASN G 866 -64.11 102.26 118.69
N ILE G 867 -64.92 101.71 117.79
CA ILE G 867 -64.99 102.23 116.43
C ILE G 867 -65.66 103.60 116.44
N HIS G 868 -66.71 103.76 117.25
CA HIS G 868 -67.33 105.07 117.43
C HIS G 868 -66.43 106.02 118.20
N GLU G 869 -65.54 105.49 119.06
CA GLU G 869 -64.54 106.32 119.71
C GLU G 869 -63.58 106.93 118.69
N LEU G 870 -63.15 106.12 117.72
CA LEU G 870 -62.25 106.60 116.68
C LEU G 870 -63.00 107.38 115.61
N TRP G 871 -64.29 107.09 115.41
CA TRP G 871 -65.09 107.89 114.50
C TRP G 871 -65.37 109.27 115.09
N ALA G 872 -65.52 109.35 116.40
CA ALA G 872 -65.59 110.66 117.07
C ALA G 872 -64.22 111.34 117.09
N LEU G 873 -63.15 110.56 117.08
CA LEU G 873 -61.80 111.14 117.05
C LEU G 873 -61.50 111.73 115.68
N THR G 874 -62.09 111.18 114.63
CA THR G 874 -61.87 111.69 113.28
C THR G 874 -62.46 113.08 113.10
N ARG G 875 -63.60 113.35 113.73
CA ARG G 875 -64.30 114.61 113.53
C ARG G 875 -63.58 115.77 114.22
N ILE G 876 -63.14 115.57 115.47
CA ILE G 876 -62.55 116.64 116.25
C ILE G 876 -61.19 117.04 115.68
N GLU G 877 -60.43 116.08 115.15
CA GLU G 877 -59.16 116.39 114.50
C GLU G 877 -59.34 117.17 113.20
N GLN G 878 -60.52 117.10 112.60
CA GLN G 878 -60.88 117.98 111.50
C GLN G 878 -61.68 119.20 111.95
N GLY G 879 -61.75 119.42 113.26
CA GLY G 879 -62.38 120.62 113.78
C GLY G 879 -63.89 120.56 113.90
N TRP G 880 -64.48 119.37 113.85
CA TRP G 880 -65.93 119.22 113.97
C TRP G 880 -66.27 119.14 115.45
N THR G 881 -66.80 120.23 115.99
CA THR G 881 -67.20 120.25 117.40
C THR G 881 -68.58 119.62 117.56
N TYR G 882 -69.06 119.59 118.81
CA TYR G 882 -70.38 119.04 119.10
C TYR G 882 -71.41 120.15 119.06
N GLY G 883 -72.52 119.90 118.37
CA GLY G 883 -73.60 120.84 118.29
C GLY G 883 -74.90 120.15 117.96
N PRO G 884 -76.03 120.74 118.38
CA PRO G 884 -77.32 120.11 118.11
C PRO G 884 -77.75 120.13 116.65
N VAL G 885 -77.23 121.05 115.85
CA VAL G 885 -77.58 121.16 114.44
C VAL G 885 -76.40 120.67 113.61
N ARG G 886 -76.63 119.62 112.82
CA ARG G 886 -75.60 119.09 111.95
C ARG G 886 -75.44 120.01 110.75
N ASP G 887 -74.40 120.83 110.76
CA ASP G 887 -74.11 121.76 109.68
C ASP G 887 -72.65 121.61 109.28
N ASP G 888 -72.37 121.81 107.99
CA ASP G 888 -71.01 121.68 107.49
C ASP G 888 -70.19 122.93 107.76
N ASN G 889 -70.80 124.11 107.62
CA ASN G 889 -70.06 125.35 107.82
C ASN G 889 -69.90 125.70 109.30
N LYS G 890 -70.84 125.28 110.14
CA LYS G 890 -70.77 125.58 111.57
C LYS G 890 -69.84 124.64 112.32
N ARG G 891 -69.41 123.54 111.69
CA ARG G 891 -68.53 122.52 112.28
C ARG G 891 -69.12 121.94 113.57
N LEU G 892 -70.39 121.52 113.47
CA LEU G 892 -71.11 120.95 114.60
C LEU G 892 -71.49 119.52 114.25
N HIS G 893 -71.02 118.57 115.05
CA HIS G 893 -71.25 117.14 114.80
C HIS G 893 -72.09 116.56 115.92
N PRO G 894 -73.36 116.25 115.68
CA PRO G 894 -74.27 115.89 116.78
C PRO G 894 -74.11 114.48 117.32
N CYS G 895 -73.21 113.67 116.76
CA CYS G 895 -73.01 112.32 117.24
C CYS G 895 -71.73 112.17 118.05
N LEU G 896 -71.23 113.27 118.62
CA LEU G 896 -70.08 113.23 119.52
C LEU G 896 -70.57 113.01 120.95
N VAL G 897 -71.15 111.82 121.14
CA VAL G 897 -71.83 111.45 122.39
C VAL G 897 -71.27 110.12 122.88
N ASN G 898 -71.66 109.75 124.09
CA ASN G 898 -71.30 108.46 124.67
C ASN G 898 -72.04 107.34 123.94
N PHE G 899 -71.61 106.10 124.22
CA PHE G 899 -72.26 104.93 123.63
C PHE G 899 -73.67 104.76 124.15
N HIS G 900 -73.89 105.06 125.44
CA HIS G 900 -75.24 105.11 125.98
C HIS G 900 -75.97 106.39 125.61
N SER G 901 -75.23 107.45 125.29
CA SER G 901 -75.81 108.71 124.85
C SER G 901 -76.05 108.76 123.35
N LEU G 902 -75.87 107.64 122.65
CA LEU G 902 -76.15 107.57 121.23
C LEU G 902 -77.65 107.71 120.97
N PRO G 903 -78.03 108.35 119.87
CA PRO G 903 -79.43 108.34 119.45
C PRO G 903 -79.87 106.94 119.05
N GLU G 904 -81.19 106.75 119.06
CA GLU G 904 -81.76 105.44 118.73
C GLU G 904 -81.50 104.96 117.30
N PRO G 905 -81.44 105.79 116.26
CA PRO G 905 -80.85 105.28 115.01
C PRO G 905 -79.37 105.02 115.10
N GLU G 906 -78.62 105.87 115.80
CA GLU G 906 -77.17 105.74 115.82
C GLU G 906 -76.68 104.63 116.74
N ARG G 907 -77.47 104.28 117.76
CA ARG G 907 -77.08 103.17 118.64
C ARG G 907 -77.23 101.84 117.91
N ASN G 908 -78.29 101.68 117.13
CA ASN G 908 -78.49 100.48 116.33
C ASN G 908 -77.77 100.55 114.98
N TYR G 909 -77.01 101.62 114.73
CA TYR G 909 -76.15 101.69 113.55
C TYR G 909 -74.72 101.26 113.84
N ASN G 910 -74.19 101.61 115.02
CA ASN G 910 -72.86 101.13 115.39
C ASN G 910 -72.89 99.65 115.74
N LEU G 911 -73.98 99.17 116.33
CA LEU G 911 -74.12 97.74 116.61
C LEU G 911 -74.32 96.94 115.33
N GLN G 912 -74.96 97.54 114.32
CA GLN G 912 -75.17 96.86 113.05
C GLN G 912 -73.85 96.68 112.30
N MET G 913 -72.99 97.69 112.35
CA MET G 913 -71.65 97.55 111.77
C MET G 913 -70.78 96.64 112.62
N SER G 914 -71.04 96.57 113.93
CA SER G 914 -70.27 95.70 114.80
C SER G 914 -70.69 94.25 114.67
N GLY G 915 -71.97 93.99 114.39
CA GLY G 915 -72.42 92.61 114.28
C GLY G 915 -71.99 91.95 112.98
N GLU G 916 -72.15 92.66 111.86
CA GLU G 916 -71.81 92.09 110.57
C GLU G 916 -70.31 91.99 110.34
N THR G 917 -69.52 92.78 111.05
CA THR G 917 -68.07 92.60 111.03
C THR G 917 -67.69 91.28 111.68
N LEU G 918 -68.34 90.94 112.81
CA LEU G 918 -68.14 89.64 113.41
C LEU G 918 -68.76 88.53 112.59
N LYS G 919 -69.85 88.82 111.86
CA LYS G 919 -70.40 87.86 110.91
C LYS G 919 -69.47 87.64 109.73
N THR G 920 -68.64 88.63 109.40
CA THR G 920 -67.68 88.47 108.31
C THR G 920 -66.51 87.58 108.74
N LEU G 921 -66.00 87.79 109.96
CA LEU G 921 -64.82 87.08 110.42
C LEU G 921 -65.08 85.59 110.63
N LEU G 922 -66.33 85.20 110.88
CA LEU G 922 -66.66 83.78 110.98
C LEU G 922 -66.60 83.12 109.61
N ALA G 923 -67.01 83.84 108.56
CA ALA G 923 -66.96 83.31 107.19
C ALA G 923 -65.66 83.67 106.50
N LEU G 924 -64.53 83.36 107.15
CA LEU G 924 -63.22 83.56 106.55
C LEU G 924 -62.28 82.37 106.76
N GLY G 925 -62.69 81.34 107.48
CA GLY G 925 -61.78 80.26 107.79
C GLY G 925 -60.73 80.61 108.81
N CYS G 926 -60.98 81.63 109.62
CA CYS G 926 -60.05 82.08 110.64
C CYS G 926 -60.45 81.51 112.00
N HIS G 927 -59.54 81.66 112.95
CA HIS G 927 -59.73 81.13 114.31
C HIS G 927 -59.91 82.31 115.25
N VAL G 928 -61.16 82.72 115.45
CA VAL G 928 -61.50 83.84 116.31
C VAL G 928 -62.02 83.29 117.64
N GLY G 929 -61.40 83.72 118.74
CA GLY G 929 -61.82 83.26 120.05
C GLY G 929 -61.07 83.98 121.14
N MET G 930 -61.71 84.01 122.32
CA MET G 930 -61.09 84.58 123.51
C MET G 930 -59.88 83.74 123.94
N ALA G 931 -58.78 84.41 124.26
CA ALA G 931 -57.53 83.73 124.57
C ALA G 931 -57.15 83.81 126.05
N ASP G 932 -57.10 85.01 126.63
CA ASP G 932 -56.37 85.18 127.88
C ASP G 932 -57.18 85.81 129.00
N GLU G 933 -58.16 86.65 128.63
CA GLU G 933 -59.07 87.37 129.53
C GLU G 933 -58.36 88.30 130.52
N LYS G 934 -57.10 88.66 130.26
CA LYS G 934 -56.40 89.62 131.10
C LYS G 934 -55.82 90.80 130.34
N ALA G 935 -55.61 90.68 129.02
CA ALA G 935 -55.28 91.85 128.23
C ALA G 935 -56.46 92.80 128.11
N GLU G 936 -57.69 92.26 128.20
CA GLU G 936 -58.87 93.10 128.34
C GLU G 936 -58.85 93.87 129.66
N ASP G 937 -58.30 93.27 130.71
CA ASP G 937 -58.07 93.99 131.95
C ASP G 937 -56.84 94.89 131.88
N ASN G 938 -55.93 94.63 130.95
CA ASN G 938 -54.76 95.46 130.72
C ASN G 938 -55.03 96.64 129.80
N LEU G 939 -56.29 96.89 129.46
CA LEU G 939 -56.63 97.97 128.55
C LEU G 939 -56.51 99.32 129.22
N LYS G 940 -56.00 100.29 128.48
CA LYS G 940 -55.91 101.68 128.92
C LYS G 940 -56.59 102.56 127.88
N LYS G 941 -56.60 103.86 128.14
CA LYS G 941 -57.23 104.83 127.26
C LYS G 941 -56.22 105.88 126.83
N THR G 942 -56.40 106.39 125.62
CA THR G 942 -55.51 107.42 125.10
C THR G 942 -55.82 108.75 125.77
N LYS G 943 -54.85 109.28 126.51
CA LYS G 943 -55.05 110.51 127.26
C LYS G 943 -54.98 111.70 126.31
N LEU G 944 -56.03 112.51 126.33
CA LEU G 944 -56.17 113.65 125.44
C LEU G 944 -56.52 114.90 126.22
N PRO G 945 -56.10 116.08 125.74
CA PRO G 945 -56.48 117.33 126.43
C PRO G 945 -57.92 117.75 126.18
N LYS G 946 -58.28 118.94 126.65
CA LYS G 946 -59.63 119.46 126.53
C LYS G 946 -60.00 119.90 125.13
N THR G 947 -59.06 119.88 124.18
CA THR G 947 -59.39 120.17 122.79
C THR G 947 -60.24 119.06 122.18
N TYR G 948 -60.12 117.84 122.69
CA TYR G 948 -60.97 116.73 122.28
C TYR G 948 -62.22 116.62 123.14
N MET G 949 -62.24 117.25 124.30
CA MET G 949 -63.45 117.30 125.11
C MET G 949 -64.42 118.31 124.49
N MET G 950 -65.68 117.91 124.35
CA MET G 950 -66.65 118.67 123.60
C MET G 950 -67.61 119.42 124.51
N SER G 951 -68.60 120.06 123.90
CA SER G 951 -69.58 120.83 124.66
C SER G 951 -70.49 119.95 125.49
N ASN G 952 -70.67 118.70 125.09
CA ASN G 952 -71.37 117.72 125.91
C ASN G 952 -70.43 116.97 126.86
N GLY G 953 -69.18 117.43 126.99
CA GLY G 953 -68.23 116.76 127.86
C GLY G 953 -67.72 115.45 127.36
N TYR G 954 -67.90 115.15 126.07
CA TYR G 954 -67.49 113.88 125.49
C TYR G 954 -66.11 114.02 124.87
N LYS G 955 -65.12 113.37 125.47
CA LYS G 955 -63.79 113.28 124.91
C LYS G 955 -63.55 111.85 124.42
N PRO G 956 -63.21 111.65 123.16
CA PRO G 956 -63.02 110.29 122.64
C PRO G 956 -61.76 109.64 123.19
N ALA G 957 -61.93 108.56 123.95
CA ALA G 957 -60.83 107.84 124.58
C ALA G 957 -60.79 106.41 124.06
N PRO G 958 -60.11 106.16 122.95
CA PRO G 958 -59.99 104.79 122.44
C PRO G 958 -58.96 104.00 123.23
N LEU G 959 -58.78 102.74 122.85
CA LEU G 959 -57.87 101.85 123.55
C LEU G 959 -56.45 102.04 123.06
N ASP G 960 -55.51 102.17 123.99
CA ASP G 960 -54.09 102.30 123.65
C ASP G 960 -53.58 100.89 123.32
N LEU G 961 -53.56 100.56 122.03
CA LEU G 961 -53.14 99.25 121.56
C LEU G 961 -52.03 99.37 120.54
N SER G 962 -51.06 100.25 120.80
CA SER G 962 -49.92 100.41 119.92
C SER G 962 -48.96 99.23 120.00
N HIS G 963 -48.99 98.48 121.09
CA HIS G 963 -48.15 97.29 121.26
C HIS G 963 -48.71 96.06 120.57
N VAL G 964 -49.85 96.17 119.91
CA VAL G 964 -50.57 95.03 119.37
C VAL G 964 -50.26 94.90 117.88
N ARG G 965 -49.62 93.80 117.51
CA ARG G 965 -49.57 93.38 116.13
C ARG G 965 -50.77 92.50 115.83
N LEU G 966 -51.24 92.54 114.59
CA LEU G 966 -52.48 91.83 114.27
C LEU G 966 -52.24 90.33 114.11
N THR G 967 -51.51 89.93 113.05
CA THR G 967 -51.05 88.60 112.63
C THR G 967 -50.20 88.77 111.37
N PRO G 968 -49.43 87.75 110.98
CA PRO G 968 -49.02 87.66 109.57
C PRO G 968 -50.12 87.14 108.66
N ALA G 969 -51.18 86.55 109.23
CA ALA G 969 -52.22 85.89 108.45
C ALA G 969 -53.30 86.85 107.97
N GLN G 970 -53.76 87.77 108.82
CA GLN G 970 -54.80 88.70 108.43
C GLN G 970 -54.26 89.95 107.73
N THR G 971 -53.01 89.89 107.25
CA THR G 971 -52.55 90.91 106.31
C THR G 971 -53.32 90.82 105.00
N THR G 972 -53.76 89.62 104.63
CA THR G 972 -54.63 89.41 103.48
C THR G 972 -56.08 89.17 103.85
N LEU G 973 -56.34 88.61 105.04
CA LEU G 973 -57.71 88.32 105.42
C LEU G 973 -58.50 89.58 105.76
N VAL G 974 -57.83 90.60 106.29
CA VAL G 974 -58.48 91.90 106.43
C VAL G 974 -58.70 92.54 105.07
N ASP G 975 -57.78 92.31 104.14
CA ASP G 975 -58.02 92.72 102.76
C ASP G 975 -59.08 91.85 102.10
N ARG G 976 -59.20 90.59 102.52
CA ARG G 976 -60.26 89.72 102.01
C ARG G 976 -61.61 90.18 102.53
N LEU G 977 -61.67 90.63 103.78
CA LEU G 977 -62.89 91.23 104.29
C LEU G 977 -63.11 92.62 103.75
N ALA G 978 -62.05 93.29 103.28
CA ALA G 978 -62.21 94.60 102.65
C ALA G 978 -62.91 94.48 101.31
N GLU G 979 -62.62 93.42 100.56
CA GLU G 979 -63.33 93.20 99.31
C GLU G 979 -64.76 92.72 99.54
N ASN G 980 -64.98 91.94 100.60
CA ASN G 980 -66.33 91.50 100.92
C ASN G 980 -67.19 92.64 101.44
N GLY G 981 -66.60 93.54 102.20
CA GLY G 981 -67.34 94.66 102.77
C GLY G 981 -67.67 95.73 101.75
N HIS G 982 -66.72 96.03 100.86
CA HIS G 982 -66.97 97.02 99.83
C HIS G 982 -67.95 96.50 98.79
N ASN G 983 -68.00 95.18 98.58
CA ASN G 983 -69.01 94.61 97.70
C ASN G 983 -70.40 94.68 98.33
N VAL G 984 -70.47 94.63 99.66
CA VAL G 984 -71.74 94.84 100.34
C VAL G 984 -72.18 96.29 100.21
N TRP G 985 -71.22 97.21 100.24
CA TRP G 985 -71.52 98.61 99.95
C TRP G 985 -71.83 98.80 98.47
N ALA G 986 -71.26 97.97 97.60
CA ALA G 986 -71.58 98.04 96.19
C ALA G 986 -72.96 97.45 95.90
N ARG G 987 -73.31 96.35 96.57
CA ARG G 987 -74.62 95.75 96.39
C ARG G 987 -75.73 96.56 97.01
N ASP G 988 -75.42 97.52 97.88
CA ASP G 988 -76.43 98.37 98.50
C ASP G 988 -76.64 99.66 97.73
N ARG G 989 -75.57 100.27 97.22
CA ARG G 989 -75.67 101.57 96.58
C ARG G 989 -75.89 101.49 95.07
N VAL G 990 -75.60 100.35 94.45
CA VAL G 990 -75.71 100.18 93.01
C VAL G 990 -76.73 99.10 92.66
N ALA G 991 -76.61 97.92 93.27
CA ALA G 991 -77.57 96.86 93.01
C ALA G 991 -78.90 97.16 93.68
N GLN G 992 -78.88 97.33 95.00
CA GLN G 992 -80.10 97.76 95.69
C GLN G 992 -80.36 99.25 95.50
N GLY G 993 -79.32 100.03 95.28
CA GLY G 993 -79.47 101.46 95.12
C GLY G 993 -79.98 101.88 93.75
N TRP G 994 -79.20 101.58 92.71
CA TRP G 994 -79.42 102.04 91.33
C TRP G 994 -79.56 103.56 91.29
N SER G 995 -78.69 104.25 92.01
CA SER G 995 -78.79 105.69 92.19
C SER G 995 -78.30 106.41 90.94
N TYR G 996 -79.10 107.35 90.45
CA TYR G 996 -78.72 108.19 89.31
C TYR G 996 -77.94 109.40 89.83
N SER G 997 -76.74 109.11 90.34
CA SER G 997 -75.84 110.11 90.90
C SER G 997 -74.52 110.06 90.16
N ALA G 998 -73.99 111.23 89.84
CA ALA G 998 -72.71 111.34 89.13
C ALA G 998 -71.54 111.07 90.07
N ARG G 1009 -69.01 106.83 90.94
CA ARG G 1009 -67.77 106.11 91.24
C ARG G 1009 -68.07 104.76 91.90
N LEU G 1010 -68.74 103.89 91.16
CA LEU G 1010 -69.11 102.56 91.65
C LEU G 1010 -68.48 101.51 90.75
N VAL G 1011 -67.58 100.72 91.32
CA VAL G 1011 -66.89 99.68 90.56
C VAL G 1011 -66.84 98.40 91.39
N PRO G 1012 -66.35 97.29 90.83
CA PRO G 1012 -66.25 96.05 91.62
C PRO G 1012 -65.09 96.12 92.61
N TYR G 1013 -65.32 95.57 93.80
CA TYR G 1013 -64.42 95.74 94.94
C TYR G 1013 -63.06 95.06 94.77
N ARG G 1014 -62.90 94.21 93.75
CA ARG G 1014 -61.61 93.58 93.53
C ARG G 1014 -60.58 94.58 93.01
N LEU G 1015 -60.98 95.46 92.09
CA LEU G 1015 -60.07 96.46 91.53
C LEU G 1015 -60.80 97.79 91.35
N LEU G 1016 -61.54 98.21 92.39
CA LEU G 1016 -62.31 99.45 92.30
C LEU G 1016 -61.40 100.67 92.26
N ASP G 1017 -60.65 100.90 93.33
CA ASP G 1017 -59.84 102.10 93.47
C ASP G 1017 -58.83 101.87 94.58
N GLU G 1018 -57.65 102.50 94.43
CA GLU G 1018 -56.61 102.36 95.45
C GLU G 1018 -56.96 103.15 96.71
N ALA G 1019 -57.47 104.36 96.57
CA ALA G 1019 -57.79 105.19 97.74
C ALA G 1019 -59.03 104.68 98.44
N THR G 1020 -59.92 104.00 97.72
CA THR G 1020 -61.09 103.39 98.35
C THR G 1020 -60.68 102.22 99.25
N LYS G 1021 -59.73 101.41 98.78
CA LYS G 1021 -59.29 100.26 99.54
C LYS G 1021 -58.46 100.65 100.75
N ARG G 1022 -57.73 101.77 100.68
CA ARG G 1022 -56.93 102.20 101.82
C ARG G 1022 -57.79 102.70 102.97
N SER G 1023 -58.88 103.40 102.64
CA SER G 1023 -59.87 103.72 103.67
C SER G 1023 -60.61 102.45 104.12
N ASN G 1024 -60.78 101.49 103.20
CA ASN G 1024 -61.33 100.20 103.57
C ASN G 1024 -60.33 99.40 104.38
N ARG G 1025 -59.03 99.60 104.13
CA ARG G 1025 -58.01 99.00 104.98
C ARG G 1025 -58.00 99.69 106.35
N ASP G 1026 -58.20 101.00 106.38
CA ASP G 1026 -58.25 101.74 107.64
C ASP G 1026 -59.52 101.40 108.42
N SER G 1027 -60.60 101.04 107.70
CA SER G 1027 -61.83 100.64 108.37
C SER G 1027 -61.70 99.28 109.06
N LEU G 1028 -60.73 98.47 108.65
CA LEU G 1028 -60.51 97.16 109.26
C LEU G 1028 -59.17 97.07 109.97
N CYS G 1029 -58.36 98.14 109.96
CA CYS G 1029 -57.11 98.13 110.70
C CYS G 1029 -57.35 98.24 112.19
N GLN G 1030 -58.34 99.04 112.59
CA GLN G 1030 -58.66 99.25 113.99
C GLN G 1030 -59.81 98.39 114.47
N ALA G 1031 -60.04 97.26 113.80
CA ALA G 1031 -61.03 96.28 114.23
C ALA G 1031 -60.42 94.97 114.67
N VAL G 1032 -59.42 94.46 113.96
CA VAL G 1032 -58.77 93.21 114.33
C VAL G 1032 -57.82 93.42 115.50
N ARG G 1033 -57.03 94.50 115.45
CA ARG G 1033 -56.14 94.84 116.55
C ARG G 1033 -56.90 95.29 117.79
N THR G 1034 -58.14 95.76 117.61
CA THR G 1034 -58.98 96.13 118.75
C THR G 1034 -59.39 94.90 119.55
N LEU G 1035 -59.82 93.84 118.86
CA LEU G 1035 -60.27 92.62 119.53
C LEU G 1035 -59.15 91.87 120.20
N LEU G 1036 -57.91 92.03 119.71
CA LEU G 1036 -56.76 91.45 120.40
C LEU G 1036 -56.49 92.15 121.72
N GLY G 1037 -56.85 93.43 121.82
CA GLY G 1037 -56.78 94.11 123.09
C GLY G 1037 -57.81 93.61 124.08
N TYR G 1038 -58.97 93.15 123.60
CA TYR G 1038 -59.96 92.54 124.46
C TYR G 1038 -59.69 91.07 124.75
N GLY G 1039 -58.56 90.52 124.28
CA GLY G 1039 -58.23 89.14 124.50
C GLY G 1039 -58.75 88.18 123.44
N TYR G 1040 -59.57 88.65 122.50
CA TYR G 1040 -60.09 87.80 121.44
C TYR G 1040 -58.98 87.55 120.42
N ASN G 1041 -58.39 86.37 120.48
CA ASN G 1041 -57.35 86.00 119.53
C ASN G 1041 -57.98 85.66 118.19
N ILE G 1042 -57.41 86.22 117.11
CA ILE G 1042 -57.92 86.03 115.76
C ILE G 1042 -56.80 85.43 114.92
N GLU G 1043 -57.03 84.23 114.39
CA GLU G 1043 -56.05 83.55 113.57
C GLU G 1043 -56.65 83.04 112.26
N ASP G 1059 -53.46 81.77 79.89
CA ASP G 1059 -54.08 81.41 78.62
C ASP G 1059 -53.07 80.66 77.77
N ARG G 1060 -52.44 81.36 76.84
CA ARG G 1060 -51.55 80.77 75.86
C ARG G 1060 -50.20 81.48 75.90
N VAL G 1061 -49.26 80.93 75.14
CA VAL G 1061 -47.88 81.41 75.11
C VAL G 1061 -47.50 81.67 73.66
N ARG G 1062 -47.25 82.93 73.33
CA ARG G 1062 -46.80 83.30 71.99
C ARG G 1062 -45.35 82.90 71.82
N ILE G 1063 -45.07 82.06 70.84
CA ILE G 1063 -43.74 81.47 70.65
C ILE G 1063 -43.17 81.96 69.33
N PHE G 1064 -41.90 82.32 69.33
CA PHE G 1064 -41.23 82.95 68.19
C PHE G 1064 -40.03 82.12 67.77
N ARG G 1065 -39.81 82.04 66.45
CA ARG G 1065 -38.69 81.30 65.89
C ARG G 1065 -38.35 81.85 64.52
N ALA G 1066 -37.17 81.48 64.04
CA ALA G 1066 -36.65 81.99 62.77
C ALA G 1066 -37.10 81.09 61.63
N GLU G 1067 -36.52 81.29 60.45
CA GLU G 1067 -36.84 80.46 59.30
C GLU G 1067 -35.92 79.24 59.27
N LYS G 1068 -36.46 78.12 58.77
CA LYS G 1068 -35.70 76.88 58.62
C LYS G 1068 -34.52 77.02 57.67
N SER G 1069 -34.53 78.00 56.77
CA SER G 1069 -33.38 78.27 55.92
C SER G 1069 -32.18 78.75 56.72
N TYR G 1070 -32.40 79.37 57.88
CA TYR G 1070 -31.33 79.87 58.73
C TYR G 1070 -30.87 78.85 59.75
N THR G 1071 -31.35 77.61 59.67
CA THR G 1071 -30.99 76.59 60.64
C THR G 1071 -29.57 76.13 60.37
N VAL G 1072 -28.63 76.61 61.19
CA VAL G 1072 -27.23 76.24 61.01
C VAL G 1072 -27.00 74.83 61.52
N GLN G 1073 -25.91 74.23 61.06
CA GLN G 1073 -25.56 72.86 61.44
C GLN G 1073 -24.11 72.71 61.86
N SER G 1074 -23.36 73.81 61.98
CA SER G 1074 -21.97 73.75 62.40
C SER G 1074 -21.57 75.12 62.96
N GLY G 1075 -20.31 75.21 63.36
CA GLY G 1075 -19.74 76.48 63.77
C GLY G 1075 -20.15 76.91 65.16
N ARG G 1076 -19.66 78.09 65.53
CA ARG G 1076 -19.96 78.73 66.80
C ARG G 1076 -20.84 79.93 66.55
N TRP G 1077 -21.92 80.06 67.31
CA TRP G 1077 -22.91 81.09 67.06
C TRP G 1077 -23.34 81.74 68.36
N TYR G 1078 -24.08 82.84 68.20
CA TYR G 1078 -24.49 83.65 69.34
C TYR G 1078 -25.68 84.53 68.93
N PHE G 1079 -26.62 84.68 69.86
CA PHE G 1079 -27.66 85.69 69.76
C PHE G 1079 -27.91 86.24 71.16
N GLU G 1080 -28.51 87.42 71.22
CA GLU G 1080 -28.56 88.20 72.45
C GLU G 1080 -29.98 88.68 72.70
N PHE G 1081 -30.52 88.38 73.88
CA PHE G 1081 -31.91 88.65 74.24
C PHE G 1081 -31.96 89.69 75.36
N GLU G 1082 -33.05 90.47 75.36
CA GLU G 1082 -33.30 91.46 76.40
C GLU G 1082 -34.74 91.33 76.88
N ALA G 1083 -34.91 91.12 78.19
CA ALA G 1083 -36.21 90.87 78.80
C ALA G 1083 -36.62 92.07 79.65
N VAL G 1084 -37.68 92.76 79.23
CA VAL G 1084 -38.18 93.90 79.99
C VAL G 1084 -38.89 93.40 81.26
N THR G 1085 -39.97 92.65 81.08
CA THR G 1085 -40.63 92.02 82.21
C THR G 1085 -39.90 90.75 82.61
N THR G 1086 -39.83 90.51 83.91
CA THR G 1086 -39.11 89.37 84.47
C THR G 1086 -40.00 88.15 84.65
N GLY G 1087 -41.16 88.13 84.00
CA GLY G 1087 -42.12 87.07 84.20
C GLY G 1087 -41.83 85.81 83.40
N GLU G 1088 -42.87 85.25 82.78
CA GLU G 1088 -42.78 83.96 82.11
C GLU G 1088 -42.48 84.16 80.64
N MET G 1089 -41.21 84.03 80.29
CA MET G 1089 -40.79 83.94 78.90
C MET G 1089 -39.55 83.07 78.86
N ARG G 1090 -39.33 82.40 77.74
CA ARG G 1090 -38.28 81.39 77.63
C ARG G 1090 -37.55 81.56 76.31
N VAL G 1091 -36.22 81.60 76.38
CA VAL G 1091 -35.37 81.86 75.23
C VAL G 1091 -34.29 80.79 75.17
N GLY G 1092 -34.14 80.16 74.02
CA GLY G 1092 -33.11 79.16 73.86
C GLY G 1092 -32.93 78.75 72.41
N TRP G 1093 -32.30 77.60 72.23
CA TRP G 1093 -32.12 77.00 70.92
C TRP G 1093 -33.17 75.91 70.72
N ALA G 1094 -33.42 75.57 69.45
CA ALA G 1094 -34.47 74.62 69.14
C ALA G 1094 -34.18 73.93 67.82
N ARG G 1095 -34.54 72.65 67.75
CA ARG G 1095 -34.56 71.93 66.50
C ARG G 1095 -35.65 72.50 65.60
N PRO G 1096 -35.45 72.50 64.26
CA PRO G 1096 -36.40 73.19 63.38
C PRO G 1096 -37.76 72.54 63.27
N GLU G 1097 -37.94 71.31 63.77
CA GLU G 1097 -39.24 70.64 63.66
C GLU G 1097 -40.11 70.96 64.87
N LEU G 1098 -40.42 72.25 65.01
CA LEU G 1098 -41.18 72.75 66.15
C LEU G 1098 -42.66 72.49 65.95
N ARG G 1099 -43.27 71.85 66.92
CA ARG G 1099 -44.69 71.56 66.90
C ARG G 1099 -45.43 72.54 67.79
N PRO G 1100 -46.50 73.18 67.32
CA PRO G 1100 -47.28 74.07 68.17
C PRO G 1100 -48.22 73.26 69.07
N ASP G 1101 -49.04 74.00 69.84
CA ASP G 1101 -49.96 73.48 70.86
C ASP G 1101 -49.25 72.69 71.96
N VAL G 1102 -47.94 72.85 72.11
CA VAL G 1102 -47.13 72.16 73.10
C VAL G 1102 -46.25 73.23 73.75
N GLU G 1103 -46.15 73.21 75.08
CA GLU G 1103 -45.33 74.16 75.79
C GLU G 1103 -43.85 73.95 75.49
N LEU G 1104 -43.07 74.98 75.75
CA LEU G 1104 -41.68 75.03 75.33
C LEU G 1104 -40.78 74.54 76.47
N GLY G 1105 -40.09 73.43 76.22
CA GLY G 1105 -39.13 72.89 77.17
C GLY G 1105 -39.56 71.61 77.88
N ALA G 1106 -40.68 71.02 77.51
CA ALA G 1106 -41.19 69.81 78.16
C ALA G 1106 -40.88 68.55 77.36
N ASP G 1107 -39.92 68.60 76.46
CA ASP G 1107 -39.61 67.46 75.61
C ASP G 1107 -38.14 67.52 75.19
N GLU G 1108 -37.80 66.71 74.20
CA GLU G 1108 -36.45 66.62 73.67
C GLU G 1108 -36.21 67.55 72.50
N LEU G 1109 -37.21 68.33 72.12
CA LEU G 1109 -37.15 69.07 70.85
C LEU G 1109 -36.34 70.35 70.96
N ALA G 1110 -36.50 71.09 72.06
CA ALA G 1110 -35.90 72.41 72.18
C ALA G 1110 -35.14 72.54 73.49
N TYR G 1111 -33.99 73.20 73.41
CA TYR G 1111 -33.12 73.45 74.55
C TYR G 1111 -33.35 74.90 74.98
N VAL G 1112 -34.25 75.08 75.95
CA VAL G 1112 -34.70 76.41 76.33
C VAL G 1112 -34.46 76.59 77.82
N PHE G 1113 -34.54 77.84 78.27
CA PHE G 1113 -34.28 78.19 79.66
C PHE G 1113 -35.36 79.14 80.15
N ASN G 1114 -35.82 78.91 81.37
CA ASN G 1114 -36.75 79.80 82.07
C ASN G 1114 -36.03 80.36 83.27
N GLY G 1115 -35.73 81.66 83.23
CA GLY G 1115 -35.10 82.33 84.35
C GLY G 1115 -36.03 83.14 85.22
N HIS G 1116 -37.34 82.92 85.11
CA HIS G 1116 -38.24 83.41 86.15
C HIS G 1116 -37.99 82.66 87.45
N ARG G 1117 -37.55 81.40 87.35
CA ARG G 1117 -37.13 80.64 88.51
C ARG G 1117 -35.69 80.15 88.41
N GLY G 1118 -34.99 80.45 87.31
CA GLY G 1118 -33.67 79.93 87.08
C GLY G 1118 -33.71 78.43 86.82
N GLN G 1119 -34.42 78.04 85.76
CA GLN G 1119 -34.69 76.63 85.49
C GLN G 1119 -34.49 76.35 84.00
N ARG G 1120 -33.62 75.40 83.68
CA ARG G 1120 -33.49 74.94 82.30
C ARG G 1120 -34.51 73.83 82.04
N TRP G 1121 -35.19 73.93 80.89
CA TRP G 1121 -36.29 73.02 80.59
C TRP G 1121 -35.93 72.24 79.34
N HIS G 1122 -35.57 70.97 79.52
CA HIS G 1122 -35.41 70.05 78.41
C HIS G 1122 -35.70 68.66 78.93
N LEU G 1123 -36.66 67.97 78.29
CA LEU G 1123 -37.30 66.76 78.82
C LEU G 1123 -37.80 66.99 80.25
N GLY G 1124 -38.45 68.13 80.43
CA GLY G 1124 -38.87 68.57 81.75
C GLY G 1124 -37.97 69.65 82.31
N SER G 1125 -38.39 70.18 83.45
CA SER G 1125 -37.67 71.27 84.08
C SER G 1125 -36.48 70.77 84.87
N GLU G 1126 -35.41 71.56 84.86
CA GLU G 1126 -34.25 71.34 85.71
C GLU G 1126 -33.80 72.70 86.24
N PRO G 1127 -33.76 72.88 87.57
CA PRO G 1127 -33.34 74.17 88.11
C PRO G 1127 -31.88 74.47 87.83
N PHE G 1128 -31.61 75.71 87.40
CA PHE G 1128 -30.31 76.04 86.81
C PHE G 1128 -30.06 77.53 87.07
N GLY G 1129 -29.27 77.82 88.09
CA GLY G 1129 -28.86 79.18 88.34
C GLY G 1129 -29.94 80.03 88.99
N ARG G 1130 -29.67 81.33 88.98
CA ARG G 1130 -30.39 82.41 89.65
C ARG G 1130 -31.50 82.96 88.78
N PRO G 1131 -32.53 83.57 89.40
CA PRO G 1131 -33.55 84.26 88.61
C PRO G 1131 -33.10 85.58 88.03
N TRP G 1132 -34.05 86.31 87.44
CA TRP G 1132 -33.79 87.46 86.60
C TRP G 1132 -33.70 88.76 87.37
N GLN G 1133 -33.23 89.79 86.68
CA GLN G 1133 -33.28 91.18 87.09
C GLN G 1133 -33.94 92.00 85.99
N SER G 1134 -34.02 93.31 86.19
CA SER G 1134 -34.50 94.18 85.14
C SER G 1134 -33.44 94.36 84.07
N GLY G 1135 -33.89 94.71 82.86
CA GLY G 1135 -32.99 94.76 81.73
C GLY G 1135 -32.75 93.37 81.16
N ASP G 1136 -31.99 92.57 81.91
CA ASP G 1136 -31.89 91.12 81.78
C ASP G 1136 -31.36 90.71 80.39
N VAL G 1137 -30.11 91.09 80.16
CA VAL G 1137 -29.42 90.72 78.94
C VAL G 1137 -29.16 89.22 78.94
N VAL G 1138 -29.78 88.51 78.00
CA VAL G 1138 -29.65 87.05 77.90
C VAL G 1138 -28.88 86.73 76.64
N GLY G 1139 -27.79 85.99 76.78
CA GLY G 1139 -26.99 85.55 75.65
C GLY G 1139 -26.91 84.04 75.61
N CYS G 1140 -26.97 83.48 74.40
CA CYS G 1140 -26.97 82.04 74.22
C CYS G 1140 -25.91 81.69 73.19
N MET G 1141 -25.09 80.68 73.51
CA MET G 1141 -23.99 80.26 72.67
C MET G 1141 -24.08 78.77 72.42
N ILE G 1142 -23.45 78.33 71.33
CA ILE G 1142 -23.37 76.92 71.00
C ILE G 1142 -22.11 76.69 70.19
N ASP G 1143 -21.42 75.60 70.49
CA ASP G 1143 -20.35 75.08 69.64
C ASP G 1143 -20.79 73.68 69.23
N LEU G 1144 -21.24 73.55 67.99
CA LEU G 1144 -21.75 72.27 67.51
C LEU G 1144 -20.64 71.26 67.30
N THR G 1145 -19.39 71.73 67.16
CA THR G 1145 -18.25 70.82 67.24
C THR G 1145 -18.13 70.26 68.65
N GLU G 1146 -18.22 71.13 69.66
CA GLU G 1146 -18.19 70.70 71.05
C GLU G 1146 -19.49 70.00 71.45
N ASN G 1147 -20.59 70.30 70.74
CA ASN G 1147 -21.94 69.84 71.06
C ASN G 1147 -22.33 70.24 72.49
N THR G 1148 -22.13 71.52 72.78
CA THR G 1148 -22.43 72.07 74.10
C THR G 1148 -23.00 73.47 73.94
N ILE G 1149 -24.15 73.69 74.52
CA ILE G 1149 -24.85 74.97 74.47
C ILE G 1149 -24.45 75.77 75.70
N ILE G 1150 -24.19 77.07 75.52
CA ILE G 1150 -23.73 77.93 76.60
C ILE G 1150 -24.70 79.09 76.76
N PHE G 1151 -25.21 79.27 77.98
CA PHE G 1151 -26.10 80.35 78.33
C PHE G 1151 -25.36 81.40 79.14
N THR G 1152 -25.48 82.66 78.75
CA THR G 1152 -24.89 83.77 79.47
C THR G 1152 -25.97 84.79 79.82
N LEU G 1153 -26.00 85.22 81.08
CA LEU G 1153 -26.96 86.19 81.56
C LEU G 1153 -26.24 87.44 82.02
N ASN G 1154 -26.67 88.59 81.48
CA ASN G 1154 -26.12 89.92 81.77
C ASN G 1154 -24.61 89.97 81.52
N GLY G 1155 -24.20 89.34 80.43
CA GLY G 1155 -22.78 89.22 80.13
C GLY G 1155 -22.03 88.34 81.12
N GLU G 1156 -22.70 87.34 81.68
CA GLU G 1156 -22.05 86.44 82.61
C GLU G 1156 -22.59 85.03 82.42
N VAL G 1157 -21.68 84.08 82.26
CA VAL G 1157 -22.06 82.69 82.02
C VAL G 1157 -22.71 82.10 83.27
N LEU G 1158 -23.79 81.36 83.07
CA LEU G 1158 -24.52 80.75 84.16
C LEU G 1158 -23.87 79.44 84.57
N MET G 1159 -23.99 79.12 85.86
CA MET G 1159 -23.45 77.89 86.40
C MET G 1159 -24.56 76.87 86.64
N SER G 1160 -24.15 75.63 86.86
CA SER G 1160 -25.07 74.54 87.14
C SER G 1160 -25.19 74.32 88.64
N ASP G 1161 -25.96 73.29 89.00
CA ASP G 1161 -26.00 72.85 90.39
C ASP G 1161 -24.71 72.13 90.77
N SER G 1162 -23.99 71.59 89.79
CA SER G 1162 -22.66 71.03 89.99
C SER G 1162 -21.56 71.98 89.57
N GLY G 1163 -21.90 73.24 89.30
CA GLY G 1163 -20.91 74.22 88.91
C GLY G 1163 -20.44 74.13 87.48
N SER G 1164 -21.09 73.32 86.64
CA SER G 1164 -20.70 73.20 85.26
C SER G 1164 -21.15 74.42 84.47
N GLU G 1165 -20.60 74.56 83.26
CA GLU G 1165 -20.83 75.72 82.42
C GLU G 1165 -21.87 75.37 81.35
N THR G 1166 -23.14 75.43 81.77
CA THR G 1166 -24.33 75.17 80.95
C THR G 1166 -24.26 73.79 80.31
N ALA G 1167 -24.34 72.78 81.18
CA ALA G 1167 -24.04 71.40 80.82
C ALA G 1167 -25.17 70.84 79.96
N PHE G 1168 -25.07 71.10 78.66
CA PHE G 1168 -25.86 70.41 77.65
C PHE G 1168 -24.88 69.58 76.83
N ARG G 1169 -24.57 68.40 77.34
CA ARG G 1169 -23.57 67.54 76.73
C ARG G 1169 -24.26 66.42 75.96
N GLU G 1170 -23.57 65.95 74.91
CA GLU G 1170 -24.03 64.89 74.00
C GLU G 1170 -25.37 65.29 73.36
N ILE G 1171 -25.28 66.31 72.53
CA ILE G 1171 -26.36 66.69 71.64
C ILE G 1171 -25.90 66.39 70.21
N GLU G 1172 -26.82 65.89 69.40
CA GLU G 1172 -26.49 65.53 68.03
C GLU G 1172 -26.94 66.63 67.09
N ILE G 1173 -26.42 66.57 65.86
CA ILE G 1173 -26.78 67.55 64.85
C ILE G 1173 -28.23 67.34 64.41
N GLY G 1174 -28.51 66.16 63.85
CA GLY G 1174 -29.83 65.88 63.32
C GLY G 1174 -30.10 66.74 62.09
N ASP G 1175 -30.97 67.74 62.27
CA ASP G 1175 -31.24 68.73 61.24
C ASP G 1175 -30.91 70.12 61.74
N GLY G 1176 -29.88 70.25 62.57
CA GLY G 1176 -29.44 71.54 63.04
C GLY G 1176 -30.30 72.10 64.15
N PHE G 1177 -30.01 73.35 64.49
CA PHE G 1177 -30.70 74.03 65.58
C PHE G 1177 -31.00 75.46 65.16
N LEU G 1178 -31.91 76.09 65.92
CA LEU G 1178 -32.40 77.40 65.56
C LEU G 1178 -32.77 78.08 66.88
N PRO G 1179 -32.55 79.38 67.01
CA PRO G 1179 -33.00 80.07 68.23
C PRO G 1179 -34.52 80.12 68.32
N VAL G 1180 -35.01 80.21 69.55
CA VAL G 1180 -36.44 80.20 69.82
C VAL G 1180 -36.73 81.13 70.99
N CYS G 1181 -37.89 81.76 70.96
CA CYS G 1181 -38.35 82.62 72.04
C CYS G 1181 -39.82 82.38 72.28
N SER G 1182 -40.24 82.56 73.52
CA SER G 1182 -41.63 82.45 73.90
C SER G 1182 -42.01 83.65 74.76
N LEU G 1183 -43.32 83.86 74.93
CA LEU G 1183 -43.82 84.96 75.74
C LEU G 1183 -45.12 84.56 76.43
N GLY G 1184 -45.17 84.75 77.74
CA GLY G 1184 -46.38 84.50 78.50
C GLY G 1184 -47.33 85.68 78.43
N PRO G 1185 -48.35 85.68 79.30
CA PRO G 1185 -49.37 86.73 79.26
C PRO G 1185 -48.82 88.06 79.74
N GLY G 1186 -48.93 89.08 78.90
CA GLY G 1186 -48.47 90.41 79.25
C GLY G 1186 -46.97 90.53 79.38
N GLN G 1187 -46.21 89.71 78.66
CA GLN G 1187 -44.76 89.70 78.75
C GLN G 1187 -44.18 90.47 77.58
N VAL G 1188 -43.43 91.53 77.87
CA VAL G 1188 -42.84 92.37 76.84
C VAL G 1188 -41.33 92.20 76.84
N GLY G 1189 -40.73 92.51 75.71
CA GLY G 1189 -39.30 92.31 75.51
C GLY G 1189 -39.01 92.10 74.04
N HIS G 1190 -37.71 92.07 73.72
CA HIS G 1190 -37.27 91.93 72.35
C HIS G 1190 -36.06 91.01 72.27
N LEU G 1191 -35.76 90.58 71.05
CA LEU G 1191 -34.60 89.75 70.76
C LEU G 1191 -33.71 90.46 69.75
N ASN G 1192 -32.43 90.56 70.07
CA ASN G 1192 -31.43 90.97 69.09
C ASN G 1192 -30.82 89.73 68.47
N LEU G 1193 -30.31 89.90 67.25
CA LEU G 1193 -29.81 88.74 66.50
C LEU G 1193 -28.40 88.95 65.98
N GLY G 1194 -27.92 90.18 65.87
CA GLY G 1194 -26.58 90.41 65.36
C GLY G 1194 -26.59 90.85 63.92
N GLN G 1195 -27.61 91.61 63.52
CA GLN G 1195 -27.60 92.21 62.20
C GLN G 1195 -26.56 93.32 62.12
N ASP G 1196 -26.38 94.07 63.21
CA ASP G 1196 -25.35 95.09 63.30
C ASP G 1196 -24.48 94.80 64.52
N VAL G 1197 -23.19 95.09 64.40
CA VAL G 1197 -22.24 94.83 65.48
C VAL G 1197 -22.51 95.77 66.66
N SER G 1198 -22.71 97.06 66.39
CA SER G 1198 -22.99 98.01 67.45
C SER G 1198 -24.39 97.83 68.03
N SER G 1199 -25.29 97.18 67.30
CA SER G 1199 -26.62 96.89 67.84
C SER G 1199 -26.57 95.85 68.94
N LEU G 1200 -25.55 95.01 68.97
CA LEU G 1200 -25.36 94.07 70.07
C LEU G 1200 -25.00 94.84 71.33
N ARG G 1201 -25.66 94.48 72.43
CA ARG G 1201 -25.61 95.31 73.63
C ARG G 1201 -24.26 95.20 74.33
N PHE G 1202 -23.88 94.00 74.75
CA PHE G 1202 -22.60 93.84 75.45
C PHE G 1202 -21.50 93.48 74.47
N PHE G 1203 -21.59 92.28 73.87
CA PHE G 1203 -20.70 91.77 72.81
C PHE G 1203 -19.22 91.91 73.19
N ALA G 1204 -18.92 91.64 74.46
CA ALA G 1204 -17.55 91.82 74.92
C ALA G 1204 -17.03 90.71 75.80
N ILE G 1205 -17.88 89.93 76.46
CA ILE G 1205 -17.42 89.09 77.56
C ILE G 1205 -16.89 87.77 77.04
N CYS G 1206 -17.68 87.07 76.22
CA CYS G 1206 -17.31 85.76 75.73
C CYS G 1206 -17.44 85.66 74.22
N GLY G 1207 -17.97 86.70 73.56
CA GLY G 1207 -18.21 86.66 72.13
C GLY G 1207 -16.97 86.61 71.27
N LEU G 1208 -16.09 87.61 71.41
CA LEU G 1208 -14.94 87.71 70.52
C LEU G 1208 -13.87 86.69 70.83
N GLN G 1209 -13.51 86.55 72.10
CA GLN G 1209 -12.33 85.76 72.47
C GLN G 1209 -12.60 84.26 72.50
N GLU G 1210 -13.80 83.80 72.14
CA GLU G 1210 -14.09 82.37 72.14
C GLU G 1210 -14.63 81.89 70.79
N GLY G 1211 -14.43 82.66 69.73
CA GLY G 1211 -14.77 82.21 68.40
C GLY G 1211 -16.24 82.17 68.06
N PHE G 1212 -17.10 82.69 68.93
CA PHE G 1212 -18.53 82.69 68.64
C PHE G 1212 -18.86 83.82 67.68
N GLU G 1213 -20.07 83.76 67.12
CA GLU G 1213 -20.42 84.64 66.03
C GLU G 1213 -21.84 85.15 66.19
N PRO G 1214 -22.07 86.44 65.97
CA PRO G 1214 -23.46 86.92 65.85
C PRO G 1214 -24.12 86.31 64.62
N PHE G 1215 -25.43 86.14 64.71
CA PHE G 1215 -26.12 85.22 63.81
C PHE G 1215 -26.29 85.83 62.41
N ALA G 1216 -27.07 86.90 62.30
CA ALA G 1216 -27.38 87.47 61.00
C ALA G 1216 -26.41 88.59 60.62
N ILE G 1217 -25.11 88.30 60.69
CA ILE G 1217 -24.12 89.34 60.47
C ILE G 1217 -23.92 89.60 58.97
N ASN G 1218 -23.92 88.55 58.16
CA ASN G 1218 -23.71 88.70 56.72
C ASN G 1218 -25.06 88.74 55.99
N MET G 1219 -25.90 89.68 56.40
CA MET G 1219 -27.24 89.79 55.85
C MET G 1219 -27.52 91.22 55.44
N GLN G 1220 -28.46 91.37 54.51
CA GLN G 1220 -28.98 92.67 54.11
C GLN G 1220 -30.40 92.88 54.58
N ARG G 1221 -30.94 91.96 55.38
CA ARG G 1221 -32.30 92.05 55.88
C ARG G 1221 -32.38 91.22 57.16
N PRO G 1222 -33.32 91.51 58.05
CA PRO G 1222 -33.56 90.63 59.20
C PRO G 1222 -34.32 89.38 58.78
N VAL G 1223 -34.27 88.38 59.66
CA VAL G 1223 -35.08 87.17 59.48
C VAL G 1223 -36.54 87.53 59.72
N THR G 1224 -37.45 86.85 59.01
CA THR G 1224 -38.87 87.18 59.04
C THR G 1224 -39.55 86.84 60.36
N THR G 1225 -38.92 86.03 61.22
CA THR G 1225 -39.34 85.74 62.60
C THR G 1225 -40.77 85.15 62.66
N TRP G 1226 -40.86 83.91 62.19
CA TRP G 1226 -42.09 83.13 62.27
C TRP G 1226 -42.59 83.01 63.71
N PHE G 1227 -43.91 82.94 63.86
CA PHE G 1227 -44.49 82.85 65.19
C PHE G 1227 -45.74 81.99 65.14
N SER G 1228 -46.32 81.78 66.31
CA SER G 1228 -47.46 80.89 66.46
C SER G 1228 -48.77 81.64 66.21
N LYS G 1229 -49.60 81.08 65.35
CA LYS G 1229 -50.95 81.59 65.17
C LYS G 1229 -51.79 81.26 66.40
N SER G 1230 -52.66 82.18 66.77
CA SER G 1230 -53.49 82.01 67.97
C SER G 1230 -54.96 81.87 67.61
N LEU G 1231 -55.27 81.08 66.58
CA LEU G 1231 -56.66 80.91 66.17
C LEU G 1231 -56.88 79.44 65.80
N PRO G 1232 -58.05 78.88 66.13
CA PRO G 1232 -58.38 77.51 65.71
C PRO G 1232 -58.80 77.41 64.24
N GLN G 1233 -57.80 77.33 63.38
CA GLN G 1233 -58.06 77.07 61.96
C GLN G 1233 -58.12 75.58 61.71
N PHE G 1234 -58.73 75.22 60.58
CA PHE G 1234 -58.95 73.82 60.27
C PHE G 1234 -57.66 73.11 59.91
N GLU G 1235 -57.67 71.80 60.07
CA GLU G 1235 -56.56 70.94 59.72
C GLU G 1235 -57.10 69.54 59.47
N PRO G 1236 -56.80 68.93 58.32
CA PRO G 1236 -57.24 67.57 58.07
C PRO G 1236 -56.51 66.59 58.97
N VAL G 1237 -57.14 65.44 59.18
CA VAL G 1237 -56.65 64.44 60.13
C VAL G 1237 -55.39 63.79 59.58
N PRO G 1238 -54.28 63.81 60.33
CA PRO G 1238 -53.09 63.08 59.89
C PRO G 1238 -53.33 61.59 59.98
N PRO G 1239 -52.63 60.80 59.16
CA PRO G 1239 -52.81 59.33 59.23
C PRO G 1239 -52.26 58.71 60.50
N GLU G 1240 -51.40 59.42 61.23
CA GLU G 1240 -50.82 58.92 62.47
C GLU G 1240 -51.38 59.74 63.64
N HIS G 1241 -52.41 59.22 64.27
CA HIS G 1241 -52.83 59.70 65.57
C HIS G 1241 -52.89 58.52 66.53
N PRO G 1242 -52.55 58.71 67.81
CA PRO G 1242 -52.58 57.57 68.75
C PRO G 1242 -53.95 56.97 68.98
N HIS G 1243 -55.00 57.79 69.05
CA HIS G 1243 -56.32 57.27 69.33
C HIS G 1243 -57.41 57.77 68.39
N TYR G 1244 -57.06 58.52 67.36
CA TYR G 1244 -58.02 58.97 66.36
C TYR G 1244 -57.76 58.21 65.06
N GLU G 1245 -58.82 57.65 64.49
CA GLU G 1245 -58.70 56.91 63.24
C GLU G 1245 -60.03 56.93 62.51
N VAL G 1246 -59.96 56.86 61.18
CA VAL G 1246 -61.12 56.79 60.32
C VAL G 1246 -60.87 55.67 59.32
N ALA G 1247 -61.94 55.04 58.85
CA ALA G 1247 -61.84 53.91 57.93
C ALA G 1247 -62.74 54.16 56.72
N ARG G 1248 -62.17 54.04 55.53
CA ARG G 1248 -62.92 54.21 54.29
C ARG G 1248 -63.83 53.01 54.07
N MET G 1249 -65.14 53.22 54.16
CA MET G 1249 -66.09 52.16 53.93
C MET G 1249 -66.24 51.89 52.44
N ASP G 1250 -67.00 50.85 52.10
CA ASP G 1250 -67.29 50.50 50.73
C ASP G 1250 -68.80 50.49 50.52
N GLY G 1251 -69.20 50.70 49.26
CA GLY G 1251 -70.60 50.71 48.93
C GLY G 1251 -71.11 49.34 48.51
N THR G 1252 -71.76 48.62 49.43
CA THR G 1252 -72.28 47.30 49.13
C THR G 1252 -73.66 47.42 48.48
N VAL G 1253 -74.33 46.29 48.30
CA VAL G 1253 -75.67 46.30 47.73
C VAL G 1253 -76.69 46.85 48.74
N ASP G 1254 -76.37 46.78 50.03
CA ASP G 1254 -77.24 47.32 51.06
C ASP G 1254 -76.72 48.60 51.70
N THR G 1255 -75.41 48.85 51.62
CA THR G 1255 -74.84 49.99 52.31
C THR G 1255 -74.24 50.98 51.32
N PRO G 1256 -74.40 52.28 51.57
CA PRO G 1256 -73.69 53.28 50.77
C PRO G 1256 -72.24 53.36 51.20
N PRO G 1257 -71.37 53.97 50.39
CA PRO G 1257 -69.99 54.25 50.87
C PRO G 1257 -70.03 55.27 52.00
N CYS G 1258 -69.53 54.88 53.16
CA CYS G 1258 -69.60 55.67 54.37
C CYS G 1258 -68.21 56.11 54.80
N LEU G 1259 -68.15 56.88 55.89
CA LEU G 1259 -66.91 57.30 56.51
C LEU G 1259 -67.04 57.01 58.00
N ARG G 1260 -66.71 55.79 58.39
CA ARG G 1260 -66.88 55.37 59.78
C ARG G 1260 -65.73 55.88 60.63
N LEU G 1261 -66.08 56.53 61.74
CA LEU G 1261 -65.09 57.00 62.70
C LEU G 1261 -64.89 55.94 63.76
N ALA G 1262 -63.65 55.81 64.24
CA ALA G 1262 -63.34 54.89 65.32
C ALA G 1262 -62.35 55.57 66.26
N HIS G 1263 -62.14 54.95 67.41
CA HIS G 1263 -61.32 55.49 68.47
C HIS G 1263 -60.65 54.35 69.21
N ARG G 1264 -59.44 54.61 69.70
CA ARG G 1264 -58.77 53.64 70.57
C ARG G 1264 -59.44 53.69 71.95
N UNK G 1265 -60.59 53.04 72.06
CA UNK G 1265 -61.45 53.14 73.22
C UNK G 1265 -60.91 52.34 74.39
N UNK G 1266 -59.88 52.86 75.03
CA UNK G 1266 -59.27 52.17 76.16
C UNK G 1266 -58.99 53.13 77.29
N UNK G 1267 -58.03 52.78 78.14
CA UNK G 1267 -57.66 53.62 79.26
C UNK G 1267 -56.63 54.66 78.84
N UNK G 1268 -55.49 54.70 79.55
CA UNK G 1268 -54.38 55.61 79.32
C UNK G 1268 -54.79 57.08 79.32
N UNK G 1269 -55.30 57.56 78.18
CA UNK G 1269 -55.72 58.94 78.06
C UNK G 1269 -56.84 59.09 77.03
N UNK G 1270 -57.49 60.25 77.03
CA UNK G 1270 -58.55 60.54 76.08
C UNK G 1270 -58.54 62.03 75.74
N UNK G 1271 -59.66 62.53 75.25
CA UNK G 1271 -59.77 63.94 74.89
C UNK G 1271 -61.19 64.44 75.02
N UNK G 1272 -61.42 65.66 74.53
CA UNK G 1272 -62.73 66.31 74.66
C UNK G 1272 -63.57 66.14 73.41
N UNK G 1273 -64.31 67.19 73.06
CA UNK G 1273 -65.19 67.16 71.91
C UNK G 1273 -64.43 67.46 70.62
N UNK G 1274 -64.22 66.43 69.81
CA UNK G 1274 -63.52 66.58 68.54
C UNK G 1274 -64.46 67.17 67.49
N UNK G 1275 -64.26 68.44 67.17
CA UNK G 1275 -65.06 69.10 66.15
C UNK G 1275 -64.63 68.66 64.76
N UNK G 1276 -65.30 67.64 64.24
CA UNK G 1276 -64.99 67.08 62.93
C UNK G 1276 -65.68 67.85 61.82
N UNK G 1277 -65.04 67.91 60.66
CA UNK G 1277 -65.58 68.66 59.53
C UNK G 1277 -65.14 68.06 58.20
N UNK G 1278 -66.10 67.80 57.33
CA UNK G 1278 -65.83 67.22 56.02
C UNK G 1278 -65.15 68.22 55.09
N UNK G 1279 -64.43 67.72 54.08
CA UNK G 1279 -63.75 68.58 53.12
C UNK G 1279 -64.65 68.87 51.93
N UNK G 1280 -65.84 69.40 52.21
CA UNK G 1280 -66.80 69.69 51.18
C UNK G 1280 -66.95 71.20 51.00
N UNK G 1281 -67.62 71.59 49.93
CA UNK G 1281 -67.88 72.99 49.65
C UNK G 1281 -69.16 73.11 48.83
N UNK G 1282 -70.30 73.13 49.52
CA UNK G 1282 -71.58 73.20 48.86
C UNK G 1282 -72.03 74.64 48.66
N UNK G 1283 -71.85 75.15 47.45
CA UNK G 1283 -72.23 76.52 47.12
C UNK G 1283 -73.71 76.62 46.76
N UNK G 1284 -74.37 77.68 47.19
CA UNK G 1284 -75.78 77.90 46.87
C UNK G 1284 -75.92 78.32 45.42
N UNK G 1285 -77.12 78.12 44.86
CA UNK G 1285 -77.35 78.32 43.44
C UNK G 1285 -77.56 79.78 43.05
N UNK G 1286 -77.56 80.68 44.03
CA UNK G 1286 -77.76 82.10 43.77
C UNK G 1286 -76.50 82.72 43.16
N UNK G 1287 -81.61 85.31 43.11
CA UNK G 1287 -81.17 84.55 41.95
C UNK G 1287 -81.60 83.09 42.08
N UNK G 1288 -81.73 82.63 43.31
CA UNK G 1288 -82.19 81.27 43.57
C UNK G 1288 -82.89 81.20 44.93
N UNK G 1289 -83.24 79.99 45.34
CA UNK G 1289 -83.93 79.79 46.61
C UNK G 1289 -83.30 78.66 47.41
N UNK G 1290 -82.60 79.03 48.47
CA UNK G 1290 -81.95 78.04 49.34
C UNK G 1290 -82.75 77.88 50.63
N UNK G 1291 -83.41 76.73 50.76
CA UNK G 1291 -84.20 76.45 51.95
C UNK G 1291 -83.89 75.05 52.48
N UNK G 1292 -82.80 74.93 53.23
CA UNK G 1292 -82.39 73.64 53.77
C UNK G 1292 -83.21 73.27 54.98
N UNK G 1293 -83.24 71.98 55.30
CA UNK G 1293 -84.02 71.49 56.43
C UNK G 1293 -83.44 70.18 56.97
N UNK G 1294 -83.07 70.19 58.24
CA UNK G 1294 -82.56 68.99 58.89
C UNK G 1294 -83.73 68.07 59.21
N UNK G 1295 -83.53 66.78 59.01
CA UNK G 1295 -84.55 65.78 59.30
C UNK G 1295 -83.95 64.65 60.11
N UNK G 1296 -84.72 64.13 61.06
CA UNK G 1296 -84.26 63.03 61.89
C UNK G 1296 -84.54 61.69 61.23
N UNK G 1297 -84.92 60.70 62.02
CA UNK G 1297 -85.26 59.38 61.48
C UNK G 1297 -86.63 59.42 60.82
N UNK G 1298 -87.46 60.37 61.24
CA UNK G 1298 -88.79 60.53 60.68
C UNK G 1298 -89.27 61.98 60.79
N UNK G 1299 -89.15 62.53 62.00
CA UNK G 1299 -89.64 63.88 62.28
C UNK G 1299 -88.70 64.94 61.71
N UNK G 1300 -89.12 66.20 61.83
CA UNK G 1300 -88.35 67.32 61.30
C UNK G 1300 -88.64 68.63 62.02
N UNK G 1301 -87.71 69.04 62.88
CA UNK G 1301 -87.74 70.38 63.46
C UNK G 1301 -86.77 71.22 62.63
N UNK G 1302 -87.28 71.78 61.54
CA UNK G 1302 -86.43 72.39 60.52
C UNK G 1302 -85.99 73.82 60.87
N UNK G 1303 -86.34 74.76 59.99
CA UNK G 1303 -85.94 76.18 60.05
C UNK G 1303 -84.44 76.39 60.12
N UNK G 1304 -84.05 77.62 60.48
CA UNK G 1304 -82.66 78.07 60.64
C UNK G 1304 -81.77 77.84 59.42
N UNK G 1305 -82.38 77.78 58.25
CA UNK G 1305 -81.67 77.45 57.02
C UNK G 1305 -82.51 77.87 55.82
N UNK G 1306 -82.74 79.17 55.70
CA UNK G 1306 -83.52 79.71 54.59
C UNK G 1306 -83.09 81.14 54.30
N UNK G 1307 -81.80 81.41 54.48
CA UNK G 1307 -81.27 82.75 54.24
C UNK G 1307 -79.93 82.67 53.50
N UNK G 1308 -79.99 82.46 52.19
CA UNK G 1308 -78.78 82.35 51.39
C UNK G 1308 -79.05 82.71 49.93
N UNK G 1309 -78.23 83.61 49.40
CA UNK G 1309 -78.31 83.94 47.98
C UNK G 1309 -77.31 83.10 47.22
N UNK G 1310 -76.06 83.13 47.68
CA UNK G 1310 -75.00 82.32 47.10
C UNK G 1310 -73.98 81.95 48.16
N UNK G 1311 -74.47 81.30 49.22
CA UNK G 1311 -73.62 80.91 50.35
C UNK G 1311 -72.76 79.70 50.02
N UNK G 1312 -72.04 79.21 51.03
CA UNK G 1312 -71.19 78.03 50.86
C UNK G 1312 -70.99 77.33 52.20
N UNK G 1313 -71.78 76.30 52.46
CA UNK G 1313 -71.72 75.59 53.73
C UNK G 1313 -71.08 74.21 53.55
N UNK G 1314 -70.36 73.77 54.58
CA UNK G 1314 -69.73 72.46 54.57
C UNK G 1314 -70.42 71.53 55.57
N UNK G 1315 -70.44 70.24 55.25
CA UNK G 1315 -71.03 69.26 56.15
C UNK G 1315 -70.12 69.07 57.37
N UNK G 1316 -70.72 69.10 58.55
CA UNK G 1316 -69.95 69.04 59.79
C UNK G 1316 -70.59 68.14 60.83
N UNK G 1317 -69.79 67.75 61.82
CA UNK G 1317 -70.27 66.91 62.92
C UNK G 1317 -69.42 67.14 64.16
N UNK G 1318 -69.67 68.25 64.85
CA UNK G 1318 -68.93 68.56 66.07
C UNK G 1318 -69.43 67.68 67.21
N UNK G 1319 -68.76 66.55 67.40
CA UNK G 1319 -69.19 65.57 68.38
C UNK G 1319 -68.18 65.40 69.52
N UNK G 1320 -68.61 64.72 70.58
CA UNK G 1320 -67.75 64.45 71.72
C UNK G 1320 -67.55 62.95 71.91
N UNK G 1321 -66.50 62.59 72.63
CA UNK G 1321 -66.12 61.19 72.80
C UNK G 1321 -67.06 60.43 73.73
N UNK G 1322 -67.20 59.13 73.48
CA UNK G 1322 -68.04 58.27 74.31
C UNK G 1322 -67.32 56.96 74.60
N UNK G 1323 -66.03 56.90 74.24
CA UNK G 1323 -65.13 55.77 74.48
C UNK G 1323 -65.64 54.44 73.93
N UNK G 1324 -66.01 54.42 72.65
CA UNK G 1324 -66.46 53.20 71.99
C UNK G 1324 -66.18 53.29 70.51
N UNK G 1325 -67.24 53.44 69.72
CA UNK G 1325 -67.13 53.65 68.29
C UNK G 1325 -68.17 54.68 67.88
N UNK G 1326 -67.70 55.86 67.46
CA UNK G 1326 -68.60 57.00 67.27
C UNK G 1326 -69.33 56.98 65.93
N UNK G 1327 -69.29 58.12 65.24
CA UNK G 1327 -70.13 58.34 64.08
C UNK G 1327 -69.69 57.56 62.84
N UNK G 1328 -70.58 57.57 61.85
CA UNK G 1328 -70.31 56.94 60.56
C UNK G 1328 -70.98 57.77 59.48
N UNK G 1329 -70.25 58.74 58.94
CA UNK G 1329 -70.78 59.65 57.93
C UNK G 1329 -71.00 58.93 56.61
N UNK G 1330 -72.24 58.51 56.39
CA UNK G 1330 -72.59 57.78 55.18
C UNK G 1330 -72.89 58.73 54.03
N UNK G 1331 -72.77 58.22 52.80
CA UNK G 1331 -73.09 59.00 51.62
C UNK G 1331 -74.15 58.28 50.80
N UNK G 1332 -75.40 58.40 51.23
CA UNK G 1332 -76.51 57.72 50.59
C UNK G 1332 -77.33 58.66 49.71
N UNK G 1333 -78.10 58.08 48.81
CA UNK G 1333 -79.00 58.84 47.96
C UNK G 1333 -80.43 58.48 48.28
N UNK G 1334 -81.36 59.36 47.95
CA UNK G 1334 -82.78 59.09 48.13
C UNK G 1334 -83.47 59.22 46.79
N UNK G 1335 -84.80 59.17 46.80
CA UNK G 1335 -85.57 59.30 45.57
C UNK G 1335 -85.83 60.77 45.24
N UNK G 1336 -85.47 61.65 46.17
CA UNK G 1336 -85.73 63.08 46.02
C UNK G 1336 -84.44 63.89 45.95
N UNK G 1337 -84.21 64.73 46.96
CA UNK G 1337 -83.09 65.66 46.97
C UNK G 1337 -81.81 65.02 47.48
N UNK G 1338 -80.81 65.86 47.73
CA UNK G 1338 -79.52 65.41 48.22
C UNK G 1338 -79.56 65.20 49.73
N UNK G 1339 -79.31 63.96 50.16
CA UNK G 1339 -79.34 63.63 51.57
C UNK G 1339 -77.96 63.25 52.08
N UNK G 1340 -77.61 63.74 53.27
CA UNK G 1340 -76.32 63.45 53.88
C UNK G 1340 -76.51 62.79 55.24
N UNK G 1341 -76.63 61.46 55.24
CA UNK G 1341 -76.89 60.72 56.46
C UNK G 1341 -75.64 60.52 57.30
N UNK G 1342 -75.84 60.27 58.59
CA UNK G 1342 -74.75 60.03 59.52
C UNK G 1342 -75.24 59.19 60.70
N UNK G 1343 -74.89 57.92 60.70
CA UNK G 1343 -75.31 57.01 61.76
C UNK G 1343 -74.45 57.21 63.01
N UNK G 1344 -74.98 56.81 64.16
CA UNK G 1344 -74.29 56.98 65.43
C UNK G 1344 -74.60 55.85 66.41
N UNK G 1345 -73.88 55.84 67.53
CA UNK G 1345 -74.06 54.83 68.57
C UNK G 1345 -73.80 55.41 69.95
N UNK G 1346 -73.57 56.71 70.01
CA UNK G 1346 -73.26 57.38 71.27
C UNK G 1346 -74.49 58.09 71.84
N UNK G 1347 -74.28 58.84 72.91
CA UNK G 1347 -75.36 59.51 73.61
C UNK G 1347 -75.71 60.86 72.97
N UNK G 1348 -75.21 61.93 73.57
CA UNK G 1348 -75.52 63.28 73.08
C UNK G 1348 -74.34 63.89 72.36
N UNK G 1349 -74.57 64.30 71.11
CA UNK G 1349 -73.55 64.96 70.30
C UNK G 1349 -74.24 65.79 69.23
N UNK G 1350 -73.88 67.06 69.13
CA UNK G 1350 -74.53 67.97 68.19
C UNK G 1350 -74.04 67.76 66.76
N UNK G 1351 -74.94 67.92 65.81
CA UNK G 1351 -74.60 67.82 64.40
C UNK G 1351 -75.04 69.08 63.67
N UNK G 1352 -74.38 69.38 62.56
CA UNK G 1352 -74.62 70.64 61.86
C UNK G 1352 -74.23 70.60 60.39
N UNK G 1353 -74.26 71.78 59.77
CA UNK G 1353 -73.77 71.96 58.41
C UNK G 1353 -73.09 73.32 58.37
N UNK G 1354 -71.83 73.34 58.81
CA UNK G 1354 -71.12 74.58 59.09
C UNK G 1354 -70.72 75.36 57.85
N UNK G 1355 -70.54 76.67 58.02
CA UNK G 1355 -70.07 77.53 56.94
C UNK G 1355 -68.56 77.55 56.94
N UNK G 1356 -67.99 78.39 56.10
CA UNK G 1356 -66.54 78.55 56.05
C UNK G 1356 -66.13 79.73 56.91
N UNK G 1357 -66.54 79.72 58.17
CA UNK G 1357 -66.26 80.83 59.09
C UNK G 1357 -66.29 80.37 60.54
N UNK G 1358 -66.24 79.06 60.75
CA UNK G 1358 -66.34 78.50 62.10
C UNK G 1358 -65.06 78.76 62.90
N UNK G 1359 -65.24 79.00 64.20
CA UNK G 1359 -64.11 79.23 65.10
C UNK G 1359 -64.52 78.85 66.52
N UNK G 1360 -64.61 77.56 66.78
CA UNK G 1360 -65.05 77.07 68.08
C UNK G 1360 -63.91 77.07 69.10
N UNK G 1361 -64.14 76.39 70.22
CA UNK G 1361 -63.15 76.33 71.30
C UNK G 1361 -63.28 75.05 72.11
N UNK G 1362 -63.67 75.19 73.37
CA UNK G 1362 -63.75 74.06 74.28
C UNK G 1362 -65.16 73.50 74.39
N UNK G 1363 -65.63 73.27 75.61
CA UNK G 1363 -66.94 72.68 75.84
C UNK G 1363 -68.06 73.67 75.54
N UNK G 1364 -68.86 73.36 74.52
CA UNK G 1364 -69.97 74.21 74.12
C UNK G 1364 -71.04 73.41 73.38
N UNK G 1365 -72.29 73.74 73.63
CA UNK G 1365 -73.41 73.11 72.93
C UNK G 1365 -74.38 74.18 72.46
N UNK G 1366 -74.18 75.40 72.95
CA UNK G 1366 -74.99 76.53 72.56
C UNK G 1366 -74.09 77.72 72.26
N UNK G 1367 -74.70 78.91 72.22
CA UNK G 1367 -74.04 80.19 71.93
C UNK G 1367 -73.28 80.16 70.61
N UNK G 1368 -74.03 80.07 69.52
CA UNK G 1368 -73.43 80.02 68.19
C UNK G 1368 -73.07 81.42 67.69
N UNK G 1369 -73.57 82.42 68.39
CA UNK G 1369 -73.32 83.85 68.14
C UNK G 1369 -73.68 84.28 66.73
N UNK G 1370 -74.95 84.62 66.52
CA UNK G 1370 -75.41 85.11 65.22
C UNK G 1370 -75.99 86.51 65.37
N UNK G 1371 -76.72 86.97 64.36
CA UNK G 1371 -77.35 88.29 64.41
C UNK G 1371 -78.61 88.32 63.58
N UNK G 1372 -79.09 89.53 63.28
CA UNK G 1372 -80.29 89.68 62.46
C UNK G 1372 -80.25 90.98 61.66
N UNK G 1373 -80.75 90.92 60.44
CA UNK G 1373 -80.83 92.09 59.59
C UNK G 1373 -82.07 92.90 59.94
N UNK G 1374 -82.02 94.20 59.70
CA UNK G 1374 -83.16 95.07 59.94
C UNK G 1374 -83.06 96.33 59.07
N UNK G 1375 -83.53 96.20 57.84
CA UNK G 1375 -83.47 97.32 56.89
C UNK G 1375 -84.88 97.81 56.56
N UNK G 1376 -85.29 98.89 57.21
CA UNK G 1376 -86.63 99.43 57.01
C UNK G 1376 -86.69 100.32 55.78
N UNK G 1377 -87.82 100.99 55.61
CA UNK G 1377 -88.02 101.89 54.48
C UNK G 1377 -87.34 103.22 54.73
N UNK G 1378 -88.14 104.26 54.97
CA UNK G 1378 -87.60 105.60 55.23
C UNK G 1378 -87.84 105.99 56.68
N UNK G 1379 -89.09 105.92 57.11
CA UNK G 1379 -89.42 106.15 58.51
C UNK G 1379 -89.11 104.90 59.31
N UNK G 1380 -90.09 104.01 59.38
CA UNK G 1380 -89.93 102.71 60.03
C UNK G 1380 -90.97 101.76 59.47
N UNK G 1381 -91.27 101.93 58.19
CA UNK G 1381 -92.35 101.20 57.54
C UNK G 1381 -91.94 99.78 57.14
N UNK G 1382 -91.89 99.53 55.84
CA UNK G 1382 -91.60 98.19 55.31
C UNK G 1382 -90.15 97.80 55.56
N UNK G 1383 -89.97 96.75 56.34
CA UNK G 1383 -88.64 96.29 56.72
C UNK G 1383 -88.13 95.20 55.79
N UNK G 1384 -86.88 94.84 55.96
CA UNK G 1384 -86.26 93.75 55.23
C UNK G 1384 -85.48 92.87 56.20
N UNK G 1385 -86.17 92.41 57.24
CA UNK G 1385 -85.54 91.66 58.32
C UNK G 1385 -85.18 90.24 57.88
N UNK G 1386 -83.98 89.81 58.24
CA UNK G 1386 -83.52 88.47 57.94
C UNK G 1386 -82.48 88.04 58.96
N UNK G 1387 -82.26 86.74 59.08
CA UNK G 1387 -81.22 86.22 59.96
C UNK G 1387 -79.87 86.49 59.32
N UNK G 1388 -78.85 86.66 60.15
CA UNK G 1388 -77.51 86.95 59.64
C UNK G 1388 -76.68 85.69 59.49
N UNK G 1389 -77.34 84.52 59.61
CA UNK G 1389 -76.77 83.19 59.41
C UNK G 1389 -75.60 82.84 60.34
N UNK G 1390 -75.87 81.97 61.31
CA UNK G 1390 -74.85 81.52 62.24
C UNK G 1390 -73.82 80.64 61.55
N UNK G 1391 -72.72 80.35 62.27
CA UNK G 1391 -71.61 79.62 61.69
C UNK G 1391 -71.92 78.14 61.45
N UNK G 1392 -72.99 77.63 62.05
CA UNK G 1392 -73.39 76.24 61.86
C UNK G 1392 -74.88 76.03 62.12
N UNK G 1393 -75.28 74.76 62.17
CA UNK G 1393 -76.63 74.37 62.55
C UNK G 1393 -76.57 73.71 63.93
N UNK G 1394 -77.64 73.04 64.32
CA UNK G 1394 -77.69 72.44 65.66
C UNK G 1394 -78.59 71.22 65.73
N UNK G 1395 -78.22 70.29 66.60
CA UNK G 1395 -79.00 69.09 66.87
C UNK G 1395 -78.59 68.51 68.23
N UNK G 1396 -78.33 69.41 69.19
CA UNK G 1396 -77.86 69.02 70.50
C UNK G 1396 -78.96 68.30 71.29
N UNK G 1397 -78.86 66.96 71.32
CA UNK G 1397 -79.82 66.06 71.96
C UNK G 1397 -81.25 66.28 71.47
N UNK G 1398 -81.41 66.30 70.15
CA UNK G 1398 -82.71 66.54 69.54
C UNK G 1398 -83.64 65.36 69.73
N UNK G 1399 -83.07 64.16 69.79
CA UNK G 1399 -83.85 62.97 70.05
C UNK G 1399 -84.24 62.90 71.52
N UNK G 1400 -85.45 62.47 71.79
CA UNK G 1400 -85.95 62.39 73.17
C UNK G 1400 -86.19 60.94 73.59
N UNK G 1401 -85.12 60.15 73.62
CA UNK G 1401 -85.22 58.75 73.99
C UNK G 1401 -85.10 58.57 75.50
N UNK G 1402 -85.07 57.32 75.95
CA UNK G 1402 -84.93 57.02 77.37
C UNK G 1402 -83.47 57.03 77.77
N UNK G 1403 -83.20 56.73 79.03
CA UNK G 1403 -81.84 56.73 79.55
C UNK G 1403 -81.17 55.38 79.32
N UNK G 1404 -81.96 54.38 78.93
CA UNK G 1404 -81.45 53.03 78.71
C UNK G 1404 -80.90 52.89 77.29
N UNK G 1405 -81.62 53.47 76.33
CA UNK G 1405 -81.28 53.50 74.90
C UNK G 1405 -81.10 52.12 74.25
N UNK G 1406 -80.68 52.14 72.99
CA UNK G 1406 -80.50 50.91 72.21
C UNK G 1406 -79.54 51.14 71.04
N UNK G 1407 -80.08 51.49 69.90
CA UNK G 1407 -79.29 51.64 68.68
C UNK G 1407 -78.81 53.08 68.48
N UNK G 1408 -78.58 53.44 67.22
CA UNK G 1408 -78.09 54.76 66.86
C UNK G 1408 -79.13 55.55 66.08
N UNK G 1409 -78.84 56.82 65.82
CA UNK G 1409 -79.74 57.66 65.05
C UNK G 1409 -79.34 57.69 63.58
N UNK G 1410 -80.08 58.44 62.79
CA UNK G 1410 -79.80 58.58 61.37
C UNK G 1410 -80.23 59.94 60.86
N UNK G 1411 -79.72 60.98 61.51
CA UNK G 1411 -80.08 62.35 61.15
C UNK G 1411 -79.39 62.78 59.86
N UNK G 1412 -80.14 62.79 58.77
CA UNK G 1412 -79.63 63.26 57.49
C UNK G 1412 -79.97 64.73 57.30
N UNK G 1413 -79.77 65.23 56.09
CA UNK G 1413 -80.08 66.62 55.78
C UNK G 1413 -80.63 66.74 54.37
N UNK G 1414 -80.92 67.98 53.96
CA UNK G 1414 -81.42 68.26 52.63
C UNK G 1414 -81.08 69.69 52.24
N UNK G 1415 -81.14 69.99 50.95
CA UNK G 1415 -80.84 71.33 50.47
C UNK G 1415 -81.62 71.63 49.20
N UNK G 1416 -81.29 72.75 48.56
CA UNK G 1416 -81.93 73.12 47.31
C UNK G 1416 -81.42 72.26 46.16
N UNK G 1417 -81.87 71.01 46.11
CA UNK G 1417 -81.42 70.07 45.10
C UNK G 1417 -82.53 69.81 44.09
N UNK G 1418 -82.18 69.84 42.81
CA UNK G 1418 -83.15 69.60 41.75
C UNK G 1418 -83.37 68.10 41.55
N UNK G 1419 -84.17 67.76 40.55
CA UNK G 1419 -84.52 66.37 40.30
C UNK G 1419 -84.40 65.98 38.83
N UNK G 1420 -84.46 64.69 38.58
CA UNK G 1420 -84.41 64.16 37.23
C UNK G 1420 -85.10 62.80 37.20
N UNK G 1421 -86.18 62.70 36.43
CA UNK G 1421 -86.92 61.45 36.34
C UNK G 1421 -87.59 61.33 34.98
N MET G 1422 -79.46 64.10 43.87
CA MET G 1422 -79.99 63.19 44.90
C MET G 1422 -78.93 62.52 45.81
N PRO G 1423 -77.72 62.19 45.33
CA PRO G 1423 -76.64 61.91 46.27
C PRO G 1423 -75.99 63.22 46.74
N LEU G 1424 -74.97 63.07 47.58
CA LEU G 1424 -74.22 64.21 48.08
C LEU G 1424 -73.12 64.64 47.12
N SER G 1425 -72.46 63.68 46.47
CA SER G 1425 -71.39 64.00 45.55
C SER G 1425 -71.91 64.55 44.22
N ALA G 1426 -73.20 64.42 43.95
CA ALA G 1426 -73.76 64.93 42.71
C ALA G 1426 -73.81 66.46 42.71
N ALA G 1427 -73.84 67.08 43.88
CA ALA G 1427 -74.06 68.51 43.97
C ALA G 1427 -72.79 69.33 43.83
N MET G 1428 -71.62 68.72 43.99
CA MET G 1428 -70.39 69.49 44.08
C MET G 1428 -69.38 69.19 42.99
N PHE G 1429 -69.17 67.93 42.64
CA PHE G 1429 -68.05 67.55 41.79
C PHE G 1429 -68.24 67.92 40.32
N LEU G 1430 -69.46 68.29 39.91
CA LEU G 1430 -69.81 68.91 38.63
C LEU G 1430 -69.70 67.96 37.43
N SER G 1431 -69.11 66.78 37.62
CA SER G 1431 -69.12 65.73 36.63
C SER G 1431 -70.13 64.65 36.96
N GLU G 1432 -70.40 64.43 38.25
CA GLU G 1432 -71.50 63.60 38.69
C GLU G 1432 -72.79 64.40 38.86
N ARG G 1433 -72.84 65.61 38.31
CA ARG G 1433 -74.05 66.42 38.38
C ARG G 1433 -75.19 65.80 37.60
N LYS G 1434 -74.87 65.09 36.52
CA LYS G 1434 -75.86 64.30 35.80
C LYS G 1434 -75.88 62.83 36.25
N ASN G 1435 -75.06 62.47 37.22
CA ASN G 1435 -74.98 61.08 37.68
C ASN G 1435 -75.63 60.95 39.04
N PRO G 1436 -76.79 60.29 39.16
CA PRO G 1436 -77.42 60.10 40.47
C PRO G 1436 -76.88 58.88 41.21
N ALA G 1437 -75.74 58.35 40.78
CA ALA G 1437 -75.12 57.22 41.46
C ALA G 1437 -74.24 57.72 42.60
N PRO G 1438 -74.43 57.22 43.82
CA PRO G 1438 -73.59 57.64 44.94
C PRO G 1438 -72.20 57.03 44.85
N GLN G 1439 -71.18 57.87 44.98
CA GLN G 1439 -69.79 57.41 44.95
C GLN G 1439 -69.03 57.98 46.13
N CYS G 1440 -67.71 57.81 46.14
CA CYS G 1440 -66.87 58.34 47.23
C CYS G 1440 -65.47 58.60 46.70
N PRO G 1441 -65.20 59.81 46.22
CA PRO G 1441 -63.83 60.19 45.87
C PRO G 1441 -63.00 60.37 47.13
N PRO G 1442 -61.66 60.27 47.03
CA PRO G 1442 -60.82 60.47 48.21
C PRO G 1442 -60.77 61.90 48.73
N ARG G 1443 -61.39 62.86 48.07
CA ARG G 1443 -61.35 64.25 48.52
C ARG G 1443 -62.21 64.49 49.74
N LEU G 1444 -63.13 63.59 50.06
CA LEU G 1444 -63.94 63.75 51.26
C LEU G 1444 -63.09 63.44 52.48
N GLU G 1445 -62.48 64.47 53.06
CA GLU G 1445 -61.56 64.34 54.17
C GLU G 1445 -62.12 65.02 55.41
N VAL G 1446 -61.87 64.43 56.56
CA VAL G 1446 -62.33 64.98 57.83
C VAL G 1446 -61.29 65.95 58.35
N GLN G 1447 -61.70 67.14 58.74
CA GLN G 1447 -60.81 68.12 59.34
C GLN G 1447 -61.03 68.17 60.84
N MET G 1448 -59.93 68.06 61.59
CA MET G 1448 -59.93 68.20 63.03
C MET G 1448 -59.04 69.41 63.34
N LEU G 1449 -59.67 70.52 63.70
CA LEU G 1449 -58.96 71.77 63.87
C LEU G 1449 -58.09 71.75 65.12
N MET G 1450 -57.03 72.56 65.11
CA MET G 1450 -56.19 72.76 66.27
C MET G 1450 -56.05 74.26 66.51
N PRO G 1451 -55.93 74.69 67.77
CA PRO G 1451 -55.90 76.13 68.04
C PRO G 1451 -54.52 76.77 67.92
N VAL G 1452 -53.77 76.41 66.87
CA VAL G 1452 -52.45 76.98 66.65
C VAL G 1452 -52.05 76.71 65.21
N SER G 1453 -51.14 77.53 64.69
CA SER G 1453 -50.45 77.30 63.43
C SER G 1453 -49.13 78.07 63.50
N TRP G 1454 -48.48 78.23 62.35
CA TRP G 1454 -47.25 79.02 62.27
C TRP G 1454 -47.50 80.23 61.39
N SER G 1455 -47.47 81.41 61.99
CA SER G 1455 -47.74 82.65 61.28
C SER G 1455 -46.45 83.42 61.04
N ARG G 1456 -46.45 84.23 59.98
CA ARG G 1456 -45.27 84.95 59.55
C ARG G 1456 -45.36 86.41 59.97
N MET G 1457 -44.29 86.91 60.55
CA MET G 1457 -44.22 88.33 60.86
C MET G 1457 -43.75 89.10 59.63
N PRO G 1458 -44.44 90.17 59.26
CA PRO G 1458 -44.00 90.97 58.11
C PRO G 1458 -42.74 91.76 58.45
N ASN G 1459 -41.96 92.04 57.40
CA ASN G 1459 -40.74 92.82 57.56
C ASN G 1459 -41.02 94.28 57.86
N HIS G 1460 -42.21 94.77 57.51
CA HIS G 1460 -42.59 96.15 57.78
C HIS G 1460 -44.04 96.21 58.21
N PHE G 1461 -44.34 97.15 59.08
CA PHE G 1461 -45.69 97.41 59.56
C PHE G 1461 -46.08 98.84 59.21
N LEU G 1462 -47.31 99.20 59.54
CA LEU G 1462 -47.74 100.59 59.41
C LEU G 1462 -47.04 101.41 60.50
N GLN G 1463 -46.14 102.29 60.08
CA GLN G 1463 -45.29 103.01 61.02
C GLN G 1463 -46.05 104.06 61.81
N VAL G 1464 -47.23 104.47 61.35
CA VAL G 1464 -48.00 105.46 62.07
C VAL G 1464 -49.48 105.07 62.04
N GLU G 1471 -53.21 112.61 70.03
CA GLU G 1471 -52.70 113.49 71.07
C GLU G 1471 -53.80 114.33 71.67
N ARG G 1472 -53.93 115.57 71.20
CA ARG G 1472 -54.94 116.49 71.68
C ARG G 1472 -56.12 116.53 70.71
N LEU G 1473 -57.17 117.24 71.15
CA LEU G 1473 -58.45 117.38 70.43
C LEU G 1473 -59.05 116.01 70.10
N GLY G 1474 -59.36 115.27 71.17
CA GLY G 1474 -59.90 113.94 71.01
C GLY G 1474 -58.91 112.92 70.49
N TRP G 1475 -57.63 113.03 70.89
CA TRP G 1475 -56.56 112.07 70.57
C TRP G 1475 -56.37 111.92 69.06
N ALA G 1476 -55.86 113.00 68.46
CA ALA G 1476 -55.55 113.01 67.04
C ALA G 1476 -54.51 111.96 66.68
N VAL G 1477 -54.90 111.01 65.85
CA VAL G 1477 -54.06 109.88 65.46
C VAL G 1477 -53.47 110.18 64.09
N GLN G 1478 -52.17 109.96 63.93
CA GLN G 1478 -51.47 110.16 62.67
C GLN G 1478 -51.19 108.82 62.01
N CYS G 1479 -51.49 108.73 60.71
CA CYS G 1479 -51.16 107.57 59.89
C CYS G 1479 -51.17 108.03 58.44
N GLN G 1480 -50.01 108.04 57.80
CA GLN G 1480 -49.90 108.62 56.46
C GLN G 1480 -49.23 107.70 55.44
N ASP G 1481 -48.25 106.91 55.86
CA ASP G 1481 -47.37 106.23 54.90
C ASP G 1481 -48.07 105.02 54.27
N PRO G 1482 -48.10 104.92 52.95
CA PRO G 1482 -48.73 103.76 52.31
C PRO G 1482 -47.81 102.55 52.25
N LEU G 1483 -48.43 101.37 52.30
CA LEU G 1483 -47.72 100.11 52.28
C LEU G 1483 -48.70 99.01 51.87
N THR G 1484 -48.25 98.09 51.03
CA THR G 1484 -49.11 97.03 50.51
C THR G 1484 -48.34 95.73 50.47
N MET G 1485 -49.03 94.67 50.04
CA MET G 1485 -48.44 93.35 49.91
C MET G 1485 -49.31 92.54 48.95
N MET G 1486 -48.77 91.42 48.51
CA MET G 1486 -49.51 90.45 47.73
C MET G 1486 -49.62 89.14 48.50
N ALA G 1487 -50.73 88.43 48.29
CA ALA G 1487 -51.02 87.24 49.07
C ALA G 1487 -52.00 86.38 48.30
N LEU G 1488 -51.83 85.06 48.39
CA LEU G 1488 -52.72 84.14 47.71
C LEU G 1488 -54.06 84.03 48.42
N HIS G 1489 -54.97 83.31 47.79
CA HIS G 1489 -56.28 83.04 48.39
C HIS G 1489 -56.76 81.69 47.91
N ILE G 1490 -56.98 80.77 48.83
CA ILE G 1490 -57.47 79.44 48.44
C ILE G 1490 -58.95 79.53 48.08
N PRO G 1491 -59.37 78.98 46.95
CA PRO G 1491 -60.79 79.03 46.59
C PRO G 1491 -61.63 78.04 47.38
N GLU G 1492 -61.10 76.83 47.59
CA GLU G 1492 -61.89 75.74 48.13
C GLU G 1492 -62.19 75.93 49.61
N GLU G 1493 -61.28 76.55 50.35
CA GLU G 1493 -61.50 76.82 51.76
C GLU G 1493 -62.00 78.23 52.01
N ASN G 1494 -61.78 79.14 51.04
CA ASN G 1494 -62.12 80.57 51.10
C ASN G 1494 -61.44 81.22 52.31
N ARG G 1495 -60.12 81.27 52.23
CA ARG G 1495 -59.34 82.10 53.14
C ARG G 1495 -58.10 82.58 52.42
N CYS G 1496 -57.52 83.64 52.97
CA CYS G 1496 -56.36 84.28 52.37
C CYS G 1496 -55.09 83.88 53.12
N MET G 1497 -53.98 83.83 52.38
CA MET G 1497 -52.68 83.52 52.97
C MET G 1497 -51.58 84.10 52.09
N ASP G 1498 -50.43 84.34 52.70
CA ASP G 1498 -49.36 85.07 52.05
C ASP G 1498 -48.66 84.22 51.00
N ILE G 1499 -48.12 84.89 49.99
CA ILE G 1499 -47.23 84.26 49.04
C ILE G 1499 -45.89 83.92 49.68
N LEU G 1500 -45.53 84.59 50.77
CA LEU G 1500 -44.30 84.27 51.49
C LEU G 1500 -44.50 83.14 52.50
N GLU G 1501 -45.71 82.58 52.57
CA GLU G 1501 -45.94 81.37 53.33
C GLU G 1501 -45.39 80.14 52.62
N LEU G 1502 -45.08 80.24 51.33
CA LEU G 1502 -44.73 79.07 50.54
C LEU G 1502 -43.34 78.56 50.85
N SER G 1503 -42.50 79.38 51.48
CA SER G 1503 -41.25 78.90 52.05
C SER G 1503 -41.44 78.16 53.37
N GLU G 1504 -42.67 78.02 53.84
CA GLU G 1504 -43.02 77.17 54.98
C GLU G 1504 -43.83 75.95 54.57
N ARG G 1505 -44.72 76.09 53.59
CA ARG G 1505 -45.52 74.95 53.15
C ARG G 1505 -44.68 73.98 52.33
N LEU G 1506 -44.02 74.49 51.28
CA LEU G 1506 -43.06 73.81 50.40
C LEU G 1506 -43.67 72.77 49.47
N ASP G 1507 -44.98 72.50 49.61
CA ASP G 1507 -45.61 71.56 48.69
C ASP G 1507 -46.50 72.28 47.70
N LEU G 1508 -47.23 73.30 48.15
CA LEU G 1508 -48.04 74.09 47.25
C LEU G 1508 -47.19 74.98 46.36
N GLN G 1509 -46.00 75.35 46.84
CA GLN G 1509 -45.05 76.07 45.99
C GLN G 1509 -44.58 75.20 44.84
N ARG G 1510 -44.26 73.94 45.13
CA ARG G 1510 -43.98 72.97 44.08
C ARG G 1510 -45.19 72.75 43.20
N PHE G 1511 -46.39 72.77 43.79
CA PHE G 1511 -47.60 72.74 42.99
C PHE G 1511 -47.77 74.02 42.19
N HIS G 1512 -47.42 75.17 42.79
CA HIS G 1512 -47.49 76.41 42.05
C HIS G 1512 -46.38 76.51 41.01
N SER G 1513 -45.26 75.82 41.23
CA SER G 1513 -44.18 75.82 40.25
C SER G 1513 -44.61 75.13 38.96
N HIS G 1514 -45.45 74.10 39.07
CA HIS G 1514 -46.04 73.53 37.88
C HIS G 1514 -47.14 74.41 37.33
N THR G 1515 -47.84 75.14 38.20
CA THR G 1515 -48.77 76.17 37.73
C THR G 1515 -48.02 77.32 37.07
N LEU G 1516 -46.81 77.59 37.55
CA LEU G 1516 -45.96 78.64 36.98
C LEU G 1516 -45.59 78.31 35.55
N ARG G 1517 -45.13 77.08 35.31
CA ARG G 1517 -44.70 76.67 33.98
C ARG G 1517 -45.86 76.27 33.08
N LEU G 1518 -47.05 76.08 33.63
CA LEU G 1518 -48.19 75.69 32.81
C LEU G 1518 -48.64 76.83 31.91
N TYR G 1519 -48.44 78.07 32.35
CA TYR G 1519 -48.88 79.21 31.55
C TYR G 1519 -48.00 79.39 30.32
N ARG G 1520 -46.74 78.96 30.40
CA ARG G 1520 -45.91 78.99 29.21
C ARG G 1520 -46.32 77.91 28.22
N ALA G 1521 -46.89 76.82 28.71
CA ALA G 1521 -47.42 75.80 27.81
C ALA G 1521 -48.67 76.32 27.10
N VAL G 1522 -49.55 76.98 27.84
CA VAL G 1522 -50.76 77.54 27.23
C VAL G 1522 -50.41 78.71 26.33
N CYS G 1523 -49.62 79.65 26.84
CA CYS G 1523 -49.09 80.72 26.01
C CYS G 1523 -47.78 80.22 25.39
N ALA G 1524 -47.94 79.35 24.41
CA ALA G 1524 -46.84 78.72 23.68
C ALA G 1524 -46.28 79.67 22.64
N LEU G 1525 -45.54 79.11 21.67
CA LEU G 1525 -45.24 79.82 20.42
C LEU G 1525 -46.51 80.42 19.83
N GLY G 1526 -46.35 81.56 19.17
CA GLY G 1526 -47.25 82.70 19.28
C GLY G 1526 -48.74 82.49 19.36
N ASN G 1527 -49.29 82.80 20.52
CA ASN G 1527 -50.72 82.67 20.80
C ASN G 1527 -51.14 83.99 21.43
N ASN G 1528 -51.37 84.99 20.58
CA ASN G 1528 -51.70 86.32 21.07
C ASN G 1528 -53.17 86.46 21.39
N ARG G 1529 -54.00 85.56 20.86
CA ARG G 1529 -55.40 85.48 21.25
C ARG G 1529 -55.53 85.12 22.72
N VAL G 1530 -54.61 84.30 23.23
CA VAL G 1530 -54.62 83.92 24.63
C VAL G 1530 -53.72 84.83 25.47
N ALA G 1531 -52.60 85.30 24.91
CA ALA G 1531 -51.68 86.15 25.66
C ALA G 1531 -52.30 87.50 25.99
N HIS G 1532 -53.15 88.04 25.10
CA HIS G 1532 -53.93 89.21 25.45
C HIS G 1532 -54.94 88.89 26.55
N ALA G 1533 -55.50 87.69 26.51
CA ALA G 1533 -56.45 87.26 27.53
C ALA G 1533 -55.78 86.70 28.77
N LEU G 1534 -54.45 86.68 28.82
CA LEU G 1534 -53.73 86.08 29.93
C LEU G 1534 -53.44 87.05 31.06
N CYS G 1535 -53.29 88.34 30.75
CA CYS G 1535 -52.94 89.32 31.76
C CYS G 1535 -54.06 89.56 32.76
N SER G 1536 -55.30 89.23 32.39
CA SER G 1536 -56.41 89.30 33.33
C SER G 1536 -56.31 88.24 34.42
N HIS G 1537 -55.57 87.16 34.18
CA HIS G 1537 -55.52 86.08 35.14
C HIS G 1537 -54.66 86.42 36.34
N VAL G 1538 -53.56 87.14 36.13
CA VAL G 1538 -52.79 87.59 37.28
C VAL G 1538 -52.92 89.09 37.43
N ASP G 1539 -52.29 89.84 36.52
CA ASP G 1539 -52.26 91.30 36.53
C ASP G 1539 -51.54 91.87 35.32
N GLN G 1540 -51.36 93.19 35.35
CA GLN G 1540 -50.31 93.87 34.61
C GLN G 1540 -49.27 94.49 35.52
N ALA G 1541 -49.68 94.96 36.70
CA ALA G 1541 -48.84 95.78 37.57
C ALA G 1541 -48.02 94.96 38.57
N GLN G 1542 -48.62 94.00 39.27
CA GLN G 1542 -47.89 93.27 40.29
C GLN G 1542 -46.89 92.29 39.70
N LEU G 1543 -46.98 92.03 38.39
CA LEU G 1543 -45.89 91.36 37.69
C LEU G 1543 -44.62 92.19 37.76
N LEU G 1544 -44.75 93.51 37.69
CA LEU G 1544 -43.60 94.39 37.87
C LEU G 1544 -43.20 94.52 39.33
N HIS G 1545 -44.12 94.24 40.25
CA HIS G 1545 -43.82 94.37 41.68
C HIS G 1545 -42.88 93.27 42.14
N ALA G 1546 -42.89 92.11 41.49
CA ALA G 1546 -42.06 90.99 41.91
C ALA G 1546 -40.58 91.24 41.64
N LEU G 1547 -40.25 92.13 40.70
CA LEU G 1547 -38.86 92.50 40.48
C LEU G 1547 -38.32 93.29 41.65
N GLU G 1548 -39.16 94.12 42.26
CA GLU G 1548 -38.71 95.00 43.34
C GLU G 1548 -38.44 94.26 44.63
N ASP G 1549 -39.11 93.14 44.88
CA ASP G 1549 -38.93 92.41 46.12
C ASP G 1549 -37.57 91.69 46.14
N ALA G 1550 -36.88 91.77 47.27
CA ALA G 1550 -35.54 91.23 47.38
C ALA G 1550 -35.53 89.77 47.85
N HIS G 1551 -36.33 89.45 48.87
CA HIS G 1551 -36.34 88.11 49.43
C HIS G 1551 -37.49 87.31 48.82
N LEU G 1552 -37.19 86.08 48.41
CA LEU G 1552 -38.08 85.16 47.70
C LEU G 1552 -37.37 83.82 47.62
N PRO G 1553 -38.09 82.70 47.58
CA PRO G 1553 -37.40 81.39 47.60
C PRO G 1553 -36.69 80.99 46.32
N GLY G 1554 -37.18 81.42 45.15
CA GLY G 1554 -36.44 81.18 43.92
C GLY G 1554 -37.13 80.33 42.86
N PRO G 1555 -37.72 79.18 43.25
CA PRO G 1555 -38.70 78.55 42.36
C PRO G 1555 -39.97 79.34 42.21
N LEU G 1556 -40.19 80.32 43.11
CA LEU G 1556 -41.21 81.35 43.03
C LEU G 1556 -40.71 82.45 42.10
N ARG G 1557 -41.18 83.69 42.29
CA ARG G 1557 -41.27 84.78 41.32
C ARG G 1557 -39.99 85.07 40.51
N ALA G 1558 -38.84 84.53 40.88
CA ALA G 1558 -37.71 84.47 39.96
C ALA G 1558 -38.06 83.66 38.72
N GLY G 1559 -38.89 82.63 38.88
CA GLY G 1559 -39.46 81.94 37.74
C GLY G 1559 -40.50 82.74 36.99
N TYR G 1560 -41.10 83.75 37.63
CA TYR G 1560 -42.07 84.60 36.92
C TYR G 1560 -41.42 85.47 35.88
N TYR G 1561 -40.14 85.79 36.03
CA TYR G 1561 -39.45 86.61 35.04
C TYR G 1561 -38.83 85.80 33.93
N ASP G 1562 -39.28 84.55 33.77
CA ASP G 1562 -39.33 83.92 32.46
C ASP G 1562 -40.76 83.90 31.92
N LEU G 1563 -41.76 84.10 32.76
CA LEU G 1563 -43.14 84.09 32.29
C LEU G 1563 -43.54 85.41 31.64
N LEU G 1564 -43.06 86.52 32.21
CA LEU G 1564 -43.18 87.81 31.55
C LEU G 1564 -42.41 87.83 30.25
N ILE G 1565 -41.26 87.16 30.23
CA ILE G 1565 -40.52 86.91 29.00
C ILE G 1565 -41.38 86.09 28.04
N SER G 1566 -42.07 85.07 28.55
CA SER G 1566 -42.85 84.17 27.73
C SER G 1566 -44.05 84.84 27.07
N ILE G 1567 -44.47 86.00 27.56
CA ILE G 1567 -45.59 86.73 26.97
C ILE G 1567 -45.15 88.02 26.31
N HIS G 1568 -43.86 88.34 26.32
CA HIS G 1568 -43.41 89.55 25.61
C HIS G 1568 -42.15 89.38 24.78
N LEU G 1569 -41.27 88.43 25.07
CA LEU G 1569 -40.15 88.19 24.17
C LEU G 1569 -40.60 87.48 22.91
N GLU G 1570 -41.56 86.56 23.05
CA GLU G 1570 -41.75 85.43 22.13
C GLU G 1570 -42.11 85.89 20.73
N SER G 1571 -43.26 86.56 20.58
CA SER G 1571 -43.68 87.02 19.26
C SER G 1571 -42.86 88.20 18.76
N ALA G 1572 -42.08 88.84 19.63
CA ALA G 1572 -41.25 89.98 19.26
C ALA G 1572 -39.84 89.56 18.86
N CYS G 1573 -39.14 88.86 19.75
CA CYS G 1573 -37.73 88.57 19.52
C CYS G 1573 -37.51 87.46 18.51
N ARG G 1574 -38.43 86.48 18.43
CA ARG G 1574 -38.22 85.39 17.49
C ARG G 1574 -38.37 85.87 16.05
N SER G 1575 -39.29 86.79 15.81
CA SER G 1575 -39.34 87.47 14.53
C SER G 1575 -38.14 88.40 14.35
N ARG G 1576 -37.63 88.95 15.45
CA ARG G 1576 -36.45 89.81 15.38
C ARG G 1576 -35.21 89.00 15.06
N ARG G 1577 -35.02 87.88 15.75
CA ARG G 1577 -33.83 87.07 15.54
C ARG G 1577 -33.88 86.25 14.27
N SER G 1578 -35.06 86.11 13.65
CA SER G 1578 -35.17 85.37 12.41
C SER G 1578 -34.50 86.12 11.27
N MET G 1579 -34.80 87.41 11.14
CA MET G 1579 -34.16 88.27 10.16
C MET G 1579 -32.94 88.97 10.71
N LEU G 1580 -32.35 88.42 11.78
CA LEU G 1580 -31.14 89.00 12.34
C LEU G 1580 -29.94 88.79 11.40
N SER G 1581 -29.81 87.60 10.83
CA SER G 1581 -28.76 87.34 9.85
C SER G 1581 -29.26 87.59 8.43
N GLU G 1582 -29.86 88.75 8.23
CA GLU G 1582 -30.36 89.18 6.93
C GLU G 1582 -29.92 90.61 6.74
N TYR G 1583 -28.97 90.84 5.84
CA TYR G 1583 -28.26 92.10 5.75
C TYR G 1583 -28.67 92.84 4.49
N ILE G 1584 -29.21 94.04 4.66
CA ILE G 1584 -29.71 94.83 3.55
C ILE G 1584 -29.71 96.30 4.00
N VAL G 1585 -29.42 97.19 3.06
CA VAL G 1585 -29.09 98.57 3.40
C VAL G 1585 -29.59 99.54 2.33
N PRO G 1586 -30.16 100.68 2.72
CA PRO G 1586 -30.49 101.73 1.73
C PRO G 1586 -29.31 102.65 1.46
N LEU G 1587 -29.55 103.71 0.68
CA LEU G 1587 -28.64 104.84 0.60
C LEU G 1587 -29.21 105.98 1.41
N THR G 1588 -28.62 106.22 2.57
CA THR G 1588 -28.88 107.38 3.39
C THR G 1588 -27.59 108.17 3.55
N PRO G 1589 -27.66 109.44 3.98
CA PRO G 1589 -26.43 110.11 4.42
C PRO G 1589 -25.78 109.46 5.63
N GLU G 1590 -26.57 108.78 6.48
CA GLU G 1590 -25.97 107.98 7.54
C GLU G 1590 -25.26 106.76 6.97
N THR G 1591 -25.78 106.20 5.88
CA THR G 1591 -25.07 105.15 5.16
C THR G 1591 -23.82 105.73 4.49
N ARG G 1592 -23.93 106.96 3.99
CA ARG G 1592 -22.82 107.60 3.29
C ARG G 1592 -21.64 107.90 4.22
N ALA G 1593 -21.91 108.15 5.49
CA ALA G 1593 -20.85 108.41 6.45
C ALA G 1593 -20.96 107.40 7.60
N ILE G 1594 -20.43 106.20 7.38
CA ILE G 1594 -20.19 105.26 8.47
C ILE G 1594 -19.00 104.37 8.12
N THR G 1595 -18.03 104.32 9.03
CA THR G 1595 -16.79 103.57 8.94
C THR G 1595 -16.28 103.43 10.37
N LEU G 1596 -14.98 103.17 10.52
CA LEU G 1596 -14.33 103.28 11.82
C LEU G 1596 -14.58 104.64 12.46
N PHE G 1597 -14.11 105.71 11.80
CA PHE G 1597 -14.15 107.12 12.22
C PHE G 1597 -13.77 107.37 13.68
N PRO G 1598 -12.49 107.29 14.07
CA PRO G 1598 -12.10 107.78 15.40
C PRO G 1598 -11.78 109.26 15.38
N PRO G 1599 -12.47 110.07 16.18
CA PRO G 1599 -12.11 111.49 16.28
C PRO G 1599 -10.95 111.68 17.25
N GLY G 1600 -9.82 112.17 16.73
CA GLY G 1600 -8.67 112.43 17.57
C GLY G 1600 -7.44 112.90 16.81
N ARG G 1601 -6.29 112.36 17.17
CA ARG G 1601 -5.02 112.70 16.53
C ARG G 1601 -4.60 111.66 15.50
N LYS G 1602 -5.59 111.09 14.80
CA LYS G 1602 -5.44 110.08 13.75
C LYS G 1602 -4.76 108.79 14.22
N GLY G 1603 -4.78 108.51 15.53
CA GLY G 1603 -4.23 107.30 16.07
C GLY G 1603 -5.24 106.31 16.58
N GLY G 1604 -6.52 106.67 16.61
CA GLY G 1604 -7.55 105.78 17.10
C GLY G 1604 -7.83 104.60 16.18
N ASN G 1605 -7.51 104.73 14.90
CA ASN G 1605 -7.62 103.59 13.99
C ASN G 1605 -6.54 102.55 14.29
N ALA G 1606 -5.33 103.01 14.63
CA ALA G 1606 -4.31 102.10 15.13
C ALA G 1606 -4.57 101.69 16.58
N ARG G 1607 -5.33 102.48 17.32
CA ARG G 1607 -5.78 102.14 18.65
C ARG G 1607 -7.07 101.33 18.55
N ARG G 1608 -7.81 101.20 19.65
CA ARG G 1608 -9.12 100.55 19.65
C ARG G 1608 -10.08 101.31 18.74
N HIS G 1609 -10.77 100.57 17.88
CA HIS G 1609 -11.61 101.17 16.85
C HIS G 1609 -12.87 101.80 17.41
N GLY G 1610 -13.25 101.46 18.61
CA GLY G 1610 -14.45 102.00 19.24
C GLY G 1610 -15.08 100.95 20.13
N LEU G 1611 -16.41 101.03 20.23
CA LEU G 1611 -17.16 100.12 21.07
C LEU G 1611 -18.36 99.58 20.31
N PRO G 1612 -18.73 98.33 20.54
CA PRO G 1612 -20.00 97.82 20.00
C PRO G 1612 -21.18 98.46 20.72
N GLY G 1613 -22.36 98.30 20.13
CA GLY G 1613 -23.49 99.07 20.59
C GLY G 1613 -23.32 100.50 20.14
N VAL G 1614 -23.37 100.71 18.83
CA VAL G 1614 -22.98 101.95 18.19
C VAL G 1614 -24.27 102.53 17.61
N GLY G 1615 -24.17 103.68 16.92
CA GLY G 1615 -25.33 104.40 16.44
C GLY G 1615 -26.04 103.77 15.25
N VAL G 1616 -26.46 104.63 14.32
CA VAL G 1616 -27.39 104.23 13.25
C VAL G 1616 -26.71 103.24 12.31
N THR G 1617 -27.28 102.04 12.21
CA THR G 1617 -26.75 100.99 11.36
C THR G 1617 -27.52 100.82 10.06
N THR G 1618 -28.63 101.55 9.89
CA THR G 1618 -29.47 101.56 8.69
C THR G 1618 -29.96 100.17 8.28
N SER G 1619 -30.19 99.30 9.26
CA SER G 1619 -30.71 97.97 8.97
C SER G 1619 -32.23 98.04 8.83
N LEU G 1620 -32.75 97.25 7.89
CA LEU G 1620 -34.18 97.25 7.60
C LEU G 1620 -34.88 96.47 8.70
N ARG G 1621 -35.28 97.18 9.75
CA ARG G 1621 -35.80 96.57 10.96
C ARG G 1621 -37.19 97.09 11.26
N PRO G 1622 -38.16 96.21 11.49
CA PRO G 1622 -39.53 96.67 11.72
C PRO G 1622 -39.81 96.85 13.21
N PRO G 1623 -40.76 97.71 13.55
CA PRO G 1623 -41.28 97.72 14.93
C PRO G 1623 -42.15 96.50 15.17
N HIS G 1624 -42.40 96.22 16.44
CA HIS G 1624 -43.07 95.00 16.82
C HIS G 1624 -44.58 95.13 16.87
N HIS G 1625 -45.11 96.37 16.87
CA HIS G 1625 -46.53 96.69 16.75
C HIS G 1625 -47.36 96.05 17.87
N PHE G 1626 -47.10 96.52 19.08
CA PHE G 1626 -47.79 96.02 20.25
C PHE G 1626 -49.25 96.49 20.27
N SER G 1627 -50.05 95.87 21.14
CA SER G 1627 -51.45 96.19 21.28
C SER G 1627 -51.77 96.31 22.76
N PRO G 1628 -52.35 97.41 23.21
CA PRO G 1628 -52.77 97.53 24.61
C PRO G 1628 -53.94 96.61 24.89
N PRO G 1629 -53.79 95.68 25.84
CA PRO G 1629 -54.87 94.73 26.11
C PRO G 1629 -56.01 95.37 26.87
N CYS G 1630 -57.23 94.94 26.54
CA CYS G 1630 -58.43 95.41 27.21
C CYS G 1630 -59.50 94.35 27.10
N PHE G 1631 -60.53 94.47 27.93
CA PHE G 1631 -61.59 93.48 27.99
C PHE G 1631 -63.00 94.08 27.99
N VAL G 1632 -63.15 95.35 28.34
CA VAL G 1632 -64.48 95.97 28.35
C VAL G 1632 -64.99 96.32 26.96
N ALA G 1633 -64.16 96.15 25.93
CA ALA G 1633 -64.60 96.36 24.57
C ALA G 1633 -65.56 95.25 24.13
N ALA G 1634 -66.33 95.54 23.09
CA ALA G 1634 -67.24 94.55 22.54
C ALA G 1634 -66.47 93.48 21.78
N LEU G 1635 -67.16 92.39 21.48
CA LEU G 1635 -66.51 91.25 20.83
C LEU G 1635 -66.29 91.55 19.34
N PRO G 1636 -65.19 91.06 18.77
CA PRO G 1636 -64.99 91.22 17.32
C PRO G 1636 -65.92 90.30 16.54
N ALA G 1637 -66.42 90.82 15.42
CA ALA G 1637 -67.36 90.16 14.50
C ALA G 1637 -68.62 89.66 15.20
N GLU G 1642 -61.61 86.41 11.33
CA GLU G 1642 -62.07 87.41 10.38
C GLU G 1642 -61.08 88.57 10.29
N ALA G 1643 -59.94 88.43 10.96
CA ALA G 1643 -58.95 89.48 11.03
C ALA G 1643 -57.61 88.86 11.44
N PRO G 1644 -56.49 89.54 11.17
CA PRO G 1644 -55.22 89.15 11.80
C PRO G 1644 -55.26 89.50 13.28
N ALA G 1645 -55.84 88.59 14.06
CA ALA G 1645 -56.63 88.90 15.26
C ALA G 1645 -55.89 89.76 16.28
N ARG G 1646 -54.82 89.22 16.87
CA ARG G 1646 -54.20 89.85 18.03
C ARG G 1646 -52.71 90.04 17.78
N LEU G 1647 -52.21 91.25 18.06
CA LEU G 1647 -50.83 91.57 17.70
C LEU G 1647 -49.83 91.12 18.75
N SER G 1648 -49.83 91.77 19.92
CA SER G 1648 -48.90 91.56 21.03
C SER G 1648 -49.35 92.36 22.24
N PRO G 1649 -49.23 91.85 23.46
CA PRO G 1649 -49.52 92.68 24.64
C PRO G 1649 -48.41 93.69 24.88
N ALA G 1650 -48.80 94.85 25.42
CA ALA G 1650 -47.94 96.01 25.49
C ALA G 1650 -47.53 96.32 26.94
N ILE G 1651 -46.34 96.87 27.08
CA ILE G 1651 -45.79 97.36 28.34
C ILE G 1651 -45.18 98.74 28.05
N PRO G 1652 -45.29 99.72 28.95
CA PRO G 1652 -44.38 100.89 28.86
C PRO G 1652 -42.94 100.45 29.05
N LEU G 1653 -42.16 100.55 27.97
CA LEU G 1653 -40.86 99.89 27.91
C LEU G 1653 -39.71 100.78 28.35
N GLU G 1654 -39.83 102.10 28.14
CA GLU G 1654 -38.73 103.00 28.51
C GLU G 1654 -38.55 103.07 30.01
N ALA G 1655 -39.65 103.06 30.77
CA ALA G 1655 -39.55 102.92 32.21
C ALA G 1655 -39.12 101.52 32.60
N LEU G 1656 -39.52 100.52 31.80
CA LEU G 1656 -39.07 99.15 32.05
C LEU G 1656 -37.60 98.99 31.72
N ARG G 1657 -37.10 99.74 30.75
CA ARG G 1657 -35.71 99.63 30.34
C ARG G 1657 -34.75 100.07 31.44
N ASP G 1658 -35.05 101.20 32.09
CA ASP G 1658 -34.20 101.66 33.18
C ASP G 1658 -34.38 100.81 34.44
N LYS G 1659 -35.55 100.19 34.59
CA LYS G 1659 -35.82 99.43 35.81
C LYS G 1659 -35.03 98.14 35.85
N ALA G 1660 -34.96 97.43 34.72
CA ALA G 1660 -34.13 96.24 34.66
C ALA G 1660 -32.65 96.60 34.65
N LEU G 1661 -32.32 97.79 34.16
CA LEU G 1661 -30.93 98.21 34.06
C LEU G 1661 -30.35 98.52 35.44
N ARG G 1662 -31.13 99.19 36.30
CA ARG G 1662 -30.61 99.64 37.57
C ARG G 1662 -30.41 98.50 38.56
N MET G 1663 -31.07 97.37 38.36
CA MET G 1663 -30.90 96.22 39.24
C MET G 1663 -29.72 95.35 38.85
N LEU G 1664 -29.37 95.33 37.56
CA LEU G 1664 -28.20 94.60 37.11
C LEU G 1664 -26.93 95.18 37.71
N GLY G 1665 -26.79 96.50 37.67
CA GLY G 1665 -25.68 97.14 38.36
C GLY G 1665 -25.78 97.04 39.87
N GLU G 1666 -27.01 96.92 40.39
CA GLU G 1666 -27.19 96.72 41.82
C GLU G 1666 -26.76 95.33 42.24
N ALA G 1667 -27.08 94.32 41.43
CA ALA G 1667 -26.70 92.95 41.76
C ALA G 1667 -25.19 92.74 41.67
N VAL G 1668 -24.53 93.47 40.79
CA VAL G 1668 -23.07 93.50 40.80
C VAL G 1668 -22.57 94.20 42.06
N ARG G 1669 -23.22 95.31 42.43
CA ARG G 1669 -22.88 95.99 43.68
C ARG G 1669 -23.27 95.16 44.89
N ASP G 1670 -24.28 94.30 44.75
CA ASP G 1670 -24.62 93.38 45.84
C ASP G 1670 -23.76 92.13 45.82
N GLY G 1671 -23.30 91.71 44.64
CA GLY G 1671 -22.52 90.50 44.55
C GLY G 1671 -21.12 90.63 45.09
N GLY G 1672 -20.57 91.85 45.06
CA GLY G 1672 -19.22 92.07 45.57
C GLY G 1672 -19.13 92.03 47.09
N GLN G 1673 -20.27 92.14 47.79
CA GLN G 1673 -20.24 92.07 49.24
C GLN G 1673 -20.03 90.64 49.72
N HIS G 1674 -20.49 89.66 48.93
CA HIS G 1674 -20.35 88.22 49.21
C HIS G 1674 -20.97 87.83 50.54
N ALA G 1675 -22.12 88.41 50.85
CA ALA G 1675 -22.79 88.14 52.11
C ALA G 1675 -23.51 86.79 52.06
N ARG G 1676 -24.00 86.38 53.22
CA ARG G 1676 -24.78 85.15 53.37
C ARG G 1676 -26.28 85.38 53.15
N ASP G 1677 -26.64 86.46 52.47
CA ASP G 1677 -28.00 86.89 52.17
C ASP G 1677 -28.75 86.15 51.06
N PRO G 1678 -28.08 85.65 49.99
CA PRO G 1678 -28.43 85.89 48.58
C PRO G 1678 -29.89 85.80 48.13
N VAL G 1679 -30.18 86.61 47.11
CA VAL G 1679 -31.51 86.67 46.51
C VAL G 1679 -31.86 85.34 45.90
N GLY G 1680 -33.02 84.81 46.28
CA GLY G 1680 -33.47 83.54 45.75
C GLY G 1680 -32.77 82.32 46.33
N GLY G 1681 -31.93 82.50 47.33
CA GLY G 1681 -31.33 81.36 48.00
C GLY G 1681 -29.88 81.10 47.64
N SER G 1682 -29.52 81.25 46.37
CA SER G 1682 -28.16 80.94 45.95
C SER G 1682 -27.67 82.02 45.01
N VAL G 1683 -26.44 81.81 44.52
CA VAL G 1683 -25.82 82.75 43.58
C VAL G 1683 -26.53 82.70 42.24
N GLU G 1684 -26.93 81.50 41.80
CA GLU G 1684 -27.62 81.35 40.53
C GLU G 1684 -28.99 82.02 40.55
N PHE G 1685 -29.68 81.96 41.68
CA PHE G 1685 -30.93 82.70 41.80
C PHE G 1685 -30.70 84.18 42.06
N GLN G 1686 -29.56 84.55 42.65
CA GLN G 1686 -29.19 85.96 42.71
C GLN G 1686 -28.93 86.50 41.31
N PHE G 1687 -28.26 85.71 40.46
CA PHE G 1687 -28.11 86.05 39.06
C PHE G 1687 -29.27 85.46 38.26
N VAL G 1688 -30.43 85.99 38.60
CA VAL G 1688 -31.77 85.65 38.12
C VAL G 1688 -31.86 85.89 36.62
N PRO G 1689 -32.78 85.21 35.88
CA PRO G 1689 -33.01 85.53 34.45
C PRO G 1689 -33.51 86.93 34.09
N VAL G 1690 -33.48 87.88 35.03
CA VAL G 1690 -33.36 89.30 34.65
C VAL G 1690 -32.12 89.51 33.76
N LEU G 1691 -31.06 88.71 33.98
CA LEU G 1691 -29.98 88.55 33.01
C LEU G 1691 -30.50 88.23 31.61
N LYS G 1692 -31.47 87.33 31.51
CA LYS G 1692 -32.08 87.07 30.21
C LYS G 1692 -32.96 88.23 29.77
N LEU G 1693 -33.58 88.94 30.73
CA LEU G 1693 -34.34 90.14 30.41
C LEU G 1693 -33.42 91.26 29.91
N VAL G 1694 -32.17 91.28 30.37
CA VAL G 1694 -31.19 92.18 29.78
C VAL G 1694 -30.94 91.84 28.32
N SER G 1695 -30.70 90.55 28.05
CA SER G 1695 -30.50 90.09 26.69
C SER G 1695 -31.77 90.13 25.86
N THR G 1696 -32.93 90.20 26.52
CA THR G 1696 -34.19 90.35 25.80
C THR G 1696 -34.26 91.67 25.06
N LEU G 1697 -34.22 92.78 25.79
CA LEU G 1697 -34.36 94.08 25.18
C LEU G 1697 -33.09 94.55 24.47
N LEU G 1698 -31.97 93.86 24.69
CA LEU G 1698 -30.74 94.19 23.99
C LEU G 1698 -30.86 93.84 22.51
N VAL G 1699 -31.27 92.61 22.21
CA VAL G 1699 -31.42 92.20 20.83
C VAL G 1699 -32.67 92.81 20.20
N MET G 1700 -33.63 93.26 21.00
CA MET G 1700 -34.80 93.96 20.48
C MET G 1700 -34.51 95.42 20.13
N GLY G 1701 -33.30 95.90 20.37
CA GLY G 1701 -32.95 97.27 20.02
C GLY G 1701 -33.59 98.32 20.90
N ILE G 1702 -33.84 97.99 22.17
CA ILE G 1702 -34.53 98.92 23.05
C ILE G 1702 -33.55 99.89 23.69
N PHE G 1703 -32.36 99.42 24.02
CA PHE G 1703 -31.38 100.24 24.72
C PHE G 1703 -30.78 101.29 23.80
N GLY G 1704 -30.52 102.46 24.37
CA GLY G 1704 -29.90 103.56 23.65
C GLY G 1704 -28.39 103.45 23.67
N ASP G 1705 -27.74 104.59 23.43
CA ASP G 1705 -26.28 104.61 23.40
C ASP G 1705 -25.71 104.50 24.81
N GLU G 1706 -26.18 105.37 25.71
CA GLU G 1706 -25.68 105.35 27.09
C GLU G 1706 -26.18 104.15 27.86
N ASP G 1707 -27.29 103.56 27.44
CA ASP G 1707 -27.78 102.33 28.07
C ASP G 1707 -26.84 101.17 27.76
N VAL G 1708 -26.38 101.07 26.51
CA VAL G 1708 -25.34 100.12 26.17
C VAL G 1708 -24.03 100.49 26.85
N LYS G 1709 -23.75 101.80 26.93
CA LYS G 1709 -22.55 102.27 27.62
C LYS G 1709 -22.62 101.97 29.11
N GLN G 1710 -23.83 101.89 29.67
CA GLN G 1710 -23.96 101.53 31.08
C GLN G 1710 -23.80 100.03 31.30
N ILE G 1711 -24.33 99.20 30.40
CA ILE G 1711 -24.24 97.77 30.63
C ILE G 1711 -22.86 97.22 30.28
N LEU G 1712 -22.07 97.95 29.50
CA LEU G 1712 -20.66 97.60 29.37
C LEU G 1712 -19.84 97.98 30.60
N LYS G 1713 -20.37 98.85 31.46
CA LYS G 1713 -19.64 99.28 32.64
C LYS G 1713 -19.61 98.23 33.76
N MET G 1714 -20.24 97.06 33.56
CA MET G 1714 -20.01 95.95 34.45
C MET G 1714 -18.64 95.33 34.22
N ILE G 1715 -18.07 95.50 33.03
CA ILE G 1715 -16.73 95.04 32.70
C ILE G 1715 -15.96 96.30 32.32
N GLU G 1716 -16.26 97.39 33.02
CA GLU G 1716 -15.65 98.71 32.77
C GLU G 1716 -14.12 98.78 32.70
N PRO G 1717 -13.31 98.06 33.50
CA PRO G 1717 -11.85 98.13 33.28
C PRO G 1717 -11.42 97.47 31.98
N GLU G 1718 -12.14 96.48 31.50
CA GLU G 1718 -11.80 95.89 30.21
C GLU G 1718 -12.36 96.70 29.05
N VAL G 1719 -13.47 97.39 29.26
CA VAL G 1719 -14.02 98.26 28.22
C VAL G 1719 -13.11 99.47 28.01
N PHE G 1720 -12.78 100.17 29.10
CA PHE G 1720 -11.85 101.30 29.15
C PHE G 1720 -12.30 102.43 28.22
N THR G 1721 -13.39 103.06 28.62
CA THR G 1721 -14.05 104.12 27.84
C THR G 1721 -13.11 105.30 27.58
N GLU G 1722 -13.39 106.01 26.49
CA GLU G 1722 -12.45 107.01 25.97
C GLU G 1722 -12.37 108.27 26.81
N GLU G 1723 -13.34 108.50 27.69
CA GLU G 1723 -13.32 109.69 28.54
C GLU G 1723 -12.51 109.44 29.81
N LEU G 1771 -13.10 98.33 45.57
CA LEU G 1771 -13.00 98.86 44.22
C LEU G 1771 -14.09 98.28 43.33
N GLU G 1772 -14.32 98.94 42.18
CA GLU G 1772 -15.33 98.50 41.23
C GLU G 1772 -14.78 97.32 40.44
N GLU G 1773 -14.97 96.12 40.98
CA GLU G 1773 -14.50 94.91 40.31
C GLU G 1773 -15.38 94.58 39.10
N GLY G 1774 -14.78 93.92 38.13
CA GLY G 1774 -15.49 93.60 36.91
C GLY G 1774 -16.51 92.49 37.11
N LEU G 1775 -17.38 92.36 36.10
CA LEU G 1775 -18.40 91.33 36.11
C LEU G 1775 -17.82 89.94 35.98
N LEU G 1776 -16.68 89.82 35.27
CA LEU G 1776 -16.18 88.52 34.86
C LEU G 1776 -15.52 87.77 36.02
N GLN G 1777 -14.97 88.48 36.99
CA GLN G 1777 -14.08 87.86 37.98
C GLN G 1777 -14.82 87.11 39.08
N MET G 1778 -16.14 87.14 39.10
CA MET G 1778 -16.88 86.45 40.14
C MET G 1778 -16.98 84.96 39.84
N LYS G 1779 -17.03 84.15 40.90
CA LYS G 1779 -17.14 82.69 40.78
C LYS G 1779 -18.57 82.36 40.41
N LEU G 1780 -18.82 82.28 39.10
CA LEU G 1780 -20.16 82.08 38.59
C LEU G 1780 -20.27 80.64 38.10
N PRO G 1781 -21.08 79.79 38.78
CA PRO G 1781 -20.91 78.33 38.63
C PRO G 1781 -21.17 77.71 37.26
N GLU G 1782 -22.42 77.72 36.78
CA GLU G 1782 -22.66 77.14 35.46
C GLU G 1782 -23.58 77.98 34.60
N SER G 1783 -24.61 78.54 35.21
CA SER G 1783 -25.73 79.08 34.45
C SER G 1783 -25.57 80.54 34.11
N VAL G 1784 -24.59 81.22 34.71
CA VAL G 1784 -24.40 82.62 34.39
C VAL G 1784 -23.58 82.76 33.12
N LYS G 1785 -22.61 81.86 32.91
CA LYS G 1785 -21.74 81.95 31.76
C LYS G 1785 -22.47 81.68 30.45
N LEU G 1786 -23.45 80.78 30.48
CA LEU G 1786 -24.29 80.59 29.29
C LEU G 1786 -25.16 81.80 29.02
N GLN G 1787 -25.62 82.48 30.07
CA GLN G 1787 -26.24 83.79 29.87
C GLN G 1787 -25.21 84.81 29.44
N MET G 1788 -23.98 84.68 29.91
CA MET G 1788 -22.93 85.62 29.56
C MET G 1788 -22.49 85.43 28.12
N CYS G 1789 -22.39 84.18 27.66
CA CYS G 1789 -22.03 83.93 26.27
C CYS G 1789 -23.14 84.34 25.32
N ASN G 1790 -24.40 84.23 25.76
CA ASN G 1790 -25.50 84.76 24.96
C ASN G 1790 -25.46 86.27 24.90
N LEU G 1791 -24.98 86.91 25.97
CA LEU G 1791 -24.83 88.36 26.00
C LEU G 1791 -23.75 88.82 25.03
N LEU G 1792 -22.59 88.17 25.07
CA LEU G 1792 -21.47 88.56 24.22
C LEU G 1792 -21.64 88.12 22.78
N GLU G 1793 -22.55 87.18 22.53
CA GLU G 1793 -22.81 86.75 21.16
C GLU G 1793 -23.42 87.88 20.34
N TYR G 1794 -24.29 88.69 20.97
CA TYR G 1794 -24.87 89.84 20.30
C TYR G 1794 -23.82 90.89 19.98
N PHE G 1795 -22.78 90.98 20.81
CA PHE G 1795 -21.80 92.06 20.65
C PHE G 1795 -20.89 91.78 19.46
N CYS G 1796 -20.53 90.52 19.25
CA CYS G 1796 -19.75 90.17 18.06
C CYS G 1796 -20.58 90.32 16.80
N ASP G 1797 -21.90 90.18 16.92
CA ASP G 1797 -22.78 90.45 15.79
C ASP G 1797 -22.78 91.92 15.43
N GLN G 1798 -22.77 92.80 16.44
CA GLN G 1798 -22.78 94.23 16.18
C GLN G 1798 -21.47 94.70 15.54
N GLU G 1799 -20.36 94.04 15.88
CA GLU G 1799 -19.11 94.36 15.21
C GLU G 1799 -19.14 93.93 13.75
N LEU G 1800 -19.66 92.73 13.48
CA LEU G 1800 -19.73 92.25 12.11
C LEU G 1800 -20.78 93.01 11.31
N GLN G 1801 -21.88 93.40 11.94
CA GLN G 1801 -22.89 94.21 11.25
C GLN G 1801 -22.34 95.58 10.93
N HIS G 1802 -21.51 96.14 11.82
CA HIS G 1802 -20.82 97.38 11.51
C HIS G 1802 -19.75 97.16 10.45
N ARG G 1803 -19.10 96.00 10.47
CA ARG G 1803 -18.04 95.72 9.52
C ARG G 1803 -18.60 95.54 8.11
N VAL G 1804 -19.74 94.85 7.99
CA VAL G 1804 -20.35 94.67 6.68
C VAL G 1804 -21.01 95.97 6.21
N GLU G 1805 -21.36 96.86 7.14
CA GLU G 1805 -21.94 98.14 6.75
C GLU G 1805 -20.88 99.08 6.20
N SER G 1806 -19.74 99.17 6.88
CA SER G 1806 -18.64 100.02 6.43
C SER G 1806 -18.05 99.51 5.14
N LEU G 1807 -18.08 98.19 4.91
CA LEU G 1807 -17.73 97.65 3.61
C LEU G 1807 -18.75 98.06 2.55
N ALA G 1808 -20.04 98.01 2.90
CA ALA G 1808 -21.07 98.44 1.98
C ALA G 1808 -21.06 99.95 1.80
N ALA G 1809 -20.64 100.69 2.83
CA ALA G 1809 -20.53 102.14 2.70
C ALA G 1809 -19.39 102.53 1.78
N PHE G 1810 -18.24 101.85 1.90
CA PHE G 1810 -17.08 102.17 1.09
C PHE G 1810 -17.30 101.82 -0.37
N ALA G 1811 -18.08 100.77 -0.63
CA ALA G 1811 -18.22 100.27 -2.00
C ALA G 1811 -19.20 101.09 -2.84
N GLU G 1812 -19.84 102.12 -2.29
CA GLU G 1812 -20.83 102.88 -3.03
C GLU G 1812 -20.32 104.23 -3.50
N ARG G 1813 -19.60 104.96 -2.64
CA ARG G 1813 -18.97 106.20 -3.12
C ARG G 1813 -17.74 105.91 -3.95
N TYR G 1814 -17.18 104.70 -3.86
CA TYR G 1814 -16.06 104.32 -4.70
C TYR G 1814 -16.52 103.88 -6.08
N VAL G 1815 -17.72 103.29 -6.19
CA VAL G 1815 -18.24 102.98 -7.51
C VAL G 1815 -18.86 104.21 -8.15
N ASP G 1816 -19.16 105.24 -7.34
CA ASP G 1816 -19.63 106.50 -7.90
C ASP G 1816 -18.52 107.22 -8.65
N LYS G 1817 -17.31 107.17 -8.12
CA LYS G 1817 -16.15 107.74 -8.80
C LYS G 1817 -15.53 106.78 -9.80
N LEU G 1818 -16.05 105.57 -9.90
CA LEU G 1818 -15.54 104.57 -10.83
C LEU G 1818 -16.24 104.60 -12.18
N GLN G 1819 -17.57 104.62 -12.17
CA GLN G 1819 -18.31 104.69 -13.43
C GLN G 1819 -18.18 106.05 -14.08
N ALA G 1820 -17.93 107.10 -13.29
CA ALA G 1820 -17.61 108.40 -13.85
C ALA G 1820 -16.20 108.44 -14.41
N ASN G 1821 -15.32 107.55 -13.96
CA ASN G 1821 -13.96 107.51 -14.48
C ASN G 1821 -13.95 106.93 -15.89
N GLN G 1822 -14.66 105.82 -16.10
CA GLN G 1822 -14.76 105.26 -17.45
C GLN G 1822 -15.61 106.14 -18.34
N ARG G 1823 -16.61 106.83 -17.77
CA ARG G 1823 -17.32 107.86 -18.50
C ARG G 1823 -16.39 109.00 -18.92
N SER G 1824 -15.41 109.30 -18.06
CA SER G 1824 -14.35 110.22 -18.47
C SER G 1824 -13.35 109.53 -19.40
N ARG G 1825 -13.19 108.22 -19.27
CA ARG G 1825 -12.25 107.49 -20.12
C ARG G 1825 -12.85 107.16 -21.49
N TYR G 1826 -14.18 107.04 -21.58
CA TYR G 1826 -14.81 106.82 -22.88
C TYR G 1826 -14.70 108.05 -23.77
N ALA G 1827 -14.72 109.25 -23.19
CA ALA G 1827 -14.50 110.46 -23.98
C ALA G 1827 -13.06 110.58 -24.45
N LEU G 1828 -12.11 109.95 -23.76
CA LEU G 1828 -10.73 109.92 -24.20
C LEU G 1828 -10.50 109.03 -25.40
N LEU G 1829 -11.48 108.20 -25.77
CA LEU G 1829 -11.42 107.41 -26.99
C LEU G 1829 -12.54 107.75 -27.96
N MET G 1830 -13.36 108.76 -27.65
CA MET G 1830 -14.40 109.22 -28.55
C MET G 1830 -14.09 110.61 -29.11
N ARG G 1831 -13.85 111.58 -28.24
CA ARG G 1831 -13.39 112.89 -28.69
C ARG G 1831 -11.90 112.90 -29.00
N ALA G 1832 -11.16 111.92 -28.49
CA ALA G 1832 -9.74 111.75 -28.73
C ALA G 1832 -9.47 110.34 -29.24
N PHE G 1833 -10.23 109.97 -30.28
CA PHE G 1833 -10.26 108.59 -30.76
C PHE G 1833 -8.92 108.18 -31.37
N THR G 1834 -8.50 108.88 -32.43
CA THR G 1834 -7.31 108.59 -33.23
C THR G 1834 -7.32 107.14 -33.72
N MET G 1835 -8.27 106.89 -34.62
CA MET G 1835 -8.67 105.54 -35.01
C MET G 1835 -7.52 104.79 -35.68
N SER G 1836 -7.10 103.69 -35.05
CA SER G 1836 -6.02 102.85 -35.52
C SER G 1836 -6.32 101.42 -35.10
N ALA G 1837 -5.32 100.55 -35.17
CA ALA G 1837 -5.52 99.15 -34.85
C ALA G 1837 -5.43 98.87 -33.36
N ALA G 1838 -4.59 99.62 -32.63
CA ALA G 1838 -4.42 99.37 -31.21
C ALA G 1838 -5.62 99.88 -30.41
N GLU G 1839 -6.19 101.01 -30.81
CA GLU G 1839 -7.35 101.56 -30.13
C GLU G 1839 -8.63 100.80 -30.44
N THR G 1840 -8.70 100.13 -31.60
CA THR G 1840 -9.90 99.40 -31.99
C THR G 1840 -9.98 98.01 -31.37
N ALA G 1841 -9.01 97.63 -30.55
CA ALA G 1841 -9.02 96.32 -29.89
C ALA G 1841 -9.16 96.41 -28.39
N ARG G 1842 -8.43 97.33 -27.75
CA ARG G 1842 -8.50 97.47 -26.30
C ARG G 1842 -9.81 98.13 -25.88
N ARG G 1843 -10.25 99.14 -26.62
CA ARG G 1843 -11.50 99.82 -26.33
C ARG G 1843 -12.73 99.03 -26.79
N THR G 1844 -12.51 97.94 -27.54
CA THR G 1844 -13.61 97.06 -27.91
C THR G 1844 -14.20 96.36 -26.70
N ARG G 1845 -13.36 96.12 -25.68
CA ARG G 1845 -13.78 95.46 -24.45
C ARG G 1845 -14.72 96.31 -23.60
N GLU G 1846 -14.89 97.60 -23.90
CA GLU G 1846 -15.90 98.39 -23.22
C GLU G 1846 -17.30 98.02 -23.69
N PHE G 1847 -17.49 97.89 -25.00
CA PHE G 1847 -18.81 97.53 -25.52
C PHE G 1847 -19.10 96.06 -25.28
N ARG G 1848 -18.07 95.21 -25.28
CA ARG G 1848 -18.15 93.84 -24.79
C ARG G 1848 -17.96 93.84 -23.28
N SER G 1849 -17.70 92.65 -22.70
CA SER G 1849 -17.42 92.45 -21.28
C SER G 1849 -18.58 92.91 -20.40
N PRO G 1850 -19.65 92.12 -20.31
CA PRO G 1850 -20.76 92.48 -19.44
C PRO G 1850 -20.30 92.67 -18.01
N PRO G 1851 -20.96 93.56 -17.24
CA PRO G 1851 -20.31 94.17 -16.07
C PRO G 1851 -20.01 93.24 -14.90
N GLN G 1852 -20.36 91.94 -15.00
CA GLN G 1852 -19.76 90.98 -14.09
C GLN G 1852 -18.27 90.84 -14.35
N GLU G 1853 -17.89 90.55 -15.59
CA GLU G 1853 -16.49 90.36 -15.95
C GLU G 1853 -15.77 91.68 -16.22
N GLN G 1854 -16.50 92.77 -16.45
CA GLN G 1854 -15.87 94.06 -16.70
C GLN G 1854 -15.19 94.59 -15.45
N ILE G 1855 -15.82 94.42 -14.29
CA ILE G 1855 -15.18 94.79 -13.04
C ILE G 1855 -14.05 93.83 -12.71
N ASN G 1856 -14.21 92.56 -13.08
CA ASN G 1856 -13.22 91.53 -12.75
C ASN G 1856 -11.90 91.76 -13.48
N MET G 1857 -11.95 92.37 -14.66
CA MET G 1857 -10.72 92.86 -15.27
C MET G 1857 -10.14 94.00 -14.45
N LEU G 1858 -10.99 94.95 -14.04
CA LEU G 1858 -10.51 96.17 -13.40
C LEU G 1858 -10.13 95.94 -11.94
N LEU G 1859 -10.74 94.95 -11.28
CA LEU G 1859 -10.44 94.73 -9.87
C LEU G 1859 -9.07 94.09 -9.68
N HIS G 1860 -8.53 93.47 -10.73
CA HIS G 1860 -7.19 92.88 -10.63
C HIS G 1860 -6.11 93.93 -10.46
N PHE G 1861 -6.34 95.14 -10.97
CA PHE G 1861 -5.30 96.15 -10.95
C PHE G 1861 -5.16 96.78 -9.56
N LYS G 1862 -6.28 96.99 -8.87
CA LYS G 1862 -6.23 97.58 -7.54
C LYS G 1862 -5.70 96.59 -6.51
N ASP G 1863 -5.82 95.29 -6.77
CA ASP G 1863 -5.35 94.25 -5.85
C ASP G 1863 -4.47 93.29 -6.62
N GLU G 1864 -3.20 93.66 -6.76
CA GLU G 1864 -2.12 92.82 -7.28
C GLU G 1864 -0.82 93.56 -7.00
N ALA G 1865 0.30 92.93 -7.39
CA ALA G 1865 1.58 93.62 -7.36
C ALA G 1865 1.92 94.25 -8.70
N ASP G 1866 0.94 94.99 -9.26
CA ASP G 1866 1.05 95.75 -10.50
C ASP G 1866 1.53 94.88 -11.68
N GLU G 1867 1.07 93.63 -11.72
CA GLU G 1867 1.59 92.64 -12.66
C GLU G 1867 0.60 92.33 -13.78
N GLU G 1868 -0.18 93.31 -14.21
CA GLU G 1868 -1.19 93.04 -15.22
C GLU G 1868 -1.31 94.13 -16.28
N ASP G 1869 -0.26 94.95 -16.46
CA ASP G 1869 -0.23 96.08 -17.40
C ASP G 1869 -1.35 97.07 -17.11
N CYS G 1870 -1.20 97.73 -15.96
CA CYS G 1870 -2.27 98.50 -15.34
C CYS G 1870 -2.65 99.73 -16.17
N PRO G 1871 -3.94 100.12 -16.11
CA PRO G 1871 -4.39 101.33 -16.80
C PRO G 1871 -4.06 102.61 -16.05
N LEU G 1872 -4.64 103.70 -16.55
CA LEU G 1872 -4.42 105.06 -16.04
C LEU G 1872 -4.69 105.27 -14.54
N PRO G 1873 -5.87 104.87 -13.93
CA PRO G 1873 -6.15 105.37 -12.56
C PRO G 1873 -5.28 104.78 -11.46
N GLU G 1874 -4.35 105.62 -10.97
CA GLU G 1874 -3.40 105.23 -9.94
C GLU G 1874 -3.79 105.71 -8.55
N ASP G 1875 -4.81 106.57 -8.44
CA ASP G 1875 -5.24 107.06 -7.14
C ASP G 1875 -6.33 106.19 -6.54
N ILE G 1876 -7.22 105.66 -7.38
CA ILE G 1876 -8.37 104.90 -6.88
C ILE G 1876 -8.02 103.42 -6.82
N ARG G 1877 -6.75 103.09 -7.06
CA ARG G 1877 -6.24 101.79 -6.69
C ARG G 1877 -5.57 101.80 -5.32
N GLN G 1878 -5.39 102.99 -4.75
CA GLN G 1878 -4.72 103.17 -3.47
C GLN G 1878 -5.71 103.18 -2.31
N ASP G 1879 -6.86 103.81 -2.51
CA ASP G 1879 -7.89 103.85 -1.47
C ASP G 1879 -8.49 102.47 -1.23
N LEU G 1880 -8.61 101.67 -2.28
CA LEU G 1880 -8.96 100.27 -2.12
C LEU G 1880 -7.87 99.52 -1.37
N GLN G 1881 -6.61 99.85 -1.65
CA GLN G 1881 -5.50 99.25 -0.93
C GLN G 1881 -5.47 99.72 0.51
N ASP G 1882 -5.81 100.99 0.75
CA ASP G 1882 -5.85 101.51 2.11
C ASP G 1882 -7.03 100.95 2.89
N PHE G 1883 -8.18 100.77 2.21
CA PHE G 1883 -9.36 100.26 2.91
C PHE G 1883 -9.21 98.78 3.22
N HIS G 1884 -8.71 98.00 2.26
CA HIS G 1884 -8.48 96.58 2.48
C HIS G 1884 -7.43 96.34 3.56
N GLN G 1885 -6.43 97.23 3.64
CA GLN G 1885 -5.52 97.21 4.77
C GLN G 1885 -6.25 97.56 6.06
N ASP G 1886 -7.10 98.59 6.02
CA ASP G 1886 -7.88 98.96 7.19
C ASP G 1886 -8.98 97.95 7.50
N LEU G 1887 -9.38 97.16 6.52
CA LEU G 1887 -10.37 96.12 6.76
C LEU G 1887 -9.79 95.02 7.63
N LEU G 1888 -8.63 94.48 7.24
CA LEU G 1888 -8.00 93.44 8.02
C LEU G 1888 -7.43 93.98 9.34
N ALA G 1889 -7.13 95.28 9.38
CA ALA G 1889 -6.74 95.90 10.64
C ALA G 1889 -7.92 95.94 11.61
N HIS G 1890 -9.11 96.28 11.11
CA HIS G 1890 -10.30 96.18 11.94
C HIS G 1890 -10.69 94.73 12.17
N CYS G 1891 -10.35 93.84 11.24
CA CYS G 1891 -10.55 92.42 11.44
C CYS G 1891 -9.43 91.87 12.32
N GLY G 1892 -9.40 90.55 12.50
CA GLY G 1892 -8.45 89.92 13.39
C GLY G 1892 -7.03 89.84 12.91
N ILE G 1893 -6.75 90.29 11.68
CA ILE G 1893 -5.38 90.25 11.16
C ILE G 1893 -4.55 91.31 11.86
N GLN G 1894 -3.43 90.89 12.45
CA GLN G 1894 -2.59 91.83 13.19
C GLN G 1894 -1.77 92.72 12.26
N LEU G 1895 -1.66 92.35 10.97
CA LEU G 1895 -0.89 93.07 9.95
C LEU G 1895 0.57 93.25 10.36
N GLU G 1896 1.17 92.16 10.82
CA GLU G 1896 2.57 92.15 11.26
C GLU G 1896 3.46 92.20 10.02
N GLY G 1897 3.83 93.40 9.62
CA GLY G 1897 4.66 93.59 8.44
C GLY G 1897 3.89 93.41 7.15
N LYS G 1938 -0.70 92.62 31.35
CA LYS G 1938 -1.00 93.65 30.37
C LYS G 1938 -2.51 93.77 30.15
N LYS G 1939 -2.92 94.80 29.42
CA LYS G 1939 -4.33 94.99 29.12
C LYS G 1939 -4.63 94.59 27.69
N PRO G 1940 -5.76 93.90 27.45
CA PRO G 1940 -6.13 93.60 26.06
C PRO G 1940 -6.51 94.84 25.26
N GLN G 1941 -7.26 95.76 25.88
CA GLN G 1941 -7.72 97.03 25.30
C GLN G 1941 -8.52 96.84 24.02
N SER G 1942 -9.16 95.67 23.86
CA SER G 1942 -9.94 95.34 22.67
C SER G 1942 -10.84 94.17 23.02
N LEU G 1943 -11.86 93.97 22.18
CA LEU G 1943 -12.78 92.88 22.40
C LEU G 1943 -12.18 91.53 22.04
N GLN G 1944 -11.27 91.50 21.06
CA GLN G 1944 -10.78 90.24 20.53
C GLN G 1944 -9.86 89.54 21.51
N GLU G 1945 -8.90 90.27 22.08
CA GLU G 1945 -8.00 89.67 23.05
C GLU G 1945 -8.69 89.46 24.39
N LEU G 1946 -9.79 90.14 24.65
CA LEU G 1946 -10.51 89.96 25.90
C LEU G 1946 -11.28 88.64 25.92
N VAL G 1947 -12.10 88.41 24.89
CA VAL G 1947 -12.99 87.25 24.87
C VAL G 1947 -12.19 85.97 24.67
N SER G 1948 -11.14 86.04 23.84
CA SER G 1948 -10.28 84.88 23.61
C SER G 1948 -9.54 84.47 24.87
N HIS G 1949 -9.17 85.43 25.72
CA HIS G 1949 -8.53 85.10 26.98
C HIS G 1949 -9.53 84.56 27.99
N MET G 1950 -10.78 85.04 27.94
CA MET G 1950 -11.77 84.73 28.96
C MET G 1950 -12.24 83.28 28.87
N VAL G 1951 -12.42 82.77 27.65
CA VAL G 1951 -12.88 81.41 27.48
C VAL G 1951 -11.80 80.43 27.88
N VAL G 1952 -10.53 80.79 27.63
CA VAL G 1952 -9.41 79.92 27.95
C VAL G 1952 -9.22 79.80 29.46
N ARG G 1953 -9.26 80.93 30.17
CA ARG G 1953 -9.10 80.91 31.62
C ARG G 1953 -10.27 80.25 32.33
N TRP G 1954 -11.43 80.18 31.68
CA TRP G 1954 -12.50 79.33 32.19
C TRP G 1954 -12.13 77.86 32.04
N ALA G 1955 -11.60 77.48 30.88
CA ALA G 1955 -11.15 76.11 30.67
C ALA G 1955 -9.84 75.83 31.40
N GLN G 1956 -9.04 76.86 31.68
CA GLN G 1956 -7.88 76.72 32.53
C GLN G 1956 -8.28 76.44 33.97
N GLU G 1957 -9.50 76.82 34.36
CA GLU G 1957 -10.06 76.47 35.65
C GLU G 1957 -10.58 75.03 35.61
N ASP G 1958 -11.40 74.67 36.60
CA ASP G 1958 -11.82 73.29 36.81
C ASP G 1958 -12.76 72.81 35.69
N TYR G 1959 -13.17 71.55 35.81
CA TYR G 1959 -13.90 70.88 34.75
C TYR G 1959 -15.31 71.45 34.58
N VAL G 1960 -15.75 71.52 33.33
CA VAL G 1960 -17.01 72.14 32.98
C VAL G 1960 -17.95 71.08 32.45
N GLN G 1961 -19.09 70.91 33.11
CA GLN G 1961 -20.15 70.03 32.64
C GLN G 1961 -21.14 70.86 31.82
N SER G 1962 -22.33 70.28 31.55
CA SER G 1962 -23.44 70.86 30.79
C SER G 1962 -22.97 71.25 29.39
N PRO G 1963 -22.77 70.28 28.50
CA PRO G 1963 -22.03 70.54 27.25
C PRO G 1963 -22.69 71.51 26.28
N GLU G 1964 -23.95 71.88 26.50
CA GLU G 1964 -24.55 72.96 25.73
C GLU G 1964 -23.83 74.28 25.99
N LEU G 1965 -23.38 74.49 27.23
CA LEU G 1965 -22.52 75.62 27.54
C LEU G 1965 -21.20 75.54 26.76
N VAL G 1966 -20.60 74.35 26.73
CA VAL G 1966 -19.29 74.17 26.10
C VAL G 1966 -19.39 74.37 24.59
N ARG G 1967 -20.52 73.96 24.01
CA ARG G 1967 -20.77 74.25 22.60
C ARG G 1967 -20.91 75.74 22.37
N ALA G 1968 -21.53 76.45 23.31
CA ALA G 1968 -21.64 77.90 23.21
C ALA G 1968 -20.31 78.61 23.42
N MET G 1969 -19.39 77.99 24.16
CA MET G 1969 -18.10 78.61 24.43
C MET G 1969 -17.26 78.70 23.16
N PHE G 1970 -17.08 77.57 22.50
CA PHE G 1970 -16.19 77.54 21.35
C PHE G 1970 -16.86 78.03 20.07
N SER G 1971 -18.19 78.18 20.08
CA SER G 1971 -18.85 78.87 18.99
C SER G 1971 -18.45 80.34 18.94
N LEU G 1972 -18.47 81.00 20.10
CA LEU G 1972 -18.03 82.38 20.17
C LEU G 1972 -16.52 82.49 20.00
N LEU G 1973 -15.79 81.46 20.41
CA LEU G 1973 -14.34 81.47 20.31
C LEU G 1973 -13.88 81.42 18.85
N HIS G 1974 -14.54 80.60 18.03
CA HIS G 1974 -14.14 80.48 16.63
C HIS G 1974 -14.45 81.75 15.85
N ARG G 1975 -15.45 82.52 16.30
CA ARG G 1975 -15.73 83.80 15.69
C ARG G 1975 -14.63 84.82 15.99
N GLN G 1976 -13.86 84.61 17.05
CA GLN G 1976 -12.80 85.53 17.43
C GLN G 1976 -11.48 85.24 16.73
N TYR G 1977 -11.35 84.08 16.07
CA TYR G 1977 -10.14 83.75 15.32
C TYR G 1977 -10.39 83.75 13.82
N ASP G 1978 -11.34 82.95 13.35
CA ASP G 1978 -11.63 82.88 11.92
C ASP G 1978 -12.79 83.81 11.57
N GLY G 1979 -12.60 85.09 11.87
CA GLY G 1979 -13.55 86.11 11.46
C GLY G 1979 -13.51 86.45 9.99
N LEU G 1980 -12.47 86.02 9.29
CA LEU G 1980 -12.36 86.26 7.86
C LEU G 1980 -13.42 85.48 7.08
N GLY G 1981 -13.42 84.16 7.25
CA GLY G 1981 -14.43 83.34 6.59
C GLY G 1981 -15.80 83.49 7.20
N GLU G 1982 -15.87 83.88 8.48
CA GLU G 1982 -17.15 84.21 9.09
C GLU G 1982 -17.75 85.46 8.45
N LEU G 1983 -16.89 86.42 8.08
CA LEU G 1983 -17.36 87.52 7.25
C LEU G 1983 -17.77 87.03 5.87
N LEU G 1984 -17.03 86.06 5.33
CA LEU G 1984 -17.42 85.44 4.08
C LEU G 1984 -18.66 84.56 4.25
N ARG G 1985 -18.90 84.05 5.45
CA ARG G 1985 -20.10 83.27 5.70
C ARG G 1985 -21.37 84.11 5.64
N ALA G 1986 -21.27 85.41 5.93
CA ALA G 1986 -22.41 86.32 5.82
C ALA G 1986 -22.30 87.24 4.63
N LEU G 1987 -21.23 87.12 3.84
CA LEU G 1987 -21.08 87.96 2.65
C LEU G 1987 -22.13 87.75 1.56
N PRO G 1988 -22.59 86.53 1.22
CA PRO G 1988 -23.71 86.45 0.25
C PRO G 1988 -25.05 86.90 0.81
N ARG G 1989 -25.18 87.08 2.11
CA ARG G 1989 -26.44 87.53 2.69
C ARG G 1989 -26.53 89.05 2.78
N ALA G 1990 -25.68 89.77 2.07
CA ALA G 1990 -25.69 91.22 2.05
C ALA G 1990 -26.29 91.73 0.73
N TYR G 1991 -26.97 92.88 0.82
CA TYR G 1991 -27.59 93.47 -0.36
C TYR G 1991 -27.76 94.97 -0.12
N THR G 1992 -27.93 95.72 -1.19
CA THR G 1992 -28.19 97.15 -1.12
C THR G 1992 -29.38 97.48 -2.01
N ILE G 1993 -30.36 98.20 -1.47
CA ILE G 1993 -31.53 98.61 -2.23
C ILE G 1993 -31.44 100.09 -2.56
N SER G 1994 -32.22 100.47 -3.56
CA SER G 1994 -32.33 101.88 -3.91
C SER G 1994 -33.16 102.60 -2.84
N PRO G 1995 -32.78 103.82 -2.45
CA PRO G 1995 -33.53 104.53 -1.43
C PRO G 1995 -34.91 104.95 -1.92
N SER G 1996 -35.76 105.30 -0.94
CA SER G 1996 -37.20 105.56 -1.10
C SER G 1996 -37.94 104.39 -1.71
N SER G 1997 -37.46 103.17 -1.48
CA SER G 1997 -38.14 101.95 -1.90
C SER G 1997 -38.41 101.02 -0.72
N VAL G 1998 -38.22 101.50 0.51
CA VAL G 1998 -38.36 100.65 1.68
C VAL G 1998 -39.81 100.40 2.04
N GLU G 1999 -40.73 101.24 1.57
CA GLU G 1999 -42.12 101.18 2.01
C GLU G 1999 -42.84 99.96 1.45
N ASP G 2000 -42.43 99.48 0.28
CA ASP G 2000 -42.90 98.20 -0.20
C ASP G 2000 -41.98 97.08 0.23
N THR G 2001 -40.75 97.40 0.63
CA THR G 2001 -39.83 96.39 1.13
C THR G 2001 -40.24 95.92 2.52
N MET G 2002 -40.57 96.86 3.40
CA MET G 2002 -40.87 96.50 4.79
C MET G 2002 -42.19 95.76 4.91
N SER G 2003 -43.16 96.07 4.04
CA SER G 2003 -44.38 95.29 3.97
C SER G 2003 -44.08 93.87 3.50
N LEU G 2004 -43.21 93.75 2.50
CA LEU G 2004 -42.70 92.43 2.11
C LEU G 2004 -41.86 91.81 3.22
N LEU G 2005 -41.14 92.63 3.97
CA LEU G 2005 -40.31 92.12 5.06
C LEU G 2005 -41.17 91.65 6.23
N GLU G 2006 -42.22 92.41 6.56
CA GLU G 2006 -43.07 92.03 7.68
C GLU G 2006 -43.94 90.83 7.35
N CYS G 2007 -44.28 90.64 6.08
CA CYS G 2007 -45.11 89.51 5.70
C CYS G 2007 -44.34 88.20 5.75
N LEU G 2008 -43.02 88.24 5.53
CA LEU G 2008 -42.22 87.03 5.64
C LEU G 2008 -42.12 86.57 7.08
N GLY G 2009 -42.06 87.51 8.02
CA GLY G 2009 -42.06 87.14 9.43
C GLY G 2009 -43.35 86.49 9.88
N GLN G 2010 -44.46 86.81 9.21
CA GLN G 2010 -45.69 86.06 9.43
C GLN G 2010 -45.53 84.62 8.95
N ILE G 2011 -44.82 84.43 7.85
CA ILE G 2011 -44.67 83.09 7.28
C ILE G 2011 -43.70 82.27 8.12
N ARG G 2012 -42.58 82.86 8.52
CA ARG G 2012 -41.63 82.16 9.38
C ARG G 2012 -42.18 81.93 10.77
N SER G 2013 -43.18 82.71 11.19
CA SER G 2013 -43.90 82.42 12.42
C SER G 2013 -44.67 81.10 12.30
N LEU G 2014 -45.34 80.91 11.18
CA LEU G 2014 -46.15 79.72 10.95
C LEU G 2014 -45.32 78.50 10.58
N LEU G 2015 -43.99 78.62 10.53
CA LEU G 2015 -43.13 77.48 10.32
C LEU G 2015 -43.17 76.52 11.51
N ILE G 2016 -43.41 77.05 12.70
CA ILE G 2016 -43.44 76.27 13.93
C ILE G 2016 -44.85 76.10 14.46
N VAL G 2017 -45.83 76.73 13.82
CA VAL G 2017 -47.22 76.63 14.25
C VAL G 2017 -47.83 75.36 13.68
N GLN G 2018 -48.40 74.54 14.55
CA GLN G 2018 -49.17 73.39 14.10
C GLN G 2018 -50.44 73.84 13.39
N MET G 2019 -50.85 73.07 12.38
CA MET G 2019 -51.79 73.54 11.37
C MET G 2019 -53.19 73.74 11.95
N GLY G 2020 -53.71 74.95 11.77
CA GLY G 2020 -55.05 75.30 12.18
C GLY G 2020 -55.74 76.13 11.13
N PRO G 2021 -57.08 76.13 11.14
CA PRO G 2021 -57.82 76.95 10.16
C PRO G 2021 -57.63 78.44 10.36
N GLN G 2022 -57.39 78.89 11.60
CA GLN G 2022 -57.03 80.28 11.83
C GLN G 2022 -55.67 80.61 11.22
N GLU G 2023 -54.73 79.66 11.27
CA GLU G 2023 -53.45 79.83 10.61
C GLU G 2023 -53.52 79.52 9.13
N GLU G 2024 -54.59 78.85 8.68
CA GLU G 2024 -54.68 78.46 7.28
C GLU G 2024 -54.93 79.66 6.38
N ASN G 2025 -56.04 80.36 6.60
CA ASN G 2025 -56.36 81.56 5.83
C ASN G 2025 -55.42 82.72 6.13
N LEU G 2026 -54.70 82.67 7.25
CA LEU G 2026 -53.70 83.68 7.57
C LEU G 2026 -52.57 83.65 6.55
N MET G 2027 -52.09 82.46 6.20
CA MET G 2027 -51.06 82.36 5.18
C MET G 2027 -51.63 82.64 3.80
N ILE G 2028 -52.89 82.23 3.56
CA ILE G 2028 -53.55 82.49 2.29
C ILE G 2028 -53.73 84.00 2.09
N GLN G 2029 -54.01 84.71 3.17
CA GLN G 2029 -53.99 86.17 3.14
C GLN G 2029 -52.58 86.70 2.91
N SER G 2030 -51.56 86.01 3.44
CA SER G 2030 -50.19 86.47 3.29
C SER G 2030 -49.68 86.28 1.87
N ILE G 2031 -50.20 85.30 1.13
CA ILE G 2031 -49.80 85.10 -0.24
C ILE G 2031 -50.33 86.22 -1.13
N GLY G 2032 -51.54 86.70 -0.85
CA GLY G 2032 -52.09 87.83 -1.59
C GLY G 2032 -51.36 89.12 -1.34
N ASN G 2033 -50.68 89.25 -0.20
CA ASN G 2033 -49.89 90.43 0.07
C ASN G 2033 -48.63 90.47 -0.79
N ILE G 2034 -47.90 89.35 -0.82
CA ILE G 2034 -46.64 89.29 -1.56
C ILE G 2034 -46.85 89.10 -3.06
N MET G 2035 -48.07 88.80 -3.50
CA MET G 2035 -48.41 88.86 -4.90
C MET G 2035 -48.75 90.26 -5.37
N ASN G 2036 -48.87 91.22 -4.47
CA ASN G 2036 -49.33 92.55 -4.83
C ASN G 2036 -48.43 93.60 -4.19
N ASN G 2037 -47.13 93.43 -4.34
CA ASN G 2037 -46.16 94.43 -3.92
C ASN G 2037 -45.15 94.77 -4.99
N LYS G 2038 -45.01 93.94 -6.02
CA LYS G 2038 -44.34 94.15 -7.31
C LYS G 2038 -42.86 94.52 -7.24
N VAL G 2039 -42.28 94.56 -6.04
CA VAL G 2039 -40.83 94.57 -5.90
C VAL G 2039 -40.30 93.14 -5.97
N PHE G 2040 -41.16 92.18 -5.66
CA PHE G 2040 -40.92 90.77 -5.98
C PHE G 2040 -40.68 90.58 -7.47
N TYR G 2041 -41.41 91.35 -8.30
CA TYR G 2041 -41.13 91.38 -9.73
C TYR G 2041 -39.89 92.19 -10.07
N GLN G 2042 -39.41 93.04 -9.16
CA GLN G 2042 -38.27 93.88 -9.47
C GLN G 2042 -36.94 93.15 -9.28
N HIS G 2043 -36.77 92.46 -8.16
CA HIS G 2043 -35.49 91.81 -7.86
C HIS G 2043 -35.70 90.39 -7.37
N PRO G 2044 -35.78 89.43 -8.30
CA PRO G 2044 -35.85 88.02 -7.87
C PRO G 2044 -34.53 87.51 -7.31
N ASN G 2045 -33.40 88.13 -7.69
CA ASN G 2045 -32.11 87.72 -7.15
C ASN G 2045 -32.00 88.07 -5.67
N LEU G 2046 -32.74 89.09 -5.22
CA LEU G 2046 -32.88 89.32 -3.79
C LEU G 2046 -33.62 88.16 -3.13
N MET G 2047 -34.72 87.71 -3.74
CA MET G 2047 -35.57 86.70 -3.14
C MET G 2047 -34.88 85.34 -3.08
N ARG G 2048 -33.93 85.10 -3.98
CA ARG G 2048 -33.06 83.93 -3.87
C ARG G 2048 -32.20 84.01 -2.62
N ALA G 2049 -31.75 85.20 -2.24
CA ALA G 2049 -30.97 85.34 -1.02
C ALA G 2049 -31.83 85.24 0.23
N LEU G 2050 -33.14 85.52 0.11
CA LEU G 2050 -34.04 85.36 1.24
C LEU G 2050 -34.40 83.91 1.52
N GLY G 2051 -34.13 83.00 0.59
CA GLY G 2051 -34.60 81.64 0.74
C GLY G 2051 -36.11 81.56 0.70
N MET G 2052 -36.73 82.31 -0.20
CA MET G 2052 -38.18 82.47 -0.20
C MET G 2052 -38.90 81.18 -0.59
N HIS G 2053 -38.40 80.50 -1.61
CA HIS G 2053 -39.01 79.27 -2.10
C HIS G 2053 -38.87 78.12 -1.10
N GLU G 2054 -37.85 78.16 -0.23
CA GLU G 2054 -37.57 77.04 0.64
C GLU G 2054 -38.61 76.90 1.74
N THR G 2055 -38.91 78.01 2.42
CA THR G 2055 -39.86 78.00 3.53
C THR G 2055 -41.28 77.73 3.04
N VAL G 2056 -41.58 78.07 1.79
CA VAL G 2056 -42.84 77.66 1.18
C VAL G 2056 -42.89 76.14 1.05
N MET G 2057 -41.75 75.53 0.73
CA MET G 2057 -41.71 74.08 0.64
C MET G 2057 -41.65 73.43 2.02
N GLU G 2058 -41.06 74.12 3.00
CA GLU G 2058 -40.94 73.56 4.35
C GLU G 2058 -42.30 73.44 5.02
N VAL G 2059 -43.16 74.43 4.84
CA VAL G 2059 -44.52 74.32 5.35
C VAL G 2059 -45.34 73.38 4.47
N MET G 2060 -44.92 73.16 3.23
CA MET G 2060 -45.60 72.22 2.35
C MET G 2060 -45.32 70.78 2.76
N VAL G 2061 -44.17 70.53 3.40
CA VAL G 2061 -43.87 69.20 3.90
C VAL G 2061 -44.83 68.82 5.02
N ASN G 2062 -45.13 69.77 5.90
CA ASN G 2062 -45.94 69.46 7.08
C ASN G 2062 -47.40 69.25 6.73
N VAL G 2063 -47.89 69.86 5.65
CA VAL G 2063 -49.27 69.64 5.25
C VAL G 2063 -49.45 68.38 4.40
N LEU G 2064 -48.39 67.90 3.75
CA LEU G 2064 -48.45 66.63 3.06
C LEU G 2064 -48.10 65.46 3.96
N GLY G 2065 -47.36 65.70 5.04
CA GLY G 2065 -47.02 64.66 5.97
C GLY G 2065 -48.18 64.28 6.87
N GLY G 2066 -47.92 63.31 7.74
CA GLY G 2066 -48.92 62.85 8.68
C GLY G 2066 -49.82 61.77 8.12
N GLY G 2067 -50.60 62.12 7.11
CA GLY G 2067 -51.50 61.16 6.49
C GLY G 2067 -51.13 60.85 5.06
N GLU G 2068 -50.68 59.62 4.80
CA GLU G 2068 -50.42 59.19 3.43
C GLU G 2068 -51.73 59.00 2.67
N THR G 2069 -52.63 58.19 3.23
CA THR G 2069 -53.97 58.01 2.68
C THR G 2069 -55.06 58.24 3.71
N LYS G 2070 -54.70 58.49 4.97
CA LYS G 2070 -55.69 58.66 6.02
C LYS G 2070 -56.38 60.01 5.93
N GLU G 2071 -55.65 61.08 5.63
CA GLU G 2071 -56.21 62.41 5.59
C GLU G 2071 -55.58 63.23 4.48
N ILE G 2072 -56.39 64.07 3.84
CA ILE G 2072 -55.94 65.05 2.86
C ILE G 2072 -56.23 66.42 3.42
N ARG G 2073 -56.12 66.54 4.75
CA ARG G 2073 -56.62 67.67 5.53
C ARG G 2073 -55.92 68.97 5.14
N PHE G 2074 -56.62 70.07 5.42
CA PHE G 2074 -56.35 71.43 4.97
C PHE G 2074 -56.10 71.54 3.47
N PRO G 2075 -57.12 71.42 2.62
CA PRO G 2075 -56.96 71.79 1.21
C PRO G 2075 -57.04 73.30 1.06
N LYS G 2076 -56.82 73.76 -0.19
CA LYS G 2076 -56.93 75.14 -0.70
C LYS G 2076 -55.80 76.04 -0.19
N MET G 2077 -55.02 75.56 0.76
CA MET G 2077 -53.76 76.17 1.14
C MET G 2077 -52.57 75.40 0.58
N VAL G 2078 -52.71 74.07 0.52
CA VAL G 2078 -51.76 73.22 -0.19
C VAL G 2078 -51.71 73.57 -1.68
N THR G 2079 -52.84 73.98 -2.25
CA THR G 2079 -52.82 74.48 -3.61
C THR G 2079 -52.27 75.90 -3.68
N SER G 2080 -52.62 76.73 -2.68
CA SER G 2080 -52.25 78.14 -2.72
C SER G 2080 -50.75 78.34 -2.58
N CYS G 2081 -50.11 77.56 -1.72
CA CYS G 2081 -48.65 77.61 -1.64
C CYS G 2081 -48.01 77.02 -2.89
N CYS G 2082 -48.67 76.04 -3.51
CA CYS G 2082 -48.13 75.44 -4.72
C CYS G 2082 -48.32 76.36 -5.92
N ARG G 2083 -49.49 76.98 -6.05
CA ARG G 2083 -49.73 77.83 -7.21
C ARG G 2083 -48.94 79.13 -7.11
N PHE G 2084 -48.60 79.57 -5.89
CA PHE G 2084 -47.72 80.71 -5.75
C PHE G 2084 -46.31 80.37 -6.19
N LEU G 2085 -45.89 79.13 -5.98
CA LEU G 2085 -44.52 78.73 -6.24
C LEU G 2085 -44.19 78.71 -7.72
N CYS G 2086 -45.22 78.58 -8.57
CA CYS G 2086 -45.03 78.67 -10.00
C CYS G 2086 -44.66 80.08 -10.46
N TYR G 2087 -45.11 81.09 -9.71
CA TYR G 2087 -44.76 82.47 -10.05
C TYR G 2087 -43.28 82.73 -9.82
N PHE G 2088 -42.74 82.27 -8.68
CA PHE G 2088 -41.31 82.37 -8.44
C PHE G 2088 -40.54 81.47 -9.38
N CYS G 2089 -41.16 80.37 -9.82
CA CYS G 2089 -40.59 79.56 -10.88
C CYS G 2089 -40.62 80.29 -12.21
N ARG G 2090 -41.59 81.19 -12.42
CA ARG G 2090 -41.79 81.80 -13.72
C ARG G 2090 -40.72 82.85 -14.02
N ILE G 2091 -40.62 83.87 -13.18
CA ILE G 2091 -39.88 85.09 -13.54
C ILE G 2091 -38.43 84.89 -13.11
N SER G 2092 -37.71 84.09 -13.90
CA SER G 2092 -36.25 83.97 -13.96
C SER G 2092 -35.93 82.92 -15.02
N ARG G 2093 -34.63 82.76 -15.28
CA ARG G 2093 -34.08 81.55 -15.87
C ARG G 2093 -33.20 80.82 -14.87
N GLN G 2094 -33.24 81.23 -13.61
CA GLN G 2094 -32.27 80.77 -12.62
C GLN G 2094 -32.95 80.34 -11.33
N ASN G 2095 -34.12 80.92 -11.04
CA ASN G 2095 -34.85 80.56 -9.82
C ASN G 2095 -35.34 79.12 -9.87
N GLN G 2096 -35.80 78.67 -11.04
CA GLN G 2096 -36.29 77.31 -11.18
C GLN G 2096 -35.17 76.28 -11.13
N ARG G 2097 -33.92 76.70 -11.34
CA ARG G 2097 -32.79 75.81 -11.13
C ARG G 2097 -32.60 75.49 -9.66
N SER G 2098 -32.90 76.45 -8.78
CA SER G 2098 -32.88 76.17 -7.35
C SER G 2098 -33.96 75.19 -6.94
N MET G 2099 -35.12 75.24 -7.61
CA MET G 2099 -36.15 74.23 -7.38
C MET G 2099 -35.76 72.88 -7.94
N PHE G 2100 -34.88 72.86 -8.94
CA PHE G 2100 -34.50 71.61 -9.58
C PHE G 2100 -33.68 70.73 -8.65
N ASP G 2101 -32.96 71.34 -7.71
CA ASP G 2101 -32.29 70.58 -6.67
C ASP G 2101 -33.28 69.87 -5.77
N HIS G 2102 -34.46 70.47 -5.59
CA HIS G 2102 -35.50 69.90 -4.76
C HIS G 2102 -36.61 69.25 -5.57
N LEU G 2103 -36.27 68.74 -6.75
CA LEU G 2103 -37.27 68.10 -7.61
C LEU G 2103 -37.73 66.78 -7.03
N SER G 2104 -36.80 65.84 -6.85
CA SER G 2104 -37.14 64.53 -6.31
C SER G 2104 -37.53 64.60 -4.83
N TYR G 2105 -37.14 65.68 -4.14
CA TYR G 2105 -37.60 65.92 -2.78
C TYR G 2105 -39.10 66.04 -2.73
N LEU G 2106 -39.68 66.90 -3.57
CA LEU G 2106 -41.13 67.01 -3.64
C LEU G 2106 -41.74 65.85 -4.42
N LEU G 2107 -41.00 65.28 -5.35
CA LEU G 2107 -41.53 64.18 -6.16
C LEU G 2107 -41.67 62.91 -5.32
N GLU G 2108 -40.88 62.77 -4.26
CA GLU G 2108 -41.13 61.73 -3.28
C GLU G 2108 -42.45 61.95 -2.56
N ASN G 2109 -42.85 63.21 -2.43
CA ASN G 2109 -44.13 63.55 -1.82
C ASN G 2109 -45.23 63.76 -2.84
N SER G 2110 -44.89 63.97 -4.11
CA SER G 2110 -45.90 64.22 -5.13
C SER G 2110 -46.61 62.96 -5.58
N GLY G 2111 -46.05 61.78 -5.31
CA GLY G 2111 -46.67 60.55 -5.73
C GLY G 2111 -47.73 60.00 -4.81
N ILE G 2112 -48.07 60.71 -3.75
CA ILE G 2112 -49.04 60.22 -2.76
C ILE G 2112 -50.31 61.06 -2.71
N GLY G 2113 -50.37 62.19 -3.41
CA GLY G 2113 -51.54 63.03 -3.38
C GLY G 2113 -52.48 62.75 -4.54
N LEU G 2114 -52.52 63.70 -5.49
CA LEU G 2114 -53.27 63.59 -6.75
C LEU G 2114 -54.76 63.42 -6.49
N GLY G 2115 -55.32 64.36 -5.74
CA GLY G 2115 -56.72 64.35 -5.39
C GLY G 2115 -57.51 65.46 -6.05
N MET G 2116 -57.75 66.54 -5.30
CA MET G 2116 -58.49 67.68 -5.81
C MET G 2116 -57.72 68.39 -6.92
N GLN G 2117 -58.45 68.92 -7.88
CA GLN G 2117 -57.88 69.63 -9.01
C GLN G 2117 -57.25 70.96 -8.58
N GLY G 2118 -56.56 71.59 -9.51
CA GLY G 2118 -55.89 72.83 -9.23
C GLY G 2118 -54.38 72.66 -9.19
N SER G 2119 -53.74 73.25 -8.20
CA SER G 2119 -52.30 73.13 -8.07
C SER G 2119 -51.93 71.76 -7.52
N THR G 2120 -50.77 71.27 -7.94
CA THR G 2120 -50.34 69.89 -7.75
C THR G 2120 -48.83 69.90 -7.58
N PRO G 2121 -48.27 69.16 -6.61
CA PRO G 2121 -46.81 69.07 -6.50
C PRO G 2121 -46.15 68.43 -7.72
N LEU G 2122 -46.88 67.61 -8.46
CA LEU G 2122 -46.39 67.18 -9.78
C LEU G 2122 -46.36 68.36 -10.73
N ASP G 2123 -47.36 69.25 -10.65
CA ASP G 2123 -47.48 70.34 -11.61
C ASP G 2123 -46.44 71.42 -11.39
N VAL G 2124 -46.05 71.65 -10.13
CA VAL G 2124 -45.01 72.65 -9.88
C VAL G 2124 -43.65 72.10 -10.30
N ALA G 2125 -43.48 70.78 -10.31
CA ALA G 2125 -42.30 70.19 -10.89
C ALA G 2125 -42.33 70.29 -12.42
N ALA G 2126 -43.54 70.26 -12.99
CA ALA G 2126 -43.69 70.45 -14.42
C ALA G 2126 -43.36 71.87 -14.82
N ALA G 2127 -43.55 72.84 -13.91
CA ALA G 2127 -43.17 74.21 -14.20
C ALA G 2127 -41.66 74.38 -14.22
N SER G 2128 -40.94 73.59 -13.44
CA SER G 2128 -39.50 73.74 -13.30
C SER G 2128 -38.71 72.99 -14.36
N VAL G 2129 -39.31 72.67 -15.51
CA VAL G 2129 -38.59 71.93 -16.53
C VAL G 2129 -38.82 72.64 -17.87
N ILE G 2130 -39.67 73.67 -17.86
CA ILE G 2130 -40.02 74.37 -19.08
C ILE G 2130 -38.84 75.18 -19.62
N ASP G 2131 -37.98 75.66 -18.74
CA ASP G 2131 -36.74 76.32 -19.16
C ASP G 2131 -35.82 75.30 -19.80
N ASN G 2132 -35.70 75.38 -21.13
CA ASN G 2132 -35.11 74.31 -21.92
C ASN G 2132 -33.59 74.36 -21.87
N ASN G 2133 -32.99 73.24 -22.30
CA ASN G 2133 -31.58 73.09 -22.68
C ASN G 2133 -30.60 73.20 -21.53
N GLU G 2134 -31.06 73.52 -20.33
CA GLU G 2134 -30.21 73.64 -19.17
C GLU G 2134 -30.46 72.57 -18.13
N LEU G 2135 -31.67 72.01 -18.11
CA LEU G 2135 -32.00 70.92 -17.20
C LEU G 2135 -32.44 69.67 -17.93
N ALA G 2136 -32.77 69.76 -19.22
CA ALA G 2136 -32.97 68.57 -20.03
C ALA G 2136 -31.66 67.83 -20.22
N LEU G 2137 -30.54 68.55 -20.26
CA LEU G 2137 -29.24 67.90 -20.20
C LEU G 2137 -28.86 67.51 -18.78
N ALA G 2138 -29.43 68.18 -17.78
CA ALA G 2138 -29.18 67.84 -16.38
C ALA G 2138 -30.23 66.89 -15.82
N LEU G 2139 -30.81 66.05 -16.67
CA LEU G 2139 -32.06 65.37 -16.40
C LEU G 2139 -31.86 64.24 -15.39
N GLN G 2140 -32.98 63.60 -15.01
CA GLN G 2140 -33.10 62.50 -14.07
C GLN G 2140 -32.68 61.18 -14.71
N GLU G 2141 -33.21 60.06 -14.19
CA GLU G 2141 -32.56 58.78 -13.79
C GLU G 2141 -32.28 58.88 -12.29
N GLN G 2142 -32.58 60.03 -11.73
CA GLN G 2142 -32.84 60.06 -10.30
C GLN G 2142 -34.33 59.91 -10.01
N ASP G 2143 -35.19 60.43 -10.90
CA ASP G 2143 -36.63 60.34 -10.72
C ASP G 2143 -37.38 59.82 -11.95
N LEU G 2144 -36.71 59.63 -13.09
CA LEU G 2144 -37.38 59.01 -14.22
C LEU G 2144 -37.73 57.56 -13.94
N GLU G 2145 -36.91 56.90 -13.12
CA GLU G 2145 -37.26 55.59 -12.60
C GLU G 2145 -38.51 55.65 -11.73
N LYS G 2146 -38.70 56.76 -11.00
CA LYS G 2146 -39.81 56.86 -10.06
C LYS G 2146 -41.13 57.04 -10.79
N VAL G 2147 -41.16 57.90 -11.80
CA VAL G 2147 -42.43 58.28 -12.42
C VAL G 2147 -42.99 57.15 -13.28
N VAL G 2148 -42.13 56.26 -13.76
CA VAL G 2148 -42.63 55.07 -14.45
C VAL G 2148 -43.22 54.11 -13.43
N SER G 2149 -42.55 53.94 -12.29
CA SER G 2149 -43.10 53.15 -11.20
C SER G 2149 -44.34 53.81 -10.60
N TYR G 2150 -44.39 55.14 -10.63
CA TYR G 2150 -45.62 55.84 -10.26
C TYR G 2150 -46.73 55.56 -11.26
N LEU G 2151 -46.38 55.46 -12.54
CA LEU G 2151 -47.36 55.13 -13.55
C LEU G 2151 -47.70 53.64 -13.54
N ALA G 2152 -46.77 52.79 -13.08
CA ALA G 2152 -47.02 51.36 -13.02
C ALA G 2152 -48.09 51.03 -11.99
N GLY G 2153 -48.02 51.65 -10.81
CA GLY G 2153 -49.09 51.50 -9.84
C GLY G 2153 -50.34 52.26 -10.19
N CYS G 2154 -50.23 53.25 -11.08
CA CYS G 2154 -51.40 54.02 -11.51
C CYS G 2154 -52.33 53.16 -12.36
N GLY G 2155 -51.77 52.26 -13.16
CA GLY G 2155 -52.58 51.33 -13.93
C GLY G 2155 -53.08 50.13 -13.15
N LEU G 2156 -52.57 49.93 -11.95
CA LEU G 2156 -52.99 48.83 -11.10
C LEU G 2156 -54.04 49.25 -10.06
N GLN G 2157 -53.97 50.47 -9.56
CA GLN G 2157 -54.95 50.95 -8.60
C GLN G 2157 -56.27 51.24 -9.30
N SER G 2158 -57.33 51.35 -8.50
CA SER G 2158 -58.70 51.49 -9.03
C SER G 2158 -59.38 52.70 -8.43
N CYS G 2159 -58.68 53.86 -8.47
CA CYS G 2159 -59.15 55.18 -8.06
C CYS G 2159 -59.70 55.22 -6.64
N PRO G 2160 -58.84 55.22 -5.61
CA PRO G 2160 -59.33 55.22 -4.22
C PRO G 2160 -60.12 56.45 -3.83
N MET G 2161 -59.91 57.57 -4.52
CA MET G 2161 -60.76 58.74 -4.31
C MET G 2161 -62.16 58.52 -4.87
N LEU G 2162 -62.29 57.67 -5.88
CA LEU G 2162 -63.59 57.40 -6.50
C LEU G 2162 -64.24 56.13 -5.96
N LEU G 2163 -63.57 55.42 -5.06
CA LEU G 2163 -64.18 54.23 -4.46
C LEU G 2163 -65.29 54.61 -3.49
N ALA G 2164 -65.06 55.64 -2.68
CA ALA G 2164 -66.00 56.07 -1.66
C ALA G 2164 -67.02 57.08 -2.17
N LYS G 2165 -67.26 57.12 -3.49
CA LYS G 2165 -68.21 58.08 -4.04
C LYS G 2165 -69.10 57.48 -5.12
N GLY G 2166 -69.29 56.17 -5.13
CA GLY G 2166 -70.23 55.55 -6.05
C GLY G 2166 -69.79 55.54 -7.50
N TYR G 2167 -68.76 54.76 -7.80
CA TYR G 2167 -68.24 54.65 -9.15
C TYR G 2167 -67.93 53.19 -9.46
N PRO G 2168 -68.02 52.77 -10.72
CA PRO G 2168 -67.91 51.34 -11.05
C PRO G 2168 -66.52 50.71 -10.82
N ASP G 2169 -65.50 51.51 -10.49
CA ASP G 2169 -64.20 51.04 -9.97
C ASP G 2169 -63.46 50.15 -10.97
N ILE G 2170 -63.13 50.74 -12.12
CA ILE G 2170 -62.31 50.05 -13.12
C ILE G 2170 -60.87 50.03 -12.62
N GLY G 2171 -60.19 48.90 -12.80
CA GLY G 2171 -58.91 48.63 -12.17
C GLY G 2171 -57.69 49.42 -12.64
N TRP G 2172 -57.89 50.46 -13.44
CA TRP G 2172 -56.82 51.40 -13.76
C TRP G 2172 -57.36 52.80 -13.53
N ASN G 2173 -56.58 53.83 -13.82
CA ASN G 2173 -56.96 55.21 -13.47
C ASN G 2173 -57.20 56.04 -14.72
N PRO G 2174 -58.46 56.25 -15.12
CA PRO G 2174 -58.73 57.19 -16.22
C PRO G 2174 -58.45 58.62 -15.83
N CYS G 2175 -58.64 58.97 -14.55
CA CYS G 2175 -58.31 60.30 -14.09
C CYS G 2175 -56.84 60.41 -13.74
N GLY G 2176 -56.36 59.51 -12.87
CA GLY G 2176 -55.04 59.62 -12.28
C GLY G 2176 -53.90 59.50 -13.28
N GLY G 2177 -54.11 58.81 -14.39
CA GLY G 2177 -53.10 58.78 -15.44
C GLY G 2177 -52.95 60.13 -16.11
N GLU G 2178 -54.04 60.88 -16.24
CA GLU G 2178 -53.97 62.21 -16.83
C GLU G 2178 -53.32 63.22 -15.89
N ARG G 2179 -53.31 62.94 -14.59
CA ARG G 2179 -52.49 63.74 -13.68
C ARG G 2179 -51.01 63.59 -13.99
N TYR G 2180 -50.60 62.40 -14.45
CA TYR G 2180 -49.28 62.17 -14.98
C TYR G 2180 -49.23 62.61 -16.44
N LEU G 2181 -48.19 62.18 -17.15
CA LEU G 2181 -48.05 62.18 -18.61
C LEU G 2181 -47.89 63.58 -19.22
N ASP G 2182 -47.99 64.62 -18.41
CA ASP G 2182 -47.68 65.98 -18.84
C ASP G 2182 -46.32 66.42 -18.34
N PHE G 2183 -45.94 65.97 -17.13
CA PHE G 2183 -44.57 66.14 -16.66
C PHE G 2183 -43.59 65.41 -17.57
N LEU G 2184 -43.99 64.23 -18.05
CA LEU G 2184 -43.19 63.52 -19.04
C LEU G 2184 -43.21 64.25 -20.38
N ARG G 2185 -44.31 64.92 -20.69
CA ARG G 2185 -44.40 65.69 -21.92
C ARG G 2185 -43.49 66.92 -21.88
N PHE G 2186 -43.36 67.53 -20.72
CA PHE G 2186 -42.74 68.85 -20.65
C PHE G 2186 -41.23 68.82 -20.66
N ALA G 2187 -40.62 67.65 -20.83
CA ALA G 2187 -39.18 67.60 -21.05
C ALA G 2187 -38.84 67.88 -22.52
N VAL G 2188 -39.70 67.48 -23.45
CA VAL G 2188 -39.37 67.51 -24.87
C VAL G 2188 -40.35 68.48 -25.53
N PHE G 2189 -40.75 69.51 -24.80
CA PHE G 2189 -41.95 70.26 -25.16
C PHE G 2189 -41.66 71.55 -25.92
N VAL G 2190 -40.89 72.47 -25.31
CA VAL G 2190 -40.75 73.81 -25.88
C VAL G 2190 -39.78 73.80 -27.06
N ASN G 2191 -38.73 72.99 -26.98
CA ASN G 2191 -37.85 72.80 -28.13
C ASN G 2191 -38.51 71.84 -29.11
N GLY G 2192 -38.49 72.22 -30.39
CA GLY G 2192 -38.88 71.33 -31.47
C GLY G 2192 -38.12 70.04 -31.41
N GLU G 2193 -38.86 68.93 -31.28
CA GLU G 2193 -38.53 67.76 -30.44
C GLU G 2193 -37.06 67.39 -30.31
N SER G 2194 -36.64 67.26 -29.07
CA SER G 2194 -35.25 67.33 -28.66
C SER G 2194 -34.56 65.99 -28.83
N VAL G 2195 -33.39 65.84 -28.20
CA VAL G 2195 -32.57 64.65 -28.31
C VAL G 2195 -33.29 63.43 -27.74
N GLU G 2196 -32.95 62.26 -28.28
CA GLU G 2196 -33.42 60.98 -27.76
C GLU G 2196 -32.97 60.72 -26.33
N GLU G 2197 -31.89 61.36 -25.88
CA GLU G 2197 -31.44 61.24 -24.50
C GLU G 2197 -32.50 61.71 -23.51
N ASN G 2198 -33.31 62.69 -23.92
CA ASN G 2198 -34.50 63.03 -23.15
C ASN G 2198 -35.54 61.92 -23.23
N ALA G 2199 -35.58 61.18 -24.34
CA ALA G 2199 -36.72 60.34 -24.66
C ALA G 2199 -36.44 58.84 -24.64
N ASN G 2200 -35.21 58.40 -24.87
CA ASN G 2200 -34.94 56.97 -24.94
C ASN G 2200 -35.09 56.33 -23.57
N VAL G 2201 -34.53 56.96 -22.54
CA VAL G 2201 -34.65 56.45 -21.18
C VAL G 2201 -36.08 56.50 -20.67
N VAL G 2202 -36.92 57.36 -21.24
CA VAL G 2202 -38.35 57.27 -21.01
C VAL G 2202 -38.91 56.01 -21.65
N VAL G 2203 -38.65 55.84 -22.95
CA VAL G 2203 -39.31 54.80 -23.73
C VAL G 2203 -38.74 53.43 -23.41
N ARG G 2204 -37.41 53.32 -23.32
CA ARG G 2204 -36.78 52.02 -23.08
C ARG G 2204 -37.04 51.48 -21.68
N LEU G 2205 -37.52 52.31 -20.76
CA LEU G 2205 -38.04 51.82 -19.51
C LEU G 2205 -39.55 51.67 -19.54
N LEU G 2206 -40.22 52.40 -20.44
CA LEU G 2206 -41.66 52.27 -20.60
C LEU G 2206 -42.03 50.92 -21.22
N ILE G 2207 -41.16 50.38 -22.07
CA ILE G 2207 -41.39 49.06 -22.61
C ILE G 2207 -41.09 47.96 -21.59
N ARG G 2208 -40.31 48.28 -20.55
CA ARG G 2208 -40.05 47.31 -19.50
C ARG G 2208 -41.30 47.01 -18.68
N LYS G 2209 -42.18 48.00 -18.55
CA LYS G 2209 -43.45 47.79 -17.84
C LYS G 2209 -44.60 48.01 -18.81
N PRO G 2210 -45.17 46.95 -19.38
CA PRO G 2210 -46.37 47.12 -20.22
C PRO G 2210 -47.62 47.43 -19.44
N GLU G 2211 -47.59 47.31 -18.10
CA GLU G 2211 -48.72 47.71 -17.28
C GLU G 2211 -48.88 49.22 -17.21
N CYS G 2212 -47.85 49.98 -17.63
CA CYS G 2212 -47.98 51.43 -17.74
C CYS G 2212 -48.92 51.84 -18.87
N PHE G 2213 -49.16 50.97 -19.83
CA PHE G 2213 -50.15 51.23 -20.85
C PHE G 2213 -51.56 51.07 -20.28
N GLY G 2214 -52.54 51.46 -21.08
CA GLY G 2214 -53.91 51.09 -20.83
C GLY G 2214 -54.07 49.60 -21.08
N PRO G 2215 -54.97 48.96 -20.32
CA PRO G 2215 -55.18 47.52 -20.52
C PRO G 2215 -55.86 47.18 -21.83
N ALA G 2216 -56.57 48.12 -22.44
CA ALA G 2216 -57.17 47.93 -23.75
C ALA G 2216 -56.20 48.19 -24.89
N LEU G 2217 -54.93 48.44 -24.59
CA LEU G 2217 -53.88 48.58 -25.59
C LEU G 2217 -52.85 47.46 -25.48
N ARG G 2218 -52.25 47.28 -24.32
CA ARG G 2218 -51.20 46.27 -24.13
C ARG G 2218 -51.70 45.05 -23.37
N GLY G 2219 -52.92 44.63 -23.65
CA GLY G 2219 -53.37 43.34 -23.15
C GLY G 2219 -52.63 42.21 -23.84
N GLU G 2220 -52.33 41.16 -23.08
CA GLU G 2220 -51.53 40.05 -23.59
C GLU G 2220 -52.29 39.22 -24.63
N GLY G 2221 -53.61 39.25 -24.60
CA GLY G 2221 -54.40 38.60 -25.62
C GLY G 2221 -54.96 39.57 -26.62
N GLY G 2222 -56.25 39.89 -26.48
CA GLY G 2222 -56.88 40.84 -27.37
C GLY G 2222 -57.08 42.20 -26.72
N SER G 2223 -56.52 43.24 -27.32
CA SER G 2223 -56.62 44.59 -26.78
C SER G 2223 -56.65 45.57 -27.96
N GLY G 2224 -57.84 45.92 -28.40
CA GLY G 2224 -58.00 46.82 -29.52
C GLY G 2224 -57.99 48.28 -29.11
N LEU G 2225 -57.03 49.04 -29.63
CA LEU G 2225 -56.98 50.47 -29.32
C LEU G 2225 -58.08 51.22 -30.05
N LEU G 2226 -58.35 50.87 -31.30
CA LEU G 2226 -59.47 51.46 -32.01
C LEU G 2226 -60.79 50.99 -31.43
N ALA G 2227 -60.83 49.77 -30.89
CA ALA G 2227 -62.02 49.29 -30.19
C ALA G 2227 -62.18 49.97 -28.84
N ALA G 2228 -61.08 50.46 -28.26
CA ALA G 2228 -61.16 51.14 -26.97
C ALA G 2228 -61.81 52.50 -27.11
N ILE G 2229 -61.50 53.22 -28.18
CA ILE G 2229 -62.09 54.54 -28.42
C ILE G 2229 -63.56 54.39 -28.80
N GLU G 2230 -63.87 53.38 -29.62
CA GLU G 2230 -65.25 53.12 -30.02
C GLU G 2230 -66.10 52.67 -28.84
N GLU G 2231 -65.50 51.95 -27.89
CA GLU G 2231 -66.20 51.64 -26.65
C GLU G 2231 -66.36 52.89 -25.79
N ALA G 2232 -65.36 53.78 -25.83
CA ALA G 2232 -65.42 55.01 -25.04
C ALA G 2232 -66.48 55.97 -25.56
N ILE G 2233 -66.83 55.87 -26.84
CA ILE G 2233 -67.98 56.61 -27.37
C ILE G 2233 -69.26 56.10 -26.73
N ARG G 2234 -69.36 54.78 -26.55
CA ARG G 2234 -70.52 54.20 -25.87
C ARG G 2234 -70.52 54.54 -24.38
N ILE G 2235 -69.35 54.66 -23.77
CA ILE G 2235 -69.28 55.07 -22.37
C ILE G 2235 -69.65 56.54 -22.23
N SER G 2236 -69.22 57.37 -23.20
CA SER G 2236 -69.63 58.77 -23.21
C SER G 2236 -71.11 58.94 -23.52
N GLU G 2237 -71.74 57.96 -24.17
CA GLU G 2237 -73.17 57.99 -24.42
C GLU G 2237 -73.98 57.35 -23.30
N ASP G 2238 -73.37 56.48 -22.48
CA ASP G 2238 -74.08 55.82 -21.41
C ASP G 2238 -73.82 56.54 -20.09
N PRO G 2239 -74.82 57.17 -19.48
CA PRO G 2239 -74.61 57.83 -18.19
C PRO G 2239 -74.54 56.87 -17.01
N ALA G 2240 -74.83 55.58 -17.21
CA ALA G 2240 -74.82 54.61 -16.14
C ALA G 2240 -73.41 54.14 -15.76
N ARG G 2241 -72.39 54.56 -16.50
CA ARG G 2241 -71.02 54.19 -16.22
C ARG G 2241 -70.31 55.18 -15.29
N ASP G 2242 -71.07 55.93 -14.49
CA ASP G 2242 -70.51 56.94 -13.62
C ASP G 2242 -71.36 56.99 -12.34
N GLY G 2243 -71.16 58.04 -11.55
CA GLY G 2243 -71.94 58.26 -10.37
C GLY G 2243 -73.10 59.21 -10.63
N PRO G 2244 -74.33 58.69 -10.61
CA PRO G 2244 -75.51 59.52 -10.88
C PRO G 2244 -76.68 59.18 -9.96
N ASN G 2263 -67.55 64.10 -10.15
CA ASN G 2263 -68.61 65.10 -9.98
C ASN G 2263 -68.31 66.35 -10.79
N ARG G 2264 -67.13 66.36 -11.42
CA ARG G 2264 -66.72 67.51 -12.23
C ARG G 2264 -67.11 67.32 -13.69
N VAL G 2265 -66.68 66.23 -14.30
CA VAL G 2265 -66.94 65.94 -15.70
C VAL G 2265 -67.36 64.49 -15.84
N HIS G 2266 -67.61 64.07 -17.07
CA HIS G 2266 -67.98 62.69 -17.34
C HIS G 2266 -66.75 61.79 -17.27
N LEU G 2267 -67.00 60.50 -17.07
CA LEU G 2267 -65.94 59.53 -16.94
C LEU G 2267 -65.41 59.03 -18.28
N GLY G 2268 -66.25 59.06 -19.32
CA GLY G 2268 -65.82 58.64 -20.64
C GLY G 2268 -64.80 59.57 -21.28
N HIS G 2269 -64.79 60.83 -20.89
CA HIS G 2269 -63.79 61.76 -21.42
C HIS G 2269 -62.41 61.46 -20.88
N ALA G 2270 -62.31 61.08 -19.60
CA ALA G 2270 -61.04 60.73 -19.00
C ALA G 2270 -60.45 59.44 -19.58
N ILE G 2271 -61.28 58.62 -20.22
CA ILE G 2271 -60.77 57.48 -20.97
C ILE G 2271 -59.94 57.97 -22.16
N MET G 2272 -60.53 58.83 -23.00
CA MET G 2272 -59.88 59.22 -24.23
C MET G 2272 -58.86 60.33 -24.04
N SER G 2273 -59.03 61.16 -22.99
CA SER G 2273 -58.08 62.24 -22.76
C SER G 2273 -56.74 61.68 -22.29
N PHE G 2274 -56.76 60.58 -21.55
CA PHE G 2274 -55.52 59.90 -21.19
C PHE G 2274 -54.91 59.20 -22.39
N TYR G 2275 -55.75 58.61 -23.24
CA TYR G 2275 -55.25 57.87 -24.38
C TYR G 2275 -54.64 58.79 -25.44
N ALA G 2276 -55.25 59.96 -25.63
CA ALA G 2276 -54.65 60.97 -26.49
C ALA G 2276 -53.39 61.55 -25.87
N ALA G 2277 -53.32 61.58 -24.53
CA ALA G 2277 -52.12 62.06 -23.86
C ALA G 2277 -50.96 61.11 -24.04
N LEU G 2278 -51.23 59.82 -24.17
CA LEU G 2278 -50.18 58.85 -24.46
C LEU G 2278 -49.63 59.06 -25.87
N ILE G 2279 -50.51 59.39 -26.82
CA ILE G 2279 -50.07 59.59 -28.19
C ILE G 2279 -49.37 60.94 -28.33
N ASP G 2280 -49.90 61.97 -27.65
CA ASP G 2280 -49.27 63.29 -27.70
C ASP G 2280 -47.92 63.30 -26.99
N LEU G 2281 -47.73 62.40 -26.02
CA LEU G 2281 -46.38 62.16 -25.50
C LEU G 2281 -45.50 61.55 -26.57
N LEU G 2282 -45.96 60.46 -27.19
CA LEU G 2282 -45.17 59.77 -28.19
C LEU G 2282 -45.05 60.56 -29.48
N GLY G 2283 -46.01 61.45 -29.75
CA GLY G 2283 -45.84 62.38 -30.86
C GLY G 2283 -44.72 63.37 -30.62
N ARG G 2284 -44.53 63.76 -29.36
CA ARG G 2284 -43.37 64.57 -28.98
C ARG G 2284 -42.16 63.73 -28.63
N CYS G 2285 -42.33 62.41 -28.48
CA CYS G 2285 -41.23 61.50 -28.25
C CYS G 2285 -40.76 60.87 -29.56
N ALA G 2286 -40.80 61.64 -30.64
CA ALA G 2286 -40.31 61.16 -31.93
C ALA G 2286 -38.81 60.94 -31.87
N PRO G 2287 -38.30 59.86 -32.48
CA PRO G 2287 -36.88 59.53 -32.33
C PRO G 2287 -35.95 60.48 -33.04
N GLU G 2288 -36.32 60.97 -34.22
CA GLU G 2288 -35.40 61.75 -35.02
C GLU G 2288 -36.16 62.84 -35.77
N MET G 2289 -35.55 64.01 -35.84
CA MET G 2289 -36.03 65.05 -36.72
C MET G 2289 -35.37 64.88 -38.08
N HIS G 2290 -35.67 65.80 -38.99
CA HIS G 2290 -35.26 65.69 -40.39
C HIS G 2290 -33.73 65.75 -40.57
N LEU G 2291 -33.02 66.36 -39.62
CA LEU G 2291 -31.56 66.39 -39.68
C LEU G 2291 -30.99 64.99 -39.51
N ILE G 2292 -31.46 64.25 -38.51
CA ILE G 2292 -30.90 62.95 -38.18
C ILE G 2292 -31.84 61.81 -38.56
N GLN G 2293 -32.92 62.10 -39.29
CA GLN G 2293 -33.72 61.01 -39.85
C GLN G 2293 -32.97 60.31 -40.97
N ALA G 2294 -32.11 61.04 -41.68
CA ALA G 2294 -31.30 60.47 -42.74
C ALA G 2294 -29.86 60.23 -42.33
N GLY G 2295 -29.46 60.65 -41.13
CA GLY G 2295 -28.07 60.52 -40.73
C GLY G 2295 -27.86 59.83 -39.40
N LYS G 2296 -28.76 58.92 -39.03
CA LYS G 2296 -28.61 58.16 -37.79
C LYS G 2296 -29.37 56.85 -37.90
N GLY G 2297 -28.69 55.75 -37.60
CA GLY G 2297 -29.32 54.45 -37.64
C GLY G 2297 -29.86 54.01 -36.29
N GLU G 2298 -29.36 54.62 -35.23
CA GLU G 2298 -29.82 54.27 -33.89
C GLU G 2298 -31.23 54.78 -33.64
N ALA G 2299 -31.56 55.94 -34.19
CA ALA G 2299 -32.92 56.46 -34.06
C ALA G 2299 -33.91 55.67 -34.90
N LEU G 2300 -33.43 54.94 -35.91
CA LEU G 2300 -34.31 54.09 -36.71
C LEU G 2300 -34.82 52.92 -35.89
N ARG G 2301 -34.08 52.51 -34.86
CA ARG G 2301 -34.52 51.45 -33.98
C ARG G 2301 -35.79 51.84 -33.23
N ILE G 2302 -35.80 53.05 -32.67
CA ILE G 2302 -36.95 53.49 -31.90
C ILE G 2302 -38.14 53.76 -32.80
N ARG G 2303 -37.88 54.28 -34.00
CA ARG G 2303 -38.95 54.49 -34.97
C ARG G 2303 -39.54 53.16 -35.44
N ALA G 2304 -38.69 52.13 -35.57
CA ALA G 2304 -39.20 50.80 -35.87
C ALA G 2304 -40.01 50.24 -34.70
N ILE G 2305 -39.64 50.59 -33.48
CA ILE G 2305 -40.42 50.20 -32.32
C ILE G 2305 -41.76 50.94 -32.30
N LEU G 2306 -41.71 52.26 -32.50
CA LEU G 2306 -42.92 53.08 -32.40
C LEU G 2306 -43.90 52.77 -33.53
N ARG G 2307 -43.40 52.48 -34.73
CA ARG G 2307 -44.29 52.04 -35.79
C ARG G 2307 -44.83 50.64 -35.52
N SER G 2308 -44.10 49.82 -34.77
CA SER G 2308 -44.65 48.54 -34.34
C SER G 2308 -45.63 48.70 -33.20
N LEU G 2309 -45.53 49.78 -32.41
CA LEU G 2309 -46.47 49.99 -31.33
C LEU G 2309 -47.84 50.40 -31.86
N VAL G 2310 -47.90 51.54 -32.55
CA VAL G 2310 -49.13 52.02 -33.14
C VAL G 2310 -49.13 51.66 -34.63
N PRO G 2311 -50.09 50.86 -35.11
CA PRO G 2311 -50.15 50.53 -36.53
C PRO G 2311 -50.77 51.65 -37.33
N LEU G 2312 -50.56 51.59 -38.64
CA LEU G 2312 -51.27 52.46 -39.56
C LEU G 2312 -52.72 51.99 -39.69
N ASP G 2313 -53.58 52.92 -40.09
CA ASP G 2313 -55.03 52.79 -40.29
C ASP G 2313 -55.80 52.51 -39.01
N ASP G 2314 -55.15 52.56 -37.84
CA ASP G 2314 -55.84 52.60 -36.57
C ASP G 2314 -56.11 54.02 -36.11
N LEU G 2315 -55.15 54.93 -36.36
CA LEU G 2315 -55.33 56.33 -36.07
C LEU G 2315 -56.25 57.02 -37.08
N VAL G 2316 -56.44 56.41 -38.25
CA VAL G 2316 -57.22 57.03 -39.31
C VAL G 2316 -58.69 57.06 -38.94
N GLY G 2317 -59.20 55.98 -38.35
CA GLY G 2317 -60.55 56.00 -37.82
C GLY G 2317 -60.70 56.92 -36.63
N ILE G 2318 -59.61 57.16 -35.90
CA ILE G 2318 -59.61 58.15 -34.83
C ILE G 2318 -59.65 59.55 -35.41
N ILE G 2319 -59.04 59.76 -36.58
CA ILE G 2319 -59.19 61.04 -37.27
C ILE G 2319 -60.62 61.20 -37.77
N SER G 2320 -61.17 60.15 -38.37
CA SER G 2320 -62.54 60.21 -38.89
C SER G 2320 -63.56 59.75 -37.85
N LEU G 2321 -63.46 60.30 -36.65
CA LEU G 2321 -64.52 60.19 -35.64
C LEU G 2321 -65.68 61.18 -35.73
N PRO G 2322 -65.48 62.46 -36.15
CA PRO G 2322 -65.96 63.66 -35.43
C PRO G 2322 -67.35 63.66 -34.80
N LEU G 2323 -67.43 64.30 -33.65
CA LEU G 2323 -68.63 64.30 -32.82
C LEU G 2323 -69.63 65.33 -33.35
N GLN G 2324 -70.70 65.56 -32.58
CA GLN G 2324 -71.75 66.48 -32.97
C GLN G 2324 -71.26 67.92 -32.91
N ILE G 2325 -72.05 68.82 -33.48
CA ILE G 2325 -71.71 70.23 -33.63
C ILE G 2325 -72.61 71.03 -32.69
N PRO G 2326 -72.05 71.85 -31.80
CA PRO G 2326 -72.89 72.70 -30.95
C PRO G 2326 -73.52 73.87 -31.69
N THR G 2327 -74.55 73.58 -32.51
CA THR G 2327 -75.22 74.61 -33.30
C THR G 2327 -76.72 74.29 -33.26
N LEU G 2328 -77.43 74.92 -32.33
CA LEU G 2328 -78.87 74.74 -32.19
C LEU G 2328 -79.52 75.95 -31.55
N UNK G 2329 -78.79 75.08 -28.33
CA UNK G 2329 -78.41 73.91 -27.53
C UNK G 2329 -77.04 73.39 -27.95
N UNK G 2330 -76.04 73.67 -27.12
CA UNK G 2330 -74.68 73.27 -27.42
C UNK G 2330 -74.42 71.82 -27.04
N UNK G 2331 -73.20 71.36 -27.33
CA UNK G 2331 -72.80 70.01 -26.96
C UNK G 2331 -72.06 70.05 -25.63
N UNK G 2332 -71.64 68.88 -25.15
CA UNK G 2332 -70.97 68.77 -23.86
C UNK G 2332 -69.47 68.95 -24.00
N UNK G 2333 -68.85 69.55 -22.99
CA UNK G 2333 -67.41 69.73 -22.96
C UNK G 2333 -66.75 68.60 -22.19
N UNK G 2334 -67.57 67.66 -21.73
CA UNK G 2334 -67.08 66.50 -21.00
C UNK G 2334 -67.20 65.25 -21.84
N UNK G 2335 -67.14 65.43 -23.16
CA UNK G 2335 -67.22 64.31 -24.09
C UNK G 2335 -65.93 64.18 -24.88
N UNK G 2336 -65.98 63.48 -26.01
CA UNK G 2336 -64.80 63.27 -26.85
C UNK G 2336 -64.35 64.57 -27.49
N UNK G 2337 -63.31 65.17 -26.93
CA UNK G 2337 -62.86 66.50 -27.34
C UNK G 2337 -62.23 66.52 -28.73
N UNK G 2338 -62.48 67.62 -29.45
CA UNK G 2338 -61.93 67.80 -30.79
C UNK G 2338 -60.46 68.19 -30.71
N UNK G 2339 -60.07 68.73 -29.57
CA UNK G 2339 -58.69 69.14 -29.35
C UNK G 2339 -57.80 67.93 -29.13
N UNK G 2340 -58.40 66.84 -28.67
CA UNK G 2340 -57.66 65.61 -28.42
C UNK G 2340 -57.52 64.79 -29.71
N UNK G 2341 -58.21 65.22 -30.76
CA UNK G 2341 -58.11 64.55 -32.05
C UNK G 2341 -56.79 64.89 -32.73
N UNK G 2342 -56.30 66.10 -32.47
CA UNK G 2342 -55.05 66.57 -33.07
C UNK G 2342 -53.84 66.01 -32.35
N UNK G 2343 -54.06 65.44 -31.17
CA UNK G 2343 -53.01 64.78 -30.40
C UNK G 2343 -52.58 63.50 -31.11
N UNK G 2344 -53.52 62.89 -31.81
CA UNK G 2344 -53.24 61.70 -32.59
C UNK G 2344 -52.54 62.07 -33.90
N UNK G 2345 -52.73 63.31 -34.33
CA UNK G 2345 -52.20 63.77 -35.60
C UNK G 2345 -50.68 63.99 -35.54
N UNK G 2346 -50.19 64.23 -34.33
CA UNK G 2346 -48.77 64.51 -34.13
C UNK G 2346 -47.90 63.28 -34.37
N UNK G 2347 -48.40 62.12 -33.95
CA UNK G 2347 -47.66 60.87 -34.12
C UNK G 2347 -47.66 60.46 -35.58
N UNK G 2348 -48.74 60.77 -36.28
CA UNK G 2348 -48.84 60.47 -37.70
C UNK G 2348 -47.92 61.37 -38.51
N UNK G 2349 -47.67 62.57 -37.97
CA UNK G 2349 -46.83 63.53 -38.63
C UNK G 2349 -45.36 63.38 -38.24
N UNK G 2350 -45.07 62.46 -37.33
CA UNK G 2350 -43.70 62.34 -36.83
C UNK G 2350 -43.26 60.91 -36.55
N UNK G 2351 -43.95 59.92 -37.12
CA UNK G 2351 -43.53 58.53 -36.96
C UNK G 2351 -43.92 57.71 -38.18
N UNK G 2352 -45.21 57.59 -38.42
CA UNK G 2352 -45.70 56.87 -39.58
C UNK G 2352 -45.43 57.69 -40.83
N UNK G 2353 -45.41 59.01 -40.67
CA UNK G 2353 -45.13 60.01 -41.72
C UNK G 2353 -46.04 59.93 -42.94
N UNK G 2354 -45.69 60.69 -43.97
CA UNK G 2354 -46.49 60.74 -45.19
C UNK G 2354 -45.64 61.21 -46.36
N UNK G 2355 -45.33 60.31 -47.29
CA UNK G 2355 -44.52 60.65 -48.44
C UNK G 2355 -45.16 60.14 -49.72
N UNK G 2356 -46.18 59.31 -49.57
CA UNK G 2356 -46.86 58.71 -50.71
C UNK G 2356 -48.09 59.50 -51.12
N UNK G 2357 -48.95 58.86 -51.90
CA UNK G 2357 -50.20 59.48 -52.33
C UNK G 2357 -51.34 58.98 -51.44
N UNK G 2358 -51.00 58.64 -50.20
CA UNK G 2358 -51.99 58.20 -49.22
C UNK G 2358 -52.60 59.40 -48.52
N UNK G 2359 -52.12 60.58 -48.85
CA UNK G 2359 -52.66 61.83 -48.35
C UNK G 2359 -54.07 62.04 -48.87
N UNK G 2360 -54.33 61.58 -50.08
CA UNK G 2360 -55.65 61.68 -50.69
C UNK G 2360 -56.65 60.78 -49.96
N UNK G 2361 -56.16 59.65 -49.46
CA UNK G 2361 -56.95 58.77 -48.63
C UNK G 2361 -57.16 59.44 -47.27
N UNK G 2362 -56.14 60.16 -46.85
CA UNK G 2362 -56.21 60.90 -45.59
C UNK G 2362 -57.07 62.14 -45.74
N UNK G 2363 -57.10 62.70 -46.95
CA UNK G 2363 -57.89 63.90 -47.22
C UNK G 2363 -59.38 63.59 -47.20
N UNK G 2364 -59.72 62.33 -47.46
CA UNK G 2364 -61.11 61.90 -47.43
C UNK G 2364 -61.52 61.41 -46.04
N UNK G 2365 -60.80 61.86 -45.02
CA UNK G 2365 -61.09 61.48 -43.66
C UNK G 2365 -60.71 62.61 -42.71
N UNK G 2366 -60.14 63.68 -43.26
CA UNK G 2366 -59.69 64.81 -42.45
C UNK G 2366 -60.33 66.12 -42.89
N UNK G 2367 -60.64 66.23 -44.18
CA UNK G 2367 -61.24 67.45 -44.71
C UNK G 2367 -62.75 67.46 -44.52
N UNK G 2368 -63.28 66.37 -43.99
CA UNK G 2368 -64.69 66.27 -43.65
C UNK G 2368 -64.99 67.20 -42.48
N UNK G 2369 -64.04 67.28 -41.56
CA UNK G 2369 -64.15 68.19 -40.43
C UNK G 2369 -63.90 69.62 -40.90
N UNK G 2370 -63.12 69.77 -41.96
CA UNK G 2370 -62.82 71.07 -42.53
C UNK G 2370 -64.05 71.65 -43.22
N UNK G 2371 -64.92 70.76 -43.69
CA UNK G 2371 -66.20 71.18 -44.26
C UNK G 2371 -67.13 71.62 -43.14
N UNK G 2372 -66.95 71.01 -41.97
CA UNK G 2372 -67.74 71.36 -40.79
C UNK G 2372 -67.15 72.56 -40.07
N UNK G 2373 -65.96 72.96 -40.48
CA UNK G 2373 -65.28 74.11 -39.89
C UNK G 2373 -65.96 75.41 -40.33
N UNK G 2374 -66.51 75.40 -41.54
CA UNK G 2374 -67.19 76.57 -42.08
C UNK G 2374 -68.67 76.54 -41.73
N UNK G 2375 -69.10 75.48 -41.05
CA UNK G 2375 -70.51 75.29 -40.72
C UNK G 2375 -70.98 76.21 -39.59
N UNK G 2376 -70.21 76.26 -38.51
CA UNK G 2376 -70.61 77.04 -37.34
C UNK G 2376 -70.01 78.44 -37.36
N UNK G 2377 -69.86 79.02 -38.53
CA UNK G 2377 -69.32 80.37 -38.66
C UNK G 2377 -70.45 81.37 -38.88
N UNK G 2378 -71.62 81.07 -38.31
CA UNK G 2378 -72.80 81.89 -38.53
C UNK G 2378 -73.35 82.48 -37.24
N UNK G 2379 -73.62 81.62 -36.26
CA UNK G 2379 -74.22 82.04 -35.00
C UNK G 2379 -73.24 82.81 -34.14
N UNK G 2380 -72.53 82.11 -33.28
CA UNK G 2380 -71.55 82.73 -32.39
C UNK G 2380 -70.40 81.78 -32.14
N UNK G 2381 -70.58 80.53 -32.56
CA UNK G 2381 -69.62 79.43 -32.40
C UNK G 2381 -69.19 79.22 -30.96
N UNK G 2382 -70.06 78.61 -30.16
CA UNK G 2382 -69.74 78.28 -28.79
C UNK G 2382 -68.72 77.15 -28.78
N UNK G 2383 -67.67 77.30 -27.97
CA UNK G 2383 -66.51 76.40 -27.88
C UNK G 2383 -65.88 76.18 -29.26
N UNK G 2384 -65.00 77.11 -29.65
CA UNK G 2384 -64.32 77.01 -30.93
C UNK G 2384 -63.06 76.17 -30.81
N UNK G 2385 -63.23 74.90 -30.45
CA UNK G 2385 -62.12 73.98 -30.30
C UNK G 2385 -61.61 73.56 -31.66
N UNK G 2386 -62.52 73.50 -32.63
CA UNK G 2386 -62.18 73.12 -34.00
C UNK G 2386 -61.36 74.22 -34.67
N UNK G 2387 -61.52 75.45 -34.20
CA UNK G 2387 -60.72 76.57 -34.65
C UNK G 2387 -59.26 76.38 -34.23
N UNK G 2388 -59.07 75.73 -33.09
CA UNK G 2388 -57.73 75.40 -32.63
C UNK G 2388 -57.29 74.05 -33.16
N UNK G 2389 -58.25 73.15 -33.39
CA UNK G 2389 -57.95 71.81 -33.86
C UNK G 2389 -57.50 71.82 -35.31
N UNK G 2390 -57.96 72.83 -36.05
CA UNK G 2390 -57.54 72.99 -37.44
C UNK G 2390 -56.39 73.99 -37.51
N UNK G 2391 -55.99 74.51 -36.35
CA UNK G 2391 -54.89 75.45 -36.28
C UNK G 2391 -53.58 74.71 -36.07
N UNK G 2392 -53.67 73.39 -35.96
CA UNK G 2392 -52.49 72.56 -35.75
C UNK G 2392 -52.53 71.35 -36.67
N UNK G 2393 -53.45 71.36 -37.62
CA UNK G 2393 -53.62 70.26 -38.55
C UNK G 2393 -53.49 70.73 -39.99
N UNK G 2394 -53.76 72.01 -40.21
CA UNK G 2394 -53.68 72.59 -41.55
C UNK G 2394 -52.24 72.91 -41.92
N UNK G 2395 -51.38 72.97 -40.92
CA UNK G 2395 -49.96 73.24 -41.13
C UNK G 2395 -49.28 72.03 -41.75
N UNK G 2396 -49.82 70.84 -41.47
CA UNK G 2396 -49.33 69.61 -42.07
C UNK G 2396 -49.70 69.58 -43.54
N UNK G 2397 -50.86 70.16 -43.84
CA UNK G 2397 -51.31 70.31 -45.21
C UNK G 2397 -50.46 71.36 -45.93
N UNK G 2398 -49.96 72.32 -45.16
CA UNK G 2398 -49.10 73.37 -45.69
C UNK G 2398 -47.71 72.83 -46.00
N UNK G 2399 -47.37 71.70 -45.40
CA UNK G 2399 -46.07 71.07 -45.63
C UNK G 2399 -46.19 69.92 -46.62
N UNK G 2400 -46.96 70.10 -47.67
CA UNK G 2400 -47.17 69.06 -48.67
C UNK G 2400 -47.49 69.64 -50.03
N UNK G 2401 -46.49 69.68 -50.92
CA UNK G 2401 -46.68 70.21 -52.26
C UNK G 2401 -46.87 69.09 -53.26
N UNK G 2402 -47.36 67.95 -52.78
CA UNK G 2402 -47.58 66.79 -53.64
C UNK G 2402 -48.94 66.88 -54.30
N UNK G 2403 -48.94 67.16 -55.60
CA UNK G 2403 -50.17 67.24 -56.37
C UNK G 2403 -50.04 66.45 -57.67
N UNK G 2404 -51.17 66.06 -58.24
CA UNK G 2404 -51.15 65.28 -59.47
C UNK G 2404 -52.44 65.49 -60.27
N UNK G 2405 -52.96 64.40 -60.85
CA UNK G 2405 -54.17 64.47 -61.66
C UNK G 2405 -55.37 63.99 -60.87
N UNK G 2406 -56.50 63.84 -61.58
CA UNK G 2406 -57.80 63.41 -61.03
C UNK G 2406 -58.25 64.30 -59.87
N UNK G 2407 -58.40 65.58 -60.14
CA UNK G 2407 -58.78 66.55 -59.11
C UNK G 2407 -60.26 66.47 -58.78
N UNK G 2408 -60.65 65.42 -58.04
CA UNK G 2408 -62.03 65.23 -57.66
C UNK G 2408 -62.38 66.11 -56.46
N UNK G 2409 -61.78 65.81 -55.32
CA UNK G 2409 -62.07 66.53 -54.09
C UNK G 2409 -61.03 67.61 -53.80
N UNK G 2410 -60.04 67.73 -54.69
CA UNK G 2410 -58.98 68.71 -54.54
C UNK G 2410 -59.53 70.12 -54.74
N UNK G 2411 -60.44 70.25 -55.69
CA UNK G 2411 -61.11 71.52 -55.93
C UNK G 2411 -62.08 71.83 -54.80
N UNK G 2412 -62.63 70.77 -54.22
CA UNK G 2412 -63.55 70.89 -53.09
C UNK G 2412 -62.80 71.31 -51.85
N UNK G 2413 -61.56 70.84 -51.73
CA UNK G 2413 -60.72 71.16 -50.58
C UNK G 2413 -60.31 72.62 -50.60
N UNK G 2414 -60.00 73.12 -51.79
CA UNK G 2414 -59.60 74.52 -51.96
C UNK G 2414 -60.79 75.43 -51.77
N UNK G 2415 -61.97 74.94 -52.14
CA UNK G 2415 -63.20 75.69 -51.95
C UNK G 2415 -63.54 75.74 -50.47
N UNK G 2416 -63.24 74.65 -49.77
CA UNK G 2416 -63.46 74.58 -48.33
C UNK G 2416 -62.43 75.44 -47.61
N UNK G 2417 -61.24 75.52 -48.19
CA UNK G 2417 -60.15 76.31 -47.63
C UNK G 2417 -60.46 77.79 -47.76
N UNK G 2418 -60.96 78.19 -48.92
CA UNK G 2418 -61.27 79.58 -49.20
C UNK G 2418 -62.48 80.05 -48.39
N UNK G 2419 -63.33 79.11 -48.02
CA UNK G 2419 -64.50 79.41 -47.21
C UNK G 2419 -64.10 79.84 -45.81
N UNK G 2420 -63.17 79.11 -45.21
CA UNK G 2420 -62.70 79.43 -43.88
C UNK G 2420 -61.75 80.62 -43.90
N UNK G 2421 -61.04 80.79 -45.00
CA UNK G 2421 -60.05 81.85 -45.13
C UNK G 2421 -60.71 83.21 -45.26
N UNK G 2422 -61.77 83.29 -46.07
CA UNK G 2422 -62.50 84.53 -46.28
C UNK G 2422 -63.30 84.88 -45.03
N UNK G 2423 -63.70 83.85 -44.28
CA UNK G 2423 -64.42 84.05 -43.04
C UNK G 2423 -63.46 84.41 -41.90
N UNK G 2424 -62.95 85.63 -41.93
CA UNK G 2424 -62.06 86.10 -40.89
C UNK G 2424 -62.85 86.91 -39.85
N UNK G 2425 -64.14 87.07 -40.10
CA UNK G 2425 -65.02 87.83 -39.21
C UNK G 2425 -65.38 87.02 -37.98
N UNK G 2426 -66.16 85.96 -38.17
CA UNK G 2426 -66.54 85.07 -37.08
C UNK G 2426 -65.35 84.26 -36.62
N UNK G 2427 -65.01 84.40 -35.33
CA UNK G 2427 -63.82 83.81 -34.70
C UNK G 2427 -62.54 84.17 -35.46
N UNK G 2428 -61.99 85.33 -35.16
CA UNK G 2428 -60.86 85.87 -35.90
C UNK G 2428 -59.55 85.14 -35.61
N UNK G 2429 -58.88 85.56 -34.54
CA UNK G 2429 -57.52 85.15 -34.18
C UNK G 2429 -56.53 85.37 -35.33
N UNK G 2430 -55.86 86.52 -35.30
CA UNK G 2430 -54.99 86.98 -36.38
C UNK G 2430 -53.78 86.07 -36.59
N UNK G 2431 -53.36 85.40 -35.53
CA UNK G 2431 -52.32 84.40 -35.62
C UNK G 2431 -52.84 83.19 -36.39
N UNK G 2432 -54.05 82.78 -36.07
CA UNK G 2432 -54.69 81.67 -36.75
C UNK G 2432 -55.13 82.09 -38.15
N UNK G 2433 -55.41 83.38 -38.30
CA UNK G 2433 -55.79 83.93 -39.59
C UNK G 2433 -54.60 83.92 -40.53
N UNK G 2434 -53.43 84.30 -40.02
CA UNK G 2434 -52.22 84.31 -40.81
C UNK G 2434 -51.74 82.88 -41.08
N UNK G 2435 -52.07 81.98 -40.16
CA UNK G 2435 -51.73 80.57 -40.30
C UNK G 2435 -52.55 79.94 -41.41
N UNK G 2436 -53.81 80.32 -41.48
CA UNK G 2436 -54.71 79.81 -42.51
C UNK G 2436 -54.42 80.46 -43.85
N UNK G 2437 -53.93 81.70 -43.81
CA UNK G 2437 -53.63 82.44 -45.02
C UNK G 2437 -52.38 81.89 -45.70
N UNK G 2438 -51.43 81.45 -44.88
CA UNK G 2438 -50.16 80.94 -45.38
C UNK G 2438 -50.34 79.61 -46.09
N UNK G 2439 -51.27 78.80 -45.59
CA UNK G 2439 -51.53 77.49 -46.17
C UNK G 2439 -52.22 77.60 -47.52
N UNK G 2440 -53.04 78.64 -47.67
CA UNK G 2440 -53.80 78.84 -48.90
C UNK G 2440 -52.89 79.32 -50.03
N UNK G 2441 -52.01 80.26 -49.72
CA UNK G 2441 -51.13 80.87 -50.71
C UNK G 2441 -50.06 79.88 -51.16
N UNK G 2442 -49.65 79.00 -50.26
CA UNK G 2442 -48.63 78.01 -50.58
C UNK G 2442 -49.22 76.87 -51.38
N UNK G 2443 -50.53 76.70 -51.29
CA UNK G 2443 -51.22 75.62 -51.97
C UNK G 2443 -51.26 75.82 -53.48
N UNK G 2444 -51.17 77.08 -53.90
CA UNK G 2444 -51.22 77.42 -55.31
C UNK G 2444 -49.92 77.07 -56.03
N UNK G 2445 -48.84 76.91 -55.26
CA UNK G 2445 -47.54 76.60 -55.83
C UNK G 2445 -47.30 75.09 -55.91
N UNK G 2446 -48.35 74.35 -56.24
CA UNK G 2446 -48.26 72.90 -56.39
C UNK G 2446 -49.27 72.41 -57.42
N UNK G 2447 -50.34 73.18 -57.60
CA UNK G 2447 -51.38 72.83 -58.56
C UNK G 2447 -51.14 73.53 -59.90
N UNK G 2448 -51.68 72.96 -60.97
CA UNK G 2448 -51.47 73.51 -62.31
C UNK G 2448 -52.79 73.76 -63.03
N UNK G 2449 -53.32 74.98 -62.87
CA UNK G 2449 -54.50 75.50 -63.56
C UNK G 2449 -55.76 74.65 -63.38
N UNK G 2450 -55.88 73.97 -62.25
CA UNK G 2450 -57.05 73.16 -61.97
C UNK G 2450 -58.01 73.94 -61.07
N UNK G 2451 -57.50 75.06 -60.55
CA UNK G 2451 -58.29 75.90 -59.65
C UNK G 2451 -59.10 76.91 -60.45
N UNK G 2452 -60.09 76.42 -61.19
CA UNK G 2452 -60.92 77.28 -61.99
C UNK G 2452 -62.13 77.77 -61.20
N UNK G 2453 -62.65 76.89 -60.35
CA UNK G 2453 -63.85 77.20 -59.57
C UNK G 2453 -63.56 78.23 -58.49
N UNK G 2454 -62.38 78.14 -57.88
CA UNK G 2454 -61.99 79.07 -56.83
C UNK G 2454 -61.68 80.43 -57.42
N UNK G 2455 -61.15 80.43 -58.63
CA UNK G 2455 -60.82 81.67 -59.33
C UNK G 2455 -62.08 82.37 -59.79
N UNK G 2456 -63.11 81.59 -60.09
CA UNK G 2456 -64.38 82.11 -60.56
C UNK G 2456 -65.09 82.86 -59.45
N UNK G 2457 -65.04 82.29 -58.24
CA UNK G 2457 -65.67 82.89 -57.08
C UNK G 2457 -64.83 84.06 -56.57
N UNK G 2458 -63.55 84.05 -56.91
CA UNK G 2458 -62.63 85.09 -56.47
C UNK G 2458 -62.95 86.42 -57.13
N UNK G 2459 -63.37 86.37 -58.39
CA UNK G 2459 -63.68 87.58 -59.14
C UNK G 2459 -64.98 88.21 -58.65
N UNK G 2460 -65.89 87.36 -58.18
CA UNK G 2460 -67.18 87.84 -57.70
C UNK G 2460 -67.20 88.00 -56.19
N UNK G 2461 -66.06 88.37 -55.62
CA UNK G 2461 -65.95 88.57 -54.18
C UNK G 2461 -64.84 89.55 -53.84
N UNK G 2462 -63.62 89.20 -54.20
CA UNK G 2462 -62.44 90.01 -53.89
C UNK G 2462 -62.38 91.27 -54.73
N UNK G 2463 -62.70 91.12 -56.02
CA UNK G 2463 -62.69 92.26 -56.94
C UNK G 2463 -63.88 93.17 -56.67
N UNK G 2464 -64.93 92.60 -56.07
CA UNK G 2464 -66.09 93.37 -55.67
C UNK G 2464 -65.74 94.27 -54.49
N UNK G 2465 -65.83 93.72 -53.29
CA UNK G 2465 -65.50 94.47 -52.08
C UNK G 2465 -63.98 94.57 -51.93
N UNK G 2466 -63.39 95.51 -52.65
CA UNK G 2466 -61.95 95.70 -52.63
C UNK G 2466 -61.53 96.73 -51.58
N UNK G 2467 -61.81 96.44 -50.33
CA UNK G 2467 -61.47 97.32 -49.23
C UNK G 2467 -61.38 96.57 -47.90
N UNK G 2468 -61.83 95.33 -47.90
CA UNK G 2468 -61.88 94.52 -46.69
C UNK G 2468 -60.50 93.98 -46.30
N UNK G 2469 -60.45 93.31 -45.16
CA UNK G 2469 -59.20 92.75 -44.67
C UNK G 2469 -58.84 91.46 -45.41
N UNK G 2470 -59.87 90.75 -45.88
CA UNK G 2470 -59.67 89.50 -46.60
C UNK G 2470 -59.29 89.77 -48.06
N UNK G 2471 -59.47 91.01 -48.50
CA UNK G 2471 -59.17 91.40 -49.86
C UNK G 2471 -57.66 91.49 -50.11
N UNK G 2472 -56.92 91.93 -49.10
CA UNK G 2472 -55.47 92.10 -49.22
C UNK G 2472 -54.77 90.76 -49.34
N UNK G 2473 -55.30 89.75 -48.67
CA UNK G 2473 -54.74 88.41 -48.73
C UNK G 2473 -55.06 87.76 -50.07
N UNK G 2474 -56.26 88.05 -50.57
CA UNK G 2474 -56.72 87.47 -51.83
C UNK G 2474 -56.04 88.13 -53.02
N UNK G 2475 -55.62 89.38 -52.84
CA UNK G 2475 -54.97 90.13 -53.92
C UNK G 2475 -53.57 89.59 -54.18
N UNK G 2476 -52.90 89.17 -53.11
CA UNK G 2476 -51.56 88.62 -53.23
C UNK G 2476 -51.60 87.23 -53.82
N UNK G 2477 -52.72 86.53 -53.60
CA UNK G 2477 -52.90 85.18 -54.11
C UNK G 2477 -53.01 85.19 -55.63
N UNK G 2478 -53.68 86.19 -56.16
CA UNK G 2478 -53.87 86.33 -57.60
C UNK G 2478 -52.58 86.78 -58.27
N UNK G 2479 -51.74 87.47 -57.51
CA UNK G 2479 -50.47 87.96 -58.02
C UNK G 2479 -49.51 86.81 -58.26
N UNK G 2480 -49.65 85.75 -57.47
CA UNK G 2480 -48.84 84.55 -57.64
C UNK G 2480 -49.27 83.79 -58.88
N UNK G 2481 -50.55 83.89 -59.21
CA UNK G 2481 -51.11 83.21 -60.38
C UNK G 2481 -50.65 83.90 -61.66
N UNK G 2482 -50.30 85.18 -61.54
CA UNK G 2482 -49.79 85.95 -62.66
C UNK G 2482 -48.38 85.48 -63.05
N UNK G 2483 -47.66 84.94 -62.08
CA UNK G 2483 -46.31 84.44 -62.31
C UNK G 2483 -46.32 82.95 -62.66
N UNK G 2484 -47.36 82.51 -63.33
CA UNK G 2484 -47.49 81.12 -63.74
C UNK G 2484 -48.19 81.03 -65.09
N UNK G 2485 -48.30 82.18 -65.76
CA UNK G 2485 -48.99 82.25 -67.04
C UNK G 2485 -48.30 83.23 -67.99
N UNK G 2486 -47.07 83.58 -67.66
CA UNK G 2486 -46.30 84.53 -68.48
C UNK G 2486 -45.70 83.83 -69.69
N UNK G 2487 -45.64 82.51 -69.65
CA UNK G 2487 -45.12 81.72 -70.75
C UNK G 2487 -46.24 80.90 -71.37
N UNK G 2488 -46.79 79.98 -70.58
CA UNK G 2488 -47.90 79.15 -71.03
C UNK G 2488 -49.16 79.54 -70.28
N UNK G 2489 -49.99 78.54 -69.99
CA UNK G 2489 -51.23 78.65 -69.20
C UNK G 2489 -52.22 79.68 -69.76
N UNK G 2490 -52.21 79.85 -71.08
CA UNK G 2490 -53.14 80.76 -71.73
C UNK G 2490 -54.18 79.96 -72.49
N UNK G 2491 -54.36 78.70 -72.08
CA UNK G 2491 -55.26 77.78 -72.75
C UNK G 2491 -56.58 77.62 -72.00
N UNK G 2492 -57.26 78.73 -71.74
CA UNK G 2492 -58.55 78.72 -71.06
C UNK G 2492 -59.37 79.95 -71.44
N UNK G 2493 -60.38 79.76 -72.27
CA UNK G 2493 -61.18 80.88 -72.77
C UNK G 2493 -62.15 81.42 -71.73
N UNK G 2494 -62.74 80.52 -70.95
CA UNK G 2494 -63.71 80.90 -69.94
C UNK G 2494 -63.04 81.63 -68.78
N UNK G 2495 -61.79 81.25 -68.52
CA UNK G 2495 -61.00 81.92 -67.49
C UNK G 2495 -60.56 83.30 -67.99
N UNK G 2496 -60.33 83.40 -69.30
CA UNK G 2496 -59.86 84.64 -69.91
C UNK G 2496 -60.96 85.70 -69.91
N UNK G 2497 -62.20 85.25 -70.02
CA UNK G 2497 -63.34 86.15 -69.95
C UNK G 2497 -63.52 86.64 -68.53
N UNK G 2498 -63.22 85.77 -67.57
CA UNK G 2498 -63.26 86.13 -66.17
C UNK G 2498 -62.08 87.03 -65.83
N UNK G 2499 -60.97 86.81 -66.52
CA UNK G 2499 -59.76 87.61 -66.31
C UNK G 2499 -59.94 89.02 -66.85
N UNK G 2500 -60.74 89.13 -67.90
CA UNK G 2500 -61.03 90.43 -68.50
C UNK G 2500 -61.96 91.21 -67.58
N UNK G 2501 -62.84 90.48 -66.89
CA UNK G 2501 -63.81 91.10 -65.98
C UNK G 2501 -63.11 91.63 -64.73
N UNK G 2502 -62.09 90.91 -64.28
CA UNK G 2502 -61.35 91.29 -63.09
C UNK G 2502 -60.47 92.50 -63.37
N UNK G 2503 -60.01 92.62 -64.61
CA UNK G 2503 -59.15 93.73 -65.01
C UNK G 2503 -59.93 95.04 -65.03
N UNK G 2504 -61.17 94.96 -65.48
CA UNK G 2504 -62.06 96.12 -65.49
C UNK G 2504 -62.49 96.47 -64.08
N UNK G 2505 -62.63 95.45 -63.25
CA UNK G 2505 -63.02 95.63 -61.86
C UNK G 2505 -61.89 96.26 -61.06
N UNK G 2506 -60.66 95.92 -61.43
CA UNK G 2506 -59.48 96.46 -60.77
C UNK G 2506 -59.26 97.91 -61.18
N UNK G 2507 -59.75 98.27 -62.35
CA UNK G 2507 -59.62 99.63 -62.86
C UNK G 2507 -60.60 100.57 -62.16
N UNK G 2508 -61.63 100.00 -61.53
CA UNK G 2508 -62.63 100.79 -60.84
C UNK G 2508 -62.15 101.29 -59.48
N UNK G 2509 -61.07 100.67 -58.98
CA UNK G 2509 -60.55 101.02 -57.66
C UNK G 2509 -59.57 102.19 -57.72
N UNK G 2510 -59.32 102.69 -58.92
CA UNK G 2510 -58.39 103.81 -59.11
C UNK G 2510 -58.99 105.11 -58.58
N UNK G 2511 -60.25 105.35 -58.91
CA UNK G 2511 -60.93 106.56 -58.48
C UNK G 2511 -61.72 106.32 -57.21
N UNK G 2512 -61.45 105.20 -56.55
CA UNK G 2512 -62.14 104.85 -55.31
C UNK G 2512 -61.56 105.63 -54.14
N UNK G 2513 -60.86 104.93 -53.24
CA UNK G 2513 -60.27 105.57 -52.07
C UNK G 2513 -58.95 106.23 -52.43
N UNK G 2514 -58.51 107.14 -51.56
CA UNK G 2514 -57.23 107.83 -51.76
C UNK G 2514 -56.22 107.36 -50.72
N UNK G 2515 -56.38 106.12 -50.27
CA UNK G 2515 -55.48 105.55 -49.28
C UNK G 2515 -54.15 105.17 -49.91
N UNK G 2516 -53.13 105.97 -49.66
CA UNK G 2516 -51.79 105.70 -50.16
C UNK G 2516 -51.16 104.54 -49.42
N UNK G 2517 -50.13 103.93 -50.02
CA UNK G 2517 -49.35 102.82 -49.45
C UNK G 2517 -50.15 101.56 -49.08
N UNK G 2518 -51.12 101.70 -48.18
CA UNK G 2518 -51.95 100.59 -47.71
C UNK G 2518 -52.78 99.95 -48.83
N UNK G 2519 -53.79 100.66 -49.31
CA UNK G 2519 -54.65 100.13 -50.36
C UNK G 2519 -54.06 100.43 -51.74
N UNK G 2520 -53.09 101.33 -51.78
CA UNK G 2520 -52.51 101.75 -53.05
C UNK G 2520 -51.51 100.72 -53.58
N UNK G 2521 -50.50 100.40 -52.78
CA UNK G 2521 -49.42 99.54 -53.21
C UNK G 2521 -49.76 98.06 -53.08
N UNK G 2522 -50.93 97.76 -52.53
CA UNK G 2522 -51.35 96.37 -52.33
C UNK G 2522 -51.70 95.69 -53.65
N UNK G 2523 -52.17 96.49 -54.60
CA UNK G 2523 -52.59 95.96 -55.89
C UNK G 2523 -51.91 96.71 -57.04
N UNK G 2524 -50.96 97.57 -56.70
CA UNK G 2524 -50.22 98.32 -57.70
C UNK G 2524 -49.29 97.40 -58.48
N UNK G 2525 -48.82 96.36 -57.79
CA UNK G 2525 -47.99 95.34 -58.41
C UNK G 2525 -48.85 94.22 -58.97
N UNK G 2526 -50.15 94.32 -58.78
CA UNK G 2526 -51.09 93.32 -59.28
C UNK G 2526 -51.64 93.69 -60.65
N UNK G 2527 -50.86 94.45 -61.41
CA UNK G 2527 -51.21 94.79 -62.77
C UNK G 2527 -50.55 93.80 -63.72
N UNK G 2528 -49.78 92.88 -63.15
CA UNK G 2528 -49.08 91.86 -63.91
C UNK G 2528 -50.02 90.73 -64.31
N UNK G 2529 -51.19 90.68 -63.67
CA UNK G 2529 -52.23 89.71 -64.02
C UNK G 2529 -52.83 90.07 -65.36
N UNK G 2530 -52.86 91.36 -65.66
CA UNK G 2530 -53.31 91.84 -66.95
C UNK G 2530 -52.22 91.70 -67.99
N UNK G 2531 -50.98 91.56 -67.52
CA UNK G 2531 -49.82 91.45 -68.41
C UNK G 2531 -49.74 90.07 -69.05
N UNK G 2532 -50.35 89.07 -68.41
CA UNK G 2532 -50.34 87.71 -68.94
C UNK G 2532 -51.41 87.53 -70.01
N UNK G 2533 -52.34 88.48 -70.08
CA UNK G 2533 -53.43 88.41 -71.06
C UNK G 2533 -52.98 88.90 -72.43
N UNK G 2534 -53.61 88.37 -73.47
CA UNK G 2534 -53.27 88.75 -74.85
C UNK G 2534 -53.96 90.05 -75.24
N UNK G 2535 -53.68 90.51 -76.45
CA UNK G 2535 -54.26 91.76 -76.95
C UNK G 2535 -55.56 91.50 -77.70
N UNK G 2536 -55.91 90.23 -77.85
CA UNK G 2536 -57.12 89.85 -78.57
C UNK G 2536 -58.37 90.14 -77.76
N UNK G 2537 -59.47 90.42 -78.45
CA UNK G 2537 -60.75 90.67 -77.79
C UNK G 2537 -61.68 89.47 -78.04
N UNK G 2538 -61.92 88.70 -76.99
CA UNK G 2538 -62.75 87.51 -77.10
C UNK G 2538 -64.23 87.86 -77.18
N UNK G 2539 -65.06 86.83 -77.33
CA UNK G 2539 -66.51 87.02 -77.43
C UNK G 2539 -67.11 87.42 -76.09
N UNK G 2540 -67.08 88.72 -75.80
CA UNK G 2540 -67.63 89.24 -74.56
C UNK G 2540 -68.58 90.41 -74.85
N UNK G 2541 -69.78 90.33 -74.28
CA UNK G 2541 -70.78 91.38 -74.47
C UNK G 2541 -70.60 92.50 -73.45
N UNK G 2542 -71.67 93.24 -73.19
CA UNK G 2542 -71.61 94.35 -72.25
C UNK G 2542 -72.93 94.51 -71.49
N UNK G 2543 -72.87 94.28 -70.18
CA UNK G 2543 -74.03 94.44 -69.31
C UNK G 2543 -73.58 94.70 -67.88
N UNK G 2544 -74.40 95.42 -67.12
CA UNK G 2544 -74.09 95.73 -65.72
C UNK G 2544 -75.37 95.89 -64.91
N UNK G 2545 -75.29 95.59 -63.61
CA UNK G 2545 -76.44 95.69 -62.74
C UNK G 2545 -76.04 96.23 -61.37
N ASN G 2546 -72.04 89.49 -49.63
CA ASN G 2546 -73.20 90.23 -50.11
C ASN G 2546 -73.22 90.31 -51.63
N PHE G 2547 -74.41 90.28 -52.20
CA PHE G 2547 -74.58 90.37 -53.65
C PHE G 2547 -75.97 90.93 -53.94
N ASP G 2548 -76.04 91.87 -54.88
CA ASP G 2548 -77.28 92.58 -55.18
C ASP G 2548 -77.48 92.69 -56.68
N PRO G 2549 -78.19 91.73 -57.28
CA PRO G 2549 -78.54 91.84 -58.70
C PRO G 2549 -79.79 92.71 -58.86
N ARG G 2550 -80.07 93.05 -60.12
CA ARG G 2550 -81.23 93.89 -60.47
C ARG G 2550 -82.03 93.26 -61.60
N PRO G 2551 -83.00 92.41 -61.28
CA PRO G 2551 -83.97 91.97 -62.29
C PRO G 2551 -85.08 93.01 -62.42
N VAL G 2552 -86.02 92.73 -63.32
CA VAL G 2552 -87.17 93.60 -63.54
C VAL G 2552 -88.39 92.95 -62.87
N GLU G 2553 -89.28 93.80 -62.35
CA GLU G 2553 -90.52 93.31 -61.75
C GLU G 2553 -91.49 92.98 -62.87
N THR G 2554 -91.68 91.70 -63.13
CA THR G 2554 -92.47 91.23 -64.26
C THR G 2554 -93.95 91.11 -63.95
N LEU G 2555 -94.34 91.15 -62.67
CA LEU G 2555 -95.71 90.87 -62.29
C LEU G 2555 -96.66 91.99 -62.66
N ASN G 2556 -96.17 93.22 -62.82
CA ASN G 2556 -96.99 94.35 -63.24
C ASN G 2556 -96.94 94.58 -64.74
N VAL G 2557 -96.38 93.64 -65.50
CA VAL G 2557 -96.24 93.81 -66.95
C VAL G 2557 -97.44 93.17 -67.63
N ILE G 2558 -98.09 93.94 -68.49
CA ILE G 2558 -99.29 93.49 -69.20
C ILE G 2558 -98.88 92.77 -70.47
N ILE G 2559 -99.29 91.52 -70.60
CA ILE G 2559 -99.10 90.78 -71.85
C ILE G 2559 -100.24 91.13 -72.80
N PRO G 2560 -99.95 91.42 -74.07
CA PRO G 2560 -101.03 91.61 -75.04
C PRO G 2560 -101.82 90.33 -75.25
N GLU G 2561 -103.10 90.50 -75.64
CA GLU G 2561 -104.02 89.38 -75.75
C GLU G 2561 -103.70 88.46 -76.93
N LYS G 2562 -102.97 88.95 -77.93
CA LYS G 2562 -102.55 88.09 -79.03
C LYS G 2562 -101.41 87.16 -78.62
N LEU G 2563 -100.72 87.45 -77.52
CA LEU G 2563 -99.65 86.60 -77.03
C LEU G 2563 -100.12 85.57 -76.01
N ASP G 2564 -101.36 85.67 -75.53
CA ASP G 2564 -101.82 84.79 -74.46
C ASP G 2564 -102.05 83.38 -74.95
N SER G 2565 -102.65 83.22 -76.13
CA SER G 2565 -102.73 81.90 -76.74
C SER G 2565 -101.38 81.47 -77.29
N PHE G 2566 -100.52 82.43 -77.63
CA PHE G 2566 -99.17 82.13 -78.12
C PHE G 2566 -98.30 81.55 -77.01
N ILE G 2567 -98.56 81.93 -75.76
CA ILE G 2567 -97.94 81.26 -74.62
C ILE G 2567 -98.45 79.82 -74.51
N ASN G 2568 -99.76 79.62 -74.71
CA ASN G 2568 -100.33 78.29 -74.69
C ASN G 2568 -99.89 77.46 -75.89
N LYS G 2569 -99.55 78.11 -77.00
CA LYS G 2569 -98.93 77.39 -78.11
C LYS G 2569 -97.51 76.97 -77.77
N PHE G 2570 -96.79 77.76 -76.98
CA PHE G 2570 -95.51 77.30 -76.46
C PHE G 2570 -95.69 76.27 -75.38
N ALA G 2571 -96.76 76.40 -74.59
CA ALA G 2571 -97.09 75.37 -73.60
C ALA G 2571 -97.55 74.09 -74.27
N GLU G 2572 -98.15 74.19 -75.47
CA GLU G 2572 -98.33 73.00 -76.29
C GLU G 2572 -96.99 72.47 -76.78
N TYR G 2573 -96.11 73.37 -77.21
CA TYR G 2573 -94.76 72.97 -77.64
C TYR G 2573 -93.88 72.55 -76.47
N THR G 2574 -94.20 73.00 -75.26
CA THR G 2574 -93.46 72.57 -74.06
C THR G 2574 -93.64 71.08 -73.83
N HIS G 2575 -94.88 70.59 -73.93
CA HIS G 2575 -95.13 69.16 -73.81
C HIS G 2575 -94.78 68.41 -75.10
N GLU G 2576 -94.80 69.10 -76.24
CA GLU G 2576 -94.53 68.44 -77.52
C GLU G 2576 -93.07 68.03 -77.64
N LYS G 2577 -92.17 68.85 -77.12
CA LYS G 2577 -90.74 68.55 -77.17
C LYS G 2577 -90.29 67.68 -76.01
N TRP G 2578 -90.86 67.90 -74.82
CA TRP G 2578 -90.41 67.21 -73.62
C TRP G 2578 -90.88 65.76 -73.57
N ALA G 2579 -92.12 65.50 -74.02
CA ALA G 2579 -92.64 64.13 -73.96
C ALA G 2579 -92.15 63.26 -75.11
N PHE G 2580 -91.62 63.85 -76.17
CA PHE G 2580 -91.07 63.03 -77.25
C PHE G 2580 -89.74 62.41 -76.85
N ASP G 2581 -88.93 63.12 -76.07
CA ASP G 2581 -87.71 62.52 -75.51
C ASP G 2581 -88.03 61.47 -74.45
N LYS G 2582 -89.22 61.55 -73.83
CA LYS G 2582 -89.66 60.48 -72.97
C LYS G 2582 -89.98 59.20 -73.76
N ILE G 2583 -90.44 59.36 -75.00
CA ILE G 2583 -90.67 58.20 -75.85
C ILE G 2583 -89.34 57.67 -76.39
N GLN G 2584 -88.34 58.54 -76.56
CA GLN G 2584 -87.01 58.09 -76.93
C GLN G 2584 -86.36 57.26 -75.83
N ASN G 2585 -86.69 57.53 -74.58
CA ASN G 2585 -86.29 56.70 -73.46
C ASN G 2585 -87.38 55.73 -73.04
N ASN G 2586 -88.48 55.67 -73.81
CA ASN G 2586 -89.58 54.72 -73.67
C ASN G 2586 -90.29 54.86 -72.31
N TRP G 2587 -90.77 56.07 -72.04
CA TRP G 2587 -91.58 56.33 -70.86
C TRP G 2587 -93.05 56.23 -71.26
N SER G 2588 -93.75 55.28 -70.65
CA SER G 2588 -95.11 54.93 -71.07
C SER G 2588 -96.13 55.79 -70.33
N TYR G 2589 -97.40 55.40 -70.41
CA TYR G 2589 -98.51 56.10 -69.80
C TYR G 2589 -98.93 55.41 -68.50
N GLY G 2590 -99.46 56.18 -67.56
CA GLY G 2590 -99.93 55.63 -66.31
C GLY G 2590 -100.78 56.56 -65.48
N GLU G 2591 -100.73 56.40 -64.16
CA GLU G 2591 -101.49 57.20 -63.21
C GLU G 2591 -100.68 58.34 -62.60
N ASN G 2592 -99.43 58.09 -62.23
CA ASN G 2592 -98.56 59.10 -61.65
C ASN G 2592 -97.17 58.96 -62.25
N VAL G 2593 -96.31 59.91 -61.90
CA VAL G 2593 -94.94 59.92 -62.40
C VAL G 2593 -94.13 58.89 -61.62
N ASP G 2594 -93.70 57.83 -62.30
CA ASP G 2594 -92.96 56.75 -61.68
C ASP G 2594 -91.79 56.36 -62.57
N GLU G 2595 -90.67 55.99 -61.93
CA GLU G 2595 -89.47 55.59 -62.65
C GLU G 2595 -89.34 54.07 -62.80
N GLU G 2596 -89.89 53.30 -61.85
CA GLU G 2596 -89.80 51.85 -61.95
C GLU G 2596 -90.77 51.30 -62.98
N LEU G 2597 -92.05 51.69 -62.89
CA LEU G 2597 -93.04 51.27 -63.86
C LEU G 2597 -92.91 52.00 -65.19
N LYS G 2598 -92.16 53.11 -65.20
CA LYS G 2598 -91.89 53.94 -66.37
C LYS G 2598 -93.19 54.46 -67.00
N THR G 2599 -93.91 55.26 -66.22
CA THR G 2599 -95.21 55.78 -66.60
C THR G 2599 -95.18 57.30 -66.63
N HIS G 2600 -96.11 57.87 -67.39
CA HIS G 2600 -96.28 59.32 -67.51
C HIS G 2600 -97.74 59.64 -67.77
N PRO G 2601 -98.47 60.19 -66.79
CA PRO G 2601 -99.93 60.32 -66.93
C PRO G 2601 -100.39 61.51 -67.76
N MET G 2602 -99.50 62.39 -68.19
CA MET G 2602 -99.90 63.58 -68.94
C MET G 2602 -99.68 63.43 -70.45
N LEU G 2603 -99.56 62.20 -70.94
CA LEU G 2603 -99.32 61.93 -72.36
C LEU G 2603 -100.62 62.14 -73.15
N ARG G 2604 -100.96 63.42 -73.36
CA ARG G 2604 -102.16 63.87 -74.05
C ARG G 2604 -101.98 65.34 -74.40
N PRO G 2605 -102.64 65.86 -75.45
CA PRO G 2605 -102.34 67.23 -75.92
C PRO G 2605 -102.74 68.31 -74.92
N TYR G 2606 -102.23 69.53 -75.18
CA TYR G 2606 -102.40 70.63 -74.26
C TYR G 2606 -103.82 71.20 -74.26
N LYS G 2607 -104.56 71.04 -75.34
CA LYS G 2607 -105.91 71.58 -75.44
C LYS G 2607 -106.96 70.72 -74.74
N THR G 2608 -106.56 69.69 -73.99
CA THR G 2608 -107.48 68.82 -73.30
C THR G 2608 -107.32 68.82 -71.78
N PHE G 2609 -106.33 69.53 -71.25
CA PHE G 2609 -106.12 69.55 -69.81
C PHE G 2609 -107.19 70.39 -69.11
N SER G 2610 -107.23 70.26 -67.79
CA SER G 2610 -108.13 71.04 -66.96
C SER G 2610 -107.50 72.41 -66.68
N GLU G 2611 -108.15 73.22 -65.85
CA GLU G 2611 -107.66 74.55 -65.53
C GLU G 2611 -106.52 74.53 -64.52
N LYS G 2612 -106.24 73.38 -63.90
CA LYS G 2612 -105.13 73.25 -62.95
C LYS G 2612 -103.89 72.64 -63.59
N ASP G 2613 -104.07 71.68 -64.50
CA ASP G 2613 -102.93 71.09 -65.18
C ASP G 2613 -102.30 72.03 -66.19
N LYS G 2614 -103.06 73.02 -66.68
CA LYS G 2614 -102.47 74.05 -67.54
C LYS G 2614 -101.63 75.04 -66.74
N GLU G 2615 -101.86 75.14 -65.43
CA GLU G 2615 -101.04 76.02 -64.58
C GLU G 2615 -99.61 75.50 -64.43
N ILE G 2616 -99.42 74.19 -64.55
CA ILE G 2616 -98.08 73.62 -64.44
C ILE G 2616 -97.23 74.00 -65.65
N TYR G 2617 -97.85 74.00 -66.84
CA TYR G 2617 -97.18 74.43 -68.07
C TYR G 2617 -97.34 75.92 -68.33
N ARG G 2618 -97.53 76.74 -67.30
CA ARG G 2618 -97.87 78.14 -67.51
C ARG G 2618 -96.78 79.12 -67.09
N TRP G 2619 -96.14 78.93 -65.93
CA TRP G 2619 -95.19 79.96 -65.51
C TRP G 2619 -93.73 79.54 -65.30
N PRO G 2620 -93.16 78.68 -66.15
CA PRO G 2620 -91.79 78.94 -66.61
C PRO G 2620 -91.74 79.67 -67.94
N ILE G 2621 -92.87 80.19 -68.40
CA ILE G 2621 -93.03 80.73 -69.74
C ILE G 2621 -93.44 82.20 -69.72
N LYS G 2622 -94.44 82.54 -68.90
CA LYS G 2622 -95.02 83.88 -68.93
C LYS G 2622 -94.07 84.92 -68.36
N GLU G 2623 -93.54 84.67 -67.16
CA GLU G 2623 -92.77 85.67 -66.42
C GLU G 2623 -91.45 86.01 -67.09
N SER G 2624 -90.92 85.11 -67.93
CA SER G 2624 -89.77 85.45 -68.76
C SER G 2624 -90.21 86.25 -69.97
N LEU G 2625 -91.36 85.92 -70.55
CA LEU G 2625 -91.92 86.74 -71.62
C LEU G 2625 -92.48 88.05 -71.09
N LYS G 2626 -92.87 88.09 -69.81
CA LYS G 2626 -93.20 89.36 -69.18
C LYS G 2626 -91.98 90.24 -69.00
N ALA G 2627 -90.80 89.63 -68.82
CA ALA G 2627 -89.58 90.41 -68.76
C ALA G 2627 -89.17 90.95 -70.13
N MET G 2628 -89.56 90.25 -71.20
CA MET G 2628 -89.20 90.69 -72.54
C MET G 2628 -90.03 91.89 -72.99
N ILE G 2629 -91.25 92.05 -72.45
CA ILE G 2629 -92.05 93.21 -72.78
C ILE G 2629 -91.52 94.45 -72.05
N ALA G 2630 -91.15 94.30 -70.78
CA ALA G 2630 -90.63 95.42 -70.01
C ALA G 2630 -89.23 95.82 -70.47
N TRP G 2631 -88.44 94.85 -70.93
CA TRP G 2631 -87.11 95.19 -71.47
C TRP G 2631 -87.22 95.76 -72.87
N GLU G 2632 -88.08 95.20 -73.72
CA GLU G 2632 -88.14 95.53 -75.14
C GLU G 2632 -89.58 95.80 -75.55
N TRP G 2633 -89.82 96.98 -76.10
CA TRP G 2633 -91.11 97.31 -76.71
C TRP G 2633 -91.09 96.98 -78.21
N THR G 2634 -90.66 95.76 -78.55
CA THR G 2634 -90.64 95.26 -79.92
C THR G 2634 -91.21 93.85 -79.92
N ILE G 2635 -92.54 93.74 -79.98
CA ILE G 2635 -93.24 92.48 -80.21
C ILE G 2635 -94.40 92.81 -81.14
N GLU G 2636 -94.30 92.40 -82.40
CA GLU G 2636 -95.34 92.67 -83.38
C GLU G 2636 -95.52 91.46 -84.29
N LYS G 2637 -96.67 91.42 -84.96
CA LYS G 2637 -96.95 90.41 -85.97
C LYS G 2637 -96.17 90.75 -87.22
N ALA G 2638 -95.17 89.93 -87.55
CA ALA G 2638 -94.25 90.23 -88.64
C ALA G 2638 -94.35 89.24 -89.80
N ARG G 2639 -94.40 87.94 -89.51
CA ARG G 2639 -94.32 86.93 -90.55
C ARG G 2639 -95.37 85.82 -90.38
N GLU G 2640 -95.22 84.74 -91.13
CA GLU G 2640 -96.08 83.57 -91.05
C GLU G 2640 -95.34 82.45 -90.36
N GLY G 2641 -96.07 81.65 -89.58
CA GLY G 2641 -95.48 80.54 -88.85
C GLY G 2641 -95.01 79.44 -89.78
N GLU G 2642 -93.76 79.02 -89.60
CA GLU G 2642 -93.15 78.00 -90.44
C GLU G 2642 -93.62 76.61 -90.04
N TYR G 2667 -99.94 58.71 -76.55
CA TYR G 2667 -99.85 59.87 -77.43
C TYR G 2667 -98.40 60.19 -77.78
N ASN G 2668 -98.16 60.46 -79.07
CA ASN G 2668 -96.82 60.63 -79.62
C ASN G 2668 -96.72 62.02 -80.24
N PRO G 2669 -96.32 63.03 -79.49
CA PRO G 2669 -96.11 64.36 -80.09
C PRO G 2669 -94.80 64.43 -80.86
N GLN G 2670 -94.86 65.00 -82.05
CA GLN G 2670 -93.70 65.12 -82.93
C GLN G 2670 -93.28 66.59 -83.06
N PRO G 2671 -92.26 67.04 -82.33
CA PRO G 2671 -91.84 68.44 -82.43
C PRO G 2671 -91.12 68.71 -83.74
N PRO G 2672 -91.51 69.76 -84.46
CA PRO G 2672 -90.88 70.06 -85.75
C PRO G 2672 -89.55 70.79 -85.57
N ASP G 2673 -88.96 71.18 -86.69
CA ASP G 2673 -87.69 71.89 -86.67
C ASP G 2673 -87.93 73.38 -86.49
N LEU G 2674 -87.10 74.00 -85.64
CA LEU G 2674 -87.18 75.43 -85.38
C LEU G 2674 -85.89 76.16 -85.75
N SER G 2675 -84.87 75.44 -86.22
CA SER G 2675 -83.56 76.01 -86.53
C SER G 2675 -83.40 76.25 -88.03
N GLY G 2676 -84.47 76.64 -88.71
CA GLY G 2676 -84.38 76.91 -90.14
C GLY G 2676 -83.62 78.18 -90.47
N VAL G 2677 -83.66 79.16 -89.57
CA VAL G 2677 -82.95 80.43 -89.73
C VAL G 2677 -82.02 80.60 -88.54
N THR G 2678 -80.72 80.77 -88.83
CA THR G 2678 -79.73 81.00 -87.79
C THR G 2678 -79.95 82.37 -87.15
N LEU G 2679 -79.89 82.40 -85.82
CA LEU G 2679 -80.08 83.65 -85.09
C LEU G 2679 -78.93 84.60 -85.33
N SER G 2680 -79.24 85.82 -85.79
CA SER G 2680 -78.23 86.84 -86.02
C SER G 2680 -77.83 87.47 -84.69
N ARG G 2681 -76.94 88.48 -84.76
CA ARG G 2681 -76.42 89.14 -83.57
C ARG G 2681 -77.50 89.90 -82.82
N GLU G 2682 -78.53 90.36 -83.53
CA GLU G 2682 -79.71 90.93 -82.91
C GLU G 2682 -80.44 89.90 -82.04
N LEU G 2683 -80.40 88.63 -82.44
CA LEU G 2683 -81.06 87.56 -81.69
C LEU G 2683 -80.08 86.69 -80.91
N GLN G 2684 -78.80 86.66 -81.28
CA GLN G 2684 -77.82 85.89 -80.51
C GLN G 2684 -77.47 86.59 -79.20
N ALA G 2685 -77.44 87.93 -79.21
CA ALA G 2685 -77.21 88.67 -77.98
C ALA G 2685 -78.39 88.60 -77.02
N MET G 2686 -79.59 88.27 -77.52
CA MET G 2686 -80.71 88.01 -76.64
C MET G 2686 -80.59 86.66 -75.95
N ALA G 2687 -79.89 85.70 -76.57
CA ALA G 2687 -79.60 84.44 -75.89
C ALA G 2687 -78.61 84.64 -74.75
N GLU G 2688 -77.71 85.61 -74.89
CA GLU G 2688 -76.92 86.09 -73.76
C GLU G 2688 -77.81 86.74 -72.71
N GLN G 2689 -78.90 87.38 -73.14
CA GLN G 2689 -79.79 88.14 -72.27
C GLN G 2689 -80.90 87.29 -71.65
N LEU G 2690 -81.47 86.34 -72.40
CA LEU G 2690 -82.55 85.53 -71.86
C LEU G 2690 -82.07 84.38 -70.99
N ALA G 2691 -80.84 83.91 -71.22
CA ALA G 2691 -80.24 82.98 -70.25
C ALA G 2691 -79.81 83.74 -69.00
N GLU G 2692 -79.45 85.02 -69.14
CA GLU G 2692 -79.25 85.87 -67.98
C GLU G 2692 -80.57 86.14 -67.27
N ASN G 2693 -81.67 86.24 -68.04
CA ASN G 2693 -83.01 86.30 -67.45
C ASN G 2693 -83.33 85.02 -66.69
N TYR G 2694 -82.84 83.88 -67.17
CA TYR G 2694 -82.97 82.64 -66.43
C TYR G 2694 -82.10 82.63 -65.19
N HIS G 2695 -81.06 83.46 -65.15
CA HIS G 2695 -80.24 83.66 -63.96
C HIS G 2695 -80.75 84.82 -63.11
N ASN G 2696 -81.49 85.77 -63.70
CA ASN G 2696 -82.04 86.89 -62.93
C ASN G 2696 -83.37 86.54 -62.27
N THR G 2697 -84.31 86.00 -63.04
CA THR G 2697 -85.65 85.76 -62.51
C THR G 2697 -85.66 84.57 -61.57
N TRP G 2698 -85.08 83.45 -61.99
CA TRP G 2698 -84.98 82.30 -61.09
C TRP G 2698 -83.96 82.55 -59.99
N GLY G 2699 -82.92 83.34 -60.26
CA GLY G 2699 -81.91 83.61 -59.26
C GLY G 2699 -82.38 84.53 -58.15
N ARG G 2700 -83.27 85.48 -58.47
CA ARG G 2700 -83.91 86.27 -57.43
C ARG G 2700 -84.83 85.40 -56.58
N LYS G 2701 -85.54 84.47 -57.22
CA LYS G 2701 -86.32 83.48 -56.46
C LYS G 2701 -85.42 82.52 -55.71
N LYS G 2702 -84.23 82.26 -56.25
CA LYS G 2702 -83.24 81.45 -55.53
C LYS G 2702 -82.72 82.19 -54.31
N LYS G 2703 -82.52 83.52 -54.43
CA LYS G 2703 -82.11 84.30 -53.27
C LYS G 2703 -83.23 84.44 -52.25
N GLN G 2704 -84.49 84.49 -52.71
CA GLN G 2704 -85.61 84.50 -51.78
C GLN G 2704 -85.83 83.14 -51.13
N GLU G 2705 -85.30 82.07 -51.73
CA GLU G 2705 -85.39 80.75 -51.12
C GLU G 2705 -84.50 80.65 -49.89
N LEU G 2706 -83.34 81.29 -49.92
CA LEU G 2706 -82.42 81.25 -48.78
C LEU G 2706 -82.79 82.25 -47.70
N GLU G 2707 -83.28 83.43 -48.10
CA GLU G 2707 -83.62 84.46 -47.14
C GLU G 2707 -84.89 84.15 -46.35
N ALA G 2708 -85.71 83.22 -46.83
CA ALA G 2708 -86.92 82.81 -46.13
C ALA G 2708 -86.71 81.57 -45.29
N LYS G 2709 -85.46 81.13 -45.10
CA LYS G 2709 -85.15 79.96 -44.30
C LYS G 2709 -84.27 80.27 -43.10
N GLY G 2710 -83.96 81.54 -42.84
CA GLY G 2710 -83.09 81.89 -41.74
C GLY G 2710 -81.63 82.01 -42.10
N GLY G 2711 -81.30 82.17 -43.37
CA GLY G 2711 -79.93 82.28 -43.81
C GLY G 2711 -79.51 81.10 -44.68
N GLY G 2712 -78.19 80.97 -44.82
CA GLY G 2712 -77.62 79.90 -45.63
C GLY G 2712 -76.78 80.42 -46.77
N THR G 2713 -75.79 79.64 -47.18
CA THR G 2713 -74.90 80.01 -48.27
C THR G 2713 -75.19 79.18 -49.51
N HIS G 2714 -74.68 79.65 -50.64
CA HIS G 2714 -74.84 78.97 -51.92
C HIS G 2714 -73.70 79.36 -52.85
N PRO G 2715 -73.02 78.40 -53.46
CA PRO G 2715 -71.81 78.71 -54.23
C PRO G 2715 -72.06 79.25 -55.63
N LEU G 2716 -73.30 79.60 -56.00
CA LEU G 2716 -73.59 80.09 -57.34
C LEU G 2716 -74.38 81.39 -57.30
N LEU G 2717 -74.14 82.22 -56.28
CA LEU G 2717 -74.73 83.56 -56.22
C LEU G 2717 -73.81 84.60 -56.86
N VAL G 2718 -73.39 84.31 -58.08
CA VAL G 2718 -72.42 85.12 -58.81
C VAL G 2718 -73.12 85.62 -60.07
N PRO G 2719 -72.60 86.68 -60.71
CA PRO G 2719 -73.23 87.15 -61.95
C PRO G 2719 -73.14 86.14 -63.09
N TYR G 2720 -73.89 86.44 -64.15
CA TYR G 2720 -73.99 85.54 -65.31
C TYR G 2720 -72.67 85.45 -66.06
N ASP G 2721 -71.89 86.54 -66.10
CA ASP G 2721 -70.60 86.52 -66.77
C ASP G 2721 -69.53 85.79 -65.98
N THR G 2722 -69.79 85.46 -64.72
CA THR G 2722 -68.84 84.70 -63.90
C THR G 2722 -69.35 83.30 -63.57
N LEU G 2723 -70.36 82.83 -64.29
CA LEU G 2723 -70.83 81.45 -64.12
C LEU G 2723 -69.87 80.48 -64.80
N THR G 2724 -70.05 79.19 -64.51
CA THR G 2724 -69.26 78.16 -65.13
C THR G 2724 -69.84 77.79 -66.49
N ALA G 2725 -69.20 76.83 -67.16
CA ALA G 2725 -69.65 76.39 -68.47
C ALA G 2725 -70.88 75.49 -68.43
N LYS G 2726 -71.30 75.05 -67.24
CA LYS G 2726 -72.47 74.19 -67.14
C LYS G 2726 -73.76 74.97 -67.33
N GLU G 2727 -73.93 76.08 -66.60
CA GLU G 2727 -75.13 76.88 -66.72
C GLU G 2727 -75.12 77.79 -67.95
N LYS G 2728 -74.00 77.89 -68.66
CA LYS G 2728 -73.93 78.62 -69.91
C LYS G 2728 -74.24 77.75 -71.12
N ALA G 2729 -74.68 76.51 -70.90
CA ALA G 2729 -75.02 75.60 -72.00
C ALA G 2729 -76.48 75.19 -72.04
N ARG G 2730 -77.12 75.05 -70.88
CA ARG G 2730 -78.52 74.65 -70.82
C ARG G 2730 -79.47 75.84 -70.75
N ASP G 2731 -79.06 76.92 -70.08
CA ASP G 2731 -79.89 78.12 -70.01
C ASP G 2731 -79.94 78.84 -71.34
N ARG G 2732 -78.84 78.82 -72.10
CA ARG G 2732 -78.88 79.39 -73.45
C ARG G 2732 -79.66 78.51 -74.41
N GLU G 2733 -79.59 77.19 -74.25
CA GLU G 2733 -80.39 76.28 -75.07
C GLU G 2733 -81.88 76.44 -74.78
N LYS G 2734 -82.22 76.71 -73.51
CA LYS G 2734 -83.59 77.07 -73.17
C LYS G 2734 -83.96 78.45 -73.73
N ALA G 2735 -82.96 79.33 -73.86
CA ALA G 2735 -83.21 80.67 -74.38
C ALA G 2735 -83.26 80.69 -75.91
N GLN G 2736 -82.48 79.84 -76.58
CA GLN G 2736 -82.49 79.83 -78.04
C GLN G 2736 -83.77 79.23 -78.60
N GLU G 2737 -84.30 78.19 -77.95
CA GLU G 2737 -85.53 77.56 -78.43
C GLU G 2737 -86.75 78.42 -78.17
N LEU G 2738 -86.69 79.34 -77.21
CA LEU G 2738 -87.80 80.28 -77.00
C LEU G 2738 -87.80 81.35 -78.08
N LEU G 2739 -86.62 81.82 -78.49
CA LEU G 2739 -86.51 82.78 -79.58
C LEU G 2739 -86.88 82.17 -80.92
N LYS G 2740 -86.62 80.88 -81.10
CA LYS G 2740 -87.00 80.19 -82.33
C LYS G 2740 -88.49 79.88 -82.39
N PHE G 2741 -89.18 79.87 -81.25
CA PHE G 2741 -90.64 79.81 -81.26
C PHE G 2741 -91.27 81.16 -81.54
N LEU G 2742 -90.54 82.25 -81.25
CA LEU G 2742 -91.00 83.58 -81.63
C LEU G 2742 -91.01 83.76 -83.15
N GLN G 2743 -90.16 83.02 -83.86
CA GLN G 2743 -90.23 82.99 -85.32
C GLN G 2743 -91.52 82.34 -85.79
N MET G 2744 -92.01 81.34 -85.08
CA MET G 2744 -93.32 80.77 -85.35
C MET G 2744 -94.39 81.79 -84.95
N ASN G 2745 -95.46 81.85 -85.77
CA ASN G 2745 -96.54 82.83 -85.76
C ASN G 2745 -96.08 84.26 -86.04
N GLY G 2746 -94.85 84.44 -86.52
CA GLY G 2746 -94.33 85.71 -86.97
C GLY G 2746 -94.24 86.81 -85.93
N TYR G 2747 -93.64 86.52 -84.79
CA TYR G 2747 -93.51 87.49 -83.71
C TYR G 2747 -92.03 87.83 -83.57
N ALA G 2748 -91.58 88.77 -84.39
CA ALA G 2748 -90.18 89.15 -84.43
C ALA G 2748 -89.87 90.08 -83.26
N VAL G 2749 -89.01 89.63 -82.36
CA VAL G 2749 -88.66 90.40 -81.18
C VAL G 2749 -87.23 90.89 -81.34
N THR G 2750 -87.07 92.09 -81.89
CA THR G 2750 -85.76 92.65 -82.24
C THR G 2750 -85.67 94.06 -81.66
N ARG G 2751 -84.87 94.21 -80.60
CA ARG G 2751 -84.68 95.51 -79.97
C ARG G 2751 -83.89 96.47 -80.85
N UNK G 2752 -80.76 97.69 -79.86
CA UNK G 2752 -79.69 98.21 -79.02
C UNK G 2752 -78.47 97.30 -79.05
N UNK G 2753 -77.63 97.46 -80.06
CA UNK G 2753 -76.42 96.66 -80.21
C UNK G 2753 -75.22 97.56 -80.54
N UNK G 2754 -74.08 96.93 -80.80
CA UNK G 2754 -72.87 97.67 -81.12
C UNK G 2754 -72.37 97.34 -82.53
N UNK G 2755 -71.12 97.69 -82.81
CA UNK G 2755 -70.52 97.43 -84.12
C UNK G 2755 -69.61 96.21 -84.08
N UNK G 2756 -69.51 95.52 -85.21
CA UNK G 2756 -68.68 94.31 -85.30
C UNK G 2756 -67.25 94.65 -85.68
N UNK G 2757 -66.57 95.41 -84.84
CA UNK G 2757 -65.20 95.81 -85.09
C UNK G 2757 -64.31 95.45 -83.91
N UNK G 2758 -63.07 95.08 -84.22
CA UNK G 2758 -62.08 94.81 -83.20
C UNK G 2758 -61.66 96.11 -82.55
N UNK G 2759 -62.40 96.52 -81.52
CA UNK G 2759 -62.14 97.79 -80.84
C UNK G 2759 -60.94 97.69 -79.91
N UNK G 2760 -60.60 96.45 -79.53
CA UNK G 2760 -59.50 96.12 -78.62
C UNK G 2760 -59.60 96.83 -77.27
N UNK G 2761 -60.26 96.17 -76.32
CA UNK G 2761 -60.55 96.74 -75.01
C UNK G 2761 -59.30 97.00 -74.17
N UNK G 2762 -58.23 96.28 -74.47
CA UNK G 2762 -56.94 96.52 -73.83
C UNK G 2762 -56.35 97.83 -74.33
N UNK G 2763 -56.67 98.17 -75.57
CA UNK G 2763 -56.18 99.39 -76.19
C UNK G 2763 -57.17 100.54 -76.03
N UNK G 2764 -58.46 100.21 -76.01
CA UNK G 2764 -59.50 101.22 -75.93
C UNK G 2764 -59.61 101.85 -74.55
N UNK G 2765 -59.24 101.09 -73.52
CA UNK G 2765 -59.30 101.58 -72.15
C UNK G 2765 -58.18 102.59 -71.89
N UNK G 2766 -57.07 102.42 -72.62
CA UNK G 2766 -55.92 103.31 -72.48
C UNK G 2766 -56.22 104.68 -73.09
N UNK G 2767 -57.06 104.69 -74.12
CA UNK G 2767 -57.48 105.94 -74.75
C UNK G 2767 -58.41 106.69 -73.82
N UNK G 2768 -59.22 105.94 -73.07
CA UNK G 2768 -60.09 106.52 -72.06
C UNK G 2768 -59.25 106.96 -70.86
N UNK G 2769 -58.15 106.25 -70.64
CA UNK G 2769 -57.19 106.61 -69.60
C UNK G 2769 -56.43 107.85 -70.05
N UNK G 2770 -56.21 107.96 -71.36
CA UNK G 2770 -55.60 109.15 -71.94
C UNK G 2770 -56.58 110.31 -71.85
N UNK G 2771 -57.86 109.98 -71.96
CA UNK G 2771 -58.92 110.96 -71.77
C UNK G 2771 -59.02 111.31 -70.29
N UNK G 2772 -58.73 110.34 -69.43
CA UNK G 2772 -58.69 110.57 -68.00
C UNK G 2772 -57.46 111.38 -67.63
N UNK G 2773 -56.40 111.23 -68.42
CA UNK G 2773 -55.18 111.99 -68.23
C UNK G 2773 -55.39 113.44 -68.67
N UNK G 2774 -56.21 113.62 -69.69
CA UNK G 2774 -56.55 114.95 -70.17
C UNK G 2774 -57.50 115.63 -69.19
N UNK G 2775 -58.29 114.80 -68.50
CA UNK G 2775 -59.16 115.30 -67.45
C UNK G 2775 -58.31 115.67 -66.24
N UNK G 2776 -57.23 114.94 -66.05
CA UNK G 2776 -56.29 115.20 -64.98
C UNK G 2776 -55.32 116.29 -65.37
N UNK G 2777 -55.27 116.61 -66.67
CA UNK G 2777 -54.43 117.69 -67.17
C UNK G 2777 -54.98 119.04 -66.73
N UNK G 2778 -56.30 119.09 -66.58
CA UNK G 2778 -56.96 120.29 -66.06
C UNK G 2778 -56.63 120.45 -64.58
N UNK G 2779 -56.54 119.32 -63.88
CA UNK G 2779 -56.14 119.32 -62.48
C UNK G 2779 -54.65 119.62 -62.37
N UNK G 2780 -53.89 119.21 -63.39
CA UNK G 2780 -52.47 119.50 -63.47
C UNK G 2780 -52.28 120.99 -63.75
N UNK G 2781 -53.19 121.56 -64.52
CA UNK G 2781 -53.19 122.99 -64.80
C UNK G 2781 -53.60 123.75 -63.55
N UNK G 2782 -54.49 123.15 -62.77
CA UNK G 2782 -54.93 123.74 -61.51
C UNK G 2782 -53.81 123.67 -60.48
N UNK G 2783 -53.01 122.63 -60.56
CA UNK G 2783 -51.87 122.46 -59.66
C UNK G 2783 -50.72 123.37 -60.08
N UNK G 2784 -50.63 123.64 -61.38
CA UNK G 2784 -49.60 124.51 -61.91
C UNK G 2784 -49.87 125.96 -61.52
N UNK G 2785 -51.15 126.31 -61.44
CA UNK G 2785 -51.55 127.65 -61.03
C UNK G 2785 -51.42 127.78 -59.51
N UNK G 2786 -51.50 126.66 -58.82
CA UNK G 2786 -51.36 126.63 -57.37
C UNK G 2786 -49.90 126.66 -56.97
N UNK G 2787 -57.11 116.68 -57.39
CA UNK G 2787 -57.16 116.61 -55.93
C UNK G 2787 -56.62 115.27 -55.44
N UNK G 2788 -57.52 114.37 -55.04
CA UNK G 2788 -57.13 113.05 -54.55
C UNK G 2788 -56.98 112.08 -55.71
N UNK G 2789 -57.43 112.51 -56.90
CA UNK G 2789 -57.33 111.69 -58.10
C UNK G 2789 -56.02 111.99 -58.83
N UNK G 2790 -55.24 112.93 -58.29
CA UNK G 2790 -53.94 113.27 -58.85
C UNK G 2790 -52.92 112.19 -58.54
N UNK G 2791 -53.17 111.45 -57.45
CA UNK G 2791 -52.30 110.35 -57.06
C UNK G 2791 -52.76 109.04 -57.72
N UNK G 2792 -53.98 109.05 -58.23
CA UNK G 2792 -54.55 107.88 -58.90
C UNK G 2792 -53.88 107.66 -60.26
N UNK G 2793 -53.50 108.76 -60.89
CA UNK G 2793 -52.83 108.71 -62.17
C UNK G 2793 -51.37 108.29 -61.99
N UNK G 2794 -50.83 108.58 -60.81
CA UNK G 2794 -49.46 108.24 -60.48
C UNK G 2794 -49.26 106.73 -60.36
N UNK G 2795 -50.31 106.04 -59.92
CA UNK G 2795 -50.28 104.60 -59.80
C UNK G 2795 -50.28 103.94 -61.17
N UNK G 2796 -51.03 104.52 -62.09
CA UNK G 2796 -51.14 103.98 -63.44
C UNK G 2796 -49.93 104.36 -64.28
N UNK G 2797 -49.26 105.44 -63.91
CA UNK G 2797 -48.11 105.96 -64.65
C UNK G 2797 -46.93 105.01 -64.59
N UNK G 2798 -46.68 104.47 -63.40
CA UNK G 2798 -45.63 103.48 -63.22
C UNK G 2798 -46.06 102.16 -63.82
N UNK G 2799 -47.36 101.91 -63.81
CA UNK G 2799 -47.92 100.68 -64.34
C UNK G 2799 -47.91 100.69 -65.87
N UNK G 2800 -47.92 101.89 -66.43
CA UNK G 2800 -47.90 102.05 -67.88
C UNK G 2800 -46.55 101.68 -68.47
N UNK G 2801 -45.50 101.91 -67.69
CA UNK G 2801 -44.14 101.58 -68.11
C UNK G 2801 -43.96 100.07 -68.19
N UNK G 2802 -44.59 99.36 -67.26
CA UNK G 2802 -44.53 97.91 -67.23
C UNK G 2802 -45.44 97.33 -68.31
N UNK G 2803 -46.55 98.00 -68.55
CA UNK G 2803 -47.52 97.54 -69.54
C UNK G 2803 -46.98 97.68 -70.96
N UNK G 2804 -46.18 98.72 -71.17
CA UNK G 2804 -45.59 98.98 -72.47
C UNK G 2804 -44.48 97.99 -72.78
N UNK G 2805 -43.63 97.75 -71.78
CA UNK G 2805 -42.47 96.89 -71.94
C UNK G 2805 -42.86 95.43 -72.09
N UNK G 2806 -43.94 95.04 -71.42
CA UNK G 2806 -44.45 93.68 -71.52
C UNK G 2806 -45.09 93.45 -72.87
N UNK G 2807 -45.73 94.50 -73.38
CA UNK G 2807 -46.32 94.43 -74.71
C UNK G 2807 -45.24 94.56 -75.77
N UNK G 2808 -45.13 95.76 -76.36
CA UNK G 2808 -44.12 96.12 -77.35
C UNK G 2808 -44.07 95.21 -78.59
N UNK G 2809 -45.22 94.64 -78.95
CA UNK G 2809 -45.33 93.76 -80.10
C UNK G 2809 -46.76 93.73 -80.59
N UNK G 2810 -47.68 94.19 -79.75
CA UNK G 2810 -49.09 94.27 -80.10
C UNK G 2810 -49.32 95.38 -81.10
N UNK G 2811 -48.46 96.39 -81.06
CA UNK G 2811 -48.51 97.49 -82.02
C UNK G 2811 -48.04 97.01 -83.39
N UNK G 2812 -47.12 96.06 -83.38
CA UNK G 2812 -46.60 95.48 -84.62
C UNK G 2812 -47.64 94.57 -85.27
N UNK G 2813 -48.35 93.81 -84.44
CA UNK G 2813 -49.39 92.91 -84.92
C UNK G 2813 -50.62 93.70 -85.32
N UNK G 2814 -51.06 94.60 -84.44
CA UNK G 2814 -52.23 95.43 -84.70
C UNK G 2814 -51.83 96.91 -84.75
N UNK G 2815 -51.82 97.49 -85.94
CA UNK G 2815 -51.39 98.86 -86.12
C UNK G 2815 -52.50 99.85 -85.76
N UNK G 2816 -52.72 100.04 -84.46
CA UNK G 2816 -53.66 101.04 -83.99
C UNK G 2816 -52.94 102.36 -83.77
N UNK G 2817 -53.46 103.42 -84.38
CA UNK G 2817 -52.82 104.72 -84.31
C UNK G 2817 -53.27 105.49 -83.06
N UNK G 2818 -54.19 104.91 -82.30
CA UNK G 2818 -54.67 105.51 -81.06
C UNK G 2818 -53.57 105.50 -80.02
N UNK G 2819 -52.74 104.47 -80.06
CA UNK G 2819 -51.58 104.36 -79.19
C UNK G 2819 -50.50 105.34 -79.63
N UNK G 2820 -50.44 105.57 -80.95
CA UNK G 2820 -49.50 106.52 -81.51
C UNK G 2820 -49.93 107.94 -81.17
N UNK G 2821 -51.24 108.14 -81.05
CA UNK G 2821 -51.80 109.43 -80.69
C UNK G 2821 -51.61 109.70 -79.20
N UNK G 2822 -51.47 108.63 -78.42
CA UNK G 2822 -51.30 108.74 -76.98
C UNK G 2822 -49.88 109.15 -76.61
N UNK G 2823 -48.96 109.02 -77.55
CA UNK G 2823 -47.56 109.37 -77.34
C UNK G 2823 -47.40 110.88 -77.17
N UNK G 2824 -48.00 111.62 -78.08
CA UNK G 2824 -47.95 113.08 -78.02
C UNK G 2824 -48.93 113.60 -76.96
N UNK G 2825 -49.96 112.81 -76.69
CA UNK G 2825 -50.94 113.15 -75.67
C UNK G 2825 -50.32 113.07 -74.29
N UNK G 2826 -49.39 112.12 -74.13
CA UNK G 2826 -48.62 112.00 -72.91
C UNK G 2826 -47.53 113.07 -72.88
N UNK G 2827 -47.06 113.47 -74.05
CA UNK G 2827 -46.03 114.47 -74.16
C UNK G 2827 -46.58 115.86 -73.87
N UNK G 2828 -47.87 116.04 -74.15
CA UNK G 2828 -48.55 117.31 -73.92
C UNK G 2828 -48.74 117.57 -72.42
N UNK G 2829 -48.98 116.49 -71.68
CA UNK G 2829 -49.10 116.58 -70.23
C UNK G 2829 -47.69 116.72 -69.63
N UNK G 2830 -46.71 116.20 -70.35
CA UNK G 2830 -45.31 116.32 -69.95
C UNK G 2830 -44.79 117.70 -70.32
N UNK G 2831 -45.47 118.34 -71.27
CA UNK G 2831 -45.12 119.70 -71.69
C UNK G 2831 -45.50 120.69 -70.60
N UNK G 2832 -46.51 120.33 -69.81
CA UNK G 2832 -46.92 121.15 -68.68
C UNK G 2832 -45.87 121.06 -67.57
N UNK G 2833 -45.21 119.91 -67.49
CA UNK G 2833 -44.17 119.69 -66.51
C UNK G 2833 -42.79 119.89 -67.12
N UNK G 2834 -42.76 120.34 -68.37
CA UNK G 2834 -41.50 120.59 -69.06
C UNK G 2834 -40.82 121.81 -68.47
N UNK G 2835 -41.63 122.79 -68.08
CA UNK G 2835 -41.12 123.98 -67.44
C UNK G 2835 -41.51 123.97 -65.96
N UNK G 2836 -41.89 122.80 -65.46
CA UNK G 2836 -42.31 122.66 -64.08
C UNK G 2836 -41.67 121.45 -63.40
N UNK G 2837 -42.24 120.27 -63.66
CA UNK G 2837 -41.82 118.99 -63.08
C UNK G 2837 -41.80 119.00 -61.55
N UNK G 2838 -42.96 119.27 -60.95
CA UNK G 2838 -43.06 119.34 -59.50
C UNK G 2838 -43.36 117.97 -58.90
N UNK G 2839 -43.67 117.01 -59.76
CA UNK G 2839 -44.00 115.65 -59.31
C UNK G 2839 -42.76 114.76 -59.27
N UNK G 2840 -42.96 113.47 -59.48
CA UNK G 2840 -41.86 112.52 -59.48
C UNK G 2840 -41.11 112.58 -60.80
N UNK G 2841 -39.79 112.34 -60.74
CA UNK G 2841 -38.95 112.41 -61.93
C UNK G 2841 -38.87 111.05 -62.63
N UNK G 2842 -39.51 110.05 -62.04
CA UNK G 2842 -39.49 108.69 -62.59
C UNK G 2842 -40.44 108.56 -63.78
N UNK G 2843 -41.38 109.50 -63.89
CA UNK G 2843 -42.33 109.52 -64.99
C UNK G 2843 -41.64 109.94 -66.28
N UNK G 2844 -40.53 110.66 -66.15
CA UNK G 2844 -39.72 111.06 -67.29
C UNK G 2844 -39.02 109.85 -67.90
N UNK G 2845 -38.69 108.88 -67.04
CA UNK G 2845 -38.08 107.65 -67.50
C UNK G 2845 -39.11 106.78 -68.23
N UNK G 2846 -40.37 106.96 -67.88
CA UNK G 2846 -41.46 106.22 -68.48
C UNK G 2846 -41.75 106.71 -69.91
N UNK G 2847 -41.30 107.92 -70.22
CA UNK G 2847 -41.46 108.49 -71.55
C UNK G 2847 -40.58 107.75 -72.56
N UNK G 2848 -39.41 107.33 -72.11
CA UNK G 2848 -38.50 106.56 -72.95
C UNK G 2848 -39.02 105.14 -73.12
N UNK G 2849 -39.78 104.68 -72.14
CA UNK G 2849 -40.38 103.35 -72.18
C UNK G 2849 -41.50 103.31 -73.20
N UNK G 2850 -42.22 104.42 -73.33
CA UNK G 2850 -43.34 104.51 -74.25
C UNK G 2850 -42.89 104.85 -75.66
N UNK G 2851 -41.68 105.42 -75.76
CA UNK G 2851 -41.15 105.83 -77.05
C UNK G 2851 -40.64 104.65 -77.87
N UNK G 2852 -40.33 103.55 -77.18
CA UNK G 2852 -39.77 102.38 -77.83
C UNK G 2852 -40.82 101.59 -78.62
N UNK G 2853 -42.08 101.74 -78.22
CA UNK G 2853 -43.16 100.97 -78.84
C UNK G 2853 -43.48 101.46 -80.25
N UNK G 2854 -43.43 102.77 -80.46
CA UNK G 2854 -43.73 103.35 -81.77
C UNK G 2854 -42.58 103.11 -82.74
N UNK G 2855 -41.35 103.22 -82.23
CA UNK G 2855 -40.16 103.04 -83.05
C UNK G 2855 -38.99 102.55 -82.20
N UNK G 2856 -46.97 108.55 -93.40
CA UNK G 2856 -47.82 107.42 -93.69
C UNK G 2856 -49.27 107.71 -93.32
N UNK G 2857 -50.12 106.68 -93.36
CA UNK G 2857 -51.50 106.81 -92.93
C UNK G 2857 -51.54 106.91 -91.41
N UNK G 2858 -50.62 106.23 -90.76
CA UNK G 2858 -50.47 106.31 -89.31
C UNK G 2858 -49.77 107.62 -88.95
N UNK G 2859 -48.78 108.00 -89.76
CA UNK G 2859 -48.05 109.24 -89.54
C UNK G 2859 -48.64 110.35 -90.40
N UNK G 2860 -49.93 110.62 -90.20
CA UNK G 2860 -50.63 111.63 -90.99
C UNK G 2860 -50.78 112.94 -90.22
N UNK G 2861 -52.00 113.22 -89.77
CA UNK G 2861 -52.28 114.45 -89.06
C UNK G 2861 -51.90 114.34 -87.58
N UNK G 2862 -50.70 114.79 -87.24
CA UNK G 2862 -50.22 114.73 -85.87
C UNK G 2862 -49.34 115.94 -85.56
N UNK G 2863 -48.23 116.06 -86.29
CA UNK G 2863 -47.23 117.12 -86.14
C UNK G 2863 -46.68 117.22 -84.73
N UNK G 2864 -46.43 116.06 -84.12
CA UNK G 2864 -45.91 116.00 -82.76
C UNK G 2864 -44.46 116.47 -82.70
N UNK G 2865 -43.69 116.10 -83.72
CA UNK G 2865 -42.30 116.51 -83.82
C UNK G 2865 -42.23 117.99 -84.17
N UNK G 2866 -43.24 118.46 -84.91
CA UNK G 2866 -43.38 119.87 -85.21
C UNK G 2866 -43.79 120.61 -83.95
N UNK G 2867 -44.54 119.93 -83.09
CA UNK G 2867 -44.91 120.47 -81.79
C UNK G 2867 -43.71 120.40 -80.84
N UNK G 2868 -42.82 119.45 -81.11
CA UNK G 2868 -41.60 119.30 -80.31
C UNK G 2868 -40.47 120.14 -80.92
N UNK G 2869 -40.73 120.72 -82.08
CA UNK G 2869 -39.75 121.56 -82.76
C UNK G 2869 -39.61 122.91 -82.05
N UNK G 2870 -40.67 123.31 -81.36
CA UNK G 2870 -40.67 124.55 -80.59
C UNK G 2870 -39.75 124.42 -79.38
N UNK G 2871 -39.79 123.24 -78.75
CA UNK G 2871 -38.89 122.94 -77.64
C UNK G 2871 -37.48 122.74 -78.18
N UNK G 2872 -37.39 122.27 -79.43
CA UNK G 2872 -36.11 122.11 -80.10
C UNK G 2872 -35.55 123.48 -80.47
N UNK G 2873 -36.44 124.44 -80.70
CA UNK G 2873 -36.05 125.81 -80.95
C UNK G 2873 -35.77 126.52 -79.63
N UNK G 2874 -36.32 125.97 -78.55
CA UNK G 2874 -36.10 126.52 -77.21
C UNK G 2874 -34.75 126.08 -76.66
N UNK G 2875 -34.14 125.10 -77.31
CA UNK G 2875 -32.81 124.64 -76.96
C UNK G 2875 -31.78 125.71 -77.30
N UNK G 2876 -32.01 126.40 -78.42
CA UNK G 2876 -31.16 127.51 -78.80
C UNK G 2876 -31.44 128.71 -77.89
N UNK G 2877 -32.68 128.78 -77.40
CA UNK G 2877 -33.06 129.80 -76.44
C UNK G 2877 -32.42 129.49 -75.09
N UNK G 2878 -32.29 128.20 -74.79
CA UNK G 2878 -31.58 127.76 -73.60
C UNK G 2878 -30.09 127.97 -73.81
N UNK G 2879 -29.65 127.83 -75.05
CA UNK G 2879 -28.26 128.10 -75.41
C UNK G 2879 -27.99 129.60 -75.37
N UNK G 2880 -29.02 130.38 -75.63
CA UNK G 2880 -28.94 131.83 -75.53
C UNK G 2880 -28.78 132.25 -74.07
N UNK G 2881 -29.43 131.50 -73.18
CA UNK G 2881 -29.28 131.73 -71.75
C UNK G 2881 -27.92 131.21 -71.29
N UNK G 2882 -27.43 130.19 -71.96
CA UNK G 2882 -26.14 129.61 -71.65
C UNK G 2882 -25.00 130.47 -72.19
N UNK G 2883 -25.29 131.25 -73.23
CA UNK G 2883 -24.30 132.13 -73.82
C UNK G 2883 -24.14 133.39 -72.98
N UNK G 2884 -25.16 133.72 -72.20
CA UNK G 2884 -25.12 134.90 -71.34
C UNK G 2884 -24.66 134.52 -69.94
N UNK G 2885 -24.54 133.22 -69.70
CA UNK G 2885 -24.11 132.73 -68.40
C UNK G 2885 -22.61 132.92 -68.21
N UNK G 2886 -37.40 126.63 -68.58
CA UNK G 2886 -36.67 126.22 -69.78
C UNK G 2886 -35.35 125.57 -69.42
N UNK G 2887 -35.35 124.81 -68.32
CA UNK G 2887 -34.15 124.12 -67.87
C UNK G 2887 -34.48 122.68 -67.46
N UNK G 2888 -35.73 122.45 -67.10
CA UNK G 2888 -36.18 121.13 -66.70
C UNK G 2888 -36.44 120.27 -67.93
N UNK G 2889 -36.71 120.92 -69.05
CA UNK G 2889 -36.91 120.23 -70.32
C UNK G 2889 -35.62 120.24 -71.14
N UNK G 2890 -34.52 120.57 -70.48
CA UNK G 2890 -33.22 120.64 -71.15
C UNK G 2890 -32.43 119.36 -70.92
N UNK G 2891 -32.96 118.48 -70.08
CA UNK G 2891 -32.29 117.22 -69.76
C UNK G 2891 -33.10 116.03 -70.24
N UNK G 2892 -34.40 116.05 -69.95
CA UNK G 2892 -35.29 114.94 -70.28
C UNK G 2892 -35.57 114.88 -71.78
N UNK G 2893 -35.86 116.04 -72.36
CA UNK G 2893 -36.17 116.11 -73.79
C UNK G 2893 -34.93 115.88 -74.63
N UNK G 2894 -33.77 116.22 -74.09
CA UNK G 2894 -32.49 115.97 -74.74
C UNK G 2894 -32.21 114.48 -74.76
N UNK G 2895 -32.60 113.81 -73.68
CA UNK G 2895 -32.43 112.37 -73.56
C UNK G 2895 -33.44 111.64 -74.45
N UNK G 2896 -34.63 112.22 -74.56
CA UNK G 2896 -35.68 111.63 -75.38
C UNK G 2896 -35.39 111.83 -76.87
N UNK G 2897 -34.62 112.86 -77.18
CA UNK G 2897 -34.27 113.17 -78.56
C UNK G 2897 -33.29 112.14 -79.12
N UNK G 2898 -32.31 111.77 -78.31
CA UNK G 2898 -31.30 110.80 -78.71
C UNK G 2898 -31.91 109.41 -78.85
N UNK G 2899 -32.89 109.12 -78.00
CA UNK G 2899 -33.56 107.83 -78.02
C UNK G 2899 -34.44 107.69 -79.25
N UNK G 2900 -35.13 108.78 -79.59
CA UNK G 2900 -36.03 108.79 -80.74
C UNK G 2900 -35.22 108.79 -82.04
N UNK G 2901 -34.04 109.39 -82.00
CA UNK G 2901 -33.16 109.42 -83.16
C UNK G 2901 -32.54 108.05 -83.38
N UNK G 2902 -32.39 107.30 -82.29
CA UNK G 2902 -31.87 105.94 -82.37
C UNK G 2902 -33.01 104.96 -82.61
N UNK G 2903 -34.24 105.45 -82.50
CA UNK G 2903 -35.42 104.62 -82.71
C UNK G 2903 -35.75 104.49 -84.19
N UNK G 2904 -35.06 105.26 -85.03
CA UNK G 2904 -35.26 105.21 -86.47
C UNK G 2904 -34.32 104.23 -87.14
N UNK G 2905 -34.05 103.10 -86.47
CA UNK G 2905 -33.18 102.08 -87.01
C UNK G 2905 -33.99 101.04 -87.78
N UNK G 2906 -35.30 101.24 -87.82
CA UNK G 2906 -36.19 100.34 -88.53
C UNK G 2906 -37.24 101.14 -89.31
N UNK G 2907 -37.70 102.23 -88.71
CA UNK G 2907 -38.73 103.07 -89.31
C UNK G 2907 -38.14 104.38 -89.83
N UNK G 2908 -38.87 105.02 -90.73
CA UNK G 2908 -38.45 106.30 -91.29
C UNK G 2908 -39.65 107.12 -91.73
N UNK G 2909 -39.41 108.37 -92.12
CA UNK G 2909 -40.48 109.26 -92.56
C UNK G 2909 -40.09 109.97 -93.85
N UNK G 2910 -40.81 111.05 -94.15
CA UNK G 2910 -40.56 111.82 -95.36
C UNK G 2910 -40.04 113.21 -95.02
N UNK G 2911 -39.98 113.50 -93.72
CA UNK G 2911 -39.54 114.78 -93.14
C UNK G 2911 -40.32 115.97 -93.70
N UNK G 2912 -41.64 115.81 -93.78
CA UNK G 2912 -42.52 116.86 -94.27
C UNK G 2912 -42.55 118.01 -93.28
N UNK G 2913 -41.88 119.10 -93.64
CA UNK G 2913 -41.72 120.31 -92.81
C UNK G 2913 -41.12 120.02 -91.44
N UNK G 2914 -40.22 119.05 -91.39
CA UNK G 2914 -39.57 118.68 -90.14
C UNK G 2914 -38.07 118.63 -90.36
N UNK G 2915 -37.67 118.55 -91.62
CA UNK G 2915 -36.26 118.55 -91.99
C UNK G 2915 -35.65 119.91 -91.72
N UNK G 2916 -36.41 120.96 -92.05
CA UNK G 2916 -35.99 122.32 -91.77
C UNK G 2916 -36.10 122.62 -90.29
N UNK G 2917 -37.06 121.95 -89.65
CA UNK G 2917 -37.24 122.07 -88.20
C UNK G 2917 -36.09 121.40 -87.48
N UNK G 2918 -35.52 120.37 -88.11
CA UNK G 2918 -34.37 119.68 -87.56
C UNK G 2918 -33.09 120.45 -87.88
N UNK G 2919 -33.01 121.00 -89.09
CA UNK G 2919 -31.82 121.71 -89.55
C UNK G 2919 -31.59 123.00 -88.78
N UNK G 2920 -32.66 123.59 -88.28
CA UNK G 2920 -32.58 124.78 -87.44
C UNK G 2920 -31.96 124.41 -86.10
N UNK G 2921 -32.37 123.26 -85.56
CA UNK G 2921 -31.81 122.77 -84.30
C UNK G 2921 -30.42 122.21 -84.53
N UNK G 2922 -30.17 121.73 -85.75
CA UNK G 2922 -28.86 121.19 -86.12
C UNK G 2922 -27.84 122.32 -86.23
N UNK G 2923 -28.27 123.44 -86.78
CA UNK G 2923 -27.41 124.61 -86.91
C UNK G 2923 -27.19 125.24 -85.54
N UNK G 2924 -28.19 125.12 -84.68
CA UNK G 2924 -28.10 125.63 -83.31
C UNK G 2924 -27.13 124.80 -82.49
N UNK G 2925 -27.05 123.51 -82.82
CA UNK G 2925 -26.13 122.61 -82.13
C UNK G 2925 -24.72 122.73 -82.68
N UNK G 2926 -24.63 122.98 -83.99
CA UNK G 2926 -23.34 123.10 -84.65
C UNK G 2926 -22.63 124.39 -84.25
N UNK G 2927 -23.41 125.44 -84.04
CA UNK G 2927 -22.86 126.73 -83.63
C UNK G 2927 -22.48 126.71 -82.16
N UNK G 2928 -23.12 125.84 -81.39
CA UNK G 2928 -22.86 125.74 -79.96
C UNK G 2928 -21.85 124.64 -79.65
N UNK G 2929 -21.08 124.26 -80.65
CA UNK G 2929 -20.05 123.23 -80.47
C UNK G 2929 -18.82 123.80 -79.78
N UNK G 2930 -18.59 125.10 -79.97
CA UNK G 2930 -17.41 125.75 -79.41
C UNK G 2930 -17.75 126.94 -78.54
N UNK G 2931 -18.98 126.98 -78.04
CA UNK G 2931 -19.42 128.07 -77.18
C UNK G 2931 -18.80 127.95 -75.79
N UNK G 2932 -18.08 128.98 -75.37
CA UNK G 2932 -17.41 128.97 -74.07
C UNK G 2932 -18.37 129.29 -72.94
N UNK G 2933 -17.88 129.15 -71.71
CA UNK G 2933 -18.63 129.37 -70.45
C UNK G 2933 -19.92 128.54 -70.39
N UNK G 2934 -19.85 127.32 -70.90
CA UNK G 2934 -21.01 126.44 -70.94
C UNK G 2934 -20.56 124.98 -70.90
N UNK G 2935 -19.87 124.61 -69.83
CA UNK G 2935 -19.44 123.22 -69.65
C UNK G 2935 -20.55 122.41 -69.01
N UNK G 2936 -20.23 121.72 -67.91
CA UNK G 2936 -21.15 120.87 -67.15
C UNK G 2936 -21.85 119.82 -68.02
N UNK G 2937 -21.06 118.84 -68.48
CA UNK G 2937 -21.50 117.72 -69.34
C UNK G 2937 -22.17 118.18 -70.64
N UNK G 2938 -21.36 118.30 -71.69
CA UNK G 2938 -21.88 118.60 -73.02
C UNK G 2938 -22.11 117.30 -73.77
N UNK G 2939 -22.94 116.44 -73.19
CA UNK G 2939 -23.17 115.10 -73.74
C UNK G 2939 -24.45 115.05 -74.56
N UNK G 2940 -24.79 116.15 -75.20
CA UNK G 2940 -25.96 116.21 -76.07
C UNK G 2940 -25.53 116.00 -77.52
N UNK G 2941 -24.25 115.70 -77.71
CA UNK G 2941 -23.69 115.49 -79.04
C UNK G 2941 -24.16 114.17 -79.64
N UNK G 2942 -24.55 113.24 -78.76
CA UNK G 2942 -25.03 111.94 -79.18
C UNK G 2942 -26.45 112.04 -79.74
N UNK G 2943 -27.16 113.09 -79.34
CA UNK G 2943 -28.51 113.34 -79.84
C UNK G 2943 -28.48 113.74 -81.31
N UNK G 2944 -27.39 114.39 -81.70
CA UNK G 2944 -27.19 114.78 -83.10
C UNK G 2944 -26.49 113.64 -83.85
N UNK G 2945 -25.70 112.86 -83.12
CA UNK G 2945 -24.97 111.74 -83.70
C UNK G 2945 -25.92 110.60 -84.07
N UNK G 2946 -26.97 110.44 -83.27
CA UNK G 2946 -27.98 109.43 -83.54
C UNK G 2946 -28.96 109.95 -84.58
N UNK G 2947 -29.02 111.26 -84.72
CA UNK G 2947 -29.87 111.89 -85.72
C UNK G 2947 -29.07 112.20 -86.98
N UNK G 2948 -27.82 111.75 -87.00
CA UNK G 2948 -26.96 111.95 -88.16
C UNK G 2948 -27.26 110.90 -89.23
N UNK G 2949 -27.98 109.86 -88.84
CA UNK G 2949 -28.42 108.82 -89.76
C UNK G 2949 -29.86 109.05 -90.19
N UNK G 2950 -30.19 110.32 -90.49
CA UNK G 2950 -31.55 110.67 -90.87
C UNK G 2950 -31.77 110.45 -92.37
N UNK G 2951 -32.42 111.41 -93.03
CA UNK G 2951 -32.66 111.33 -94.46
C UNK G 2951 -31.36 111.55 -95.22
N UNK G 2952 -31.05 112.81 -95.51
CA UNK G 2952 -29.83 113.15 -96.22
C UNK G 2952 -29.30 114.51 -95.73
N UNK G 2953 -25.92 127.26 -92.84
CA UNK G 2953 -26.86 126.85 -93.88
C UNK G 2953 -26.31 127.15 -95.27
N UNK G 2954 -25.82 126.12 -95.94
CA UNK G 2954 -25.25 126.29 -97.28
C UNK G 2954 -26.34 126.49 -98.33
N UNK G 2955 -26.86 125.39 -98.86
CA UNK G 2955 -27.89 125.46 -99.89
C UNK G 2955 -29.28 125.28 -99.29
N UNK G 2956 -29.45 125.73 -98.05
CA UNK G 2956 -30.74 125.64 -97.37
C UNK G 2956 -31.56 126.89 -97.67
N UNK G 2957 -30.93 127.88 -98.29
CA UNK G 2957 -31.60 129.12 -98.64
C UNK G 2957 -32.34 128.99 -99.95
N UNK G 2958 -32.01 127.94 -100.71
CA UNK G 2958 -32.67 127.69 -101.99
C UNK G 2958 -33.77 126.64 -101.83
N UNK G 2959 -34.32 126.54 -100.63
CA UNK G 2959 -35.36 125.56 -100.33
C UNK G 2959 -36.29 126.07 -99.24
N UNK G 2960 -36.09 127.32 -98.85
CA UNK G 2960 -36.88 127.92 -97.77
C UNK G 2960 -38.30 128.21 -98.23
N UNK G 2961 -38.50 129.38 -98.82
CA UNK G 2961 -39.82 129.79 -99.29
C UNK G 2961 -40.09 129.25 -100.68
N UNK G 2962 -39.05 128.77 -101.35
CA UNK G 2962 -39.17 128.21 -102.69
C UNK G 2962 -39.94 126.90 -102.66
N UNK G 2963 -39.64 126.08 -101.65
CA UNK G 2963 -40.34 124.82 -101.46
C UNK G 2963 -41.69 125.08 -100.78
N UNK G 2964 -41.79 126.22 -100.11
CA UNK G 2964 -43.04 126.59 -99.44
C UNK G 2964 -44.05 127.11 -100.46
N UNK G 2965 -43.54 127.74 -101.52
CA UNK G 2965 -44.40 128.24 -102.58
C UNK G 2965 -44.64 127.15 -103.62
N UNK G 2966 -43.60 126.84 -104.38
CA UNK G 2966 -43.69 125.83 -105.44
C UNK G 2966 -43.73 124.42 -104.85
N UNK G 2967 -39.67 117.41 -103.07
CA UNK G 2967 -38.77 118.08 -102.15
C UNK G 2967 -37.75 118.92 -102.91
N UNK G 2968 -37.27 119.98 -102.27
CA UNK G 2968 -36.29 120.86 -102.88
C UNK G 2968 -34.88 120.46 -102.44
N UNK G 2969 -34.41 119.32 -102.94
CA UNK G 2969 -33.07 118.83 -102.63
C UNK G 2969 -32.50 118.06 -103.81
N UNK G 2970 -31.19 118.13 -103.99
CA UNK G 2970 -30.53 117.46 -105.11
C UNK G 2970 -29.41 116.56 -104.64
N UNK G 2971 -28.37 116.46 -105.46
CA UNK G 2971 -27.22 115.61 -105.14
C UNK G 2971 -26.12 116.41 -104.44
N UNK G 2972 -26.46 117.62 -104.01
CA UNK G 2972 -25.53 118.46 -103.29
C UNK G 2972 -26.22 119.12 -102.10
N UNK G 2973 -26.83 118.29 -101.26
CA UNK G 2973 -27.53 118.77 -100.08
C UNK G 2973 -26.61 118.75 -98.87
N UNK G 2974 -26.64 117.67 -98.11
CA UNK G 2974 -25.79 117.51 -96.95
C UNK G 2974 -24.40 117.06 -97.37
N UNK G 2975 -24.29 116.59 -98.60
CA UNK G 2975 -23.01 116.16 -99.16
C UNK G 2975 -22.19 117.37 -99.61
N UNK G 2976 -22.85 118.52 -99.75
CA UNK G 2976 -22.18 119.76 -100.14
C UNK G 2976 -21.33 120.28 -99.00
N UNK G 2977 -21.77 120.04 -97.77
CA UNK G 2977 -21.02 120.49 -96.59
C UNK G 2977 -20.20 119.35 -96.01
N UNK G 2978 -20.21 118.21 -96.69
CA UNK G 2978 -19.47 117.04 -96.24
C UNK G 2978 -17.98 117.18 -96.53
N UNK G 2979 -17.65 117.83 -97.65
CA UNK G 2979 -16.26 118.04 -98.03
C UNK G 2979 -15.65 119.16 -97.19
N UNK G 2980 -16.50 120.04 -96.67
CA UNK G 2980 -16.07 121.11 -95.78
C UNK G 2980 -15.66 120.53 -94.44
N UNK G 2981 -16.32 119.43 -94.06
CA UNK G 2981 -15.99 118.73 -92.82
C UNK G 2981 -14.76 117.86 -93.04
N UNK G 2982 -14.51 117.49 -94.30
CA UNK G 2982 -13.36 116.66 -94.65
C UNK G 2982 -12.08 117.47 -94.48
N UNK G 2983 -12.16 118.77 -94.76
CA UNK G 2983 -11.05 119.67 -94.54
C UNK G 2983 -10.94 119.99 -93.07
N UNK G 2984 -12.07 119.95 -92.37
CA UNK G 2984 -12.12 120.21 -90.95
C UNK G 2984 -11.55 119.03 -90.15
N UNK G 2985 -11.70 117.83 -90.70
CA UNK G 2985 -11.19 116.63 -90.05
C UNK G 2985 -9.71 116.45 -90.36
N UNK G 2986 -9.25 117.08 -91.45
CA UNK G 2986 -7.86 116.97 -91.86
C UNK G 2986 -6.97 117.91 -91.05
N UNK G 2987 -7.60 118.83 -90.33
CA UNK G 2987 -6.89 119.80 -89.50
C UNK G 2987 -6.28 119.12 -88.27
N UNK G 2988 -7.10 118.37 -87.55
CA UNK G 2988 -6.64 117.69 -86.33
C UNK G 2988 -6.05 116.32 -86.65
N UNK G 2989 -6.04 115.96 -87.93
CA UNK G 2989 -5.45 114.69 -88.37
C UNK G 2989 -3.93 114.73 -88.24
N UNK G 2990 -3.35 115.89 -88.50
CA UNK G 2990 -1.91 116.07 -88.37
C UNK G 2990 -1.58 116.76 -87.05
N UNK G 2991 -2.42 117.72 -86.67
CA UNK G 2991 -2.21 118.46 -85.43
C UNK G 2991 -2.61 117.61 -84.23
N UNK G 2992 -1.63 117.33 -83.37
CA UNK G 2992 -1.88 116.55 -82.17
C UNK G 2992 -2.52 117.42 -81.09
N UNK G 2993 -3.82 117.64 -81.22
CA UNK G 2993 -4.56 118.42 -80.23
C UNK G 2993 -4.77 117.59 -78.97
N UNK G 2994 -3.78 117.59 -78.09
CA UNK G 2994 -3.84 116.80 -76.87
C UNK G 2994 -4.73 117.46 -75.83
N UNK G 2995 -4.98 118.77 -76.00
CA UNK G 2995 -5.86 119.50 -75.12
C UNK G 2995 -7.31 119.08 -75.35
N UNK G 2996 -8.04 118.83 -74.26
CA UNK G 2996 -9.43 118.42 -74.34
C UNK G 2996 -10.31 119.60 -74.74
N UNK G 2997 -9.85 120.80 -74.46
CA UNK G 2997 -10.56 122.02 -74.86
C UNK G 2997 -10.44 122.22 -76.37
N UNK G 2998 -9.34 121.74 -76.94
CA UNK G 2998 -9.12 121.82 -78.38
C UNK G 2998 -9.97 120.77 -79.09
N UNK G 2999 -10.25 119.68 -78.38
CA UNK G 2999 -11.06 118.59 -78.94
C UNK G 2999 -12.49 118.67 -78.43
N UNK G 3000 -12.82 119.78 -77.77
CA UNK G 3000 -14.16 119.98 -77.23
C UNK G 3000 -15.14 120.27 -78.35
N UNK G 3001 -14.65 120.89 -79.42
CA UNK G 3001 -15.47 121.17 -80.59
C UNK G 3001 -15.02 120.29 -81.76
N UNK G 3002 -14.10 119.39 -81.48
CA UNK G 3002 -13.56 118.51 -82.51
C UNK G 3002 -13.95 117.07 -82.28
N UNK G 3003 -13.48 116.49 -81.18
CA UNK G 3003 -13.74 115.09 -80.86
C UNK G 3003 -15.21 114.87 -80.47
N UNK G 3004 -15.80 115.88 -79.83
CA UNK G 3004 -17.21 115.80 -79.45
C UNK G 3004 -18.10 115.98 -80.67
N UNK G 3005 -17.57 116.67 -81.68
CA UNK G 3005 -18.29 116.90 -82.92
C UNK G 3005 -18.00 115.79 -83.92
N UNK G 3006 -17.04 114.94 -83.59
CA UNK G 3006 -16.65 113.83 -84.47
C UNK G 3006 -17.63 112.67 -84.34
N UNK G 3007 -18.44 112.68 -83.30
CA UNK G 3007 -19.42 111.64 -83.06
C UNK G 3007 -20.55 111.72 -84.07
N UNK G 3008 -20.90 112.93 -84.47
CA UNK G 3008 -21.92 113.15 -85.48
C UNK G 3008 -21.37 112.86 -86.87
N UNK G 3009 -20.05 112.95 -86.99
CA UNK G 3009 -19.37 112.71 -88.27
C UNK G 3009 -19.02 111.23 -88.43
N UNK G 3010 -19.41 110.42 -87.45
CA UNK G 3010 -19.16 108.99 -87.49
C UNK G 3010 -20.18 108.27 -88.35
N UNK G 3011 -21.27 108.95 -88.68
CA UNK G 3011 -22.31 108.38 -89.51
C UNK G 3011 -22.05 108.65 -90.99
N UNK G 3012 -20.89 108.23 -91.47
CA UNK G 3012 -20.51 108.44 -92.86
C UNK G 3012 -21.21 107.46 -93.77
N UNK G 3013 -21.17 106.19 -93.40
CA UNK G 3013 -21.81 105.13 -94.18
C UNK G 3013 -23.31 105.15 -93.96
N UNK G 3014 -23.74 105.74 -92.85
CA UNK G 3014 -25.15 105.91 -92.55
C UNK G 3014 -25.74 107.00 -93.43
N UNK G 3015 -24.93 108.03 -93.70
CA UNK G 3015 -25.33 109.09 -94.61
C UNK G 3015 -25.21 108.59 -96.04
N UNK G 3016 -24.32 107.62 -96.26
CA UNK G 3016 -24.17 107.00 -97.57
C UNK G 3016 -25.21 105.91 -97.75
N UNK G 3017 -25.30 105.40 -98.97
CA UNK G 3017 -26.19 104.28 -99.26
C UNK G 3017 -25.43 102.99 -98.98
N UNK G 3018 -24.46 102.69 -99.83
CA UNK G 3018 -23.60 101.53 -99.66
C UNK G 3018 -22.23 101.98 -99.16
N UNK G 3019 -21.18 101.48 -99.82
CA UNK G 3019 -19.81 101.85 -99.46
C UNK G 3019 -19.11 102.53 -100.62
N UNK G 3020 -19.79 103.50 -101.22
CA UNK G 3020 -19.24 104.24 -102.36
C UNK G 3020 -18.13 105.20 -101.92
N UNK G 3021 -18.44 106.02 -100.92
CA UNK G 3021 -17.46 106.97 -100.40
C UNK G 3021 -16.86 106.44 -99.10
N UNK G 3022 -16.54 105.16 -99.08
CA UNK G 3022 -16.01 104.52 -97.88
C UNK G 3022 -14.50 104.66 -97.79
N UNK G 3023 -13.89 105.20 -98.84
CA UNK G 3023 -12.45 105.42 -98.86
C UNK G 3023 -12.06 106.54 -97.91
N UNK G 3024 -12.95 107.51 -97.77
CA UNK G 3024 -12.74 108.62 -96.85
C UNK G 3024 -12.91 108.14 -95.41
N UNK G 3025 -13.78 107.17 -95.22
CA UNK G 3025 -14.02 106.59 -93.90
C UNK G 3025 -12.91 105.60 -93.56
N UNK G 3026 -12.19 105.14 -94.57
CA UNK G 3026 -11.10 104.20 -94.38
C UNK G 3026 -9.89 104.87 -93.73
N UNK G 3027 -9.76 106.17 -93.93
CA UNK G 3027 -8.64 106.92 -93.38
C UNK G 3027 -9.02 107.61 -92.08
N UNK G 3028 -10.33 107.61 -91.77
CA UNK G 3028 -10.83 108.27 -90.58
C UNK G 3028 -10.48 107.51 -89.32
N UNK G 3029 -10.27 106.20 -89.45
CA UNK G 3029 -9.95 105.35 -88.32
C UNK G 3029 -8.51 105.59 -87.85
N UNK G 3030 -7.62 105.80 -88.81
CA UNK G 3030 -6.21 106.04 -88.51
C UNK G 3030 -6.01 107.38 -87.83
N UNK G 3031 -6.85 108.35 -88.20
CA UNK G 3031 -6.83 109.65 -87.56
C UNK G 3031 -7.42 109.53 -86.16
N UNK G 3032 -8.42 108.66 -86.03
CA UNK G 3032 -9.05 108.42 -84.73
C UNK G 3032 -8.09 107.64 -83.83
N UNK G 3033 -7.26 106.81 -84.46
CA UNK G 3033 -6.25 106.06 -83.74
C UNK G 3033 -5.13 106.99 -83.27
N UNK G 3034 -4.82 107.97 -84.11
CA UNK G 3034 -3.77 108.93 -83.81
C UNK G 3034 -4.18 109.88 -82.69
N UNK G 3035 -5.49 110.08 -82.54
CA UNK G 3035 -6.04 110.90 -81.47
C UNK G 3035 -5.83 110.21 -80.13
N UNK G 3036 -5.92 108.87 -80.15
CA UNK G 3036 -5.69 108.07 -78.95
C UNK G 3036 -4.21 107.79 -78.80
N UNK G 3037 -3.44 108.06 -79.85
CA UNK G 3037 -2.00 107.88 -79.83
C UNK G 3037 -1.30 109.18 -79.44
N UNK G 3038 -2.07 110.14 -78.95
CA UNK G 3038 -1.53 111.42 -78.50
C UNK G 3038 -1.21 111.36 -77.01
N UNK G 3039 -1.44 110.19 -76.41
CA UNK G 3039 -1.20 109.91 -74.99
C UNK G 3039 -1.93 110.86 -74.05
N UNK G 3040 -3.17 110.50 -73.71
CA UNK G 3040 -3.99 111.32 -72.82
C UNK G 3040 -3.44 111.29 -71.40
N UNK G 3041 -3.71 112.36 -70.65
CA UNK G 3041 -3.23 112.47 -69.27
C UNK G 3041 -4.07 111.59 -68.35
N UNK G 3042 -5.04 112.19 -67.69
CA UNK G 3042 -5.94 111.46 -66.80
C UNK G 3042 -7.28 111.25 -67.48
N UNK G 3043 -8.30 111.95 -67.00
CA UNK G 3043 -9.65 111.84 -67.56
C UNK G 3043 -9.92 112.96 -68.56
N UNK G 3044 -8.89 113.36 -69.30
CA UNK G 3044 -9.05 114.38 -70.33
C UNK G 3044 -9.72 113.78 -71.55
N UNK G 3045 -9.37 112.55 -71.86
CA UNK G 3045 -9.97 111.82 -72.98
C UNK G 3045 -10.54 110.50 -72.48
N UNK G 3046 -10.25 110.17 -71.24
CA UNK G 3046 -10.78 108.95 -70.63
C UNK G 3046 -12.25 109.15 -70.27
N UNK G 3047 -12.61 110.38 -69.93
CA UNK G 3047 -14.00 110.72 -69.65
C UNK G 3047 -14.76 110.82 -70.97
N UNK G 3048 -14.04 111.20 -72.02
CA UNK G 3048 -14.61 111.27 -73.35
C UNK G 3048 -14.27 110.01 -74.14
N UNK G 3049 -14.53 108.85 -73.54
CA UNK G 3049 -14.26 107.58 -74.19
C UNK G 3049 -15.54 107.01 -74.79
N UNK G 3050 -16.51 107.90 -75.04
CA UNK G 3050 -17.78 107.51 -75.64
C UNK G 3050 -17.65 107.41 -77.15
N UNK G 3051 -16.51 107.88 -77.67
CA UNK G 3051 -16.21 107.77 -79.08
C UNK G 3051 -15.81 106.35 -79.45
N UNK G 3052 -15.41 105.57 -78.44
CA UNK G 3052 -15.05 104.17 -78.64
C UNK G 3052 -16.28 103.34 -78.97
N UNK G 3053 -17.44 103.79 -78.48
CA UNK G 3053 -18.71 103.18 -78.82
C UNK G 3053 -19.05 103.48 -80.27
N UNK G 3054 -18.62 104.65 -80.73
CA UNK G 3054 -18.81 105.06 -82.11
C UNK G 3054 -17.71 104.50 -83.01
N UNK G 3055 -16.67 103.94 -82.39
CA UNK G 3055 -15.55 103.37 -83.12
C UNK G 3055 -15.74 101.88 -83.38
N UNK G 3056 -16.95 101.40 -83.14
CA UNK G 3056 -17.27 100.01 -83.35
C UNK G 3056 -17.74 99.78 -84.79
N UNK G 3057 -18.66 100.63 -85.25
CA UNK G 3057 -19.22 100.51 -86.58
C UNK G 3057 -18.26 101.03 -87.64
N UNK G 3058 -17.31 101.86 -87.21
CA UNK G 3058 -16.34 102.45 -88.12
C UNK G 3058 -15.30 101.43 -88.55
N UNK G 3059 -15.08 100.42 -87.73
CA UNK G 3059 -14.07 99.41 -88.01
C UNK G 3059 -14.67 98.19 -88.73
N UNK G 3060 -15.82 98.39 -89.35
CA UNK G 3060 -16.51 97.29 -90.03
C UNK G 3060 -16.04 97.14 -91.47
N UNK G 3061 -16.25 98.18 -92.28
CA UNK G 3061 -15.91 98.14 -93.70
C UNK G 3061 -14.50 98.65 -93.97
N UNK G 3062 -13.71 98.78 -92.92
CA UNK G 3062 -12.34 99.27 -93.04
C UNK G 3062 -11.43 98.19 -93.62
N UNK G 3063 -10.77 98.52 -94.73
CA UNK G 3063 -9.82 97.61 -95.35
C UNK G 3063 -8.56 97.52 -94.49
N UNK G 3064 -8.46 96.45 -93.71
CA UNK G 3064 -7.37 96.27 -92.77
C UNK G 3064 -6.04 95.99 -93.47
N UNK G 3065 -6.10 95.53 -94.71
CA UNK G 3065 -4.91 95.35 -95.53
C UNK G 3065 -4.40 96.71 -95.96
N UNK G 3066 -5.33 97.63 -96.18
CA UNK G 3066 -4.99 99.01 -96.49
C UNK G 3066 -4.69 99.76 -95.19
N UNK G 3067 -5.24 99.26 -94.10
CA UNK G 3067 -4.99 99.84 -92.78
C UNK G 3067 -3.91 99.06 -92.05
N UNK G 3068 -3.10 98.32 -92.81
CA UNK G 3068 -2.00 97.54 -92.24
C UNK G 3068 -0.89 98.45 -91.73
N UNK G 3069 -0.72 99.58 -92.40
CA UNK G 3069 0.24 100.60 -91.95
C UNK G 3069 -0.28 101.26 -90.68
N UNK G 3070 -1.60 101.42 -90.61
CA UNK G 3070 -2.25 101.91 -89.40
C UNK G 3070 -2.20 100.83 -88.34
N UNK G 3071 -2.25 99.57 -88.77
CA UNK G 3071 -2.08 98.45 -87.86
C UNK G 3071 -0.63 98.34 -87.44
N UNK G 3072 0.28 98.73 -88.32
CA UNK G 3072 1.69 98.82 -87.99
C UNK G 3072 1.91 99.97 -87.03
N UNK G 3073 1.11 101.03 -87.20
CA UNK G 3073 1.11 102.14 -86.27
C UNK G 3073 0.45 101.69 -84.96
N UNK G 3074 -0.52 100.80 -85.08
CA UNK G 3074 -1.16 100.21 -83.90
C UNK G 3074 -0.21 99.22 -83.25
N UNK G 3075 0.64 98.59 -84.05
CA UNK G 3075 1.68 97.71 -83.53
C UNK G 3075 2.70 98.53 -82.78
N UNK G 3076 2.98 99.72 -83.29
CA UNK G 3076 3.88 100.66 -82.63
C UNK G 3076 3.19 101.21 -81.37
N UNK G 3077 1.87 101.35 -81.45
CA UNK G 3077 1.08 101.79 -80.31
C UNK G 3077 1.05 100.68 -79.27
N UNK G 3078 1.05 99.44 -79.74
CA UNK G 3078 1.12 98.29 -78.85
C UNK G 3078 2.52 98.18 -78.28
N UNK G 3079 3.51 98.58 -79.07
CA UNK G 3079 4.91 98.56 -78.65
C UNK G 3079 5.15 99.60 -77.57
N UNK G 3080 4.49 100.75 -77.71
CA UNK G 3080 4.57 101.81 -76.73
C UNK G 3080 3.80 101.41 -75.48
N UNK G 3081 2.74 100.65 -75.67
CA UNK G 3081 1.92 100.17 -74.56
C UNK G 3081 2.67 99.09 -73.79
N UNK G 3082 3.42 98.26 -74.50
CA UNK G 3082 4.19 97.20 -73.87
C UNK G 3082 5.37 97.77 -73.10
N UNK G 3083 5.89 98.88 -73.59
CA UNK G 3083 7.02 99.55 -72.95
C UNK G 3083 6.58 100.30 -71.70
N UNK G 3084 5.45 100.97 -71.79
CA UNK G 3084 4.93 101.78 -70.69
C UNK G 3084 4.42 100.91 -69.54
N UNK G 3085 3.89 99.75 -69.88
CA UNK G 3085 3.40 98.81 -68.89
C UNK G 3085 4.56 98.13 -68.18
N UNK G 3086 5.66 97.96 -68.91
CA UNK G 3086 6.85 97.32 -68.37
C UNK G 3086 7.55 98.22 -67.35
N UNK G 3087 7.40 99.53 -67.52
CA UNK G 3087 7.96 100.50 -66.59
C UNK G 3087 7.18 100.49 -65.29
N UNK G 3088 5.86 100.38 -65.40
CA UNK G 3088 4.99 100.32 -64.23
C UNK G 3088 5.14 98.97 -63.55
N UNK G 3089 5.44 97.94 -64.33
CA UNK G 3089 5.69 96.60 -63.78
C UNK G 3089 7.02 96.60 -63.06
N UNK G 3090 7.98 97.35 -63.58
CA UNK G 3090 9.28 97.50 -62.94
C UNK G 3090 9.15 98.35 -61.67
N UNK G 3091 8.17 99.23 -61.68
CA UNK G 3091 7.85 100.02 -60.49
C UNK G 3091 7.19 99.12 -59.45
N UNK G 3092 6.46 98.12 -59.93
CA UNK G 3092 5.83 97.14 -59.05
C UNK G 3092 6.85 96.09 -58.62
N UNK G 3093 7.87 95.88 -59.45
CA UNK G 3093 8.92 94.90 -59.14
C UNK G 3093 9.86 95.46 -58.09
N UNK G 3094 9.93 96.79 -58.02
CA UNK G 3094 10.78 97.46 -57.04
C UNK G 3094 9.97 97.83 -55.80
N UNK G 3095 9.17 96.88 -55.33
CA UNK G 3095 8.37 97.09 -54.13
C UNK G 3095 9.07 96.46 -52.93
N UNK G 3096 10.37 96.71 -52.83
CA UNK G 3096 11.18 96.18 -51.75
C UNK G 3096 11.16 97.11 -50.54
N UNK G 3097 12.10 96.88 -49.61
CA UNK G 3097 12.28 97.64 -48.38
C UNK G 3097 11.02 97.71 -47.51
N UNK G 3098 10.94 98.73 -46.66
CA UNK G 3098 9.78 98.93 -45.81
C UNK G 3098 9.02 100.17 -46.26
N UNK G 3099 9.29 100.60 -47.49
CA UNK G 3099 8.68 101.80 -48.03
C UNK G 3099 7.23 101.56 -48.42
N UNK G 3100 6.36 102.46 -47.96
CA UNK G 3100 4.95 102.41 -48.31
C UNK G 3100 4.64 103.41 -49.41
N UNK G 3101 5.61 103.63 -50.29
CA UNK G 3101 5.48 104.58 -51.39
C UNK G 3101 5.14 103.87 -52.69
N UNK G 3102 4.70 102.62 -52.59
CA UNK G 3102 4.33 101.85 -53.76
C UNK G 3102 2.82 101.86 -53.94
N UNK G 3103 2.11 102.24 -52.87
CA UNK G 3103 0.65 102.28 -52.90
C UNK G 3103 0.15 103.59 -53.52
N UNK G 3104 1.06 104.53 -53.71
CA UNK G 3104 0.71 105.82 -54.29
C UNK G 3104 1.45 106.06 -55.60
N UNK G 3105 2.25 105.08 -56.00
CA UNK G 3105 3.03 105.20 -57.24
C UNK G 3105 2.64 104.12 -58.24
N UNK G 3106 2.59 102.88 -57.78
CA UNK G 3106 2.30 101.75 -58.66
C UNK G 3106 0.81 101.54 -58.85
N UNK G 3107 0.02 101.98 -57.87
CA UNK G 3107 -1.42 101.79 -57.91
C UNK G 3107 -2.08 102.69 -58.95
N UNK G 3108 -1.51 103.89 -59.12
CA UNK G 3108 -2.03 104.84 -60.09
C UNK G 3108 -1.42 104.60 -61.47
N UNK G 3109 -0.27 103.93 -61.49
CA UNK G 3109 0.42 103.64 -62.73
C UNK G 3109 -0.33 102.59 -63.54
N UNK G 3110 -0.83 101.57 -62.86
CA UNK G 3110 -1.61 100.53 -63.50
C UNK G 3110 -3.00 101.05 -63.83
N UNK G 3111 -3.46 102.02 -63.05
CA UNK G 3111 -4.78 102.62 -63.23
C UNK G 3111 -4.79 103.57 -64.42
N UNK G 3112 -3.61 104.07 -64.78
CA UNK G 3112 -3.48 104.98 -65.92
C UNK G 3112 -3.66 104.21 -67.23
N UNK G 3113 -3.26 102.96 -67.23
CA UNK G 3113 -3.40 102.11 -68.41
C UNK G 3113 -4.69 101.32 -68.36
N UNK G 3114 -5.43 101.46 -67.27
CA UNK G 3114 -6.68 100.75 -67.06
C UNK G 3114 -7.78 101.29 -67.97
N UNK G 3115 -7.88 102.61 -68.04
CA UNK G 3115 -8.88 103.26 -68.89
C UNK G 3115 -8.34 103.47 -70.30
N UNK G 3116 -7.06 103.18 -70.48
CA UNK G 3116 -6.40 103.36 -71.76
C UNK G 3116 -6.57 102.14 -72.66
N UNK G 3117 -6.24 100.97 -72.12
CA UNK G 3117 -6.30 99.73 -72.89
C UNK G 3117 -7.73 99.23 -73.04
N UNK G 3118 -8.62 99.74 -72.22
CA UNK G 3118 -10.03 99.37 -72.28
C UNK G 3118 -10.69 99.89 -73.55
N UNK G 3119 -10.27 101.08 -73.97
CA UNK G 3119 -10.77 101.66 -75.22
C UNK G 3119 -9.92 101.21 -76.40
N UNK G 3120 -8.73 100.70 -76.10
CA UNK G 3120 -7.80 100.28 -77.13
C UNK G 3120 -8.14 98.89 -77.67
N UNK G 3121 -8.34 97.95 -76.76
CA UNK G 3121 -8.57 96.56 -77.15
C UNK G 3121 -10.00 96.33 -77.64
N UNK G 3122 -10.90 97.26 -77.33
CA UNK G 3122 -12.30 97.14 -77.71
C UNK G 3122 -12.48 97.31 -79.21
N UNK G 3123 -11.77 98.28 -79.78
CA UNK G 3123 -11.83 98.53 -81.20
C UNK G 3123 -10.88 97.59 -81.94
N UNK G 3124 -9.92 97.04 -81.20
CA UNK G 3124 -8.95 96.12 -81.77
C UNK G 3124 -9.55 94.74 -81.93
N UNK G 3125 -10.60 94.45 -81.15
CA UNK G 3125 -11.25 93.15 -81.16
C UNK G 3125 -12.07 92.96 -82.43
N UNK G 3126 -12.86 93.96 -82.78
CA UNK G 3126 -13.73 93.88 -83.95
C UNK G 3126 -12.95 93.99 -85.26
N UNK G 3127 -11.78 94.61 -85.17
CA UNK G 3127 -10.93 94.81 -86.35
C UNK G 3127 -10.28 93.51 -86.80
N UNK G 3128 -9.71 92.78 -85.85
CA UNK G 3128 -9.02 91.53 -86.15
C UNK G 3128 -10.00 90.42 -86.49
N UNK G 3129 -11.17 90.47 -85.88
CA UNK G 3129 -12.21 89.47 -86.11
C UNK G 3129 -12.80 89.63 -87.51
N UNK G 3130 -12.81 90.86 -88.00
CA UNK G 3130 -13.28 91.14 -89.35
C UNK G 3130 -12.28 90.64 -90.37
N UNK G 3131 -10.99 90.73 -90.03
CA UNK G 3131 -9.93 90.30 -90.93
C UNK G 3131 -9.28 89.02 -90.43
N UNK G 3132 -10.11 88.06 -90.04
CA UNK G 3132 -9.62 86.80 -89.49
C UNK G 3132 -9.11 85.87 -90.60
N UNK G 3133 -9.96 85.59 -91.57
CA UNK G 3133 -9.66 84.63 -92.63
C UNK G 3133 -8.57 85.11 -93.56
N UNK G 3134 -8.45 86.42 -93.70
CA UNK G 3134 -7.39 87.01 -94.51
C UNK G 3134 -6.05 86.87 -93.77
N UNK G 3135 -6.12 86.90 -92.45
CA UNK G 3135 -4.92 86.76 -91.63
C UNK G 3135 -4.64 85.29 -91.33
N UNK G 3136 -5.61 84.43 -91.63
CA UNK G 3136 -5.44 82.99 -91.39
C UNK G 3136 -5.13 82.25 -92.69
N UNK G 3137 -5.15 82.97 -93.80
CA UNK G 3137 -4.87 82.36 -95.10
C UNK G 3137 -3.37 82.20 -95.32
N UNK G 3138 -2.85 82.89 -96.33
CA UNK G 3138 -1.42 82.80 -96.66
C UNK G 3138 -0.63 83.79 -95.83
N UNK G 3139 -1.09 85.04 -95.79
CA UNK G 3139 -0.40 86.09 -95.05
C UNK G 3139 -0.58 85.92 -93.55
N UNK G 3140 0.52 86.12 -92.81
CA UNK G 3140 0.50 85.98 -91.36
C UNK G 3140 1.59 86.83 -90.71
N UNK G 3141 2.49 87.35 -91.53
CA UNK G 3141 3.63 88.13 -91.05
C UNK G 3141 3.20 89.47 -90.48
N UNK G 3142 2.12 90.02 -91.02
CA UNK G 3142 1.57 91.26 -90.52
C UNK G 3142 0.88 91.03 -89.18
N UNK G 3143 0.37 89.82 -89.00
CA UNK G 3143 -0.29 89.45 -87.76
C UNK G 3143 0.66 88.72 -86.83
N UNK G 3144 1.90 88.53 -87.28
CA UNK G 3144 2.90 87.83 -86.50
C UNK G 3144 3.36 88.69 -85.32
N UNK G 3145 3.40 90.00 -85.55
CA UNK G 3145 3.83 90.93 -84.52
C UNK G 3145 2.77 91.09 -83.45
N UNK G 3146 1.51 90.94 -83.84
CA UNK G 3146 0.39 91.09 -82.92
C UNK G 3146 0.34 89.94 -81.92
N UNK G 3147 0.64 88.75 -82.40
CA UNK G 3147 0.70 87.57 -81.54
C UNK G 3147 1.94 87.61 -80.66
N UNK G 3148 3.00 88.20 -81.20
CA UNK G 3148 4.27 88.30 -80.48
C UNK G 3148 4.19 89.32 -79.36
N UNK G 3149 3.39 90.36 -79.56
CA UNK G 3149 3.27 91.43 -78.58
C UNK G 3149 2.05 91.22 -77.68
N UNK G 3150 1.56 89.99 -77.63
CA UNK G 3150 0.39 89.68 -76.82
C UNK G 3150 0.81 89.10 -75.47
N UNK G 3151 1.99 89.48 -74.99
CA UNK G 3151 2.50 89.02 -73.71
C UNK G 3151 2.13 89.99 -72.59
N UNK G 3152 1.29 90.96 -72.93
CA UNK G 3152 0.82 91.96 -71.97
C UNK G 3152 -0.10 91.32 -70.95
N UNK G 3153 -0.89 90.34 -71.40
CA UNK G 3153 -1.78 89.61 -70.52
C UNK G 3153 -0.96 88.71 -69.60
N UNK G 3154 0.18 88.25 -70.10
CA UNK G 3154 1.10 87.44 -69.32
C UNK G 3154 1.82 88.33 -68.30
N UNK G 3155 2.00 89.59 -68.66
CA UNK G 3155 2.71 90.52 -67.79
C UNK G 3155 1.78 91.14 -66.75
N UNK G 3156 0.63 91.64 -67.21
CA UNK G 3156 -0.29 92.35 -66.34
C UNK G 3156 -1.32 91.42 -65.70
N UNK G 3157 -2.22 90.89 -66.52
CA UNK G 3157 -3.33 90.06 -66.02
C UNK G 3157 -2.93 88.60 -65.79
N UNK G 3158 -1.83 88.40 -65.08
CA UNK G 3158 -1.33 87.07 -64.75
C UNK G 3158 -0.45 87.19 -63.53
N UNK G 3159 0.82 87.52 -63.75
CA UNK G 3159 1.76 87.73 -62.67
C UNK G 3159 1.65 89.15 -62.12
N UNK G 3160 1.61 89.26 -60.78
CA UNK G 3160 1.50 90.52 -60.04
C UNK G 3160 0.29 91.35 -60.46
N UNK G 3161 -0.88 90.73 -60.46
CA UNK G 3161 -2.11 91.40 -60.88
C UNK G 3161 -2.86 91.99 -59.69
N UNK G 3162 -2.12 92.49 -58.70
CA UNK G 3162 -2.74 93.13 -57.55
C UNK G 3162 -3.25 94.50 -57.97
N UNK G 3163 -2.47 95.17 -58.82
CA UNK G 3163 -2.83 96.49 -59.32
C UNK G 3163 -3.41 96.38 -60.72
N UNK G 3164 -3.03 95.31 -61.43
CA UNK G 3164 -3.50 95.10 -62.79
C UNK G 3164 -4.96 94.68 -62.79
N UNK G 3165 -5.36 93.86 -61.82
CA UNK G 3165 -6.76 93.48 -61.68
C UNK G 3165 -7.43 94.33 -60.60
N UNK G 3166 -6.90 95.52 -60.39
CA UNK G 3166 -7.52 96.50 -59.51
C UNK G 3166 -8.36 97.45 -60.35
N UNK G 3167 -8.48 97.13 -61.64
CA UNK G 3167 -9.25 97.94 -62.58
C UNK G 3167 -10.69 97.49 -62.64
N UNK G 3168 -11.08 96.58 -61.75
CA UNK G 3168 -12.45 96.10 -61.66
C UNK G 3168 -13.34 97.22 -61.14
N UNK G 3169 -12.79 98.04 -60.25
CA UNK G 3169 -13.49 99.22 -59.76
C UNK G 3169 -13.57 100.26 -60.88
N UNK G 3170 -12.55 100.28 -61.74
CA UNK G 3170 -12.56 101.14 -62.91
C UNK G 3170 -13.53 100.59 -63.94
N UNK G 3171 -13.68 99.26 -63.94
CA UNK G 3171 -14.64 98.61 -64.81
C UNK G 3171 -16.06 98.82 -64.28
N UNK G 3172 -16.18 98.91 -62.96
CA UNK G 3172 -17.48 99.13 -62.33
C UNK G 3172 -17.85 100.61 -62.35
N UNK G 3173 -16.86 101.46 -62.61
CA UNK G 3173 -17.07 102.90 -62.70
C UNK G 3173 -17.85 103.23 -63.97
N UNK G 3174 -17.31 102.83 -65.12
CA UNK G 3174 -17.96 103.06 -66.39
C UNK G 3174 -18.88 101.90 -66.74
N UNK G 3175 -15.80 87.97 -63.65
CA UNK G 3175 -15.72 87.27 -64.92
C UNK G 3175 -14.47 87.70 -65.69
N UNK G 3176 -14.33 87.20 -66.91
CA UNK G 3176 -13.23 87.60 -67.77
C UNK G 3176 -13.44 89.03 -68.24
N UNK G 3177 -12.35 89.75 -68.48
CA UNK G 3177 -12.46 91.16 -68.84
C UNK G 3177 -11.35 91.60 -69.78
N UNK G 3178 -11.69 91.63 -71.07
CA UNK G 3178 -10.86 92.21 -72.15
C UNK G 3178 -9.46 91.63 -72.27
N UNK G 3179 -8.59 91.98 -71.31
CA UNK G 3179 -7.18 91.59 -71.32
C UNK G 3179 -6.99 90.08 -71.21
N UNK G 3180 -7.90 89.43 -70.49
CA UNK G 3180 -7.88 87.97 -70.39
C UNK G 3180 -8.46 87.35 -71.66
N UNK G 3181 -9.43 88.04 -72.25
CA UNK G 3181 -10.11 87.52 -73.44
C UNK G 3181 -9.46 88.02 -74.73
N UNK G 3182 -8.38 88.77 -74.60
CA UNK G 3182 -7.68 89.31 -75.77
C UNK G 3182 -6.95 88.21 -76.52
N UNK G 3183 -6.25 87.36 -75.78
CA UNK G 3183 -5.48 86.27 -76.36
C UNK G 3183 -6.40 85.17 -76.86
N UNK G 3184 -7.61 85.11 -76.30
CA UNK G 3184 -8.60 84.11 -76.67
C UNK G 3184 -9.11 84.33 -78.09
N UNK G 3185 -9.12 85.58 -78.53
CA UNK G 3185 -9.57 85.90 -79.87
C UNK G 3185 -8.40 85.98 -80.84
N UNK G 3186 -7.24 85.49 -80.42
CA UNK G 3186 -6.04 85.59 -81.24
C UNK G 3186 -5.13 84.38 -81.10
N UNK G 3187 -5.54 83.40 -80.31
CA UNK G 3187 -4.74 82.20 -80.11
C UNK G 3187 -4.82 81.28 -81.32
N UNK G 3188 -5.84 81.47 -82.14
CA UNK G 3188 -6.05 80.65 -83.34
C UNK G 3188 -4.97 80.92 -84.39
N UNK G 3189 -4.77 82.20 -84.70
CA UNK G 3189 -3.80 82.57 -85.71
C UNK G 3189 -2.37 82.53 -85.17
N UNK G 3190 -2.24 82.55 -83.84
CA UNK G 3190 -0.94 82.53 -83.20
C UNK G 3190 -0.26 81.18 -83.35
N UNK G 3191 -1.03 80.12 -83.15
CA UNK G 3191 -0.50 78.76 -83.22
C UNK G 3191 -0.57 78.23 -84.65
N UNK G 3192 -1.23 79.00 -85.52
CA UNK G 3192 -1.38 78.61 -86.92
C UNK G 3192 -0.04 78.69 -87.63
N UNK G 3193 0.70 79.77 -87.39
CA UNK G 3193 1.99 79.96 -88.02
C UNK G 3193 3.12 79.58 -87.07
N UNK G 3194 2.77 78.85 -86.01
CA UNK G 3194 3.77 78.35 -85.08
C UNK G 3194 4.59 77.26 -85.74
N UNK G 3195 3.89 76.25 -86.25
CA UNK G 3195 4.52 75.18 -87.00
C UNK G 3195 3.52 74.61 -87.98
N UNK G 3196 4.00 73.78 -88.90
CA UNK G 3196 3.13 73.07 -89.82
C UNK G 3196 2.86 71.67 -89.26
N UNK G 3197 2.41 71.63 -88.01
CA UNK G 3197 2.31 70.42 -87.18
C UNK G 3197 3.63 69.66 -87.15
N UNK G 3198 3.54 68.34 -87.00
CA UNK G 3198 4.67 67.40 -87.08
C UNK G 3198 5.84 67.72 -86.14
N UNK G 3199 5.53 68.33 -85.01
CA UNK G 3199 6.55 68.78 -84.07
C UNK G 3199 5.98 68.92 -82.67
N UNK G 3200 5.02 69.83 -82.54
CA UNK G 3200 4.38 70.20 -81.27
C UNK G 3200 5.39 70.56 -80.19
N UNK G 3201 5.72 69.59 -79.34
CA UNK G 3201 6.67 69.71 -78.23
C UNK G 3201 6.34 70.83 -77.25
N UNK G 3202 5.06 71.16 -77.13
CA UNK G 3202 4.61 72.21 -76.23
C UNK G 3202 4.40 71.60 -74.85
N UNK G 3203 3.99 70.34 -74.84
CA UNK G 3203 3.84 69.58 -73.60
C UNK G 3203 5.23 69.25 -73.06
N UNK G 3204 6.20 69.15 -73.97
CA UNK G 3204 7.59 68.96 -73.61
C UNK G 3204 8.12 70.21 -72.92
N UNK G 3205 7.60 71.37 -73.32
CA UNK G 3205 8.02 72.64 -72.75
C UNK G 3205 7.00 73.16 -71.75
N UNK G 3206 5.98 72.37 -71.47
CA UNK G 3206 4.94 72.78 -70.53
C UNK G 3206 5.45 72.69 -69.10
N UNK G 3207 5.94 71.52 -68.72
CA UNK G 3207 6.36 71.25 -67.35
C UNK G 3207 7.63 72.00 -66.98
N UNK G 3208 8.45 72.31 -68.00
CA UNK G 3208 9.67 73.08 -67.78
C UNK G 3208 9.32 74.53 -67.46
N UNK G 3209 8.23 75.01 -68.04
CA UNK G 3209 7.77 76.37 -67.81
C UNK G 3209 6.74 76.41 -66.69
N UNK G 3210 6.32 75.23 -66.23
CA UNK G 3210 5.35 75.13 -65.14
C UNK G 3210 6.05 75.33 -63.80
N UNK G 3211 7.37 75.12 -63.78
CA UNK G 3211 8.15 75.28 -62.57
C UNK G 3211 8.68 76.71 -62.44
N UNK G 3212 8.32 77.54 -63.42
CA UNK G 3212 8.71 78.95 -63.53
C UNK G 3212 10.23 79.14 -63.50
N UNK G 3213 10.95 78.21 -64.12
CA UNK G 3213 12.40 78.26 -64.16
C UNK G 3213 12.86 79.16 -65.31
N UNK G 3214 12.71 80.47 -65.10
CA UNK G 3214 13.11 81.53 -66.04
C UNK G 3214 12.48 81.41 -67.43
N UNK G 3215 13.09 82.10 -68.39
CA UNK G 3215 12.63 82.07 -69.77
C UNK G 3215 13.79 81.69 -70.68
N UNK G 3216 14.98 82.14 -70.30
CA UNK G 3216 16.20 81.78 -71.02
C UNK G 3216 16.53 80.33 -70.75
N UNK G 3217 16.24 79.88 -69.53
CA UNK G 3217 16.44 78.48 -69.14
C UNK G 3217 15.40 77.61 -69.82
N UNK G 3218 14.23 78.18 -70.10
CA UNK G 3218 13.21 77.52 -70.89
C UNK G 3218 13.70 77.42 -72.33
N UNK G 3219 14.42 78.45 -72.77
CA UNK G 3219 15.02 78.46 -74.09
C UNK G 3219 16.26 77.58 -74.12
N UNK G 3220 16.93 77.47 -72.98
CA UNK G 3220 18.11 76.62 -72.86
C UNK G 3220 17.70 75.15 -72.87
N UNK G 3221 16.52 74.86 -72.32
CA UNK G 3221 15.99 73.50 -72.31
C UNK G 3221 15.61 73.09 -73.73
N UNK G 3222 15.21 74.06 -74.53
CA UNK G 3222 14.88 73.81 -75.92
C UNK G 3222 16.15 73.60 -76.75
N UNK G 3223 17.15 74.44 -76.51
CA UNK G 3223 18.41 74.37 -77.23
C UNK G 3223 19.21 73.15 -76.79
N UNK G 3224 19.41 73.01 -75.48
CA UNK G 3224 20.16 71.88 -74.94
C UNK G 3224 19.20 70.76 -74.52
N UNK G 3225 17.92 70.94 -74.80
CA UNK G 3225 16.92 69.92 -74.52
C UNK G 3225 16.64 69.11 -75.77
N UNK G 3226 17.47 69.32 -76.80
CA UNK G 3226 17.40 68.66 -78.11
C UNK G 3226 16.06 68.82 -78.81
N UNK G 3227 15.77 67.92 -79.74
CA UNK G 3227 14.52 67.95 -80.49
C UNK G 3227 14.15 66.55 -80.96
N UNK G 3228 12.86 66.31 -81.14
CA UNK G 3228 12.37 65.01 -81.59
C UNK G 3228 11.04 65.14 -82.31
N UNK G 3229 10.95 64.52 -83.48
CA UNK G 3229 9.72 64.54 -84.28
C UNK G 3229 9.65 63.30 -85.15
N UNK G 3230 8.65 62.45 -84.90
CA UNK G 3230 8.50 61.21 -85.64
C UNK G 3230 7.15 61.15 -86.37
N UNK G 3231 6.88 60.00 -86.99
CA UNK G 3231 5.65 59.82 -87.75
C UNK G 3231 4.65 58.96 -86.98
N UNK G 3232 3.38 59.32 -87.05
CA UNK G 3232 2.33 58.58 -86.37
C UNK G 3232 1.08 58.46 -87.25
N UNK G 3233 -0.08 58.48 -86.62
CA UNK G 3233 -1.34 58.36 -87.34
C UNK G 3233 -2.04 59.72 -87.42
N UNK G 3234 -1.51 60.70 -86.70
CA UNK G 3234 -2.09 62.04 -86.68
C UNK G 3234 -1.30 62.97 -87.61
N UNK G 3235 -0.16 62.49 -88.07
CA UNK G 3235 0.67 63.25 -89.01
C UNK G 3235 -0.01 63.29 -90.38
N UNK G 3236 -0.73 62.22 -90.69
CA UNK G 3236 -1.51 62.16 -91.91
C UNK G 3236 -2.83 62.91 -91.73
N UNK G 3237 -3.19 63.18 -90.48
CA UNK G 3237 -4.39 63.92 -90.17
C UNK G 3237 -4.11 65.42 -90.18
N UNK G 3238 -3.09 65.82 -89.43
CA UNK G 3238 -2.81 67.25 -89.25
C UNK G 3238 -1.71 67.76 -90.18
N UNK G 3239 -0.56 67.09 -90.16
CA UNK G 3239 0.61 67.59 -90.88
C UNK G 3239 0.56 67.37 -92.39
N UNK G 3240 -0.43 66.61 -92.85
CA UNK G 3240 -0.59 66.37 -94.28
C UNK G 3240 -1.09 67.61 -94.98
N UNK G 3241 -1.88 68.41 -94.29
CA UNK G 3241 -2.45 69.62 -94.86
C UNK G 3241 -1.63 70.85 -94.49
N UNK G 3242 -1.07 70.84 -93.29
CA UNK G 3242 -0.33 71.99 -92.78
C UNK G 3242 0.99 72.18 -93.50
N UNK G 3243 1.54 71.09 -94.01
CA UNK G 3243 2.76 71.15 -94.82
C UNK G 3243 2.42 71.60 -96.25
N UNK G 3244 1.15 71.51 -96.60
CA UNK G 3244 0.68 71.95 -97.90
C UNK G 3244 0.12 73.37 -97.83
N UNK G 3245 -0.32 73.77 -96.64
CA UNK G 3245 -0.91 75.09 -96.44
C UNK G 3245 0.15 76.13 -96.08
N UNK G 3246 1.34 75.65 -95.73
CA UNK G 3246 2.43 76.54 -95.35
C UNK G 3246 3.03 77.23 -96.57
N UNK G 3247 3.81 76.47 -97.35
CA UNK G 3247 4.52 76.93 -98.55
C UNK G 3247 5.42 78.13 -98.27
N UNK G 3248 6.11 78.11 -97.13
CA UNK G 3248 6.96 79.21 -96.72
C UNK G 3248 8.39 78.74 -96.48
N UNK G 3249 9.11 79.48 -95.64
CA UNK G 3249 10.50 79.16 -95.34
C UNK G 3249 10.62 78.18 -94.18
N UNK G 3250 11.85 77.91 -93.76
CA UNK G 3250 12.11 77.00 -92.65
C UNK G 3250 13.41 77.37 -91.96
N UNK G 3251 13.43 77.28 -90.64
CA UNK G 3251 14.61 77.65 -89.86
C UNK G 3251 14.83 76.70 -88.70
N UNK G 3252 16.06 76.64 -88.22
CA UNK G 3252 16.41 75.81 -87.08
C UNK G 3252 16.43 76.64 -85.80
N UNK G 3253 16.79 77.91 -85.94
CA UNK G 3253 16.86 78.82 -84.81
C UNK G 3253 15.46 79.27 -84.38
N UNK G 3254 14.54 79.31 -85.33
CA UNK G 3254 13.17 79.72 -85.06
C UNK G 3254 12.35 78.56 -84.53
N UNK G 3255 12.92 77.36 -84.60
CA UNK G 3255 12.26 76.17 -84.07
C UNK G 3255 12.20 76.20 -82.55
N UNK G 3256 13.22 76.80 -81.94
CA UNK G 3256 13.26 76.95 -80.50
C UNK G 3256 12.61 78.26 -80.07
N UNK G 3257 12.63 79.24 -80.97
CA UNK G 3257 12.11 80.56 -80.67
C UNK G 3257 10.58 80.59 -80.67
N UNK G 3258 9.99 80.09 -81.75
CA UNK G 3258 8.54 80.13 -81.92
C UNK G 3258 7.84 79.15 -80.98
N UNK G 3259 8.52 78.08 -80.63
CA UNK G 3259 7.94 77.07 -79.75
C UNK G 3259 7.86 77.57 -78.32
N UNK G 3260 8.97 78.10 -77.81
CA UNK G 3260 9.07 78.52 -76.42
C UNK G 3260 8.28 79.80 -76.15
N UNK G 3261 8.00 80.56 -77.20
CA UNK G 3261 7.25 81.81 -77.07
C UNK G 3261 5.78 81.55 -76.73
N UNK G 3262 5.22 80.50 -77.31
CA UNK G 3262 3.80 80.21 -77.13
C UNK G 3262 3.58 79.09 -76.12
N UNK G 3263 4.67 78.45 -75.69
CA UNK G 3263 4.58 77.35 -74.73
C UNK G 3263 4.18 77.84 -73.36
N UNK G 3264 4.99 78.74 -72.81
CA UNK G 3264 4.73 79.30 -71.49
C UNK G 3264 3.55 80.28 -71.54
N UNK G 3265 3.30 80.82 -72.73
CA UNK G 3265 2.17 81.72 -72.95
C UNK G 3265 0.86 80.96 -72.78
N UNK G 3266 0.83 79.74 -73.33
CA UNK G 3266 -0.34 78.88 -73.18
C UNK G 3266 -0.38 78.29 -71.79
N UNK G 3267 0.80 78.06 -71.22
CA UNK G 3267 0.92 77.45 -69.89
C UNK G 3267 0.43 78.40 -68.82
N UNK G 3268 0.74 79.67 -68.97
CA UNK G 3268 0.26 80.70 -68.07
C UNK G 3268 -1.24 80.90 -68.29
N UNK G 3269 -1.66 80.72 -69.53
CA UNK G 3269 -3.08 80.81 -69.88
C UNK G 3269 -3.83 79.63 -69.30
N UNK G 3270 -3.18 78.46 -69.29
CA UNK G 3270 -3.79 77.26 -68.73
C UNK G 3270 -3.77 77.31 -67.21
N UNK G 3271 -2.81 78.05 -66.66
CA UNK G 3271 -2.69 78.20 -65.21
C UNK G 3271 -3.82 79.05 -64.65
N UNK G 3272 -4.36 79.93 -65.49
CA UNK G 3272 -5.47 80.79 -65.08
C UNK G 3272 -6.74 80.40 -65.82
N UNK G 3273 -6.82 79.13 -66.23
CA UNK G 3273 -8.00 78.62 -66.91
C UNK G 3273 -8.77 77.69 -65.99
N UNK G 3274 -8.11 76.62 -65.56
CA UNK G 3274 -8.74 75.65 -64.67
C UNK G 3274 -8.84 76.20 -63.25
N UNK G 3275 -7.93 77.11 -62.91
CA UNK G 3275 -7.94 77.73 -61.60
C UNK G 3275 -8.96 78.86 -61.54
N UNK G 3276 -9.35 79.35 -62.72
CA UNK G 3276 -10.37 80.39 -62.80
C UNK G 3276 -11.74 79.83 -62.44
N UNK G 3277 -12.07 78.68 -63.03
CA UNK G 3277 -13.33 78.01 -62.75
C UNK G 3277 -13.19 77.09 -61.55
N THR G 3278 -22.24 97.10 -23.13
CA THR G 3278 -22.82 98.07 -22.20
C THR G 3278 -21.72 98.81 -21.45
N PRO G 3279 -21.95 100.09 -21.16
CA PRO G 3279 -20.98 100.86 -20.38
C PRO G 3279 -21.13 100.61 -18.90
N LEU G 3280 -20.09 101.02 -18.15
CA LEU G 3280 -20.13 100.92 -16.71
C LEU G 3280 -21.07 101.95 -16.10
N TYR G 3281 -21.23 103.09 -16.75
CA TYR G 3281 -22.18 104.10 -16.31
C TYR G 3281 -23.57 103.75 -16.84
N ASN G 3282 -24.49 104.73 -16.77
CA ASN G 3282 -25.94 104.68 -17.00
C ASN G 3282 -26.61 103.42 -16.47
N LEU G 3283 -26.20 103.02 -15.27
CA LEU G 3283 -26.60 101.82 -14.56
C LEU G 3283 -27.00 102.21 -13.14
N PRO G 3284 -27.97 101.51 -12.54
CA PRO G 3284 -28.28 101.75 -11.13
C PRO G 3284 -27.12 101.39 -10.22
N THR G 3285 -26.87 102.25 -9.23
CA THR G 3285 -25.71 102.09 -8.38
C THR G 3285 -25.86 100.88 -7.45
N HIS G 3286 -27.05 100.70 -6.88
CA HIS G 3286 -27.31 99.52 -6.05
C HIS G 3286 -27.26 98.24 -6.87
N ARG G 3287 -27.60 98.32 -8.16
CA ARG G 3287 -27.39 97.21 -9.07
C ARG G 3287 -25.89 96.99 -9.30
N ALA G 3288 -25.11 98.07 -9.31
CA ALA G 3288 -23.68 97.99 -9.57
C ALA G 3288 -22.88 97.69 -8.32
N CYS G 3289 -23.28 98.27 -7.17
CA CYS G 3289 -22.53 98.06 -5.94
C CYS G 3289 -22.70 96.64 -5.43
N ASN G 3290 -23.89 96.07 -5.58
CA ASN G 3290 -24.10 94.66 -5.27
C ASN G 3290 -23.34 93.77 -6.25
N MET G 3291 -23.19 94.22 -7.50
CA MET G 3291 -22.32 93.53 -8.43
C MET G 3291 -20.86 93.68 -8.04
N PHE G 3292 -20.48 94.86 -7.55
CA PHE G 3292 -19.09 95.13 -7.20
C PHE G 3292 -18.64 94.34 -5.98
N LEU G 3293 -19.55 94.09 -5.04
CA LEU G 3293 -19.19 93.36 -3.83
C LEU G 3293 -18.90 91.90 -4.13
N GLU G 3294 -19.66 91.30 -5.05
CA GLU G 3294 -19.36 89.94 -5.46
C GLU G 3294 -18.11 89.89 -6.34
N SER G 3295 -17.88 90.95 -7.12
CA SER G 3295 -16.72 91.04 -8.01
C SER G 3295 -15.47 91.51 -7.31
N TYR G 3296 -15.42 91.40 -5.98
CA TYR G 3296 -14.28 91.66 -5.14
C TYR G 3296 -13.35 90.44 -5.05
N LYS G 3297 -13.51 89.49 -5.97
CA LYS G 3297 -13.06 88.11 -5.78
C LYS G 3297 -11.54 87.99 -5.74
N ALA G 3298 -10.83 88.79 -6.55
CA ALA G 3298 -9.38 88.76 -6.47
C ALA G 3298 -8.86 89.40 -5.19
N ALA G 3299 -9.61 90.36 -4.64
CA ALA G 3299 -9.26 90.98 -3.37
C ALA G 3299 -9.94 90.30 -2.19
N TRP G 3300 -10.39 89.05 -2.36
CA TRP G 3300 -10.99 88.31 -1.26
C TRP G 3300 -9.94 87.88 -0.26
N ILE G 3301 -10.38 87.08 0.71
CA ILE G 3301 -9.56 86.63 1.83
C ILE G 3301 -8.76 85.39 1.46
N LEU G 3302 -8.70 85.07 0.17
CA LEU G 3302 -7.94 83.92 -0.31
C LEU G 3302 -6.44 84.19 -0.27
N THR G 3303 -5.91 84.37 0.94
CA THR G 3303 -4.50 84.62 1.19
C THR G 3303 -4.02 83.61 2.21
N GLU G 3304 -2.71 83.59 2.45
CA GLU G 3304 -2.13 82.74 3.49
C GLU G 3304 -2.34 83.44 4.82
N ASP G 3305 -3.40 83.07 5.52
CA ASP G 3305 -3.72 83.73 6.78
C ASP G 3305 -2.83 83.24 7.91
N HIS G 3306 -2.87 81.93 8.19
CA HIS G 3306 -1.96 81.16 9.05
C HIS G 3306 -2.11 81.48 10.54
N SER G 3307 -2.93 82.47 10.91
CA SER G 3307 -2.95 82.99 12.26
C SER G 3307 -3.72 82.11 13.24
N PHE G 3308 -4.53 81.18 12.77
CA PHE G 3308 -5.36 80.37 13.65
C PHE G 3308 -5.22 78.90 13.33
N GLU G 3309 -4.10 78.53 12.71
CA GLU G 3309 -3.82 77.15 12.35
C GLU G 3309 -2.70 76.56 13.19
N ASP G 3310 -1.62 77.31 13.39
CA ASP G 3310 -0.61 76.89 14.34
C ASP G 3310 -0.88 77.46 15.71
N ARG G 3311 -1.27 78.74 15.76
CA ARG G 3311 -1.40 79.46 17.02
C ARG G 3311 -2.59 78.97 17.83
N MET G 3312 -3.69 78.66 17.15
CA MET G 3312 -4.92 78.30 17.83
C MET G 3312 -4.84 76.90 18.43
N ILE G 3313 -3.97 76.05 17.90
CA ILE G 3313 -3.78 74.72 18.47
C ILE G 3313 -3.03 74.79 19.79
N ASP G 3314 -2.06 75.71 19.90
CA ASP G 3314 -1.06 75.65 20.96
C ASP G 3314 -1.65 76.00 22.31
N ASP G 3315 -2.38 77.11 22.39
CA ASP G 3315 -2.93 77.57 23.67
C ASP G 3315 -4.03 76.67 24.21
N LEU G 3316 -4.65 75.86 23.36
CA LEU G 3316 -5.66 74.92 23.84
C LEU G 3316 -5.06 73.77 24.62
N SER G 3317 -3.78 73.48 24.42
CA SER G 3317 -3.07 72.46 25.17
C SER G 3317 -2.06 73.03 26.16
N LYS G 3318 -1.52 74.22 25.88
CA LYS G 3318 -0.49 74.78 26.75
C LYS G 3318 -1.09 75.37 28.02
N ALA G 3319 -2.22 76.06 27.90
CA ALA G 3319 -2.82 76.73 29.06
C ALA G 3319 -3.41 75.74 30.06
N GLY G 3320 -3.76 74.53 29.62
CA GLY G 3320 -4.14 73.50 30.55
C GLY G 3320 -2.99 72.98 31.39
N GLU G 3321 -1.75 73.18 30.92
CA GLU G 3321 -0.55 72.79 31.65
C GLU G 3321 0.04 73.95 32.42
N GLN G 3322 -0.80 74.86 32.91
CA GLN G 3322 -0.32 76.01 33.67
C GLN G 3322 0.09 75.59 35.07
N GLU G 3323 1.23 76.11 35.51
CA GLU G 3323 1.74 75.79 36.85
C GLU G 3323 0.93 76.43 37.96
N GLU G 3324 0.18 77.51 37.65
CA GLU G 3324 -0.68 78.12 38.65
C GLU G 3324 -1.87 77.23 38.97
N GLU G 3325 -2.29 76.39 38.03
CA GLU G 3325 -3.36 75.41 38.28
C GLU G 3325 -2.76 74.10 38.79
N GLU G 3326 -2.09 74.19 39.94
CA GLU G 3326 -1.43 73.04 40.54
C GLU G 3326 -1.34 73.29 42.04
N GLU G 3327 -2.24 72.65 42.80
CA GLU G 3327 -2.20 72.73 44.26
C GLU G 3327 -2.73 71.40 44.80
N GLU G 3328 -1.79 70.48 45.05
CA GLU G 3328 -2.05 69.11 45.52
C GLU G 3328 -3.05 68.39 44.61
N VAL G 3329 -2.64 68.22 43.35
CA VAL G 3329 -3.55 67.69 42.34
C VAL G 3329 -3.70 66.19 42.48
N GLU G 3330 -2.60 65.44 42.30
CA GLU G 3330 -2.56 63.97 42.28
C GLU G 3330 -3.53 63.37 41.25
N GLU G 3331 -3.76 64.11 40.17
CA GLU G 3331 -4.70 63.73 39.12
C GLU G 3331 -4.38 64.58 37.90
N LYS G 3332 -5.29 64.58 36.93
CA LYS G 3332 -5.09 65.39 35.72
C LYS G 3332 -6.47 65.75 35.16
N LYS G 3333 -6.86 67.01 35.34
CA LYS G 3333 -8.03 67.50 34.63
C LYS G 3333 -7.67 67.65 33.15
N PRO G 3334 -8.63 67.42 32.26
CA PRO G 3334 -8.29 67.38 30.82
C PRO G 3334 -7.97 68.75 30.26
N ASP G 3335 -7.30 68.73 29.11
CA ASP G 3335 -6.91 69.97 28.46
C ASP G 3335 -8.12 70.68 27.89
N PRO G 3336 -8.05 72.01 27.73
CA PRO G 3336 -9.05 72.71 26.91
C PRO G 3336 -9.13 72.18 25.49
N LEU G 3337 -7.99 71.75 24.95
CA LEU G 3337 -8.00 70.96 23.73
C LEU G 3337 -8.71 69.63 23.95
N HIS G 3338 -8.42 68.97 25.07
CA HIS G 3338 -8.95 67.64 25.29
C HIS G 3338 -10.42 67.68 25.70
N GLN G 3339 -10.84 68.69 26.45
CA GLN G 3339 -12.25 68.84 26.77
C GLN G 3339 -13.05 69.23 25.53
N LEU G 3340 -12.43 69.90 24.57
CA LEU G 3340 -13.07 70.14 23.28
C LEU G 3340 -13.31 68.83 22.55
N VAL G 3341 -12.36 67.90 22.65
CA VAL G 3341 -12.53 66.58 22.04
C VAL G 3341 -13.63 65.81 22.75
N LEU G 3342 -13.67 65.91 24.08
CA LEU G 3342 -14.67 65.19 24.87
C LEU G 3342 -16.07 65.73 24.62
N HIS G 3343 -16.19 67.02 24.27
CA HIS G 3343 -17.46 67.55 23.81
C HIS G 3343 -17.86 66.93 22.48
N PHE G 3344 -16.90 66.83 21.55
CA PHE G 3344 -17.19 66.18 20.27
C PHE G 3344 -17.36 64.68 20.45
N SER G 3345 -16.74 64.11 21.48
CA SER G 3345 -16.90 62.68 21.71
C SER G 3345 -18.27 62.35 22.28
N ARG G 3346 -18.76 63.18 23.20
CA ARG G 3346 -20.00 62.86 23.90
C ARG G 3346 -21.21 62.99 22.98
N THR G 3347 -21.18 64.00 22.09
CA THR G 3347 -22.27 64.17 21.14
C THR G 3347 -22.30 63.08 20.08
N ALA G 3348 -21.17 62.40 19.86
CA ALA G 3348 -21.18 61.27 18.94
C ALA G 3348 -21.88 60.06 19.54
N LEU G 3349 -21.98 59.98 20.87
CA LEU G 3349 -22.69 58.89 21.51
C LEU G 3349 -24.20 59.02 21.40
N THR G 3350 -24.69 60.22 21.10
CA THR G 3350 -26.12 60.45 20.97
C THR G 3350 -26.58 59.84 19.65
N GLU G 3351 -27.29 58.73 19.73
CA GLU G 3351 -27.75 58.05 18.53
C GLU G 3351 -29.02 58.70 17.99
N LYS G 3352 -29.22 58.53 16.69
CA LYS G 3352 -30.34 59.09 15.93
C LYS G 3352 -30.32 58.39 14.58
N SER G 3353 -31.47 58.40 13.89
CA SER G 3353 -31.52 57.85 12.54
C SER G 3353 -30.71 58.69 11.56
N LYS G 3354 -30.53 59.97 11.84
CA LYS G 3354 -29.69 60.82 11.01
C LYS G 3354 -28.67 61.58 11.86
N LEU G 3355 -27.98 62.54 11.25
CA LEU G 3355 -27.06 63.40 11.98
C LEU G 3355 -27.16 64.80 11.39
N ASP G 3356 -27.03 65.80 12.26
CA ASP G 3356 -27.24 67.19 11.87
C ASP G 3356 -26.04 67.73 11.09
N GLU G 3357 -26.13 69.01 10.72
CA GLU G 3357 -25.07 69.64 9.96
C GLU G 3357 -23.83 69.88 10.82
N ASP G 3358 -23.99 70.65 11.90
CA ASP G 3358 -22.96 71.01 12.87
C ASP G 3358 -21.77 71.68 12.17
N TYR G 3359 -22.05 72.88 11.68
CA TYR G 3359 -21.04 73.75 11.06
C TYR G 3359 -19.87 74.04 12.00
N LEU G 3360 -20.10 74.00 13.30
CA LEU G 3360 -19.03 74.15 14.28
C LEU G 3360 -18.02 73.02 14.20
N TYR G 3361 -18.51 71.79 14.01
CA TYR G 3361 -17.61 70.63 14.05
C TYR G 3361 -16.68 70.58 12.85
N MET G 3362 -17.15 71.01 11.69
CA MET G 3362 -16.34 70.96 10.49
C MET G 3362 -15.20 71.98 10.53
N ALA G 3363 -15.34 73.04 11.33
CA ALA G 3363 -14.30 74.05 11.40
C ALA G 3363 -13.08 73.52 12.15
N TYR G 3364 -13.29 72.99 13.36
CA TYR G 3364 -12.19 72.53 14.19
C TYR G 3364 -11.51 71.30 13.64
N ALA G 3365 -12.21 70.51 12.82
CA ALA G 3365 -11.58 69.38 12.17
C ALA G 3365 -10.55 69.83 11.14
N ASP G 3366 -10.80 70.95 10.47
CA ASP G 3366 -9.83 71.47 9.52
C ASP G 3366 -8.62 72.04 10.24
N ILE G 3367 -8.84 72.67 11.39
CA ILE G 3367 -7.76 73.33 12.12
C ILE G 3367 -6.79 72.29 12.67
N MET G 3368 -7.32 71.19 13.19
CA MET G 3368 -6.47 70.11 13.66
C MET G 3368 -5.78 69.39 12.51
N ALA G 3369 -6.45 69.31 11.35
CA ALA G 3369 -5.84 68.67 10.19
C ALA G 3369 -4.70 69.51 9.63
N LYS G 3370 -4.87 70.84 9.59
CA LYS G 3370 -3.83 71.71 9.10
C LYS G 3370 -2.67 71.87 10.08
N SER G 3371 -2.89 71.52 11.35
CA SER G 3371 -1.79 71.51 12.32
C SER G 3371 -0.78 70.41 11.98
N CYS G 3372 -1.28 69.22 11.63
CA CYS G 3372 -0.38 68.18 11.14
C CYS G 3372 0.05 68.46 9.71
N HIS G 3373 -0.81 69.09 8.92
CA HIS G 3373 -0.45 69.46 7.55
C HIS G 3373 0.47 70.68 7.48
N LEU G 3374 0.70 71.34 8.60
CA LEU G 3374 1.71 72.40 8.63
C LEU G 3374 3.11 71.83 8.44
N GLU G 3375 3.38 70.67 9.04
CA GLU G 3375 4.65 70.00 8.86
C GLU G 3375 4.66 69.13 7.61
N GLU G 3376 3.53 68.48 7.29
CA GLU G 3376 3.46 67.67 6.09
C GLU G 3376 3.44 68.53 4.83
N GLY G 3377 2.83 69.71 4.91
CA GLY G 3377 2.86 70.62 3.79
C GLY G 3377 4.17 71.36 3.70
N GLY G 3378 4.55 71.72 2.47
CA GLY G 3378 5.82 72.35 2.20
C GLY G 3378 6.97 71.39 2.02
N GLU G 3379 6.79 70.11 2.33
CA GLU G 3379 7.83 69.10 2.16
C GLU G 3379 7.36 67.92 1.33
N ASN G 3380 6.19 68.01 0.71
CA ASN G 3380 5.66 66.92 -0.12
C ASN G 3380 5.40 67.39 -1.53
N GLU G 3386 13.31 72.45 -9.69
CA GLU G 3386 12.42 71.28 -9.74
C GLU G 3386 12.71 70.33 -8.58
N GLU G 3387 13.97 69.94 -8.43
CA GLU G 3387 14.39 69.03 -7.39
C GLU G 3387 15.65 69.56 -6.71
N VAL G 3388 15.58 69.73 -5.40
CA VAL G 3388 16.72 70.15 -4.58
C VAL G 3388 17.05 69.02 -3.62
N GLU G 3389 18.34 68.74 -3.46
CA GLU G 3389 18.77 67.62 -2.64
C GLU G 3389 18.66 67.95 -1.16
N VAL G 3390 18.15 66.99 -0.39
CA VAL G 3390 17.90 67.15 1.04
C VAL G 3390 18.79 66.16 1.79
N SER G 3391 19.49 66.63 2.80
CA SER G 3391 20.31 65.76 3.62
C SER G 3391 19.43 64.83 4.46
N PHE G 3392 19.97 63.65 4.76
CA PHE G 3392 19.25 62.66 5.55
C PHE G 3392 19.05 63.13 6.99
N GLU G 3393 19.94 63.98 7.48
CA GLU G 3393 19.71 64.66 8.75
C GLU G 3393 18.47 65.53 8.69
N GLU G 3394 18.33 66.31 7.61
CA GLU G 3394 17.13 67.12 7.41
C GLU G 3394 15.92 66.23 7.14
N LYS G 3395 16.13 65.08 6.49
CA LYS G 3395 15.05 64.10 6.34
C LYS G 3395 14.64 63.50 7.68
N GLU G 3396 15.54 63.49 8.67
CA GLU G 3396 15.15 63.06 10.00
C GLU G 3396 14.49 64.19 10.78
N MET G 3397 14.92 65.44 10.56
CA MET G 3397 14.36 66.58 11.28
C MET G 3397 12.90 66.80 10.94
N GLU G 3398 12.53 66.61 9.68
CA GLU G 3398 11.13 66.74 9.29
C GLU G 3398 10.29 65.62 9.89
N LYS G 3399 10.89 64.48 10.20
CA LYS G 3399 10.20 63.47 11.00
C LYS G 3399 10.09 63.92 12.45
N GLN G 3400 11.13 64.60 12.95
CA GLN G 3400 11.10 65.09 14.32
C GLN G 3400 10.10 66.23 14.49
N ARG G 3401 9.95 67.08 13.47
CA ARG G 3401 8.83 68.01 13.47
C ARG G 3401 7.49 67.28 13.35
N LEU G 3402 7.49 66.12 12.69
CA LEU G 3402 6.23 65.41 12.44
C LEU G 3402 5.69 64.77 13.69
N LEU G 3403 6.55 64.12 14.48
CA LEU G 3403 6.10 63.44 15.69
C LEU G 3403 5.69 64.39 16.80
N TYR G 3404 6.00 65.69 16.68
CA TYR G 3404 5.59 66.63 17.70
C TYR G 3404 4.12 66.99 17.60
N GLN G 3405 3.50 66.82 16.41
CA GLN G 3405 2.07 67.01 16.33
C GLN G 3405 1.33 65.92 17.08
N GLN G 3406 1.71 64.65 16.89
CA GLN G 3406 1.08 63.59 17.67
C GLN G 3406 1.44 63.69 19.16
N SER G 3407 2.55 64.35 19.47
CA SER G 3407 2.79 64.77 20.84
C SER G 3407 1.75 65.81 21.29
N ARG G 3408 1.49 66.81 20.45
CA ARG G 3408 0.52 67.82 20.86
C ARG G 3408 -0.91 67.40 20.56
N LEU G 3409 -1.11 66.34 19.78
CA LEU G 3409 -2.47 65.86 19.52
C LEU G 3409 -3.13 65.24 20.74
N HIS G 3410 -2.35 64.70 21.68
CA HIS G 3410 -2.84 63.87 22.78
C HIS G 3410 -3.70 62.74 22.23
N THR G 3411 -3.01 61.85 21.52
CA THR G 3411 -3.55 60.81 20.64
C THR G 3411 -4.67 59.96 21.22
N ARG G 3412 -4.74 59.83 22.54
CA ARG G 3412 -5.82 59.06 23.16
C ARG G 3412 -7.18 59.72 22.98
N GLY G 3413 -7.22 61.04 22.95
CA GLY G 3413 -8.48 61.72 22.74
C GLY G 3413 -8.93 61.71 21.29
N ALA G 3414 -8.01 62.03 20.39
CA ALA G 3414 -8.37 62.29 19.01
C ALA G 3414 -8.67 61.01 18.24
N ALA G 3415 -7.84 59.98 18.42
CA ALA G 3415 -7.90 58.81 17.56
C ALA G 3415 -9.11 57.91 17.81
N GLU G 3416 -9.91 58.20 18.84
CA GLU G 3416 -11.06 57.34 19.11
C GLU G 3416 -12.36 57.92 18.58
N MET G 3417 -12.53 59.23 18.65
CA MET G 3417 -13.77 59.86 18.21
C MET G 3417 -13.92 59.86 16.70
N VAL G 3418 -12.83 59.71 15.96
CA VAL G 3418 -12.91 59.61 14.51
C VAL G 3418 -13.53 58.28 14.11
N LEU G 3419 -13.35 57.23 14.94
CA LEU G 3419 -13.90 55.92 14.62
C LEU G 3419 -15.40 55.88 14.81
N GLN G 3420 -15.90 56.44 15.92
CA GLN G 3420 -17.34 56.50 16.13
C GLN G 3420 -18.02 57.49 15.20
N MET G 3421 -17.27 58.44 14.65
CA MET G 3421 -17.80 59.27 13.58
C MET G 3421 -18.02 58.46 12.32
N ILE G 3422 -17.18 57.44 12.10
CA ILE G 3422 -17.49 56.50 11.03
C ILE G 3422 -18.62 55.58 11.45
N SER G 3423 -18.67 55.22 12.74
CA SER G 3423 -19.80 54.46 13.28
C SER G 3423 -21.04 55.31 13.48
N ALA G 3424 -20.98 56.60 13.16
CA ALA G 3424 -22.14 57.48 13.06
C ALA G 3424 -22.85 57.26 11.72
N CYS G 3425 -23.63 58.26 11.29
CA CYS G 3425 -24.40 58.26 10.05
C CYS G 3425 -23.59 57.75 8.86
N LYS G 3426 -24.24 56.91 8.06
CA LYS G 3426 -23.53 56.00 7.16
C LYS G 3426 -24.09 55.93 5.77
N GLY G 3427 -25.34 56.31 5.54
CA GLY G 3427 -25.93 56.20 4.22
C GLY G 3427 -25.43 57.25 3.26
N GLU G 3428 -25.53 58.51 3.67
CA GLU G 3428 -25.11 59.61 2.82
C GLU G 3428 -23.60 59.77 2.86
N THR G 3429 -23.08 60.45 1.85
CA THR G 3429 -21.69 60.86 1.83
C THR G 3429 -21.60 62.31 2.29
N GLY G 3430 -21.81 62.48 3.60
CA GLY G 3430 -21.85 63.81 4.18
C GLY G 3430 -20.49 64.48 4.18
N ALA G 3431 -20.54 65.82 4.22
CA ALA G 3431 -19.31 66.61 4.24
C ALA G 3431 -18.56 66.44 5.55
N MET G 3432 -19.28 66.17 6.65
CA MET G 3432 -18.64 65.85 7.91
C MET G 3432 -17.88 64.53 7.80
N VAL G 3433 -18.48 63.55 7.11
CA VAL G 3433 -17.80 62.29 6.85
C VAL G 3433 -16.60 62.52 5.93
N SER G 3434 -16.75 63.42 4.96
CA SER G 3434 -15.63 63.79 4.13
C SER G 3434 -14.58 64.55 4.91
N SER G 3435 -15.00 65.39 5.85
CA SER G 3435 -14.05 66.09 6.71
C SER G 3435 -13.43 65.17 7.75
N THR G 3436 -14.06 64.02 8.02
CA THR G 3436 -13.57 63.12 9.03
C THR G 3436 -12.29 62.43 8.58
N LEU G 3437 -12.29 61.91 7.35
CA LEU G 3437 -11.14 61.18 6.85
C LEU G 3437 -9.98 62.10 6.56
N LYS G 3438 -10.26 63.36 6.18
CA LYS G 3438 -9.20 64.33 5.98
C LYS G 3438 -8.49 64.65 7.29
N LEU G 3439 -9.21 64.58 8.40
CA LEU G 3439 -8.56 64.66 9.70
C LEU G 3439 -7.78 63.38 10.00
N GLY G 3440 -8.35 62.22 9.65
CA GLY G 3440 -7.76 60.96 10.04
C GLY G 3440 -6.47 60.64 9.30
N ILE G 3441 -6.34 61.10 8.06
CA ILE G 3441 -5.09 60.91 7.33
C ILE G 3441 -4.00 61.77 7.92
N SER G 3442 -4.36 62.95 8.43
CA SER G 3442 -3.40 63.82 9.10
C SER G 3442 -2.90 63.22 10.41
N ILE G 3443 -3.62 62.26 10.98
CA ILE G 3443 -3.15 61.57 12.17
C ILE G 3443 -1.97 60.69 11.84
N LEU G 3444 -2.14 59.80 10.86
CA LEU G 3444 -1.20 58.75 10.54
C LEU G 3444 -0.62 58.91 9.14
N ASN G 3445 -0.22 60.14 8.80
CA ASN G 3445 0.37 60.40 7.49
C ASN G 3445 1.74 59.73 7.37
N GLY G 3446 2.67 60.11 8.24
CA GLY G 3446 3.99 59.53 8.19
C GLY G 3446 4.14 58.28 9.03
N GLY G 3447 3.38 57.24 8.70
CA GLY G 3447 3.45 56.01 9.47
C GLY G 3447 2.53 56.06 10.67
N ASN G 3448 3.10 56.40 11.83
CA ASN G 3448 2.40 56.57 13.10
C ASN G 3448 1.69 55.28 13.53
N ALA G 3449 2.52 54.27 13.79
CA ALA G 3449 2.01 53.01 14.29
C ALA G 3449 1.53 53.10 15.74
N GLU G 3450 1.86 54.19 16.43
CA GLU G 3450 1.39 54.39 17.80
C GLU G 3450 -0.12 54.53 17.84
N VAL G 3451 -0.67 55.39 16.98
CA VAL G 3451 -2.12 55.52 16.93
C VAL G 3451 -2.74 54.32 16.24
N GLN G 3452 -1.98 53.61 15.40
CA GLN G 3452 -2.47 52.38 14.81
C GLN G 3452 -2.63 51.29 15.86
N GLN G 3453 -1.79 51.33 16.89
CA GLN G 3453 -1.96 50.40 18.00
C GLN G 3453 -3.22 50.70 18.79
N LYS G 3454 -3.46 51.97 19.08
CA LYS G 3454 -4.61 52.36 19.88
C LYS G 3454 -5.92 52.19 19.11
N MET G 3455 -5.86 52.36 17.79
CA MET G 3455 -7.05 52.21 16.96
C MET G 3455 -7.52 50.77 16.93
N LEU G 3456 -6.60 49.84 16.68
CA LEU G 3456 -6.94 48.42 16.72
C LEU G 3456 -7.28 47.98 18.15
N ASP G 3457 -6.67 48.61 19.14
CA ASP G 3457 -7.03 48.34 20.52
C ASP G 3457 -8.46 48.79 20.82
N TYR G 3458 -8.84 49.98 20.34
CA TYR G 3458 -10.17 50.50 20.62
C TYR G 3458 -11.25 49.69 19.91
N LEU G 3459 -10.94 49.15 18.73
CA LEU G 3459 -11.88 48.27 18.04
C LEU G 3459 -12.02 46.95 18.78
N LYS G 3460 -10.89 46.35 19.16
CA LYS G 3460 -10.90 45.06 19.82
C LYS G 3460 -11.34 45.14 21.28
N ASP G 3461 -11.41 46.34 21.86
CA ASP G 3461 -11.93 46.49 23.21
C ASP G 3461 -13.42 46.77 23.21
N LYS G 3462 -13.87 47.67 22.34
CA LYS G 3462 -15.26 48.12 22.40
C LYS G 3462 -16.22 47.06 21.85
N LYS G 3463 -15.80 46.35 20.80
CA LYS G 3463 -16.44 45.13 20.29
C LYS G 3463 -17.90 45.36 19.87
N GLU G 3464 -18.06 46.15 18.81
CA GLU G 3464 -19.37 46.30 18.19
C GLU G 3464 -19.22 46.29 16.68
N VAL G 3465 -20.30 45.88 16.02
CA VAL G 3465 -20.43 46.01 14.58
C VAL G 3465 -20.94 47.41 14.28
N GLY G 3466 -20.92 47.80 13.01
CA GLY G 3466 -21.38 49.10 12.59
C GLY G 3466 -20.28 49.97 12.03
N PHE G 3467 -19.03 49.68 12.36
CA PHE G 3467 -17.93 50.46 11.82
C PHE G 3467 -17.66 50.09 10.37
N PHE G 3468 -17.45 48.81 10.11
CA PHE G 3468 -16.98 48.37 8.81
C PHE G 3468 -18.11 48.16 7.82
N GLN G 3469 -19.31 47.82 8.29
CA GLN G 3469 -20.44 47.77 7.39
C GLN G 3469 -20.89 49.16 6.95
N SER G 3470 -20.52 50.19 7.73
CA SER G 3470 -20.65 51.56 7.24
C SER G 3470 -19.72 51.81 6.06
N ILE G 3471 -18.54 51.20 6.09
CA ILE G 3471 -17.51 51.49 5.09
C ILE G 3471 -17.90 50.91 3.75
N GLN G 3472 -18.41 49.68 3.74
CA GLN G 3472 -18.86 49.06 2.49
C GLN G 3472 -20.11 49.76 1.95
N ALA G 3473 -20.89 50.38 2.82
CA ALA G 3473 -21.97 51.24 2.34
C ALA G 3473 -21.38 52.48 1.68
N LEU G 3474 -20.31 53.03 2.25
CA LEU G 3474 -19.64 54.16 1.64
C LEU G 3474 -18.87 53.75 0.40
N MET G 3475 -18.36 52.52 0.37
CA MET G 3475 -17.61 52.06 -0.79
C MET G 3475 -18.53 51.83 -1.98
N GLN G 3476 -19.69 51.22 -1.75
CA GLN G 3476 -20.65 51.01 -2.82
C GLN G 3476 -21.31 52.31 -3.27
N THR G 3477 -21.26 53.34 -2.43
CA THR G 3477 -21.79 54.66 -2.81
C THR G 3477 -20.62 55.51 -3.34
N CYS G 3478 -20.11 55.08 -4.49
CA CYS G 3478 -19.05 55.79 -5.18
C CYS G 3478 -19.33 55.74 -6.67
N SER G 3479 -19.01 56.84 -7.35
CA SER G 3479 -19.30 56.96 -8.76
C SER G 3479 -18.14 56.42 -9.60
N VAL G 3480 -18.45 56.16 -10.88
CA VAL G 3480 -17.46 55.77 -11.87
C VAL G 3480 -17.60 56.71 -13.06
N LEU G 3481 -16.81 56.44 -14.11
CA LEU G 3481 -16.86 57.25 -15.32
C LEU G 3481 -18.14 56.93 -16.08
N ASP G 3482 -19.02 57.92 -16.19
CA ASP G 3482 -20.32 57.73 -16.83
C ASP G 3482 -20.29 58.40 -18.19
N LEU G 3483 -20.39 57.60 -19.25
CA LEU G 3483 -20.37 58.14 -20.60
C LEU G 3483 -21.66 58.89 -20.91
N ASN G 3484 -22.78 58.45 -20.36
CA ASN G 3484 -24.05 59.14 -20.56
C ASN G 3484 -24.03 60.52 -19.90
N ALA G 3485 -23.35 60.64 -18.77
CA ALA G 3485 -23.13 61.95 -18.17
C ALA G 3485 -22.17 62.78 -19.00
N PHE G 3486 -21.25 62.13 -19.71
CA PHE G 3486 -20.35 62.86 -20.58
C PHE G 3486 -21.07 63.40 -21.80
N GLU G 3487 -22.05 62.64 -22.32
CA GLU G 3487 -22.76 63.06 -23.51
C GLU G 3487 -23.65 64.26 -23.25
N ARG G 3488 -24.12 64.40 -22.00
CA ARG G 3488 -24.89 65.58 -21.64
C ARG G 3488 -24.00 66.81 -21.60
N GLN G 3489 -22.84 66.69 -20.95
CA GLN G 3489 -21.92 67.83 -20.93
C GLN G 3489 -21.16 67.98 -22.23
N ASN G 3490 -21.23 66.98 -23.13
CA ASN G 3490 -20.75 67.16 -24.49
C ASN G 3490 -21.56 68.23 -25.20
N LYS G 3491 -22.87 68.29 -24.93
CA LYS G 3491 -23.72 69.31 -25.50
C LYS G 3491 -23.93 70.50 -24.59
N ALA G 3492 -23.74 70.33 -23.27
CA ALA G 3492 -23.80 71.48 -22.37
C ALA G 3492 -22.60 72.38 -22.58
N GLU G 3493 -21.44 71.81 -22.86
CA GLU G 3493 -20.31 72.62 -23.30
C GLU G 3493 -20.53 73.17 -24.70
N GLY G 3494 -21.34 72.49 -25.52
CA GLY G 3494 -21.74 73.05 -26.80
C GLY G 3494 -22.72 74.19 -26.69
N LEU G 3495 -23.34 74.37 -25.53
CA LEU G 3495 -24.24 75.49 -25.27
C LEU G 3495 -23.53 76.62 -24.54
N GLY G 3496 -22.25 76.84 -24.85
CA GLY G 3496 -21.49 77.94 -24.29
C GLY G 3496 -21.79 79.31 -24.87
N MET G 3497 -22.77 79.42 -25.77
CA MET G 3497 -23.16 80.68 -26.38
C MET G 3497 -24.36 81.32 -25.67
N VAL G 3498 -24.46 81.14 -24.36
CA VAL G 3498 -25.57 81.69 -23.58
C VAL G 3498 -25.41 83.19 -23.44
N ASN G 3499 -26.44 83.86 -22.95
CA ASN G 3499 -26.49 85.32 -22.91
C ASN G 3499 -25.61 85.85 -21.77
N GLU G 3500 -25.70 87.16 -21.54
CA GLU G 3500 -24.87 87.82 -20.53
C GLU G 3500 -25.30 87.39 -19.13
N ASP G 3501 -24.29 87.13 -18.28
CA ASP G 3501 -24.43 86.64 -16.91
C ASP G 3501 -25.22 85.32 -16.83
N GLY G 3502 -25.14 84.51 -17.88
CA GLY G 3502 -25.77 83.21 -17.89
C GLY G 3502 -24.92 82.17 -18.60
N THR G 3503 -23.76 82.60 -19.07
CA THR G 3503 -22.86 81.73 -19.82
C THR G 3503 -21.83 81.04 -18.93
N VAL G 3504 -21.87 81.27 -17.61
CA VAL G 3504 -20.91 80.68 -16.70
C VAL G 3504 -21.61 79.89 -15.59
N ILE G 3505 -22.89 79.56 -15.77
CA ILE G 3505 -23.61 78.78 -14.79
C ILE G 3505 -23.14 77.33 -14.82
N ASN G 3506 -22.83 76.81 -16.00
CA ASN G 3506 -22.28 75.47 -16.14
C ASN G 3506 -20.93 75.53 -16.83
N ARG G 3507 -20.08 76.47 -16.38
CA ARG G 3507 -18.79 76.68 -17.02
C ARG G 3507 -17.84 75.52 -16.71
N GLN G 3508 -17.63 75.23 -15.43
CA GLN G 3508 -16.73 74.16 -15.06
C GLN G 3508 -17.41 72.79 -15.17
N ASN G 3509 -18.45 72.57 -14.36
CA ASN G 3509 -19.26 71.35 -14.32
C ASN G 3509 -18.42 70.09 -14.06
N GLY G 3510 -17.36 70.23 -13.27
CA GLY G 3510 -16.48 69.10 -12.98
C GLY G 3510 -17.07 68.08 -12.03
N GLU G 3511 -18.17 68.43 -11.35
CA GLU G 3511 -18.84 67.52 -10.42
C GLU G 3511 -19.92 66.69 -11.10
N LYS G 3512 -19.79 66.45 -12.40
CA LYS G 3512 -20.81 65.76 -13.18
C LYS G 3512 -20.43 64.33 -13.53
N VAL G 3513 -19.16 64.08 -13.82
CA VAL G 3513 -18.72 62.72 -14.14
C VAL G 3513 -18.46 61.93 -12.86
N MET G 3514 -17.54 62.42 -12.03
CA MET G 3514 -17.14 61.71 -10.83
C MET G 3514 -17.73 62.36 -9.57
N ALA G 3515 -17.42 63.64 -9.33
CA ALA G 3515 -17.74 64.38 -8.11
C ALA G 3515 -17.25 63.66 -6.85
N ASP G 3516 -16.17 62.89 -6.98
CA ASP G 3516 -15.76 61.97 -5.94
C ASP G 3516 -14.25 61.93 -5.77
N ASP G 3517 -13.50 62.67 -6.60
CA ASP G 3517 -12.03 62.60 -6.62
C ASP G 3517 -11.42 63.10 -5.31
N GLU G 3518 -12.01 64.12 -4.72
CA GLU G 3518 -11.56 64.58 -3.41
C GLU G 3518 -12.06 63.68 -2.28
N PHE G 3519 -12.88 62.68 -2.57
CA PHE G 3519 -13.45 61.82 -1.53
C PHE G 3519 -13.06 60.36 -1.68
N THR G 3520 -13.27 59.75 -2.85
CA THR G 3520 -13.00 58.32 -2.94
C THR G 3520 -11.52 58.02 -3.12
N GLN G 3521 -10.75 58.97 -3.66
CA GLN G 3521 -9.30 58.82 -3.56
C GLN G 3521 -8.85 59.07 -2.14
N ASP G 3522 -9.47 60.03 -1.47
CA ASP G 3522 -9.25 60.26 -0.05
C ASP G 3522 -9.73 59.08 0.79
N LEU G 3523 -10.72 58.34 0.30
CA LEU G 3523 -11.21 57.15 1.00
C LEU G 3523 -10.12 56.10 1.10
N PHE G 3524 -9.54 55.71 -0.03
CA PHE G 3524 -8.51 54.69 -0.01
C PHE G 3524 -7.16 55.23 0.41
N ARG G 3525 -6.96 56.55 0.37
CA ARG G 3525 -5.78 57.14 0.98
C ARG G 3525 -5.79 56.93 2.49
N PHE G 3526 -6.98 56.98 3.08
CA PHE G 3526 -7.13 56.62 4.49
C PHE G 3526 -6.82 55.16 4.71
N LEU G 3527 -7.41 54.28 3.89
CA LEU G 3527 -7.41 52.85 4.16
C LEU G 3527 -6.03 52.24 3.96
N GLN G 3528 -5.27 52.74 2.99
CA GLN G 3528 -3.93 52.23 2.75
C GLN G 3528 -2.99 52.60 3.89
N LEU G 3529 -3.09 53.82 4.39
CA LEU G 3529 -2.21 54.27 5.44
C LEU G 3529 -2.60 53.73 6.81
N LEU G 3530 -3.74 53.03 6.90
CA LEU G 3530 -4.07 52.31 8.13
C LEU G 3530 -3.09 51.17 8.38
N CYS G 3531 -2.69 50.48 7.32
CA CYS G 3531 -1.80 49.34 7.42
C CYS G 3531 -0.50 49.61 6.68
N GLU G 3532 -0.03 50.86 6.73
CA GLU G 3532 1.23 51.21 6.11
C GLU G 3532 2.40 50.54 6.82
N GLY G 3533 2.43 50.63 8.14
CA GLY G 3533 3.29 49.75 8.90
C GLY G 3533 2.80 48.32 8.80
N HIS G 3534 3.74 47.39 8.66
CA HIS G 3534 3.37 46.00 8.45
C HIS G 3534 2.87 45.40 9.74
N ASN G 3535 1.55 45.51 9.97
CA ASN G 3535 0.99 45.15 11.26
C ASN G 3535 0.74 43.66 11.36
N ASN G 3536 0.17 43.07 10.30
CA ASN G 3536 0.03 41.63 10.02
C ASN G 3536 -1.05 40.98 10.89
N ASP G 3537 -1.58 41.70 11.86
CA ASP G 3537 -2.75 41.27 12.61
C ASP G 3537 -3.92 42.21 12.43
N PHE G 3538 -3.63 43.50 12.35
CA PHE G 3538 -4.58 44.46 11.78
C PHE G 3538 -4.92 44.09 10.35
N GLN G 3539 -3.91 43.60 9.60
CA GLN G 3539 -4.16 43.06 8.28
C GLN G 3539 -5.00 41.80 8.34
N ASN G 3540 -4.79 40.97 9.37
CA ASN G 3540 -5.72 39.88 9.63
C ASN G 3540 -7.08 40.40 10.03
N TYR G 3541 -7.12 41.56 10.70
CA TYR G 3541 -8.39 42.07 11.20
C TYR G 3541 -9.26 42.64 10.09
N LEU G 3542 -8.63 43.13 9.01
CA LEU G 3542 -9.40 43.49 7.83
C LEU G 3542 -9.97 42.26 7.14
N ARG G 3543 -9.30 41.12 7.25
CA ARG G 3543 -9.82 39.91 6.63
C ARG G 3543 -10.98 39.34 7.43
N THR G 3544 -10.87 39.37 8.76
CA THR G 3544 -11.96 38.89 9.59
C THR G 3544 -11.97 39.65 10.92
N GLN G 3545 -13.17 39.86 11.44
CA GLN G 3545 -13.38 40.56 12.70
C GLN G 3545 -13.90 39.51 13.66
N THR G 3546 -12.97 38.78 14.27
CA THR G 3546 -13.30 37.57 15.00
C THR G 3546 -13.87 37.82 16.38
N GLY G 3547 -13.78 39.05 16.89
CA GLY G 3547 -14.36 39.36 18.17
C GLY G 3547 -15.86 39.59 18.07
N ASN G 3548 -16.29 40.21 16.98
CA ASN G 3548 -17.69 40.49 16.77
C ASN G 3548 -18.42 39.27 16.24
N THR G 3549 -19.74 39.39 16.12
CA THR G 3549 -20.56 38.29 15.65
C THR G 3549 -20.57 38.16 14.14
N THR G 3550 -20.10 39.16 13.41
CA THR G 3550 -20.08 39.13 11.96
C THR G 3550 -18.68 39.33 11.43
N THR G 3551 -18.54 39.19 10.11
CA THR G 3551 -17.29 39.36 9.40
C THR G 3551 -17.57 40.11 8.11
N ILE G 3552 -16.82 41.17 7.87
CA ILE G 3552 -17.08 42.07 6.75
C ILE G 3552 -16.15 41.78 5.58
N ASN G 3553 -14.83 41.81 5.82
CA ASN G 3553 -13.77 41.53 4.84
C ASN G 3553 -13.87 42.48 3.63
N ILE G 3554 -13.54 43.74 3.92
CA ILE G 3554 -13.52 44.84 2.94
C ILE G 3554 -12.63 44.52 1.75
N ILE G 3555 -11.57 43.74 1.96
CA ILE G 3555 -10.62 43.36 0.92
C ILE G 3555 -11.30 42.61 -0.21
N ILE G 3556 -12.39 41.91 0.08
CA ILE G 3556 -13.24 41.34 -0.98
C ILE G 3556 -13.83 42.45 -1.84
N CYS G 3557 -14.62 43.33 -1.22
CA CYS G 3557 -15.34 44.35 -1.97
C CYS G 3557 -14.44 45.50 -2.42
N THR G 3558 -13.22 45.59 -1.87
CA THR G 3558 -12.24 46.55 -2.39
C THR G 3558 -11.91 46.23 -3.84
N VAL G 3559 -11.77 44.94 -4.15
CA VAL G 3559 -11.56 44.50 -5.53
C VAL G 3559 -12.80 44.78 -6.37
N ASP G 3560 -13.98 44.66 -5.74
CA ASP G 3560 -15.23 44.71 -6.49
C ASP G 3560 -15.51 46.10 -7.04
N TYR G 3561 -15.23 47.15 -6.26
CA TYR G 3561 -15.40 48.50 -6.78
C TYR G 3561 -14.36 48.80 -7.85
N LEU G 3562 -13.14 48.27 -7.68
CA LEU G 3562 -12.14 48.37 -8.72
C LEU G 3562 -12.60 47.65 -9.98
N LEU G 3563 -13.23 46.49 -9.82
CA LEU G 3563 -13.82 45.79 -10.94
C LEU G 3563 -14.97 46.59 -11.56
N ARG G 3564 -15.79 47.22 -10.71
CA ARG G 3564 -16.82 48.10 -11.22
C ARG G 3564 -16.24 49.35 -11.84
N LEU G 3565 -15.09 49.81 -11.35
CA LEU G 3565 -14.41 50.92 -12.00
C LEU G 3565 -13.75 50.49 -13.28
N GLN G 3566 -13.26 49.25 -13.33
CA GLN G 3566 -12.56 48.73 -14.50
C GLN G 3566 -13.47 48.67 -15.72
N GLU G 3567 -14.70 48.18 -15.52
CA GLU G 3567 -15.64 48.04 -16.62
C GLU G 3567 -16.04 49.39 -17.18
N SER G 3568 -16.12 50.42 -16.33
CA SER G 3568 -16.40 51.76 -16.80
C SER G 3568 -15.24 52.33 -17.60
N ILE G 3569 -14.02 52.06 -17.15
CA ILE G 3569 -12.83 52.50 -17.89
C ILE G 3569 -12.70 51.70 -19.18
N SER G 3570 -13.06 50.42 -19.14
CA SER G 3570 -13.01 49.59 -20.33
C SER G 3570 -14.02 50.06 -21.38
N ASP G 3571 -15.22 50.44 -20.93
CA ASP G 3571 -16.22 50.98 -21.84
C ASP G 3571 -15.90 52.40 -22.27
N PHE G 3572 -15.02 53.08 -21.55
CA PHE G 3572 -14.68 54.46 -21.88
C PHE G 3572 -13.89 54.54 -23.18
N TYR G 3573 -13.11 53.52 -23.49
CA TYR G 3573 -12.25 53.58 -24.66
C TYR G 3573 -13.00 53.28 -25.95
N TRP G 3574 -14.10 52.54 -25.87
CA TRP G 3574 -14.83 52.17 -27.09
C TRP G 3574 -15.52 53.37 -27.72
N TYR G 3575 -15.88 54.37 -26.92
CA TYR G 3575 -16.36 55.62 -27.49
C TYR G 3575 -15.25 56.36 -28.22
N TYR G 3576 -14.02 56.20 -27.76
CA TYR G 3576 -12.87 56.82 -28.39
C TYR G 3576 -12.12 55.86 -29.30
N SER G 3577 -12.61 54.64 -29.44
CA SER G 3577 -12.03 53.72 -30.41
C SER G 3577 -12.32 54.12 -31.85
N GLY G 3578 -13.37 54.91 -32.07
CA GLY G 3578 -13.72 55.33 -33.41
C GLY G 3578 -12.85 56.42 -33.97
N LYS G 3579 -12.87 57.59 -33.34
CA LYS G 3579 -12.08 58.71 -33.82
C LYS G 3579 -10.63 58.58 -33.35
N ASP G 3580 -9.81 59.56 -33.72
CA ASP G 3580 -8.40 59.56 -33.40
C ASP G 3580 -7.98 60.62 -32.39
N VAL G 3581 -8.50 61.84 -32.50
CA VAL G 3581 -8.13 62.90 -31.57
C VAL G 3581 -8.95 62.76 -30.31
N ILE G 3582 -8.36 63.13 -29.18
CA ILE G 3582 -9.04 63.12 -27.89
C ILE G 3582 -9.19 64.55 -27.43
N GLU G 3583 -10.41 64.91 -27.02
CA GLU G 3583 -10.67 66.26 -26.58
C GLU G 3583 -10.04 66.52 -25.22
N GLU G 3584 -9.90 67.81 -24.90
CA GLU G 3584 -9.33 68.20 -23.62
C GLU G 3584 -10.24 67.80 -22.47
N GLN G 3585 -11.55 67.90 -22.67
CA GLN G 3585 -12.51 67.50 -21.64
C GLN G 3585 -12.45 65.99 -21.41
N GLY G 3586 -12.22 65.22 -22.48
CA GLY G 3586 -11.97 63.81 -22.31
C GLY G 3586 -10.65 63.53 -21.62
N LYS G 3587 -9.62 64.31 -21.95
CA LYS G 3587 -8.32 64.15 -21.31
C LYS G 3587 -8.36 64.58 -19.85
N ARG G 3588 -9.12 65.63 -19.55
CA ARG G 3588 -9.21 66.12 -18.18
C ARG G 3588 -9.99 65.16 -17.29
N ASN G 3589 -11.07 64.59 -17.82
CA ASN G 3589 -11.89 63.69 -17.03
C ASN G 3589 -11.25 62.31 -16.85
N PHE G 3590 -10.44 61.87 -17.81
CA PHE G 3590 -9.81 60.57 -17.72
C PHE G 3590 -8.55 60.60 -16.87
N SER G 3591 -7.89 61.76 -16.76
CA SER G 3591 -6.81 61.92 -15.81
C SER G 3591 -7.29 61.86 -14.37
N LYS G 3592 -8.58 62.13 -14.13
CA LYS G 3592 -9.14 62.05 -12.79
C LYS G 3592 -9.15 60.62 -12.28
N ALA G 3593 -9.86 59.74 -13.00
CA ALA G 3593 -10.11 58.39 -12.49
C ALA G 3593 -8.86 57.54 -12.50
N MET G 3594 -7.90 57.85 -13.38
CA MET G 3594 -6.62 57.17 -13.33
C MET G 3594 -5.87 57.51 -12.05
N SER G 3595 -5.93 58.78 -11.63
CA SER G 3595 -5.38 59.16 -10.34
C SER G 3595 -6.18 58.56 -9.20
N VAL G 3596 -7.49 58.36 -9.40
CA VAL G 3596 -8.30 57.66 -8.41
C VAL G 3596 -7.87 56.20 -8.32
N ALA G 3597 -7.75 55.53 -9.47
CA ALA G 3597 -7.39 54.12 -9.48
C ALA G 3597 -5.96 53.87 -9.07
N LYS G 3598 -5.10 54.89 -9.17
CA LYS G 3598 -3.70 54.73 -8.76
C LYS G 3598 -3.59 54.50 -7.26
N GLN G 3599 -4.41 55.20 -6.48
CA GLN G 3599 -4.48 54.95 -5.05
C GLN G 3599 -5.03 53.56 -4.76
N VAL G 3600 -5.92 53.06 -5.61
CA VAL G 3600 -6.57 51.78 -5.38
C VAL G 3600 -5.56 50.64 -5.52
N PHE G 3601 -4.73 50.68 -6.56
CA PHE G 3601 -3.67 49.69 -6.70
C PHE G 3601 -2.66 49.79 -5.58
N ASN G 3602 -2.37 51.01 -5.12
CA ASN G 3602 -1.44 51.20 -4.02
C ASN G 3602 -1.98 50.65 -2.71
N SER G 3603 -3.30 50.71 -2.53
CA SER G 3603 -3.90 50.20 -1.30
C SER G 3603 -3.91 48.68 -1.29
N LEU G 3604 -4.07 48.06 -2.47
CA LEU G 3604 -4.13 46.61 -2.54
C LEU G 3604 -2.77 45.97 -2.29
N THR G 3605 -1.69 46.71 -2.55
CA THR G 3605 -0.35 46.21 -2.26
C THR G 3605 -0.14 46.04 -0.77
N GLU G 3606 -0.52 47.04 0.02
CA GLU G 3606 -0.30 47.03 1.45
C GLU G 3606 -1.17 46.03 2.19
N TYR G 3607 -2.16 45.44 1.53
CA TYR G 3607 -2.97 44.40 2.15
C TYR G 3607 -2.20 43.10 2.33
N ILE G 3608 -1.14 42.89 1.55
CA ILE G 3608 -0.42 41.64 1.57
C ILE G 3608 1.07 41.81 1.85
N GLN G 3609 1.64 43.00 1.67
CA GLN G 3609 3.05 43.21 1.95
C GLN G 3609 3.32 43.08 3.44
N GLY G 3610 4.47 42.53 3.80
CA GLY G 3610 4.66 42.07 5.15
C GLY G 3610 3.79 40.83 5.34
N PRO G 3611 4.23 39.70 4.75
CA PRO G 3611 3.31 38.72 4.16
C PRO G 3611 2.22 38.13 5.05
N CYS G 3612 0.97 38.36 4.63
CA CYS G 3612 -0.23 37.83 5.24
C CYS G 3612 -0.82 36.87 4.23
N THR G 3613 -0.48 35.59 4.37
CA THR G 3613 -0.86 34.59 3.39
C THR G 3613 -2.36 34.35 3.34
N GLY G 3614 -3.05 34.56 4.47
CA GLY G 3614 -4.49 34.47 4.45
C GLY G 3614 -5.13 35.54 3.59
N ASN G 3615 -4.56 36.74 3.60
CA ASN G 3615 -4.95 37.74 2.62
C ASN G 3615 -4.49 37.36 1.23
N GLN G 3616 -3.33 36.70 1.12
CA GLN G 3616 -2.85 36.26 -0.17
C GLN G 3616 -3.69 35.13 -0.73
N GLN G 3617 -4.16 34.24 0.14
CA GLN G 3617 -5.10 33.21 -0.31
C GLN G 3617 -6.47 33.80 -0.62
N SER G 3618 -6.84 34.88 0.08
CA SER G 3618 -8.14 35.50 -0.17
C SER G 3618 -8.20 36.14 -1.55
N LEU G 3619 -7.11 36.77 -1.98
CA LEU G 3619 -7.10 37.40 -3.28
C LEU G 3619 -7.04 36.37 -4.39
N ALA G 3620 -6.45 35.20 -4.13
CA ALA G 3620 -6.38 34.16 -5.13
C ALA G 3620 -7.74 33.54 -5.40
N HIS G 3621 -8.47 33.20 -4.32
CA HIS G 3621 -9.78 32.60 -4.48
C HIS G 3621 -10.85 33.60 -4.84
N SER G 3622 -10.56 34.90 -4.75
CA SER G 3622 -11.46 35.90 -5.30
C SER G 3622 -11.31 35.97 -6.81
N ARG G 3623 -12.16 36.77 -7.45
CA ARG G 3623 -12.01 37.00 -8.89
C ARG G 3623 -11.14 38.21 -9.18
N LEU G 3624 -9.98 38.25 -8.52
CA LEU G 3624 -8.98 39.26 -8.81
C LEU G 3624 -8.32 39.01 -10.15
N TRP G 3625 -8.25 37.73 -10.55
CA TRP G 3625 -7.65 37.37 -11.83
C TRP G 3625 -8.43 37.95 -12.99
N ASP G 3626 -9.75 38.01 -12.86
CA ASP G 3626 -10.58 38.69 -13.85
C ASP G 3626 -10.31 40.19 -13.83
N ALA G 3627 -10.02 40.73 -12.65
CA ALA G 3627 -9.82 42.16 -12.52
C ALA G 3627 -8.50 42.63 -13.13
N VAL G 3628 -7.56 41.72 -13.36
CA VAL G 3628 -6.28 42.12 -13.94
C VAL G 3628 -6.39 42.21 -15.46
N VAL G 3629 -7.14 41.29 -16.07
CA VAL G 3629 -7.05 41.01 -17.50
C VAL G 3629 -7.54 42.18 -18.34
N GLY G 3630 -8.65 42.81 -17.93
CA GLY G 3630 -9.23 43.87 -18.73
C GLY G 3630 -8.37 45.11 -18.82
N PHE G 3631 -7.55 45.38 -17.78
CA PHE G 3631 -6.61 46.48 -17.88
C PHE G 3631 -5.51 46.19 -18.89
N LEU G 3632 -5.09 44.92 -19.01
CA LEU G 3632 -4.14 44.56 -20.05
C LEU G 3632 -4.73 44.73 -21.43
N HIS G 3633 -6.05 44.52 -21.57
CA HIS G 3633 -6.74 44.88 -22.80
C HIS G 3633 -6.76 46.39 -22.97
N VAL G 3634 -6.93 47.11 -21.86
CA VAL G 3634 -6.88 48.58 -21.90
C VAL G 3634 -5.46 49.05 -22.20
N PHE G 3635 -4.48 48.47 -21.51
CA PHE G 3635 -3.08 48.86 -21.68
C PHE G 3635 -2.46 48.33 -22.96
N ALA G 3636 -3.23 47.66 -23.82
CA ALA G 3636 -2.73 47.27 -25.13
C ALA G 3636 -3.18 48.24 -26.22
N HIS G 3637 -4.36 48.81 -26.09
CA HIS G 3637 -4.97 49.58 -27.16
C HIS G 3637 -4.85 51.08 -26.94
N MET G 3638 -4.92 51.54 -25.69
CA MET G 3638 -4.57 52.92 -25.41
C MET G 3638 -3.09 53.17 -25.61
N MET G 3639 -2.25 52.16 -25.35
CA MET G 3639 -0.82 52.34 -25.39
C MET G 3639 -0.34 52.51 -26.83
N MET G 3640 -1.06 51.93 -27.80
CA MET G 3640 -0.74 52.17 -29.19
C MET G 3640 -1.26 53.53 -29.65
N LYS G 3641 -2.48 53.89 -29.25
CA LYS G 3641 -3.12 55.08 -29.78
C LYS G 3641 -2.55 56.36 -29.19
N LEU G 3642 -2.23 56.36 -27.90
CA LEU G 3642 -1.65 57.54 -27.27
C LEU G 3642 -0.24 57.82 -27.75
N ALA G 3643 0.45 56.83 -28.31
CA ALA G 3643 1.78 57.04 -28.84
C ALA G 3643 1.78 57.85 -30.13
N GLN G 3644 0.63 58.01 -30.78
CA GLN G 3644 0.55 58.68 -32.07
C GLN G 3644 0.30 60.18 -31.95
N ASP G 3645 0.63 60.78 -30.82
CA ASP G 3645 0.42 62.21 -30.64
C ASP G 3645 1.50 62.78 -29.73
N SER G 3646 1.93 63.99 -30.03
CA SER G 3646 2.84 64.73 -29.16
C SER G 3646 2.09 65.54 -28.12
N SER G 3647 0.79 65.73 -28.28
CA SER G 3647 -0.03 66.40 -27.27
C SER G 3647 -0.57 65.44 -26.22
N GLN G 3648 -0.34 64.15 -26.39
CA GLN G 3648 -0.84 63.12 -25.48
C GLN G 3648 0.28 62.46 -24.70
N ILE G 3649 1.44 63.13 -24.59
CA ILE G 3649 2.60 62.54 -23.93
C ILE G 3649 2.37 62.46 -22.42
N GLU G 3650 1.90 63.56 -21.82
CA GLU G 3650 1.71 63.62 -20.39
C GLU G 3650 0.60 62.71 -19.91
N LEU G 3651 -0.38 62.41 -20.77
CA LEU G 3651 -1.40 61.43 -20.42
C LEU G 3651 -0.85 60.03 -20.50
N LEU G 3652 -0.05 59.74 -21.52
CA LEU G 3652 0.58 58.43 -21.61
C LEU G 3652 1.67 58.27 -20.57
N LYS G 3653 2.33 59.38 -20.18
CA LYS G 3653 3.23 59.36 -19.04
C LYS G 3653 2.47 59.06 -17.75
N GLU G 3654 1.25 59.60 -17.64
CA GLU G 3654 0.40 59.28 -16.50
C GLU G 3654 -0.06 57.82 -16.55
N LEU G 3655 -0.19 57.26 -17.76
CA LEU G 3655 -0.65 55.88 -17.89
C LEU G 3655 0.41 54.90 -17.42
N LEU G 3656 1.68 55.18 -17.71
CA LEU G 3656 2.75 54.26 -17.33
C LEU G 3656 2.96 54.25 -15.83
N ASP G 3657 2.61 55.35 -15.16
CA ASP G 3657 2.60 55.37 -13.70
C ASP G 3657 1.54 54.45 -13.14
N LEU G 3658 0.39 54.34 -13.84
CA LEU G 3658 -0.66 53.44 -13.40
C LEU G 3658 -0.28 51.99 -13.62
N GLN G 3659 0.36 51.70 -14.76
CA GLN G 3659 0.69 50.33 -15.09
C GLN G 3659 1.85 49.81 -14.26
N LYS G 3660 2.81 50.68 -13.93
CA LYS G 3660 3.94 50.26 -13.09
C LYS G 3660 3.50 49.96 -11.68
N ASP G 3661 2.57 50.76 -11.14
CA ASP G 3661 2.00 50.45 -9.84
C ASP G 3661 1.11 49.22 -9.87
N MET G 3662 0.58 48.88 -11.05
CA MET G 3662 -0.23 47.68 -11.16
C MET G 3662 0.64 46.42 -11.20
N VAL G 3663 1.78 46.49 -11.88
CA VAL G 3663 2.58 45.28 -12.05
C VAL G 3663 3.36 44.96 -10.77
N VAL G 3664 3.66 45.96 -9.93
CA VAL G 3664 4.34 45.66 -8.68
C VAL G 3664 3.37 45.07 -7.66
N MET G 3665 2.06 45.28 -7.85
CA MET G 3665 1.08 44.50 -7.09
C MET G 3665 1.18 43.03 -7.44
N LEU G 3666 1.36 42.72 -8.72
CA LEU G 3666 1.58 41.34 -9.15
C LEU G 3666 2.87 40.79 -8.60
N LEU G 3667 3.89 41.64 -8.46
CA LEU G 3667 5.13 41.23 -7.81
C LEU G 3667 4.91 40.94 -6.34
N SER G 3668 4.02 41.67 -5.69
CA SER G 3668 3.72 41.46 -4.28
C SER G 3668 2.95 40.16 -4.05
N LEU G 3669 2.33 39.61 -5.09
CA LEU G 3669 1.52 38.41 -4.93
C LEU G 3669 2.38 37.18 -4.66
N LEU G 3670 3.62 37.18 -5.13
CA LEU G 3670 4.46 35.99 -4.97
C LEU G 3670 4.92 35.90 -3.53
N GLU G 3671 5.77 36.85 -3.15
CA GLU G 3671 6.22 37.15 -1.78
C GLU G 3671 6.68 35.89 -1.04
N GLY G 3672 7.72 35.27 -1.59
CA GLY G 3672 8.17 34.00 -1.06
C GLY G 3672 7.40 32.84 -1.66
N ASN G 3673 7.43 32.74 -2.98
CA ASN G 3673 6.65 31.74 -3.70
C ASN G 3673 7.46 30.45 -3.81
N VAL G 3674 6.84 29.33 -3.45
CA VAL G 3674 7.45 28.02 -3.58
C VAL G 3674 7.29 27.59 -5.04
N VAL G 3675 7.93 26.46 -5.41
CA VAL G 3675 8.03 26.00 -6.79
C VAL G 3675 6.65 25.80 -7.43
N ASN G 3676 5.68 25.28 -6.70
CA ASN G 3676 4.39 24.94 -7.27
C ASN G 3676 3.25 25.39 -6.36
N GLY G 3677 3.31 26.65 -5.91
CA GLY G 3677 2.36 27.14 -4.95
C GLY G 3677 1.07 27.72 -5.50
N MET G 3678 0.68 27.29 -6.71
CA MET G 3678 -0.60 27.50 -7.38
C MET G 3678 -0.87 28.94 -7.78
N ILE G 3679 -0.01 29.89 -7.42
CA ILE G 3679 -0.24 31.29 -7.72
C ILE G 3679 0.32 31.66 -9.07
N ALA G 3680 1.60 31.34 -9.27
CA ALA G 3680 2.23 31.53 -10.57
C ALA G 3680 1.65 30.58 -11.61
N ARG G 3681 1.11 29.43 -11.17
CA ARG G 3681 0.42 28.54 -12.08
C ARG G 3681 -0.83 29.19 -12.65
N GLN G 3682 -1.51 30.01 -11.85
CA GLN G 3682 -2.61 30.80 -12.37
C GLN G 3682 -2.13 32.06 -13.09
N MET G 3683 -0.90 32.52 -12.80
CA MET G 3683 -0.35 33.64 -13.57
C MET G 3683 -0.04 33.21 -14.99
N VAL G 3684 0.45 31.99 -15.17
CA VAL G 3684 0.59 31.43 -16.51
C VAL G 3684 -0.77 31.26 -17.15
N ASP G 3685 -1.78 30.94 -16.35
CA ASP G 3685 -3.13 30.72 -16.87
C ASP G 3685 -3.71 32.00 -17.44
N MET G 3686 -3.52 33.13 -16.76
CA MET G 3686 -4.08 34.37 -17.29
C MET G 3686 -3.26 34.94 -18.44
N LEU G 3687 -1.94 34.73 -18.44
CA LEU G 3687 -1.12 35.31 -19.49
C LEU G 3687 -1.22 34.55 -20.79
N VAL G 3688 -1.57 33.26 -20.74
CA VAL G 3688 -1.94 32.56 -21.97
C VAL G 3688 -3.32 33.03 -22.42
N GLU G 3689 -4.21 33.28 -21.45
CA GLU G 3689 -5.59 33.64 -21.76
C GLU G 3689 -5.68 35.03 -22.40
N SER G 3690 -4.83 35.96 -21.97
CA SER G 3690 -4.79 37.30 -22.53
C SER G 3690 -3.48 37.54 -23.27
N SER G 3691 -3.05 36.56 -24.04
CA SER G 3691 -1.72 36.61 -24.65
C SER G 3691 -1.65 37.63 -25.76
N SER G 3692 -2.74 37.81 -26.52
CA SER G 3692 -2.74 38.70 -27.67
C SER G 3692 -2.59 40.16 -27.26
N ASN G 3693 -3.08 40.51 -26.08
CA ASN G 3693 -2.78 41.84 -25.54
C ASN G 3693 -1.31 41.95 -25.16
N VAL G 3694 -0.77 40.88 -24.55
CA VAL G 3694 0.62 40.89 -24.09
C VAL G 3694 1.57 40.96 -25.27
N GLU G 3695 1.21 40.29 -26.37
CA GLU G 3695 2.02 40.36 -27.59
C GLU G 3695 2.05 41.77 -28.16
N MET G 3696 0.96 42.51 -27.99
CA MET G 3696 1.00 43.93 -28.31
C MET G 3696 1.84 44.69 -27.31
N ILE G 3697 1.81 44.29 -26.04
CA ILE G 3697 2.56 44.98 -25.01
C ILE G 3697 4.05 44.71 -25.15
N LEU G 3698 4.42 43.44 -25.36
CA LEU G 3698 5.83 43.06 -25.45
C LEU G 3698 6.48 43.64 -26.70
N LYS G 3699 5.73 43.72 -27.80
CA LYS G 3699 6.26 44.34 -29.00
C LYS G 3699 6.46 45.83 -28.82
N PHE G 3700 5.61 46.47 -27.99
CA PHE G 3700 5.64 47.92 -27.85
C PHE G 3700 6.91 48.38 -27.13
N PHE G 3701 7.33 47.65 -26.11
CA PHE G 3701 8.62 47.95 -25.50
C PHE G 3701 9.76 47.59 -26.43
N ASP G 3702 9.58 46.51 -27.20
CA ASP G 3702 10.67 46.00 -28.02
C ASP G 3702 10.93 46.89 -29.24
N MET G 3703 9.88 47.51 -29.78
CA MET G 3703 10.08 48.40 -30.92
C MET G 3703 10.84 49.65 -30.53
N PHE G 3704 10.52 50.23 -29.37
CA PHE G 3704 11.22 51.43 -28.91
C PHE G 3704 12.66 51.11 -28.52
N LEU G 3705 12.90 49.91 -27.99
CA LEU G 3705 14.25 49.51 -27.68
C LEU G 3705 15.04 49.26 -28.97
N LYS G 3706 14.38 48.74 -30.00
CA LYS G 3706 15.06 48.58 -31.29
C LYS G 3706 15.29 49.92 -31.96
N LEU G 3707 14.34 50.85 -31.80
CA LEU G 3707 14.38 52.12 -32.53
C LEU G 3707 15.56 52.97 -32.11
N LYS G 3708 15.90 52.97 -30.82
CA LYS G 3708 17.12 53.61 -30.39
C LYS G 3708 18.33 52.83 -30.86
N ASP G 3709 18.22 51.50 -30.93
CA ASP G 3709 19.35 50.68 -31.37
C ASP G 3709 19.59 50.74 -32.87
N ILE G 3710 18.56 51.06 -33.67
CA ILE G 3710 18.77 51.27 -35.08
C ILE G 3710 19.62 52.52 -35.32
N VAL G 3711 19.36 53.58 -34.57
CA VAL G 3711 20.23 54.76 -34.63
C VAL G 3711 21.30 54.52 -33.57
N GLY G 3712 22.23 53.63 -33.91
CA GLY G 3712 23.50 53.48 -33.24
C GLY G 3712 24.47 52.99 -34.28
N SER G 3713 23.98 52.95 -35.52
CA SER G 3713 24.65 52.26 -36.62
C SER G 3713 24.89 53.23 -37.76
N GLU G 3714 25.94 52.93 -38.53
CA GLU G 3714 26.24 53.75 -39.70
C GLU G 3714 25.28 53.51 -40.84
N ALA G 3715 24.59 52.36 -40.85
CA ALA G 3715 23.61 52.09 -41.90
C ALA G 3715 22.43 53.04 -41.83
N PHE G 3716 22.08 53.49 -40.62
CA PHE G 3716 21.18 54.63 -40.51
C PHE G 3716 21.87 55.92 -40.92
N GLN G 3717 23.17 56.04 -40.63
CA GLN G 3717 23.90 57.27 -40.84
C GLN G 3717 24.39 57.45 -42.28
N ASP G 3718 24.32 56.40 -43.11
CA ASP G 3718 24.83 56.51 -44.47
C ASP G 3718 23.93 57.37 -45.33
N TYR G 3719 22.67 56.97 -45.49
CA TYR G 3719 21.78 57.58 -46.46
C TYR G 3719 21.28 58.96 -46.05
N VAL G 3720 21.42 59.34 -44.78
CA VAL G 3720 21.02 60.67 -44.35
C VAL G 3720 22.05 61.68 -44.82
N THR G 3721 21.58 62.72 -45.50
CA THR G 3721 22.41 63.81 -45.99
C THR G 3721 21.86 65.10 -45.40
N ASP G 3722 22.24 65.38 -44.16
CA ASP G 3722 21.73 66.52 -43.40
C ASP G 3722 22.77 66.97 -42.38
N PRO G 3723 23.47 68.07 -42.62
CA PRO G 3723 24.26 68.69 -41.55
C PRO G 3723 23.41 69.27 -40.42
N ARG G 3724 22.15 69.58 -40.70
CA ARG G 3724 21.24 70.02 -39.65
C ARG G 3724 20.59 68.85 -38.92
N GLY G 3725 20.66 67.64 -39.49
CA GLY G 3725 20.10 66.48 -38.83
C GLY G 3725 18.59 66.38 -38.86
N LEU G 3726 17.95 66.90 -39.90
CA LEU G 3726 16.50 66.81 -40.05
C LEU G 3726 16.20 65.89 -41.23
N ILE G 3727 16.18 64.59 -40.95
CA ILE G 3727 16.01 63.59 -41.98
C ILE G 3727 14.57 63.62 -42.48
N SER G 3728 14.38 63.22 -43.73
CA SER G 3728 13.06 63.16 -44.33
C SER G 3728 12.38 61.83 -43.98
N LYS G 3729 11.28 61.54 -44.65
CA LYS G 3729 10.45 60.37 -44.37
C LYS G 3729 10.65 59.24 -45.37
N LYS G 3730 10.82 59.57 -46.65
CA LYS G 3730 10.89 58.55 -47.69
C LYS G 3730 12.17 57.74 -47.60
N ASP G 3731 13.28 58.38 -47.24
CA ASP G 3731 14.51 57.64 -46.99
C ASP G 3731 14.41 56.82 -45.72
N PHE G 3732 13.68 57.33 -44.72
CA PHE G 3732 13.37 56.50 -43.56
C PHE G 3732 12.40 55.38 -43.94
N GLN G 3733 11.51 55.64 -44.90
CA GLN G 3733 10.63 54.58 -45.38
C GLN G 3733 11.39 53.53 -46.17
N LYS G 3734 12.41 53.97 -46.92
CA LYS G 3734 13.13 53.05 -47.80
C LYS G 3734 14.07 52.14 -47.00
N ALA G 3735 15.01 52.73 -46.26
CA ALA G 3735 16.10 51.95 -45.67
C ALA G 3735 15.68 51.13 -44.46
N MET G 3736 14.53 51.42 -43.85
CA MET G 3736 14.02 50.52 -42.83
C MET G 3736 13.42 49.26 -43.45
N ASP G 3737 13.08 49.30 -44.74
CA ASP G 3737 12.80 48.07 -45.46
C ASP G 3737 14.08 47.38 -45.89
N SER G 3738 15.15 48.14 -46.11
CA SER G 3738 16.45 47.56 -46.41
C SER G 3738 16.98 46.77 -45.22
N GLN G 3739 16.86 47.32 -44.03
CA GLN G 3739 17.15 46.57 -42.83
C GLN G 3739 16.01 45.61 -42.52
N LYS G 3740 16.35 44.50 -41.89
CA LYS G 3740 15.39 43.45 -41.58
C LYS G 3740 14.76 43.74 -40.21
N GLN G 3741 14.12 42.70 -39.63
CA GLN G 3741 13.53 42.66 -38.28
C GLN G 3741 12.55 43.80 -38.01
N PHE G 3742 11.85 44.25 -39.06
CA PHE G 3742 10.75 45.18 -38.91
C PHE G 3742 9.65 44.82 -39.90
N THR G 3743 8.50 45.46 -39.72
CA THR G 3743 7.33 45.20 -40.54
C THR G 3743 6.82 46.52 -41.08
N GLY G 3744 6.38 46.51 -42.34
CA GLY G 3744 5.84 47.67 -43.04
C GLY G 3744 4.79 48.48 -42.31
N PRO G 3745 3.66 47.86 -41.91
CA PRO G 3745 2.68 48.59 -41.10
C PRO G 3745 3.20 49.01 -39.73
N GLU G 3746 4.19 48.30 -39.19
CA GLU G 3746 4.82 48.78 -37.96
C GLU G 3746 5.67 50.00 -38.23
N ILE G 3747 6.32 50.05 -39.40
CA ILE G 3747 6.98 51.27 -39.83
C ILE G 3747 5.95 52.36 -40.11
N GLN G 3748 4.78 51.98 -40.64
CA GLN G 3748 3.68 52.92 -40.75
C GLN G 3748 3.19 53.37 -39.37
N PHE G 3749 3.25 52.48 -38.39
CA PHE G 3749 2.98 52.89 -37.02
C PHE G 3749 4.08 53.80 -36.49
N LEU G 3750 5.32 53.62 -36.96
CA LEU G 3750 6.38 54.53 -36.58
C LEU G 3750 6.18 55.91 -37.21
N LEU G 3751 5.56 55.97 -38.38
CA LEU G 3751 5.33 57.26 -39.02
C LEU G 3751 4.23 58.04 -38.32
N SER G 3752 3.17 57.34 -37.90
CA SER G 3752 2.08 58.01 -37.19
C SER G 3752 2.48 58.46 -35.81
N CYS G 3753 3.51 57.85 -35.22
CA CYS G 3753 4.07 58.35 -33.97
C CYS G 3753 5.10 59.45 -34.19
N SER G 3754 5.75 59.47 -35.35
CA SER G 3754 6.75 60.48 -35.64
C SER G 3754 6.09 61.79 -36.04
N GLU G 3755 6.93 62.81 -36.25
CA GLU G 3755 6.49 64.12 -36.70
C GLU G 3755 6.92 64.30 -38.14
N ALA G 3756 5.98 64.69 -39.01
CA ALA G 3756 6.29 64.81 -40.43
C ALA G 3756 6.94 66.15 -40.75
N ASP G 3757 6.41 67.23 -40.17
CA ASP G 3757 6.86 68.62 -40.38
C ASP G 3757 6.86 68.98 -41.87
N GLU G 3758 5.67 68.89 -42.47
CA GLU G 3758 5.42 69.11 -43.90
C GLU G 3758 6.28 68.20 -44.76
N ASN G 3759 6.47 66.96 -44.30
CA ASN G 3759 7.26 65.92 -44.96
C ASN G 3759 8.71 66.37 -45.16
N GLU G 3760 9.26 67.05 -44.16
CA GLU G 3760 10.65 67.52 -44.22
C GLU G 3760 11.53 66.94 -43.14
N MET G 3761 11.12 67.05 -41.88
CA MET G 3761 11.98 66.73 -40.75
C MET G 3761 11.38 65.60 -39.93
N ILE G 3762 12.26 64.90 -39.22
CA ILE G 3762 11.87 63.90 -38.24
C ILE G 3762 12.41 64.24 -36.85
N ASN G 3763 13.67 64.67 -36.77
CA ASN G 3763 14.46 64.80 -35.54
C ASN G 3763 14.44 63.48 -34.77
N PHE G 3764 15.08 62.49 -35.41
CA PHE G 3764 15.18 61.14 -34.88
C PHE G 3764 15.89 61.09 -33.54
N GLU G 3765 16.84 62.00 -33.31
CA GLU G 3765 17.62 61.98 -32.08
C GLU G 3765 16.77 62.35 -30.87
N GLU G 3766 15.87 63.33 -31.06
CA GLU G 3766 14.91 63.61 -30.01
C GLU G 3766 13.81 62.56 -29.97
N PHE G 3767 13.49 61.96 -31.11
CA PHE G 3767 12.35 61.05 -31.18
C PHE G 3767 12.68 59.70 -30.56
N ALA G 3768 13.88 59.18 -30.82
CA ALA G 3768 14.24 57.88 -30.27
C ALA G 3768 14.61 57.96 -28.79
N ASN G 3769 15.08 59.12 -28.33
CA ASN G 3769 15.51 59.28 -26.95
C ASN G 3769 14.40 59.74 -26.02
N ARG G 3770 13.23 60.10 -26.55
CA ARG G 3770 12.14 60.57 -25.71
C ARG G 3770 11.41 59.41 -25.03
N PHE G 3771 11.32 58.27 -25.70
CA PHE G 3771 10.49 57.16 -25.25
C PHE G 3771 11.16 56.29 -24.21
N GLN G 3772 12.46 56.49 -23.96
CA GLN G 3772 13.22 55.54 -23.15
C GLN G 3772 12.94 55.72 -21.65
N GLU G 3773 13.24 56.89 -21.13
CA GLU G 3773 13.12 57.17 -19.69
C GLU G 3773 11.71 57.07 -19.09
N PRO G 3774 10.58 57.17 -19.82
CA PRO G 3774 9.35 56.68 -19.18
C PRO G 3774 9.28 55.17 -19.17
N ALA G 3775 9.71 54.52 -20.24
CA ALA G 3775 9.65 53.07 -20.36
C ALA G 3775 10.85 52.37 -19.75
N ARG G 3776 11.75 53.11 -19.11
CA ARG G 3776 12.98 52.53 -18.59
C ARG G 3776 12.70 51.64 -17.39
N ASP G 3777 12.01 52.18 -16.39
CA ASP G 3777 11.72 51.41 -15.19
C ASP G 3777 10.69 50.31 -15.44
N ILE G 3778 9.65 50.62 -16.21
CA ILE G 3778 8.56 49.66 -16.36
C ILE G 3778 8.97 48.53 -17.31
N GLY G 3779 9.90 48.80 -18.23
CA GLY G 3779 10.46 47.72 -19.03
C GLY G 3779 11.30 46.77 -18.21
N PHE G 3780 11.95 47.30 -17.16
CA PHE G 3780 12.64 46.43 -16.22
C PHE G 3780 11.65 45.61 -15.40
N ASN G 3781 10.52 46.21 -15.06
CA ASN G 3781 9.59 45.59 -14.12
C ASN G 3781 8.81 44.44 -14.77
N VAL G 3782 8.48 44.57 -16.05
CA VAL G 3782 7.81 43.48 -16.74
C VAL G 3782 8.77 42.34 -16.98
N ALA G 3783 10.00 42.66 -17.38
CA ALA G 3783 10.98 41.64 -17.71
C ALA G 3783 11.44 40.87 -16.49
N VAL G 3784 11.52 41.53 -15.33
CA VAL G 3784 11.91 40.83 -14.12
C VAL G 3784 10.78 39.92 -13.65
N LEU G 3785 9.54 40.21 -14.02
CA LEU G 3785 8.43 39.31 -13.73
C LEU G 3785 8.56 38.02 -14.51
N LEU G 3786 8.83 38.13 -15.81
CA LEU G 3786 9.06 36.96 -16.64
C LEU G 3786 10.32 36.22 -16.21
N THR G 3787 11.32 36.96 -15.73
CA THR G 3787 12.50 36.32 -15.15
C THR G 3787 12.15 35.57 -13.88
N ASN G 3788 11.28 36.15 -13.05
CA ASN G 3788 10.98 35.54 -11.77
C ASN G 3788 10.10 34.31 -11.93
N LEU G 3789 9.05 34.41 -12.74
CA LEU G 3789 8.10 33.32 -12.90
C LEU G 3789 8.70 32.14 -13.64
N SER G 3790 9.73 32.37 -14.44
CA SER G 3790 10.43 31.28 -15.08
C SER G 3790 11.13 30.40 -14.05
N GLU G 3791 11.66 31.02 -13.00
CA GLU G 3791 12.45 30.26 -12.03
C GLU G 3791 11.57 29.52 -11.04
N HIS G 3792 10.38 30.01 -10.75
CA HIS G 3792 9.50 29.32 -9.82
C HIS G 3792 8.90 28.08 -10.44
N VAL G 3793 8.36 28.22 -11.64
CA VAL G 3793 7.77 27.10 -12.36
C VAL G 3793 8.54 26.89 -13.67
N PRO G 3794 9.43 25.91 -13.70
CA PRO G 3794 9.92 25.39 -14.99
C PRO G 3794 8.95 24.37 -15.57
N HIS G 3795 9.36 23.74 -16.68
CA HIS G 3795 8.64 22.67 -17.35
C HIS G 3795 7.27 23.14 -17.85
N ASP G 3796 7.28 24.18 -18.66
CA ASP G 3796 6.07 24.63 -19.34
C ASP G 3796 6.44 25.28 -20.67
N PRO G 3797 6.02 24.70 -21.79
CA PRO G 3797 6.31 25.32 -23.09
C PRO G 3797 5.58 26.61 -23.33
N ARG G 3798 4.48 26.84 -22.61
CA ARG G 3798 3.75 28.10 -22.75
C ARG G 3798 4.56 29.27 -22.24
N LEU G 3799 5.30 29.06 -21.15
CA LEU G 3799 6.21 30.10 -20.68
C LEU G 3799 7.39 30.26 -21.62
N ARG G 3800 7.80 29.18 -22.28
CA ARG G 3800 8.86 29.24 -23.28
C ARG G 3800 8.46 30.08 -24.48
N ASN G 3801 7.17 30.19 -24.75
CA ASN G 3801 6.71 31.06 -25.84
C ASN G 3801 6.99 32.53 -25.52
N PHE G 3802 6.67 32.96 -24.30
CA PHE G 3802 6.83 34.37 -23.97
C PHE G 3802 8.29 34.76 -23.78
N LEU G 3803 9.10 33.83 -23.26
CA LEU G 3803 10.52 34.10 -23.08
C LEU G 3803 11.23 34.27 -24.41
N GLU G 3804 10.85 33.47 -25.40
CA GLU G 3804 11.47 33.57 -26.72
C GLU G 3804 11.04 34.84 -27.43
N LEU G 3805 9.80 35.27 -27.24
CA LEU G 3805 9.30 36.38 -28.03
C LEU G 3805 9.69 37.72 -27.42
N ALA G 3806 9.73 37.82 -26.10
CA ALA G 3806 10.23 39.03 -25.45
C ALA G 3806 11.72 38.92 -25.18
N GLU G 3807 12.50 38.62 -26.21
CA GLU G 3807 13.87 38.16 -26.00
C GLU G 3807 14.82 39.32 -25.70
N SER G 3808 14.93 40.27 -26.64
CA SER G 3808 15.97 41.29 -26.63
C SER G 3808 15.87 42.26 -25.45
N ILE G 3809 14.76 42.26 -24.72
CA ILE G 3809 14.63 43.09 -23.54
C ILE G 3809 15.56 42.59 -22.44
N LEU G 3810 15.73 41.26 -22.34
CA LEU G 3810 16.48 40.65 -21.25
C LEU G 3810 17.96 41.01 -21.30
N GLU G 3811 18.53 41.07 -22.49
CA GLU G 3811 19.94 41.44 -22.62
C GLU G 3811 20.16 42.92 -22.32
N TYR G 3812 19.14 43.75 -22.50
CA TYR G 3812 19.28 45.16 -22.19
C TYR G 3812 19.32 45.39 -20.68
N PHE G 3813 18.64 44.54 -19.91
CA PHE G 3813 18.52 44.76 -18.48
C PHE G 3813 19.33 43.78 -17.64
N ARG G 3814 19.90 42.75 -18.23
CA ARG G 3814 20.78 41.87 -17.45
C ARG G 3814 22.05 42.49 -16.88
N PRO G 3815 22.63 43.60 -17.38
CA PRO G 3815 23.60 44.31 -16.52
C PRO G 3815 22.94 45.07 -15.40
N TYR G 3816 21.65 45.37 -15.51
CA TYR G 3816 20.97 46.11 -14.45
C TYR G 3816 20.44 45.19 -13.35
N LEU G 3817 20.14 43.94 -13.68
CA LEU G 3817 19.40 43.08 -12.78
C LEU G 3817 20.23 42.61 -11.59
N GLY G 3818 19.68 42.74 -10.40
CA GLY G 3818 20.26 42.17 -9.19
C GLY G 3818 19.41 40.99 -8.72
N ARG G 3819 20.09 39.86 -8.50
CA ARG G 3819 19.46 38.63 -8.03
C ARG G 3819 20.24 38.12 -6.82
N ILE G 3820 19.71 38.35 -5.63
CA ILE G 3820 20.38 37.89 -4.41
C ILE G 3820 19.43 36.99 -3.64
N GLU G 3821 20.00 36.04 -2.92
CA GLU G 3821 19.24 35.03 -2.20
C GLU G 3821 19.42 35.21 -0.70
N ILE G 3822 18.34 35.03 0.06
CA ILE G 3822 18.36 35.15 1.52
C ILE G 3822 17.51 34.04 2.13
N MET G 3823 17.53 34.00 3.45
CA MET G 3823 16.70 33.07 4.23
C MET G 3823 16.22 33.85 5.44
N GLY G 3824 14.98 34.33 5.39
CA GLY G 3824 14.49 35.21 6.43
C GLY G 3824 13.00 35.17 6.68
N ALA G 3825 12.61 35.03 7.95
CA ALA G 3825 11.24 35.10 8.46
C ALA G 3825 10.32 34.04 7.88
N SER G 3826 10.87 32.99 7.27
CA SER G 3826 10.06 31.96 6.63
C SER G 3826 10.55 30.55 6.89
N ARG G 3827 11.71 30.38 7.54
CA ARG G 3827 12.45 29.12 7.65
C ARG G 3827 12.74 28.51 6.28
N ARG G 3828 12.89 29.34 5.25
CA ARG G 3828 13.12 28.88 3.90
C ARG G 3828 14.00 29.89 3.17
N ILE G 3829 14.62 29.40 2.10
CA ILE G 3829 15.40 30.26 1.22
C ILE G 3829 14.47 31.20 0.46
N GLU G 3830 14.94 32.41 0.19
CA GLU G 3830 14.18 33.41 -0.55
C GLU G 3830 15.09 34.17 -1.49
N ARG G 3831 14.64 34.33 -2.74
CA ARG G 3831 15.36 35.12 -3.72
C ARG G 3831 14.82 36.55 -3.74
N ILE G 3832 15.72 37.48 -4.06
CA ILE G 3832 15.38 38.90 -4.13
C ILE G 3832 15.80 39.43 -5.49
N TYR G 3833 14.90 40.17 -6.14
CA TYR G 3833 15.13 40.72 -7.46
C TYR G 3833 15.13 42.24 -7.37
N PHE G 3834 16.14 42.87 -7.94
CA PHE G 3834 16.29 44.32 -7.84
C PHE G 3834 17.15 44.81 -9.00
N GLU G 3835 17.47 46.10 -8.98
CA GLU G 3835 18.19 46.75 -10.06
C GLU G 3835 19.47 47.38 -9.54
N ILE G 3836 20.43 47.56 -10.46
CA ILE G 3836 21.67 48.27 -10.20
C ILE G 3836 21.71 49.50 -11.11
N SER G 3837 22.02 50.66 -10.53
CA SER G 3837 22.26 51.86 -11.33
C SER G 3837 23.47 51.67 -12.23
N GLU G 3838 23.34 52.16 -13.46
CA GLU G 3838 24.34 51.93 -14.50
C GLU G 3838 25.66 52.62 -14.17
N THR G 3839 25.60 53.77 -13.51
CA THR G 3839 26.81 54.50 -13.12
C THR G 3839 27.60 53.73 -12.08
N ASN G 3840 26.91 53.26 -11.05
CA ASN G 3840 27.57 52.60 -9.93
C ASN G 3840 28.13 51.23 -10.32
N ARG G 3841 27.54 50.60 -11.34
CA ARG G 3841 28.14 49.41 -11.92
C ARG G 3841 29.48 49.73 -12.56
N ALA G 3842 29.55 50.85 -13.28
CA ALA G 3842 30.83 51.29 -13.82
C ALA G 3842 31.76 51.79 -12.73
N GLN G 3843 31.19 52.32 -11.65
CA GLN G 3843 32.00 52.70 -10.50
C GLN G 3843 32.61 51.49 -9.83
N TRP G 3844 31.91 50.36 -9.87
CA TRP G 3844 32.47 49.12 -9.32
C TRP G 3844 33.65 48.64 -10.14
N GLU G 3845 33.60 48.84 -11.46
CA GLU G 3845 34.67 48.38 -12.33
C GLU G 3845 35.71 49.49 -12.45
N MET G 3846 36.51 49.62 -11.40
CA MET G 3846 37.60 50.57 -11.34
C MET G 3846 38.80 49.87 -10.74
N PRO G 3847 40.01 50.14 -11.26
CA PRO G 3847 41.20 49.48 -10.70
C PRO G 3847 41.52 49.89 -9.28
N GLN G 3848 41.12 51.11 -8.89
CA GLN G 3848 41.19 51.49 -7.48
C GLN G 3848 40.24 50.64 -6.65
N VAL G 3849 39.06 50.34 -7.21
CA VAL G 3849 38.09 49.50 -6.52
C VAL G 3849 38.51 48.04 -6.57
N LYS G 3850 38.97 47.59 -7.75
CA LYS G 3850 39.23 46.17 -7.97
C LYS G 3850 40.44 45.70 -7.15
N GLU G 3851 41.48 46.53 -7.06
CA GLU G 3851 42.63 46.16 -6.26
C GLU G 3851 42.32 46.21 -4.77
N SER G 3852 41.46 47.16 -4.37
CA SER G 3852 41.00 47.20 -2.98
C SER G 3852 40.20 45.96 -2.62
N LYS G 3853 39.43 45.44 -3.58
CA LYS G 3853 38.80 44.14 -3.39
C LYS G 3853 39.84 43.03 -3.40
N ARG G 3854 40.81 43.11 -4.32
CA ARG G 3854 41.80 42.05 -4.48
C ARG G 3854 42.69 41.91 -3.26
N GLN G 3855 43.04 43.03 -2.64
CA GLN G 3855 43.75 42.98 -1.36
C GLN G 3855 42.85 42.41 -0.26
N PHE G 3856 41.56 42.72 -0.32
CA PHE G 3856 40.63 42.23 0.68
C PHE G 3856 40.38 40.74 0.55
N ILE G 3857 40.46 40.21 -0.67
CA ILE G 3857 40.37 38.76 -0.89
C ILE G 3857 41.57 38.07 -0.24
N PHE G 3858 42.74 38.70 -0.32
CA PHE G 3858 43.96 38.14 0.27
C PHE G 3858 43.88 38.03 1.78
N ASP G 3859 43.11 38.92 2.42
CA ASP G 3859 43.08 38.99 3.86
C ASP G 3859 42.06 38.04 4.47
N VAL G 3860 40.92 37.85 3.81
CA VAL G 3860 39.83 37.10 4.40
C VAL G 3860 40.08 35.61 4.41
N VAL G 3861 41.01 35.12 3.60
CA VAL G 3861 41.36 33.71 3.62
C VAL G 3861 42.71 33.47 4.29
N ASN G 3862 43.55 34.49 4.41
CA ASN G 3862 44.70 34.38 5.30
C ASN G 3862 44.23 34.25 6.75
N GLU G 3863 43.17 34.97 7.10
CA GLU G 3863 42.51 34.83 8.40
C GLU G 3863 41.01 34.67 8.11
N GLY G 3864 40.52 33.45 8.21
CA GLY G 3864 39.12 33.18 7.95
C GLY G 3864 38.47 32.27 8.97
N GLY G 3865 37.40 32.75 9.60
CA GLY G 3865 36.71 31.98 10.62
C GLY G 3865 35.20 32.07 10.53
N GLU G 3866 34.60 32.53 11.62
CA GLU G 3866 33.16 32.67 11.78
C GLU G 3866 32.72 33.95 11.04
N ALA G 3867 31.44 34.33 11.15
CA ALA G 3867 30.78 35.48 10.52
C ALA G 3867 31.29 36.83 11.00
N GLU G 3868 32.33 36.86 11.85
CA GLU G 3868 33.21 38.00 11.95
C GLU G 3868 33.69 38.43 10.58
N LYS G 3869 34.06 37.46 9.75
CA LYS G 3869 34.16 37.61 8.29
C LYS G 3869 33.00 38.37 7.68
N MET G 3870 31.77 37.87 7.92
CA MET G 3870 30.58 38.51 7.37
C MET G 3870 30.38 39.87 8.01
N GLU G 3871 30.79 40.03 9.26
CA GLU G 3871 30.78 41.34 9.89
C GLU G 3871 31.76 42.28 9.21
N LEU G 3872 32.99 41.80 8.95
CA LEU G 3872 33.99 42.67 8.35
C LEU G 3872 33.83 42.79 6.84
N PHE G 3873 33.12 41.86 6.21
CA PHE G 3873 32.84 42.03 4.78
C PHE G 3873 31.84 43.15 4.54
N VAL G 3874 30.82 43.25 5.38
CA VAL G 3874 29.89 44.37 5.31
C VAL G 3874 30.61 45.66 5.70
N SER G 3875 31.56 45.55 6.63
CA SER G 3875 32.42 46.68 6.95
C SER G 3875 33.26 47.08 5.74
N PHE G 3876 33.70 46.11 4.94
CA PHE G 3876 34.34 46.42 3.67
C PHE G 3876 33.35 46.98 2.67
N CYS G 3877 32.09 46.54 2.74
CA CYS G 3877 31.05 47.17 1.94
C CYS G 3877 30.73 48.55 2.47
N GLU G 3878 30.76 48.72 3.80
CA GLU G 3878 30.66 50.04 4.39
C GLU G 3878 31.86 50.90 4.02
N ASP G 3879 33.03 50.27 3.89
CA ASP G 3879 34.17 50.95 3.30
C ASP G 3879 33.92 51.27 1.83
N THR G 3880 33.18 50.39 1.13
CA THR G 3880 33.00 50.55 -0.31
C THR G 3880 32.09 51.73 -0.63
N ILE G 3881 31.04 51.93 0.17
CA ILE G 3881 30.07 53.00 -0.08
C ILE G 3881 30.72 54.36 0.12
N PHE G 3882 31.51 54.50 1.18
CA PHE G 3882 32.24 55.74 1.40
C PHE G 3882 33.32 55.94 0.34
N GLU G 3883 33.89 54.84 -0.17
CA GLU G 3883 34.80 54.92 -1.31
C GLU G 3883 34.07 55.40 -2.55
N MET G 3884 32.86 54.87 -2.78
CA MET G 3884 32.06 55.36 -3.89
C MET G 3884 31.55 56.77 -3.64
N GLN G 3885 31.43 57.16 -2.37
CA GLN G 3885 30.95 58.50 -2.04
C GLN G 3885 31.96 59.55 -2.43
N ILE G 3886 33.23 59.35 -2.09
CA ILE G 3886 34.24 60.35 -2.39
C ILE G 3886 34.68 60.29 -3.85
N ALA G 3887 34.38 59.20 -4.56
CA ALA G 3887 34.88 59.02 -5.91
C ALA G 3887 34.21 59.96 -6.89
N ALA G 3888 32.92 60.23 -6.70
CA ALA G 3888 32.22 61.15 -7.58
C ALA G 3888 32.44 62.61 -7.23
N GLN G 3889 32.94 62.90 -6.04
CA GLN G 3889 33.05 64.26 -5.55
C GLN G 3889 34.30 64.98 -6.04
N ILE G 3890 35.23 64.25 -6.68
CA ILE G 3890 36.46 64.84 -7.17
C ILE G 3890 36.54 64.82 -8.68
N SER G 3891 35.47 64.40 -9.35
CA SER G 3891 35.44 64.27 -10.80
C SER G 3891 34.62 65.40 -11.41
N GLU G 3892 34.94 65.74 -12.65
CA GLU G 3892 34.26 66.81 -13.35
C GLU G 3892 32.95 66.33 -13.95
N UNK G 3893 55.55 50.82 -12.02
CA UNK G 3893 55.50 49.38 -12.24
C UNK G 3893 56.49 48.96 -13.33
N UNK G 3894 56.03 48.98 -14.57
CA UNK G 3894 56.89 48.65 -15.71
C UNK G 3894 57.54 49.91 -16.26
N UNK G 3895 56.88 51.04 -16.04
CA UNK G 3895 57.43 52.33 -16.44
C UNK G 3895 58.52 52.74 -15.47
N UNK G 3896 58.38 52.32 -14.22
CA UNK G 3896 59.37 52.59 -13.18
C UNK G 3896 60.51 51.58 -13.27
N UNK G 3897 60.27 50.48 -13.97
CA UNK G 3897 61.29 49.46 -14.19
C UNK G 3897 62.16 49.80 -15.39
N UNK G 3898 61.58 50.53 -16.33
CA UNK G 3898 62.27 50.86 -17.59
C UNK G 3898 63.15 52.10 -17.47
N UNK G 3899 62.86 52.96 -16.49
CA UNK G 3899 63.62 54.19 -16.30
C UNK G 3899 64.88 53.95 -15.46
N UNK G 3900 64.98 52.77 -14.86
CA UNK G 3900 66.13 52.41 -14.04
C UNK G 3900 67.24 51.81 -14.89
N UNK G 3901 66.87 51.00 -15.87
CA UNK G 3901 67.84 50.34 -16.74
C UNK G 3901 68.39 51.32 -17.78
N UNK G 3902 67.58 52.30 -18.15
CA UNK G 3902 67.99 53.29 -19.15
C UNK G 3902 68.89 54.35 -18.53
N UNK G 3903 68.78 54.51 -17.21
CA UNK G 3903 69.59 55.49 -16.49
C UNK G 3903 71.03 55.01 -16.36
N UNK G 3904 71.23 53.70 -16.41
CA UNK G 3904 72.55 53.11 -16.31
C UNK G 3904 73.31 53.21 -17.63
N UNK G 3905 72.56 53.38 -18.72
CA UNK G 3905 73.17 53.46 -20.04
C UNK G 3905 73.77 54.85 -20.30
N UNK G 3906 73.04 55.89 -19.90
CA UNK G 3906 73.49 57.26 -20.09
C UNK G 3906 74.61 57.61 -19.11
N UNK G 3907 74.62 56.94 -17.97
CA UNK G 3907 75.66 57.16 -16.96
C UNK G 3907 76.98 56.54 -17.40
N UNK G 3908 76.89 55.42 -18.12
CA UNK G 3908 78.08 54.73 -18.59
C UNK G 3908 78.74 55.48 -19.75
N UNK G 3909 77.92 56.17 -20.54
CA UNK G 3909 78.41 56.94 -21.66
C UNK G 3909 79.12 58.21 -21.18
N UNK G 3910 78.61 58.78 -20.09
CA UNK G 3910 79.17 59.99 -19.53
C UNK G 3910 80.31 59.66 -18.56
N UNK G 3911 80.48 58.38 -18.27
CA UNK G 3911 81.56 57.92 -17.40
C UNK G 3911 82.90 58.05 -18.12
N UNK G 3912 83.02 57.36 -19.25
CA UNK G 3912 84.24 57.39 -20.04
C UNK G 3912 83.91 57.09 -21.50
N UNK G 3913 84.85 57.40 -22.39
CA UNK G 3913 84.69 57.11 -23.80
C UNK G 3913 84.89 55.63 -24.07
N UNK G 3914 84.40 55.14 -25.21
CA UNK G 3914 84.51 53.73 -25.54
C UNK G 3914 84.60 53.51 -27.05
N UNK G 3915 85.67 52.85 -27.47
CA UNK G 3915 85.87 52.53 -28.88
C UNK G 3915 86.74 51.28 -29.02
N UNK G 3916 86.19 50.26 -29.67
CA UNK G 3916 86.90 49.00 -29.86
C UNK G 3916 87.64 48.99 -31.20
N UNK G 3917 88.77 48.29 -31.26
CA UNK G 3917 89.58 48.23 -32.46
C UNK G 3917 90.20 46.85 -32.67
N UNK G 3918 89.96 46.28 -33.85
CA UNK G 3918 90.49 44.97 -34.28
C UNK G 3918 90.15 43.84 -33.33
N PHE G 3919 38.42 86.70 -4.86
CA PHE G 3919 37.44 87.68 -4.40
C PHE G 3919 37.14 87.51 -2.92
N TRP G 3920 36.05 88.12 -2.47
CA TRP G 3920 35.65 88.01 -1.07
C TRP G 3920 35.12 86.61 -0.76
N GLY G 3921 34.30 86.07 -1.65
CA GLY G 3921 33.78 84.72 -1.45
C GLY G 3921 34.12 83.78 -2.59
N GLU G 3922 34.39 84.35 -3.77
CA GLU G 3922 34.69 83.55 -4.95
C GLU G 3922 36.10 83.00 -4.94
N LEU G 3923 36.98 83.47 -4.05
CA LEU G 3923 38.34 82.94 -3.98
C LEU G 3923 38.35 81.52 -3.44
N GLU G 3924 37.52 81.23 -2.45
CA GLU G 3924 37.42 79.86 -1.94
C GLU G 3924 36.67 78.95 -2.90
N VAL G 3925 35.89 79.53 -3.82
CA VAL G 3925 35.16 78.73 -4.80
C VAL G 3925 36.14 78.09 -5.79
N GLN G 3926 37.07 78.87 -6.31
CA GLN G 3926 38.11 78.33 -7.20
C GLN G 3926 39.07 77.43 -6.44
N ARG G 3927 39.27 77.70 -5.14
CA ARG G 3927 40.17 76.91 -4.32
C ARG G 3927 39.69 75.47 -4.18
N VAL G 3928 38.38 75.28 -4.03
CA VAL G 3928 37.82 73.93 -3.95
C VAL G 3928 37.91 73.23 -5.30
N LYS G 3929 37.60 73.95 -6.38
CA LYS G 3929 37.70 73.37 -7.72
C LYS G 3929 39.14 73.07 -8.10
N PHE G 3930 40.09 73.86 -7.58
CA PHE G 3930 41.49 73.50 -7.75
C PHE G 3930 41.87 72.32 -6.86
N LEU G 3931 41.24 72.19 -5.71
CA LEU G 3931 41.49 71.06 -4.82
C LEU G 3931 40.98 69.76 -5.42
N ASN G 3932 39.90 69.82 -6.20
CA ASN G 3932 39.42 68.64 -6.91
C ASN G 3932 40.43 68.18 -7.96
N TYR G 3933 41.12 69.12 -8.60
CA TYR G 3933 42.17 68.75 -9.53
C TYR G 3933 43.39 68.21 -8.80
N LEU G 3934 43.69 68.76 -7.62
CA LEU G 3934 44.81 68.27 -6.83
C LEU G 3934 44.55 66.86 -6.32
N SER G 3935 43.35 66.61 -5.82
CA SER G 3935 43.02 65.31 -5.28
C SER G 3935 42.77 64.26 -6.34
N ARG G 3936 42.63 64.66 -7.60
CA ARG G 3936 42.27 63.70 -8.65
C ARG G 3936 43.43 62.78 -9.00
N ASN G 3937 44.62 63.34 -9.14
CA ASN G 3937 45.81 62.59 -9.52
C ASN G 3937 46.79 62.62 -8.36
N PHE G 3938 46.61 61.69 -7.43
CA PHE G 3938 47.52 61.60 -6.29
C PHE G 3938 48.64 60.62 -6.54
N TYR G 3939 48.35 59.50 -7.20
CA TYR G 3939 49.39 58.56 -7.56
C TYR G 3939 50.27 59.09 -8.68
N THR G 3940 49.72 59.98 -9.51
CA THR G 3940 50.53 60.62 -10.55
C THR G 3940 51.57 61.54 -9.94
N LEU G 3941 51.16 62.30 -8.92
CA LEU G 3941 52.12 63.09 -8.15
C LEU G 3941 53.08 62.20 -7.38
N ARG G 3942 52.60 61.02 -6.94
CA ARG G 3942 53.50 60.02 -6.40
C ARG G 3942 54.41 59.47 -7.49
N PHE G 3943 53.88 59.30 -8.70
CA PHE G 3943 54.70 58.84 -9.82
C PHE G 3943 55.64 59.94 -10.31
N LEU G 3944 55.24 61.20 -10.16
CA LEU G 3944 56.11 62.28 -10.60
C LEU G 3944 57.24 62.51 -9.60
N ALA G 3945 56.93 62.46 -8.30
CA ALA G 3945 57.96 62.54 -7.28
C ALA G 3945 58.87 61.32 -7.31
N LEU G 3946 58.34 60.17 -7.75
CA LEU G 3946 59.19 59.04 -8.13
C LEU G 3946 60.12 59.43 -9.27
N PHE G 3947 59.58 60.02 -10.33
CA PHE G 3947 60.39 60.33 -11.51
C PHE G 3947 61.35 61.48 -11.25
N LEU G 3948 60.96 62.44 -10.41
CA LEU G 3948 61.82 63.58 -10.12
C LEU G 3948 62.99 63.20 -9.24
N ALA G 3949 62.87 62.11 -8.46
CA ALA G 3949 63.95 61.71 -7.58
C ALA G 3949 65.15 61.16 -8.35
N PHE G 3950 64.94 60.68 -9.57
CA PHE G 3950 66.04 60.11 -10.36
C PHE G 3950 67.03 61.18 -10.80
N ALA G 3951 66.54 62.17 -11.56
CA ALA G 3951 67.43 63.12 -12.22
C ALA G 3951 68.09 64.09 -11.23
N ILE G 3952 67.45 64.32 -10.08
CA ILE G 3952 68.07 65.14 -9.05
C ILE G 3952 69.20 64.38 -8.35
N ASN G 3953 69.20 63.05 -8.48
CA ASN G 3953 70.28 62.23 -7.97
C ASN G 3953 71.15 61.65 -9.07
N PHE G 3954 70.71 61.74 -10.32
CA PHE G 3954 71.54 61.31 -11.45
C PHE G 3954 72.70 62.26 -11.66
N ILE G 3955 72.44 63.57 -11.57
CA ILE G 3955 73.51 64.56 -11.66
C ILE G 3955 74.24 64.75 -10.34
N LEU G 3956 73.82 64.04 -9.29
CA LEU G 3956 74.57 63.99 -8.04
C LEU G 3956 75.81 63.11 -8.14
N LEU G 3957 75.96 62.39 -9.26
CA LEU G 3957 77.13 61.56 -9.55
C LEU G 3957 78.37 62.36 -9.92
N PHE G 3958 78.33 63.69 -9.89
CA PHE G 3958 79.37 64.51 -10.52
C PHE G 3958 80.08 65.44 -9.55
N TYR G 3959 80.08 65.13 -8.25
CA TYR G 3959 80.84 65.93 -7.32
C TYR G 3959 82.33 65.66 -7.47
N LYS G 3960 83.14 66.62 -7.01
CA LYS G 3960 84.59 66.46 -7.02
C LYS G 3960 85.18 67.33 -5.93
N VAL G 3961 85.59 66.71 -4.82
CA VAL G 3961 86.11 67.45 -3.68
C VAL G 3961 87.49 68.02 -4.02
N SER G 3962 87.81 69.16 -3.42
CA SER G 3962 89.11 69.82 -3.60
C SER G 3962 89.37 70.71 -2.40
N ASP G 3963 90.65 70.86 -2.06
CA ASP G 3963 91.03 71.76 -0.98
C ASP G 3963 91.37 73.15 -1.51
N SER G 3964 90.50 73.67 -2.37
CA SER G 3964 90.68 74.96 -3.03
C SER G 3964 89.35 75.42 -3.61
N PRO G 3965 88.93 76.65 -3.32
CA PRO G 3965 87.71 77.18 -3.95
C PRO G 3965 87.98 77.59 -5.39
N PRO G 3966 86.98 77.43 -6.28
CA PRO G 3966 87.17 77.83 -7.68
C PRO G 3966 87.19 79.34 -7.86
N ASN G 4005 91.38 73.48 5.28
CA ASN G 4005 90.01 73.10 4.97
C ASN G 4005 89.85 72.77 3.48
N MET G 4006 88.77 72.08 3.15
CA MET G 4006 88.48 71.70 1.77
C MET G 4006 87.22 72.41 1.30
N VAL G 4007 86.98 72.33 -0.01
CA VAL G 4007 85.83 72.97 -0.66
C VAL G 4007 85.05 71.89 -1.39
N TYR G 4008 83.75 71.79 -1.10
CA TYR G 4008 82.89 70.81 -1.76
C TYR G 4008 82.56 71.31 -3.16
N TYR G 4009 83.52 71.14 -4.06
CA TYR G 4009 83.36 71.57 -5.43
C TYR G 4009 82.53 70.55 -6.21
N PHE G 4010 81.81 71.03 -7.21
CA PHE G 4010 81.03 70.20 -8.10
C PHE G 4010 81.62 70.27 -9.49
N LEU G 4011 82.07 69.12 -10.00
CA LEU G 4011 82.62 69.07 -11.35
C LEU G 4011 81.50 69.04 -12.37
N GLU G 4012 81.65 69.82 -13.43
CA GLU G 4012 80.70 69.83 -14.53
C GLU G 4012 81.31 69.14 -15.75
N GLU G 4013 80.45 68.71 -16.65
CA GLU G 4013 80.87 68.11 -17.91
C GLU G 4013 80.97 69.20 -18.97
N SER G 4014 81.10 68.79 -20.24
CA SER G 4014 81.32 69.74 -21.31
C SER G 4014 80.06 70.51 -21.70
N THR G 4015 78.88 70.07 -21.25
CA THR G 4015 77.64 70.69 -21.68
C THR G 4015 77.42 72.03 -21.00
N GLY G 4016 76.66 72.90 -21.67
CA GLY G 4016 76.37 74.21 -21.14
C GLY G 4016 75.34 74.21 -20.03
N TYR G 4017 74.52 73.18 -19.94
CA TYR G 4017 73.52 73.07 -18.89
C TYR G 4017 74.15 72.39 -17.66
N MET G 4018 73.30 71.91 -16.74
CA MET G 4018 73.67 71.47 -15.38
C MET G 4018 74.28 72.65 -14.63
N GLU G 4019 73.55 73.75 -14.69
CA GLU G 4019 73.72 75.06 -14.07
C GLU G 4019 72.99 75.05 -12.73
N PRO G 4020 72.88 76.18 -11.97
CA PRO G 4020 71.90 76.24 -10.86
C PRO G 4020 70.42 76.06 -11.19
N ALA G 4021 70.06 75.68 -12.42
CA ALA G 4021 68.80 74.98 -12.65
C ALA G 4021 68.69 73.70 -11.80
N LEU G 4022 69.83 73.09 -11.45
CA LEU G 4022 69.91 72.14 -10.35
C LEU G 4022 69.23 72.68 -9.10
N TRP G 4023 69.59 73.90 -8.69
CA TRP G 4023 68.96 74.53 -7.53
C TRP G 4023 67.50 74.86 -7.80
N CYS G 4024 67.12 75.04 -9.06
CA CYS G 4024 65.72 75.24 -9.41
C CYS G 4024 64.92 73.95 -9.30
N LEU G 4025 65.57 72.79 -9.36
CA LEU G 4025 64.87 71.53 -9.19
C LEU G 4025 64.76 71.12 -7.73
N SER G 4026 65.65 71.62 -6.87
CA SER G 4026 65.58 71.33 -5.44
C SER G 4026 64.35 71.96 -4.82
N LEU G 4027 64.06 73.21 -5.19
CA LEU G 4027 62.81 73.84 -4.78
C LEU G 4027 61.62 73.19 -5.46
N LEU G 4028 61.81 72.68 -6.68
CA LEU G 4028 60.74 71.94 -7.35
C LEU G 4028 60.47 70.61 -6.67
N HIS G 4029 61.52 69.97 -6.16
CA HIS G 4029 61.34 68.73 -5.42
C HIS G 4029 60.66 68.99 -4.08
N THR G 4030 60.94 70.14 -3.46
CA THR G 4030 60.24 70.52 -2.23
C THR G 4030 58.79 70.85 -2.52
N LEU G 4031 58.51 71.42 -3.70
CA LEU G 4031 57.16 71.89 -4.02
C LEU G 4031 56.21 70.73 -4.25
N VAL G 4032 56.62 69.74 -5.05
CA VAL G 4032 55.72 68.69 -5.49
C VAL G 4032 55.35 67.73 -4.36
N ALA G 4033 56.18 67.64 -3.32
CA ALA G 4033 55.81 66.83 -2.18
C ALA G 4033 54.82 67.54 -1.27
N PHE G 4034 54.82 68.88 -1.29
CA PHE G 4034 53.82 69.61 -0.53
C PHE G 4034 52.44 69.49 -1.17
N LEU G 4035 52.40 69.29 -2.49
CA LEU G 4035 51.14 68.94 -3.13
C LEU G 4035 50.67 67.57 -2.69
N CYS G 4036 51.60 66.66 -2.39
CA CYS G 4036 51.23 65.36 -1.85
C CYS G 4036 50.80 65.44 -0.39
N ILE G 4037 51.11 66.53 0.30
CA ILE G 4037 50.62 66.72 1.67
C ILE G 4037 49.11 66.95 1.66
N ILE G 4038 48.66 67.95 0.90
CA ILE G 4038 47.25 68.30 0.87
C ILE G 4038 46.47 67.24 0.08
N GLY G 4039 47.10 66.62 -0.91
CA GLY G 4039 46.47 65.55 -1.64
C GLY G 4039 46.24 64.30 -0.81
N TYR G 4040 47.12 64.05 0.16
CA TYR G 4040 46.87 62.98 1.12
C TYR G 4040 45.79 63.37 2.10
N ASN G 4041 45.66 64.67 2.36
CA ASN G 4041 44.77 65.16 3.41
C ASN G 4041 43.31 64.97 3.05
N CYS G 4042 42.90 65.50 1.90
CA CYS G 4042 41.49 65.53 1.54
C CYS G 4042 41.03 64.27 0.82
N LEU G 4043 41.95 63.42 0.38
CA LEU G 4043 41.59 62.21 -0.35
C LEU G 4043 41.71 60.97 0.52
N LYS G 4044 42.89 60.74 1.10
CA LYS G 4044 43.11 59.47 1.77
C LYS G 4044 42.55 59.48 3.19
N VAL G 4045 42.70 60.57 3.92
CA VAL G 4045 42.33 60.55 5.32
C VAL G 4045 41.12 61.44 5.62
N PRO G 4046 39.97 61.20 4.97
CA PRO G 4046 38.72 61.21 5.76
C PRO G 4046 38.34 59.79 6.10
N LEU G 4047 38.94 58.85 5.35
CA LEU G 4047 38.60 57.44 5.48
C LEU G 4047 39.16 56.84 6.76
N VAL G 4048 40.43 57.13 7.04
CA VAL G 4048 41.10 56.58 8.23
C VAL G 4048 40.45 57.14 9.49
N ILE G 4049 39.96 58.37 9.42
CA ILE G 4049 39.12 58.91 10.49
C ILE G 4049 37.83 58.11 10.59
N PHE G 4050 37.20 57.86 9.44
CA PHE G 4050 35.91 57.17 9.38
C PHE G 4050 36.02 55.72 9.86
N LYS G 4051 37.20 55.12 9.74
CA LYS G 4051 37.42 53.81 10.32
C LYS G 4051 37.34 53.86 11.84
N ARG G 4052 37.95 54.88 12.44
CA ARG G 4052 37.83 55.06 13.88
C ARG G 4052 36.43 55.52 14.27
N GLU G 4053 35.76 56.30 13.41
CA GLU G 4053 34.41 56.76 13.68
C GLU G 4053 33.42 55.61 13.73
N LYS G 4054 33.64 54.61 12.87
CA LYS G 4054 32.71 53.49 12.79
C LYS G 4054 32.87 52.54 13.97
N GLU G 4055 34.12 52.24 14.33
CA GLU G 4055 34.35 51.29 15.41
C GLU G 4055 34.03 51.87 16.77
N LEU G 4056 34.19 53.19 16.93
CA LEU G 4056 33.86 53.81 18.21
C LEU G 4056 32.36 53.88 18.42
N ALA G 4057 31.60 53.94 17.33
CA ALA G 4057 30.15 53.81 17.43
C ALA G 4057 29.76 52.43 17.93
N ARG G 4058 30.49 51.40 17.49
CA ARG G 4058 30.21 50.04 17.94
C ARG G 4058 30.62 49.84 19.39
N LYS G 4059 31.76 50.42 19.79
CA LYS G 4059 32.29 50.25 21.13
C LYS G 4059 31.55 51.06 22.18
N LEU G 4060 30.58 51.88 21.78
CA LEU G 4060 29.72 52.56 22.72
C LEU G 4060 28.27 52.11 22.64
N GLU G 4061 27.79 51.76 21.46
CA GLU G 4061 26.44 51.23 21.35
C GLU G 4061 26.36 49.80 21.87
N PHE G 4062 27.11 48.90 21.25
CA PHE G 4062 27.06 47.50 21.64
C PHE G 4062 27.99 47.16 22.79
N ASP G 4063 28.82 48.10 23.23
CA ASP G 4063 29.78 47.85 24.29
C ASP G 4063 29.65 48.92 25.35
N GLY G 4064 30.29 48.66 26.49
CA GLY G 4064 30.25 49.54 27.64
C GLY G 4064 31.63 50.02 28.03
N LEU G 4065 32.43 50.38 27.02
CA LEU G 4065 33.81 50.79 27.22
C LEU G 4065 33.90 52.03 28.11
N TYR G 4066 33.39 53.15 27.63
CA TYR G 4066 33.34 54.36 28.44
C TYR G 4066 32.08 54.41 29.28
N ILE G 4067 31.02 53.73 28.86
CA ILE G 4067 29.77 53.78 29.60
C ILE G 4067 29.86 52.92 30.86
N THR G 4068 30.05 51.62 30.67
CA THR G 4068 29.93 50.71 31.79
C THR G 4068 31.24 50.62 32.58
N GLU G 4069 32.30 50.09 31.97
CA GLU G 4069 33.41 49.67 32.80
C GLU G 4069 34.55 50.68 32.89
N GLN G 4070 35.34 50.79 31.82
CA GLN G 4070 36.66 51.43 31.83
C GLN G 4070 37.25 51.32 30.43
N PRO G 4071 38.21 52.18 30.04
CA PRO G 4071 39.10 51.84 28.93
C PRO G 4071 40.12 50.78 29.30
N GLY G 4072 41.05 50.49 28.41
CA GLY G 4072 42.04 49.47 28.73
C GLY G 4072 43.21 49.95 29.56
N ASP G 4073 43.33 51.27 29.77
CA ASP G 4073 44.36 52.01 30.51
C ASP G 4073 45.74 51.97 29.87
N ASP G 4074 45.88 51.19 28.79
CA ASP G 4074 47.02 51.22 27.88
C ASP G 4074 46.42 51.32 26.49
N ASP G 4075 47.25 51.17 25.45
CA ASP G 4075 46.85 51.24 24.04
C ASP G 4075 46.17 52.59 23.76
N VAL G 4076 47.02 53.62 23.82
CA VAL G 4076 46.63 55.01 24.08
C VAL G 4076 45.66 55.62 23.07
N LYS G 4077 45.40 54.94 21.95
CA LYS G 4077 44.32 55.37 21.06
C LYS G 4077 42.97 55.27 21.77
N GLY G 4078 42.79 54.31 22.68
CA GLY G 4078 41.62 54.31 23.53
C GLY G 4078 41.71 55.36 24.61
N GLN G 4079 42.92 55.65 25.09
CA GLN G 4079 43.13 56.77 26.00
C GLN G 4079 42.93 58.10 25.29
N TRP G 4080 43.18 58.14 23.97
CA TRP G 4080 43.06 59.37 23.21
C TRP G 4080 41.61 59.81 23.04
N ASP G 4081 40.68 58.87 23.05
CA ASP G 4081 39.30 59.15 22.69
C ASP G 4081 38.46 59.69 23.83
N ARG G 4082 39.04 59.89 25.01
CA ARG G 4082 38.31 60.52 26.10
C ARG G 4082 38.04 61.98 25.81
N LEU G 4083 38.92 62.62 25.04
CA LEU G 4083 38.86 64.05 24.80
C LEU G 4083 37.72 64.44 23.87
N VAL G 4084 37.20 63.51 23.06
CA VAL G 4084 36.25 63.85 22.01
C VAL G 4084 34.80 63.65 22.43
N LEU G 4085 34.54 62.99 23.56
CA LEU G 4085 33.19 62.55 23.89
C LEU G 4085 32.22 63.69 24.19
N ASN G 4086 32.73 64.87 24.53
CA ASN G 4086 31.87 66.02 24.77
C ASN G 4086 31.68 66.88 23.54
N THR G 4087 32.23 66.50 22.41
CA THR G 4087 32.04 67.32 21.23
C THR G 4087 30.66 67.08 20.63
N PRO G 4088 29.97 68.16 20.24
CA PRO G 4088 28.65 67.99 19.60
C PRO G 4088 28.73 67.38 18.20
N SER G 4089 29.86 67.53 17.52
CA SER G 4089 30.04 66.98 16.19
C SER G 4089 30.98 65.78 16.22
N PHE G 4090 30.84 64.95 17.25
CA PHE G 4090 31.53 63.66 17.27
C PHE G 4090 31.17 62.76 16.09
N PRO G 4091 29.87 62.51 15.72
CA PRO G 4091 29.64 61.59 14.59
C PRO G 4091 29.74 62.25 13.22
N SER G 4092 30.45 63.39 13.12
CA SER G 4092 30.43 64.21 11.91
C SER G 4092 31.00 63.48 10.69
N ASN G 4093 31.91 62.54 10.89
CA ASN G 4093 32.39 61.76 9.75
C ASN G 4093 31.60 60.47 9.58
N TYR G 4094 31.09 59.89 10.67
CA TYR G 4094 30.29 58.68 10.57
C TYR G 4094 28.92 59.02 9.96
N TRP G 4095 28.30 58.01 9.36
CA TRP G 4095 27.00 58.20 8.71
C TRP G 4095 25.91 58.59 9.69
N ASP G 4096 25.58 57.70 10.63
CA ASP G 4096 24.52 57.99 11.58
C ASP G 4096 24.98 59.01 12.61
N LYS G 4097 24.07 59.93 12.94
CA LYS G 4097 24.35 61.00 13.90
C LYS G 4097 23.32 61.01 15.01
N PHE G 4098 22.79 59.85 15.39
CA PHE G 4098 21.77 59.79 16.42
C PHE G 4098 22.04 58.68 17.42
N VAL G 4099 23.28 58.20 17.50
CA VAL G 4099 23.64 57.18 18.46
C VAL G 4099 23.65 57.72 19.87
N LYS G 4100 23.79 59.04 20.04
CA LYS G 4100 23.74 59.66 21.37
C LYS G 4100 22.36 59.50 21.99
N ARG G 4101 21.31 59.55 21.18
CA ARG G 4101 19.99 59.23 21.65
C ARG G 4101 19.84 57.73 21.91
N LYS G 4102 20.59 56.92 21.15
CA LYS G 4102 20.45 55.47 21.25
C LYS G 4102 21.07 54.92 22.53
N VAL G 4103 22.23 55.46 22.91
CA VAL G 4103 22.86 55.06 24.17
C VAL G 4103 22.04 55.57 25.34
N LEU G 4104 21.36 56.72 25.17
CA LEU G 4104 20.41 57.20 26.16
C LEU G 4104 19.26 56.22 26.33
N ASP G 4105 18.84 55.57 25.24
CA ASP G 4105 17.84 54.53 25.36
C ASP G 4105 18.43 53.27 25.99
N LYS G 4106 19.58 52.83 25.49
CA LYS G 4106 20.11 51.52 25.88
C LYS G 4106 20.76 51.57 27.26
N HIS G 4107 21.54 52.60 27.54
CA HIS G 4107 22.35 52.63 28.75
C HIS G 4107 21.91 53.67 29.77
N GLY G 4108 21.21 54.72 29.34
CA GLY G 4108 20.83 55.78 30.26
C GLY G 4108 19.78 55.36 31.28
N ASP G 4109 19.05 54.29 31.00
CA ASP G 4109 18.04 53.82 31.94
C ASP G 4109 18.69 53.17 33.16
N ILE G 4110 19.60 52.22 32.93
CA ILE G 4110 20.20 51.47 34.01
C ILE G 4110 21.23 52.30 34.78
N PHE G 4111 21.69 53.40 34.20
CA PHE G 4111 22.73 54.22 34.78
C PHE G 4111 22.16 55.59 35.08
N GLY G 4112 23.04 56.52 35.46
CA GLY G 4112 22.66 57.90 35.63
C GLY G 4112 22.24 58.49 34.30
N ARG G 4113 20.95 58.82 34.17
CA ARG G 4113 20.43 59.27 32.89
C ARG G 4113 21.00 60.64 32.52
N GLU G 4114 21.07 61.55 33.49
CA GLU G 4114 21.78 62.80 33.25
C GLU G 4114 23.28 62.58 33.19
N ARG G 4115 23.79 61.52 33.84
CA ARG G 4115 25.21 61.21 33.78
C ARG G 4115 25.63 60.78 32.37
N ILE G 4116 24.80 59.97 31.73
CA ILE G 4116 25.02 59.65 30.32
C ILE G 4116 24.78 60.89 29.47
N ALA G 4117 23.80 61.71 29.85
CA ALA G 4117 23.54 62.99 29.18
C ALA G 4117 24.57 64.06 29.54
N GLU G 4118 25.56 63.74 30.36
CA GLU G 4118 26.73 64.56 30.58
C GLU G 4118 28.00 63.96 30.00
N LEU G 4119 28.11 62.63 30.01
CA LEU G 4119 29.34 61.97 29.57
C LEU G 4119 29.53 62.10 28.07
N LEU G 4120 28.44 62.04 27.30
CA LEU G 4120 28.50 62.19 25.86
C LEU G 4120 28.24 63.62 25.41
N GLY G 4121 28.67 64.60 26.18
CA GLY G 4121 28.35 65.98 25.89
C GLY G 4121 26.89 66.22 26.18
N MET G 4122 26.14 66.56 25.13
CA MET G 4122 24.68 66.74 25.16
C MET G 4122 24.28 67.78 26.21
N ASP G 4123 24.71 69.01 25.97
CA ASP G 4123 24.46 70.13 26.88
C ASP G 4123 22.97 70.45 26.90
N LEU G 4124 22.33 70.11 28.02
CA LEU G 4124 20.90 70.27 28.27
C LEU G 4124 20.02 69.53 27.27
N ALA G 4125 20.56 68.52 26.59
CA ALA G 4125 19.80 67.77 25.60
C ALA G 4125 18.86 66.76 26.25
N SER G 4126 18.93 66.57 27.56
CA SER G 4126 17.87 65.85 28.27
C SER G 4126 16.56 66.61 28.22
N LEU G 4127 16.63 67.95 28.18
CA LEU G 4127 15.46 68.78 27.94
C LEU G 4127 15.37 69.30 26.52
N GLU G 4128 16.49 69.41 25.81
CA GLU G 4128 16.48 69.90 24.44
C GLU G 4128 16.16 68.81 23.42
N ILE G 4129 15.92 67.57 23.86
CA ILE G 4129 15.46 66.54 22.93
C ILE G 4129 14.03 66.83 22.50
N THR G 4130 13.17 67.20 23.44
CA THR G 4130 11.81 67.58 23.10
C THR G 4130 11.72 69.04 22.66
N ALA G 4131 12.67 69.87 23.08
CA ALA G 4131 12.67 71.26 22.65
C ALA G 4131 13.09 71.40 21.19
N HIS G 4132 13.95 70.50 20.71
CA HIS G 4132 14.28 70.47 19.29
C HIS G 4132 13.35 69.52 18.52
N ASN G 4133 12.05 69.75 18.69
CA ASN G 4133 11.03 69.01 17.95
C ASN G 4133 9.85 69.85 17.51
N GLU G 4134 9.60 71.01 18.14
CA GLU G 4134 8.44 71.82 17.78
C GLU G 4134 8.66 72.54 16.46
N ARG G 4135 9.71 73.35 16.37
CA ARG G 4135 10.02 74.07 15.15
C ARG G 4135 11.51 73.98 14.89
N LYS G 4136 11.92 74.39 13.68
CA LYS G 4136 13.33 74.36 13.29
C LYS G 4136 13.56 75.44 12.23
N PRO G 4137 13.97 76.63 12.64
CA PRO G 4137 14.31 77.69 11.68
C PRO G 4137 15.69 77.43 11.08
N ASP G 4138 16.07 78.32 10.17
CA ASP G 4138 17.36 78.22 9.47
C ASP G 4138 18.01 79.59 9.39
N PRO G 4139 18.98 79.88 10.25
CA PRO G 4139 19.68 81.16 10.19
C PRO G 4139 20.68 81.18 9.04
N PRO G 4140 20.91 82.36 8.43
CA PRO G 4140 21.82 82.43 7.28
C PRO G 4140 23.27 82.45 7.73
N PRO G 4141 24.18 81.93 6.90
CA PRO G 4141 25.61 81.93 7.26
C PRO G 4141 26.31 83.24 6.93
N GLY G 4142 27.23 83.62 7.81
CA GLY G 4142 28.06 84.80 7.62
C GLY G 4142 29.53 84.45 7.56
N LEU G 4143 29.87 83.42 6.77
CA LEU G 4143 31.14 82.72 6.84
C LEU G 4143 32.34 83.63 6.54
N LEU G 4144 33.52 83.15 6.96
CA LEU G 4144 34.82 83.83 7.01
C LEU G 4144 34.82 85.05 7.94
N THR G 4145 33.80 85.19 8.80
CA THR G 4145 33.78 86.17 9.86
C THR G 4145 33.68 85.53 11.23
N TRP G 4146 32.70 84.65 11.42
CA TRP G 4146 32.51 83.94 12.67
C TRP G 4146 33.34 82.67 12.76
N LEU G 4147 34.21 82.42 11.77
CA LEU G 4147 34.82 81.12 11.50
C LEU G 4147 35.67 80.57 12.65
N MET G 4148 36.00 81.40 13.64
CA MET G 4148 36.58 80.91 14.89
C MET G 4148 35.60 80.04 15.69
N SER G 4149 34.29 80.15 15.43
CA SER G 4149 33.30 79.39 16.17
C SER G 4149 33.13 78.01 15.52
N ILE G 4150 34.18 77.20 15.67
CA ILE G 4150 34.18 75.81 15.22
C ILE G 4150 34.62 74.93 16.39
N ASP G 4151 34.40 73.63 16.24
CA ASP G 4151 34.79 72.69 17.28
C ASP G 4151 36.30 72.49 17.30
N VAL G 4152 36.99 73.28 18.12
CA VAL G 4152 38.44 73.19 18.20
C VAL G 4152 38.86 71.88 18.86
N LYS G 4153 38.17 71.51 19.93
CA LYS G 4153 38.48 70.29 20.67
C LYS G 4153 38.29 69.05 19.81
N TYR G 4154 37.32 69.08 18.89
CA TYR G 4154 37.17 67.99 17.94
C TYR G 4154 38.33 67.95 16.96
N GLN G 4155 38.87 69.11 16.58
CA GLN G 4155 40.00 69.15 15.66
C GLN G 4155 41.28 68.70 16.35
N ILE G 4156 41.43 69.03 17.64
CA ILE G 4156 42.59 68.60 18.41
C ILE G 4156 42.60 67.08 18.54
N TRP G 4157 41.43 66.50 18.82
CA TRP G 4157 41.29 65.06 18.80
C TRP G 4157 41.54 64.49 17.41
N LYS G 4158 41.08 65.20 16.38
CA LYS G 4158 41.22 64.74 15.01
C LYS G 4158 42.67 64.65 14.58
N PHE G 4159 43.44 65.70 14.89
CA PHE G 4159 44.80 65.81 14.36
C PHE G 4159 45.74 64.80 14.99
N GLY G 4160 45.53 64.47 16.26
CA GLY G 4160 46.34 63.43 16.88
C GLY G 4160 46.02 62.06 16.36
N VAL G 4161 44.77 61.83 15.96
CA VAL G 4161 44.41 60.59 15.27
C VAL G 4161 45.13 60.51 13.93
N ILE G 4162 45.24 61.65 13.24
CA ILE G 4162 46.02 61.72 12.00
C ILE G 4162 47.49 61.48 12.30
N PHE G 4163 47.97 61.97 13.44
CA PHE G 4163 49.37 61.81 13.82
C PHE G 4163 49.72 60.37 14.20
N THR G 4164 48.75 59.60 14.69
CA THR G 4164 49.02 58.20 14.98
C THR G 4164 49.13 57.34 13.73
N ASP G 4165 48.64 57.84 12.59
CA ASP G 4165 48.77 57.08 11.34
C ASP G 4165 50.21 57.05 10.87
N ASN G 4166 50.73 55.84 10.67
CA ASN G 4166 52.11 55.68 10.25
C ASN G 4166 52.31 56.13 8.81
N SER G 4167 51.33 55.89 7.94
CA SER G 4167 51.43 56.32 6.56
C SER G 4167 51.35 57.84 6.45
N PHE G 4168 50.66 58.50 7.38
CA PHE G 4168 50.71 59.95 7.44
C PHE G 4168 52.09 60.43 7.86
N LEU G 4169 52.70 59.76 8.83
CA LEU G 4169 54.02 60.16 9.29
C LEU G 4169 55.09 59.85 8.25
N TYR G 4170 54.98 58.68 7.62
CA TYR G 4170 55.95 58.25 6.61
C TYR G 4170 55.91 59.17 5.38
N LEU G 4171 54.72 59.64 5.02
CA LEU G 4171 54.63 60.64 3.96
C LEU G 4171 55.07 62.01 4.48
N GLY G 4172 54.83 62.29 5.76
CA GLY G 4172 55.28 63.55 6.33
C GLY G 4172 56.78 63.59 6.55
N TRP G 4173 57.38 62.45 6.88
CA TRP G 4173 58.83 62.34 7.02
C TRP G 4173 59.54 62.55 5.69
N TYR G 4174 58.88 62.24 4.58
CA TYR G 4174 59.43 62.52 3.27
C TYR G 4174 59.45 64.02 2.97
N MET G 4175 58.53 64.77 3.57
CA MET G 4175 58.40 66.20 3.32
C MET G 4175 59.36 67.03 4.16
N VAL G 4176 59.59 66.63 5.41
CA VAL G 4176 60.45 67.40 6.31
C VAL G 4176 61.89 67.39 5.83
N MET G 4177 62.33 66.24 5.30
CA MET G 4177 63.69 66.11 4.79
C MET G 4177 63.90 66.84 3.47
N SER G 4178 62.83 67.30 2.82
CA SER G 4178 62.99 68.14 1.64
C SER G 4178 63.56 69.51 2.01
N LEU G 4179 63.20 70.01 3.20
CA LEU G 4179 63.83 71.22 3.70
C LEU G 4179 65.29 70.97 4.07
N LEU G 4180 65.61 69.75 4.50
CA LEU G 4180 67.00 69.38 4.73
C LEU G 4180 67.77 69.24 3.44
N GLY G 4181 67.09 68.98 2.33
CA GLY G 4181 67.76 68.91 1.04
C GLY G 4181 68.26 70.26 0.55
N HIS G 4182 67.65 71.35 1.03
CA HIS G 4182 68.12 72.67 0.66
C HIS G 4182 69.51 72.98 1.22
N TYR G 4183 69.88 72.32 2.31
CA TYR G 4183 71.29 72.26 2.68
C TYR G 4183 71.98 71.28 1.74
N ASN G 4184 73.16 71.66 1.24
CA ASN G 4184 73.85 70.83 0.26
C ASN G 4184 74.43 69.61 0.97
N ASN G 4185 73.63 68.55 1.06
CA ASN G 4185 73.97 67.39 1.87
C ASN G 4185 73.40 66.15 1.20
N PHE G 4186 73.26 65.07 1.99
CA PHE G 4186 72.87 63.76 1.49
C PHE G 4186 71.42 63.69 1.09
N PHE G 4187 70.61 64.68 1.44
CA PHE G 4187 69.18 64.48 1.65
C PHE G 4187 68.35 64.51 0.37
N PHE G 4188 68.95 64.25 -0.79
CA PHE G 4188 68.17 63.89 -1.97
C PHE G 4188 68.31 62.43 -2.33
N ALA G 4189 69.41 61.79 -1.96
CA ALA G 4189 69.59 60.38 -2.26
C ALA G 4189 68.76 59.50 -1.32
N ALA G 4190 68.60 59.93 -0.07
CA ALA G 4190 67.68 59.24 0.83
C ALA G 4190 66.24 59.41 0.38
N HIS G 4191 65.94 60.50 -0.34
CA HIS G 4191 64.64 60.65 -0.97
C HIS G 4191 64.43 59.64 -2.08
N LEU G 4192 65.50 59.17 -2.71
CA LEU G 4192 65.33 58.20 -3.79
C LEU G 4192 65.02 56.81 -3.25
N LEU G 4193 65.41 56.52 -2.01
CA LEU G 4193 65.42 55.15 -1.53
C LEU G 4193 64.03 54.68 -1.09
N ASP G 4194 63.18 55.60 -0.60
CA ASP G 4194 61.99 55.16 0.09
C ASP G 4194 60.83 54.88 -0.87
N ILE G 4195 60.81 55.52 -2.04
CA ILE G 4195 59.80 55.13 -3.03
C ILE G 4195 60.18 53.79 -3.64
N ALA G 4196 61.49 53.49 -3.70
CA ALA G 4196 61.96 52.17 -4.12
C ALA G 4196 61.48 51.09 -3.15
N MET G 4197 61.33 51.44 -1.87
CA MET G 4197 60.62 50.57 -0.93
C MET G 4197 59.15 50.44 -1.30
N GLY G 4198 58.56 51.48 -1.89
CA GLY G 4198 57.11 51.49 -2.10
C GLY G 4198 56.65 50.59 -3.24
N VAL G 4199 57.58 50.17 -4.11
CA VAL G 4199 57.23 49.33 -5.25
C VAL G 4199 56.79 47.95 -4.76
N LYS G 4200 55.72 47.44 -5.36
CA LYS G 4200 55.03 46.22 -4.92
C LYS G 4200 55.95 45.02 -4.90
N THR G 4201 56.75 44.85 -5.95
CA THR G 4201 57.64 43.69 -6.06
C THR G 4201 58.70 43.72 -4.98
N LEU G 4202 59.12 44.91 -4.59
CA LEU G 4202 60.06 45.03 -3.47
C LEU G 4202 59.33 44.98 -2.14
N ARG G 4203 58.04 45.34 -2.13
CA ARG G 4203 57.26 45.23 -0.90
C ARG G 4203 57.03 43.77 -0.50
N THR G 4204 56.83 42.89 -1.50
CA THR G 4204 56.63 41.48 -1.22
C THR G 4204 57.89 40.85 -0.63
N ILE G 4205 59.06 41.28 -1.09
CA ILE G 4205 60.30 40.77 -0.53
C ILE G 4205 60.52 41.35 0.86
N LEU G 4206 60.19 42.63 1.05
CA LEU G 4206 60.43 43.27 2.33
C LEU G 4206 59.46 42.78 3.40
N SER G 4207 58.21 42.55 3.03
CA SER G 4207 57.23 42.07 4.00
C SER G 4207 57.51 40.63 4.43
N SER G 4208 58.16 39.86 3.56
CA SER G 4208 58.64 38.55 3.96
C SER G 4208 59.73 38.67 5.02
N VAL G 4209 60.61 39.66 4.86
CA VAL G 4209 61.64 39.90 5.86
C VAL G 4209 61.04 40.53 7.11
N THR G 4210 60.07 41.42 6.93
CA THR G 4210 59.50 42.15 8.07
C THR G 4210 58.68 41.23 8.97
N HIS G 4211 57.97 40.27 8.38
CA HIS G 4211 57.17 39.35 9.18
C HIS G 4211 58.06 38.38 9.95
N ASN G 4212 59.17 37.97 9.36
CA ASN G 4212 60.09 37.06 10.01
C ASN G 4212 61.20 37.79 10.77
N GLY G 4213 61.20 39.13 10.74
CA GLY G 4213 62.24 39.92 11.38
C GLY G 4213 62.24 39.87 12.89
N LYS G 4214 61.15 39.40 13.49
CA LYS G 4214 61.14 39.17 14.93
C LYS G 4214 61.96 37.94 15.33
N GLN G 4215 62.38 37.12 14.36
CA GLN G 4215 63.23 35.97 14.65
C GLN G 4215 64.68 36.20 14.24
N LEU G 4216 64.96 37.12 13.31
CA LEU G 4216 66.35 37.47 13.04
C LEU G 4216 66.98 38.21 14.20
N VAL G 4217 66.18 38.97 14.94
CA VAL G 4217 66.71 39.73 16.07
C VAL G 4217 67.05 38.84 17.25
N MET G 4218 66.40 37.68 17.38
CA MET G 4218 66.84 36.70 18.36
C MET G 4218 68.07 35.95 17.91
N THR G 4219 68.36 35.95 16.61
CA THR G 4219 69.54 35.25 16.11
C THR G 4219 70.81 36.07 16.35
N VAL G 4220 70.73 37.38 16.12
CA VAL G 4220 71.91 38.23 16.22
C VAL G 4220 72.36 38.42 17.67
N GLY G 4221 71.48 38.21 18.65
CA GLY G 4221 71.91 38.20 20.03
C GLY G 4221 72.71 36.96 20.36
N LEU G 4222 72.41 35.83 19.71
CA LEU G 4222 73.18 34.62 19.91
C LEU G 4222 74.56 34.75 19.27
N LEU G 4223 74.69 35.52 18.20
CA LEU G 4223 75.97 35.64 17.53
C LEU G 4223 76.97 36.39 18.38
N ALA G 4224 76.53 37.42 19.10
CA ALA G 4224 77.42 38.21 19.91
C ALA G 4224 77.86 37.49 21.18
N VAL G 4225 77.13 36.48 21.63
CA VAL G 4225 77.41 35.85 22.91
C VAL G 4225 78.25 34.59 22.77
N VAL G 4226 78.21 33.92 21.62
CA VAL G 4226 79.06 32.75 21.41
C VAL G 4226 80.52 33.16 21.31
N VAL G 4227 80.79 34.25 20.59
CA VAL G 4227 82.13 34.80 20.55
C VAL G 4227 82.50 35.41 21.89
N TYR G 4228 81.51 35.83 22.68
CA TYR G 4228 81.76 36.40 24.00
C TYR G 4228 82.25 35.34 24.98
N LEU G 4229 81.66 34.14 24.90
CA LEU G 4229 82.21 33.01 25.64
C LEU G 4229 83.58 32.63 25.10
N TYR G 4230 83.78 32.78 23.80
CA TYR G 4230 85.04 32.42 23.18
C TYR G 4230 86.02 33.59 23.12
N THR G 4231 85.64 34.73 23.69
CA THR G 4231 86.57 35.83 23.89
C THR G 4231 87.40 35.62 25.15
N VAL G 4232 86.71 35.29 26.25
CA VAL G 4232 87.35 35.24 27.56
C VAL G 4232 88.32 34.07 27.66
N VAL G 4233 88.09 33.00 26.90
CA VAL G 4233 88.98 31.84 26.91
C VAL G 4233 90.32 32.20 26.28
N ALA G 4234 90.28 32.84 25.12
CA ALA G 4234 91.50 33.37 24.52
C ALA G 4234 92.05 34.55 25.32
N PHE G 4235 91.20 35.25 26.07
CA PHE G 4235 91.68 36.34 26.91
C PHE G 4235 92.47 35.82 28.11
N ASN G 4236 92.22 34.59 28.55
CA ASN G 4236 92.86 34.06 29.73
C ASN G 4236 93.79 32.89 29.47
N PHE G 4237 93.57 32.13 28.41
CA PHE G 4237 94.42 30.98 28.10
C PHE G 4237 95.30 31.21 26.89
N PHE G 4238 94.77 31.79 25.83
CA PHE G 4238 95.56 32.12 24.64
C PHE G 4238 95.95 33.58 24.61
N ARG G 4239 96.16 34.15 25.80
CA ARG G 4239 96.41 35.58 25.94
C ARG G 4239 97.73 36.00 25.33
N LYS G 4240 98.76 35.17 25.50
CA LYS G 4240 100.11 35.45 25.04
C LYS G 4240 100.33 35.09 23.57
N PHE G 4241 99.27 34.96 22.77
CA PHE G 4241 99.40 34.37 21.46
C PHE G 4241 99.02 35.30 20.30
N TYR G 4242 98.26 36.37 20.54
CA TYR G 4242 97.80 37.23 19.46
C TYR G 4242 98.95 37.95 18.73
N ASN G 4243 99.63 38.86 19.43
CA ASN G 4243 100.95 39.39 19.05
C ASN G 4243 100.92 40.07 17.68
N LYS G 4244 100.28 41.23 17.63
CA LYS G 4244 99.92 41.90 16.38
C LYS G 4244 101.08 42.38 15.49
N SER G 4245 102.32 42.05 15.87
CA SER G 4245 103.46 41.95 14.95
C SER G 4245 103.92 43.30 14.39
N GLU G 4246 104.12 44.26 15.28
CA GLU G 4246 104.97 45.39 14.97
C GLU G 4246 106.42 44.96 15.11
N ASP G 4247 107.32 45.62 14.40
CA ASP G 4247 108.72 45.20 14.37
C ASP G 4247 109.41 45.52 15.68
N GLU G 4248 109.95 44.47 16.32
CA GLU G 4248 110.85 44.47 17.49
C GLU G 4248 110.13 44.83 18.79
N ASP G 4249 108.90 45.32 18.69
CA ASP G 4249 108.07 45.68 19.84
C ASP G 4249 106.64 45.26 19.52
N GLU G 4250 105.86 44.96 20.54
CA GLU G 4250 104.44 44.69 20.38
C GLU G 4250 103.63 45.52 21.36
N PRO G 4251 103.36 46.79 21.03
CA PRO G 4251 102.38 47.55 21.82
C PRO G 4251 100.96 47.08 21.59
N ASP G 4252 100.70 46.41 20.46
CA ASP G 4252 99.36 45.97 20.09
C ASP G 4252 99.24 44.49 20.40
N MET G 4253 98.48 44.17 21.43
CA MET G 4253 97.92 42.84 21.64
C MET G 4253 96.48 43.06 22.09
N LYS G 4254 95.54 42.36 21.44
CA LYS G 4254 94.13 42.58 21.75
C LYS G 4254 93.77 42.02 23.12
N CYS G 4255 94.52 41.04 23.61
CA CYS G 4255 94.34 40.53 24.98
C CYS G 4255 95.13 41.35 25.99
N ASP G 4256 94.96 42.66 25.95
CA ASP G 4256 95.44 43.58 26.96
C ASP G 4256 94.29 44.31 27.64
N ASP G 4257 93.43 44.94 26.85
CA ASP G 4257 92.14 45.43 27.30
C ASP G 4257 91.08 44.39 26.97
N MET G 4258 89.96 44.46 27.69
CA MET G 4258 88.94 43.43 27.52
C MET G 4258 88.07 43.68 26.31
N MET G 4259 87.52 44.88 26.18
CA MET G 4259 86.63 45.19 25.06
C MET G 4259 87.38 45.29 23.74
N THR G 4260 88.68 45.53 23.79
CA THR G 4260 89.48 45.61 22.56
C THR G 4260 89.57 44.24 21.88
N CYS G 4261 89.69 43.18 22.68
CA CYS G 4261 89.69 41.83 22.11
C CYS G 4261 88.31 41.49 21.56
N TYR G 4262 87.25 41.82 22.29
CA TYR G 4262 85.89 41.47 21.87
C TYR G 4262 85.46 42.24 20.64
N LEU G 4263 86.02 43.42 20.43
CA LEU G 4263 85.84 44.13 19.16
C LEU G 4263 86.58 43.43 18.04
N PHE G 4264 87.74 42.86 18.34
CA PHE G 4264 88.58 42.23 17.32
C PHE G 4264 87.94 40.95 16.78
N HIS G 4265 87.15 40.26 17.60
CA HIS G 4265 86.45 39.07 17.12
C HIS G 4265 85.39 39.44 16.09
N MET G 4266 84.54 40.40 16.42
CA MET G 4266 83.49 40.81 15.50
C MET G 4266 84.00 41.64 14.34
N TYR G 4267 85.24 42.11 14.39
CA TYR G 4267 85.80 42.80 13.24
C TYR G 4267 86.42 41.84 12.25
N VAL G 4268 86.94 40.70 12.72
CA VAL G 4268 87.73 39.80 11.91
C VAL G 4268 87.06 38.44 11.74
N GLY G 4269 86.74 37.78 12.86
CA GLY G 4269 86.36 36.38 12.84
C GLY G 4269 85.04 36.12 12.15
N VAL G 4270 84.11 37.07 12.21
CA VAL G 4270 82.84 36.94 11.50
C VAL G 4270 82.88 37.61 10.14
N ARG G 4271 84.03 38.11 9.72
CA ARG G 4271 84.13 38.87 8.49
C ARG G 4271 85.14 38.31 7.51
N ALA G 4272 86.21 37.66 8.00
CA ALA G 4272 87.35 37.29 7.16
C ALA G 4272 87.01 36.25 6.10
N GLY G 4273 85.99 35.43 6.30
CA GLY G 4273 85.67 34.39 5.33
C GLY G 4273 86.72 33.30 5.36
N GLY G 4274 86.71 32.50 6.42
CA GLY G 4274 87.81 31.59 6.68
C GLY G 4274 88.09 31.51 8.17
N GLY G 4275 87.32 32.28 8.94
CA GLY G 4275 87.42 32.22 10.38
C GLY G 4275 88.46 33.16 10.93
N ILE G 4276 88.67 33.04 12.25
CA ILE G 4276 89.63 33.89 12.92
C ILE G 4276 91.06 33.40 12.74
N GLY G 4277 91.25 32.11 12.43
CA GLY G 4277 92.59 31.57 12.32
C GLY G 4277 93.30 31.87 11.02
N ASP G 4278 93.25 33.13 10.57
CA ASP G 4278 93.87 33.55 9.33
C ASP G 4278 94.89 34.66 9.54
N GLU G 4279 94.88 35.33 10.69
CA GLU G 4279 95.74 36.47 10.94
C GLU G 4279 96.55 36.32 12.22
N ILE G 4280 96.21 35.38 13.08
CA ILE G 4280 96.95 35.14 14.31
C ILE G 4280 97.92 33.98 14.01
N GLU G 4281 98.96 33.88 14.83
CA GLU G 4281 100.22 33.24 14.49
C GLU G 4281 100.10 31.73 14.33
N ASP G 4282 101.24 31.14 13.97
CA ASP G 4282 101.37 29.71 13.77
C ASP G 4282 101.20 28.98 15.09
N PRO G 4283 100.31 27.99 15.18
CA PRO G 4283 100.20 27.19 16.41
C PRO G 4283 101.21 26.04 16.47
N ALA G 4284 102.24 26.08 15.64
CA ALA G 4284 103.22 24.99 15.59
C ALA G 4284 104.17 24.98 16.78
N GLY G 4285 104.12 25.98 17.66
CA GLY G 4285 104.86 25.91 18.89
C GLY G 4285 104.32 24.83 19.82
N ASP G 4286 105.22 24.28 20.64
CA ASP G 4286 104.87 23.14 21.47
C ASP G 4286 103.94 23.50 22.61
N GLU G 4287 104.01 24.74 23.08
CA GLU G 4287 103.14 25.18 24.17
C GLU G 4287 101.71 25.36 23.66
N TYR G 4288 100.82 24.51 24.16
CA TYR G 4288 99.38 24.50 23.82
C TYR G 4288 99.16 24.31 22.32
N GLU G 4289 99.87 23.34 21.73
CA GLU G 4289 99.71 23.06 20.32
C GLU G 4289 98.36 22.41 20.03
N LEU G 4290 97.97 21.45 20.86
CA LEU G 4290 96.70 20.75 20.68
C LEU G 4290 95.53 21.66 21.02
N TYR G 4291 95.72 22.62 21.91
CA TYR G 4291 94.59 23.35 22.48
C TYR G 4291 94.03 24.38 21.49
N ARG G 4292 94.90 24.99 20.68
CA ARG G 4292 94.38 25.93 19.68
C ARG G 4292 93.72 25.19 18.53
N VAL G 4293 94.41 24.18 17.97
CA VAL G 4293 93.99 23.56 16.73
C VAL G 4293 92.72 22.76 16.89
N VAL G 4294 92.37 22.37 18.11
CA VAL G 4294 91.02 21.86 18.36
C VAL G 4294 90.04 23.02 18.44
N PHE G 4295 90.39 24.05 19.21
CA PHE G 4295 89.44 25.13 19.50
C PHE G 4295 89.23 26.05 18.30
N ASP G 4296 90.28 26.30 17.51
CA ASP G 4296 90.16 27.25 16.41
C ASP G 4296 89.34 26.69 15.27
N ILE G 4297 89.52 25.40 14.97
CA ILE G 4297 88.83 24.79 13.83
C ILE G 4297 87.35 24.61 14.15
N THR G 4298 87.04 24.18 15.38
CA THR G 4298 85.65 24.07 15.80
C THR G 4298 84.97 25.44 15.89
N PHE G 4299 85.75 26.48 16.22
CA PHE G 4299 85.22 27.84 16.17
C PHE G 4299 84.81 28.24 14.77
N PHE G 4300 85.53 27.74 13.76
CA PHE G 4300 85.12 27.95 12.38
C PHE G 4300 83.83 27.18 12.06
N PHE G 4301 83.60 26.04 12.73
CA PHE G 4301 82.34 25.36 12.54
C PHE G 4301 81.18 26.07 13.25
N PHE G 4302 81.44 26.66 14.42
CA PHE G 4302 80.36 27.04 15.31
C PHE G 4302 79.61 28.28 14.86
N VAL G 4303 80.24 29.17 14.09
CA VAL G 4303 79.61 30.40 13.66
C VAL G 4303 79.56 30.53 12.15
N ILE G 4304 80.63 30.17 11.44
CA ILE G 4304 80.67 30.36 10.00
C ILE G 4304 79.77 29.34 9.32
N VAL G 4305 79.84 28.08 9.76
CA VAL G 4305 79.00 27.05 9.16
C VAL G 4305 77.57 27.19 9.66
N ILE G 4306 77.39 27.54 10.93
CA ILE G 4306 76.07 27.49 11.54
C ILE G 4306 75.24 28.71 11.17
N LEU G 4307 75.74 29.91 11.50
CA LEU G 4307 74.89 31.10 11.51
C LEU G 4307 74.53 31.57 10.10
N LEU G 4308 75.38 31.30 9.11
CA LEU G 4308 75.05 31.66 7.74
C LEU G 4308 73.88 30.84 7.21
N ALA G 4309 73.74 29.61 7.69
CA ALA G 4309 72.58 28.80 7.33
C ALA G 4309 71.31 29.36 7.97
N ILE G 4310 71.45 29.96 9.16
CA ILE G 4310 70.28 30.38 9.92
C ILE G 4310 69.65 31.61 9.29
N ILE G 4311 70.48 32.59 8.92
CA ILE G 4311 69.97 33.81 8.32
C ILE G 4311 69.40 33.54 6.94
N GLN G 4312 70.08 32.69 6.18
CA GLN G 4312 69.59 32.36 4.84
C GLN G 4312 68.34 31.49 4.92
N GLY G 4313 68.35 30.49 5.80
CA GLY G 4313 67.26 29.54 5.88
C GLY G 4313 65.94 30.13 6.33
N LEU G 4314 65.98 31.22 7.11
CA LEU G 4314 64.76 31.93 7.40
C LEU G 4314 64.23 32.65 6.16
N ILE G 4315 65.12 33.10 5.30
CA ILE G 4315 64.69 33.71 4.04
C ILE G 4315 64.27 32.63 3.06
N ILE G 4316 64.88 31.43 3.15
CA ILE G 4316 64.40 30.27 2.41
C ILE G 4316 62.98 29.93 2.83
N ASP G 4317 62.68 30.05 4.13
CA ASP G 4317 61.33 29.92 4.61
C ASP G 4317 60.44 31.07 4.12
N ALA G 4318 61.03 32.25 3.95
CA ALA G 4318 60.24 33.42 3.57
C ALA G 4318 59.72 33.32 2.14
N PHE G 4319 60.50 32.72 1.25
CA PHE G 4319 59.96 32.42 -0.08
C PHE G 4319 58.94 31.29 -0.01
N GLY G 4320 59.12 30.35 0.91
CA GLY G 4320 58.17 29.26 1.05
C GLY G 4320 56.84 29.70 1.63
N GLU G 4321 56.85 30.77 2.42
CA GLU G 4321 55.60 31.29 2.98
C GLU G 4321 54.76 31.93 1.89
N LEU G 4322 55.37 32.81 1.09
CA LEU G 4322 54.60 33.65 0.19
C LEU G 4322 54.10 32.86 -1.02
N ARG G 4323 54.78 31.78 -1.39
CA ARG G 4323 54.24 30.92 -2.42
C ARG G 4323 53.03 30.14 -1.94
N ASP G 4324 52.90 29.94 -0.62
CA ASP G 4324 51.68 29.37 -0.08
C ASP G 4324 50.60 30.43 0.07
N GLN G 4325 51.00 31.68 0.33
CA GLN G 4325 50.03 32.76 0.44
C GLN G 4325 49.35 33.05 -0.88
N GLN G 4326 50.08 32.91 -1.99
CA GLN G 4326 49.48 33.04 -3.30
C GLN G 4326 48.71 31.81 -3.72
N GLU G 4327 48.90 30.68 -3.03
CA GLU G 4327 48.23 29.45 -3.42
C GLU G 4327 46.82 29.37 -2.86
N GLN G 4328 46.67 29.59 -1.55
CA GLN G 4328 45.39 29.39 -0.90
C GLN G 4328 44.39 30.48 -1.25
N VAL G 4329 44.86 31.64 -1.71
CA VAL G 4329 43.94 32.65 -2.23
C VAL G 4329 43.35 32.20 -3.56
N LYS G 4330 44.08 31.37 -4.29
CA LYS G 4330 43.55 30.74 -5.48
C LYS G 4330 42.82 29.45 -5.15
N GLU G 4331 43.27 28.76 -4.10
CA GLU G 4331 42.74 27.44 -3.80
C GLU G 4331 41.37 27.53 -3.16
N ASP G 4332 41.14 28.56 -2.34
CA ASP G 4332 39.89 28.63 -1.58
C ASP G 4332 38.70 28.97 -2.48
N MET G 4333 38.92 29.84 -3.47
CA MET G 4333 37.86 30.12 -4.45
C MET G 4333 37.58 28.90 -5.30
N GLU G 4334 38.63 28.13 -5.64
CA GLU G 4334 38.46 26.94 -6.48
C GLU G 4334 37.65 25.87 -5.77
N THR G 4335 37.64 25.87 -4.44
CA THR G 4335 36.78 24.95 -3.71
C THR G 4335 35.33 25.46 -3.66
N LYS G 4336 35.12 26.56 -2.93
CA LYS G 4336 33.79 27.12 -2.77
C LYS G 4336 33.77 28.64 -2.81
N CYS G 4337 32.57 29.20 -2.89
CA CYS G 4337 32.35 30.64 -2.89
C CYS G 4337 32.80 31.26 -1.55
N PHE G 4338 32.49 30.51 -0.49
CA PHE G 4338 32.76 30.68 0.96
C PHE G 4338 31.64 31.44 1.69
N ILE G 4339 30.88 32.21 0.93
CA ILE G 4339 29.69 32.88 1.46
C ILE G 4339 28.62 31.82 1.74
N CYS G 4340 28.57 30.86 0.82
CA CYS G 4340 27.65 29.73 0.77
C CYS G 4340 28.34 28.49 1.34
N GLY G 4341 27.67 27.83 2.28
CA GLY G 4341 28.21 26.63 2.89
C GLY G 4341 27.92 25.36 2.12
N ILE G 4342 28.22 25.38 0.83
CA ILE G 4342 27.99 24.22 -0.04
C ILE G 4342 29.25 24.00 -0.87
N GLY G 4343 29.77 22.78 -0.83
CA GLY G 4343 30.88 22.43 -1.69
C GLY G 4343 30.48 22.40 -3.15
N SER G 4344 31.50 22.51 -4.00
CA SER G 4344 31.26 22.52 -5.44
C SER G 4344 30.88 21.14 -5.98
N ASP G 4345 31.04 20.08 -5.19
CA ASP G 4345 30.65 18.75 -5.62
C ASP G 4345 29.15 18.63 -5.80
N TYR G 4346 28.38 19.29 -4.93
CA TYR G 4346 26.94 19.39 -5.13
C TYR G 4346 26.63 20.21 -6.38
N PHE G 4347 27.49 21.17 -6.70
CA PHE G 4347 27.36 21.95 -7.92
C PHE G 4347 27.96 21.21 -9.11
N ASP G 4348 28.88 20.29 -8.86
CA ASP G 4348 29.47 19.48 -9.91
C ASP G 4348 28.50 18.41 -10.41
N THR G 4349 27.42 18.14 -9.66
CA THR G 4349 26.46 17.12 -10.05
C THR G 4349 25.73 17.51 -11.33
N THR G 4350 25.15 18.70 -11.35
CA THR G 4350 24.61 19.27 -12.56
C THR G 4350 25.75 19.87 -13.39
N PRO G 4351 25.61 19.89 -14.72
CA PRO G 4351 26.69 20.44 -15.55
C PRO G 4351 26.82 21.95 -15.39
N HIS G 4352 28.07 22.38 -15.21
CA HIS G 4352 28.47 23.80 -15.09
C HIS G 4352 27.80 24.49 -13.91
N GLY G 4353 27.50 23.74 -12.85
CA GLY G 4353 26.81 24.32 -11.71
C GLY G 4353 27.67 25.29 -10.92
N PHE G 4354 28.98 25.02 -10.83
CA PHE G 4354 29.90 26.00 -10.29
C PHE G 4354 30.03 27.19 -11.23
N GLU G 4355 30.05 26.94 -12.54
CA GLU G 4355 30.01 28.02 -13.51
C GLU G 4355 28.69 28.77 -13.44
N THR G 4356 27.61 28.09 -13.09
CA THR G 4356 26.32 28.75 -12.94
C THR G 4356 26.34 29.58 -11.66
N HIS G 4357 27.02 29.05 -10.63
CA HIS G 4357 27.12 29.72 -9.34
C HIS G 4357 27.83 31.07 -9.46
N THR G 4358 28.88 31.10 -10.28
CA THR G 4358 29.66 32.31 -10.47
C THR G 4358 28.86 33.50 -11.00
N LEU G 4359 27.70 33.25 -11.59
CA LEU G 4359 26.89 34.31 -12.13
C LEU G 4359 25.45 34.24 -11.63
N GLU G 4360 24.83 33.07 -11.75
CA GLU G 4360 23.41 32.97 -11.41
C GLU G 4360 23.20 32.92 -9.91
N GLU G 4361 24.18 32.35 -9.21
CA GLU G 4361 24.20 32.39 -7.75
C GLU G 4361 25.02 33.64 -7.32
N HIS G 4362 25.15 33.87 -6.02
CA HIS G 4362 25.89 35.05 -5.57
C HIS G 4362 27.37 35.00 -5.97
N ASN G 4363 27.91 36.13 -6.40
CA ASN G 4363 29.31 36.24 -6.82
C ASN G 4363 30.08 37.20 -5.91
N LEU G 4364 29.84 37.04 -4.62
CA LEU G 4364 30.42 37.84 -3.54
C LEU G 4364 30.24 39.35 -3.75
N ALA G 4365 29.65 39.76 -4.88
CA ALA G 4365 29.53 41.16 -5.23
C ALA G 4365 28.10 41.66 -5.22
N ASN G 4366 27.12 40.76 -5.43
CA ASN G 4366 25.72 41.18 -5.46
C ASN G 4366 25.22 41.66 -4.10
N TYR G 4367 25.89 41.24 -3.02
CA TYR G 4367 25.49 41.68 -1.69
C TYR G 4367 25.72 43.18 -1.50
N MET G 4368 26.77 43.73 -2.12
CA MET G 4368 27.05 45.15 -1.96
C MET G 4368 25.98 45.99 -2.64
N PHE G 4369 25.58 45.60 -3.85
CA PHE G 4369 24.66 46.41 -4.63
C PHE G 4369 23.27 46.44 -4.03
N PHE G 4370 22.91 45.45 -3.22
CA PHE G 4370 21.59 45.47 -2.61
C PHE G 4370 21.55 46.38 -1.40
N LEU G 4371 22.67 46.53 -0.70
CA LEU G 4371 22.74 47.46 0.42
C LEU G 4371 22.54 48.89 -0.05
N MET G 4372 23.26 49.30 -1.10
CA MET G 4372 23.07 50.63 -1.66
C MET G 4372 21.74 50.77 -2.38
N TYR G 4373 21.15 49.65 -2.82
CA TYR G 4373 19.77 49.66 -3.27
C TYR G 4373 18.83 50.01 -2.13
N LEU G 4374 19.11 49.50 -0.94
CA LEU G 4374 18.33 49.86 0.23
C LEU G 4374 18.65 51.28 0.69
N ILE G 4375 19.88 51.74 0.43
CA ILE G 4375 20.27 53.10 0.78
C ILE G 4375 19.51 54.10 -0.06
N ASN G 4376 19.45 53.85 -1.37
CA ASN G 4376 18.84 54.79 -2.31
C ASN G 4376 17.35 54.56 -2.48
N LYS G 4377 16.68 54.01 -1.49
CA LYS G 4377 15.25 53.79 -1.53
C LYS G 4377 14.64 54.33 -0.24
N ASP G 4378 13.41 54.82 -0.35
CA ASP G 4378 12.77 55.45 0.78
C ASP G 4378 12.36 54.42 1.82
N GLU G 4379 12.18 54.91 3.05
CA GLU G 4379 11.71 54.06 4.14
C GLU G 4379 10.29 53.58 3.90
N THR G 4380 9.46 54.42 3.28
CA THR G 4380 8.10 54.04 2.93
C THR G 4380 8.08 52.95 1.86
N GLU G 4381 9.03 52.99 0.94
CA GLU G 4381 8.93 52.20 -0.29
C GLU G 4381 9.36 50.76 -0.12
N HIS G 4382 9.84 50.35 1.06
CA HIS G 4382 10.34 48.99 1.24
C HIS G 4382 9.21 47.98 1.20
N THR G 4383 9.53 46.78 0.71
CA THR G 4383 8.57 45.69 0.72
C THR G 4383 8.62 45.00 2.08
N GLY G 4384 7.86 43.91 2.20
CA GLY G 4384 7.91 43.11 3.40
C GLY G 4384 9.25 42.41 3.57
N GLN G 4385 9.92 42.09 2.47
CA GLN G 4385 11.24 41.49 2.53
C GLN G 4385 12.33 42.53 2.67
N GLU G 4386 12.16 43.69 2.04
CA GLU G 4386 13.19 44.73 2.07
C GLU G 4386 13.26 45.38 3.45
N SER G 4387 12.10 45.70 4.03
CA SER G 4387 12.09 46.32 5.35
C SER G 4387 12.54 45.36 6.44
N TYR G 4388 12.38 44.06 6.20
CA TYR G 4388 12.76 43.07 7.21
C TYR G 4388 14.27 43.00 7.36
N VAL G 4389 14.99 42.90 6.24
CA VAL G 4389 16.44 42.84 6.31
C VAL G 4389 17.02 44.21 6.65
N TRP G 4390 16.29 45.28 6.34
CA TRP G 4390 16.72 46.62 6.75
C TRP G 4390 16.66 46.76 8.26
N LYS G 4391 15.66 46.16 8.88
CA LYS G 4391 15.63 46.06 10.33
C LYS G 4391 16.75 45.14 10.83
N MET G 4392 17.02 44.06 10.09
CA MET G 4392 18.09 43.14 10.48
C MET G 4392 19.45 43.80 10.37
N TYR G 4393 19.61 44.75 9.43
CA TYR G 4393 20.89 45.43 9.29
C TYR G 4393 21.18 46.32 10.48
N GLN G 4394 20.18 47.11 10.89
CA GLN G 4394 20.35 47.96 12.06
C GLN G 4394 20.35 47.15 13.34
N GLU G 4395 19.81 45.93 13.29
CA GLU G 4395 20.02 44.97 14.37
C GLU G 4395 21.46 44.47 14.42
N ARG G 4396 22.16 44.53 13.29
CA ARG G 4396 23.51 43.97 13.07
C ARG G 4396 23.53 42.46 13.28
N CYS G 4397 22.40 41.80 13.05
CA CYS G 4397 22.36 40.35 12.98
C CYS G 4397 22.50 39.90 11.54
N TRP G 4398 23.12 38.74 11.36
CA TRP G 4398 23.49 38.27 10.03
C TRP G 4398 22.93 36.88 9.79
N ASP G 4399 21.65 36.73 10.09
CA ASP G 4399 21.00 35.43 10.01
C ASP G 4399 20.52 35.10 8.61
N PHE G 4400 20.28 36.11 7.77
CA PHE G 4400 19.62 35.92 6.49
C PHE G 4400 20.48 35.18 5.46
N PHE G 4401 21.76 35.01 5.72
CA PHE G 4401 22.64 34.32 4.79
C PHE G 4401 22.28 32.84 4.67
N PRO G 4402 22.59 32.20 3.52
CA PRO G 4402 22.32 30.77 3.37
C PRO G 4402 23.08 29.89 4.35
N ALA G 4403 24.42 29.97 4.32
CA ALA G 4403 25.34 29.25 5.21
C ALA G 4403 25.09 27.74 5.20
N GLY G 4404 24.72 27.20 4.04
CA GLY G 4404 24.46 25.78 3.94
C GLY G 4404 23.30 25.38 3.06
N ASP G 4405 22.54 26.34 2.53
CA ASP G 4405 21.42 26.03 1.65
C ASP G 4405 21.12 27.26 0.79
N CYS G 4406 21.49 27.20 -0.49
CA CYS G 4406 21.21 28.30 -1.43
C CYS G 4406 20.30 27.78 -2.54
N PHE G 4407 19.00 27.77 -2.26
CA PHE G 4407 17.89 27.75 -3.21
C PHE G 4407 17.71 26.40 -3.93
N ARG G 4408 18.67 25.51 -3.81
CA ARG G 4408 18.61 24.26 -4.55
C ARG G 4408 18.82 23.02 -3.71
N LYS G 4409 19.51 23.11 -2.58
CA LYS G 4409 19.39 22.04 -1.61
C LYS G 4409 18.03 22.07 -0.95
N GLN G 4410 17.46 23.27 -0.82
CA GLN G 4410 16.08 23.40 -0.36
C GLN G 4410 15.10 22.84 -1.40
N TYR G 4411 15.32 23.14 -2.67
CA TYR G 4411 14.36 22.86 -3.73
C TYR G 4411 14.85 21.76 -4.67
N GLU G 4412 15.48 20.73 -4.12
CA GLU G 4412 16.02 19.67 -4.97
C GLU G 4412 14.94 18.67 -5.38
N ASP G 4413 14.39 17.93 -4.42
CA ASP G 4413 13.41 16.90 -4.73
C ASP G 4413 12.06 17.47 -5.06
N GLN G 4414 11.83 18.74 -4.72
CA GLN G 4414 10.64 19.46 -5.15
C GLN G 4414 10.58 19.53 -6.66
N LEU G 4415 11.56 20.21 -7.26
CA LEU G 4415 11.78 20.15 -8.70
C LEU G 4415 13.25 20.47 -8.95
N SER G 4416 13.97 19.52 -9.54
CA SER G 4416 15.38 19.71 -9.84
C SER G 4416 15.58 20.70 -10.97
N GLN H 1 2.09 -30.31 14.58
CA GLN H 1 3.51 -30.48 14.34
C GLN H 1 4.04 -31.77 14.96
N PHE H 2 4.70 -31.64 16.12
CA PHE H 2 5.33 -32.77 16.78
C PHE H 2 5.06 -32.68 18.28
N LEU H 3 5.68 -33.58 19.02
CA LEU H 3 5.42 -33.73 20.45
C LEU H 3 6.73 -33.78 21.22
N ARG H 4 6.71 -33.22 22.43
CA ARG H 4 7.87 -33.24 23.31
C ARG H 4 7.48 -33.71 24.70
N THR H 5 8.40 -33.59 25.65
CA THR H 5 8.12 -33.95 27.02
C THR H 5 7.47 -32.78 27.74
N ASP H 6 7.06 -33.04 29.00
CA ASP H 6 6.43 -32.06 29.90
C ASP H 6 5.19 -31.44 29.29
N ASP H 7 4.37 -32.27 28.64
CA ASP H 7 3.23 -31.78 27.90
C ASP H 7 1.97 -32.51 28.34
N GLU H 8 0.83 -31.90 28.05
CA GLU H 8 -0.47 -32.44 28.44
C GLU H 8 -1.21 -32.92 27.20
N VAL H 9 -1.43 -34.23 27.13
CA VAL H 9 -2.21 -34.85 26.07
C VAL H 9 -3.22 -35.80 26.69
N VAL H 10 -4.13 -36.29 25.86
CA VAL H 10 -5.11 -37.28 26.27
C VAL H 10 -5.06 -38.43 25.29
N LEU H 11 -5.68 -39.55 25.69
CA LEU H 11 -5.89 -40.68 24.79
C LEU H 11 -7.23 -40.55 24.09
N GLN H 12 -7.32 -41.15 22.92
CA GLN H 12 -8.57 -41.11 22.17
C GLN H 12 -8.70 -42.35 21.30
N CYS H 13 -9.85 -42.99 21.40
CA CYS H 13 -10.30 -43.99 20.45
C CYS H 13 -11.72 -43.63 20.03
N SER H 14 -12.16 -44.21 18.90
CA SER H 14 -13.52 -43.94 18.40
C SER H 14 -14.06 -45.26 17.86
N ALA H 15 -14.73 -46.02 18.74
CA ALA H 15 -15.35 -47.27 18.37
C ALA H 15 -16.83 -47.01 18.06
N THR H 16 -17.27 -47.48 16.91
CA THR H 16 -18.67 -47.26 16.52
C THR H 16 -19.60 -48.17 17.32
N VAL H 17 -20.81 -47.67 17.55
CA VAL H 17 -21.80 -48.40 18.35
C VAL H 17 -23.06 -48.59 17.53
N LEU H 18 -23.66 -47.49 17.08
CA LEU H 18 -24.93 -47.48 16.36
C LEU H 18 -24.69 -47.27 14.87
N LYS H 19 -23.63 -47.94 14.36
CA LYS H 19 -23.05 -47.69 13.03
C LYS H 19 -22.66 -46.23 12.86
N GLU H 20 -22.20 -45.62 13.94
CA GLU H 20 -21.79 -44.22 13.95
C GLU H 20 -20.71 -44.05 15.01
N GLN H 21 -19.80 -43.12 14.75
CA GLN H 21 -18.58 -43.01 15.55
C GLN H 21 -18.87 -42.46 16.93
N LEU H 22 -18.29 -43.11 17.94
CA LEU H 22 -18.36 -42.68 19.33
C LEU H 22 -16.94 -42.46 19.81
N LYS H 23 -16.51 -41.20 19.79
CA LYS H 23 -15.15 -40.86 20.21
C LYS H 23 -15.03 -41.01 21.72
N LEU H 24 -14.10 -41.84 22.15
CA LEU H 24 -13.95 -42.21 23.55
C LEU H 24 -12.56 -41.85 24.04
N CYS H 25 -12.49 -41.22 25.21
CA CYS H 25 -11.23 -40.87 25.83
C CYS H 25 -11.12 -41.60 27.17
N LEU H 26 -9.89 -41.75 27.64
CA LEU H 26 -9.64 -42.45 28.89
C LEU H 26 -9.82 -41.50 30.06
N ALA H 27 -10.56 -41.95 31.08
CA ALA H 27 -10.79 -41.16 32.28
C ALA H 27 -10.68 -42.06 33.50
N ALA H 28 -10.15 -41.51 34.58
CA ALA H 28 -10.02 -42.22 35.84
C ALA H 28 -9.97 -41.21 36.97
N GLU H 29 -10.52 -41.61 38.12
CA GLU H 29 -10.63 -40.70 39.25
C GLU H 29 -9.38 -40.68 40.12
N GLY H 30 -8.83 -41.84 40.44
CA GLY H 30 -7.71 -41.88 41.36
C GLY H 30 -8.11 -42.25 42.77
N PHE H 31 -8.32 -41.23 43.61
CA PHE H 31 -8.74 -41.40 45.00
C PHE H 31 -10.09 -42.10 45.07
N GLY H 32 -10.10 -43.31 45.63
CA GLY H 32 -11.29 -44.13 45.66
C GLY H 32 -11.58 -44.90 44.40
N ASN H 33 -10.79 -44.70 43.34
CA ASN H 33 -11.01 -45.41 42.08
C ASN H 33 -9.63 -45.67 41.46
N ARG H 34 -9.10 -46.86 41.73
CA ARG H 34 -7.87 -47.28 41.07
C ARG H 34 -8.11 -47.77 39.65
N LEU H 35 -9.37 -47.95 39.27
CA LEU H 35 -9.72 -48.42 37.93
C LEU H 35 -9.89 -47.24 36.99
N CYS H 36 -9.97 -47.56 35.70
CA CYS H 36 -10.14 -46.57 34.65
C CYS H 36 -11.45 -46.83 33.92
N PHE H 37 -11.93 -45.81 33.22
CA PHE H 37 -13.17 -45.90 32.47
C PHE H 37 -13.07 -44.98 31.26
N LEU H 38 -14.19 -44.82 30.56
CA LEU H 38 -14.24 -44.08 29.32
C LEU H 38 -15.27 -42.96 29.42
N GLU H 39 -14.93 -41.80 28.87
CA GLU H 39 -15.88 -40.70 28.76
C GLU H 39 -16.21 -40.47 27.29
N PRO H 40 -17.49 -40.47 26.91
CA PRO H 40 -17.83 -40.19 25.51
C PRO H 40 -17.67 -38.71 25.20
N THR H 41 -17.02 -38.43 24.08
CA THR H 41 -16.76 -37.08 23.62
C THR H 41 -17.42 -36.84 22.27
N SER H 42 -18.66 -37.30 22.13
CA SER H 42 -19.39 -37.19 20.88
C SER H 42 -20.62 -36.31 20.95
N ASN H 43 -21.23 -36.17 22.13
CA ASN H 43 -22.44 -35.36 22.30
C ASN H 43 -22.08 -34.03 22.97
N ALA H 44 -20.92 -33.47 22.60
CA ALA H 44 -20.40 -32.29 23.28
C ALA H 44 -21.22 -31.03 23.01
N GLN H 45 -22.03 -31.03 21.94
CA GLN H 45 -22.94 -29.91 21.72
C GLN H 45 -24.09 -29.91 22.73
N ASN H 46 -24.41 -31.06 23.32
CA ASN H 46 -25.48 -31.15 24.32
C ASN H 46 -24.97 -31.57 25.69
N VAL H 47 -24.22 -32.66 25.76
CA VAL H 47 -23.78 -33.23 27.03
C VAL H 47 -22.31 -32.88 27.20
N PRO H 48 -21.91 -32.22 28.29
CA PRO H 48 -20.51 -31.87 28.49
C PRO H 48 -19.68 -33.08 28.87
N PRO H 49 -18.57 -33.32 28.16
CA PRO H 49 -17.63 -34.36 28.59
C PRO H 49 -16.75 -33.84 29.72
N ASP H 50 -16.63 -34.65 30.77
CA ASP H 50 -15.85 -34.26 31.94
C ASP H 50 -14.37 -34.41 31.61
N LEU H 51 -13.78 -33.31 31.14
CA LEU H 51 -12.37 -33.29 30.80
C LEU H 51 -11.48 -32.97 31.99
N ALA H 52 -12.05 -32.93 33.20
CA ALA H 52 -11.27 -32.65 34.39
C ALA H 52 -10.35 -33.82 34.76
N ILE H 53 -10.82 -35.05 34.58
CA ILE H 53 -10.01 -36.22 34.89
C ILE H 53 -9.63 -36.99 33.62
N CYS H 54 -9.67 -36.33 32.47
CA CYS H 54 -9.18 -36.92 31.24
C CYS H 54 -7.78 -36.46 30.87
N CYS H 55 -7.36 -35.29 31.33
CA CYS H 55 -6.07 -34.75 30.95
C CYS H 55 -4.94 -35.52 31.63
N PHE H 56 -3.96 -35.93 30.84
CA PHE H 56 -2.81 -36.67 31.33
C PHE H 56 -1.55 -35.84 31.12
N THR H 57 -0.43 -36.35 31.61
CA THR H 57 0.80 -35.57 31.62
C THR H 57 1.96 -36.41 31.12
N LEU H 58 2.73 -35.86 30.19
CA LEU H 58 3.92 -36.52 29.69
C LEU H 58 5.08 -36.28 30.64
N GLU H 59 5.74 -37.36 31.06
CA GLU H 59 6.79 -37.26 32.06
C GLU H 59 8.15 -37.70 31.55
N GLN H 60 8.28 -38.90 31.01
CA GLN H 60 9.60 -39.41 30.66
C GLN H 60 9.50 -40.40 29.51
N SER H 61 10.37 -40.22 28.52
CA SER H 61 10.49 -41.12 27.39
C SER H 61 11.95 -41.53 27.24
N LEU H 62 12.20 -42.83 27.15
CA LEU H 62 13.54 -43.36 27.03
C LEU H 62 13.55 -44.52 26.06
N SER H 63 14.73 -45.05 25.80
CA SER H 63 14.86 -46.29 25.05
C SER H 63 14.67 -47.49 25.98
N VAL H 64 14.63 -48.67 25.38
CA VAL H 64 14.47 -49.89 26.16
C VAL H 64 15.73 -50.20 26.96
N ARG H 65 16.89 -49.78 26.45
CA ARG H 65 18.14 -50.06 27.14
C ARG H 65 18.43 -49.04 28.21
N ALA H 66 18.08 -47.77 27.97
CA ALA H 66 18.27 -46.74 28.97
C ALA H 66 17.32 -46.93 30.14
N LEU H 67 16.11 -47.40 29.88
CA LEU H 67 15.17 -47.65 30.98
C LEU H 67 15.57 -48.87 31.78
N GLN H 68 16.06 -49.91 31.10
CA GLN H 68 16.54 -51.09 31.81
C GLN H 68 17.78 -50.77 32.62
N GLU H 69 18.64 -49.88 32.10
CA GLU H 69 19.76 -49.38 32.88
C GLU H 69 19.27 -48.54 34.05
N MET H 70 18.19 -47.79 33.85
CA MET H 70 17.58 -47.03 34.95
C MET H 70 16.99 -47.96 36.00
N LEU H 71 16.49 -49.11 35.59
CA LEU H 71 15.96 -50.08 36.54
C LEU H 71 17.05 -50.83 37.29
N ALA H 72 18.31 -50.66 36.93
CA ALA H 72 19.42 -51.20 37.70
C ALA H 72 19.79 -50.34 38.90
N ASN H 73 19.06 -49.26 39.14
CA ASN H 73 19.36 -48.37 40.25
C ASN H 73 18.14 -48.22 41.16
N GLY H 86 15.56 -32.27 28.86
CA GLY H 86 14.65 -31.13 28.93
C GLY H 86 13.38 -31.36 28.16
N HIS H 87 13.48 -31.39 26.82
CA HIS H 87 12.33 -31.63 25.96
C HIS H 87 12.78 -32.58 24.85
N ARG H 88 12.56 -33.87 25.06
CA ARG H 88 12.93 -34.88 24.09
C ARG H 88 11.93 -34.91 22.94
N THR H 89 12.12 -35.87 22.04
CA THR H 89 11.25 -36.04 20.88
C THR H 89 10.77 -37.48 20.86
N LEU H 90 9.45 -37.66 20.71
CA LEU H 90 8.86 -38.98 20.72
C LEU H 90 9.21 -39.72 19.44
N LEU H 91 9.84 -40.88 19.58
CA LEU H 91 10.13 -41.75 18.46
C LEU H 91 9.46 -43.09 18.69
N TYR H 92 9.08 -43.75 17.60
CA TYR H 92 8.42 -45.04 17.69
C TYR H 92 9.39 -46.09 18.22
N GLY H 93 9.00 -46.78 19.28
CA GLY H 93 9.85 -47.71 19.98
C GLY H 93 10.25 -47.26 21.37
N HIS H 94 10.08 -45.98 21.68
CA HIS H 94 10.42 -45.50 23.01
C HIS H 94 9.38 -45.93 24.03
N ALA H 95 9.82 -46.03 25.28
CA ALA H 95 8.89 -46.16 26.39
C ALA H 95 8.32 -44.79 26.73
N ILE H 96 7.32 -44.78 27.60
CA ILE H 96 6.69 -43.53 28.00
C ILE H 96 6.28 -43.65 29.46
N LEU H 97 6.30 -42.51 30.15
CA LEU H 97 5.88 -42.43 31.55
C LEU H 97 4.64 -41.53 31.58
N LEU H 98 3.47 -42.15 31.68
CA LEU H 98 2.24 -41.39 31.76
C LEU H 98 1.96 -40.96 33.19
N ARG H 99 1.10 -39.95 33.32
CA ARG H 99 0.75 -39.43 34.63
C ARG H 99 -0.60 -38.74 34.52
N HIS H 100 -1.55 -39.19 35.34
CA HIS H 100 -2.82 -38.47 35.48
C HIS H 100 -2.54 -37.11 36.10
N ALA H 101 -3.03 -36.06 35.45
CA ALA H 101 -2.64 -34.70 35.83
C ALA H 101 -3.23 -34.29 37.17
N HIS H 102 -4.43 -34.76 37.49
CA HIS H 102 -5.09 -34.33 38.72
C HIS H 102 -4.50 -35.03 39.94
N SER H 103 -4.55 -36.36 39.95
CA SER H 103 -4.05 -37.12 41.09
C SER H 103 -2.53 -37.10 41.18
N ARG H 104 -1.85 -36.74 40.08
CA ARG H 104 -0.39 -36.63 40.00
C ARG H 104 0.27 -37.98 40.28
N MET H 105 -0.37 -39.04 39.81
CA MET H 105 0.07 -40.41 40.00
C MET H 105 0.27 -41.06 38.64
N TYR H 106 0.97 -42.19 38.63
CA TYR H 106 1.55 -42.74 37.41
C TYR H 106 0.76 -43.94 36.94
N LEU H 107 0.38 -43.92 35.66
CA LEU H 107 -0.48 -44.95 35.09
C LEU H 107 0.27 -46.25 34.89
N SER H 108 -0.22 -47.31 35.53
CA SER H 108 0.39 -48.63 35.40
C SER H 108 -0.64 -49.64 34.93
N CYS H 109 -0.25 -50.91 34.91
CA CYS H 109 -1.13 -52.00 34.51
C CYS H 109 -1.29 -52.94 35.70
N LEU H 110 -2.50 -53.03 36.22
CA LEU H 110 -2.74 -53.91 37.37
C LEU H 110 -2.82 -55.36 36.92
N THR H 111 -2.62 -56.26 37.87
CA THR H 111 -2.62 -57.69 37.63
C THR H 111 -3.88 -58.36 38.15
N THR H 112 -4.91 -57.59 38.47
CA THR H 112 -6.18 -58.14 38.92
C THR H 112 -6.98 -58.65 37.73
N SER H 113 -8.16 -59.18 37.99
CA SER H 113 -9.02 -59.71 36.94
C SER H 113 -10.41 -59.13 37.08
N ARG H 114 -10.92 -58.55 36.00
CA ARG H 114 -12.29 -58.05 35.93
C ARG H 114 -13.00 -58.71 34.77
N SER H 115 -14.32 -58.52 34.74
CA SER H 115 -15.28 -58.93 33.71
C SER H 115 -15.42 -60.44 33.53
N MET H 116 -14.74 -61.26 34.35
CA MET H 116 -14.81 -62.73 34.33
C MET H 116 -14.48 -63.30 32.95
N THR H 117 -13.42 -62.78 32.33
CA THR H 117 -13.08 -63.17 30.97
C THR H 117 -12.44 -64.54 30.88
N ASP H 118 -12.02 -65.12 32.01
CA ASP H 118 -11.24 -66.37 32.08
C ASP H 118 -10.01 -66.29 31.20
N LYS H 119 -9.28 -65.20 31.35
CA LYS H 119 -8.20 -64.86 30.43
C LYS H 119 -7.09 -64.07 31.14
N LEU H 120 -6.32 -63.33 30.36
CA LEU H 120 -5.17 -62.59 30.83
C LEU H 120 -5.46 -61.10 30.73
N ALA H 121 -6.65 -60.72 31.22
CA ALA H 121 -7.18 -59.36 31.07
C ALA H 121 -6.26 -58.32 31.68
N PHE H 122 -6.10 -58.38 33.01
CA PHE H 122 -5.14 -57.57 33.78
C PHE H 122 -5.37 -56.08 33.56
N ASP H 123 -6.51 -55.63 34.07
CA ASP H 123 -7.08 -54.32 33.81
C ASP H 123 -6.13 -53.19 34.18
N VAL H 124 -6.29 -52.06 33.48
CA VAL H 124 -5.36 -50.95 33.56
C VAL H 124 -5.65 -50.15 34.83
N GLY H 125 -4.62 -49.85 35.59
CA GLY H 125 -4.80 -49.05 36.79
C GLY H 125 -3.55 -48.36 37.31
N LEU H 126 -3.68 -47.07 37.59
CA LEU H 126 -2.65 -46.32 38.28
C LEU H 126 -2.81 -46.51 39.78
N GLN H 127 -1.70 -46.67 40.50
CA GLN H 127 -1.77 -46.59 41.95
C GLN H 127 -0.88 -45.46 42.48
N GLU H 128 0.45 -45.59 42.39
CA GLU H 128 1.32 -44.43 42.50
C GLU H 128 2.62 -44.62 41.72
N ASP H 129 2.75 -45.70 40.95
CA ASP H 129 3.97 -46.50 40.89
C ASP H 129 5.14 -45.73 40.28
N ALA H 130 6.02 -45.23 41.15
CA ALA H 130 7.28 -44.65 40.71
C ALA H 130 8.34 -45.71 40.48
N THR H 131 8.24 -46.86 41.17
CA THR H 131 9.12 -47.98 40.89
C THR H 131 8.71 -48.59 39.55
N GLY H 132 9.37 -48.16 38.49
CA GLY H 132 8.82 -48.29 37.16
C GLY H 132 8.97 -49.63 36.47
N GLU H 133 8.15 -50.61 36.86
CA GLU H 133 8.10 -51.86 36.12
C GLU H 133 6.90 -51.93 35.18
N ALA H 134 5.69 -51.71 35.71
CA ALA H 134 4.47 -51.84 34.92
C ALA H 134 3.94 -50.51 34.42
N CYS H 135 4.49 -49.38 34.87
CA CYS H 135 4.00 -48.08 34.46
C CYS H 135 4.67 -47.55 33.21
N TRP H 136 5.43 -48.38 32.52
CA TRP H 136 6.10 -47.98 31.29
C TRP H 136 5.45 -48.69 30.11
N TRP H 137 5.43 -48.00 28.98
CA TRP H 137 4.64 -48.41 27.84
C TRP H 137 5.43 -48.14 26.56
N THR H 138 5.85 -49.19 25.88
CA THR H 138 6.47 -49.01 24.58
C THR H 138 5.45 -48.56 23.55
N MET H 139 5.91 -47.79 22.58
CA MET H 139 5.05 -47.11 21.62
C MET H 139 5.42 -47.57 20.22
N HIS H 140 4.44 -48.09 19.49
CA HIS H 140 4.68 -48.65 18.18
C HIS H 140 3.78 -47.99 17.16
N PRO H 141 4.22 -47.88 15.91
CA PRO H 141 3.33 -47.36 14.87
C PRO H 141 2.26 -48.37 14.51
N ALA H 142 1.21 -47.86 13.86
CA ALA H 142 0.09 -48.72 13.49
C ALA H 142 0.40 -49.56 12.27
N SER H 143 0.72 -48.91 11.15
CA SER H 143 0.94 -49.57 9.88
C SER H 143 2.36 -49.31 9.40
N LYS H 144 2.62 -49.71 8.16
CA LYS H 144 3.91 -49.48 7.51
C LYS H 144 4.06 -48.06 6.97
N GLN H 145 3.04 -47.21 7.14
CA GLN H 145 3.18 -45.80 6.80
C GLN H 145 4.23 -45.13 7.69
N ARG H 146 4.21 -45.44 8.97
CA ARG H 146 5.27 -45.03 9.89
C ARG H 146 6.17 -46.22 10.17
N SER H 147 7.32 -45.94 10.77
CA SER H 147 8.30 -46.96 11.09
C SER H 147 8.94 -46.65 12.43
N GLU H 148 9.87 -47.50 12.84
CA GLU H 148 10.51 -47.35 14.14
C GLU H 148 11.51 -46.21 14.10
N GLY H 149 11.59 -45.47 15.20
CA GLY H 149 12.49 -44.35 15.32
C GLY H 149 12.07 -43.11 14.57
N GLU H 150 10.90 -43.10 13.95
CA GLU H 150 10.46 -41.91 13.25
C GLU H 150 9.80 -40.93 14.21
N LYS H 151 9.79 -39.65 13.82
CA LYS H 151 9.23 -38.62 14.66
C LYS H 151 7.71 -38.75 14.73
N VAL H 152 7.19 -38.85 15.95
CA VAL H 152 5.77 -39.04 16.17
C VAL H 152 5.08 -37.69 16.02
N ARG H 153 4.25 -37.56 14.99
CA ARG H 153 3.56 -36.31 14.73
C ARG H 153 2.37 -36.16 15.66
N VAL H 154 1.71 -35.02 15.54
CA VAL H 154 0.52 -34.73 16.36
C VAL H 154 -0.63 -35.60 15.87
N GLY H 155 -1.19 -36.39 16.77
CA GLY H 155 -2.36 -37.18 16.47
C GLY H 155 -2.10 -38.35 15.54
N ASP H 156 -1.10 -39.16 15.86
CA ASP H 156 -0.84 -40.35 15.06
C ASP H 156 -1.68 -41.52 15.58
N ASP H 157 -1.53 -42.67 14.93
CA ASP H 157 -2.25 -43.89 15.29
C ASP H 157 -1.27 -44.78 16.03
N LEU H 158 -1.41 -44.85 17.36
CA LEU H 158 -0.39 -45.45 18.20
C LEU H 158 -0.77 -46.86 18.61
N ILE H 159 0.26 -47.68 18.78
CA ILE H 159 0.13 -49.03 19.32
C ILE H 159 0.88 -49.04 20.65
N LEU H 160 0.14 -48.98 21.74
CA LEU H 160 0.70 -48.83 23.08
C LEU H 160 0.87 -50.21 23.70
N VAL H 161 2.11 -50.66 23.78
CA VAL H 161 2.41 -52.02 24.22
C VAL H 161 3.08 -51.95 25.59
N SER H 162 2.67 -52.83 26.49
CA SER H 162 3.19 -52.89 27.84
C SER H 162 4.66 -53.32 27.85
N VAL H 163 5.29 -53.09 28.99
CA VAL H 163 6.69 -53.44 29.21
C VAL H 163 6.82 -54.64 30.13
N SER H 164 6.17 -54.57 31.30
CA SER H 164 6.27 -55.66 32.27
C SER H 164 5.52 -56.89 31.81
N SER H 165 4.29 -56.71 31.35
CA SER H 165 3.51 -57.84 30.86
C SER H 165 3.70 -58.08 29.37
N GLU H 166 4.03 -57.01 28.63
CA GLU H 166 4.12 -56.99 27.16
C GLU H 166 2.81 -57.43 26.52
N ARG H 167 1.77 -56.67 26.81
CA ARG H 167 0.46 -56.79 26.18
C ARG H 167 0.12 -55.44 25.55
N TYR H 168 -1.00 -55.39 24.84
CA TYR H 168 -1.41 -54.17 24.16
C TYR H 168 -2.04 -53.17 25.11
N LEU H 169 -2.72 -52.17 24.58
CA LEU H 169 -3.62 -51.34 25.38
C LEU H 169 -4.98 -51.53 24.73
N HIS H 170 -5.67 -52.60 25.14
CA HIS H 170 -6.79 -53.11 24.39
C HIS H 170 -8.10 -52.49 24.86
N LEU H 171 -8.83 -51.90 23.92
CA LEU H 171 -10.23 -51.57 24.14
C LEU H 171 -11.05 -52.84 23.96
N SER H 172 -11.50 -53.41 25.06
CA SER H 172 -12.20 -54.70 25.04
C SER H 172 -13.66 -54.46 25.41
N THR H 173 -14.49 -54.25 24.39
CA THR H 173 -15.93 -54.32 24.60
C THR H 173 -16.37 -55.77 24.64
N ALA H 174 -17.47 -56.02 25.33
CA ALA H 174 -17.92 -57.39 25.58
C ALA H 174 -19.44 -57.37 25.70
N SER H 175 -19.99 -58.45 26.29
CA SER H 175 -21.42 -58.48 26.59
C SER H 175 -21.80 -57.43 27.62
N GLY H 176 -20.86 -57.03 28.48
CA GLY H 176 -21.08 -55.91 29.38
C GLY H 176 -20.81 -54.58 28.72
N GLU H 177 -20.20 -53.65 29.45
CA GLU H 177 -19.93 -52.33 28.91
C GLU H 177 -18.64 -52.36 28.09
N LEU H 178 -18.31 -51.21 27.51
CA LEU H 178 -17.09 -51.06 26.72
C LEU H 178 -15.93 -50.83 27.68
N GLN H 179 -15.07 -51.82 27.83
CA GLN H 179 -14.04 -51.80 28.85
C GLN H 179 -12.65 -51.77 28.20
N VAL H 180 -11.66 -51.44 29.03
CA VAL H 180 -10.27 -51.33 28.59
C VAL H 180 -9.42 -52.24 29.47
N ASP H 181 -8.58 -53.04 28.83
CA ASP H 181 -7.62 -53.88 29.53
C ASP H 181 -6.32 -53.92 28.73
N ALA H 182 -5.42 -54.82 29.13
CA ALA H 182 -4.20 -55.11 28.36
C ALA H 182 -4.14 -56.62 28.20
N SER H 183 -4.91 -57.15 27.25
CA SER H 183 -4.88 -58.59 27.08
C SER H 183 -4.60 -59.04 25.66
N PHE H 184 -5.44 -58.62 24.71
CA PHE H 184 -5.61 -59.36 23.46
C PHE H 184 -5.12 -58.61 22.23
N MET H 185 -5.70 -57.45 21.93
CA MET H 185 -5.72 -56.94 20.57
C MET H 185 -5.29 -55.48 20.54
N GLN H 186 -5.00 -55.02 19.33
CA GLN H 186 -4.59 -53.64 19.11
C GLN H 186 -5.77 -52.69 19.28
N THR H 187 -5.44 -51.44 19.56
CA THR H 187 -6.43 -50.36 19.60
C THR H 187 -5.74 -49.08 19.15
N LEU H 188 -6.30 -48.43 18.14
CA LEU H 188 -5.68 -47.23 17.57
C LEU H 188 -5.91 -46.08 18.53
N TRP H 189 -4.90 -45.79 19.34
CA TRP H 189 -4.98 -44.68 20.27
C TRP H 189 -4.41 -43.43 19.65
N ASN H 190 -5.00 -42.30 20.01
CA ASN H 190 -4.76 -41.03 19.34
C ASN H 190 -4.48 -39.96 20.38
N MET H 191 -3.29 -39.38 20.32
CA MET H 191 -2.95 -38.28 21.20
C MET H 191 -3.63 -37.01 20.74
N ASN H 192 -4.09 -36.21 21.70
CA ASN H 192 -4.68 -34.90 21.40
C ASN H 192 -3.94 -33.88 22.23
N PRO H 193 -3.23 -32.94 21.61
CA PRO H 193 -2.46 -31.95 22.39
C PRO H 193 -3.36 -30.94 23.06
N ILE H 194 -3.86 -31.33 24.23
CA ILE H 194 -4.83 -30.49 24.93
C ILE H 194 -4.17 -29.25 25.51
N CYS H 195 -2.86 -29.29 25.73
CA CYS H 195 -2.09 -28.17 26.23
C CYS H 195 -0.62 -28.40 25.89
N SER H 196 0.21 -27.43 26.22
CA SER H 196 1.64 -27.48 25.94
C SER H 196 2.33 -26.52 26.92
N CYS H 197 3.58 -26.15 26.63
CA CYS H 197 4.32 -25.20 27.44
C CYS H 197 3.69 -23.82 27.28
N CYS H 198 2.95 -23.40 28.30
CA CYS H 198 2.19 -22.16 28.24
C CYS H 198 3.08 -20.98 28.63
N GLU H 199 2.44 -19.83 28.88
CA GLU H 199 3.12 -18.62 29.29
C GLU H 199 2.79 -18.32 30.74
N GLU H 200 3.45 -17.29 31.27
CA GLU H 200 3.33 -16.92 32.67
C GLU H 200 2.50 -15.64 32.79
N GLY H 201 1.47 -15.68 33.62
CA GLY H 201 0.60 -14.54 33.78
C GLY H 201 -0.45 -14.42 32.70
N TYR H 202 -0.83 -15.54 32.09
CA TYR H 202 -1.82 -15.54 31.01
C TYR H 202 -2.79 -16.68 31.22
N VAL H 203 -4.04 -16.43 30.85
CA VAL H 203 -5.14 -17.34 31.17
C VAL H 203 -5.25 -18.40 30.08
N THR H 204 -5.16 -19.66 30.49
CA THR H 204 -5.51 -20.79 29.63
C THR H 204 -6.69 -21.52 30.23
N GLY H 205 -7.28 -22.41 29.44
CA GLY H 205 -8.50 -23.08 29.85
C GLY H 205 -8.28 -24.13 30.92
N GLY H 206 -9.41 -24.66 31.40
CA GLY H 206 -9.39 -25.70 32.42
C GLY H 206 -8.99 -25.25 33.80
N HIS H 207 -9.04 -23.96 34.09
CA HIS H 207 -8.54 -23.44 35.35
C HIS H 207 -9.63 -23.35 36.40
N VAL H 208 -9.23 -23.49 37.66
CA VAL H 208 -10.12 -23.49 38.81
C VAL H 208 -9.83 -22.21 39.59
N LEU H 209 -10.62 -21.17 39.34
CA LEU H 209 -10.26 -19.83 39.79
C LEU H 209 -11.50 -19.12 40.31
N ARG H 210 -11.26 -17.92 40.83
CA ARG H 210 -12.30 -17.05 41.35
C ARG H 210 -12.58 -15.92 40.35
N LEU H 211 -13.71 -15.26 40.53
CA LEU H 211 -14.18 -14.20 39.64
C LEU H 211 -14.34 -12.94 40.48
N PHE H 212 -13.26 -12.17 40.58
CA PHE H 212 -13.24 -11.02 41.48
C PHE H 212 -14.07 -9.87 40.93
N HIS H 213 -14.93 -9.33 41.79
CA HIS H 213 -15.79 -8.20 41.45
C HIS H 213 -15.28 -6.95 42.17
N GLY H 214 -15.60 -5.80 41.60
CA GLY H 214 -15.20 -4.54 42.20
C GLY H 214 -13.74 -4.25 42.01
N HIS H 215 -13.09 -3.69 43.03
CA HIS H 215 -11.69 -3.33 42.95
C HIS H 215 -10.83 -4.10 43.94
N MET H 216 -11.18 -4.07 45.22
CA MET H 216 -10.31 -4.62 46.26
C MET H 216 -10.71 -6.02 46.68
N ASP H 217 -11.93 -6.20 47.21
CA ASP H 217 -12.29 -7.50 47.77
C ASP H 217 -13.80 -7.70 47.57
N GLU H 218 -14.14 -8.36 46.46
CA GLU H 218 -15.49 -8.85 46.21
C GLU H 218 -15.36 -9.88 45.10
N CYS H 219 -16.14 -10.94 45.16
CA CYS H 219 -16.03 -11.99 44.17
C CYS H 219 -17.37 -12.67 43.95
N LEU H 220 -17.40 -13.52 42.93
CA LEU H 220 -18.58 -14.30 42.59
C LEU H 220 -18.71 -15.49 43.52
N THR H 221 -19.93 -15.73 44.01
CA THR H 221 -20.20 -16.90 44.83
C THR H 221 -21.63 -17.36 44.61
N ILE H 222 -21.94 -18.49 45.22
CA ILE H 222 -23.30 -19.02 45.26
C ILE H 222 -23.67 -19.20 46.72
N SER H 223 -24.87 -19.72 46.97
CA SER H 223 -25.30 -19.97 48.34
C SER H 223 -24.53 -21.13 48.95
N ALA H 224 -24.54 -21.19 50.28
CA ALA H 224 -23.85 -22.25 51.00
C ALA H 224 -24.70 -23.52 50.98
N ALA H 225 -24.17 -24.56 51.65
CA ALA H 225 -24.89 -25.81 51.77
C ALA H 225 -25.98 -25.70 52.84
N ASP H 226 -26.72 -26.80 53.01
CA ASP H 226 -27.88 -26.89 53.90
C ASP H 226 -28.92 -25.82 53.58
N SER H 227 -29.18 -25.62 52.29
CA SER H 227 -30.12 -24.63 51.80
C SER H 227 -31.14 -25.31 50.90
N ASP H 228 -32.40 -24.93 51.04
CA ASP H 228 -33.48 -25.55 50.29
C ASP H 228 -33.60 -25.02 48.87
N ASP H 229 -32.77 -24.08 48.47
CA ASP H 229 -32.80 -23.52 47.13
C ASP H 229 -32.09 -24.39 46.10
N GLN H 230 -31.57 -25.55 46.52
CA GLN H 230 -30.73 -26.46 45.73
C GLN H 230 -29.45 -25.79 45.23
N ARG H 231 -29.04 -24.71 45.90
CA ARG H 231 -27.86 -23.89 45.56
C ARG H 231 -27.89 -23.43 44.10
N ARG H 232 -29.07 -23.03 43.65
CA ARG H 232 -29.29 -22.60 42.29
C ARG H 232 -29.09 -21.10 42.12
N LEU H 233 -28.72 -20.38 43.17
CA LEU H 233 -28.73 -18.93 43.16
C LEU H 233 -27.31 -18.37 43.12
N VAL H 234 -27.17 -17.21 42.50
CA VAL H 234 -25.88 -16.60 42.19
C VAL H 234 -25.73 -15.35 43.05
N TYR H 235 -24.55 -15.18 43.65
CA TYR H 235 -24.36 -14.11 44.61
C TYR H 235 -23.04 -13.40 44.42
N TYR H 236 -22.92 -12.27 45.11
CA TYR H 236 -21.66 -11.56 45.31
C TYR H 236 -21.32 -11.58 46.80
N GLU H 237 -20.02 -11.59 47.09
CA GLU H 237 -19.55 -11.58 48.47
C GLU H 237 -18.12 -11.07 48.49
N GLY H 238 -17.79 -10.34 49.55
CA GLY H 238 -16.47 -9.77 49.72
C GLY H 238 -15.46 -10.75 50.28
N GLY H 239 -14.74 -10.32 51.32
CA GLY H 239 -13.60 -11.07 51.81
C GLY H 239 -13.88 -12.19 52.81
N ALA H 240 -14.96 -12.94 52.60
CA ALA H 240 -15.25 -14.11 53.42
C ALA H 240 -15.17 -15.39 52.61
N VAL H 241 -15.92 -15.47 51.50
CA VAL H 241 -15.90 -16.64 50.62
C VAL H 241 -14.67 -16.64 49.72
N CYS H 242 -13.86 -15.58 49.77
CA CYS H 242 -12.66 -15.48 48.94
C CYS H 242 -11.60 -16.50 49.30
N THR H 243 -11.72 -17.15 50.46
CA THR H 243 -10.88 -18.28 50.81
C THR H 243 -11.68 -19.58 50.86
N HIS H 244 -12.85 -19.62 50.22
CA HIS H 244 -13.75 -20.76 50.34
C HIS H 244 -13.89 -21.45 48.98
N ALA H 245 -14.61 -22.56 49.01
CA ALA H 245 -14.76 -23.41 47.83
C ALA H 245 -15.90 -22.99 46.91
N ARG H 246 -16.84 -22.18 47.42
CA ARG H 246 -17.94 -21.71 46.58
C ARG H 246 -17.46 -20.71 45.53
N SER H 247 -16.38 -19.99 45.83
CA SER H 247 -15.85 -18.97 44.94
C SER H 247 -15.08 -19.54 43.75
N LEU H 248 -14.84 -20.84 43.72
CA LEU H 248 -14.03 -21.44 42.68
C LEU H 248 -14.89 -21.87 41.50
N TRP H 249 -14.38 -21.65 40.30
CA TRP H 249 -15.11 -21.88 39.07
C TRP H 249 -14.19 -22.46 38.02
N ARG H 250 -14.73 -23.36 37.21
CA ARG H 250 -13.97 -24.04 36.17
C ARG H 250 -14.37 -23.48 34.80
N LEU H 251 -13.37 -23.08 34.02
CA LEU H 251 -13.58 -22.57 32.68
C LEU H 251 -13.39 -23.70 31.68
N GLU H 252 -14.45 -24.07 30.99
CA GLU H 252 -14.42 -25.17 30.03
C GLU H 252 -14.75 -24.67 28.64
N PRO H 253 -13.77 -24.53 27.75
CA PRO H 253 -14.09 -24.12 26.38
C PRO H 253 -14.75 -25.25 25.61
N LEU H 254 -15.35 -24.88 24.48
CA LEU H 254 -16.10 -25.81 23.65
C LEU H 254 -15.25 -26.64 22.72
N ARG H 255 -13.93 -26.46 22.75
CA ARG H 255 -13.06 -27.21 21.86
C ARG H 255 -12.85 -28.62 22.37
N ILE H 256 -12.49 -29.51 21.46
CA ILE H 256 -12.16 -30.88 21.82
C ILE H 256 -10.68 -31.00 22.18
N SER H 257 -9.81 -30.50 21.32
CA SER H 257 -8.38 -30.44 21.58
C SER H 257 -7.97 -29.00 21.82
N TRP H 258 -6.77 -28.85 22.40
CA TRP H 258 -6.17 -27.56 22.75
C TRP H 258 -7.07 -26.72 23.65
N SER H 259 -7.76 -27.36 24.58
CA SER H 259 -8.60 -26.60 25.50
C SER H 259 -7.76 -25.86 26.52
N GLY H 260 -6.54 -26.32 26.76
CA GLY H 260 -5.62 -25.62 27.65
C GLY H 260 -4.73 -24.65 26.91
N SER H 261 -5.14 -24.25 25.71
CA SER H 261 -4.43 -23.20 25.00
C SER H 261 -4.80 -21.83 25.57
N HIS H 262 -4.10 -20.80 25.09
CA HIS H 262 -4.28 -19.45 25.62
C HIS H 262 -5.64 -18.88 25.24
N LEU H 263 -6.40 -18.47 26.24
CA LEU H 263 -7.74 -17.96 26.02
C LEU H 263 -7.69 -16.53 25.51
N ARG H 264 -8.61 -16.20 24.61
CA ARG H 264 -8.59 -14.95 23.87
C ARG H 264 -9.92 -14.22 24.03
N TRP H 265 -9.95 -12.99 23.54
CA TRP H 265 -11.18 -12.23 23.49
C TRP H 265 -12.07 -12.73 22.36
N GLY H 266 -13.38 -12.65 22.58
CA GLY H 266 -14.33 -13.15 21.61
C GLY H 266 -14.27 -14.65 21.49
N GLN H 267 -14.43 -15.35 22.60
CA GLN H 267 -14.24 -16.79 22.60
C GLN H 267 -15.32 -17.46 23.45
N PRO H 268 -16.24 -18.21 22.84
CA PRO H 268 -17.30 -18.85 23.60
C PRO H 268 -16.81 -20.06 24.38
N LEU H 269 -17.43 -20.28 25.53
CA LEU H 269 -16.99 -21.33 26.45
C LEU H 269 -18.13 -21.66 27.42
N ARG H 270 -17.88 -22.67 28.25
CA ARG H 270 -18.77 -23.07 29.32
C ARG H 270 -18.10 -22.86 30.67
N ILE H 271 -18.90 -22.65 31.70
CA ILE H 271 -18.41 -22.39 33.06
C ILE H 271 -19.02 -23.42 34.00
N ARG H 272 -18.16 -24.18 34.68
CA ARG H 272 -18.58 -25.21 35.62
C ARG H 272 -18.25 -24.79 37.04
N HIS H 273 -19.19 -25.01 37.96
CA HIS H 273 -18.87 -24.89 39.37
C HIS H 273 -18.11 -26.13 39.82
N VAL H 274 -17.17 -25.92 40.74
CA VAL H 274 -16.19 -26.96 41.02
C VAL H 274 -16.75 -28.01 41.96
N THR H 275 -17.08 -27.60 43.18
CA THR H 275 -17.46 -28.57 44.20
C THR H 275 -18.89 -29.08 43.98
N THR H 276 -19.79 -28.18 43.57
CA THR H 276 -21.15 -28.61 43.29
C THR H 276 -21.20 -29.42 42.00
N GLY H 277 -20.34 -29.09 41.04
CA GLY H 277 -20.32 -29.83 39.79
C GLY H 277 -21.45 -29.46 38.86
N ARG H 278 -21.76 -28.17 38.75
CA ARG H 278 -22.88 -27.70 37.95
C ARG H 278 -22.42 -26.56 37.06
N TYR H 279 -23.27 -26.18 36.12
CA TYR H 279 -22.97 -25.15 35.14
C TYR H 279 -23.85 -23.93 35.38
N LEU H 280 -23.48 -22.83 34.75
CA LEU H 280 -24.24 -21.59 34.82
C LEU H 280 -24.95 -21.37 33.49
N ALA H 281 -26.23 -21.00 33.55
CA ALA H 281 -26.99 -20.74 32.33
C ALA H 281 -28.19 -19.86 32.64
N LEU H 282 -28.69 -19.23 31.58
CA LEU H 282 -30.01 -18.58 31.54
C LEU H 282 -30.81 -19.38 30.51
N THR H 283 -31.65 -20.30 30.99
CA THR H 283 -32.20 -21.29 30.07
C THR H 283 -33.36 -20.72 29.25
N GLU H 284 -34.51 -20.48 29.88
CA GLU H 284 -35.55 -19.72 29.19
C GLU H 284 -36.19 -18.66 30.08
N ASP H 285 -36.52 -19.04 31.32
CA ASP H 285 -37.29 -18.17 32.19
C ASP H 285 -36.85 -18.18 33.64
N GLN H 286 -36.02 -19.12 34.07
CA GLN H 286 -35.72 -19.29 35.48
C GLN H 286 -34.80 -18.22 36.05
N GLY H 287 -34.23 -17.37 35.22
CA GLY H 287 -33.26 -16.41 35.69
C GLY H 287 -31.87 -16.97 35.66
N LEU H 288 -30.98 -16.26 36.36
CA LEU H 288 -29.57 -16.66 36.41
C LEU H 288 -29.45 -17.81 37.39
N VAL H 289 -29.66 -19.03 36.89
CA VAL H 289 -29.68 -20.22 37.72
C VAL H 289 -28.45 -21.06 37.44
N VAL H 290 -28.22 -22.03 38.32
CA VAL H 290 -27.03 -22.86 38.26
C VAL H 290 -27.49 -24.21 37.69
N VAL H 291 -27.34 -24.38 36.38
CA VAL H 291 -27.91 -25.52 35.70
C VAL H 291 -27.01 -26.75 35.91
N ASP H 292 -27.60 -27.93 35.79
CA ASP H 292 -26.88 -29.17 36.01
C ASP H 292 -26.00 -29.51 34.81
N ALA H 293 -25.38 -30.69 34.84
CA ALA H 293 -24.51 -31.15 33.78
C ALA H 293 -25.25 -31.92 32.69
N CYS H 294 -26.58 -31.76 32.61
CA CYS H 294 -27.36 -32.43 31.59
C CYS H 294 -28.23 -31.49 30.77
N LYS H 295 -28.33 -30.21 31.13
CA LYS H 295 -29.14 -29.23 30.43
C LYS H 295 -28.32 -28.01 30.08
N ALA H 296 -27.14 -28.24 29.50
CA ALA H 296 -26.18 -27.20 29.17
C ALA H 296 -25.80 -27.28 27.70
N HIS H 297 -26.82 -27.35 26.84
CA HIS H 297 -26.65 -27.73 25.44
C HIS H 297 -26.20 -26.58 24.54
N THR H 298 -25.16 -25.85 24.95
CA THR H 298 -24.34 -24.91 24.18
C THR H 298 -25.11 -23.65 23.74
N LYS H 299 -26.43 -23.64 23.92
CA LYS H 299 -27.27 -22.51 23.58
C LYS H 299 -27.57 -21.65 24.79
N ALA H 300 -27.99 -22.29 25.89
CA ALA H 300 -28.27 -21.59 27.13
C ALA H 300 -27.02 -21.30 27.94
N THR H 301 -25.94 -22.08 27.73
CA THR H 301 -24.74 -21.82 28.51
C THR H 301 -23.98 -20.63 27.94
N SER H 302 -23.39 -20.80 26.75
CA SER H 302 -23.00 -19.78 25.77
C SER H 302 -22.32 -18.54 26.38
N PHE H 303 -21.16 -18.76 26.99
CA PHE H 303 -20.48 -17.72 27.75
C PHE H 303 -19.20 -17.26 27.08
N CYS H 304 -18.99 -15.95 27.09
CA CYS H 304 -17.83 -15.34 26.47
C CYS H 304 -17.49 -14.04 27.19
N PHE H 305 -16.33 -13.49 26.87
CA PHE H 305 -15.82 -12.28 27.49
C PHE H 305 -15.63 -11.20 26.44
N ARG H 306 -15.98 -9.98 26.79
CA ARG H 306 -15.88 -8.85 25.88
C ARG H 306 -15.06 -7.73 26.52
N VAL H 307 -14.42 -6.94 25.66
CA VAL H 307 -13.66 -5.78 26.14
C VAL H 307 -14.62 -4.67 26.55
N SER H 308 -15.63 -4.43 25.74
CA SER H 308 -16.62 -3.39 25.99
C SER H 308 -17.96 -3.87 25.46
N LYS H 309 -18.90 -2.95 25.27
CA LYS H 309 -20.25 -3.33 24.88
C LYS H 309 -20.62 -2.71 23.54
N GLU H 310 -19.73 -2.84 22.56
CA GLU H 310 -19.89 -2.24 21.24
C GLU H 310 -20.81 -3.06 20.33
N LYS H 311 -20.75 -2.78 19.03
CA LYS H 311 -21.69 -3.27 18.02
C LYS H 311 -21.17 -4.53 17.33
N LEU H 312 -20.52 -5.41 18.11
CA LEU H 312 -19.72 -6.54 17.66
C LEU H 312 -20.39 -7.42 16.61
N ASP H 313 -19.58 -7.91 15.68
CA ASP H 313 -20.04 -8.79 14.62
C ASP H 313 -19.87 -10.27 14.94
N THR H 314 -18.90 -10.60 15.79
CA THR H 314 -18.64 -11.95 16.33
C THR H 314 -18.38 -12.97 15.22
N ALA H 315 -17.29 -12.76 14.50
CA ALA H 315 -16.85 -13.70 13.47
C ALA H 315 -15.35 -13.97 13.60
N PRO H 316 -14.87 -14.24 14.82
CA PRO H 316 -13.46 -14.61 15.01
C PRO H 316 -13.21 -16.11 15.11
N LYS H 317 -14.16 -16.96 14.71
CA LYS H 317 -14.09 -18.39 14.95
C LYS H 317 -13.08 -19.03 13.99
N ARG H 318 -11.81 -18.96 14.38
CA ARG H 318 -10.72 -19.63 13.68
C ARG H 318 -9.82 -20.24 14.74
N ASP H 319 -9.81 -21.56 14.84
CA ASP H 319 -9.05 -22.23 15.89
C ASP H 319 -7.55 -22.17 15.62
N VAL H 320 -6.78 -22.34 16.70
CA VAL H 320 -5.33 -22.35 16.63
C VAL H 320 -4.85 -23.73 17.05
N GLU H 321 -4.06 -24.38 16.19
CA GLU H 321 -3.50 -25.68 16.50
C GLU H 321 -2.16 -25.59 17.21
N GLY H 322 -1.89 -24.45 17.86
CA GLY H 322 -0.82 -24.32 18.82
C GLY H 322 -1.42 -23.78 20.11
N MET H 323 -0.60 -23.15 20.94
CA MET H 323 -1.08 -22.59 22.18
C MET H 323 -1.85 -21.28 21.99
N GLY H 324 -1.67 -20.61 20.85
CA GLY H 324 -2.36 -19.37 20.59
C GLY H 324 -1.69 -18.19 21.25
N PRO H 325 -2.10 -16.98 20.88
CA PRO H 325 -1.51 -15.77 21.47
C PRO H 325 -1.97 -15.57 22.89
N PRO H 326 -1.04 -15.46 23.83
CA PRO H 326 -1.43 -15.20 25.23
C PRO H 326 -1.89 -13.75 25.43
N GLU H 327 -3.19 -13.57 25.66
CA GLU H 327 -3.79 -12.26 25.74
C GLU H 327 -4.28 -11.91 27.13
N ILE H 328 -5.18 -12.73 27.68
CA ILE H 328 -5.88 -12.39 28.91
C ILE H 328 -4.99 -12.70 30.10
N LYS H 329 -4.80 -11.72 30.96
CA LYS H 329 -3.90 -11.84 32.10
C LYS H 329 -4.69 -12.06 33.38
N TYR H 330 -4.01 -12.02 34.51
CA TYR H 330 -4.61 -12.24 35.82
C TYR H 330 -4.63 -10.93 36.60
N GLY H 331 -5.82 -10.57 37.10
CA GLY H 331 -5.98 -9.42 37.96
C GLY H 331 -6.06 -8.08 37.26
N GLU H 332 -5.60 -7.99 36.02
CA GLU H 332 -5.59 -6.73 35.29
C GLU H 332 -6.34 -6.81 33.98
N SER H 333 -6.97 -7.94 33.68
CA SER H 333 -7.68 -8.09 32.41
C SER H 333 -8.96 -7.26 32.41
N LEU H 334 -9.68 -7.24 33.54
CA LEU H 334 -10.91 -6.48 33.76
C LEU H 334 -11.97 -6.84 32.72
N CYS H 335 -12.29 -8.12 32.67
CA CYS H 335 -13.13 -8.66 31.61
C CYS H 335 -14.59 -8.28 31.83
N PHE H 336 -15.41 -8.58 30.82
CA PHE H 336 -16.84 -8.35 30.89
C PHE H 336 -17.54 -9.52 30.23
N VAL H 337 -18.34 -10.23 31.01
CA VAL H 337 -19.04 -11.41 30.52
C VAL H 337 -20.20 -10.96 29.64
N GLN H 338 -20.25 -11.48 28.42
CA GLN H 338 -21.44 -11.37 27.60
C GLN H 338 -21.87 -12.77 27.18
N HIS H 339 -23.14 -13.06 27.39
CA HIS H 339 -23.72 -14.31 26.90
C HIS H 339 -23.73 -14.28 25.38
N VAL H 340 -23.45 -15.44 24.76
CA VAL H 340 -23.27 -15.48 23.32
C VAL H 340 -24.60 -15.39 22.60
N ALA H 341 -25.57 -16.22 22.98
CA ALA H 341 -26.84 -16.28 22.26
C ALA H 341 -27.71 -15.06 22.56
N SER H 342 -27.99 -14.82 23.84
CA SER H 342 -28.86 -13.72 24.23
C SER H 342 -28.21 -12.35 24.09
N GLY H 343 -26.87 -12.29 24.08
CA GLY H 343 -26.20 -11.01 23.99
C GLY H 343 -26.22 -10.18 25.27
N LEU H 344 -26.64 -10.77 26.38
CA LEU H 344 -26.80 -10.01 27.62
C LEU H 344 -25.48 -9.90 28.36
N TRP H 345 -25.33 -8.83 29.12
CA TRP H 345 -24.16 -8.60 29.94
C TRP H 345 -24.48 -8.86 31.40
N LEU H 346 -23.46 -9.29 32.15
CA LEU H 346 -23.62 -9.72 33.52
C LEU H 346 -23.39 -8.54 34.45
N THR H 347 -24.36 -8.28 35.33
CA THR H 347 -24.20 -7.26 36.36
C THR H 347 -25.12 -7.63 37.52
N TYR H 348 -24.95 -6.91 38.62
CA TYR H 348 -25.80 -7.12 39.78
C TYR H 348 -27.19 -6.53 39.55
N ALA H 349 -28.14 -6.95 40.39
CA ALA H 349 -29.47 -6.37 40.41
C ALA H 349 -29.66 -5.42 41.59
N ALA H 350 -29.30 -5.87 42.81
CA ALA H 350 -29.37 -5.18 44.09
C ALA H 350 -30.77 -4.67 44.40
N PRO H 351 -31.82 -5.47 44.18
CA PRO H 351 -33.15 -5.10 44.69
C PRO H 351 -33.20 -5.38 46.19
N ASP H 352 -33.13 -4.32 46.98
CA ASP H 352 -32.94 -4.50 48.41
C ASP H 352 -34.05 -3.82 49.20
N PRO H 353 -34.62 -4.49 50.19
CA PRO H 353 -35.57 -3.81 51.09
C PRO H 353 -34.84 -3.06 52.19
N LYS H 354 -35.58 -2.50 53.14
CA LYS H 354 -34.96 -1.79 54.25
C LYS H 354 -34.28 -2.76 55.21
N ALA H 355 -35.00 -3.80 55.63
CA ALA H 355 -34.41 -4.78 56.54
C ALA H 355 -33.44 -5.71 55.81
N LEU H 356 -33.64 -5.91 54.50
CA LEU H 356 -32.72 -6.75 53.75
C LEU H 356 -31.39 -6.06 53.51
N ARG H 357 -31.38 -4.72 53.45
CA ARG H 357 -30.13 -4.00 53.33
C ARG H 357 -29.34 -4.04 54.62
N LEU H 358 -30.01 -3.97 55.76
CA LEU H 358 -29.37 -4.09 57.05
C LEU H 358 -29.27 -5.53 57.53
N GLY H 359 -29.78 -6.49 56.77
CA GLY H 359 -29.72 -7.88 57.15
C GLY H 359 -28.65 -8.67 56.42
N VAL H 360 -29.06 -9.45 55.43
CA VAL H 360 -28.12 -10.26 54.67
C VAL H 360 -27.36 -9.36 53.71
N LEU H 361 -26.02 -9.39 53.79
CA LEU H 361 -25.18 -8.60 52.89
C LEU H 361 -24.92 -9.42 51.62
N LYS H 362 -25.99 -9.58 50.85
CA LYS H 362 -25.98 -10.41 49.66
C LYS H 362 -26.59 -9.63 48.50
N LYS H 363 -26.00 -9.78 47.33
CA LYS H 363 -26.56 -9.26 46.09
C LYS H 363 -26.72 -10.42 45.12
N LYS H 364 -27.44 -10.17 44.03
CA LYS H 364 -27.63 -11.20 43.01
C LYS H 364 -27.26 -10.63 41.66
N ALA H 365 -26.42 -11.35 40.93
CA ALA H 365 -26.09 -10.98 39.56
C ALA H 365 -27.25 -11.32 38.63
N ILE H 366 -27.35 -10.55 37.55
CA ILE H 366 -28.34 -10.80 36.50
C ILE H 366 -27.68 -10.61 35.15
N LEU H 367 -28.28 -11.20 34.13
CA LEU H 367 -27.89 -10.95 32.74
C LEU H 367 -28.75 -9.83 32.21
N HIS H 368 -28.23 -8.61 32.29
CA HIS H 368 -28.98 -7.42 31.96
C HIS H 368 -28.58 -6.90 30.59
N GLN H 369 -29.53 -6.22 29.93
CA GLN H 369 -29.33 -5.73 28.58
C GLN H 369 -28.29 -4.63 28.52
N GLU H 370 -28.09 -3.90 29.62
CA GLU H 370 -27.18 -2.77 29.64
C GLU H 370 -26.02 -2.97 30.60
N GLY H 371 -26.30 -3.32 31.84
CA GLY H 371 -25.28 -3.46 32.85
C GLY H 371 -25.02 -2.17 33.60
N HIS H 372 -24.43 -2.32 34.79
CA HIS H 372 -23.97 -1.17 35.56
C HIS H 372 -22.59 -0.77 35.07
N MET H 373 -22.01 0.26 35.68
CA MET H 373 -20.72 0.78 35.25
C MET H 373 -19.57 0.26 36.10
N ASP H 374 -19.81 -0.72 36.96
CA ASP H 374 -18.83 -1.19 37.93
C ASP H 374 -18.78 -2.71 37.97
N ASP H 375 -18.71 -3.35 36.82
CA ASP H 375 -18.53 -4.79 36.80
C ASP H 375 -17.09 -5.16 37.15
N ALA H 376 -16.14 -4.73 36.30
CA ALA H 376 -14.69 -4.78 36.55
C ALA H 376 -14.19 -6.19 36.86
N LEU H 377 -14.62 -7.15 36.05
CA LEU H 377 -14.42 -8.57 36.37
C LEU H 377 -13.01 -8.98 35.99
N PHE H 378 -12.07 -8.70 36.87
CA PHE H 378 -10.71 -9.21 36.75
C PHE H 378 -10.60 -10.54 37.46
N LEU H 379 -9.70 -11.38 36.98
CA LEU H 379 -9.64 -12.78 37.38
C LEU H 379 -8.31 -13.10 38.05
N THR H 380 -8.33 -14.11 38.91
CA THR H 380 -7.13 -14.56 39.62
C THR H 380 -7.23 -16.06 39.87
N ARG H 381 -6.20 -16.78 39.44
CA ARG H 381 -6.10 -18.22 39.63
C ARG H 381 -5.27 -18.51 40.88
N CYS H 382 -5.73 -19.47 41.68
CA CYS H 382 -5.04 -19.88 42.90
C CYS H 382 -4.40 -21.25 42.62
N GLN H 383 -3.17 -21.21 42.09
CA GLN H 383 -2.48 -22.42 41.64
C GLN H 383 -1.91 -23.16 42.83
N GLN H 384 -2.69 -24.04 43.44
CA GLN H 384 -2.22 -24.85 44.56
C GLN H 384 -3.08 -26.11 44.68
N GLU H 385 -2.85 -26.85 45.77
CA GLU H 385 -3.57 -28.09 46.03
C GLU H 385 -5.03 -27.83 46.39
N GLU H 386 -5.37 -26.60 46.79
CA GLU H 386 -6.76 -26.22 47.02
C GLU H 386 -7.60 -26.37 45.76
N SER H 387 -7.01 -26.14 44.60
CA SER H 387 -7.65 -26.50 43.33
C SER H 387 -7.85 -28.01 43.23
N GLN H 388 -6.85 -28.78 43.62
CA GLN H 388 -6.97 -30.24 43.55
C GLN H 388 -7.91 -30.76 44.61
N ALA H 389 -7.88 -30.16 45.80
CA ALA H 389 -8.70 -30.65 46.91
C ALA H 389 -10.18 -30.36 46.72
N ALA H 390 -10.52 -29.32 45.96
CA ALA H 390 -11.93 -28.99 45.75
C ALA H 390 -12.60 -30.01 44.83
N ARG H 391 -11.86 -30.51 43.85
CA ARG H 391 -12.38 -31.56 42.97
C ARG H 391 -12.55 -32.87 43.74
N MET H 392 -11.73 -33.08 44.77
CA MET H 392 -11.88 -34.25 45.63
C MET H 392 -13.21 -34.23 46.37
N ILE H 393 -13.69 -33.02 46.72
CA ILE H 393 -14.92 -32.89 47.50
C ILE H 393 -16.12 -33.28 46.66
N HIS H 394 -16.11 -32.93 45.37
CA HIS H 394 -17.19 -33.32 44.48
C HIS H 394 -17.22 -34.83 44.27
N SER H 395 -16.06 -35.48 44.29
CA SER H 395 -16.01 -36.93 44.25
C SER H 395 -16.19 -37.56 45.62
N THR H 396 -16.13 -36.76 46.69
CA THR H 396 -16.25 -37.31 48.03
C THR H 396 -17.69 -37.70 48.33
N ALA H 397 -18.58 -36.72 48.33
CA ALA H 397 -19.98 -36.99 48.62
C ALA H 397 -20.70 -37.65 47.46
N GLY H 398 -20.14 -37.57 46.25
CA GLY H 398 -20.76 -38.22 45.11
C GLY H 398 -20.77 -39.74 45.24
N LEU H 399 -19.75 -40.30 45.88
CA LEU H 399 -19.79 -41.71 46.24
C LEU H 399 -20.70 -41.95 47.43
N TYR H 400 -20.89 -40.95 48.27
CA TYR H 400 -21.56 -41.17 49.54
C TYR H 400 -23.07 -41.11 49.41
N ASN H 401 -23.58 -40.07 48.74
CA ASN H 401 -25.02 -39.85 48.69
C ASN H 401 -25.73 -40.90 47.85
N GLN H 402 -25.03 -41.48 46.87
CA GLN H 402 -25.57 -42.63 46.16
C GLN H 402 -25.53 -43.90 46.98
N PHE H 403 -24.75 -43.91 48.06
CA PHE H 403 -24.68 -45.04 48.97
C PHE H 403 -25.58 -44.87 50.19
N ILE H 404 -25.84 -43.62 50.59
CA ILE H 404 -26.76 -43.34 51.69
C ILE H 404 -28.17 -43.80 51.33
N LYS H 405 -28.56 -43.62 50.07
CA LYS H 405 -29.89 -44.04 49.62
C LYS H 405 -30.05 -45.55 49.63
N GLY H 406 -28.95 -46.29 49.51
CA GLY H 406 -29.04 -47.74 49.50
C GLY H 406 -29.34 -48.33 50.87
N LEU H 407 -28.95 -47.62 51.94
CA LEU H 407 -29.24 -48.11 53.28
C LEU H 407 -30.72 -48.01 53.60
N ASP H 408 -31.41 -47.03 53.03
CA ASP H 408 -32.84 -46.88 53.24
C ASP H 408 -33.66 -47.88 52.43
N SER H 409 -33.03 -48.60 51.50
CA SER H 409 -33.71 -49.66 50.78
C SER H 409 -34.00 -50.87 51.65
N PHE H 410 -33.30 -51.00 52.78
CA PHE H 410 -33.52 -52.11 53.70
C PHE H 410 -33.55 -51.63 55.15
N SER H 411 -33.69 -50.32 55.37
CA SER H 411 -33.67 -49.77 56.72
C SER H 411 -34.90 -50.18 57.51
N GLY H 412 -36.07 -49.83 57.02
CA GLY H 412 -37.32 -50.24 57.63
C GLY H 412 -37.88 -51.54 57.08
N LYS H 413 -37.10 -52.28 56.30
CA LYS H 413 -37.57 -53.49 55.66
C LYS H 413 -36.81 -54.69 56.20
N PRO H 414 -37.51 -55.74 56.64
CA PRO H 414 -36.82 -56.99 56.98
C PRO H 414 -36.31 -57.69 55.74
N ARG H 415 -35.46 -58.68 55.97
CA ARG H 415 -34.83 -59.44 54.89
C ARG H 415 -35.63 -60.71 54.67
N GLY H 416 -36.36 -60.76 53.55
CA GLY H 416 -37.02 -61.98 53.16
C GLY H 416 -36.02 -63.02 52.70
N SER H 417 -36.41 -64.29 52.85
CA SER H 417 -35.55 -65.41 52.47
C SER H 417 -35.42 -65.46 50.96
N GLY H 418 -34.21 -65.20 50.46
CA GLY H 418 -33.98 -65.13 49.04
C GLY H 418 -33.26 -63.85 48.65
N PRO H 419 -33.92 -63.00 47.90
CA PRO H 419 -33.36 -61.67 47.59
C PRO H 419 -33.32 -60.80 48.83
N PRO H 420 -32.13 -60.32 49.21
CA PRO H 420 -32.03 -59.53 50.44
C PRO H 420 -32.57 -58.11 50.31
N ALA H 421 -32.35 -57.47 49.16
CA ALA H 421 -32.72 -56.08 48.97
C ALA H 421 -32.89 -55.83 47.47
N GLY H 422 -32.90 -54.56 47.07
CA GLY H 422 -33.06 -54.18 45.69
C GLY H 422 -31.72 -53.93 45.02
N PRO H 423 -31.36 -52.67 44.82
CA PRO H 423 -30.08 -52.34 44.22
C PRO H 423 -28.91 -52.66 45.15
N ALA H 424 -27.76 -52.91 44.55
CA ALA H 424 -26.58 -53.30 45.30
C ALA H 424 -25.95 -52.11 46.01
N LEU H 425 -24.96 -52.40 46.84
CA LEU H 425 -24.28 -51.39 47.63
C LEU H 425 -22.82 -51.28 47.22
N PRO H 426 -22.34 -50.08 46.89
CA PRO H 426 -20.89 -49.90 46.71
C PRO H 426 -20.18 -49.99 48.05
N ILE H 427 -19.28 -50.97 48.18
CA ILE H 427 -18.66 -51.26 49.46
C ILE H 427 -17.16 -51.08 49.39
N GLU H 428 -16.51 -51.81 48.49
CA GLU H 428 -15.05 -51.91 48.48
C GLU H 428 -14.40 -50.59 48.06
N ALA H 429 -14.98 -49.92 47.06
CA ALA H 429 -14.45 -48.62 46.63
C ALA H 429 -14.65 -47.56 47.71
N VAL H 430 -15.71 -47.69 48.51
CA VAL H 430 -15.89 -46.81 49.65
C VAL H 430 -14.80 -47.06 50.68
N ILE H 431 -14.48 -48.34 50.92
CA ILE H 431 -13.38 -48.71 51.81
C ILE H 431 -12.05 -48.19 51.26
N LEU H 432 -11.88 -48.24 49.94
CA LEU H 432 -10.72 -47.62 49.31
C LEU H 432 -10.76 -46.11 49.49
N SER H 433 -11.95 -45.51 49.43
CA SER H 433 -12.05 -44.05 49.49
C SER H 433 -11.78 -43.52 50.89
N LEU H 434 -12.24 -44.24 51.91
CA LEU H 434 -11.99 -43.79 53.28
C LEU H 434 -10.52 -43.91 53.66
N GLN H 435 -9.85 -44.98 53.20
CA GLN H 435 -8.44 -45.15 53.48
C GLN H 435 -7.57 -44.14 52.74
N ASP H 436 -8.07 -43.57 51.64
CA ASP H 436 -7.33 -42.51 50.97
C ASP H 436 -7.26 -41.26 51.82
N LEU H 437 -8.36 -40.93 52.51
CA LEU H 437 -8.40 -39.71 53.30
C LEU H 437 -7.68 -39.82 54.62
N ILE H 438 -7.37 -41.04 55.06
CA ILE H 438 -6.66 -41.22 56.33
C ILE H 438 -5.24 -40.70 56.22
N GLY H 439 -4.48 -41.20 55.24
CA GLY H 439 -3.17 -40.67 54.98
C GLY H 439 -3.18 -39.28 54.40
N TYR H 440 -4.29 -38.86 53.81
CA TYR H 440 -4.40 -37.51 53.28
C TYR H 440 -4.45 -36.48 54.40
N PHE H 441 -5.12 -36.82 55.50
CA PHE H 441 -5.14 -35.97 56.69
C PHE H 441 -4.21 -36.49 57.77
N GLU H 442 -3.12 -37.12 57.37
CA GLU H 442 -2.15 -37.62 58.34
C GLU H 442 -1.33 -36.45 58.89
N PRO H 443 -1.14 -36.36 60.20
CA PRO H 443 -0.29 -35.32 60.76
C PRO H 443 1.16 -35.57 60.40
N PRO H 444 2.00 -34.53 60.39
CA PRO H 444 3.41 -34.72 60.04
C PRO H 444 4.18 -35.44 61.14
N SER H 445 5.42 -35.81 60.80
CA SER H 445 6.24 -36.62 61.68
C SER H 445 6.75 -35.82 62.86
N GLU H 446 6.97 -36.53 63.98
CA GLU H 446 7.64 -35.92 65.12
C GLU H 446 9.13 -35.78 64.89
N GLU H 447 9.70 -36.63 64.05
CA GLU H 447 11.10 -36.51 63.66
C GLU H 447 11.33 -35.52 62.52
N LEU H 448 10.26 -34.88 62.05
CA LEU H 448 10.39 -33.88 60.99
C LEU H 448 11.06 -32.62 61.53
N GLN H 449 11.73 -31.90 60.64
CA GLN H 449 12.31 -30.60 60.97
C GLN H 449 11.22 -29.62 61.38
N HIS H 450 11.52 -28.81 62.39
CA HIS H 450 10.56 -27.85 62.94
C HIS H 450 10.19 -26.79 61.93
N GLU H 451 11.11 -26.45 61.02
CA GLU H 451 10.78 -25.56 59.91
C GLU H 451 9.76 -26.20 58.98
N GLU H 452 10.01 -27.46 58.60
CA GLU H 452 9.09 -28.18 57.73
C GLU H 452 7.79 -28.51 58.45
N LYS H 453 7.85 -28.64 59.76
CA LYS H 453 6.68 -29.03 60.54
C LYS H 453 5.61 -27.95 60.54
N GLN H 454 6.02 -26.69 60.72
CA GLN H 454 5.06 -25.59 60.79
C GLN H 454 4.42 -25.33 59.43
N SER H 455 5.12 -25.66 58.35
CA SER H 455 4.55 -25.52 57.01
C SER H 455 3.42 -26.53 56.80
N LYS H 456 3.60 -27.76 57.30
CA LYS H 456 2.57 -28.77 57.15
C LYS H 456 1.36 -28.49 58.03
N LEU H 457 1.56 -27.81 59.15
CA LEU H 457 0.45 -27.48 60.03
C LEU H 457 -0.48 -26.46 59.39
N ARG H 458 0.08 -25.49 58.69
CA ARG H 458 -0.74 -24.60 57.87
C ARG H 458 -1.33 -25.35 56.70
N SER H 459 -0.57 -26.30 56.14
CA SER H 459 -1.01 -27.06 54.98
C SER H 459 -2.13 -28.04 55.32
N LEU H 460 -2.27 -28.42 56.59
CA LEU H 460 -3.27 -29.37 57.01
C LEU H 460 -4.53 -28.70 57.55
N ARG H 461 -4.38 -27.66 58.36
CA ARG H 461 -5.55 -26.96 58.88
C ARG H 461 -6.27 -26.18 57.80
N ASN H 462 -5.55 -25.77 56.75
CA ASN H 462 -6.24 -25.26 55.57
C ASN H 462 -7.07 -26.36 54.92
N ARG H 463 -6.52 -27.58 54.86
CA ARG H 463 -7.29 -28.70 54.35
C ARG H 463 -8.37 -29.11 55.33
N GLN H 464 -8.17 -28.89 56.62
CA GLN H 464 -9.26 -29.10 57.57
C GLN H 464 -10.32 -28.02 57.45
N SER H 465 -9.94 -26.82 57.04
CA SER H 465 -10.89 -25.72 56.97
C SER H 465 -11.87 -25.89 55.83
N LEU H 466 -11.42 -26.44 54.70
CA LEU H 466 -12.25 -26.54 53.51
C LEU H 466 -13.35 -27.58 53.63
N PHE H 467 -13.21 -28.53 54.56
CA PHE H 467 -14.25 -29.50 54.82
C PHE H 467 -15.19 -29.04 55.92
N GLN H 468 -15.23 -27.74 56.19
CA GLN H 468 -16.35 -27.10 56.85
C GLN H 468 -17.19 -26.27 55.89
N GLU H 469 -16.62 -25.85 54.76
CA GLU H 469 -17.32 -24.97 53.85
C GLU H 469 -18.36 -25.71 53.02
N GLU H 470 -18.09 -26.96 52.66
CA GLU H 470 -19.07 -27.82 52.02
C GLU H 470 -19.83 -28.66 53.04
N GLY H 471 -19.77 -28.27 54.31
CA GLY H 471 -20.40 -28.99 55.39
C GLY H 471 -19.53 -30.16 55.78
N MET H 472 -19.63 -31.26 55.02
CA MET H 472 -18.71 -32.40 55.00
C MET H 472 -18.58 -33.13 56.34
N LEU H 473 -19.37 -32.77 57.35
CA LEU H 473 -19.23 -33.32 58.69
C LEU H 473 -20.49 -34.06 59.13
N SER H 474 -21.64 -33.41 59.03
CA SER H 474 -22.89 -34.11 59.26
C SER H 474 -23.15 -35.14 58.17
N LEU H 475 -22.63 -34.89 56.96
CA LEU H 475 -22.68 -35.88 55.90
C LEU H 475 -21.90 -37.14 56.28
N VAL H 476 -20.79 -36.96 57.01
CA VAL H 476 -20.16 -38.11 57.63
C VAL H 476 -21.04 -38.64 58.76
N LEU H 477 -21.64 -37.74 59.54
CA LEU H 477 -22.46 -38.17 60.66
C LEU H 477 -23.76 -38.83 60.22
N ASN H 478 -24.34 -38.39 59.10
CA ASN H 478 -25.55 -39.05 58.62
C ASN H 478 -25.25 -40.45 58.08
N CYS H 479 -24.03 -40.68 57.61
CA CYS H 479 -23.59 -42.05 57.36
C CYS H 479 -23.46 -42.80 58.68
N ILE H 480 -22.98 -42.13 59.72
CA ILE H 480 -22.91 -42.75 61.04
C ILE H 480 -24.31 -42.91 61.62
N ASP H 481 -25.21 -41.95 61.33
CA ASP H 481 -26.60 -42.03 61.80
C ASP H 481 -27.31 -43.25 61.26
N ARG H 482 -27.16 -43.52 59.97
CA ARG H 482 -27.78 -44.71 59.38
C ARG H 482 -26.96 -45.97 59.62
N LEU H 483 -25.79 -45.86 60.22
CA LEU H 483 -25.04 -47.00 60.72
C LEU H 483 -25.00 -47.06 62.24
N ASN H 484 -25.87 -46.31 62.91
CA ASN H 484 -25.78 -46.23 64.36
C ASN H 484 -26.59 -47.35 65.03
N VAL H 485 -27.83 -47.55 64.60
CA VAL H 485 -28.75 -48.42 65.34
C VAL H 485 -28.49 -49.83 64.84
N TYR H 486 -27.43 -50.44 65.38
CA TYR H 486 -26.99 -51.78 64.99
C TYR H 486 -26.33 -52.38 66.23
N THR H 487 -27.06 -53.30 66.88
CA THR H 487 -26.59 -53.85 68.15
C THR H 487 -25.45 -54.84 67.93
N THR H 488 -25.74 -55.94 67.24
CA THR H 488 -24.71 -56.90 66.88
C THR H 488 -24.28 -56.75 65.42
N ALA H 489 -25.25 -56.58 64.52
CA ALA H 489 -25.04 -56.34 63.08
C ALA H 489 -24.21 -57.44 62.43
N ALA H 490 -24.48 -58.69 62.84
CA ALA H 490 -23.96 -59.86 62.17
C ALA H 490 -25.08 -60.54 61.38
N HIS H 491 -26.17 -60.89 62.05
CA HIS H 491 -27.43 -61.14 61.37
C HIS H 491 -28.30 -59.90 61.32
N PHE H 492 -28.04 -58.93 62.19
CA PHE H 492 -28.77 -57.68 62.18
C PHE H 492 -28.27 -56.72 61.11
N ALA H 493 -27.12 -57.01 60.49
CA ALA H 493 -26.73 -56.36 59.25
C ALA H 493 -26.96 -57.26 58.05
N GLU H 494 -27.61 -58.41 58.25
CA GLU H 494 -28.03 -59.26 57.14
C GLU H 494 -29.44 -58.91 56.69
N TYR H 495 -29.69 -57.61 56.50
CA TYR H 495 -30.86 -57.13 55.79
C TYR H 495 -30.50 -56.65 54.40
N ALA H 496 -29.25 -56.23 54.21
CA ALA H 496 -28.63 -56.25 52.90
C ALA H 496 -28.12 -57.63 52.53
N GLY H 497 -28.16 -58.57 53.47
CA GLY H 497 -27.82 -59.95 53.20
C GLY H 497 -26.42 -60.31 53.60
N GLU H 498 -25.95 -61.44 53.05
CA GLU H 498 -24.61 -61.90 53.28
C GLU H 498 -23.60 -61.00 52.56
N GLU H 499 -22.35 -61.08 53.02
CA GLU H 499 -21.15 -60.36 52.56
C GLU H 499 -21.19 -58.86 52.82
N ALA H 500 -22.29 -58.32 53.35
CA ALA H 500 -22.36 -56.94 53.78
C ALA H 500 -22.12 -56.78 55.27
N ALA H 501 -22.59 -57.73 56.07
CA ALA H 501 -22.27 -57.77 57.49
C ALA H 501 -20.82 -58.15 57.73
N GLU H 502 -20.19 -58.82 56.78
CA GLU H 502 -18.79 -59.20 56.92
C GLU H 502 -17.89 -57.97 56.86
N SER H 503 -18.21 -57.03 55.97
CA SER H 503 -17.45 -55.81 55.84
C SER H 503 -18.00 -54.68 56.70
N TRP H 504 -18.99 -54.97 57.55
CA TRP H 504 -19.67 -53.93 58.31
C TRP H 504 -18.77 -53.30 59.36
N LYS H 505 -18.22 -54.14 60.26
CA LYS H 505 -17.42 -53.67 61.38
C LYS H 505 -16.14 -52.99 60.92
N GLU H 506 -15.59 -53.45 59.79
CA GLU H 506 -14.39 -52.87 59.21
C GLU H 506 -14.62 -51.41 58.81
N ILE H 507 -15.80 -51.11 58.29
CA ILE H 507 -16.13 -49.74 57.94
C ILE H 507 -16.25 -48.88 59.18
N VAL H 508 -16.85 -49.42 60.24
CA VAL H 508 -17.09 -48.70 61.48
C VAL H 508 -15.78 -48.30 62.15
N ASN H 509 -14.75 -49.13 62.02
CA ASN H 509 -13.41 -48.74 62.44
C ASN H 509 -12.90 -47.55 61.64
N LEU H 510 -13.19 -47.54 60.34
CA LEU H 510 -12.69 -46.49 59.46
C LEU H 510 -13.45 -45.19 59.61
N LEU H 511 -14.66 -45.23 60.18
CA LEU H 511 -15.48 -44.03 60.30
C LEU H 511 -14.88 -43.05 61.30
N TYR H 512 -14.73 -43.49 62.54
CA TYR H 512 -14.22 -42.61 63.59
C TYR H 512 -12.74 -42.35 63.41
N GLU H 513 -12.03 -43.25 62.75
CA GLU H 513 -10.63 -43.00 62.40
C GLU H 513 -10.51 -41.84 61.43
N LEU H 514 -11.37 -41.82 60.41
CA LEU H 514 -11.39 -40.68 59.51
C LEU H 514 -11.98 -39.45 60.17
N LEU H 515 -12.86 -39.65 61.15
CA LEU H 515 -13.48 -38.53 61.82
C LEU H 515 -12.48 -37.78 62.69
N ALA H 516 -11.66 -38.52 63.45
CA ALA H 516 -10.70 -37.90 64.35
C ALA H 516 -9.58 -37.19 63.61
N SER H 517 -9.32 -37.56 62.37
CA SER H 517 -8.28 -36.90 61.58
C SER H 517 -8.65 -35.48 61.21
N LEU H 518 -9.93 -35.16 61.18
CA LEU H 518 -10.40 -33.83 60.82
C LEU H 518 -10.47 -32.89 62.00
N ILE H 519 -9.99 -33.32 63.17
CA ILE H 519 -10.24 -32.63 64.43
C ILE H 519 -8.97 -32.08 65.05
N ARG H 520 -7.93 -32.90 65.12
CA ARG H 520 -6.74 -32.56 65.89
C ARG H 520 -5.96 -31.44 65.22
N GLY H 521 -5.41 -30.55 66.05
CA GLY H 521 -4.70 -29.39 65.59
C GLY H 521 -5.56 -28.14 65.52
N ASN H 522 -6.87 -28.30 65.28
CA ASN H 522 -7.77 -27.18 65.12
C ASN H 522 -8.66 -27.01 66.34
N ARG H 523 -9.02 -25.77 66.62
CA ARG H 523 -10.07 -25.44 67.58
C ARG H 523 -11.41 -25.21 66.90
N ALA H 524 -11.41 -24.77 65.63
CA ALA H 524 -12.64 -24.43 64.97
C ALA H 524 -13.49 -25.66 64.64
N ASN H 525 -12.86 -26.83 64.53
CA ASN H 525 -13.64 -28.05 64.38
C ASN H 525 -14.32 -28.43 65.70
N CYS H 526 -13.66 -28.17 66.82
CA CYS H 526 -14.10 -28.71 68.10
C CYS H 526 -15.33 -27.98 68.64
N ALA H 527 -15.48 -26.69 68.32
CA ALA H 527 -16.63 -25.93 68.81
C ALA H 527 -17.93 -26.33 68.13
N LEU H 528 -17.85 -26.98 66.97
CA LEU H 528 -19.02 -27.41 66.21
C LEU H 528 -19.71 -28.62 66.80
N PHE H 529 -19.11 -29.26 67.80
CA PHE H 529 -19.67 -30.47 68.39
C PHE H 529 -20.36 -30.20 69.71
N SER H 530 -20.58 -28.92 70.05
CA SER H 530 -21.26 -28.58 71.30
C SER H 530 -22.73 -28.97 71.25
N THR H 531 -23.34 -28.96 70.07
CA THR H 531 -24.72 -29.40 69.95
C THR H 531 -24.83 -30.91 69.98
N ASN H 532 -23.93 -31.61 69.29
CA ASN H 532 -23.96 -33.06 69.19
C ASN H 532 -23.06 -33.73 70.22
N LEU H 533 -22.73 -33.04 71.30
CA LEU H 533 -21.91 -33.64 72.36
C LEU H 533 -22.65 -34.77 73.06
N ASP H 534 -23.92 -34.54 73.41
CA ASP H 534 -24.70 -35.56 74.08
C ASP H 534 -25.05 -36.72 73.15
N TRP H 535 -24.97 -36.52 71.84
CA TRP H 535 -25.25 -37.62 70.92
C TRP H 535 -24.13 -38.65 70.91
N VAL H 536 -22.88 -38.20 70.95
CA VAL H 536 -21.75 -39.07 70.63
C VAL H 536 -21.49 -40.06 71.75
N VAL H 537 -21.15 -39.56 72.94
CA VAL H 537 -20.65 -40.43 73.99
C VAL H 537 -21.76 -41.23 74.66
N SER H 538 -23.02 -40.81 74.52
CA SER H 538 -24.12 -41.55 75.11
C SER H 538 -24.43 -42.83 74.34
N LYS H 539 -23.97 -42.96 73.10
CA LYS H 539 -24.14 -44.21 72.38
C LYS H 539 -23.26 -45.30 72.97
N LEU H 540 -21.93 -45.09 72.92
CA LEU H 540 -20.92 -45.93 73.55
C LEU H 540 -21.03 -47.37 73.06
N ASP H 541 -20.70 -47.54 71.78
CA ASP H 541 -21.04 -48.74 71.01
C ASP H 541 -20.38 -50.04 71.46
N ARG H 542 -19.52 -49.99 72.48
CA ARG H 542 -19.08 -51.07 73.39
C ARG H 542 -18.49 -52.29 72.68
N LEU H 543 -18.28 -52.24 71.36
CA LEU H 543 -17.57 -53.25 70.61
C LEU H 543 -16.56 -52.66 69.65
N GLU H 544 -16.74 -51.41 69.26
CA GLU H 544 -15.77 -50.65 68.50
C GLU H 544 -15.34 -49.39 69.24
N ALA H 545 -16.08 -48.97 70.27
CA ALA H 545 -15.92 -47.68 70.91
C ALA H 545 -14.58 -47.51 71.62
N SER H 546 -13.96 -48.61 72.04
CA SER H 546 -12.63 -48.52 72.64
C SER H 546 -11.57 -48.19 71.61
N SER H 547 -11.81 -48.50 70.33
CA SER H 547 -10.82 -48.26 69.30
C SER H 547 -10.75 -46.77 68.94
N GLY H 548 -11.84 -46.22 68.43
CA GLY H 548 -11.78 -44.88 67.88
C GLY H 548 -12.67 -43.86 68.53
N ILE H 549 -13.81 -44.31 69.07
CA ILE H 549 -14.75 -43.39 69.72
C ILE H 549 -14.14 -42.84 71.00
N LEU H 550 -13.44 -43.69 71.75
CA LEU H 550 -12.70 -43.24 72.92
C LEU H 550 -11.59 -42.27 72.54
N GLU H 551 -11.00 -42.47 71.37
CA GLU H 551 -9.94 -41.57 70.92
C GLU H 551 -10.49 -40.22 70.50
N VAL H 552 -11.59 -40.22 69.74
CA VAL H 552 -12.07 -38.99 69.12
C VAL H 552 -12.71 -38.07 70.17
N LEU H 553 -13.20 -38.63 71.27
CA LEU H 553 -13.70 -37.78 72.34
C LEU H 553 -12.56 -37.10 73.08
N TYR H 554 -11.39 -37.74 73.10
CA TYR H 554 -10.21 -37.07 73.64
C TYR H 554 -9.72 -35.97 72.72
N CYS H 555 -10.00 -36.08 71.42
CA CYS H 555 -9.51 -35.11 70.45
C CYS H 555 -10.20 -33.76 70.62
N VAL H 556 -11.49 -33.77 70.98
CA VAL H 556 -12.22 -32.51 71.10
C VAL H 556 -12.03 -31.87 72.47
N LEU H 557 -11.61 -32.63 73.47
CA LEU H 557 -11.48 -32.09 74.82
C LEU H 557 -10.13 -31.43 75.05
N ILE H 558 -9.29 -31.31 74.04
CA ILE H 558 -7.98 -30.69 74.20
C ILE H 558 -7.97 -29.25 73.67
N GLU H 559 -8.95 -28.86 72.85
CA GLU H 559 -8.91 -27.57 72.17
C GLU H 559 -10.00 -26.62 72.66
N SER H 560 -11.27 -27.01 72.61
CA SER H 560 -12.35 -26.09 72.91
C SER H 560 -12.79 -26.22 74.35
N PRO H 561 -12.68 -25.16 75.15
CA PRO H 561 -13.19 -25.22 76.53
C PRO H 561 -14.70 -25.11 76.63
N GLU H 562 -15.37 -24.76 75.54
CA GLU H 562 -16.82 -24.60 75.57
C GLU H 562 -17.51 -25.93 75.67
N VAL H 563 -16.89 -26.99 75.14
CA VAL H 563 -17.38 -28.34 75.36
C VAL H 563 -17.19 -28.74 76.82
N LEU H 564 -16.11 -28.27 77.45
CA LEU H 564 -15.92 -28.49 78.88
C LEU H 564 -16.90 -27.68 79.72
N ASN H 565 -17.55 -26.68 79.14
CA ASN H 565 -18.49 -25.83 79.85
C ASN H 565 -19.89 -26.41 79.88
N ILE H 566 -20.18 -27.43 79.06
CA ILE H 566 -21.55 -27.86 78.86
C ILE H 566 -21.74 -29.32 79.29
N ILE H 567 -21.01 -29.73 80.32
CA ILE H 567 -21.17 -31.09 80.84
C ILE H 567 -22.53 -31.23 81.53
N GLN H 568 -22.95 -32.48 81.72
CA GLN H 568 -24.28 -32.79 82.20
C GLN H 568 -24.23 -33.82 83.33
N GLU H 569 -23.05 -34.39 83.61
CA GLU H 569 -22.67 -35.33 84.67
C GLU H 569 -23.21 -36.74 84.40
N ASN H 570 -24.10 -36.88 83.42
CA ASN H 570 -24.45 -38.23 82.96
C ASN H 570 -23.41 -38.79 82.03
N HIS H 571 -22.63 -37.90 81.39
CA HIS H 571 -21.58 -38.33 80.49
C HIS H 571 -20.45 -38.99 81.25
N ILE H 572 -19.97 -38.33 82.32
CA ILE H 572 -18.85 -38.85 83.08
C ILE H 572 -19.24 -40.08 83.88
N LYS H 573 -20.51 -40.22 84.25
CA LYS H 573 -20.97 -41.49 84.82
C LYS H 573 -20.89 -42.61 83.81
N SER H 574 -21.13 -42.32 82.54
CA SER H 574 -20.89 -43.30 81.50
C SER H 574 -19.40 -43.53 81.27
N ILE H 575 -18.57 -42.53 81.59
CA ILE H 575 -17.13 -42.68 81.44
C ILE H 575 -16.56 -43.61 82.51
N ILE H 576 -17.02 -43.46 83.75
CA ILE H 576 -16.58 -44.33 84.83
C ILE H 576 -17.05 -45.76 84.61
N SER H 577 -18.27 -45.92 84.07
CA SER H 577 -18.73 -47.24 83.69
C SER H 577 -17.95 -47.78 82.49
N LEU H 578 -17.51 -46.90 81.59
CA LEU H 578 -16.62 -47.32 80.51
C LEU H 578 -15.28 -47.77 81.06
N LEU H 579 -14.80 -47.13 82.12
CA LEU H 579 -13.64 -47.63 82.83
C LEU H 579 -13.95 -48.95 83.53
N ASP H 580 -15.20 -49.12 83.96
CA ASP H 580 -15.57 -50.37 84.62
C ASP H 580 -15.71 -51.51 83.62
N LYS H 581 -16.40 -51.26 82.50
CA LYS H 581 -16.78 -52.33 81.60
C LYS H 581 -15.64 -52.81 80.71
N HIS H 582 -14.50 -52.14 80.69
CA HIS H 582 -13.45 -52.47 79.74
C HIS H 582 -12.05 -52.56 80.33
N GLY H 583 -11.82 -52.08 81.53
CA GLY H 583 -10.55 -52.29 82.19
C GLY H 583 -9.78 -51.00 82.43
N ARG H 584 -8.51 -51.19 82.74
CA ARG H 584 -7.62 -50.10 83.11
C ARG H 584 -6.89 -49.61 81.86
N ASN H 585 -7.14 -48.35 81.49
CA ASN H 585 -6.55 -47.76 80.29
C ASN H 585 -5.90 -46.43 80.64
N HIS H 586 -4.84 -46.11 79.91
CA HIS H 586 -4.25 -44.79 80.01
C HIS H 586 -5.18 -43.73 79.43
N LYS H 587 -5.90 -44.10 78.37
CA LYS H 587 -6.69 -43.13 77.62
C LYS H 587 -7.91 -42.66 78.40
N VAL H 588 -8.53 -43.56 79.17
CA VAL H 588 -9.70 -43.16 79.95
C VAL H 588 -9.29 -42.27 81.12
N LEU H 589 -8.03 -42.31 81.54
CA LEU H 589 -7.52 -41.39 82.54
C LEU H 589 -6.97 -40.13 81.90
N ASP H 590 -6.45 -40.23 80.68
CA ASP H 590 -5.95 -39.05 79.98
C ASP H 590 -7.08 -38.11 79.59
N VAL H 591 -8.27 -38.64 79.35
CA VAL H 591 -9.46 -37.81 79.18
C VAL H 591 -9.77 -37.08 80.47
N LEU H 592 -9.77 -37.82 81.59
CA LEU H 592 -10.07 -37.23 82.89
C LEU H 592 -8.97 -36.28 83.33
N CYS H 593 -7.73 -36.54 82.94
CA CYS H 593 -6.65 -35.60 83.23
C CYS H 593 -6.82 -34.31 82.44
N SER H 594 -7.29 -34.42 81.21
CA SER H 594 -7.58 -33.24 80.40
C SER H 594 -8.96 -32.67 80.66
N LEU H 595 -9.78 -33.37 81.46
CA LEU H 595 -11.15 -32.89 81.69
C LEU H 595 -11.18 -31.70 82.63
N CYS H 596 -10.27 -31.64 83.60
CA CYS H 596 -10.33 -30.59 84.60
C CYS H 596 -9.87 -29.26 84.02
N VAL H 597 -8.61 -29.18 83.60
CA VAL H 597 -8.04 -27.96 83.05
C VAL H 597 -8.06 -28.07 81.52
N CYS H 598 -8.49 -26.98 80.88
CA CYS H 598 -8.41 -26.86 79.43
C CYS H 598 -7.14 -26.11 79.01
N ASN H 599 -7.02 -24.86 79.42
CA ASN H 599 -5.86 -24.01 79.12
C ASN H 599 -5.71 -23.04 80.30
N GLY H 600 -4.95 -23.46 81.29
CA GLY H 600 -4.81 -22.65 82.48
C GLY H 600 -6.02 -22.71 83.39
N VAL H 601 -7.16 -22.17 82.95
CA VAL H 601 -8.36 -22.17 83.77
C VAL H 601 -8.95 -23.58 83.84
N ALA H 602 -9.73 -23.81 84.89
CA ALA H 602 -10.36 -25.12 85.11
C ALA H 602 -11.67 -24.92 85.82
N VAL H 603 -12.73 -25.55 85.30
CA VAL H 603 -14.06 -25.39 85.86
C VAL H 603 -14.16 -26.12 87.19
N ARG H 604 -14.86 -25.51 88.15
CA ARG H 604 -15.05 -26.10 89.46
C ARG H 604 -16.04 -27.25 89.47
N SER H 605 -16.78 -27.45 88.37
CA SER H 605 -17.84 -28.46 88.34
C SER H 605 -17.25 -29.87 88.38
N ASN H 606 -16.44 -30.20 87.37
CA ASN H 606 -15.88 -31.55 87.24
C ASN H 606 -14.87 -31.87 88.33
N GLN H 607 -14.32 -30.86 88.99
CA GLN H 607 -13.36 -31.11 90.07
C GLN H 607 -14.02 -31.81 91.25
N ASP H 608 -15.31 -31.55 91.48
CA ASP H 608 -16.03 -32.23 92.55
C ASP H 608 -16.80 -33.44 92.05
N LEU H 609 -17.25 -33.43 90.81
CA LEU H 609 -18.03 -34.55 90.28
C LEU H 609 -17.16 -35.78 90.12
N ILE H 610 -15.91 -35.60 89.68
CA ILE H 610 -14.97 -36.70 89.68
C ILE H 610 -14.59 -37.07 91.11
N THR H 611 -14.50 -36.08 92.00
CA THR H 611 -14.22 -36.33 93.41
C THR H 611 -15.37 -37.10 94.05
N GLU H 612 -16.61 -36.74 93.71
CA GLU H 612 -17.76 -37.51 94.15
C GLU H 612 -17.73 -38.92 93.56
N ASN H 613 -17.40 -39.02 92.28
CA ASN H 613 -17.32 -40.34 91.66
C ASN H 613 -15.97 -41.00 91.85
N LEU H 614 -15.02 -40.33 92.48
CA LEU H 614 -13.94 -41.04 93.15
C LEU H 614 -14.59 -41.70 94.35
N LEU H 615 -14.87 -42.99 94.22
CA LEU H 615 -15.60 -43.71 95.26
C LEU H 615 -14.73 -43.84 96.50
N PRO H 616 -15.21 -43.43 97.68
CA PRO H 616 -14.46 -43.69 98.92
C PRO H 616 -14.37 -45.16 99.26
N GLY H 617 -15.29 -45.98 98.76
CA GLY H 617 -15.14 -47.42 98.85
C GLY H 617 -13.94 -47.95 98.08
N ARG H 618 -13.52 -47.21 97.04
CA ARG H 618 -12.24 -47.36 96.35
C ARG H 618 -12.11 -48.73 95.69
N GLU H 619 -13.01 -48.99 94.74
CA GLU H 619 -13.09 -50.29 94.10
C GLU H 619 -12.28 -50.38 92.80
N LEU H 620 -11.79 -49.26 92.29
CA LEU H 620 -11.10 -49.26 91.00
C LEU H 620 -9.68 -48.73 91.05
N LEU H 621 -9.34 -47.92 92.05
CA LEU H 621 -8.06 -47.24 92.07
C LEU H 621 -7.04 -48.04 92.89
N LEU H 622 -5.83 -47.49 93.01
CA LEU H 622 -4.73 -48.14 93.71
C LEU H 622 -4.55 -47.50 95.07
N GLN H 623 -4.38 -48.32 96.10
CA GLN H 623 -4.30 -47.84 97.47
C GLN H 623 -3.17 -48.54 98.19
N THR H 624 -2.40 -47.77 98.96
CA THR H 624 -1.26 -48.28 99.72
C THR H 624 -1.40 -47.86 101.17
N ASN H 625 -0.54 -48.43 102.00
CA ASN H 625 -0.51 -48.13 103.44
C ASN H 625 0.84 -48.57 103.98
N LEU H 626 1.28 -47.90 105.04
CA LEU H 626 2.48 -48.34 105.76
C LEU H 626 2.15 -49.58 106.57
N ILE H 627 2.80 -50.69 106.22
CA ILE H 627 2.52 -51.99 106.83
C ILE H 627 3.81 -52.52 107.43
N ASN H 628 3.75 -52.94 108.69
CA ASN H 628 4.90 -53.51 109.36
C ASN H 628 5.17 -54.93 108.87
N TYR H 629 6.28 -55.48 109.34
CA TYR H 629 6.67 -56.83 108.99
C TYR H 629 6.19 -57.84 110.02
N VAL H 630 5.80 -59.01 109.54
CA VAL H 630 5.26 -60.07 110.38
C VAL H 630 6.06 -61.35 110.15
N THR H 631 6.33 -62.08 111.24
CA THR H 631 7.08 -63.33 111.19
C THR H 631 6.46 -64.35 112.14
N SER H 632 6.95 -65.57 112.05
CA SER H 632 6.51 -66.66 112.91
C SER H 632 7.65 -67.66 113.09
N ILE H 633 7.92 -68.04 114.33
CA ILE H 633 8.99 -68.96 114.67
C ILE H 633 8.38 -70.22 115.26
N ARG H 634 8.73 -71.37 114.68
CA ARG H 634 8.19 -72.60 115.24
C ARG H 634 9.23 -73.31 116.10
N PRO H 635 8.79 -73.98 117.16
CA PRO H 635 9.60 -75.05 117.74
C PRO H 635 9.47 -76.31 116.91
N ASN H 636 10.45 -77.20 117.08
CA ASN H 636 10.46 -78.47 116.33
C ASN H 636 9.55 -79.49 117.01
N ILE H 637 8.25 -79.21 116.95
CA ILE H 637 7.23 -80.02 117.59
C ILE H 637 6.17 -80.35 116.54
N PHE H 638 5.84 -81.63 116.41
CA PHE H 638 4.92 -82.11 115.39
C PHE H 638 3.91 -83.04 116.03
N VAL H 639 2.62 -82.79 115.77
CA VAL H 639 1.54 -83.60 116.30
C VAL H 639 0.68 -84.06 115.14
N GLY H 640 0.56 -85.38 114.96
CA GLY H 640 -0.31 -85.93 113.96
C GLY H 640 -1.18 -87.03 114.56
N ARG H 641 -2.30 -87.29 113.89
CA ARG H 641 -3.24 -88.32 114.31
C ARG H 641 -3.68 -89.11 113.09
N ALA H 642 -3.23 -90.35 113.00
CA ALA H 642 -3.61 -91.26 111.94
C ALA H 642 -3.62 -92.67 112.49
N GLU H 643 -3.80 -93.65 111.61
CA GLU H 643 -3.81 -95.05 112.03
C GLU H 643 -2.39 -95.48 112.36
N GLY H 644 -2.09 -95.61 113.65
CA GLY H 644 -0.76 -95.99 114.08
C GLY H 644 -0.19 -95.08 115.14
N SER H 645 0.91 -94.39 114.82
CA SER H 645 1.52 -93.45 115.74
C SER H 645 0.62 -92.24 115.93
N THR H 646 0.18 -92.01 117.15
CA THR H 646 -0.76 -90.93 117.46
C THR H 646 -0.18 -89.87 118.38
N GLN H 647 0.82 -90.21 119.22
CA GLN H 647 1.48 -89.30 120.15
C GLN H 647 0.49 -88.65 121.12
N TYR H 648 -0.41 -89.47 121.66
CA TYR H 648 -1.33 -89.22 122.78
C TYR H 648 -2.49 -88.27 122.42
N GLY H 649 -2.42 -87.60 121.27
CA GLY H 649 -3.48 -86.76 120.73
C GLY H 649 -4.09 -85.66 121.59
N LYS H 650 -3.44 -85.31 122.70
CA LYS H 650 -3.99 -84.34 123.65
C LYS H 650 -2.84 -83.51 124.19
N TRP H 651 -2.62 -82.34 123.60
CA TRP H 651 -1.45 -81.53 123.90
C TRP H 651 -1.89 -80.18 124.46
N TYR H 652 -0.91 -79.37 124.86
CA TYR H 652 -1.20 -78.22 125.72
C TYR H 652 -0.03 -77.25 125.69
N PHE H 653 -0.35 -75.95 125.61
CA PHE H 653 0.64 -74.89 125.50
C PHE H 653 0.50 -73.91 126.65
N GLU H 654 1.64 -73.38 127.11
CA GLU H 654 1.69 -72.21 127.99
C GLU H 654 2.83 -71.32 127.54
N VAL H 655 2.52 -70.09 127.17
CA VAL H 655 3.49 -69.15 126.61
C VAL H 655 3.51 -67.90 127.48
N MET H 656 4.71 -67.48 127.87
CA MET H 656 4.88 -66.30 128.72
C MET H 656 5.14 -65.08 127.85
N VAL H 657 4.41 -64.00 128.13
CA VAL H 657 4.53 -62.75 127.37
C VAL H 657 4.83 -61.62 128.34
N ASP H 658 6.01 -61.00 128.17
CA ASP H 658 6.43 -59.86 128.98
C ASP H 658 6.92 -58.76 128.04
N GLU H 659 5.99 -57.98 127.50
CA GLU H 659 6.33 -56.88 126.60
C GLU H 659 5.34 -55.74 126.78
N VAL H 660 5.87 -54.52 126.82
CA VAL H 660 5.03 -53.32 126.76
C VAL H 660 5.51 -52.55 125.54
N VAL H 661 4.95 -52.86 124.37
CA VAL H 661 5.01 -51.98 123.21
C VAL H 661 3.58 -51.92 122.69
N PRO H 662 2.73 -51.07 123.26
CA PRO H 662 1.33 -51.05 122.80
C PRO H 662 1.18 -50.39 121.44
N PHE H 663 1.91 -49.31 121.21
CA PHE H 663 1.93 -48.63 119.92
C PHE H 663 3.33 -48.66 119.36
N LEU H 664 3.42 -48.94 118.06
CA LEU H 664 4.62 -48.61 117.32
C LEU H 664 4.37 -47.22 116.72
N THR H 665 5.38 -46.65 116.05
CA THR H 665 5.24 -45.32 115.47
C THR H 665 4.28 -45.27 114.30
N ALA H 666 3.89 -46.41 113.73
CA ALA H 666 2.92 -46.44 112.65
C ALA H 666 1.52 -46.83 113.15
N GLN H 667 1.40 -48.01 113.74
CA GLN H 667 0.14 -48.44 114.35
C GLN H 667 0.46 -49.28 115.57
N ALA H 668 -0.57 -49.86 116.18
CA ALA H 668 -0.38 -50.80 117.27
C ALA H 668 0.25 -52.09 116.75
N THR H 669 1.04 -52.73 117.60
CA THR H 669 1.86 -53.86 117.19
C THR H 669 1.04 -55.13 117.03
N HIS H 670 1.54 -56.03 116.19
CA HIS H 670 0.90 -57.33 115.95
C HIS H 670 1.54 -58.38 116.83
N LEU H 671 0.70 -59.19 117.48
CA LEU H 671 1.16 -60.27 118.35
C LEU H 671 0.03 -61.28 118.49
N ARG H 672 0.26 -62.51 118.02
CA ARG H 672 -0.74 -63.57 118.18
C ARG H 672 -0.05 -64.86 118.58
N VAL H 673 -0.83 -65.94 118.64
CA VAL H 673 -0.31 -67.27 118.97
C VAL H 673 -1.32 -68.29 118.45
N GLY H 674 -0.83 -69.48 118.08
CA GLY H 674 -1.74 -70.54 117.72
C GLY H 674 -1.18 -71.78 117.05
N TRP H 675 -1.82 -72.18 115.96
CA TRP H 675 -1.62 -73.50 115.37
C TRP H 675 -1.55 -73.42 113.85
N ALA H 676 -1.03 -74.50 113.27
CA ALA H 676 -1.03 -74.73 111.83
C ALA H 676 -0.84 -76.22 111.60
N LEU H 677 -1.30 -76.69 110.42
CA LEU H 677 -1.10 -78.08 110.00
C LEU H 677 -0.53 -78.09 108.57
N THR H 678 0.79 -77.91 108.49
CA THR H 678 1.62 -78.04 107.27
C THR H 678 1.18 -77.13 106.12
N GLU H 679 0.30 -76.17 106.35
CA GLU H 679 -0.26 -75.32 105.31
C GLU H 679 -0.28 -73.88 105.81
N GLY H 680 0.81 -73.45 106.41
CA GLY H 680 0.90 -72.22 107.16
C GLY H 680 1.49 -71.12 106.29
N TYR H 681 2.81 -70.93 106.39
CA TYR H 681 3.60 -69.98 105.59
C TYR H 681 3.21 -68.54 105.90
N SER H 682 3.23 -68.22 107.19
CA SER H 682 3.43 -66.84 107.62
C SER H 682 4.69 -66.18 107.04
N PRO H 683 5.80 -66.90 106.68
CA PRO H 683 6.80 -66.27 105.79
C PRO H 683 6.29 -65.94 104.39
N TYR H 684 7.23 -65.49 103.56
CA TYR H 684 7.02 -64.53 102.46
C TYR H 684 6.29 -63.32 103.02
N PRO H 685 6.98 -62.43 103.84
CA PRO H 685 6.28 -61.32 104.53
C PRO H 685 6.00 -60.11 103.64
N GLY H 686 5.45 -60.35 102.46
CA GLY H 686 5.13 -59.27 101.55
C GLY H 686 3.65 -58.95 101.59
N GLY H 687 2.91 -59.45 100.61
CA GLY H 687 1.48 -59.27 100.53
C GLY H 687 0.75 -60.59 100.72
N GLY H 688 -0.45 -60.51 101.30
CA GLY H 688 -1.29 -61.66 101.51
C GLY H 688 -2.69 -61.38 101.00
N GLU H 689 -3.65 -62.12 101.57
CA GLU H 689 -5.05 -61.91 101.21
C GLU H 689 -5.56 -60.58 101.75
N GLY H 690 -5.25 -60.27 103.01
CA GLY H 690 -5.56 -58.96 103.54
C GLY H 690 -4.44 -57.99 103.24
N TRP H 691 -3.93 -57.32 104.26
CA TRP H 691 -2.82 -56.39 104.11
C TRP H 691 -1.57 -57.11 104.59
N GLY H 692 -0.93 -57.82 103.67
CA GLY H 692 0.25 -58.58 104.04
C GLY H 692 -0.09 -60.00 104.46
N GLY H 693 0.87 -60.90 104.25
CA GLY H 693 0.71 -62.28 104.65
C GLY H 693 0.92 -62.45 106.13
N ASN H 694 -0.07 -62.06 106.92
CA ASN H 694 0.07 -62.01 108.36
C ASN H 694 0.07 -63.41 108.96
N GLY H 695 0.43 -63.48 110.24
CA GLY H 695 0.90 -64.71 110.88
C GLY H 695 -0.02 -65.89 110.96
N VAL H 696 -1.07 -65.80 111.76
CA VAL H 696 -1.87 -66.97 112.10
C VAL H 696 -3.33 -66.55 112.24
N GLY H 697 -4.24 -67.45 111.88
CA GLY H 697 -5.65 -67.20 112.02
C GLY H 697 -6.21 -66.26 110.97
N ASP H 698 -5.71 -66.31 109.76
CA ASP H 698 -6.22 -65.47 108.69
C ASP H 698 -6.70 -66.28 107.50
N ASP H 699 -6.53 -67.59 107.52
CA ASP H 699 -7.00 -68.45 106.45
C ASP H 699 -7.81 -69.61 107.01
N LEU H 700 -8.12 -70.59 106.16
CA LEU H 700 -8.77 -71.82 106.59
C LEU H 700 -7.76 -72.87 107.05
N TYR H 701 -6.53 -72.45 107.36
CA TYR H 701 -5.44 -73.34 107.71
C TYR H 701 -4.80 -73.03 109.05
N SER H 702 -5.13 -71.91 109.68
CA SER H 702 -4.45 -71.46 110.89
C SER H 702 -5.46 -70.84 111.83
N TYR H 703 -5.09 -70.82 113.12
CA TYR H 703 -5.98 -70.33 114.18
C TYR H 703 -5.18 -69.48 115.14
N GLY H 704 -5.56 -68.20 115.28
CA GLY H 704 -4.84 -67.26 116.11
C GLY H 704 -5.71 -66.66 117.21
N PHE H 705 -5.05 -65.86 118.06
CA PHE H 705 -5.71 -65.19 119.17
C PHE H 705 -4.82 -64.05 119.68
N ASP H 706 -5.45 -62.90 119.95
CA ASP H 706 -4.71 -61.76 120.48
C ASP H 706 -5.50 -60.99 121.54
N GLY H 707 -6.31 -61.69 122.34
CA GLY H 707 -6.90 -61.07 123.52
C GLY H 707 -8.42 -61.05 123.57
N LEU H 708 -9.10 -60.67 122.47
CA LEU H 708 -10.54 -60.91 122.39
C LEU H 708 -10.89 -61.12 120.91
N HIS H 709 -10.71 -62.34 120.44
CA HIS H 709 -10.85 -62.65 119.02
C HIS H 709 -11.06 -64.16 118.86
N LEU H 710 -11.44 -64.53 117.64
CA LEU H 710 -11.44 -65.92 117.17
C LEU H 710 -10.90 -65.87 115.74
N TRP H 711 -9.58 -65.95 115.61
CA TRP H 711 -8.93 -65.73 114.32
C TRP H 711 -8.92 -67.01 113.50
N THR H 712 -9.65 -66.98 112.37
CA THR H 712 -9.43 -67.85 111.21
C THR H 712 -10.17 -67.23 110.04
N GLY H 713 -9.56 -67.30 108.86
CA GLY H 713 -10.18 -66.78 107.66
C GLY H 713 -10.38 -65.28 107.63
N HIS H 714 -9.47 -64.52 108.25
CA HIS H 714 -9.57 -63.06 108.45
C HIS H 714 -10.88 -62.68 109.14
N VAL H 715 -11.25 -63.43 110.17
CA VAL H 715 -12.45 -63.14 110.95
C VAL H 715 -12.01 -62.74 112.35
N ALA H 716 -12.29 -61.50 112.72
CA ALA H 716 -11.99 -60.96 114.04
C ALA H 716 -13.18 -61.04 114.99
N ARG H 717 -13.82 -62.22 115.13
CA ARG H 717 -14.98 -62.15 116.02
C ARG H 717 -14.55 -62.42 117.46
N PRO H 718 -14.97 -61.58 118.41
CA PRO H 718 -14.39 -61.62 119.76
C PRO H 718 -14.99 -62.76 120.59
N VAL H 719 -14.58 -62.78 121.87
CA VAL H 719 -15.01 -63.81 122.81
C VAL H 719 -15.70 -63.17 124.01
N THR H 720 -16.15 -64.01 124.94
CA THR H 720 -16.73 -63.57 126.21
C THR H 720 -15.85 -64.11 127.33
N SER H 721 -14.97 -63.25 127.86
CA SER H 721 -14.03 -63.66 128.88
C SER H 721 -13.94 -62.58 129.96
N PRO H 722 -13.72 -62.97 131.21
CA PRO H 722 -13.48 -61.97 132.26
C PRO H 722 -12.13 -61.30 132.09
N GLY H 723 -12.10 -59.99 132.39
CA GLY H 723 -10.91 -59.21 132.14
C GLY H 723 -10.67 -59.04 130.66
N GLN H 724 -11.73 -58.66 129.95
CA GLN H 724 -11.76 -58.70 128.49
C GLN H 724 -10.95 -57.54 127.93
N HIS H 725 -9.72 -57.85 127.54
CA HIS H 725 -8.84 -56.87 126.88
C HIS H 725 -7.86 -57.64 125.99
N LEU H 726 -6.89 -56.93 125.44
CA LEU H 726 -5.95 -57.50 124.49
C LEU H 726 -4.79 -58.15 125.24
N LEU H 727 -3.71 -58.45 124.53
CA LEU H 727 -2.56 -59.13 125.12
C LEU H 727 -1.79 -58.13 125.97
N ALA H 728 -2.16 -58.07 127.25
CA ALA H 728 -1.38 -57.34 128.23
C ALA H 728 -0.11 -58.12 128.54
N PRO H 729 0.93 -57.46 129.06
CA PRO H 729 2.09 -58.20 129.55
C PRO H 729 1.76 -59.01 130.80
N GLU H 730 2.67 -59.94 131.10
CA GLU H 730 2.58 -60.86 132.24
C GLU H 730 1.32 -61.71 132.16
N ASP H 731 1.11 -62.35 131.01
CA ASP H 731 -0.02 -63.23 130.79
C ASP H 731 0.44 -64.55 130.20
N VAL H 732 -0.28 -65.61 130.54
CA VAL H 732 0.00 -66.95 130.04
C VAL H 732 -1.26 -67.46 129.33
N VAL H 733 -1.10 -67.91 128.10
CA VAL H 733 -2.21 -68.42 127.30
C VAL H 733 -2.15 -69.94 127.34
N SER H 734 -3.25 -70.55 127.77
CA SER H 734 -3.37 -72.00 127.84
C SER H 734 -4.10 -72.47 126.59
N CYS H 735 -3.33 -72.95 125.61
CA CYS H 735 -3.89 -73.48 124.38
C CYS H 735 -4.11 -74.97 124.57
N CYS H 736 -5.37 -75.38 124.64
CA CYS H 736 -5.72 -76.77 124.86
C CYS H 736 -5.94 -77.46 123.51
N LEU H 737 -5.19 -78.52 123.26
CA LEU H 737 -5.34 -79.31 122.06
C LEU H 737 -6.05 -80.63 122.39
N ASP H 738 -7.19 -80.85 121.76
CA ASP H 738 -7.87 -82.14 121.81
C ASP H 738 -8.13 -82.60 120.38
N LEU H 739 -7.88 -83.88 120.13
CA LEU H 739 -8.02 -84.42 118.78
C LEU H 739 -9.11 -85.47 118.69
N SER H 740 -9.99 -85.55 119.69
CA SER H 740 -11.10 -86.49 119.61
C SER H 740 -12.18 -85.96 118.66
N VAL H 741 -12.52 -84.68 118.78
CA VAL H 741 -13.55 -84.08 117.93
C VAL H 741 -13.01 -83.79 116.53
N PRO H 742 -11.86 -83.07 116.34
CA PRO H 742 -10.86 -82.36 117.15
C PRO H 742 -11.33 -80.99 117.59
N SER H 743 -10.90 -80.57 118.79
CA SER H 743 -11.36 -79.33 119.39
C SER H 743 -10.18 -78.60 120.01
N ILE H 744 -10.17 -77.27 119.86
CA ILE H 744 -9.11 -76.42 120.39
C ILE H 744 -9.76 -75.30 121.18
N SER H 745 -9.36 -75.14 122.44
CA SER H 745 -9.84 -74.07 123.29
C SER H 745 -8.65 -73.30 123.86
N PHE H 746 -8.88 -72.01 124.11
CA PHE H 746 -7.86 -71.10 124.61
C PHE H 746 -8.22 -70.63 126.00
N ARG H 747 -7.20 -70.21 126.74
CA ARG H 747 -7.41 -69.77 128.12
C ARG H 747 -6.25 -68.88 128.56
N ILE H 748 -6.54 -67.61 128.82
CA ILE H 748 -5.61 -66.72 129.52
C ILE H 748 -5.83 -67.04 131.01
N ASN H 749 -4.98 -66.47 131.89
CA ASN H 749 -4.67 -66.95 133.25
C ASN H 749 -5.85 -67.49 134.05
N GLY H 750 -6.83 -66.64 134.39
CA GLY H 750 -8.10 -67.21 134.81
C GLY H 750 -8.99 -67.54 133.63
N CYS H 751 -9.57 -66.48 133.02
CA CYS H 751 -10.16 -66.30 131.70
C CYS H 751 -10.78 -67.54 131.04
N PRO H 752 -11.93 -68.03 131.52
CA PRO H 752 -12.59 -69.14 130.81
C PRO H 752 -13.16 -68.70 129.47
N VAL H 753 -12.31 -68.67 128.45
CA VAL H 753 -12.65 -68.11 127.15
C VAL H 753 -13.65 -69.03 126.45
N GLN H 754 -14.76 -68.43 125.99
CA GLN H 754 -15.83 -69.18 125.33
C GLN H 754 -15.59 -69.20 123.82
N GLY H 755 -14.53 -69.89 123.43
CA GLY H 755 -14.23 -70.08 122.03
C GLY H 755 -13.61 -71.43 121.75
N VAL H 756 -14.23 -72.21 120.87
CA VAL H 756 -13.78 -73.56 120.53
C VAL H 756 -13.73 -73.68 119.03
N PHE H 757 -12.58 -74.07 118.50
CA PHE H 757 -12.40 -74.30 117.06
C PHE H 757 -12.52 -75.79 116.78
N GLU H 758 -13.45 -76.16 115.90
CA GLU H 758 -13.71 -77.55 115.54
C GLU H 758 -13.93 -77.64 114.04
N ALA H 759 -14.36 -78.84 113.61
CA ALA H 759 -14.76 -79.14 112.23
C ALA H 759 -13.64 -78.88 111.23
N PHE H 760 -12.45 -79.38 111.55
CA PHE H 760 -11.28 -79.20 110.70
C PHE H 760 -10.54 -80.52 110.56
N ASN H 761 -9.87 -80.69 109.42
CA ASN H 761 -9.20 -81.95 109.14
C ASN H 761 -7.91 -82.08 109.93
N LEU H 762 -7.40 -83.31 109.97
CA LEU H 762 -6.14 -83.64 110.62
C LEU H 762 -5.03 -83.89 109.60
N ASP H 763 -5.06 -83.16 108.49
CA ASP H 763 -4.20 -83.45 107.35
C ASP H 763 -2.83 -82.82 107.57
N GLY H 764 -1.99 -83.53 108.32
CA GLY H 764 -0.61 -83.14 108.49
C GLY H 764 -0.24 -82.94 109.96
N LEU H 765 1.05 -82.80 110.18
CA LEU H 765 1.60 -82.59 111.51
C LEU H 765 1.32 -81.16 111.96
N PHE H 766 1.36 -80.95 113.27
CA PHE H 766 0.93 -79.69 113.85
C PHE H 766 2.13 -78.84 114.27
N PHE H 767 1.83 -77.60 114.65
CA PHE H 767 2.84 -76.59 114.87
C PHE H 767 2.52 -75.70 116.07
N PRO H 768 3.49 -75.43 116.94
CA PRO H 768 3.36 -74.31 117.87
C PRO H 768 3.64 -73.01 117.13
N VAL H 769 2.58 -72.26 116.86
CA VAL H 769 2.68 -71.06 116.02
C VAL H 769 2.52 -69.84 116.91
N VAL H 770 3.49 -68.94 116.84
CA VAL H 770 3.40 -67.61 117.44
C VAL H 770 3.51 -66.59 116.32
N SER H 771 2.64 -65.58 116.35
CA SER H 771 2.71 -64.48 115.41
C SER H 771 3.09 -63.22 116.17
N PHE H 772 3.99 -62.43 115.58
CA PHE H 772 4.48 -61.24 116.26
C PHE H 772 5.03 -60.27 115.25
N SER H 773 4.85 -58.98 115.53
CA SER H 773 5.51 -57.92 114.80
C SER H 773 6.83 -57.59 115.50
N ALA H 774 7.45 -56.48 115.12
CA ALA H 774 8.74 -56.11 115.67
C ALA H 774 8.60 -55.57 117.10
N GLY H 775 9.71 -55.59 117.82
CA GLY H 775 9.76 -55.03 119.15
C GLY H 775 9.21 -55.91 120.25
N VAL H 776 9.01 -57.20 119.98
CA VAL H 776 8.39 -58.12 120.93
C VAL H 776 9.38 -59.23 121.24
N LYS H 777 9.75 -59.37 122.50
CA LYS H 777 10.59 -60.47 122.97
C LYS H 777 9.73 -61.38 123.82
N VAL H 778 9.56 -62.63 123.37
CA VAL H 778 8.63 -63.56 123.99
C VAL H 778 9.41 -64.76 124.50
N ARG H 779 8.80 -65.49 125.44
CA ARG H 779 9.41 -66.68 126.02
C ARG H 779 8.41 -67.82 126.02
N PHE H 780 8.83 -68.99 125.53
CA PHE H 780 8.01 -70.19 125.57
C PHE H 780 8.19 -70.89 126.90
N LEU H 781 7.64 -72.09 127.01
CA LEU H 781 7.88 -73.00 128.12
C LEU H 781 8.09 -74.39 127.56
N LEU H 782 9.18 -75.04 127.96
CA LEU H 782 9.54 -76.35 127.40
C LEU H 782 8.64 -77.48 127.87
N GLY H 783 7.78 -77.25 128.84
CA GLY H 783 7.05 -78.36 129.41
C GLY H 783 7.87 -78.99 130.51
N GLY H 784 8.63 -80.03 130.15
CA GLY H 784 9.46 -80.73 131.10
C GLY H 784 10.61 -79.94 131.69
N ARG H 785 11.58 -79.56 130.85
CA ARG H 785 12.85 -79.05 131.38
C ARG H 785 12.73 -77.62 131.88
N HIS H 786 12.43 -76.67 130.99
CA HIS H 786 12.29 -75.28 131.37
C HIS H 786 10.87 -74.79 131.25
N GLY H 787 9.89 -75.70 131.27
CA GLY H 787 8.53 -75.26 131.38
C GLY H 787 8.17 -75.10 132.84
N GLU H 788 8.31 -73.88 133.33
CA GLU H 788 8.05 -73.55 134.73
C GLU H 788 6.62 -73.04 134.78
N PHE H 789 5.69 -73.95 135.01
CA PHE H 789 4.26 -73.67 134.82
C PHE H 789 3.75 -72.79 135.94
N LYS H 790 3.37 -71.56 135.61
CA LYS H 790 2.74 -70.69 136.59
C LYS H 790 1.30 -71.10 136.87
N PHE H 791 0.70 -71.88 135.98
CA PHE H 791 -0.64 -72.41 136.17
C PHE H 791 -0.63 -73.89 135.82
N LEU H 792 -1.57 -74.61 136.41
CA LEU H 792 -1.60 -76.04 136.19
C LEU H 792 -2.32 -76.38 134.89
N PRO H 793 -1.86 -77.42 134.19
CA PRO H 793 -2.61 -77.91 133.03
C PRO H 793 -3.90 -78.56 133.46
N PRO H 794 -4.86 -78.69 132.55
CA PRO H 794 -5.98 -79.59 132.77
C PRO H 794 -5.50 -81.02 132.85
N PRO H 795 -6.26 -81.92 133.53
CA PRO H 795 -5.75 -83.27 133.83
C PRO H 795 -5.46 -84.14 132.61
N GLY H 796 -4.18 -84.47 132.44
CA GLY H 796 -3.75 -85.37 131.40
C GLY H 796 -3.55 -84.74 130.04
N TYR H 797 -2.75 -83.65 129.97
CA TYR H 797 -2.40 -83.07 128.68
C TYR H 797 -0.88 -82.84 128.61
N ALA H 798 -0.14 -83.93 128.36
CA ALA H 798 1.13 -84.08 127.65
C ALA H 798 2.09 -82.87 127.69
N PRO H 799 2.70 -82.54 128.83
CA PRO H 799 3.62 -81.39 128.84
C PRO H 799 4.97 -81.63 128.17
N CYS H 800 4.95 -82.10 126.92
CA CYS H 800 6.10 -82.15 126.00
C CYS H 800 7.24 -83.01 126.56
N HIS H 801 6.91 -84.27 126.88
CA HIS H 801 7.90 -85.19 127.40
C HIS H 801 8.09 -86.44 126.53
N GLU H 802 7.01 -87.18 126.24
CA GLU H 802 7.19 -88.52 125.67
C GLU H 802 7.48 -88.46 124.18
N ALA H 803 6.69 -87.71 123.42
CA ALA H 803 6.85 -87.61 121.98
C ALA H 803 7.19 -86.16 121.63
N VAL H 804 8.47 -85.83 121.75
CA VAL H 804 9.02 -84.56 121.28
C VAL H 804 10.50 -84.76 121.00
N LEU H 805 10.95 -84.33 119.81
CA LEU H 805 12.30 -84.48 119.26
C LEU H 805 12.80 -85.92 119.34
N PRO H 806 12.26 -86.83 118.52
CA PRO H 806 12.59 -88.25 118.69
C PRO H 806 14.00 -88.61 118.25
N ARG H 807 14.64 -87.78 117.42
CA ARG H 807 16.00 -88.06 116.99
C ARG H 807 16.88 -86.82 116.96
N GLU H 808 16.39 -85.68 117.45
CA GLU H 808 17.12 -84.42 117.38
C GLU H 808 16.99 -83.70 118.70
N ARG H 809 17.42 -82.44 118.72
CA ARG H 809 17.37 -81.60 119.90
C ARG H 809 16.19 -80.63 119.80
N LEU H 810 16.13 -79.68 120.72
CA LEU H 810 15.05 -78.71 120.79
C LEU H 810 15.52 -77.41 120.13
N ARG H 811 14.82 -76.99 119.08
CA ARG H 811 15.22 -75.85 118.27
C ARG H 811 14.02 -74.96 117.99
N LEU H 812 14.24 -73.66 118.04
CA LEU H 812 13.30 -72.68 117.51
C LEU H 812 13.76 -72.26 116.12
N GLU H 813 12.80 -72.13 115.20
CA GLU H 813 13.14 -71.84 113.82
C GLU H 813 11.96 -71.15 113.14
N PRO H 814 12.22 -70.23 112.22
CA PRO H 814 11.14 -69.71 111.38
C PRO H 814 10.65 -70.78 110.42
N ILE H 815 9.34 -70.88 110.27
CA ILE H 815 8.72 -72.01 109.58
C ILE H 815 8.88 -71.90 108.06
N LYS H 816 9.88 -72.63 107.55
CA LYS H 816 10.14 -72.83 106.11
C LYS H 816 10.37 -71.50 105.39
N GLU H 817 11.45 -70.83 105.77
CA GLU H 817 11.83 -69.59 105.12
C GLU H 817 12.63 -69.87 103.85
N TYR H 818 13.07 -68.80 103.21
CA TYR H 818 13.90 -68.91 102.01
C TYR H 818 15.29 -68.31 102.19
N ARG H 819 15.41 -67.30 103.05
CA ARG H 819 16.67 -66.67 103.36
C ARG H 819 17.01 -66.92 104.82
N ARG H 820 18.30 -67.04 105.12
CA ARG H 820 18.77 -66.99 106.49
C ARG H 820 20.00 -66.11 106.54
N GLU H 821 20.37 -65.71 107.76
CA GLU H 821 21.57 -64.92 107.95
C GLU H 821 22.81 -65.78 107.81
N GLY H 822 23.93 -65.13 107.50
CA GLY H 822 25.21 -65.79 107.43
C GLY H 822 26.30 -64.90 107.96
N PRO H 823 27.46 -65.50 108.29
CA PRO H 823 28.59 -64.67 108.74
C PRO H 823 29.15 -63.80 107.63
N ARG H 824 29.18 -64.32 106.41
CA ARG H 824 29.56 -63.56 105.22
C ARG H 824 28.86 -64.22 104.05
N GLY H 825 28.07 -63.45 103.30
CA GLY H 825 27.21 -64.07 102.33
C GLY H 825 26.07 -64.80 103.02
N PRO H 826 25.06 -64.05 103.48
CA PRO H 826 23.92 -64.68 104.14
C PRO H 826 23.20 -65.67 103.22
N HIS H 827 22.84 -66.80 103.81
CA HIS H 827 22.53 -67.98 103.02
C HIS H 827 21.08 -68.03 102.60
N LEU H 828 20.86 -68.60 101.43
CA LEU H 828 19.52 -68.90 100.94
C LEU H 828 19.26 -70.39 101.09
N VAL H 829 18.01 -70.74 101.35
CA VAL H 829 17.64 -72.12 101.58
C VAL H 829 16.48 -72.48 100.65
N GLY H 830 16.51 -73.71 100.12
CA GLY H 830 15.44 -74.23 99.31
C GLY H 830 14.25 -74.66 100.14
N PRO H 831 13.37 -75.47 99.55
CA PRO H 831 12.22 -75.97 100.31
C PRO H 831 12.65 -77.02 101.34
N SER H 832 11.98 -77.01 102.48
CA SER H 832 12.28 -77.95 103.53
C SER H 832 11.52 -79.25 103.31
N ARG H 833 12.22 -80.37 103.48
CA ARG H 833 11.61 -81.70 103.33
C ARG H 833 10.73 -81.99 104.54
N CYS H 834 9.42 -81.89 104.34
CA CYS H 834 8.47 -82.15 105.42
C CYS H 834 8.45 -83.65 105.73
N LEU H 835 8.78 -84.00 106.97
CA LEU H 835 9.00 -85.39 107.35
C LEU H 835 7.68 -85.99 107.84
N SER H 836 6.97 -86.64 106.91
CA SER H 836 5.81 -87.50 107.19
C SER H 836 4.68 -86.75 107.89
N HIS H 837 4.12 -85.76 107.18
CA HIS H 837 2.89 -85.12 107.63
C HIS H 837 1.75 -86.13 107.67
N THR H 838 1.53 -86.83 106.57
CA THR H 838 0.82 -88.09 106.57
C THR H 838 1.84 -89.23 106.52
N ASP H 839 1.37 -90.43 106.86
CA ASP H 839 2.17 -91.66 106.90
C ASP H 839 3.37 -91.53 107.85
N PHE H 840 3.11 -91.02 109.05
CA PHE H 840 4.08 -90.98 110.13
C PHE H 840 3.98 -92.19 111.04
N VAL H 841 3.35 -93.26 110.58
CA VAL H 841 3.12 -94.46 111.37
C VAL H 841 3.85 -95.63 110.73
N PRO H 842 4.46 -96.52 111.50
CA PRO H 842 5.15 -97.67 110.90
C PRO H 842 4.16 -98.72 110.42
N CYS H 843 4.70 -99.70 109.71
CA CYS H 843 3.89 -100.78 109.16
C CYS H 843 4.72 -102.04 109.01
N PRO H 844 4.34 -103.15 109.64
CA PRO H 844 5.08 -104.39 109.47
C PRO H 844 4.87 -104.98 108.08
N VAL H 845 5.79 -105.86 107.69
CA VAL H 845 5.71 -106.57 106.43
C VAL H 845 5.18 -107.97 106.70
N ASP H 846 4.08 -108.33 106.05
CA ASP H 846 3.44 -109.63 106.24
C ASP H 846 4.27 -110.74 105.60
N ILE H 850 2.63 -116.20 106.08
CA ILE H 850 3.31 -116.94 105.03
C ILE H 850 3.54 -118.39 105.46
N VAL H 851 4.07 -119.19 104.55
CA VAL H 851 4.35 -120.60 104.83
C VAL H 851 5.86 -120.81 104.85
N LEU H 852 6.29 -122.03 105.19
CA LEU H 852 7.72 -122.33 105.32
C LEU H 852 8.00 -123.72 104.77
N PRO H 853 9.05 -123.88 103.97
CA PRO H 853 9.42 -125.22 103.50
C PRO H 853 9.95 -126.07 104.65
N PRO H 854 9.81 -127.40 104.56
CA PRO H 854 10.24 -128.26 105.67
C PRO H 854 11.75 -128.33 105.86
N HIS H 855 12.55 -128.07 104.82
CA HIS H 855 13.99 -128.00 105.01
C HIS H 855 14.40 -126.74 105.77
N LEU H 856 13.58 -125.71 105.74
CA LEU H 856 13.76 -124.57 106.63
C LEU H 856 13.08 -124.77 107.97
N GLU H 857 12.18 -125.75 108.08
CA GLU H 857 11.63 -126.09 109.39
C GLU H 857 12.63 -126.86 110.23
N ARG H 858 13.56 -127.57 109.60
CA ARG H 858 14.62 -128.26 110.33
C ARG H 858 15.62 -127.28 110.91
N ILE H 859 15.90 -126.20 110.17
CA ILE H 859 16.83 -125.19 110.67
C ILE H 859 16.15 -124.24 111.65
N ARG H 860 14.81 -124.28 111.72
CA ARG H 860 14.08 -123.45 112.67
C ARG H 860 14.39 -123.84 114.11
N GLU H 861 14.65 -125.13 114.36
CA GLU H 861 15.17 -125.55 115.65
C GLU H 861 16.60 -125.07 115.84
N LYS H 862 17.44 -125.21 114.82
CA LYS H 862 18.86 -124.88 114.95
C LYS H 862 19.10 -123.38 114.95
N LEU H 863 18.28 -122.60 114.25
CA LEU H 863 18.38 -121.15 114.37
C LEU H 863 17.88 -120.68 115.73
N ALA H 864 16.90 -121.38 116.31
CA ALA H 864 16.48 -121.07 117.67
C ALA H 864 17.50 -121.53 118.70
N GLU H 865 18.45 -122.37 118.32
CA GLU H 865 19.56 -122.70 119.20
C GLU H 865 20.59 -121.57 119.24
N ASN H 866 21.14 -121.23 118.07
CA ASN H 866 22.36 -120.41 118.03
C ASN H 866 22.07 -118.95 118.41
N ILE H 867 20.85 -118.47 118.16
CA ILE H 867 20.47 -117.17 118.69
C ILE H 867 20.34 -117.23 120.21
N HIS H 868 19.77 -118.32 120.73
CA HIS H 868 19.73 -118.53 122.18
C HIS H 868 21.12 -118.80 122.75
N GLU H 869 22.03 -119.37 121.94
CA GLU H 869 23.43 -119.52 122.35
C GLU H 869 24.07 -118.15 122.57
N LEU H 870 23.82 -117.22 121.66
CA LEU H 870 24.37 -115.88 121.80
C LEU H 870 23.59 -115.04 122.79
N TRP H 871 22.29 -115.34 122.97
CA TRP H 871 21.53 -114.66 124.01
C TRP H 871 21.95 -115.12 125.40
N ALA H 872 22.35 -116.39 125.53
CA ALA H 872 22.96 -116.85 126.77
C ALA H 872 24.37 -116.32 126.93
N LEU H 873 25.05 -116.03 125.81
CA LEU H 873 26.40 -115.47 125.88
C LEU H 873 26.35 -114.01 126.32
N THR H 874 25.26 -113.30 126.02
CA THR H 874 25.12 -111.91 126.41
C THR H 874 25.00 -111.75 127.93
N ARG H 875 24.33 -112.71 128.57
CA ARG H 875 24.07 -112.60 130.01
C ARG H 875 25.34 -112.83 130.84
N ILE H 876 26.11 -113.86 130.49
CA ILE H 876 27.27 -114.25 131.29
C ILE H 876 28.38 -113.20 131.18
N GLU H 877 28.52 -112.57 130.01
CA GLU H 877 29.48 -111.49 129.84
C GLU H 877 29.10 -110.25 130.63
N GLN H 878 27.83 -110.10 131.00
CA GLN H 878 27.40 -109.08 131.94
C GLN H 878 27.29 -109.62 133.36
N GLY H 879 27.78 -110.83 133.61
CA GLY H 879 27.81 -111.38 134.95
C GLY H 879 26.53 -112.02 135.42
N TRP H 880 25.60 -112.32 134.52
CA TRP H 880 24.35 -112.96 134.90
C TRP H 880 24.58 -114.47 134.94
N THR H 881 24.67 -115.02 136.15
CA THR H 881 24.86 -116.44 136.31
C THR H 881 23.51 -117.17 136.21
N TYR H 882 23.54 -118.49 136.35
CA TYR H 882 22.32 -119.28 136.31
C TYR H 882 21.78 -119.46 137.72
N GLY H 883 20.48 -119.24 137.88
CA GLY H 883 19.82 -119.41 139.14
C GLY H 883 18.34 -119.66 138.96
N PRO H 884 17.71 -120.35 139.91
CA PRO H 884 16.28 -120.64 139.77
C PRO H 884 15.37 -119.43 139.94
N VAL H 885 15.84 -118.37 140.61
CA VAL H 885 15.04 -117.18 140.86
C VAL H 885 15.59 -116.06 139.98
N ARG H 886 14.76 -115.55 139.08
CA ARG H 886 15.16 -114.45 138.21
C ARG H 886 15.15 -113.16 139.03
N ASP H 887 16.34 -112.70 139.41
CA ASP H 887 16.48 -111.46 140.17
C ASP H 887 17.56 -110.61 139.52
N ASP H 888 17.38 -109.30 139.61
CA ASP H 888 18.34 -108.38 139.00
C ASP H 888 19.57 -108.18 139.87
N ASN H 889 19.39 -108.11 141.19
CA ASN H 889 20.50 -107.87 142.09
C ASN H 889 21.30 -109.14 142.36
N LYS H 890 20.66 -110.31 142.30
CA LYS H 890 21.34 -111.57 142.56
C LYS H 890 22.13 -112.06 141.36
N ARG H 891 21.90 -111.48 140.18
CA ARG H 891 22.54 -111.86 138.91
C ARG H 891 22.31 -113.33 138.58
N LEU H 892 21.05 -113.74 138.63
CA LEU H 892 20.65 -115.11 138.36
C LEU H 892 19.72 -115.10 137.15
N HIS H 893 20.11 -115.82 136.10
CA HIS H 893 19.35 -115.85 134.85
C HIS H 893 18.85 -117.26 134.60
N PRO H 894 17.54 -117.52 134.76
CA PRO H 894 17.04 -118.90 134.76
C PRO H 894 16.92 -119.53 133.38
N CYS H 895 17.21 -118.81 132.30
CA CYS H 895 17.13 -119.37 130.96
C CYS H 895 18.50 -119.69 130.37
N LEU H 896 19.50 -119.90 131.22
CA LEU H 896 20.82 -120.34 130.78
C LEU H 896 20.84 -121.88 130.74
N VAL H 897 20.02 -122.42 129.83
CA VAL H 897 19.77 -123.85 129.73
C VAL H 897 20.00 -124.28 128.30
N ASN H 898 19.99 -125.60 128.09
CA ASN H 898 20.09 -126.17 126.76
C ASN H 898 18.81 -125.91 125.96
N PHE H 899 18.88 -126.18 124.66
CA PHE H 899 17.71 -126.01 123.80
C PHE H 899 16.62 -127.01 124.13
N HIS H 900 17.01 -128.24 124.49
CA HIS H 900 16.05 -129.20 125.02
C HIS H 900 15.70 -128.94 126.47
N SER H 901 16.57 -128.25 127.20
CA SER H 901 16.32 -127.88 128.59
C SER H 901 15.58 -126.56 128.72
N LEU H 902 15.11 -126.00 127.60
CA LEU H 902 14.31 -124.78 127.64
C LEU H 902 12.96 -125.05 128.31
N PRO H 903 12.44 -124.06 129.04
CA PRO H 903 11.06 -124.16 129.53
C PRO H 903 10.06 -124.13 128.38
N GLU H 904 8.86 -124.62 128.67
CA GLU H 904 7.81 -124.69 127.65
C GLU H 904 7.35 -123.33 127.10
N PRO H 905 7.29 -122.23 127.86
CA PRO H 905 7.16 -120.93 127.16
C PRO H 905 8.41 -120.55 126.39
N GLU H 906 9.60 -120.82 126.94
CA GLU H 906 10.83 -120.35 126.30
C GLU H 906 11.22 -121.19 125.08
N ARG H 907 10.80 -122.46 125.03
CA ARG H 907 11.10 -123.28 123.86
C ARG H 907 10.26 -122.82 122.66
N ASN H 908 8.99 -122.49 122.89
CA ASN H 908 8.14 -121.97 121.85
C ASN H 908 8.27 -120.47 121.66
N TYR H 909 9.19 -119.82 122.38
CA TYR H 909 9.53 -118.43 122.15
C TYR H 909 10.73 -118.26 121.23
N ASN H 910 11.75 -119.12 121.37
CA ASN H 910 12.88 -119.07 120.45
C ASN H 910 12.49 -119.60 119.08
N LEU H 911 11.60 -120.59 119.02
CA LEU H 911 11.12 -121.08 117.73
C LEU H 911 10.20 -120.07 117.05
N GLN H 912 9.48 -119.27 117.84
CA GLN H 912 8.60 -118.25 117.27
C GLN H 912 9.40 -117.13 116.64
N MET H 913 10.51 -116.74 117.29
CA MET H 913 11.40 -115.76 116.68
C MET H 913 12.19 -116.37 115.51
N SER H 914 12.42 -117.68 115.55
CA SER H 914 13.12 -118.34 114.46
C SER H 914 12.23 -118.56 113.24
N GLY H 915 10.93 -118.77 113.46
CA GLY H 915 10.04 -119.01 112.34
C GLY H 915 9.72 -117.74 111.56
N GLU H 916 9.40 -116.66 112.28
CA GLU H 916 9.02 -115.42 111.63
C GLU H 916 10.20 -114.70 111.00
N THR H 917 11.42 -114.98 111.46
CA THR H 917 12.61 -114.49 110.78
C THR H 917 12.74 -115.13 109.40
N LEU H 918 12.48 -116.45 109.32
CA LEU H 918 12.46 -117.12 108.03
C LEU H 918 11.24 -116.72 107.21
N LYS H 919 10.13 -116.38 107.87
CA LYS H 919 8.98 -115.81 107.16
C LYS H 919 9.28 -114.41 106.64
N THR H 920 10.19 -113.69 107.27
CA THR H 920 10.58 -112.38 106.78
C THR H 920 11.45 -112.48 105.54
N LEU H 921 12.42 -113.41 105.55
CA LEU H 921 13.39 -113.54 104.46
C LEU H 921 12.74 -114.00 103.16
N LEU H 922 11.62 -114.73 103.25
CA LEU H 922 10.90 -115.11 102.04
C LEU H 922 10.23 -113.91 101.39
N ALA H 923 9.73 -112.99 102.20
CA ALA H 923 9.08 -111.77 101.69
C ALA H 923 10.08 -110.63 101.56
N LEU H 924 11.20 -110.88 100.88
CA LEU H 924 12.18 -109.84 100.60
C LEU H 924 12.69 -109.86 99.16
N GLY H 925 12.25 -110.81 98.34
CA GLY H 925 12.80 -110.92 97.00
C GLY H 925 14.20 -111.46 96.96
N CYS H 926 14.62 -112.17 98.00
CA CYS H 926 15.95 -112.74 98.10
C CYS H 926 15.93 -114.21 97.71
N HIS H 927 17.11 -114.77 97.52
CA HIS H 927 17.28 -116.15 97.10
C HIS H 927 17.87 -116.94 98.27
N VAL H 928 16.99 -117.51 99.09
CA VAL H 928 17.38 -118.28 100.26
C VAL H 928 17.25 -119.75 99.92
N GLY H 929 18.32 -120.51 100.10
CA GLY H 929 18.29 -121.93 99.83
C GLY H 929 19.59 -122.60 100.24
N MET H 930 19.48 -123.90 100.49
CA MET H 930 20.65 -124.72 100.80
C MET H 930 21.57 -124.81 99.59
N ALA H 931 22.88 -124.64 99.82
CA ALA H 931 23.86 -124.58 98.74
C ALA H 931 24.75 -125.82 98.68
N ASP H 932 25.41 -126.18 99.78
CA ASP H 932 26.57 -127.07 99.68
C ASP H 932 26.48 -128.30 100.56
N GLU H 933 25.78 -128.19 101.70
CA GLU H 933 25.55 -129.25 102.69
C GLU H 933 26.84 -129.79 103.31
N LYS H 934 27.96 -129.07 103.20
CA LYS H 934 29.20 -129.48 103.84
C LYS H 934 29.80 -128.41 104.74
N ALA H 935 29.45 -127.13 104.56
CA ALA H 935 29.84 -126.12 105.54
C ALA H 935 29.08 -126.31 106.84
N GLU H 936 27.88 -126.89 106.77
CA GLU H 936 27.18 -127.32 107.98
C GLU H 936 27.94 -128.43 108.69
N ASP H 937 28.61 -129.30 107.93
CA ASP H 937 29.51 -130.28 108.52
C ASP H 937 30.84 -129.67 108.93
N ASN H 938 31.19 -128.51 108.37
CA ASN H 938 32.41 -127.79 108.72
C ASN H 938 32.22 -126.87 109.92
N LEU H 939 31.07 -126.96 110.60
CA LEU H 939 30.81 -126.09 111.73
C LEU H 939 31.61 -126.50 112.95
N LYS H 940 32.10 -125.49 113.68
CA LYS H 940 32.80 -125.69 114.94
C LYS H 940 32.11 -124.84 116.01
N LYS H 941 32.62 -124.93 117.23
CA LYS H 941 32.06 -124.19 118.36
C LYS H 941 33.13 -123.31 118.98
N THR H 942 32.71 -122.17 119.52
CA THR H 942 33.62 -121.24 120.17
C THR H 942 34.04 -121.81 121.52
N LYS H 943 35.33 -122.09 121.68
CA LYS H 943 35.84 -122.69 122.89
C LYS H 943 35.93 -121.63 123.98
N LEU H 944 35.30 -121.90 125.12
CA LEU H 944 35.23 -120.97 126.23
C LEU H 944 35.62 -121.65 127.52
N PRO H 945 36.21 -120.91 128.48
CA PRO H 945 36.55 -121.51 129.78
C PRO H 945 35.34 -121.73 130.68
N LYS H 946 35.60 -122.13 131.92
CA LYS H 946 34.54 -122.42 132.89
C LYS H 946 33.84 -121.18 133.42
N THR H 947 34.31 -119.98 133.08
CA THR H 947 33.61 -118.76 133.46
C THR H 947 32.28 -118.64 132.73
N TYR H 948 32.17 -119.23 131.54
CA TYR H 948 30.91 -119.29 130.82
C TYR H 948 30.10 -120.53 131.15
N MET H 949 30.72 -121.55 131.75
CA MET H 949 29.98 -122.71 132.23
C MET H 949 29.26 -122.33 133.51
N MET H 950 27.98 -122.69 133.58
CA MET H 950 27.11 -122.22 134.64
C MET H 950 26.85 -123.32 135.67
N SER H 951 25.97 -123.00 136.63
CA SER H 951 25.67 -123.93 137.71
C SER H 951 24.89 -125.15 137.21
N ASN H 952 24.17 -125.01 136.10
CA ASN H 952 23.56 -126.14 135.44
C ASN H 952 24.47 -126.80 134.40
N GLY H 953 25.75 -126.42 134.37
CA GLY H 953 26.67 -126.99 133.43
C GLY H 953 26.50 -126.52 132.00
N TYR H 954 25.78 -125.43 131.79
CA TYR H 954 25.49 -124.91 130.45
C TYR H 954 26.51 -123.84 130.11
N LYS H 955 27.37 -124.13 129.14
CA LYS H 955 28.29 -123.16 128.58
C LYS H 955 27.85 -122.82 127.17
N PRO H 956 27.60 -121.55 126.85
CA PRO H 956 27.13 -121.19 125.51
C PRO H 956 28.22 -121.35 124.47
N ALA H 957 27.99 -122.25 123.52
CA ALA H 957 28.95 -122.56 122.45
C ALA H 957 28.31 -122.25 121.10
N PRO H 958 28.42 -121.02 120.62
CA PRO H 958 27.88 -120.68 119.31
C PRO H 958 28.81 -121.17 118.20
N LEU H 959 28.40 -120.92 116.96
CA LEU H 959 29.16 -121.37 115.80
C LEU H 959 30.27 -120.39 115.48
N ASP H 960 31.48 -120.91 115.26
CA ASP H 960 32.62 -120.09 114.87
C ASP H 960 32.48 -119.79 113.39
N LEU H 961 31.92 -118.63 113.06
CA LEU H 961 31.66 -118.23 111.68
C LEU H 961 32.30 -116.87 111.40
N SER H 962 33.53 -116.68 111.88
CA SER H 962 34.23 -115.42 111.63
C SER H 962 34.72 -115.32 110.19
N HIS H 963 34.84 -116.45 109.48
CA HIS H 963 35.25 -116.46 108.08
C HIS H 963 34.10 -116.19 107.13
N VAL H 964 32.89 -115.96 107.65
CA VAL H 964 31.69 -115.85 106.83
C VAL H 964 31.37 -114.39 106.59
N ARG H 965 31.43 -113.96 105.35
CA ARG H 965 30.82 -112.71 104.92
C ARG H 965 29.37 -112.97 104.53
N LEU H 966 28.52 -111.97 104.74
CA LEU H 966 27.09 -112.20 104.52
C LEU H 966 26.75 -112.17 103.02
N THR H 967 26.85 -110.99 102.39
CA THR H 967 26.66 -110.60 100.99
C THR H 967 26.98 -109.12 100.84
N PRO H 968 27.16 -108.63 99.61
CA PRO H 968 26.98 -107.18 99.38
C PRO H 968 25.52 -106.79 99.29
N ALA H 969 24.61 -107.76 99.12
CA ALA H 969 23.20 -107.50 98.87
C ALA H 969 22.41 -107.29 100.15
N GLN H 970 22.63 -108.12 101.18
CA GLN H 970 21.88 -107.99 102.42
C GLN H 970 22.51 -106.98 103.38
N THR H 971 23.40 -106.11 102.90
CA THR H 971 23.77 -104.95 103.68
C THR H 971 22.59 -104.01 103.86
N THR H 972 21.67 -103.98 102.90
CA THR H 972 20.44 -103.23 103.01
C THR H 972 19.23 -104.11 103.30
N LEU H 973 19.26 -105.38 102.88
CA LEU H 973 18.11 -106.27 103.09
C LEU H 973 17.97 -106.68 104.55
N VAL H 974 19.08 -106.80 105.26
CA VAL H 974 19.00 -107.00 106.71
C VAL H 974 18.51 -105.72 107.37
N ASP H 975 18.89 -104.55 106.84
CA ASP H 975 18.31 -103.31 107.30
C ASP H 975 16.85 -103.18 106.88
N ARG H 976 16.49 -103.77 105.73
CA ARG H 976 15.10 -103.78 105.31
C ARG H 976 14.26 -104.68 106.21
N LEU H 977 14.83 -105.80 106.65
CA LEU H 977 14.16 -106.62 107.64
C LEU H 977 14.22 -106.00 109.03
N ALA H 978 15.19 -105.11 109.28
CA ALA H 978 15.25 -104.42 110.55
C ALA H 978 14.10 -103.42 110.69
N GLU H 979 13.73 -102.77 109.60
CA GLU H 979 12.57 -101.88 109.65
C GLU H 979 11.27 -102.65 109.71
N ASN H 980 11.21 -103.81 109.06
CA ASN H 980 10.01 -104.64 109.12
C ASN H 980 9.82 -105.27 110.49
N GLY H 981 10.92 -105.66 111.14
CA GLY H 981 10.86 -106.29 112.44
C GLY H 981 10.55 -105.32 113.55
N HIS H 982 11.14 -104.12 113.50
CA HIS H 982 10.87 -103.11 114.51
C HIS H 982 9.46 -102.56 114.38
N ASN H 983 8.91 -102.55 113.16
CA ASN H 983 7.52 -102.17 112.98
C ASN H 983 6.57 -103.22 113.54
N VAL H 984 6.98 -104.48 113.52
CA VAL H 984 6.20 -105.53 114.17
C VAL H 984 6.25 -105.36 115.68
N TRP H 985 7.40 -104.95 116.20
CA TRP H 985 7.49 -104.60 117.62
C TRP H 985 6.73 -103.31 117.91
N ALA H 986 6.64 -102.42 116.92
CA ALA H 986 5.86 -101.20 117.10
C ALA H 986 4.36 -101.48 117.04
N ARG H 987 3.95 -102.38 116.14
CA ARG H 987 2.54 -102.73 116.04
C ARG H 987 2.06 -103.60 117.20
N ASP H 988 2.98 -104.16 117.98
CA ASP H 988 2.61 -104.97 119.13
C ASP H 988 2.57 -104.17 120.42
N ARG H 989 3.52 -103.25 120.61
CA ARG H 989 3.62 -102.50 121.86
C ARG H 989 2.84 -101.20 121.86
N VAL H 990 2.48 -100.67 120.69
CA VAL H 990 1.79 -99.40 120.58
C VAL H 990 0.42 -99.56 119.92
N ALA H 991 0.37 -100.24 118.78
CA ALA H 991 -0.91 -100.48 118.12
C ALA H 991 -1.72 -101.52 118.87
N GLN H 992 -1.16 -102.72 119.04
CA GLN H 992 -1.81 -103.72 119.86
C GLN H 992 -1.62 -103.44 121.35
N GLY H 993 -0.54 -102.76 121.72
CA GLY H 993 -0.26 -102.48 123.11
C GLY H 993 -1.07 -101.34 123.68
N TRP H 994 -0.88 -100.14 123.11
CA TRP H 994 -1.43 -98.87 123.62
C TRP H 994 -1.07 -98.68 125.10
N SER H 995 0.19 -98.96 125.42
CA SER H 995 0.64 -98.97 126.81
C SER H 995 0.84 -97.55 127.32
N TYR H 996 0.27 -97.24 128.47
CA TYR H 996 0.46 -95.94 129.13
C TYR H 996 1.73 -96.00 129.97
N SER H 997 2.86 -96.09 129.28
CA SER H 997 4.18 -96.16 129.90
C SER H 997 5.04 -95.03 129.38
N ALA H 998 5.77 -94.40 130.29
CA ALA H 998 6.64 -93.29 129.93
C ALA H 998 7.92 -93.79 129.27
N ARG H 1009 9.04 -94.27 124.40
CA ARG H 1009 9.99 -94.22 123.30
C ARG H 1009 9.54 -95.11 122.14
N LEU H 1010 8.39 -94.77 121.56
CA LEU H 1010 7.81 -95.53 120.46
C LEU H 1010 7.68 -94.62 119.25
N VAL H 1011 8.40 -94.94 118.18
CA VAL H 1011 8.39 -94.13 116.97
C VAL H 1011 8.32 -95.05 115.75
N PRO H 1012 8.17 -94.52 114.54
CA PRO H 1012 8.14 -95.37 113.35
C PRO H 1012 9.53 -95.88 113.00
N TYR H 1013 9.60 -97.14 112.57
CA TYR H 1013 10.85 -97.87 112.41
C TYR H 1013 11.74 -97.32 111.29
N ARG H 1014 11.23 -96.43 110.44
CA ARG H 1014 12.06 -95.86 109.39
C ARG H 1014 13.09 -94.89 109.96
N LEU H 1015 12.70 -94.07 110.92
CA LEU H 1015 13.60 -93.09 111.54
C LEU H 1015 13.33 -93.01 113.05
N LEU H 1016 13.22 -94.17 113.69
CA LEU H 1016 12.93 -94.19 115.13
C LEU H 1016 14.11 -93.68 115.94
N ASP H 1017 15.23 -94.39 115.89
CA ASP H 1017 16.38 -94.07 116.72
C ASP H 1017 17.60 -94.79 116.16
N GLU H 1018 18.76 -94.16 116.32
CA GLU H 1018 20.00 -94.76 115.83
C GLU H 1018 20.43 -95.95 116.68
N ALA H 1019 20.34 -95.82 118.00
CA ALA H 1019 20.76 -96.92 118.88
C ALA H 1019 19.77 -98.08 118.85
N THR H 1020 18.51 -97.80 118.54
CA THR H 1020 17.53 -98.87 118.38
C THR H 1020 17.84 -99.70 117.14
N LYS H 1021 18.22 -99.05 116.04
CA LYS H 1021 18.49 -99.77 114.80
C LYS H 1021 19.80 -100.54 114.87
N ARG H 1022 20.78 -100.09 115.67
CA ARG H 1022 22.03 -100.81 115.78
C ARG H 1022 21.87 -102.10 116.56
N SER H 1023 21.04 -102.10 117.61
CA SER H 1023 20.66 -103.35 118.24
C SER H 1023 19.77 -104.18 117.33
N ASN H 1024 18.97 -103.52 116.50
CA ASN H 1024 18.20 -104.22 115.48
C ASN H 1024 19.11 -104.73 114.37
N ARG H 1025 20.21 -104.02 114.10
CA ARG H 1025 21.22 -104.55 113.19
C ARG H 1025 21.95 -105.72 113.82
N ASP H 1026 22.23 -105.64 115.12
CA ASP H 1026 22.88 -106.73 115.82
C ASP H 1026 21.97 -107.93 115.95
N SER H 1027 20.65 -107.70 116.02
CA SER H 1027 19.69 -108.79 116.07
C SER H 1027 19.62 -109.57 114.75
N LEU H 1028 20.03 -108.96 113.65
CA LEU H 1028 20.03 -109.63 112.35
C LEU H 1028 21.42 -109.83 111.79
N CYS H 1029 22.46 -109.39 112.50
CA CYS H 1029 23.83 -109.65 112.04
C CYS H 1029 24.20 -111.11 112.23
N GLN H 1030 23.75 -111.72 113.33
CA GLN H 1030 24.08 -113.10 113.64
C GLN H 1030 22.96 -114.06 113.24
N ALA H 1031 22.15 -113.66 112.27
CA ALA H 1031 21.12 -114.53 111.71
C ALA H 1031 21.38 -114.91 110.27
N VAL H 1032 21.82 -113.96 109.44
CA VAL H 1032 22.11 -114.26 108.04
C VAL H 1032 23.43 -114.98 107.90
N ARG H 1033 24.46 -114.52 108.63
CA ARG H 1033 25.75 -115.19 108.63
C ARG H 1033 25.69 -116.54 109.33
N THR H 1034 24.71 -116.75 110.21
CA THR H 1034 24.52 -118.04 110.84
C THR H 1034 24.05 -119.09 109.85
N LEU H 1035 23.08 -118.73 109.00
CA LEU H 1035 22.54 -119.68 108.04
C LEU H 1035 23.51 -120.01 106.92
N LEU H 1036 24.45 -119.11 106.63
CA LEU H 1036 25.52 -119.42 105.67
C LEU H 1036 26.48 -120.47 106.24
N GLY H 1037 26.62 -120.51 107.57
CA GLY H 1037 27.38 -121.58 108.18
C GLY H 1037 26.69 -122.93 108.08
N TYR H 1038 25.35 -122.93 108.06
CA TYR H 1038 24.61 -124.16 107.84
C TYR H 1038 24.47 -124.53 106.37
N GLY H 1039 25.09 -123.78 105.46
CA GLY H 1039 25.00 -124.04 104.04
C GLY H 1039 23.84 -123.37 103.33
N TYR H 1040 22.94 -122.72 104.07
CA TYR H 1040 21.81 -122.02 103.46
C TYR H 1040 22.31 -120.73 102.83
N ASN H 1041 22.45 -120.73 101.51
CA ASN H 1041 22.89 -119.55 100.79
C ASN H 1041 21.74 -118.55 100.71
N ILE H 1042 22.01 -117.29 101.03
CA ILE H 1042 21.01 -116.24 101.03
C ILE H 1042 21.47 -115.15 100.07
N GLU H 1043 20.67 -114.89 99.04
CA GLU H 1043 21.00 -113.88 98.04
C GLU H 1043 19.83 -112.94 97.78
N ASP H 1059 10.18 -81.94 95.46
CA ASP H 1059 9.05 -81.03 95.34
C ASP H 1059 9.36 -79.98 94.27
N ARG H 1060 9.80 -78.80 94.72
CA ARG H 1060 10.02 -77.66 93.84
C ARG H 1060 11.43 -77.14 94.01
N VAL H 1061 11.79 -76.17 93.17
CA VAL H 1061 13.13 -75.61 93.13
C VAL H 1061 13.01 -74.10 93.24
N ARG H 1062 13.52 -73.54 94.34
CA ARG H 1062 13.54 -72.09 94.52
C ARG H 1062 14.60 -71.47 93.62
N ILE H 1063 14.20 -70.58 92.73
CA ILE H 1063 15.09 -70.02 91.71
C ILE H 1063 15.25 -68.53 91.96
N PHE H 1064 16.49 -68.05 91.85
CA PHE H 1064 16.85 -66.69 92.20
C PHE H 1064 17.46 -65.98 90.99
N ARG H 1065 17.14 -64.70 90.84
CA ARG H 1065 17.66 -63.88 89.76
C ARG H 1065 17.64 -62.41 90.15
N ALA H 1066 18.36 -61.60 89.38
CA ALA H 1066 18.51 -60.19 89.67
C ALA H 1066 17.40 -59.40 88.99
N GLU H 1067 17.52 -58.07 88.97
CA GLU H 1067 16.55 -57.22 88.30
C GLU H 1067 16.94 -57.05 86.84
N LYS H 1068 15.91 -56.91 85.99
CA LYS H 1068 16.10 -56.67 84.57
C LYS H 1068 16.83 -55.36 84.26
N SER H 1069 16.80 -54.41 85.19
CA SER H 1069 17.58 -53.18 85.04
C SER H 1069 19.08 -53.45 85.05
N TYR H 1070 19.51 -54.51 85.72
CA TYR H 1070 20.91 -54.87 85.81
C TYR H 1070 21.37 -55.79 84.69
N THR H 1071 20.51 -56.05 83.70
CA THR H 1071 20.84 -56.96 82.61
C THR H 1071 21.83 -56.28 81.68
N VAL H 1072 23.10 -56.65 81.79
CA VAL H 1072 24.13 -56.04 80.95
C VAL H 1072 24.06 -56.63 79.54
N GLN H 1073 24.63 -55.90 78.60
CA GLN H 1073 24.62 -56.31 77.20
C GLN H 1073 26.00 -56.23 76.54
N SER H 1074 27.05 -55.94 77.31
CA SER H 1074 28.40 -55.85 76.76
C SER H 1074 29.40 -56.05 77.89
N GLY H 1075 30.68 -55.97 77.54
CA GLY H 1075 31.74 -55.98 78.51
C GLY H 1075 32.04 -57.37 79.06
N ARG H 1076 32.99 -57.38 79.98
CA ARG H 1076 33.41 -58.58 80.69
C ARG H 1076 32.95 -58.49 82.14
N TRP H 1077 32.35 -59.56 82.63
CA TRP H 1077 31.73 -59.52 83.95
C TRP H 1077 32.04 -60.80 84.72
N TYR H 1078 31.72 -60.77 86.00
CA TYR H 1078 32.04 -61.86 86.91
C TYR H 1078 31.15 -61.78 88.14
N PHE H 1079 30.73 -62.94 88.62
CA PHE H 1079 30.13 -63.08 89.94
C PHE H 1079 30.60 -64.39 90.55
N GLU H 1080 30.50 -64.50 91.87
CA GLU H 1080 31.17 -65.56 92.62
C GLU H 1080 30.18 -66.22 93.57
N PHE H 1081 30.06 -67.55 93.47
CA PHE H 1081 29.08 -68.31 94.22
C PHE H 1081 29.78 -69.23 95.21
N GLU H 1082 29.09 -69.51 96.33
CA GLU H 1082 29.58 -70.44 97.35
C GLU H 1082 28.47 -71.39 97.73
N ALA H 1083 28.74 -72.70 97.59
CA ALA H 1083 27.75 -73.75 97.82
C ALA H 1083 28.11 -74.52 99.10
N VAL H 1084 27.26 -74.41 100.12
CA VAL H 1084 27.49 -75.14 101.36
C VAL H 1084 27.18 -76.62 101.14
N THR H 1085 25.93 -76.93 100.82
CA THR H 1085 25.56 -78.30 100.47
C THR H 1085 25.93 -78.57 99.03
N THR H 1086 26.40 -79.80 98.77
CA THR H 1086 26.85 -80.22 97.45
C THR H 1086 25.73 -80.86 96.63
N GLY H 1087 24.48 -80.65 97.03
CA GLY H 1087 23.36 -81.30 96.37
C GLY H 1087 22.91 -80.63 95.10
N GLU H 1088 21.60 -80.49 94.94
CA GLU H 1088 20.99 -80.02 93.70
C GLU H 1088 20.78 -78.51 93.79
N MET H 1089 21.71 -77.76 93.22
CA MET H 1089 21.53 -76.34 92.98
C MET H 1089 22.32 -75.99 91.72
N ARG H 1090 21.86 -74.96 91.01
CA ARG H 1090 22.39 -74.63 89.71
C ARG H 1090 22.59 -73.13 89.60
N VAL H 1091 23.78 -72.73 89.16
CA VAL H 1091 24.19 -71.34 89.10
C VAL H 1091 24.75 -71.05 87.72
N GLY H 1092 24.25 -70.00 87.08
CA GLY H 1092 24.75 -69.63 85.77
C GLY H 1092 24.24 -68.28 85.34
N TRP H 1093 24.34 -68.04 84.03
CA TRP H 1093 23.80 -66.85 83.40
C TRP H 1093 22.46 -67.17 82.76
N ALA H 1094 21.67 -66.12 82.52
CA ALA H 1094 20.32 -66.31 82.02
C ALA H 1094 19.85 -65.08 81.27
N ARG H 1095 19.10 -65.31 80.19
CA ARG H 1095 18.38 -64.25 79.53
C ARG H 1095 17.29 -63.71 80.46
N PRO H 1096 16.97 -62.41 80.38
CA PRO H 1096 16.04 -61.82 81.37
C PRO H 1096 14.60 -62.28 81.24
N GLU H 1097 14.23 -62.97 80.15
CA GLU H 1097 12.85 -63.42 79.98
C GLU H 1097 12.63 -64.80 80.60
N LEU H 1098 12.85 -64.86 81.92
CA LEU H 1098 12.78 -66.11 82.64
C LEU H 1098 11.33 -66.47 82.93
N ARG H 1099 10.94 -67.66 82.54
CA ARG H 1099 9.60 -68.18 82.79
C ARG H 1099 9.62 -69.13 83.97
N PRO H 1100 8.74 -68.98 84.93
CA PRO H 1100 8.65 -69.92 86.05
C PRO H 1100 7.91 -71.20 85.63
N ASP H 1101 7.72 -72.09 86.61
CA ASP H 1101 7.13 -73.43 86.45
C ASP H 1101 7.89 -74.32 85.45
N VAL H 1102 9.15 -73.97 85.15
CA VAL H 1102 10.00 -74.70 84.22
C VAL H 1102 11.35 -74.86 84.91
N GLU H 1103 11.91 -76.07 84.84
CA GLU H 1103 13.21 -76.33 85.44
C GLU H 1103 14.31 -75.56 84.72
N LEU H 1104 15.43 -75.39 85.41
CA LEU H 1104 16.50 -74.52 84.96
C LEU H 1104 17.54 -75.32 84.17
N GLY H 1105 17.68 -75.00 82.90
CA GLY H 1105 18.67 -75.62 82.05
C GLY H 1105 18.16 -76.60 81.01
N ALA H 1106 16.85 -76.72 80.86
CA ALA H 1106 16.25 -77.65 79.91
C ALA H 1106 15.80 -76.98 78.62
N ASP H 1107 16.32 -75.79 78.33
CA ASP H 1107 15.89 -75.06 77.15
C ASP H 1107 17.04 -74.15 76.69
N GLU H 1108 16.70 -73.22 75.80
CA GLU H 1108 17.66 -72.26 75.24
C GLU H 1108 17.73 -70.97 76.02
N LEU H 1109 16.97 -70.85 77.12
CA LEU H 1109 16.80 -69.57 77.78
C LEU H 1109 17.97 -69.22 78.69
N ALA H 1110 18.48 -70.20 79.43
CA ALA H 1110 19.47 -69.93 80.46
C ALA H 1110 20.67 -70.86 80.31
N TYR H 1111 21.86 -70.30 80.52
CA TYR H 1111 23.12 -71.04 80.44
C TYR H 1111 23.55 -71.32 81.88
N VAL H 1112 23.19 -72.50 82.37
CA VAL H 1112 23.38 -72.84 83.77
C VAL H 1112 24.19 -74.13 83.85
N PHE H 1113 24.72 -74.40 85.05
CA PHE H 1113 25.56 -75.55 85.28
C PHE H 1113 25.12 -76.26 86.56
N ASN H 1114 25.11 -77.58 86.50
CA ASN H 1114 24.85 -78.43 87.66
C ASN H 1114 26.11 -79.23 87.93
N GLY H 1115 26.78 -78.92 89.04
CA GLY H 1115 27.97 -79.64 89.45
C GLY H 1115 27.74 -80.66 90.53
N HIS H 1116 26.49 -81.05 90.79
CA HIS H 1116 26.26 -82.26 91.57
C HIS H 1116 26.71 -83.48 90.79
N ARG H 1117 26.65 -83.41 89.46
CA ARG H 1117 27.18 -84.44 88.58
C ARG H 1117 28.23 -83.91 87.62
N GLY H 1118 28.53 -82.61 87.66
CA GLY H 1118 29.42 -82.00 86.69
C GLY H 1118 28.79 -81.98 85.32
N GLN H 1119 27.66 -81.29 85.19
CA GLN H 1119 26.86 -81.31 83.97
C GLN H 1119 26.39 -79.91 83.65
N ARG H 1120 26.70 -79.42 82.44
CA ARG H 1120 26.15 -78.16 81.97
C ARG H 1120 24.81 -78.41 81.30
N TRP H 1121 23.83 -77.58 81.64
CA TRP H 1121 22.46 -77.78 81.17
C TRP H 1121 22.05 -76.61 80.31
N HIS H 1122 22.01 -76.82 78.99
CA HIS H 1122 21.43 -75.85 78.08
C HIS H 1122 20.92 -76.63 76.88
N LEU H 1123 19.62 -76.45 76.57
CA LEU H 1123 18.86 -77.33 75.67
C LEU H 1123 19.04 -78.79 76.07
N GLY H 1124 18.91 -79.04 77.36
CA GLY H 1124 19.18 -80.36 77.92
C GLY H 1124 20.53 -80.42 78.61
N SER H 1125 20.76 -81.55 79.26
CA SER H 1125 21.97 -81.74 80.03
C SER H 1125 23.14 -82.14 79.13
N GLU H 1126 24.32 -81.66 79.49
CA GLU H 1126 25.58 -82.06 78.87
C GLU H 1126 26.61 -82.23 79.98
N PRO H 1127 27.20 -83.41 80.14
CA PRO H 1127 28.19 -83.61 81.21
C PRO H 1127 29.45 -82.79 80.95
N PHE H 1128 29.93 -82.15 82.01
CA PHE H 1128 30.95 -81.11 81.88
C PHE H 1128 31.75 -81.06 83.17
N GLY H 1129 32.92 -81.69 83.16
CA GLY H 1129 33.81 -81.61 84.29
C GLY H 1129 33.41 -82.47 85.47
N ARG H 1130 34.06 -82.19 86.59
CA ARG H 1130 34.04 -82.92 87.84
C ARG H 1130 32.93 -82.44 88.77
N PRO H 1131 32.48 -83.29 89.69
CA PRO H 1131 31.52 -82.82 90.71
C PRO H 1131 32.13 -81.94 91.78
N TRP H 1132 31.33 -81.64 92.79
CA TRP H 1132 31.62 -80.60 93.77
C TRP H 1132 32.42 -81.12 94.97
N GLN H 1133 32.90 -80.18 95.76
CA GLN H 1133 33.48 -80.39 97.07
C GLN H 1133 32.76 -79.49 98.07
N SER H 1134 33.21 -79.53 99.32
CA SER H 1134 32.67 -78.62 100.31
C SER H 1134 33.27 -77.22 100.10
N GLY H 1135 32.55 -76.22 100.59
CA GLY H 1135 32.93 -74.84 100.32
C GLY H 1135 32.46 -74.42 98.94
N ASP H 1136 33.14 -74.95 97.92
CA ASP H 1136 32.69 -74.98 96.52
C ASP H 1136 32.50 -73.58 95.96
N VAL H 1137 33.62 -72.87 95.86
CA VAL H 1137 33.65 -71.54 95.27
C VAL H 1137 33.38 -71.66 93.77
N VAL H 1138 32.26 -71.09 93.32
CA VAL H 1138 31.86 -71.15 91.93
C VAL H 1138 31.96 -69.75 91.35
N GLY H 1139 32.71 -69.61 90.28
CA GLY H 1139 32.83 -68.34 89.58
C GLY H 1139 32.39 -68.47 88.14
N CYS H 1140 31.71 -67.44 87.64
CA CYS H 1140 31.17 -67.45 86.28
C CYS H 1140 31.59 -66.18 85.57
N MET H 1141 32.08 -66.33 84.35
CA MET H 1141 32.59 -65.22 83.56
C MET H 1141 31.93 -65.21 82.20
N ILE H 1142 31.93 -64.05 81.57
CA ILE H 1142 31.40 -63.89 80.21
C ILE H 1142 32.13 -62.73 79.55
N ASP H 1143 32.48 -62.92 78.28
CA ASP H 1143 32.93 -61.84 77.42
C ASP H 1143 31.94 -61.79 76.27
N LEU H 1144 31.03 -60.81 76.31
CA LEU H 1144 29.99 -60.70 75.30
C LEU H 1144 30.54 -60.27 73.96
N THR H 1145 31.72 -59.63 73.95
CA THR H 1145 32.45 -59.44 72.70
C THR H 1145 32.89 -60.79 72.13
N GLU H 1146 33.48 -61.63 72.98
CA GLU H 1146 33.87 -62.97 72.57
C GLU H 1146 32.66 -63.88 72.38
N ASN H 1147 31.54 -63.57 73.04
CA ASN H 1147 30.33 -64.39 73.10
C ASN H 1147 30.66 -65.80 73.60
N THR H 1148 31.36 -65.84 74.73
CA THR H 1148 31.78 -67.10 75.35
C THR H 1148 31.68 -66.95 76.86
N ILE H 1149 30.97 -67.87 77.48
CA ILE H 1149 30.76 -67.89 78.92
C ILE H 1149 31.84 -68.78 79.53
N ILE H 1150 32.42 -68.36 80.65
CA ILE H 1150 33.51 -69.09 81.29
C ILE H 1150 33.10 -69.43 82.72
N PHE H 1151 33.18 -70.70 83.06
CA PHE H 1151 32.88 -71.20 84.40
C PHE H 1151 34.18 -71.56 85.12
N THR H 1152 34.33 -71.07 86.34
CA THR H 1152 35.49 -71.39 87.17
C THR H 1152 35.01 -71.95 88.50
N LEU H 1153 35.60 -73.07 88.91
CA LEU H 1153 35.26 -73.73 90.17
C LEU H 1153 36.47 -73.73 91.09
N ASN H 1154 36.28 -73.24 92.31
CA ASN H 1154 37.30 -73.14 93.36
C ASN H 1154 38.53 -72.38 92.86
N GLY H 1155 38.28 -71.30 92.12
CA GLY H 1155 39.36 -70.56 91.51
C GLY H 1155 40.09 -71.32 90.43
N GLU H 1156 39.39 -72.21 89.72
CA GLU H 1156 40.00 -72.97 88.65
C GLU H 1156 38.99 -73.16 87.53
N VAL H 1157 39.41 -72.82 86.31
CA VAL H 1157 38.53 -72.92 85.15
C VAL H 1157 38.25 -74.38 84.83
N LEU H 1158 36.97 -74.66 84.53
CA LEU H 1158 36.55 -76.02 84.22
C LEU H 1158 36.84 -76.35 82.76
N MET H 1159 37.10 -77.62 82.50
CA MET H 1159 37.37 -78.10 81.16
C MET H 1159 36.16 -78.84 80.60
N SER H 1160 36.19 -79.08 79.30
CA SER H 1160 35.12 -79.79 78.61
C SER H 1160 35.51 -81.25 78.44
N ASP H 1161 34.63 -81.99 77.76
CA ASP H 1161 34.97 -83.35 77.36
C ASP H 1161 35.99 -83.36 76.23
N SER H 1162 36.08 -82.27 75.46
CA SER H 1162 37.11 -82.07 74.47
C SER H 1162 38.23 -81.17 74.97
N GLY H 1163 38.25 -80.87 76.26
CA GLY H 1163 39.29 -80.04 76.83
C GLY H 1163 39.14 -78.56 76.58
N SER H 1164 37.99 -78.11 76.05
CA SER H 1164 37.78 -76.71 75.80
C SER H 1164 37.50 -75.97 77.10
N GLU H 1165 37.57 -74.63 77.03
CA GLU H 1165 37.45 -73.78 78.20
C GLU H 1165 36.04 -73.20 78.24
N THR H 1166 35.11 -74.01 78.75
CA THR H 1166 33.69 -73.71 78.93
C THR H 1166 33.06 -73.27 77.61
N ALA H 1167 32.98 -74.24 76.70
CA ALA H 1167 32.65 -73.99 75.30
C ALA H 1167 31.16 -73.64 75.17
N PHE H 1168 30.85 -72.36 75.38
CA PHE H 1168 29.56 -71.80 75.02
C PHE H 1168 29.84 -70.81 73.90
N ARG H 1169 29.90 -71.33 72.68
CA ARG H 1169 30.26 -70.54 71.52
C ARG H 1169 29.01 -70.20 70.73
N GLU H 1170 29.07 -69.05 70.04
CA GLU H 1170 27.98 -68.50 69.22
C GLU H 1170 26.71 -68.33 70.06
N ILE H 1171 26.82 -67.39 70.98
CA ILE H 1171 25.67 -66.87 71.72
C ILE H 1171 25.44 -65.44 71.28
N GLU H 1172 24.18 -65.07 71.13
CA GLU H 1172 23.83 -63.73 70.68
C GLU H 1172 23.47 -62.85 71.87
N ILE H 1173 23.44 -61.55 71.62
CA ILE H 1173 23.07 -60.60 72.68
C ILE H 1173 21.59 -60.72 72.98
N GLY H 1174 20.74 -60.46 71.99
CA GLY H 1174 19.31 -60.45 72.19
C GLY H 1174 18.90 -59.30 73.09
N ASP H 1175 18.55 -59.64 74.33
CA ASP H 1175 18.26 -58.64 75.35
C ASP H 1175 19.19 -58.80 76.55
N GLY H 1176 20.43 -59.21 76.29
CA GLY H 1176 21.41 -59.32 77.34
C GLY H 1176 21.26 -60.57 78.17
N PHE H 1177 22.06 -60.63 79.24
CA PHE H 1177 22.08 -61.78 80.13
C PHE H 1177 22.14 -61.31 81.57
N LEU H 1178 21.84 -62.24 82.48
CA LEU H 1178 21.71 -61.91 83.88
C LEU H 1178 22.10 -63.17 84.64
N PRO H 1179 22.76 -63.05 85.78
CA PRO H 1179 23.06 -64.24 86.58
C PRO H 1179 21.80 -64.84 87.18
N VAL H 1180 21.86 -66.15 87.43
CA VAL H 1180 20.70 -66.89 87.93
C VAL H 1180 21.21 -67.96 88.90
N CYS H 1181 20.39 -68.25 89.91
CA CYS H 1181 20.68 -69.29 90.87
C CYS H 1181 19.40 -70.06 91.16
N SER H 1182 19.56 -71.34 91.49
CA SER H 1182 18.45 -72.19 91.88
C SER H 1182 18.84 -72.95 93.14
N LEU H 1183 17.83 -73.53 93.80
CA LEU H 1183 18.07 -74.33 95.01
C LEU H 1183 17.06 -75.46 95.08
N GLY H 1184 17.56 -76.68 95.28
CA GLY H 1184 16.71 -77.82 95.49
C GLY H 1184 16.25 -77.94 96.93
N PRO H 1185 15.69 -79.10 97.28
CA PRO H 1185 15.14 -79.28 98.64
C PRO H 1185 16.24 -79.37 99.68
N GLY H 1186 16.16 -78.48 100.68
CA GLY H 1186 17.12 -78.47 101.75
C GLY H 1186 18.53 -78.06 101.32
N GLN H 1187 18.64 -77.23 100.30
CA GLN H 1187 19.92 -76.82 99.77
C GLN H 1187 20.24 -75.43 100.29
N VAL H 1188 21.36 -75.30 101.00
CA VAL H 1188 21.76 -74.03 101.58
C VAL H 1188 23.03 -73.53 100.88
N GLY H 1189 23.23 -72.23 100.96
CA GLY H 1189 24.33 -71.57 100.27
C GLY H 1189 23.97 -70.13 99.96
N HIS H 1190 24.97 -69.39 99.48
CA HIS H 1190 24.80 -67.98 99.19
C HIS H 1190 25.51 -67.61 97.90
N LEU H 1191 25.18 -66.43 97.39
CA LEU H 1191 25.80 -65.87 96.20
C LEU H 1191 26.44 -64.53 96.55
N ASN H 1192 27.70 -64.37 96.19
CA ASN H 1192 28.34 -63.07 96.23
C ASN H 1192 28.23 -62.43 94.84
N LEU H 1193 28.27 -61.11 94.81
CA LEU H 1193 28.05 -60.39 93.57
C LEU H 1193 29.15 -59.38 93.24
N GLY H 1194 29.93 -58.96 94.22
CA GLY H 1194 30.99 -58.00 93.97
C GLY H 1194 30.60 -56.59 94.38
N GLN H 1195 29.80 -56.48 95.45
CA GLN H 1195 29.52 -55.17 96.01
C GLN H 1195 30.76 -54.59 96.68
N ASP H 1196 31.57 -55.43 97.32
CA ASP H 1196 32.84 -55.04 97.90
C ASP H 1196 33.94 -55.91 97.33
N VAL H 1197 35.13 -55.31 97.14
CA VAL H 1197 36.26 -56.02 96.56
C VAL H 1197 36.77 -57.08 97.52
N SER H 1198 36.92 -56.73 98.80
CA SER H 1198 37.38 -57.69 99.79
C SER H 1198 36.33 -58.73 100.12
N SER H 1199 35.05 -58.46 99.84
CA SER H 1199 34.00 -59.46 100.04
C SER H 1199 34.11 -60.60 99.05
N LEU H 1200 34.73 -60.37 97.89
CA LEU H 1200 34.99 -61.45 96.96
C LEU H 1200 36.03 -62.40 97.54
N ARG H 1201 35.75 -63.70 97.45
CA ARG H 1201 36.51 -64.69 98.20
C ARG H 1201 37.90 -64.88 97.62
N PHE H 1202 37.99 -65.30 96.36
CA PHE H 1202 39.31 -65.54 95.76
C PHE H 1202 39.79 -64.29 95.03
N PHE H 1203 39.08 -63.93 93.94
CA PHE H 1203 39.30 -62.69 93.16
C PHE H 1203 40.77 -62.52 92.76
N ALA H 1204 41.41 -63.62 92.40
CA ALA H 1204 42.84 -63.55 92.08
C ALA H 1204 43.25 -64.34 90.85
N ILE H 1205 42.49 -65.34 90.44
CA ILE H 1205 43.02 -66.32 89.48
C ILE H 1205 42.85 -65.83 88.06
N CYS H 1206 41.63 -65.44 87.69
CA CYS H 1206 41.34 -65.03 86.33
C CYS H 1206 40.63 -63.68 86.28
N GLY H 1207 40.27 -63.11 87.44
CA GLY H 1207 39.52 -61.88 87.48
C GLY H 1207 40.27 -60.65 87.01
N LEU H 1208 41.41 -60.35 87.62
CA LEU H 1208 42.11 -59.11 87.31
C LEU H 1208 42.82 -59.16 85.97
N GLN H 1209 43.55 -60.24 85.71
CA GLN H 1209 44.45 -60.27 84.56
C GLN H 1209 43.74 -60.59 83.25
N GLU H 1210 42.42 -60.73 83.25
CA GLU H 1210 41.69 -61.02 82.01
C GLU H 1210 40.55 -60.03 81.76
N GLY H 1211 40.59 -58.87 82.41
CA GLY H 1211 39.65 -57.81 82.10
C GLY H 1211 38.24 -58.00 82.59
N PHE H 1212 37.99 -59.04 83.38
CA PHE H 1212 36.64 -59.26 83.89
C PHE H 1212 36.36 -58.34 85.06
N GLU H 1213 35.09 -58.25 85.44
CA GLU H 1213 34.69 -57.25 86.39
C GLU H 1213 33.67 -57.82 87.37
N PRO H 1214 33.81 -57.52 88.65
CA PRO H 1214 32.73 -57.83 89.59
C PRO H 1214 31.50 -57.00 89.27
N PHE H 1215 30.33 -57.57 89.56
CA PHE H 1215 29.09 -57.08 88.95
C PHE H 1215 28.63 -55.76 89.57
N ALA H 1216 28.27 -55.79 90.85
CA ALA H 1216 27.70 -54.60 91.51
C ALA H 1216 28.77 -53.77 92.20
N ILE H 1217 29.84 -53.43 91.47
CA ILE H 1217 30.96 -52.74 92.09
C ILE H 1217 30.66 -51.25 92.27
N ASN H 1218 30.01 -50.63 91.29
CA ASN H 1218 29.72 -49.20 91.35
C ASN H 1218 28.29 -48.98 91.86
N MET H 1219 28.01 -49.53 93.05
CA MET H 1219 26.69 -49.47 93.62
C MET H 1219 26.76 -49.00 95.06
N GLN H 1220 25.65 -48.44 95.53
CA GLN H 1220 25.48 -48.08 96.92
C GLN H 1220 24.49 -48.98 97.63
N ARG H 1221 24.02 -50.03 96.96
CA ARG H 1221 23.05 -50.96 97.52
C ARG H 1221 23.17 -52.28 96.78
N PRO H 1222 22.78 -53.39 97.39
CA PRO H 1222 22.71 -54.65 96.64
C PRO H 1222 21.49 -54.69 95.75
N VAL H 1223 21.52 -55.62 94.80
CA VAL H 1223 20.36 -55.90 93.97
C VAL H 1223 19.29 -56.58 94.82
N THR H 1224 18.02 -56.32 94.49
CA THR H 1224 16.92 -56.81 95.32
C THR H 1224 16.69 -58.30 95.23
N THR H 1225 17.29 -59.00 94.25
CA THR H 1225 17.34 -60.47 94.14
C THR H 1225 15.94 -61.09 94.09
N TRP H 1226 15.27 -60.84 92.96
CA TRP H 1226 13.98 -61.45 92.67
C TRP H 1226 14.04 -62.98 92.73
N PHE H 1227 12.92 -63.59 93.13
CA PHE H 1227 12.88 -65.03 93.26
C PHE H 1227 11.49 -65.53 92.91
N SER H 1228 11.35 -66.86 92.92
CA SER H 1228 10.13 -67.50 92.49
C SER H 1228 9.15 -67.62 93.65
N LYS H 1229 7.91 -67.19 93.42
CA LYS H 1229 6.84 -67.42 94.38
C LYS H 1229 6.47 -68.89 94.37
N SER H 1230 6.14 -69.42 95.55
CA SER H 1230 5.82 -70.84 95.68
C SER H 1230 4.36 -71.02 96.08
N LEU H 1231 3.45 -70.30 95.44
CA LEU H 1231 2.03 -70.42 95.78
C LEU H 1231 1.22 -70.34 94.49
N PRO H 1232 0.15 -71.13 94.38
CA PRO H 1232 -0.75 -71.03 93.21
C PRO H 1232 -1.69 -69.82 93.28
N GLN H 1233 -1.17 -68.68 92.84
CA GLN H 1233 -2.01 -67.50 92.69
C GLN H 1233 -2.65 -67.48 91.31
N PHE H 1234 -3.71 -66.70 91.19
CA PHE H 1234 -4.49 -66.65 89.96
C PHE H 1234 -3.72 -65.97 88.85
N GLU H 1235 -4.12 -66.30 87.62
CA GLU H 1235 -3.56 -65.70 86.42
C GLU H 1235 -4.58 -65.84 85.31
N PRO H 1236 -4.94 -64.75 84.64
CA PRO H 1236 -5.88 -64.85 83.51
C PRO H 1236 -5.23 -65.56 82.33
N VAL H 1237 -6.08 -66.12 81.48
CA VAL H 1237 -5.63 -66.97 80.38
C VAL H 1237 -4.95 -66.12 79.32
N PRO H 1238 -3.71 -66.42 78.95
CA PRO H 1238 -3.08 -65.69 77.85
C PRO H 1238 -3.74 -66.06 76.54
N PRO H 1239 -3.71 -65.16 75.54
CA PRO H 1239 -4.32 -65.48 74.25
C PRO H 1239 -3.57 -66.54 73.46
N GLU H 1240 -2.33 -66.84 73.82
CA GLU H 1240 -1.53 -67.86 73.16
C GLU H 1240 -1.31 -69.03 74.11
N HIS H 1241 -2.14 -70.04 73.99
CA HIS H 1241 -1.87 -71.32 74.59
C HIS H 1241 -1.95 -72.40 73.51
N PRO H 1242 -1.12 -73.44 73.57
CA PRO H 1242 -1.16 -74.48 72.52
C PRO H 1242 -2.48 -75.24 72.44
N HIS H 1243 -3.09 -75.56 73.58
CA HIS H 1243 -4.31 -76.36 73.56
C HIS H 1243 -5.43 -75.80 74.42
N TYR H 1244 -5.27 -74.61 74.99
CA TYR H 1244 -6.32 -73.95 75.74
C TYR H 1244 -6.83 -72.75 74.96
N GLU H 1245 -8.15 -72.67 74.80
CA GLU H 1245 -8.74 -71.56 74.07
C GLU H 1245 -10.16 -71.34 74.56
N VAL H 1246 -10.62 -70.10 74.46
CA VAL H 1246 -11.98 -69.71 74.81
C VAL H 1246 -12.50 -68.84 73.68
N ALA H 1247 -13.81 -68.86 73.47
CA ALA H 1247 -14.43 -68.12 72.39
C ALA H 1247 -15.58 -67.27 72.94
N ARG H 1248 -15.56 -65.99 72.61
CA ARG H 1248 -16.61 -65.07 73.05
C ARG H 1248 -17.88 -65.34 72.24
N MET H 1249 -18.91 -65.85 72.91
CA MET H 1249 -20.19 -66.10 72.26
C MET H 1249 -20.95 -64.80 72.05
N ASP H 1250 -22.07 -64.89 71.35
CA ASP H 1250 -22.95 -63.77 71.13
C ASP H 1250 -24.34 -64.09 71.66
N GLY H 1251 -25.09 -63.04 71.99
CA GLY H 1251 -26.43 -63.22 72.50
C GLY H 1251 -27.48 -63.18 71.40
N THR H 1252 -27.93 -64.35 70.96
CA THR H 1252 -28.93 -64.43 69.91
C THR H 1252 -30.32 -64.29 70.52
N VAL H 1253 -31.35 -64.50 69.69
CA VAL H 1253 -32.72 -64.44 70.19
C VAL H 1253 -33.05 -65.65 71.05
N ASP H 1254 -32.33 -66.75 70.88
CA ASP H 1254 -32.53 -67.94 71.70
C ASP H 1254 -31.41 -68.18 72.69
N THR H 1255 -30.22 -67.63 72.47
CA THR H 1255 -29.09 -67.92 73.34
C THR H 1255 -28.61 -66.66 74.05
N PRO H 1256 -28.23 -66.77 75.32
CA PRO H 1256 -27.58 -65.65 76.00
C PRO H 1256 -26.13 -65.54 75.57
N PRO H 1257 -25.46 -64.41 75.82
CA PRO H 1257 -24.01 -64.35 75.59
C PRO H 1257 -23.29 -65.26 76.56
N CYS H 1258 -22.55 -66.22 76.02
CA CYS H 1258 -21.91 -67.26 76.79
C CYS H 1258 -20.39 -67.13 76.70
N LEU H 1259 -19.69 -68.01 77.40
CA LEU H 1259 -18.24 -68.10 77.35
C LEU H 1259 -17.90 -69.58 77.13
N ARG H 1260 -17.87 -69.98 75.87
CA ARG H 1260 -17.64 -71.38 75.54
C ARG H 1260 -16.16 -71.71 75.61
N LEU H 1261 -15.83 -72.77 76.34
CA LEU H 1261 -14.47 -73.27 76.42
C LEU H 1261 -14.25 -74.32 75.36
N ALA H 1262 -13.04 -74.35 74.81
CA ALA H 1262 -12.66 -75.37 73.84
C ALA H 1262 -11.23 -75.81 74.12
N HIS H 1263 -10.84 -76.89 73.45
CA HIS H 1263 -9.54 -77.51 73.69
C HIS H 1263 -9.06 -78.12 72.37
N ARG H 1264 -7.75 -78.13 72.18
CA ARG H 1264 -7.17 -78.83 71.05
C ARG H 1264 -7.21 -80.33 71.34
N UNK H 1265 -8.39 -80.92 71.13
CA UNK H 1265 -8.67 -82.29 71.53
C UNK H 1265 -8.04 -83.29 70.58
N UNK H 1266 -6.73 -83.46 70.70
CA UNK H 1266 -6.01 -84.38 69.84
C UNK H 1266 -5.03 -85.22 70.65
N UNK H 1267 -4.00 -85.71 69.98
CA UNK H 1267 -2.98 -86.52 70.63
C UNK H 1267 -1.90 -85.63 71.24
N UNK H 1268 -0.65 -85.90 70.86
CA UNK H 1268 0.53 -85.17 71.32
C UNK H 1268 0.66 -85.12 72.85
N UNK H 1269 -0.04 -84.18 73.46
CA UNK H 1269 0.00 -84.02 74.91
C UNK H 1269 -1.30 -83.44 75.44
N UNK H 1270 -1.48 -83.52 76.76
CA UNK H 1270 -2.66 -82.95 77.41
C UNK H 1270 -2.28 -82.44 78.79
N UNK H 1271 -3.27 -82.31 79.67
CA UNK H 1271 -3.03 -81.83 81.03
C UNK H 1271 -4.06 -82.38 82.01
N UNK H 1272 -4.04 -81.84 83.23
CA UNK H 1272 -4.90 -82.32 84.29
C UNK H 1272 -6.16 -81.47 84.43
N UNK H 1273 -6.59 -81.28 85.68
CA UNK H 1273 -7.79 -80.51 85.96
C UNK H 1273 -7.51 -79.02 85.97
N UNK H 1274 -7.96 -78.33 84.93
CA UNK H 1274 -7.77 -76.88 84.84
C UNK H 1274 -8.78 -76.15 85.70
N UNK H 1275 -8.31 -75.61 86.82
CA UNK H 1275 -9.16 -74.86 87.73
C UNK H 1275 -9.45 -73.47 87.16
N UNK H 1276 -10.57 -73.37 86.45
CA UNK H 1276 -10.96 -72.11 85.81
C UNK H 1276 -11.72 -71.22 86.78
N UNK H 1277 -11.57 -69.91 86.62
CA UNK H 1277 -12.22 -68.95 87.50
C UNK H 1277 -12.52 -67.63 86.79
N UNK H 1278 -13.78 -67.20 86.88
CA UNK H 1278 -14.21 -65.96 86.23
C UNK H 1278 -13.63 -64.73 86.93
N UNK H 1279 -13.54 -63.63 86.21
CA UNK H 1279 -13.03 -62.38 86.77
C UNK H 1279 -14.15 -61.54 87.36
N UNK H 1280 -14.91 -62.15 88.27
CA UNK H 1280 -16.04 -61.47 88.90
C UNK H 1280 -15.73 -61.17 90.35
N UNK H 1281 -16.58 -60.35 90.96
CA UNK H 1281 -16.45 -60.00 92.36
C UNK H 1281 -17.82 -59.66 92.92
N UNK H 1282 -18.54 -60.69 93.36
CA UNK H 1282 -19.88 -60.52 93.87
C UNK H 1282 -19.87 -60.30 95.38
N UNK H 1283 -19.99 -59.05 95.79
CA UNK H 1283 -19.99 -58.70 97.21
C UNK H 1283 -21.39 -58.85 97.82
N UNK H 1284 -21.44 -59.35 99.05
CA UNK H 1284 -22.71 -59.50 99.75
C UNK H 1284 -23.23 -58.15 100.20
N UNK H 1285 -24.54 -58.08 100.44
CA UNK H 1285 -25.20 -56.80 100.70
C UNK H 1285 -25.04 -56.33 102.15
N UNK H 1286 -24.39 -57.12 102.98
CA UNK H 1286 -24.19 -56.75 104.38
C UNK H 1286 -23.12 -55.67 104.51
N UNK H 1287 -26.72 -57.06 108.75
CA UNK H 1287 -27.02 -55.93 107.88
C UNK H 1287 -27.83 -56.39 106.68
N UNK H 1288 -27.63 -57.63 106.28
CA UNK H 1288 -28.39 -58.22 105.18
C UNK H 1288 -28.52 -59.73 105.37
N UNK H 1289 -29.06 -60.39 104.36
CA UNK H 1289 -29.27 -61.84 104.42
C UNK H 1289 -28.79 -62.51 103.13
N UNK H 1290 -27.66 -63.21 103.23
CA UNK H 1290 -27.11 -63.91 102.08
C UNK H 1290 -27.38 -65.41 102.21
N UNK H 1291 -28.28 -65.92 101.37
CA UNK H 1291 -28.62 -67.33 101.39
C UNK H 1291 -28.62 -67.90 99.98
N UNK H 1292 -27.43 -68.23 99.47
CA UNK H 1292 -27.30 -68.76 98.12
C UNK H 1292 -27.68 -70.23 98.08
N UNK H 1293 -28.01 -70.71 96.88
CA UNK H 1293 -28.44 -72.08 96.69
C UNK H 1293 -28.17 -72.55 95.27
N UNK H 1294 -27.37 -73.61 95.14
CA UNK H 1294 -27.09 -74.20 93.85
C UNK H 1294 -28.29 -75.02 93.39
N UNK H 1295 -28.61 -74.93 92.11
CA UNK H 1295 -29.72 -75.69 91.56
C UNK H 1295 -29.28 -76.38 90.27
N UNK H 1296 -29.75 -77.60 90.07
CA UNK H 1296 -29.41 -78.36 88.88
C UNK H 1296 -30.35 -78.01 87.72
N UNK H 1297 -30.71 -79.00 86.93
CA UNK H 1297 -31.63 -78.80 85.82
C UNK H 1297 -33.06 -78.65 86.34
N UNK H 1298 -33.32 -79.20 87.53
CA UNK H 1298 -34.63 -79.12 88.15
C UNK H 1298 -34.52 -79.21 89.67
N UNK H 1299 -33.78 -80.21 90.14
CA UNK H 1299 -33.65 -80.46 91.58
C UNK H 1299 -32.70 -79.47 92.24
N UNK H 1300 -32.62 -79.56 93.56
CA UNK H 1300 -31.77 -78.66 94.34
C UNK H 1300 -31.32 -79.26 95.66
N UNK H 1301 -30.07 -79.67 95.72
CA UNK H 1301 -29.43 -80.04 96.98
C UNK H 1301 -28.62 -78.83 97.43
N UNK H 1302 -29.28 -77.91 98.12
CA UNK H 1302 -28.71 -76.59 98.40
C UNK H 1302 -27.73 -76.58 99.57
N UNK H 1303 -28.05 -75.76 100.58
CA UNK H 1303 -27.23 -75.49 101.76
C UNK H 1303 -25.82 -75.01 101.43
N UNK H 1304 -24.94 -75.04 102.44
CA UNK H 1304 -23.52 -74.65 102.36
C UNK H 1304 -23.28 -73.24 101.83
N UNK H 1305 -24.26 -72.37 102.00
CA UNK H 1305 -24.22 -71.03 101.42
C UNK H 1305 -25.25 -70.15 102.11
N UNK H 1306 -25.06 -69.94 103.41
CA UNK H 1306 -25.97 -69.13 104.20
C UNK H 1306 -25.24 -68.51 105.38
N UNK H 1307 -23.97 -68.19 105.18
CA UNK H 1307 -23.15 -67.61 106.23
C UNK H 1307 -22.28 -66.48 105.70
N UNK H 1308 -22.89 -65.31 105.52
CA UNK H 1308 -22.18 -64.15 104.98
C UNK H 1308 -22.83 -62.85 105.41
N UNK H 1309 -22.03 -61.95 105.97
CA UNK H 1309 -22.50 -60.61 106.31
C UNK H 1309 -22.19 -59.68 105.16
N UNK H 1310 -20.92 -59.66 104.74
CA UNK H 1310 -20.50 -58.86 103.61
C UNK H 1310 -19.34 -59.55 102.90
N UNK H 1311 -19.57 -60.78 102.47
CA UNK H 1311 -18.55 -61.58 101.81
C UNK H 1311 -18.33 -61.15 100.36
N UNK H 1312 -17.49 -61.89 99.65
CA UNK H 1312 -17.20 -61.60 98.25
C UNK H 1312 -16.77 -62.87 97.53
N UNK H 1313 -17.70 -63.52 96.85
CA UNK H 1313 -17.41 -64.77 96.15
C UNK H 1313 -17.38 -64.58 94.64
N UNK H 1314 -16.51 -65.34 93.97
CA UNK H 1314 -16.41 -65.28 92.52
C UNK H 1314 -16.94 -66.57 91.90
N UNK H 1315 -17.50 -66.46 90.70
CA UNK H 1315 -17.99 -67.62 89.99
C UNK H 1315 -16.82 -68.46 89.49
N UNK H 1316 -16.90 -69.76 89.73
CA UNK H 1316 -15.79 -70.65 89.40
C UNK H 1316 -16.25 -71.96 88.79
N UNK H 1317 -15.32 -72.67 88.15
CA UNK H 1317 -15.61 -73.96 87.54
C UNK H 1317 -14.34 -74.79 87.44
N UNK H 1318 -13.92 -75.36 88.56
CA UNK H 1318 -12.74 -76.20 88.60
C UNK H 1318 -13.02 -77.54 87.95
N UNK H 1319 -12.75 -77.64 86.65
CA UNK H 1319 -13.09 -78.84 85.90
C UNK H 1319 -11.85 -79.57 85.37
N UNK H 1320 -12.05 -80.79 84.90
CA UNK H 1320 -10.97 -81.58 84.33
C UNK H 1320 -11.22 -81.89 82.86
N UNK H 1321 -10.16 -82.23 82.14
CA UNK H 1321 -10.23 -82.45 80.71
C UNK H 1321 -10.95 -83.74 80.33
N UNK H 1322 -11.59 -83.73 79.16
CA UNK H 1322 -12.30 -84.90 78.66
C UNK H 1322 -12.01 -85.10 77.18
N UNK H 1323 -11.04 -84.32 76.67
CA UNK H 1323 -10.54 -84.38 75.29
C UNK H 1323 -11.62 -84.22 74.23
N UNK H 1324 -12.42 -83.17 74.35
CA UNK H 1324 -13.46 -82.87 73.37
C UNK H 1324 -13.74 -81.37 73.35
N UNK H 1325 -14.91 -81.00 73.87
CA UNK H 1325 -15.27 -79.60 74.02
C UNK H 1325 -15.98 -79.45 75.36
N UNK H 1326 -15.34 -78.75 76.29
CA UNK H 1326 -15.81 -78.73 77.68
C UNK H 1326 -16.95 -77.74 77.92
N UNK H 1327 -16.79 -76.93 78.96
CA UNK H 1327 -17.88 -76.11 79.47
C UNK H 1327 -18.22 -74.91 78.59
N UNK H 1328 -19.35 -74.30 78.90
CA UNK H 1328 -19.81 -73.09 78.23
C UNK H 1328 -20.52 -72.21 79.24
N UNK H 1329 -19.76 -71.33 79.88
CA UNK H 1329 -20.29 -70.45 80.92
C UNK H 1329 -21.21 -69.39 80.33
N UNK H 1330 -22.51 -69.68 80.38
CA UNK H 1330 -23.50 -68.77 79.82
C UNK H 1330 -23.87 -67.68 80.81
N UNK H 1331 -24.40 -66.57 80.28
CA UNK H 1331 -24.85 -65.48 81.14
C UNK H 1331 -26.32 -65.18 80.84
N UNK H 1332 -27.20 -66.00 81.40
CA UNK H 1332 -28.63 -65.87 81.15
C UNK H 1332 -29.35 -65.23 82.32
N UNK H 1333 -30.55 -64.73 82.05
CA UNK H 1333 -31.39 -64.14 83.08
C UNK H 1333 -32.64 -65.00 83.26
N UNK H 1334 -33.27 -64.88 84.41
CA UNK H 1334 -34.53 -65.57 84.66
C UNK H 1334 -35.59 -64.56 85.03
N UNK H 1335 -36.75 -65.03 85.45
CA UNK H 1335 -37.84 -64.15 85.85
C UNK H 1335 -37.69 -63.74 87.31
N UNK H 1336 -36.75 -64.36 88.01
CA UNK H 1336 -36.55 -64.11 89.43
C UNK H 1336 -35.19 -63.49 89.74
N UNK H 1337 -34.34 -64.25 90.44
CA UNK H 1337 -33.06 -63.74 90.91
C UNK H 1337 -31.96 -63.86 89.86
N UNK H 1338 -30.73 -63.62 90.29
CA UNK H 1338 -29.58 -63.70 89.41
C UNK H 1338 -29.12 -65.14 89.22
N UNK H 1339 -29.16 -65.62 87.99
CA UNK H 1339 -28.76 -66.99 87.68
C UNK H 1339 -27.50 -67.03 86.84
N UNK H 1340 -26.60 -67.96 87.18
CA UNK H 1340 -25.35 -68.11 86.44
C UNK H 1340 -25.22 -69.53 85.89
N UNK H 1341 -25.78 -69.74 84.70
CA UNK H 1341 -25.80 -71.07 84.09
C UNK H 1341 -24.46 -71.44 83.46
N UNK H 1342 -24.25 -72.74 83.31
CA UNK H 1342 -23.03 -73.26 82.69
C UNK H 1342 -23.29 -74.63 82.08
N UNK H 1343 -23.41 -74.67 80.77
CA UNK H 1343 -23.68 -75.93 80.07
C UNK H 1343 -22.41 -76.76 79.95
N UNK H 1344 -22.58 -78.08 79.76
CA UNK H 1344 -21.44 -78.99 79.68
C UNK H 1344 -21.72 -80.15 78.73
N UNK H 1345 -20.69 -80.95 78.47
CA UNK H 1345 -20.80 -82.11 77.59
C UNK H 1345 -19.86 -83.23 78.03
N UNK H 1346 -19.20 -83.03 79.17
CA UNK H 1346 -18.25 -84.00 79.69
C UNK H 1346 -18.88 -84.87 80.78
N UNK H 1347 -18.05 -85.69 81.41
CA UNK H 1347 -18.52 -86.63 82.43
C UNK H 1347 -18.60 -85.97 83.81
N UNK H 1348 -17.59 -86.20 84.64
CA UNK H 1348 -17.59 -85.69 86.00
C UNK H 1348 -16.63 -84.52 86.16
N UNK H 1349 -17.16 -83.40 86.62
CA UNK H 1349 -16.37 -82.20 86.88
C UNK H 1349 -17.09 -81.34 87.90
N UNK H 1350 -16.38 -80.95 88.96
CA UNK H 1350 -17.00 -80.19 90.03
C UNK H 1350 -17.18 -78.72 89.66
N UNK H 1351 -18.26 -78.12 90.13
CA UNK H 1351 -18.52 -76.71 89.92
C UNK H 1351 -18.76 -76.02 91.25
N UNK H 1352 -18.49 -74.71 91.31
CA UNK H 1352 -18.54 -73.98 92.56
C UNK H 1352 -18.77 -72.48 92.39
N UNK H 1353 -18.63 -71.77 93.50
CA UNK H 1353 -18.65 -70.31 93.50
C UNK H 1353 -17.62 -69.86 94.52
N UNK H 1354 -16.36 -69.83 94.10
CA UNK H 1354 -15.24 -69.68 95.00
C UNK H 1354 -15.09 -68.28 95.60
N UNK H 1355 -14.44 -68.21 96.74
CA UNK H 1355 -14.15 -66.94 97.38
C UNK H 1355 -12.83 -66.41 96.86
N UNK H 1356 -12.37 -65.31 97.45
CA UNK H 1356 -11.07 -64.75 97.09
C UNK H 1356 -10.01 -65.24 98.04
N UNK H 1357 -9.90 -66.57 98.18
CA UNK H 1357 -8.95 -67.16 99.11
C UNK H 1357 -8.59 -68.59 98.70
N UNK H 1358 -8.90 -68.95 97.46
CA UNK H 1358 -8.67 -70.30 96.97
C UNK H 1358 -7.18 -70.57 96.75
N UNK H 1359 -6.78 -71.80 97.04
CA UNK H 1359 -5.39 -72.21 96.85
C UNK H 1359 -5.34 -73.72 96.65
N UNK H 1360 -5.75 -74.17 95.47
CA UNK H 1360 -5.81 -75.60 95.17
C UNK H 1360 -4.45 -76.15 94.76
N UNK H 1361 -4.45 -77.37 94.22
CA UNK H 1361 -3.22 -78.02 93.81
C UNK H 1361 -3.45 -79.00 92.66
N UNK H 1362 -3.27 -80.28 92.93
CA UNK H 1362 -3.38 -81.30 91.90
C UNK H 1362 -4.75 -81.96 91.88
N UNK H 1363 -4.78 -83.29 91.83
CA UNK H 1363 -6.03 -84.04 91.74
C UNK H 1363 -6.78 -84.01 93.07
N UNK H 1364 -7.96 -83.39 93.06
CA UNK H 1364 -8.78 -83.29 94.25
C UNK H 1364 -10.24 -83.07 93.88
N UNK H 1365 -11.14 -83.70 94.63
CA UNK H 1365 -12.57 -83.52 94.44
C UNK H 1365 -13.24 -83.28 95.78
N UNK H 1366 -12.48 -83.51 96.85
CA UNK H 1366 -12.96 -83.27 98.20
C UNK H 1366 -11.89 -82.52 99.00
N UNK H 1367 -12.05 -82.54 100.33
CA UNK H 1367 -11.16 -81.87 101.28
C UNK H 1367 -10.99 -80.39 100.99
N UNK H 1368 -12.08 -79.64 101.17
CA UNK H 1368 -12.07 -78.21 100.91
C UNK H 1368 -11.49 -77.44 102.08
N UNK H 1369 -11.32 -78.13 103.22
CA UNK H 1369 -10.73 -77.63 104.45
C UNK H 1369 -11.42 -76.37 104.99
N UNK H 1370 -12.50 -76.58 105.75
CA UNK H 1370 -13.21 -75.47 106.37
C UNK H 1370 -13.19 -75.62 107.89
N UNK H 1371 -14.05 -74.88 108.56
CA UNK H 1371 -14.14 -74.97 110.02
C UNK H 1371 -15.54 -74.63 110.51
N UNK H 1372 -15.67 -74.36 111.81
CA UNK H 1372 -16.97 -73.99 112.38
C UNK H 1372 -16.79 -73.07 113.57
N UNK H 1373 -17.70 -72.11 113.70
CA UNK H 1373 -17.71 -71.19 114.82
C UNK H 1373 -18.38 -71.85 116.01
N UNK H 1374 -18.00 -71.43 117.22
CA UNK H 1374 -18.60 -71.94 118.44
C UNK H 1374 -18.43 -70.93 119.56
N UNK H 1375 -19.33 -69.95 119.62
CA UNK H 1375 -19.27 -68.92 120.64
C UNK H 1375 -20.45 -69.03 121.60
N UNK H 1376 -20.22 -69.63 122.76
CA UNK H 1376 -21.27 -69.84 123.74
C UNK H 1376 -21.48 -68.60 124.61
N UNK H 1377 -22.31 -68.74 125.63
CA UNK H 1377 -22.61 -67.64 126.54
C UNK H 1377 -21.48 -67.46 127.55
N UNK H 1378 -21.73 -67.83 128.80
CA UNK H 1378 -20.74 -67.70 129.85
C UNK H 1378 -20.27 -69.08 130.30
N UNK H 1379 -21.22 -69.93 130.67
CA UNK H 1379 -20.92 -71.31 131.02
C UNK H 1379 -20.77 -72.11 129.73
N UNK H 1380 -21.88 -72.65 129.25
CA UNK H 1380 -21.93 -73.36 127.99
C UNK H 1380 -23.36 -73.31 127.46
N UNK H 1381 -24.04 -72.21 127.72
CA UNK H 1381 -25.46 -72.08 127.43
C UNK H 1381 -25.71 -71.76 125.95
N UNK H 1382 -26.24 -70.56 125.70
CA UNK H 1382 -26.63 -70.15 124.35
C UNK H 1382 -25.41 -69.93 123.47
N UNK H 1383 -25.31 -70.73 122.42
CA UNK H 1383 -24.17 -70.68 121.52
C UNK H 1383 -24.42 -69.78 120.32
N UNK H 1384 -23.38 -69.56 119.53
CA UNK H 1384 -23.48 -68.81 118.29
C UNK H 1384 -22.73 -69.56 117.21
N UNK H 1385 -23.09 -70.82 117.02
CA UNK H 1385 -22.40 -71.69 116.09
C UNK H 1385 -22.73 -71.35 114.64
N UNK H 1386 -21.69 -71.33 113.81
CA UNK H 1386 -21.84 -71.07 112.38
C UNK H 1386 -20.69 -71.71 111.62
N UNK H 1387 -20.90 -71.93 110.32
CA UNK H 1387 -19.84 -72.45 109.47
C UNK H 1387 -18.81 -71.35 109.24
N UNK H 1388 -17.56 -71.74 109.02
CA UNK H 1388 -16.50 -70.77 108.84
C UNK H 1388 -16.24 -70.50 107.35
N UNK H 1389 -17.15 -71.00 106.51
CA UNK H 1389 -17.17 -70.80 105.04
C UNK H 1389 -15.93 -71.30 104.31
N UNK H 1390 -16.09 -72.41 103.60
CA UNK H 1390 -15.01 -72.99 102.81
C UNK H 1390 -14.66 -72.10 101.61
N UNK H 1391 -13.54 -72.42 100.97
CA UNK H 1391 -13.03 -71.60 99.88
C UNK H 1391 -13.88 -71.68 98.60
N UNK H 1392 -14.75 -72.68 98.52
CA UNK H 1392 -15.63 -72.83 97.36
C UNK H 1392 -16.90 -73.61 97.69
N UNK H 1393 -17.64 -73.95 96.65
CA UNK H 1393 -18.79 -74.83 96.76
C UNK H 1393 -18.46 -76.17 96.13
N UNK H 1394 -19.46 -77.00 95.88
CA UNK H 1394 -19.21 -78.33 95.34
C UNK H 1394 -20.37 -78.88 94.52
N UNK H 1395 -20.02 -79.68 93.51
CA UNK H 1395 -21.00 -80.36 92.67
C UNK H 1395 -20.33 -81.55 91.99
N UNK H 1396 -19.46 -82.22 92.73
CA UNK H 1396 -18.69 -83.35 92.20
C UNK H 1396 -19.60 -84.55 91.92
N UNK H 1397 -19.93 -84.72 90.64
CA UNK H 1397 -20.83 -85.76 90.13
C UNK H 1397 -22.18 -85.78 90.84
N UNK H 1398 -22.80 -84.60 90.93
CA UNK H 1398 -24.08 -84.45 91.62
C UNK H 1398 -25.21 -85.12 90.84
N UNK H 1399 -25.08 -85.13 89.52
CA UNK H 1399 -26.06 -85.80 88.67
C UNK H 1399 -25.86 -87.31 88.75
N UNK H 1400 -26.97 -88.05 88.77
CA UNK H 1400 -26.91 -89.49 88.88
C UNK H 1400 -27.44 -90.16 87.61
N UNK H 1401 -26.76 -89.92 86.50
CA UNK H 1401 -27.17 -90.50 85.21
C UNK H 1401 -26.58 -91.88 85.02
N UNK H 1402 -26.80 -92.45 83.84
CA UNK H 1402 -26.25 -93.76 83.50
C UNK H 1402 -24.82 -93.62 82.99
N UNK H 1403 -24.22 -94.74 82.62
CA UNK H 1403 -22.85 -94.74 82.12
C UNK H 1403 -22.80 -94.48 80.62
N UNK H 1404 -23.96 -94.53 79.98
CA UNK H 1404 -24.04 -94.32 78.54
C UNK H 1404 -24.13 -92.83 78.21
N UNK H 1405 -24.93 -92.12 79.00
CA UNK H 1405 -25.15 -90.67 78.91
C UNK H 1405 -25.69 -90.18 77.56
N UNK H 1406 -25.79 -88.86 77.43
CA UNK H 1406 -26.32 -88.24 76.22
C UNK H 1406 -25.84 -86.80 76.08
N UNK H 1407 -26.63 -85.87 76.61
CA UNK H 1407 -26.35 -84.44 76.47
C UNK H 1407 -25.53 -83.90 77.64
N UNK H 1408 -25.67 -82.60 77.90
CA UNK H 1408 -24.95 -81.93 78.96
C UNK H 1408 -25.88 -81.45 80.06
N UNK H 1409 -25.31 -80.94 81.14
CA UNK H 1409 -26.10 -80.44 82.26
C UNK H 1409 -26.28 -78.93 82.12
N UNK H 1410 -26.97 -78.35 83.11
CA UNK H 1410 -27.21 -76.91 83.12
C UNK H 1410 -27.32 -76.41 84.56
N UNK H 1411 -26.29 -76.70 85.35
CA UNK H 1411 -26.28 -76.31 86.75
C UNK H 1411 -26.02 -74.81 86.91
N UNK H 1412 -27.07 -74.06 87.19
CA UNK H 1412 -26.96 -72.63 87.44
C UNK H 1412 -26.83 -72.38 88.94
N UNK H 1413 -26.95 -71.12 89.33
CA UNK H 1413 -26.86 -70.75 90.73
C UNK H 1413 -27.83 -69.62 91.05
N UNK H 1414 -27.82 -69.18 92.31
CA UNK H 1414 -28.66 -68.07 92.75
C UNK H 1414 -28.04 -67.41 93.97
N UNK H 1415 -28.46 -66.19 94.27
CA UNK H 1415 -27.93 -65.47 95.41
C UNK H 1415 -28.99 -64.52 95.97
N UNK H 1416 -28.57 -63.66 96.89
CA UNK H 1416 -29.47 -62.67 97.47
C UNK H 1416 -29.72 -61.55 96.49
N UNK H 1417 -30.56 -61.81 95.48
CA UNK H 1417 -30.85 -60.84 94.44
C UNK H 1417 -32.27 -60.34 94.58
N UNK H 1418 -32.44 -59.01 94.50
CA UNK H 1418 -33.74 -58.39 94.62
C UNK H 1418 -34.50 -58.48 93.30
N UNK H 1419 -35.69 -57.88 93.26
CA UNK H 1419 -36.53 -57.95 92.07
C UNK H 1419 -37.10 -56.59 91.68
N UNK H 1420 -37.69 -56.55 90.49
CA UNK H 1420 -38.31 -55.34 89.97
C UNK H 1420 -39.37 -55.75 88.95
N UNK H 1421 -40.62 -55.42 89.24
CA UNK H 1421 -41.72 -55.75 88.34
C UNK H 1421 -42.84 -54.72 88.46
N MET H 1422 -31.57 -59.82 88.17
CA MET H 1422 -31.95 -61.07 87.50
C MET H 1422 -30.91 -61.64 86.49
N PRO H 1423 -30.16 -60.81 85.76
CA PRO H 1423 -28.95 -61.35 85.12
C PRO H 1423 -27.80 -61.39 86.10
N LEU H 1424 -26.64 -61.84 85.61
CA LEU H 1424 -25.43 -61.90 86.40
C LEU H 1424 -24.69 -60.57 86.42
N SER H 1425 -24.67 -59.87 85.28
CA SER H 1425 -23.98 -58.58 85.19
C SER H 1425 -24.74 -57.46 85.90
N ALA H 1426 -26.00 -57.68 86.23
CA ALA H 1426 -26.78 -56.65 86.92
C ALA H 1426 -26.32 -56.47 88.36
N ALA H 1427 -25.72 -57.49 88.95
CA ALA H 1427 -25.40 -57.46 90.37
C ALA H 1427 -24.06 -56.78 90.68
N MET H 1428 -23.20 -56.61 89.69
CA MET H 1428 -21.84 -56.16 89.98
C MET H 1428 -21.46 -54.84 89.34
N PHE H 1429 -21.84 -54.60 88.09
CA PHE H 1429 -21.30 -53.48 87.33
C PHE H 1429 -21.89 -52.13 87.75
N LEU H 1430 -22.98 -52.12 88.51
CA LEU H 1430 -23.55 -50.97 89.23
C LEU H 1430 -24.21 -49.94 88.30
N SER H 1431 -24.01 -50.08 86.99
CA SER H 1431 -24.74 -49.30 86.01
C SER H 1431 -25.86 -50.10 85.36
N GLU H 1432 -25.68 -51.41 85.25
CA GLU H 1432 -26.74 -52.31 84.87
C GLU H 1432 -27.53 -52.81 86.07
N ARG H 1433 -27.38 -52.15 87.22
CA ARG H 1433 -28.14 -52.54 88.41
C ARG H 1433 -29.63 -52.28 88.23
N LYS H 1434 -29.98 -51.27 87.44
CA LYS H 1434 -31.37 -51.05 87.06
C LYS H 1434 -31.71 -51.66 85.71
N ASN H 1435 -30.75 -52.33 85.07
CA ASN H 1435 -30.98 -52.91 83.76
C ASN H 1435 -31.07 -54.43 83.86
N PRO H 1436 -32.26 -55.01 83.66
CA PRO H 1436 -32.38 -56.47 83.70
C PRO H 1436 -32.04 -57.14 82.37
N ALA H 1437 -31.38 -56.42 81.48
CA ALA H 1437 -30.96 -56.97 80.19
C ALA H 1437 -29.62 -57.67 80.35
N PRO H 1438 -29.50 -58.94 79.95
CA PRO H 1438 -28.21 -59.62 80.05
C PRO H 1438 -27.24 -59.15 78.97
N GLN H 1439 -26.02 -58.81 79.40
CA GLN H 1439 -24.99 -58.35 78.48
C GLN H 1439 -23.70 -59.11 78.74
N CYS H 1440 -22.61 -58.68 78.11
CA CYS H 1440 -21.30 -59.33 78.31
C CYS H 1440 -20.19 -58.32 78.06
N PRO H 1441 -19.74 -57.63 79.09
CA PRO H 1441 -18.55 -56.79 78.96
C PRO H 1441 -17.31 -57.64 78.82
N PRO H 1442 -16.22 -57.09 78.27
CA PRO H 1442 -14.98 -57.87 78.15
C PRO H 1442 -14.27 -58.14 79.46
N ARG H 1443 -14.74 -57.62 80.58
CA ARG H 1443 -14.08 -57.84 81.87
C ARG H 1443 -14.28 -59.25 82.41
N LEU H 1444 -15.27 -59.97 81.89
CA LEU H 1444 -15.47 -61.35 82.32
C LEU H 1444 -14.38 -62.23 81.73
N GLU H 1445 -13.30 -62.42 82.49
CA GLU H 1445 -12.14 -63.15 82.02
C GLU H 1445 -11.94 -64.40 82.87
N VAL H 1446 -11.49 -65.47 82.22
CA VAL H 1446 -11.25 -66.73 82.90
C VAL H 1446 -9.82 -66.72 83.43
N GLN H 1447 -9.65 -67.07 84.71
CA GLN H 1447 -8.33 -67.19 85.30
C GLN H 1447 -7.94 -68.66 85.43
N MET H 1448 -6.75 -68.99 84.93
CA MET H 1448 -6.16 -70.31 85.06
C MET H 1448 -4.89 -70.13 85.87
N LEU H 1449 -4.92 -70.53 87.14
CA LEU H 1449 -3.83 -70.27 88.05
C LEU H 1449 -2.61 -71.15 87.72
N MET H 1450 -1.45 -70.66 88.09
CA MET H 1450 -0.21 -71.42 88.00
C MET H 1450 0.49 -71.39 89.34
N PRO H 1451 1.20 -72.47 89.71
CA PRO H 1451 1.81 -72.52 91.04
C PRO H 1451 3.17 -71.84 91.15
N VAL H 1452 3.32 -70.66 90.54
CA VAL H 1452 4.57 -69.92 90.61
C VAL H 1452 4.29 -68.48 90.21
N SER H 1453 5.16 -67.57 90.66
CA SER H 1453 5.22 -66.19 90.20
C SER H 1453 6.64 -65.70 90.44
N TRP H 1454 6.84 -64.39 90.37
CA TRP H 1454 8.13 -63.79 90.67
C TRP H 1454 7.99 -62.90 91.88
N SER H 1455 8.63 -63.28 92.98
CA SER H 1455 8.54 -62.56 94.23
C SER H 1455 9.82 -61.79 94.50
N ARG H 1456 9.70 -60.70 95.25
CA ARG H 1456 10.80 -59.78 95.50
C ARG H 1456 11.37 -60.02 96.90
N MET H 1457 12.67 -60.11 96.99
CA MET H 1457 13.31 -60.20 98.28
C MET H 1457 13.52 -58.80 98.85
N PRO H 1458 13.13 -58.54 100.10
CA PRO H 1458 13.37 -57.22 100.69
C PRO H 1458 14.84 -56.98 100.97
N ASN H 1459 15.22 -55.70 100.95
CA ASN H 1459 16.60 -55.33 101.25
C ASN H 1459 16.94 -55.51 102.72
N HIS H 1460 15.94 -55.54 103.60
CA HIS H 1460 16.18 -55.74 105.02
C HIS H 1460 15.08 -56.64 105.58
N PHE H 1461 15.46 -57.43 106.57
CA PHE H 1461 14.56 -58.30 107.30
C PHE H 1461 14.56 -57.92 108.77
N LEU H 1462 13.73 -58.60 109.55
CA LEU H 1462 13.77 -58.45 110.99
C LEU H 1462 15.04 -59.11 111.52
N GLN H 1463 15.97 -58.28 112.02
CA GLN H 1463 17.29 -58.77 112.39
C GLN H 1463 17.27 -59.65 113.64
N VAL H 1464 16.22 -59.56 114.45
CA VAL H 1464 16.13 -60.37 115.65
C VAL H 1464 14.72 -60.90 115.81
N GLU H 1471 16.92 -68.62 124.18
CA GLU H 1471 18.05 -69.29 124.83
C GLU H 1471 17.58 -70.13 126.01
N ARG H 1472 17.71 -69.57 127.21
CA ARG H 1472 17.31 -70.24 128.43
C ARG H 1472 15.94 -69.74 128.89
N LEU H 1473 15.42 -70.42 129.92
CA LEU H 1473 14.10 -70.18 130.50
C LEU H 1473 13.00 -70.26 129.43
N GLY H 1474 12.88 -71.45 128.85
CA GLY H 1474 11.91 -71.68 127.80
C GLY H 1474 12.24 -70.98 126.50
N TRP H 1475 13.53 -70.90 126.15
CA TRP H 1475 14.03 -70.35 124.87
C TRP H 1475 13.59 -68.90 124.67
N ALA H 1476 14.16 -68.03 125.49
CA ALA H 1476 13.91 -66.60 125.39
C ALA H 1476 14.34 -66.04 124.04
N VAL H 1477 13.37 -65.54 123.29
CA VAL H 1477 13.59 -65.03 121.94
C VAL H 1477 13.69 -63.51 122.01
N GLN H 1478 14.70 -62.95 121.33
CA GLN H 1478 14.90 -61.51 121.27
C GLN H 1478 14.45 -60.97 119.92
N CYS H 1479 13.68 -59.88 119.94
CA CYS H 1479 13.28 -59.15 118.74
C CYS H 1479 12.89 -57.74 119.17
N GLN H 1480 13.66 -56.75 118.77
CA GLN H 1480 13.45 -55.39 119.28
C GLN H 1480 13.35 -54.33 118.18
N ASP H 1481 14.09 -54.49 117.09
CA ASP H 1481 14.27 -53.39 116.14
C ASP H 1481 13.04 -53.20 115.26
N PRO H 1482 12.48 -52.00 115.18
CA PRO H 1482 11.32 -51.77 114.32
C PRO H 1482 11.70 -51.56 112.86
N LEU H 1483 10.79 -51.98 111.98
CA LEU H 1483 10.98 -51.88 110.55
C LEU H 1483 9.62 -51.98 109.87
N THR H 1484 9.40 -51.17 108.84
CA THR H 1484 8.11 -51.12 108.16
C THR H 1484 8.33 -50.99 106.66
N MET H 1485 7.23 -50.98 105.93
CA MET H 1485 7.25 -50.83 104.48
C MET H 1485 5.88 -50.33 104.04
N MET H 1486 5.81 -49.89 102.78
CA MET H 1486 4.55 -49.55 102.14
C MET H 1486 4.32 -50.48 100.97
N ALA H 1487 3.04 -50.76 100.69
CA ALA H 1487 2.68 -51.75 99.69
C ALA H 1487 1.26 -51.48 99.23
N LEU H 1488 1.01 -51.68 97.94
CA LEU H 1488 -0.31 -51.47 97.38
C LEU H 1488 -1.25 -52.61 97.77
N HIS H 1489 -2.52 -52.44 97.40
CA HIS H 1489 -3.51 -53.49 97.62
C HIS H 1489 -4.56 -53.37 96.54
N ILE H 1490 -4.72 -54.44 95.76
CA ILE H 1490 -5.72 -54.41 94.68
C ILE H 1490 -7.12 -54.59 95.29
N PRO H 1491 -8.08 -53.76 94.94
CA PRO H 1491 -9.43 -53.91 95.48
C PRO H 1491 -10.19 -55.06 94.86
N GLU H 1492 -10.05 -55.22 93.54
CA GLU H 1492 -10.90 -56.15 92.80
C GLU H 1492 -10.54 -57.60 93.08
N GLU H 1493 -9.27 -57.89 93.34
CA GLU H 1493 -8.86 -59.25 93.68
C GLU H 1493 -8.73 -59.45 95.17
N ASN H 1494 -8.60 -58.36 95.94
CA ASN H 1494 -8.40 -58.36 97.39
C ASN H 1494 -7.15 -59.15 97.76
N ARG H 1495 -6.02 -58.61 97.34
CA ARG H 1495 -4.73 -59.08 97.83
C ARG H 1495 -3.76 -57.92 97.85
N CYS H 1496 -2.69 -58.08 98.63
CA CYS H 1496 -1.70 -57.05 98.83
C CYS H 1496 -0.46 -57.36 98.00
N MET H 1497 0.21 -56.29 97.55
CA MET H 1497 1.46 -56.43 96.81
C MET H 1497 2.28 -55.16 96.96
N ASP H 1498 3.59 -55.29 96.76
CA ASP H 1498 4.51 -54.22 97.07
C ASP H 1498 4.45 -53.12 96.02
N ILE H 1499 4.77 -51.90 96.46
CA ILE H 1499 4.98 -50.79 95.55
C ILE H 1499 6.27 -50.97 94.76
N LEU H 1500 7.21 -51.77 95.26
CA LEU H 1500 8.43 -52.06 94.52
C LEU H 1500 8.26 -53.21 93.55
N GLU H 1501 7.05 -53.78 93.45
CA GLU H 1501 6.74 -54.72 92.39
C GLU H 1501 6.55 -54.03 91.04
N LEU H 1502 6.37 -52.71 91.03
CA LEU H 1502 5.99 -52.00 89.82
C LEU H 1502 7.14 -51.88 88.84
N SER H 1503 8.38 -52.08 89.31
CA SER H 1503 9.53 -52.23 88.42
C SER H 1503 9.60 -53.61 87.79
N GLU H 1504 8.65 -54.49 88.10
CA GLU H 1504 8.50 -55.78 87.43
C GLU H 1504 7.24 -55.85 86.58
N ARG H 1505 6.15 -55.24 87.03
CA ARG H 1505 4.92 -55.25 86.24
C ARG H 1505 5.02 -54.32 85.04
N LEU H 1506 5.37 -53.06 85.28
CA LEU H 1506 5.66 -51.99 84.31
C LEU H 1506 4.44 -51.48 83.55
N ASP H 1507 3.27 -52.09 83.76
CA ASP H 1507 2.07 -51.59 83.10
C ASP H 1507 1.17 -50.88 84.10
N LEU H 1508 1.04 -51.42 85.30
CA LEU H 1508 0.25 -50.77 86.33
C LEU H 1508 0.96 -49.52 86.86
N GLN H 1509 2.29 -49.50 86.79
CA GLN H 1509 3.04 -48.29 87.12
C GLN H 1509 2.73 -47.17 86.14
N ARG H 1510 2.70 -47.50 84.84
CA ARG H 1510 2.24 -46.56 83.84
C ARG H 1510 0.79 -46.18 84.07
N PHE H 1511 -0.03 -47.15 84.51
CA PHE H 1511 -1.39 -46.83 84.91
C PHE H 1511 -1.41 -45.97 86.18
N HIS H 1512 -0.50 -46.25 87.11
CA HIS H 1512 -0.42 -45.43 88.31
C HIS H 1512 0.18 -44.07 88.01
N SER H 1513 1.01 -43.97 86.97
CA SER H 1513 1.57 -42.69 86.58
C SER H 1513 0.50 -41.73 86.08
N HIS H 1514 -0.53 -42.26 85.42
CA HIS H 1514 -1.66 -41.43 85.09
C HIS H 1514 -2.53 -41.18 86.32
N THR H 1515 -2.58 -42.14 87.25
CA THR H 1515 -3.23 -41.90 88.53
C THR H 1515 -2.44 -40.87 89.35
N LEU H 1516 -1.12 -40.86 89.17
CA LEU H 1516 -0.25 -39.90 89.84
C LEU H 1516 -0.56 -38.48 89.40
N ARG H 1517 -0.65 -38.27 88.09
CA ARG H 1517 -0.91 -36.93 87.56
C ARG H 1517 -2.38 -36.55 87.60
N LEU H 1518 -3.27 -37.50 87.85
CA LEU H 1518 -4.69 -37.19 87.88
C LEU H 1518 -5.04 -36.35 89.11
N TYR H 1519 -4.30 -36.53 90.19
CA TYR H 1519 -4.60 -35.79 91.40
C TYR H 1519 -4.23 -34.32 91.27
N ARG H 1520 -3.25 -34.01 90.43
CA ARG H 1520 -2.96 -32.61 90.15
C ARG H 1520 -4.04 -31.98 89.28
N ALA H 1521 -4.71 -32.78 88.47
CA ALA H 1521 -5.84 -32.26 87.72
C ALA H 1521 -7.02 -31.96 88.63
N VAL H 1522 -7.29 -32.87 89.57
CA VAL H 1522 -8.39 -32.65 90.51
C VAL H 1522 -8.03 -31.53 91.48
N CYS H 1523 -6.85 -31.62 92.10
CA CYS H 1523 -6.33 -30.51 92.90
C CYS H 1523 -5.60 -29.56 91.96
N ALA H 1524 -6.39 -28.81 91.20
CA ALA H 1524 -5.90 -27.84 90.23
C ALA H 1524 -5.49 -26.54 90.91
N LEU H 1525 -5.40 -25.47 90.13
CA LEU H 1525 -5.36 -24.11 90.68
C LEU H 1525 -6.50 -23.93 91.69
N GLY H 1526 -6.21 -23.10 92.72
CA GLY H 1526 -6.59 -23.36 94.10
C GLY H 1526 -7.91 -23.98 94.42
N ASN H 1527 -7.86 -25.22 94.91
CA ASN H 1527 -9.04 -25.99 95.29
C ASN H 1527 -8.73 -26.54 96.69
N ASN H 1528 -8.93 -25.69 97.70
CA ASN H 1528 -8.59 -26.09 99.06
C ASN H 1528 -9.70 -26.88 99.71
N ARG H 1529 -10.92 -26.79 99.17
CA ARG H 1529 -12.01 -27.65 99.58
C ARG H 1529 -11.70 -29.11 99.29
N VAL H 1530 -10.98 -29.37 98.21
CA VAL H 1530 -10.59 -30.73 97.85
C VAL H 1530 -9.20 -31.08 98.38
N ALA H 1531 -8.29 -30.11 98.42
CA ALA H 1531 -6.92 -30.37 98.90
C ALA H 1531 -6.90 -30.71 100.38
N HIS H 1532 -7.77 -30.11 101.17
CA HIS H 1532 -7.94 -30.56 102.56
C HIS H 1532 -8.52 -31.96 102.62
N ALA H 1533 -9.42 -32.28 101.69
CA ALA H 1533 -10.01 -33.60 101.63
C ALA H 1533 -9.15 -34.60 100.87
N LEU H 1534 -7.99 -34.19 100.38
CA LEU H 1534 -7.15 -35.06 99.55
C LEU H 1534 -6.16 -35.88 100.36
N CYS H 1535 -5.71 -35.37 101.51
CA CYS H 1535 -4.71 -36.06 102.32
C CYS H 1535 -5.24 -37.34 102.94
N SER H 1536 -6.56 -37.47 103.07
CA SER H 1536 -7.15 -38.72 103.53
C SER H 1536 -7.01 -39.84 102.50
N HIS H 1537 -6.81 -39.49 101.23
CA HIS H 1537 -6.78 -40.52 100.19
C HIS H 1537 -5.47 -41.29 100.21
N VAL H 1538 -4.35 -40.61 100.48
CA VAL H 1538 -3.11 -41.36 100.63
C VAL H 1538 -2.67 -41.34 102.09
N ASP H 1539 -2.21 -40.19 102.56
CA ASP H 1539 -1.71 -39.99 103.92
C ASP H 1539 -1.33 -38.54 104.19
N GLN H 1540 -0.74 -38.32 105.36
CA GLN H 1540 0.13 -37.19 105.63
C GLN H 1540 1.58 -37.60 105.84
N ALA H 1541 1.81 -38.77 106.42
CA ALA H 1541 3.13 -39.18 106.89
C ALA H 1541 3.95 -39.93 105.84
N GLN H 1542 3.36 -40.92 105.15
CA GLN H 1542 4.13 -41.71 104.20
C GLN H 1542 4.47 -40.94 102.93
N LEU H 1543 3.82 -39.79 102.72
CA LEU H 1543 4.27 -38.85 101.71
C LEU H 1543 5.68 -38.37 102.03
N LEU H 1544 5.98 -38.17 103.31
CA LEU H 1544 7.33 -37.82 103.73
C LEU H 1544 8.26 -39.03 103.71
N HIS H 1545 7.71 -40.24 103.78
CA HIS H 1545 8.55 -41.43 103.79
C HIS H 1545 9.18 -41.70 102.43
N ALA H 1546 8.53 -41.24 101.35
CA ALA H 1546 9.04 -41.49 100.01
C ALA H 1546 10.31 -40.70 99.71
N LEU H 1547 10.54 -39.59 100.43
CA LEU H 1547 11.79 -38.85 100.28
C LEU H 1547 12.95 -39.65 100.82
N GLU H 1548 12.74 -40.41 101.90
CA GLU H 1548 13.80 -41.12 102.57
C GLU H 1548 14.27 -42.34 101.77
N ASP H 1549 13.41 -42.95 100.97
CA ASP H 1549 13.80 -44.14 100.21
C ASP H 1549 14.73 -43.77 99.07
N ALA H 1550 15.78 -44.57 98.90
CA ALA H 1550 16.81 -44.28 97.90
C ALA H 1550 16.52 -44.92 96.55
N HIS H 1551 16.09 -46.18 96.53
CA HIS H 1551 15.84 -46.88 95.27
C HIS H 1551 14.36 -46.81 94.95
N LEU H 1552 14.06 -46.49 93.68
CA LEU H 1552 12.72 -46.27 93.14
C LEU H 1552 12.86 -46.12 91.64
N PRO H 1553 11.86 -46.48 90.84
CA PRO H 1553 12.03 -46.44 89.38
C PRO H 1553 12.05 -45.05 88.76
N GLY H 1554 11.33 -44.07 89.32
CA GLY H 1554 11.43 -42.71 88.84
C GLY H 1554 10.16 -42.07 88.28
N PRO H 1555 9.42 -42.79 87.42
CA PRO H 1555 8.02 -42.39 87.17
C PRO H 1555 7.13 -42.59 88.38
N LEU H 1556 7.59 -43.37 89.36
CA LEU H 1556 7.01 -43.51 90.69
C LEU H 1556 7.47 -42.32 91.54
N ARG H 1557 7.53 -42.51 92.87
CA ARG H 1557 7.47 -41.48 93.92
C ARG H 1557 8.37 -40.26 93.74
N ALA H 1558 9.34 -40.28 92.82
CA ALA H 1558 9.95 -39.03 92.36
C ALA H 1558 8.91 -38.12 91.73
N GLY H 1559 7.91 -38.69 91.06
CA GLY H 1559 6.77 -37.91 90.62
C GLY H 1559 5.86 -37.47 91.74
N TYR H 1560 5.90 -38.15 92.89
CA TYR H 1560 5.09 -37.72 94.02
C TYR H 1560 5.54 -36.40 94.62
N TYR H 1561 6.83 -36.05 94.46
CA TYR H 1561 7.32 -34.79 94.98
C TYR H 1561 7.17 -33.65 94.00
N ASP H 1562 6.32 -33.82 93.00
CA ASP H 1562 5.58 -32.72 92.42
C ASP H 1562 4.14 -32.70 92.91
N LEU H 1563 3.65 -33.80 93.46
CA LEU H 1563 2.27 -33.85 93.93
C LEU H 1563 2.12 -33.20 95.30
N LEU H 1564 3.11 -33.42 96.18
CA LEU H 1564 3.18 -32.68 97.43
C LEU H 1564 3.38 -31.20 97.17
N ILE H 1565 4.15 -30.87 96.14
CA ILE H 1565 4.24 -29.51 95.64
C ILE H 1565 2.88 -29.02 95.18
N SER H 1566 2.14 -29.87 94.47
CA SER H 1566 0.85 -29.50 93.90
C SER H 1566 -0.20 -29.20 94.95
N ILE H 1567 -0.01 -29.66 96.20
CA ILE H 1567 -0.95 -29.41 97.27
C ILE H 1567 -0.40 -28.47 98.32
N HIS H 1568 0.84 -27.98 98.17
CA HIS H 1568 1.36 -27.02 99.13
C HIS H 1568 2.09 -25.83 98.53
N LEU H 1569 2.65 -25.92 97.33
CA LEU H 1569 3.22 -24.72 96.69
C LEU H 1569 2.11 -23.80 96.20
N GLU H 1570 1.04 -24.39 95.68
CA GLU H 1570 0.16 -23.75 94.70
C GLU H 1570 -0.53 -22.51 95.26
N SER H 1571 -1.36 -22.68 96.28
CA SER H 1571 -2.06 -21.55 96.86
C SER H 1571 -1.14 -20.64 97.66
N ALA H 1572 0.06 -21.09 97.99
CA ALA H 1572 1.02 -20.31 98.76
C ALA H 1572 1.96 -19.51 97.87
N CYS H 1573 2.67 -20.18 96.96
CA CYS H 1573 3.71 -19.52 96.19
C CYS H 1573 3.15 -18.65 95.08
N ARG H 1574 2.02 -19.03 94.48
CA ARG H 1574 1.47 -18.23 93.38
C ARG H 1574 0.99 -16.88 93.89
N SER H 1575 0.39 -16.85 95.09
CA SER H 1575 0.10 -15.58 95.73
C SER H 1575 1.38 -14.88 96.18
N ARG H 1576 2.41 -15.65 96.52
CA ARG H 1576 3.69 -15.07 96.90
C ARG H 1576 4.39 -14.45 95.70
N ARG H 1577 4.45 -15.17 94.58
CA ARG H 1577 5.13 -14.67 93.40
C ARG H 1577 4.34 -13.61 92.66
N SER H 1578 3.05 -13.46 92.95
CA SER H 1578 2.24 -12.45 92.30
C SER H 1578 2.66 -11.06 92.76
N MET H 1579 2.76 -10.87 94.07
CA MET H 1579 3.23 -9.63 94.65
C MET H 1579 4.74 -9.62 94.87
N LEU H 1580 5.46 -10.48 94.15
CA LEU H 1580 6.91 -10.50 94.25
C LEU H 1580 7.53 -9.25 93.63
N SER H 1581 7.04 -8.84 92.48
CA SER H 1581 7.51 -7.59 91.86
C SER H 1581 6.63 -6.41 92.26
N GLU H 1582 6.42 -6.28 93.56
CA GLU H 1582 5.65 -5.18 94.14
C GLU H 1582 6.44 -4.67 95.33
N TYR H 1583 6.99 -3.48 95.20
CA TYR H 1583 8.00 -2.98 96.12
C TYR H 1583 7.40 -1.86 96.96
N ILE H 1584 7.40 -2.04 98.27
CA ILE H 1584 6.83 -1.08 99.20
C ILE H 1584 7.47 -1.31 100.56
N VAL H 1585 7.67 -0.21 101.29
CA VAL H 1585 8.54 -0.24 102.47
C VAL H 1585 8.03 0.71 103.55
N PRO H 1586 8.05 0.30 104.82
CA PRO H 1586 7.75 1.24 105.91
C PRO H 1586 8.98 2.03 106.36
N LEU H 1587 8.82 2.81 107.43
CA LEU H 1587 9.96 3.35 108.16
C LEU H 1587 10.14 2.55 109.43
N THR H 1588 11.17 1.71 109.46
CA THR H 1588 11.62 1.01 110.63
C THR H 1588 13.07 1.41 110.91
N PRO H 1589 13.58 1.15 112.11
CA PRO H 1589 15.03 1.26 112.30
C PRO H 1589 15.83 0.28 111.48
N GLU H 1590 15.24 -0.87 111.11
CA GLU H 1590 15.87 -1.76 110.15
C GLU H 1590 15.89 -1.14 108.77
N THR H 1591 14.85 -0.39 108.42
CA THR H 1591 14.86 0.38 107.19
C THR H 1591 15.87 1.53 107.29
N ARG H 1592 16.01 2.12 108.47
CA ARG H 1592 16.92 3.23 108.67
C ARG H 1592 18.39 2.82 108.53
N ALA H 1593 18.71 1.57 108.87
CA ALA H 1593 20.07 1.08 108.73
C ALA H 1593 20.06 -0.15 107.83
N ILE H 1594 20.06 0.08 106.52
CA ILE H 1594 20.35 -0.98 105.55
C ILE H 1594 20.96 -0.35 104.30
N THR H 1595 22.12 -0.87 103.92
CA THR H 1595 22.92 -0.45 102.78
C THR H 1595 23.84 -1.63 102.46
N LEU H 1596 24.94 -1.35 101.76
CA LEU H 1596 26.02 -2.33 101.63
C LEU H 1596 26.50 -2.83 102.98
N PHE H 1597 27.01 -1.91 103.81
CA PHE H 1597 27.60 -2.13 105.14
C PHE H 1597 28.55 -3.31 105.24
N PRO H 1598 29.78 -3.24 104.72
CA PRO H 1598 30.76 -4.28 105.04
C PRO H 1598 31.53 -3.95 106.31
N PRO H 1599 31.50 -4.83 107.32
CA PRO H 1599 32.32 -4.61 108.52
C PRO H 1599 33.75 -5.08 108.28
N GLY H 1600 34.69 -4.15 108.33
CA GLY H 1600 36.10 -4.49 108.17
C GLY H 1600 37.03 -3.30 108.17
N ARG H 1601 37.99 -3.30 107.26
CA ARG H 1601 38.97 -2.23 107.12
C ARG H 1601 38.60 -1.26 106.00
N LYS H 1602 37.30 -1.03 105.81
CA LYS H 1602 36.70 -0.13 104.82
C LYS H 1602 37.05 -0.51 103.38
N GLY H 1603 37.41 -1.77 103.12
CA GLY H 1603 37.70 -2.23 101.79
C GLY H 1603 36.68 -3.20 101.23
N GLY H 1604 35.70 -3.62 102.03
CA GLY H 1604 34.69 -4.54 101.55
C GLY H 1604 33.73 -3.95 100.55
N ASN H 1605 33.57 -2.62 100.56
CA ASN H 1605 32.76 -1.97 99.53
C ASN H 1605 33.47 -2.02 98.18
N ALA H 1606 34.79 -1.85 98.18
CA ALA H 1606 35.56 -2.09 96.97
C ALA H 1606 35.74 -3.57 96.67
N ARG H 1607 35.61 -4.42 97.68
CA ARG H 1607 35.61 -5.87 97.52
C ARG H 1607 34.17 -6.32 97.23
N ARG H 1608 33.91 -7.62 97.37
CA ARG H 1608 32.55 -8.14 97.23
C ARG H 1608 31.63 -7.54 98.28
N HIS H 1609 30.46 -7.07 97.83
CA HIS H 1609 29.56 -6.32 98.69
C HIS H 1609 28.87 -7.20 99.73
N GLY H 1610 28.88 -8.51 99.54
CA GLY H 1610 28.25 -9.43 100.47
C GLY H 1610 27.68 -10.61 99.72
N LEU H 1611 26.60 -11.16 100.26
CA LEU H 1611 25.95 -12.32 99.68
C LEU H 1611 24.45 -12.09 99.60
N PRO H 1612 23.80 -12.60 98.56
CA PRO H 1612 22.33 -12.61 98.54
C PRO H 1612 21.79 -13.60 99.56
N GLY H 1613 20.50 -13.47 99.83
CA GLY H 1613 19.93 -14.19 100.95
C GLY H 1613 20.40 -13.53 102.23
N VAL H 1614 19.92 -12.31 102.44
CA VAL H 1614 20.44 -11.42 103.46
C VAL H 1614 19.31 -11.24 104.47
N GLY H 1615 19.50 -10.41 105.50
CA GLY H 1615 18.56 -10.27 106.58
C GLY H 1615 17.29 -9.50 106.26
N VAL H 1616 16.86 -8.66 107.19
CA VAL H 1616 15.53 -8.05 107.15
C VAL H 1616 15.45 -7.07 105.99
N THR H 1617 14.52 -7.33 105.07
CA THR H 1617 14.32 -6.49 103.90
C THR H 1617 13.11 -5.58 104.02
N THR H 1618 12.33 -5.71 105.09
CA THR H 1618 11.15 -4.88 105.40
C THR H 1618 10.12 -4.86 104.27
N SER H 1619 9.99 -5.96 103.54
CA SER H 1619 9.00 -6.05 102.49
C SER H 1619 7.66 -6.43 103.09
N LEU H 1620 6.59 -5.86 102.53
CA LEU H 1620 5.24 -6.07 103.05
C LEU H 1620 4.79 -7.44 102.55
N ARG H 1621 5.05 -8.46 103.37
CA ARG H 1621 4.86 -9.84 102.99
C ARG H 1621 3.93 -10.54 103.97
N PRO H 1622 2.88 -11.20 103.49
CA PRO H 1622 1.93 -11.84 104.40
C PRO H 1622 2.30 -13.28 104.67
N PRO H 1623 1.88 -13.82 105.82
CA PRO H 1623 1.94 -15.27 106.00
C PRO H 1623 0.88 -15.96 105.18
N HIS H 1624 1.04 -17.27 105.01
CA HIS H 1624 0.19 -18.00 104.10
C HIS H 1624 -1.05 -18.57 104.77
N HIS H 1625 -1.10 -18.59 106.10
CA HIS H 1625 -2.29 -18.92 106.91
C HIS H 1625 -2.80 -20.33 106.61
N PHE H 1626 -1.96 -21.31 106.96
CA PHE H 1626 -2.30 -22.70 106.74
C PHE H 1626 -3.40 -23.16 107.70
N SER H 1627 -3.98 -24.32 107.39
CA SER H 1627 -5.04 -24.89 108.20
C SER H 1627 -4.72 -26.37 108.41
N PRO H 1628 -4.70 -26.84 109.66
CA PRO H 1628 -4.51 -28.27 109.92
C PRO H 1628 -5.72 -29.06 109.46
N PRO H 1629 -5.54 -30.01 108.56
CA PRO H 1629 -6.70 -30.76 108.05
C PRO H 1629 -7.20 -31.78 109.06
N CYS H 1630 -8.52 -31.95 109.08
CA CYS H 1630 -9.15 -32.92 109.95
C CYS H 1630 -10.48 -33.34 109.34
N PHE H 1631 -11.01 -34.45 109.82
CA PHE H 1631 -12.25 -34.99 109.28
C PHE H 1631 -13.26 -35.41 110.32
N VAL H 1632 -12.86 -35.62 111.58
CA VAL H 1632 -13.80 -36.00 112.62
C VAL H 1632 -14.64 -34.83 113.12
N ALA H 1633 -14.36 -33.62 112.67
CA ALA H 1633 -15.18 -32.48 113.03
C ALA H 1633 -16.54 -32.56 112.33
N ALA H 1634 -17.50 -31.82 112.88
CA ALA H 1634 -18.82 -31.75 112.28
C ALA H 1634 -18.79 -30.93 111.00
N LEU H 1635 -19.86 -31.02 110.22
CA LEU H 1635 -19.91 -30.34 108.94
C LEU H 1635 -20.17 -28.85 109.13
N PRO H 1636 -19.59 -28.00 108.29
CA PRO H 1636 -19.90 -26.57 108.36
C PRO H 1636 -21.30 -26.28 107.84
N ALA H 1637 -21.98 -25.35 108.50
CA ALA H 1637 -23.35 -24.91 108.21
C ALA H 1637 -24.36 -26.06 108.19
N GLU H 1642 -20.76 -20.47 102.66
CA GLU H 1642 -21.19 -19.60 103.76
C GLU H 1642 -19.98 -19.02 104.48
N ALA H 1643 -18.79 -19.28 103.95
CA ALA H 1643 -17.55 -18.86 104.59
C ALA H 1643 -16.45 -18.87 103.53
N PRO H 1644 -15.35 -18.13 103.77
CA PRO H 1644 -14.14 -18.33 102.95
C PRO H 1644 -13.52 -19.66 103.30
N ALA H 1645 -14.03 -20.72 102.65
CA ALA H 1645 -14.17 -22.06 103.23
C ALA H 1645 -12.86 -22.64 103.75
N ARG H 1646 -11.89 -22.88 102.88
CA ARG H 1646 -10.72 -23.66 103.25
C ARG H 1646 -9.46 -22.91 102.89
N LEU H 1647 -8.52 -22.83 103.84
CA LEU H 1647 -7.35 -21.96 103.66
C LEU H 1647 -6.24 -22.66 102.87
N SER H 1648 -5.60 -23.66 103.48
CA SER H 1648 -4.44 -24.40 102.96
C SER H 1648 -4.12 -25.57 103.88
N PRO H 1649 -3.73 -26.72 103.35
CA PRO H 1649 -3.27 -27.81 104.23
C PRO H 1649 -1.89 -27.52 104.79
N ALA H 1650 -1.65 -28.00 106.01
CA ALA H 1650 -0.48 -27.61 106.78
C ALA H 1650 0.50 -28.77 106.92
N ILE H 1651 1.78 -28.42 107.02
CA ILE H 1651 2.89 -29.34 107.28
C ILE H 1651 3.75 -28.68 108.35
N PRO H 1652 4.32 -29.42 109.31
CA PRO H 1652 5.46 -28.88 110.08
C PRO H 1652 6.64 -28.60 109.15
N LEU H 1653 6.95 -27.32 108.97
CA LEU H 1653 7.84 -26.90 107.90
C LEU H 1653 9.29 -26.79 108.32
N GLU H 1654 9.55 -26.47 109.59
CA GLU H 1654 10.94 -26.31 110.04
C GLU H 1654 11.67 -27.64 110.03
N ALA H 1655 10.99 -28.71 110.43
CA ALA H 1655 11.56 -30.04 110.26
C ALA H 1655 11.61 -30.44 108.79
N LEU H 1656 10.65 -29.97 108.00
CA LEU H 1656 10.68 -30.22 106.57
C LEU H 1656 11.78 -29.43 105.89
N ARG H 1657 12.11 -28.25 106.42
CA ARG H 1657 13.13 -27.40 105.81
C ARG H 1657 14.51 -28.04 105.90
N ASP H 1658 14.86 -28.60 107.05
CA ASP H 1658 16.16 -29.26 107.18
C ASP H 1658 16.18 -30.60 106.46
N LYS H 1659 15.03 -31.24 106.29
CA LYS H 1659 14.99 -32.56 105.68
C LYS H 1659 15.26 -32.49 104.18
N ALA H 1660 14.67 -31.52 103.50
CA ALA H 1660 14.98 -31.33 102.09
C ALA H 1660 16.38 -30.75 101.89
N LEU H 1661 16.87 -30.03 102.91
CA LEU H 1661 18.18 -29.41 102.79
C LEU H 1661 19.30 -30.44 102.88
N ARG H 1662 19.16 -31.41 103.78
CA ARG H 1662 20.24 -32.36 104.01
C ARG H 1662 20.40 -33.35 102.88
N MET H 1663 19.38 -33.55 102.06
CA MET H 1663 19.48 -34.47 100.93
C MET H 1663 20.06 -33.80 99.69
N LEU H 1664 19.88 -32.48 99.55
CA LEU H 1664 20.49 -31.75 98.44
C LEU H 1664 22.02 -31.79 98.53
N GLY H 1665 22.55 -31.55 99.73
CA GLY H 1665 23.98 -31.71 99.93
C GLY H 1665 24.42 -33.16 99.87
N GLU H 1666 23.51 -34.08 100.20
CA GLU H 1666 23.81 -35.50 100.08
C GLU H 1666 23.89 -35.93 98.63
N ALA H 1667 22.98 -35.43 97.79
CA ALA H 1667 22.97 -35.78 96.37
C ALA H 1667 24.18 -35.21 95.65
N VAL H 1668 24.67 -34.05 96.09
CA VAL H 1668 25.95 -33.56 95.60
C VAL H 1668 27.08 -34.46 96.08
N ARG H 1669 27.02 -34.88 97.35
CA ARG H 1669 28.01 -35.83 97.86
C ARG H 1669 27.84 -37.20 97.23
N ASP H 1670 26.63 -37.54 96.78
CA ASP H 1670 26.44 -38.78 96.05
C ASP H 1670 26.76 -38.64 94.57
N GLY H 1671 26.58 -37.44 94.02
CA GLY H 1671 26.82 -37.24 92.59
C GLY H 1671 28.30 -37.24 92.22
N GLY H 1672 29.16 -36.87 93.17
CA GLY H 1672 30.59 -36.85 92.89
C GLY H 1672 31.22 -38.23 92.83
N GLN H 1673 30.53 -39.25 93.34
CA GLN H 1673 31.06 -40.61 93.25
C GLN H 1673 30.96 -41.17 91.84
N HIS H 1674 29.93 -40.72 91.09
CA HIS H 1674 29.68 -41.12 89.69
C HIS H 1674 29.52 -42.64 89.56
N ALA H 1675 28.81 -43.23 90.51
CA ALA H 1675 28.62 -44.67 90.49
C ALA H 1675 27.53 -45.05 89.48
N ARG H 1676 27.39 -46.36 89.27
CA ARG H 1676 26.37 -46.92 88.41
C ARG H 1676 25.07 -47.21 89.15
N ASP H 1677 24.86 -46.55 90.29
CA ASP H 1677 23.71 -46.70 91.17
C ASP H 1677 22.40 -46.03 90.75
N PRO H 1678 22.42 -44.86 90.05
CA PRO H 1678 21.67 -43.64 90.39
C PRO H 1678 20.21 -43.74 90.83
N VAL H 1679 19.84 -42.78 91.69
CA VAL H 1679 18.49 -42.69 92.22
C VAL H 1679 17.51 -42.41 91.09
N GLY H 1680 16.47 -43.23 91.02
CA GLY H 1680 15.47 -43.08 89.99
C GLY H 1680 15.89 -43.53 88.61
N GLY H 1681 17.05 -44.14 88.47
CA GLY H 1681 17.43 -44.70 87.19
C GLY H 1681 18.48 -43.91 86.43
N SER H 1682 18.36 -42.59 86.44
CA SER H 1682 19.29 -41.75 85.67
C SER H 1682 19.73 -40.57 86.51
N VAL H 1683 20.54 -39.71 85.88
CA VAL H 1683 21.05 -38.51 86.54
C VAL H 1683 19.91 -37.51 86.75
N GLU H 1684 19.01 -37.41 85.76
CA GLU H 1684 17.88 -36.49 85.86
C GLU H 1684 16.93 -36.89 86.98
N PHE H 1685 16.74 -38.19 87.17
CA PHE H 1685 15.94 -38.63 88.30
C PHE H 1685 16.72 -38.59 89.60
N GLN H 1686 18.05 -38.71 89.54
CA GLN H 1686 18.86 -38.44 90.73
C GLN H 1686 18.75 -36.98 91.14
N PHE H 1687 18.75 -36.08 90.17
CA PHE H 1687 18.47 -34.67 90.42
C PHE H 1687 16.97 -34.40 90.28
N VAL H 1688 16.26 -35.04 91.20
CA VAL H 1688 14.81 -35.12 91.36
C VAL H 1688 14.26 -33.71 91.61
N PRO H 1689 12.96 -33.43 91.30
CA PRO H 1689 12.34 -32.15 91.68
C PRO H 1689 12.24 -31.81 93.17
N VAL H 1690 12.92 -32.54 94.05
CA VAL H 1690 13.36 -31.96 95.32
C VAL H 1690 14.16 -30.68 95.08
N LEU H 1691 14.91 -30.62 93.97
CA LEU H 1691 15.44 -29.37 93.43
C LEU H 1691 14.36 -28.29 93.32
N LYS H 1692 13.18 -28.65 92.82
CA LYS H 1692 12.07 -27.69 92.78
C LYS H 1692 11.54 -27.43 94.19
N LEU H 1693 11.58 -28.44 95.06
CA LEU H 1693 11.21 -28.25 96.46
C LEU H 1693 12.18 -27.33 97.18
N VAL H 1694 13.45 -27.31 96.75
CA VAL H 1694 14.39 -26.30 97.25
C VAL H 1694 13.94 -24.91 96.83
N SER H 1695 13.62 -24.74 95.55
CA SER H 1695 13.15 -23.46 95.06
C SER H 1695 11.75 -23.13 95.54
N THR H 1696 11.00 -24.14 96.02
CA THR H 1696 9.69 -23.90 96.61
C THR H 1696 9.80 -23.05 97.86
N LEU H 1697 10.48 -23.57 98.89
CA LEU H 1697 10.55 -22.88 100.16
C LEU H 1697 11.54 -21.72 100.13
N LEU H 1698 12.37 -21.63 99.10
CA LEU H 1698 13.29 -20.50 98.96
C LEU H 1698 12.52 -19.23 98.68
N VAL H 1699 11.65 -19.24 97.67
CA VAL H 1699 10.87 -18.07 97.34
C VAL H 1699 9.75 -17.84 98.36
N MET H 1700 9.37 -18.86 99.12
CA MET H 1700 8.40 -18.68 100.19
C MET H 1700 8.99 -18.07 101.45
N GLY H 1701 10.30 -17.80 101.47
CA GLY H 1701 10.92 -17.18 102.63
C GLY H 1701 11.04 -18.08 103.83
N ILE H 1702 11.18 -19.39 103.62
CA ILE H 1702 11.21 -20.32 104.74
C ILE H 1702 12.62 -20.45 105.30
N PHE H 1703 13.62 -20.41 104.43
CA PHE H 1703 15.00 -20.61 104.84
C PHE H 1703 15.53 -19.41 105.63
N GLY H 1704 16.35 -19.69 106.62
CA GLY H 1704 16.98 -18.66 107.42
C GLY H 1704 18.26 -18.18 106.78
N ASP H 1705 19.11 -17.57 107.62
CA ASP H 1705 20.38 -17.04 107.11
C ASP H 1705 21.37 -18.17 106.82
N GLU H 1706 21.58 -19.06 107.79
CA GLU H 1706 22.51 -20.15 107.60
C GLU H 1706 21.98 -21.22 106.66
N ASP H 1707 20.66 -21.29 106.50
CA ASP H 1707 20.06 -22.19 105.52
C ASP H 1707 20.38 -21.74 104.11
N VAL H 1708 20.28 -20.43 103.85
CA VAL H 1708 20.74 -19.88 102.59
C VAL H 1708 22.26 -20.00 102.48
N LYS H 1709 22.96 -19.81 103.60
CA LYS H 1709 24.41 -19.97 103.61
C LYS H 1709 24.80 -21.43 103.36
N GLN H 1710 23.94 -22.38 103.70
CA GLN H 1710 24.23 -23.77 103.43
C GLN H 1710 23.95 -24.12 101.97
N ILE H 1711 22.88 -23.58 101.38
CA ILE H 1711 22.57 -23.94 100.00
C ILE H 1711 23.46 -23.23 99.00
N LEU H 1712 24.11 -22.12 99.40
CA LEU H 1712 25.17 -21.56 98.57
C LEU H 1712 26.45 -22.37 98.64
N LYS H 1713 26.59 -23.24 99.64
CA LYS H 1713 27.81 -24.03 99.78
C LYS H 1713 27.90 -25.19 98.79
N MET H 1714 26.90 -25.37 97.93
CA MET H 1714 27.07 -26.27 96.79
C MET H 1714 27.96 -25.67 95.73
N ILE H 1715 28.07 -24.35 95.69
CA ILE H 1715 28.96 -23.64 94.78
C ILE H 1715 29.91 -22.85 95.69
N GLU H 1716 30.27 -23.46 96.82
CA GLU H 1716 31.13 -22.84 97.83
C GLU H 1716 32.46 -22.23 97.35
N PRO H 1717 33.23 -22.81 96.39
CA PRO H 1717 34.43 -22.08 95.95
C PRO H 1717 34.12 -20.81 95.17
N GLU H 1718 32.97 -20.74 94.49
CA GLU H 1718 32.60 -19.51 93.82
C GLU H 1718 31.95 -18.51 94.77
N VAL H 1719 31.29 -19.00 95.82
CA VAL H 1719 30.71 -18.10 96.83
C VAL H 1719 31.82 -17.45 97.64
N PHE H 1720 32.75 -18.26 98.18
CA PHE H 1720 33.94 -17.82 98.90
C PHE H 1720 33.59 -16.96 100.11
N THR H 1721 32.99 -17.63 101.10
CA THR H 1721 32.48 -16.99 102.31
C THR H 1721 33.59 -16.27 103.08
N GLU H 1722 33.18 -15.27 103.85
CA GLU H 1722 34.13 -14.32 104.44
C GLU H 1722 34.93 -14.91 105.60
N GLU H 1723 34.49 -16.03 106.17
CA GLU H 1723 35.22 -16.65 107.27
C GLU H 1723 36.31 -17.58 106.74
N LEU H 1771 37.97 -33.90 96.57
CA LEU H 1771 37.73 -32.54 97.04
C LEU H 1771 36.27 -32.16 96.88
N GLU H 1772 35.86 -31.09 97.57
CA GLU H 1772 34.48 -30.61 97.52
C GLU H 1772 34.28 -29.85 96.22
N GLU H 1773 33.91 -30.57 95.16
CA GLU H 1773 33.67 -29.96 93.87
C GLU H 1773 32.36 -29.18 93.89
N GLY H 1774 32.29 -28.15 93.05
CA GLY H 1774 31.12 -27.30 93.00
C GLY H 1774 29.95 -27.99 92.33
N LEU H 1775 28.78 -27.36 92.52
CA LEU H 1775 27.54 -27.88 91.92
C LEU H 1775 27.55 -27.73 90.40
N LEU H 1776 28.23 -26.70 89.90
CA LEU H 1776 28.09 -26.32 88.49
C LEU H 1776 28.84 -27.26 87.55
N GLN H 1777 29.92 -27.88 88.02
CA GLN H 1777 30.85 -28.57 87.14
C GLN H 1777 30.37 -29.94 86.69
N MET H 1778 29.23 -30.42 87.20
CA MET H 1778 28.75 -31.74 86.80
C MET H 1778 28.06 -31.68 85.45
N LYS H 1779 28.15 -32.79 84.72
CA LYS H 1779 27.53 -32.91 83.39
C LYS H 1779 26.03 -33.10 83.59
N LEU H 1780 25.31 -31.99 83.60
CA LEU H 1780 23.88 -31.99 83.89
C LEU H 1780 23.13 -31.78 82.58
N PRO H 1781 22.41 -32.80 82.07
CA PRO H 1781 22.01 -32.80 80.65
C PRO H 1781 21.07 -31.70 80.17
N GLU H 1782 19.82 -31.68 80.61
CA GLU H 1782 18.92 -30.62 80.16
C GLU H 1782 18.09 -30.02 81.28
N SER H 1783 17.60 -30.87 82.16
CA SER H 1783 16.53 -30.48 83.06
C SER H 1783 17.03 -29.91 84.37
N VAL H 1784 18.32 -30.05 84.66
CA VAL H 1784 18.84 -29.50 85.90
C VAL H 1784 19.12 -28.02 85.75
N LYS H 1785 19.58 -27.61 84.56
CA LYS H 1785 19.95 -26.22 84.33
C LYS H 1785 18.74 -25.30 84.33
N LEU H 1786 17.60 -25.78 83.85
CA LEU H 1786 16.37 -24.99 83.96
C LEU H 1786 15.91 -24.88 85.41
N GLN H 1787 16.13 -25.92 86.20
CA GLN H 1787 15.94 -25.78 87.64
C GLN H 1787 17.01 -24.90 88.24
N MET H 1788 18.22 -24.93 87.67
CA MET H 1788 19.31 -24.11 88.18
C MET H 1788 19.09 -22.63 87.84
N CYS H 1789 18.60 -22.35 86.64
CA CYS H 1789 18.31 -20.97 86.28
C CYS H 1789 17.13 -20.42 87.06
N ASN H 1790 16.16 -21.27 87.40
CA ASN H 1790 15.09 -20.84 88.29
C ASN H 1790 15.60 -20.57 89.69
N LEU H 1791 16.63 -21.31 90.10
CA LEU H 1791 17.23 -21.10 91.41
C LEU H 1791 17.97 -19.77 91.46
N LEU H 1792 18.78 -19.49 90.44
CA LEU H 1792 19.57 -18.26 90.41
C LEU H 1792 18.74 -17.04 90.06
N GLU H 1793 17.55 -17.24 89.50
CA GLU H 1793 16.67 -16.12 89.20
C GLU H 1793 16.22 -15.42 90.47
N TYR H 1794 15.96 -16.19 91.53
CA TYR H 1794 15.59 -15.62 92.81
C TYR H 1794 16.72 -14.83 93.42
N PHE H 1795 17.96 -15.22 93.14
CA PHE H 1795 19.11 -14.59 93.78
C PHE H 1795 19.38 -13.21 93.21
N CYS H 1796 19.19 -13.05 91.90
CA CYS H 1796 19.31 -11.73 91.30
C CYS H 1796 18.17 -10.82 91.74
N ASP H 1797 17.02 -11.41 92.09
CA ASP H 1797 15.93 -10.62 92.63
C ASP H 1797 16.27 -10.10 94.02
N GLN H 1798 16.95 -10.91 94.82
CA GLN H 1798 17.33 -10.49 96.17
C GLN H 1798 18.37 -9.39 96.15
N GLU H 1799 19.25 -9.40 95.15
CA GLU H 1799 20.20 -8.30 94.99
C GLU H 1799 19.48 -7.02 94.60
N LEU H 1800 18.54 -7.11 93.66
CA LEU H 1800 17.80 -5.92 93.24
C LEU H 1800 16.85 -5.43 94.32
N GLN H 1801 16.25 -6.36 95.08
CA GLN H 1801 15.40 -5.96 96.19
C GLN H 1801 16.21 -5.29 97.28
N HIS H 1802 17.43 -5.75 97.50
CA HIS H 1802 18.33 -5.07 98.42
C HIS H 1802 18.80 -3.74 97.84
N ARG H 1803 18.97 -3.69 96.52
CA ARG H 1803 19.45 -2.46 95.88
C ARG H 1803 18.38 -1.38 95.91
N VAL H 1804 17.12 -1.75 95.67
CA VAL H 1804 16.05 -0.77 95.71
C VAL H 1804 15.74 -0.39 97.16
N GLU H 1805 16.07 -1.26 98.12
CA GLU H 1805 15.85 -0.93 99.52
C GLU H 1805 16.87 0.07 100.03
N SER H 1806 18.15 -0.15 99.70
CA SER H 1806 19.21 0.76 100.11
C SER H 1806 19.08 2.11 99.42
N LEU H 1807 18.53 2.12 98.20
CA LEU H 1807 18.17 3.38 97.57
C LEU H 1807 17.04 4.07 98.32
N ALA H 1808 16.03 3.29 98.72
CA ALA H 1808 14.94 3.84 99.50
C ALA H 1808 15.38 4.22 100.90
N ALA H 1809 16.36 3.50 101.44
CA ALA H 1809 16.89 3.85 102.76
C ALA H 1809 17.67 5.15 102.72
N PHE H 1810 18.49 5.34 101.68
CA PHE H 1810 19.30 6.55 101.57
C PHE H 1810 18.44 7.78 101.31
N ALA H 1811 17.33 7.63 100.61
CA ALA H 1811 16.53 8.76 100.20
C ALA H 1811 15.65 9.33 101.30
N GLU H 1812 15.64 8.72 102.49
CA GLU H 1812 14.75 9.17 103.56
C GLU H 1812 15.47 9.96 104.64
N ARG H 1813 16.65 9.52 105.07
CA ARG H 1813 17.42 10.33 105.99
C ARG H 1813 18.10 11.50 105.30
N TYR H 1814 18.21 11.43 103.96
CA TYR H 1814 18.74 12.56 103.21
C TYR H 1814 17.69 13.62 102.96
N VAL H 1815 16.41 13.23 102.83
CA VAL H 1815 15.36 14.24 102.72
C VAL H 1815 15.00 14.77 104.10
N ASP H 1816 15.37 14.06 105.16
CA ASP H 1816 15.18 14.58 106.51
C ASP H 1816 16.10 15.76 106.78
N LYS H 1817 17.35 15.68 106.31
CA LYS H 1817 18.28 16.78 106.44
C LYS H 1817 18.14 17.81 105.31
N LEU H 1818 17.24 17.57 104.36
CA LEU H 1818 17.02 18.47 103.24
C LEU H 1818 15.91 19.48 103.52
N GLN H 1819 14.76 19.01 104.02
CA GLN H 1819 13.68 19.94 104.34
C GLN H 1819 14.00 20.77 105.58
N ALA H 1820 14.86 20.26 106.46
CA ALA H 1820 15.36 21.06 107.56
C ALA H 1820 16.38 22.08 107.11
N ASN H 1821 17.03 21.84 105.96
CA ASN H 1821 18.00 22.80 105.45
C ASN H 1821 17.29 24.03 104.89
N GLN H 1822 16.24 23.84 104.10
CA GLN H 1822 15.47 24.98 103.62
C GLN H 1822 14.68 25.63 104.75
N ARG H 1823 14.25 24.84 105.75
CA ARG H 1823 13.70 25.42 106.97
C ARG H 1823 14.74 26.26 107.70
N SER H 1824 16.01 25.85 107.63
CA SER H 1824 17.08 26.71 108.11
C SER H 1824 17.38 27.84 107.12
N ARG H 1825 17.14 27.60 105.82
CA ARG H 1825 17.39 28.62 104.81
C ARG H 1825 16.25 29.64 104.71
N TYR H 1826 15.02 29.24 105.08
CA TYR H 1826 13.93 30.20 105.10
C TYR H 1826 14.09 31.24 106.20
N ALA H 1827 14.69 30.85 107.33
CA ALA H 1827 14.98 31.82 108.38
C ALA H 1827 16.09 32.77 107.98
N LEU H 1828 16.96 32.37 107.06
CA LEU H 1828 18.01 33.26 106.54
C LEU H 1828 17.46 34.33 105.62
N LEU H 1829 16.20 34.23 105.21
CA LEU H 1829 15.54 35.27 104.44
C LEU H 1829 14.32 35.83 105.16
N MET H 1830 14.05 35.40 106.39
CA MET H 1830 12.97 35.93 107.19
C MET H 1830 13.49 36.74 108.37
N ARG H 1831 14.35 36.15 109.20
CA ARG H 1831 15.01 36.90 110.25
C ARG H 1831 16.18 37.70 109.74
N ALA H 1832 16.70 37.35 108.56
CA ALA H 1832 17.79 38.05 107.90
C ALA H 1832 17.36 38.44 106.50
N PHE H 1833 16.19 39.08 106.41
CA PHE H 1833 15.54 39.34 105.12
C PHE H 1833 16.34 40.31 104.27
N THR H 1834 16.54 41.54 104.78
CA THR H 1834 17.18 42.66 104.08
C THR H 1834 16.52 42.91 102.73
N MET H 1835 15.27 43.39 102.83
CA MET H 1835 14.34 43.44 101.71
C MET H 1835 14.84 44.35 100.59
N SER H 1836 15.08 43.76 99.43
CA SER H 1836 15.56 44.47 98.26
C SER H 1836 14.98 43.79 97.02
N ALA H 1837 15.54 44.08 95.85
CA ALA H 1837 15.02 43.52 94.61
C ALA H 1837 15.57 42.14 94.33
N ALA H 1838 16.80 41.86 94.72
CA ALA H 1838 17.40 40.56 94.44
C ALA H 1838 16.82 39.47 95.33
N GLU H 1839 16.55 39.79 96.60
CA GLU H 1839 15.98 38.83 97.53
C GLU H 1839 14.50 38.58 97.27
N THR H 1840 13.78 39.54 96.67
CA THR H 1840 12.36 39.39 96.41
C THR H 1840 12.06 38.61 95.14
N ALA H 1841 13.08 38.13 94.43
CA ALA H 1841 12.88 37.34 93.23
C ALA H 1841 13.35 35.90 93.36
N ARG H 1842 14.53 35.69 93.96
CA ARG H 1842 15.04 34.34 94.11
C ARG H 1842 14.29 33.57 95.19
N ARG H 1843 13.96 34.25 96.30
CA ARG H 1843 13.20 33.62 97.38
C ARG H 1843 11.71 33.54 97.07
N THR H 1844 11.25 34.16 95.99
CA THR H 1844 9.87 34.01 95.55
C THR H 1844 9.59 32.57 95.10
N ARG H 1845 10.61 31.89 94.57
CA ARG H 1845 10.47 30.52 94.11
C ARG H 1845 10.26 29.52 95.24
N GLU H 1846 10.43 29.92 96.50
CA GLU H 1846 10.07 29.03 97.60
C GLU H 1846 8.56 28.94 97.75
N PHE H 1847 7.86 30.08 97.70
CA PHE H 1847 6.41 30.05 97.83
C PHE H 1847 5.75 29.53 96.56
N ARG H 1848 6.37 29.78 95.41
CA ARG H 1848 6.03 29.12 94.15
C ARG H 1848 6.75 27.78 94.08
N SER H 1849 6.80 27.18 92.88
CA SER H 1849 7.50 25.92 92.58
C SER H 1849 6.97 24.77 93.44
N PRO H 1850 5.82 24.21 93.07
CA PRO H 1850 5.29 23.06 93.81
C PRO H 1850 6.29 21.91 93.82
N PRO H 1851 6.30 21.10 94.89
CA PRO H 1851 7.49 20.30 95.22
C PRO H 1851 7.88 19.20 94.24
N GLN H 1852 7.13 19.00 93.17
CA GLN H 1852 7.65 18.23 92.05
C GLN H 1852 8.80 18.98 91.39
N GLU H 1853 8.58 20.23 90.98
CA GLU H 1853 9.60 21.01 90.31
C GLU H 1853 10.56 21.69 91.29
N GLN H 1854 10.20 21.80 92.56
CA GLN H 1854 11.07 22.42 93.55
C GLN H 1854 12.30 21.57 93.80
N ILE H 1855 12.13 20.25 93.86
CA ILE H 1855 13.28 19.35 93.99
C ILE H 1855 14.06 19.31 92.69
N ASN H 1856 13.37 19.43 91.55
CA ASN H 1856 14.01 19.33 90.25
C ASN H 1856 14.96 20.50 89.99
N MET H 1857 14.68 21.66 90.58
CA MET H 1857 15.69 22.71 90.60
C MET H 1857 16.87 22.31 91.45
N LEU H 1858 16.60 21.76 92.64
CA LEU H 1858 17.65 21.49 93.61
C LEU H 1858 18.44 20.23 93.27
N LEU H 1859 17.84 19.27 92.56
CA LEU H 1859 18.54 18.04 92.24
C LEU H 1859 19.60 18.26 91.16
N HIS H 1860 19.47 19.33 90.39
CA HIS H 1860 20.47 19.63 89.36
C HIS H 1860 21.82 19.98 89.96
N PHE H 1861 21.83 20.54 91.17
CA PHE H 1861 23.08 21.02 91.75
C PHE H 1861 23.92 19.86 92.29
N LYS H 1862 23.28 18.86 92.88
CA LYS H 1862 24.02 17.72 93.42
C LYS H 1862 24.52 16.82 92.30
N ASP H 1863 23.89 16.84 91.13
CA ASP H 1863 24.29 16.01 90.00
C ASP H 1863 24.46 16.90 88.78
N GLU H 1864 25.64 17.52 88.67
CA GLU H 1864 26.10 18.27 87.50
C GLU H 1864 27.57 18.55 87.73
N ALA H 1865 28.19 19.22 86.75
CA ALA H 1865 29.55 19.72 86.93
C ALA H 1865 29.55 21.16 87.41
N ASP H 1866 28.73 21.45 88.44
CA ASP H 1866 28.62 22.75 89.11
C ASP H 1866 28.32 23.88 88.13
N GLU H 1867 27.49 23.60 87.13
CA GLU H 1867 27.27 24.52 86.02
C GLU H 1867 25.88 25.18 86.07
N GLU H 1868 25.38 25.44 87.27
CA GLU H 1868 24.03 25.99 87.37
C GLU H 1868 23.91 27.08 88.44
N ASP H 1869 25.02 27.72 88.83
CA ASP H 1869 25.08 28.76 89.88
C ASP H 1869 24.53 28.22 91.20
N CYS H 1870 25.30 27.29 91.76
CA CYS H 1870 24.86 26.45 92.86
C CYS H 1870 24.62 27.25 94.14
N PRO H 1871 23.66 26.80 94.97
CA PRO H 1871 23.41 27.44 96.26
C PRO H 1871 24.40 27.03 97.34
N LEU H 1872 24.07 27.44 98.57
CA LEU H 1872 24.90 27.22 99.75
C LEU H 1872 25.29 25.76 100.05
N PRO H 1873 24.36 24.73 100.10
CA PRO H 1873 24.78 23.44 100.67
C PRO H 1873 25.76 22.64 99.81
N GLU H 1874 27.02 22.61 100.26
CA GLU H 1874 28.10 21.93 99.56
C GLU H 1874 28.42 20.57 100.14
N ASP H 1875 27.87 20.23 101.31
CA ASP H 1875 28.14 18.93 101.91
C ASP H 1875 27.13 17.88 101.50
N ILE H 1876 25.87 18.28 101.32
CA ILE H 1876 24.81 17.33 101.02
C ILE H 1876 24.65 17.20 99.51
N ARG H 1877 25.55 17.82 98.75
CA ARG H 1877 25.70 17.48 97.35
C ARG H 1877 26.78 16.44 97.13
N GLN H 1878 27.56 16.13 98.18
CA GLN H 1878 28.66 15.19 98.10
C GLN H 1878 28.24 13.77 98.46
N ASP H 1879 27.37 13.65 99.47
CA ASP H 1879 26.89 12.32 99.87
C ASP H 1879 26.00 11.71 98.79
N LEU H 1880 25.24 12.55 98.08
CA LEU H 1880 24.53 12.09 96.90
C LEU H 1880 25.51 11.67 95.81
N GLN H 1881 26.60 12.41 95.67
CA GLN H 1881 27.64 12.04 94.72
C GLN H 1881 28.35 10.77 95.15
N ASP H 1882 28.56 10.61 96.45
CA ASP H 1882 29.21 9.39 96.95
C ASP H 1882 28.28 8.19 96.86
N PHE H 1883 26.99 8.39 97.10
CA PHE H 1883 26.05 7.29 97.04
C PHE H 1883 25.80 6.85 95.60
N HIS H 1884 25.63 7.81 94.69
CA HIS H 1884 25.43 7.49 93.28
C HIS H 1884 26.67 6.83 92.69
N GLN H 1885 27.85 7.21 93.16
CA GLN H 1885 29.06 6.47 92.81
C GLN H 1885 29.03 5.06 93.41
N ASP H 1886 28.61 4.95 94.67
CA ASP H 1886 28.50 3.63 95.30
C ASP H 1886 27.32 2.84 94.74
N LEU H 1887 26.34 3.51 94.14
CA LEU H 1887 25.23 2.81 93.52
C LEU H 1887 25.69 2.05 92.29
N LEU H 1888 26.37 2.74 91.38
CA LEU H 1888 26.87 2.10 90.17
C LEU H 1888 28.02 1.15 90.48
N ALA H 1889 28.73 1.38 91.59
CA ALA H 1889 29.74 0.43 92.03
C ALA H 1889 29.10 -0.87 92.49
N HIS H 1890 27.99 -0.78 93.22
CA HIS H 1890 27.22 -1.98 93.55
C HIS H 1890 26.50 -2.52 92.34
N CYS H 1891 26.15 -1.65 91.39
CA CYS H 1891 25.59 -2.09 90.13
C CYS H 1891 26.70 -2.60 89.22
N GLY H 1892 26.36 -2.92 87.97
CA GLY H 1892 27.30 -3.51 87.05
C GLY H 1892 28.34 -2.57 86.47
N ILE H 1893 28.27 -1.29 86.79
CA ILE H 1893 29.25 -0.34 86.26
C ILE H 1893 30.58 -0.55 86.97
N GLN H 1894 31.63 -0.77 86.18
CA GLN H 1894 32.94 -1.03 86.75
C GLN H 1894 33.60 0.23 87.30
N LEU H 1895 33.11 1.41 86.91
CA LEU H 1895 33.63 2.72 87.32
C LEU H 1895 35.11 2.87 86.95
N GLU H 1896 35.44 2.51 85.72
CA GLU H 1896 36.82 2.58 85.23
C GLU H 1896 37.15 4.05 84.95
N GLY H 1897 37.73 4.72 85.94
CA GLY H 1897 38.07 6.11 85.82
C GLY H 1897 36.86 7.02 85.92
N LYS H 1938 41.59 -17.15 86.83
CA LYS H 1938 41.30 -16.21 87.90
C LYS H 1938 39.94 -16.51 88.54
N LYS H 1939 39.66 -15.84 89.65
CA LYS H 1939 38.38 -16.03 90.33
C LYS H 1939 37.46 -14.84 90.06
N PRO H 1940 36.17 -15.11 89.82
CA PRO H 1940 35.23 -13.98 89.67
C PRO H 1940 35.02 -13.22 90.96
N GLN H 1941 34.90 -13.93 92.09
CA GLN H 1941 34.70 -13.37 93.43
C GLN H 1941 33.46 -12.50 93.55
N SER H 1942 32.47 -12.72 92.69
CA SER H 1942 31.25 -11.93 92.64
C SER H 1942 30.20 -12.71 91.87
N LEU H 1943 28.94 -12.31 92.05
CA LEU H 1943 27.86 -12.99 91.35
C LEU H 1943 27.81 -12.62 89.88
N GLN H 1944 28.22 -11.40 89.54
CA GLN H 1944 28.02 -10.91 88.18
C GLN H 1944 28.96 -11.59 87.20
N GLU H 1945 30.25 -11.68 87.54
CA GLU H 1945 31.20 -12.36 86.66
C GLU H 1945 31.03 -13.87 86.70
N LEU H 1946 30.38 -14.40 87.73
CA LEU H 1946 30.16 -15.84 87.81
C LEU H 1946 29.07 -16.29 86.86
N VAL H 1947 27.90 -15.66 86.94
CA VAL H 1947 26.74 -16.10 86.17
C VAL H 1947 26.94 -15.79 84.69
N SER H 1948 27.56 -14.66 84.38
CA SER H 1948 27.84 -14.30 83.00
C SER H 1948 28.81 -15.26 82.34
N HIS H 1949 29.77 -15.79 83.11
CA HIS H 1949 30.68 -16.80 82.57
C HIS H 1949 30.01 -18.16 82.43
N MET H 1950 29.07 -18.46 83.32
CA MET H 1950 28.48 -19.80 83.38
C MET H 1950 27.56 -20.08 82.19
N VAL H 1951 26.79 -19.07 81.79
CA VAL H 1951 25.87 -19.26 80.67
C VAL H 1951 26.64 -19.38 79.37
N VAL H 1952 27.76 -18.66 79.25
CA VAL H 1952 28.57 -18.69 78.04
C VAL H 1952 29.24 -20.04 77.87
N ARG H 1953 29.84 -20.56 78.94
CA ARG H 1953 30.52 -21.85 78.86
C ARG H 1953 29.56 -23.01 78.67
N TRP H 1954 28.28 -22.82 79.02
CA TRP H 1954 27.26 -23.77 78.60
C TRP H 1954 27.04 -23.70 77.09
N ALA H 1955 26.95 -22.49 76.55
CA ALA H 1955 26.82 -22.32 75.11
C ALA H 1955 28.12 -22.58 74.38
N GLN H 1956 29.26 -22.41 75.06
CA GLN H 1956 30.55 -22.84 74.52
C GLN H 1956 30.63 -24.35 74.39
N GLU H 1957 29.84 -25.08 75.18
CA GLU H 1957 29.71 -26.52 75.06
C GLU H 1957 28.77 -26.86 73.90
N ASP H 1958 28.31 -28.10 73.85
CA ASP H 1958 27.57 -28.63 72.71
C ASP H 1958 26.18 -27.98 72.60
N TYR H 1959 25.46 -28.38 71.56
CA TYR H 1959 24.20 -27.74 71.19
C TYR H 1959 23.11 -28.01 72.23
N VAL H 1960 22.28 -27.00 72.44
CA VAL H 1960 21.27 -27.01 73.49
C VAL H 1960 19.90 -26.99 72.82
N GLN H 1961 19.11 -28.02 73.06
CA GLN H 1961 17.72 -28.06 72.62
C GLN H 1961 16.82 -27.54 73.75
N SER H 1962 15.50 -27.78 73.63
CA SER H 1962 14.45 -27.37 74.57
C SER H 1962 14.46 -25.86 74.77
N PRO H 1963 13.99 -25.09 73.79
CA PRO H 1963 14.25 -23.64 73.76
C PRO H 1963 13.64 -22.84 74.90
N GLU H 1964 12.76 -23.43 75.70
CA GLU H 1964 12.30 -22.79 76.93
C GLU H 1964 13.45 -22.60 77.89
N LEU H 1965 14.38 -23.57 77.94
CA LEU H 1965 15.62 -23.41 78.69
C LEU H 1965 16.44 -22.25 78.14
N VAL H 1966 16.55 -22.16 76.82
CA VAL H 1966 17.40 -21.15 76.19
C VAL H 1966 16.83 -19.76 76.40
N ARG H 1967 15.49 -19.65 76.42
CA ARG H 1967 14.84 -18.40 76.79
C ARG H 1967 15.14 -18.03 78.23
N ALA H 1968 15.19 -19.03 79.11
CA ALA H 1968 15.52 -18.78 80.51
C ALA H 1968 16.99 -18.43 80.69
N MET H 1969 17.86 -18.87 79.79
CA MET H 1969 19.28 -18.59 79.91
C MET H 1969 19.58 -17.11 79.69
N PHE H 1970 19.12 -16.59 78.57
CA PHE H 1970 19.45 -15.21 78.23
C PHE H 1970 18.56 -14.19 78.93
N SER H 1971 17.46 -14.64 79.54
CA SER H 1971 16.70 -13.77 80.42
C SER H 1971 17.52 -13.40 81.64
N LEU H 1972 18.15 -14.39 82.27
CA LEU H 1972 19.01 -14.12 83.41
C LEU H 1972 20.29 -13.41 82.98
N LEU H 1973 20.74 -13.68 81.75
CA LEU H 1973 21.97 -13.08 81.24
C LEU H 1973 21.81 -11.58 81.04
N HIS H 1974 20.67 -11.15 80.50
CA HIS H 1974 20.45 -9.74 80.24
C HIS H 1974 20.31 -8.95 81.54
N ARG H 1975 19.86 -9.61 82.62
CA ARG H 1975 19.82 -8.97 83.92
C ARG H 1975 21.22 -8.74 84.48
N GLN H 1976 22.21 -9.49 84.01
CA GLN H 1976 23.58 -9.34 84.49
C GLN H 1976 24.37 -8.28 83.75
N TYR H 1977 23.85 -7.77 82.62
CA TYR H 1977 24.52 -6.71 81.89
C TYR H 1977 23.75 -5.40 81.97
N ASP H 1978 22.49 -5.39 81.56
CA ASP H 1978 21.68 -4.17 81.60
C ASP H 1978 20.85 -4.12 82.88
N GLY H 1979 21.54 -4.17 84.01
CA GLY H 1979 20.90 -3.99 85.29
C GLY H 1979 20.51 -2.56 85.60
N LEU H 1980 21.01 -1.60 84.83
CA LEU H 1980 20.65 -0.21 85.02
C LEU H 1980 19.19 0.04 84.67
N GLY H 1981 18.81 -0.29 83.43
CA GLY H 1981 17.42 -0.13 83.03
C GLY H 1981 16.51 -1.16 83.64
N GLU H 1982 17.06 -2.31 84.04
CA GLU H 1982 16.28 -3.27 84.80
C GLU H 1982 15.94 -2.73 86.18
N LEU H 1983 16.85 -1.96 86.78
CA LEU H 1983 16.50 -1.21 87.98
C LEU H 1983 15.47 -0.14 87.66
N LEU H 1984 15.60 0.49 86.49
CA LEU H 1984 14.58 1.44 86.05
C LEU H 1984 13.29 0.74 85.67
N ARG H 1985 13.35 -0.53 85.28
CA ARG H 1985 12.15 -1.29 84.97
C ARG H 1985 11.30 -1.55 86.20
N ALA H 1986 11.92 -1.62 87.39
CA ALA H 1986 11.19 -1.78 88.64
C ALA H 1986 11.15 -0.51 89.46
N LEU H 1987 11.74 0.57 88.97
CA LEU H 1987 11.72 1.84 89.70
C LEU H 1987 10.33 2.45 89.88
N PRO H 1988 9.40 2.46 88.90
CA PRO H 1988 8.04 2.95 89.21
C PRO H 1988 7.23 2.04 90.12
N ARG H 1989 7.66 0.80 90.34
CA ARG H 1989 6.94 -0.12 91.21
C ARG H 1989 7.40 -0.03 92.66
N ALA H 1990 8.11 1.03 93.03
CA ALA H 1990 8.56 1.23 94.39
C ALA H 1990 7.73 2.31 95.08
N TYR H 1991 7.54 2.15 96.39
CA TYR H 1991 6.76 3.10 97.17
C TYR H 1991 7.20 3.02 98.63
N THR H 1992 6.90 4.06 99.39
CA THR H 1992 7.17 4.08 100.82
C THR H 1992 5.93 4.55 101.55
N ILE H 1993 5.52 3.79 102.57
CA ILE H 1993 4.35 4.15 103.37
C ILE H 1993 4.79 4.70 104.72
N SER H 1994 3.87 5.40 105.36
CA SER H 1994 4.11 5.86 106.71
C SER H 1994 4.02 4.68 107.68
N PRO H 1995 4.90 4.61 108.68
CA PRO H 1995 4.87 3.50 109.62
C PRO H 1995 3.62 3.53 110.50
N SER H 1996 3.36 2.37 111.13
CA SER H 1996 2.14 2.06 111.89
C SER H 1996 0.88 2.20 111.05
N SER H 1997 0.98 2.00 109.74
CA SER H 1997 -0.17 2.00 108.85
C SER H 1997 -0.26 0.69 108.08
N VAL H 1998 0.51 -0.32 108.46
CA VAL H 1998 0.54 -1.57 107.71
C VAL H 1998 -0.67 -2.45 107.99
N GLU H 1999 -1.36 -2.21 109.11
CA GLU H 1999 -2.43 -3.12 109.53
C GLU H 1999 -3.66 -3.01 108.65
N ASP H 2000 -3.90 -1.84 108.07
CA ASP H 2000 -4.91 -1.71 107.02
C ASP H 2000 -4.32 -1.95 105.64
N THR H 2001 -3.00 -1.85 105.51
CA THR H 2001 -2.35 -2.13 104.25
C THR H 2001 -2.35 -3.62 103.95
N MET H 2002 -1.99 -4.44 104.95
CA MET H 2002 -1.86 -5.87 104.72
C MET H 2002 -3.21 -6.54 104.50
N SER H 2003 -4.26 -6.03 105.14
CA SER H 2003 -5.61 -6.49 104.83
C SER H 2003 -6.00 -6.14 103.41
N LEU H 2004 -5.65 -4.92 102.97
CA LEU H 2004 -5.78 -4.56 101.57
C LEU H 2004 -4.85 -5.39 100.69
N LEU H 2005 -3.67 -5.72 101.21
CA LEU H 2005 -2.72 -6.51 100.43
C LEU H 2005 -3.19 -7.96 100.30
N GLU H 2006 -3.73 -8.53 101.38
CA GLU H 2006 -4.17 -9.92 101.33
C GLU H 2006 -5.45 -10.08 100.51
N CYS H 2007 -6.27 -9.03 100.45
CA CYS H 2007 -7.51 -9.12 99.69
C CYS H 2007 -7.26 -9.07 98.19
N LEU H 2008 -6.18 -8.40 97.76
CA LEU H 2008 -5.84 -8.38 96.35
C LEU H 2008 -5.36 -9.75 95.88
N GLY H 2009 -4.66 -10.49 96.74
CA GLY H 2009 -4.26 -11.83 96.40
C GLY H 2009 -5.43 -12.78 96.24
N GLN H 2010 -6.53 -12.51 96.94
CA GLN H 2010 -7.77 -13.23 96.67
C GLN H 2010 -8.28 -12.92 95.28
N ILE H 2011 -8.13 -11.68 94.84
CA ILE H 2011 -8.65 -11.27 93.55
C ILE H 2011 -7.79 -11.83 92.42
N ARG H 2012 -6.46 -11.74 92.58
CA ARG H 2012 -5.55 -12.30 91.59
C ARG H 2012 -5.59 -13.82 91.57
N SER H 2013 -6.04 -14.44 92.65
CA SER H 2013 -6.31 -15.87 92.63
C SER H 2013 -7.45 -16.20 91.68
N LEU H 2014 -8.53 -15.42 91.74
CA LEU H 2014 -9.70 -15.64 90.91
C LEU H 2014 -9.52 -15.17 89.47
N LEU H 2015 -8.34 -14.65 89.13
CA LEU H 2015 -8.05 -14.30 87.74
C LEU H 2015 -7.96 -15.55 86.86
N ILE H 2016 -7.54 -16.68 87.44
CA ILE H 2016 -7.38 -17.93 86.72
C ILE H 2016 -8.46 -18.93 87.08
N VAL H 2017 -9.34 -18.59 88.00
CA VAL H 2017 -10.43 -19.48 88.41
C VAL H 2017 -11.58 -19.33 87.43
N GLN H 2018 -12.03 -20.45 86.87
CA GLN H 2018 -13.24 -20.46 86.06
C GLN H 2018 -14.46 -20.17 86.94
N MET H 2019 -15.44 -19.47 86.37
CA MET H 2019 -16.47 -18.80 87.14
C MET H 2019 -17.40 -19.79 87.83
N GLY H 2020 -17.52 -19.65 89.15
CA GLY H 2020 -18.42 -20.45 89.95
C GLY H 2020 -19.14 -19.60 90.97
N PRO H 2021 -20.30 -20.08 91.44
CA PRO H 2021 -21.03 -19.32 92.48
C PRO H 2021 -20.30 -19.24 93.80
N GLN H 2022 -19.48 -20.24 94.13
CA GLN H 2022 -18.63 -20.15 95.30
C GLN H 2022 -17.56 -19.07 95.13
N GLU H 2023 -17.05 -18.92 93.91
CA GLU H 2023 -16.12 -17.84 93.62
C GLU H 2023 -16.83 -16.53 93.34
N GLU H 2024 -18.15 -16.56 93.10
CA GLU H 2024 -18.89 -15.35 92.76
C GLU H 2024 -19.02 -14.45 93.98
N ASN H 2025 -19.69 -14.95 95.03
CA ASN H 2025 -19.84 -14.18 96.26
C ASN H 2025 -18.54 -13.97 97.00
N LEU H 2026 -17.52 -14.78 96.71
CA LEU H 2026 -16.19 -14.59 97.30
C LEU H 2026 -15.61 -13.26 96.87
N MET H 2027 -15.71 -12.93 95.58
CA MET H 2027 -15.24 -11.64 95.12
C MET H 2027 -16.15 -10.51 95.58
N ILE H 2028 -17.45 -10.78 95.65
CA ILE H 2028 -18.41 -9.79 96.13
C ILE H 2028 -18.14 -9.47 97.60
N GLN H 2029 -17.75 -10.48 98.37
CA GLN H 2029 -17.26 -10.25 99.72
C GLN H 2029 -15.95 -9.48 99.72
N SER H 2030 -15.11 -9.71 98.72
CA SER H 2030 -13.81 -9.03 98.66
C SER H 2030 -13.95 -7.56 98.30
N ILE H 2031 -15.01 -7.19 97.56
CA ILE H 2031 -15.25 -5.79 97.23
C ILE H 2031 -15.65 -5.02 98.48
N GLY H 2032 -16.46 -5.63 99.35
CA GLY H 2032 -16.82 -4.98 100.60
C GLY H 2032 -15.67 -4.78 101.55
N ASN H 2033 -14.62 -5.59 101.42
CA ASN H 2033 -13.44 -5.41 102.26
C ASN H 2033 -12.65 -4.18 101.84
N ILE H 2034 -12.39 -4.04 100.54
CA ILE H 2034 -11.60 -2.93 100.03
C ILE H 2034 -12.39 -1.64 99.92
N MET H 2035 -13.71 -1.69 100.08
CA MET H 2035 -14.52 -0.49 100.26
C MET H 2035 -14.52 0.01 101.69
N ASN H 2036 -13.97 -0.75 102.62
CA ASN H 2036 -14.06 -0.39 104.03
C ASN H 2036 -12.70 -0.54 104.70
N ASN H 2037 -11.68 0.03 104.07
CA ASN H 2037 -10.36 0.10 104.66
C ASN H 2037 -9.77 1.50 104.63
N LYS H 2038 -10.30 2.40 103.79
CA LYS H 2038 -10.13 3.85 103.75
C LYS H 2038 -8.69 4.35 103.58
N VAL H 2039 -7.74 3.44 103.40
CA VAL H 2039 -6.42 3.81 102.89
C VAL H 2039 -6.46 3.88 101.38
N PHE H 2040 -7.41 3.15 100.77
CA PHE H 2040 -7.79 3.36 99.38
C PHE H 2040 -8.20 4.80 99.13
N TYR H 2041 -8.87 5.42 100.09
CA TYR H 2041 -9.16 6.84 100.03
C TYR H 2041 -7.94 7.69 100.33
N GLN H 2042 -6.91 7.12 100.96
CA GLN H 2042 -5.75 7.92 101.34
C GLN H 2042 -4.77 8.11 100.19
N HIS H 2043 -4.43 7.03 99.47
CA HIS H 2043 -3.42 7.11 98.43
C HIS H 2043 -3.90 6.40 97.17
N PRO H 2044 -4.62 7.10 96.30
CA PRO H 2044 -4.99 6.51 95.01
C PRO H 2044 -3.80 6.38 94.07
N ASN H 2045 -2.76 7.19 94.24
CA ASN H 2045 -1.57 7.09 93.41
C ASN H 2045 -0.81 5.79 93.69
N LEU H 2046 -0.95 5.26 94.89
CA LEU H 2046 -0.46 3.91 95.16
C LEU H 2046 -1.25 2.88 94.34
N MET H 2047 -2.58 3.03 94.31
CA MET H 2047 -3.43 2.03 93.67
C MET H 2047 -3.26 2.04 92.15
N ARG H 2048 -2.84 3.18 91.59
CA ARG H 2048 -2.44 3.21 90.19
C ARG H 2048 -1.20 2.36 89.95
N ALA H 2049 -0.27 2.32 90.92
CA ALA H 2049 0.90 1.47 90.77
C ALA H 2049 0.57 0.00 90.98
N LEU H 2050 -0.50 -0.30 91.71
CA LEU H 2050 -0.92 -1.69 91.88
C LEU H 2050 -1.60 -2.26 90.65
N GLY H 2051 -2.02 -1.42 89.71
CA GLY H 2051 -2.82 -1.91 88.60
C GLY H 2051 -4.18 -2.40 89.05
N MET H 2052 -4.80 -1.68 89.99
CA MET H 2052 -6.00 -2.17 90.65
C MET H 2052 -7.19 -2.23 89.70
N HIS H 2053 -7.35 -1.19 88.88
CA HIS H 2053 -8.48 -1.12 87.95
C HIS H 2053 -8.36 -2.14 86.83
N GLU H 2054 -7.15 -2.59 86.52
CA GLU H 2054 -6.96 -3.45 85.35
C GLU H 2054 -7.50 -4.85 85.60
N THR H 2055 -7.14 -5.44 86.74
CA THR H 2055 -7.56 -6.79 87.06
C THR H 2055 -9.06 -6.88 87.32
N VAL H 2056 -9.67 -5.77 87.75
CA VAL H 2056 -11.13 -5.69 87.81
C VAL H 2056 -11.72 -5.79 86.41
N MET H 2057 -11.05 -5.17 85.43
CA MET H 2057 -11.52 -5.28 84.06
C MET H 2057 -11.17 -6.62 83.43
N GLU H 2058 -10.06 -7.23 83.86
CA GLU H 2058 -9.65 -8.52 83.30
C GLU H 2058 -10.62 -9.62 83.67
N VAL H 2059 -11.11 -9.63 84.91
CA VAL H 2059 -12.14 -10.59 85.28
C VAL H 2059 -13.49 -10.18 84.70
N MET H 2060 -13.65 -8.91 84.34
CA MET H 2060 -14.89 -8.46 83.70
C MET H 2060 -14.96 -8.93 82.26
N VAL H 2061 -13.81 -9.15 81.62
CA VAL H 2061 -13.80 -9.69 80.27
C VAL H 2061 -14.34 -11.11 80.25
N ASN H 2062 -13.96 -11.92 81.25
CA ASN H 2062 -14.33 -13.33 81.25
C ASN H 2062 -15.81 -13.53 81.57
N VAL H 2063 -16.43 -12.62 82.32
CA VAL H 2063 -17.85 -12.76 82.60
C VAL H 2063 -18.72 -12.20 81.48
N LEU H 2064 -18.20 -11.28 80.66
CA LEU H 2064 -18.94 -10.84 79.49
C LEU H 2064 -18.69 -11.71 78.28
N GLY H 2065 -17.56 -12.41 78.24
CA GLY H 2065 -17.26 -13.31 77.14
C GLY H 2065 -18.07 -14.58 77.20
N GLY H 2066 -17.84 -15.44 76.20
CA GLY H 2066 -18.51 -16.72 76.13
C GLY H 2066 -19.85 -16.66 75.45
N GLY H 2067 -20.79 -15.93 76.05
CA GLY H 2067 -22.12 -15.80 75.47
C GLY H 2067 -22.43 -14.38 75.05
N GLU H 2068 -22.54 -14.15 73.73
CA GLU H 2068 -22.96 -12.85 73.24
C GLU H 2068 -24.45 -12.62 73.52
N THR H 2069 -25.29 -13.56 73.09
CA THR H 2069 -26.71 -13.53 73.41
C THR H 2069 -27.20 -14.84 74.00
N LYS H 2070 -26.34 -15.85 74.11
CA LYS H 2070 -26.76 -17.15 74.63
C LYS H 2070 -26.95 -17.13 76.14
N GLU H 2071 -26.07 -16.44 76.86
CA GLU H 2071 -26.13 -16.43 78.32
C GLU H 2071 -25.72 -15.07 78.85
N ILE H 2072 -26.38 -14.65 79.92
CA ILE H 2072 -26.04 -13.46 80.67
C ILE H 2072 -25.62 -13.90 82.06
N ARG H 2073 -24.99 -15.07 82.12
CA ARG H 2073 -24.77 -15.81 83.36
C ARG H 2073 -23.87 -15.04 84.34
N PHE H 2074 -24.02 -15.41 85.61
CA PHE H 2074 -23.50 -14.72 86.79
C PHE H 2074 -23.81 -13.22 86.81
N PRO H 2075 -25.05 -12.80 87.06
CA PRO H 2075 -25.30 -11.39 87.34
C PRO H 2075 -24.93 -11.07 88.79
N LYS H 2076 -25.06 -9.77 89.13
CA LYS H 2076 -24.89 -9.16 90.46
C LYS H 2076 -23.43 -9.12 90.90
N MET H 2077 -22.54 -9.80 90.17
CA MET H 2077 -21.11 -9.63 90.29
C MET H 2077 -20.54 -8.80 89.15
N VAL H 2078 -21.12 -8.97 87.95
CA VAL H 2078 -20.84 -8.10 86.82
C VAL H 2078 -21.23 -6.65 87.14
N THR H 2079 -22.29 -6.46 87.93
CA THR H 2079 -22.62 -5.12 88.39
C THR H 2079 -21.69 -4.68 89.51
N SER H 2080 -21.35 -5.61 90.41
CA SER H 2080 -20.59 -5.26 91.60
C SER H 2080 -19.16 -4.85 91.26
N CYS H 2081 -18.54 -5.54 90.30
CA CYS H 2081 -17.23 -5.09 89.83
C CYS H 2081 -17.33 -3.79 89.05
N CYS H 2082 -18.45 -3.58 88.36
CA CYS H 2082 -18.64 -2.34 87.62
C CYS H 2082 -18.94 -1.17 88.53
N ARG H 2083 -19.80 -1.37 89.54
CA ARG H 2083 -20.16 -0.27 90.42
C ARG H 2083 -19.00 0.09 91.35
N PHE H 2084 -18.12 -0.87 91.64
CA PHE H 2084 -16.92 -0.55 92.40
C PHE H 2084 -15.97 0.31 91.58
N LEU H 2085 -15.94 0.10 90.27
CA LEU H 2085 -14.97 0.76 89.40
C LEU H 2085 -15.25 2.25 89.27
N CYS H 2086 -16.50 2.66 89.52
CA CYS H 2086 -16.84 4.07 89.52
C CYS H 2086 -16.22 4.80 90.71
N TYR H 2087 -15.99 4.09 91.82
CA TYR H 2087 -15.37 4.71 92.98
C TYR H 2087 -13.90 5.04 92.70
N PHE H 2088 -13.17 4.11 92.08
CA PHE H 2088 -11.81 4.39 91.67
C PHE H 2088 -11.78 5.42 90.55
N CYS H 2089 -12.85 5.46 89.74
CA CYS H 2089 -13.02 6.54 88.78
C CYS H 2089 -13.29 7.87 89.47
N ARG H 2090 -13.91 7.83 90.65
CA ARG H 2090 -14.36 9.06 91.30
C ARG H 2090 -13.20 9.84 91.90
N ILE H 2091 -12.47 9.23 92.83
CA ILE H 2091 -11.56 9.98 93.70
C ILE H 2091 -10.21 10.05 93.00
N SER H 2092 -10.13 10.94 92.00
CA SER H 2092 -8.93 11.48 91.35
C SER H 2092 -9.39 12.44 90.26
N ARG H 2093 -8.42 13.11 89.66
CA ARG H 2093 -8.55 13.68 88.33
C ARG H 2093 -7.66 12.97 87.33
N GLN H 2094 -7.09 11.84 87.72
CA GLN H 2094 -6.04 11.20 86.95
C GLN H 2094 -6.29 9.70 86.79
N ASN H 2095 -7.01 9.10 87.75
CA ASN H 2095 -7.31 7.67 87.68
C ASN H 2095 -8.23 7.36 86.51
N GLN H 2096 -9.20 8.23 86.25
CA GLN H 2096 -10.14 8.01 85.15
C GLN H 2096 -9.48 8.20 83.79
N ARG H 2097 -8.33 8.90 83.74
CA ARG H 2097 -7.57 8.98 82.50
C ARG H 2097 -6.97 7.63 82.14
N SER H 2098 -6.59 6.83 83.14
CA SER H 2098 -6.12 5.48 82.88
C SER H 2098 -7.25 4.60 82.34
N MET H 2099 -8.48 4.83 82.79
CA MET H 2099 -9.61 4.12 82.23
C MET H 2099 -9.93 4.60 80.82
N PHE H 2100 -9.55 5.83 80.49
CA PHE H 2100 -9.87 6.40 79.19
C PHE H 2100 -9.10 5.70 78.07
N ASP H 2101 -7.92 5.15 78.39
CA ASP H 2101 -7.20 4.32 77.43
C ASP H 2101 -7.97 3.04 77.13
N HIS H 2102 -8.73 2.55 78.10
CA HIS H 2102 -9.51 1.33 77.95
C HIS H 2102 -10.99 1.62 77.73
N LEU H 2103 -11.30 2.77 77.13
CA LEU H 2103 -12.69 3.13 76.90
C LEU H 2103 -13.32 2.26 75.81
N SER H 2104 -12.76 2.30 74.61
CA SER H 2104 -13.28 1.50 73.50
C SER H 2104 -13.05 0.01 73.71
N TYR H 2105 -12.10 -0.35 74.58
CA TYR H 2105 -11.91 -1.74 74.97
C TYR H 2105 -13.17 -2.30 75.62
N LEU H 2106 -13.69 -1.61 76.63
CA LEU H 2106 -14.93 -2.03 77.25
C LEU H 2106 -16.14 -1.67 76.39
N LEU H 2107 -16.03 -0.61 75.58
CA LEU H 2107 -17.15 -0.21 74.73
C LEU H 2107 -17.39 -1.19 73.61
N GLU H 2108 -16.35 -1.92 73.19
CA GLU H 2108 -16.55 -3.05 72.31
C GLU H 2108 -17.35 -4.16 72.99
N ASN H 2109 -17.24 -4.25 74.32
CA ASN H 2109 -18.01 -5.22 75.08
C ASN H 2109 -19.28 -4.62 75.66
N SER H 2110 -19.38 -3.29 75.75
CA SER H 2110 -20.55 -2.66 76.33
C SER H 2110 -21.76 -2.66 75.41
N GLY H 2111 -21.56 -2.87 74.11
CA GLY H 2111 -22.66 -2.86 73.17
C GLY H 2111 -23.42 -4.16 73.04
N ILE H 2112 -23.08 -5.18 73.83
CA ILE H 2112 -23.73 -6.49 73.71
C ILE H 2112 -24.54 -6.86 74.94
N GLY H 2113 -24.47 -6.08 76.02
CA GLY H 2113 -25.20 -6.40 77.22
C GLY H 2113 -26.53 -5.69 77.30
N LEU H 2114 -26.60 -4.69 78.20
CA LEU H 2114 -27.76 -3.80 78.35
C LEU H 2114 -29.01 -4.57 78.75
N GLY H 2115 -28.91 -5.34 79.82
CA GLY H 2115 -30.01 -6.15 80.30
C GLY H 2115 -30.56 -5.67 81.62
N MET H 2116 -30.15 -6.30 82.71
CA MET H 2116 -30.60 -5.94 84.05
C MET H 2116 -30.10 -4.55 84.42
N GLN H 2117 -30.92 -3.84 85.19
CA GLN H 2117 -30.61 -2.49 85.65
C GLN H 2117 -29.47 -2.51 86.66
N GLY H 2118 -29.00 -1.31 87.01
CA GLY H 2118 -27.91 -1.17 87.93
C GLY H 2118 -26.64 -0.72 87.23
N SER H 2119 -25.51 -1.34 87.56
CA SER H 2119 -24.26 -0.97 86.94
C SER H 2119 -24.19 -1.54 85.51
N THR H 2120 -23.50 -0.80 84.65
CA THR H 2120 -23.51 -1.03 83.21
C THR H 2120 -22.13 -0.66 82.68
N PRO H 2121 -21.54 -1.46 81.80
CA PRO H 2121 -20.26 -1.07 81.18
C PRO H 2121 -20.35 0.19 80.36
N LEU H 2122 -21.53 0.53 79.84
CA LEU H 2122 -21.72 1.86 79.28
C LEU H 2122 -21.66 2.93 80.37
N ASP H 2123 -22.20 2.62 81.55
CA ASP H 2123 -22.31 3.61 82.60
C ASP H 2123 -20.96 3.91 83.25
N VAL H 2124 -20.09 2.90 83.32
CA VAL H 2124 -18.76 3.16 83.89
C VAL H 2124 -17.92 3.95 82.90
N ALA H 2125 -18.22 3.85 81.60
CA ALA H 2125 -17.59 4.73 80.63
C ALA H 2125 -18.16 6.13 80.73
N ALA H 2126 -19.42 6.25 81.13
CA ALA H 2126 -20.02 7.56 81.37
C ALA H 2126 -19.41 8.23 82.58
N ALA H 2127 -18.93 7.44 83.55
CA ALA H 2127 -18.25 8.02 84.70
C ALA H 2127 -16.89 8.59 84.32
N SER H 2128 -16.24 8.01 83.32
CA SER H 2128 -14.88 8.39 82.95
C SER H 2128 -14.83 9.56 81.96
N VAL H 2129 -15.88 10.38 81.88
CA VAL H 2129 -15.90 11.48 80.93
C VAL H 2129 -16.36 12.73 81.67
N ILE H 2130 -16.73 12.56 82.94
CA ILE H 2130 -17.28 13.67 83.73
C ILE H 2130 -16.18 14.68 84.06
N ASP H 2131 -14.93 14.22 84.20
CA ASP H 2131 -13.80 15.12 84.38
C ASP H 2131 -13.58 15.91 83.10
N ASN H 2132 -13.95 17.19 83.13
CA ASN H 2132 -14.08 17.99 81.93
C ASN H 2132 -12.72 18.49 81.43
N ASN H 2133 -12.73 18.95 80.17
CA ASN H 2133 -11.70 19.76 79.52
C ASN H 2133 -10.38 19.05 79.29
N GLU H 2134 -10.24 17.81 79.76
CA GLU H 2134 -9.02 17.05 79.55
C GLU H 2134 -9.21 15.85 78.65
N LEU H 2135 -10.44 15.34 78.54
CA LEU H 2135 -10.75 14.24 77.65
C LEU H 2135 -11.81 14.60 76.63
N ALA H 2136 -12.55 15.70 76.85
CA ALA H 2136 -13.41 16.22 75.80
C ALA H 2136 -12.59 16.76 74.63
N LEU H 2137 -11.40 17.28 74.91
CA LEU H 2137 -10.46 17.59 73.85
C LEU H 2137 -9.74 16.35 73.35
N ALA H 2138 -9.64 15.31 74.17
CA ALA H 2138 -9.02 14.06 73.77
C ALA H 2138 -10.03 13.04 73.26
N LEU H 2139 -11.13 13.52 72.68
CA LEU H 2139 -12.34 12.75 72.48
C LEU H 2139 -12.16 11.72 71.35
N GLN H 2140 -13.20 10.91 71.16
CA GLN H 2140 -13.31 9.84 70.18
C GLN H 2140 -13.63 10.40 68.80
N GLU H 2141 -14.27 9.59 67.93
CA GLU H 2141 -13.98 9.28 66.50
C GLU H 2141 -13.14 8.00 66.49
N GLN H 2142 -12.82 7.52 67.69
CA GLN H 2142 -12.51 6.11 67.81
C GLN H 2142 -13.74 5.30 68.20
N ASP H 2143 -14.64 5.90 68.97
CA ASP H 2143 -15.86 5.22 69.40
C ASP H 2143 -17.13 6.03 69.18
N LEU H 2144 -17.04 7.30 68.77
CA LEU H 2144 -18.25 8.05 68.43
C LEU H 2144 -18.92 7.47 67.20
N GLU H 2145 -18.13 6.90 66.29
CA GLU H 2145 -18.66 6.12 65.20
C GLU H 2145 -19.41 4.88 65.70
N LYS H 2146 -18.93 4.30 66.79
CA LYS H 2146 -19.52 3.06 67.29
C LYS H 2146 -20.88 3.29 67.92
N VAL H 2147 -20.99 4.34 68.74
CA VAL H 2147 -22.20 4.52 69.54
C VAL H 2147 -23.38 4.98 68.69
N VAL H 2148 -23.10 5.61 67.55
CA VAL H 2148 -24.18 5.91 66.61
C VAL H 2148 -24.64 4.64 65.92
N SER H 2149 -23.68 3.79 65.53
CA SER H 2149 -24.03 2.48 64.98
C SER H 2149 -24.66 1.58 66.04
N TYR H 2150 -24.29 1.77 67.32
CA TYR H 2150 -24.98 1.08 68.39
C TYR H 2150 -26.41 1.60 68.53
N LEU H 2151 -26.61 2.89 68.31
CA LEU H 2151 -27.95 3.46 68.34
C LEU H 2151 -28.73 3.12 67.08
N ALA H 2152 -28.02 2.91 65.96
CA ALA H 2152 -28.70 2.57 64.71
C ALA H 2152 -29.35 1.21 64.78
N GLY H 2153 -28.64 0.22 65.33
CA GLY H 2153 -29.26 -1.07 65.57
C GLY H 2153 -30.23 -1.09 66.73
N CYS H 2154 -30.14 -0.08 67.61
CA CYS H 2154 -31.06 0.00 68.74
C CYS H 2154 -32.46 0.36 68.28
N GLY H 2155 -32.57 1.19 67.23
CA GLY H 2155 -33.87 1.49 66.66
C GLY H 2155 -34.40 0.44 65.72
N LEU H 2156 -33.58 -0.53 65.35
CA LEU H 2156 -34.01 -1.62 64.47
C LEU H 2156 -34.39 -2.87 65.22
N GLN H 2157 -33.74 -3.16 66.35
CA GLN H 2157 -34.08 -4.33 67.14
C GLN H 2157 -35.39 -4.10 67.88
N SER H 2158 -35.98 -5.19 68.36
CA SER H 2158 -37.30 -5.16 68.97
C SER H 2158 -37.28 -5.78 70.36
N CYS H 2159 -36.31 -5.36 71.19
CA CYS H 2159 -36.12 -5.72 72.59
C CYS H 2159 -36.06 -7.24 72.83
N PRO H 2160 -34.93 -7.89 72.52
CA PRO H 2160 -34.85 -9.35 72.68
C PRO H 2160 -34.98 -9.81 74.13
N MET H 2161 -34.68 -8.96 75.09
CA MET H 2161 -34.95 -9.30 76.49
C MET H 2161 -36.45 -9.30 76.78
N LEU H 2162 -37.22 -8.51 76.04
CA LEU H 2162 -38.67 -8.42 76.24
C LEU H 2162 -39.45 -9.31 75.29
N LEU H 2163 -38.77 -10.01 74.38
CA LEU H 2163 -39.48 -10.93 73.49
C LEU H 2163 -39.95 -12.17 74.24
N ALA H 2164 -39.11 -12.70 75.13
CA ALA H 2164 -39.42 -13.92 75.86
C ALA H 2164 -40.15 -13.67 77.17
N LYS H 2165 -40.83 -12.52 77.29
CA LYS H 2165 -41.54 -12.21 78.52
C LYS H 2165 -42.91 -11.59 78.28
N GLY H 2166 -43.53 -11.83 77.12
CA GLY H 2166 -44.88 -11.39 76.87
C GLY H 2166 -45.03 -9.89 76.70
N TYR H 2167 -44.52 -9.34 75.61
CA TYR H 2167 -44.60 -7.93 75.33
C TYR H 2167 -44.93 -7.73 73.85
N PRO H 2168 -45.61 -6.64 73.49
CA PRO H 2168 -46.11 -6.48 72.11
C PRO H 2168 -45.03 -6.30 71.03
N ASP H 2169 -43.75 -6.15 71.41
CA ASP H 2169 -42.58 -6.24 70.52
C ASP H 2169 -42.60 -5.18 69.41
N ILE H 2170 -42.55 -3.92 69.85
CA ILE H 2170 -42.43 -2.80 68.92
C ILE H 2170 -41.01 -2.77 68.38
N GLY H 2171 -40.86 -2.51 67.09
CA GLY H 2171 -39.60 -2.69 66.39
C GLY H 2171 -38.46 -1.73 66.69
N TRP H 2172 -38.58 -0.91 67.73
CA TRP H 2172 -37.46 -0.13 68.23
C TRP H 2172 -37.38 -0.34 69.73
N ASN H 2173 -36.47 0.34 70.42
CA ASN H 2173 -36.23 0.07 71.84
C ASN H 2173 -36.62 1.25 72.70
N PRO H 2174 -37.79 1.21 73.34
CA PRO H 2174 -38.13 2.27 74.32
C PRO H 2174 -37.26 2.19 75.55
N CYS H 2175 -36.85 0.98 75.94
CA CYS H 2175 -35.94 0.84 77.08
C CYS H 2175 -34.50 1.04 76.66
N GLY H 2176 -34.06 0.28 75.64
CA GLY H 2176 -32.65 0.21 75.28
C GLY H 2176 -32.07 1.51 74.76
N GLY H 2177 -32.90 2.38 74.19
CA GLY H 2177 -32.42 3.69 73.81
C GLY H 2177 -32.08 4.56 75.01
N GLU H 2178 -32.83 4.40 76.11
CA GLU H 2178 -32.56 5.14 77.33
C GLU H 2178 -31.32 4.64 78.03
N ARG H 2179 -30.91 3.39 77.76
CA ARG H 2179 -29.59 2.92 78.22
C ARG H 2179 -28.48 3.72 77.55
N TYR H 2180 -28.69 4.11 76.30
CA TYR H 2180 -27.81 5.04 75.61
C TYR H 2180 -28.18 6.47 76.00
N LEU H 2181 -27.67 7.44 75.23
CA LEU H 2181 -28.09 8.84 75.19
C LEU H 2181 -27.71 9.65 76.43
N ASP H 2182 -27.16 9.00 77.44
CA ASP H 2182 -26.60 9.68 78.59
C ASP H 2182 -25.09 9.75 78.53
N PHE H 2183 -24.46 8.71 77.98
CA PHE H 2183 -23.04 8.76 77.65
C PHE H 2183 -22.77 9.84 76.61
N LEU H 2184 -23.68 10.00 75.66
CA LEU H 2184 -23.59 11.10 74.72
C LEU H 2184 -23.85 12.43 75.40
N ARG H 2185 -24.71 12.43 76.43
CA ARG H 2185 -24.98 13.64 77.17
C ARG H 2185 -23.78 14.08 78.00
N PHE H 2186 -23.02 13.13 78.52
CA PHE H 2186 -22.03 13.46 79.54
C PHE H 2186 -20.73 13.98 78.97
N ALA H 2187 -20.65 14.19 77.65
CA ALA H 2187 -19.51 14.90 77.10
C ALA H 2187 -19.65 16.40 77.24
N VAL H 2188 -20.88 16.92 77.17
CA VAL H 2188 -21.11 18.36 77.07
C VAL H 2188 -21.88 18.77 78.33
N PHE H 2189 -21.63 18.09 79.44
CA PHE H 2189 -22.54 18.10 80.57
C PHE H 2189 -22.15 19.08 81.67
N VAL H 2190 -20.96 18.90 82.25
CA VAL H 2190 -20.60 19.66 83.44
C VAL H 2190 -20.20 21.09 83.10
N ASN H 2191 -19.53 21.27 81.98
CA ASN H 2191 -19.26 22.62 81.48
C ASN H 2191 -20.51 23.18 80.83
N GLY H 2192 -20.84 24.42 81.17
CA GLY H 2192 -21.89 25.17 80.48
C GLY H 2192 -21.62 25.20 78.99
N GLU H 2193 -22.58 24.68 78.23
CA GLU H 2193 -22.37 23.86 77.02
C GLU H 2193 -21.16 24.20 76.14
N SER H 2194 -20.38 23.18 75.88
CA SER H 2194 -19.00 23.29 75.45
C SER H 2194 -18.91 23.51 73.94
N VAL H 2195 -17.70 23.30 73.40
CA VAL H 2195 -17.43 23.54 71.99
C VAL H 2195 -18.25 22.59 71.10
N GLU H 2196 -18.54 23.06 69.88
CA GLU H 2196 -19.18 22.24 68.86
C GLU H 2196 -18.34 21.04 68.46
N GLU H 2197 -17.01 21.08 68.68
CA GLU H 2197 -16.16 19.94 68.39
C GLU H 2197 -16.56 18.72 69.22
N ASN H 2198 -17.09 18.94 70.42
CA ASN H 2198 -17.73 17.85 71.16
C ASN H 2198 -19.03 17.43 70.49
N ALA H 2199 -19.71 18.36 69.81
CA ALA H 2199 -21.10 18.14 69.43
C ALA H 2199 -21.35 18.02 67.94
N ASN H 2200 -20.50 18.61 67.09
CA ASN H 2200 -20.77 18.57 65.65
C ASN H 2200 -20.60 17.16 65.10
N VAL H 2201 -19.52 16.49 65.50
CA VAL H 2201 -19.29 15.11 65.07
C VAL H 2201 -20.34 14.16 65.62
N VAL H 2202 -20.99 14.51 66.73
CA VAL H 2202 -22.18 13.78 67.15
C VAL H 2202 -23.32 14.02 66.17
N VAL H 2203 -23.63 15.30 65.92
CA VAL H 2203 -24.84 15.64 65.18
C VAL H 2203 -24.67 15.37 63.69
N ARG H 2204 -23.52 15.73 63.12
CA ARG H 2204 -23.31 15.56 61.68
C ARG H 2204 -23.21 14.10 61.27
N LEU H 2205 -22.99 13.19 62.21
CA LEU H 2205 -23.16 11.77 61.94
C LEU H 2205 -24.53 11.26 62.34
N LEU H 2206 -25.19 11.97 63.27
CA LEU H 2206 -26.55 11.59 63.65
C LEU H 2206 -27.54 11.86 62.52
N ILE H 2207 -27.28 12.89 61.71
CA ILE H 2207 -28.12 13.14 60.55
C ILE H 2207 -27.84 12.14 59.43
N ARG H 2208 -26.68 11.48 59.45
CA ARG H 2208 -26.38 10.48 58.44
C ARG H 2208 -27.25 9.24 58.61
N LYS H 2209 -27.65 8.94 59.84
CA LYS H 2209 -28.56 7.82 60.10
C LYS H 2209 -29.84 8.35 60.72
N PRO H 2210 -30.90 8.55 59.93
CA PRO H 2210 -32.20 8.94 60.50
C PRO H 2210 -32.89 7.81 61.24
N GLU H 2211 -32.41 6.57 61.12
CA GLU H 2211 -32.95 5.46 61.90
C GLU H 2211 -32.56 5.55 63.36
N CYS H 2212 -31.58 6.38 63.72
CA CYS H 2212 -31.26 6.63 65.12
C CYS H 2212 -32.35 7.41 65.84
N PHE H 2213 -33.20 8.12 65.09
CA PHE H 2213 -34.37 8.75 65.69
C PHE H 2213 -35.42 7.71 66.05
N GLY H 2214 -36.44 8.18 66.76
CA GLY H 2214 -37.66 7.41 66.90
C GLY H 2214 -38.37 7.39 65.57
N PRO H 2215 -39.10 6.30 65.29
CA PRO H 2215 -39.83 6.21 64.02
C PRO H 2215 -41.02 7.15 63.94
N ALA H 2216 -41.55 7.59 65.08
CA ALA H 2216 -42.61 8.58 65.11
C ALA H 2216 -42.11 10.00 65.00
N LEU H 2217 -40.81 10.20 64.79
CA LEU H 2217 -40.23 11.51 64.54
C LEU H 2217 -39.66 11.62 63.13
N ARG H 2218 -38.77 10.72 62.74
CA ARG H 2218 -38.11 10.77 61.44
C ARG H 2218 -38.67 9.74 60.47
N GLY H 2219 -39.98 9.51 60.50
CA GLY H 2219 -40.61 8.73 59.46
C GLY H 2219 -40.59 9.48 58.14
N GLU H 2220 -40.39 8.73 57.05
CA GLU H 2220 -40.26 9.35 55.74
C GLU H 2220 -41.58 9.93 55.24
N GLY H 2221 -42.70 9.45 55.73
CA GLY H 2221 -43.98 10.04 55.39
C GLY H 2221 -44.51 10.91 56.51
N GLY H 2222 -45.47 10.38 57.27
CA GLY H 2222 -46.04 11.10 58.39
C GLY H 2222 -45.53 10.61 59.72
N SER H 2223 -44.92 11.50 60.49
CA SER H 2223 -44.36 11.14 61.80
C SER H 2223 -44.50 12.36 62.71
N GLY H 2224 -45.59 12.39 63.47
CA GLY H 2224 -45.84 13.50 64.37
C GLY H 2224 -45.19 13.31 65.72
N LEU H 2225 -44.31 14.24 66.10
CA LEU H 2225 -43.67 14.16 67.41
C LEU H 2225 -44.65 14.55 68.50
N LEU H 2226 -45.46 15.57 68.27
CA LEU H 2226 -46.51 15.92 69.22
C LEU H 2226 -47.60 14.86 69.25
N ALA H 2227 -47.83 14.18 68.12
CA ALA H 2227 -48.76 13.06 68.11
C ALA H 2227 -48.17 11.84 68.79
N ALA H 2228 -46.84 11.74 68.85
CA ALA H 2228 -46.21 10.61 69.52
C ALA H 2228 -46.39 10.69 71.03
N ILE H 2229 -46.27 11.90 71.59
CA ILE H 2229 -46.44 12.07 73.03
C ILE H 2229 -47.90 11.91 73.41
N GLU H 2230 -48.81 12.43 72.57
CA GLU H 2230 -50.23 12.28 72.83
C GLU H 2230 -50.68 10.83 72.71
N GLU H 2231 -50.06 10.07 71.81
CA GLU H 2231 -50.30 8.63 71.79
C GLU H 2231 -49.71 7.95 73.00
N ALA H 2232 -48.57 8.44 73.49
CA ALA H 2232 -47.91 7.86 74.65
C ALA H 2232 -48.71 8.09 75.93
N ILE H 2233 -49.53 9.16 75.96
CA ILE H 2233 -50.47 9.33 77.06
C ILE H 2233 -51.52 8.23 77.04
N ARG H 2234 -51.98 7.86 75.84
CA ARG H 2234 -52.92 6.75 75.71
C ARG H 2234 -52.26 5.42 76.03
N ILE H 2235 -50.98 5.26 75.72
CA ILE H 2235 -50.26 4.05 76.08
C ILE H 2235 -50.04 3.99 77.59
N SER H 2236 -49.77 5.14 78.22
CA SER H 2236 -49.66 5.19 79.67
C SER H 2236 -51.00 4.98 80.35
N GLU H 2237 -52.10 5.24 79.66
CA GLU H 2237 -53.42 4.98 80.19
C GLU H 2237 -53.94 3.58 79.88
N ASP H 2238 -53.39 2.93 78.86
CA ASP H 2238 -53.83 1.59 78.49
C ASP H 2238 -52.88 0.56 79.07
N PRO H 2239 -53.32 -0.28 80.02
CA PRO H 2239 -52.42 -1.32 80.55
C PRO H 2239 -52.24 -2.52 79.63
N ALA H 2240 -53.00 -2.60 78.54
CA ALA H 2240 -52.90 -3.73 77.62
C ALA H 2240 -51.71 -3.64 76.69
N ARG H 2241 -50.95 -2.55 76.72
CA ARG H 2241 -49.77 -2.39 75.88
C ARG H 2241 -48.49 -2.88 76.56
N ASP H 2242 -48.61 -3.78 77.52
CA ASP H 2242 -47.47 -4.27 78.28
C ASP H 2242 -47.71 -5.73 78.61
N GLY H 2243 -46.90 -6.26 79.53
CA GLY H 2243 -47.08 -7.61 80.01
C GLY H 2243 -47.85 -7.64 81.31
N PRO H 2244 -49.09 -8.15 81.27
CA PRO H 2244 -49.93 -8.21 82.46
C PRO H 2244 -50.73 -9.50 82.56
N ASN H 2263 -41.25 -5.51 83.91
CA ASN H 2263 -41.77 -5.90 85.22
C ASN H 2263 -41.40 -4.88 86.28
N ARG H 2264 -40.61 -3.89 85.88
CA ARG H 2264 -40.17 -2.84 86.80
C ARG H 2264 -41.12 -1.65 86.77
N VAL H 2265 -41.32 -1.07 85.59
CA VAL H 2265 -42.16 0.10 85.41
C VAL H 2265 -43.06 -0.12 84.20
N HIS H 2266 -43.88 0.89 83.90
CA HIS H 2266 -44.75 0.83 82.75
C HIS H 2266 -43.96 1.07 81.47
N LEU H 2267 -44.54 0.63 80.35
CA LEU H 2267 -43.87 0.74 79.06
C LEU H 2267 -44.08 2.11 78.42
N GLY H 2268 -45.18 2.78 78.74
CA GLY H 2268 -45.43 4.10 78.19
C GLY H 2268 -44.48 5.18 78.70
N HIS H 2269 -43.90 4.99 79.88
CA HIS H 2269 -42.94 5.95 80.38
C HIS H 2269 -41.63 5.88 79.61
N ALA H 2270 -41.20 4.67 79.23
CA ALA H 2270 -39.98 4.51 78.44
C ALA H 2270 -40.12 5.08 77.03
N ILE H 2271 -41.34 5.29 76.56
CA ILE H 2271 -41.56 6.01 75.32
C ILE H 2271 -41.12 7.46 75.47
N MET H 2272 -41.65 8.15 76.48
CA MET H 2272 -41.42 9.58 76.62
C MET H 2272 -40.10 9.90 77.30
N SER H 2273 -39.58 8.98 78.14
CA SER H 2273 -38.31 9.23 78.81
C SER H 2273 -37.16 9.19 77.81
N PHE H 2274 -37.27 8.34 76.79
CA PHE H 2274 -36.28 8.35 75.72
C PHE H 2274 -36.43 9.58 74.83
N TYR H 2275 -37.67 10.01 74.58
CA TYR H 2275 -37.90 11.14 73.71
C TYR H 2275 -37.46 12.45 74.36
N ALA H 2276 -37.67 12.57 75.67
CA ALA H 2276 -37.14 13.72 76.39
C ALA H 2276 -35.62 13.65 76.50
N ALA H 2277 -35.06 12.44 76.50
CA ALA H 2277 -33.61 12.28 76.53
C ALA H 2277 -32.97 12.73 75.22
N LEU H 2278 -33.69 12.59 74.11
CA LEU H 2278 -33.19 13.10 72.84
C LEU H 2278 -33.17 14.62 72.83
N ILE H 2279 -34.18 15.24 73.44
CA ILE H 2279 -34.25 16.70 73.48
C ILE H 2279 -33.25 17.25 74.50
N ASP H 2280 -33.11 16.57 75.64
CA ASP H 2280 -32.15 17.00 76.66
C ASP H 2280 -30.71 16.82 76.18
N LEU H 2281 -30.48 15.86 75.28
CA LEU H 2281 -29.20 15.82 74.58
C LEU H 2281 -29.04 17.04 73.68
N LEU H 2282 -30.02 17.30 72.83
CA LEU H 2282 -29.94 18.42 71.90
C LEU H 2282 -30.05 19.76 72.61
N GLY H 2283 -30.68 19.80 73.78
CA GLY H 2283 -30.65 21.01 74.58
C GLY H 2283 -29.25 21.30 75.11
N ARG H 2284 -28.48 20.26 75.41
CA ARG H 2284 -27.09 20.41 75.75
C ARG H 2284 -26.18 20.39 74.54
N CYS H 2285 -26.70 20.02 73.37
CA CYS H 2285 -25.96 20.07 72.11
C CYS H 2285 -26.25 21.36 71.37
N ALA H 2286 -26.42 22.45 72.10
CA ALA H 2286 -26.65 23.75 71.48
C ALA H 2286 -25.38 24.19 70.74
N PRO H 2287 -25.53 24.79 69.55
CA PRO H 2287 -24.35 25.10 68.73
C PRO H 2287 -23.49 26.22 69.29
N GLU H 2288 -24.09 27.24 69.88
CA GLU H 2288 -23.33 28.41 70.29
C GLU H 2288 -23.91 28.98 71.57
N MET H 2289 -23.01 29.42 72.44
CA MET H 2289 -23.42 30.20 73.60
C MET H 2289 -23.39 31.67 73.19
N HIS H 2290 -23.70 32.53 74.16
CA HIS H 2290 -23.89 33.97 73.91
C HIS H 2290 -22.62 34.66 73.42
N LEU H 2291 -21.45 34.11 73.75
CA LEU H 2291 -20.19 34.67 73.26
C LEU H 2291 -20.09 34.54 71.74
N ILE H 2292 -20.38 33.34 71.23
CA ILE H 2292 -20.19 33.05 69.81
C ILE H 2292 -21.52 32.93 69.08
N GLN H 2293 -22.64 33.27 69.73
CA GLN H 2293 -23.89 33.37 69.00
C GLN H 2293 -23.89 34.58 68.07
N ALA H 2294 -23.17 35.64 68.45
CA ALA H 2294 -23.06 36.82 67.62
C ALA H 2294 -21.73 36.92 66.88
N GLY H 2295 -20.80 36.00 67.13
CA GLY H 2295 -19.50 36.08 66.52
C GLY H 2295 -19.04 34.83 65.80
N LYS H 2296 -19.98 34.06 65.27
CA LYS H 2296 -19.64 32.85 64.51
C LYS H 2296 -20.78 32.53 63.56
N GLY H 2297 -20.44 32.33 62.29
CA GLY H 2297 -21.44 31.98 61.29
C GLY H 2297 -21.54 30.49 61.07
N GLU H 2298 -20.51 29.75 61.48
CA GLU H 2298 -20.53 28.30 61.30
C GLU H 2298 -21.50 27.65 62.28
N ALA H 2299 -21.61 28.20 63.48
CA ALA H 2299 -22.57 27.68 64.45
C ALA H 2299 -24.01 28.02 64.08
N LEU H 2300 -24.20 29.02 63.22
CA LEU H 2300 -25.53 29.34 62.74
C LEU H 2300 -26.07 28.25 61.82
N ARG H 2301 -25.17 27.50 61.18
CA ARG H 2301 -25.58 26.38 60.33
C ARG H 2301 -26.27 25.30 61.15
N ILE H 2302 -25.69 24.93 62.29
CA ILE H 2302 -26.24 23.88 63.11
C ILE H 2302 -27.52 24.34 63.78
N ARG H 2303 -27.57 25.62 64.18
CA ARG H 2303 -28.80 26.17 64.76
C ARG H 2303 -29.91 26.23 63.72
N ALA H 2304 -29.57 26.51 62.46
CA ALA H 2304 -30.56 26.44 61.40
C ALA H 2304 -31.01 25.00 61.17
N ILE H 2305 -30.11 24.03 61.36
CA ILE H 2305 -30.50 22.63 61.27
C ILE H 2305 -31.41 22.26 62.44
N LEU H 2306 -31.00 22.62 63.65
CA LEU H 2306 -31.75 22.23 64.85
C LEU H 2306 -33.11 22.89 64.91
N ARG H 2307 -33.22 24.13 64.45
CA ARG H 2307 -34.54 24.76 64.35
C ARG H 2307 -35.37 24.13 63.25
N SER H 2308 -34.72 23.58 62.22
CA SER H 2308 -35.46 22.83 61.22
C SER H 2308 -35.84 21.44 61.72
N LEU H 2309 -35.11 20.90 62.69
CA LEU H 2309 -35.46 19.58 63.23
C LEU H 2309 -36.70 19.66 64.11
N VAL H 2310 -36.64 20.44 65.18
CA VAL H 2310 -37.78 20.63 66.07
C VAL H 2310 -38.44 21.96 65.73
N PRO H 2311 -39.71 21.95 65.33
CA PRO H 2311 -40.39 23.22 65.04
C PRO H 2311 -40.86 23.90 66.31
N LEU H 2312 -41.18 25.17 66.17
CA LEU H 2312 -41.85 25.90 67.23
C LEU H 2312 -43.31 25.46 67.32
N ASP H 2313 -43.90 25.66 68.50
CA ASP H 2313 -45.28 25.33 68.88
C ASP H 2313 -45.57 23.83 68.89
N ASP H 2314 -44.56 22.98 68.72
CA ASP H 2314 -44.67 21.56 69.00
C ASP H 2314 -44.26 21.24 70.42
N LEU H 2315 -43.22 21.91 70.92
CA LEU H 2315 -42.81 21.76 72.31
C LEU H 2315 -43.76 22.48 73.26
N VAL H 2316 -44.56 23.41 72.76
CA VAL H 2316 -45.42 24.21 73.63
C VAL H 2316 -46.56 23.36 74.18
N GLY H 2317 -47.13 22.49 73.34
CA GLY H 2317 -48.09 21.53 73.84
C GLY H 2317 -47.48 20.51 74.77
N ILE H 2318 -46.18 20.23 74.59
CA ILE H 2318 -45.46 19.37 75.52
C ILE H 2318 -45.26 20.08 76.86
N ILE H 2319 -45.09 21.41 76.83
CA ILE H 2319 -45.05 22.17 78.06
C ILE H 2319 -46.43 22.16 78.73
N SER H 2320 -47.47 22.38 77.95
CA SER H 2320 -48.84 22.40 78.48
C SER H 2320 -49.49 21.02 78.41
N LEU H 2321 -48.78 20.01 78.90
CA LEU H 2321 -49.35 18.69 79.18
C LEU H 2321 -50.07 18.51 80.51
N PRO H 2322 -49.63 19.14 81.64
CA PRO H 2322 -49.38 18.46 82.92
C PRO H 2322 -50.35 17.40 83.42
N LEU H 2323 -49.78 16.37 84.05
CA LEU H 2323 -50.52 15.20 84.48
C LEU H 2323 -51.25 15.48 85.79
N GLN H 2324 -51.81 14.42 86.39
CA GLN H 2324 -52.57 14.55 87.63
C GLN H 2324 -51.64 14.84 88.81
N ILE H 2325 -52.25 15.22 89.92
CA ILE H 2325 -51.54 15.66 91.11
C ILE H 2325 -51.70 14.59 92.19
N PRO H 2326 -50.62 14.07 92.75
CA PRO H 2326 -50.75 13.08 93.84
C PRO H 2326 -51.19 13.71 95.15
N THR H 2327 -52.47 14.08 95.25
CA THR H 2327 -53.02 14.71 96.45
C THR H 2327 -54.41 14.12 96.70
N LEU H 2328 -54.47 13.09 97.53
CA LEU H 2328 -55.73 12.44 97.87
C LEU H 2328 -55.66 11.78 99.24
N UNK H 2329 -54.12 8.93 98.15
CA UNK H 2329 -53.89 8.17 96.94
C UNK H 2329 -53.01 8.95 95.97
N UNK H 2330 -51.75 8.57 95.88
CA UNK H 2330 -50.80 9.27 95.02
C UNK H 2330 -50.92 8.82 93.56
N UNK H 2331 -50.13 9.44 92.70
CA UNK H 2331 -50.08 9.07 91.29
C UNK H 2331 -48.94 8.08 91.06
N UNK H 2332 -48.79 7.63 89.82
CA UNK H 2332 -47.76 6.65 89.50
C UNK H 2332 -46.44 7.33 89.12
N UNK H 2333 -45.34 6.67 89.47
CA UNK H 2333 -44.02 7.17 89.13
C UNK H 2333 -43.54 6.55 87.83
N UNK H 2334 -44.39 5.70 87.25
CA UNK H 2334 -44.07 5.04 85.99
C UNK H 2334 -44.90 5.62 84.85
N UNK H 2335 -45.28 6.89 85.01
CA UNK H 2335 -46.06 7.57 83.99
C UNK H 2335 -45.26 8.73 83.41
N UNK H 2336 -45.96 9.68 82.77
CA UNK H 2336 -45.32 10.83 82.15
C UNK H 2336 -44.75 11.76 83.22
N UNK H 2337 -43.43 11.68 83.41
CA UNK H 2337 -42.76 12.39 84.48
C UNK H 2337 -42.72 13.90 84.28
N UNK H 2338 -42.85 14.63 85.38
CA UNK H 2338 -42.80 16.08 85.37
C UNK H 2338 -41.37 16.57 85.21
N UNK H 2339 -40.42 15.72 85.58
CA UNK H 2339 -39.00 16.05 85.47
C UNK H 2339 -38.55 16.00 84.02
N UNK H 2340 -39.26 15.22 83.22
CA UNK H 2340 -38.94 15.08 81.81
C UNK H 2340 -39.56 16.22 80.99
N UNK H 2341 -40.41 17.01 81.64
CA UNK H 2341 -41.02 18.16 80.98
C UNK H 2341 -40.01 19.28 80.83
N UNK H 2342 -39.09 19.38 81.78
CA UNK H 2342 -38.08 20.43 81.77
C UNK H 2342 -36.94 20.10 80.81
N UNK H 2343 -36.88 18.84 80.36
CA UNK H 2343 -35.91 18.42 79.38
C UNK H 2343 -36.22 19.06 78.03
N UNK H 2344 -37.50 19.30 77.79
CA UNK H 2344 -37.93 19.97 76.57
C UNK H 2344 -37.68 21.47 76.67
N UNK H 2345 -37.61 21.97 77.91
CA UNK H 2345 -37.45 23.40 78.14
C UNK H 2345 -36.05 23.89 77.82
N UNK H 2346 -35.09 22.97 77.86
CA UNK H 2346 -33.70 23.31 77.62
C UNK H 2346 -33.44 23.67 76.16
N UNK H 2347 -34.09 22.96 75.25
CA UNK H 2347 -33.93 23.21 73.82
C UNK H 2347 -34.60 24.52 73.43
N UNK H 2348 -35.71 24.83 74.11
CA UNK H 2348 -36.42 26.08 73.86
C UNK H 2348 -35.61 27.25 74.38
N UNK H 2349 -34.80 27.00 75.40
CA UNK H 2349 -33.99 28.05 76.01
C UNK H 2349 -32.63 28.16 75.35
N UNK H 2350 -32.35 27.30 74.38
CA UNK H 2350 -31.02 27.29 73.78
C UNK H 2350 -31.00 27.00 72.28
N UNK H 2351 -32.13 27.14 71.61
CA UNK H 2351 -32.17 26.97 70.16
C UNK H 2351 -33.22 27.85 69.53
N UNK H 2352 -34.48 27.61 69.88
CA UNK H 2352 -35.58 28.43 69.39
C UNK H 2352 -35.53 29.80 70.05
N UNK H 2353 -35.02 29.82 71.29
CA UNK H 2353 -34.82 31.03 72.10
C UNK H 2353 -36.10 31.83 72.36
N UNK H 2354 -35.94 33.01 72.94
CA UNK H 2354 -37.06 33.88 73.27
C UNK H 2354 -36.60 35.33 73.42
N UNK H 2355 -36.97 36.17 72.45
CA UNK H 2355 -36.58 37.57 72.49
C UNK H 2355 -37.78 38.47 72.24
N UNK H 2356 -38.89 37.86 71.82
CA UNK H 2356 -40.09 38.61 71.50
C UNK H 2356 -41.05 38.67 72.68
N UNK H 2357 -42.30 39.02 72.40
CA UNK H 2357 -43.34 39.06 73.42
C UNK H 2357 -44.16 37.78 73.36
N UNK H 2358 -43.52 36.70 72.92
CA UNK H 2358 -44.16 35.39 72.84
C UNK H 2358 -44.04 34.67 74.19
N UNK H 2359 -43.36 35.31 75.13
CA UNK H 2359 -43.23 34.81 76.48
C UNK H 2359 -44.58 34.84 77.19
N UNK H 2360 -45.40 35.82 76.85
CA UNK H 2360 -46.74 35.94 77.40
C UNK H 2360 -47.62 34.79 76.92
N UNK H 2361 -47.39 34.36 75.69
CA UNK H 2361 -48.07 33.19 75.16
C UNK H 2361 -47.53 31.95 75.85
N UNK H 2362 -46.24 32.00 76.16
CA UNK H 2362 -45.59 30.90 76.87
C UNK H 2362 -45.98 30.91 78.34
N UNK H 2363 -46.28 32.10 78.88
CA UNK H 2363 -46.66 32.23 80.28
C UNK H 2363 -48.05 31.66 80.53
N UNK H 2364 -48.86 31.61 79.47
CA UNK H 2364 -50.21 31.05 79.56
C UNK H 2364 -50.21 29.56 79.25
N UNK H 2365 -49.06 28.92 79.41
CA UNK H 2365 -48.92 27.49 79.16
C UNK H 2365 -47.87 26.90 80.08
N UNK H 2366 -47.23 27.75 80.88
CA UNK H 2366 -46.16 27.30 81.78
C UNK H 2366 -46.45 27.66 83.23
N UNK H 2367 -47.16 28.76 83.44
CA UNK H 2367 -47.47 29.22 84.79
C UNK H 2367 -48.70 28.51 85.34
N UNK H 2368 -49.33 27.70 84.50
CA UNK H 2368 -50.47 26.88 84.92
C UNK H 2368 -49.98 25.82 85.89
N UNK H 2369 -48.79 25.29 85.63
CA UNK H 2369 -48.18 24.33 86.52
C UNK H 2369 -47.65 25.03 87.77
N UNK H 2370 -47.33 26.31 87.62
CA UNK H 2370 -46.84 27.12 88.74
C UNK H 2370 -47.97 27.40 89.72
N UNK H 2371 -49.20 27.43 89.20
CA UNK H 2371 -50.38 27.56 90.03
C UNK H 2371 -50.63 26.26 90.77
N UNK H 2372 -50.24 25.16 90.15
CA UNK H 2372 -50.38 23.83 90.75
C UNK H 2372 -49.21 23.53 91.67
N UNK H 2373 -48.19 24.38 91.62
CA UNK H 2373 -47.00 24.21 92.46
C UNK H 2373 -47.32 24.56 93.91
N UNK H 2374 -48.25 25.49 94.09
CA UNK H 2374 -48.65 25.91 95.43
C UNK H 2374 -49.82 25.06 95.94
N UNK H 2375 -50.29 24.15 95.10
CA UNK H 2375 -51.46 23.33 95.42
C UNK H 2375 -51.14 22.25 96.45
N UNK H 2376 -50.06 21.51 96.22
CA UNK H 2376 -49.71 20.39 97.09
C UNK H 2376 -48.73 20.79 98.18
N UNK H 2377 -48.85 22.02 98.67
CA UNK H 2377 -47.99 22.50 99.74
C UNK H 2377 -48.72 22.45 101.08
N UNK H 2378 -49.61 21.47 101.21
CA UNK H 2378 -50.46 21.38 102.40
C UNK H 2378 -50.26 20.06 103.14
N UNK H 2379 -50.41 18.95 102.44
CA UNK H 2379 -50.34 17.62 103.04
C UNK H 2379 -48.90 17.26 103.42
N UNK H 2380 -48.19 16.62 102.51
CA UNK H 2380 -46.81 16.22 102.74
C UNK H 2380 -46.03 16.25 101.45
N UNK H 2381 -46.76 16.41 100.34
CA UNK H 2381 -46.23 16.46 98.97
C UNK H 2381 -45.39 15.23 98.62
N UNK H 2382 -46.05 14.12 98.36
CA UNK H 2382 -45.37 12.91 97.94
C UNK H 2382 -44.86 13.11 96.51
N UNK H 2383 -43.60 12.73 96.29
CA UNK H 2383 -42.86 12.94 95.04
C UNK H 2383 -42.89 14.40 94.60
N UNK H 2384 -41.97 15.19 95.16
CA UNK H 2384 -41.89 16.61 94.83
C UNK H 2384 -41.03 16.82 93.59
N UNK H 2385 -41.46 16.26 92.47
CA UNK H 2385 -40.75 16.38 91.21
C UNK H 2385 -40.93 17.77 90.64
N UNK H 2386 -42.10 18.35 90.90
CA UNK H 2386 -42.44 19.69 90.43
C UNK H 2386 -41.62 20.74 91.16
N UNK H 2387 -41.17 20.40 92.37
CA UNK H 2387 -40.28 21.25 93.14
C UNK H 2387 -38.92 21.34 92.44
N UNK H 2388 -38.54 20.26 91.76
CA UNK H 2388 -37.32 20.25 90.98
C UNK H 2388 -37.59 20.73 89.55
N UNK H 2389 -38.80 20.48 89.06
CA UNK H 2389 -39.15 20.85 87.70
C UNK H 2389 -39.31 22.35 87.55
N UNK H 2390 -39.64 23.02 88.65
CA UNK H 2390 -39.73 24.46 88.65
C UNK H 2390 -38.44 25.06 89.18
N UNK H 2391 -37.49 24.19 89.53
CA UNK H 2391 -36.20 24.64 90.01
C UNK H 2391 -35.22 24.80 88.85
N UNK H 2392 -35.69 24.49 87.65
CA UNK H 2392 -34.86 24.60 86.47
C UNK H 2392 -35.64 25.27 85.34
N UNK H 2393 -36.79 25.84 85.68
CA UNK H 2393 -37.64 26.50 84.71
C UNK H 2393 -37.91 27.95 85.10
N UNK H 2394 -37.80 28.23 86.40
CA UNK H 2394 -38.04 29.57 86.91
C UNK H 2394 -36.83 30.45 86.69
N UNK H 2395 -35.68 29.83 86.45
CA UNK H 2395 -34.45 30.55 86.19
C UNK H 2395 -34.49 31.21 84.82
N UNK H 2396 -35.23 30.61 83.90
CA UNK H 2396 -35.44 31.17 82.58
C UNK H 2396 -36.32 32.39 82.69
N UNK H 2397 -37.24 32.36 83.64
CA UNK H 2397 -38.10 33.49 83.93
C UNK H 2397 -37.28 34.59 84.61
N UNK H 2398 -36.24 34.18 85.33
CA UNK H 2398 -35.35 35.11 86.00
C UNK H 2398 -34.42 35.81 85.01
N UNK H 2399 -34.28 35.22 83.83
CA UNK H 2399 -33.44 35.80 82.79
C UNK H 2399 -34.30 36.52 81.75
N UNK H 2400 -35.30 37.25 82.20
CA UNK H 2400 -36.19 37.97 81.30
C UNK H 2400 -36.79 39.21 81.95
N UNK H 2401 -36.23 40.37 81.64
CA UNK H 2401 -36.71 41.63 82.20
C UNK H 2401 -37.63 42.35 81.21
N UNK H 2402 -38.24 41.58 80.31
CA UNK H 2402 -39.13 42.14 79.31
C UNK H 2402 -40.54 42.30 79.88
N UNK H 2403 -40.92 43.55 80.14
CA UNK H 2403 -42.25 43.84 80.66
C UNK H 2403 -42.87 45.00 79.88
N UNK H 2404 -44.20 45.08 79.91
CA UNK H 2404 -44.90 46.13 79.18
C UNK H 2404 -46.25 46.46 79.82
N UNK H 2405 -47.26 46.67 79.00
CA UNK H 2405 -48.60 47.01 79.48
C UNK H 2405 -49.51 45.79 79.47
N UNK H 2406 -50.80 46.04 79.72
CA UNK H 2406 -51.85 45.03 79.78
C UNK H 2406 -51.53 43.91 80.77
N UNK H 2407 -51.34 44.29 82.04
CA UNK H 2407 -50.97 43.33 83.07
C UNK H 2407 -52.16 42.49 83.52
N UNK H 2408 -52.57 41.54 82.68
CA UNK H 2408 -53.69 40.68 83.00
C UNK H 2408 -53.25 39.56 83.95
N UNK H 2409 -52.41 38.67 83.44
CA UNK H 2409 -51.97 37.51 84.22
C UNK H 2409 -50.60 37.75 84.87
N UNK H 2410 -50.04 38.93 84.63
CA UNK H 2410 -48.74 39.29 85.17
C UNK H 2410 -48.82 39.47 86.68
N UNK H 2411 -49.92 40.05 87.13
CA UNK H 2411 -50.18 40.22 88.55
C UNK H 2411 -50.50 38.87 89.18
N UNK H 2412 -51.12 38.00 88.38
CA UNK H 2412 -51.46 36.65 88.83
C UNK H 2412 -50.19 35.81 88.95
N UNK H 2413 -49.23 36.06 88.07
CA UNK H 2413 -47.97 35.33 88.08
C UNK H 2413 -47.14 35.68 89.29
N UNK H 2414 -47.14 36.97 89.65
CA UNK H 2414 -46.40 37.45 90.81
C UNK H 2414 -47.07 36.97 92.10
N UNK H 2415 -48.38 36.85 92.06
CA UNK H 2415 -49.14 36.35 93.19
C UNK H 2415 -48.87 34.85 93.36
N UNK H 2416 -48.71 34.16 92.24
CA UNK H 2416 -48.38 32.75 92.25
C UNK H 2416 -46.95 32.55 92.69
N UNK H 2417 -46.09 33.51 92.33
CA UNK H 2417 -44.68 33.47 92.69
C UNK H 2417 -44.50 33.68 94.18
N UNK H 2418 -45.24 34.63 94.72
CA UNK H 2418 -45.15 34.97 96.14
C UNK H 2418 -45.76 33.87 97.01
N UNK H 2419 -46.67 33.10 96.43
CA UNK H 2419 -47.29 31.99 97.12
C UNK H 2419 -46.27 30.88 97.39
N UNK H 2420 -45.48 30.56 96.37
CA UNK H 2420 -44.48 29.52 96.51
C UNK H 2420 -43.27 30.02 97.28
N UNK H 2421 -43.01 31.32 97.18
CA UNK H 2421 -41.84 31.92 97.83
C UNK H 2421 -42.02 31.99 99.34
N UNK H 2422 -43.21 32.38 99.78
CA UNK H 2422 -43.51 32.49 101.20
C UNK H 2422 -43.63 31.10 101.81
N UNK H 2423 -44.03 30.13 101.00
CA UNK H 2423 -44.13 28.75 101.44
C UNK H 2423 -42.76 28.07 101.43
N UNK H 2424 -41.92 28.43 102.39
CA UNK H 2424 -40.61 27.83 102.52
C UNK H 2424 -40.64 26.71 103.55
N UNK H 2425 -41.81 26.52 104.16
CA UNK H 2425 -41.99 25.49 105.18
C UNK H 2425 -42.11 24.11 104.56
N UNK H 2426 -43.21 23.88 103.85
CA UNK H 2426 -43.44 22.61 103.16
C UNK H 2426 -42.49 22.49 101.97
N UNK H 2427 -41.67 21.43 101.97
CA UNK H 2427 -40.60 21.18 101.01
C UNK H 2427 -39.66 22.38 100.88
N UNK H 2428 -38.68 22.44 101.78
CA UNK H 2428 -37.80 23.60 101.88
C UNK H 2428 -36.80 23.68 100.74
N UNK H 2429 -35.67 22.97 100.89
CA UNK H 2429 -34.49 23.05 100.01
C UNK H 2429 -33.99 24.50 99.86
N UNK H 2430 -33.02 24.85 100.71
CA UNK H 2430 -32.51 26.21 100.82
C UNK H 2430 -31.85 26.71 99.55
N UNK H 2431 -31.30 25.78 98.77
CA UNK H 2431 -30.76 26.09 97.46
C UNK H 2431 -31.90 26.48 96.52
N UNK H 2432 -32.97 25.69 96.56
CA UNK H 2432 -34.14 25.96 95.75
C UNK H 2432 -34.90 27.16 96.30
N UNK H 2433 -34.79 27.38 97.60
CA UNK H 2433 -35.41 28.52 98.26
C UNK H 2433 -34.73 29.81 97.82
N UNK H 2434 -33.39 29.78 97.76
CA UNK H 2434 -32.63 30.93 97.34
C UNK H 2434 -32.79 31.16 95.83
N UNK H 2435 -33.03 30.08 95.11
CA UNK H 2435 -33.24 30.14 93.67
C UNK H 2435 -34.58 30.80 93.37
N UNK H 2436 -35.58 30.48 94.19
CA UNK H 2436 -36.91 31.05 94.03
C UNK H 2436 -36.94 32.49 94.53
N UNK H 2437 -36.09 32.78 95.51
CA UNK H 2437 -36.03 34.11 96.09
C UNK H 2437 -35.38 35.10 95.14
N UNK H 2438 -34.39 34.62 94.39
CA UNK H 2438 -33.65 35.45 93.46
C UNK H 2438 -34.51 35.87 92.28
N UNK H 2439 -35.40 34.98 91.86
CA UNK H 2439 -36.27 35.25 90.72
C UNK H 2439 -37.33 36.28 91.07
N UNK H 2440 -37.76 36.28 92.34
CA UNK H 2440 -38.80 37.18 92.79
C UNK H 2440 -38.28 38.61 92.91
N UNK H 2441 -37.09 38.74 93.48
CA UNK H 2441 -36.50 40.05 93.74
C UNK H 2441 -36.06 40.71 92.44
N UNK H 2442 -35.66 39.90 91.47
CA UNK H 2442 -35.20 40.42 90.19
C UNK H 2442 -36.40 40.80 89.32
N UNK H 2443 -37.56 40.25 89.63
CA UNK H 2443 -38.77 40.50 88.87
C UNK H 2443 -39.29 41.91 89.06
N UNK H 2444 -38.96 42.50 90.21
CA UNK H 2444 -39.41 43.84 90.55
C UNK H 2444 -38.66 44.92 89.76
N UNK H 2445 -37.49 44.55 89.22
CA UNK H 2445 -36.67 45.50 88.46
C UNK H 2445 -37.00 45.45 86.98
N UNK H 2446 -38.28 45.30 86.65
CA UNK H 2446 -38.73 45.27 85.27
C UNK H 2446 -40.15 45.82 85.17
N UNK H 2447 -40.89 45.71 86.26
CA UNK H 2447 -42.27 46.20 86.31
C UNK H 2447 -42.33 47.62 86.88
N UNK H 2448 -43.38 48.36 86.54
CA UNK H 2448 -43.51 49.74 86.98
C UNK H 2448 -44.84 49.99 87.69
N UNK H 2449 -44.84 49.81 89.00
CA UNK H 2449 -45.96 50.11 89.92
C UNK H 2449 -47.27 49.41 89.57
N UNK H 2450 -47.17 48.22 88.96
CA UNK H 2450 -48.35 47.45 88.63
C UNK H 2450 -48.58 46.39 89.70
N UNK H 2451 -47.59 46.22 90.57
CA UNK H 2451 -47.66 45.24 91.64
C UNK H 2451 -48.32 45.81 92.87
N UNK H 2452 -49.61 46.10 92.75
CA UNK H 2452 -50.36 46.68 93.86
C UNK H 2452 -50.95 45.58 94.75
N UNK H 2453 -51.37 44.49 94.11
CA UNK H 2453 -52.02 43.40 94.82
C UNK H 2453 -51.04 42.62 95.68
N UNK H 2454 -49.82 42.46 95.18
CA UNK H 2454 -48.79 41.74 95.91
C UNK H 2454 -48.29 42.58 97.08
N UNK H 2455 -48.27 43.89 96.89
CA UNK H 2455 -47.83 44.81 97.92
C UNK H 2455 -48.87 44.90 99.03
N UNK H 2456 -50.13 44.72 98.66
CA UNK H 2456 -51.24 44.78 99.61
C UNK H 2456 -51.19 43.59 100.56
N UNK H 2457 -50.89 42.43 100.01
CA UNK H 2457 -50.81 41.21 100.79
C UNK H 2457 -49.50 41.17 101.59
N UNK H 2458 -48.52 41.93 101.13
CA UNK H 2458 -47.21 41.98 101.77
C UNK H 2458 -47.30 42.66 103.13
N UNK H 2459 -48.14 43.68 103.22
CA UNK H 2459 -48.30 44.43 104.47
C UNK H 2459 -49.04 43.60 105.52
N UNK H 2460 -49.93 42.74 105.06
CA UNK H 2460 -50.72 41.91 105.96
C UNK H 2460 -50.12 40.52 106.11
N UNK H 2461 -48.80 40.44 106.06
CA UNK H 2461 -48.11 39.17 106.20
C UNK H 2461 -46.69 39.37 106.73
N UNK H 2462 -45.87 40.08 105.96
CA UNK H 2462 -44.47 40.30 106.30
C UNK H 2462 -44.32 41.27 107.46
N UNK H 2463 -45.11 42.34 107.44
CA UNK H 2463 -45.08 43.35 108.49
C UNK H 2463 -45.70 42.79 109.77
N UNK H 2464 -46.58 41.81 109.61
CA UNK H 2464 -47.19 41.13 110.74
C UNK H 2464 -46.16 40.28 111.45
N UNK H 2465 -45.97 39.06 110.97
CA UNK H 2465 -44.98 38.15 111.56
C UNK H 2465 -43.57 38.55 111.11
N UNK H 2466 -43.02 39.55 111.79
CA UNK H 2466 -41.69 40.06 111.44
C UNK H 2466 -40.60 39.36 112.25
N UNK H 2467 -40.49 38.05 112.09
CA UNK H 2467 -39.48 37.27 112.80
C UNK H 2467 -39.16 35.97 112.06
N UNK H 2468 -39.97 35.65 111.06
CA UNK H 2468 -39.82 34.40 110.33
C UNK H 2468 -38.66 34.45 109.34
N UNK H 2469 -38.41 33.32 108.69
CA UNK H 2469 -37.34 33.21 107.71
C UNK H 2469 -37.73 33.86 106.38
N UNK H 2470 -39.02 33.85 106.08
CA UNK H 2470 -39.53 34.43 104.84
C UNK H 2470 -39.65 35.95 104.95
N UNK H 2471 -39.56 36.45 106.18
CA UNK H 2471 -39.67 37.88 106.44
C UNK H 2471 -38.44 38.65 105.98
N UNK H 2472 -37.27 38.02 106.13
CA UNK H 2472 -36.01 38.65 105.79
C UNK H 2472 -35.87 38.84 104.27
N UNK H 2473 -36.42 37.88 103.52
CA UNK H 2473 -36.40 37.96 102.07
C UNK H 2473 -37.40 39.00 101.58
N UNK H 2474 -38.52 39.09 102.27
CA UNK H 2474 -39.57 40.03 101.89
C UNK H 2474 -39.21 41.46 102.27
N UNK H 2475 -38.37 41.60 103.29
CA UNK H 2475 -37.95 42.93 103.76
C UNK H 2475 -37.02 43.58 102.75
N UNK H 2476 -36.18 42.77 102.12
CA UNK H 2476 -35.24 43.26 101.13
C UNK H 2476 -35.95 43.62 99.84
N UNK H 2477 -37.07 42.95 99.60
CA UNK H 2477 -37.86 43.17 98.39
C UNK H 2477 -38.53 44.55 98.44
N UNK H 2478 -38.97 44.94 99.62
CA UNK H 2478 -39.62 46.23 99.81
C UNK H 2478 -38.60 47.36 99.78
N UNK H 2479 -37.36 47.03 100.13
CA UNK H 2479 -36.28 48.01 100.13
C UNK H 2479 -35.92 48.42 98.71
N UNK H 2480 -36.11 47.50 97.78
CA UNK H 2480 -35.85 47.77 96.37
C UNK H 2480 -36.95 48.67 95.80
N UNK H 2481 -38.15 48.55 96.35
CA UNK H 2481 -39.27 49.36 95.92
C UNK H 2481 -39.13 50.79 96.40
N UNK H 2482 -38.36 50.97 97.47
CA UNK H 2482 -38.07 52.29 98.00
C UNK H 2482 -37.16 53.07 97.07
N UNK H 2483 -36.35 52.35 96.30
CA UNK H 2483 -35.42 52.98 95.37
C UNK H 2483 -36.04 53.09 93.97
N UNK H 2484 -37.36 53.30 93.93
CA UNK H 2484 -38.07 53.45 92.68
C UNK H 2484 -39.20 54.45 92.84
N UNK H 2485 -39.18 55.19 93.95
CA UNK H 2485 -40.22 56.15 94.25
C UNK H 2485 -39.66 57.39 94.93
N UNK H 2486 -38.34 57.57 94.83
CA UNK H 2486 -37.68 58.72 95.44
C UNK H 2486 -37.83 59.96 94.58
N UNK H 2487 -38.20 59.76 93.31
CA UNK H 2487 -38.42 60.87 92.39
C UNK H 2487 -39.89 60.94 92.02
N UNK H 2488 -40.37 59.90 91.36
CA UNK H 2488 -41.78 59.82 90.97
C UNK H 2488 -42.47 58.74 91.78
N UNK H 2489 -43.42 58.05 91.15
CA UNK H 2489 -44.16 56.91 91.70
C UNK H 2489 -44.89 57.22 93.01
N UNK H 2490 -45.31 58.46 93.17
CA UNK H 2490 -46.06 58.87 94.35
C UNK H 2490 -47.51 59.11 93.95
N UNK H 2491 -47.92 58.50 92.86
CA UNK H 2491 -49.26 58.69 92.32
C UNK H 2491 -50.19 57.51 92.63
N UNK H 2492 -50.31 57.19 93.92
CA UNK H 2492 -51.19 56.11 94.36
C UNK H 2492 -51.62 56.34 95.80
N UNK H 2493 -52.88 56.72 95.99
CA UNK H 2493 -53.39 57.07 97.31
C UNK H 2493 -53.66 55.84 98.16
N UNK H 2494 -54.19 54.78 97.53
CA UNK H 2494 -54.53 53.55 98.23
C UNK H 2494 -53.28 52.81 98.67
N UNK H 2495 -52.21 52.96 97.88
CA UNK H 2495 -50.93 52.37 98.23
C UNK H 2495 -50.29 53.16 99.36
N UNK H 2496 -50.53 54.46 99.36
CA UNK H 2496 -49.94 55.37 100.36
C UNK H 2496 -50.54 55.11 101.74
N UNK H 2497 -51.81 54.73 101.76
CA UNK H 2497 -52.48 54.40 103.01
C UNK H 2497 -51.94 53.08 103.53
N UNK H 2498 -51.62 52.18 102.61
CA UNK H 2498 -51.01 50.90 102.96
C UNK H 2498 -49.56 51.11 103.38
N UNK H 2499 -48.92 52.12 102.79
CA UNK H 2499 -47.54 52.45 103.10
C UNK H 2499 -47.43 53.07 104.48
N UNK H 2500 -48.47 53.79 104.87
CA UNK H 2500 -48.52 54.41 106.19
C UNK H 2500 -48.74 53.34 107.25
N UNK H 2501 -49.47 52.29 106.89
CA UNK H 2501 -49.77 51.20 107.80
C UNK H 2501 -48.54 50.36 108.05
N UNK H 2502 -47.72 50.19 107.01
CA UNK H 2502 -46.51 49.39 107.11
C UNK H 2502 -45.44 50.10 107.92
N UNK H 2503 -45.47 51.44 107.88
CA UNK H 2503 -44.51 52.26 108.61
C UNK H 2503 -44.77 52.18 110.10
N UNK H 2504 -46.04 52.15 110.47
CA UNK H 2504 -46.42 52.02 111.87
C UNK H 2504 -46.16 50.60 112.36
N UNK H 2505 -46.31 49.64 111.44
CA UNK H 2505 -46.08 48.24 111.76
C UNK H 2505 -44.59 47.97 111.94
N UNK H 2506 -43.77 48.69 111.19
CA UNK H 2506 -42.32 48.56 111.28
C UNK H 2506 -41.80 49.21 112.56
N UNK H 2507 -42.54 50.19 113.06
CA UNK H 2507 -42.18 50.88 114.29
C UNK H 2507 -42.44 50.01 115.52
N UNK H 2508 -43.29 49.00 115.35
CA UNK H 2508 -43.65 48.11 116.45
C UNK H 2508 -42.56 47.09 116.73
N UNK H 2509 -41.65 46.90 115.79
CA UNK H 2509 -40.60 45.91 115.92
C UNK H 2509 -39.38 46.45 116.67
N UNK H 2510 -39.44 47.72 117.05
CA UNK H 2510 -38.33 48.37 117.76
C UNK H 2510 -38.23 47.85 119.18
N UNK H 2511 -39.36 47.74 119.86
CA UNK H 2511 -39.39 47.27 121.23
C UNK H 2511 -39.70 45.78 121.28
N UNK H 2512 -39.59 45.12 120.14
CA UNK H 2512 -39.84 43.68 120.06
C UNK H 2512 -38.64 42.89 120.59
N UNK H 2513 -37.94 42.22 119.69
CA UNK H 2513 -36.78 41.41 120.07
C UNK H 2513 -35.54 42.29 120.23
N UNK H 2514 -34.54 41.76 120.92
CA UNK H 2514 -33.27 42.48 121.11
C UNK H 2514 -32.17 41.80 120.32
N UNK H 2515 -32.55 41.16 119.21
CA UNK H 2515 -31.59 40.48 118.36
C UNK H 2515 -30.80 41.46 117.52
N UNK H 2516 -29.55 41.70 117.91
CA UNK H 2516 -28.66 42.60 117.19
C UNK H 2516 -28.22 41.96 115.87
N UNK H 2517 -27.75 42.80 114.94
CA UNK H 2517 -27.23 42.40 113.62
C UNK H 2517 -28.21 41.62 112.73
N UNK H 2518 -28.67 40.45 113.21
CA UNK H 2518 -29.58 39.59 112.47
C UNK H 2518 -30.91 40.26 112.16
N UNK H 2519 -31.75 40.44 113.18
CA UNK H 2519 -33.06 41.05 112.99
C UNK H 2519 -32.96 42.57 113.06
N UNK H 2520 -31.84 43.07 113.56
CA UNK H 2520 -31.66 44.51 113.75
C UNK H 2520 -31.33 45.21 112.43
N UNK H 2521 -30.27 44.77 111.78
CA UNK H 2521 -29.77 45.43 110.58
C UNK H 2521 -30.50 45.00 109.31
N UNK H 2522 -31.41 44.04 109.45
CA UNK H 2522 -32.16 43.53 108.30
C UNK H 2522 -33.17 44.55 107.80
N UNK H 2523 -33.68 45.36 108.71
CA UNK H 2523 -34.69 46.36 108.35
C UNK H 2523 -34.29 47.75 108.82
N UNK H 2524 -33.05 47.88 109.29
CA UNK H 2524 -32.52 49.17 109.72
C UNK H 2524 -32.32 50.09 108.53
N UNK H 2525 -32.00 49.48 107.40
CA UNK H 2525 -31.83 50.20 106.14
C UNK H 2525 -33.16 50.28 105.40
N UNK H 2526 -34.20 49.67 105.97
CA UNK H 2526 -35.51 49.67 105.35
C UNK H 2526 -36.38 50.81 105.90
N UNK H 2527 -35.74 51.87 106.33
CA UNK H 2527 -36.43 53.07 106.78
C UNK H 2527 -36.54 54.05 105.61
N UNK H 2528 -35.97 53.66 104.48
CA UNK H 2528 -35.98 54.48 103.27
C UNK H 2528 -37.31 54.37 102.56
N UNK H 2529 -38.11 53.36 102.93
CA UNK H 2529 -39.45 53.20 102.39
C UNK H 2529 -40.36 54.30 102.93
N UNK H 2530 -40.07 54.73 104.15
CA UNK H 2530 -40.79 55.83 104.76
C UNK H 2530 -40.26 57.16 104.24
N UNK H 2531 -39.06 57.14 103.68
CA UNK H 2531 -38.43 58.34 103.16
C UNK H 2531 -39.04 58.79 101.84
N UNK H 2532 -39.66 57.84 101.13
CA UNK H 2532 -40.29 58.16 99.85
C UNK H 2532 -41.68 58.77 100.05
N UNK H 2533 -42.21 58.64 101.27
CA UNK H 2533 -43.53 59.16 101.60
C UNK H 2533 -43.49 60.65 101.89
N UNK H 2534 -44.59 61.33 101.63
CA UNK H 2534 -44.69 62.77 101.85
C UNK H 2534 -45.00 63.07 103.31
N UNK H 2535 -45.06 64.35 103.65
CA UNK H 2535 -45.33 64.77 105.02
C UNK H 2535 -46.83 65.00 105.24
N UNK H 2536 -47.61 64.85 104.18
CA UNK H 2536 -49.05 65.05 104.26
C UNK H 2536 -49.73 63.89 104.97
N UNK H 2537 -50.85 64.19 105.63
CA UNK H 2537 -51.64 63.17 106.29
C UNK H 2537 -52.93 62.93 105.52
N UNK H 2538 -53.01 61.76 104.88
CA UNK H 2538 -54.17 61.42 104.07
C UNK H 2538 -55.37 61.03 104.92
N UNK H 2539 -56.48 60.74 104.25
CA UNK H 2539 -57.71 60.36 104.94
C UNK H 2539 -57.60 58.96 105.54
N UNK H 2540 -57.05 58.88 106.74
CA UNK H 2540 -56.89 57.60 107.42
C UNK H 2540 -57.43 57.69 108.85
N UNK H 2541 -58.29 56.74 109.21
CA UNK H 2541 -58.88 56.71 110.55
C UNK H 2541 -57.98 55.97 111.52
N UNK H 2542 -58.57 55.45 112.58
CA UNK H 2542 -57.80 54.74 113.61
C UNK H 2542 -58.60 53.61 114.23
N UNK H 2543 -58.15 52.38 114.00
CA UNK H 2543 -58.78 51.19 114.56
C UNK H 2543 -57.78 50.05 114.65
N UNK H 2544 -57.98 49.16 115.62
CA UNK H 2544 -57.09 48.01 115.79
C UNK H 2544 -57.84 46.84 116.38
N UNK H 2545 -57.39 45.63 116.08
CA UNK H 2545 -58.02 44.42 116.59
C UNK H 2545 -56.99 43.36 116.95
N ASN H 2546 -51.41 32.94 109.22
CA ASN H 2546 -52.34 33.10 110.33
C ASN H 2546 -52.89 34.51 110.41
N PHE H 2547 -54.16 34.62 110.81
CA PHE H 2547 -54.80 35.92 110.96
C PHE H 2547 -55.93 35.78 111.97
N ASP H 2548 -56.03 36.76 112.88
CA ASP H 2548 -56.98 36.70 113.98
C ASP H 2548 -57.69 38.04 114.15
N PRO H 2549 -58.83 38.23 113.50
CA PRO H 2549 -59.63 39.43 113.74
C PRO H 2549 -60.49 39.27 114.99
N ARG H 2550 -61.09 40.39 115.41
CA ARG H 2550 -61.94 40.42 116.60
C ARG H 2550 -63.26 41.11 116.30
N PRO H 2551 -64.26 40.37 115.85
CA PRO H 2551 -65.63 40.90 115.78
C PRO H 2551 -66.30 40.78 117.15
N VAL H 2552 -67.54 41.25 117.22
CA VAL H 2552 -68.33 41.17 118.44
C VAL H 2552 -69.35 40.05 118.28
N GLU H 2553 -69.65 39.36 119.38
CA GLU H 2553 -70.67 38.32 119.37
C GLU H 2553 -72.04 38.98 119.41
N THR H 2554 -72.73 38.98 118.27
CA THR H 2554 -73.98 39.70 118.12
C THR H 2554 -75.19 38.88 118.53
N LEU H 2555 -75.05 37.57 118.70
CA LEU H 2555 -76.19 36.69 118.93
C LEU H 2555 -76.78 36.85 120.33
N ASN H 2556 -76.00 37.34 121.29
CA ASN H 2556 -76.50 37.59 122.63
C ASN H 2556 -76.93 39.04 122.84
N VAL H 2557 -77.04 39.82 121.76
CA VAL H 2557 -77.40 41.23 121.85
C VAL H 2557 -78.90 41.36 121.69
N ILE H 2558 -79.54 42.04 122.64
CA ILE H 2558 -80.98 42.22 122.65
C ILE H 2558 -81.34 43.45 121.83
N ILE H 2559 -82.16 43.26 120.80
CA ILE H 2559 -82.70 44.39 120.04
C ILE H 2559 -83.92 44.92 120.79
N PRO H 2560 -84.05 46.24 120.94
CA PRO H 2560 -85.29 46.80 121.51
C PRO H 2560 -86.47 46.55 120.59
N GLU H 2561 -87.67 46.49 121.20
CA GLU H 2561 -88.89 46.13 120.49
C GLU H 2561 -89.34 47.21 119.51
N LYS H 2562 -88.92 48.45 119.71
CA LYS H 2562 -89.24 49.51 118.76
C LYS H 2562 -88.41 49.40 117.48
N LEU H 2563 -87.30 48.66 117.51
CA LEU H 2563 -86.48 48.46 116.33
C LEU H 2563 -86.84 47.21 115.55
N ASP H 2564 -87.71 46.35 116.07
CA ASP H 2564 -88.01 45.08 115.42
C ASP H 2564 -88.85 45.27 114.17
N SER H 2565 -89.87 46.14 114.24
CA SER H 2565 -90.59 46.51 113.03
C SER H 2565 -89.76 47.42 112.14
N PHE H 2566 -88.83 48.17 112.75
CA PHE H 2566 -87.94 49.05 111.99
C PHE H 2566 -86.96 48.25 111.14
N ILE H 2567 -86.60 47.04 111.58
CA ILE H 2567 -85.87 46.11 110.73
C ILE H 2567 -86.74 45.64 109.57
N ASN H 2568 -88.01 45.35 109.86
CA ASN H 2568 -88.95 44.95 108.81
C ASN H 2568 -89.27 46.10 107.87
N LYS H 2569 -89.17 47.34 108.36
CA LYS H 2569 -89.30 48.49 107.47
C LYS H 2569 -88.07 48.61 106.56
N PHE H 2570 -86.89 48.24 107.06
CA PHE H 2570 -85.74 48.14 106.17
C PHE H 2570 -85.84 46.94 105.27
N ALA H 2571 -86.44 45.84 105.77
CA ALA H 2571 -86.70 44.67 104.93
C ALA H 2571 -87.76 44.98 103.89
N GLU H 2572 -88.69 45.89 104.19
CA GLU H 2572 -89.55 46.44 103.16
C GLU H 2572 -88.74 47.29 102.18
N TYR H 2573 -87.83 48.11 102.70
CA TYR H 2573 -86.96 48.92 101.85
C TYR H 2573 -85.90 48.08 101.14
N THR H 2574 -85.57 46.90 101.69
CA THR H 2574 -84.64 46.00 101.02
C THR H 2574 -85.20 45.52 99.68
N HIS H 2575 -86.47 45.12 99.68
CA HIS H 2575 -87.11 44.73 98.42
C HIS H 2575 -87.54 45.95 97.61
N GLU H 2576 -87.76 47.10 98.25
CA GLU H 2576 -88.22 48.29 97.54
C GLU H 2576 -87.12 48.85 96.64
N LYS H 2577 -85.86 48.79 97.08
CA LYS H 2577 -84.75 49.30 96.29
C LYS H 2577 -84.22 48.25 95.32
N TRP H 2578 -84.20 46.98 95.73
CA TRP H 2578 -83.58 45.94 94.93
C TRP H 2578 -84.46 45.53 93.75
N ALA H 2579 -85.78 45.48 93.93
CA ALA H 2579 -86.66 45.07 92.84
C ALA H 2579 -86.95 46.19 91.85
N PHE H 2580 -86.69 47.45 92.22
CA PHE H 2580 -86.88 48.54 91.26
C PHE H 2580 -85.79 48.54 90.20
N ASP H 2581 -84.56 48.17 90.58
CA ASP H 2581 -83.51 48.01 89.59
C ASP H 2581 -83.73 46.77 88.72
N LYS H 2582 -84.50 45.80 89.22
CA LYS H 2582 -84.93 44.69 88.36
C LYS H 2582 -85.91 45.15 87.30
N ILE H 2583 -86.72 46.16 87.60
CA ILE H 2583 -87.62 46.73 86.60
C ILE H 2583 -86.85 47.61 85.63
N GLN H 2584 -85.75 48.22 86.08
CA GLN H 2584 -84.88 48.98 85.18
C GLN H 2584 -84.17 48.07 84.18
N ASN H 2585 -83.91 46.83 84.56
CA ASN H 2585 -83.42 45.82 83.63
C ASN H 2585 -84.54 44.93 83.12
N ASN H 2586 -85.79 45.25 83.46
CA ASN H 2586 -87.01 44.61 82.96
C ASN H 2586 -87.08 43.13 83.33
N TRP H 2587 -86.99 42.87 84.63
CA TRP H 2587 -87.17 41.53 85.18
C TRP H 2587 -88.63 41.37 85.60
N SER H 2588 -89.33 40.45 84.95
CA SER H 2588 -90.77 40.32 85.11
C SER H 2588 -91.11 39.39 86.28
N TYR H 2589 -92.37 38.98 86.37
CA TYR H 2589 -92.87 38.10 87.43
C TYR H 2589 -92.98 36.67 86.92
N GLY H 2590 -92.84 35.72 87.84
CA GLY H 2590 -92.97 34.31 87.48
C GLY H 2590 -93.10 33.37 88.66
N GLU H 2591 -92.61 32.14 88.49
CA GLU H 2591 -92.65 31.11 89.51
C GLU H 2591 -91.35 30.97 90.29
N ASN H 2592 -90.21 31.02 89.60
CA ASN H 2592 -88.91 30.92 90.24
C ASN H 2592 -87.98 31.94 89.64
N VAL H 2593 -86.78 32.04 90.20
CA VAL H 2593 -85.77 32.99 89.73
C VAL H 2593 -85.12 32.40 88.48
N ASP H 2594 -85.34 33.03 87.33
CA ASP H 2594 -84.82 32.57 86.06
C ASP H 2594 -84.27 33.76 85.28
N GLU H 2595 -83.18 33.50 84.53
CA GLU H 2595 -82.54 34.53 83.73
C GLU H 2595 -82.98 34.51 82.27
N GLU H 2596 -83.36 33.36 81.74
CA GLU H 2596 -83.80 33.28 80.35
C GLU H 2596 -85.21 33.82 80.18
N LEU H 2597 -86.15 33.34 81.01
CA LEU H 2597 -87.52 33.85 80.97
C LEU H 2597 -87.64 35.23 81.60
N LYS H 2598 -86.64 35.64 82.38
CA LYS H 2598 -86.56 36.94 83.05
C LYS H 2598 -87.75 37.14 83.99
N THR H 2599 -87.83 36.27 85.00
CA THR H 2599 -88.92 36.24 85.95
C THR H 2599 -88.42 36.48 87.37
N HIS H 2600 -89.32 36.95 88.23
CA HIS H 2600 -89.02 37.18 89.64
C HIS H 2600 -90.30 36.96 90.46
N PRO H 2601 -90.37 35.87 91.23
CA PRO H 2601 -91.65 35.52 91.87
C PRO H 2601 -91.97 36.28 93.14
N MET H 2602 -91.07 37.11 93.66
CA MET H 2602 -91.30 37.82 94.90
C MET H 2602 -91.72 39.27 94.69
N LEU H 2603 -92.19 39.61 93.49
CA LEU H 2603 -92.59 40.98 93.17
C LEU H 2603 -93.94 41.29 93.81
N ARG H 2604 -93.90 41.54 95.13
CA ARG H 2604 -95.06 41.82 95.98
C ARG H 2604 -94.54 42.40 97.29
N PRO H 2605 -95.33 43.22 98.01
CA PRO H 2605 -94.79 43.93 99.19
C PRO H 2605 -94.41 43.01 100.34
N TYR H 2606 -93.67 43.60 101.30
CA TYR H 2606 -93.10 42.82 102.38
C TYR H 2606 -94.15 42.40 103.42
N LYS H 2607 -95.25 43.14 103.54
CA LYS H 2607 -96.28 42.83 104.52
C LYS H 2607 -97.22 41.71 104.08
N THR H 2608 -96.92 41.01 102.99
CA THR H 2608 -97.76 39.93 102.49
C THR H 2608 -97.06 38.58 102.44
N PHE H 2609 -95.76 38.53 102.76
CA PHE H 2609 -95.05 37.26 102.70
C PHE H 2609 -95.43 36.35 103.86
N SER H 2610 -95.02 35.09 103.76
CA SER H 2610 -95.24 34.12 104.82
C SER H 2610 -94.13 34.25 105.86
N GLU H 2611 -94.14 33.36 106.85
CA GLU H 2611 -93.14 33.42 107.92
C GLU H 2611 -91.78 32.87 107.50
N LYS H 2612 -91.69 32.24 106.33
CA LYS H 2612 -90.43 31.72 105.81
C LYS H 2612 -89.79 32.66 104.80
N ASP H 2613 -90.59 33.32 103.96
CA ASP H 2613 -90.05 34.27 103.00
C ASP H 2613 -89.57 35.56 103.67
N LYS H 2614 -90.08 35.88 104.86
CA LYS H 2614 -89.55 37.01 105.60
C LYS H 2614 -88.20 36.69 106.24
N GLU H 2615 -87.87 35.40 106.40
CA GLU H 2615 -86.56 35.01 106.93
C GLU H 2615 -85.45 35.31 105.95
N ILE H 2616 -85.75 35.31 104.65
CA ILE H 2616 -84.73 35.59 103.64
C ILE H 2616 -84.32 37.06 103.69
N TYR H 2617 -85.29 37.96 103.92
CA TYR H 2617 -85.03 39.38 104.08
C TYR H 2617 -84.77 39.78 105.53
N ARG H 2618 -84.28 38.86 106.36
CA ARG H 2618 -84.19 39.11 107.80
C ARG H 2618 -82.76 39.23 108.33
N TRP H 2619 -81.84 38.35 107.91
CA TRP H 2619 -80.52 38.42 108.55
C TRP H 2619 -79.33 38.68 107.63
N PRO H 2620 -79.42 39.55 106.62
CA PRO H 2620 -78.31 40.49 106.38
C PRO H 2620 -78.52 41.84 107.05
N ILE H 2621 -79.50 41.94 107.94
CA ILE H 2621 -79.96 43.21 108.50
C ILE H 2621 -79.82 43.23 110.02
N LYS H 2622 -80.29 42.18 110.69
CA LYS H 2622 -80.35 42.18 112.15
C LYS H 2622 -78.98 42.11 112.79
N GLU H 2623 -78.16 41.14 112.36
CA GLU H 2623 -76.88 40.86 113.02
C GLU H 2623 -75.87 41.99 112.87
N SER H 2624 -76.01 42.83 111.84
CA SER H 2624 -75.22 44.05 111.76
C SER H 2624 -75.77 45.13 112.65
N LEU H 2625 -77.11 45.21 112.76
CA LEU H 2625 -77.72 46.12 113.72
C LEU H 2625 -77.56 45.62 115.15
N LYS H 2626 -77.43 44.29 115.32
CA LYS H 2626 -77.06 43.76 116.63
C LYS H 2626 -75.63 44.14 117.01
N ALA H 2627 -74.75 44.30 116.02
CA ALA H 2627 -73.40 44.77 116.31
C ALA H 2627 -73.39 46.24 116.67
N MET H 2628 -74.35 47.02 116.16
CA MET H 2628 -74.39 48.44 116.45
C MET H 2628 -74.89 48.73 117.86
N ILE H 2629 -75.67 47.83 118.44
CA ILE H 2629 -76.12 48.01 119.82
C ILE H 2629 -74.99 47.69 120.79
N ALA H 2630 -74.24 46.62 120.51
CA ALA H 2630 -73.13 46.22 121.37
C ALA H 2630 -71.96 47.19 121.25
N TRP H 2631 -71.75 47.77 120.07
CA TRP H 2631 -70.70 48.77 119.91
C TRP H 2631 -71.12 50.12 120.48
N GLU H 2632 -72.37 50.52 120.26
CA GLU H 2632 -72.82 51.86 120.59
C GLU H 2632 -74.14 51.79 121.35
N TRP H 2633 -74.17 52.36 122.54
CA TRP H 2633 -75.42 52.54 123.30
C TRP H 2633 -76.06 53.89 122.99
N THR H 2634 -76.21 54.19 121.71
CA THR H 2634 -76.87 55.41 121.24
C THR H 2634 -77.83 55.03 120.11
N ILE H 2635 -79.04 54.60 120.48
CA ILE H 2635 -80.15 54.41 119.54
C ILE H 2635 -81.39 54.91 120.27
N GLU H 2636 -81.91 56.05 119.84
CA GLU H 2636 -83.08 56.66 120.47
C GLU H 2636 -83.98 57.27 119.41
N LYS H 2637 -85.24 57.49 119.77
CA LYS H 2637 -86.19 58.20 118.93
C LYS H 2637 -85.87 59.68 118.97
N ALA H 2638 -85.39 60.22 117.85
CA ALA H 2638 -84.90 61.59 117.79
C ALA H 2638 -85.74 62.50 116.91
N ARG H 2639 -86.10 62.05 115.71
CA ARG H 2639 -86.75 62.91 114.74
C ARG H 2639 -87.96 62.24 114.08
N GLU H 2640 -88.46 62.85 113.02
CA GLU H 2640 -89.57 62.32 112.23
C GLU H 2640 -89.05 61.78 110.91
N GLY H 2641 -89.67 60.70 110.43
CA GLY H 2641 -89.23 60.08 109.18
C GLY H 2641 -89.53 60.96 107.98
N GLU H 2642 -88.52 61.17 107.15
CA GLU H 2642 -88.64 62.04 105.98
C GLU H 2642 -89.36 61.32 104.85
N TYR H 2667 -95.75 44.23 90.37
CA TYR H 2667 -95.62 45.23 91.42
C TYR H 2667 -94.39 46.10 91.20
N ASN H 2668 -94.56 47.42 91.37
CA ASN H 2668 -93.54 48.42 91.05
C ASN H 2668 -93.24 49.21 92.32
N PRO H 2669 -92.27 48.79 93.12
CA PRO H 2669 -91.87 49.59 94.29
C PRO H 2669 -90.99 50.76 93.89
N GLN H 2670 -91.30 51.93 94.45
CA GLN H 2670 -90.58 53.17 94.14
C GLN H 2670 -89.79 53.61 95.36
N PRO H 2671 -88.48 53.36 95.42
CA PRO H 2671 -87.69 53.79 96.59
C PRO H 2671 -87.46 55.29 96.58
N PRO H 2672 -87.72 55.97 97.70
CA PRO H 2672 -87.56 57.42 97.76
C PRO H 2672 -86.08 57.79 97.96
N ASP H 2673 -85.86 59.09 98.11
CA ASP H 2673 -84.51 59.62 98.33
C ASP H 2673 -84.17 59.55 99.81
N LEU H 2674 -82.93 59.13 100.09
CA LEU H 2674 -82.43 59.06 101.45
C LEU H 2674 -81.21 59.94 101.68
N SER H 2675 -80.73 60.64 100.65
CA SER H 2675 -79.52 61.46 100.72
C SER H 2675 -79.85 62.94 100.89
N GLY H 2676 -80.91 63.25 101.63
CA GLY H 2676 -81.27 64.64 101.85
C GLY H 2676 -80.31 65.37 102.76
N VAL H 2677 -79.68 64.65 103.69
CA VAL H 2677 -78.72 65.23 104.62
C VAL H 2677 -77.42 64.46 104.46
N THR H 2678 -76.34 65.20 104.16
CA THR H 2678 -75.02 64.60 104.01
C THR H 2678 -74.52 64.12 105.37
N LEU H 2679 -73.96 62.91 105.38
CA LEU H 2679 -73.45 62.32 106.62
C LEU H 2679 -72.22 63.08 107.10
N SER H 2680 -72.27 63.56 108.34
CA SER H 2680 -71.13 64.26 108.94
C SER H 2680 -70.08 63.25 109.40
N ARG H 2681 -69.01 63.75 110.01
CA ARG H 2681 -67.89 62.91 110.44
C ARG H 2681 -68.30 61.94 111.54
N GLU H 2682 -69.31 62.31 112.34
CA GLU H 2682 -69.92 61.39 113.29
C GLU H 2682 -70.56 60.20 112.59
N LEU H 2683 -71.10 60.41 111.38
CA LEU H 2683 -71.74 59.35 110.62
C LEU H 2683 -70.90 58.84 109.46
N GLN H 2684 -69.92 59.63 108.97
CA GLN H 2684 -69.05 59.15 107.91
C GLN H 2684 -68.03 58.15 108.44
N ALA H 2685 -67.56 58.35 109.68
CA ALA H 2685 -66.66 57.39 110.30
C ALA H 2685 -67.35 56.08 110.65
N MET H 2686 -68.68 56.08 110.76
CA MET H 2686 -69.41 54.84 110.92
C MET H 2686 -69.51 54.06 109.61
N ALA H 2687 -69.44 54.75 108.47
CA ALA H 2687 -69.36 54.06 107.19
C ALA H 2687 -68.01 53.36 107.02
N GLU H 2688 -66.96 53.93 107.61
CA GLU H 2688 -65.70 53.22 107.77
C GLU H 2688 -65.86 52.02 108.71
N GLN H 2689 -66.76 52.13 109.68
CA GLN H 2689 -66.96 51.12 110.72
C GLN H 2689 -67.97 50.04 110.31
N LEU H 2690 -69.05 50.42 109.63
CA LEU H 2690 -70.07 49.44 109.26
C LEU H 2690 -69.70 48.65 108.01
N ALA H 2691 -68.88 49.22 107.13
CA ALA H 2691 -68.30 48.41 106.07
C ALA H 2691 -67.22 47.49 106.60
N GLU H 2692 -66.54 47.91 107.67
CA GLU H 2692 -65.65 47.01 108.40
C GLU H 2692 -66.45 45.95 109.13
N ASN H 2693 -67.65 46.28 109.61
CA ASN H 2693 -68.57 45.28 110.14
C ASN H 2693 -69.00 44.29 109.06
N TYR H 2694 -69.13 44.75 107.82
CA TYR H 2694 -69.38 43.86 106.70
C TYR H 2694 -68.16 43.00 106.39
N HIS H 2695 -66.98 43.44 106.79
CA HIS H 2695 -65.76 42.65 106.70
C HIS H 2695 -65.49 41.85 107.96
N ASN H 2696 -66.04 42.25 109.10
CA ASN H 2696 -65.86 41.50 110.34
C ASN H 2696 -66.88 40.38 110.49
N THR H 2697 -68.17 40.70 110.33
CA THR H 2697 -69.22 39.72 110.58
C THR H 2697 -69.27 38.67 109.47
N TRP H 2698 -69.29 39.12 108.21
CA TRP H 2698 -69.25 38.17 107.11
C TRP H 2698 -67.88 37.52 106.98
N GLY H 2699 -66.81 38.24 107.35
CA GLY H 2699 -65.48 37.69 107.24
C GLY H 2699 -65.18 36.62 108.27
N ARG H 2700 -65.75 36.75 109.47
CA ARG H 2700 -65.67 35.66 110.44
C ARG H 2700 -66.43 34.44 109.96
N LYS H 2701 -67.59 34.65 109.33
CA LYS H 2701 -68.31 33.56 108.70
C LYS H 2701 -67.56 33.04 107.47
N LYS H 2702 -66.81 33.92 106.79
CA LYS H 2702 -65.96 33.49 105.70
C LYS H 2702 -64.81 32.64 106.20
N LYS H 2703 -64.25 32.99 107.36
CA LYS H 2703 -63.20 32.17 107.96
C LYS H 2703 -63.75 30.84 108.48
N GLN H 2704 -64.99 30.84 108.98
CA GLN H 2704 -65.62 29.59 109.39
C GLN H 2704 -66.02 28.73 108.19
N GLU H 2705 -66.13 29.33 107.00
CA GLU H 2705 -66.43 28.55 105.80
C GLU H 2705 -65.23 27.71 105.40
N LEU H 2706 -64.02 28.23 105.59
CA LEU H 2706 -62.81 27.49 105.21
C LEU H 2706 -62.41 26.49 106.28
N GLU H 2707 -62.60 26.83 107.55
CA GLU H 2707 -62.18 25.96 108.65
C GLU H 2707 -63.11 24.75 108.81
N ALA H 2708 -64.30 24.79 108.23
CA ALA H 2708 -65.22 23.67 108.27
C ALA H 2708 -65.14 22.79 107.03
N LYS H 2709 -64.14 22.99 106.19
CA LYS H 2709 -63.95 22.19 104.99
C LYS H 2709 -62.64 21.43 104.96
N GLY H 2710 -61.86 21.47 106.03
CA GLY H 2710 -60.58 20.80 106.06
C GLY H 2710 -59.40 21.65 105.64
N GLY H 2711 -59.53 22.96 105.68
CA GLY H 2711 -58.48 23.86 105.30
C GLY H 2711 -58.81 24.66 104.05
N GLY H 2712 -57.77 25.22 103.45
CA GLY H 2712 -57.93 26.03 102.25
C GLY H 2712 -57.45 27.46 102.43
N THR H 2713 -57.00 28.08 101.35
CA THR H 2713 -56.50 29.45 101.38
C THR H 2713 -57.50 30.39 100.71
N HIS H 2714 -57.31 31.68 100.98
CA HIS H 2714 -58.15 32.71 100.39
C HIS H 2714 -57.37 34.02 100.35
N PRO H 2715 -57.33 34.71 99.22
CA PRO H 2715 -56.46 35.89 99.08
C PRO H 2715 -57.02 37.17 99.67
N LEU H 2716 -58.11 37.12 100.43
CA LEU H 2716 -58.71 38.33 101.00
C LEU H 2716 -58.95 38.19 102.50
N LEU H 2717 -58.09 37.44 103.18
CA LEU H 2717 -58.13 37.36 104.64
C LEU H 2717 -57.23 38.41 105.29
N VAL H 2718 -57.41 39.65 104.86
CA VAL H 2718 -56.57 40.77 105.27
C VAL H 2718 -57.48 41.76 105.99
N PRO H 2719 -56.92 42.67 106.80
CA PRO H 2719 -57.77 43.68 107.46
C PRO H 2719 -58.44 44.63 106.48
N TYR H 2720 -59.40 45.39 107.03
CA TYR H 2720 -60.20 46.31 106.22
C TYR H 2720 -59.37 47.46 105.68
N ASP H 2721 -58.35 47.90 106.42
CA ASP H 2721 -57.49 48.97 105.94
C ASP H 2721 -56.50 48.52 104.88
N THR H 2722 -56.36 47.21 104.64
CA THR H 2722 -55.49 46.68 103.61
C THR H 2722 -56.27 46.01 102.48
N LEU H 2723 -57.57 46.27 102.40
CA LEU H 2723 -58.37 45.77 101.29
C LEU H 2723 -58.12 46.61 100.04
N THR H 2724 -58.58 46.10 98.90
CA THR H 2724 -58.47 46.82 97.64
C THR H 2724 -59.60 47.83 97.51
N ALA H 2725 -59.61 48.55 96.38
CA ALA H 2725 -60.64 49.55 96.14
C ALA H 2725 -61.97 48.97 95.72
N LYS H 2726 -62.05 47.66 95.46
CA LYS H 2726 -63.31 47.04 95.07
C LYS H 2726 -64.24 46.88 96.27
N GLU H 2727 -63.75 46.29 97.35
CA GLU H 2727 -64.58 46.09 98.54
C GLU H 2727 -64.72 47.35 99.38
N LYS H 2728 -63.97 48.41 99.08
CA LYS H 2728 -64.15 49.69 99.74
C LYS H 2728 -65.15 50.60 99.03
N ALA H 2729 -65.86 50.08 98.02
CA ALA H 2729 -66.85 50.87 97.30
C ALA H 2729 -68.27 50.33 97.44
N ARG H 2730 -68.45 49.02 97.52
CA ARG H 2730 -69.78 48.43 97.66
C ARG H 2730 -70.17 48.20 99.11
N ASP H 2731 -69.22 47.85 99.97
CA ASP H 2731 -69.52 47.66 101.38
C ASP H 2731 -69.81 48.98 102.07
N ARG H 2732 -69.16 50.07 101.67
CA ARG H 2732 -69.49 51.37 102.21
C ARG H 2732 -70.82 51.88 101.67
N GLU H 2733 -71.13 51.58 100.41
CA GLU H 2733 -72.43 51.94 99.83
C GLU H 2733 -73.55 51.17 100.52
N LYS H 2734 -73.30 49.92 100.90
CA LYS H 2734 -74.24 49.18 101.72
C LYS H 2734 -74.31 49.75 103.14
N ALA H 2735 -73.21 50.34 103.61
CA ALA H 2735 -73.18 50.91 104.95
C ALA H 2735 -73.78 52.31 104.99
N GLN H 2736 -73.64 53.09 103.91
CA GLN H 2736 -74.18 54.44 103.91
C GLN H 2736 -75.70 54.44 103.80
N GLU H 2737 -76.27 53.52 103.02
CA GLU H 2737 -77.71 53.45 102.87
C GLU H 2737 -78.40 52.91 104.10
N LEU H 2738 -77.69 52.15 104.94
CA LEU H 2738 -78.26 51.70 106.20
C LEU H 2738 -78.31 52.85 107.21
N LEU H 2739 -77.28 53.70 107.23
CA LEU H 2739 -77.28 54.87 108.10
C LEU H 2739 -78.30 55.91 107.65
N LYS H 2740 -78.56 55.99 106.34
CA LYS H 2740 -79.57 56.91 105.85
C LYS H 2740 -81.00 56.41 106.08
N PHE H 2741 -81.17 55.11 106.33
CA PHE H 2741 -82.46 54.61 106.77
C PHE H 2741 -82.66 54.83 108.27
N LEU H 2742 -81.57 54.97 109.03
CA LEU H 2742 -81.67 55.33 110.44
C LEU H 2742 -82.18 56.75 110.61
N GLN H 2743 -81.96 57.62 109.61
CA GLN H 2743 -82.56 58.95 109.61
C GLN H 2743 -84.08 58.85 109.46
N MET H 2744 -84.56 57.87 108.69
CA MET H 2744 -85.99 57.61 108.64
C MET H 2744 -86.44 57.01 109.96
N ASN H 2745 -87.64 57.40 110.40
CA ASN H 2745 -88.26 57.15 111.70
C ASN H 2745 -87.48 57.75 112.87
N GLY H 2746 -86.53 58.65 112.59
CA GLY H 2746 -85.83 59.42 113.60
C GLY H 2746 -85.01 58.63 114.60
N TYR H 2747 -84.17 57.73 114.12
CA TYR H 2747 -83.33 56.90 114.98
C TYR H 2747 -81.87 57.34 114.77
N ALA H 2748 -81.48 58.38 115.49
CA ALA H 2748 -80.15 58.95 115.35
C ALA H 2748 -79.15 58.09 116.11
N VAL H 2749 -78.21 57.49 115.38
CA VAL H 2749 -77.21 56.62 115.98
C VAL H 2749 -75.87 57.33 115.92
N THR H 2750 -75.55 58.05 116.99
CA THR H 2750 -74.36 58.90 117.05
C THR H 2750 -73.59 58.58 118.34
N ARG H 2751 -72.46 57.90 118.19
CA ARG H 2751 -71.62 57.54 119.34
C ARG H 2751 -70.96 58.77 119.95
N UNK H 2752 -67.47 59.09 119.98
CA UNK H 2752 -66.04 58.74 120.09
C UNK H 2752 -65.30 59.08 118.80
N UNK H 2753 -64.89 60.34 118.66
CA UNK H 2753 -64.17 60.79 117.49
C UNK H 2753 -62.95 61.62 117.89
N UNK H 2754 -62.26 62.19 116.90
CA UNK H 2754 -61.08 63.00 117.16
C UNK H 2754 -61.28 64.43 116.66
N UNK H 2755 -60.19 65.17 116.55
CA UNK H 2755 -60.23 66.56 116.10
C UNK H 2755 -59.83 66.68 114.64
N UNK H 2756 -60.39 67.67 113.95
CA UNK H 2756 -60.11 67.89 112.53
C UNK H 2756 -58.90 68.78 112.33
N UNK H 2757 -57.75 68.32 112.81
CA UNK H 2757 -56.51 69.09 112.70
C UNK H 2757 -55.42 68.26 112.04
N UNK H 2758 -54.59 68.92 111.26
CA UNK H 2758 -53.44 68.27 110.64
C UNK H 2758 -52.40 68.00 111.72
N UNK H 2759 -52.52 66.84 112.36
CA UNK H 2759 -51.63 66.46 113.46
C UNK H 2759 -50.28 66.00 112.93
N UNK H 2760 -50.24 65.60 111.66
CA UNK H 2760 -49.06 65.09 110.96
C UNK H 2760 -48.43 63.90 111.66
N UNK H 2761 -48.86 62.70 111.27
CA UNK H 2761 -48.43 61.45 111.91
C UNK H 2761 -46.95 61.15 111.72
N UNK H 2762 -46.37 61.70 110.66
CA UNK H 2762 -44.94 61.58 110.42
C UNK H 2762 -44.17 62.43 111.44
N UNK H 2763 -44.80 63.52 111.87
CA UNK H 2763 -44.20 64.42 112.84
C UNK H 2763 -44.62 64.08 114.26
N UNK H 2764 -45.84 63.56 114.41
CA UNK H 2764 -46.39 63.27 115.73
C UNK H 2764 -45.76 62.04 116.35
N UNK H 2765 -45.31 61.11 115.51
CA UNK H 2765 -44.69 59.88 115.99
C UNK H 2765 -43.29 60.16 116.54
N UNK H 2766 -42.65 61.19 115.99
CA UNK H 2766 -41.31 61.58 116.40
C UNK H 2766 -41.34 62.22 117.80
N UNK H 2767 -42.45 62.89 118.10
CA UNK H 2767 -42.63 63.49 119.42
C UNK H 2767 -42.85 62.40 120.45
N UNK H 2768 -43.53 61.33 120.04
CA UNK H 2768 -43.71 60.17 120.89
C UNK H 2768 -42.40 59.41 121.00
N UNK H 2769 -41.59 59.49 119.94
CA UNK H 2769 -40.26 58.91 119.95
C UNK H 2769 -39.35 59.75 120.84
N UNK H 2770 -39.61 61.05 120.86
CA UNK H 2770 -38.90 61.96 121.76
C UNK H 2770 -39.33 61.69 123.19
N UNK H 2771 -40.60 61.31 123.34
CA UNK H 2771 -41.13 60.89 124.63
C UNK H 2771 -40.55 59.53 124.99
N UNK H 2772 -40.30 58.70 123.98
CA UNK H 2772 -39.66 57.41 124.18
C UNK H 2772 -38.19 57.61 124.51
N UNK H 2773 -37.61 58.69 123.98
CA UNK H 2773 -36.22 59.03 124.26
C UNK H 2773 -36.09 59.57 125.68
N UNK H 2774 -37.13 60.25 126.15
CA UNK H 2774 -37.17 60.76 127.51
C UNK H 2774 -37.40 59.60 128.48
N UNK H 2775 -38.10 58.58 128.01
CA UNK H 2775 -38.30 57.35 128.77
C UNK H 2775 -36.99 56.58 128.82
N UNK H 2776 -36.22 56.69 127.74
CA UNK H 2776 -34.92 56.05 127.65
C UNK H 2776 -33.86 56.91 128.33
N UNK H 2777 -34.20 58.16 128.61
CA UNK H 2777 -33.30 59.07 129.32
C UNK H 2777 -33.18 58.65 130.78
N UNK H 2778 -34.25 58.05 131.31
CA UNK H 2778 -34.24 57.49 132.65
C UNK H 2778 -33.34 56.25 132.68
N UNK H 2779 -33.37 55.49 131.59
CA UNK H 2779 -32.51 54.33 131.44
C UNK H 2779 -31.07 54.78 131.20
N UNK H 2780 -30.94 55.93 130.56
CA UNK H 2780 -29.63 56.54 130.33
C UNK H 2780 -29.07 57.07 131.64
N UNK H 2781 -29.97 57.54 132.50
CA UNK H 2781 -29.60 57.99 133.82
C UNK H 2781 -29.24 56.79 134.70
N UNK H 2782 -29.91 55.67 134.45
CA UNK H 2782 -29.65 54.43 135.15
C UNK H 2782 -28.31 53.85 134.70
N UNK H 2783 -27.99 54.06 133.43
CA UNK H 2783 -26.73 53.59 132.88
C UNK H 2783 -25.58 54.51 133.32
N UNK H 2784 -25.90 55.78 133.53
CA UNK H 2784 -24.90 56.75 133.98
C UNK H 2784 -24.52 56.49 135.44
N UNK H 2785 -25.49 56.01 136.22
CA UNK H 2785 -25.24 55.67 137.61
C UNK H 2785 -24.51 54.33 137.70
N UNK H 2786 -24.71 53.50 136.67
CA UNK H 2786 -24.06 52.20 136.59
C UNK H 2786 -22.63 52.34 136.09
N UNK H 2787 -32.33 48.91 129.34
CA UNK H 2787 -31.87 47.53 129.29
C UNK H 2787 -31.65 47.09 127.85
N UNK H 2788 -32.58 46.29 127.33
CA UNK H 2788 -32.49 45.80 125.95
C UNK H 2788 -33.12 46.80 124.99
N UNK H 2789 -33.81 47.79 125.55
CA UNK H 2789 -34.43 48.83 124.75
C UNK H 2789 -33.47 50.00 124.56
N UNK H 2790 -32.30 49.90 125.16
CA UNK H 2790 -31.26 50.92 125.02
C UNK H 2790 -30.62 50.83 123.64
N UNK H 2791 -30.67 49.65 123.05
CA UNK H 2791 -30.13 49.44 121.71
C UNK H 2791 -31.20 49.72 120.65
N UNK H 2792 -32.45 49.78 121.08
CA UNK H 2792 -33.57 50.04 120.19
C UNK H 2792 -33.57 51.50 119.76
N UNK H 2793 -33.11 52.37 120.66
CA UNK H 2793 -33.02 53.79 120.37
C UNK H 2793 -31.83 54.07 119.46
N UNK H 2794 -30.82 53.19 119.52
CA UNK H 2794 -29.61 53.32 118.72
C UNK H 2794 -29.90 53.08 117.25
N UNK H 2795 -30.89 52.22 116.98
CA UNK H 2795 -31.28 51.92 115.61
C UNK H 2795 -32.01 53.10 114.99
N UNK H 2796 -32.82 53.78 115.80
CA UNK H 2796 -33.59 54.92 115.34
C UNK H 2796 -32.73 56.18 115.27
N UNK H 2797 -31.65 56.21 116.04
CA UNK H 2797 -30.76 57.36 116.12
C UNK H 2797 -30.02 57.58 114.81
N UNK H 2798 -29.55 56.50 114.22
CA UNK H 2798 -28.88 56.57 112.92
C UNK H 2798 -29.91 56.80 111.83
N UNK H 2799 -31.13 56.30 112.06
CA UNK H 2799 -32.22 56.44 111.11
C UNK H 2799 -32.76 57.86 111.11
N UNK H 2800 -32.59 58.56 112.24
CA UNK H 2800 -33.07 59.92 112.39
C UNK H 2800 -32.22 60.88 111.55
N UNK H 2801 -30.94 60.55 111.39
CA UNK H 2801 -30.03 61.37 110.61
C UNK H 2801 -30.40 61.31 109.14
N UNK H 2802 -30.83 60.13 108.69
CA UNK H 2802 -31.26 59.93 107.32
C UNK H 2802 -32.63 60.55 107.10
N UNK H 2803 -33.48 60.48 108.12
CA UNK H 2803 -34.84 61.00 108.04
C UNK H 2803 -34.84 62.52 107.97
N UNK H 2804 -33.88 63.13 108.66
CA UNK H 2804 -33.77 64.57 108.69
C UNK H 2804 -33.24 65.11 107.37
N UNK H 2805 -32.21 64.45 106.84
CA UNK H 2805 -31.54 64.88 105.63
C UNK H 2805 -32.42 64.69 104.40
N UNK H 2806 -33.24 63.65 104.43
CA UNK H 2806 -34.17 63.38 103.33
C UNK H 2806 -35.29 64.40 103.35
N UNK H 2807 -35.71 64.80 104.55
CA UNK H 2807 -36.74 65.81 104.70
C UNK H 2807 -36.14 67.18 104.44
N UNK H 2808 -35.87 67.92 105.51
CA UNK H 2808 -35.24 69.24 105.50
C UNK H 2808 -35.96 70.28 104.63
N UNK H 2809 -37.28 70.14 104.51
CA UNK H 2809 -38.09 71.06 103.71
C UNK H 2809 -39.53 71.02 104.19
N UNK H 2810 -39.86 69.99 104.96
CA UNK H 2810 -41.19 69.83 105.52
C UNK H 2810 -41.40 70.82 106.66
N UNK H 2811 -40.29 71.21 107.29
CA UNK H 2811 -40.32 72.23 108.33
C UNK H 2811 -40.59 73.61 107.71
N UNK H 2812 -40.10 73.80 106.49
CA UNK H 2812 -40.30 75.05 105.77
C UNK H 2812 -41.74 75.17 105.30
N UNK H 2813 -42.29 74.06 104.84
CA UNK H 2813 -43.68 74.02 104.37
C UNK H 2813 -44.64 74.07 105.55
N UNK H 2814 -44.41 73.22 106.53
CA UNK H 2814 -45.24 73.17 107.73
C UNK H 2814 -44.42 73.54 108.96
N UNK H 2815 -44.66 74.74 109.50
CA UNK H 2815 -43.89 75.23 110.64
C UNK H 2815 -44.40 74.65 111.95
N UNK H 2816 -44.05 73.39 112.21
CA UNK H 2816 -44.37 72.75 113.48
C UNK H 2816 -43.22 72.98 114.46
N UNK H 2817 -43.55 73.50 115.63
CA UNK H 2817 -42.54 73.82 116.62
C UNK H 2817 -42.22 72.62 117.51
N UNK H 2818 -42.92 71.51 117.28
CA UNK H 2818 -42.68 70.27 118.02
C UNK H 2818 -41.33 69.68 117.62
N UNK H 2819 -40.98 69.88 116.35
CA UNK H 2819 -39.67 69.45 115.85
C UNK H 2819 -38.58 70.38 116.38
N UNK H 2820 -38.94 71.64 116.58
CA UNK H 2820 -38.03 72.62 117.14
C UNK H 2820 -37.80 72.34 118.62
N UNK H 2821 -38.83 71.79 119.26
CA UNK H 2821 -38.75 71.43 120.67
C UNK H 2821 -37.94 70.15 120.85
N UNK H 2822 -37.90 69.34 119.79
CA UNK H 2822 -37.18 68.07 119.85
C UNK H 2822 -35.67 68.27 119.72
N UNK H 2823 -35.26 69.45 119.27
CA UNK H 2823 -33.85 69.78 119.10
C UNK H 2823 -33.15 69.87 120.45
N UNK H 2824 -33.75 70.63 121.37
CA UNK H 2824 -33.22 70.78 122.71
C UNK H 2824 -33.50 69.52 123.53
N UNK H 2825 -34.56 68.81 123.17
CA UNK H 2825 -34.93 67.56 123.83
C UNK H 2825 -33.90 66.49 123.53
N UNK H 2826 -33.34 66.54 122.33
CA UNK H 2826 -32.26 65.65 121.95
C UNK H 2826 -30.95 66.13 122.55
N UNK H 2827 -30.85 67.45 122.75
CA UNK H 2827 -29.66 68.04 123.33
C UNK H 2827 -29.57 67.76 124.83
N UNK H 2828 -30.74 67.59 125.45
CA UNK H 2828 -30.81 67.32 126.88
C UNK H 2828 -30.35 65.90 127.18
N UNK H 2829 -30.65 64.98 126.26
CA UNK H 2829 -30.17 63.60 126.38
C UNK H 2829 -28.69 63.55 126.02
N UNK H 2830 -28.27 64.49 125.19
CA UNK H 2830 -26.87 64.62 124.80
C UNK H 2830 -26.09 65.33 125.91
N UNK H 2831 -26.82 66.06 126.75
CA UNK H 2831 -26.23 66.74 127.89
C UNK H 2831 -25.83 65.74 128.96
N UNK H 2832 -26.53 64.61 128.98
CA UNK H 2832 -26.20 63.51 129.88
C UNK H 2832 -24.91 62.84 129.43
N UNK H 2833 -24.69 62.84 128.12
CA UNK H 2833 -23.48 62.26 127.55
C UNK H 2833 -22.45 63.34 127.24
N UNK H 2834 -22.74 64.57 127.65
CA UNK H 2834 -21.82 65.68 127.43
C UNK H 2834 -20.61 65.53 128.33
N UNK H 2835 -20.85 65.02 129.54
CA UNK H 2835 -19.77 64.74 130.47
C UNK H 2835 -19.55 63.24 130.60
N UNK H 2836 -20.09 62.50 129.64
CA UNK H 2836 -19.99 61.03 129.67
C UNK H 2836 -19.58 60.47 128.31
N UNK H 2837 -20.56 60.36 127.40
CA UNK H 2837 -20.41 59.80 126.06
C UNK H 2837 -19.82 58.39 126.05
N UNK H 2838 -20.51 57.47 126.72
CA UNK H 2838 -20.04 56.09 126.82
C UNK H 2838 -20.53 55.26 125.65
N UNK H 2839 -21.44 55.81 124.86
CA UNK H 2839 -22.00 55.10 123.71
C UNK H 2839 -21.21 55.38 122.45
N UNK H 2840 -21.88 55.33 121.31
CA UNK H 2840 -21.25 55.59 120.02
C UNK H 2840 -21.07 57.09 119.81
N UNK H 2841 -19.98 57.45 119.13
CA UNK H 2841 -19.66 58.85 118.89
C UNK H 2841 -20.30 59.35 117.59
N UNK H 2842 -20.97 58.46 116.88
CA UNK H 2842 -21.61 58.79 115.61
C UNK H 2842 -22.91 59.56 115.82
N UNK H 2843 -23.45 59.45 117.02
CA UNK H 2843 -24.69 60.15 117.38
C UNK H 2843 -24.43 61.64 117.53
N UNK H 2844 -23.18 62.00 117.81
CA UNK H 2844 -22.77 63.39 117.90
C UNK H 2844 -22.78 64.03 116.53
N UNK H 2845 -22.50 63.23 115.50
CA UNK H 2845 -22.55 63.70 114.12
C UNK H 2845 -23.98 63.91 113.68
N UNK H 2846 -24.90 63.16 114.31
CA UNK H 2846 -26.32 63.26 114.00
C UNK H 2846 -26.93 64.55 114.55
N UNK H 2847 -26.26 65.15 115.53
CA UNK H 2847 -26.70 66.41 116.10
C UNK H 2847 -26.56 67.55 115.11
N UNK H 2848 -25.50 67.48 114.30
CA UNK H 2848 -25.28 68.48 113.26
C UNK H 2848 -26.26 68.27 112.11
N UNK H 2849 -26.71 67.04 111.96
CA UNK H 2849 -27.69 66.69 110.93
C UNK H 2849 -29.06 67.23 111.29
N UNK H 2850 -29.36 67.26 112.58
CA UNK H 2850 -30.66 67.74 113.06
C UNK H 2850 -30.66 69.25 113.21
N UNK H 2851 -29.47 69.83 113.32
CA UNK H 2851 -29.35 71.28 113.52
C UNK H 2851 -29.61 72.05 112.22
N UNK H 2852 -29.44 71.38 111.10
CA UNK H 2852 -29.57 72.02 109.79
C UNK H 2852 -31.04 72.29 109.44
N UNK H 2853 -31.94 71.51 110.02
CA UNK H 2853 -33.37 71.59 109.69
C UNK H 2853 -34.01 72.86 110.25
N UNK H 2854 -33.60 73.25 111.45
CA UNK H 2854 -34.15 74.43 112.11
C UNK H 2854 -33.59 75.70 111.48
N UNK H 2855 -32.31 75.67 111.14
CA UNK H 2855 -31.63 76.82 110.55
C UNK H 2855 -30.47 76.38 109.68
N UNK H 2856 -39.56 84.80 118.12
CA UNK H 2856 -40.79 84.63 117.36
C UNK H 2856 -41.81 83.81 118.16
N UNK H 2857 -42.89 83.42 117.50
CA UNK H 2857 -43.89 82.56 118.11
C UNK H 2857 -43.34 81.14 118.22
N UNK H 2858 -42.51 80.77 117.25
CA UNK H 2858 -41.81 79.49 117.28
C UNK H 2858 -40.65 79.57 118.24
N UNK H 2859 -39.97 80.72 118.25
CA UNK H 2859 -38.84 80.94 119.14
C UNK H 2859 -39.30 81.67 120.40
N UNK H 2860 -40.27 81.08 121.11
CA UNK H 2860 -40.83 81.70 122.29
C UNK H 2860 -40.24 81.11 123.57
N UNK H 2861 -41.03 80.30 124.27
CA UNK H 2861 -40.61 79.70 125.53
C UNK H 2861 -39.78 78.45 125.29
N UNK H 2862 -38.46 78.62 125.28
CA UNK H 2862 -37.55 77.50 125.06
C UNK H 2862 -36.27 77.66 125.87
N UNK H 2863 -35.54 78.75 125.59
CA UNK H 2863 -34.27 79.11 126.22
C UNK H 2863 -33.23 77.99 126.12
N UNK H 2864 -33.17 77.36 124.96
CA UNK H 2864 -32.23 76.26 124.71
C UNK H 2864 -30.80 76.78 124.63
N UNK H 2865 -30.64 77.93 124.01
CA UNK H 2865 -29.33 78.57 123.90
C UNK H 2865 -28.91 79.12 125.27
N UNK H 2866 -29.90 79.50 126.05
CA UNK H 2866 -29.67 79.93 127.42
C UNK H 2866 -29.31 78.71 128.27
N UNK H 2867 -29.88 77.56 127.90
CA UNK H 2867 -29.54 76.31 128.53
C UNK H 2867 -28.18 75.83 128.04
N UNK H 2868 -27.81 76.25 126.83
CA UNK H 2868 -26.50 75.93 126.27
C UNK H 2868 -25.48 76.99 126.65
N UNK H 2869 -25.94 78.06 127.29
CA UNK H 2869 -25.05 79.14 127.72
C UNK H 2869 -24.23 78.70 128.93
N UNK H 2870 -24.76 77.74 129.68
CA UNK H 2870 -24.06 77.19 130.84
C UNK H 2870 -22.87 76.37 130.39
N UNK H 2871 -23.05 75.62 129.30
CA UNK H 2871 -21.96 74.86 128.71
C UNK H 2871 -21.00 75.83 128.01
N UNK H 2872 -21.53 76.94 127.55
CA UNK H 2872 -20.73 78.00 126.94
C UNK H 2872 -19.92 78.71 128.02
N UNK H 2873 -20.48 78.75 129.24
CA UNK H 2873 -19.77 79.30 130.38
C UNK H 2873 -18.81 78.26 130.94
N UNK H 2874 -19.06 77.00 130.62
CA UNK H 2874 -18.20 75.90 131.05
C UNK H 2874 -16.96 75.80 130.16
N UNK H 2875 -17.00 76.49 129.03
CA UNK H 2875 -15.87 76.56 128.12
C UNK H 2875 -14.75 77.38 128.76
N UNK H 2876 -15.12 78.41 129.49
CA UNK H 2876 -14.17 79.22 130.24
C UNK H 2876 -13.68 78.43 131.44
N UNK H 2877 -14.54 77.56 131.95
CA UNK H 2877 -14.18 76.66 133.05
C UNK H 2877 -13.23 75.59 132.53
N UNK H 2878 -13.43 75.19 131.27
CA UNK H 2878 -12.52 74.27 130.62
C UNK H 2878 -11.23 75.01 130.28
N UNK H 2879 -11.35 76.31 130.00
CA UNK H 2879 -10.20 77.15 129.75
C UNK H 2879 -9.45 77.41 131.05
N UNK H 2880 -10.19 77.39 132.16
CA UNK H 2880 -9.60 77.53 133.48
C UNK H 2880 -8.79 76.28 133.81
N UNK H 2881 -9.26 75.13 133.35
CA UNK H 2881 -8.53 73.87 133.51
C UNK H 2881 -7.35 73.85 132.54
N UNK H 2882 -7.51 74.51 131.41
CA UNK H 2882 -6.46 74.59 130.41
C UNK H 2882 -5.40 75.60 130.81
N UNK H 2883 -5.78 76.56 131.63
CA UNK H 2883 -4.84 77.58 132.11
C UNK H 2883 -3.98 77.02 133.24
N UNK H 2884 -4.47 75.98 133.90
CA UNK H 2884 -3.73 75.35 134.99
C UNK H 2884 -2.93 74.16 134.47
N UNK H 2885 -3.16 73.81 133.21
CA UNK H 2885 -2.47 72.68 132.60
C UNK H 2885 -1.03 73.05 132.24
N UNK H 2886 -16.08 67.45 131.62
CA UNK H 2886 -16.04 68.75 130.99
C UNK H 2886 -14.96 68.79 129.91
N UNK H 2887 -14.81 67.69 129.19
CA UNK H 2887 -13.83 67.59 128.12
C UNK H 2887 -14.43 66.89 126.90
N UNK H 2888 -15.46 66.10 127.14
CA UNK H 2888 -16.16 65.39 126.05
C UNK H 2888 -17.11 66.34 125.34
N UNK H 2889 -17.55 67.38 126.04
CA UNK H 2889 -18.42 68.39 125.46
C UNK H 2889 -17.60 69.59 125.02
N UNK H 2890 -16.29 69.41 124.93
CA UNK H 2890 -15.39 70.48 124.54
C UNK H 2890 -15.04 70.38 123.06
N UNK H 2891 -15.49 69.30 122.44
CA UNK H 2891 -15.20 69.07 121.03
C UNK H 2891 -16.47 69.08 120.18
N UNK H 2892 -17.48 68.36 120.67
CA UNK H 2892 -18.74 68.22 119.95
C UNK H 2892 -19.56 69.50 120.00
N UNK H 2893 -19.65 70.10 121.17
CA UNK H 2893 -20.43 71.32 121.35
C UNK H 2893 -19.73 72.51 120.69
N UNK H 2894 -18.41 72.44 120.61
CA UNK H 2894 -17.63 73.47 119.92
C UNK H 2894 -17.88 73.38 118.41
N UNK H 2895 -18.04 72.16 117.93
CA UNK H 2895 -18.32 71.92 116.52
C UNK H 2895 -19.76 72.30 116.20
N UNK H 2896 -20.65 72.07 117.17
CA UNK H 2896 -22.07 72.37 117.00
C UNK H 2896 -22.30 73.89 117.08
N UNK H 2897 -21.41 74.58 117.77
CA UNK H 2897 -21.51 76.02 117.93
C UNK H 2897 -21.21 76.75 116.63
N UNK H 2898 -20.18 76.28 115.93
CA UNK H 2898 -19.78 76.87 114.66
C UNK H 2898 -20.81 76.61 113.58
N UNK H 2899 -21.44 75.45 113.65
CA UNK H 2899 -22.46 75.06 112.68
C UNK H 2899 -23.72 75.88 112.88
N UNK H 2900 -24.10 76.10 114.13
CA UNK H 2900 -25.29 76.87 114.46
C UNK H 2900 -25.08 78.35 114.17
N UNK H 2901 -23.84 78.80 114.32
CA UNK H 2901 -23.50 80.19 114.03
C UNK H 2901 -23.48 80.43 112.53
N UNK H 2902 -23.19 79.37 111.77
CA UNK H 2902 -23.22 79.44 110.33
C UNK H 2902 -24.62 79.14 109.81
N UNK H 2903 -25.49 78.68 110.71
CA UNK H 2903 -26.86 78.35 110.36
C UNK H 2903 -27.75 79.60 110.34
N UNK H 2904 -27.20 80.71 110.81
CA UNK H 2904 -27.93 81.97 110.85
C UNK H 2904 -27.68 82.80 109.58
N UNK H 2905 -27.58 82.12 108.45
CA UNK H 2905 -27.35 82.78 107.16
C UNK H 2905 -28.69 83.09 106.49
N UNK H 2906 -29.77 82.69 107.14
CA UNK H 2906 -31.11 82.94 106.62
C UNK H 2906 -32.05 83.39 107.73
N UNK H 2907 -31.86 82.82 108.92
CA UNK H 2907 -32.70 83.14 110.07
C UNK H 2907 -31.96 83.99 111.09
N UNK H 2908 -32.71 84.67 111.95
CA UNK H 2908 -32.13 85.51 112.99
C UNK H 2908 -33.07 85.59 114.19
N UNK H 2909 -32.59 86.21 115.27
CA UNK H 2909 -33.39 86.36 116.48
C UNK H 2909 -33.29 87.79 117.01
N UNK H 2910 -33.67 87.96 118.27
CA UNK H 2910 -33.63 89.28 118.89
C UNK H 2910 -32.59 89.32 120.01
N UNK H 2911 -31.97 88.17 120.25
CA UNK H 2911 -30.96 87.96 121.30
C UNK H 2911 -31.45 88.37 122.69
N UNK H 2912 -32.68 87.96 123.01
CA UNK H 2912 -33.28 88.25 124.31
C UNK H 2912 -32.56 87.46 125.40
N UNK H 2913 -31.75 88.17 126.18
CA UNK H 2913 -30.90 87.63 127.25
C UNK H 2913 -29.98 86.52 126.77
N UNK H 2914 -29.49 86.65 125.54
CA UNK H 2914 -28.59 85.67 124.96
C UNK H 2914 -27.38 86.39 124.37
N UNK H 2915 -27.53 87.69 124.16
CA UNK H 2915 -26.44 88.52 123.66
C UNK H 2915 -25.36 88.66 124.72
N UNK H 2916 -25.79 88.83 125.96
CA UNK H 2916 -24.88 88.91 127.09
C UNK H 2916 -24.33 87.54 127.41
N UNK H 2917 -25.14 86.52 127.13
CA UNK H 2917 -24.73 85.13 127.30
C UNK H 2917 -23.68 84.76 126.26
N UNK H 2918 -23.76 85.41 125.11
CA UNK H 2918 -22.79 85.21 124.04
C UNK H 2918 -21.54 86.05 124.31
N UNK H 2919 -21.74 87.27 124.80
CA UNK H 2919 -20.63 88.21 125.04
C UNK H 2919 -19.72 87.74 126.16
N UNK H 2920 -20.29 86.97 127.10
CA UNK H 2920 -19.51 86.39 128.17
C UNK H 2920 -18.59 85.30 127.62
N UNK H 2921 -19.12 84.51 126.69
CA UNK H 2921 -18.34 83.48 126.03
C UNK H 2921 -17.40 84.10 125.00
N UNK H 2922 -17.79 85.26 124.47
CA UNK H 2922 -16.97 85.97 123.51
C UNK H 2922 -15.75 86.58 124.19
N UNK H 2923 -15.96 87.09 125.40
CA UNK H 2923 -14.88 87.66 126.18
C UNK H 2923 -13.97 86.55 126.70
N UNK H 2924 -14.56 85.38 126.94
CA UNK H 2924 -13.81 84.22 127.38
C UNK H 2924 -12.94 83.67 126.26
N UNK H 2925 -13.40 83.85 125.03
CA UNK H 2925 -12.65 83.40 123.86
C UNK H 2925 -11.60 84.42 123.47
N UNK H 2926 -11.91 85.70 123.67
CA UNK H 2926 -11.00 86.78 123.31
C UNK H 2926 -9.81 86.82 124.27
N UNK H 2927 -10.06 86.49 125.53
CA UNK H 2927 -9.01 86.48 126.54
C UNK H 2927 -8.14 85.23 126.39
N UNK H 2928 -8.70 84.18 125.80
CA UNK H 2928 -7.98 82.94 125.62
C UNK H 2928 -7.34 82.85 124.24
N UNK H 2929 -7.17 84.00 123.60
CA UNK H 2929 -6.56 84.05 122.27
C UNK H 2929 -5.04 83.91 122.38
N UNK H 2930 -4.48 84.33 123.50
CA UNK H 2930 -3.03 84.31 123.69
C UNK H 2930 -2.62 83.55 124.93
N UNK H 2931 -3.49 82.65 125.40
CA UNK H 2931 -3.18 81.85 126.58
C UNK H 2931 -2.17 80.75 126.24
N UNK H 2932 -1.05 80.76 126.95
CA UNK H 2932 0.00 79.78 126.70
C UNK H 2932 -0.30 78.44 127.36
N UNK H 2933 0.53 77.44 127.04
CA UNK H 2933 0.41 76.05 127.51
C UNK H 2933 -0.95 75.44 127.20
N UNK H 2934 -1.49 75.77 126.03
CA UNK H 2934 -2.79 75.28 125.61
C UNK H 2934 -2.88 75.21 124.10
N UNK H 2935 -2.00 74.42 123.50
CA UNK H 2935 -2.01 74.21 122.06
C UNK H 2935 -3.01 73.12 121.69
N UNK H 2936 -2.55 72.12 120.93
CA UNK H 2936 -3.35 70.98 120.46
C UNK H 2936 -4.62 71.41 119.73
N UNK H 2937 -4.44 71.99 118.54
CA UNK H 2937 -5.51 72.48 117.66
C UNK H 2937 -6.41 73.52 118.31
N UNK H 2938 -6.07 74.79 118.14
CA UNK H 2938 -6.91 75.89 118.60
C UNK H 2938 -7.82 76.33 117.47
N UNK H 2939 -8.61 75.40 116.95
CA UNK H 2939 -9.45 75.64 115.79
C UNK H 2939 -10.89 75.96 116.19
N UNK H 2940 -11.05 76.59 117.35
CA UNK H 2940 -12.37 77.00 117.81
C UNK H 2940 -12.61 78.47 117.48
N UNK H 2941 -11.66 79.04 116.74
CA UNK H 2941 -11.74 80.44 116.34
C UNK H 2941 -12.81 80.65 115.27
N UNK H 2942 -13.11 79.58 114.54
CA UNK H 2942 -14.13 79.63 113.50
C UNK H 2942 -15.53 79.68 114.10
N UNK H 2943 -15.66 79.21 115.33
CA UNK H 2943 -16.93 79.23 116.03
C UNK H 2943 -17.31 80.67 116.40
N UNK H 2944 -16.30 81.49 116.63
CA UNK H 2944 -16.52 82.91 116.91
C UNK H 2944 -16.56 83.69 115.61
N UNK H 2945 -15.87 83.18 114.59
CA UNK H 2945 -15.81 83.83 113.29
C UNK H 2945 -17.14 83.69 112.56
N UNK H 2946 -17.82 82.57 112.78
CA UNK H 2946 -19.13 82.34 112.19
C UNK H 2946 -20.20 83.03 113.02
N UNK H 2947 -19.87 83.31 114.27
CA UNK H 2947 -20.78 84.03 115.16
C UNK H 2947 -20.43 85.52 115.18
N UNK H 2948 -19.51 85.92 114.31
CA UNK H 2948 -19.13 87.32 114.18
C UNK H 2948 -20.12 88.06 113.31
N UNK H 2949 -20.95 87.32 112.60
CA UNK H 2949 -22.02 87.88 111.78
C UNK H 2949 -23.34 87.81 112.51
N UNK H 2950 -23.34 88.14 113.81
CA UNK H 2950 -24.53 88.08 114.62
C UNK H 2950 -25.35 89.37 114.49
N UNK H 2951 -25.84 89.86 115.62
CA UNK H 2951 -26.61 91.10 115.64
C UNK H 2951 -25.70 92.29 115.37
N UNK H 2952 -25.11 92.84 116.44
CA UNK H 2952 -24.19 93.95 116.33
C UNK H 2952 -23.12 93.88 117.41
N UNK H 2953 -14.91 94.04 128.13
CA UNK H 2953 -16.25 94.62 128.08
C UNK H 2953 -16.18 96.15 128.17
N UNK H 2954 -16.34 96.81 127.03
CA UNK H 2954 -16.29 98.27 126.97
C UNK H 2954 -17.55 98.89 127.56
N UNK H 2955 -18.57 99.06 126.71
CA UNK H 2955 -19.82 99.67 127.14
C UNK H 2955 -20.87 98.60 127.47
N UNK H 2956 -20.41 97.45 127.95
CA UNK H 2956 -21.30 96.37 128.32
C UNK H 2956 -21.73 96.52 129.78
N UNK H 2957 -21.07 97.44 130.49
CA UNK H 2957 -21.37 97.71 131.89
C UNK H 2957 -22.55 98.65 132.03
N UNK H 2958 -22.88 99.33 130.93
CA UNK H 2958 -24.01 100.25 130.92
C UNK H 2958 -25.26 99.59 130.34
N UNK H 2959 -25.32 98.27 130.44
CA UNK H 2959 -26.44 97.51 129.89
C UNK H 2959 -26.67 96.24 130.70
N UNK H 2960 -25.95 96.10 131.80
CA UNK H 2960 -26.04 94.91 132.64
C UNK H 2960 -27.34 94.88 133.42
N UNK H 2961 -27.34 95.52 134.58
CA UNK H 2961 -28.52 95.55 135.43
C UNK H 2961 -29.46 96.68 135.03
N UNK H 2962 -28.95 97.59 134.20
CA UNK H 2962 -29.74 98.72 133.73
C UNK H 2962 -30.83 98.26 132.77
N UNK H 2963 -30.47 97.32 131.90
CA UNK H 2963 -31.43 96.72 130.98
C UNK H 2963 -32.25 95.66 131.69
N UNK H 2964 -31.73 95.15 132.79
CA UNK H 2964 -32.43 94.15 133.59
C UNK H 2964 -33.51 94.82 134.42
N UNK H 2965 -33.26 96.06 134.84
CA UNK H 2965 -34.23 96.82 135.61
C UNK H 2965 -35.19 97.55 134.67
N UNK H 2966 -34.67 98.58 134.01
CA UNK H 2966 -35.48 99.39 133.10
C UNK H 2966 -35.76 98.65 131.80
N UNK H 2967 -33.89 97.48 123.81
CA UNK H 2967 -32.53 97.03 124.11
C UNK H 2967 -31.66 98.19 124.53
N UNK H 2968 -30.65 97.90 125.35
CA UNK H 2968 -29.73 98.92 125.82
C UNK H 2968 -28.47 98.96 124.95
N UNK H 2969 -28.64 99.43 123.72
CA UNK H 2969 -27.51 99.54 122.79
C UNK H 2969 -27.71 100.73 121.86
N UNK H 2970 -26.61 101.36 121.46
CA UNK H 2970 -26.69 102.55 120.61
C UNK H 2970 -25.83 102.38 119.36
N UNK H 2971 -25.26 103.49 118.89
CA UNK H 2971 -24.43 103.48 117.70
C UNK H 2971 -22.95 103.31 118.05
N UNK H 2972 -22.70 102.96 119.31
CA UNK H 2972 -21.33 102.72 119.76
C UNK H 2972 -21.28 101.46 120.61
N UNK H 2973 -21.78 100.36 120.06
CA UNK H 2973 -21.79 99.09 120.76
C UNK H 2973 -20.54 98.28 120.43
N UNK H 2974 -20.66 97.42 119.41
CA UNK H 2974 -19.54 96.62 118.96
C UNK H 2974 -18.62 97.43 118.06
N UNK H 2975 -19.15 98.55 117.57
CA UNK H 2975 -18.38 99.45 116.72
C UNK H 2975 -17.43 100.31 117.56
N UNK H 2976 -17.69 100.37 118.86
CA UNK H 2976 -16.84 101.12 119.77
C UNK H 2976 -15.49 100.43 119.97
N UNK H 2977 -15.50 99.10 119.91
CA UNK H 2977 -14.28 98.32 120.06
C UNK H 2977 -13.72 97.92 118.70
N UNK H 2978 -14.36 98.40 117.63
CA UNK H 2978 -13.93 98.08 116.28
C UNK H 2978 -12.71 98.89 115.88
N UNK H 2979 -12.63 100.12 116.38
CA UNK H 2979 -11.49 100.99 116.09
C UNK H 2979 -10.28 100.57 116.91
N UNK H 2980 -10.54 99.90 118.03
CA UNK H 2980 -9.48 99.38 118.88
C UNK H 2980 -8.82 98.18 118.19
N UNK H 2981 -9.60 97.46 117.40
CA UNK H 2981 -9.09 96.33 116.62
C UNK H 2981 -8.39 96.85 115.37
N UNK H 2982 -8.77 98.05 114.94
CA UNK H 2982 -8.17 98.68 113.76
C UNK H 2982 -6.72 99.07 114.06
N UNK H 2983 -6.48 99.46 115.30
CA UNK H 2983 -5.13 99.77 115.75
C UNK H 2983 -4.38 98.47 116.01
N UNK H 2984 -5.13 97.43 116.37
CA UNK H 2984 -4.54 96.12 116.64
C UNK H 2984 -4.15 95.44 115.33
N UNK H 2985 -4.88 95.74 114.27
CA UNK H 2985 -4.60 95.15 112.96
C UNK H 2985 -3.49 95.93 112.26
N UNK H 2986 -3.29 97.17 112.68
CA UNK H 2986 -2.25 98.03 112.10
C UNK H 2986 -0.87 97.70 112.66
N UNK H 2987 -0.85 96.93 113.75
CA UNK H 2987 0.40 96.54 114.38
C UNK H 2987 1.16 95.52 113.54
N UNK H 2988 0.47 94.46 113.13
CA UNK H 2988 1.08 93.41 112.33
C UNK H 2988 1.03 93.73 110.84
N UNK H 2989 0.45 94.87 110.49
CA UNK H 2989 0.38 95.32 109.12
C UNK H 2989 1.76 95.72 108.60
N UNK H 2990 2.55 96.32 109.48
CA UNK H 2990 3.91 96.72 109.15
C UNK H 2990 4.91 95.71 109.67
N UNK H 2991 4.64 95.19 110.86
CA UNK H 2991 5.52 94.21 111.48
C UNK H 2991 5.34 92.84 110.82
N UNK H 2992 6.41 92.34 110.22
CA UNK H 2992 6.39 91.04 109.58
C UNK H 2992 6.52 89.94 110.61
N UNK H 2993 5.42 89.63 111.29
CA UNK H 2993 5.40 88.56 112.28
C UNK H 2993 5.40 87.20 111.58
N UNK H 2994 6.59 86.74 111.22
CA UNK H 2994 6.74 85.47 110.51
C UNK H 2994 6.57 84.29 111.45
N UNK H 2995 6.72 84.53 112.74
CA UNK H 2995 6.51 83.50 113.75
C UNK H 2995 5.03 83.16 113.87
N UNK H 2996 4.73 81.87 113.90
CA UNK H 2996 3.36 81.40 114.01
C UNK H 2996 2.82 81.62 115.41
N UNK H 2997 3.73 81.68 116.39
CA UNK H 2997 3.36 81.96 117.76
C UNK H 2997 2.98 83.43 117.92
N UNK H 2998 3.57 84.29 117.09
CA UNK H 2998 3.24 85.71 117.07
C UNK H 2998 1.89 85.93 116.39
N UNK H 2999 1.55 85.04 115.47
CA UNK H 2999 0.30 85.13 114.75
C UNK H 2999 -0.74 84.17 115.33
N UNK H 3000 -0.41 83.58 116.48
CA UNK H 3000 -1.31 82.65 117.16
C UNK H 3000 -2.49 83.39 117.77
N UNK H 3001 -2.25 84.63 118.17
CA UNK H 3001 -3.31 85.48 118.72
C UNK H 3001 -3.64 86.60 117.76
N UNK H 3002 -3.04 86.54 116.57
CA UNK H 3002 -3.23 87.57 115.57
C UNK H 3002 -3.97 87.03 114.34
N UNK H 3003 -3.34 86.09 113.65
CA UNK H 3003 -3.91 85.52 112.44
C UNK H 3003 -5.11 84.63 112.75
N UNK H 3004 -5.06 83.96 113.89
CA UNK H 3004 -6.16 83.11 114.32
C UNK H 3004 -7.32 83.96 114.81
N UNK H 3005 -7.01 85.16 115.27
CA UNK H 3005 -8.03 86.10 115.73
C UNK H 3005 -8.51 86.99 114.60
N UNK H 3006 -7.83 86.90 113.46
CA UNK H 3006 -8.19 87.70 112.29
C UNK H 3006 -9.37 87.09 111.54
N UNK H 3007 -9.68 85.84 111.85
CA UNK H 3007 -10.80 85.14 111.22
C UNK H 3007 -12.13 85.70 111.70
N UNK H 3008 -12.17 86.11 112.95
CA UNK H 3008 -13.37 86.73 113.52
C UNK H 3008 -13.49 88.17 113.05
N UNK H 3009 -12.36 88.75 112.67
CA UNK H 3009 -12.32 90.14 112.20
C UNK H 3009 -12.57 90.22 110.69
N UNK H 3010 -12.81 89.07 110.08
CA UNK H 3010 -13.08 89.00 108.65
C UNK H 3010 -14.52 89.36 108.33
N UNK H 3011 -15.36 89.37 109.37
CA UNK H 3011 -16.77 89.70 109.19
C UNK H 3011 -17.01 91.20 109.36
N UNK H 3012 -16.30 92.00 108.55
CA UNK H 3012 -16.42 93.45 108.62
C UNK H 3012 -17.69 93.92 107.95
N UNK H 3013 -17.94 93.42 106.74
CA UNK H 3013 -19.14 93.79 105.99
C UNK H 3013 -20.35 93.06 106.54
N UNK H 3014 -20.11 91.96 107.24
CA UNK H 3014 -21.18 91.21 107.90
C UNK H 3014 -21.65 91.98 109.13
N UNK H 3015 -20.71 92.64 109.80
CA UNK H 3015 -21.04 93.49 110.93
C UNK H 3015 -21.63 94.80 110.43
N UNK H 3016 -21.27 95.17 109.21
CA UNK H 3016 -21.82 96.36 108.58
C UNK H 3016 -23.15 96.03 107.91
N UNK H 3017 -23.85 97.06 107.47
CA UNK H 3017 -25.10 96.87 106.73
C UNK H 3017 -24.77 96.71 105.26
N UNK H 3018 -24.33 97.80 104.64
CA UNK H 3018 -23.90 97.78 103.24
C UNK H 3018 -22.39 97.86 103.18
N UNK H 3019 -21.87 98.76 102.35
CA UNK H 3019 -20.44 98.94 102.20
C UNK H 3019 -20.04 100.36 102.60
N UNK H 3020 -20.52 100.82 103.75
CA UNK H 3020 -20.23 102.16 104.22
C UNK H 3020 -18.79 102.26 104.74
N UNK H 3021 -18.41 101.34 105.61
CA UNK H 3021 -17.06 101.31 106.15
C UNK H 3021 -16.22 100.25 105.45
N UNK H 3022 -16.37 100.16 104.13
CA UNK H 3022 -15.68 99.15 103.35
C UNK H 3022 -14.28 99.61 102.94
N UNK H 3023 -13.96 100.86 103.23
CA UNK H 3023 -12.65 101.41 102.92
C UNK H 3023 -11.59 100.81 103.83
N UNK H 3024 -11.99 100.50 105.06
CA UNK H 3024 -11.09 99.86 106.02
C UNK H 3024 -10.87 98.41 105.63
N UNK H 3025 -11.88 97.80 105.03
CA UNK H 3025 -11.79 96.42 104.57
C UNK H 3025 -11.02 96.35 103.26
N UNK H 3026 -10.92 97.49 102.57
CA UNK H 3026 -10.22 97.56 101.30
C UNK H 3026 -8.71 97.47 101.50
N UNK H 3027 -8.24 97.87 102.67
CA UNK H 3027 -6.81 97.84 102.97
C UNK H 3027 -6.44 96.59 103.75
N UNK H 3028 -7.46 95.85 104.21
CA UNK H 3028 -7.23 94.66 105.02
C UNK H 3028 -6.71 93.50 104.18
N UNK H 3029 -7.01 93.53 102.88
CA UNK H 3029 -6.58 92.48 101.97
C UNK H 3029 -5.10 92.58 101.69
N UNK H 3030 -4.60 93.81 101.57
CA UNK H 3030 -3.19 94.05 101.28
C UNK H 3030 -2.32 93.65 102.47
N UNK H 3031 -2.87 93.84 103.67
CA UNK H 3031 -2.19 93.42 104.89
C UNK H 3031 -2.22 91.90 104.99
N UNK H 3032 -3.33 91.31 104.53
CA UNK H 3032 -3.47 89.86 104.51
C UNK H 3032 -2.56 89.26 103.45
N UNK H 3033 -2.34 90.01 102.38
CA UNK H 3033 -1.45 89.60 101.31
C UNK H 3033 0.00 89.68 101.79
N UNK H 3034 0.28 90.69 102.61
CA UNK H 3034 1.62 90.91 103.13
C UNK H 3034 1.99 89.85 104.17
N UNK H 3035 0.97 89.28 104.80
CA UNK H 3035 1.17 88.20 105.76
C UNK H 3035 1.61 86.93 105.04
N UNK H 3036 1.09 86.74 103.84
CA UNK H 3036 1.47 85.62 103.00
C UNK H 3036 2.74 85.95 102.21
N UNK H 3037 3.09 87.22 102.19
CA UNK H 3037 4.29 87.68 101.51
C UNK H 3037 5.47 87.73 102.47
N UNK H 3038 5.29 87.14 103.66
CA UNK H 3038 6.35 87.07 104.65
C UNK H 3038 7.17 85.80 104.50
N UNK H 3039 6.81 85.00 103.48
CA UNK H 3039 7.44 83.72 103.12
C UNK H 3039 7.47 82.73 104.28
N UNK H 3040 6.40 81.94 104.38
CA UNK H 3040 6.30 80.93 105.44
C UNK H 3040 7.29 79.80 105.21
N UNK H 3041 7.69 79.15 106.31
CA UNK H 3041 8.65 78.05 106.24
C UNK H 3041 7.97 76.79 105.71
N UNK H 3042 7.58 75.91 106.63
CA UNK H 3042 6.88 74.69 106.26
C UNK H 3042 5.39 74.83 106.54
N UNK H 3043 4.92 74.12 107.56
CA UNK H 3043 3.50 74.16 107.93
C UNK H 3043 3.26 75.14 109.09
N UNK H 3044 4.01 76.24 109.08
CA UNK H 3044 3.84 77.27 110.09
C UNK H 3044 2.60 78.09 109.78
N UNK H 3045 2.39 78.34 108.49
CA UNK H 3045 1.21 79.07 108.04
C UNK H 3045 0.46 78.25 107.01
N UNK H 3046 1.06 77.14 106.58
CA UNK H 3046 0.43 76.23 105.64
C UNK H 3046 -0.65 75.42 106.35
N UNK H 3047 -0.42 75.13 107.62
CA UNK H 3047 -1.42 74.45 108.43
C UNK H 3047 -2.53 75.42 108.79
N UNK H 3048 -2.18 76.69 108.91
CA UNK H 3048 -3.14 77.75 109.17
C UNK H 3048 -3.55 78.43 107.86
N UNK H 3049 -3.93 77.62 106.88
CA UNK H 3049 -4.36 78.15 105.59
C UNK H 3049 -5.89 78.19 105.52
N UNK H 3050 -6.52 78.21 106.69
CA UNK H 3050 -7.97 78.27 106.78
C UNK H 3050 -8.46 79.72 106.65
N UNK H 3051 -7.51 80.65 106.67
CA UNK H 3051 -7.80 82.05 106.46
C UNK H 3051 -8.07 82.34 104.99
N UNK H 3052 -7.60 81.45 104.12
CA UNK H 3052 -7.83 81.56 102.69
C UNK H 3052 -9.29 81.33 102.34
N UNK H 3053 -9.97 80.54 103.18
CA UNK H 3053 -11.40 80.33 103.05
C UNK H 3053 -12.13 81.60 103.47
N UNK H 3054 -11.53 82.33 104.40
CA UNK H 3054 -12.09 83.60 104.85
C UNK H 3054 -11.65 84.75 103.94
N UNK H 3055 -10.69 84.45 103.05
CA UNK H 3055 -10.17 85.45 102.13
C UNK H 3055 -10.94 85.43 100.79
N UNK H 3056 -12.06 84.72 100.78
CA UNK H 3056 -12.88 84.63 99.58
C UNK H 3056 -13.89 85.76 99.54
N UNK H 3057 -14.58 85.98 100.65
CA UNK H 3057 -15.60 87.01 100.74
C UNK H 3057 -14.98 88.40 100.89
N UNK H 3058 -13.73 88.43 101.32
CA UNK H 3058 -13.03 89.69 101.54
C UNK H 3058 -12.62 90.33 100.21
N UNK H 3059 -12.46 89.50 99.18
CA UNK H 3059 -12.01 89.98 97.88
C UNK H 3059 -13.20 90.28 96.96
N UNK H 3060 -14.37 90.48 97.55
CA UNK H 3060 -15.58 90.74 96.77
C UNK H 3060 -15.76 92.22 96.46
N UNK H 3061 -15.90 93.03 97.51
CA UNK H 3061 -16.15 94.45 97.35
C UNK H 3061 -14.85 95.26 97.34
N UNK H 3062 -13.72 94.58 97.16
CA UNK H 3062 -12.42 95.23 97.14
C UNK H 3062 -12.20 95.95 95.81
N UNK H 3063 -11.93 97.25 95.87
CA UNK H 3063 -11.64 98.03 94.69
C UNK H 3063 -10.26 97.66 94.17
N UNK H 3064 -10.23 96.83 93.12
CA UNK H 3064 -9.00 96.31 92.57
C UNK H 3064 -8.19 97.38 91.84
N UNK H 3065 -8.88 98.45 91.42
CA UNK H 3065 -8.19 99.60 90.83
C UNK H 3065 -7.45 100.36 91.93
N UNK H 3066 -8.04 100.35 93.11
CA UNK H 3066 -7.40 100.95 94.29
C UNK H 3066 -6.42 99.95 94.88
N UNK H 3067 -6.65 98.67 94.60
CA UNK H 3067 -5.76 97.61 95.06
C UNK H 3067 -4.81 97.21 93.95
N UNK H 3068 -4.63 98.09 92.97
CA UNK H 3068 -3.73 97.84 91.84
C UNK H 3068 -2.28 97.87 92.31
N UNK H 3069 -1.99 98.70 93.30
CA UNK H 3069 -0.67 98.76 93.90
C UNK H 3069 -0.43 97.48 94.70
N UNK H 3070 -1.50 96.98 95.32
CA UNK H 3070 -1.44 95.70 96.02
C UNK H 3070 -1.36 94.58 94.99
N UNK H 3071 -1.98 94.80 93.83
CA UNK H 3071 -1.88 93.87 92.72
C UNK H 3071 -0.49 93.96 92.11
N UNK H 3072 0.10 95.15 92.15
CA UNK H 3072 1.48 95.34 91.73
C UNK H 3072 2.41 94.68 92.74
N UNK H 3073 2.00 94.70 93.99
CA UNK H 3073 2.70 93.97 95.04
C UNK H 3073 2.47 92.48 94.86
N UNK H 3074 1.28 92.13 94.36
CA UNK H 3074 0.98 90.74 94.04
C UNK H 3074 1.71 90.32 92.79
N UNK H 3075 1.95 91.29 91.89
CA UNK H 3075 2.74 91.05 90.70
C UNK H 3075 4.20 90.81 91.10
N UNK H 3076 4.64 91.54 92.11
CA UNK H 3076 5.97 91.35 92.68
C UNK H 3076 6.02 90.03 93.43
N UNK H 3077 4.90 89.67 94.03
CA UNK H 3077 4.77 88.38 94.72
C UNK H 3077 4.76 87.26 93.70
N UNK H 3078 4.18 87.54 92.54
CA UNK H 3078 4.20 86.59 91.44
C UNK H 3078 5.59 86.53 90.83
N UNK H 3079 6.29 87.66 90.86
CA UNK H 3079 7.65 87.74 90.35
C UNK H 3079 8.60 86.97 91.25
N UNK H 3080 8.35 87.02 92.55
CA UNK H 3080 9.14 86.27 93.50
C UNK H 3080 8.81 84.79 93.41
N UNK H 3081 7.55 84.50 93.07
CA UNK H 3081 7.10 83.13 92.92
C UNK H 3081 7.67 82.52 91.65
N UNK H 3082 7.79 83.33 90.60
CA UNK H 3082 8.34 82.88 89.33
C UNK H 3082 9.84 82.65 89.44
N UNK H 3083 10.48 83.43 90.30
CA UNK H 3083 11.92 83.31 90.52
C UNK H 3083 12.25 82.10 91.38
N UNK H 3084 11.45 81.88 92.42
CA UNK H 3084 11.68 80.78 93.35
C UNK H 3084 11.38 79.43 92.72
N UNK H 3085 10.40 79.41 91.83
CA UNK H 3085 10.03 78.18 91.13
C UNK H 3085 11.08 77.85 90.08
N UNK H 3086 11.72 78.88 89.52
CA UNK H 3086 12.74 78.70 88.50
C UNK H 3086 14.01 78.11 89.10
N UNK H 3087 14.25 78.40 90.37
CA UNK H 3087 15.41 77.86 91.08
C UNK H 3087 15.21 76.37 91.35
N UNK H 3088 13.99 76.01 91.71
CA UNK H 3088 13.64 74.62 91.96
C UNK H 3088 13.57 73.85 90.65
N UNK H 3089 13.21 74.54 89.59
CA UNK H 3089 13.19 73.95 88.25
C UNK H 3089 14.61 73.73 87.76
N UNK H 3090 15.50 74.65 88.14
CA UNK H 3090 16.92 74.52 87.81
C UNK H 3090 17.55 73.42 88.64
N UNK H 3091 17.00 73.20 89.83
CA UNK H 3091 17.40 72.09 90.68
C UNK H 3091 16.93 70.78 90.07
N UNK H 3092 15.79 70.84 89.39
CA UNK H 3092 15.25 69.67 88.70
C UNK H 3092 15.94 69.48 87.35
N UNK H 3093 16.44 70.58 86.78
CA UNK H 3093 17.15 70.53 85.51
C UNK H 3093 18.54 69.97 85.70
N UNK H 3094 19.07 70.10 86.91
CA UNK H 3094 20.39 69.57 87.24
C UNK H 3094 20.27 68.18 87.88
N UNK H 3095 19.43 67.34 87.28
CA UNK H 3095 19.25 65.98 87.75
C UNK H 3095 20.11 65.02 86.92
N UNK H 3096 21.35 65.41 86.69
CA UNK H 3096 22.27 64.61 85.90
C UNK H 3096 23.01 63.61 86.78
N UNK H 3097 24.09 63.04 86.23
CA UNK H 3097 24.96 62.06 86.88
C UNK H 3097 24.21 60.82 87.39
N UNK H 3098 24.80 60.15 88.37
CA UNK H 3098 24.17 58.98 88.97
C UNK H 3098 23.76 59.30 90.40
N UNK H 3099 23.67 60.58 90.71
CA UNK H 3099 23.34 61.04 92.04
C UNK H 3099 21.85 60.86 92.34
N UNK H 3100 21.56 60.26 93.49
CA UNK H 3100 20.19 60.09 93.93
C UNK H 3100 19.84 61.14 94.98
N UNK H 3101 20.45 62.33 94.84
CA UNK H 3101 20.24 63.42 95.78
C UNK H 3101 19.22 64.42 95.24
N UNK H 3102 18.48 64.00 94.22
CA UNK H 3102 17.46 64.86 93.63
C UNK H 3102 16.08 64.50 94.19
N UNK H 3103 15.99 63.33 94.79
CA UNK H 3103 14.72 62.85 95.35
C UNK H 3103 14.49 63.41 96.75
N UNK H 3104 15.52 64.04 97.31
CA UNK H 3104 15.43 64.63 98.64
C UNK H 3104 15.67 66.13 98.59
N UNK H 3105 15.88 66.65 97.39
CA UNK H 3105 16.14 68.07 97.22
C UNK H 3105 15.09 68.74 96.35
N UNK H 3106 14.79 68.13 95.21
CA UNK H 3106 13.85 68.71 94.26
C UNK H 3106 12.41 68.33 94.60
N UNK H 3107 12.23 67.20 95.28
CA UNK H 3107 10.91 66.71 95.63
C UNK H 3107 10.26 67.57 96.71
N UNK H 3108 11.07 68.08 97.62
CA UNK H 3108 10.57 68.93 98.69
C UNK H 3108 10.51 70.38 98.25
N UNK H 3109 11.28 70.72 97.21
CA UNK H 3109 11.33 72.08 96.69
C UNK H 3109 10.03 72.44 95.99
N UNK H 3110 9.52 71.49 95.20
CA UNK H 3110 8.25 71.68 94.51
C UNK H 3110 7.09 71.57 95.50
N UNK H 3111 7.31 70.81 96.56
CA UNK H 3111 6.29 70.61 97.59
C UNK H 3111 6.15 71.84 98.48
N UNK H 3112 7.21 72.65 98.54
CA UNK H 3112 7.20 73.86 99.33
C UNK H 3112 6.30 74.92 98.69
N UNK H 3113 6.24 74.89 97.36
CA UNK H 3113 5.41 75.83 96.62
C UNK H 3113 4.04 75.22 96.34
N UNK H 3114 3.85 73.98 96.75
CA UNK H 3114 2.60 73.26 96.52
C UNK H 3114 1.49 73.79 97.41
N UNK H 3115 1.81 74.00 98.68
CA UNK H 3115 0.85 74.52 99.64
C UNK H 3115 0.86 76.05 99.65
N UNK H 3116 1.82 76.62 98.92
CA UNK H 3116 1.96 78.07 98.86
C UNK H 3116 1.08 78.68 97.78
N UNK H 3117 1.18 78.14 96.57
CA UNK H 3117 0.44 78.66 95.43
C UNK H 3117 -1.03 78.26 95.47
N UNK H 3118 -1.33 77.24 96.27
CA UNK H 3118 -2.70 76.75 96.42
C UNK H 3118 -3.56 77.79 97.13
N UNK H 3119 -2.97 78.48 98.09
CA UNK H 3119 -3.67 79.53 98.82
C UNK H 3119 -3.52 80.86 98.10
N UNK H 3120 -2.54 80.93 97.20
CA UNK H 3120 -2.26 82.16 96.47
C UNK H 3120 -3.20 82.36 95.30
N UNK H 3121 -3.35 81.33 94.48
CA UNK H 3121 -4.16 81.42 93.27
C UNK H 3121 -5.65 81.36 93.56
N UNK H 3122 -6.01 80.87 94.75
CA UNK H 3122 -7.40 80.72 95.14
C UNK H 3122 -8.07 82.08 95.36
N UNK H 3123 -7.35 82.98 96.02
CA UNK H 3123 -7.84 84.32 96.26
C UNK H 3123 -7.60 85.21 95.06
N UNK H 3124 -6.67 84.77 94.20
CA UNK H 3124 -6.35 85.52 92.99
C UNK H 3124 -7.39 85.28 91.91
N UNK H 3125 -8.09 84.16 92.03
CA UNK H 3125 -9.10 83.78 91.03
C UNK H 3125 -10.34 84.64 91.14
N UNK H 3126 -10.83 84.83 92.36
CA UNK H 3126 -12.04 85.60 92.60
C UNK H 3126 -11.81 87.09 92.43
N UNK H 3127 -10.56 87.51 92.59
CA UNK H 3127 -10.19 88.92 92.47
C UNK H 3127 -10.23 89.39 91.02
N UNK H 3128 -9.62 88.61 90.13
CA UNK H 3128 -9.54 88.96 88.72
C UNK H 3128 -10.89 88.80 88.03
N UNK H 3129 -11.66 87.82 88.50
CA UNK H 3129 -12.98 87.55 87.93
C UNK H 3129 -13.95 88.67 88.29
N UNK H 3130 -13.74 89.28 89.44
CA UNK H 3130 -14.56 90.40 89.87
C UNK H 3130 -14.23 91.63 89.05
N UNK H 3131 -12.96 91.77 88.68
CA UNK H 3131 -12.51 92.92 87.90
C UNK H 3131 -12.19 92.52 86.47
N UNK H 3132 -13.08 91.74 85.86
CA UNK H 3132 -12.86 91.24 84.52
C UNK H 3132 -13.13 92.32 83.48
N UNK H 3133 -14.33 92.88 83.50
CA UNK H 3133 -14.78 93.84 82.50
C UNK H 3133 -14.01 95.16 82.56
N UNK H 3134 -13.53 95.50 83.75
CA UNK H 3134 -12.71 96.69 83.92
C UNK H 3134 -11.34 96.46 83.32
N UNK H 3135 -10.88 95.21 83.37
CA UNK H 3135 -9.60 94.84 82.81
C UNK H 3135 -9.73 94.47 81.33
N UNK H 3136 -10.96 94.30 80.87
CA UNK H 3136 -11.20 93.94 79.47
C UNK H 3136 -11.66 95.15 78.66
N UNK H 3137 -11.84 96.28 79.34
CA UNK H 3137 -12.28 97.50 78.69
C UNK H 3137 -11.11 98.21 78.00
N UNK H 3138 -10.82 99.42 78.45
CA UNK H 3138 -9.73 100.20 77.87
C UNK H 3138 -8.40 99.84 78.51
N UNK H 3139 -8.38 99.79 79.83
CA UNK H 3139 -7.16 99.49 80.58
C UNK H 3139 -6.80 98.01 80.48
N UNK H 3140 -5.52 97.73 80.28
CA UNK H 3140 -5.05 96.36 80.15
C UNK H 3140 -3.58 96.25 80.56
N UNK H 3141 -2.92 97.39 80.72
CA UNK H 3141 -1.50 97.43 81.04
C UNK H 3141 -1.21 96.95 82.46
N UNK H 3142 -2.18 97.14 83.35
CA UNK H 3142 -2.06 96.65 84.72
C UNK H 3142 -2.24 95.14 84.74
N UNK H 3143 -3.02 94.63 83.79
CA UNK H 3143 -3.25 93.20 83.68
C UNK H 3143 -2.32 92.57 82.66
N UNK H 3144 -1.48 93.39 82.04
CA UNK H 3144 -0.54 92.93 81.03
C UNK H 3144 0.57 92.10 81.67
N UNK H 3145 0.96 92.49 82.87
CA UNK H 3145 2.02 91.81 83.60
C UNK H 3145 1.54 90.47 84.12
N UNK H 3146 0.26 90.38 84.42
CA UNK H 3146 -0.33 89.17 84.97
C UNK H 3146 -0.37 88.07 83.91
N UNK H 3147 -0.67 88.45 82.68
CA UNK H 3147 -0.71 87.53 81.57
C UNK H 3147 0.71 87.14 81.17
N UNK H 3148 1.63 88.09 81.34
CA UNK H 3148 3.02 87.87 80.98
C UNK H 3148 3.71 86.93 81.96
N UNK H 3149 3.29 86.98 83.22
CA UNK H 3149 3.90 86.16 84.26
C UNK H 3149 3.11 84.89 84.50
N UNK H 3150 2.29 84.50 83.53
CA UNK H 3150 1.48 83.30 83.64
C UNK H 3150 2.15 82.12 82.96
N UNK H 3151 3.47 82.14 82.91
CA UNK H 3151 4.24 81.06 82.29
C UNK H 3151 4.65 80.03 83.33
N UNK H 3152 4.12 80.18 84.53
CA UNK H 3152 4.39 79.25 85.63
C UNK H 3152 3.76 77.90 85.36
N UNK H 3153 2.59 77.91 84.74
CA UNK H 3153 1.90 76.69 84.36
C UNK H 3153 2.66 76.01 83.23
N UNK H 3154 3.31 76.81 82.39
CA UNK H 3154 4.14 76.29 81.32
C UNK H 3154 5.43 75.71 81.88
N UNK H 3155 5.87 76.27 83.00
CA UNK H 3155 7.11 75.84 83.63
C UNK H 3155 6.89 74.63 84.54
N UNK H 3156 5.89 74.73 85.40
CA UNK H 3156 5.65 73.69 86.40
C UNK H 3156 4.69 72.62 85.89
N UNK H 3157 3.43 73.00 85.71
CA UNK H 3157 2.37 72.04 85.34
C UNK H 3157 2.33 71.77 83.84
N UNK H 3158 3.48 71.47 83.25
CA UNK H 3158 3.60 71.16 81.84
C UNK H 3158 4.85 70.34 81.63
N UNK H 3159 5.98 71.03 81.49
CA UNK H 3159 7.27 70.39 81.35
C UNK H 3159 7.83 70.02 82.71
N UNK H 3160 8.33 68.79 82.83
CA UNK H 3160 8.93 68.22 84.05
C UNK H 3160 8.00 68.31 85.26
N UNK H 3161 6.77 67.82 85.09
CA UNK H 3161 5.78 67.87 86.16
C UNK H 3161 5.76 66.58 86.97
N UNK H 3162 6.93 65.98 87.17
CA UNK H 3162 7.04 64.79 88.00
C UNK H 3162 6.89 65.19 89.46
N UNK H 3163 7.48 66.32 89.81
CA UNK H 3163 7.40 66.84 91.17
C UNK H 3163 6.35 67.93 91.28
N UNK H 3164 6.06 68.57 90.15
CA UNK H 3164 5.08 69.64 90.11
C UNK H 3164 3.67 69.09 90.24
N UNK H 3165 3.42 67.94 89.62
CA UNK H 3165 2.14 67.27 89.75
C UNK H 3165 2.23 66.15 90.78
N UNK H 3166 3.17 66.29 91.71
CA UNK H 3166 3.26 65.39 92.84
C UNK H 3166 2.55 66.01 94.04
N UNK H 3167 1.86 67.12 93.78
CA UNK H 3167 1.11 67.83 94.80
C UNK H 3167 -0.32 67.33 94.89
N UNK H 3168 -0.62 66.25 94.18
CA UNK H 3168 -1.93 65.63 94.22
C UNK H 3168 -2.15 64.98 95.59
N UNK H 3169 -1.07 64.46 96.16
CA UNK H 3169 -1.10 63.92 97.51
C UNK H 3169 -1.25 65.07 98.51
N UNK H 3170 -0.68 66.22 98.17
CA UNK H 3170 -0.83 67.42 98.98
C UNK H 3170 -2.24 67.97 98.80
N UNK H 3171 -2.80 67.74 97.62
CA UNK H 3171 -4.19 68.13 97.35
C UNK H 3171 -5.15 67.17 98.04
N UNK H 3172 -4.73 65.91 98.18
CA UNK H 3172 -5.55 64.91 98.85
C UNK H 3172 -5.39 65.00 100.35
N UNK H 3173 -4.35 65.70 100.79
CA UNK H 3173 -4.10 65.90 102.22
C UNK H 3173 -5.14 66.85 102.81
N UNK H 3174 -5.21 68.04 102.24
CA UNK H 3174 -6.17 69.04 102.68
C UNK H 3174 -7.49 68.89 101.92
N UNK H 3175 -8.27 65.23 87.81
CA UNK H 3175 -8.90 66.36 87.13
C UNK H 3175 -7.95 67.56 87.08
N UNK H 3176 -8.45 68.68 86.57
CA UNK H 3176 -7.69 69.92 86.55
C UNK H 3176 -7.57 70.47 87.96
N UNK H 3177 -6.47 71.17 88.24
CA UNK H 3177 -6.23 71.64 89.61
C UNK H 3177 -5.48 72.96 89.63
N UNK H 3178 -6.24 74.05 89.77
CA UNK H 3178 -5.73 75.41 90.01
C UNK H 3178 -4.74 75.93 88.97
N UNK H 3179 -3.52 75.39 88.99
CA UNK H 3179 -2.44 75.84 88.12
C UNK H 3179 -2.73 75.59 86.65
N UNK H 3180 -3.47 74.53 86.36
CA UNK H 3180 -3.89 74.24 85.00
C UNK H 3180 -5.06 75.14 84.62
N UNK H 3181 -5.90 75.45 85.61
CA UNK H 3181 -7.10 76.25 85.37
C UNK H 3181 -6.86 77.74 85.61
N UNK H 3182 -5.63 78.10 85.92
CA UNK H 3182 -5.27 79.49 86.17
C UNK H 3182 -5.27 80.30 84.89
N UNK H 3183 -4.66 79.74 83.85
CA UNK H 3183 -4.58 80.40 82.56
C UNK H 3183 -5.93 80.40 81.85
N UNK H 3184 -6.79 79.45 82.22
CA UNK H 3184 -8.11 79.31 81.65
C UNK H 3184 -9.01 80.48 82.02
N UNK H 3185 -8.77 81.07 83.20
CA UNK H 3185 -9.56 82.20 83.67
C UNK H 3185 -8.87 83.52 83.32
N UNK H 3186 -7.87 83.46 82.45
CA UNK H 3186 -7.10 84.66 82.11
C UNK H 3186 -6.66 84.68 80.66
N UNK H 3187 -7.04 83.67 79.89
CA UNK H 3187 -6.67 83.61 78.48
C UNK H 3187 -7.48 84.58 77.64
N UNK H 3188 -8.62 85.01 78.19
CA UNK H 3188 -9.51 85.94 77.50
C UNK H 3188 -8.88 87.32 77.37
N UNK H 3189 -8.40 87.85 78.49
CA UNK H 3189 -7.80 89.18 78.51
C UNK H 3189 -6.38 89.16 77.94
N UNK H 3190 -5.78 87.99 77.93
CA UNK H 3190 -4.40 87.83 77.45
C UNK H 3190 -4.31 88.02 75.94
N UNK H 3191 -5.26 87.43 75.22
CA UNK H 3191 -5.28 87.51 73.77
C UNK H 3191 -6.05 88.74 73.30
N UNK H 3192 -6.68 89.42 74.25
CA UNK H 3192 -7.45 90.62 73.94
C UNK H 3192 -6.54 91.76 73.53
N UNK H 3193 -5.46 91.93 74.28
CA UNK H 3193 -4.49 92.99 74.00
C UNK H 3193 -3.29 92.44 73.23
N UNK H 3194 -3.44 91.24 72.68
CA UNK H 3194 -2.38 90.65 71.86
C UNK H 3194 -2.28 91.41 70.55
N UNK H 3195 -3.41 91.50 69.85
CA UNK H 3195 -3.49 92.28 68.63
C UNK H 3195 -4.92 92.77 68.45
N UNK H 3196 -5.12 93.68 67.50
CA UNK H 3196 -6.45 94.14 67.15
C UNK H 3196 -6.94 93.34 65.94
N UNK H 3197 -6.87 92.02 66.06
CA UNK H 3197 -7.05 91.05 64.97
C UNK H 3197 -6.15 91.38 63.79
N UNK H 3198 -6.61 91.04 62.58
CA UNK H 3198 -5.96 91.39 61.31
C UNK H 3198 -4.50 90.95 61.19
N UNK H 3199 -4.15 89.88 61.87
CA UNK H 3199 -2.76 89.43 61.93
C UNK H 3199 -2.69 87.94 62.26
N UNK H 3200 -3.16 87.60 63.45
CA UNK H 3200 -3.15 86.25 64.02
C UNK H 3200 -1.75 85.64 64.02
N UNK H 3201 -1.47 84.85 62.98
CA UNK H 3201 -0.19 84.15 62.75
C UNK H 3201 0.26 83.28 63.92
N UNK H 3202 -0.70 82.77 64.69
CA UNK H 3202 -0.40 81.91 65.82
C UNK H 3202 -0.28 80.48 65.33
N UNK H 3203 -1.05 80.16 64.30
CA UNK H 3203 -0.97 78.87 63.64
C UNK H 3203 0.32 78.80 62.83
N UNK H 3204 0.79 79.96 62.41
CA UNK H 3204 2.07 80.08 61.73
C UNK H 3204 3.21 79.80 62.71
N UNK H 3205 2.98 80.14 63.98
CA UNK H 3205 3.98 79.93 65.02
C UNK H 3205 3.64 78.71 65.87
N UNK H 3206 2.59 78.00 65.49
CA UNK H 3206 2.18 76.81 66.24
C UNK H 3206 3.12 75.65 65.99
N UNK H 3207 3.29 75.31 64.70
CA UNK H 3207 4.08 74.16 64.30
C UNK H 3207 5.57 74.35 64.56
N UNK H 3208 6.00 75.61 64.56
CA UNK H 3208 7.40 75.93 64.85
C UNK H 3208 7.69 75.72 66.32
N UNK H 3209 6.69 75.94 67.15
CA UNK H 3209 6.83 75.74 68.59
C UNK H 3209 6.36 74.35 68.99
N UNK H 3210 5.77 73.62 68.04
CA UNK H 3210 5.31 72.26 68.30
C UNK H 3210 6.48 71.28 68.22
N UNK H 3211 7.56 71.69 67.57
CA UNK H 3211 8.74 70.86 67.44
C UNK H 3211 9.71 71.11 68.59
N UNK H 3212 9.32 72.01 69.50
CA UNK H 3212 10.09 72.43 70.67
C UNK H 3212 11.47 72.96 70.30
N UNK H 3213 11.56 73.65 69.18
CA UNK H 3213 12.83 74.21 68.72
C UNK H 3213 13.09 75.55 69.39
N UNK H 3214 13.48 75.47 70.67
CA UNK H 3214 13.82 76.62 71.52
C UNK H 3214 12.72 77.68 71.63
N UNK H 3215 13.11 78.87 72.07
CA UNK H 3215 12.20 80.00 72.19
C UNK H 3215 12.74 81.18 71.42
N UNK H 3216 14.07 81.31 71.42
CA UNK H 3216 14.74 82.35 70.65
C UNK H 3216 14.65 82.02 69.18
N UNK H 3217 14.70 80.73 68.86
CA UNK H 3217 14.55 80.26 67.49
C UNK H 3217 13.11 80.41 67.04
N UNK H 3218 12.19 80.34 67.99
CA UNK H 3218 10.79 80.63 67.73
C UNK H 3218 10.65 82.14 67.47
N UNK H 3219 11.45 82.92 68.17
CA UNK H 3219 11.48 84.36 67.97
C UNK H 3219 12.26 84.70 66.71
N UNK H 3220 13.23 83.85 66.36
CA UNK H 3220 14.01 84.04 65.15
C UNK H 3220 13.17 83.71 63.92
N UNK H 3221 12.25 82.76 64.07
CA UNK H 3221 11.36 82.39 62.99
C UNK H 3221 10.35 83.52 62.73
N UNK H 3222 10.03 84.25 63.78
CA UNK H 3222 9.16 85.40 63.68
C UNK H 3222 9.88 86.57 63.02
N UNK H 3223 11.11 86.81 63.46
CA UNK H 3223 11.91 87.90 62.94
C UNK H 3223 12.37 87.62 61.51
N UNK H 3224 12.99 86.45 61.31
CA UNK H 3224 13.45 86.06 59.99
C UNK H 3224 12.42 85.20 59.28
N UNK H 3225 11.26 85.03 59.91
CA UNK H 3225 10.16 84.28 59.31
C UNK H 3225 9.17 85.25 58.65
N UNK H 3226 9.59 86.52 58.56
CA UNK H 3226 8.83 87.62 57.97
C UNK H 3226 7.45 87.82 58.60
N UNK H 3227 6.56 88.47 57.84
CA UNK H 3227 5.21 88.73 58.32
C UNK H 3227 4.25 88.87 57.14
N UNK H 3228 2.98 88.55 57.38
CA UNK H 3228 1.97 88.63 56.34
C UNK H 3228 0.59 88.86 56.94
N UNK H 3229 -0.13 89.84 56.39
CA UNK H 3229 -1.48 90.15 56.83
C UNK H 3229 -2.28 90.77 55.71
N UNK H 3230 -3.33 90.08 55.27
CA UNK H 3230 -4.16 90.55 54.16
C UNK H 3230 -5.61 90.76 54.58
N UNK H 3231 -6.45 91.08 53.61
CA UNK H 3231 -7.87 91.34 53.87
C UNK H 3231 -8.74 90.17 53.42
N UNK H 3232 -9.74 89.84 54.22
CA UNK H 3232 -10.64 88.75 53.89
C UNK H 3232 -12.09 89.12 54.23
N UNK H 3233 -12.87 88.13 54.66
CA UNK H 3233 -14.27 88.35 55.00
C UNK H 3233 -14.46 88.36 56.51
N UNK H 3234 -13.40 88.00 57.24
CA UNK H 3234 -13.45 87.97 58.69
C UNK H 3234 -12.82 89.22 59.29
N UNK H 3235 -12.14 89.98 58.43
CA UNK H 3235 -11.53 91.24 58.84
C UNK H 3235 -12.60 92.28 59.12
N UNK H 3236 -13.70 92.17 58.39
CA UNK H 3236 -14.85 93.04 58.61
C UNK H 3236 -15.67 92.51 59.78
N UNK H 3237 -15.44 91.26 60.14
CA UNK H 3237 -16.12 90.65 61.27
C UNK H 3237 -15.39 90.97 62.57
N UNK H 3238 -14.10 90.67 62.59
CA UNK H 3238 -13.32 90.79 63.82
C UNK H 3238 -12.54 92.09 63.91
N UNK H 3239 -11.75 92.39 62.87
CA UNK H 3239 -10.83 93.53 62.93
C UNK H 3239 -11.51 94.88 62.74
N UNK H 3240 -12.79 94.87 62.38
CA UNK H 3240 -13.53 96.11 62.21
C UNK H 3240 -13.82 96.76 63.54
N UNK H 3241 -13.99 95.94 64.57
CA UNK H 3241 -14.30 96.43 65.91
C UNK H 3241 -13.05 96.55 66.77
N UNK H 3242 -12.12 95.61 66.56
CA UNK H 3242 -10.91 95.54 67.37
C UNK H 3242 -9.96 96.70 67.08
N UNK H 3243 -10.03 97.23 65.86
CA UNK H 3243 -9.26 98.40 65.49
C UNK H 3243 -9.93 99.67 66.02
N UNK H 3244 -11.19 99.54 66.40
CA UNK H 3244 -11.94 100.66 66.98
C UNK H 3244 -11.94 100.58 68.51
N UNK H 3245 -11.74 99.37 69.03
CA UNK H 3245 -11.75 99.17 70.48
C UNK H 3245 -10.35 99.33 71.06
N UNK H 3246 -9.34 99.35 70.20
CA UNK H 3246 -7.96 99.49 70.64
C UNK H 3246 -7.66 100.93 71.08
N UNK H 3247 -7.53 101.82 70.09
CA UNK H 3247 -7.20 103.24 70.26
C UNK H 3247 -5.92 103.46 71.07
N UNK H 3248 -4.91 102.63 70.80
CA UNK H 3248 -3.65 102.69 71.53
C UNK H 3248 -2.48 102.89 70.58
N UNK H 3249 -1.29 102.46 71.01
CA UNK H 3249 -0.08 102.63 70.22
C UNK H 3249 0.12 101.46 69.26
N UNK H 3250 1.26 101.45 68.58
CA UNK H 3250 1.60 100.40 67.63
C UNK H 3250 3.10 100.26 67.52
N UNK H 3251 3.58 99.01 67.43
CA UNK H 3251 5.01 98.76 67.35
C UNK H 3251 5.32 97.62 66.39
N UNK H 3252 6.55 97.61 65.89
CA UNK H 3252 7.00 96.55 65.00
C UNK H 3252 7.76 95.49 65.76
N UNK H 3253 8.45 95.91 66.83
CA UNK H 3253 9.23 95.00 67.65
C UNK H 3253 8.32 94.18 68.56
N UNK H 3254 7.18 94.75 68.92
CA UNK H 3254 6.23 94.08 69.80
C UNK H 3254 5.33 93.14 69.01
N UNK H 3255 5.40 93.24 67.69
CA UNK H 3255 4.63 92.38 66.80
C UNK H 3255 5.15 90.95 66.85
N UNK H 3256 6.46 90.81 67.06
CA UNK H 3256 7.08 89.49 67.18
C UNK H 3256 7.11 89.05 68.64
N UNK H 3257 7.11 90.02 69.55
CA UNK H 3257 7.21 89.73 70.97
C UNK H 3257 5.90 89.22 71.54
N UNK H 3258 4.82 89.95 71.28
CA UNK H 3258 3.51 89.60 71.84
C UNK H 3258 2.91 88.36 71.17
N UNK H 3259 3.29 88.13 69.92
CA UNK H 3259 2.79 86.98 69.18
C UNK H 3259 3.41 85.69 69.68
N UNK H 3260 4.74 85.67 69.77
CA UNK H 3260 5.47 84.47 70.14
C UNK H 3260 5.31 84.11 71.61
N UNK H 3261 4.92 85.10 72.43
CA UNK H 3261 4.74 84.88 73.86
C UNK H 3261 3.51 84.02 74.14
N UNK H 3262 2.46 84.23 73.36
CA UNK H 3262 1.20 83.52 73.58
C UNK H 3262 1.01 82.36 72.63
N UNK H 3263 1.90 82.25 71.64
CA UNK H 3263 1.82 81.20 70.64
C UNK H 3263 2.14 79.84 71.25
N UNK H 3264 3.35 79.73 71.79
CA UNK H 3264 3.79 78.49 72.42
C UNK H 3264 3.08 78.26 73.75
N UNK H 3265 2.59 79.35 74.35
CA UNK H 3265 1.83 79.28 75.58
C UNK H 3265 0.50 78.56 75.33
N UNK H 3266 -0.14 78.90 74.22
CA UNK H 3266 -1.38 78.25 73.83
C UNK H 3266 -1.08 76.86 73.28
N UNK H 3267 0.07 76.71 72.64
CA UNK H 3267 0.46 75.45 72.04
C UNK H 3267 0.76 74.39 73.10
N UNK H 3268 1.39 74.82 74.19
CA UNK H 3268 1.63 73.94 75.32
C UNK H 3268 0.33 73.66 76.04
N UNK H 3269 -0.57 74.65 76.01
CA UNK H 3269 -1.89 74.49 76.60
C UNK H 3269 -2.72 73.53 75.76
N UNK H 3270 -2.55 73.60 74.44
CA UNK H 3270 -3.26 72.71 73.54
C UNK H 3270 -2.66 71.31 73.57
N UNK H 3271 -1.39 71.23 73.93
CA UNK H 3271 -0.68 69.95 74.03
C UNK H 3271 -1.18 69.15 75.22
N UNK H 3272 -1.66 69.85 76.24
CA UNK H 3272 -2.20 69.19 77.42
C UNK H 3272 -3.71 69.40 77.51
N UNK H 3273 -4.34 69.58 76.36
CA UNK H 3273 -5.79 69.75 76.30
C UNK H 3273 -6.43 68.49 75.71
N UNK H 3274 -6.05 68.18 74.48
CA UNK H 3274 -6.58 67.01 73.79
C UNK H 3274 -5.95 65.73 74.35
N UNK H 3275 -4.75 65.84 74.86
CA UNK H 3275 -4.05 64.71 75.45
C UNK H 3275 -4.55 64.45 76.88
N UNK H 3276 -5.17 65.47 77.46
CA UNK H 3276 -5.74 65.34 78.80
C UNK H 3276 -6.99 64.46 78.75
N UNK H 3277 -7.86 64.73 77.80
CA UNK H 3277 -9.08 63.95 77.63
C UNK H 3277 -8.81 62.76 76.71
N THR H 3278 4.16 26.58 98.65
CA THR H 3278 4.32 25.65 99.76
C THR H 3278 5.81 25.43 100.07
N PRO H 3279 6.13 25.25 101.34
CA PRO H 3279 7.53 24.97 101.72
C PRO H 3279 7.87 23.50 101.53
N LEU H 3280 9.18 23.23 101.55
CA LEU H 3280 9.64 21.85 101.47
C LEU H 3280 9.39 21.11 102.77
N TYR H 3281 9.39 21.81 103.89
CA TYR H 3281 9.06 21.20 105.18
C TYR H 3281 7.54 21.17 105.34
N ASN H 3282 7.10 20.90 106.58
CA ASN H 3282 5.74 20.62 107.06
C ASN H 3282 4.94 19.72 106.11
N LEU H 3283 5.60 18.69 105.59
CA LEU H 3283 5.11 17.74 104.62
C LEU H 3283 5.42 16.33 105.12
N PRO H 3284 4.58 15.35 104.81
CA PRO H 3284 4.91 13.96 105.15
C PRO H 3284 6.13 13.47 104.39
N THR H 3285 6.99 12.75 105.11
CA THR H 3285 8.28 12.33 104.56
C THR H 3285 8.09 11.27 103.47
N HIS H 3286 7.20 10.30 103.73
CA HIS H 3286 6.90 9.29 102.72
C HIS H 3286 6.21 9.89 101.51
N ARG H 3287 5.46 10.98 101.71
CA ARG H 3287 4.95 11.76 100.59
C ARG H 3287 6.08 12.46 99.85
N ALA H 3288 7.11 12.88 100.58
CA ALA H 3288 8.23 13.61 100.00
C ALA H 3288 9.31 12.68 99.44
N CYS H 3289 9.57 11.56 100.12
CA CYS H 3289 10.61 10.65 99.66
C CYS H 3289 10.18 9.93 98.38
N ASN H 3290 8.89 9.57 98.28
CA ASN H 3290 8.37 9.03 97.04
C ASN H 3290 8.37 10.08 95.94
N MET H 3291 8.18 11.35 96.30
CA MET H 3291 8.37 12.43 95.34
C MET H 3291 9.84 12.59 94.96
N PHE H 3292 10.73 12.43 95.94
CA PHE H 3292 12.16 12.62 95.69
C PHE H 3292 12.74 11.54 94.80
N LEU H 3293 12.21 10.31 94.88
CA LEU H 3293 12.74 9.22 94.08
C LEU H 3293 12.39 9.42 92.60
N GLU H 3294 11.19 9.92 92.31
CA GLU H 3294 10.86 10.23 90.94
C GLU H 3294 11.60 11.47 90.46
N SER H 3295 11.86 12.42 91.36
CA SER H 3295 12.56 13.66 91.03
C SER H 3295 14.07 13.50 91.03
N TYR H 3296 14.56 12.26 90.90
CA TYR H 3296 15.96 11.90 90.74
C TYR H 3296 16.40 11.99 89.26
N LYS H 3297 15.60 12.67 88.44
CA LYS H 3297 15.60 12.46 86.99
C LYS H 3297 16.90 12.94 86.34
N ALA H 3298 17.48 14.04 86.83
CA ALA H 3298 18.76 14.47 86.29
C ALA H 3298 19.89 13.53 86.70
N ALA H 3299 19.76 12.90 87.87
CA ALA H 3299 20.74 11.92 88.32
C ALA H 3299 20.36 10.50 87.93
N TRP H 3300 19.50 10.33 86.92
CA TRP H 3300 19.13 9.01 86.45
C TRP H 3300 20.28 8.38 85.66
N ILE H 3301 19.99 7.22 85.07
CA ILE H 3301 20.97 6.41 84.37
C ILE H 3301 21.11 6.86 82.92
N LEU H 3302 20.58 8.05 82.60
CA LEU H 3302 20.69 8.60 81.26
C LEU H 3302 22.10 9.12 80.97
N THR H 3303 23.07 8.21 80.95
CA THR H 3303 24.46 8.48 80.69
C THR H 3303 24.93 7.57 79.57
N GLU H 3304 26.15 7.81 79.08
CA GLU H 3304 26.75 6.93 78.08
C GLU H 3304 27.29 5.72 78.82
N ASP H 3305 26.51 4.65 78.84
CA ASP H 3305 26.92 3.45 79.57
C ASP H 3305 27.96 2.65 78.81
N HIS H 3306 27.59 2.20 77.59
CA HIS H 3306 28.44 1.62 76.55
C HIS H 3306 28.97 0.23 76.92
N SER H 3307 28.71 -0.27 78.13
CA SER H 3307 29.37 -1.47 78.61
C SER H 3307 28.79 -2.76 78.07
N PHE H 3308 27.59 -2.73 77.50
CA PHE H 3308 26.94 -3.95 77.03
C PHE H 3308 26.44 -3.78 75.59
N GLU H 3309 27.07 -2.88 74.86
CA GLU H 3309 26.73 -2.62 73.46
C GLU H 3309 27.81 -3.10 72.52
N ASP H 3310 29.07 -2.81 72.84
CA ASP H 3310 30.16 -3.39 72.07
C ASP H 3310 30.63 -4.69 72.71
N ARG H 3311 30.73 -4.69 74.04
CA ARG H 3311 31.33 -5.82 74.76
C ARG H 3311 30.42 -7.04 74.73
N MET H 3312 29.11 -6.83 74.84
CA MET H 3312 28.18 -7.95 74.94
C MET H 3312 28.01 -8.67 73.60
N ILE H 3313 28.29 -7.98 72.49
CA ILE H 3313 28.23 -8.62 71.18
C ILE H 3313 29.40 -9.57 70.99
N ASP H 3314 30.58 -9.22 71.50
CA ASP H 3314 31.81 -9.86 71.09
C ASP H 3314 31.92 -11.28 71.62
N ASP H 3315 31.68 -11.46 72.92
CA ASP H 3315 31.83 -12.77 73.56
C ASP H 3315 30.78 -13.77 73.10
N LEU H 3316 29.66 -13.31 72.55
CA LEU H 3316 28.65 -14.23 72.04
C LEU H 3316 29.08 -14.89 70.74
N SER H 3317 30.03 -14.31 70.03
CA SER H 3317 30.58 -14.89 68.82
C SER H 3317 32.01 -15.38 69.00
N LYS H 3318 32.77 -14.78 69.91
CA LYS H 3318 34.17 -15.16 70.07
C LYS H 3318 34.32 -16.47 70.83
N ALA H 3319 33.53 -16.66 71.89
CA ALA H 3319 33.65 -17.85 72.72
C ALA H 3319 33.18 -19.11 72.02
N GLY H 3320 32.32 -18.98 71.01
CA GLY H 3320 31.99 -20.13 70.17
C GLY H 3320 33.13 -20.56 69.29
N GLU H 3321 34.09 -19.69 69.02
CA GLU H 3321 35.27 -19.99 68.24
C GLU H 3321 36.46 -20.36 69.12
N GLN H 3322 36.21 -20.98 70.26
CA GLN H 3322 37.28 -21.37 71.17
C GLN H 3322 38.02 -22.58 70.62
N GLU H 3323 39.36 -22.53 70.71
CA GLU H 3323 40.19 -23.63 70.23
C GLU H 3323 40.09 -24.86 71.12
N GLU H 3324 39.70 -24.69 72.39
CA GLU H 3324 39.51 -25.84 73.27
C GLU H 3324 38.30 -26.67 72.86
N GLU H 3325 37.32 -26.05 72.21
CA GLU H 3325 36.16 -26.77 71.69
C GLU H 3325 36.43 -27.22 70.24
N GLU H 3326 37.47 -28.03 70.10
CA GLU H 3326 37.89 -28.53 68.78
C GLU H 3326 38.60 -29.85 68.99
N GLU H 3327 37.90 -30.96 68.71
CA GLU H 3327 38.50 -32.29 68.77
C GLU H 3327 37.80 -33.14 67.72
N GLU H 3328 38.40 -33.17 66.51
CA GLU H 3328 37.89 -33.88 65.33
C GLU H 3328 36.46 -33.48 65.01
N VAL H 3329 36.29 -32.19 64.71
CA VAL H 3329 34.95 -31.63 64.54
C VAL H 3329 34.37 -32.01 63.19
N GLU H 3330 35.02 -31.56 62.10
CA GLU H 3330 34.56 -31.73 60.70
C GLU H 3330 33.15 -31.19 60.49
N GLU H 3331 32.78 -30.17 61.26
CA GLU H 3331 31.45 -29.57 61.25
C GLU H 3331 31.55 -28.21 61.93
N LYS H 3332 30.41 -27.61 62.26
CA LYS H 3332 30.40 -26.32 62.93
C LYS H 3332 29.12 -26.24 63.76
N LYS H 3333 29.26 -26.38 65.08
CA LYS H 3333 28.15 -26.05 65.95
C LYS H 3333 27.95 -24.54 65.96
N PRO H 3334 26.71 -24.06 66.09
CA PRO H 3334 26.47 -22.62 65.93
C PRO H 3334 26.99 -21.81 67.10
N ASP H 3335 27.14 -20.51 66.85
CA ASP H 3335 27.64 -19.60 67.85
C ASP H 3335 26.61 -19.40 68.96
N PRO H 3336 27.05 -19.04 70.17
CA PRO H 3336 26.12 -18.54 71.18
C PRO H 3336 25.34 -17.33 70.71
N LEU H 3337 25.99 -16.48 69.92
CA LEU H 3337 25.27 -15.46 69.17
C LEU H 3337 24.30 -16.09 68.18
N HIS H 3338 24.75 -17.12 67.46
CA HIS H 3338 23.92 -17.68 66.40
C HIS H 3338 22.81 -18.55 66.96
N GLN H 3339 23.07 -19.27 68.06
CA GLN H 3339 22.01 -20.03 68.70
C GLN H 3339 20.98 -19.11 69.34
N LEU H 3340 21.39 -17.91 69.75
CA LEU H 3340 20.43 -16.90 70.20
C LEU H 3340 19.53 -16.48 69.07
N VAL H 3341 20.07 -16.37 67.85
CA VAL H 3341 19.27 -16.04 66.69
C VAL H 3341 18.32 -17.18 66.37
N LEU H 3342 18.81 -18.42 66.47
CA LEU H 3342 17.99 -19.59 66.15
C LEU H 3342 16.87 -19.78 67.16
N HIS H 3343 17.06 -19.31 68.40
CA HIS H 3343 15.96 -19.26 69.33
C HIS H 3343 14.92 -18.25 68.90
N PHE H 3344 15.37 -17.06 68.47
CA PHE H 3344 14.44 -16.06 67.97
C PHE H 3344 13.86 -16.48 66.63
N SER H 3345 14.58 -17.30 65.87
CA SER H 3345 14.06 -17.76 64.59
C SER H 3345 12.97 -18.80 64.78
N ARG H 3346 13.17 -19.72 65.71
CA ARG H 3346 12.25 -20.84 65.87
C ARG H 3346 10.90 -20.38 66.42
N THR H 3347 10.92 -19.42 67.35
CA THR H 3347 9.68 -18.90 67.90
C THR H 3347 8.90 -18.07 66.88
N ALA H 3348 9.57 -17.55 65.85
CA ALA H 3348 8.86 -16.86 64.79
C ALA H 3348 8.07 -17.81 63.92
N LEU H 3349 8.45 -19.09 63.88
CA LEU H 3349 7.71 -20.08 63.11
C LEU H 3349 6.40 -20.47 63.77
N THR H 3350 6.26 -20.21 65.06
CA THR H 3350 5.04 -20.55 65.79
C THR H 3350 3.95 -19.57 65.39
N GLU H 3351 3.00 -20.03 64.59
CA GLU H 3351 1.94 -19.17 64.12
C GLU H 3351 0.85 -19.03 65.18
N LYS H 3352 0.13 -17.91 65.09
CA LYS H 3352 -0.93 -17.52 66.01
C LYS H 3352 -1.64 -16.35 65.35
N SER H 3353 -2.90 -16.10 65.76
CA SER H 3353 -3.63 -14.94 65.27
C SER H 3353 -3.01 -13.64 65.77
N LYS H 3354 -2.31 -13.66 66.90
CA LYS H 3354 -1.62 -12.49 67.40
C LYS H 3354 -0.18 -12.83 67.74
N LEU H 3355 0.52 -11.90 68.40
CA LEU H 3355 1.87 -12.14 68.87
C LEU H 3355 2.03 -11.45 70.22
N ASP H 3356 2.79 -12.07 71.11
CA ASP H 3356 2.93 -11.60 72.47
C ASP H 3356 3.85 -10.39 72.55
N GLU H 3357 4.07 -9.92 73.79
CA GLU H 3357 4.91 -8.75 74.01
C GLU H 3357 6.37 -9.09 73.79
N ASP H 3358 6.90 -10.05 74.57
CA ASP H 3358 8.28 -10.54 74.52
C ASP H 3358 9.28 -9.39 74.72
N TYR H 3359 9.25 -8.88 75.96
CA TYR H 3359 10.17 -7.83 76.40
C TYR H 3359 11.63 -8.26 76.26
N LEU H 3360 11.90 -9.57 76.31
CA LEU H 3360 13.24 -10.08 76.08
C LEU H 3360 13.71 -9.81 74.65
N TYR H 3361 12.82 -9.96 73.67
CA TYR H 3361 13.23 -9.84 72.28
C TYR H 3361 13.58 -8.41 71.90
N MET H 3362 12.88 -7.44 72.46
CA MET H 3362 13.12 -6.04 72.13
C MET H 3362 14.45 -5.55 72.68
N ALA H 3363 14.99 -6.21 73.72
CA ALA H 3363 16.26 -5.79 74.29
C ALA H 3363 17.42 -6.13 73.37
N TYR H 3364 17.50 -7.39 72.95
CA TYR H 3364 18.62 -7.84 72.13
C TYR H 3364 18.60 -7.26 70.73
N ALA H 3365 17.42 -6.84 70.25
CA ALA H 3365 17.35 -6.17 68.96
C ALA H 3365 18.02 -4.80 69.01
N ASP H 3366 17.93 -4.11 70.15
CA ASP H 3366 18.58 -2.83 70.30
C ASP H 3366 20.09 -2.99 70.40
N ILE H 3367 20.54 -4.07 71.06
CA ILE H 3367 21.96 -4.28 71.29
C ILE H 3367 22.66 -4.59 69.98
N MET H 3368 22.03 -5.41 69.13
CA MET H 3368 22.59 -5.68 67.82
C MET H 3368 22.51 -4.47 66.91
N ALA H 3369 21.49 -3.64 67.08
CA ALA H 3369 21.37 -2.44 66.26
C ALA H 3369 22.44 -1.41 66.65
N LYS H 3370 22.70 -1.26 67.94
CA LYS H 3370 23.72 -0.32 68.38
C LYS H 3370 25.14 -0.81 68.12
N SER H 3371 25.30 -2.12 67.87
CA SER H 3371 26.61 -2.64 67.48
C SER H 3371 27.00 -2.12 66.09
N CYS H 3372 26.06 -2.13 65.15
CA CYS H 3372 26.30 -1.50 63.86
C CYS H 3372 26.23 0.02 63.96
N HIS H 3373 25.40 0.55 64.86
CA HIS H 3373 25.34 1.99 65.07
C HIS H 3373 26.50 2.53 65.89
N LEU H 3374 27.35 1.66 66.43
CA LEU H 3374 28.58 2.11 67.07
C LEU H 3374 29.54 2.70 66.03
N GLU H 3375 29.60 2.09 64.85
CA GLU H 3375 30.42 2.61 63.77
C GLU H 3375 29.68 3.66 62.95
N GLU H 3376 28.37 3.47 62.75
CA GLU H 3376 27.60 4.46 62.02
C GLU H 3376 27.40 5.73 62.83
N GLY H 3377 27.28 5.61 64.15
CA GLY H 3377 27.19 6.78 64.99
C GLY H 3377 28.55 7.42 65.21
N GLY H 3378 28.53 8.73 65.42
CA GLY H 3378 29.74 9.51 65.55
C GLY H 3378 30.36 9.95 64.25
N GLU H 3379 29.90 9.43 63.11
CA GLU H 3379 30.40 9.82 61.80
C GLU H 3379 29.30 10.27 60.86
N ASN H 3380 28.08 10.45 61.36
CA ASN H 3380 26.97 10.88 60.53
C ASN H 3380 26.36 12.18 61.06
N GLU H 3386 31.87 23.16 62.97
CA GLU H 3386 30.71 22.74 62.20
C GLU H 3386 31.07 21.64 61.21
N GLU H 3387 32.09 21.89 60.40
CA GLU H 3387 32.55 20.94 59.39
C GLU H 3387 34.06 20.82 59.45
N VAL H 3388 34.55 19.60 59.63
CA VAL H 3388 35.97 19.29 59.62
C VAL H 3388 36.25 18.36 58.45
N GLU H 3389 37.33 18.62 57.72
CA GLU H 3389 37.63 17.87 56.53
C GLU H 3389 38.20 16.49 56.87
N VAL H 3390 37.72 15.47 56.16
CA VAL H 3390 38.09 14.08 56.39
C VAL H 3390 38.81 13.57 55.16
N SER H 3391 39.96 12.93 55.35
CA SER H 3391 40.68 12.33 54.23
C SER H 3391 39.92 11.13 53.69
N PHE H 3392 40.12 10.88 52.39
CA PHE H 3392 39.45 9.77 51.73
C PHE H 3392 39.97 8.42 52.24
N GLU H 3393 41.20 8.39 52.71
CA GLU H 3393 41.70 7.21 53.43
C GLU H 3393 40.88 6.97 54.68
N GLU H 3394 40.62 8.03 55.46
CA GLU H 3394 39.77 7.90 56.64
C GLU H 3394 38.33 7.61 56.24
N LYS H 3395 37.88 8.13 55.09
CA LYS H 3395 36.58 7.77 54.56
C LYS H 3395 36.52 6.30 54.14
N GLU H 3396 37.65 5.70 53.81
CA GLU H 3396 37.67 4.27 53.55
C GLU H 3396 37.76 3.46 54.84
N MET H 3397 38.46 3.98 55.85
CA MET H 3397 38.62 3.27 57.12
C MET H 3397 37.30 3.11 57.84
N GLU H 3398 36.46 4.13 57.81
CA GLU H 3398 35.14 4.02 58.42
C GLU H 3398 34.26 3.03 57.67
N LYS H 3399 34.52 2.79 56.39
CA LYS H 3399 33.88 1.68 55.70
C LYS H 3399 34.47 0.35 56.15
N GLN H 3400 35.78 0.33 56.43
CA GLN H 3400 36.42 -0.88 56.89
C GLN H 3400 36.00 -1.24 58.32
N ARG H 3401 35.77 -0.24 59.16
CA ARG H 3401 35.10 -0.50 60.43
C ARG H 3401 33.67 -0.94 60.22
N LEU H 3402 33.02 -0.48 59.13
CA LEU H 3402 31.62 -0.77 58.92
C LEU H 3402 31.39 -2.21 58.51
N LEU H 3403 32.21 -2.74 57.60
CA LEU H 3403 32.04 -4.11 57.13
C LEU H 3403 32.43 -5.14 58.16
N TYR H 3404 33.07 -4.76 59.26
CA TYR H 3404 33.42 -5.72 60.29
C TYR H 3404 32.20 -6.09 61.15
N GLN H 3405 31.19 -5.23 61.20
CA GLN H 3405 29.96 -5.62 61.90
C GLN H 3405 29.25 -6.72 61.14
N GLN H 3406 29.07 -6.58 59.82
CA GLN H 3406 28.47 -7.66 59.05
C GLN H 3406 29.37 -8.90 59.02
N SER H 3407 30.67 -8.72 59.24
CA SER H 3407 31.52 -9.86 59.55
C SER H 3407 31.13 -10.49 60.89
N ARG H 3408 30.92 -9.67 61.92
CA ARG H 3408 30.56 -10.24 63.21
C ARG H 3408 29.07 -10.53 63.33
N LEU H 3409 28.26 -10.01 62.41
CA LEU H 3409 26.83 -10.30 62.43
C LEU H 3409 26.50 -11.74 62.09
N HIS H 3410 27.36 -12.42 61.32
CA HIS H 3410 27.07 -13.72 60.71
C HIS H 3410 25.73 -13.67 59.96
N THR H 3411 25.77 -12.88 58.88
CA THR H 3411 24.65 -12.39 58.10
C THR H 3411 23.59 -13.42 57.70
N ARG H 3412 23.98 -14.70 57.61
CA ARG H 3412 23.03 -15.75 57.27
C ARG H 3412 22.00 -15.96 58.37
N GLY H 3413 22.38 -15.77 59.62
CA GLY H 3413 21.43 -15.93 60.70
C GLY H 3413 20.50 -14.73 60.85
N ALA H 3414 21.09 -13.53 60.82
CA ALA H 3414 20.34 -12.34 61.20
C ALA H 3414 19.37 -11.90 60.11
N ALA H 3415 19.81 -11.91 58.85
CA ALA H 3415 19.05 -11.29 57.78
C ALA H 3415 17.81 -12.07 57.37
N GLU H 3416 17.58 -13.26 57.92
CA GLU H 3416 16.41 -14.02 57.53
C GLU H 3416 15.27 -13.91 58.53
N MET H 3417 15.58 -13.86 59.81
CA MET H 3417 14.55 -13.79 60.85
C MET H 3417 13.86 -12.44 60.89
N VAL H 3418 14.49 -11.40 60.36
CA VAL H 3418 13.84 -10.10 60.30
C VAL H 3418 12.72 -10.12 59.28
N LEU H 3419 12.83 -10.95 58.24
CA LEU H 3419 11.81 -11.02 57.21
C LEU H 3419 10.56 -11.73 57.71
N GLN H 3420 10.72 -12.86 58.41
CA GLN H 3420 9.58 -13.54 58.97
C GLN H 3420 8.97 -12.78 60.13
N MET H 3421 9.73 -11.88 60.76
CA MET H 3421 9.14 -10.97 61.72
C MET H 3421 8.22 -9.97 61.04
N ILE H 3422 8.52 -9.61 59.80
CA ILE H 3422 7.56 -8.86 59.02
C ILE H 3422 6.42 -9.77 58.57
N SER H 3423 6.74 -11.02 58.25
CA SER H 3423 5.72 -12.01 57.93
C SER H 3423 4.98 -12.52 59.17
N ALA H 3424 5.34 -12.03 60.35
CA ALA H 3424 4.58 -12.21 61.59
C ALA H 3424 3.41 -11.25 61.64
N CYS H 3425 2.90 -11.00 62.85
CA CYS H 3425 1.77 -10.11 63.12
C CYS H 3425 1.87 -8.79 62.36
N LYS H 3426 0.73 -8.38 61.81
CA LYS H 3426 0.72 -7.42 60.70
C LYS H 3426 -0.31 -6.32 60.84
N GLY H 3427 -1.37 -6.50 61.64
CA GLY H 3427 -2.40 -5.50 61.73
C GLY H 3427 -1.97 -4.29 62.55
N GLU H 3428 -1.50 -4.54 63.76
CA GLU H 3428 -1.08 -3.47 64.64
C GLU H 3428 0.30 -2.96 64.25
N THR H 3429 0.59 -1.74 64.70
CA THR H 3429 1.93 -1.19 64.59
C THR H 3429 2.67 -1.40 65.92
N GLY H 3430 3.02 -2.66 66.15
CA GLY H 3430 3.64 -3.04 67.40
C GLY H 3430 5.04 -2.48 67.55
N ALA H 3431 5.46 -2.36 68.82
CA ALA H 3431 6.79 -1.85 69.12
C ALA H 3431 7.87 -2.83 68.69
N MET H 3432 7.56 -4.13 68.71
CA MET H 3432 8.48 -5.12 68.16
C MET H 3432 8.67 -4.93 66.67
N VAL H 3433 7.57 -4.64 65.97
CA VAL H 3433 7.64 -4.31 64.55
C VAL H 3433 8.42 -3.02 64.33
N SER H 3434 8.22 -2.06 65.23
CA SER H 3434 9.01 -0.83 65.17
C SER H 3434 10.48 -1.10 65.51
N SER H 3435 10.73 -2.01 66.45
CA SER H 3435 12.10 -2.39 66.76
C SER H 3435 12.71 -3.26 65.69
N THR H 3436 11.89 -3.88 64.84
CA THR H 3436 12.40 -4.78 63.81
C THR H 3436 13.12 -4.00 62.72
N LEU H 3437 12.49 -2.93 62.23
CA LEU H 3437 13.07 -2.16 61.14
C LEU H 3437 14.27 -1.36 61.59
N LYS H 3438 14.30 -0.95 62.86
CA LYS H 3438 15.46 -0.27 63.39
C LYS H 3438 16.67 -1.19 63.44
N LEU H 3439 16.43 -2.48 63.62
CA LEU H 3439 17.51 -3.45 63.48
C LEU H 3439 17.87 -3.63 62.01
N GLY H 3440 16.87 -3.66 61.13
CA GLY H 3440 17.11 -3.98 59.73
C GLY H 3440 17.84 -2.89 58.97
N ILE H 3441 17.65 -1.63 59.36
CA ILE H 3441 18.40 -0.54 58.73
C ILE H 3441 19.86 -0.60 59.16
N SER H 3442 20.12 -1.03 60.39
CA SER H 3442 21.49 -1.23 60.85
C SER H 3442 22.21 -2.34 60.11
N ILE H 3443 21.48 -3.25 59.47
CA ILE H 3443 22.10 -4.28 58.67
C ILE H 3443 22.72 -3.68 57.41
N LEU H 3444 21.91 -2.95 56.66
CA LEU H 3444 22.26 -2.47 55.33
C LEU H 3444 22.30 -0.95 55.28
N ASN H 3445 22.92 -0.33 56.29
CA ASN H 3445 23.03 1.13 56.31
C ASN H 3445 23.96 1.62 55.21
N GLY H 3446 25.21 1.19 55.23
CA GLY H 3446 26.15 1.62 54.22
C GLY H 3446 26.18 0.72 53.00
N GLY H 3447 25.05 0.63 52.30
CA GLY H 3447 24.99 -0.21 51.12
C GLY H 3447 24.66 -1.64 51.48
N ASN H 3448 25.69 -2.48 51.61
CA ASN H 3448 25.61 -3.88 52.03
C ASN H 3448 24.73 -4.69 51.07
N ALA H 3449 25.21 -4.78 49.83
CA ALA H 3449 24.54 -5.60 48.83
C ALA H 3449 24.69 -7.09 49.09
N GLU H 3450 25.60 -7.48 49.98
CA GLU H 3450 25.76 -8.89 50.34
C GLU H 3450 24.51 -9.43 51.02
N VAL H 3451 23.99 -8.71 52.01
CA VAL H 3451 22.76 -9.14 52.65
C VAL H 3451 21.57 -8.87 51.75
N GLN H 3452 21.68 -7.92 50.81
CA GLN H 3452 20.63 -7.71 49.84
C GLN H 3452 20.52 -8.88 48.88
N GLN H 3453 21.65 -9.55 48.61
CA GLN H 3453 21.61 -10.76 47.80
C GLN H 3453 20.90 -11.88 48.53
N LYS H 3454 21.22 -12.08 49.81
CA LYS H 3454 20.64 -13.16 50.59
C LYS H 3454 19.17 -12.92 50.89
N MET H 3455 18.78 -11.65 51.02
CA MET H 3455 17.39 -11.32 51.30
C MET H 3455 16.50 -11.64 50.12
N LEU H 3456 16.90 -11.21 48.92
CA LEU H 3456 16.16 -11.56 47.72
C LEU H 3456 16.24 -13.05 47.44
N ASP H 3457 17.35 -13.69 47.81
CA ASP H 3457 17.46 -15.14 47.68
C ASP H 3457 16.48 -15.84 48.61
N TYR H 3458 16.36 -15.37 49.85
CA TYR H 3458 15.48 -16.02 50.81
C TYR H 3458 14.01 -15.84 50.44
N LEU H 3459 13.66 -14.71 49.83
CA LEU H 3459 12.31 -14.52 49.35
C LEU H 3459 12.03 -15.41 48.15
N LYS H 3460 12.96 -15.45 47.20
CA LYS H 3460 12.76 -16.26 46.00
C LYS H 3460 12.95 -17.75 46.23
N ASP H 3461 13.49 -18.15 47.37
CA ASP H 3461 13.59 -19.57 47.69
C ASP H 3461 12.39 -20.05 48.48
N LYS H 3462 11.97 -19.28 49.49
CA LYS H 3462 10.93 -19.75 50.40
C LYS H 3462 9.55 -19.72 49.75
N LYS H 3463 9.29 -18.69 48.94
CA LYS H 3463 8.14 -18.60 48.02
C LYS H 3463 6.79 -18.68 48.75
N GLU H 3464 6.53 -17.65 49.55
CA GLU H 3464 5.21 -17.50 50.15
C GLU H 3464 4.77 -16.06 50.10
N VAL H 3465 3.46 -15.86 50.10
CA VAL H 3465 2.85 -14.55 50.26
C VAL H 3465 2.77 -14.27 51.76
N GLY H 3466 2.44 -13.04 52.11
CA GLY H 3466 2.31 -12.63 53.49
C GLY H 3466 3.34 -11.61 53.91
N PHE H 3467 4.46 -11.53 53.20
CA PHE H 3467 5.47 -10.54 53.54
C PHE H 3467 5.05 -9.15 53.10
N PHE H 3468 4.70 -9.01 51.82
CA PHE H 3468 4.49 -7.70 51.24
C PHE H 3468 3.08 -7.19 51.45
N GLN H 3469 2.10 -8.08 51.56
CA GLN H 3469 0.76 -7.65 51.91
C GLN H 3469 0.67 -7.23 53.37
N SER H 3470 1.61 -7.67 54.20
CA SER H 3470 1.78 -7.08 55.52
C SER H 3470 2.23 -5.64 55.43
N ILE H 3471 3.06 -5.33 54.44
CA ILE H 3471 3.68 -4.01 54.35
C ILE H 3471 2.65 -2.97 53.94
N GLN H 3472 1.80 -3.30 52.97
CA GLN H 3472 0.74 -2.39 52.55
C GLN H 3472 -0.31 -2.22 53.64
N ALA H 3473 -0.47 -3.22 54.51
CA ALA H 3473 -1.29 -3.03 55.71
C ALA H 3473 -0.61 -2.06 56.66
N LEU H 3474 0.71 -2.14 56.79
CA LEU H 3474 1.43 -1.19 57.61
C LEU H 3474 1.51 0.18 56.94
N MET H 3475 1.53 0.21 55.61
CA MET H 3475 1.60 1.50 54.91
C MET H 3475 0.28 2.26 55.02
N GLN H 3476 -0.84 1.56 54.86
CA GLN H 3476 -2.14 2.19 55.01
C GLN H 3476 -2.44 2.56 56.46
N THR H 3477 -1.76 1.92 57.41
CA THR H 3477 -1.91 2.27 58.83
C THR H 3477 -0.82 3.27 59.20
N CYS H 3478 -0.95 4.45 58.63
CA CYS H 3478 -0.04 5.57 58.91
C CYS H 3478 -0.85 6.85 58.96
N SER H 3479 -0.47 7.74 59.88
CA SER H 3479 -1.20 8.96 60.09
C SER H 3479 -0.69 10.07 59.18
N VAL H 3480 -1.51 11.12 59.04
CA VAL H 3480 -1.15 12.33 58.33
C VAL H 3480 -1.40 13.51 59.25
N LEU H 3481 -1.19 14.71 58.72
CA LEU H 3481 -1.41 15.93 59.50
C LEU H 3481 -2.91 16.16 59.65
N ASP H 3482 -3.40 16.08 60.88
CA ASP H 3482 -4.83 16.20 61.17
C ASP H 3482 -5.09 17.56 61.79
N LEU H 3483 -5.82 18.41 61.07
CA LEU H 3483 -6.14 19.74 61.57
C LEU H 3483 -7.11 19.69 62.73
N ASN H 3484 -8.03 18.71 62.71
CA ASN H 3484 -8.97 18.56 63.81
C ASN H 3484 -8.26 18.14 65.10
N ALA H 3485 -7.21 17.33 64.96
CA ALA H 3485 -6.37 17.02 66.11
C ALA H 3485 -5.58 18.25 66.55
N PHE H 3486 -5.24 19.14 65.62
CA PHE H 3486 -4.54 20.36 65.98
C PHE H 3486 -5.45 21.31 66.73
N GLU H 3487 -6.73 21.35 66.37
CA GLU H 3487 -7.66 22.27 67.02
C GLU H 3487 -7.94 21.87 68.45
N ARG H 3488 -7.84 20.57 68.76
CA ARG H 3488 -7.98 20.13 70.14
C ARG H 3488 -6.78 20.56 70.97
N GLN H 3489 -5.58 20.34 70.44
CA GLN H 3489 -4.40 20.79 71.17
C GLN H 3489 -4.17 22.29 71.04
N ASN H 3490 -4.89 22.96 70.14
CA ASN H 3490 -4.92 24.41 70.14
C ASN H 3490 -5.54 24.93 71.43
N LYS H 3491 -6.55 24.23 71.95
CA LYS H 3491 -7.17 24.62 73.20
C LYS H 3491 -6.62 23.84 74.39
N ALA H 3492 -6.02 22.67 74.16
CA ALA H 3492 -5.36 21.97 75.25
C ALA H 3492 -4.10 22.69 75.68
N GLU H 3493 -3.38 23.27 74.73
CA GLU H 3493 -2.29 24.18 75.08
C GLU H 3493 -2.82 25.47 75.67
N GLY H 3494 -4.06 25.87 75.33
CA GLY H 3494 -4.70 26.99 75.99
C GLY H 3494 -5.12 26.70 77.41
N LEU H 3495 -5.18 25.43 77.79
CA LEU H 3495 -5.49 25.02 79.17
C LEU H 3495 -4.23 24.74 79.97
N GLY H 3496 -3.16 25.51 79.72
CA GLY H 3496 -1.93 25.39 80.48
C GLY H 3496 -1.96 26.01 81.86
N MET H 3497 -3.10 26.52 82.30
CA MET H 3497 -3.25 27.12 83.63
C MET H 3497 -3.82 26.13 84.64
N VAL H 3498 -3.48 24.85 84.52
CA VAL H 3498 -3.97 23.82 85.43
C VAL H 3498 -3.28 23.95 86.78
N ASN H 3499 -3.79 23.22 87.77
CA ASN H 3499 -3.33 23.35 89.16
C ASN H 3499 -1.97 22.68 89.34
N GLU H 3500 -1.53 22.59 90.59
CA GLU H 3500 -0.22 22.03 90.91
C GLU H 3500 -0.20 20.53 90.66
N ASP H 3501 0.89 20.06 90.06
CA ASP H 3501 1.12 18.67 89.66
C ASP H 3501 0.04 18.15 88.70
N GLY H 3502 -0.55 19.04 87.92
CA GLY H 3502 -1.54 18.65 86.92
C GLY H 3502 -1.41 19.48 85.66
N THR H 3503 -0.43 20.38 85.64
CA THR H 3503 -0.21 21.27 84.50
C THR H 3503 0.78 20.70 83.49
N VAL H 3504 1.31 19.51 83.73
CA VAL H 3504 2.30 18.90 82.84
C VAL H 3504 1.84 17.53 82.35
N ILE H 3505 0.54 17.22 82.50
CA ILE H 3505 0.03 15.94 82.01
C ILE H 3505 -0.06 15.93 80.50
N ASN H 3506 -0.39 17.08 79.90
CA ASN H 3506 -0.43 17.22 78.45
C ASN H 3506 0.53 18.34 78.04
N ARG H 3507 1.73 18.35 78.61
CA ARG H 3507 2.68 19.41 78.33
C ARG H 3507 3.24 19.30 76.91
N GLN H 3508 3.81 18.14 76.57
CA GLN H 3508 4.38 17.97 75.24
C GLN H 3508 3.29 17.66 74.21
N ASN H 3509 2.61 16.51 74.38
CA ASN H 3509 1.52 16.04 73.52
C ASN H 3509 1.94 15.92 72.05
N GLY H 3510 3.19 15.58 71.80
CA GLY H 3510 3.69 15.45 70.44
C GLY H 3510 3.20 14.23 69.70
N GLU H 3511 2.61 13.27 70.41
CA GLU H 3511 2.07 12.06 69.80
C GLU H 3511 0.61 12.20 69.41
N LYS H 3512 0.16 13.42 69.14
CA LYS H 3512 -1.25 13.70 68.85
C LYS H 3512 -1.51 13.97 67.38
N VAL H 3513 -0.60 14.65 66.69
CA VAL H 3513 -0.79 14.90 65.27
C VAL H 3513 -0.35 13.72 64.44
N MET H 3514 0.92 13.33 64.57
CA MET H 3514 1.48 12.25 63.77
C MET H 3514 1.65 10.97 64.57
N ALA H 3515 2.43 11.03 65.66
CA ALA H 3515 2.84 9.87 66.47
C ALA H 3515 3.49 8.78 65.62
N ASP H 3516 4.13 9.17 64.52
CA ASP H 3516 4.57 8.22 63.52
C ASP H 3516 5.93 8.58 62.95
N ASP H 3517 6.53 9.71 63.37
CA ASP H 3517 7.76 10.23 62.77
C ASP H 3517 8.94 9.30 63.02
N GLU H 3518 8.99 8.68 64.20
CA GLU H 3518 10.01 7.67 64.45
C GLU H 3518 9.71 6.33 63.81
N PHE H 3519 8.55 6.19 63.16
CA PHE H 3519 8.17 4.92 62.56
C PHE H 3519 7.97 4.99 61.05
N THR H 3520 7.14 5.92 60.56
CA THR H 3520 6.87 5.91 59.13
C THR H 3520 7.99 6.56 58.33
N GLN H 3521 8.78 7.45 58.92
CA GLN H 3521 10.02 7.85 58.28
C GLN H 3521 11.03 6.71 58.34
N ASP H 3522 11.04 5.99 59.47
CA ASP H 3522 11.84 4.78 59.60
C ASP H 3522 11.35 3.68 58.67
N LEU H 3523 10.06 3.70 58.33
CA LEU H 3523 9.51 2.72 57.39
C LEU H 3523 10.14 2.86 56.02
N PHE H 3524 10.10 4.06 55.46
CA PHE H 3524 10.66 4.27 54.13
C PHE H 3524 12.17 4.42 54.16
N ARG H 3525 12.76 4.70 55.32
CA ARG H 3525 14.21 4.62 55.46
C ARG H 3525 14.68 3.19 55.27
N PHE H 3526 13.89 2.23 55.73
CA PHE H 3526 14.16 0.82 55.45
C PHE H 3526 14.03 0.53 53.97
N LEU H 3527 12.93 0.98 53.36
CA LEU H 3527 12.55 0.54 52.03
C LEU H 3527 13.48 1.12 50.96
N GLN H 3528 13.94 2.36 51.17
CA GLN H 3528 14.85 2.98 50.21
C GLN H 3528 16.20 2.28 50.22
N LEU H 3529 16.71 1.95 51.40
CA LEU H 3529 18.01 1.32 51.51
C LEU H 3529 18.00 -0.15 51.14
N LEU H 3530 16.82 -0.72 50.89
CA LEU H 3530 16.75 -2.07 50.33
C LEU H 3530 17.32 -2.11 48.93
N CYS H 3531 17.04 -1.09 48.13
CA CYS H 3531 17.47 -1.01 46.75
C CYS H 3531 18.42 0.16 46.54
N GLU H 3532 19.25 0.43 47.55
CA GLU H 3532 20.24 1.51 47.43
C GLU H 3532 21.30 1.16 46.39
N GLY H 3533 21.84 -0.06 46.46
CA GLY H 3533 22.58 -0.57 45.33
C GLY H 3533 21.64 -0.85 44.16
N HIS H 3534 22.10 -0.51 42.96
CA HIS H 3534 21.25 -0.62 41.79
C HIS H 3534 21.09 -2.08 41.41
N ASN H 3535 20.07 -2.72 41.97
CA ASN H 3535 19.95 -4.16 41.86
C ASN H 3535 19.27 -4.55 40.54
N ASN H 3536 18.19 -3.83 40.19
CA ASN H 3536 17.48 -3.81 38.90
C ASN H 3536 16.65 -5.08 38.67
N ASP H 3537 16.79 -6.08 39.54
CA ASP H 3537 15.91 -7.23 39.55
C ASP H 3537 15.13 -7.34 40.84
N PHE H 3538 15.78 -6.99 41.95
CA PHE H 3538 15.06 -6.68 43.18
C PHE H 3538 14.13 -5.50 42.95
N GLN H 3539 14.55 -4.54 42.15
CA GLN H 3539 13.67 -3.46 41.72
C GLN H 3539 12.55 -3.98 40.84
N ASN H 3540 12.84 -4.97 39.99
CA ASN H 3540 11.77 -5.68 39.30
C ASN H 3540 10.90 -6.46 40.29
N TYR H 3541 11.50 -6.93 41.37
CA TYR H 3541 10.75 -7.77 42.30
C TYR H 3541 9.79 -6.96 43.14
N LEU H 3542 10.09 -5.68 43.38
CA LEU H 3542 9.10 -4.80 43.98
C LEU H 3542 7.94 -4.52 43.04
N ARG H 3543 8.19 -4.54 41.73
CA ARG H 3543 7.11 -4.31 40.78
C ARG H 3543 6.21 -5.53 40.67
N THR H 3544 6.79 -6.72 40.66
CA THR H 3544 6.01 -7.94 40.60
C THR H 3544 6.74 -9.07 41.32
N GLN H 3545 5.97 -9.93 41.94
CA GLN H 3545 6.48 -11.08 42.67
C GLN H 3545 6.03 -12.31 41.87
N THR H 3546 6.83 -12.64 40.85
CA THR H 3546 6.41 -13.59 39.83
C THR H 3546 6.52 -15.04 40.28
N GLY H 3547 7.18 -15.32 41.39
CA GLY H 3547 7.25 -16.67 41.89
C GLY H 3547 5.99 -17.06 42.64
N ASN H 3548 5.42 -16.12 43.38
CA ASN H 3548 4.22 -16.38 44.14
C ASN H 3548 2.99 -16.29 43.25
N THR H 3549 1.84 -16.63 43.83
CA THR H 3549 0.59 -16.62 43.09
C THR H 3549 -0.03 -15.23 42.98
N THR H 3550 0.45 -14.25 43.75
CA THR H 3550 -0.09 -12.91 43.71
C THR H 3550 1.01 -11.90 43.41
N THR H 3551 0.58 -10.66 43.22
CA THR H 3551 1.46 -9.53 42.93
C THR H 3551 0.99 -8.34 43.74
N ILE H 3552 1.91 -7.71 44.46
CA ILE H 3552 1.57 -6.64 45.39
C ILE H 3552 1.85 -5.27 44.79
N ASN H 3553 3.09 -5.04 44.35
CA ASN H 3553 3.55 -3.79 43.71
C ASN H 3553 3.33 -2.58 44.63
N ILE H 3554 4.14 -2.57 45.70
CA ILE H 3554 4.16 -1.52 46.71
C ILE H 3554 4.37 -0.14 46.10
N ILE H 3555 5.12 -0.07 44.99
CA ILE H 3555 5.45 1.17 44.29
C ILE H 3555 4.18 1.90 43.84
N ILE H 3556 3.10 1.16 43.57
CA ILE H 3556 1.79 1.78 43.34
C ILE H 3556 1.33 2.51 44.59
N CYS H 3557 1.16 1.78 45.69
CA CYS H 3557 0.60 2.37 46.90
C CYS H 3557 1.59 3.23 47.65
N THR H 3558 2.87 3.16 47.30
CA THR H 3558 3.85 4.11 47.85
C THR H 3558 3.51 5.53 47.44
N VAL H 3559 3.08 5.70 46.19
CA VAL H 3559 2.61 6.99 45.70
C VAL H 3559 1.31 7.37 46.40
N ASP H 3560 0.48 6.38 46.70
CA ASP H 3560 -0.87 6.64 47.20
C ASP H 3560 -0.86 7.23 48.60
N TYR H 3561 0.02 6.74 49.48
CA TYR H 3561 0.12 7.36 50.79
C TYR H 3561 0.74 8.75 50.71
N LEU H 3562 1.68 8.93 49.78
CA LEU H 3562 2.20 10.28 49.52
C LEU H 3562 1.10 11.19 49.00
N LEU H 3563 0.22 10.66 48.15
CA LEU H 3563 -0.94 11.42 47.70
C LEU H 3563 -1.89 11.69 48.85
N ARG H 3564 -2.08 10.70 49.73
CA ARG H 3564 -2.89 10.93 50.93
C ARG H 3564 -2.19 11.87 51.90
N LEU H 3565 -0.86 11.87 51.91
CA LEU H 3565 -0.15 12.85 52.71
C LEU H 3565 -0.20 14.23 52.07
N GLN H 3566 -0.20 14.28 50.73
CA GLN H 3566 -0.19 15.54 50.00
C GLN H 3566 -1.45 16.35 50.26
N GLU H 3567 -2.60 15.68 50.24
CA GLU H 3567 -3.88 16.34 50.46
C GLU H 3567 -3.99 16.92 51.86
N SER H 3568 -3.41 16.23 52.84
CA SER H 3568 -3.38 16.74 54.20
C SER H 3568 -2.48 17.96 54.31
N ILE H 3569 -1.34 17.93 53.63
CA ILE H 3569 -0.44 19.09 53.61
C ILE H 3569 -1.07 20.22 52.83
N SER H 3570 -1.79 19.89 51.76
CA SER H 3570 -2.47 20.91 50.95
C SER H 3570 -3.57 21.59 51.76
N ASP H 3571 -4.31 20.81 52.54
CA ASP H 3571 -5.35 21.38 53.39
C ASP H 3571 -4.76 22.09 54.61
N PHE H 3572 -3.50 21.80 54.95
CA PHE H 3572 -2.88 22.42 56.11
C PHE H 3572 -2.65 23.90 55.91
N TYR H 3573 -2.42 24.33 54.67
CA TYR H 3573 -2.09 25.73 54.42
C TYR H 3573 -3.31 26.63 54.41
N TRP H 3574 -4.49 26.07 54.10
CA TRP H 3574 -5.70 26.89 54.02
C TRP H 3574 -6.13 27.40 55.38
N TYR H 3575 -5.80 26.67 56.45
CA TYR H 3575 -6.03 27.20 57.79
C TYR H 3575 -5.09 28.36 58.08
N TYR H 3576 -3.91 28.34 57.50
CA TYR H 3576 -2.94 29.40 57.67
C TYR H 3576 -2.94 30.37 56.51
N SER H 3577 -3.83 30.18 55.54
CA SER H 3577 -3.98 31.16 54.47
C SER H 3577 -4.63 32.45 54.96
N GLY H 3578 -5.37 32.39 56.07
CA GLY H 3578 -6.04 33.57 56.58
C GLY H 3578 -5.11 34.54 57.29
N LYS H 3579 -4.52 34.10 58.38
CA LYS H 3579 -3.64 34.97 59.16
C LYS H 3579 -2.26 35.01 58.52
N ASP H 3580 -1.36 35.77 59.14
CA ASP H 3580 -0.01 35.96 58.63
C ASP H 3580 1.08 35.30 59.48
N VAL H 3581 0.99 35.39 60.79
CA VAL H 3581 2.01 34.81 61.66
C VAL H 3581 1.71 33.32 61.83
N ILE H 3582 2.76 32.52 61.97
CA ILE H 3582 2.65 31.09 62.19
C ILE H 3582 3.17 30.80 63.59
N GLU H 3583 2.38 30.05 64.36
CA GLU H 3583 2.76 29.72 65.72
C GLU H 3583 3.90 28.71 65.74
N GLU H 3584 4.57 28.64 66.89
CA GLU H 3584 5.67 27.69 67.06
C GLU H 3584 5.17 26.26 67.00
N GLN H 3585 3.98 26.00 67.56
CA GLN H 3585 3.41 24.67 67.51
C GLN H 3585 3.05 24.27 66.10
N GLY H 3586 2.59 25.24 65.30
CA GLY H 3586 2.39 24.98 63.88
C GLY H 3586 3.71 24.77 63.15
N LYS H 3587 4.74 25.53 63.52
CA LYS H 3587 6.05 25.36 62.90
C LYS H 3587 6.70 24.05 63.33
N ARG H 3588 6.50 23.64 64.58
CA ARG H 3588 7.10 22.41 65.06
C ARG H 3588 6.43 21.19 64.44
N ASN H 3589 5.11 21.23 64.30
CA ASN H 3589 4.39 20.09 63.74
C ASN H 3589 4.56 19.97 62.24
N PHE H 3590 4.76 21.08 61.54
CA PHE H 3590 4.92 21.04 60.09
C PHE H 3590 6.33 20.69 59.67
N SER H 3591 7.32 20.97 60.52
CA SER H 3591 8.67 20.48 60.28
C SER H 3591 8.77 18.98 60.39
N LYS H 3592 7.83 18.35 61.10
CA LYS H 3592 7.81 16.89 61.24
C LYS H 3592 7.51 16.22 59.90
N ALA H 3593 6.34 16.53 59.33
CA ALA H 3593 5.86 15.79 58.16
C ALA H 3593 6.67 16.13 56.92
N MET H 3594 7.28 17.31 56.87
CA MET H 3594 8.19 17.62 55.78
C MET H 3594 9.42 16.74 55.84
N SER H 3595 9.95 16.50 57.04
CA SER H 3595 11.03 15.54 57.20
C SER H 3595 10.55 14.12 56.92
N VAL H 3596 9.28 13.83 57.20
CA VAL H 3596 8.71 12.54 56.84
C VAL H 3596 8.64 12.40 55.32
N ALA H 3597 8.09 13.43 54.65
CA ALA H 3597 7.93 13.38 53.21
C ALA H 3597 9.25 13.46 52.46
N LYS H 3598 10.29 13.98 53.10
CA LYS H 3598 11.61 14.07 52.46
C LYS H 3598 12.18 12.68 52.21
N GLN H 3599 11.99 11.76 53.16
CA GLN H 3599 12.38 10.37 52.94
C GLN H 3599 11.55 9.73 51.84
N VAL H 3600 10.30 10.15 51.69
CA VAL H 3600 9.40 9.55 50.72
C VAL H 3600 9.84 9.87 49.30
N PHE H 3601 10.19 11.13 49.05
CA PHE H 3601 10.73 11.50 47.74
C PHE H 3601 12.07 10.82 47.47
N ASN H 3602 12.88 10.65 48.51
CA ASN H 3602 14.17 9.99 48.36
C ASN H 3602 13.99 8.50 48.04
N SER H 3603 12.94 7.88 48.57
CA SER H 3603 12.70 6.47 48.30
C SER H 3603 12.19 6.26 46.88
N LEU H 3604 11.41 7.21 46.36
CA LEU H 3604 10.86 7.07 45.02
C LEU H 3604 11.92 7.22 43.94
N THR H 3605 13.01 7.94 44.25
CA THR H 3605 14.11 8.06 43.31
C THR H 3605 14.79 6.72 43.08
N GLU H 3606 15.08 6.00 44.15
CA GLU H 3606 15.81 4.74 44.06
C GLU H 3606 14.99 3.63 43.43
N TYR H 3607 13.70 3.82 43.23
CA TYR H 3607 12.88 2.82 42.55
C TYR H 3607 13.19 2.75 41.07
N ILE H 3608 13.73 3.81 40.49
CA ILE H 3608 13.97 3.87 39.06
C ILE H 3608 15.41 4.17 38.69
N GLN H 3609 16.24 4.68 39.60
CA GLN H 3609 17.64 4.93 39.30
C GLN H 3609 18.38 3.62 39.08
N GLY H 3610 19.33 3.62 38.16
CA GLY H 3610 19.84 2.37 37.66
C GLY H 3610 18.75 1.73 36.82
N PRO H 3611 18.53 2.29 35.60
CA PRO H 3611 17.19 2.38 35.00
C PRO H 3611 16.39 1.09 34.85
N CYS H 3612 15.22 1.09 35.50
CA CYS H 3612 14.23 0.03 35.44
C CYS H 3612 13.02 0.64 34.75
N THR H 3613 12.96 0.45 33.42
CA THR H 3613 11.93 1.10 32.62
C THR H 3613 10.53 0.60 32.94
N GLY H 3614 10.42 -0.65 33.38
CA GLY H 3614 9.13 -1.17 33.81
C GLY H 3614 8.61 -0.43 35.03
N ASN H 3615 9.51 -0.09 35.96
CA ASN H 3615 9.13 0.82 37.03
C ASN H 3615 8.89 2.23 36.51
N GLN H 3616 9.63 2.63 35.47
CA GLN H 3616 9.43 3.95 34.90
C GLN H 3616 8.12 4.02 34.14
N GLN H 3617 7.74 2.93 33.48
CA GLN H 3617 6.42 2.89 32.85
C GLN H 3617 5.31 2.78 33.88
N SER H 3618 5.60 2.15 35.03
CA SER H 3618 4.59 2.01 36.07
C SER H 3618 4.23 3.35 36.68
N LEU H 3619 5.24 4.21 36.88
CA LEU H 3619 4.97 5.51 37.47
C LEU H 3619 4.27 6.43 36.49
N ALA H 3620 4.49 6.23 35.20
CA ALA H 3620 3.84 7.06 34.18
C ALA H 3620 2.35 6.74 34.09
N HIS H 3621 2.01 5.45 34.03
CA HIS H 3621 0.61 5.06 33.93
C HIS H 3621 -0.12 5.16 35.26
N SER H 3622 0.59 5.35 36.36
CA SER H 3622 -0.06 5.67 37.62
C SER H 3622 -0.47 7.15 37.63
N ARG H 3623 -1.18 7.55 38.67
CA ARG H 3623 -1.52 8.96 38.84
C ARG H 3623 -0.46 9.70 39.67
N LEU H 3624 0.81 9.49 39.29
CA LEU H 3624 1.90 10.25 39.88
C LEU H 3624 1.89 11.68 39.40
N TRP H 3625 1.39 11.91 38.19
CA TRP H 3625 1.31 13.26 37.64
C TRP H 3625 0.39 14.15 38.45
N ASP H 3626 -0.68 13.57 38.98
CA ASP H 3626 -1.54 14.30 39.91
C ASP H 3626 -0.80 14.57 41.21
N ALA H 3627 0.06 13.64 41.62
CA ALA H 3627 0.76 13.77 42.89
C ALA H 3627 1.81 14.86 42.86
N VAL H 3628 2.25 15.28 41.67
CA VAL H 3628 3.28 16.31 41.59
C VAL H 3628 2.66 17.70 41.71
N VAL H 3629 1.47 17.88 41.12
CA VAL H 3629 0.93 19.20 40.82
C VAL H 3629 0.57 19.97 42.09
N GLY H 3630 -0.02 19.29 43.08
CA GLY H 3630 -0.47 19.97 44.28
C GLY H 3630 0.65 20.52 45.13
N PHE H 3631 1.82 19.88 45.08
CA PHE H 3631 2.99 20.44 45.77
C PHE H 3631 3.47 21.73 45.11
N LEU H 3632 3.37 21.81 43.78
CA LEU H 3632 3.69 23.05 43.10
C LEU H 3632 2.71 24.15 43.48
N HIS H 3633 1.46 23.79 43.74
CA HIS H 3633 0.53 24.75 44.33
C HIS H 3633 0.92 25.10 45.75
N VAL H 3634 1.44 24.12 46.49
CA VAL H 3634 1.95 24.37 47.83
C VAL H 3634 3.22 25.19 47.77
N PHE H 3635 4.14 24.82 46.88
CA PHE H 3635 5.42 25.51 46.76
C PHE H 3635 5.31 26.84 46.04
N ALA H 3636 4.11 27.29 45.67
CA ALA H 3636 3.91 28.62 45.15
C ALA H 3636 3.44 29.61 46.19
N HIS H 3637 2.65 29.14 47.15
CA HIS H 3637 1.99 30.04 48.10
C HIS H 3637 2.67 30.07 49.46
N MET H 3638 3.23 28.95 49.91
CA MET H 3638 4.09 28.99 51.08
C MET H 3638 5.39 29.72 50.78
N MET H 3639 5.86 29.63 49.54
CA MET H 3639 7.16 30.20 49.20
C MET H 3639 7.10 31.72 49.19
N MET H 3640 5.93 32.29 48.90
CA MET H 3640 5.75 33.73 49.02
C MET H 3640 5.60 34.15 50.47
N LYS H 3641 4.81 33.40 51.24
CA LYS H 3641 4.43 33.84 52.57
C LYS H 3641 5.58 33.66 53.57
N LEU H 3642 6.33 32.56 53.46
CA LEU H 3642 7.45 32.33 54.36
C LEU H 3642 8.60 33.31 54.12
N ALA H 3643 8.66 33.93 52.94
CA ALA H 3643 9.68 34.92 52.66
C ALA H 3643 9.48 36.22 53.42
N GLN H 3644 8.30 36.46 53.98
CA GLN H 3644 7.96 37.71 54.63
C GLN H 3644 8.28 37.71 56.13
N ASP H 3645 9.19 36.85 56.57
CA ASP H 3645 9.54 36.81 57.99
C ASP H 3645 11.00 36.41 58.12
N SER H 3646 11.67 37.00 59.10
CA SER H 3646 13.02 36.60 59.47
C SER H 3646 13.03 35.48 60.50
N SER H 3647 11.90 35.20 61.15
CA SER H 3647 11.79 34.08 62.05
C SER H 3647 11.39 32.78 61.35
N GLN H 3648 11.10 32.85 60.06
CA GLN H 3648 10.66 31.70 59.28
C GLN H 3648 11.71 31.26 58.26
N ILE H 3649 12.98 31.65 58.48
CA ILE H 3649 14.03 31.37 57.52
C ILE H 3649 14.36 29.88 57.53
N GLU H 3650 14.54 29.31 58.72
CA GLU H 3650 14.94 27.91 58.84
C GLU H 3650 13.84 26.96 58.38
N LEU H 3651 12.58 27.39 58.46
CA LEU H 3651 11.49 26.58 57.91
C LEU H 3651 11.48 26.65 56.40
N LEU H 3652 11.70 27.85 55.84
CA LEU H 3652 11.79 27.98 54.39
C LEU H 3652 13.07 27.36 53.86
N LYS H 3653 14.14 27.37 54.66
CA LYS H 3653 15.35 26.63 54.32
C LYS H 3653 15.06 25.13 54.31
N GLU H 3654 14.22 24.67 55.24
CA GLU H 3654 13.80 23.28 55.25
C GLU H 3654 12.90 22.97 54.06
N LEU H 3655 12.16 23.97 53.57
CA LEU H 3655 11.25 23.76 52.45
C LEU H 3655 12.02 23.55 51.15
N LEU H 3656 13.11 24.31 50.96
CA LEU H 3656 13.88 24.19 49.73
C LEU H 3656 14.61 22.87 49.65
N ASP H 3657 14.92 22.28 50.80
CA ASP H 3657 15.46 20.92 50.81
C ASP H 3657 14.43 19.92 50.34
N LEU H 3658 13.16 20.15 50.64
CA LEU H 3658 12.11 19.26 50.17
C LEU H 3658 11.88 19.40 48.69
N GLN H 3659 11.90 20.64 48.18
CA GLN H 3659 11.62 20.88 46.78
C GLN H 3659 12.77 20.43 45.88
N LYS H 3660 14.01 20.59 46.36
CA LYS H 3660 15.16 20.14 45.57
C LYS H 3660 15.20 18.63 45.44
N ASP H 3661 14.85 17.93 46.52
CA ASP H 3661 14.76 16.48 46.44
C ASP H 3661 13.56 16.04 45.60
N MET H 3662 12.55 16.90 45.47
CA MET H 3662 11.41 16.57 44.63
C MET H 3662 11.73 16.74 43.15
N VAL H 3663 12.49 17.78 42.81
CA VAL H 3663 12.73 18.04 41.40
C VAL H 3663 13.77 17.09 40.82
N VAL H 3664 14.66 16.55 41.65
CA VAL H 3664 15.61 15.57 41.13
C VAL H 3664 14.96 14.22 40.92
N MET H 3665 13.83 13.96 41.57
CA MET H 3665 13.00 12.83 41.20
C MET H 3665 12.47 12.98 39.79
N LEU H 3666 12.05 14.20 39.43
CA LEU H 3666 11.63 14.49 38.08
C LEU H 3666 12.78 14.35 37.09
N LEU H 3667 14.00 14.68 37.53
CA LEU H 3667 15.17 14.46 36.71
C LEU H 3667 15.43 12.98 36.51
N SER H 3668 15.13 12.16 37.52
CA SER H 3668 15.32 10.73 37.42
C SER H 3668 14.32 10.07 36.48
N LEU H 3669 13.21 10.76 36.19
CA LEU H 3669 12.17 10.16 35.35
C LEU H 3669 12.62 10.04 33.90
N LEU H 3670 13.52 10.90 33.45
CA LEU H 3670 13.91 10.90 32.05
C LEU H 3670 14.82 9.70 31.79
N GLU H 3671 16.01 9.77 32.39
CA GLU H 3671 17.01 8.70 32.51
C GLU H 3671 17.26 8.00 31.16
N GLY H 3672 17.75 8.79 30.21
CA GLY H 3672 17.92 8.29 28.87
C GLY H 3672 16.66 8.42 28.06
N ASN H 3673 16.16 9.65 27.95
CA ASN H 3673 14.88 9.91 27.29
C ASN H 3673 15.12 10.12 25.80
N VAL H 3674 14.35 9.43 24.98
CA VAL H 3674 14.39 9.59 23.52
C VAL H 3674 13.58 10.83 23.19
N VAL H 3675 13.62 11.25 21.91
CA VAL H 3675 13.04 12.51 21.44
C VAL H 3675 11.54 12.60 21.75
N ASN H 3676 10.80 11.51 21.59
CA ASN H 3676 9.34 11.55 21.74
C ASN H 3676 8.85 10.37 22.57
N GLY H 3677 9.48 10.15 23.72
CA GLY H 3677 9.17 8.97 24.53
C GLY H 3677 8.04 9.13 25.52
N MET H 3678 7.12 10.07 25.26
CA MET H 3678 5.81 10.26 25.91
C MET H 3678 5.91 10.73 27.35
N ILE H 3679 7.10 10.82 27.93
CA ILE H 3679 7.25 11.20 29.33
C ILE H 3679 7.37 12.70 29.47
N ALA H 3680 8.30 13.29 28.71
CA ALA H 3680 8.43 14.74 28.66
C ALA H 3680 7.22 15.38 27.99
N ARG H 3681 6.55 14.64 27.11
CA ARG H 3681 5.30 15.11 26.51
C ARG H 3681 4.22 15.30 27.57
N GLN H 3682 4.21 14.43 28.58
CA GLN H 3682 3.32 14.64 29.72
C GLN H 3682 3.89 15.63 30.71
N MET H 3683 5.21 15.86 30.71
CA MET H 3683 5.77 16.90 31.55
C MET H 3683 5.38 18.29 31.05
N VAL H 3684 5.32 18.46 29.73
CA VAL H 3684 4.78 19.68 29.15
C VAL H 3684 3.30 19.78 29.48
N ASP H 3685 2.60 18.64 29.54
CA ASP H 3685 1.17 18.62 29.82
C ASP H 3685 0.87 19.13 31.22
N MET H 3686 1.67 18.71 32.21
CA MET H 3686 1.40 19.17 33.56
C MET H 3686 1.87 20.59 33.81
N LEU H 3687 2.94 21.02 33.13
CA LEU H 3687 3.46 22.35 33.39
C LEU H 3687 2.64 23.43 32.71
N VAL H 3688 1.94 23.11 31.63
CA VAL H 3688 0.92 24.02 31.12
C VAL H 3688 -0.28 24.02 32.04
N GLU H 3689 -0.62 22.86 32.59
CA GLU H 3689 -1.81 22.71 33.43
C GLU H 3689 -1.67 23.45 34.74
N SER H 3690 -0.47 23.47 35.30
CA SER H 3690 -0.19 24.17 36.55
C SER H 3690 0.74 25.35 36.32
N SER H 3691 0.51 26.08 35.24
CA SER H 3691 1.45 27.12 34.81
C SER H 3691 1.44 28.31 35.75
N SER H 3692 0.27 28.66 36.30
CA SER H 3692 0.14 29.85 37.12
C SER H 3692 0.90 29.71 38.44
N ASN H 3693 1.04 28.49 38.95
CA ASN H 3693 1.94 28.27 40.08
C ASN H 3693 3.39 28.43 39.66
N VAL H 3694 3.74 27.92 38.47
CA VAL H 3694 5.11 27.97 37.98
C VAL H 3694 5.52 29.41 37.72
N GLU H 3695 4.58 30.22 37.21
CA GLU H 3695 4.85 31.64 36.99
C GLU H 3695 5.13 32.36 38.29
N MET H 3696 4.50 31.93 39.38
CA MET H 3696 4.88 32.43 40.68
C MET H 3696 6.24 31.89 41.11
N ILE H 3697 6.54 30.64 40.73
CA ILE H 3697 7.81 30.04 41.11
C ILE H 3697 8.96 30.66 40.33
N LEU H 3698 8.78 30.80 39.01
CA LEU H 3698 9.84 31.33 38.17
C LEU H 3698 10.14 32.79 38.47
N LYS H 3699 9.10 33.56 38.82
CA LYS H 3699 9.32 34.94 39.20
C LYS H 3699 10.06 35.04 40.54
N PHE H 3700 9.84 34.07 41.42
CA PHE H 3700 10.40 34.12 42.77
C PHE H 3700 11.91 33.97 42.75
N PHE H 3701 12.42 33.06 41.92
CA PHE H 3701 13.86 32.98 41.74
C PHE H 3701 14.39 34.20 40.99
N ASP H 3702 13.59 34.71 40.05
CA ASP H 3702 14.06 35.78 39.19
C ASP H 3702 14.14 37.11 39.93
N MET H 3703 13.22 37.35 40.88
CA MET H 3703 13.27 38.59 41.64
C MET H 3703 14.49 38.65 42.54
N PHE H 3704 14.84 37.53 43.20
CA PHE H 3704 16.01 37.52 44.06
C PHE H 3704 17.30 37.60 43.26
N LEU H 3705 17.30 37.03 42.05
CA LEU H 3705 18.46 37.17 41.19
C LEU H 3705 18.59 38.60 40.68
N LYS H 3706 17.46 39.27 40.43
CA LYS H 3706 17.52 40.67 40.04
C LYS H 3706 17.91 41.56 41.21
N LEU H 3707 17.45 41.20 42.41
CA LEU H 3707 17.63 42.06 43.58
C LEU H 3707 19.10 42.19 43.97
N LYS H 3708 19.86 41.11 43.84
CA LYS H 3708 21.30 41.22 44.01
C LYS H 3708 21.92 41.97 42.84
N ASP H 3709 21.37 41.83 41.64
CA ASP H 3709 21.90 42.51 40.48
C ASP H 3709 21.57 43.99 40.45
N ILE H 3710 20.50 44.42 41.12
CA ILE H 3710 20.23 45.85 41.23
C ILE H 3710 21.28 46.52 42.10
N VAL H 3711 21.68 45.87 43.18
CA VAL H 3711 22.81 46.38 43.98
C VAL H 3711 24.06 45.74 43.37
N GLY H 3712 24.43 46.25 42.21
CA GLY H 3712 25.74 46.05 41.62
C GLY H 3712 26.04 47.29 40.81
N SER H 3713 25.14 48.27 40.94
CA SER H 3713 25.08 49.43 40.07
C SER H 3713 25.20 50.70 40.88
N GLU H 3714 25.71 51.74 40.24
CA GLU H 3714 25.82 53.04 40.89
C GLU H 3714 24.48 53.73 41.01
N ALA H 3715 23.49 53.36 40.18
CA ALA H 3715 22.17 53.95 40.28
C ALA H 3715 21.49 53.61 41.59
N PHE H 3716 21.77 52.43 42.14
CA PHE H 3716 21.41 52.16 43.51
C PHE H 3716 22.28 52.95 44.47
N GLN H 3717 23.56 53.14 44.13
CA GLN H 3717 24.52 53.76 45.03
C GLN H 3717 24.47 55.28 45.01
N ASP H 3718 23.76 55.89 44.05
CA ASP H 3718 23.73 57.35 43.96
C ASP H 3718 22.92 57.95 45.10
N TYR H 3719 21.63 57.61 45.17
CA TYR H 3719 20.70 58.28 46.06
C TYR H 3719 20.87 57.90 47.53
N VAL H 3720 21.59 56.82 47.83
CA VAL H 3720 21.84 56.47 49.21
C VAL H 3720 22.90 57.40 49.79
N THR H 3721 22.58 58.01 50.94
CA THR H 3721 23.48 58.88 51.66
C THR H 3721 23.64 58.31 53.06
N ASP H 3722 24.52 57.33 53.18
CA ASP H 3722 24.75 56.60 54.43
C ASP H 3722 26.17 56.06 54.48
N PRO H 3723 27.06 56.68 55.26
CA PRO H 3723 28.35 56.04 55.55
C PRO H 3723 28.21 54.79 56.40
N ARG H 3724 27.11 54.64 57.15
CA ARG H 3724 26.87 53.41 57.88
C ARG H 3724 26.18 52.36 57.01
N GLY H 3725 25.64 52.75 55.86
CA GLY H 3725 25.01 51.79 54.97
C GLY H 3725 23.65 51.28 55.41
N LEU H 3726 22.87 52.09 56.12
CA LEU H 3726 21.54 51.71 56.57
C LEU H 3726 20.54 52.58 55.81
N ILE H 3727 20.20 52.14 54.60
CA ILE H 3727 19.34 52.92 53.72
C ILE H 3727 17.90 52.89 54.26
N SER H 3728 17.14 53.93 53.95
CA SER H 3728 15.75 54.01 54.37
C SER H 3728 14.87 53.28 53.37
N LYS H 3729 13.55 53.48 53.49
CA LYS H 3729 12.56 52.79 52.69
C LYS H 3729 12.00 53.64 51.56
N LYS H 3730 11.77 54.93 51.81
CA LYS H 3730 11.11 55.78 50.83
C LYS H 3730 11.99 56.03 49.61
N ASP H 3731 13.30 56.17 49.84
CA ASP H 3731 14.21 56.27 48.70
C ASP H 3731 14.33 54.94 47.96
N PHE H 3732 14.23 53.83 48.69
CA PHE H 3732 14.11 52.53 48.04
C PHE H 3732 12.77 52.41 47.33
N GLN H 3733 11.72 53.01 47.90
CA GLN H 3733 10.43 53.02 47.22
C GLN H 3733 10.46 53.88 45.97
N LYS H 3734 11.20 54.99 46.01
CA LYS H 3734 11.20 55.92 44.89
C LYS H 3734 12.01 55.40 43.71
N ALA H 3735 13.29 55.11 43.93
CA ALA H 3735 14.20 54.84 42.82
C ALA H 3735 14.01 53.46 42.20
N MET H 3736 13.34 52.54 42.88
CA MET H 3736 12.98 51.30 42.21
C MET H 3736 11.81 51.49 41.25
N ASP H 3737 11.05 52.57 41.41
CA ASP H 3737 10.13 52.99 40.36
C ASP H 3737 10.86 53.73 39.25
N SER H 3738 11.96 54.41 39.60
CA SER H 3738 12.78 55.07 38.57
C SER H 3738 13.43 54.05 37.66
N GLN H 3739 13.94 52.96 38.23
CA GLN H 3739 14.40 51.85 37.40
C GLN H 3739 13.20 51.05 36.92
N LYS H 3740 13.37 50.43 35.77
CA LYS H 3740 12.30 49.67 35.13
C LYS H 3740 12.35 48.22 35.61
N GLN H 3741 11.67 47.32 34.88
CA GLN H 3741 11.64 45.85 35.04
C GLN H 3741 11.26 45.42 36.46
N PHE H 3742 10.43 46.21 37.13
CA PHE H 3742 9.83 45.81 38.39
C PHE H 3742 8.39 46.30 38.44
N THR H 3743 7.66 45.83 39.45
CA THR H 3743 6.26 46.14 39.62
C THR H 3743 6.05 46.64 41.04
N GLY H 3744 5.21 47.67 41.19
CA GLY H 3744 4.86 48.27 42.46
C GLY H 3744 4.48 47.34 43.60
N PRO H 3745 3.45 46.50 43.41
CA PRO H 3745 3.14 45.51 44.44
C PRO H 3745 4.22 44.46 44.65
N GLU H 3746 5.06 44.20 43.64
CA GLU H 3746 6.22 43.35 43.86
C GLU H 3746 7.26 44.07 44.70
N ILE H 3747 7.41 45.38 44.52
CA ILE H 3747 8.23 46.17 45.42
C ILE H 3747 7.59 46.22 46.81
N GLN H 3748 6.26 46.25 46.87
CA GLN H 3748 5.56 46.09 48.14
C GLN H 3748 5.80 44.71 48.73
N PHE H 3749 5.93 43.69 47.88
CA PHE H 3749 6.33 42.38 48.36
C PHE H 3749 7.78 42.39 48.82
N LEU H 3750 8.61 43.23 48.21
CA LEU H 3750 9.99 43.38 48.69
C LEU H 3750 10.03 44.06 50.04
N LEU H 3751 9.08 44.95 50.32
CA LEU H 3751 9.07 45.64 51.60
C LEU H 3751 8.63 44.71 52.73
N SER H 3752 7.65 43.85 52.45
CA SER H 3752 7.17 42.91 53.47
C SER H 3752 8.18 41.82 53.75
N CYS H 3753 9.10 41.56 52.81
CA CYS H 3753 10.20 40.65 53.08
C CYS H 3753 11.38 41.36 53.73
N SER H 3754 11.52 42.66 53.53
CA SER H 3754 12.62 43.41 54.11
C SER H 3754 12.34 43.73 55.58
N GLU H 3755 13.32 44.34 56.23
CA GLU H 3755 13.20 44.78 57.61
C GLU H 3755 13.10 46.30 57.62
N ALA H 3756 12.10 46.83 58.32
CA ALA H 3756 11.88 48.27 58.32
C ALA H 3756 12.76 48.97 59.34
N ASP H 3757 12.87 48.39 60.54
CA ASP H 3757 13.64 48.92 61.68
C ASP H 3757 13.21 50.36 62.01
N GLU H 3758 11.92 50.48 62.36
CA GLU H 3758 11.25 51.76 62.65
C GLU H 3758 11.38 52.74 61.50
N ASN H 3759 11.30 52.21 60.27
CA ASN H 3759 11.40 52.96 59.01
C ASN H 3759 12.73 53.71 58.92
N GLU H 3760 13.82 53.06 59.36
CA GLU H 3760 15.14 53.67 59.31
C GLU H 3760 16.12 52.88 58.45
N MET H 3761 16.27 51.59 58.70
CA MET H 3761 17.32 50.79 58.10
C MET H 3761 16.75 49.67 57.25
N ILE H 3762 17.54 49.23 56.28
CA ILE H 3762 17.23 48.04 55.49
C ILE H 3762 18.32 46.99 55.62
N ASN H 3763 19.58 47.42 55.57
CA ASN H 3763 20.78 46.56 55.41
C ASN H 3763 20.61 45.66 54.18
N PHE H 3764 20.60 46.35 53.04
CA PHE H 3764 20.44 45.72 51.73
C PHE H 3764 21.54 44.70 51.43
N GLU H 3765 22.75 44.94 51.95
CA GLU H 3765 23.87 44.06 51.65
C GLU H 3765 23.69 42.70 52.31
N GLU H 3766 23.17 42.68 53.53
CA GLU H 3766 22.82 41.41 54.15
C GLU H 3766 21.53 40.86 53.55
N PHE H 3767 20.64 41.74 53.11
CA PHE H 3767 19.32 41.29 52.66
C PHE H 3767 19.39 40.65 51.28
N ALA H 3768 20.16 41.22 50.36
CA ALA H 3768 20.26 40.68 49.02
C ALA H 3768 21.14 39.43 48.97
N ASN H 3769 22.10 39.32 49.88
CA ASN H 3769 23.04 38.21 49.87
C ASN H 3769 22.57 37.03 50.70
N ARG H 3770 21.48 37.16 51.46
CA ARG H 3770 21.00 36.07 52.28
C ARG H 3770 20.25 35.03 51.47
N PHE H 3771 19.54 35.46 50.43
CA PHE H 3771 18.62 34.62 49.68
C PHE H 3771 19.31 33.77 48.62
N GLN H 3772 20.58 34.00 48.36
CA GLN H 3772 21.24 33.39 47.20
C GLN H 3772 21.61 31.95 47.46
N GLU H 3773 22.45 31.70 48.46
CA GLU H 3773 22.96 30.37 48.77
C GLU H 3773 21.94 29.30 49.17
N PRO H 3774 20.72 29.61 49.65
CA PRO H 3774 19.71 28.53 49.64
C PRO H 3774 19.16 28.29 48.25
N ALA H 3775 18.93 29.35 47.49
CA ALA H 3775 18.35 29.24 46.15
C ALA H 3775 19.39 29.00 45.07
N ARG H 3776 20.65 28.82 45.45
CA ARG H 3776 21.72 28.68 44.47
C ARG H 3776 21.64 27.35 43.74
N ASP H 3777 21.57 26.26 44.49
CA ASP H 3777 21.53 24.93 43.87
C ASP H 3777 20.18 24.67 43.22
N ILE H 3778 19.08 25.06 43.87
CA ILE H 3778 17.77 24.71 43.36
C ILE H 3778 17.39 25.58 42.16
N GLY H 3779 17.94 26.78 42.08
CA GLY H 3779 17.78 27.58 40.88
C GLY H 3779 18.51 26.98 39.69
N PHE H 3780 19.63 26.31 39.94
CA PHE H 3780 20.30 25.56 38.89
C PHE H 3780 19.46 24.34 38.48
N ASN H 3781 18.80 23.71 39.45
CA ASN H 3781 18.14 22.44 39.19
C ASN H 3781 16.85 22.62 38.40
N VAL H 3782 16.13 23.72 38.63
CA VAL H 3782 14.93 23.98 37.86
C VAL H 3782 15.30 24.39 36.44
N ALA H 3783 16.33 25.22 36.31
CA ALA H 3783 16.73 25.74 35.01
C ALA H 3783 17.32 24.65 34.12
N VAL H 3784 18.03 23.69 34.72
CA VAL H 3784 18.59 22.61 33.92
C VAL H 3784 17.48 21.66 33.46
N LEU H 3785 16.36 21.63 34.18
CA LEU H 3785 15.22 20.84 33.73
C LEU H 3785 14.61 21.45 32.49
N LEU H 3786 14.41 22.77 32.50
CA LEU H 3786 13.91 23.46 31.31
C LEU H 3786 14.91 23.40 30.17
N THR H 3787 16.20 23.39 30.51
CA THR H 3787 17.23 23.19 29.49
C THR H 3787 17.14 21.78 28.91
N ASN H 3788 16.89 20.79 29.77
CA ASN H 3788 16.90 19.40 29.31
C ASN H 3788 15.68 19.10 28.46
N LEU H 3789 14.49 19.49 28.95
CA LEU H 3789 13.25 19.17 28.26
C LEU H 3789 13.11 19.91 26.94
N SER H 3790 13.79 21.04 26.79
CA SER H 3790 13.79 21.74 25.51
C SER H 3790 14.49 20.90 24.45
N GLU H 3791 15.55 20.19 24.83
CA GLU H 3791 16.34 19.48 23.85
C GLU H 3791 15.70 18.15 23.46
N HIS H 3792 14.93 17.53 24.36
CA HIS H 3792 14.29 16.26 24.02
C HIS H 3792 13.13 16.48 23.07
N VAL H 3793 12.26 17.42 23.38
CA VAL H 3793 11.12 17.74 22.56
C VAL H 3793 11.23 19.18 22.08
N PRO H 3794 11.66 19.40 20.85
CA PRO H 3794 11.44 20.69 20.20
C PRO H 3794 10.06 20.77 19.59
N HIS H 3795 9.80 21.86 18.86
CA HIS H 3795 8.56 22.08 18.10
C HIS H 3795 7.34 22.14 19.02
N ASP H 3796 7.39 23.03 20.01
CA ASP H 3796 6.23 23.31 20.85
C ASP H 3796 6.28 24.75 21.32
N PRO H 3797 5.31 25.57 20.93
CA PRO H 3797 5.29 26.97 21.40
C PRO H 3797 4.99 27.09 22.88
N ARG H 3798 4.38 26.09 23.49
CA ARG H 3798 4.10 26.12 24.92
C ARG H 3798 5.39 26.09 25.72
N LEU H 3799 6.37 25.30 25.27
CA LEU H 3799 7.67 25.31 25.92
C LEU H 3799 8.40 26.62 25.65
N ARG H 3800 8.15 27.23 24.49
CA ARG H 3800 8.72 28.53 24.17
C ARG H 3800 8.21 29.63 25.09
N ASN H 3801 7.01 29.44 25.66
CA ASN H 3801 6.50 30.40 26.63
C ASN H 3801 7.36 30.40 27.90
N PHE H 3802 7.68 29.21 28.41
CA PHE H 3802 8.39 29.15 29.68
C PHE H 3802 9.85 29.53 29.52
N LEU H 3803 10.45 29.21 28.37
CA LEU H 3803 11.85 29.57 28.13
C LEU H 3803 12.02 31.07 28.03
N GLU H 3804 11.05 31.75 27.41
CA GLU H 3804 11.14 33.19 27.28
C GLU H 3804 10.93 33.89 28.62
N LEU H 3805 10.06 33.33 29.46
CA LEU H 3805 9.70 34.03 30.69
C LEU H 3805 10.70 33.80 31.80
N ALA H 3806 11.27 32.60 31.87
CA ALA H 3806 12.33 32.32 32.83
C ALA H 3806 13.70 32.57 32.20
N GLU H 3807 13.88 33.76 31.64
CA GLU H 3807 15.01 33.98 30.72
C GLU H 3807 16.33 34.19 31.46
N SER H 3808 16.38 35.21 32.31
CA SER H 3808 17.64 35.70 32.91
C SER H 3808 18.31 34.70 33.84
N ILE H 3809 17.60 33.64 34.23
CA ILE H 3809 18.20 32.60 35.06
C ILE H 3809 19.25 31.84 34.26
N LEU H 3810 19.00 31.63 32.97
CA LEU H 3810 19.86 30.79 32.12
C LEU H 3810 21.24 31.40 31.93
N GLU H 3811 21.32 32.72 31.78
CA GLU H 3811 22.61 33.37 31.63
C GLU H 3811 23.40 33.36 32.93
N TYR H 3812 22.72 33.29 34.07
CA TYR H 3812 23.43 33.23 35.34
C TYR H 3812 24.10 31.88 35.55
N PHE H 3813 23.51 30.81 35.00
CA PHE H 3813 24.01 29.47 35.24
C PHE H 3813 24.69 28.83 34.04
N ARG H 3814 24.64 29.45 32.87
CA ARG H 3814 25.39 28.92 31.74
C ARG H 3814 26.92 28.91 31.87
N PRO H 3815 27.60 29.72 32.70
CA PRO H 3815 28.98 29.36 33.02
C PRO H 3815 29.08 28.18 33.96
N TYR H 3816 28.03 27.87 34.71
CA TYR H 3816 28.07 26.75 35.63
C TYR H 3816 27.72 25.43 34.96
N LEU H 3817 26.93 25.47 33.90
CA LEU H 3817 26.33 24.25 33.36
C LEU H 3817 27.35 23.39 32.62
N GLY H 3818 27.34 22.10 32.94
CA GLY H 3818 28.10 21.10 32.20
C GLY H 3818 27.16 20.22 31.41
N ARG H 3819 27.46 20.10 30.11
CA ARG H 3819 26.67 19.28 29.19
C ARG H 3819 27.63 18.37 28.43
N ILE H 3820 27.69 17.10 28.83
CA ILE H 3820 28.57 16.15 28.16
C ILE H 3820 27.72 14.98 27.67
N GLU H 3821 28.17 14.37 26.57
CA GLU H 3821 27.45 13.31 25.89
C GLU H 3821 28.22 12.01 26.00
N ILE H 3822 27.50 10.90 26.22
CA ILE H 3822 28.10 9.58 26.32
C ILE H 3822 27.23 8.57 25.59
N MET H 3823 27.72 7.33 25.55
CA MET H 3823 26.98 6.21 24.97
C MET H 3823 27.27 5.01 25.87
N GLY H 3824 26.33 4.70 26.76
CA GLY H 3824 26.59 3.68 27.76
C GLY H 3824 25.37 2.93 28.25
N ALA H 3825 25.46 1.59 28.25
CA ALA H 3825 24.48 0.65 28.80
C ALA H 3825 23.11 0.74 28.13
N SER H 3826 23.02 1.36 26.96
CA SER H 3826 21.74 1.53 26.29
C SER H 3826 21.80 1.27 24.80
N ARG H 3827 23.00 1.05 24.23
CA ARG H 3827 23.26 1.04 22.78
C ARG H 3827 22.81 2.33 22.11
N ARG H 3828 22.83 3.44 22.85
CA ARG H 3828 22.37 4.72 22.33
C ARG H 3828 23.19 5.83 22.96
N ILE H 3829 23.18 6.98 22.28
CA ILE H 3829 23.81 8.19 22.80
C ILE H 3829 23.03 8.68 24.02
N GLU H 3830 23.75 9.26 24.98
CA GLU H 3830 23.13 9.81 26.18
C GLU H 3830 23.82 11.11 26.57
N ARG H 3831 23.04 12.13 26.88
CA ARG H 3831 23.56 13.40 27.36
C ARG H 3831 23.56 13.42 28.88
N ILE H 3832 24.51 14.14 29.44
CA ILE H 3832 24.66 14.28 30.88
C ILE H 3832 24.69 15.76 31.23
N TYR H 3833 23.92 16.15 32.24
CA TYR H 3833 23.82 17.53 32.68
C TYR H 3833 24.34 17.65 34.10
N PHE H 3834 25.22 18.61 34.33
CA PHE H 3834 25.87 18.76 35.62
C PHE H 3834 26.35 20.19 35.78
N GLU H 3835 27.05 20.46 36.88
CA GLU H 3835 27.50 21.80 37.22
C GLU H 3835 29.01 21.85 37.36
N ILE H 3836 29.56 23.05 37.18
CA ILE H 3836 30.97 23.34 37.41
C ILE H 3836 31.06 24.34 38.55
N SER H 3837 31.94 24.08 39.51
CA SER H 3837 32.25 25.06 40.54
C SER H 3837 32.90 26.30 39.94
N GLU H 3838 32.48 27.46 40.44
CA GLU H 3838 32.91 28.73 39.88
C GLU H 3838 34.40 28.97 40.05
N THR H 3839 34.97 28.49 41.16
CA THR H 3839 36.40 28.66 41.40
C THR H 3839 37.22 27.85 40.40
N ASN H 3840 36.85 26.59 40.20
CA ASN H 3840 37.63 25.70 39.34
C ASN H 3840 37.51 26.08 37.88
N ARG H 3841 36.41 26.73 37.51
CA ARG H 3841 36.32 27.32 36.18
C ARG H 3841 37.35 28.42 36.00
N ALA H 3842 37.52 29.27 37.02
CA ALA H 3842 38.57 30.28 36.97
C ALA H 3842 39.95 29.65 37.11
N GLN H 3843 40.04 28.52 37.81
CA GLN H 3843 41.29 27.78 37.88
C GLN H 3843 41.67 27.20 36.53
N TRP H 3844 40.67 26.86 35.71
CA TRP H 3844 40.95 26.37 34.36
C TRP H 3844 41.52 27.49 33.49
N GLU H 3845 41.05 28.70 33.70
CA GLU H 3845 41.51 29.83 32.89
C GLU H 3845 42.72 30.45 33.55
N MET H 3846 43.85 29.77 33.40
CA MET H 3846 45.13 30.22 33.90
C MET H 3846 46.16 29.98 32.81
N PRO H 3847 47.11 30.91 32.63
CA PRO H 3847 48.14 30.73 31.59
C PRO H 3847 49.07 29.56 31.87
N GLN H 3848 49.28 29.23 33.15
CA GLN H 3848 49.98 28.00 33.48
C GLN H 3848 49.18 26.78 33.02
N VAL H 3849 47.86 26.84 33.17
CA VAL H 3849 46.99 25.77 32.72
C VAL H 3849 46.85 25.77 31.21
N LYS H 3850 46.67 26.95 30.62
CA LYS H 3850 46.36 27.06 29.19
C LYS H 3850 47.55 26.66 28.33
N GLU H 3851 48.75 27.05 28.73
CA GLU H 3851 49.94 26.65 27.99
C GLU H 3851 50.23 25.17 28.15
N SER H 3852 49.95 24.62 29.34
CA SER H 3852 50.07 23.18 29.55
C SER H 3852 49.11 22.41 28.66
N LYS H 3853 47.91 22.96 28.45
CA LYS H 3853 47.00 22.40 27.46
C LYS H 3853 47.52 22.62 26.05
N ARG H 3854 48.06 23.81 25.79
CA ARG H 3854 48.51 24.17 24.44
C ARG H 3854 49.69 23.33 23.99
N GLN H 3855 50.60 23.02 24.92
CA GLN H 3855 51.67 22.07 24.62
C GLN H 3855 51.10 20.67 24.40
N PHE H 3856 50.06 20.32 25.15
CA PHE H 3856 49.47 19.00 25.03
C PHE H 3856 48.71 18.84 23.72
N ILE H 3857 48.16 19.93 23.20
CA ILE H 3857 47.52 19.91 21.88
C ILE H 3857 48.57 19.63 20.80
N PHE H 3858 49.77 20.18 20.97
CA PHE H 3858 50.85 20.00 20.01
C PHE H 3858 51.31 18.54 19.95
N ASP H 3859 51.17 17.81 21.04
CA ASP H 3859 51.71 16.46 21.13
C ASP H 3859 50.73 15.42 20.61
N VAL H 3860 49.43 15.62 20.82
CA VAL H 3860 48.45 14.58 20.52
C VAL H 3860 48.19 14.47 19.03
N VAL H 3861 48.53 15.48 18.25
CA VAL H 3861 48.38 15.39 16.80
C VAL H 3861 49.72 15.20 16.10
N ASN H 3862 50.83 15.52 16.75
CA ASN H 3862 52.13 15.08 16.25
C ASN H 3862 52.21 13.55 16.29
N GLU H 3863 51.66 12.96 17.33
CA GLU H 3863 51.51 11.51 17.44
C GLU H 3863 50.06 11.22 17.83
N GLY H 3864 49.27 10.80 16.85
CA GLY H 3864 47.86 10.53 17.11
C GLY H 3864 47.37 9.24 16.48
N GLY H 3865 46.84 8.34 17.31
CA GLY H 3865 46.36 7.06 16.84
C GLY H 3865 45.05 6.63 17.46
N GLU H 3866 45.08 5.47 18.10
CA GLU H 3866 43.93 4.85 18.75
C GLU H 3866 43.71 5.54 20.10
N ALA H 3867 42.76 5.05 20.91
CA ALA H 3867 42.34 5.56 22.22
C ALA H 3867 43.41 5.46 23.30
N GLU H 3868 44.62 5.04 22.96
CA GLU H 3868 45.81 5.40 23.72
C GLU H 3868 45.85 6.89 23.95
N LYS H 3869 45.55 7.67 22.90
CA LYS H 3869 45.15 9.07 23.00
C LYS H 3869 44.15 9.34 24.13
N MET H 3870 43.02 8.63 24.09
CA MET H 3870 42.00 8.81 25.11
C MET H 3870 42.50 8.33 26.47
N GLU H 3871 43.38 7.33 26.48
CA GLU H 3871 44.03 6.91 27.70
C GLU H 3871 44.95 8.02 28.23
N LEU H 3872 45.75 8.61 27.35
CA LEU H 3872 46.69 9.63 27.81
C LEU H 3872 46.03 10.99 27.97
N PHE H 3873 44.87 11.21 27.35
CA PHE H 3873 44.15 12.46 27.60
C PHE H 3873 43.58 12.49 29.01
N VAL H 3874 43.03 11.36 29.46
CA VAL H 3874 42.57 11.27 30.84
C VAL H 3874 43.76 11.31 31.79
N SER H 3875 44.90 10.77 31.35
CA SER H 3875 46.14 10.93 32.10
C SER H 3875 46.55 12.39 32.18
N PHE H 3876 46.32 13.16 31.11
CA PHE H 3876 46.50 14.60 31.18
C PHE H 3876 45.45 15.26 32.05
N CYS H 3877 44.24 14.70 32.09
CA CYS H 3877 43.25 15.16 33.05
C CYS H 3877 43.63 14.73 34.46
N GLU H 3878 44.20 13.54 34.60
CA GLU H 3878 44.77 13.13 35.87
C GLU H 3878 45.96 14.00 36.25
N ASP H 3879 46.72 14.45 35.24
CA ASP H 3879 47.71 15.48 35.47
C ASP H 3879 47.05 16.80 35.86
N THR H 3880 45.86 17.08 35.30
CA THR H 3880 45.22 18.38 35.51
C THR H 3880 44.71 18.51 36.94
N ILE H 3881 44.15 17.43 37.50
CA ILE H 3881 43.57 17.47 38.84
C ILE H 3881 44.66 17.69 39.88
N PHE H 3882 45.79 17.00 39.73
CA PHE H 3882 46.91 17.22 40.64
C PHE H 3882 47.52 18.59 40.43
N GLU H 3883 47.46 19.12 39.20
CA GLU H 3883 47.86 20.50 38.96
C GLU H 3883 46.93 21.47 39.66
N MET H 3884 45.62 21.20 39.60
CA MET H 3884 44.67 22.01 40.35
C MET H 3884 44.79 21.79 41.84
N GLN H 3885 45.28 20.62 42.25
CA GLN H 3885 45.42 20.31 43.67
C GLN H 3885 46.50 21.18 44.31
N ILE H 3886 47.67 21.26 43.66
CA ILE H 3886 48.77 22.03 44.23
C ILE H 3886 48.58 23.52 44.02
N ALA H 3887 47.70 23.93 43.11
CA ALA H 3887 47.58 25.34 42.76
C ALA H 3887 46.93 26.15 43.87
N ALA H 3888 45.98 25.56 44.58
CA ALA H 3888 45.34 26.25 45.69
C ALA H 3888 46.14 26.20 46.98
N GLN H 3889 47.12 25.30 47.07
CA GLN H 3889 47.84 25.07 48.31
C GLN H 3889 48.99 26.04 48.53
N ILE H 3890 49.32 26.86 47.53
CA ILE H 3890 50.40 27.82 47.65
C ILE H 3890 49.90 29.26 47.59
N SER H 3891 48.59 29.45 47.58
CA SER H 3891 47.98 30.77 47.47
C SER H 3891 47.42 31.20 48.82
N GLU H 3892 47.36 32.51 49.02
CA GLU H 3892 46.85 33.08 50.27
C GLU H 3892 45.32 33.10 50.28
N UNK H 3893 60.54 37.09 27.75
CA UNK H 3893 59.95 37.09 26.42
C UNK H 3893 60.27 38.39 25.67
N UNK H 3894 59.42 39.39 25.85
CA UNK H 3894 59.63 40.70 25.24
C UNK H 3894 60.41 41.60 26.18
N UNK H 3895 60.29 41.32 27.48
CA UNK H 3895 61.04 42.05 28.49
C UNK H 3895 62.49 41.58 28.48
N UNK H 3896 62.69 40.31 28.14
CA UNK H 3896 64.02 39.73 28.04
C UNK H 3896 64.65 40.07 26.69
N UNK H 3897 63.82 40.50 25.75
CA UNK H 3897 64.29 40.91 24.44
C UNK H 3897 64.70 42.37 24.44
N UNK H 3898 64.10 43.15 25.33
CA UNK H 3898 64.34 44.59 25.39
C UNK H 3898 65.55 44.95 26.24
N UNK H 3899 65.95 44.05 27.14
CA UNK H 3899 67.08 44.30 28.02
C UNK H 3899 68.41 43.94 27.35
N UNK H 3900 68.32 43.25 26.21
CA UNK H 3900 69.51 42.85 25.48
C UNK H 3900 69.97 43.94 24.52
N UNK H 3901 69.01 44.62 23.90
CA UNK H 3901 69.31 45.67 22.94
C UNK H 3901 69.73 46.95 23.65
N UNK H 3902 69.21 47.15 24.86
CA UNK H 3902 69.52 48.35 25.63
C UNK H 3902 70.89 48.22 26.31
N UNK H 3903 71.34 46.98 26.48
CA UNK H 3903 72.63 46.72 27.12
C UNK H 3903 73.77 47.03 26.16
N UNK H 3904 73.48 46.98 24.87
CA UNK H 3904 74.48 47.26 23.84
C UNK H 3904 74.68 48.77 23.66
N UNK H 3905 73.69 49.54 24.08
CA UNK H 3905 73.74 51.00 23.96
C UNK H 3905 74.63 51.63 25.03
N UNK H 3906 74.49 51.13 26.26
CA UNK H 3906 75.26 51.65 27.39
C UNK H 3906 76.71 51.19 27.31
N UNK H 3907 76.93 50.04 26.69
CA UNK H 3907 78.26 49.49 26.52
C UNK H 3907 79.05 50.27 25.48
N UNK H 3908 78.34 50.76 24.46
CA UNK H 3908 78.97 51.51 23.38
C UNK H 3908 79.35 52.91 23.85
N UNK H 3909 78.59 53.46 24.79
CA UNK H 3909 78.85 54.78 25.34
C UNK H 3909 80.06 54.73 26.27
N UNK H 3910 80.20 53.62 27.00
CA UNK H 3910 81.31 53.46 27.92
C UNK H 3910 82.54 52.92 27.21
N UNK H 3911 82.37 52.53 25.95
CA UNK H 3911 83.47 52.03 25.13
C UNK H 3911 84.42 53.18 24.77
N UNK H 3912 83.88 54.18 24.09
CA UNK H 3912 84.65 55.35 23.69
C UNK H 3912 83.74 56.54 23.52
N UNK H 3913 84.32 57.74 23.48
CA UNK H 3913 83.56 58.96 23.27
C UNK H 3913 83.15 59.08 21.81
N UNK H 3914 82.14 59.90 21.54
CA UNK H 3914 81.64 60.06 20.17
C UNK H 3914 81.09 61.46 19.92
N UNK H 3915 81.64 62.15 18.93
CA UNK H 3915 81.19 63.48 18.56
C UNK H 3915 81.48 63.75 17.09
N UNK H 3916 80.42 64.02 16.32
CA UNK H 3916 80.56 64.29 14.90
C UNK H 3916 80.70 65.78 14.63
N UNK H 3917 81.44 66.13 13.57
CA UNK H 3917 81.66 67.53 13.23
C UNK H 3917 81.67 67.74 11.72
N UNK H 3918 80.84 68.68 11.26
CA UNK H 3918 80.70 69.10 9.86
C UNK H 3918 80.39 67.94 8.91
N PHE H 3919 60.17 29.24 67.37
CA PHE H 3919 59.81 28.61 68.64
C PHE H 3919 60.05 27.11 68.58
N TRP H 3920 59.47 26.38 69.55
CA TRP H 3920 59.60 24.94 69.58
C TRP H 3920 58.81 24.29 68.46
N GLY H 3921 57.58 24.75 68.24
CA GLY H 3921 56.75 24.21 67.18
C GLY H 3921 56.33 25.27 66.18
N GLU H 3922 56.30 26.53 66.62
CA GLU H 3922 55.87 27.62 65.75
C GLU H 3922 56.91 28.04 64.74
N LEU H 3923 58.15 27.56 64.87
CA LEU H 3923 59.18 27.90 63.90
C LEU H 3923 58.93 27.23 62.56
N GLU H 3924 58.48 25.97 62.58
CA GLU H 3924 58.13 25.29 61.34
C GLU H 3924 56.82 25.80 60.76
N VAL H 3925 56.00 26.47 61.57
CA VAL H 3925 54.73 27.02 61.09
C VAL H 3925 55.00 28.17 60.13
N GLN H 3926 55.88 29.09 60.54
CA GLN H 3926 56.26 30.20 59.67
C GLN H 3926 57.10 29.71 58.48
N ARG H 3927 57.82 28.61 58.66
CA ARG H 3927 58.66 28.06 57.59
C ARG H 3927 57.82 27.57 56.42
N VAL H 3928 56.67 26.96 56.71
CA VAL H 3928 55.77 26.51 55.65
C VAL H 3928 55.12 27.70 54.96
N LYS H 3929 54.68 28.69 55.74
CA LYS H 3929 54.09 29.90 55.17
C LYS H 3929 55.10 30.70 54.37
N PHE H 3930 56.37 30.65 54.77
CA PHE H 3930 57.42 31.24 53.94
C PHE H 3930 57.68 30.41 52.71
N LEU H 3931 57.52 29.09 52.81
CA LEU H 3931 57.69 28.22 51.66
C LEU H 3931 56.60 28.41 50.63
N ASN H 3932 55.39 28.78 51.07
CA ASN H 3932 54.32 29.12 50.14
C ASN H 3932 54.65 30.38 49.36
N TYR H 3933 55.33 31.34 49.99
CA TYR H 3933 55.78 32.52 49.27
C TYR H 3933 56.93 32.19 48.32
N LEU H 3934 57.80 31.27 48.74
CA LEU H 3934 58.91 30.86 47.88
C LEU H 3934 58.42 30.10 46.65
N SER H 3935 57.47 29.19 46.85
CA SER H 3935 56.96 28.40 45.75
C SER H 3935 55.99 29.17 44.85
N ARG H 3936 55.53 30.34 45.27
CA ARG H 3936 54.52 31.06 44.50
C ARG H 3936 55.10 31.66 43.24
N ASN H 3937 56.26 32.29 43.34
CA ASN H 3937 56.90 32.94 42.21
C ASN H 3937 58.20 32.21 41.89
N PHE H 3938 58.08 31.17 41.08
CA PHE H 3938 59.26 30.42 40.69
C PHE H 3938 59.82 30.90 39.36
N TYR H 3939 58.95 31.27 38.42
CA TYR H 3939 59.41 31.84 37.17
C TYR H 3939 59.93 33.25 37.36
N THR H 3940 59.44 33.96 38.38
CA THR H 3940 59.97 35.28 38.69
C THR H 3940 61.40 35.20 39.18
N LEU H 3941 61.68 34.21 40.04
CA LEU H 3941 63.06 33.93 40.43
C LEU H 3941 63.87 33.43 39.26
N ARG H 3942 63.24 32.70 38.33
CA ARG H 3942 63.89 32.38 37.08
C ARG H 3942 64.10 33.64 36.25
N PHE H 3943 63.13 34.55 36.26
CA PHE H 3943 63.28 35.81 35.54
C PHE H 3943 64.27 36.73 36.24
N LEU H 3944 64.40 36.63 37.56
CA LEU H 3944 65.35 37.48 38.26
C LEU H 3944 66.77 36.97 38.07
N ALA H 3945 66.97 35.65 38.14
CA ALA H 3945 68.27 35.06 37.84
C ALA H 3945 68.64 35.25 36.37
N LEU H 3946 67.64 35.33 35.49
CA LEU H 3946 67.86 35.83 34.15
C LEU H 3946 68.39 37.26 34.16
N PHE H 3947 67.72 38.13 34.91
CA PHE H 3947 68.08 39.54 34.91
C PHE H 3947 69.39 39.80 35.65
N LEU H 3948 69.67 39.00 36.68
CA LEU H 3948 70.90 39.19 37.44
C LEU H 3948 72.12 38.73 36.67
N ALA H 3949 71.96 37.82 35.70
CA ALA H 3949 73.08 37.32 34.94
C ALA H 3949 73.66 38.37 33.99
N PHE H 3950 72.87 39.38 33.63
CA PHE H 3950 73.33 40.41 32.71
C PHE H 3950 74.39 41.30 33.36
N ALA H 3951 74.02 41.97 34.45
CA ALA H 3951 74.86 43.02 35.01
C ALA H 3951 76.11 42.45 35.68
N ILE H 3952 76.06 41.19 36.13
CA ILE H 3952 77.24 40.56 36.68
C ILE H 3952 78.23 40.21 35.56
N ASN H 3953 77.75 40.14 34.33
CA ASN H 3953 78.60 39.93 33.18
C ASN H 3953 78.76 41.19 32.33
N PHE H 3954 77.94 42.21 32.57
CA PHE H 3954 78.10 43.48 31.87
C PHE H 3954 79.35 44.20 32.35
N ILE H 3955 79.59 44.21 33.66
CA ILE H 3955 80.81 44.79 34.21
C ILE H 3955 82.00 43.85 34.12
N LEU H 3956 81.80 42.64 33.61
CA LEU H 3956 82.89 41.72 33.30
C LEU H 3956 83.64 42.13 32.04
N LEU H 3957 83.12 43.12 31.30
CA LEU H 3957 83.75 43.69 30.12
C LEU H 3957 84.95 44.56 30.42
N PHE H 3958 85.38 44.70 31.68
CA PHE H 3958 86.30 45.76 32.07
C PHE H 3958 87.59 45.22 32.70
N TYR H 3959 87.96 43.98 32.40
CA TYR H 3959 89.24 43.48 32.88
C TYR H 3959 90.38 44.10 32.09
N LYS H 3960 91.57 44.07 32.70
CA LYS H 3960 92.78 44.57 32.04
C LYS H 3960 93.98 43.86 32.66
N VAL H 3961 94.55 42.90 31.92
CA VAL H 3961 95.67 42.12 32.43
C VAL H 3961 96.92 42.99 32.47
N SER H 3962 97.80 42.70 33.43
CA SER H 3962 99.07 43.40 33.58
C SER H 3962 100.04 42.49 34.31
N ASP H 3963 101.33 42.64 34.00
CA ASP H 3963 102.37 41.89 34.70
C ASP H 3963 102.91 42.69 35.88
N SER H 3964 102.01 43.25 36.69
CA SER H 3964 102.34 44.08 37.82
C SER H 3964 101.13 44.22 38.73
N PRO H 3965 101.28 43.98 40.03
CA PRO H 3965 100.16 44.21 40.95
C PRO H 3965 100.00 45.70 41.23
N PRO H 3966 98.76 46.15 41.45
CA PRO H 3966 98.52 47.57 41.76
C PRO H 3966 98.97 47.95 43.16
N ASN H 4005 105.54 36.42 36.20
CA ASN H 4005 104.11 36.19 36.33
C ASN H 4005 103.31 37.47 36.08
N MET H 4006 102.02 37.32 35.81
CA MET H 4006 101.14 38.44 35.56
C MET H 4006 100.10 38.54 36.68
N VAL H 4007 99.39 39.66 36.68
CA VAL H 4007 98.36 39.95 37.69
C VAL H 4007 97.05 40.22 36.96
N TYR H 4008 96.00 39.48 37.32
CA TYR H 4008 94.68 39.66 36.71
C TYR H 4008 94.05 40.92 37.30
N TYR H 4009 94.49 42.06 36.80
CA TYR H 4009 93.98 43.34 37.25
C TYR H 4009 92.64 43.63 36.60
N PHE H 4010 91.81 44.38 37.31
CA PHE H 4010 90.52 44.82 36.81
C PHE H 4010 90.54 46.34 36.66
N LEU H 4011 90.36 46.82 35.43
CA LEU H 4011 90.33 48.25 35.18
C LEU H 4011 88.96 48.81 35.55
N GLU H 4012 88.96 49.95 36.24
CA GLU H 4012 87.73 50.64 36.57
C GLU H 4012 87.58 51.89 35.71
N GLU H 4013 86.35 52.37 35.62
CA GLU H 4013 86.05 53.60 34.91
C GLU H 4013 86.11 54.78 35.89
N SER H 4014 85.62 55.94 35.46
CA SER H 4014 85.72 57.15 36.27
C SER H 4014 84.74 57.17 37.44
N THR H 4015 83.74 56.29 37.44
CA THR H 4015 82.70 56.34 38.46
C THR H 4015 83.21 55.80 39.80
N GLY H 4016 82.59 56.28 40.88
CA GLY H 4016 82.96 55.86 42.22
C GLY H 4016 82.48 54.47 42.58
N TYR H 4017 81.46 53.97 41.89
CA TYR H 4017 80.95 52.63 42.16
C TYR H 4017 81.73 51.62 41.30
N MET H 4018 81.17 50.41 41.15
CA MET H 4018 81.85 49.22 40.60
C MET H 4018 83.05 48.88 41.49
N GLU H 4019 82.76 48.83 42.79
CA GLU H 4019 83.57 48.49 43.94
C GLU H 4019 83.41 46.99 44.19
N PRO H 4020 83.98 46.40 45.30
CA PRO H 4020 83.57 45.04 45.69
C PRO H 4020 82.10 44.80 46.06
N ALA H 4021 81.21 45.78 45.82
CA ALA H 4021 79.79 45.45 45.61
C ALA H 4021 79.58 44.47 44.47
N LEU H 4022 80.51 44.46 43.49
CA LEU H 4022 80.67 43.34 42.57
C LEU H 4022 80.72 42.00 43.31
N TRP H 4023 81.58 41.90 44.33
CA TRP H 4023 81.68 40.70 45.13
C TRP H 4023 80.42 40.48 45.97
N CYS H 4024 79.68 41.56 46.27
CA CYS H 4024 78.41 41.41 46.96
C CYS H 4024 77.31 40.87 46.03
N LEU H 4025 77.48 40.99 44.72
CA LEU H 4025 76.53 40.43 43.79
C LEU H 4025 76.84 38.98 43.45
N SER H 4026 78.09 38.56 43.59
CA SER H 4026 78.47 37.17 43.35
C SER H 4026 77.84 36.25 44.39
N LEU H 4027 77.86 36.65 45.66
CA LEU H 4027 77.13 35.92 46.68
C LEU H 4027 75.63 36.06 46.50
N LEU H 4028 75.18 37.18 45.95
CA LEU H 4028 73.77 37.34 45.65
C LEU H 4028 73.34 36.44 44.50
N HIS H 4029 74.23 36.25 43.53
CA HIS H 4029 73.93 35.33 42.44
C HIS H 4029 73.92 33.88 42.91
N THR H 4030 74.77 33.56 43.89
CA THR H 4030 74.76 32.23 44.49
C THR H 4030 73.49 32.03 45.32
N LEU H 4031 73.00 33.10 45.96
CA LEU H 4031 71.86 33.00 46.87
C LEU H 4031 70.57 32.73 46.12
N VAL H 4032 70.31 33.50 45.06
CA VAL H 4032 69.02 33.45 44.39
C VAL H 4032 68.80 32.14 43.63
N ALA H 4033 69.88 31.46 43.25
CA ALA H 4033 69.71 30.16 42.62
C ALA H 4033 69.42 29.07 43.64
N PHE H 4034 69.85 29.25 44.88
CA PHE H 4034 69.51 28.30 45.93
C PHE H 4034 68.03 28.41 46.30
N LEU H 4035 67.45 29.59 46.14
CA LEU H 4035 65.99 29.71 46.25
C LEU H 4035 65.29 28.95 45.14
N CYS H 4036 65.91 28.87 43.96
CA CYS H 4036 65.36 28.06 42.88
C CYS H 4036 65.56 26.58 43.11
N ILE H 4037 66.44 26.19 44.02
CA ILE H 4037 66.59 24.77 44.37
C ILE H 4037 65.36 24.28 45.11
N ILE H 4038 65.02 24.97 46.21
CA ILE H 4038 63.88 24.56 47.03
C ILE H 4038 62.58 24.87 46.33
N GLY H 4039 62.55 25.94 45.52
CA GLY H 4039 61.36 26.25 44.75
C GLY H 4039 61.07 25.23 43.66
N TYR H 4040 62.12 24.61 43.12
CA TYR H 4040 61.90 23.49 42.20
C TYR H 4040 61.46 22.25 42.95
N ASN H 4041 61.86 22.13 44.21
CA ASN H 4041 61.65 20.91 44.99
C ASN H 4041 60.18 20.73 45.33
N CYS H 4042 59.57 21.72 45.97
CA CYS H 4042 58.22 21.57 46.50
C CYS H 4042 57.14 21.90 45.48
N LEU H 4043 57.49 22.54 44.36
CA LEU H 4043 56.51 22.92 43.35
C LEU H 4043 56.53 21.99 42.15
N LYS H 4044 57.69 21.83 41.52
CA LYS H 4044 57.71 21.11 40.26
C LYS H 4044 57.74 19.61 40.46
N VAL H 4045 58.51 19.14 41.43
CA VAL H 4045 58.72 17.69 41.54
C VAL H 4045 58.06 17.10 42.81
N PRO H 4046 56.74 17.28 43.00
CA PRO H 4046 55.96 16.13 43.45
C PRO H 4046 55.28 15.49 42.24
N LEU H 4047 55.22 16.26 41.16
CA LEU H 4047 54.50 15.85 39.96
C LEU H 4047 55.27 14.78 39.20
N VAL H 4048 56.58 14.98 39.03
CA VAL H 4048 57.40 14.05 38.28
C VAL H 4048 57.50 12.72 39.02
N ILE H 4049 57.46 12.77 40.35
CA ILE H 4049 57.30 11.57 41.16
C ILE H 4049 55.95 10.92 40.86
N PHE H 4050 54.89 11.74 40.85
CA PHE H 4050 53.53 11.25 40.66
C PHE H 4050 53.33 10.65 39.28
N LYS H 4051 54.11 11.10 38.29
CA LYS H 4051 54.07 10.46 36.98
C LYS H 4051 54.58 9.03 37.06
N ARG H 4052 55.67 8.81 37.81
CA ARG H 4052 56.16 7.46 38.02
C ARG H 4052 55.23 6.67 38.94
N GLU H 4053 54.61 7.34 39.91
CA GLU H 4053 53.69 6.68 40.83
C GLU H 4053 52.47 6.15 40.09
N LYS H 4054 52.00 6.89 39.08
CA LYS H 4054 50.80 6.50 38.36
C LYS H 4054 51.06 5.33 37.43
N GLU H 4055 52.17 5.38 36.70
CA GLU H 4055 52.46 4.34 35.72
C GLU H 4055 52.88 3.03 36.39
N LEU H 4056 53.52 3.12 37.56
CA LEU H 4056 53.91 1.90 38.26
C LEU H 4056 52.71 1.20 38.85
N ALA H 4057 51.66 1.95 39.19
CA ALA H 4057 50.40 1.34 39.58
C ALA H 4057 49.80 0.56 38.42
N ARG H 4058 49.91 1.08 37.21
CA ARG H 4058 49.39 0.38 36.04
C ARG H 4058 50.23 -0.84 35.70
N LYS H 4059 51.55 -0.74 35.83
CA LYS H 4059 52.45 -1.82 35.49
C LYS H 4059 52.46 -2.94 36.52
N LEU H 4060 51.74 -2.80 37.62
CA LEU H 4060 51.57 -3.89 38.56
C LEU H 4060 50.14 -4.38 38.66
N GLU H 4061 49.16 -3.49 38.50
CA GLU H 4061 47.77 -3.93 38.48
C GLU H 4061 47.43 -4.62 37.18
N PHE H 4062 47.56 -3.91 36.07
CA PHE H 4062 47.19 -4.47 34.78
C PHE H 4062 48.31 -5.26 34.13
N ASP H 4063 49.51 -5.26 34.71
CA ASP H 4063 50.65 -5.94 34.14
C ASP H 4063 51.29 -6.84 35.19
N GLY H 4064 52.18 -7.71 34.73
CA GLY H 4064 52.86 -8.67 35.56
C GLY H 4064 54.36 -8.50 35.51
N LEU H 4065 54.80 -7.23 35.57
CA LEU H 4065 56.21 -6.89 35.46
C LEU H 4065 57.03 -7.52 36.58
N TYR H 4066 56.78 -7.08 37.81
CA TYR H 4066 57.42 -7.71 38.95
C TYR H 4066 56.66 -8.92 39.47
N ILE H 4067 55.36 -8.99 39.21
CA ILE H 4067 54.57 -10.11 39.69
C ILE H 4067 54.82 -11.35 38.86
N THR H 4068 54.49 -11.28 37.57
CA THR H 4068 54.51 -12.49 36.75
C THR H 4068 55.91 -12.78 36.21
N GLU H 4069 56.41 -11.91 35.34
CA GLU H 4069 57.56 -12.35 34.55
C GLU H 4069 58.92 -11.91 35.08
N GLN H 4070 59.24 -10.62 34.92
CA GLN H 4070 60.60 -10.09 35.05
C GLN H 4070 60.56 -8.60 34.73
N PRO H 4071 61.53 -7.80 35.20
CA PRO H 4071 61.77 -6.51 34.56
C PRO H 4071 62.46 -6.64 33.20
N GLY H 4072 62.83 -5.52 32.59
CA GLY H 4072 63.48 -5.61 31.31
C GLY H 4072 64.96 -5.91 31.33
N ASP H 4073 65.57 -5.89 32.53
CA ASP H 4073 66.99 -6.14 32.85
C ASP H 4073 67.94 -5.06 32.32
N ASP H 4074 67.40 -4.12 31.55
CA ASP H 4074 68.06 -2.87 31.17
C ASP H 4074 67.06 -1.77 31.47
N ASP H 4075 67.34 -0.54 31.03
CA ASP H 4075 66.50 0.64 31.24
C ASP H 4075 66.25 0.85 32.74
N VAL H 4076 67.34 1.23 33.41
CA VAL H 4076 67.57 1.03 34.84
C VAL H 4076 66.56 1.70 35.75
N LYS H 4077 65.69 2.57 35.22
CA LYS H 4077 64.56 3.07 35.99
C LYS H 4077 63.61 1.94 36.39
N GLY H 4078 63.48 0.91 35.55
CA GLY H 4078 62.78 -0.29 35.98
C GLY H 4078 63.61 -1.13 36.92
N GLN H 4079 64.92 -1.11 36.76
CA GLN H 4079 65.81 -1.74 37.73
C GLN H 4079 65.81 -0.97 39.05
N TRP H 4080 65.56 0.34 38.99
CA TRP H 4080 65.58 1.18 40.19
C TRP H 4080 64.41 0.88 41.11
N ASP H 4081 63.29 0.42 40.56
CA ASP H 4081 62.05 0.33 41.33
C ASP H 4081 61.93 -0.95 42.12
N ARG H 4082 62.93 -1.82 42.09
CA ARG H 4082 62.91 -3.00 42.94
C ARG H 4082 63.06 -2.63 44.41
N LEU H 4083 63.74 -1.53 44.70
CA LEU H 4083 64.07 -1.13 46.06
C LEU H 4083 62.86 -0.61 46.83
N VAL H 4084 61.81 -0.18 46.14
CA VAL H 4084 60.71 0.52 46.80
C VAL H 4084 59.53 -0.40 47.13
N LEU H 4085 59.51 -1.63 46.61
CA LEU H 4085 58.32 -2.46 46.67
C LEU H 4085 57.97 -2.91 48.08
N ASN H 4086 58.92 -2.89 49.00
CA ASN H 4086 58.64 -3.28 50.38
C ASN H 4086 58.31 -2.08 51.26
N THR H 4087 58.24 -0.90 50.70
CA THR H 4087 57.91 0.25 51.53
C THR H 4087 56.41 0.30 51.80
N PRO H 4088 56.01 0.57 53.05
CA PRO H 4088 54.58 0.68 53.36
C PRO H 4088 53.93 1.92 52.76
N SER H 4089 54.71 2.97 52.50
CA SER H 4089 54.19 4.20 51.93
C SER H 4089 54.62 4.34 50.47
N PHE H 4090 54.61 3.22 49.75
CA PHE H 4090 54.79 3.27 48.30
C PHE H 4090 53.74 4.12 47.58
N PRO H 4091 52.39 3.98 47.80
CA PRO H 4091 51.47 4.83 47.03
C PRO H 4091 51.27 6.22 47.60
N SER H 4092 52.22 6.71 48.42
CA SER H 4092 52.03 7.93 49.19
C SER H 4092 51.83 9.17 48.31
N ASN H 4093 52.38 9.18 47.11
CA ASN H 4093 52.12 10.29 46.21
C ASN H 4093 50.94 10.02 45.29
N TYR H 4094 50.71 8.75 44.92
CA TYR H 4094 49.58 8.41 44.09
C TYR H 4094 48.28 8.54 44.88
N TRP H 4095 47.18 8.75 44.16
CA TRP H 4095 45.88 8.93 44.80
C TRP H 4095 45.42 7.69 45.55
N ASP H 4096 45.20 6.59 44.83
CA ASP H 4096 44.72 5.38 45.49
C ASP H 4096 45.84 4.71 46.28
N LYS H 4097 45.47 4.21 47.46
CA LYS H 4097 46.43 3.56 48.35
C LYS H 4097 45.95 2.17 48.75
N PHE H 4098 45.24 1.49 47.84
CA PHE H 4098 44.73 0.17 48.15
C PHE H 4098 44.96 -0.82 47.01
N VAL H 4099 45.91 -0.53 46.13
CA VAL H 4099 46.23 -1.42 45.03
C VAL H 4099 46.95 -2.67 45.54
N LYS H 4100 47.57 -2.60 46.74
CA LYS H 4100 48.22 -3.76 47.31
C LYS H 4100 47.21 -4.85 47.66
N ARG H 4101 46.01 -4.44 48.09
CA ARG H 4101 44.93 -5.39 48.25
C ARG H 4101 44.40 -5.87 46.90
N LYS H 4102 44.50 -5.02 45.88
CA LYS H 4102 43.93 -5.34 44.58
C LYS H 4102 44.77 -6.39 43.85
N VAL H 4103 46.09 -6.28 43.94
CA VAL H 4103 46.97 -7.28 43.34
C VAL H 4103 46.86 -8.59 44.11
N LEU H 4104 46.59 -8.50 45.42
CA LEU H 4104 46.29 -9.69 46.21
C LEU H 4104 45.04 -10.38 45.70
N ASP H 4105 44.06 -9.60 45.24
CA ASP H 4105 42.88 -10.19 44.62
C ASP H 4105 43.21 -10.74 43.25
N LYS H 4106 43.88 -9.94 42.41
CA LYS H 4106 44.06 -10.29 41.01
C LYS H 4106 45.14 -11.34 40.83
N HIS H 4107 46.28 -11.19 41.51
CA HIS H 4107 47.44 -12.03 41.25
C HIS H 4107 47.77 -12.99 42.38
N GLY H 4108 47.36 -12.70 43.61
CA GLY H 4108 47.71 -13.55 44.74
C GLY H 4108 47.04 -14.90 44.73
N ASP H 4109 45.95 -15.05 43.98
CA ASP H 4109 45.26 -16.34 43.89
C ASP H 4109 46.07 -17.32 43.05
N ILE H 4110 46.45 -16.92 41.84
CA ILE H 4110 47.14 -17.82 40.94
C ILE H 4110 48.58 -18.06 41.34
N PHE H 4111 49.13 -17.22 42.20
CA PHE H 4111 50.53 -17.29 42.60
C PHE H 4111 50.59 -17.58 44.09
N GLY H 4112 51.80 -17.52 44.64
CA GLY H 4112 51.99 -17.62 46.07
C GLY H 4112 51.33 -16.45 46.76
N ARG H 4113 50.27 -16.73 47.53
CA ARG H 4113 49.49 -15.66 48.14
C ARG H 4113 50.30 -14.94 49.22
N GLU H 4114 51.03 -15.70 50.04
CA GLU H 4114 51.97 -15.07 50.95
C GLU H 4114 53.17 -14.52 50.22
N ARG H 4115 53.50 -15.08 49.05
CA ARG H 4115 54.61 -14.58 48.26
C ARG H 4115 54.31 -13.20 47.71
N ILE H 4116 53.08 -12.98 47.25
CA ILE H 4116 52.66 -11.64 46.87
C ILE H 4116 52.53 -10.77 48.11
N ALA H 4117 52.10 -11.35 49.22
CA ALA H 4117 52.05 -10.65 50.51
C ALA H 4117 53.42 -10.48 51.15
N GLU H 4118 54.49 -10.96 50.49
CA GLU H 4118 55.85 -10.64 50.85
C GLU H 4118 56.53 -9.75 49.83
N LEU H 4119 56.20 -9.88 48.55
CA LEU H 4119 56.88 -9.14 47.50
C LEU H 4119 56.53 -7.66 47.55
N LEU H 4120 55.28 -7.33 47.89
CA LEU H 4120 54.85 -5.95 47.99
C LEU H 4120 54.93 -5.44 49.42
N GLY H 4121 55.92 -5.88 50.19
CA GLY H 4121 55.99 -5.53 51.59
C GLY H 4121 54.91 -6.28 52.34
N MET H 4122 53.98 -5.52 52.92
CA MET H 4122 52.78 -6.03 53.61
C MET H 4122 53.16 -7.00 54.72
N ASP H 4123 53.86 -6.46 55.72
CA ASP H 4123 54.35 -7.25 56.85
C ASP H 4123 53.17 -7.74 57.69
N LEU H 4124 52.91 -9.06 57.59
CA LEU H 4124 51.81 -9.76 58.26
C LEU H 4124 50.43 -9.23 57.87
N ALA H 4125 50.32 -8.54 56.74
CA ALA H 4125 49.04 -8.00 56.30
C ALA H 4125 48.13 -9.05 55.69
N SER H 4126 48.62 -10.27 55.50
CA SER H 4126 47.73 -11.38 55.20
C SER H 4126 46.82 -11.69 56.39
N LEU H 4127 47.30 -11.45 57.60
CA LEU H 4127 46.47 -11.54 58.80
C LEU H 4127 46.04 -10.18 59.31
N GLU H 4128 46.79 -9.12 59.02
CA GLU H 4128 46.43 -7.78 59.47
C GLU H 4128 45.43 -7.09 58.57
N ILE H 4129 44.97 -7.74 57.51
CA ILE H 4129 43.89 -7.17 56.71
C ILE H 4129 42.58 -7.23 57.48
N THR H 4130 42.31 -8.36 58.13
CA THR H 4130 41.12 -8.47 58.98
C THR H 4130 41.36 -7.89 60.36
N ALA H 4131 42.62 -7.84 60.81
CA ALA H 4131 42.92 -7.26 62.11
C ALA H 4131 42.78 -5.74 62.09
N HIS H 4132 43.05 -5.11 60.94
CA HIS H 4132 42.80 -3.68 60.79
C HIS H 4132 41.41 -3.42 60.24
N ASN H 4133 40.41 -3.98 60.92
CA ASN H 4133 39.00 -3.76 60.57
C ASN H 4133 38.10 -3.64 61.79
N GLU H 4134 38.50 -4.16 62.95
CA GLU H 4134 37.63 -4.12 64.13
C GLU H 4134 37.56 -2.72 64.72
N ARG H 4135 38.71 -2.16 65.11
CA ARG H 4135 38.76 -0.83 65.68
C ARG H 4135 39.94 -0.09 65.05
N LYS H 4136 39.97 1.22 65.29
CA LYS H 4136 41.04 2.08 64.77
C LYS H 4136 41.21 3.28 65.68
N PRO H 4137 42.10 3.19 66.66
CA PRO H 4137 42.40 4.34 67.52
C PRO H 4137 43.29 5.36 66.79
N ASP H 4138 43.58 6.45 67.49
CA ASP H 4138 44.39 7.53 66.93
C ASP H 4138 45.39 8.01 67.99
N PRO H 4139 46.65 7.58 67.91
CA PRO H 4139 47.66 8.06 68.86
C PRO H 4139 48.10 9.47 68.53
N PRO H 4140 48.46 10.26 69.53
CA PRO H 4140 48.85 11.66 69.28
C PRO H 4140 50.27 11.76 68.79
N PRO H 4141 50.59 12.77 67.99
CA PRO H 4141 51.97 12.91 67.47
C PRO H 4141 52.89 13.65 68.45
N GLY H 4142 54.14 13.19 68.48
CA GLY H 4142 55.18 13.81 69.28
C GLY H 4142 56.32 14.34 68.43
N LEU H 4143 55.98 15.05 67.35
CA LEU H 4143 56.89 15.33 66.23
C LEU H 4143 58.11 16.15 66.67
N LEU H 4144 59.13 16.11 65.80
CA LEU H 4144 60.49 16.60 65.98
C LEU H 4144 61.24 15.89 67.11
N THR H 4145 60.72 14.77 67.60
CA THR H 4145 61.43 13.90 68.54
C THR H 4145 61.63 12.50 67.98
N TRP H 4146 60.57 11.87 67.49
CA TRP H 4146 60.62 10.55 66.90
C TRP H 4146 60.96 10.59 65.42
N LEU H 4147 61.27 11.78 64.87
CA LEU H 4147 61.27 12.08 63.44
C LEU H 4147 62.25 11.22 62.63
N MET H 4148 63.18 10.53 63.29
CA MET H 4148 63.98 9.50 62.62
C MET H 4148 63.15 8.31 62.16
N SER H 4149 61.95 8.11 62.73
CA SER H 4149 61.10 6.97 62.37
C SER H 4149 60.26 7.33 61.15
N ILE H 4150 60.96 7.45 60.01
CA ILE H 4150 60.34 7.69 58.71
C ILE H 4150 60.87 6.64 57.74
N ASP H 4151 60.20 6.53 56.59
CA ASP H 4151 60.61 5.58 55.57
C ASP H 4151 61.85 6.06 54.85
N VAL H 4152 63.01 5.64 55.34
CA VAL H 4152 64.28 6.06 54.75
C VAL H 4152 64.46 5.41 53.38
N LYS H 4153 64.12 4.13 53.27
CA LYS H 4153 64.27 3.39 52.02
C LYS H 4153 63.37 3.96 50.93
N TYR H 4154 62.21 4.49 51.30
CA TYR H 4154 61.36 5.17 50.33
C TYR H 4154 61.99 6.48 49.88
N GLN H 4155 62.70 7.16 50.78
CA GLN H 4155 63.36 8.41 50.42
C GLN H 4155 64.58 8.16 49.54
N ILE H 4156 65.30 7.06 49.79
CA ILE H 4156 66.45 6.68 48.97
C ILE H 4156 66.00 6.37 47.55
N TRP H 4157 64.89 5.63 47.43
CA TRP H 4157 64.28 5.41 46.13
C TRP H 4157 63.80 6.71 45.51
N LYS H 4158 63.27 7.60 46.35
CA LYS H 4158 62.71 8.87 45.85
C LYS H 4158 63.80 9.75 45.26
N PHE H 4159 64.93 9.88 45.97
CA PHE H 4159 65.95 10.85 45.59
C PHE H 4159 66.66 10.46 44.31
N GLY H 4160 66.83 9.16 44.07
CA GLY H 4160 67.42 8.72 42.82
C GLY H 4160 66.50 8.91 41.64
N VAL H 4161 65.19 8.83 41.87
CA VAL H 4161 64.22 9.18 40.85
C VAL H 4161 64.32 10.67 40.52
N ILE H 4162 64.53 11.49 41.54
CA ILE H 4162 64.78 12.92 41.33
C ILE H 4162 66.09 13.12 40.57
N PHE H 4163 67.09 12.28 40.87
CA PHE H 4163 68.39 12.41 40.22
C PHE H 4163 68.35 11.99 38.76
N THR H 4164 67.45 11.09 38.38
CA THR H 4164 67.31 10.72 36.97
C THR H 4164 66.67 11.82 36.13
N ASP H 4165 65.99 12.77 36.77
CA ASP H 4165 65.38 13.87 36.02
C ASP H 4165 66.46 14.80 35.48
N ASN H 4166 66.43 15.01 34.16
CA ASN H 4166 67.42 15.86 33.52
C ASN H 4166 67.21 17.32 33.88
N SER H 4167 65.96 17.75 33.99
CA SER H 4167 65.67 19.14 34.36
C SER H 4167 66.06 19.41 35.81
N PHE H 4168 66.03 18.40 36.67
CA PHE H 4168 66.57 18.55 38.01
C PHE H 4168 68.08 18.70 37.97
N LEU H 4169 68.75 17.92 37.12
CA LEU H 4169 70.20 18.00 37.03
C LEU H 4169 70.63 19.30 36.36
N TYR H 4170 69.92 19.70 35.30
CA TYR H 4170 70.25 20.92 34.56
C TYR H 4170 70.07 22.15 35.43
N LEU H 4171 69.06 22.14 36.29
CA LEU H 4171 68.92 23.22 37.26
C LEU H 4171 69.94 23.08 38.38
N GLY H 4172 70.30 21.84 38.73
CA GLY H 4172 71.32 21.64 39.74
C GLY H 4172 72.71 21.96 39.25
N TRP H 4173 72.98 21.71 37.97
CA TRP H 4173 74.25 22.06 37.35
C TRP H 4173 74.45 23.57 37.29
N TYR H 4174 73.36 24.34 37.24
CA TYR H 4174 73.45 25.79 37.31
C TYR H 4174 73.85 26.26 38.70
N MET H 4175 73.52 25.49 39.73
CA MET H 4175 73.78 25.86 41.11
C MET H 4175 75.20 25.52 41.55
N VAL H 4176 75.74 24.39 41.09
CA VAL H 4176 77.07 23.95 41.51
C VAL H 4176 78.13 24.90 40.98
N MET H 4177 77.95 25.39 39.76
CA MET H 4177 78.89 26.31 39.15
C MET H 4177 78.83 27.71 39.76
N SER H 4178 77.82 28.00 40.57
CA SER H 4178 77.79 29.26 41.30
C SER H 4178 78.87 29.30 42.37
N LEU H 4179 79.17 28.14 42.97
CA LEU H 4179 80.30 28.05 43.88
C LEU H 4179 81.62 28.18 43.13
N LEU H 4180 81.64 27.73 41.88
CA LEU H 4180 82.82 27.94 41.03
C LEU H 4180 82.97 29.40 40.63
N GLY H 4181 81.88 30.16 40.62
CA GLY H 4181 81.96 31.57 40.32
C GLY H 4181 82.65 32.37 41.40
N HIS H 4182 82.67 31.86 42.64
CA HIS H 4182 83.38 32.56 43.72
C HIS H 4182 84.88 32.55 43.50
N TYR H 4183 85.40 31.59 42.76
CA TYR H 4183 86.74 31.73 42.20
C TYR H 4183 86.67 32.70 41.03
N ASN H 4184 87.63 33.63 40.98
CA ASN H 4184 87.59 34.66 39.94
C ASN H 4184 87.96 34.05 38.60
N ASN H 4185 86.95 33.54 37.89
CA ASN H 4185 87.16 32.75 36.69
C ASN H 4185 86.00 33.01 35.73
N PHE H 4186 85.83 32.09 34.78
CA PHE H 4186 84.87 32.24 33.70
C PHE H 4186 83.43 32.11 34.14
N PHE H 4187 83.18 31.63 35.36
CA PHE H 4187 81.96 30.92 35.67
C PHE H 4187 80.78 31.82 36.00
N PHE H 4188 80.78 33.07 35.54
CA PHE H 4188 79.55 33.85 35.49
C PHE H 4188 79.04 34.05 34.07
N ALA H 4189 79.93 34.00 33.08
CA ALA H 4189 79.51 34.15 31.70
C ALA H 4189 78.86 32.88 31.17
N ALA H 4190 79.31 31.71 31.63
CA ALA H 4190 78.62 30.46 31.31
C ALA H 4190 77.26 30.41 31.99
N HIS H 4191 77.10 31.11 33.11
CA HIS H 4191 75.78 31.27 33.72
C HIS H 4191 74.85 32.11 32.84
N LEU H 4192 75.39 33.00 32.01
CA LEU H 4192 74.53 33.81 31.17
C LEU H 4192 74.00 33.02 29.99
N LEU H 4193 74.70 31.96 29.58
CA LEU H 4193 74.43 31.34 28.30
C LEU H 4193 73.24 30.39 28.35
N ASP H 4194 72.99 29.77 29.50
CA ASP H 4194 72.06 28.64 29.51
C ASP H 4194 70.61 29.10 29.67
N ILE H 4195 70.37 30.26 30.28
CA ILE H 4195 69.00 30.78 30.27
C ILE H 4195 68.66 31.31 28.87
N ALA H 4196 69.68 31.77 28.14
CA ALA H 4196 69.48 32.14 26.73
C ALA H 4196 69.08 30.94 25.90
N MET H 4197 69.53 29.75 26.29
CA MET H 4197 68.98 28.51 25.71
C MET H 4197 67.52 28.33 26.11
N GLY H 4198 67.13 28.82 27.29
CA GLY H 4198 65.81 28.51 27.82
C GLY H 4198 64.69 29.29 27.14
N VAL H 4199 65.02 30.37 26.42
CA VAL H 4199 64.02 31.19 25.76
C VAL H 4199 63.37 30.40 24.62
N LYS H 4200 62.04 30.52 24.52
CA LYS H 4200 61.21 29.71 23.64
C LYS H 4200 61.62 29.85 22.18
N THR H 4201 61.87 31.09 21.73
CA THR H 4201 62.22 31.34 20.34
C THR H 4201 63.55 30.71 19.99
N LEU H 4202 64.46 30.65 20.96
CA LEU H 4202 65.73 29.96 20.73
C LEU H 4202 65.57 28.46 20.95
N ARG H 4203 64.57 28.05 21.73
CA ARG H 4203 64.30 26.62 21.91
C ARG H 4203 63.78 25.99 20.64
N THR H 4204 62.95 26.72 19.89
CA THR H 4204 62.41 26.20 18.64
C THR H 4204 63.51 26.01 17.60
N ILE H 4205 64.50 26.90 17.59
CA ILE H 4205 65.62 26.74 16.67
C ILE H 4205 66.51 25.60 17.13
N LEU H 4206 66.72 25.48 18.44
CA LEU H 4206 67.61 24.46 18.97
C LEU H 4206 67.01 23.06 18.85
N SER H 4207 65.70 22.94 19.07
CA SER H 4207 65.06 21.64 18.97
C SER H 4207 64.99 21.15 17.54
N SER H 4208 64.97 22.08 16.58
CA SER H 4208 65.10 21.71 15.18
C SER H 4208 66.49 21.12 14.91
N VAL H 4209 67.51 21.69 15.53
CA VAL H 4209 68.87 21.16 15.38
C VAL H 4209 69.01 19.87 16.17
N THR H 4210 68.40 19.81 17.36
CA THR H 4210 68.55 18.65 18.24
C THR H 4210 67.88 17.42 17.67
N HIS H 4211 66.73 17.59 17.04
CA HIS H 4211 66.03 16.45 16.45
C HIS H 4211 66.76 15.92 15.23
N ASN H 4212 67.38 16.80 14.46
CA ASN H 4212 68.12 16.39 13.29
C ASN H 4212 69.60 16.17 13.57
N GLY H 4213 70.03 16.37 14.82
CA GLY H 4213 71.43 16.24 15.18
C GLY H 4213 71.97 14.83 15.14
N LYS H 4214 71.10 13.82 15.09
CA LYS H 4214 71.55 12.46 14.87
C LYS H 4214 72.00 12.21 13.44
N GLN H 4215 71.74 13.14 12.52
CA GLN H 4215 72.20 13.03 11.16
C GLN H 4215 73.38 13.93 10.84
N LEU H 4216 73.59 15.01 11.61
CA LEU H 4216 74.80 15.80 11.44
C LEU H 4216 76.02 15.03 11.91
N VAL H 4217 75.86 14.17 12.90
CA VAL H 4217 76.98 13.41 13.43
C VAL H 4217 77.42 12.31 12.47
N MET H 4218 76.53 11.81 11.61
CA MET H 4218 76.95 10.92 10.54
C MET H 4218 77.61 11.67 9.40
N THR H 4219 77.37 12.97 9.30
CA THR H 4219 77.99 13.75 8.23
C THR H 4219 79.44 14.07 8.54
N VAL H 4220 79.72 14.44 9.80
CA VAL H 4220 81.06 14.86 10.17
C VAL H 4220 82.05 13.70 10.19
N GLY H 4221 81.58 12.46 10.31
CA GLY H 4221 82.46 11.32 10.14
C GLY H 4221 82.87 11.13 8.69
N LEU H 4222 81.99 11.48 7.76
CA LEU H 4222 82.34 11.41 6.35
C LEU H 4222 83.34 12.48 5.97
N LEU H 4223 83.31 13.63 6.66
CA LEU H 4223 84.21 14.72 6.31
C LEU H 4223 85.66 14.38 6.65
N ALA H 4224 85.87 13.69 7.77
CA ALA H 4224 87.21 13.34 8.20
C ALA H 4224 87.83 12.23 7.36
N VAL H 4225 87.02 11.42 6.69
CA VAL H 4225 87.54 10.24 6.00
C VAL H 4225 87.80 10.49 4.51
N VAL H 4226 87.12 11.47 3.91
CA VAL H 4226 87.39 11.79 2.51
C VAL H 4226 88.76 12.45 2.38
N VAL H 4227 89.08 13.37 3.30
CA VAL H 4227 90.41 13.93 3.33
C VAL H 4227 91.43 12.89 3.77
N TYR H 4228 90.99 11.87 4.52
CA TYR H 4228 91.90 10.82 4.96
C TYR H 4228 92.33 9.93 3.80
N LEU H 4229 91.40 9.64 2.89
CA LEU H 4229 91.77 9.00 1.64
C LEU H 4229 92.64 9.92 0.79
N TYR H 4230 92.38 11.22 0.87
CA TYR H 4230 93.12 12.18 0.08
C TYR H 4230 94.33 12.73 0.82
N THR H 4231 94.59 12.22 2.02
CA THR H 4231 95.84 12.50 2.72
C THR H 4231 96.95 11.59 2.23
N VAL H 4232 96.66 10.29 2.17
CA VAL H 4232 97.69 9.29 1.89
C VAL H 4232 98.18 9.38 0.45
N VAL H 4233 97.34 9.86 -0.47
CA VAL H 4233 97.74 10.00 -1.86
C VAL H 4233 98.78 11.10 -2.01
N ALA H 4234 98.53 12.26 -1.39
CA ALA H 4234 99.54 13.30 -1.33
C ALA H 4234 100.70 12.90 -0.43
N PHE H 4235 100.48 12.01 0.53
CA PHE H 4235 101.57 11.54 1.37
C PHE H 4235 102.53 10.62 0.62
N ASN H 4236 102.06 9.97 -0.44
CA ASN H 4236 102.89 9.02 -1.16
C ASN H 4236 103.21 9.43 -2.59
N PHE H 4237 102.37 10.25 -3.23
CA PHE H 4237 102.62 10.66 -4.60
C PHE H 4237 103.01 12.13 -4.70
N PHE H 4238 102.35 13.02 -3.97
CA PHE H 4238 102.69 14.43 -3.94
C PHE H 4238 103.52 14.78 -2.72
N ARG H 4239 104.33 13.83 -2.26
CA ARG H 4239 105.05 13.97 -1.00
C ARG H 4239 106.12 15.06 -1.10
N LYS H 4240 106.80 15.14 -2.24
CA LYS H 4240 107.90 16.07 -2.45
C LYS H 4240 107.43 17.47 -2.86
N PHE H 4241 106.17 17.82 -2.60
CA PHE H 4241 105.59 19.00 -3.20
C PHE H 4241 105.15 20.08 -2.21
N TYR H 4242 104.92 19.73 -0.93
CA TYR H 4242 104.42 20.70 0.05
C TYR H 4242 105.37 21.85 0.30
N ASN H 4243 106.53 21.56 0.91
CA ASN H 4243 107.70 22.44 0.94
C ASN H 4243 107.39 23.80 1.57
N LYS H 4244 107.21 23.78 2.90
CA LYS H 4244 106.65 24.91 3.65
C LYS H 4244 107.49 26.19 3.68
N SER H 4245 108.60 26.23 2.94
CA SER H 4245 109.22 27.46 2.43
C SER H 4245 109.86 28.31 3.53
N GLU H 4246 110.67 27.68 4.36
CA GLU H 4246 111.67 28.42 5.12
C GLU H 4246 112.83 28.73 4.19
N ASP H 4247 113.57 29.80 4.50
CA ASP H 4247 114.64 30.26 3.61
C ASP H 4247 115.83 29.32 3.66
N GLU H 4248 116.19 28.77 2.48
CA GLU H 4248 117.40 27.99 2.16
C GLU H 4248 117.39 26.58 2.76
N ASP H 4249 116.43 26.31 3.64
CA ASP H 4249 116.26 25.01 4.28
C ASP H 4249 114.77 24.76 4.40
N GLU H 4250 114.37 23.49 4.39
CA GLU H 4250 112.98 23.12 4.65
C GLU H 4250 112.92 22.04 5.71
N PRO H 4251 112.98 22.42 7.00
CA PRO H 4251 112.67 21.44 8.05
C PRO H 4251 111.20 21.11 8.12
N ASP H 4252 110.33 21.97 7.59
CA ASP H 4252 108.89 21.79 7.65
C ASP H 4252 108.41 21.28 6.30
N MET H 4253 108.02 20.01 6.28
CA MET H 4253 107.17 19.44 5.25
C MET H 4253 106.16 18.56 5.95
N LYS H 4254 104.88 18.75 5.63
CA LYS H 4254 103.85 18.00 6.33
C LYS H 4254 103.85 16.52 5.95
N CYS H 4255 104.36 16.20 4.77
CA CYS H 4255 104.54 14.81 4.36
C CYS H 4255 105.88 14.24 4.83
N ASP H 4256 106.14 14.40 6.13
CA ASP H 4256 107.24 13.74 6.81
C ASP H 4256 106.73 12.81 7.90
N ASP H 4257 105.90 13.33 8.80
CA ASP H 4257 105.10 12.53 9.70
C ASP H 4257 103.72 12.34 9.12
N MET H 4258 103.04 11.29 9.58
CA MET H 4258 101.76 10.95 8.98
C MET H 4258 100.63 11.81 9.52
N MET H 4259 100.50 11.90 10.85
CA MET H 4259 99.42 12.68 11.45
C MET H 4259 99.61 14.18 11.28
N THR H 4260 100.84 14.62 11.04
CA THR H 4260 101.10 16.03 10.83
C THR H 4260 100.48 16.51 9.52
N CYS H 4261 100.53 15.68 8.48
CA CYS H 4261 99.87 16.02 7.23
C CYS H 4261 98.36 16.02 7.39
N TYR H 4262 97.81 15.02 8.08
CA TYR H 4262 96.37 14.88 8.23
C TYR H 4262 95.80 15.99 9.10
N LEU H 4263 96.59 16.53 10.02
CA LEU H 4263 96.19 17.73 10.73
C LEU H 4263 96.19 18.94 9.82
N PHE H 4264 97.13 18.99 8.87
CA PHE H 4264 97.26 20.14 7.98
C PHE H 4264 96.08 20.26 7.01
N HIS H 4265 95.47 19.13 6.65
CA HIS H 4265 94.30 19.17 5.79
C HIS H 4265 93.13 19.81 6.51
N MET H 4266 92.82 19.34 7.72
CA MET H 4266 91.70 19.89 8.47
C MET H 4266 91.98 21.25 9.06
N TYR H 4267 93.24 21.69 9.06
CA TYR H 4267 93.53 23.04 9.51
C TYR H 4267 93.38 24.05 8.39
N VAL H 4268 93.62 23.65 7.14
CA VAL H 4268 93.72 24.56 6.01
C VAL H 4268 92.63 24.30 4.98
N GLY H 4269 92.55 23.06 4.48
CA GLY H 4269 91.74 22.77 3.31
C GLY H 4269 90.25 22.91 3.53
N VAL H 4270 89.78 22.66 4.76
CA VAL H 4270 88.38 22.86 5.08
C VAL H 4270 88.13 24.23 5.68
N ARG H 4271 89.14 25.08 5.75
CA ARG H 4271 89.03 26.36 6.43
C ARG H 4271 89.35 27.55 5.54
N ALA H 4272 90.23 27.38 4.55
CA ALA H 4272 90.79 28.50 3.81
C ALA H 4272 89.77 29.24 2.95
N GLY H 4273 88.69 28.58 2.55
CA GLY H 4273 87.71 29.23 1.69
C GLY H 4273 88.27 29.43 0.29
N GLY H 4274 88.39 28.34 -0.44
CA GLY H 4274 89.14 28.36 -1.68
C GLY H 4274 89.91 27.06 -1.85
N GLY H 4275 89.78 26.18 -0.88
CA GLY H 4275 90.38 24.87 -0.96
C GLY H 4275 91.80 24.84 -0.45
N ILE H 4276 92.43 23.67 -0.64
CA ILE H 4276 93.79 23.49 -0.18
C ILE H 4276 94.81 24.10 -1.15
N GLY H 4277 94.43 24.28 -2.42
CA GLY H 4277 95.38 24.78 -3.40
C GLY H 4277 95.61 26.27 -3.38
N ASP H 4278 95.81 26.83 -2.18
CA ASP H 4278 96.04 28.25 -2.02
C ASP H 4278 97.36 28.56 -1.33
N GLU H 4279 98.00 27.58 -0.70
CA GLU H 4279 99.21 27.79 0.05
C GLU H 4279 100.34 26.86 -0.37
N ILE H 4280 100.06 25.82 -1.14
CA ILE H 4280 101.07 24.91 -1.62
C ILE H 4280 101.43 25.36 -3.04
N GLU H 4281 102.61 24.95 -3.50
CA GLU H 4281 103.36 25.61 -4.55
C GLU H 4281 102.69 25.52 -5.92
N ASP H 4282 103.36 26.18 -6.88
CA ASP H 4282 102.92 26.23 -8.26
C ASP H 4282 103.02 24.83 -8.89
N PRO H 4283 101.95 24.31 -9.50
CA PRO H 4283 102.05 23.04 -10.21
C PRO H 4283 102.58 23.17 -11.63
N ALA H 4284 103.17 24.31 -11.97
CA ALA H 4284 103.65 24.55 -13.33
C ALA H 4284 104.91 23.77 -13.68
N GLY H 4285 105.51 23.06 -12.73
CA GLY H 4285 106.60 22.17 -13.06
C GLY H 4285 106.11 20.98 -13.87
N ASP H 4286 107.02 20.45 -14.70
CA ASP H 4286 106.64 19.41 -15.65
C ASP H 4286 106.38 18.07 -14.98
N GLU H 4287 107.03 17.83 -13.84
CA GLU H 4287 106.81 16.57 -13.12
C GLU H 4287 105.45 16.59 -12.46
N TYR H 4288 104.57 15.69 -12.92
CA TYR H 4288 103.20 15.51 -12.42
C TYR H 4288 102.39 16.80 -12.52
N GLU H 4289 102.47 17.46 -13.68
CA GLU H 4289 101.71 18.69 -13.89
C GLU H 4289 100.22 18.39 -14.01
N LEU H 4290 99.88 17.36 -14.78
CA LEU H 4290 98.47 17.00 -14.97
C LEU H 4290 97.87 16.39 -13.71
N TYR H 4291 98.70 15.76 -12.88
CA TYR H 4291 98.17 14.95 -11.80
C TYR H 4291 97.66 15.80 -10.65
N ARG H 4292 98.30 16.94 -10.38
CA ARG H 4292 97.80 17.81 -9.31
C ARG H 4292 96.55 18.55 -9.77
N VAL H 4293 96.62 19.17 -10.95
CA VAL H 4293 95.59 20.11 -11.38
C VAL H 4293 94.27 19.40 -11.69
N VAL H 4294 94.30 18.10 -11.93
CA VAL H 4294 93.05 17.34 -11.92
C VAL H 4294 92.61 17.06 -10.49
N PHE H 4295 93.54 16.62 -9.64
CA PHE H 4295 93.17 16.16 -8.31
C PHE H 4295 92.85 17.32 -7.36
N ASP H 4296 93.55 18.45 -7.50
CA ASP H 4296 93.36 19.56 -6.57
C ASP H 4296 92.03 20.27 -6.81
N ILE H 4297 91.65 20.44 -8.08
CA ILE H 4297 90.43 21.16 -8.41
C ILE H 4297 89.20 20.34 -8.04
N THR H 4298 89.25 19.04 -8.34
CA THR H 4298 88.16 18.14 -7.95
C THR H 4298 88.07 18.00 -6.43
N PHE H 4299 89.20 18.11 -5.73
CA PHE H 4299 89.18 18.15 -4.27
C PHE H 4299 88.43 19.37 -3.77
N PHE H 4300 88.51 20.49 -4.48
CA PHE H 4300 87.71 21.65 -4.14
C PHE H 4300 86.23 21.40 -4.39
N PHE H 4301 85.90 20.55 -5.37
CA PHE H 4301 84.50 20.20 -5.56
C PHE H 4301 84.01 19.24 -4.49
N PHE H 4302 84.84 18.32 -4.04
CA PHE H 4302 84.37 17.17 -3.30
C PHE H 4302 83.96 17.48 -1.86
N VAL H 4303 84.51 18.53 -1.27
CA VAL H 4303 84.22 18.88 0.12
C VAL H 4303 83.65 20.28 0.25
N ILE H 4304 84.21 21.26 -0.46
CA ILE H 4304 83.76 22.64 -0.31
C ILE H 4304 82.40 22.83 -0.94
N VAL H 4305 82.20 22.28 -2.13
CA VAL H 4305 80.91 22.40 -2.80
C VAL H 4305 79.90 21.47 -2.16
N ILE H 4306 80.33 20.27 -1.77
CA ILE H 4306 79.40 19.24 -1.35
C ILE H 4306 78.94 19.45 0.09
N LEU H 4307 79.89 19.48 1.03
CA LEU H 4307 79.55 19.34 2.45
C LEU H 4307 78.87 20.57 3.01
N LEU H 4308 79.15 21.76 2.46
CA LEU H 4308 78.47 22.97 2.91
C LEU H 4308 77.00 22.94 2.56
N ALA H 4309 76.64 22.29 1.45
CA ALA H 4309 75.24 22.11 1.12
C ALA H 4309 74.57 21.15 2.09
N ILE H 4310 75.32 20.17 2.61
CA ILE H 4310 74.73 19.12 3.42
C ILE H 4310 74.34 19.65 4.79
N ILE H 4311 75.26 20.41 5.41
CA ILE H 4311 75.00 20.95 6.73
C ILE H 4311 73.91 22.00 6.68
N GLN H 4312 73.92 22.84 5.65
CA GLN H 4312 72.89 23.86 5.51
C GLN H 4312 71.55 23.25 5.14
N GLY H 4313 71.56 22.29 4.20
CA GLY H 4313 70.33 21.72 3.70
C GLY H 4313 69.55 20.92 4.72
N LEU H 4314 70.23 20.36 5.72
CA LEU H 4314 69.51 19.75 6.83
C LEU H 4314 68.82 20.81 7.68
N ILE H 4315 69.44 21.99 7.80
CA ILE H 4315 68.80 23.08 8.51
C ILE H 4315 67.71 23.70 7.65
N ILE H 4316 67.88 23.68 6.32
CA ILE H 4316 66.80 24.04 5.40
C ILE H 4316 65.60 23.11 5.59
N ASP H 4317 65.88 21.83 5.80
CA ASP H 4317 64.82 20.89 6.16
C ASP H 4317 64.27 21.19 7.55
N ALA H 4318 65.10 21.70 8.45
CA ALA H 4318 64.66 21.94 9.83
C ALA H 4318 63.64 23.07 9.90
N PHE H 4319 63.79 24.10 9.07
CA PHE H 4319 62.74 25.10 8.97
C PHE H 4319 61.50 24.54 8.29
N GLY H 4320 61.69 23.61 7.35
CA GLY H 4320 60.55 23.02 6.67
C GLY H 4320 59.77 22.07 7.55
N GLU H 4321 60.42 21.49 8.55
CA GLU H 4321 59.71 20.61 9.48
C GLU H 4321 58.78 21.41 10.38
N LEU H 4322 59.30 22.48 10.98
CA LEU H 4322 58.57 23.16 12.04
C LEU H 4322 57.43 24.01 11.48
N ARG H 4323 57.54 24.43 10.23
CA ARG H 4323 56.40 25.10 9.61
C ARG H 4323 55.27 24.13 9.32
N ASP H 4324 55.58 22.84 9.18
CA ASP H 4324 54.54 21.83 9.07
C ASP H 4324 54.00 21.46 10.45
N GLN H 4325 54.86 21.52 11.48
CA GLN H 4325 54.43 21.22 12.83
C GLN H 4325 53.43 22.26 13.33
N GLN H 4326 53.61 23.52 12.96
CA GLN H 4326 52.65 24.55 13.29
C GLN H 4326 51.41 24.51 12.40
N GLU H 4327 51.47 23.78 11.28
CA GLU H 4327 50.33 23.75 10.38
C GLU H 4327 49.29 22.73 10.81
N GLN H 4328 49.72 21.49 11.05
CA GLN H 4328 48.78 20.42 11.34
C GLN H 4328 48.15 20.55 12.72
N VAL H 4329 48.76 21.29 13.63
CA VAL H 4329 48.10 21.57 14.89
C VAL H 4329 46.95 22.54 14.68
N LYS H 4330 47.04 23.37 13.64
CA LYS H 4330 45.92 24.22 13.24
C LYS H 4330 45.00 23.48 12.31
N GLU H 4331 45.54 22.58 11.50
CA GLU H 4331 44.77 21.94 10.45
C GLU H 4331 43.84 20.87 11.02
N ASP H 4332 44.27 20.17 12.07
CA ASP H 4332 43.49 19.05 12.57
C ASP H 4332 42.25 19.52 13.32
N MET H 4333 42.35 20.62 14.04
CA MET H 4333 41.18 21.20 14.69
C MET H 4333 40.20 21.74 13.64
N GLU H 4334 40.73 22.31 12.56
CA GLU H 4334 39.89 22.87 11.50
C GLU H 4334 39.09 21.80 10.79
N THR H 4335 39.57 20.56 10.79
CA THR H 4335 38.80 19.45 10.25
C THR H 4335 37.73 18.99 11.23
N LYS H 4336 38.18 18.38 12.33
CA LYS H 4336 37.26 17.84 13.33
C LYS H 4336 37.74 18.07 14.76
N CYS H 4337 36.85 17.80 15.71
CA CYS H 4337 37.13 17.92 17.14
C CYS H 4337 38.22 16.91 17.56
N PHE H 4338 38.10 15.72 16.96
CA PHE H 4338 38.92 14.49 17.03
C PHE H 4338 38.47 13.54 18.13
N ILE H 4339 37.79 14.07 19.13
CA ILE H 4339 37.18 13.26 20.18
C ILE H 4339 35.99 12.48 19.56
N CYS H 4340 35.29 13.19 18.68
CA CYS H 4340 34.11 12.77 17.96
C CYS H 4340 34.50 12.31 16.55
N GLY H 4341 34.06 11.13 16.16
CA GLY H 4341 34.36 10.58 14.86
C GLY H 4341 33.40 11.03 13.77
N ILE H 4342 33.19 12.34 13.68
CA ILE H 4342 32.29 12.91 12.69
C ILE H 4342 32.99 14.09 12.03
N GLY H 4343 33.05 14.07 10.70
CA GLY H 4343 33.58 15.20 9.98
C GLY H 4343 32.69 16.42 10.09
N SER H 4344 33.30 17.59 9.85
CA SER H 4344 32.56 18.84 9.92
C SER H 4344 31.58 19.03 8.78
N ASP H 4345 31.66 18.20 7.73
CA ASP H 4345 30.72 18.30 6.62
C ASP H 4345 29.31 17.92 7.05
N TYR H 4346 29.18 16.93 7.94
CA TYR H 4346 27.89 16.64 8.54
C TYR H 4346 27.44 17.80 9.42
N PHE H 4347 28.38 18.53 10.00
CA PHE H 4347 28.06 19.72 10.78
C PHE H 4347 27.90 20.93 9.88
N ASP H 4348 28.49 20.88 8.69
CA ASP H 4348 28.34 21.96 7.73
C ASP H 4348 26.97 21.96 7.07
N THR H 4349 26.22 20.85 7.20
CA THR H 4349 24.90 20.75 6.58
C THR H 4349 23.92 21.73 7.21
N THR H 4350 23.81 21.69 8.53
CA THR H 4350 23.07 22.71 9.26
C THR H 4350 23.95 23.96 9.42
N PRO H 4351 23.34 25.15 9.48
CA PRO H 4351 24.15 26.37 9.61
C PRO H 4351 24.83 26.46 10.96
N HIS H 4352 26.13 26.79 10.94
CA HIS H 4352 26.98 27.00 12.11
C HIS H 4352 27.07 25.77 13.00
N GLY H 4353 26.95 24.58 12.40
CA GLY H 4353 26.97 23.36 13.19
C GLY H 4353 28.33 23.06 13.79
N PHE H 4354 29.40 23.39 13.07
CA PHE H 4354 30.73 23.32 13.67
C PHE H 4354 30.89 24.40 14.73
N GLU H 4355 30.33 25.60 14.48
CA GLU H 4355 30.29 26.63 15.51
C GLU H 4355 29.42 26.20 16.69
N THR H 4356 28.40 25.41 16.43
CA THR H 4356 27.54 24.91 17.50
C THR H 4356 28.31 23.83 18.26
N HIS H 4357 29.10 23.06 17.54
CA HIS H 4357 29.89 21.98 18.12
C HIS H 4357 30.91 22.51 19.13
N THR H 4358 31.53 23.64 18.79
CA THR H 4358 32.54 24.25 19.64
C THR H 4358 32.04 24.61 21.05
N LEU H 4359 30.73 24.73 21.22
CA LEU H 4359 30.18 25.10 22.51
C LEU H 4359 29.09 24.13 22.95
N GLU H 4360 28.12 23.87 22.07
CA GLU H 4360 26.98 23.05 22.49
C GLU H 4360 27.34 21.57 22.51
N GLU H 4361 28.25 21.18 21.63
CA GLU H 4361 28.83 19.84 21.66
C GLU H 4361 30.12 19.89 22.54
N HIS H 4362 30.78 18.75 22.72
CA HIS H 4362 31.99 18.75 23.55
C HIS H 4362 33.11 19.63 22.97
N ASN H 4363 33.79 20.37 23.85
CA ASN H 4363 34.89 21.25 23.45
C ASN H 4363 36.21 20.80 24.07
N LEU H 4364 36.42 19.49 24.01
CA LEU H 4364 37.60 18.80 24.55
C LEU H 4364 37.86 19.14 26.02
N ALA H 4365 37.06 20.04 26.60
CA ALA H 4365 37.29 20.49 27.97
C ALA H 4365 36.21 20.07 28.93
N ASN H 4366 34.99 19.80 28.45
CA ASN H 4366 33.90 19.40 29.34
C ASN H 4366 34.13 18.03 29.95
N TYR H 4367 34.97 17.20 29.34
CA TYR H 4367 35.27 15.89 29.89
C TYR H 4367 36.03 15.98 31.21
N MET H 4368 36.89 16.99 31.35
CA MET H 4368 37.66 17.13 32.58
C MET H 4368 36.76 17.50 33.74
N PHE H 4369 35.84 18.45 33.52
CA PHE H 4369 35.02 18.95 34.61
C PHE H 4369 34.04 17.92 35.14
N PHE H 4370 33.70 16.91 34.33
CA PHE H 4370 32.78 15.89 34.83
C PHE H 4370 33.50 14.86 35.68
N LEU H 4371 34.79 14.62 35.42
CA LEU H 4371 35.57 13.73 36.28
C LEU H 4371 35.69 14.30 37.68
N MET H 4372 36.06 15.57 37.80
CA MET H 4372 36.13 16.19 39.11
C MET H 4372 34.75 16.41 39.72
N TYR H 4373 33.71 16.48 38.88
CA TYR H 4373 32.34 16.42 39.38
C TYR H 4373 32.07 15.09 40.05
N LEU H 4374 32.58 14.01 39.46
CA LEU H 4374 32.46 12.70 40.09
C LEU H 4374 33.38 12.57 41.29
N ILE H 4375 34.50 13.29 41.29
CA ILE H 4375 35.42 13.29 42.41
C ILE H 4375 34.78 13.95 43.63
N ASN H 4376 34.15 15.10 43.42
CA ASN H 4376 33.60 15.88 44.51
C ASN H 4376 32.16 15.51 44.82
N LYS H 4377 31.77 14.26 44.55
CA LYS H 4377 30.43 13.79 44.85
C LYS H 4377 30.55 12.45 45.57
N ASP H 4378 29.61 12.18 46.47
CA ASP H 4378 29.68 10.99 47.28
C ASP H 4378 29.37 9.75 46.46
N GLU H 4379 29.83 8.61 46.98
CA GLU H 4379 29.55 7.33 46.36
C GLU H 4379 28.07 7.00 46.42
N THR H 4380 27.40 7.40 47.50
CA THR H 4380 25.95 7.19 47.62
C THR H 4380 25.18 8.04 46.60
N GLU H 4381 25.67 9.24 46.32
CA GLU H 4381 24.88 10.23 45.61
C GLU H 4381 24.83 10.04 44.10
N HIS H 4382 25.55 9.06 43.56
CA HIS H 4382 25.61 8.88 42.11
C HIS H 4382 24.27 8.39 41.57
N THR H 4383 23.98 8.81 40.34
CA THR H 4383 22.79 8.32 39.65
C THR H 4383 23.10 6.98 39.00
N GLY H 4384 22.13 6.47 38.24
CA GLY H 4384 22.36 5.26 37.47
C GLY H 4384 23.35 5.46 36.35
N GLN H 4385 23.42 6.68 35.81
CA GLN H 4385 24.39 7.00 34.78
C GLN H 4385 25.73 7.39 35.37
N GLU H 4386 25.73 8.07 36.51
CA GLU H 4386 26.98 8.53 37.11
C GLU H 4386 27.77 7.36 37.70
N SER H 4387 27.09 6.46 38.41
CA SER H 4387 27.78 5.32 38.99
C SER H 4387 28.24 4.34 37.94
N TYR H 4388 27.59 4.33 36.77
CA TYR H 4388 27.96 3.40 35.72
C TYR H 4388 29.32 3.76 35.12
N VAL H 4389 29.49 5.04 34.77
CA VAL H 4389 30.75 5.48 34.19
C VAL H 4389 31.83 5.54 35.26
N TRP H 4390 31.45 5.71 36.53
CA TRP H 4390 32.41 5.66 37.63
C TRP H 4390 32.97 4.25 37.78
N LYS H 4391 32.12 3.24 37.57
CA LYS H 4391 32.61 1.88 37.49
C LYS H 4391 33.46 1.69 36.24
N MET H 4392 33.06 2.32 35.13
CA MET H 4392 33.83 2.22 33.89
C MET H 4392 35.19 2.88 34.02
N TYR H 4393 35.29 3.92 34.85
CA TYR H 4393 36.57 4.60 35.03
C TYR H 4393 37.56 3.70 35.77
N GLN H 4394 37.11 3.08 36.86
CA GLN H 4394 37.97 2.16 37.59
C GLN H 4394 38.17 0.87 36.83
N GLU H 4395 37.29 0.55 35.88
CA GLU H 4395 37.55 -0.50 34.92
C GLU H 4395 38.65 -0.11 33.94
N ARG H 4396 38.87 1.20 33.74
CA ARG H 4396 39.77 1.78 32.74
C ARG H 4396 39.36 1.41 31.31
N CYS H 4397 38.08 1.14 31.10
CA CYS H 4397 37.54 0.99 29.76
C CYS H 4397 36.98 2.32 29.29
N TRP H 4398 37.07 2.55 27.99
CA TRP H 4398 36.75 3.85 27.42
C TRP H 4398 35.72 3.71 26.33
N ASP H 4399 34.66 2.96 26.64
CA ASP H 4399 33.65 2.63 25.65
C ASP H 4399 32.60 3.73 25.51
N PHE H 4400 32.40 4.55 26.54
CA PHE H 4400 31.29 5.50 26.59
C PHE H 4400 31.41 6.64 25.60
N PHE H 4401 32.58 6.83 24.98
CA PHE H 4401 32.76 7.91 24.02
C PHE H 4401 31.92 7.70 22.78
N PRO H 4402 31.55 8.78 22.07
CA PRO H 4402 30.78 8.64 20.82
C PRO H 4402 31.52 7.87 19.73
N ALA H 4403 32.70 8.38 19.33
CA ALA H 4403 33.58 7.77 18.33
C ALA H 4403 32.86 7.50 17.00
N GLY H 4404 31.93 8.39 16.64
CA GLY H 4404 31.21 8.21 15.39
C GLY H 4404 29.74 8.57 15.43
N ASP H 4405 29.20 8.92 16.60
CA ASP H 4405 27.79 9.32 16.71
C ASP H 4405 27.63 10.17 17.96
N CYS H 4406 27.46 11.47 17.78
CA CYS H 4406 27.23 12.39 18.91
C CYS H 4406 25.86 13.05 18.74
N PHE H 4407 24.83 12.32 19.20
CA PHE H 4407 23.50 12.83 19.57
C PHE H 4407 22.65 13.26 18.37
N ARG H 4408 23.22 13.35 17.19
CA ARG H 4408 22.48 13.86 16.05
C ARG H 4408 22.56 12.99 14.82
N LYS H 4409 23.62 12.19 14.65
CA LYS H 4409 23.52 11.11 13.70
C LYS H 4409 22.59 10.02 14.22
N GLN H 4410 22.53 9.86 15.54
CA GLN H 4410 21.55 8.98 16.15
C GLN H 4410 20.14 9.53 15.98
N TYR H 4411 19.95 10.83 16.18
CA TYR H 4411 18.64 11.44 16.25
C TYR H 4411 18.34 12.34 15.06
N GLU H 4412 18.76 11.91 13.87
CA GLU H 4412 18.56 12.75 12.68
C GLU H 4412 17.15 12.63 12.13
N ASP H 4413 16.78 11.45 11.64
CA ASP H 4413 15.48 11.26 11.02
C ASP H 4413 14.36 11.17 12.04
N GLN H 4414 14.72 10.94 13.31
CA GLN H 4414 13.75 11.02 14.40
C GLN H 4414 13.17 12.42 14.50
N LEU H 4415 14.03 13.39 14.77
CA LEU H 4415 13.66 14.80 14.64
C LEU H 4415 14.95 15.58 14.41
N SER H 4416 15.04 16.25 13.27
CA SER H 4416 16.21 17.05 12.95
C SER H 4416 16.29 18.31 13.80
PG ATP I . 52.45 5.02 -23.42
O1G ATP I . 53.81 5.39 -23.95
O2G ATP I . 52.32 3.59 -22.93
O3G ATP I . 51.30 5.47 -24.30
PB ATP I . 51.02 5.77 -21.12
O1B ATP I . 51.12 4.47 -20.38
O2B ATP I . 49.77 6.06 -21.94
O3B ATP I . 52.31 5.89 -22.08
PA ATP I . 51.32 8.52 -20.45
O1A ATP I . 52.31 8.72 -21.56
O2A ATP I . 51.46 9.27 -19.16
O3A ATP I . 51.27 6.95 -20.05
O5' ATP I . 49.84 8.77 -21.03
C5' ATP I . 49.01 9.78 -20.46
C4' ATP I . 48.11 9.06 -19.47
O4' ATP I . 46.94 9.82 -19.18
C3' ATP I . 47.64 7.73 -20.03
O3' ATP I . 48.34 6.67 -19.37
C2' ATP I . 46.16 7.65 -19.70
O2' ATP I . 45.89 6.52 -18.88
C1' ATP I . 45.86 8.92 -18.92
N9 ATP I . 44.60 9.51 -19.37
C8 ATP I . 44.49 10.63 -20.11
N7 ATP I . 43.19 10.91 -20.34
C5 ATP I . 42.44 9.97 -19.75
C6 ATP I . 40.99 9.69 -19.61
N6 ATP I . 40.06 10.50 -20.17
N1 ATP I . 40.64 8.61 -18.89
C2 ATP I . 41.55 7.79 -18.33
N3 ATP I . 42.88 8.00 -18.41
C4 ATP I . 43.38 9.05 -19.10
N1 CFF J . 36.18 20.76 -40.47
C2 CFF J . 36.54 19.83 -41.38
C10 CFF J . 34.78 20.93 -40.13
C6 CFF J . 37.10 21.53 -39.91
N3 CFF J . 37.84 19.68 -41.70
O11 CFF J . 35.72 19.14 -41.89
C12 CFF J . 38.25 18.68 -42.65
C4 CFF J . 38.78 20.44 -41.13
C5 CFF J . 38.43 21.37 -40.24
N9 CFF J . 40.10 20.47 -41.29
O13 CFF J . 36.77 22.35 -39.13
N7 CFF J . 39.55 21.98 -39.85
C8 CFF J . 40.58 21.42 -40.48
C14 CFF J . 39.98 23.03 -38.95
ZN ZN K . 35.53 10.06 -18.52
PG ATP L . 55.59 -3.92 14.76
O1G ATP L . 57.08 -3.91 14.92
O2G ATP L . 54.82 -3.69 16.04
O3G ATP L . 55.06 -5.06 13.92
PB ATP L . 53.80 -2.14 13.53
O1B ATP L . 53.16 -1.59 14.78
O2B ATP L . 53.11 -3.27 12.80
O3B ATP L . 55.29 -2.59 13.89
PA ATP L . 54.76 -1.06 11.09
O1A ATP L . 56.09 -1.73 11.27
O2A ATP L . 54.70 0.30 10.45
O3A ATP L . 54.04 -0.91 12.52
O5' ATP L . 53.77 -2.06 10.31
C5' ATP L . 53.21 -1.66 9.06
C4' ATP L . 51.82 -1.13 9.39
O4' ATP L . 50.96 -1.14 8.25
C3' ATP L . 51.14 -1.97 10.45
O3' ATP L . 51.16 -1.28 11.70
C2' ATP L . 49.72 -2.17 9.98
O2' ATP L . 48.81 -1.64 10.94
C1' ATP L . 49.63 -1.37 8.69
N9 ATP L . 48.89 -2.12 7.67
C8 ATP L . 49.44 -2.72 6.60
N7 ATP L . 48.49 -3.32 5.85
C5 ATP L . 47.31 -3.14 6.45
C6 ATP L . 45.92 -3.52 6.17
N6 ATP L . 45.59 -4.25 5.08
N1 ATP L . 44.97 -3.12 7.05
C2 ATP L . 45.29 -2.39 8.14
N3 ATP L . 46.54 -2.00 8.44
C4 ATP L . 47.57 -2.34 7.65
N1 CFF M . 52.99 -23.15 -5.90
C2 CFF M . 53.30 -24.00 -4.90
C10 CFF M . 51.70 -23.28 -6.57
C6 CFF M . 53.85 -22.22 -6.27
N3 CFF M . 54.49 -23.89 -4.28
O11 CFF M . 52.53 -24.84 -4.57
C12 CFF M . 54.84 -24.78 -3.19
C4 CFF M . 55.36 -22.95 -4.64
C5 CFF M . 55.07 -22.11 -5.63
N9 CFF M . 56.57 -22.66 -4.18
O13 CFF M . 53.57 -21.49 -7.15
N7 CFF M . 56.12 -21.29 -5.78
C8 CFF M . 57.04 -21.62 -4.88
C14 CFF M . 56.53 -20.17 -6.60
ZN ZN N . 40.90 -4.26 3.81
PG ATP O . 38.50 40.59 -13.96
O1G ATP O . 39.61 41.59 -14.09
O2G ATP O . 38.11 39.90 -15.25
O3G ATP O . 37.33 41.06 -13.12
PB ATP O . 38.35 38.06 -12.74
O1B ATP O . 38.29 37.23 -14.00
O2B ATP O . 37.07 38.41 -12.03
O3B ATP O . 39.16 39.40 -13.09
PA ATP O . 39.77 37.90 -10.28
O1A ATP O . 40.30 39.31 -10.44
O2A ATP O . 40.62 36.85 -9.63
O3A ATP O . 39.36 37.31 -11.73
O5' ATP O . 38.36 37.95 -9.52
C5' ATP O . 38.18 37.28 -8.29
C4' ATP O . 37.53 35.95 -8.63
O4' ATP O . 36.88 35.37 -7.50
C3' ATP O . 36.48 36.12 -9.71
O3' ATP O . 36.98 35.63 -10.95
C2' ATP O . 35.29 35.30 -9.25
O2' ATP O . 34.98 34.29 -10.22
C1' ATP O . 35.74 34.64 -7.97
N9 ATP O . 34.67 34.69 -6.96
C8 ATP O . 34.66 35.49 -5.88
N7 ATP O . 33.55 35.29 -5.16
C5 ATP O . 32.81 34.35 -5.76
C6 ATP O . 31.52 33.70 -5.51
N6 ATP O . 30.76 34.01 -4.42
N1 ATP O . 31.10 32.77 -6.40
C2 ATP O . 31.85 32.45 -7.49
N3 ATP O . 33.04 33.01 -7.77
C4 ATP O . 33.56 33.96 -6.96
N1 CFF P . 23.26 52.87 6.56
C2 CFF P . 22.92 53.70 5.55
C10 CFF P . 22.22 52.09 7.19
C6 CFF P . 24.52 52.76 6.94
N3 CFF P . 23.89 54.43 4.95
O11 CFF P . 21.80 53.80 5.20
C12 CFF P . 23.56 55.32 3.87
C4 CFF P . 25.16 54.33 5.33
C5 CFF P . 25.50 53.51 6.32
N9 CFF P . 26.27 54.94 4.88
O13 CFF P . 24.80 52.03 7.82
N7 CFF P . 26.83 53.61 6.49
C8 CFF P . 27.29 54.49 5.60
C14 CFF P . 27.88 53.07 7.32
ZN ZN Q . 27.29 30.84 -3.23
PG ATP R . 41.65 31.63 24.24
O1G ATP R . 42.90 32.29 24.79
O2G ATP R . 40.61 32.61 23.74
O3G ATP R . 41.10 30.52 25.11
PB ATP R . 41.15 30.12 21.93
O1B ATP R . 40.35 31.16 21.17
O2B ATP R . 40.41 29.07 22.72
O3B ATP R . 42.16 30.91 22.90
PA ATP R . 43.22 28.31 21.27
O1A ATP R . 44.08 28.83 22.41
O2A ATP R . 43.87 27.86 19.99
O3A ATP R . 42.14 29.43 20.87
O5' ATP R . 42.31 27.12 21.83
C5' ATP R . 42.39 25.82 21.26
C4' ATP R . 41.26 25.74 20.25
O4' ATP R . 40.91 24.39 19.95
C3' ATP R . 39.99 26.40 20.79
O3' ATP R . 39.81 27.66 20.15
C2' ATP R . 38.86 25.46 20.44
O2' ATP R . 37.91 26.12 19.61
C1' ATP R . 39.51 24.34 19.67
N9 ATP R . 38.98 23.04 20.09
C8 ATP R . 39.63 22.13 20.84
N7 ATP R . 38.86 21.05 21.05
C5 ATP R . 37.69 21.24 20.45
C6 ATP R . 36.45 20.47 20.28
N6 ATP R . 36.29 19.25 20.85
N1 ATP R . 35.45 21.03 19.56
C2 ATP R . 35.59 22.25 19.00
N3 ATP R . 36.70 23.00 19.11
C4 ATP R . 37.77 22.56 19.80
N1 CFF S . 40.07 8.93 41.14
C2 CFF S . 39.69 9.86 42.04
C10 CFF S . 39.16 7.87 40.78
C6 CFF S . 41.27 9.00 40.60
N3 CFF S . 40.54 10.84 42.38
O11 CFF S . 38.61 9.80 42.53
C12 CFF S . 40.16 11.85 43.33
C4 CFF S . 41.76 10.92 41.83
C5 CFF S . 42.14 10.01 40.94
N9 CFF S . 42.74 11.80 42.01
O13 CFF S . 41.61 8.18 39.81
N7 CFF S . 43.39 10.32 40.57
C8 CFF S . 43.75 11.43 41.23
C14 CFF S . 44.43 9.84 39.69
ZN ZN T . 32.67 16.51 19.11
#